data_7CF9
#
_entry.id   7CF9
#
_cell.length_a   1.00
_cell.length_b   1.00
_cell.length_c   1.00
_cell.angle_alpha   90.00
_cell.angle_beta   90.00
_cell.angle_gamma   90.00
#
_symmetry.space_group_name_H-M   'P 1'
#
loop_
_entity.id
_entity.type
_entity.pdbx_description
1 polymer 'Ryanodine receptor 1,RyR1'
2 polymer 'Peptidyl-prolyl cis-trans isomerase FKBP1B'
3 non-polymer 'CALCIUM ION'
4 non-polymer 'ZINC ION'
5 non-polymer 5-bromanyl-N-[4-chloranyl-2-methyl-6-(methylcarbamoyl)phenyl]-2-(3-chloranylpyridin-2-yl)pyrazole-3-carboxamide
#
loop_
_entity_poly.entity_id
_entity_poly.type
_entity_poly.pdbx_seq_one_letter_code
_entity_poly.pdbx_strand_id
1 'polypeptide(L)'
;MGDGGEGEDEVQFLRTDDEVVLQCSATVLKEQLKLCLAAEGFGNRLCFLEPTSNAQNVPPDLAICCFTLEQSLSVRALQE
MLANTVEAGVESSQGGGHRTLLYGHAILLRHAHSRMYLSCLTTSRSMTDKLAFDVGLQEDATGEACWWTMHPASKQRSEG
EKVRVGDDLILVSVSSERYLHLSTASGELQVDASFMQTLWNMNPICSCCEEGYVTGGHVLRLFHGHMDECLTISAADSDD
QRRLVYYEGGAVCTHARSLWRLEPLRISWSGSHLRWGQPLRIRHVTTGRYLALTEDQGLVVVDACKAHTKATSFCFRVSK
EKLDTAPKRDVEGMGPPEIKYGESLCFVQHVASGLWLTYAAPDPKALRLGVLKKKAILHQEGHMDDALFLTRCQQEESQA
ARMIHSTAGLYNQFIKGLDSFSGKPRGSGPPAGPALPIEAVILSLQDLIGYFEPPSEELQHEEKQSKLRSLRNRQSLFQE
EGMLSLVLNCIDRLNVYTTAAHFAEYAGEEAAESWKEIVNLLYELLASLIRGNRANCALFSTNLDWVVSKLDRLEASSGI
LEVLYCVLIESPEVLNIIQENHIKSIISLLDKHGRNHKVLDVLCSLCVCNGVAVRSNQDLITENLLPGRELLLQTNLINY
VTSIRPNIFVGRAEGSTQYGKWYFEVMVDEVVPFLTAQATHLRVGWALTEGYSPYPGGGEGWGGNGVGDDLYSYGFDGLH
LWTGHVARPVTSPGQHLLAPEDVVSCCLDLSVPSISFRINGCPVQGVFEAFNLDGLFFPVVSFSAGVKVRFLLGGRHGEF
KFLPPPGYAPCHEAVLPRERLRLEPIKEYRREGPRGPHLVGPSRCLSHTDFVPCPVDTVQIVLPPHLERIREKLAENIHE
LWALTRIEQGWTYGPVRDDNKRLHPCLVNFHSLPEPERNYNLQMSGETLKTLLALGCHVGMADEKAEDNLKKTKLPKTYM
MSNGYKPAPLDLSHVRLTPAQTTLVDRLAENGHNVWARDRVAQGWSYSAVQDIPARRNPRLVPYRLLDEATKRSNRDSLC
QAVRTLLGYGYNIEPPDQEPSQVENQSRWDRVRIFRAEKSYTVQSGRWYFEFEAVTTGEMRVGWARPELRPDVELGADEL
AYVFNGHRGQRWHLGSEPFGRPWQSGDVVGCMIDLTENTIIFTLNGEVLMSDSGSETAFREIEIGDGFLPVCSLGPGQVG
HLNLGQDVSSLRFFAICGLQEGFEPFAINMQRPVTTWFSKSLPQFEPVPPEHPHYEVARMDGTVDTPPCLRLAHRTWGSQ
NSLVEMLFLRLSLPVQFHQHFRCTAGATPLAPPGLQPPAEDEARAAEPDPDYENLRRSAGGWGEAEGGKEGTAKEGTPGG
TPQPGVEAQPVRAENEKDATTEKNKKRGFLFKAKKAAMMTQPPATPALPRLPHDVVPADNRDDPEIILNTTTYYYSVRVF
AGQEPSCVWVGWVTPDYHQHDMNFDLSKVRAVTVTMGDEQGNVHSSLKCSNCYMVWGGDFVSPGQQGRISHTDLVIGCLV
DLATGLMTFTANGKESNTFFQVEPNTKLFPAVFVLPTHQNVIQFELGKQKNIMPLSAAMFLSERKNPAPQCPPRLEVQML
MPVSWSRMPNHFLQVETRRAGERLGWAVQCQDPLTMMALHIPEENRCMDILELSERLDLQRFHSHTLRLYRAVCALGNNR
VAHALCSHVDQAQLLHALEDAHLPGPLRAGYYDLLISIHLESACRSRRSMLSEYIVPLTPETRAITLFPPGRKGGNARRH
GLPGVGVTTSLRPPHHFSPPCFVAALPAAGVAEAPARLSPAIPLEALRDKALRMLGEAVRDGGQHARDPVGGSVEFQFVP
VLKLVSTLLVMGIFGDEDVKQILKMIEPEVFTEEEEEEEEEEEEEEEEEEDEEEKEEDEEEEEKEDAEKEEEEAPEGEKE
DLEEGLLQMKLPESVKLQMCNLLEYFCDQELQHRVESLAAFAERYVDKLQANQRSRYALLMRAFTMSAAETARRTREFRS
PPQEQINMLLHFKDEADEEDCPLPEDIRQDLQDFHQDLLAHCGIQLEGEEEEPEEETSLSSRLRSLLETVRLVKKKEEKP
EEELPAEEKKPQSLQELVSHMVVRWAQEDYVQSPELVRAMFSLLHRQYDGLGELLRALPRAYTISPSSVEDTMSLLECLG
QIRSLLIVQMGPQEENLMIQSIGNIMNNKVFYQHPNLMRALGMHETVMEVMVNVLGGGETKEIRFPKMVTSCCRFLCYFC
RISRQNQRSMFDHLSYLLENSGIGLGMQGSTPLDVAAASVIDNNELALALQEQDLEKVVSYLAGCGLQSCPMLLAKGYPD
IGWNPCGGERYLDFLRFAVFVNGESVEENANVVVRLLIRKPECFGPALRGEGGSGLLAAIEEAIRISEDPARDGPGVRRD
RRREHFGEEPPEENRVHLGHAIMSFYAALIDLLGRCAPEMHLIQAGKGEALRIRAILRSLVPLDDLVGIISLPLQIPTLG
KDGALVQPKMSASFVPDHKASMVLFLDRVYGIENQDFLLHVLDVGFLPDMRAAASLDTATFSTTEMALALNRYLCLAVLP
LITKCAPLFAGTEHRAIMVDSMLHTVYRLSRGRSLTKAQRDVIEDCLMALCRYIRPSMLQHLLRRLVFDVPILN(UNK)
(UNK)(UNK)(UNK)(UNK)(UNK)(UNK)(UNK)(UNK)(UNK)(UNK)(UNK)(UNK)(UNK)(UNK)(UNK)(UNK)
(UNK)(UNK)(UNK)(UNK)(UNK)(UNK)(UNK)(UNK)(UNK)(UNK)(UNK)(UNK)(UNK)(UNK)(UNK)(UNK)
(UNK)(UNK)(UNK)(UNK)(UNK)(UNK)(UNK)(UNK)(UNK)(UNK)(UNK)(UNK)(UNK)(UNK)(UNK)(UNK)
(UNK)(UNK)(UNK)(UNK)(UNK)(UNK)(UNK)(UNK)(UNK)(UNK)(UNK)(UNK)(UNK)(UNK)(UNK)(UNK)
(UNK)(UNK)(UNK)(UNK)(UNK)(UNK)(UNK)(UNK)(UNK)(UNK)(UNK)(UNK)(UNK)(UNK)(UNK)(UNK)
(UNK)(UNK)(UNK)(UNK)(UNK)(UNK)(UNK)(UNK)(UNK)(UNK)(UNK)(UNK)(UNK)(UNK)(UNK)(UNK)
(UNK)(UNK)(UNK)(UNK)(UNK)(UNK)(UNK)(UNK)(UNK)ETLNVIIPEKLDSFINKFAEYTHEKWAFDKIQNNW
SYGENVDEELKTHPMLRPYKTFSEKDKEIYRWPIKESLKAMIAWEWTIEKAREGEEERTEKKKTRKISQTAQTYDPREGY
NPQPPDLSGVTLSRELQAMAEQLAENYHNTWGRKKKQELEAKGGGTHPLLVPYDTLTAKEKARDREKAQELLKFLQMNGY
AVTR(UNK)(UNK)(UNK)(UNK)(UNK)(UNK)(UNK)(UNK)(UNK)(UNK)(UNK)(UNK)(UNK)(UNK)(UNK)
(UNK)(UNK)(UNK)(UNK)(UNK)(UNK)(UNK)(UNK)(UNK)(UNK)(UNK)(UNK)(UNK)(UNK)(UNK)(UNK)
(UNK)(UNK)(UNK)(UNK)(UNK)(UNK)(UNK)(UNK)(UNK)(UNK)(UNK)(UNK)(UNK)(UNK)(UNK)(UNK)
(UNK)(UNK)(UNK)(UNK)(UNK)(UNK)(UNK)(UNK)(UNK)(UNK)(UNK)(UNK)(UNK)(UNK)(UNK)(UNK)
(UNK)(UNK)(UNK)(UNK)(UNK)(UNK)(UNK)(UNK)(UNK)(UNK)(UNK)(UNK)(UNK)(UNK)(UNK)(UNK)
(UNK)(UNK)(UNK)(UNK)(UNK)(UNK)(UNK)(UNK)(UNK)(UNK)(UNK)(UNK)(UNK)(UNK)(UNK)(UNK)
(UNK)(UNK)(UNK)(UNK)(UNK)(UNK)(UNK)(UNK)(UNK)(UNK)(UNK)(UNK)(UNK)(UNK)(UNK)(UNK)
(UNK)(UNK)(UNK)(UNK)(UNK)(UNK)(UNK)(UNK)(UNK)(UNK)(UNK)(UNK)(UNK)(UNK)(UNK)(UNK)
(UNK)(UNK)(UNK)(UNK)(UNK)(UNK)(UNK)(UNK)(UNK)(UNK)(UNK)(UNK)(UNK)(UNK)(UNK)(UNK)
(UNK)(UNK)(UNK)(UNK)(UNK)(UNK)(UNK)(UNK)(UNK)(UNK)(UNK)(UNK)(UNK)(UNK)(UNK)(UNK)
(UNK)(UNK)(UNK)(UNK)(UNK)(UNK)(UNK)(UNK)(UNK)(UNK)(UNK)(UNK)(UNK)(UNK)(UNK)(UNK)
(UNK)(UNK)(UNK)(UNK)(UNK)(UNK)(UNK)(UNK)(UNK)(UNK)(UNK)(UNK)(UNK)(UNK)(UNK)(UNK)
(UNK)(UNK)(UNK)(UNK)(UNK)(UNK)(UNK)(UNK)(UNK)(UNK)(UNK)(UNK)(UNK)(UNK)(UNK)(UNK)
(UNK)(UNK)(UNK)(UNK)(UNK)(UNK)(UNK)(UNK)(UNK)(UNK)(UNK)(UNK)(UNK)(UNK)(UNK)(UNK)
(UNK)(UNK)(UNK)(UNK)(UNK)(UNK)(UNK)(UNK)(UNK)(UNK)(UNK)(UNK)(UNK)(UNK)(UNK)(UNK)
(UNK)(UNK)(UNK)(UNK)(UNK)(UNK)(UNK)(UNK)(UNK)(UNK)(UNK)(UNK)(UNK)(UNK)(UNK)(UNK)
(UNK)(UNK)(UNK)(UNK)(UNK)(UNK)(UNK)(UNK)(UNK)(UNK)(UNK)(UNK)(UNK)(UNK)(UNK)(UNK)
(UNK)(UNK)(UNK)(UNK)(UNK)(UNK)(UNK)(UNK)(UNK)(UNK)(UNK)(UNK)(UNK)(UNK)(UNK)(UNK)
(UNK)(UNK)(UNK)(UNK)(UNK)(UNK)(UNK)(UNK)(UNK)(UNK)(UNK)(UNK)(UNK)(UNK)(UNK)(UNK)
(UNK)(UNK)(UNK)(UNK)(UNK)(UNK)(UNK)(UNK)(UNK)(UNK)(UNK)(UNK)(UNK)(UNK)(UNK)(UNK)
(UNK)(UNK)(UNK)(UNK)(UNK)(UNK)(UNK)A(UNK)(UNK)(UNK)(UNK)(UNK)(UNK)(UNK)(UNK)
(UNK)(UNK)(UNK)(UNK)(UNK)(UNK)(UNK)(UNK)(UNK)(UNK)(UNK)(UNK)(UNK)(UNK)(UNK)(UNK)
(UNK)(UNK)(UNK)(UNK)(UNK)(UNK)(UNK)(UNK)(UNK)(UNK)(UNK)(UNK)(UNK)(UNK)(UNK)(UNK)
(UNK)(UNK)(UNK)(UNK)(UNK)(UNK)(UNK)(UNK)(UNK)(UNK)(UNK)(UNK)(UNK)(UNK)(UNK)(UNK)
(UNK)(UNK)(UNK)(UNK)(UNK)(UNK)(UNK)(UNK)(UNK)(UNK)(UNK)(UNK)(UNK)(UNK)(UNK)(UNK)
(UNK)(UNK)(UNK)(UNK)(UNK)(UNK)(UNK)(UNK)(UNK)(UNK)(UNK)(UNK)(UNK)(UNK)(UNK)(UNK)
(UNK)(UNK)(UNK)(UNK)(UNK)(UNK)(UNK)(UNK)(UNK)(UNK)(UNK)(UNK)(UNK)(UNK)(UNK)(UNK)
(UNK)(UNK)(UNK)(UNK)(UNK)(UNK)(UNK)(UNK)(UNK)(UNK)(UNK)(UNK)(UNK)(UNK)(UNK)(UNK)
(UNK)(UNK)(UNK)(UNK)(UNK)(UNK)(UNK)(UNK)(UNK)(UNK)(UNK)(UNK)(UNK)(UNK)(UNK)(UNK)
(UNK)(UNK)(UNK)(UNK)(UNK)(UNK)(UNK)(UNK)(UNK)(UNK)(UNK)(UNK)(UNK)(UNK)(UNK)(UNK)
(UNK)(UNK)(UNK)(UNK)(UNK)(UNK)(UNK)(UNK)(UNK)(UNK)(UNK)(UNK)(UNK)(UNK)(UNK)(UNK)
(UNK)(UNK)(UNK)(UNK)(UNK)(UNK)(UNK)(UNK)(UNK)(UNK)(UNK)(UNK)(UNK)(UNK)(UNK)(UNK)
(UNK)(UNK)(UNK)(UNK)(UNK)(UNK)(UNK)(UNK)(UNK)(UNK)(UNK)(UNK)(UNK)(UNK)(UNK)(UNK)
(UNK)(UNK)(UNK)(UNK)(UNK)(UNK)(UNK)(UNK)(UNK)(UNK)(UNK)(UNK)(UNK)(UNK)(UNK)(UNK)
(UNK)(UNK)(UNK)(UNK)(UNK)(UNK)(UNK)(UNK)(UNK)(UNK)(UNK)(UNK)(UNK)(UNK)(UNK)(UNK)
(UNK)(UNK)(UNK)(UNK)(UNK)(UNK)(UNK)(UNK)(UNK)(UNK)(UNK)(UNK)(UNK)(UNK)(UNK)(UNK)
(UNK)(UNK)(UNK)(UNK)(UNK)(UNK)(UNK)(UNK)(UNK)(UNK)(UNK)(UNK)(UNK)(UNK)(UNK)(UNK)
(UNK)(UNK)(UNK)(UNK)(UNK)(UNK)(UNK)(UNK)(UNK)(UNK)(UNK)(UNK)(UNK)(UNK)(UNK)(UNK)
(UNK)(UNK)(UNK)(UNK)(UNK)(UNK)(UNK)(UNK)(UNK)(UNK)(UNK)(UNK)(UNK)(UNK)(UNK)(UNK)
(UNK)(UNK)(UNK)(UNK)(UNK)(UNK)(UNK)(UNK)(UNK)(UNK)(UNK)(UNK)(UNK)(UNK)(UNK)(UNK)
(UNK)(UNK)(UNK)(UNK)(UNK)(UNK)(UNK)(UNK)(UNK)(UNK)(UNK)(UNK)(UNK)(UNK)(UNK)(UNK)
(UNK)(UNK)(UNK)(UNK)(UNK)(UNK)(UNK)(UNK)(UNK)(UNK)(UNK)(UNK)(UNK)(UNK)(UNK)(UNK)
(UNK)(UNK)(UNK)(UNK)(UNK)(UNK)(UNK)(UNK)(UNK)(UNK)(UNK)(UNK)LLSKQRRRAVVACFRMTPLY
NLPTHRACNMFLESYKAAWILTEDHSFEDRMIDDLSKAGEQEEEEEEVEEKKPDPLHQLVLHFSRTALTEKSKLDEDYLY
MAYADIMAKSCHLEEGGENGEAEEEEVEVSFEEKEMEKQRLLYQQSRLHTRGAAEMVLQMISACKGETGAMVSSTLKLGI
SILNGGNAEVQQKMLDYLKDKKEVGFFQSIQALMQTCSVLDLNAFERQNKAEGLGMVNEDGTVINRQNGEKVMADDEFTQ
DLFRFLQLLCEGHNNDFQNYLRTQTGNTTTINIIICTVDYLLRLQESISDFYWYYSGKDVIEEQGKRNFSKAMSVAKQVF
NSLTEYIQGPCTGNQQSLAHSRLWDAVVGFLHVFAHMMMKLAQDSSQIELLKELLDLQKDMVVMLLSLLEGNVVNGMIAR
QMVDMLVESSSNVEMILKFFDMFLKLKDIVGSEAFQDYVTDPRGLISKKDFQKAMDSQKQFTGPEIQFLLSCSEADENEM
INFEEFANRFQEPARDIGFNVAVLLTNLSEHVPHDPRLRNFLELAESILEYFRPYLGRIEIMGASRRIERIYFEISETNR
AQWEMPQVKESKRQFIFDVVNEGGEAEKMELFVSFCEDTIFEMQIAAQISE(UNK)(UNK)(UNK)(UNK)(UNK)
(UNK)(UNK)(UNK)(UNK)(UNK)(UNK)(UNK)(UNK)(UNK)(UNK)(UNK)(UNK)(UNK)(UNK)(UNK)(UNK)
(UNK)(UNK)(UNK)(UNK)(UNK)(UNK)(UNK)(UNK)(UNK)(UNK)(UNK)(UNK)(UNK)(UNK)(UNK)(UNK)
(UNK)(UNK)(UNK)(UNK)(UNK)(UNK)(UNK)(UNK)(UNK)(UNK)(UNK)(UNK)(UNK)(UNK)(UNK)(UNK)
(UNK)(UNK)(UNK)(UNK)(UNK)(UNK)(UNK)(UNK)(UNK)(UNK)(UNK)(UNK)(UNK)(UNK)(UNK)(UNK)
(UNK)(UNK)(UNK)(UNK)(UNK)(UNK)(UNK)(UNK)(UNK)(UNK)(UNK)(UNK)(UNK)(UNK)(UNK)(UNK)
(UNK)(UNK)(UNK)(UNK)(UNK)(UNK)(UNK)(UNK)(UNK)(UNK)(UNK)(UNK)(UNK)(UNK)(UNK)(UNK)
(UNK)(UNK)(UNK)(UNK)(UNK)(UNK)(UNK)(UNK)(UNK)(UNK)(UNK)(UNK)(UNK)(UNK)(UNK)(UNK)
(UNK)(UNK)(UNK)(UNK)(UNK)(UNK)(UNK)(UNK)(UNK)(UNK)(UNK)(UNK)(UNK)(UNK)(UNK)(UNK)
(UNK)(UNK)(UNK)(UNK)(UNK)(UNK)(UNK)(UNK)(UNK)(UNK)(UNK)(UNK)(UNK)(UNK)(UNK)(UNK)
(UNK)(UNK)(UNK)(UNK)(UNK)(UNK)(UNK)(UNK)(UNK)(UNK)(UNK)(UNK)(UNK)(UNK)(UNK)(UNK)
(UNK)(UNK)(UNK)(UNK)(UNK)(UNK)(UNK)(UNK)(UNK)(UNK)(UNK)(UNK)(UNK)(UNK)(UNK)(UNK)
(UNK)(UNK)(UNK)(UNK)(UNK)(UNK)(UNK)(UNK)(UNK)(UNK)(UNK)(UNK)(UNK)(UNK)(UNK)(UNK)
(UNK)(UNK)(UNK)(UNK)(UNK)(UNK)(UNK)(UNK)(UNK)(UNK)(UNK)(UNK)(UNK)(UNK)(UNK)(UNK)
(UNK)(UNK)(UNK)(UNK)(UNK)(UNK)(UNK)(UNK)(UNK)(UNK)(UNK)(UNK)(UNK)(UNK)(UNK)(UNK)
(UNK)(UNK)(UNK)(UNK)(UNK)(UNK)(UNK)(UNK)(UNK)(UNK)(UNK)(UNK)(UNK)(UNK)(UNK)(UNK)
(UNK)(UNK)(UNK)(UNK)(UNK)(UNK)(UNK)(UNK)(UNK)(UNK)(UNK)(UNK)(UNK)(UNK)(UNK)(UNK)
(UNK)(UNK)(UNK)(UNK)(UNK)(UNK)(UNK)(UNK)(UNK)(UNK)(UNK)(UNK)(UNK)(UNK)(UNK)(UNK)
(UNK)(UNK)(UNK)(UNK)(UNK)(UNK)(UNK)(UNK)(UNK)(UNK)WGELEVQRVKFLNYLSRNFYTLRFLALFLA
FAINFILLFYKVSDSPPGEDDMEGSAAGDLAGAGSGGGSGWGSGAGEEAEGDEDENMVYYFLEESTGYMEPALWCLSLLH
TLVAFLCIIGYNCLKVPLVIFKREKELARKLEFDGLYITEQPGDDDVKGQWDRLVLNTPSFPSNYWDKFVKRKVLDKHGD
IFGRERIAELLGMDLASLEITAHNERKPDPPPGLLTWLMSIDVKYQIWKFGVIFTDNSFLYLGWYMVMSLLGHYNNFFFA
AHLLDIAMGVKTLRTILSSVTHNGKQLVMTVGLLAVVVYLYTVVAFNFFRKFYNKSEDEDEPDMKCDDMMTCYLFHMYVG
VRAGGGIGDEIEDPAGDEYELYRVVFDITFFFFVIVILLAIIQGLIIDAFGELRDQQEQVKEDMETKCFICGIGSDYFDT
TPHGFETHTLEEHNLANYMFFLMYLINKDETEHTGQESYVWKMYQERCWDFFPAGDCFRKQYEDQLS
;
A,C,E,G
2 'polypeptide(L)'
;GVEIETISPGDGRTFPKKGQTCVVHYTGMLQNGKKFDSSRDRNKPFKFRIGKQEVIKGFEEGAAQMSLGQRAKLTCTPDV
AYGATGHPGVIPPNATLIFDVELLNLE
;
B,D,F,H
#
# COMPACT_ATOMS: atom_id res chain seq x y z
N GLN A 12 19.61 9.14 29.37
CA GLN A 12 20.38 10.02 28.51
C GLN A 12 21.03 11.12 29.33
N PHE A 13 20.22 11.86 30.08
CA PHE A 13 20.69 12.97 30.88
C PHE A 13 20.12 12.85 32.30
N LEU A 14 20.78 13.50 33.24
CA LEU A 14 20.41 13.41 34.64
C LEU A 14 19.34 14.45 35.00
N ARG A 15 18.47 14.06 35.91
CA ARG A 15 17.50 14.95 36.54
C ARG A 15 17.44 14.52 38.01
N THR A 16 16.54 15.10 38.79
CA THR A 16 16.39 14.85 40.22
C THR A 16 15.72 13.49 40.42
N ASP A 17 15.98 12.87 41.59
CA ASP A 17 15.33 11.64 42.04
C ASP A 17 15.61 10.46 41.10
N ASP A 18 16.91 10.20 40.91
CA ASP A 18 17.39 8.99 40.26
C ASP A 18 18.16 8.16 41.27
N GLU A 19 17.84 6.86 41.33
CA GLU A 19 18.57 5.92 42.17
C GLU A 19 19.93 5.65 41.52
N VAL A 20 20.97 6.29 42.03
CA VAL A 20 22.29 6.19 41.44
C VAL A 20 23.16 5.29 42.30
N VAL A 21 24.36 4.98 41.80
CA VAL A 21 25.39 4.30 42.57
C VAL A 21 26.75 4.84 42.14
N LEU A 22 27.54 5.28 43.11
CA LEU A 22 28.79 5.97 42.82
C LEU A 22 29.89 4.94 42.53
N GLN A 23 30.42 4.96 41.31
CA GLN A 23 31.49 4.08 40.88
C GLN A 23 32.82 4.82 40.85
N CYS A 24 33.88 4.09 41.16
CA CYS A 24 35.24 4.49 40.85
C CYS A 24 35.98 3.28 40.34
N SER A 25 37.07 3.50 39.61
CA SER A 25 37.87 2.41 39.06
C SER A 25 39.33 2.59 39.46
N ALA A 26 39.90 1.56 40.06
CA ALA A 26 41.30 1.56 40.45
C ALA A 26 42.12 0.70 39.50
N GLU A 31 44.94 -5.30 36.84
CA GLU A 31 43.51 -5.55 36.79
C GLU A 31 42.73 -4.29 37.11
N GLN A 32 41.78 -3.96 36.25
CA GLN A 32 40.88 -2.84 36.50
C GLN A 32 39.83 -3.28 37.52
N LEU A 33 39.84 -2.67 38.69
CA LEU A 33 38.92 -3.02 39.76
C LEU A 33 37.76 -2.03 39.75
N LYS A 34 36.53 -2.55 39.69
CA LYS A 34 35.33 -1.73 39.75
C LYS A 34 34.84 -1.68 41.19
N LEU A 35 34.76 -0.49 41.76
CA LEU A 35 34.43 -0.32 43.17
C LEU A 35 33.25 0.63 43.32
N CYS A 36 32.29 0.24 44.17
CA CYS A 36 31.17 1.09 44.53
C CYS A 36 31.13 1.32 46.04
N LEU A 37 30.60 2.47 46.43
CA LEU A 37 30.52 2.85 47.84
C LEU A 37 29.20 2.32 48.40
N ALA A 38 29.28 1.54 49.47
CA ALA A 38 28.14 0.85 50.06
C ALA A 38 27.69 1.55 51.33
N ALA A 39 26.59 1.06 51.91
CA ALA A 39 26.11 1.59 53.17
C ALA A 39 25.49 0.47 54.00
N GLU A 40 25.94 0.34 55.24
CA GLU A 40 25.39 -0.70 56.11
C GLU A 40 24.08 -0.26 56.75
N GLY A 41 24.12 0.81 57.54
CA GLY A 41 22.92 1.30 58.20
C GLY A 41 22.60 0.57 59.48
N PHE A 42 22.15 1.33 60.49
CA PHE A 42 21.80 0.83 61.83
C PHE A 42 22.98 0.09 62.48
N GLY A 43 24.06 0.81 62.69
CA GLY A 43 25.29 0.31 63.27
C GLY A 43 26.43 0.30 62.26
N ASN A 44 27.64 0.56 62.76
CA ASN A 44 28.87 0.70 61.97
C ASN A 44 28.72 1.78 60.89
N ARG A 45 28.63 3.01 61.41
CA ARG A 45 28.18 4.17 60.63
C ARG A 45 29.16 4.56 59.52
N LEU A 46 30.46 4.41 59.74
CA LEU A 46 31.43 4.72 58.69
C LEU A 46 31.35 3.67 57.60
N CYS A 47 31.07 4.12 56.38
CA CYS A 47 30.61 3.25 55.31
C CYS A 47 31.77 2.81 54.43
N PHE A 48 31.87 1.51 54.19
CA PHE A 48 32.97 0.92 53.44
C PHE A 48 32.47 0.39 52.10
N LEU A 49 33.41 -0.04 51.26
CA LEU A 49 33.12 -0.35 49.88
C LEU A 49 32.89 -1.85 49.68
N GLU A 50 32.45 -2.20 48.46
CA GLU A 50 32.24 -3.57 48.02
C GLU A 50 32.57 -3.64 46.53
N PRO A 51 33.30 -4.66 46.09
CA PRO A 51 33.72 -4.73 44.68
C PRO A 51 32.61 -5.25 43.79
N THR A 52 32.62 -4.83 42.52
CA THR A 52 31.62 -5.28 41.55
C THR A 52 32.24 -5.61 40.20
N SER A 53 33.57 -5.79 40.13
CA SER A 53 34.21 -6.23 38.89
C SER A 53 34.22 -7.74 38.75
N ASN A 54 33.99 -8.46 39.84
CA ASN A 54 34.07 -9.92 39.88
C ASN A 54 32.69 -10.56 40.02
N ALA A 55 31.70 -10.01 39.29
CA ALA A 55 30.32 -10.48 39.34
C ALA A 55 30.12 -11.87 38.74
N GLN A 56 31.12 -12.46 38.07
CA GLN A 56 31.02 -13.84 37.61
C GLN A 56 31.27 -14.85 38.71
N ASN A 57 31.76 -14.43 39.89
CA ASN A 57 31.94 -15.36 41.00
C ASN A 57 31.28 -14.91 42.30
N VAL A 58 30.60 -13.77 42.32
CA VAL A 58 29.88 -13.35 43.52
C VAL A 58 28.62 -12.57 43.10
N PRO A 59 27.48 -12.86 43.69
CA PRO A 59 26.35 -11.96 43.54
C PRO A 59 26.49 -10.77 44.47
N PRO A 60 26.48 -9.56 43.93
CA PRO A 60 26.69 -8.39 44.78
C PRO A 60 25.41 -7.96 45.47
N ASP A 61 25.51 -6.98 46.36
CA ASP A 61 24.35 -6.41 47.04
C ASP A 61 24.20 -4.98 46.55
N LEU A 62 23.06 -4.67 45.96
CA LEU A 62 22.83 -3.33 45.41
C LEU A 62 21.88 -2.50 46.26
N ALA A 63 21.04 -3.16 47.07
CA ALA A 63 20.17 -2.48 48.03
C ALA A 63 20.96 -1.79 49.15
N ILE A 64 22.23 -2.16 49.34
CA ILE A 64 23.11 -1.45 50.26
C ILE A 64 23.72 -0.21 49.63
N CYS A 65 23.57 0.00 48.32
CA CYS A 65 24.14 1.16 47.66
C CYS A 65 23.20 1.83 46.67
N CYS A 66 21.88 1.64 46.81
CA CYS A 66 20.96 2.55 46.13
C CYS A 66 21.05 3.93 46.75
N PHE A 67 21.60 4.89 46.02
CA PHE A 67 21.72 6.27 46.47
C PHE A 67 20.86 7.16 45.60
N THR A 68 20.17 8.12 46.22
CA THR A 68 19.24 8.98 45.51
C THR A 68 19.33 10.40 46.07
N LEU A 69 19.33 11.40 45.19
CA LEU A 69 19.32 12.80 45.59
C LEU A 69 17.99 13.44 45.19
N GLU A 70 17.49 14.33 46.06
CA GLU A 70 16.20 14.97 45.85
C GLU A 70 16.27 16.49 45.84
N GLN A 71 17.34 17.09 46.32
CA GLN A 71 17.49 18.53 46.36
C GLN A 71 18.80 18.91 45.70
N SER A 72 18.72 19.78 44.70
CA SER A 72 19.91 20.30 44.04
C SER A 72 19.76 21.81 43.98
N LEU A 73 20.24 22.49 45.00
CA LEU A 73 20.18 23.94 45.05
C LEU A 73 21.45 24.49 44.41
N SER A 74 21.64 25.82 44.51
CA SER A 74 22.70 26.50 43.75
C SER A 74 24.07 26.29 44.37
N VAL A 75 25.03 27.18 44.06
CA VAL A 75 26.40 27.02 44.54
C VAL A 75 26.46 27.03 46.06
N ARG A 76 25.97 28.10 46.67
CA ARG A 76 25.66 28.11 48.09
C ARG A 76 24.29 28.74 48.32
N ALA A 77 23.22 28.16 47.75
CA ALA A 77 21.89 28.77 47.87
C ALA A 77 21.34 28.72 49.28
N LEU A 78 21.87 27.88 50.15
CA LEU A 78 21.46 27.87 51.54
C LEU A 78 22.33 28.80 52.41
N GLN A 79 23.01 29.79 51.78
CA GLN A 79 23.47 30.99 52.50
C GLN A 79 22.35 31.60 53.34
N GLU A 80 21.15 31.65 52.78
CA GLU A 80 20.04 32.34 53.40
C GLU A 80 19.37 31.43 54.42
N MET A 81 19.29 30.13 54.11
CA MET A 81 18.54 29.21 54.93
C MET A 81 19.35 28.71 56.12
N LEU A 82 20.69 28.83 56.10
CA LEU A 82 21.45 28.55 57.32
C LEU A 82 21.20 29.62 58.38
N ALA A 83 20.92 30.85 57.96
CA ALA A 83 20.57 31.90 58.90
C ALA A 83 19.07 31.98 59.17
N ASN A 84 18.24 31.48 58.26
CA ASN A 84 16.80 31.55 58.41
C ASN A 84 16.30 30.53 59.44
N GLY A 97 8.58 20.73 40.35
CA GLY A 97 8.71 19.32 40.65
C GLY A 97 10.14 18.87 40.87
N HIS A 98 10.70 18.19 39.87
CA HIS A 98 12.07 17.69 39.93
C HIS A 98 12.96 18.61 39.09
N ARG A 99 13.92 19.25 39.74
CA ARG A 99 14.70 20.32 39.14
C ARG A 99 15.91 19.78 38.38
N THR A 100 16.36 20.55 37.41
CA THR A 100 17.54 20.20 36.60
C THR A 100 18.79 20.66 37.31
N LEU A 101 19.66 19.72 37.64
CA LEU A 101 20.95 20.01 38.28
C LEU A 101 22.02 20.23 37.22
N LEU A 102 23.09 20.90 37.64
CA LEU A 102 24.17 21.32 36.75
C LEU A 102 25.50 20.87 37.34
N TYR A 103 26.57 21.10 36.59
CA TYR A 103 27.89 21.13 37.19
C TYR A 103 28.07 22.43 37.95
N GLY A 104 28.48 22.34 39.20
CA GLY A 104 28.57 23.47 40.10
C GLY A 104 27.55 23.45 41.22
N HIS A 105 26.47 22.68 41.09
CA HIS A 105 25.41 22.72 42.08
C HIS A 105 25.61 21.63 43.14
N ALA A 106 24.86 21.75 44.23
CA ALA A 106 25.07 20.96 45.44
C ALA A 106 24.23 19.69 45.44
N ILE A 107 24.69 18.70 46.20
CA ILE A 107 24.04 17.40 46.33
C ILE A 107 23.65 17.17 47.79
N LEU A 108 22.39 16.79 48.02
CA LEU A 108 21.95 16.21 49.28
C LEU A 108 21.53 14.77 49.02
N LEU A 109 22.25 13.81 49.62
CA LEU A 109 22.09 12.40 49.33
C LEU A 109 21.19 11.71 50.36
N ARG A 110 20.64 10.57 49.95
CA ARG A 110 19.64 9.81 50.68
C ARG A 110 19.87 8.33 50.35
N HIS A 111 19.80 7.47 51.37
CA HIS A 111 19.81 6.05 51.08
C HIS A 111 18.38 5.53 50.90
N ALA A 112 18.28 4.32 50.35
CA ALA A 112 17.01 3.63 50.18
C ALA A 112 16.73 2.66 51.30
N HIS A 113 17.79 2.14 51.94
CA HIS A 113 17.63 1.30 53.11
C HIS A 113 17.41 2.14 54.37
N SER A 114 18.35 3.04 54.67
CA SER A 114 18.32 3.75 55.94
C SER A 114 17.39 4.96 55.96
N ARG A 115 17.10 5.53 54.78
CA ARG A 115 16.33 6.77 54.62
C ARG A 115 16.99 7.93 55.38
N MET A 116 18.32 7.97 55.33
CA MET A 116 19.16 8.88 56.08
C MET A 116 20.01 9.71 55.11
N TYR A 117 20.59 10.79 55.62
CA TYR A 117 21.39 11.70 54.81
C TYR A 117 22.88 11.43 54.98
N LEU A 118 23.62 11.57 53.88
CA LEU A 118 25.06 11.32 53.85
C LEU A 118 25.82 12.58 54.24
N SER A 119 26.69 12.46 55.26
CA SER A 119 27.48 13.58 55.73
C SER A 119 28.90 13.13 56.09
N CYS A 120 29.65 13.99 56.77
CA CYS A 120 30.98 13.66 57.28
C CYS A 120 31.08 14.04 58.75
N LEU A 121 31.71 13.18 59.54
CA LEU A 121 31.98 13.45 60.95
C LEU A 121 33.44 13.82 61.15
N THR A 122 33.68 14.75 62.06
CA THR A 122 34.98 15.39 62.21
C THR A 122 35.98 14.57 63.03
N THR A 123 35.54 13.51 63.70
CA THR A 123 36.46 12.66 64.45
C THR A 123 36.93 11.52 63.55
N SER A 124 38.21 11.51 63.23
CA SER A 124 38.75 10.61 62.21
C SER A 124 39.11 9.26 62.81
N ARG A 125 38.99 8.21 61.99
CA ARG A 125 39.35 6.85 62.36
C ARG A 125 40.61 6.38 61.65
N SER A 126 41.44 7.30 61.14
CA SER A 126 42.64 6.92 60.43
C SER A 126 43.82 6.69 61.39
N MET A 127 43.89 7.52 62.44
CA MET A 127 44.97 7.52 63.45
C MET A 127 46.35 7.65 62.81
N THR A 128 46.49 8.58 61.87
CA THR A 128 47.75 8.76 61.18
C THR A 128 48.14 10.22 61.02
N ASP A 129 47.32 11.16 61.51
CA ASP A 129 47.58 12.61 61.51
C ASP A 129 47.80 13.17 60.12
N LYS A 130 47.09 12.63 59.12
CA LYS A 130 47.19 13.11 57.75
C LYS A 130 45.97 13.94 57.35
N LEU A 131 45.15 14.35 58.33
CA LEU A 131 43.90 15.10 58.13
C LEU A 131 42.95 14.36 57.19
N ALA A 132 42.78 13.06 57.45
CA ALA A 132 41.91 12.22 56.64
C ALA A 132 40.65 11.92 57.44
N PHE A 133 39.59 12.67 57.15
CA PHE A 133 38.32 12.46 57.83
C PHE A 133 37.54 11.39 57.09
N ASP A 134 36.63 10.74 57.82
CA ASP A 134 35.80 9.68 57.26
C ASP A 134 34.33 10.06 57.34
N VAL A 135 33.54 9.53 56.42
CA VAL A 135 32.17 9.94 56.23
C VAL A 135 31.23 8.96 56.92
N GLY A 136 29.98 9.37 57.08
CA GLY A 136 28.96 8.50 57.62
C GLY A 136 27.59 9.06 57.27
N LEU A 137 26.59 8.64 58.03
CA LEU A 137 25.23 9.14 57.83
C LEU A 137 24.69 9.72 59.14
N GLN A 138 23.94 10.82 59.01
CA GLN A 138 23.51 11.62 60.16
C GLN A 138 22.00 11.64 60.25
N GLU A 139 21.48 11.44 61.46
CA GLU A 139 20.04 11.46 61.68
C GLU A 139 19.48 12.88 61.62
N ASP A 140 20.31 13.88 61.93
CA ASP A 140 19.88 15.26 61.89
C ASP A 140 19.74 15.73 60.43
N ALA A 141 18.86 16.72 60.24
CA ALA A 141 18.58 17.28 58.93
C ALA A 141 19.24 18.64 58.73
N THR A 142 20.22 18.96 59.56
CA THR A 142 20.91 20.25 59.48
C THR A 142 21.86 20.25 58.28
N GLY A 143 21.75 21.28 57.45
CA GLY A 143 22.59 21.39 56.27
C GLY A 143 23.91 22.07 56.51
N GLU A 144 24.60 21.71 57.60
CA GLU A 144 25.94 22.23 57.85
C GLU A 144 26.99 21.46 57.05
N ALA A 145 27.12 20.17 57.33
CA ALA A 145 28.10 19.32 56.66
C ALA A 145 27.47 18.16 55.91
N CYS A 146 26.21 18.29 55.48
CA CYS A 146 25.55 17.29 54.66
C CYS A 146 25.46 17.71 53.20
N TRP A 147 25.90 18.92 52.87
CA TRP A 147 25.84 19.47 51.52
C TRP A 147 27.18 19.28 50.83
N TRP A 148 27.16 18.68 49.65
CA TRP A 148 28.38 18.36 48.91
C TRP A 148 28.22 18.85 47.47
N THR A 149 28.94 19.91 47.12
CA THR A 149 28.79 20.51 45.79
C THR A 149 29.63 19.74 44.75
N MET A 150 29.33 20.01 43.49
CA MET A 150 29.82 19.23 42.35
C MET A 150 30.78 20.07 41.53
N HIS A 151 31.85 19.41 41.04
CA HIS A 151 32.84 20.06 40.18
C HIS A 151 33.34 19.11 39.11
N PRO A 152 33.55 19.59 37.89
CA PRO A 152 34.06 18.73 36.81
C PRO A 152 35.56 18.47 36.97
N ALA A 153 36.07 17.61 36.10
CA ALA A 153 37.46 17.15 36.19
C ALA A 153 38.37 17.95 35.26
N SER A 154 37.98 18.05 33.99
CA SER A 154 38.82 18.66 32.97
C SER A 154 38.17 19.93 32.43
N LYS A 155 38.82 20.55 31.45
CA LYS A 155 38.33 21.73 30.75
C LYS A 155 37.39 21.38 29.61
N GLN A 156 37.04 20.10 29.45
CA GLN A 156 36.07 19.70 28.44
C GLN A 156 34.68 20.19 28.79
N ARG A 157 34.33 20.14 30.08
CA ARG A 157 33.07 20.70 30.57
C ARG A 157 33.41 21.84 31.51
N SER A 158 32.55 22.85 31.53
CA SER A 158 32.76 24.00 32.40
C SER A 158 31.56 24.21 33.32
N GLU A 159 31.48 25.38 33.94
CA GLU A 159 30.44 25.66 34.93
C GLU A 159 29.08 25.78 34.23
N GLY A 160 28.11 25.04 34.75
CA GLY A 160 26.78 25.03 34.19
C GLY A 160 26.50 23.98 33.14
N GLU A 161 27.42 23.03 32.94
CA GLU A 161 27.30 22.12 31.81
C GLU A 161 26.26 21.04 32.10
N LYS A 162 26.09 20.13 31.14
CA LYS A 162 25.01 19.15 31.18
C LYS A 162 25.52 17.86 31.83
N VAL A 163 24.93 17.51 32.96
CA VAL A 163 25.27 16.28 33.68
C VAL A 163 24.64 15.08 32.97
N ARG A 164 25.34 13.95 32.98
CA ARG A 164 24.95 12.79 32.20
C ARG A 164 25.50 11.53 32.84
N VAL A 165 25.28 10.39 32.16
CA VAL A 165 25.78 9.09 32.59
C VAL A 165 27.19 8.88 32.02
N GLY A 166 28.06 8.28 32.82
CA GLY A 166 29.40 7.97 32.37
C GLY A 166 30.35 9.15 32.30
N ASP A 167 30.15 10.17 33.12
CA ASP A 167 30.99 11.35 33.11
C ASP A 167 32.09 11.24 34.16
N ASP A 168 32.93 12.27 34.23
CA ASP A 168 33.96 12.41 35.23
C ASP A 168 33.45 13.29 36.37
N LEU A 169 33.64 12.84 37.60
CA LEU A 169 33.06 13.49 38.76
C LEU A 169 34.09 13.78 39.83
N ILE A 170 34.03 15.00 40.36
CA ILE A 170 34.78 15.43 41.54
C ILE A 170 33.78 16.09 42.50
N LEU A 171 33.69 15.56 43.71
CA LEU A 171 32.68 15.98 44.68
C LEU A 171 33.35 16.47 45.95
N VAL A 172 32.96 17.67 46.40
CA VAL A 172 33.59 18.35 47.52
C VAL A 172 32.49 18.99 48.37
N SER A 173 32.79 19.20 49.65
CA SER A 173 31.77 19.60 50.62
C SER A 173 31.68 21.13 50.73
N VAL A 174 30.96 21.61 51.75
CA VAL A 174 30.73 23.04 51.97
C VAL A 174 31.46 23.52 53.22
N SER A 175 31.10 22.99 54.39
CA SER A 175 31.71 23.35 55.66
C SER A 175 33.03 22.63 55.92
N SER A 176 33.30 21.54 55.20
CA SER A 176 34.55 20.81 55.35
C SER A 176 35.41 20.84 54.09
N GLU A 177 34.81 20.56 52.93
CA GLU A 177 35.44 20.66 51.61
C GLU A 177 36.70 19.79 51.47
N ARG A 178 36.53 18.48 51.71
CA ARG A 178 37.51 17.48 51.35
C ARG A 178 36.89 16.47 50.38
N TYR A 179 37.77 15.83 49.61
CA TYR A 179 37.39 15.00 48.48
C TYR A 179 37.31 13.54 48.87
N LEU A 180 36.31 12.83 48.35
CA LEU A 180 36.21 11.40 48.57
C LEU A 180 37.30 10.69 47.78
N HIS A 181 38.19 10.00 48.47
CA HIS A 181 39.27 9.29 47.80
C HIS A 181 39.36 7.88 48.36
N LEU A 182 40.31 7.12 47.84
CA LEU A 182 40.51 5.73 48.22
C LEU A 182 41.74 5.61 49.12
N SER A 183 41.77 4.53 49.90
CA SER A 183 42.83 4.32 50.90
C SER A 183 44.04 3.67 50.26
N THR A 184 45.20 4.31 50.41
CA THR A 184 46.47 3.77 49.92
C THR A 184 47.51 3.63 51.03
N ALA A 185 47.10 3.78 52.28
CA ALA A 185 48.05 3.75 53.40
C ALA A 185 48.26 2.34 53.94
N SER A 186 47.18 1.72 54.41
CA SER A 186 47.31 0.45 55.12
C SER A 186 46.02 -0.35 55.02
N GLY A 187 46.15 -1.67 55.11
CA GLY A 187 45.02 -2.57 55.10
C GLY A 187 44.39 -2.70 53.72
N GLU A 188 43.08 -2.89 53.72
CA GLU A 188 42.29 -2.88 52.50
C GLU A 188 41.93 -1.45 52.13
N LEU A 189 41.06 -1.28 51.15
CA LEU A 189 40.75 0.02 50.58
C LEU A 189 39.39 0.48 51.09
N GLN A 190 39.32 1.74 51.52
CA GLN A 190 38.08 2.31 52.01
C GLN A 190 38.10 3.81 51.72
N VAL A 191 36.92 4.43 51.79
CA VAL A 191 36.72 5.81 51.35
C VAL A 191 37.07 6.78 52.47
N ASP A 192 37.87 7.81 52.14
CA ASP A 192 38.27 8.85 53.08
C ASP A 192 38.00 10.22 52.47
N ALA A 193 38.01 11.24 53.33
CA ALA A 193 37.81 12.62 52.93
C ALA A 193 39.06 13.42 53.30
N SER A 194 40.02 13.49 52.37
CA SER A 194 41.24 14.24 52.58
C SER A 194 41.59 14.97 51.29
N PHE A 195 42.81 15.51 51.24
CA PHE A 195 43.30 16.28 50.09
C PHE A 195 43.86 15.31 49.04
N MET A 196 42.93 14.65 48.37
CA MET A 196 43.23 13.61 47.38
C MET A 196 42.01 13.52 46.46
N GLN A 197 42.18 13.92 45.20
CA GLN A 197 41.06 14.00 44.27
C GLN A 197 41.01 12.74 43.43
N THR A 198 39.96 11.95 43.60
CA THR A 198 39.73 10.75 42.82
C THR A 198 38.44 10.89 42.04
N LEU A 199 38.49 10.53 40.77
CA LEU A 199 37.36 10.69 39.87
C LEU A 199 36.30 9.63 40.16
N TRP A 200 35.04 10.04 40.12
CA TRP A 200 33.88 9.20 40.40
C TRP A 200 33.00 9.08 39.16
N ASN A 201 32.03 8.19 39.23
CA ASN A 201 31.02 8.02 38.17
C ASN A 201 29.63 8.02 38.79
N MET A 202 28.70 8.72 38.14
CA MET A 202 27.38 8.97 38.74
C MET A 202 26.51 7.72 38.67
N ASN A 203 26.34 7.16 37.46
CA ASN A 203 25.62 5.92 37.15
C ASN A 203 24.18 5.86 37.66
N PRO A 204 23.23 6.56 37.04
CA PRO A 204 21.82 6.34 37.42
C PRO A 204 21.34 4.95 36.99
N ILE A 205 20.59 4.32 37.88
CA ILE A 205 20.13 2.95 37.67
C ILE A 205 18.62 2.91 37.53
N CYS A 206 17.89 3.37 38.55
CA CYS A 206 16.44 3.38 38.55
C CYS A 206 15.95 4.83 38.42
N SER A 207 15.08 5.08 37.45
CA SER A 207 14.43 6.37 37.32
C SER A 207 13.03 6.30 37.95
N CYS A 208 12.26 7.37 37.82
CA CYS A 208 10.90 7.41 38.35
C CYS A 208 9.99 6.66 37.38
N CYS A 209 9.70 5.41 37.69
CA CYS A 209 8.84 4.57 36.88
C CYS A 209 7.42 4.55 37.46
N GLU A 210 6.47 4.14 36.63
CA GLU A 210 5.06 4.17 37.01
C GLU A 210 4.72 3.03 37.98
N GLU A 211 3.56 3.14 38.61
CA GLU A 211 3.09 2.16 39.58
C GLU A 211 2.48 0.95 38.87
N GLY A 212 2.60 -0.21 39.53
CA GLY A 212 2.22 -1.48 38.95
C GLY A 212 3.25 -2.09 38.03
N TYR A 213 4.32 -1.36 37.69
CA TYR A 213 5.31 -1.81 36.73
C TYR A 213 6.62 -1.97 37.47
N VAL A 214 7.11 -3.21 37.58
CA VAL A 214 8.24 -3.50 38.45
C VAL A 214 9.55 -3.14 37.75
N THR A 215 10.53 -2.65 38.51
CA THR A 215 11.87 -2.53 37.95
C THR A 215 12.83 -3.32 38.81
N GLY A 216 14.11 -3.29 38.42
CA GLY A 216 15.10 -4.13 39.05
C GLY A 216 15.42 -3.65 40.45
N GLY A 217 15.11 -4.47 41.45
CA GLY A 217 15.40 -4.15 42.83
C GLY A 217 14.21 -3.76 43.67
N HIS A 218 13.04 -4.34 43.38
CA HIS A 218 11.81 -4.10 44.14
C HIS A 218 11.28 -5.42 44.68
N VAL A 219 11.00 -5.46 45.97
CA VAL A 219 10.49 -6.68 46.60
C VAL A 219 9.02 -6.87 46.22
N LEU A 220 8.64 -8.13 46.03
CA LEU A 220 7.26 -8.51 45.72
C LEU A 220 7.06 -9.96 46.17
N ARG A 221 5.88 -10.50 45.89
CA ARG A 221 5.58 -11.89 46.20
C ARG A 221 4.88 -12.55 45.02
N LEU A 222 4.87 -13.89 45.08
CA LEU A 222 4.55 -14.74 43.94
C LEU A 222 3.31 -15.59 44.20
N PHE A 223 2.23 -14.94 44.64
CA PHE A 223 0.99 -15.62 45.05
C PHE A 223 0.39 -16.45 43.93
N HIS A 224 -0.08 -17.65 44.26
CA HIS A 224 -1.08 -18.31 43.42
C HIS A 224 -2.04 -19.13 44.28
N GLU A 229 -1.25 -19.77 47.67
CA GLU A 229 0.05 -20.19 48.18
C GLU A 229 1.01 -19.01 48.26
N CYS A 230 1.95 -19.08 49.21
CA CYS A 230 3.02 -18.11 49.33
C CYS A 230 4.37 -18.83 49.30
N LEU A 231 5.37 -18.20 48.67
CA LEU A 231 6.67 -18.83 48.45
C LEU A 231 7.50 -18.60 49.71
N THR A 232 7.44 -19.55 50.64
CA THR A 232 7.92 -19.36 52.00
C THR A 232 8.97 -20.40 52.40
N ILE A 233 9.58 -20.16 53.55
CA ILE A 233 10.61 -21.02 54.13
C ILE A 233 10.08 -21.54 55.47
N SER A 234 10.37 -22.81 55.78
CA SER A 234 9.87 -23.42 57.00
C SER A 234 10.61 -22.87 58.23
N ALA A 235 10.01 -23.12 59.40
CA ALA A 235 10.59 -22.72 60.67
C ALA A 235 11.66 -23.71 61.12
N GLN A 241 18.50 -27.08 58.65
CA GLN A 241 19.02 -25.72 58.77
C GLN A 241 18.04 -24.71 58.18
N ARG A 242 16.80 -25.15 57.99
CA ARG A 242 15.72 -24.38 57.37
C ARG A 242 16.11 -23.90 55.98
N ARG A 243 16.50 -24.86 55.15
CA ARG A 243 16.85 -24.60 53.76
C ARG A 243 15.81 -25.10 52.78
N LEU A 244 14.89 -25.97 53.21
CA LEU A 244 13.86 -26.49 52.33
C LEU A 244 12.76 -25.46 52.13
N VAL A 245 12.34 -25.30 50.87
CA VAL A 245 11.38 -24.28 50.46
C VAL A 245 10.00 -24.91 50.38
N TYR A 246 9.01 -24.26 50.99
CA TYR A 246 7.65 -24.77 51.06
C TYR A 246 6.67 -23.70 50.57
N TYR A 247 5.40 -24.08 50.48
CA TYR A 247 4.31 -23.15 50.22
C TYR A 247 3.21 -23.38 51.25
N GLU A 248 2.71 -22.29 51.83
CA GLU A 248 1.73 -22.38 52.92
C GLU A 248 0.52 -21.50 52.67
N GLY A 249 -0.30 -21.30 53.70
CA GLY A 249 -1.54 -20.56 53.56
C GLY A 249 -1.40 -19.06 53.65
N GLY A 250 -2.32 -18.41 54.36
CA GLY A 250 -2.35 -16.96 54.44
C GLY A 250 -1.77 -16.39 55.72
N ALA A 251 -1.61 -17.22 56.75
CA ALA A 251 -1.03 -16.75 58.01
C ALA A 251 0.47 -16.52 57.87
N VAL A 252 1.16 -17.37 57.12
CA VAL A 252 2.58 -17.17 56.87
C VAL A 252 2.79 -16.18 55.73
N CYS A 253 1.74 -15.92 54.93
CA CYS A 253 1.80 -15.02 53.79
C CYS A 253 1.88 -13.54 54.17
N THR A 254 1.89 -13.20 55.46
CA THR A 254 2.16 -11.84 55.91
C THR A 254 3.46 -11.72 56.68
N HIS A 255 4.28 -12.76 56.69
CA HIS A 255 5.51 -12.76 57.47
C HIS A 255 6.65 -12.14 56.64
N ALA A 256 7.88 -12.21 57.15
CA ALA A 256 9.00 -11.49 56.56
C ALA A 256 9.69 -12.28 55.45
N ARG A 257 9.91 -13.58 55.64
CA ARG A 257 10.66 -14.34 54.65
C ARG A 257 9.78 -15.03 53.61
N SER A 258 8.63 -14.47 53.28
CA SER A 258 7.88 -14.88 52.09
C SER A 258 8.11 -13.94 50.92
N LEU A 259 9.05 -13.00 51.04
CA LEU A 259 9.25 -11.90 50.10
C LEU A 259 10.52 -12.13 49.28
N TRP A 260 10.44 -11.91 47.97
CA TRP A 260 11.53 -12.20 47.04
C TRP A 260 11.66 -11.06 46.04
N ARG A 261 12.90 -10.75 45.62
CA ARG A 261 13.20 -9.53 44.87
C ARG A 261 13.88 -9.90 43.55
N LEU A 262 13.91 -8.93 42.61
CA LEU A 262 14.28 -9.13 41.21
C LEU A 262 15.55 -8.33 40.89
N GLU A 263 16.66 -9.03 40.59
CA GLU A 263 17.86 -8.31 40.07
C GLU A 263 18.55 -9.13 38.98
N PRO A 264 18.95 -8.50 37.87
CA PRO A 264 19.63 -9.21 36.79
C PRO A 264 21.15 -9.26 36.98
N LEU A 265 21.83 -9.79 35.97
CA LEU A 265 23.26 -10.11 36.09
C LEU A 265 24.15 -8.88 35.92
N ARG A 266 23.83 -8.02 34.96
CA ARG A 266 24.69 -6.89 34.65
C ARG A 266 24.41 -5.73 35.62
N ILE A 267 25.41 -4.86 35.78
CA ILE A 267 25.36 -3.76 36.72
C ILE A 267 24.70 -2.52 36.11
N SER A 268 24.91 -2.27 34.82
CA SER A 268 24.52 -1.00 34.22
C SER A 268 23.04 -1.00 33.89
N TRP A 269 22.33 -0.05 34.51
CA TRP A 269 20.89 0.19 34.33
C TRP A 269 20.07 -1.07 34.60
N SER A 270 20.41 -1.76 35.70
CA SER A 270 19.73 -3.00 36.05
C SER A 270 18.33 -2.76 36.60
N GLY A 271 18.05 -1.54 37.06
CA GLY A 271 16.74 -1.19 37.57
C GLY A 271 15.84 -0.63 36.49
N SER A 272 15.81 -1.28 35.34
CA SER A 272 14.98 -0.89 34.23
C SER A 272 13.75 -1.80 34.14
N HIS A 273 12.76 -1.36 33.36
CA HIS A 273 11.63 -2.22 33.02
C HIS A 273 12.08 -3.33 32.07
N LEU A 274 12.14 -4.53 32.61
CA LEU A 274 12.57 -5.70 31.87
C LEU A 274 11.45 -6.23 30.99
N ARG A 275 11.78 -7.23 30.20
CA ARG A 275 10.85 -8.02 29.42
C ARG A 275 11.07 -9.49 29.76
N TRP A 276 10.25 -10.36 29.19
CA TRP A 276 10.39 -11.78 29.44
C TRP A 276 11.43 -12.38 28.49
N GLY A 277 12.29 -13.21 29.06
CA GLY A 277 13.52 -13.63 28.40
C GLY A 277 14.79 -13.04 28.97
N GLN A 278 14.72 -12.44 30.17
CA GLN A 278 15.89 -11.85 30.82
C GLN A 278 16.25 -12.66 32.06
N PRO A 279 17.44 -13.27 32.11
CA PRO A 279 17.81 -14.07 33.29
C PRO A 279 17.99 -13.20 34.53
N LEU A 280 17.44 -13.68 35.64
CA LEU A 280 17.33 -12.93 36.89
C LEU A 280 17.82 -13.83 38.03
N ARG A 281 17.73 -13.32 39.26
CA ARG A 281 17.97 -14.11 40.46
C ARG A 281 16.93 -13.79 41.52
N ILE A 282 16.54 -14.82 42.26
CA ILE A 282 15.44 -14.77 43.22
C ILE A 282 16.05 -14.49 44.59
N ARG A 283 15.79 -13.29 45.13
CA ARG A 283 16.51 -12.79 46.30
C ARG A 283 15.80 -13.19 47.60
N HIS A 284 16.54 -13.82 48.50
CA HIS A 284 16.09 -14.03 49.87
C HIS A 284 16.66 -12.90 50.71
N VAL A 285 15.82 -12.29 51.55
CA VAL A 285 16.18 -11.02 52.17
C VAL A 285 16.46 -11.15 53.67
N THR A 286 15.87 -12.13 54.37
CA THR A 286 15.96 -12.19 55.83
C THR A 286 17.12 -13.06 56.29
N THR A 287 17.19 -14.30 55.81
CA THR A 287 18.38 -15.11 56.06
C THR A 287 19.46 -14.82 55.02
N GLY A 288 19.05 -14.67 53.77
CA GLY A 288 19.90 -14.10 52.75
C GLY A 288 20.79 -15.07 51.99
N ARG A 289 20.19 -16.08 51.37
CA ARG A 289 20.90 -17.04 50.54
C ARG A 289 20.04 -17.36 49.32
N TYR A 290 20.66 -17.30 48.14
CA TYR A 290 19.90 -17.33 46.89
C TYR A 290 19.35 -18.73 46.61
N LEU A 291 18.28 -18.77 45.81
CA LEU A 291 17.56 -20.01 45.50
C LEU A 291 18.02 -20.54 44.15
N ALA A 292 18.77 -21.64 44.16
CA ALA A 292 19.25 -22.26 42.91
C ALA A 292 18.17 -23.14 42.29
N LEU A 299 14.95 -28.34 44.26
CA LEU A 299 15.89 -27.21 44.20
C LEU A 299 15.77 -26.30 45.43
N VAL A 300 16.77 -26.35 46.31
CA VAL A 300 16.74 -25.59 47.56
C VAL A 300 17.87 -24.58 47.58
N VAL A 301 17.96 -23.80 48.67
CA VAL A 301 18.90 -22.68 48.72
C VAL A 301 20.31 -23.16 49.05
N VAL A 302 21.29 -22.60 48.35
CA VAL A 302 22.71 -22.84 48.58
C VAL A 302 23.33 -21.48 48.88
N ASP A 303 24.57 -21.46 49.36
CA ASP A 303 25.19 -20.24 49.87
C ASP A 303 25.50 -19.26 48.75
N ALA A 304 25.41 -17.97 49.08
CA ALA A 304 25.77 -16.89 48.17
C ALA A 304 27.26 -16.59 48.17
N CYS A 305 28.06 -17.30 48.98
CA CYS A 305 29.50 -17.15 48.92
C CYS A 305 30.05 -17.75 47.63
N LYS A 306 29.47 -18.86 47.17
CA LYS A 306 29.84 -19.50 45.92
C LYS A 306 28.66 -19.67 44.97
N ALA A 307 27.63 -18.83 45.08
CA ALA A 307 26.53 -18.85 44.11
C ALA A 307 27.00 -18.19 42.83
N HIS A 308 27.06 -18.97 41.76
CA HIS A 308 27.60 -18.51 40.49
C HIS A 308 26.47 -18.40 39.46
N THR A 309 26.86 -18.16 38.21
CA THR A 309 25.90 -17.88 37.15
C THR A 309 25.19 -19.15 36.69
N LYS A 310 25.94 -20.25 36.57
CA LYS A 310 25.35 -21.50 36.12
C LYS A 310 24.52 -22.18 37.20
N ALA A 311 24.70 -21.80 38.46
CA ALA A 311 23.97 -22.42 39.55
C ALA A 311 22.65 -21.70 39.85
N THR A 312 22.69 -20.37 39.98
CA THR A 312 21.50 -19.59 40.32
C THR A 312 21.26 -18.53 39.25
N SER A 313 20.38 -18.83 38.29
CA SER A 313 19.96 -17.86 37.29
C SER A 313 18.55 -18.24 36.83
N PHE A 314 17.54 -17.60 37.41
CA PHE A 314 16.15 -17.88 37.09
C PHE A 314 15.66 -16.86 36.08
N CYS A 315 14.54 -17.16 35.42
CA CYS A 315 13.98 -16.22 34.45
C CYS A 315 12.48 -16.43 34.36
N PHE A 316 11.81 -15.52 33.65
CA PHE A 316 10.36 -15.47 33.61
C PHE A 316 9.93 -15.46 32.14
N ARG A 317 8.98 -16.35 31.79
CA ARG A 317 8.45 -16.42 30.43
C ARG A 317 6.96 -16.72 30.45
N VAL A 318 6.29 -16.35 29.36
CA VAL A 318 4.85 -16.50 29.20
C VAL A 318 4.51 -17.97 29.05
N SER A 319 4.81 -18.53 27.88
CA SER A 319 4.87 -19.96 27.61
C SER A 319 5.65 -20.15 26.31
N LYS A 320 6.94 -20.47 26.40
CA LYS A 320 7.81 -20.39 25.24
C LYS A 320 7.86 -21.73 24.53
N GLU A 321 7.65 -21.71 23.21
CA GLU A 321 7.46 -22.91 22.41
C GLU A 321 8.82 -23.44 21.94
N LYS A 322 8.81 -24.33 20.95
CA LYS A 322 10.04 -24.94 20.42
C LYS A 322 10.79 -23.88 19.61
N LEU A 323 11.56 -23.07 20.32
CA LEU A 323 12.30 -21.96 19.72
C LEU A 323 13.72 -21.91 20.27
N GLY A 333 17.33 5.61 27.65
CA GLY A 333 16.11 5.45 28.42
C GLY A 333 15.92 4.09 29.07
N MET A 334 14.72 3.85 29.58
CA MET A 334 14.38 2.59 30.22
C MET A 334 13.85 1.58 29.18
N GLY A 335 13.72 0.32 29.62
CA GLY A 335 13.42 -0.78 28.73
C GLY A 335 11.96 -0.90 28.33
N PRO A 336 11.62 -2.00 27.67
CA PRO A 336 10.26 -2.16 27.13
C PRO A 336 9.26 -2.53 28.22
N PRO A 337 8.03 -1.97 28.17
CA PRO A 337 7.00 -2.22 29.20
C PRO A 337 6.19 -3.51 29.03
N GLU A 338 6.72 -4.60 29.59
CA GLU A 338 6.13 -5.91 29.37
C GLU A 338 5.62 -6.62 30.62
N ILE A 339 5.98 -6.17 31.82
CA ILE A 339 5.52 -6.81 33.06
C ILE A 339 4.24 -6.12 33.49
N LYS A 340 3.24 -6.91 33.93
CA LYS A 340 2.02 -6.39 34.51
C LYS A 340 1.76 -7.03 35.87
N TYR A 341 0.92 -6.37 36.67
CA TYR A 341 0.54 -6.84 37.99
C TYR A 341 -0.90 -7.31 38.00
N GLY A 342 -1.10 -8.59 38.27
CA GLY A 342 -2.43 -9.18 38.27
C GLY A 342 -2.84 -9.77 36.94
N GLU A 343 -2.44 -9.11 35.85
CA GLU A 343 -2.61 -9.62 34.49
C GLU A 343 -1.33 -10.23 33.97
N SER A 344 -0.63 -11.00 34.82
CA SER A 344 0.67 -11.56 34.50
C SER A 344 0.56 -12.99 33.99
N LEU A 345 0.07 -13.91 34.84
CA LEU A 345 -0.05 -15.36 34.54
C LEU A 345 1.28 -15.95 34.08
N CYS A 346 2.35 -15.58 34.76
CA CYS A 346 3.71 -15.95 34.41
C CYS A 346 4.25 -16.95 35.42
N PHE A 347 5.27 -17.69 35.01
CA PHE A 347 6.00 -18.57 35.91
C PHE A 347 7.49 -18.26 35.85
N VAL A 348 8.20 -18.70 36.87
CA VAL A 348 9.65 -18.61 36.91
C VAL A 348 10.21 -19.86 36.23
N GLN A 349 11.41 -19.77 35.66
CA GLN A 349 11.88 -20.83 34.79
C GLN A 349 13.41 -20.86 34.72
N HIS A 350 13.91 -21.96 34.18
CA HIS A 350 15.33 -22.17 33.95
C HIS A 350 15.76 -21.54 32.64
N VAL A 351 17.07 -21.30 32.52
CA VAL A 351 17.64 -20.83 31.26
C VAL A 351 18.56 -21.87 30.62
N ALA A 352 19.03 -22.85 31.38
CA ALA A 352 19.98 -23.84 30.88
C ALA A 352 19.40 -25.24 30.81
N SER A 353 18.75 -25.69 31.90
CA SER A 353 18.07 -26.99 31.89
C SER A 353 16.73 -26.91 31.17
N GLY A 354 16.08 -25.76 31.23
CA GLY A 354 14.81 -25.53 30.54
C GLY A 354 13.60 -26.26 31.10
N LEU A 355 13.45 -26.27 32.43
CA LEU A 355 12.38 -27.00 33.09
C LEU A 355 11.82 -26.15 34.22
N TRP A 356 10.50 -26.19 34.42
CA TRP A 356 9.83 -25.34 35.40
C TRP A 356 9.74 -26.03 36.76
N LEU A 357 9.28 -25.28 37.77
CA LEU A 357 9.28 -25.74 39.15
C LEU A 357 7.91 -25.52 39.78
N THR A 358 7.34 -26.60 40.33
CA THR A 358 6.14 -26.55 41.16
C THR A 358 6.25 -27.66 42.19
N TYR A 359 5.19 -27.89 42.97
CA TYR A 359 5.27 -28.92 43.99
C TYR A 359 4.70 -30.24 43.46
N ALA A 360 4.86 -31.29 44.27
CA ALA A 360 4.34 -32.60 43.93
C ALA A 360 2.83 -32.65 44.11
N LEU A 372 0.13 -29.32 55.26
CA LEU A 372 -0.37 -28.38 54.27
C LEU A 372 0.80 -27.81 53.47
N LYS A 373 1.99 -27.88 54.05
CA LYS A 373 3.20 -27.32 53.45
C LYS A 373 3.62 -28.20 52.27
N LYS A 374 3.79 -27.57 51.11
CA LYS A 374 4.08 -28.26 49.85
C LYS A 374 5.52 -27.99 49.43
N LYS A 375 6.31 -29.07 49.34
CA LYS A 375 7.74 -28.94 49.03
C LYS A 375 7.96 -28.67 47.55
N ALA A 376 8.80 -27.69 47.26
CA ALA A 376 9.09 -27.32 45.87
C ALA A 376 10.01 -28.34 45.23
N ILE A 377 9.69 -28.74 44.00
CA ILE A 377 10.46 -29.75 43.27
C ILE A 377 10.65 -29.30 41.83
N LEU A 378 11.45 -30.06 41.10
CA LEU A 378 11.66 -29.85 39.67
C LEU A 378 10.88 -30.95 38.95
N HIS A 379 9.59 -30.70 38.73
CA HIS A 379 8.72 -31.67 38.10
C HIS A 379 8.84 -31.58 36.59
N GLN A 380 8.78 -32.74 35.93
CA GLN A 380 8.94 -32.82 34.49
C GLN A 380 7.62 -32.87 33.73
N GLU A 381 6.50 -33.14 34.40
CA GLU A 381 5.21 -33.15 33.70
C GLU A 381 4.70 -31.74 33.49
N GLY A 382 4.27 -31.09 34.57
CA GLY A 382 3.78 -29.73 34.53
C GLY A 382 2.31 -29.63 34.15
N HIS A 383 1.66 -28.60 34.68
CA HIS A 383 0.24 -28.34 34.43
C HIS A 383 0.03 -26.83 34.59
N MET A 384 -1.21 -26.38 34.39
CA MET A 384 -1.53 -24.96 34.39
C MET A 384 -1.78 -24.38 35.78
N ASP A 385 -1.24 -25.00 36.83
CA ASP A 385 -1.32 -24.47 38.19
C ASP A 385 -0.13 -23.58 38.56
N ASP A 386 0.67 -23.18 37.57
CA ASP A 386 1.82 -22.33 37.81
C ASP A 386 1.60 -20.90 37.33
N ALA A 387 0.42 -20.58 36.78
CA ALA A 387 0.12 -19.23 36.31
C ALA A 387 -0.21 -18.36 37.53
N LEU A 388 0.85 -17.85 38.15
CA LEU A 388 0.75 -17.06 39.37
C LEU A 388 0.68 -15.57 39.04
N PHE A 389 0.10 -14.80 39.96
CA PHE A 389 -0.01 -13.35 39.79
C PHE A 389 0.95 -12.63 40.73
N LEU A 390 1.59 -11.59 40.20
CA LEU A 390 2.61 -10.85 40.91
C LEU A 390 1.97 -9.77 41.78
N THR A 391 2.35 -9.74 43.06
CA THR A 391 1.83 -8.75 44.01
C THR A 391 3.01 -8.17 44.78
N ARG A 392 3.15 -6.85 44.78
CA ARG A 392 4.13 -6.21 45.67
C ARG A 392 3.44 -5.85 46.98
N CYS A 393 4.13 -6.11 48.09
CA CYS A 393 3.61 -5.76 49.39
C CYS A 393 4.11 -4.37 49.78
N GLN A 394 3.89 -3.96 51.03
CA GLN A 394 4.18 -2.60 51.45
C GLN A 394 5.67 -2.41 51.68
N GLN A 395 6.17 -1.23 51.30
CA GLN A 395 7.60 -0.97 51.20
C GLN A 395 8.22 -0.38 52.46
N GLU A 396 7.47 -0.19 53.55
CA GLU A 396 8.05 0.42 54.73
C GLU A 396 8.73 -0.59 55.65
N GLU A 397 8.46 -1.89 55.47
CA GLU A 397 9.09 -2.90 56.32
C GLU A 397 10.10 -3.77 55.58
N SER A 398 10.42 -3.44 54.32
CA SER A 398 11.42 -4.21 53.58
C SER A 398 12.83 -3.96 54.11
N GLN A 399 13.18 -2.69 54.34
CA GLN A 399 14.44 -2.38 55.00
C GLN A 399 14.44 -2.85 56.45
N ALA A 400 13.27 -2.99 57.08
CA ALA A 400 13.20 -3.58 58.41
C ALA A 400 13.50 -5.09 58.35
N ALA A 401 13.08 -5.74 57.27
CA ALA A 401 13.44 -7.14 57.07
C ALA A 401 14.90 -7.30 56.69
N ARG A 402 15.52 -6.27 56.12
CA ARG A 402 16.94 -6.37 55.83
C ARG A 402 17.80 -6.00 57.04
N MET A 403 17.33 -5.11 57.92
CA MET A 403 18.17 -4.73 59.06
C MET A 403 18.29 -5.87 60.06
N ILE A 404 17.27 -6.74 60.16
CA ILE A 404 17.40 -7.93 60.98
C ILE A 404 18.32 -8.94 60.32
N HIS A 405 18.42 -8.93 58.98
CA HIS A 405 19.41 -9.76 58.29
C HIS A 405 20.83 -9.30 58.60
N SER A 406 21.07 -7.99 58.55
CA SER A 406 22.41 -7.44 58.80
C SER A 406 22.80 -7.63 60.26
N THR A 407 21.89 -7.30 61.18
CA THR A 407 22.18 -7.53 62.60
C THR A 407 22.17 -9.01 62.94
N ALA A 408 21.54 -9.86 62.13
CA ALA A 408 21.62 -11.29 62.37
C ALA A 408 22.96 -11.85 61.94
N GLY A 409 23.52 -11.32 60.84
CA GLY A 409 24.90 -11.64 60.51
C GLY A 409 25.88 -11.11 61.55
N LEU A 410 25.53 -10.02 62.22
CA LEU A 410 26.31 -9.56 63.36
C LEU A 410 26.16 -10.51 64.55
N TYR A 411 24.95 -10.99 64.81
CA TYR A 411 24.71 -11.77 66.02
C TYR A 411 25.11 -13.24 65.89
N ASN A 412 25.12 -13.83 64.69
CA ASN A 412 25.73 -15.16 64.57
C ASN A 412 27.25 -15.10 64.77
N GLN A 413 27.88 -13.99 64.36
CA GLN A 413 29.26 -13.74 64.74
C GLN A 413 29.40 -13.60 66.25
N PHE A 414 28.40 -13.00 66.90
CA PHE A 414 28.44 -12.86 68.36
C PHE A 414 28.25 -14.21 69.06
N ILE A 415 27.45 -15.11 68.48
CA ILE A 415 27.37 -16.47 69.01
C ILE A 415 28.68 -17.22 68.79
N LYS A 416 29.34 -16.98 67.65
CA LYS A 416 30.61 -17.63 67.35
C LYS A 416 31.71 -17.19 68.31
N GLY A 417 31.78 -15.88 68.61
CA GLY A 417 32.93 -15.37 69.31
C GLY A 417 32.94 -15.56 70.81
N LEU A 418 31.77 -15.63 71.45
CA LEU A 418 31.73 -15.59 72.90
C LEU A 418 32.08 -16.93 73.54
N ASP A 419 31.70 -18.05 72.93
CA ASP A 419 31.98 -19.35 73.51
C ASP A 419 33.32 -19.92 73.07
N SER A 420 34.15 -19.13 72.39
CA SER A 420 35.51 -19.58 72.09
C SER A 420 36.41 -19.53 73.32
N PHE A 421 36.06 -18.72 74.33
CA PHE A 421 36.82 -18.66 75.58
C PHE A 421 35.96 -19.00 76.80
N SER A 422 34.76 -19.55 76.59
CA SER A 422 33.86 -19.84 77.71
C SER A 422 34.28 -21.12 78.44
N GLY A 423 34.76 -22.11 77.69
CA GLY A 423 35.19 -23.36 78.28
C GLY A 423 36.67 -23.45 78.58
N LYS A 424 37.48 -22.50 78.11
CA LYS A 424 38.91 -22.49 78.37
C LYS A 424 39.31 -21.11 78.90
N PRO A 425 39.98 -21.06 80.05
CA PRO A 425 40.41 -19.75 80.58
C PRO A 425 41.59 -19.19 79.81
N ARG A 426 41.59 -17.86 79.66
CA ARG A 426 42.69 -17.13 79.04
C ARG A 426 43.33 -16.22 80.06
N GLY A 427 44.64 -16.34 80.22
CA GLY A 427 45.39 -15.51 81.16
C GLY A 427 45.96 -14.26 80.52
N PRO A 434 40.21 -14.16 67.35
CA PRO A 434 39.21 -13.27 66.74
C PRO A 434 38.92 -12.06 67.62
N ALA A 435 38.92 -10.87 67.01
CA ALA A 435 38.65 -9.65 67.76
C ALA A 435 37.15 -9.45 67.93
N LEU A 436 36.76 -8.99 69.13
CA LEU A 436 35.34 -8.84 69.41
C LEU A 436 34.92 -7.40 69.12
N PRO A 437 33.81 -7.17 68.44
CA PRO A 437 33.39 -5.79 68.10
C PRO A 437 32.50 -5.12 69.15
N ILE A 438 33.17 -4.63 70.21
CA ILE A 438 32.47 -3.97 71.32
C ILE A 438 31.79 -2.69 70.84
N GLU A 439 32.51 -1.87 70.08
CA GLU A 439 31.98 -0.62 69.56
C GLU A 439 30.89 -0.83 68.50
N ALA A 440 30.85 -2.00 67.89
CA ALA A 440 29.81 -2.31 66.92
C ALA A 440 28.54 -2.81 67.57
N VAL A 441 28.66 -3.53 68.70
CA VAL A 441 27.43 -4.01 69.34
C VAL A 441 26.91 -3.08 70.43
N ILE A 442 27.69 -2.08 70.87
CA ILE A 442 27.19 -1.24 71.96
C ILE A 442 26.19 -0.21 71.42
N LEU A 443 26.41 0.28 70.19
CA LEU A 443 25.56 1.30 69.57
C LEU A 443 24.55 0.71 68.61
N SER A 444 24.43 -0.61 68.54
CA SER A 444 23.45 -1.21 67.63
C SER A 444 22.06 -1.23 68.26
N LEU A 445 21.96 -1.00 69.57
CA LEU A 445 20.73 -1.30 70.29
C LEU A 445 19.91 -0.09 70.71
N GLN A 446 20.51 1.08 71.01
CA GLN A 446 19.66 2.20 71.38
C GLN A 446 18.95 2.80 70.17
N ASP A 447 19.48 2.58 68.96
CA ASP A 447 18.68 2.88 67.77
C ASP A 447 17.49 1.94 67.64
N LEU A 448 17.64 0.67 68.05
CA LEU A 448 16.46 -0.20 68.15
C LEU A 448 15.55 0.21 69.29
N ILE A 449 16.09 0.83 70.34
CA ILE A 449 15.25 1.34 71.42
C ILE A 449 14.41 2.52 70.94
N GLY A 450 15.02 3.43 70.19
CA GLY A 450 14.25 4.48 69.54
C GLY A 450 13.33 3.97 68.43
N TYR A 451 13.67 2.81 67.86
CA TYR A 451 12.84 2.20 66.83
C TYR A 451 11.61 1.54 67.44
N PHE A 452 11.74 1.01 68.66
CA PHE A 452 10.67 0.24 69.29
C PHE A 452 9.92 1.03 70.36
N GLU A 453 10.39 2.22 70.71
CA GLU A 453 9.73 3.02 71.74
C GLU A 453 8.42 3.59 71.20
N PRO A 454 7.31 3.45 71.94
CA PRO A 454 6.02 3.95 71.45
C PRO A 454 5.96 5.46 71.52
N PRO A 455 5.11 6.10 70.72
CA PRO A 455 4.95 7.55 70.80
C PRO A 455 4.24 7.98 72.08
N SER A 456 4.34 9.28 72.37
CA SER A 456 3.85 9.86 73.60
C SER A 456 2.32 10.01 73.58
N GLU A 457 1.80 10.50 74.69
CA GLU A 457 0.36 10.62 74.91
C GLU A 457 -0.24 11.91 74.36
N GLU A 458 0.58 12.84 73.88
CA GLU A 458 0.10 14.15 73.46
C GLU A 458 -0.44 14.17 72.04
N LEU A 459 -0.42 13.04 71.33
CA LEU A 459 -0.89 13.00 69.95
C LEU A 459 -2.40 12.78 69.91
N GLN A 460 -3.01 13.08 68.77
CA GLN A 460 -4.42 12.78 68.60
C GLN A 460 -4.60 11.30 68.31
N HIS A 461 -5.81 10.81 68.55
CA HIS A 461 -6.12 9.40 68.36
C HIS A 461 -6.16 9.00 66.89
N GLU A 462 -6.19 9.97 65.97
CA GLU A 462 -6.30 9.67 64.54
C GLU A 462 -4.98 9.18 63.98
N GLU A 463 -3.87 9.84 64.33
CA GLU A 463 -2.57 9.49 63.75
C GLU A 463 -1.73 8.60 64.65
N LYS A 464 -2.00 8.56 65.96
CA LYS A 464 -1.18 7.77 66.87
C LYS A 464 -1.53 6.29 66.82
N GLN A 465 -2.82 5.96 66.71
CA GLN A 465 -3.23 4.55 66.73
C GLN A 465 -2.86 3.86 65.43
N SER A 466 -2.73 4.62 64.34
CA SER A 466 -2.26 4.06 63.08
C SER A 466 -0.81 3.58 63.18
N LYS A 467 0.06 4.41 63.79
CA LYS A 467 1.42 4.00 64.06
C LYS A 467 1.50 2.89 65.11
N LEU A 468 0.56 2.87 66.06
CA LEU A 468 0.53 1.80 67.05
C LEU A 468 0.18 0.46 66.39
N ARG A 469 -0.83 0.47 65.51
CA ARG A 469 -1.21 -0.72 64.75
C ARG A 469 -0.11 -1.12 63.76
N SER A 470 0.71 -0.17 63.32
CA SER A 470 1.88 -0.52 62.52
C SER A 470 2.94 -1.20 63.37
N LEU A 471 3.19 -0.68 64.58
CA LEU A 471 4.28 -1.20 65.40
C LEU A 471 3.95 -2.56 66.01
N ARG A 472 2.66 -2.84 66.27
CA ARG A 472 2.30 -4.16 66.79
C ARG A 472 2.56 -5.27 65.78
N ASN A 473 2.05 -5.11 64.55
CA ASN A 473 2.34 -6.09 63.52
C ASN A 473 3.78 -5.98 63.01
N ARG A 474 4.46 -4.86 63.27
CA ARG A 474 5.90 -4.77 63.04
C ARG A 474 6.67 -5.76 63.92
N GLN A 475 6.38 -5.79 65.23
CA GLN A 475 7.07 -6.76 66.06
C GLN A 475 6.53 -8.18 65.90
N SER A 476 5.24 -8.31 65.53
CA SER A 476 4.70 -9.62 65.18
C SER A 476 5.30 -10.15 63.87
N LEU A 477 5.72 -9.27 62.98
CA LEU A 477 6.43 -9.64 61.77
C LEU A 477 7.84 -10.14 62.07
N PHE A 478 8.46 -9.59 63.12
CA PHE A 478 9.83 -9.91 63.52
C PHE A 478 9.92 -11.16 64.38
N GLN A 479 8.91 -11.41 65.21
CA GLN A 479 8.92 -12.53 66.16
C GLN A 479 8.77 -13.89 65.49
N GLU A 480 8.45 -13.94 64.19
CA GLU A 480 8.50 -15.19 63.44
C GLU A 480 9.92 -15.59 63.10
N GLU A 481 10.77 -14.61 62.77
CA GLU A 481 12.16 -14.86 62.39
C GLU A 481 13.03 -14.38 63.54
N GLY A 482 13.16 -15.21 64.57
CA GLY A 482 14.01 -14.92 65.70
C GLY A 482 13.44 -13.84 66.60
N MET A 483 14.30 -12.87 66.94
CA MET A 483 13.99 -11.59 67.60
C MET A 483 13.59 -11.69 69.06
N LEU A 484 13.18 -12.87 69.53
CA LEU A 484 12.94 -13.08 70.95
C LEU A 484 13.57 -14.34 71.51
N SER A 485 14.08 -15.23 70.66
CA SER A 485 14.91 -16.33 71.13
C SER A 485 16.37 -15.93 71.23
N LEU A 486 16.82 -15.01 70.37
CA LEU A 486 18.25 -14.74 70.24
C LEU A 486 18.78 -13.93 71.42
N VAL A 487 17.91 -13.13 72.06
CA VAL A 487 18.32 -12.31 73.20
C VAL A 487 18.70 -13.19 74.40
N LEU A 488 17.84 -14.16 74.74
CA LEU A 488 18.25 -15.07 75.80
C LEU A 488 19.27 -16.09 75.32
N ASN A 489 19.33 -16.36 74.00
CA ASN A 489 20.38 -17.21 73.45
C ASN A 489 21.77 -16.57 73.52
N CYS A 490 21.85 -15.25 73.64
CA CYS A 490 23.15 -14.66 73.95
C CYS A 490 23.33 -14.35 75.43
N ILE A 491 22.27 -14.14 76.20
CA ILE A 491 22.47 -13.75 77.59
C ILE A 491 22.57 -14.98 78.50
N ASP A 492 22.29 -16.18 77.94
CA ASP A 492 22.32 -17.42 78.73
C ASP A 492 23.71 -17.77 79.25
N ARG A 493 24.76 -17.40 78.54
CA ARG A 493 26.12 -17.49 79.06
C ARG A 493 26.77 -16.13 79.21
N LEU A 494 26.01 -15.04 79.10
CA LEU A 494 26.47 -13.75 79.59
C LEU A 494 26.19 -13.57 81.07
N ASN A 495 25.09 -14.14 81.58
CA ASN A 495 24.78 -13.96 83.00
C ASN A 495 25.46 -14.99 83.90
N VAL A 496 26.35 -15.83 83.36
CA VAL A 496 26.95 -16.90 84.14
C VAL A 496 28.09 -16.40 85.02
N TYR A 497 28.60 -15.20 84.76
CA TYR A 497 29.65 -14.60 85.57
C TYR A 497 29.07 -13.42 86.34
N THR A 498 29.44 -13.29 87.62
CA THR A 498 28.80 -12.31 88.50
C THR A 498 29.57 -11.01 88.65
N THR A 499 30.89 -11.06 88.67
CA THR A 499 31.67 -9.85 88.89
C THR A 499 31.77 -9.03 87.61
N ALA A 500 32.25 -7.80 87.75
CA ALA A 500 32.35 -6.91 86.59
C ALA A 500 33.71 -7.03 85.91
N ALA A 501 34.79 -7.15 86.69
CA ALA A 501 36.12 -7.22 86.12
C ALA A 501 36.90 -8.48 86.50
N HIS A 502 36.54 -9.15 87.60
CA HIS A 502 37.24 -10.36 88.00
C HIS A 502 36.75 -11.56 87.21
N PHE A 503 35.45 -11.85 87.29
CA PHE A 503 34.89 -12.98 86.57
C PHE A 503 34.74 -12.72 85.08
N ALA A 504 34.73 -11.46 84.66
CA ALA A 504 34.63 -11.10 83.25
C ALA A 504 35.99 -10.81 82.64
N GLU A 505 37.04 -11.46 83.14
CA GLU A 505 38.38 -11.34 82.59
C GLU A 505 38.67 -12.37 81.51
N TYR A 506 37.64 -13.04 81.00
CA TYR A 506 37.84 -14.05 79.97
C TYR A 506 38.07 -13.45 78.59
N ALA A 507 37.53 -12.27 78.33
CA ALA A 507 37.60 -11.63 77.02
C ALA A 507 38.62 -10.50 76.98
N GLY A 508 38.57 -9.59 77.94
CA GLY A 508 39.52 -8.50 77.98
C GLY A 508 38.98 -7.32 78.75
N GLU A 509 39.79 -6.27 78.79
CA GLU A 509 39.40 -5.05 79.49
C GLU A 509 38.32 -4.28 78.73
N GLU A 510 38.26 -4.43 77.40
CA GLU A 510 37.21 -3.77 76.63
C GLU A 510 35.85 -4.42 76.87
N ALA A 511 35.82 -5.67 77.33
CA ALA A 511 34.59 -6.29 77.80
C ALA A 511 34.36 -6.08 79.29
N ALA A 512 35.45 -5.95 80.07
CA ALA A 512 35.29 -5.70 81.50
C ALA A 512 34.80 -4.29 81.77
N GLU A 513 35.09 -3.34 80.88
CA GLU A 513 34.59 -1.98 81.02
C GLU A 513 33.15 -1.84 80.53
N SER A 514 32.76 -2.66 79.56
CA SER A 514 31.41 -2.64 78.99
C SER A 514 30.57 -3.82 79.46
N TRP A 515 30.93 -4.40 80.61
CA TRP A 515 30.10 -5.41 81.28
C TRP A 515 28.65 -4.96 81.45
N LYS A 516 28.44 -3.73 81.89
CA LYS A 516 27.15 -3.23 82.34
C LYS A 516 26.30 -2.72 81.19
N GLU A 517 26.94 -2.04 80.23
CA GLU A 517 26.25 -1.39 79.14
C GLU A 517 25.77 -2.36 78.06
N ILE A 518 26.13 -3.63 78.15
CA ILE A 518 25.44 -4.62 77.32
C ILE A 518 24.10 -4.99 77.94
N VAL A 519 24.08 -5.30 79.23
CA VAL A 519 22.89 -5.91 79.82
C VAL A 519 21.81 -4.88 80.14
N ASN A 520 22.18 -3.64 80.49
CA ASN A 520 21.14 -2.62 80.65
C ASN A 520 20.47 -2.20 79.34
N LEU A 521 21.08 -2.48 78.19
CA LEU A 521 20.34 -2.35 76.94
C LEU A 521 19.66 -3.66 76.52
N LEU A 522 20.21 -4.81 76.91
CA LEU A 522 19.56 -6.09 76.59
C LEU A 522 18.22 -6.23 77.29
N TYR A 523 18.16 -5.89 78.58
CA TYR A 523 16.90 -6.00 79.30
C TYR A 523 15.92 -4.90 78.92
N GLU A 524 16.42 -3.74 78.49
CA GLU A 524 15.53 -2.71 77.94
C GLU A 524 14.93 -3.17 76.62
N LEU A 525 15.71 -3.86 75.78
CA LEU A 525 15.19 -4.42 74.54
C LEU A 525 14.17 -5.53 74.82
N LEU A 526 14.44 -6.35 75.84
CA LEU A 526 13.50 -7.40 76.24
C LEU A 526 12.20 -6.82 76.78
N ALA A 527 12.27 -5.67 77.45
CA ALA A 527 11.05 -5.04 77.94
C ALA A 527 10.26 -4.38 76.82
N SER A 528 10.95 -3.78 75.85
CA SER A 528 10.26 -3.15 74.73
C SER A 528 9.66 -4.17 73.77
N LEU A 529 10.17 -5.41 73.78
CA LEU A 529 9.44 -6.49 73.12
C LEU A 529 8.09 -6.74 73.77
N ILE A 530 8.04 -6.75 75.10
CA ILE A 530 6.84 -7.15 75.84
C ILE A 530 6.02 -5.91 76.22
N ARG A 531 6.36 -4.75 75.66
CA ARG A 531 5.61 -3.54 75.95
C ARG A 531 4.28 -3.51 75.20
N GLY A 532 3.21 -3.95 75.85
CA GLY A 532 1.88 -3.76 75.33
C GLY A 532 1.26 -4.98 74.65
N ASN A 533 2.07 -5.72 73.91
CA ASN A 533 1.54 -6.77 73.05
C ASN A 533 1.38 -8.07 73.81
N ARG A 534 0.27 -8.77 73.57
CA ARG A 534 -0.07 -9.98 74.31
C ARG A 534 0.02 -11.25 73.47
N ALA A 535 0.54 -11.16 72.25
CA ALA A 535 0.67 -12.30 71.38
C ALA A 535 2.02 -13.00 71.48
N ASN A 536 3.07 -12.30 71.89
CA ASN A 536 4.39 -12.91 71.98
C ASN A 536 4.86 -13.15 73.41
N CYS A 537 4.16 -12.62 74.42
CA CYS A 537 4.53 -12.95 75.80
C CYS A 537 3.98 -14.29 76.25
N ALA A 538 3.11 -14.92 75.45
CA ALA A 538 2.53 -16.20 75.83
C ALA A 538 3.53 -17.34 75.75
N LEU A 539 4.58 -17.22 74.95
CA LEU A 539 5.60 -18.27 74.90
C LEU A 539 6.67 -18.09 75.98
N PHE A 540 6.71 -16.94 76.65
CA PHE A 540 7.57 -16.75 77.81
C PHE A 540 6.91 -17.24 79.10
N SER A 541 5.78 -17.94 79.00
CA SER A 541 5.13 -18.56 80.14
C SER A 541 5.70 -19.95 80.43
N THR A 542 6.61 -20.44 79.60
CA THR A 542 7.12 -21.79 79.75
C THR A 542 8.37 -21.89 80.59
N ASN A 543 9.13 -20.80 80.74
CA ASN A 543 10.32 -20.78 81.59
C ASN A 543 10.27 -19.49 82.40
N LEU A 544 9.15 -19.28 83.10
CA LEU A 544 8.95 -18.11 83.94
C LEU A 544 9.90 -18.07 85.14
N ASP A 545 10.48 -19.23 85.49
CA ASP A 545 11.53 -19.26 86.51
C ASP A 545 12.77 -18.50 86.05
N TRP A 546 13.01 -18.43 84.73
CA TRP A 546 14.16 -17.70 84.21
C TRP A 546 14.05 -16.20 84.47
N VAL A 547 12.84 -15.63 84.41
CA VAL A 547 12.71 -14.21 84.74
C VAL A 547 12.49 -13.97 86.23
N VAL A 548 12.07 -14.99 87.00
CA VAL A 548 11.91 -14.73 88.43
C VAL A 548 13.05 -15.25 89.31
N SER A 549 14.13 -15.78 88.73
CA SER A 549 15.27 -16.16 89.56
C SER A 549 16.51 -15.28 89.39
N LYS A 550 16.46 -14.20 88.62
CA LYS A 550 17.63 -13.35 88.37
C LYS A 550 17.43 -11.91 88.85
N LEU A 551 16.80 -11.71 90.01
CA LEU A 551 16.54 -10.33 90.45
C LEU A 551 17.66 -9.75 91.30
N ASP A 552 18.21 -10.54 92.24
CA ASP A 552 19.21 -10.04 93.17
C ASP A 552 20.62 -10.36 92.72
N ARG A 553 20.85 -10.35 91.41
CA ARG A 553 22.15 -10.62 90.81
C ARG A 553 23.06 -9.39 90.87
N LEU A 554 22.54 -8.26 91.35
CA LEU A 554 23.18 -6.97 91.71
C LEU A 554 23.42 -6.09 90.49
N GLU A 555 23.23 -6.60 89.27
CA GLU A 555 23.47 -5.84 88.05
C GLU A 555 22.22 -5.86 87.18
N ALA A 556 21.89 -4.69 86.62
CA ALA A 556 20.75 -4.47 85.71
C ALA A 556 19.42 -4.89 86.35
N SER A 557 19.11 -4.23 87.47
CA SER A 557 17.81 -4.40 88.10
C SER A 557 16.77 -3.43 87.59
N SER A 558 17.12 -2.57 86.63
CA SER A 558 16.15 -1.60 86.13
C SER A 558 15.38 -2.10 84.91
N GLY A 559 15.77 -3.23 84.33
CA GLY A 559 15.09 -3.76 83.16
C GLY A 559 14.15 -4.91 83.46
N ILE A 560 14.58 -5.82 84.33
CA ILE A 560 13.82 -7.04 84.62
C ILE A 560 12.54 -6.75 85.41
N LEU A 561 12.55 -5.73 86.28
CA LEU A 561 11.33 -5.38 87.02
C LEU A 561 10.25 -4.85 86.11
N GLU A 562 10.58 -4.01 85.14
CA GLU A 562 9.54 -3.57 84.23
C GLU A 562 9.40 -4.47 83.01
N VAL A 563 10.21 -5.54 82.89
CA VAL A 563 9.81 -6.70 82.11
C VAL A 563 8.65 -7.42 82.78
N LEU A 564 8.82 -7.73 84.08
CA LEU A 564 7.82 -8.48 84.83
C LEU A 564 6.57 -7.65 85.13
N TYR A 565 6.68 -6.32 85.05
CA TYR A 565 5.51 -5.46 85.15
C TYR A 565 4.61 -5.63 83.94
N CYS A 566 5.21 -5.66 82.74
CA CYS A 566 4.42 -5.71 81.52
C CYS A 566 4.11 -7.12 81.04
N VAL A 567 4.72 -8.17 81.62
CA VAL A 567 4.26 -9.51 81.25
C VAL A 567 2.94 -9.88 81.91
N LEU A 568 2.51 -9.16 82.95
CA LEU A 568 1.28 -9.48 83.66
C LEU A 568 0.10 -8.58 83.32
N ILE A 569 0.31 -7.51 82.56
CA ILE A 569 -0.78 -6.68 82.07
C ILE A 569 -1.38 -7.24 80.79
N GLU A 570 -0.55 -7.85 79.95
CA GLU A 570 -0.96 -8.17 78.59
C GLU A 570 -1.86 -9.39 78.51
N SER A 571 -1.44 -10.51 79.08
CA SER A 571 -2.16 -11.76 78.90
C SER A 571 -2.45 -12.44 80.25
N PRO A 572 -3.61 -13.08 80.39
CA PRO A 572 -3.91 -13.81 81.63
C PRO A 572 -3.46 -15.27 81.64
N GLU A 573 -2.83 -15.76 80.58
CA GLU A 573 -2.36 -17.14 80.53
C GLU A 573 -1.03 -17.35 81.25
N VAL A 574 -0.43 -16.29 81.79
CA VAL A 574 0.87 -16.40 82.45
C VAL A 574 0.76 -16.37 83.98
N LEU A 575 -0.33 -15.84 84.54
CA LEU A 575 -0.44 -15.62 85.97
C LEU A 575 -1.10 -16.78 86.72
N ASN A 576 -1.44 -17.87 86.03
CA ASN A 576 -1.87 -19.10 86.69
C ASN A 576 -0.70 -20.04 86.97
N ILE A 577 0.53 -19.54 86.89
CA ILE A 577 1.72 -20.37 87.06
C ILE A 577 2.47 -20.04 88.34
N ILE A 578 2.52 -18.76 88.72
CA ILE A 578 3.26 -18.33 89.90
C ILE A 578 2.51 -18.76 91.16
N GLN A 579 3.02 -19.79 91.82
CA GLN A 579 2.61 -20.10 93.18
C GLN A 579 3.73 -19.66 94.13
N GLU A 580 3.63 -20.10 95.41
CA GLU A 580 4.38 -19.48 96.49
C GLU A 580 5.89 -19.68 96.41
N ASN A 581 6.38 -20.56 95.52
CA ASN A 581 7.82 -20.77 95.39
C ASN A 581 8.52 -19.62 94.66
N HIS A 582 7.79 -18.79 93.91
CA HIS A 582 8.37 -17.67 93.20
C HIS A 582 7.96 -16.30 93.72
N ILE A 583 7.06 -16.22 94.70
CA ILE A 583 6.48 -14.94 95.08
C ILE A 583 7.28 -14.26 96.19
N LYS A 584 8.14 -15.02 96.90
CA LYS A 584 8.97 -14.44 97.95
C LYS A 584 10.30 -13.89 97.44
N SER A 585 10.71 -14.24 96.21
CA SER A 585 11.86 -13.58 95.62
C SER A 585 11.56 -12.10 95.35
N ILE A 586 10.29 -11.79 95.08
CA ILE A 586 9.89 -10.41 94.87
C ILE A 586 9.94 -9.64 96.20
N ILE A 587 9.53 -10.28 97.29
CA ILE A 587 9.63 -9.68 98.62
C ILE A 587 11.10 -9.56 99.03
N SER A 588 11.94 -10.49 98.55
CA SER A 588 13.37 -10.44 98.83
C SER A 588 14.02 -9.22 98.17
N LEU A 589 13.69 -8.97 96.90
CA LEU A 589 14.23 -7.75 96.28
C LEU A 589 13.56 -6.49 96.85
N LEU A 590 12.31 -6.60 97.30
CA LEU A 590 11.64 -5.51 98.01
C LEU A 590 12.39 -5.11 99.27
N ASP A 591 12.90 -6.08 100.02
CA ASP A 591 13.69 -5.77 101.21
C ASP A 591 15.18 -5.57 100.92
N LYS A 592 15.66 -5.96 99.74
CA LYS A 592 17.09 -5.86 99.47
C LYS A 592 17.48 -4.77 98.49
N HIS A 593 16.54 -4.05 97.88
CA HIS A 593 16.92 -2.98 96.96
C HIS A 593 16.05 -1.74 97.16
N GLY A 594 15.86 -1.34 98.41
CA GLY A 594 15.20 -0.09 98.71
C GLY A 594 13.69 -0.15 98.54
N ARG A 595 13.06 1.00 98.75
CA ARG A 595 11.61 1.13 98.66
C ARG A 595 11.28 1.72 97.29
N ASN A 596 10.97 0.83 96.34
CA ASN A 596 10.66 1.22 94.98
C ASN A 596 9.17 1.29 94.77
N HIS A 597 8.76 2.02 93.73
CA HIS A 597 7.39 1.91 93.25
C HIS A 597 7.27 0.93 92.09
N LYS A 598 8.39 0.36 91.65
CA LYS A 598 8.38 -0.71 90.66
C LYS A 598 7.91 -2.04 91.25
N VAL A 599 7.96 -2.18 92.58
CA VAL A 599 7.81 -3.49 93.21
C VAL A 599 6.44 -3.73 93.83
N LEU A 600 5.58 -2.72 93.91
CA LEU A 600 4.26 -2.89 94.49
C LEU A 600 3.13 -2.81 93.49
N ASP A 601 3.28 -2.02 92.43
CA ASP A 601 2.30 -2.03 91.34
C ASP A 601 2.31 -3.36 90.59
N VAL A 602 3.42 -4.10 90.63
CA VAL A 602 3.44 -5.43 90.00
C VAL A 602 2.56 -6.42 90.76
N LEU A 603 2.54 -6.36 92.10
CA LEU A 603 1.60 -7.17 92.86
C LEU A 603 0.19 -6.61 92.79
N CYS A 604 0.06 -5.31 92.55
CA CYS A 604 -1.27 -4.74 92.30
C CYS A 604 -1.84 -5.21 90.97
N SER A 605 -0.96 -5.53 90.01
CA SER A 605 -1.36 -5.98 88.68
C SER A 605 -1.47 -7.50 88.57
N LEU A 606 -0.76 -8.25 89.41
CA LEU A 606 -0.78 -9.71 89.28
C LEU A 606 -2.10 -10.30 89.78
N CYS A 607 -2.76 -9.64 90.72
CA CYS A 607 -3.94 -10.22 91.35
C CYS A 607 -5.17 -10.07 90.47
N VAL A 608 -5.31 -8.93 89.80
CA VAL A 608 -6.50 -8.60 89.02
C VAL A 608 -6.14 -8.64 87.54
N CYS A 609 -7.03 -9.23 86.74
CA CYS A 609 -6.81 -9.37 85.30
C CYS A 609 -8.14 -9.51 84.59
N ASN A 610 -8.39 -8.63 83.62
CA ASN A 610 -9.62 -8.59 82.81
C ASN A 610 -10.88 -8.45 83.67
N GLY A 611 -10.75 -7.81 84.83
CA GLY A 611 -11.86 -7.69 85.75
C GLY A 611 -12.25 -8.96 86.48
N VAL A 612 -11.35 -9.93 86.60
CA VAL A 612 -11.61 -11.15 87.36
C VAL A 612 -10.31 -11.60 88.03
N ALA A 613 -10.39 -11.98 89.30
CA ALA A 613 -9.21 -12.31 90.07
C ALA A 613 -9.13 -13.80 90.34
N VAL A 614 -7.93 -14.26 90.74
CA VAL A 614 -7.73 -15.60 91.26
C VAL A 614 -7.33 -15.47 92.73
N ARG A 615 -7.96 -16.28 93.58
CA ARG A 615 -7.64 -16.28 95.00
C ARG A 615 -6.73 -17.42 95.39
N SER A 616 -6.04 -18.02 94.43
CA SER A 616 -4.82 -18.77 94.66
C SER A 616 -3.60 -17.86 94.61
N ASN A 617 -3.83 -16.55 94.47
CA ASN A 617 -2.78 -15.55 94.48
C ASN A 617 -3.10 -14.39 95.41
N GLN A 618 -4.22 -14.45 96.14
CA GLN A 618 -4.67 -13.30 96.91
C GLN A 618 -3.99 -13.24 98.28
N ASP A 619 -4.24 -14.23 99.14
CA ASP A 619 -3.71 -14.24 100.49
C ASP A 619 -2.28 -14.74 100.58
N LEU A 620 -1.64 -15.05 99.45
CA LEU A 620 -0.27 -15.55 99.48
C LEU A 620 0.73 -14.46 99.85
N ILE A 621 0.37 -13.19 99.66
CA ILE A 621 1.23 -12.11 100.13
C ILE A 621 0.82 -11.64 101.52
N THR A 622 -0.45 -11.82 101.90
CA THR A 622 -0.84 -11.61 103.29
C THR A 622 -0.31 -12.70 104.21
N GLU A 623 0.14 -13.83 103.64
CA GLU A 623 0.86 -14.85 104.39
C GLU A 623 2.24 -14.37 104.83
N ASN A 624 2.95 -13.65 103.97
CA ASN A 624 4.36 -13.35 104.12
C ASN A 624 4.66 -11.89 104.42
N LEU A 625 4.25 -10.98 103.53
CA LEU A 625 4.70 -9.60 103.55
C LEU A 625 4.04 -8.81 104.68
N LEU A 626 2.78 -9.11 104.97
CA LEU A 626 1.95 -8.38 105.92
C LEU A 626 2.14 -8.68 107.41
N PRO A 627 2.16 -9.94 107.89
CA PRO A 627 2.23 -10.13 109.35
C PRO A 627 3.61 -9.92 109.95
N GLY A 628 4.64 -9.65 109.14
CA GLY A 628 5.94 -9.32 109.71
C GLY A 628 5.95 -7.94 110.34
N ARG A 629 5.37 -6.95 109.63
CA ARG A 629 5.25 -5.56 110.07
C ARG A 629 6.59 -4.94 110.47
N GLU A 630 7.63 -5.27 109.70
CA GLU A 630 8.93 -4.64 109.83
C GLU A 630 9.52 -4.24 108.48
N LEU A 631 8.75 -4.35 107.40
CA LEU A 631 9.19 -4.02 106.06
C LEU A 631 8.50 -2.77 105.52
N LEU A 632 7.17 -2.73 105.60
CA LEU A 632 6.37 -1.62 105.09
C LEU A 632 5.98 -0.71 106.25
N LEU A 633 5.16 0.28 105.94
CA LEU A 633 4.92 1.41 106.83
C LEU A 633 3.49 1.34 107.36
N GLN A 634 3.35 1.18 108.67
CA GLN A 634 2.04 1.09 109.32
C GLN A 634 1.82 2.31 110.20
N THR A 635 0.57 2.49 110.65
CA THR A 635 0.22 3.67 111.42
C THR A 635 -0.98 3.39 112.32
N ASN A 636 -1.11 4.22 113.36
CA ASN A 636 -2.24 4.18 114.29
C ASN A 636 -2.33 5.56 114.95
N LEU A 637 -3.49 5.83 115.54
CA LEU A 637 -3.72 7.11 116.21
C LEU A 637 -2.94 7.17 117.51
N ILE A 638 -2.30 8.31 117.78
CA ILE A 638 -1.40 8.44 118.91
C ILE A 638 -1.71 9.76 119.61
N ASN A 639 -1.26 9.89 120.86
CA ASN A 639 -1.60 11.00 121.73
C ASN A 639 -0.71 12.20 121.45
N TYR A 640 -0.97 13.28 122.18
CA TYR A 640 -0.07 14.43 122.29
C TYR A 640 0.46 14.52 123.71
N VAL A 641 1.75 14.82 123.84
CA VAL A 641 2.34 15.13 125.13
C VAL A 641 3.17 16.40 125.03
N THR A 642 3.10 17.20 126.08
CA THR A 642 4.06 18.26 126.40
C THR A 642 4.48 18.07 127.86
N SER A 643 5.34 18.96 128.34
CA SER A 643 5.88 18.79 129.68
C SER A 643 6.20 20.16 130.26
N ILE A 644 5.88 20.33 131.54
CA ILE A 644 6.10 21.59 132.25
C ILE A 644 7.27 21.37 133.21
N ARG A 645 7.99 22.45 133.53
CA ARG A 645 9.23 22.34 134.29
C ARG A 645 9.49 23.59 135.13
N PRO A 646 9.75 23.44 136.42
CA PRO A 646 10.16 24.59 137.23
C PRO A 646 11.67 24.78 137.23
N ASN A 647 12.09 25.98 137.60
CA ASN A 647 13.49 26.39 137.53
C ASN A 647 14.19 26.08 138.86
N ILE A 648 14.52 24.81 139.02
CA ILE A 648 15.42 24.34 140.08
C ILE A 648 16.57 23.63 139.38
N PHE A 649 17.74 24.28 139.35
CA PHE A 649 18.90 23.82 138.61
C PHE A 649 19.99 23.42 139.60
N VAL A 650 20.25 22.11 139.69
CA VAL A 650 21.23 21.55 140.63
C VAL A 650 22.27 20.77 139.84
N GLY A 651 23.54 21.15 139.99
CA GLY A 651 24.62 20.44 139.33
C GLY A 651 25.90 20.51 140.14
N ARG A 652 26.82 19.59 139.82
CA ARG A 652 28.10 19.55 140.51
C ARG A 652 29.27 19.68 139.54
N ALA A 653 30.42 19.93 140.15
CA ALA A 653 31.75 19.93 139.54
C ALA A 653 32.73 19.54 140.64
N GLU A 654 34.00 19.94 140.48
CA GLU A 654 35.00 19.66 141.51
C GLU A 654 34.74 20.45 142.78
N GLY A 655 34.78 21.78 142.70
CA GLY A 655 34.36 22.63 143.79
C GLY A 655 33.02 23.25 143.51
N SER A 656 31.96 22.66 144.04
CA SER A 656 30.61 23.03 143.67
C SER A 656 29.90 23.69 144.85
N THR A 657 28.80 24.38 144.53
CA THR A 657 28.02 25.14 145.50
C THR A 657 26.90 24.32 146.13
N GLN A 658 26.79 23.03 145.82
CA GLN A 658 25.66 22.23 146.23
C GLN A 658 25.84 21.67 147.65
N TYR A 659 24.80 20.98 148.12
CA TYR A 659 24.87 20.10 149.28
C TYR A 659 24.82 18.63 148.86
N GLY A 660 23.83 18.28 148.04
CA GLY A 660 23.77 16.93 147.47
C GLY A 660 22.47 16.19 147.73
N LYS A 661 21.57 16.80 148.49
CA LYS A 661 20.37 16.10 148.96
C LYS A 661 19.18 17.00 148.67
N TRP A 662 18.34 16.62 147.71
CA TRP A 662 17.11 17.34 147.43
C TRP A 662 16.00 16.39 147.02
N TYR A 663 14.77 16.72 147.44
CA TYR A 663 13.64 15.81 147.37
C TYR A 663 12.35 16.62 147.41
N PHE A 664 11.30 16.08 146.76
CA PHE A 664 10.06 16.78 146.47
C PHE A 664 8.96 15.73 146.37
N GLU A 665 7.71 16.17 146.29
CA GLU A 665 6.60 15.27 145.96
C GLU A 665 5.64 15.90 144.95
N VAL A 666 4.81 15.03 144.38
CA VAL A 666 3.66 15.39 143.55
C VAL A 666 2.47 14.60 144.07
N MET A 667 1.34 15.28 144.26
CA MET A 667 0.10 14.64 144.69
C MET A 667 -0.87 14.59 143.52
N VAL A 668 -1.53 13.45 143.35
CA VAL A 668 -2.39 13.20 142.18
C VAL A 668 -3.84 13.12 142.63
N ASP A 669 -4.70 13.95 142.01
CA ASP A 669 -6.10 13.97 142.41
C ASP A 669 -7.09 14.02 141.25
N GLU A 670 -6.68 14.54 140.08
CA GLU A 670 -7.64 14.73 138.98
C GLU A 670 -6.97 14.24 137.70
N VAL A 671 -7.18 12.97 137.36
CA VAL A 671 -6.66 12.36 136.14
C VAL A 671 -7.73 11.44 135.59
N VAL A 672 -8.06 11.59 134.31
CA VAL A 672 -9.06 10.75 133.65
C VAL A 672 -8.53 9.31 133.54
N PRO A 673 -9.40 8.29 133.63
CA PRO A 673 -8.91 6.91 133.42
C PRO A 673 -8.49 6.64 131.98
N PHE A 674 -9.43 6.79 131.04
CA PHE A 674 -9.15 6.59 129.62
C PHE A 674 -10.07 7.54 128.86
N LEU A 675 -9.53 8.68 128.42
CA LEU A 675 -10.26 9.59 127.54
C LEU A 675 -10.03 9.27 126.08
N THR A 676 -8.79 8.94 125.72
CA THR A 676 -8.36 8.68 124.37
C THR A 676 -8.37 7.17 124.08
N ALA A 677 -7.82 6.79 122.92
CA ALA A 677 -7.73 5.38 122.56
C ALA A 677 -6.64 4.67 123.37
N GLN A 678 -5.40 5.10 123.22
CA GLN A 678 -4.26 4.44 123.86
C GLN A 678 -4.17 4.82 125.34
N ALA A 679 -3.08 4.40 125.97
CA ALA A 679 -2.90 4.61 127.39
C ALA A 679 -2.60 6.07 127.71
N THR A 680 -3.09 6.52 128.86
CA THR A 680 -2.84 7.87 129.34
C THR A 680 -1.40 7.95 129.85
N HIS A 681 -0.54 8.62 129.08
CA HIS A 681 0.89 8.67 129.39
C HIS A 681 1.09 9.59 130.59
N LEU A 682 1.36 9.00 131.74
CA LEU A 682 1.33 9.70 133.03
C LEU A 682 2.47 9.14 133.87
N ARG A 683 3.57 9.87 134.00
CA ARG A 683 4.68 9.46 134.84
C ARG A 683 5.56 10.66 135.19
N VAL A 684 6.31 10.50 136.27
CA VAL A 684 7.19 11.56 136.77
C VAL A 684 8.63 11.18 136.45
N GLY A 685 9.52 12.17 136.55
CA GLY A 685 10.93 11.87 136.34
C GLY A 685 11.76 13.13 136.34
N TRP A 686 13.08 12.92 136.35
CA TRP A 686 14.08 13.98 136.30
C TRP A 686 15.07 13.65 135.19
N ALA A 687 15.58 14.70 134.55
CA ALA A 687 16.47 14.52 133.42
C ALA A 687 17.52 15.62 133.43
N LEU A 688 18.44 15.55 132.48
CA LEU A 688 19.48 16.54 132.33
C LEU A 688 19.27 17.29 131.01
N THR A 689 19.69 18.54 130.98
CA THR A 689 19.13 19.52 130.04
C THR A 689 19.71 19.37 128.63
N GLU A 690 20.78 18.60 128.47
CA GLU A 690 21.52 18.61 127.21
C GLU A 690 20.93 17.69 126.14
N GLY A 691 20.23 16.62 126.52
CA GLY A 691 19.73 15.70 125.52
C GLY A 691 18.23 15.49 125.50
N TYR A 692 17.59 15.59 126.67
CA TYR A 692 16.15 15.38 126.79
C TYR A 692 15.40 16.61 126.27
N SER A 693 14.60 16.42 125.23
CA SER A 693 13.82 17.52 124.65
C SER A 693 12.56 16.96 124.02
N PRO A 694 11.43 16.97 124.74
CA PRO A 694 10.17 16.46 124.18
C PRO A 694 9.53 17.46 123.23
N TYR A 695 9.23 16.99 122.02
CA TYR A 695 8.46 17.67 121.01
C TYR A 695 7.22 16.87 120.62
N PRO A 696 6.09 17.53 120.40
CA PRO A 696 4.87 16.79 120.05
C PRO A 696 4.87 16.26 118.63
N GLY A 697 5.70 16.81 117.75
CA GLY A 697 5.79 16.32 116.39
C GLY A 697 7.09 15.59 116.10
N GLY A 698 7.00 14.26 115.95
CA GLY A 698 8.16 13.46 115.63
C GLY A 698 8.92 12.98 116.85
N GLY A 699 9.93 12.15 116.58
CA GLY A 699 10.75 11.53 117.59
C GLY A 699 10.92 10.06 117.28
N GLU A 700 11.31 9.29 118.30
CA GLU A 700 11.48 7.86 118.19
C GLU A 700 10.36 7.13 118.93
N GLY A 701 10.21 5.85 118.61
CA GLY A 701 9.14 5.06 119.20
C GLY A 701 7.90 5.02 118.32
N TRP A 702 6.75 4.84 118.97
CA TRP A 702 5.46 4.90 118.30
C TRP A 702 4.97 6.34 118.15
N GLY A 703 5.20 7.17 119.15
CA GLY A 703 4.71 8.53 119.20
C GLY A 703 4.35 8.91 120.61
N GLY A 704 4.32 10.21 120.86
CA GLY A 704 4.00 10.72 122.18
C GLY A 704 5.13 10.48 123.16
N ASN A 705 6.25 11.15 122.95
CA ASN A 705 7.44 10.93 123.76
C ASN A 705 7.56 11.98 124.86
N GLY A 706 7.51 11.53 126.11
CA GLY A 706 7.75 12.37 127.27
C GLY A 706 8.97 11.93 128.07
N VAL A 707 8.79 11.71 129.38
CA VAL A 707 9.86 11.17 130.21
C VAL A 707 9.83 9.65 130.16
N GLY A 708 10.97 9.03 130.48
CA GLY A 708 11.09 7.58 130.43
C GLY A 708 11.28 7.02 129.04
N ASP A 709 11.20 7.86 128.02
CA ASP A 709 11.27 7.49 126.62
C ASP A 709 12.66 7.67 126.05
N ASP A 710 13.63 7.98 126.89
CA ASP A 710 15.00 8.25 126.48
C ASP A 710 15.93 7.74 127.58
N LEU A 711 17.24 7.89 127.39
CA LEU A 711 18.20 7.51 128.40
C LEU A 711 18.46 8.61 129.44
N TYR A 712 18.12 9.86 129.11
CA TYR A 712 18.42 10.98 130.00
C TYR A 712 17.43 11.09 131.15
N SER A 713 16.21 10.61 130.98
CA SER A 713 15.15 10.72 131.97
C SER A 713 14.88 9.37 132.60
N TYR A 714 14.25 9.40 133.78
CA TYR A 714 13.96 8.20 134.57
C TYR A 714 12.47 8.25 134.92
N GLY A 715 11.64 7.66 134.06
CA GLY A 715 10.20 7.68 134.23
C GLY A 715 9.65 6.43 134.89
N PHE A 716 8.57 6.59 135.64
CA PHE A 716 7.97 5.49 136.37
C PHE A 716 6.52 5.86 136.65
N ASP A 717 5.59 5.05 136.15
CA ASP A 717 4.16 5.29 136.31
C ASP A 717 3.51 4.48 137.42
N GLY A 718 4.19 3.47 137.95
CA GLY A 718 3.60 2.65 139.01
C GLY A 718 3.79 1.17 138.81
N LEU A 719 4.01 0.75 137.56
CA LEU A 719 4.27 -0.65 137.26
C LEU A 719 5.62 -0.91 136.64
N HIS A 720 6.17 0.00 135.86
CA HIS A 720 7.39 -0.26 135.13
C HIS A 720 8.26 0.99 135.12
N LEU A 721 9.53 0.82 135.47
CA LEU A 721 10.50 1.91 135.49
C LEU A 721 11.02 2.12 134.08
N TRP A 722 10.45 3.09 133.38
CA TRP A 722 10.82 3.38 131.99
C TRP A 722 12.10 4.21 131.96
N THR A 723 13.13 3.68 131.30
CA THR A 723 14.33 4.47 131.02
C THR A 723 14.89 3.96 129.69
N GLY A 724 14.52 4.62 128.60
CA GLY A 724 15.01 4.25 127.29
C GLY A 724 14.17 3.20 126.58
N HIS A 725 12.86 3.45 126.51
CA HIS A 725 11.89 2.64 125.75
C HIS A 725 11.81 1.20 126.26
N VAL A 726 11.87 1.04 127.59
CA VAL A 726 11.89 -0.27 128.22
C VAL A 726 10.78 -0.36 129.27
N ALA A 727 10.46 -1.59 129.66
CA ALA A 727 9.51 -1.88 130.72
C ALA A 727 10.08 -2.96 131.62
N ARG A 728 10.35 -2.61 132.88
CA ARG A 728 10.98 -3.51 133.85
C ARG A 728 10.03 -3.71 135.02
N PRO A 729 9.72 -4.95 135.41
CA PRO A 729 8.74 -5.17 136.46
C PRO A 729 9.28 -4.85 137.85
N VAL A 730 8.39 -4.33 138.70
CA VAL A 730 8.75 -3.83 140.02
C VAL A 730 8.00 -4.65 141.06
N THR A 731 8.73 -5.18 142.04
CA THR A 731 8.18 -6.13 143.02
C THR A 731 7.87 -5.39 144.32
N SER A 732 6.70 -4.75 144.36
CA SER A 732 6.21 -4.02 145.52
C SER A 732 4.83 -4.54 145.92
N PRO A 733 4.49 -4.51 147.21
CA PRO A 733 3.14 -4.95 147.63
C PRO A 733 2.10 -3.89 147.31
N GLY A 734 1.05 -4.31 146.60
CA GLY A 734 -0.05 -3.43 146.27
C GLY A 734 0.30 -2.41 145.21
N GLN A 735 0.72 -2.90 144.05
CA GLN A 735 1.18 -2.01 142.98
C GLN A 735 0.00 -1.55 142.12
N HIS A 736 0.06 -0.28 141.72
CA HIS A 736 -0.89 0.27 140.74
C HIS A 736 -0.29 1.51 140.12
N LEU A 737 -1.00 2.03 139.10
CA LEU A 737 -0.61 3.25 138.41
C LEU A 737 -1.00 4.47 139.24
N LEU A 738 -0.76 5.66 138.70
CA LEU A 738 -1.06 6.90 139.42
C LEU A 738 -2.56 7.16 139.41
N ALA A 739 -3.24 6.53 140.36
CA ALA A 739 -4.63 6.80 140.62
C ALA A 739 -4.77 8.11 141.38
N PRO A 740 -5.95 8.74 141.36
CA PRO A 740 -6.18 9.91 142.22
C PRO A 740 -6.15 9.56 143.71
N GLU A 741 -6.02 10.63 144.51
CA GLU A 741 -5.85 10.57 145.97
C GLU A 741 -4.64 9.75 146.38
N ASP A 742 -3.55 9.88 145.62
CA ASP A 742 -2.25 9.33 145.97
C ASP A 742 -1.16 10.37 145.66
N VAL A 743 0.01 10.13 146.22
CA VAL A 743 1.15 11.05 146.16
C VAL A 743 2.33 10.28 145.58
N VAL A 744 2.90 10.79 144.50
CA VAL A 744 4.00 10.14 143.77
C VAL A 744 5.24 11.03 143.83
N SER A 745 6.38 10.43 144.14
CA SER A 745 7.63 11.17 144.25
C SER A 745 8.79 10.25 143.92
N CYS A 746 9.98 10.85 143.87
CA CYS A 746 11.24 10.13 143.74
C CYS A 746 12.32 10.93 144.46
N CYS A 747 13.25 10.23 145.09
CA CYS A 747 14.35 10.91 145.77
C CYS A 747 15.66 10.67 145.03
N LEU A 748 16.49 11.72 145.02
CA LEU A 748 17.67 11.80 144.18
C LEU A 748 18.80 12.41 144.98
N ASP A 749 19.98 11.81 144.92
CA ASP A 749 21.17 12.40 145.51
C ASP A 749 22.35 12.31 144.55
N LEU A 750 23.33 13.18 144.79
CA LEU A 750 24.21 13.75 143.77
C LEU A 750 25.60 13.14 143.68
N SER A 751 26.30 12.93 144.80
CA SER A 751 27.68 12.45 144.72
C SER A 751 27.74 10.98 144.34
N VAL A 752 27.20 10.11 145.19
CA VAL A 752 27.00 8.72 144.83
C VAL A 752 25.65 8.69 144.14
N PRO A 753 25.52 8.03 142.97
CA PRO A 753 24.22 8.04 142.28
C PRO A 753 23.24 7.13 142.99
N SER A 754 22.03 7.65 143.25
CA SER A 754 20.92 6.87 143.80
C SER A 754 19.62 7.55 143.42
N ILE A 755 18.79 6.85 142.67
CA ILE A 755 17.44 7.31 142.31
C ILE A 755 16.44 6.33 142.91
N SER A 756 15.94 6.64 144.10
CA SER A 756 14.88 5.82 144.66
C SER A 756 13.54 6.53 144.48
N PHE A 757 12.47 5.75 144.49
CA PHE A 757 11.11 6.24 144.28
C PHE A 757 10.26 5.97 145.52
N ARG A 758 9.37 6.91 145.83
CA ARG A 758 8.61 6.91 147.08
C ARG A 758 7.14 7.17 146.79
N ILE A 759 6.30 6.20 147.17
CA ILE A 759 4.86 6.28 146.93
C ILE A 759 4.16 5.32 147.89
N ASN A 760 3.03 5.77 148.48
CA ASN A 760 2.16 4.96 149.35
C ASN A 760 2.87 4.45 150.61
N GLY A 761 3.72 5.30 151.20
CA GLY A 761 4.29 5.02 152.50
C GLY A 761 5.44 4.05 152.56
N CYS A 762 5.72 3.32 151.48
CA CYS A 762 6.80 2.35 151.44
C CYS A 762 7.49 2.52 150.10
N PRO A 763 8.81 2.58 150.05
CA PRO A 763 9.50 2.76 148.76
C PRO A 763 9.41 1.50 147.92
N VAL A 764 9.38 1.70 146.61
CA VAL A 764 9.42 0.57 145.70
C VAL A 764 10.85 0.05 145.62
N GLN A 765 11.00 -1.18 145.14
CA GLN A 765 12.30 -1.86 145.11
C GLN A 765 12.88 -1.80 143.70
N GLY A 766 13.36 -0.61 143.36
CA GLY A 766 14.05 -0.38 142.10
C GLY A 766 14.74 0.96 142.08
N VAL A 767 16.03 0.96 141.73
CA VAL A 767 16.85 2.17 141.73
C VAL A 767 17.68 2.24 140.45
N PHE A 768 18.16 3.45 140.16
CA PHE A 768 19.14 3.70 139.11
C PHE A 768 20.38 4.36 139.69
N GLU A 769 21.54 3.97 139.16
CA GLU A 769 22.82 4.56 139.58
C GLU A 769 23.82 4.45 138.42
N ALA A 770 25.04 4.93 138.70
CA ALA A 770 26.22 4.86 137.80
C ALA A 770 26.00 5.59 136.48
N PHE A 771 25.19 6.65 136.48
CA PHE A 771 24.94 7.44 135.28
C PHE A 771 25.87 8.65 135.23
N ASN A 772 25.90 9.31 134.07
CA ASN A 772 26.71 10.50 133.86
C ASN A 772 25.88 11.75 134.14
N LEU A 773 26.42 12.64 134.96
CA LEU A 773 25.75 13.88 135.33
C LEU A 773 26.35 15.11 134.65
N ASP A 774 26.58 15.07 133.34
CA ASP A 774 27.16 16.23 132.63
C ASP A 774 26.05 17.22 132.29
N GLY A 775 25.56 17.88 133.33
CA GLY A 775 24.47 18.83 133.21
C GLY A 775 23.79 19.00 134.55
N LEU A 776 22.65 19.68 134.54
CA LEU A 776 21.97 20.03 135.76
C LEU A 776 20.65 19.28 135.83
N PHE A 777 20.04 19.31 137.01
CA PHE A 777 18.81 18.58 137.28
C PHE A 777 17.63 19.51 137.05
N PHE A 778 16.45 18.92 136.84
CA PHE A 778 15.19 19.67 136.82
C PHE A 778 14.02 18.74 137.09
N PRO A 779 12.98 19.21 137.77
CA PRO A 779 11.71 18.45 137.79
C PRO A 779 10.95 18.62 136.49
N VAL A 780 10.26 17.55 136.09
CA VAL A 780 9.49 17.53 134.84
C VAL A 780 8.47 16.41 134.93
N VAL A 781 7.26 16.66 134.40
CA VAL A 781 6.17 15.69 134.46
C VAL A 781 5.65 15.42 133.07
N SER A 782 5.02 14.27 132.89
CA SER A 782 4.38 13.89 131.63
C SER A 782 2.88 13.83 131.82
N PHE A 783 2.13 14.50 130.95
CA PHE A 783 0.69 14.56 131.09
C PHE A 783 0.04 14.48 129.72
N SER A 784 -0.96 13.63 129.60
CA SER A 784 -1.75 13.53 128.37
C SER A 784 -2.97 14.43 128.48
N ALA A 785 -3.94 14.24 127.58
CA ALA A 785 -5.15 15.04 127.60
C ALA A 785 -6.03 14.63 128.78
N GLY A 786 -6.47 15.62 129.56
CA GLY A 786 -7.37 15.36 130.66
C GLY A 786 -6.69 15.10 131.99
N VAL A 787 -5.61 15.81 132.25
CA VAL A 787 -4.82 15.64 133.47
C VAL A 787 -4.80 16.98 134.20
N LYS A 788 -5.18 16.99 135.47
CA LYS A 788 -4.95 18.17 136.30
C LYS A 788 -4.25 17.75 137.58
N VAL A 789 -2.99 18.15 137.72
CA VAL A 789 -2.12 17.72 138.81
C VAL A 789 -1.43 18.94 139.40
N ARG A 790 -1.15 18.89 140.71
CA ARG A 790 -0.32 19.91 141.35
C ARG A 790 0.87 19.28 142.04
N PHE A 791 1.96 20.05 142.11
CA PHE A 791 3.24 19.60 142.66
C PHE A 791 3.36 20.10 144.09
N LEU A 792 3.88 19.25 144.98
CA LEU A 792 4.17 19.66 146.36
C LEU A 792 5.58 20.22 146.32
N LEU A 793 5.64 21.56 146.39
CA LEU A 793 6.87 22.28 146.06
C LEU A 793 7.89 22.18 147.19
N GLY A 794 7.54 22.64 148.38
CA GLY A 794 8.46 22.60 149.51
C GLY A 794 7.78 22.87 150.83
N GLY A 795 8.39 23.74 151.63
CA GLY A 795 7.82 24.15 152.90
C GLY A 795 7.40 25.61 152.88
N ARG A 796 7.93 26.38 151.94
CA ARG A 796 7.62 27.80 151.81
C ARG A 796 6.27 28.03 151.14
N HIS A 797 6.13 27.55 149.90
CA HIS A 797 4.85 27.57 149.20
C HIS A 797 4.17 26.21 149.20
N GLY A 798 4.54 25.33 150.12
CA GLY A 798 3.82 24.08 150.31
C GLY A 798 3.95 23.56 151.73
N GLU A 799 3.41 22.37 151.98
CA GLU A 799 3.63 21.69 153.25
C GLU A 799 3.54 20.19 152.99
N PHE A 800 4.64 19.49 153.23
CA PHE A 800 4.78 18.09 152.81
C PHE A 800 3.96 17.18 153.72
N LYS A 801 3.11 16.34 153.10
CA LYS A 801 2.38 15.35 153.87
C LYS A 801 3.32 14.27 154.38
N PHE A 802 4.34 13.92 153.61
CA PHE A 802 5.33 12.94 154.01
C PHE A 802 6.60 13.67 154.43
N LEU A 803 6.98 13.53 155.69
CA LEU A 803 8.21 14.15 156.17
C LEU A 803 9.41 13.39 155.64
N PRO A 804 10.44 14.08 155.18
CA PRO A 804 11.59 13.41 154.55
C PRO A 804 12.44 12.69 155.59
N PRO A 805 13.25 11.72 155.17
CA PRO A 805 14.24 11.10 156.08
C PRO A 805 15.31 12.12 156.48
N PRO A 806 16.01 11.90 157.60
CA PRO A 806 17.03 12.85 158.05
C PRO A 806 18.20 12.95 157.09
N GLY A 807 18.48 14.17 156.65
CA GLY A 807 19.51 14.46 155.67
C GLY A 807 18.97 14.92 154.34
N TYR A 808 17.74 14.53 154.01
CA TYR A 808 17.10 14.90 152.76
C TYR A 808 16.50 16.30 152.91
N ALA A 809 16.96 17.24 152.10
CA ALA A 809 16.44 18.59 152.16
C ALA A 809 15.33 18.79 151.13
N PRO A 810 14.32 19.61 151.43
CA PRO A 810 13.28 19.89 150.43
C PRO A 810 13.77 20.78 149.30
N CYS A 811 12.99 20.77 148.21
CA CYS A 811 13.39 21.37 146.94
C CYS A 811 13.23 22.89 146.92
N HIS A 812 12.53 23.48 147.89
CA HIS A 812 12.06 24.87 147.82
C HIS A 812 13.16 25.92 147.95
N GLU A 813 14.44 25.57 148.09
CA GLU A 813 15.47 26.58 148.31
C GLU A 813 16.68 26.48 147.38
N ALA A 814 16.54 25.85 146.21
CA ALA A 814 17.59 25.92 145.20
C ALA A 814 17.25 26.97 144.15
N VAL A 815 16.69 28.09 144.60
CA VAL A 815 16.15 29.11 143.72
C VAL A 815 17.19 30.20 143.51
N LEU A 816 17.36 30.63 142.25
CA LEU A 816 18.18 31.77 141.89
C LEU A 816 17.50 33.04 142.38
N PRO A 817 18.25 34.03 142.90
CA PRO A 817 17.60 35.13 143.63
C PRO A 817 16.78 36.09 142.77
N ARG A 818 17.27 36.49 141.59
CA ARG A 818 16.51 37.43 140.77
C ARG A 818 15.50 36.77 139.84
N GLU A 819 15.46 35.45 139.81
CA GLU A 819 14.41 34.74 139.07
C GLU A 819 13.39 34.20 140.07
N ARG A 820 12.15 34.67 139.96
CA ARG A 820 11.06 34.07 140.68
C ARG A 820 10.79 32.67 140.13
N LEU A 821 10.28 31.79 140.99
CA LEU A 821 10.24 30.37 140.66
C LEU A 821 9.14 30.14 139.64
N ARG A 822 9.55 29.82 138.41
CA ARG A 822 8.71 29.94 137.23
C ARG A 822 8.47 28.56 136.61
N LEU A 823 7.24 28.33 136.14
CA LEU A 823 6.86 27.06 135.54
C LEU A 823 6.79 27.23 134.02
N GLU A 824 7.86 26.86 133.32
CA GLU A 824 8.03 27.10 131.89
C GLU A 824 8.34 25.80 131.16
N PRO A 825 7.72 25.52 130.02
CA PRO A 825 7.97 24.24 129.33
C PRO A 825 9.32 24.22 128.62
N ILE A 826 9.92 23.03 128.59
CA ILE A 826 11.27 22.84 128.06
C ILE A 826 11.24 22.91 126.53
N LYS A 827 12.18 23.66 125.96
CA LYS A 827 12.41 23.81 124.52
C LYS A 827 11.17 24.34 123.80
N GLU A 828 10.53 25.34 124.41
CA GLU A 828 9.31 25.86 123.81
C GLU A 828 9.64 26.79 122.64
N TYR A 829 8.74 26.80 121.67
CA TYR A 829 8.87 27.62 120.46
C TYR A 829 7.57 28.33 120.15
N ARG A 830 6.63 28.35 121.08
CA ARG A 830 5.31 28.92 120.85
C ARG A 830 4.65 29.22 122.20
N ARG A 831 4.04 30.40 122.31
CA ARG A 831 3.24 30.75 123.47
C ARG A 831 1.92 31.37 123.01
N GLU A 832 0.90 31.27 123.86
CA GLU A 832 -0.38 31.89 123.59
C GLU A 832 -0.35 33.34 124.08
N GLY A 833 -0.49 34.29 123.16
CA GLY A 833 -0.40 35.69 123.49
C GLY A 833 -1.72 36.42 123.34
N PRO A 834 -1.66 37.76 123.32
CA PRO A 834 -2.90 38.53 123.17
C PRO A 834 -3.47 38.46 121.77
N ARG A 835 -2.62 38.47 120.74
CA ARG A 835 -3.07 38.40 119.36
C ARG A 835 -2.03 37.71 118.48
N PRO A 837 -1.18 33.21 118.62
CA PRO A 837 -0.03 32.38 119.00
C PRO A 837 1.30 32.98 118.53
N HIS A 838 2.04 33.54 119.48
CA HIS A 838 3.35 34.15 119.22
C HIS A 838 4.45 33.15 119.56
N LEU A 839 5.52 33.17 118.78
CA LEU A 839 6.53 32.12 118.78
C LEU A 839 7.87 32.66 119.31
N VAL A 840 8.62 31.80 120.00
CA VAL A 840 9.87 32.16 120.64
C VAL A 840 10.98 31.24 120.12
N GLY A 841 12.18 31.44 120.66
CA GLY A 841 13.31 30.59 120.37
C GLY A 841 13.77 29.82 121.60
N PRO A 842 14.95 29.22 121.55
CA PRO A 842 15.43 28.44 122.71
C PRO A 842 15.96 29.36 123.80
N SER A 843 15.46 29.17 125.02
CA SER A 843 16.01 29.90 126.16
C SER A 843 17.39 29.35 126.47
N ARG A 844 18.36 30.24 126.68
CA ARG A 844 19.74 29.81 126.86
C ARG A 844 19.91 29.19 128.24
N CYS A 845 20.37 27.95 128.28
CA CYS A 845 20.52 27.25 129.53
C CYS A 845 21.80 27.69 130.23
N LEU A 846 21.76 27.69 131.56
CA LEU A 846 22.95 27.97 132.33
C LEU A 846 23.94 26.83 132.17
N SER A 847 25.19 27.17 131.88
CA SER A 847 26.20 26.17 131.58
C SER A 847 26.61 25.45 132.85
N HIS A 848 27.14 24.23 132.66
CA HIS A 848 27.63 23.43 133.78
C HIS A 848 29.04 23.84 134.18
N THR A 849 29.66 24.75 133.43
CA THR A 849 30.92 25.38 133.81
C THR A 849 30.73 26.84 134.21
N ASP A 850 29.57 27.19 134.76
CA ASP A 850 29.29 28.59 135.12
C ASP A 850 29.17 28.82 136.61
N PHE A 851 28.60 27.87 137.36
CA PHE A 851 28.43 28.03 138.80
C PHE A 851 29.72 27.87 139.58
N VAL A 852 30.73 27.22 139.00
CA VAL A 852 31.95 26.91 139.75
C VAL A 852 32.79 28.19 139.90
N PRO A 853 33.34 28.47 141.09
CA PRO A 853 34.20 29.64 141.23
C PRO A 853 35.62 29.35 140.78
N CYS A 854 36.11 30.14 139.82
CA CYS A 854 37.46 30.01 139.31
C CYS A 854 38.15 31.36 139.43
N PRO A 855 39.38 31.43 139.95
CA PRO A 855 40.04 32.72 140.11
C PRO A 855 40.54 33.31 138.79
N ILE A 861 51.51 37.68 143.26
CA ILE A 861 52.75 36.90 143.23
C ILE A 861 53.92 37.76 143.67
N VAL A 862 54.37 38.65 142.80
CA VAL A 862 55.50 39.53 143.13
C VAL A 862 55.01 40.67 144.03
N LEU A 863 55.96 41.32 144.68
CA LEU A 863 55.66 42.42 145.61
C LEU A 863 56.46 43.65 145.21
N PRO A 864 55.82 44.70 144.68
CA PRO A 864 56.56 45.94 144.40
C PRO A 864 56.86 46.69 145.68
N PRO A 865 58.09 47.17 145.84
CA PRO A 865 58.46 47.85 147.10
C PRO A 865 57.93 49.28 147.20
N HIS A 866 57.44 49.86 146.11
CA HIS A 866 56.96 51.23 146.14
C HIS A 866 55.51 51.35 146.63
N LEU A 867 54.85 50.23 146.93
CA LEU A 867 53.49 50.25 147.44
C LEU A 867 53.31 49.35 148.67
N GLU A 868 54.27 49.38 149.59
CA GLU A 868 54.22 48.49 150.74
C GLU A 868 53.54 49.14 151.95
N ARG A 869 54.03 50.32 152.36
CA ARG A 869 53.43 51.01 153.48
C ARG A 869 52.08 51.62 153.12
N ILE A 870 51.91 52.02 151.85
CA ILE A 870 50.65 52.62 151.44
C ILE A 870 49.57 51.54 151.30
N ARG A 871 49.95 50.26 151.20
CA ARG A 871 48.97 49.18 151.28
C ARG A 871 48.41 49.04 152.69
N GLU A 872 49.17 49.43 153.71
CA GLU A 872 48.64 49.51 155.06
C GLU A 872 47.93 50.83 155.30
N LYS A 873 48.35 51.90 154.62
CA LYS A 873 47.65 53.18 154.73
C LYS A 873 46.27 53.10 154.08
N LEU A 874 46.13 52.30 153.02
CA LEU A 874 44.82 52.07 152.42
C LEU A 874 43.93 51.24 153.34
N ALA A 875 44.51 50.32 154.11
CA ALA A 875 43.72 49.58 155.10
C ALA A 875 43.31 50.48 156.26
N GLU A 876 44.18 51.42 156.64
CA GLU A 876 43.83 52.39 157.68
C GLU A 876 42.74 53.35 157.21
N ASN A 877 42.80 53.76 155.94
CA ASN A 877 41.73 54.61 155.40
C ASN A 877 40.45 53.80 155.20
N ILE A 878 40.57 52.49 154.98
CA ILE A 878 39.40 51.61 154.96
C ILE A 878 38.79 51.50 156.35
N HIS A 879 39.61 51.49 157.41
CA HIS A 879 39.06 51.54 158.76
C HIS A 879 38.42 52.89 159.06
N GLU A 880 38.96 53.97 158.46
CA GLU A 880 38.34 55.28 158.60
C GLU A 880 36.98 55.33 157.90
N LEU A 881 36.89 54.75 156.71
CA LEU A 881 35.61 54.67 156.01
C LEU A 881 34.67 53.66 156.67
N TRP A 882 35.25 52.70 157.40
CA TRP A 882 34.46 51.81 158.26
C TRP A 882 33.82 52.60 159.38
N ALA A 883 34.55 53.48 160.04
CA ALA A 883 34.03 54.21 161.19
C ALA A 883 33.19 55.42 160.81
N LEU A 884 33.37 55.99 159.62
CA LEU A 884 32.71 57.25 159.26
C LEU A 884 31.21 57.09 159.06
N THR A 885 30.78 56.02 158.38
CA THR A 885 29.35 55.74 158.21
C THR A 885 28.79 54.96 159.40
N ARG A 886 29.67 54.50 160.29
CA ARG A 886 29.30 53.78 161.49
C ARG A 886 28.92 54.71 162.64
N ILE A 887 29.70 55.77 162.83
CA ILE A 887 29.38 56.75 163.88
C ILE A 887 28.17 57.59 163.49
N GLU A 888 27.84 57.68 162.21
CA GLU A 888 26.68 58.46 161.78
C GLU A 888 25.38 57.69 161.87
N GLN A 889 25.43 56.36 162.09
CA GLN A 889 24.22 55.56 162.18
C GLN A 889 24.07 54.77 163.48
N GLY A 890 25.12 54.63 164.30
CA GLY A 890 24.86 54.09 165.63
C GLY A 890 25.89 53.19 166.27
N TRP A 891 27.01 52.98 165.58
CA TRP A 891 28.10 52.21 166.15
C TRP A 891 28.80 53.03 167.23
N THR A 892 28.79 52.54 168.46
CA THR A 892 29.36 53.29 169.57
C THR A 892 30.63 52.62 170.08
N TYR A 893 31.32 53.32 170.96
CA TYR A 893 32.55 52.78 171.54
C TYR A 893 32.25 51.80 172.67
N GLY A 894 33.00 50.71 172.71
CA GLY A 894 32.87 49.72 173.75
C GLY A 894 34.00 48.71 173.72
N PRO A 895 34.36 48.19 174.89
CA PRO A 895 35.40 47.15 174.94
C PRO A 895 34.94 45.80 174.42
N VAL A 896 33.63 45.57 174.34
CA VAL A 896 33.08 44.32 173.82
C VAL A 896 32.50 44.58 172.44
N ARG A 897 32.18 43.49 171.73
CA ARG A 897 31.55 43.55 170.43
C ARG A 897 30.24 42.77 170.47
N ASP A 898 29.14 43.43 170.10
CA ASP A 898 27.83 42.82 170.11
C ASP A 898 27.01 43.34 168.93
N ASP A 899 26.13 42.50 168.39
CA ASP A 899 25.37 42.88 167.20
C ASP A 899 24.21 43.81 167.56
N ASN A 900 23.41 43.43 168.56
CA ASN A 900 22.25 44.25 168.92
C ASN A 900 22.65 45.47 169.73
N LYS A 901 23.73 45.37 170.53
CA LYS A 901 24.15 46.47 171.38
C LYS A 901 24.95 47.51 170.64
N ARG A 902 25.34 47.23 169.39
CA ARG A 902 26.04 48.14 168.49
C ARG A 902 27.37 48.61 169.09
N LEU A 903 28.10 47.69 169.71
CA LEU A 903 29.34 48.00 170.39
C LEU A 903 30.50 47.74 169.43
N HIS A 904 31.34 48.76 169.21
CA HIS A 904 32.49 48.59 168.32
C HIS A 904 33.78 48.58 169.11
N PRO A 905 34.65 47.60 168.90
CA PRO A 905 36.00 47.66 169.49
C PRO A 905 36.99 48.41 168.61
N CYS A 906 36.62 48.66 167.36
CA CYS A 906 37.49 49.33 166.40
C CYS A 906 36.90 50.67 165.92
N LEU A 907 36.36 51.46 166.85
CA LEU A 907 35.77 52.74 166.50
C LEU A 907 36.71 53.93 166.65
N VAL A 908 37.85 53.76 167.30
CA VAL A 908 38.77 54.87 167.48
C VAL A 908 39.56 55.09 166.19
N ASN A 909 40.37 54.10 165.82
CA ASN A 909 41.22 54.19 164.63
C ASN A 909 41.74 52.79 164.30
N PHE A 910 42.73 52.72 163.40
CA PHE A 910 43.43 51.48 163.12
C PHE A 910 44.52 51.18 164.15
N HIS A 911 45.01 52.20 164.86
CA HIS A 911 46.03 51.99 165.87
C HIS A 911 45.47 51.38 167.15
N SER A 912 44.20 51.65 167.46
CA SER A 912 43.54 51.05 168.60
C SER A 912 42.95 49.67 168.29
N LEU A 913 43.13 49.18 167.07
CA LEU A 913 42.59 47.87 166.70
C LEU A 913 43.47 46.75 167.27
N PRO A 914 42.86 45.64 167.66
CA PRO A 914 43.65 44.51 168.20
C PRO A 914 44.39 43.78 167.10
N GLU A 915 45.15 42.77 167.53
CA GLU A 915 45.95 41.99 166.59
C GLU A 915 45.14 41.06 165.68
N PRO A 916 44.08 40.34 166.12
CA PRO A 916 43.29 39.59 165.13
C PRO A 916 42.44 40.47 164.21
N GLU A 917 42.22 41.74 164.55
CA GLU A 917 41.50 42.66 163.68
C GLU A 917 42.39 43.41 162.71
N ARG A 918 43.65 43.69 163.11
CA ARG A 918 44.54 44.43 162.23
C ARG A 918 45.05 43.55 161.09
N ASN A 919 45.37 42.28 161.37
CA ASN A 919 45.79 41.39 160.31
C ASN A 919 44.65 40.98 159.40
N TYR A 920 43.39 41.18 159.82
CA TYR A 920 42.27 40.96 158.91
C TYR A 920 42.24 42.00 157.80
N ASN A 921 42.36 43.29 158.15
CA ASN A 921 42.49 44.32 157.13
C ASN A 921 43.81 44.20 156.37
N LEU A 922 44.86 43.71 157.03
CA LEU A 922 46.13 43.50 156.33
C LEU A 922 46.04 42.36 155.32
N GLN A 923 45.32 41.27 155.64
CA GLN A 923 45.17 40.19 154.69
C GLN A 923 44.16 40.53 153.60
N MET A 924 43.19 41.42 153.88
CA MET A 924 42.35 41.93 152.80
C MET A 924 43.13 42.82 151.85
N SER A 925 43.98 43.70 152.41
CA SER A 925 44.83 44.56 151.58
C SER A 925 45.84 43.73 150.79
N GLY A 926 46.39 42.68 151.42
CA GLY A 926 47.28 41.76 150.72
C GLY A 926 46.59 40.94 149.65
N GLU A 927 45.31 40.63 149.84
CA GLU A 927 44.55 39.94 148.81
C GLU A 927 44.18 40.87 147.66
N THR A 928 44.01 42.17 147.93
CA THR A 928 43.54 43.07 146.88
C THR A 928 44.64 43.86 146.17
N LEU A 929 45.88 43.89 146.66
CA LEU A 929 46.87 44.59 145.83
C LEU A 929 47.60 43.64 144.89
N LYS A 930 47.55 42.33 145.18
CA LYS A 930 48.26 41.36 144.35
C LYS A 930 47.57 41.14 143.01
N THR A 931 46.29 41.50 142.91
CA THR A 931 45.54 41.32 141.68
C THR A 931 45.51 42.58 140.81
N LEU A 932 46.43 43.51 141.02
CA LEU A 932 46.53 44.67 140.12
C LEU A 932 47.15 44.29 138.78
N LEU A 933 48.37 43.77 138.80
CA LEU A 933 49.06 43.35 137.59
C LEU A 933 48.68 41.95 137.15
N ALA A 934 47.71 41.32 137.82
CA ALA A 934 47.19 40.04 137.37
C ALA A 934 46.36 40.17 136.11
N LEU A 935 45.84 41.35 135.81
CA LEU A 935 45.07 41.57 134.59
C LEU A 935 45.89 42.27 133.51
N GLY A 936 46.83 43.11 133.91
CA GLY A 936 47.61 43.90 132.98
C GLY A 936 47.47 45.40 133.18
N CYS A 937 47.09 45.84 134.38
CA CYS A 937 46.91 47.26 134.64
C CYS A 937 48.23 47.87 135.05
N HIS A 938 48.77 48.74 134.19
CA HIS A 938 50.06 49.37 134.45
C HIS A 938 49.90 50.47 135.50
N VAL A 939 50.55 50.29 136.65
CA VAL A 939 50.46 51.23 137.77
C VAL A 939 51.83 51.86 137.97
N GLY A 940 51.88 53.18 138.05
CA GLY A 940 53.12 53.89 138.25
C GLY A 940 53.02 54.88 139.40
N MET A 941 54.18 55.17 139.99
CA MET A 941 54.27 56.06 141.15
C MET A 941 54.76 57.42 140.68
N ALA A 942 53.89 58.42 140.78
CA ALA A 942 54.24 59.78 140.42
C ALA A 942 53.38 60.73 141.24
N ASP A 943 53.74 62.02 141.15
CA ASP A 943 53.02 63.15 141.75
C ASP A 943 52.94 63.00 143.28
N GLU A 944 54.11 63.10 143.89
CA GLU A 944 54.27 62.95 145.33
C GLU A 944 53.82 64.17 146.12
N LYS A 945 53.59 65.32 145.46
CA LYS A 945 53.16 66.51 146.17
C LYS A 945 51.65 66.58 146.34
N ALA A 946 50.90 66.00 145.40
CA ALA A 946 49.44 66.14 145.42
C ALA A 946 48.81 65.33 146.54
N GLU A 947 49.33 64.12 146.80
CA GLU A 947 48.79 63.28 147.87
C GLU A 947 49.10 63.87 149.24
N ASP A 948 50.24 64.54 149.38
CA ASP A 948 50.58 65.21 150.63
C ASP A 948 49.81 66.51 150.80
N ASN A 949 49.50 67.19 149.70
CA ASN A 949 48.67 68.39 149.79
C ASN A 949 47.20 68.08 150.02
N LEU A 950 46.75 66.88 149.68
CA LEU A 950 45.37 66.49 149.96
C LEU A 950 45.18 66.27 151.46
N LYS A 951 44.26 67.03 152.05
CA LYS A 951 43.94 66.91 153.46
C LYS A 951 42.77 65.95 153.64
N LYS A 952 42.23 65.92 154.85
CA LYS A 952 41.10 65.06 155.19
C LYS A 952 39.78 65.78 154.92
N THR A 953 38.70 65.02 155.04
CA THR A 953 37.37 65.57 154.90
C THR A 953 37.00 66.38 156.13
N LYS A 954 36.16 67.40 155.94
CA LYS A 954 35.67 68.20 157.05
C LYS A 954 34.63 67.41 157.83
N LEU A 955 34.63 67.58 159.15
CA LEU A 955 33.78 66.83 160.07
C LEU A 955 32.74 67.74 160.69
N PRO A 956 31.45 67.39 160.63
CA PRO A 956 30.42 68.19 161.29
C PRO A 956 30.31 67.83 162.77
N LYS A 957 29.42 68.54 163.46
CA LYS A 957 29.22 68.25 164.88
C LYS A 957 28.41 66.98 165.09
N THR A 958 27.46 66.70 164.21
CA THR A 958 26.64 65.51 164.32
C THR A 958 27.24 64.31 163.61
N TYR A 959 28.31 64.50 162.82
CA TYR A 959 28.97 63.38 162.19
C TYR A 959 29.87 62.61 163.15
N MET A 960 30.24 63.19 164.29
CA MET A 960 31.05 62.52 165.29
C MET A 960 30.16 62.07 166.44
N MET A 961 30.43 60.88 166.97
CA MET A 961 29.53 60.19 167.90
C MET A 961 29.68 60.69 169.34
N SER A 962 29.19 59.93 170.31
CA SER A 962 29.33 60.27 171.72
C SER A 962 30.60 59.70 172.35
N ASN A 963 31.63 59.45 171.55
CA ASN A 963 32.86 58.83 172.04
C ASN A 963 33.98 59.83 172.25
N GLY A 964 34.00 60.93 171.49
CA GLY A 964 35.06 61.90 171.57
C GLY A 964 36.18 61.71 170.58
N TYR A 965 36.11 60.68 169.74
CA TYR A 965 37.11 60.42 168.72
C TYR A 965 36.45 60.46 167.35
N LYS A 966 37.23 60.86 166.34
CA LYS A 966 36.68 60.98 165.00
C LYS A 966 37.64 60.36 163.98
N PRO A 967 37.10 59.63 163.00
CA PRO A 967 37.94 59.15 161.90
C PRO A 967 38.23 60.26 160.91
N ALA A 968 39.37 60.15 160.24
CA ALA A 968 39.82 61.13 159.25
C ALA A 968 40.03 60.44 157.92
N PRO A 969 38.97 60.29 157.12
CA PRO A 969 39.13 59.71 155.78
C PRO A 969 39.55 60.76 154.76
N LEU A 970 40.17 60.28 153.67
CA LEU A 970 40.59 61.15 152.60
C LEU A 970 39.40 61.52 151.72
N ASP A 971 39.19 62.82 151.52
CA ASP A 971 38.14 63.32 150.64
C ASP A 971 38.57 63.14 149.20
N LEU A 972 37.79 62.36 148.44
CA LEU A 972 38.06 62.11 147.03
C LEU A 972 37.23 63.02 146.13
N SER A 973 37.02 64.27 146.55
CA SER A 973 36.22 65.23 145.80
C SER A 973 36.93 65.75 144.56
N HIS A 974 38.26 65.68 144.53
CA HIS A 974 39.02 66.01 143.34
C HIS A 974 39.14 64.83 142.38
N VAL A 975 38.68 63.65 142.78
CA VAL A 975 38.75 62.44 141.96
C VAL A 975 37.47 62.32 141.15
N ARG A 976 37.59 61.85 139.91
CA ARG A 976 36.47 61.71 139.01
C ARG A 976 36.21 60.23 138.71
N LEU A 977 34.95 59.91 138.49
CA LEU A 977 34.56 58.54 138.16
C LEU A 977 34.88 58.24 136.70
N THR A 978 35.65 57.18 136.47
CA THR A 978 35.98 56.98 135.07
C THR A 978 35.18 55.82 134.48
N PRO A 979 34.67 56.00 133.26
CA PRO A 979 33.96 54.88 132.60
C PRO A 979 34.89 53.77 132.14
N ALA A 980 36.20 54.01 132.06
CA ALA A 980 37.12 52.94 131.65
C ALA A 980 37.36 51.96 132.80
N GLN A 981 37.68 52.49 133.98
CA GLN A 981 37.91 51.65 135.16
C GLN A 981 36.61 51.27 135.87
N THR A 982 35.48 51.91 135.52
CA THR A 982 34.19 51.47 136.03
C THR A 982 33.79 50.11 135.48
N THR A 983 34.34 49.72 134.33
CA THR A 983 34.15 48.37 133.80
C THR A 983 35.15 47.37 134.35
N LEU A 984 36.24 47.84 134.96
CA LEU A 984 37.21 46.93 135.57
C LEU A 984 36.95 46.67 137.04
N VAL A 985 36.47 47.67 137.80
CA VAL A 985 36.20 47.42 139.22
C VAL A 985 34.92 46.59 139.37
N ASP A 986 34.12 46.51 138.30
CA ASP A 986 33.03 45.54 138.24
C ASP A 986 33.52 44.11 138.13
N ARG A 987 34.71 43.89 137.58
CA ARG A 987 35.26 42.54 137.48
C ARG A 987 36.17 42.19 138.64
N LEU A 988 36.84 43.18 139.23
CA LEU A 988 37.69 42.93 140.38
C LEU A 988 36.90 42.53 141.62
N ALA A 989 35.64 42.95 141.73
CA ALA A 989 34.81 42.49 142.85
C ALA A 989 34.54 40.99 142.75
N GLU A 990 34.27 40.50 141.53
CA GLU A 990 34.17 39.07 141.31
C GLU A 990 35.50 38.37 141.50
N ASN A 991 36.61 39.01 141.08
CA ASN A 991 37.94 38.44 141.27
C ASN A 991 38.30 38.32 142.75
N GLY A 992 37.77 39.21 143.58
CA GLY A 992 38.04 39.20 145.00
C GLY A 992 37.10 38.34 145.81
N HIS A 993 35.88 38.08 145.30
CA HIS A 993 34.93 37.33 146.11
C HIS A 993 34.49 35.99 145.52
N ASN A 994 34.90 35.63 144.31
CA ASN A 994 34.74 34.23 143.96
C ASN A 994 35.78 33.36 144.64
N VAL A 995 36.90 33.94 145.08
CA VAL A 995 37.77 33.21 145.99
C VAL A 995 37.18 33.15 147.40
N TRP A 996 36.32 34.10 147.75
CA TRP A 996 35.50 33.93 148.96
C TRP A 996 34.54 32.74 148.82
N ALA A 997 33.93 32.57 147.64
CA ALA A 997 33.03 31.43 147.44
C ALA A 997 33.79 30.10 147.37
N ARG A 998 34.95 30.09 146.69
CA ARG A 998 35.99 29.08 146.82
C ARG A 998 36.24 28.67 148.26
N ASP A 999 36.48 29.64 149.13
CA ASP A 999 36.90 29.30 150.49
C ASP A 999 35.73 28.86 151.37
N ARG A 1000 34.51 29.32 151.09
CA ARG A 1000 33.39 28.81 151.87
C ARG A 1000 32.98 27.42 151.41
N VAL A 1001 33.15 27.12 150.12
CA VAL A 1001 32.80 25.79 149.62
C VAL A 1001 33.88 24.77 149.98
N ALA A 1002 35.13 25.21 150.16
CA ALA A 1002 36.18 24.28 150.56
C ALA A 1002 36.04 23.89 152.04
N GLN A 1003 35.40 24.72 152.84
CA GLN A 1003 35.10 24.34 154.22
C GLN A 1003 33.92 23.38 154.31
N GLY A 1004 33.14 23.26 153.25
CA GLY A 1004 32.06 22.30 153.18
C GLY A 1004 30.66 22.85 153.24
N TRP A 1005 30.47 24.14 153.00
CA TRP A 1005 29.16 24.75 153.13
C TRP A 1005 28.43 24.76 151.80
N SER A 1006 27.11 24.98 151.86
CA SER A 1006 26.20 24.76 150.74
C SER A 1006 25.44 26.04 150.40
N TYR A 1007 24.48 25.91 149.48
CA TYR A 1007 23.65 27.02 149.02
C TYR A 1007 22.19 26.76 149.37
N SER A 1008 21.53 27.75 149.97
CA SER A 1008 20.08 27.74 150.12
C SER A 1008 19.59 29.18 150.24
N ALA A 1009 18.30 29.37 149.94
CA ALA A 1009 17.67 30.67 150.11
C ALA A 1009 17.49 31.04 151.58
N VAL A 1010 17.52 30.05 152.47
CA VAL A 1010 17.58 30.32 153.91
C VAL A 1010 19.03 30.12 154.35
N GLN A 1011 19.44 30.86 155.37
CA GLN A 1011 20.70 30.61 156.04
C GLN A 1011 20.45 29.91 157.37
N ASP A 1012 21.42 29.09 157.78
CA ASP A 1012 21.30 28.30 159.00
C ASP A 1012 22.70 27.96 159.46
N ILE A 1013 23.15 28.57 160.55
CA ILE A 1013 24.49 28.34 161.09
C ILE A 1013 24.78 26.94 161.63
N PRO A 1014 23.79 26.05 162.07
CA PRO A 1014 24.22 24.67 162.35
C PRO A 1014 24.30 23.82 161.08
N ALA A 1015 23.56 24.20 160.05
CA ALA A 1015 23.55 23.46 158.79
C ALA A 1015 24.48 24.06 157.75
N ARG A 1016 25.34 25.02 158.15
CA ARG A 1016 26.27 25.80 157.30
C ARG A 1016 25.63 26.24 155.98
N ARG A 1017 24.46 26.86 156.12
CA ARG A 1017 23.64 27.31 155.01
C ARG A 1017 23.81 28.81 154.87
N ASN A 1018 23.85 29.30 153.62
CA ASN A 1018 23.86 30.75 153.39
C ASN A 1018 23.40 31.02 151.96
N PRO A 1019 22.76 32.18 151.72
CA PRO A 1019 22.47 32.60 150.34
C PRO A 1019 23.59 33.40 149.72
N ARG A 1020 24.79 33.30 150.30
CA ARG A 1020 25.96 34.06 149.88
C ARG A 1020 26.82 33.34 148.85
N LEU A 1021 26.88 32.00 148.91
CA LEU A 1021 27.86 31.24 148.13
C LEU A 1021 27.36 31.12 146.69
N VAL A 1022 27.47 32.24 145.96
CA VAL A 1022 26.98 32.33 144.59
C VAL A 1022 28.10 32.90 143.73
N PRO A 1023 28.12 32.58 142.44
CA PRO A 1023 28.88 33.40 141.50
C PRO A 1023 28.26 34.78 141.35
N TYR A 1024 29.09 35.71 140.86
CA TYR A 1024 28.75 37.12 140.98
C TYR A 1024 27.69 37.53 139.97
N ARG A 1025 27.70 36.97 138.76
CA ARG A 1025 26.64 37.23 137.81
C ARG A 1025 25.47 36.24 137.93
N LEU A 1026 25.47 35.38 138.94
CA LEU A 1026 24.25 34.73 139.41
C LEU A 1026 23.69 35.40 140.66
N LEU A 1027 24.46 36.28 141.30
CA LEU A 1027 24.00 37.05 142.45
C LEU A 1027 23.06 38.17 142.02
N ASP A 1028 22.04 38.44 142.83
CA ASP A 1028 21.09 39.51 142.60
C ASP A 1028 21.72 40.88 142.87
N GLU A 1029 21.06 41.93 142.41
CA GLU A 1029 21.62 43.28 142.50
C GLU A 1029 21.38 43.95 143.85
N ALA A 1030 20.79 43.26 144.82
CA ALA A 1030 20.72 43.78 146.18
C ALA A 1030 22.07 43.79 146.87
N THR A 1031 23.05 43.05 146.33
CA THR A 1031 24.38 42.92 146.92
C THR A 1031 25.45 43.60 146.06
N LYS A 1032 25.11 43.93 144.80
CA LYS A 1032 25.99 44.54 143.79
C LYS A 1032 26.70 45.80 144.25
N ARG A 1033 25.95 46.87 144.51
CA ARG A 1033 26.60 48.09 144.94
C ARG A 1033 26.90 48.11 146.43
N SER A 1034 26.27 47.26 147.24
CA SER A 1034 26.67 47.13 148.64
C SER A 1034 28.05 46.50 148.78
N ASN A 1035 28.49 45.73 147.78
CA ASN A 1035 29.85 45.26 147.68
C ASN A 1035 30.77 46.25 146.96
N ARG A 1036 30.31 46.79 145.83
CA ARG A 1036 31.20 47.57 144.98
C ARG A 1036 31.41 48.99 145.50
N ASP A 1037 30.40 49.64 146.07
CA ASP A 1037 30.63 50.94 146.68
C ASP A 1037 31.31 50.84 148.03
N SER A 1038 31.31 49.66 148.65
CA SER A 1038 32.13 49.47 149.83
C SER A 1038 33.61 49.34 149.46
N LEU A 1039 33.90 48.65 148.35
CA LEU A 1039 35.27 48.55 147.86
C LEU A 1039 35.69 49.69 146.94
N CYS A 1040 34.78 50.58 146.56
CA CYS A 1040 35.14 51.70 145.70
C CYS A 1040 35.69 52.88 146.49
N GLN A 1041 35.68 52.81 147.81
CA GLN A 1041 36.36 53.78 148.68
C GLN A 1041 37.88 53.64 148.67
N ALA A 1042 38.43 52.65 147.95
CA ALA A 1042 39.87 52.46 147.86
C ALA A 1042 40.45 52.79 146.48
N VAL A 1043 39.70 52.60 145.41
CA VAL A 1043 40.26 52.74 144.06
C VAL A 1043 40.41 54.21 143.65
N ARG A 1044 39.42 55.08 143.92
CA ARG A 1044 39.66 56.50 143.66
C ARG A 1044 40.58 57.11 144.69
N THR A 1045 40.72 56.49 145.87
CA THR A 1045 41.72 56.92 146.83
C THR A 1045 43.14 56.62 146.34
N LEU A 1046 43.36 55.45 145.73
CA LEU A 1046 44.68 55.20 145.14
C LEU A 1046 44.88 56.00 143.86
N LEU A 1047 43.79 56.41 143.21
CA LEU A 1047 43.91 57.38 142.12
C LEU A 1047 44.39 58.74 142.63
N GLY A 1048 43.83 59.20 143.76
CA GLY A 1048 44.25 60.44 144.37
C GLY A 1048 45.57 60.38 145.14
N TYR A 1049 46.06 59.17 145.40
CA TYR A 1049 47.39 58.99 145.99
C TYR A 1049 48.52 59.38 145.04
N GLY A 1050 48.23 59.57 143.76
CA GLY A 1050 49.23 59.82 142.74
C GLY A 1050 49.48 58.64 141.82
N TYR A 1051 48.91 57.48 142.11
CA TYR A 1051 49.12 56.27 141.32
C TYR A 1051 48.10 56.21 140.20
N ASN A 1052 48.56 56.35 138.97
CA ASN A 1052 47.70 56.21 137.81
C ASN A 1052 47.61 54.74 137.41
N ILE A 1053 46.44 54.34 136.93
CA ILE A 1053 46.18 52.99 136.49
C ILE A 1053 45.66 53.02 135.05
N GLU A 1054 46.11 52.07 134.23
CA GLU A 1054 45.75 51.99 132.83
C GLU A 1054 44.75 50.86 132.58
N PRO A 1055 43.95 50.97 131.50
CA PRO A 1055 42.96 49.97 131.12
C PRO A 1055 43.56 48.81 130.33
N ASP A 1070 21.83 27.87 122.48
CA ASP A 1070 22.34 26.80 121.63
C ASP A 1070 22.48 27.29 120.19
N ARG A 1071 21.57 26.88 119.31
CA ARG A 1071 21.64 27.24 117.90
C ARG A 1071 20.45 28.13 117.52
N VAL A 1072 20.40 28.50 116.25
CA VAL A 1072 19.39 29.40 115.71
C VAL A 1072 18.37 28.58 114.93
N ARG A 1073 17.10 28.96 115.04
CA ARG A 1073 16.00 28.26 114.38
C ARG A 1073 15.60 29.04 113.12
N ILE A 1074 15.05 28.32 112.14
CA ILE A 1074 14.58 28.91 110.89
C ILE A 1074 13.10 28.58 110.73
N PHE A 1075 12.26 29.61 110.66
CA PHE A 1075 10.80 29.49 110.60
C PHE A 1075 10.34 29.79 109.16
N ARG A 1076 9.81 28.77 108.47
CA ARG A 1076 9.47 28.90 107.06
C ARG A 1076 8.25 28.02 106.73
N ALA A 1077 7.52 28.41 105.69
CA ALA A 1077 6.38 27.61 105.28
C ALA A 1077 6.82 26.38 104.49
N GLU A 1078 5.85 25.57 104.11
CA GLU A 1078 6.09 24.42 103.24
C GLU A 1078 6.28 24.88 101.80
N LYS A 1079 6.95 24.04 101.01
CA LYS A 1079 7.29 24.41 99.64
C LYS A 1079 6.15 24.27 98.66
N SER A 1080 5.01 23.71 99.06
CA SER A 1080 3.84 23.67 98.19
C SER A 1080 3.00 24.94 98.28
N TYR A 1081 3.31 25.84 99.20
CA TYR A 1081 2.62 27.12 99.33
C TYR A 1081 3.38 28.28 98.70
N THR A 1082 4.41 27.98 97.90
CA THR A 1082 5.22 29.03 97.30
C THR A 1082 4.49 29.66 96.11
N VAL A 1083 5.04 30.78 95.64
CA VAL A 1083 4.46 31.51 94.52
C VAL A 1083 5.51 31.73 93.44
N GLN A 1084 5.04 31.97 92.21
CA GLN A 1084 5.89 32.30 91.07
C GLN A 1084 5.43 33.52 90.28
N SER A 1085 4.20 34.00 90.48
CA SER A 1085 3.72 35.17 89.78
C SER A 1085 2.73 35.91 90.68
N GLY A 1086 2.73 37.23 90.55
CA GLY A 1086 1.97 38.09 91.42
C GLY A 1086 2.86 38.85 92.40
N ARG A 1087 2.21 39.40 93.42
CA ARG A 1087 2.92 40.16 94.43
C ARG A 1087 2.24 40.00 95.79
N TRP A 1088 3.08 39.77 96.81
CA TRP A 1088 2.65 39.37 98.15
C TRP A 1088 3.45 40.16 99.17
N TYR A 1089 3.09 40.02 100.44
CA TYR A 1089 3.67 40.84 101.50
C TYR A 1089 3.41 40.18 102.85
N PHE A 1090 4.37 40.25 103.76
CA PHE A 1090 4.18 39.81 105.14
C PHE A 1090 4.70 40.91 106.04
N GLU A 1091 4.41 40.81 107.35
CA GLU A 1091 5.09 41.68 108.31
C GLU A 1091 5.69 40.85 109.44
N PHE A 1092 6.46 41.50 110.29
CA PHE A 1092 7.02 40.87 111.47
C PHE A 1092 7.01 41.87 112.62
N GLU A 1093 6.36 41.49 113.72
CA GLU A 1093 6.35 42.27 114.94
C GLU A 1093 7.42 41.75 115.88
N ALA A 1094 8.28 42.63 116.36
CA ALA A 1094 9.43 42.25 117.18
C ALA A 1094 9.29 42.92 118.55
N VAL A 1095 8.68 42.20 119.49
CA VAL A 1095 8.50 42.74 120.84
C VAL A 1095 9.81 42.72 121.63
N THR A 1096 10.79 41.95 121.18
CA THR A 1096 12.12 41.90 121.76
C THR A 1096 13.14 42.18 120.68
N THR A 1097 13.90 43.28 120.84
CA THR A 1097 15.03 43.53 119.95
C THR A 1097 16.14 42.53 120.25
N GLY A 1098 16.48 41.72 119.24
CA GLY A 1098 17.42 40.63 119.42
C GLY A 1098 18.08 40.18 118.14
N GLU A 1099 18.07 38.89 117.86
CA GLU A 1099 18.62 38.35 116.61
C GLU A 1099 17.44 37.88 115.75
N MET A 1100 16.86 38.81 114.99
CA MET A 1100 15.79 38.46 114.06
C MET A 1100 16.36 38.44 112.64
N ARG A 1101 15.87 37.49 111.84
CA ARG A 1101 16.14 37.47 110.39
C ARG A 1101 14.79 37.46 109.69
N VAL A 1102 14.47 38.53 108.96
CA VAL A 1102 13.22 38.63 108.21
C VAL A 1102 13.50 38.79 106.73
N GLY A 1103 12.64 38.22 105.90
CA GLY A 1103 12.77 38.31 104.45
C GLY A 1103 12.11 37.11 103.78
N TRP A 1104 12.56 36.84 102.55
CA TRP A 1104 12.06 35.70 101.79
C TRP A 1104 13.24 34.86 101.32
N ALA A 1105 12.98 33.56 101.07
CA ALA A 1105 14.02 32.64 100.64
C ALA A 1105 13.44 31.67 99.61
N ARG A 1106 14.27 30.68 99.19
CA ARG A 1106 14.03 29.68 98.15
C ARG A 1106 13.62 28.34 98.78
N PRO A 1107 12.79 27.56 98.09
CA PRO A 1107 12.36 26.26 98.65
C PRO A 1107 13.44 25.19 98.69
N GLU A 1108 14.54 25.35 97.93
CA GLU A 1108 15.69 24.46 98.05
C GLU A 1108 16.67 25.01 99.09
N LEU A 1109 16.12 25.28 100.27
CA LEU A 1109 16.89 25.87 101.36
C LEU A 1109 17.73 24.80 102.02
N ARG A 1110 19.01 25.11 102.23
CA ARG A 1110 19.89 24.19 102.93
C ARG A 1110 20.06 24.71 104.36
N PRO A 1111 19.52 24.04 105.36
CA PRO A 1111 19.71 24.49 106.75
C PRO A 1111 21.09 24.17 107.32
N ASP A 1112 21.97 23.54 106.55
CA ASP A 1112 23.36 23.33 106.96
C ASP A 1112 24.10 24.65 107.04
N VAL A 1113 23.94 25.51 106.03
CA VAL A 1113 24.61 26.80 105.97
C VAL A 1113 23.82 27.78 106.82
N GLU A 1114 24.54 28.71 107.47
CA GLU A 1114 23.88 29.80 108.19
C GLU A 1114 23.12 30.68 107.21
N LEU A 1115 21.90 31.06 107.59
CA LEU A 1115 21.00 31.78 106.70
C LEU A 1115 21.50 33.21 106.50
N GLY A 1116 21.87 33.52 105.25
CA GLY A 1116 22.33 34.86 104.92
C GLY A 1116 23.68 34.85 104.21
N ALA A 1117 24.37 33.72 104.25
CA ALA A 1117 25.72 33.62 103.71
C ALA A 1117 25.79 32.94 102.35
N ASP A 1118 24.74 32.25 101.93
CA ASP A 1118 24.72 31.57 100.64
C ASP A 1118 23.79 32.31 99.68
N GLU A 1119 23.62 31.73 98.49
CA GLU A 1119 22.77 32.32 97.46
C GLU A 1119 21.37 31.73 97.44
N LEU A 1120 20.84 31.36 98.60
CA LEU A 1120 19.49 30.81 98.70
C LEU A 1120 18.54 31.68 99.51
N ALA A 1121 19.00 32.82 100.05
CA ALA A 1121 18.16 33.67 100.88
C ALA A 1121 18.63 35.12 100.77
N TYR A 1122 17.67 36.04 100.70
CA TYR A 1122 17.91 37.48 100.66
C TYR A 1122 17.23 38.07 101.89
N VAL A 1123 17.99 38.22 102.97
CA VAL A 1123 17.44 38.45 104.29
C VAL A 1123 17.88 39.82 104.79
N PHE A 1124 17.26 40.28 105.87
CA PHE A 1124 17.47 41.61 106.42
C PHE A 1124 18.13 41.50 107.79
N ASN A 1125 19.19 42.27 107.99
CA ASN A 1125 19.74 42.48 109.32
C ASN A 1125 19.23 43.78 109.90
N GLY A 1126 18.99 43.80 111.20
CA GLY A 1126 18.51 44.99 111.86
C GLY A 1126 19.16 45.27 113.20
N HIS A 1127 19.85 44.28 113.76
CA HIS A 1127 20.60 44.54 114.99
C HIS A 1127 21.84 45.36 114.69
N ARG A 1128 22.45 45.13 113.52
CA ARG A 1128 23.48 45.99 112.99
C ARG A 1128 23.01 46.77 111.77
N GLY A 1129 22.02 46.24 111.05
CA GLY A 1129 21.38 46.92 109.95
C GLY A 1129 22.09 46.92 108.61
N GLN A 1130 22.24 45.77 107.96
CA GLN A 1130 22.86 45.79 106.63
C GLN A 1130 22.34 44.63 105.78
N ARG A 1131 23.03 44.45 104.66
CA ARG A 1131 23.02 43.35 103.70
C ARG A 1131 23.46 42.04 104.33
N TRP A 1132 22.81 40.95 103.90
CA TRP A 1132 23.35 39.60 104.12
C TRP A 1132 23.07 38.78 102.85
N HIS A 1133 23.95 38.92 101.85
CA HIS A 1133 23.95 38.06 100.67
C HIS A 1133 25.31 38.19 100.01
N LEU A 1134 26.12 37.12 100.08
CA LEU A 1134 27.49 37.07 99.53
C LEU A 1134 28.36 38.19 100.10
N GLY A 1135 28.14 38.52 101.37
CA GLY A 1135 28.86 39.60 102.03
C GLY A 1135 27.95 40.42 102.93
N SER A 1136 28.36 41.66 103.19
CA SER A 1136 27.61 42.57 104.05
C SER A 1136 28.04 44.00 103.73
N GLU A 1137 27.05 44.89 103.53
CA GLU A 1137 27.31 46.28 103.20
C GLU A 1137 26.13 47.11 103.72
N PRO A 1138 26.35 48.32 104.23
CA PRO A 1138 25.34 48.95 105.10
C PRO A 1138 24.10 49.45 104.34
N PHE A 1139 22.94 49.21 104.96
CA PHE A 1139 21.65 49.72 104.50
C PHE A 1139 20.66 49.70 105.66
N GLY A 1140 20.08 50.84 105.98
CA GLY A 1140 18.97 50.87 106.92
C GLY A 1140 19.32 51.34 108.31
N ARG A 1141 18.34 51.17 109.20
CA ARG A 1141 18.32 51.64 110.57
C ARG A 1141 18.26 50.47 111.54
N PRO A 1142 18.71 50.66 112.79
CA PRO A 1142 18.46 49.66 113.83
C PRO A 1142 16.99 49.59 114.21
N TRP A 1143 16.69 48.59 115.03
CA TRP A 1143 15.32 48.24 115.41
C TRP A 1143 14.83 49.15 116.53
N GLN A 1144 13.63 48.87 117.01
CA GLN A 1144 13.15 49.32 118.31
C GLN A 1144 12.28 48.21 118.89
N SER A 1145 12.18 48.19 120.22
CA SER A 1145 11.46 47.13 120.94
C SER A 1145 9.96 47.34 120.70
N GLY A 1146 9.42 46.62 119.72
CA GLY A 1146 8.06 46.83 119.28
C GLY A 1146 7.99 47.38 117.86
N ASP A 1147 8.86 46.87 117.00
CA ASP A 1147 8.90 47.31 115.61
C ASP A 1147 8.08 46.37 114.72
N VAL A 1148 7.57 46.93 113.62
CA VAL A 1148 6.85 46.18 112.60
C VAL A 1148 7.62 46.31 111.30
N VAL A 1149 8.21 45.22 110.84
CA VAL A 1149 9.06 45.19 109.66
C VAL A 1149 8.58 44.08 108.72
N GLY A 1150 8.51 44.40 107.41
CA GLY A 1150 8.04 43.45 106.44
C GLY A 1150 8.84 43.55 105.16
N CYS A 1151 8.57 42.63 104.24
CA CYS A 1151 9.25 42.60 102.94
C CYS A 1151 8.27 42.22 101.84
N MET A 1152 8.37 42.94 100.73
CA MET A 1152 7.56 42.67 99.55
C MET A 1152 8.45 42.66 98.31
N ILE A 1153 8.01 41.91 97.29
CA ILE A 1153 8.75 41.74 96.05
C ILE A 1153 7.80 41.96 94.89
N ASP A 1154 8.11 42.96 94.05
CA ASP A 1154 7.54 43.09 92.71
C ASP A 1154 8.38 42.22 91.78
N LEU A 1155 7.97 40.96 91.62
CA LEU A 1155 8.71 40.08 90.73
C LEU A 1155 8.40 40.34 89.26
N THR A 1156 7.51 41.30 88.95
CA THR A 1156 7.36 41.77 87.58
C THR A 1156 8.65 42.43 87.09
N GLU A 1157 9.34 43.15 87.98
CA GLU A 1157 10.63 43.77 87.68
C GLU A 1157 11.55 43.73 88.90
N ASN A 1158 11.51 42.60 89.62
CA ASN A 1158 12.48 42.11 90.64
C ASN A 1158 13.01 43.19 91.60
N THR A 1159 12.05 43.85 92.24
CA THR A 1159 12.28 44.89 93.23
C THR A 1159 12.10 44.31 94.62
N ILE A 1160 13.07 44.54 95.50
CA ILE A 1160 12.99 44.12 96.90
C ILE A 1160 12.74 45.36 97.75
N ILE A 1161 11.64 45.36 98.48
CA ILE A 1161 11.24 46.52 99.27
C ILE A 1161 11.07 46.09 100.73
N PHE A 1162 11.86 46.68 101.62
CA PHE A 1162 11.67 46.54 103.06
C PHE A 1162 11.01 47.79 103.61
N THR A 1163 10.04 47.61 104.49
CA THR A 1163 9.30 48.68 105.13
C THR A 1163 9.55 48.64 106.63
N LEU A 1164 9.71 49.82 107.23
CA LEU A 1164 9.87 49.93 108.68
C LEU A 1164 8.77 50.86 109.19
N ASN A 1165 7.72 50.25 109.77
CA ASN A 1165 6.60 50.95 110.41
C ASN A 1165 5.89 51.90 109.44
N GLY A 1166 5.75 51.47 108.19
CA GLY A 1166 5.14 52.29 107.17
C GLY A 1166 6.11 53.14 106.37
N GLU A 1167 7.32 53.34 106.86
CA GLU A 1167 8.30 54.16 106.17
C GLU A 1167 9.32 53.26 105.49
N VAL A 1168 9.54 53.50 104.19
CA VAL A 1168 10.42 52.66 103.39
C VAL A 1168 11.86 53.17 103.50
N LEU A 1169 12.80 52.25 103.70
CA LEU A 1169 14.20 52.62 103.91
C LEU A 1169 14.98 52.61 102.60
N MET A 1170 15.90 53.55 102.49
CA MET A 1170 16.79 53.71 101.35
C MET A 1170 18.21 53.35 101.77
N SER A 1171 19.06 53.18 100.77
CA SER A 1171 20.42 52.71 100.99
C SER A 1171 21.37 53.90 101.13
N ASP A 1172 22.66 53.62 101.01
CA ASP A 1172 23.68 54.67 100.93
C ASP A 1172 23.70 55.33 99.56
N SER A 1173 23.16 54.68 98.53
CA SER A 1173 23.07 55.27 97.21
C SER A 1173 21.85 56.15 97.04
N GLY A 1174 20.85 56.02 97.90
CA GLY A 1174 19.62 56.76 97.78
C GLY A 1174 18.46 56.00 97.18
N SER A 1175 18.60 54.70 96.94
CA SER A 1175 17.53 53.88 96.37
C SER A 1175 16.83 53.12 97.49
N GLU A 1176 15.49 53.18 97.50
CA GLU A 1176 14.73 52.48 98.53
C GLU A 1176 14.67 50.99 98.29
N THR A 1177 14.99 50.53 97.08
CA THR A 1177 15.03 49.11 96.78
C THR A 1177 16.42 48.55 97.05
N ALA A 1178 16.47 47.24 97.33
CA ALA A 1178 17.69 46.62 97.86
C ALA A 1178 18.51 45.92 96.78
N PHE A 1179 17.94 44.93 96.09
CA PHE A 1179 18.63 44.20 95.04
C PHE A 1179 17.76 44.11 93.80
N ARG A 1180 18.39 44.10 92.63
CA ARG A 1180 17.73 43.86 91.36
C ARG A 1180 18.44 42.70 90.66
N GLU A 1181 17.91 42.35 89.47
CA GLU A 1181 18.36 41.22 88.64
C GLU A 1181 18.28 39.89 89.40
N ILE A 1182 17.07 39.56 89.85
CA ILE A 1182 16.79 38.27 90.48
C ILE A 1182 15.98 37.42 89.50
N GLU A 1183 16.47 36.22 89.24
CA GLU A 1183 15.70 35.25 88.46
C GLU A 1183 14.68 34.54 89.35
N ILE A 1184 13.52 34.25 88.78
CA ILE A 1184 12.42 33.63 89.52
C ILE A 1184 12.71 32.16 89.80
N GLY A 1185 12.85 31.36 88.74
CA GLY A 1185 13.23 29.96 88.91
C GLY A 1185 12.16 29.16 89.60
N ASP A 1186 12.47 28.76 90.84
CA ASP A 1186 11.60 27.97 91.69
C ASP A 1186 10.68 28.80 92.58
N GLY A 1187 10.85 30.11 92.64
CA GLY A 1187 9.95 30.95 93.39
C GLY A 1187 10.47 31.22 94.80
N PHE A 1188 9.73 32.05 95.53
CA PHE A 1188 10.18 32.46 96.85
C PHE A 1188 9.32 31.81 97.92
N LEU A 1189 9.83 31.87 99.15
CA LEU A 1189 9.23 31.20 100.29
C LEU A 1189 9.28 32.21 101.43
N PRO A 1190 8.19 32.39 102.18
CA PRO A 1190 8.25 33.24 103.38
C PRO A 1190 9.10 32.60 104.47
N VAL A 1191 10.23 33.23 104.79
CA VAL A 1191 11.18 32.68 105.74
C VAL A 1191 11.31 33.66 106.91
N CYS A 1192 11.64 33.11 108.08
CA CYS A 1192 12.03 33.92 109.21
C CYS A 1192 12.97 33.09 110.07
N SER A 1193 13.76 33.77 110.89
CA SER A 1193 14.69 33.07 111.76
C SER A 1193 14.86 33.84 113.06
N LEU A 1194 14.89 33.09 114.16
CA LEU A 1194 14.97 33.66 115.51
C LEU A 1194 16.11 33.00 116.25
N GLY A 1195 16.91 33.82 116.95
CA GLY A 1195 18.08 33.33 117.64
C GLY A 1195 17.76 32.70 118.98
N PRO A 1196 18.76 32.66 119.86
CA PRO A 1196 18.57 32.06 121.19
C PRO A 1196 17.96 33.05 122.17
N GLY A 1197 16.72 32.78 122.58
CA GLY A 1197 16.13 33.45 123.73
C GLY A 1197 15.42 34.76 123.48
N GLN A 1198 14.73 34.92 122.34
CA GLN A 1198 13.94 36.11 122.08
C GLN A 1198 12.54 35.71 121.62
N VAL A 1199 11.68 36.73 121.46
CA VAL A 1199 10.28 36.57 121.09
C VAL A 1199 10.01 37.34 119.81
N GLY A 1200 9.33 36.70 118.86
CA GLY A 1200 8.83 37.37 117.68
C GLY A 1200 8.00 36.45 116.81
N HIS A 1201 6.85 36.91 116.33
CA HIS A 1201 5.92 36.07 115.58
C HIS A 1201 5.82 36.55 114.13
N LEU A 1202 5.30 35.67 113.28
CA LEU A 1202 5.14 35.94 111.86
C LEU A 1202 3.73 36.47 111.63
N ASN A 1203 3.61 37.67 111.07
CA ASN A 1203 2.31 38.25 110.73
C ASN A 1203 1.88 37.71 109.38
N LEU A 1204 0.85 36.87 109.38
CA LEU A 1204 0.35 36.33 108.12
C LEU A 1204 -0.56 37.33 107.41
N GLY A 1205 -1.61 37.78 108.08
CA GLY A 1205 -2.56 38.69 107.48
C GLY A 1205 -3.73 37.99 106.81
N GLN A 1206 -4.43 37.13 107.55
CA GLN A 1206 -5.58 36.42 107.00
C GLN A 1206 -6.75 37.37 106.77
N ASP A 1207 -7.20 38.04 107.84
CA ASP A 1207 -8.20 39.09 107.75
C ASP A 1207 -7.48 40.42 107.54
N VAL A 1208 -8.11 41.30 106.77
CA VAL A 1208 -7.46 42.55 106.38
C VAL A 1208 -7.37 43.52 107.56
N SER A 1209 -8.34 43.45 108.49
CA SER A 1209 -8.32 44.35 109.63
C SER A 1209 -7.27 43.96 110.67
N SER A 1210 -6.77 42.73 110.64
CA SER A 1210 -5.69 42.33 111.52
C SER A 1210 -4.35 42.91 111.10
N LEU A 1211 -4.22 43.39 109.86
CA LEU A 1211 -3.04 44.16 109.48
C LEU A 1211 -3.19 45.61 109.95
N ARG A 1212 -2.13 46.13 110.56
CA ARG A 1212 -2.12 47.48 111.11
C ARG A 1212 -1.36 48.48 110.23
N PHE A 1213 -0.15 48.12 109.79
CA PHE A 1213 0.72 49.03 109.05
C PHE A 1213 0.75 48.71 107.55
N PHE A 1214 -0.33 48.14 107.01
CA PHE A 1214 -0.44 48.03 105.56
C PHE A 1214 -1.35 49.09 104.96
N ALA A 1215 -2.22 49.69 105.77
CA ALA A 1215 -3.08 50.77 105.28
C ALA A 1215 -2.32 52.09 105.16
N ILE A 1216 -1.09 52.17 105.66
CA ILE A 1216 -0.30 53.37 105.52
C ILE A 1216 0.52 53.33 104.23
N CYS A 1217 1.17 52.20 103.95
CA CYS A 1217 2.01 52.05 102.76
C CYS A 1217 1.64 50.79 102.00
N GLY A 1218 1.60 50.90 100.68
CA GLY A 1218 1.59 49.73 99.82
C GLY A 1218 0.23 49.13 99.53
N LEU A 1219 -0.85 49.75 100.01
CA LEU A 1219 -2.18 49.21 99.76
C LEU A 1219 -2.74 49.73 98.43
N GLN A 1220 -2.23 50.86 97.95
CA GLN A 1220 -2.74 51.45 96.72
C GLN A 1220 -2.01 50.96 95.48
N GLU A 1221 -0.70 50.73 95.58
CA GLU A 1221 0.12 50.44 94.42
C GLU A 1221 -0.09 49.03 93.86
N GLY A 1222 -0.69 48.13 94.65
CA GLY A 1222 -1.14 46.85 94.12
C GLY A 1222 -0.82 45.61 94.93
N PHE A 1223 -0.05 45.76 96.00
CA PHE A 1223 0.34 44.61 96.81
C PHE A 1223 -0.82 44.14 97.67
N GLU A 1224 -0.81 42.85 97.97
CA GLU A 1224 -1.83 42.15 98.71
C GLU A 1224 -1.14 41.26 99.73
N PRO A 1225 -1.77 40.96 100.86
CA PRO A 1225 -1.18 40.01 101.82
C PRO A 1225 -1.14 38.60 101.25
N PHE A 1226 -0.38 37.74 101.92
CA PHE A 1226 -0.18 36.37 101.43
C PHE A 1226 -1.44 35.53 101.54
N ALA A 1227 -2.28 35.82 102.53
CA ALA A 1227 -3.47 35.01 102.77
C ALA A 1227 -4.66 35.71 102.13
N ILE A 1228 -4.79 35.54 100.81
CA ILE A 1228 -5.88 36.16 100.09
C ILE A 1228 -7.15 35.32 100.17
N ASN A 1229 -7.03 33.99 100.01
CA ASN A 1229 -8.18 33.08 99.99
C ASN A 1229 -7.80 31.88 100.86
N MET A 1230 -8.02 31.98 102.17
CA MET A 1230 -7.55 30.97 103.11
C MET A 1230 -8.72 30.43 103.92
N GLN A 1231 -8.92 29.13 103.84
CA GLN A 1231 -9.93 28.39 104.60
C GLN A 1231 -9.40 27.85 105.91
N ARG A 1232 -8.10 28.01 106.17
CA ARG A 1232 -7.43 27.37 107.30
C ARG A 1232 -6.11 28.07 107.54
N PRO A 1233 -5.60 28.08 108.78
CA PRO A 1233 -4.28 28.67 109.03
C PRO A 1233 -3.17 27.84 108.42
N VAL A 1234 -2.11 28.51 108.01
CA VAL A 1234 -0.98 27.84 107.37
C VAL A 1234 -0.15 27.15 108.45
N THR A 1235 0.49 26.05 108.08
CA THR A 1235 1.45 25.38 108.94
C THR A 1235 2.85 25.65 108.42
N THR A 1236 3.59 26.50 109.12
CA THR A 1236 4.94 26.87 108.76
C THR A 1236 5.92 25.96 109.50
N TRP A 1237 6.83 25.34 108.75
CA TRP A 1237 7.76 24.40 109.35
C TRP A 1237 8.89 25.14 110.05
N PHE A 1238 9.63 24.41 110.90
CA PHE A 1238 10.73 25.03 111.61
C PHE A 1238 11.80 24.02 111.96
N SER A 1239 13.05 24.50 111.96
CA SER A 1239 14.21 23.66 112.19
C SER A 1239 14.28 23.25 113.65
N LYS A 1240 14.76 22.03 113.89
CA LYS A 1240 14.93 21.54 115.25
C LYS A 1240 16.41 21.42 115.57
N SER A 1241 16.75 21.72 116.83
CA SER A 1241 18.08 21.49 117.34
C SER A 1241 18.26 20.07 117.87
N LEU A 1242 17.35 19.16 117.51
CA LEU A 1242 17.53 17.73 117.71
C LEU A 1242 18.34 17.18 116.56
N PRO A 1243 19.58 16.73 116.76
CA PRO A 1243 20.38 16.22 115.64
C PRO A 1243 20.06 14.75 115.38
N GLN A 1244 19.82 14.42 114.12
CA GLN A 1244 19.64 13.02 113.74
C GLN A 1244 20.22 12.83 112.35
N PHE A 1245 19.94 11.67 111.75
CA PHE A 1245 20.67 11.15 110.61
C PHE A 1245 19.96 11.50 109.30
N GLU A 1246 20.77 11.61 108.23
CA GLU A 1246 20.29 12.01 106.90
C GLU A 1246 21.19 11.37 105.86
N PRO A 1247 20.64 10.78 104.79
CA PRO A 1247 21.46 9.97 103.89
C PRO A 1247 22.44 10.79 103.07
N VAL A 1248 23.44 10.10 102.54
CA VAL A 1248 24.59 10.71 101.87
C VAL A 1248 24.22 11.10 100.44
N PRO A 1249 24.37 12.37 100.07
CA PRO A 1249 24.18 12.74 98.67
C PRO A 1249 25.35 12.30 97.84
N PRO A 1250 25.14 11.91 96.58
CA PRO A 1250 26.25 11.41 95.75
C PRO A 1250 27.17 12.52 95.27
N GLU A 1251 26.61 13.70 95.07
CA GLU A 1251 27.38 14.86 94.62
C GLU A 1251 27.79 15.73 95.80
N HIS A 1252 28.60 15.15 96.68
CA HIS A 1252 29.11 15.88 97.84
C HIS A 1252 30.56 16.24 97.62
N PRO A 1253 30.94 17.51 97.82
CA PRO A 1253 32.31 17.93 97.50
C PRO A 1253 33.34 17.56 98.56
N HIS A 1254 32.95 16.94 99.67
CA HIS A 1254 33.88 16.59 100.73
C HIS A 1254 34.20 15.11 100.77
N TYR A 1255 33.18 14.25 100.90
CA TYR A 1255 33.40 12.83 101.10
C TYR A 1255 32.72 12.00 100.01
N GLU A 1256 33.31 10.84 99.72
CA GLU A 1256 32.72 9.89 98.80
C GLU A 1256 32.84 8.49 99.38
N VAL A 1257 31.89 7.63 99.00
CA VAL A 1257 31.92 6.21 99.30
C VAL A 1257 31.63 5.44 98.02
N ALA A 1258 32.07 4.19 97.99
CA ALA A 1258 31.90 3.31 96.83
C ALA A 1258 31.99 1.87 97.29
N ARG A 1259 31.30 0.98 96.58
CA ARG A 1259 31.34 -0.45 96.86
C ARG A 1259 32.22 -1.17 95.85
N MET A 1260 32.98 -2.15 96.32
CA MET A 1260 33.88 -2.92 95.48
C MET A 1260 33.14 -4.07 94.80
N ASP A 1261 33.86 -4.79 93.95
CA ASP A 1261 33.36 -5.99 93.31
C ASP A 1261 33.63 -7.20 94.18
N GLY A 1262 33.17 -8.36 93.73
CA GLY A 1262 33.32 -9.59 94.49
C GLY A 1262 34.42 -10.49 93.99
N THR A 1263 35.50 -10.61 94.76
CA THR A 1263 36.56 -11.54 94.46
C THR A 1263 36.46 -12.75 95.39
N VAL A 1264 37.38 -13.69 95.20
CA VAL A 1264 37.45 -14.85 96.08
C VAL A 1264 38.31 -14.54 97.30
N ASP A 1265 39.44 -13.86 97.09
CA ASP A 1265 40.35 -13.57 98.18
C ASP A 1265 39.82 -12.47 99.10
N THR A 1266 39.20 -11.44 98.54
CA THR A 1266 38.56 -10.38 99.30
C THR A 1266 37.09 -10.31 98.92
N PRO A 1267 36.18 -10.31 99.89
CA PRO A 1267 34.74 -10.28 99.57
C PRO A 1267 34.30 -8.91 99.06
N PRO A 1268 33.09 -8.80 98.47
CA PRO A 1268 32.60 -7.48 98.04
C PRO A 1268 32.24 -6.59 99.21
N CYS A 1269 33.00 -5.51 99.39
CA CYS A 1269 32.85 -4.64 100.56
C CYS A 1269 32.78 -3.18 100.07
N LEU A 1270 32.89 -2.26 101.02
CA LEU A 1270 32.81 -0.83 100.76
C LEU A 1270 33.88 -0.14 101.60
N ARG A 1271 34.29 1.06 101.17
CA ARG A 1271 35.14 1.90 101.99
C ARG A 1271 34.87 3.37 101.69
N LEU A 1272 35.59 4.26 102.37
CA LEU A 1272 35.44 5.71 102.25
C LEU A 1272 36.71 6.28 101.66
N ALA A 1273 36.57 7.41 100.94
CA ALA A 1273 37.71 8.11 100.36
C ALA A 1273 37.48 9.61 100.39
N HIS A 1274 38.56 10.35 100.57
CA HIS A 1274 38.52 11.81 100.58
C HIS A 1274 39.39 12.34 99.45
N ARG A 1275 38.83 13.23 98.62
CA ARG A 1275 39.57 13.79 97.50
C ARG A 1275 40.07 15.21 97.75
N THR A 1276 39.28 16.05 98.41
CA THR A 1276 39.72 17.41 98.74
C THR A 1276 40.39 17.40 100.11
N TRP A 1277 41.53 16.68 100.17
CA TRP A 1277 42.35 16.63 101.37
C TRP A 1277 43.31 17.81 101.49
N GLY A 1278 43.78 18.34 100.36
CA GLY A 1278 44.84 19.32 100.36
C GLY A 1278 44.36 20.73 100.67
N SER A 1279 44.69 21.66 99.78
CA SER A 1279 44.41 23.07 100.02
C SER A 1279 42.97 23.44 99.75
N GLN A 1280 42.71 24.74 99.64
CA GLN A 1280 41.41 25.36 99.34
C GLN A 1280 40.36 25.01 100.39
N ASN A 1281 40.73 25.30 101.65
CA ASN A 1281 39.84 25.27 102.81
C ASN A 1281 39.20 23.90 103.04
N SER A 1282 40.04 22.91 103.34
CA SER A 1282 39.58 21.57 103.64
C SER A 1282 39.36 21.45 105.15
N LEU A 1283 38.14 21.72 105.60
CA LEU A 1283 37.74 21.54 106.99
C LEU A 1283 37.26 20.08 107.13
N VAL A 1284 38.04 19.27 107.82
CA VAL A 1284 37.67 17.89 108.11
C VAL A 1284 37.43 17.77 109.62
N GLU A 1285 36.41 17.00 109.98
CA GLU A 1285 35.97 16.83 111.36
C GLU A 1285 35.57 15.37 111.54
N MET A 1286 35.39 14.94 112.79
CA MET A 1286 35.04 13.56 113.12
C MET A 1286 33.71 13.14 112.50
N LEU A 1287 33.78 12.26 111.52
CA LEU A 1287 32.58 11.69 110.91
C LEU A 1287 32.01 10.58 111.79
N PHE A 1288 30.72 10.34 111.63
CA PHE A 1288 30.02 9.29 112.38
C PHE A 1288 29.30 8.41 111.37
N LEU A 1289 30.04 7.43 110.83
CA LEU A 1289 29.47 6.52 109.86
C LEU A 1289 28.58 5.49 110.54
N ARG A 1290 27.62 5.00 109.77
CA ARG A 1290 26.63 4.04 110.25
C ARG A 1290 26.05 3.36 109.02
N LEU A 1291 25.69 2.09 109.15
CA LEU A 1291 24.85 1.43 108.16
C LEU A 1291 23.41 1.40 108.68
N SER A 1292 22.47 1.77 107.81
CA SER A 1292 21.13 2.19 108.21
C SER A 1292 20.19 1.04 108.55
N LEU A 1293 20.67 -0.19 108.70
CA LEU A 1293 19.75 -1.27 109.00
C LEU A 1293 20.20 -2.01 110.26
N PRO A 1294 19.25 -2.38 111.13
CA PRO A 1294 19.61 -2.97 112.42
C PRO A 1294 19.62 -4.49 112.45
N VAL A 1295 20.02 -5.05 113.60
CA VAL A 1295 19.85 -6.48 113.88
C VAL A 1295 19.15 -6.60 115.23
N GLN A 1296 17.96 -7.19 115.22
CA GLN A 1296 17.21 -7.47 116.44
C GLN A 1296 17.52 -8.88 116.92
N PHE A 1297 17.65 -9.03 118.24
CA PHE A 1297 18.20 -10.23 118.85
C PHE A 1297 17.12 -11.29 119.07
N HIS A 1298 17.50 -12.41 119.67
CA HIS A 1298 16.52 -13.39 120.12
C HIS A 1298 15.85 -12.91 121.38
N GLN A 1299 14.62 -13.38 121.59
CA GLN A 1299 13.71 -12.82 122.56
C GLN A 1299 13.87 -13.41 123.96
N HIS A 1300 13.70 -14.71 124.09
CA HIS A 1300 13.99 -15.43 125.34
C HIS A 1300 15.17 -16.37 125.09
N PHE A 1301 16.20 -16.23 125.93
CA PHE A 1301 17.50 -16.86 125.67
C PHE A 1301 17.43 -18.36 125.95
N ARG A 1302 18.54 -19.05 125.68
CA ARG A 1302 18.57 -20.50 125.81
C ARG A 1302 18.60 -20.95 127.26
N CYS A 1303 19.09 -20.09 128.17
CA CYS A 1303 19.23 -20.33 129.61
C CYS A 1303 20.05 -21.58 129.93
N ASP A 1422 34.28 -25.59 106.85
CA ASP A 1422 33.96 -26.47 107.97
C ASP A 1422 32.87 -27.46 107.60
N ASP A 1423 32.39 -28.22 108.57
CA ASP A 1423 31.26 -29.10 108.34
C ASP A 1423 29.97 -28.28 108.28
N PRO A 1424 29.02 -28.65 107.42
CA PRO A 1424 27.76 -27.88 107.35
C PRO A 1424 26.84 -28.09 108.54
N GLU A 1425 27.07 -29.12 109.37
CA GLU A 1425 26.17 -29.43 110.47
C GLU A 1425 26.34 -28.53 111.69
N ILE A 1426 27.47 -27.84 111.83
CA ILE A 1426 27.69 -27.00 112.99
C ILE A 1426 27.37 -25.53 112.72
N ILE A 1427 27.26 -25.12 111.46
CA ILE A 1427 26.97 -23.72 111.13
C ILE A 1427 25.47 -23.45 111.09
N LEU A 1428 24.64 -24.46 110.83
CA LEU A 1428 23.20 -24.27 110.64
C LEU A 1428 22.46 -23.96 111.94
N ASN A 1429 22.95 -24.41 113.09
CA ASN A 1429 22.20 -24.27 114.33
C ASN A 1429 22.61 -23.07 115.18
N THR A 1430 23.85 -22.61 115.09
CA THR A 1430 24.29 -21.52 115.95
C THR A 1430 23.93 -20.16 115.34
N THR A 1431 23.79 -19.17 116.21
CA THR A 1431 23.45 -17.81 115.82
C THR A 1431 24.56 -16.89 116.31
N THR A 1432 25.63 -16.77 115.52
CA THR A 1432 26.65 -15.78 115.79
C THR A 1432 27.21 -15.30 114.46
N TYR A 1433 27.37 -13.98 114.34
CA TYR A 1433 27.74 -13.31 113.10
C TYR A 1433 28.72 -12.19 113.41
N TYR A 1434 29.79 -12.11 112.62
CA TYR A 1434 30.94 -11.28 112.92
C TYR A 1434 31.27 -10.39 111.75
N TYR A 1435 31.61 -9.12 112.04
CA TYR A 1435 32.12 -8.21 111.03
C TYR A 1435 33.25 -7.41 111.67
N SER A 1436 33.96 -6.65 110.83
CA SER A 1436 35.12 -5.92 111.31
C SER A 1436 35.26 -4.62 110.57
N VAL A 1437 36.24 -3.83 111.00
CA VAL A 1437 36.73 -2.67 110.26
C VAL A 1437 38.24 -2.86 110.19
N ARG A 1438 38.86 -2.30 109.16
CA ARG A 1438 40.31 -2.32 109.06
C ARG A 1438 40.77 -0.92 108.66
N VAL A 1439 41.39 -0.22 109.59
CA VAL A 1439 41.86 1.14 109.34
C VAL A 1439 43.11 1.08 108.47
N PHE A 1440 43.17 1.93 107.45
CA PHE A 1440 44.30 1.97 106.55
C PHE A 1440 45.52 2.60 107.25
N ALA A 1441 46.65 2.56 106.55
CA ALA A 1441 47.91 3.02 107.13
C ALA A 1441 47.98 4.54 107.14
N GLY A 1442 48.75 5.06 108.10
CA GLY A 1442 48.99 6.48 108.23
C GLY A 1442 47.91 7.25 108.97
N GLN A 1443 46.97 6.59 109.62
CA GLN A 1443 45.88 7.24 110.33
C GLN A 1443 46.04 7.05 111.83
N GLU A 1444 45.44 7.96 112.60
CA GLU A 1444 45.47 7.91 114.05
C GLU A 1444 44.54 6.81 114.56
N PRO A 1445 45.07 5.74 115.18
CA PRO A 1445 44.19 4.70 115.72
C PRO A 1445 43.57 5.06 117.06
N SER A 1446 43.99 6.17 117.65
CA SER A 1446 43.49 6.57 118.96
C SER A 1446 42.10 7.19 118.89
N CYS A 1447 41.68 7.67 117.73
CA CYS A 1447 40.37 8.28 117.56
C CYS A 1447 39.41 7.40 116.76
N VAL A 1448 39.65 6.09 116.74
CA VAL A 1448 38.80 5.13 116.04
C VAL A 1448 37.96 4.42 117.08
N TRP A 1449 36.64 4.48 116.94
CA TRP A 1449 35.73 3.88 117.91
C TRP A 1449 34.74 3.00 117.16
N VAL A 1450 34.77 1.70 117.46
CA VAL A 1450 34.11 0.68 116.65
C VAL A 1450 33.09 -0.05 117.50
N GLY A 1451 31.87 -0.20 116.97
CA GLY A 1451 30.87 -0.99 117.66
C GLY A 1451 29.46 -0.83 117.12
N TRP A 1452 28.48 -0.85 118.02
CA TRP A 1452 27.07 -0.78 117.62
C TRP A 1452 26.35 0.27 118.45
N VAL A 1453 25.51 1.06 117.77
CA VAL A 1453 24.77 2.15 118.39
C VAL A 1453 23.28 1.92 118.18
N THR A 1454 22.51 2.04 119.26
CA THR A 1454 21.07 1.93 119.22
C THR A 1454 20.45 3.18 118.57
N PRO A 1455 19.18 3.12 118.17
CA PRO A 1455 18.47 4.35 117.73
C PRO A 1455 18.35 5.45 118.78
N ASP A 1456 18.55 5.17 120.07
CA ASP A 1456 18.52 6.22 121.10
C ASP A 1456 19.84 6.99 121.11
N TYR A 1457 20.03 7.78 120.06
CA TYR A 1457 21.26 8.56 119.86
C TYR A 1457 20.89 9.82 119.12
N HIS A 1458 20.86 10.96 119.83
CA HIS A 1458 20.46 12.24 119.27
C HIS A 1458 21.44 13.33 119.68
N GLN A 1459 22.75 13.06 119.56
CA GLN A 1459 23.77 14.00 120.02
C GLN A 1459 24.86 14.15 118.98
N HIS A 1460 25.47 15.33 118.96
CA HIS A 1460 26.59 15.62 118.05
C HIS A 1460 27.44 16.73 118.67
N ASP A 1461 28.68 16.39 119.03
CA ASP A 1461 29.67 17.37 119.43
C ASP A 1461 30.97 16.98 118.74
N MET A 1462 31.95 17.89 118.71
CA MET A 1462 33.11 17.76 117.83
C MET A 1462 34.22 16.87 118.38
N ASN A 1463 34.24 16.56 119.67
CA ASN A 1463 35.31 15.72 120.22
C ASN A 1463 34.75 14.68 121.19
N PHE A 1464 33.73 13.94 120.77
CA PHE A 1464 33.21 12.84 121.58
C PHE A 1464 34.23 11.72 121.74
N ASP A 1465 34.07 10.94 122.82
CA ASP A 1465 34.88 9.77 123.10
C ASP A 1465 34.09 8.85 124.03
N LEU A 1466 34.74 7.78 124.51
CA LEU A 1466 34.09 6.82 125.39
C LEU A 1466 34.15 7.20 126.86
N SER A 1467 34.70 8.35 127.21
CA SER A 1467 34.47 8.90 128.54
C SER A 1467 33.21 9.73 128.60
N LYS A 1468 32.79 10.29 127.45
CA LYS A 1468 31.56 11.05 127.33
C LYS A 1468 30.41 10.21 126.77
N VAL A 1469 30.16 9.02 127.32
CA VAL A 1469 29.00 8.22 126.93
C VAL A 1469 28.29 7.75 128.20
N ARG A 1470 26.97 7.64 128.11
CA ARG A 1470 26.13 7.45 129.28
C ARG A 1470 25.58 6.03 129.33
N ALA A 1471 25.59 5.44 130.54
CA ALA A 1471 25.06 4.12 130.78
C ALA A 1471 24.45 4.12 132.17
N VAL A 1472 23.23 3.60 132.31
CA VAL A 1472 22.47 3.68 133.54
C VAL A 1472 22.33 2.28 134.13
N THR A 1473 22.81 2.10 135.36
CA THR A 1473 22.73 0.81 136.04
C THR A 1473 21.34 0.65 136.64
N VAL A 1474 20.61 -0.34 136.15
CA VAL A 1474 19.29 -0.69 136.66
C VAL A 1474 19.41 -2.02 137.39
N THR A 1475 18.91 -2.05 138.62
CA THR A 1475 18.82 -3.27 139.41
C THR A 1475 17.58 -3.18 140.30
N MET A 1476 16.95 -4.32 140.54
CA MET A 1476 15.80 -4.42 141.44
C MET A 1476 15.98 -5.65 142.33
N GLY A 1477 15.22 -5.68 143.41
CA GLY A 1477 15.34 -6.77 144.35
C GLY A 1477 14.17 -6.92 145.29
N ASP A 1478 14.45 -7.39 146.51
CA ASP A 1478 13.44 -7.62 147.52
C ASP A 1478 13.36 -6.41 148.46
N GLU A 1479 12.42 -6.49 149.41
CA GLU A 1479 12.21 -5.40 150.35
C GLU A 1479 13.27 -5.36 151.44
N GLN A 1480 13.94 -6.48 151.70
CA GLN A 1480 14.96 -6.50 152.74
C GLN A 1480 16.27 -5.87 152.30
N GLY A 1481 16.52 -5.76 151.00
CA GLY A 1481 17.72 -5.15 150.48
C GLY A 1481 18.54 -6.04 149.56
N ASN A 1482 18.17 -7.31 149.39
CA ASN A 1482 18.92 -8.24 148.54
C ASN A 1482 18.69 -7.93 147.07
N VAL A 1483 19.65 -8.33 146.24
CA VAL A 1483 19.60 -8.04 144.81
C VAL A 1483 19.02 -9.24 144.08
N HIS A 1484 18.41 -8.98 142.93
CA HIS A 1484 17.88 -10.04 142.08
C HIS A 1484 18.55 -10.12 140.73
N SER A 1485 18.59 -9.04 139.97
CA SER A 1485 19.25 -9.01 138.68
C SER A 1485 19.74 -7.60 138.42
N SER A 1486 20.73 -7.48 137.53
CA SER A 1486 21.35 -6.20 137.23
C SER A 1486 21.28 -5.97 135.73
N LEU A 1487 21.01 -4.72 135.34
CA LEU A 1487 20.72 -4.39 133.96
C LEU A 1487 21.39 -3.08 133.59
N LYS A 1488 22.05 -3.05 132.44
CA LYS A 1488 22.76 -1.87 131.95
C LYS A 1488 22.09 -1.37 130.67
N CYS A 1489 21.52 -0.18 130.71
CA CYS A 1489 20.93 0.46 129.54
C CYS A 1489 21.89 1.52 129.01
N SER A 1490 22.53 1.23 127.88
CA SER A 1490 23.43 2.18 127.24
C SER A 1490 23.04 2.35 125.79
N ASN A 1491 23.69 3.32 125.15
CA ASN A 1491 23.48 3.60 123.74
C ASN A 1491 24.71 3.39 122.89
N CYS A 1492 25.90 3.31 123.49
CA CYS A 1492 27.16 3.26 122.76
C CYS A 1492 27.96 2.05 123.28
N TYR A 1493 27.67 0.87 122.72
CA TYR A 1493 28.36 -0.36 123.08
C TYR A 1493 29.56 -0.60 122.16
N MET A 1494 30.53 0.31 122.25
CA MET A 1494 31.69 0.32 121.36
C MET A 1494 32.97 0.31 122.17
N VAL A 1495 34.10 0.13 121.47
CA VAL A 1495 35.42 0.17 122.08
C VAL A 1495 36.34 1.22 121.46
N TRP A 1496 37.58 1.22 121.92
CA TRP A 1496 38.63 2.15 121.51
C TRP A 1496 39.57 1.43 120.57
N GLY A 1497 39.85 2.04 119.41
CA GLY A 1497 40.75 1.42 118.45
C GLY A 1497 42.20 1.46 118.89
N GLY A 1498 42.56 2.44 119.72
CA GLY A 1498 43.88 2.55 120.29
C GLY A 1498 44.07 1.89 121.63
N ASP A 1499 43.18 0.97 122.02
CA ASP A 1499 43.29 0.33 123.32
C ASP A 1499 44.40 -0.72 123.34
N PHE A 1500 44.54 -1.49 122.26
CA PHE A 1500 45.60 -2.49 122.16
C PHE A 1500 46.75 -2.00 121.29
N VAL A 1501 46.50 -1.04 120.40
CA VAL A 1501 47.51 -0.49 119.51
C VAL A 1501 48.55 0.32 120.27
N ILE A 1509 52.78 6.44 112.67
CA ILE A 1509 53.33 6.09 111.36
C ILE A 1509 53.45 4.58 111.19
N SER A 1510 52.37 3.87 111.50
CA SER A 1510 52.36 2.42 111.31
C SER A 1510 52.27 2.09 109.82
N HIS A 1511 52.99 1.05 109.42
CA HIS A 1511 53.06 0.68 108.01
C HIS A 1511 52.07 -0.42 107.62
N THR A 1512 51.58 -1.19 108.58
CA THR A 1512 50.66 -2.28 108.31
C THR A 1512 49.31 -1.99 108.96
N ASP A 1513 48.23 -2.28 108.23
CA ASP A 1513 46.88 -2.05 108.70
C ASP A 1513 46.49 -2.99 109.85
N LEU A 1514 45.50 -2.54 110.63
CA LEU A 1514 45.08 -3.17 111.88
C LEU A 1514 43.57 -3.42 111.85
N VAL A 1515 43.13 -4.45 112.56
CA VAL A 1515 41.78 -4.98 112.45
C VAL A 1515 41.08 -4.89 113.80
N ILE A 1516 39.88 -4.29 113.80
CA ILE A 1516 38.98 -4.29 114.96
C ILE A 1516 37.66 -4.90 114.52
N GLY A 1517 37.22 -5.96 115.21
CA GLY A 1517 36.02 -6.67 114.85
C GLY A 1517 34.93 -6.56 115.91
N CYS A 1518 33.72 -6.93 115.51
CA CYS A 1518 32.60 -7.07 116.43
C CYS A 1518 31.80 -8.31 116.03
N LEU A 1519 31.50 -9.16 117.01
CA LEU A 1519 30.68 -10.34 116.82
C LEU A 1519 29.44 -10.25 117.69
N VAL A 1520 28.29 -10.64 117.13
CA VAL A 1520 27.03 -10.65 117.86
C VAL A 1520 26.52 -12.08 117.92
N ASP A 1521 26.48 -12.65 119.14
CA ASP A 1521 25.83 -13.93 119.38
C ASP A 1521 24.38 -13.65 119.78
N LEU A 1522 23.45 -14.01 118.90
CA LEU A 1522 22.06 -13.61 119.06
C LEU A 1522 21.31 -14.47 120.07
N ALA A 1523 21.78 -15.69 120.36
CA ALA A 1523 21.03 -16.58 121.24
C ALA A 1523 21.16 -16.21 122.72
N THR A 1524 22.35 -15.78 123.15
CA THR A 1524 22.56 -15.37 124.54
C THR A 1524 22.78 -13.87 124.72
N GLY A 1525 23.23 -13.17 123.68
CA GLY A 1525 23.30 -11.72 123.72
C GLY A 1525 24.60 -11.13 124.19
N LEU A 1526 25.64 -11.95 124.42
CA LEU A 1526 26.91 -11.45 124.91
C LEU A 1526 27.81 -11.07 123.74
N MET A 1527 28.41 -9.88 123.82
CA MET A 1527 29.19 -9.32 122.73
C MET A 1527 30.60 -8.97 123.21
N THR A 1528 31.54 -9.90 123.01
CA THR A 1528 32.95 -9.66 123.24
C THR A 1528 33.64 -9.45 121.90
N PHE A 1529 34.36 -8.34 121.76
CA PHE A 1529 34.88 -7.90 120.47
C PHE A 1529 36.31 -8.37 120.34
N THR A 1530 36.72 -8.74 119.13
CA THR A 1530 38.02 -9.34 118.83
C THR A 1530 38.86 -8.38 117.98
N ALA A 1531 40.18 -8.40 118.20
CA ALA A 1531 41.10 -7.53 117.47
C ALA A 1531 42.29 -8.35 116.99
N ASN A 1532 42.47 -8.40 115.65
CA ASN A 1532 43.58 -9.08 114.97
C ASN A 1532 43.65 -10.57 115.31
N GLY A 1533 42.48 -11.21 115.43
CA GLY A 1533 42.44 -12.62 115.73
C GLY A 1533 42.59 -12.98 117.19
N LYS A 1534 42.71 -12.00 118.09
CA LYS A 1534 42.81 -12.25 119.51
C LYS A 1534 41.77 -11.41 120.25
N GLU A 1535 41.23 -11.97 121.32
CA GLU A 1535 40.12 -11.37 122.04
C GLU A 1535 40.61 -10.34 123.06
N SER A 1536 39.80 -9.30 123.24
CA SER A 1536 40.06 -8.23 124.19
C SER A 1536 39.33 -8.54 125.50
N ASN A 1537 39.23 -7.55 126.39
CA ASN A 1537 38.72 -7.78 127.73
C ASN A 1537 37.29 -7.30 127.96
N THR A 1538 36.86 -6.25 127.26
CA THR A 1538 35.59 -5.59 127.57
C THR A 1538 34.40 -6.39 127.04
N PHE A 1539 33.42 -6.64 127.90
CA PHE A 1539 32.18 -7.31 127.53
C PHE A 1539 31.00 -6.43 127.88
N PHE A 1540 29.91 -6.58 127.14
CA PHE A 1540 28.66 -5.91 127.45
C PHE A 1540 27.49 -6.79 127.03
N GLN A 1541 26.38 -6.61 127.74
CA GLN A 1541 25.13 -7.32 127.49
C GLN A 1541 24.00 -6.30 127.38
N VAL A 1542 22.99 -6.63 126.59
CA VAL A 1542 21.89 -5.70 126.33
C VAL A 1542 20.57 -6.43 126.55
N GLU A 1543 19.51 -5.65 126.76
CA GLU A 1543 18.16 -6.19 126.80
C GLU A 1543 17.80 -6.80 125.45
N PRO A 1544 16.98 -7.86 125.44
CA PRO A 1544 16.81 -8.61 124.18
C PRO A 1544 16.04 -7.88 123.11
N ASN A 1545 14.99 -7.15 123.46
CA ASN A 1545 14.13 -6.50 122.47
C ASN A 1545 14.53 -5.04 122.29
N THR A 1546 15.82 -4.84 121.98
CA THR A 1546 16.33 -3.59 121.47
C THR A 1546 17.01 -3.88 120.14
N LYS A 1547 17.39 -2.84 119.41
CA LYS A 1547 18.17 -3.04 118.21
C LYS A 1547 19.39 -2.12 118.18
N LEU A 1548 20.39 -2.54 117.40
CA LEU A 1548 21.70 -1.89 117.36
C LEU A 1548 22.04 -1.64 115.90
N PHE A 1549 22.55 -0.44 115.59
CA PHE A 1549 22.99 -0.15 114.23
C PHE A 1549 24.50 -0.31 114.15
N PRO A 1550 25.05 -0.87 113.06
CA PRO A 1550 26.51 -0.94 112.92
C PRO A 1550 27.08 0.43 112.61
N ALA A 1551 27.94 0.96 113.49
CA ALA A 1551 28.39 2.34 113.39
C ALA A 1551 29.81 2.50 113.92
N VAL A 1552 30.58 3.37 113.26
CA VAL A 1552 31.91 3.77 113.71
C VAL A 1552 31.98 5.29 113.79
N PHE A 1553 32.75 5.78 114.74
CA PHE A 1553 33.01 7.22 114.89
C PHE A 1553 34.51 7.44 114.66
N VAL A 1554 34.86 7.97 113.49
CA VAL A 1554 36.26 8.10 113.08
C VAL A 1554 36.51 9.51 112.55
N LEU A 1555 37.53 10.17 113.10
CA LEU A 1555 38.12 11.36 112.47
C LEU A 1555 39.18 10.89 111.49
N PRO A 1556 39.05 11.18 110.19
CA PRO A 1556 40.10 10.78 109.23
C PRO A 1556 41.26 11.76 109.23
N THR A 1557 42.49 11.23 109.19
CA THR A 1557 43.69 12.07 109.08
C THR A 1557 44.45 11.85 107.78
N HIS A 1558 43.82 11.21 106.80
CA HIS A 1558 44.21 11.26 105.39
C HIS A 1558 42.99 10.87 104.56
N GLN A 1559 43.22 10.35 103.36
CA GLN A 1559 42.16 10.21 102.37
C GLN A 1559 41.30 8.97 102.59
N ASN A 1560 41.86 7.78 102.36
CA ASN A 1560 41.12 6.53 102.43
C ASN A 1560 41.46 5.83 103.75
N VAL A 1561 40.48 5.76 104.65
CA VAL A 1561 40.73 5.43 106.05
C VAL A 1561 39.92 4.21 106.48
N ILE A 1562 38.59 4.31 106.40
CA ILE A 1562 37.67 3.33 106.99
C ILE A 1562 37.33 2.31 105.92
N GLN A 1563 37.44 1.02 106.27
CA GLN A 1563 37.10 -0.06 105.36
C GLN A 1563 36.33 -1.12 106.14
N PHE A 1564 35.01 -1.12 106.01
CA PHE A 1564 34.21 -2.23 106.52
C PHE A 1564 34.45 -3.45 105.65
N GLU A 1565 34.31 -4.63 106.25
CA GLU A 1565 34.51 -5.86 105.51
C GLU A 1565 33.25 -6.72 105.58
N LEU A 1566 32.77 -7.14 104.42
CA LEU A 1566 31.63 -8.07 104.32
C LEU A 1566 32.15 -9.50 104.19
N GLY A 1567 32.96 -9.90 105.16
CA GLY A 1567 33.64 -11.18 105.13
C GLY A 1567 33.27 -12.10 106.28
N LYS A 1568 33.78 -13.31 106.19
CA LYS A 1568 33.48 -14.34 107.18
C LYS A 1568 34.61 -15.36 107.17
N GLN A 1569 34.97 -15.85 108.35
CA GLN A 1569 35.98 -16.88 108.48
C GLN A 1569 35.32 -18.27 108.50
N LYS A 1570 36.11 -19.31 108.82
CA LYS A 1570 35.76 -20.69 108.52
C LYS A 1570 34.70 -21.28 109.44
N ASN A 1571 34.27 -20.56 110.49
CA ASN A 1571 33.27 -21.09 111.40
C ASN A 1571 32.16 -20.10 111.74
N ILE A 1572 32.21 -18.88 111.22
CA ILE A 1572 31.24 -17.85 111.56
C ILE A 1572 30.67 -17.26 110.28
N MET A 1573 29.33 -17.16 110.22
CA MET A 1573 28.51 -16.64 109.15
C MET A 1573 28.65 -15.11 109.08
N PRO A 1574 28.43 -14.48 107.89
CA PRO A 1574 28.48 -13.01 107.81
C PRO A 1574 27.19 -12.30 108.26
N LEU A 1575 27.14 -10.98 108.06
CA LEU A 1575 25.97 -10.19 108.46
C LEU A 1575 24.78 -10.37 107.52
N SER A 1576 25.02 -10.85 106.29
CA SER A 1576 23.94 -10.97 105.32
C SER A 1576 22.93 -12.04 105.71
N ALA A 1577 23.33 -13.01 106.53
CA ALA A 1577 22.39 -14.01 107.00
C ALA A 1577 21.44 -13.44 108.04
N ALA A 1578 21.94 -12.61 108.95
CA ALA A 1578 21.11 -11.94 109.94
C ALA A 1578 20.46 -10.68 109.41
N MET A 1579 20.71 -10.35 108.14
CA MET A 1579 20.10 -9.17 107.54
C MET A 1579 18.57 -9.29 107.47
N PHE A 1580 18.06 -10.19 106.65
CA PHE A 1580 16.63 -10.36 106.44
C PHE A 1580 16.26 -11.84 106.58
N LEU A 1581 15.05 -12.20 106.16
CA LEU A 1581 14.53 -13.55 106.39
C LEU A 1581 14.89 -14.51 105.27
N SER A 1582 14.96 -14.03 104.03
CA SER A 1582 14.99 -14.90 102.86
C SER A 1582 16.36 -15.52 102.57
N GLU A 1583 17.38 -15.30 103.38
CA GLU A 1583 18.73 -15.72 103.01
C GLU A 1583 19.55 -16.19 104.20
N ARG A 1584 18.89 -16.65 105.27
CA ARG A 1584 19.57 -16.80 106.57
C ARG A 1584 20.56 -17.96 106.61
N LYS A 1585 20.43 -18.96 105.74
CA LYS A 1585 21.29 -20.13 105.80
C LYS A 1585 22.09 -20.36 104.51
N ASN A 1586 22.50 -19.28 103.83
CA ASN A 1586 23.36 -19.39 102.65
C ASN A 1586 24.62 -18.58 102.94
N PRO A 1587 25.82 -19.18 102.89
CA PRO A 1587 27.02 -18.46 103.34
C PRO A 1587 27.71 -17.60 102.28
N ALA A 1588 26.99 -17.15 101.26
CA ALA A 1588 27.57 -16.28 100.23
C ALA A 1588 27.43 -14.82 100.67
N PRO A 1589 28.53 -14.10 100.93
CA PRO A 1589 28.42 -12.72 101.41
C PRO A 1589 28.44 -11.73 100.26
N GLN A 1590 27.32 -11.06 100.02
CA GLN A 1590 27.24 -9.97 99.06
C GLN A 1590 26.53 -8.80 99.72
N CYS A 1591 26.83 -7.60 99.24
CA CYS A 1591 26.34 -6.36 99.84
C CYS A 1591 25.41 -5.63 98.88
N PRO A 1592 24.16 -5.41 99.25
CA PRO A 1592 23.23 -4.69 98.38
C PRO A 1592 23.42 -3.20 98.50
N PRO A 1593 22.96 -2.41 97.51
CA PRO A 1593 22.97 -0.94 97.66
C PRO A 1593 21.87 -0.40 98.55
N ARG A 1594 21.00 -1.27 99.11
CA ARG A 1594 20.11 -0.81 100.17
C ARG A 1594 20.89 -0.37 101.40
N LEU A 1595 21.93 -1.12 101.77
CA LEU A 1595 22.80 -0.72 102.87
C LEU A 1595 23.92 0.16 102.30
N GLU A 1596 23.84 1.45 102.61
CA GLU A 1596 24.92 2.39 102.35
C GLU A 1596 25.20 3.14 103.64
N VAL A 1597 26.18 4.03 103.61
CA VAL A 1597 26.64 4.67 104.84
C VAL A 1597 25.64 5.74 105.27
N GLN A 1598 25.66 6.06 106.56
CA GLN A 1598 24.71 6.97 107.18
C GLN A 1598 25.47 7.96 108.04
N MET A 1599 25.19 9.25 107.82
CA MET A 1599 25.90 10.32 108.52
C MET A 1599 24.89 11.28 109.12
N LEU A 1600 25.12 11.62 110.38
CA LEU A 1600 24.24 12.53 111.11
C LEU A 1600 24.67 13.96 110.80
N MET A 1601 23.73 14.78 110.35
CA MET A 1601 23.85 16.22 110.24
C MET A 1601 22.97 16.89 111.29
N PRO A 1602 23.43 17.96 111.95
CA PRO A 1602 22.74 18.43 113.17
C PRO A 1602 21.44 19.20 112.94
N VAL A 1603 20.85 19.21 111.75
CA VAL A 1603 19.64 19.98 111.51
C VAL A 1603 18.73 19.22 110.55
N SER A 1604 17.43 19.30 110.81
CA SER A 1604 16.40 18.68 109.97
C SER A 1604 15.14 19.53 110.07
N TRP A 1605 14.07 19.03 109.49
CA TRP A 1605 12.81 19.77 109.42
C TRP A 1605 11.70 18.92 110.03
N SER A 1606 11.07 19.45 111.08
CA SER A 1606 9.83 18.89 111.62
C SER A 1606 8.74 19.95 111.51
N ARG A 1607 7.52 19.58 111.90
CA ARG A 1607 6.32 20.38 111.64
C ARG A 1607 5.51 20.60 112.91
N MET A 1608 5.05 21.86 113.11
CA MET A 1608 4.12 22.01 114.22
C MET A 1608 2.69 21.77 113.74
N PRO A 1609 1.82 21.22 114.59
CA PRO A 1609 0.42 21.10 114.22
C PRO A 1609 -0.30 22.44 114.33
N ASN A 1610 -1.50 22.49 113.76
CA ASN A 1610 -2.29 23.71 113.78
C ASN A 1610 -3.09 23.89 115.07
N HIS A 1611 -3.06 22.92 115.97
CA HIS A 1611 -3.72 23.04 117.26
C HIS A 1611 -2.86 22.37 118.33
N PHE A 1612 -2.50 23.13 119.35
CA PHE A 1612 -1.62 22.66 120.42
C PHE A 1612 -2.38 22.35 121.70
N LEU A 1613 -1.62 22.16 122.77
CA LEU A 1613 -2.16 21.93 124.11
C LEU A 1613 -2.13 23.25 124.86
N GLN A 1614 -3.31 23.86 125.02
CA GLN A 1614 -3.44 25.12 125.76
C GLN A 1614 -3.38 24.81 127.24
N VAL A 1615 -2.18 24.91 127.80
CA VAL A 1615 -1.92 24.58 129.18
C VAL A 1615 -2.00 25.87 130.01
N GLU A 1616 -2.32 25.73 131.30
CA GLU A 1616 -2.52 26.88 132.16
C GLU A 1616 -2.16 26.48 133.59
N THR A 1617 -1.71 27.43 134.39
CA THR A 1617 -1.23 27.15 135.74
C THR A 1617 -2.07 27.90 136.78
N ARG A 1618 -2.40 27.24 137.88
CA ARG A 1618 -3.31 27.79 138.90
C ARG A 1618 -2.93 27.27 140.28
N ARG A 1619 -3.21 28.08 141.30
CA ARG A 1619 -3.10 27.63 142.69
C ARG A 1619 -4.07 28.39 143.59
N ALA A 1620 -4.75 27.66 144.46
CA ALA A 1620 -5.54 28.23 145.53
C ALA A 1620 -5.01 27.69 146.83
N GLY A 1621 -4.65 28.60 147.75
CA GLY A 1621 -4.07 28.21 149.02
C GLY A 1621 -2.56 28.35 149.03
N GLU A 1622 -2.01 28.42 150.24
CA GLU A 1622 -0.58 28.66 150.42
C GLU A 1622 0.24 27.39 150.63
N ARG A 1623 -0.40 26.26 150.91
CA ARG A 1623 0.33 25.02 151.15
C ARG A 1623 -0.10 23.89 150.23
N LEU A 1624 -0.79 24.20 149.13
CA LEU A 1624 -1.28 23.16 148.23
C LEU A 1624 -0.31 22.88 147.08
N GLY A 1625 0.12 23.92 146.37
CA GLY A 1625 1.03 23.79 145.24
C GLY A 1625 0.39 24.19 143.93
N TRP A 1626 1.23 24.71 143.03
CA TRP A 1626 0.73 25.24 141.77
C TRP A 1626 0.34 24.11 140.83
N ALA A 1627 -0.89 24.19 140.30
CA ALA A 1627 -1.51 23.11 139.56
C ALA A 1627 -1.44 23.36 138.06
N VAL A 1628 -1.23 22.30 137.30
CA VAL A 1628 -1.22 22.36 135.84
C VAL A 1628 -2.51 21.73 135.35
N GLN A 1629 -3.14 22.36 134.35
CA GLN A 1629 -4.40 21.87 133.82
C GLN A 1629 -4.26 21.63 132.33
N CYS A 1630 -5.17 20.83 131.79
CA CYS A 1630 -5.37 20.68 130.35
C CYS A 1630 -6.79 20.23 130.10
N GLN A 1631 -7.33 20.60 128.93
CA GLN A 1631 -8.69 20.23 128.59
C GLN A 1631 -8.88 19.94 127.10
N ASP A 1632 -7.81 19.82 126.32
CA ASP A 1632 -7.94 19.68 124.87
C ASP A 1632 -7.78 18.21 124.48
N PRO A 1633 -8.82 17.55 123.97
CA PRO A 1633 -8.67 16.18 123.46
C PRO A 1633 -8.16 16.20 122.02
N LEU A 1634 -7.01 15.55 121.79
CA LEU A 1634 -6.32 15.63 120.52
C LEU A 1634 -5.58 14.33 120.25
N THR A 1635 -5.75 13.78 119.05
CA THR A 1635 -5.02 12.61 118.62
C THR A 1635 -4.49 12.87 117.21
N MET A 1636 -3.56 12.01 116.77
CA MET A 1636 -2.80 12.32 115.58
C MET A 1636 -2.30 11.05 114.90
N MET A 1637 -2.44 11.02 113.58
CA MET A 1637 -2.05 9.87 112.77
C MET A 1637 -0.53 9.85 112.60
N ALA A 1638 0.13 8.84 113.15
CA ALA A 1638 1.59 8.77 113.14
C ALA A 1638 2.05 7.38 112.74
N LEU A 1639 3.21 7.32 112.09
CA LEU A 1639 3.76 6.11 111.50
C LEU A 1639 4.93 5.59 112.32
N HIS A 1640 5.41 4.40 111.98
CA HIS A 1640 6.45 3.69 112.72
C HIS A 1640 7.79 3.63 112.00
N ILE A 1641 7.79 3.31 110.69
CA ILE A 1641 8.91 2.96 109.81
C ILE A 1641 9.87 2.04 110.57
N PRO A 1642 9.52 0.76 110.75
CA PRO A 1642 10.20 -0.08 111.74
C PRO A 1642 11.61 -0.50 111.38
N GLU A 1643 12.12 -0.14 110.20
CA GLU A 1643 13.51 -0.43 109.87
C GLU A 1643 14.49 0.58 110.48
N GLU A 1644 13.97 1.67 111.06
CA GLU A 1644 14.79 2.61 111.82
C GLU A 1644 14.20 2.99 113.17
N ASN A 1645 12.90 2.76 113.38
CA ASN A 1645 12.14 3.07 114.60
C ASN A 1645 12.23 4.57 114.92
N ARG A 1646 11.58 5.34 114.05
CA ARG A 1646 11.44 6.78 114.20
C ARG A 1646 9.99 7.14 113.91
N CYS A 1647 9.29 7.68 114.92
CA CYS A 1647 7.89 8.02 114.71
C CYS A 1647 7.79 9.26 113.82
N MET A 1648 7.00 9.15 112.76
CA MET A 1648 7.02 10.17 111.72
C MET A 1648 5.61 10.44 111.25
N ASP A 1649 5.25 11.71 111.18
CA ASP A 1649 3.88 12.11 110.92
C ASP A 1649 3.51 11.90 109.45
N ILE A 1650 2.22 11.61 109.24
CA ILE A 1650 1.63 11.65 107.90
C ILE A 1650 1.42 13.09 107.43
N LEU A 1651 1.45 14.05 108.36
CA LEU A 1651 1.44 15.45 108.01
C LEU A 1651 2.76 15.94 107.38
N GLU A 1652 3.83 15.14 107.45
CA GLU A 1652 5.15 15.54 106.96
C GLU A 1652 5.53 14.95 105.60
N LEU A 1653 4.65 14.18 104.96
CA LEU A 1653 4.92 13.69 103.60
C LEU A 1653 4.45 14.64 102.51
N SER A 1654 4.21 15.90 102.83
CA SER A 1654 3.85 16.89 101.83
C SER A 1654 5.06 17.66 101.30
N GLU A 1655 6.27 17.28 101.71
CA GLU A 1655 7.46 18.01 101.29
C GLU A 1655 8.66 17.13 100.95
N ARG A 1656 8.62 15.83 101.20
CA ARG A 1656 9.80 15.01 100.98
C ARG A 1656 9.87 14.39 99.59
N LEU A 1657 8.73 14.33 98.87
CA LEU A 1657 8.63 13.98 97.46
C LEU A 1657 8.95 12.52 97.14
N ASP A 1658 9.30 11.73 98.16
CA ASP A 1658 9.82 10.38 97.94
C ASP A 1658 9.05 9.33 98.71
N LEU A 1659 8.59 9.62 99.93
CA LEU A 1659 7.98 8.57 100.72
C LEU A 1659 6.47 8.50 100.48
N GLN A 1660 5.87 9.57 99.95
CA GLN A 1660 4.44 9.58 99.69
C GLN A 1660 4.08 9.01 98.32
N ARG A 1661 5.03 8.95 97.39
CA ARG A 1661 4.80 8.19 96.16
C ARG A 1661 4.86 6.69 96.44
N PHE A 1662 5.62 6.30 97.47
CA PHE A 1662 5.65 4.90 97.89
C PHE A 1662 4.41 4.54 98.71
N HIS A 1663 4.05 5.39 99.68
CA HIS A 1663 2.96 5.07 100.59
C HIS A 1663 1.59 5.16 99.92
N SER A 1664 1.46 5.94 98.84
CA SER A 1664 0.18 6.01 98.14
C SER A 1664 -0.09 4.73 97.36
N HIS A 1665 0.96 4.05 96.90
CA HIS A 1665 0.83 2.79 96.19
C HIS A 1665 0.86 1.56 97.10
N THR A 1666 1.12 1.72 98.40
CA THR A 1666 0.83 0.63 99.32
C THR A 1666 -0.67 0.42 99.47
N LEU A 1667 -1.46 1.47 99.26
CA LEU A 1667 -2.90 1.36 99.45
C LEU A 1667 -3.59 0.71 98.25
N ARG A 1668 -3.05 0.89 97.03
CA ARG A 1668 -3.68 0.25 95.89
C ARG A 1668 -3.44 -1.26 95.88
N LEU A 1669 -2.32 -1.72 96.42
CA LEU A 1669 -2.17 -3.14 96.71
C LEU A 1669 -3.09 -3.57 97.85
N TYR A 1670 -3.43 -2.64 98.76
CA TYR A 1670 -4.34 -2.95 99.85
C TYR A 1670 -5.78 -3.04 99.38
N ARG A 1671 -6.15 -2.36 98.29
CA ARG A 1671 -7.46 -2.56 97.70
C ARG A 1671 -7.44 -3.48 96.48
N ALA A 1672 -6.27 -3.91 96.01
CA ALA A 1672 -6.26 -4.97 95.00
C ALA A 1672 -6.48 -6.33 95.62
N VAL A 1673 -6.04 -6.53 96.87
CA VAL A 1673 -6.31 -7.80 97.52
C VAL A 1673 -7.72 -7.82 98.12
N CYS A 1674 -8.25 -6.67 98.49
CA CYS A 1674 -9.62 -6.58 99.02
C CYS A 1674 -10.59 -6.13 97.92
N ALA A 1675 -10.62 -6.90 96.83
CA ALA A 1675 -11.46 -6.58 95.69
C ALA A 1675 -12.01 -7.86 95.09
N LEU A 1676 -12.93 -7.67 94.13
CA LEU A 1676 -13.61 -8.74 93.39
C LEU A 1676 -14.44 -9.64 94.30
N GLY A 1677 -14.98 -9.07 95.37
CA GLY A 1677 -15.81 -9.83 96.29
C GLY A 1677 -15.06 -10.82 97.17
N ASN A 1678 -13.84 -10.48 97.57
CA ASN A 1678 -13.01 -11.36 98.40
C ASN A 1678 -13.13 -10.79 99.81
N ASN A 1679 -13.69 -11.58 100.72
CA ASN A 1679 -14.04 -11.11 102.04
C ASN A 1679 -13.22 -11.72 103.17
N ARG A 1680 -12.25 -12.59 102.88
CA ARG A 1680 -11.55 -13.27 103.96
C ARG A 1680 -10.40 -12.42 104.50
N VAL A 1681 -9.66 -11.74 103.61
CA VAL A 1681 -8.62 -10.80 104.04
C VAL A 1681 -9.18 -9.41 104.29
N ALA A 1682 -10.43 -9.14 103.91
CA ALA A 1682 -11.09 -7.91 104.32
C ALA A 1682 -11.36 -7.90 105.81
N HIS A 1683 -11.52 -9.08 106.42
CA HIS A 1683 -11.53 -9.16 107.88
C HIS A 1683 -10.15 -8.91 108.46
N ALA A 1684 -9.11 -9.46 107.81
CA ALA A 1684 -7.77 -9.44 108.37
C ALA A 1684 -7.12 -8.06 108.29
N LEU A 1685 -7.36 -7.32 107.21
CA LEU A 1685 -6.79 -6.00 107.05
C LEU A 1685 -7.52 -4.93 107.87
N CYS A 1686 -8.67 -5.27 108.45
CA CYS A 1686 -9.32 -4.36 109.40
C CYS A 1686 -8.50 -4.25 110.67
N SER A 1687 -7.82 -5.32 111.08
CA SER A 1687 -6.90 -5.23 112.21
C SER A 1687 -5.70 -4.35 111.87
N HIS A 1688 -5.27 -4.35 110.61
CA HIS A 1688 -4.16 -3.50 110.20
C HIS A 1688 -4.56 -2.03 110.19
N VAL A 1689 -5.55 -1.68 109.37
CA VAL A 1689 -6.00 -0.30 109.22
C VAL A 1689 -7.49 -0.28 109.59
N ASP A 1690 -7.81 0.37 110.71
CA ASP A 1690 -9.12 0.20 111.36
C ASP A 1690 -9.94 1.50 111.40
N GLN A 1691 -10.95 1.48 112.27
CA GLN A 1691 -12.10 2.38 112.16
C GLN A 1691 -11.71 3.83 112.46
N ALA A 1692 -11.15 4.11 113.65
CA ALA A 1692 -10.87 5.50 113.97
C ALA A 1692 -9.65 6.02 113.20
N GLN A 1693 -8.76 5.13 112.74
CA GLN A 1693 -7.69 5.57 111.84
C GLN A 1693 -8.26 6.03 110.50
N LEU A 1694 -9.33 5.40 110.02
CA LEU A 1694 -10.07 5.97 108.89
C LEU A 1694 -10.80 7.26 109.26
N LEU A 1695 -11.51 7.27 110.39
CA LEU A 1695 -12.50 8.33 110.64
C LEU A 1695 -11.92 9.62 111.20
N HIS A 1696 -10.77 9.58 111.87
CA HIS A 1696 -10.10 10.84 112.16
C HIS A 1696 -9.44 11.40 110.91
N ALA A 1697 -8.88 10.52 110.09
CA ALA A 1697 -8.10 10.93 108.93
C ALA A 1697 -8.96 11.40 107.77
N LEU A 1698 -10.22 10.99 107.67
CA LEU A 1698 -10.97 11.47 106.53
C LEU A 1698 -11.41 12.90 106.77
N GLU A 1699 -11.79 13.21 108.02
CA GLU A 1699 -12.16 14.55 108.41
C GLU A 1699 -10.94 15.41 108.74
N ASP A 1700 -9.74 14.82 108.72
CA ASP A 1700 -8.52 15.62 108.59
C ASP A 1700 -8.57 16.42 107.29
N ALA A 1701 -7.88 17.56 107.28
CA ALA A 1701 -7.93 18.47 106.15
C ALA A 1701 -6.55 18.83 105.58
N HIS A 1702 -5.47 18.68 106.33
CA HIS A 1702 -4.17 19.04 105.80
C HIS A 1702 -3.47 17.89 105.07
N LEU A 1703 -4.24 16.89 104.55
CA LEU A 1703 -3.66 15.73 103.89
C LEU A 1703 -3.35 16.02 102.42
N PRO A 1704 -2.34 15.35 101.84
CA PRO A 1704 -2.07 15.52 100.41
C PRO A 1704 -3.13 14.83 99.54
N GLY A 1705 -3.10 15.16 98.25
CA GLY A 1705 -4.10 14.74 97.29
C GLY A 1705 -4.19 13.26 96.93
N PRO A 1706 -3.08 12.65 96.48
CA PRO A 1706 -3.13 11.21 96.14
C PRO A 1706 -3.46 10.31 97.33
N LEU A 1707 -2.88 10.56 98.50
CA LEU A 1707 -3.23 9.77 99.68
C LEU A 1707 -4.63 10.11 100.18
N ARG A 1708 -5.05 11.37 100.00
CA ARG A 1708 -6.42 11.82 100.27
C ARG A 1708 -7.44 11.00 99.50
N ALA A 1709 -7.16 10.75 98.22
CA ALA A 1709 -8.09 9.93 97.43
C ALA A 1709 -7.90 8.44 97.72
N GLY A 1710 -6.66 8.01 98.00
CA GLY A 1710 -6.37 6.59 98.11
C GLY A 1710 -6.94 5.95 99.36
N TYR A 1711 -6.84 6.64 100.51
CA TYR A 1711 -7.44 6.10 101.72
C TYR A 1711 -8.97 6.08 101.65
N TYR A 1712 -9.56 7.03 100.92
CA TYR A 1712 -11.02 7.04 100.81
C TYR A 1712 -11.52 5.94 99.90
N ASP A 1713 -10.80 5.68 98.80
CA ASP A 1713 -11.17 4.54 97.96
C ASP A 1713 -10.88 3.21 98.65
N LEU A 1714 -9.84 3.19 99.50
CA LEU A 1714 -9.59 2.00 100.31
C LEU A 1714 -10.71 1.73 101.30
N LEU A 1715 -11.25 2.78 101.92
CA LEU A 1715 -12.28 2.58 102.94
C LEU A 1715 -13.60 2.17 102.33
N ILE A 1716 -13.81 2.38 101.02
CA ILE A 1716 -15.00 1.83 100.39
C ILE A 1716 -14.75 0.42 99.84
N SER A 1717 -13.54 0.14 99.32
CA SER A 1717 -13.24 -1.18 98.78
C SER A 1717 -13.04 -2.23 99.88
N ILE A 1718 -12.69 -1.83 101.09
CA ILE A 1718 -12.45 -2.82 102.15
C ILE A 1718 -13.75 -3.19 102.87
N HIS A 1719 -14.76 -2.32 102.84
CA HIS A 1719 -15.97 -2.56 103.60
C HIS A 1719 -17.24 -2.66 102.77
N LEU A 1720 -17.56 -1.66 101.93
CA LEU A 1720 -18.92 -1.60 101.41
C LEU A 1720 -19.00 -1.66 99.89
N GLU A 1721 -18.11 -2.44 99.28
CA GLU A 1721 -18.23 -2.79 97.87
C GLU A 1721 -18.69 -4.22 97.63
N SER A 1722 -18.60 -5.11 98.62
CA SER A 1722 -19.25 -6.42 98.54
C SER A 1722 -20.76 -6.33 98.73
N ALA A 1723 -21.27 -5.17 99.15
CA ALA A 1723 -22.70 -4.96 99.36
C ALA A 1723 -23.34 -4.09 98.28
N CYS A 1724 -22.55 -3.47 97.41
CA CYS A 1724 -23.10 -2.67 96.33
C CYS A 1724 -23.29 -3.44 95.04
N ARG A 1725 -22.53 -4.53 94.83
CA ARG A 1725 -22.70 -5.31 93.61
C ARG A 1725 -24.06 -6.02 93.59
N SER A 1726 -24.48 -6.57 94.74
CA SER A 1726 -25.76 -7.27 94.84
C SER A 1726 -26.95 -6.34 94.71
N ARG A 1727 -26.78 -5.05 94.94
CA ARG A 1727 -27.89 -4.12 94.74
C ARG A 1727 -27.85 -3.44 93.38
N ARG A 1728 -26.67 -3.13 92.86
CA ARG A 1728 -26.59 -2.52 91.53
C ARG A 1728 -26.83 -3.55 90.42
N SER A 1729 -26.57 -4.82 90.67
CA SER A 1729 -26.87 -5.83 89.66
C SER A 1729 -28.37 -6.15 89.56
N MET A 1730 -29.18 -5.72 90.52
CA MET A 1730 -30.60 -6.03 90.51
C MET A 1730 -31.48 -4.79 90.74
N LEU A 1731 -30.91 -3.58 90.66
CA LEU A 1731 -31.73 -2.38 90.73
C LEU A 1731 -32.72 -2.27 89.57
N SER A 1732 -32.37 -2.76 88.38
CA SER A 1732 -33.25 -2.61 87.23
C SER A 1732 -34.33 -3.69 87.14
N GLU A 1733 -34.29 -4.71 87.98
CA GLU A 1733 -35.32 -5.74 87.99
C GLU A 1733 -36.33 -5.36 89.07
N TYR A 1734 -37.62 -5.38 88.73
CA TYR A 1734 -38.67 -4.78 89.54
C TYR A 1734 -39.68 -5.85 90.00
N ILE A 1735 -39.61 -6.22 91.28
CA ILE A 1735 -40.62 -7.08 91.88
C ILE A 1735 -41.18 -6.39 93.13
N VAL A 1736 -42.49 -6.15 93.11
CA VAL A 1736 -43.18 -5.51 94.22
C VAL A 1736 -44.16 -6.53 94.79
N PRO A 1737 -44.29 -6.66 96.10
CA PRO A 1737 -45.39 -7.44 96.65
C PRO A 1737 -46.63 -6.58 96.78
N LEU A 1738 -47.78 -7.24 96.79
CA LEU A 1738 -49.05 -6.53 96.96
C LEU A 1738 -49.44 -6.47 98.42
N THR A 1739 -48.54 -5.91 99.22
CA THR A 1739 -48.75 -5.69 100.64
C THR A 1739 -49.73 -4.52 100.83
N PRO A 1740 -50.31 -4.35 102.03
CA PRO A 1740 -51.18 -3.19 102.28
C PRO A 1740 -50.52 -1.81 102.11
N GLU A 1741 -49.19 -1.72 102.05
CA GLU A 1741 -48.54 -0.45 101.77
C GLU A 1741 -48.49 -0.12 100.28
N THR A 1742 -48.97 -1.01 99.40
CA THR A 1742 -48.98 -0.75 97.97
C THR A 1742 -50.38 -0.54 97.40
N ARG A 1743 -51.28 0.12 98.14
CA ARG A 1743 -52.62 0.43 97.64
C ARG A 1743 -52.96 1.91 97.64
N ALA A 1744 -52.26 2.74 98.41
CA ALA A 1744 -52.49 4.19 98.44
C ALA A 1744 -51.17 4.92 98.15
N ILE A 1745 -50.85 5.06 96.87
CA ILE A 1745 -49.74 5.88 96.39
C ILE A 1745 -50.22 6.67 95.19
N THR A 1746 -50.06 7.99 95.24
CA THR A 1746 -50.26 8.84 94.07
C THR A 1746 -48.92 9.16 93.43
N LEU A 1747 -48.96 9.43 92.12
CA LEU A 1747 -47.77 9.86 91.41
C LEU A 1747 -47.41 11.31 91.72
N PHE A 1748 -48.40 12.13 92.08
CA PHE A 1748 -48.18 13.51 92.47
C PHE A 1748 -48.52 13.69 93.94
N PRO A 1749 -47.74 14.47 94.69
CA PRO A 1749 -48.00 14.64 96.12
C PRO A 1749 -49.27 15.45 96.36
N PRO A 1750 -50.24 14.88 97.06
CA PRO A 1750 -51.53 15.56 97.24
C PRO A 1750 -51.46 16.69 98.25
N GLY A 1751 -52.25 17.73 97.99
CA GLY A 1751 -52.29 18.90 98.84
C GLY A 1751 -52.86 20.12 98.14
N ARG A 1758 -51.05 19.35 90.19
CA ARG A 1758 -50.32 18.97 88.99
C ARG A 1758 -48.86 19.38 89.08
N ARG A 1759 -48.34 19.44 90.30
CA ARG A 1759 -46.94 19.78 90.55
C ARG A 1759 -46.12 18.50 90.69
N HIS A 1760 -44.91 18.51 90.13
CA HIS A 1760 -44.06 17.34 90.18
C HIS A 1760 -43.46 17.15 91.58
N GLY A 1761 -43.49 15.91 92.06
CA GLY A 1761 -42.90 15.61 93.34
C GLY A 1761 -41.39 15.53 93.28
N LEU A 1762 -40.78 15.60 94.46
CA LEU A 1762 -39.32 15.59 94.53
C LEU A 1762 -38.81 14.16 94.42
N PRO A 1763 -37.79 13.91 93.60
CA PRO A 1763 -37.44 12.53 93.27
C PRO A 1763 -36.64 11.85 94.36
N GLY A 1764 -36.75 10.52 94.42
CA GLY A 1764 -35.97 9.72 95.34
C GLY A 1764 -36.63 9.46 96.68
N VAL A 1765 -37.72 10.17 97.00
CA VAL A 1765 -38.33 10.04 98.32
C VAL A 1765 -39.73 9.47 98.17
N GLY A 1766 -40.46 9.39 99.29
CA GLY A 1766 -41.77 8.77 99.32
C GLY A 1766 -41.72 7.49 100.09
N VAL A 1767 -42.15 6.41 99.45
CA VAL A 1767 -42.06 5.06 100.01
C VAL A 1767 -41.87 4.08 98.87
N THR A 1768 -40.83 3.26 98.97
CA THR A 1768 -40.57 2.24 97.97
C THR A 1768 -40.68 0.86 98.62
N THR A 1769 -41.14 -0.11 97.83
CA THR A 1769 -41.41 -1.45 98.32
C THR A 1769 -40.80 -2.50 97.39
N SER A 1770 -39.63 -2.22 96.85
CA SER A 1770 -38.95 -3.18 95.98
C SER A 1770 -38.29 -4.26 96.82
N LEU A 1771 -38.49 -5.51 96.43
CA LEU A 1771 -37.91 -6.66 97.13
C LEU A 1771 -36.41 -6.70 96.87
N ARG A 1772 -35.63 -6.35 97.90
CA ARG A 1772 -34.16 -6.36 97.84
C ARG A 1772 -33.62 -6.97 99.13
N PRO A 1773 -32.62 -7.85 99.05
CA PRO A 1773 -32.09 -8.50 100.26
C PRO A 1773 -31.24 -7.56 101.08
N PRO A 1774 -31.04 -7.84 102.36
CA PRO A 1774 -30.11 -7.04 103.16
C PRO A 1774 -28.66 -7.34 102.81
N HIS A 1775 -27.77 -6.50 103.33
CA HIS A 1775 -26.34 -6.64 103.06
C HIS A 1775 -25.68 -7.67 103.97
N HIS A 1776 -26.36 -8.10 105.04
CA HIS A 1776 -25.93 -9.15 105.96
C HIS A 1776 -24.59 -8.84 106.62
N PHE A 1777 -24.57 -7.76 107.40
CA PHE A 1777 -23.34 -7.32 108.04
C PHE A 1777 -23.02 -8.17 109.26
N SER A 1778 -21.75 -8.58 109.38
CA SER A 1778 -21.25 -9.39 110.46
C SER A 1778 -20.21 -8.65 111.27
N PRO A 1779 -20.23 -8.75 112.60
CA PRO A 1779 -19.27 -8.00 113.43
C PRO A 1779 -17.89 -8.62 113.35
N PRO A 1780 -16.85 -7.80 113.11
CA PRO A 1780 -15.49 -8.35 113.01
C PRO A 1780 -14.89 -8.60 114.39
N CYS A 1781 -14.31 -9.78 114.56
CA CYS A 1781 -13.63 -10.15 115.80
C CYS A 1781 -12.45 -11.05 115.45
N PHE A 1782 -11.41 -10.96 116.26
CA PHE A 1782 -10.19 -11.73 116.03
C PHE A 1782 -9.84 -12.67 117.17
N VAL A 1783 -10.53 -12.57 118.31
CA VAL A 1783 -10.31 -13.45 119.44
C VAL A 1783 -11.17 -14.71 119.35
N ALA A 1784 -11.89 -14.90 118.24
CA ALA A 1784 -12.74 -16.07 118.08
C ALA A 1784 -11.90 -17.31 117.78
N ALA A 1785 -12.49 -18.46 118.06
CA ALA A 1785 -11.82 -19.74 117.84
C ALA A 1785 -11.77 -20.07 116.35
N LEU A 1786 -10.65 -20.66 115.92
CA LEU A 1786 -10.47 -21.00 114.51
C LEU A 1786 -11.23 -22.27 114.18
N PRO A 1787 -11.96 -22.32 113.07
CA PRO A 1787 -12.64 -23.56 112.70
C PRO A 1787 -11.72 -24.51 111.95
N ALA A 1788 -11.77 -25.78 112.37
CA ALA A 1788 -10.94 -26.88 111.85
C ALA A 1788 -9.44 -26.59 111.89
N GLU A 1793 -12.50 -25.75 107.40
CA GLU A 1793 -12.91 -25.02 106.20
C GLU A 1793 -14.26 -24.33 106.42
N ALA A 1794 -14.23 -23.00 106.40
CA ALA A 1794 -15.41 -22.23 106.76
C ALA A 1794 -16.44 -22.23 105.62
N PRO A 1795 -17.75 -22.31 105.95
CA PRO A 1795 -18.77 -22.26 104.89
C PRO A 1795 -18.93 -20.89 104.25
N ALA A 1796 -18.97 -19.83 105.05
CA ALA A 1796 -19.20 -18.49 104.52
C ALA A 1796 -18.59 -17.45 105.44
N ARG A 1797 -17.85 -16.51 104.87
CA ARG A 1797 -17.24 -15.41 105.59
C ARG A 1797 -17.67 -14.10 104.93
N LEU A 1798 -18.16 -13.16 105.72
CA LEU A 1798 -18.87 -12.02 105.18
C LEU A 1798 -18.28 -10.71 105.71
N SER A 1799 -18.85 -9.57 105.28
CA SER A 1799 -18.24 -8.26 105.43
C SER A 1799 -18.23 -7.82 106.89
N PRO A 1800 -17.23 -7.03 107.30
CA PRO A 1800 -17.21 -6.51 108.67
C PRO A 1800 -18.26 -5.44 108.88
N ALA A 1801 -18.73 -5.33 110.13
CA ALA A 1801 -19.78 -4.39 110.51
C ALA A 1801 -19.17 -3.13 111.11
N ILE A 1802 -19.63 -1.98 110.61
CA ILE A 1802 -19.17 -0.68 111.07
C ILE A 1802 -20.44 0.10 111.41
N PRO A 1803 -20.48 0.85 112.53
CA PRO A 1803 -21.66 1.68 112.80
C PRO A 1803 -21.82 2.81 111.79
N LEU A 1804 -22.82 2.69 110.92
CA LEU A 1804 -23.08 3.68 109.90
C LEU A 1804 -23.93 4.85 110.41
N GLU A 1805 -24.47 4.73 111.63
CA GLU A 1805 -25.28 5.80 112.19
C GLU A 1805 -24.45 7.03 112.52
N ALA A 1806 -23.16 6.86 112.79
CA ALA A 1806 -22.29 8.00 113.00
C ALA A 1806 -21.71 8.51 111.68
N LEU A 1807 -21.59 7.65 110.68
CA LEU A 1807 -21.02 8.02 109.40
C LEU A 1807 -22.06 8.65 108.47
N ARG A 1808 -23.36 8.50 108.80
CA ARG A 1808 -24.41 9.04 107.94
C ARG A 1808 -24.42 10.57 107.91
N ASP A 1809 -23.89 11.24 108.93
CA ASP A 1809 -23.78 12.69 108.93
C ASP A 1809 -22.41 13.18 108.49
N LYS A 1810 -21.37 12.38 108.74
CA LYS A 1810 -20.04 12.69 108.22
C LYS A 1810 -19.96 12.54 106.72
N ALA A 1811 -20.87 11.75 106.12
CA ALA A 1811 -20.98 11.71 104.66
C ALA A 1811 -21.60 12.96 104.07
N LEU A 1812 -22.13 13.87 104.89
CA LEU A 1812 -22.78 15.09 104.42
C LEU A 1812 -22.06 16.37 104.81
N ARG A 1813 -21.45 16.41 106.00
CA ARG A 1813 -20.91 17.66 106.53
C ARG A 1813 -19.67 18.13 105.75
N MET A 1814 -18.91 17.18 105.20
CA MET A 1814 -17.77 17.50 104.34
C MET A 1814 -18.22 18.24 103.09
N LEU A 1815 -19.27 17.75 102.44
CA LEU A 1815 -19.82 18.41 101.26
C LEU A 1815 -20.42 19.76 101.65
N GLY A 1816 -21.09 19.82 102.81
CA GLY A 1816 -21.78 21.04 103.20
C GLY A 1816 -20.85 22.20 103.51
N GLU A 1817 -19.66 21.91 104.05
CA GLU A 1817 -18.73 23.02 104.24
C GLU A 1817 -17.71 23.15 103.11
N ALA A 1818 -17.52 22.11 102.30
CA ALA A 1818 -16.67 22.21 101.13
C ALA A 1818 -17.30 23.12 100.09
N VAL A 1819 -18.62 23.15 100.01
CA VAL A 1819 -19.22 24.07 99.04
C VAL A 1819 -19.21 25.52 99.51
N ARG A 1820 -19.23 25.80 100.82
CA ARG A 1820 -19.07 27.20 101.23
C ARG A 1820 -17.60 27.61 101.17
N ASP A 1821 -16.69 26.62 101.17
CA ASP A 1821 -15.31 26.90 100.77
C ASP A 1821 -15.22 27.23 99.29
N GLY A 1822 -15.93 26.46 98.45
CA GLY A 1822 -15.88 26.69 97.01
C GLY A 1822 -16.56 27.97 96.57
N GLY A 1823 -17.61 28.39 97.29
CA GLY A 1823 -18.19 29.69 97.06
C GLY A 1823 -17.30 30.81 97.56
N GLN A 1824 -16.48 30.54 98.57
CA GLN A 1824 -15.46 31.49 99.01
C GLN A 1824 -14.24 31.49 98.12
N HIS A 1825 -14.14 30.52 97.20
CA HIS A 1825 -13.09 30.36 96.17
C HIS A 1825 -11.68 30.44 96.77
N ALA A 1826 -11.38 29.41 97.55
CA ALA A 1826 -10.07 29.31 98.18
C ALA A 1826 -9.00 28.96 97.15
N ARG A 1827 -7.84 29.61 97.28
CA ARG A 1827 -6.76 29.41 96.30
C ARG A 1827 -6.05 28.08 96.53
N ASP A 1828 -5.73 27.76 97.79
CA ASP A 1828 -5.08 26.51 98.14
C ASP A 1828 -6.01 25.72 99.05
N PRO A 1829 -7.02 25.04 98.50
CA PRO A 1829 -8.00 24.37 99.35
C PRO A 1829 -7.52 23.02 99.86
N VAL A 1830 -8.45 22.27 100.45
CA VAL A 1830 -8.16 21.05 101.20
C VAL A 1830 -7.69 19.96 100.24
N GLY A 1831 -6.40 19.60 100.35
CA GLY A 1831 -5.81 18.60 99.49
C GLY A 1831 -4.90 19.14 98.40
N GLY A 1832 -4.90 20.45 98.15
CA GLY A 1832 -4.01 21.09 97.21
C GLY A 1832 -4.71 21.70 96.00
N SER A 1833 -5.85 21.14 95.59
CA SER A 1833 -6.55 21.63 94.41
C SER A 1833 -8.04 21.30 94.52
N VAL A 1834 -8.82 21.90 93.62
CA VAL A 1834 -10.27 21.71 93.61
C VAL A 1834 -10.66 20.31 93.15
N GLU A 1835 -9.82 19.69 92.31
CA GLU A 1835 -10.05 18.32 91.91
C GLU A 1835 -9.94 17.37 93.10
N PHE A 1836 -8.86 17.52 93.89
CA PHE A 1836 -8.74 16.74 95.12
C PHE A 1836 -9.66 17.22 96.22
N GLN A 1837 -10.27 18.40 96.08
CA GLN A 1837 -11.38 18.78 96.95
C GLN A 1837 -12.61 17.92 96.68
N PHE A 1838 -13.04 17.84 95.43
CA PHE A 1838 -14.39 17.35 95.15
C PHE A 1838 -14.50 15.98 94.50
N VAL A 1839 -13.40 15.33 94.12
CA VAL A 1839 -13.56 13.97 93.62
C VAL A 1839 -13.77 12.90 94.71
N PRO A 1840 -13.10 12.89 95.92
CA PRO A 1840 -13.21 11.67 96.73
C PRO A 1840 -14.50 11.58 97.56
N VAL A 1841 -15.01 12.70 98.07
CA VAL A 1841 -16.18 12.64 98.95
C VAL A 1841 -17.47 12.42 98.15
N LEU A 1842 -17.49 12.80 96.88
CA LEU A 1842 -18.66 12.52 96.06
C LEU A 1842 -18.70 11.06 95.61
N LYS A 1843 -17.54 10.45 95.38
CA LYS A 1843 -17.50 9.02 95.13
C LYS A 1843 -17.73 8.23 96.42
N LEU A 1844 -17.47 8.84 97.57
CA LEU A 1844 -17.93 8.28 98.84
C LEU A 1844 -19.45 8.28 98.92
N VAL A 1845 -20.08 9.42 98.62
CA VAL A 1845 -21.52 9.52 98.85
C VAL A 1845 -22.31 8.75 97.79
N SER A 1846 -21.73 8.53 96.60
CA SER A 1846 -22.47 7.83 95.55
C SER A 1846 -22.69 6.36 95.87
N THR A 1847 -21.72 5.71 96.51
CA THR A 1847 -21.87 4.29 96.86
C THR A 1847 -22.90 4.07 97.96
N LEU A 1848 -22.90 4.91 99.00
CA LEU A 1848 -23.95 4.82 100.02
C LEU A 1848 -25.31 5.25 99.45
N LEU A 1849 -25.32 6.17 98.48
CA LEU A 1849 -26.58 6.61 97.90
C LEU A 1849 -27.19 5.53 97.03
N VAL A 1850 -26.36 4.76 96.32
CA VAL A 1850 -26.89 3.65 95.52
C VAL A 1850 -27.10 2.40 96.37
N MET A 1851 -26.43 2.30 97.53
CA MET A 1851 -26.63 1.18 98.43
C MET A 1851 -27.85 1.37 99.32
N GLY A 1852 -28.31 2.61 99.50
CA GLY A 1852 -29.56 2.84 100.20
C GLY A 1852 -29.44 2.78 101.71
N ILE A 1853 -28.53 3.57 102.26
CA ILE A 1853 -28.35 3.64 103.70
C ILE A 1853 -29.10 4.84 104.28
N PHE A 1854 -29.03 5.97 103.58
CA PHE A 1854 -29.70 7.20 103.99
C PHE A 1854 -31.21 7.06 103.85
N GLY A 1855 -31.95 7.83 104.64
CA GLY A 1855 -33.40 7.81 104.60
C GLY A 1855 -33.98 8.72 103.54
N ASP A 1856 -35.08 9.40 103.87
CA ASP A 1856 -35.76 10.28 102.93
C ASP A 1856 -35.67 11.77 103.29
N GLU A 1857 -35.24 12.11 104.50
CA GLU A 1857 -35.08 13.51 104.87
C GLU A 1857 -33.62 13.92 105.04
N ASP A 1858 -32.69 12.98 104.96
CA ASP A 1858 -31.28 13.32 104.85
C ASP A 1858 -30.81 13.41 103.41
N VAL A 1859 -31.53 12.78 102.47
CA VAL A 1859 -31.35 13.08 101.05
C VAL A 1859 -32.19 14.27 100.63
N LYS A 1860 -33.08 14.75 101.50
CA LYS A 1860 -33.60 16.11 101.36
C LYS A 1860 -32.46 17.13 101.38
N GLN A 1861 -31.47 16.92 102.24
CA GLN A 1861 -30.38 17.88 102.36
C GLN A 1861 -29.46 17.89 101.15
N ILE A 1862 -29.20 16.74 100.52
CA ILE A 1862 -28.31 16.75 99.35
C ILE A 1862 -29.02 17.34 98.12
N LEU A 1863 -30.36 17.32 98.11
CA LEU A 1863 -31.08 18.00 97.05
C LEU A 1863 -31.27 19.48 97.37
N LYS A 1864 -31.19 19.87 98.64
CA LYS A 1864 -30.94 21.28 98.95
C LYS A 1864 -29.52 21.68 98.55
N MET A 1865 -28.59 20.72 98.59
CA MET A 1865 -27.18 20.99 98.37
C MET A 1865 -26.89 21.26 96.91
N ILE A 1866 -27.32 20.36 96.02
CA ILE A 1866 -26.92 20.45 94.62
C ILE A 1866 -27.66 21.57 93.90
N GLU A 1867 -28.88 21.89 94.36
CA GLU A 1867 -29.74 22.83 93.67
C GLU A 1867 -30.77 23.42 94.64
N PRO A 1868 -30.44 24.49 95.35
CA PRO A 1868 -31.41 25.11 96.27
C PRO A 1868 -32.34 26.15 95.64
N GLU A 1869 -32.58 26.11 94.34
CA GLU A 1869 -33.52 27.03 93.71
C GLU A 1869 -34.84 26.36 93.31
N VAL A 1870 -34.79 25.12 92.83
CA VAL A 1870 -35.98 24.43 92.34
C VAL A 1870 -36.44 23.40 93.36
N PHE A 1871 -35.49 22.74 94.03
CA PHE A 1871 -35.80 21.66 94.97
C PHE A 1871 -36.33 22.15 96.32
N THR A 1872 -36.68 23.41 96.48
CA THR A 1872 -37.22 23.87 97.75
C THR A 1872 -38.67 23.45 97.91
N GLU A 1873 -38.96 22.78 99.02
CA GLU A 1873 -40.31 22.32 99.31
C GLU A 1873 -41.17 23.50 99.78
N GLU A 1923 -27.20 29.80 99.44
CA GLU A 1923 -25.86 29.93 98.89
C GLU A 1923 -25.80 29.48 97.45
N GLU A 1924 -24.61 29.07 97.01
CA GLU A 1924 -24.38 28.64 95.64
C GLU A 1924 -24.61 27.14 95.49
N GLY A 1925 -25.25 26.76 94.39
CA GLY A 1925 -25.45 25.35 94.10
C GLY A 1925 -24.18 24.69 93.60
N LEU A 1926 -24.27 23.36 93.51
CA LEU A 1926 -23.13 22.56 93.05
C LEU A 1926 -22.95 22.61 91.55
N LEU A 1927 -24.05 22.71 90.79
CA LEU A 1927 -24.01 22.51 89.35
C LEU A 1927 -23.59 23.75 88.58
N GLN A 1928 -23.80 24.95 89.15
CA GLN A 1928 -23.48 26.18 88.45
C GLN A 1928 -22.09 26.72 88.74
N MET A 1929 -21.23 25.95 89.41
CA MET A 1929 -19.82 26.32 89.46
C MET A 1929 -19.09 25.69 88.29
N LYS A 1930 -17.82 26.07 88.12
CA LYS A 1930 -17.00 25.54 87.04
C LYS A 1930 -16.08 24.48 87.63
N LEU A 1931 -16.37 23.22 87.30
CA LEU A 1931 -15.66 22.08 87.86
C LEU A 1931 -14.81 21.43 86.77
N PRO A 1932 -13.70 20.76 87.13
CA PRO A 1932 -12.96 19.99 86.13
C PRO A 1932 -13.73 18.75 85.68
N GLU A 1933 -13.23 18.16 84.59
CA GLU A 1933 -13.95 17.10 83.89
C GLU A 1933 -13.77 15.71 84.49
N SER A 1934 -13.06 15.59 85.61
CA SER A 1934 -12.83 14.30 86.23
C SER A 1934 -13.61 14.07 87.51
N VAL A 1935 -14.35 15.07 88.01
CA VAL A 1935 -15.00 14.96 89.30
C VAL A 1935 -16.51 14.77 89.14
N LYS A 1936 -17.07 15.26 88.04
CA LYS A 1936 -18.52 15.30 87.86
C LYS A 1936 -19.06 14.15 87.03
N LEU A 1937 -18.34 13.02 86.97
CA LEU A 1937 -18.94 11.80 86.45
C LEU A 1937 -19.69 11.04 87.54
N GLN A 1938 -19.23 11.14 88.81
CA GLN A 1938 -20.01 10.59 89.91
C GLN A 1938 -21.29 11.38 90.15
N MET A 1939 -21.31 12.68 89.81
CA MET A 1939 -22.58 13.40 89.77
C MET A 1939 -23.51 12.85 88.70
N CYS A 1940 -22.97 12.46 87.54
CA CYS A 1940 -23.79 11.81 86.54
C CYS A 1940 -24.30 10.44 87.02
N ASN A 1941 -23.47 9.73 87.79
CA ASN A 1941 -23.88 8.45 88.37
C ASN A 1941 -25.02 8.63 89.38
N LEU A 1942 -24.92 9.65 90.25
CA LEU A 1942 -25.97 9.81 91.26
C LEU A 1942 -27.25 10.39 90.67
N LEU A 1943 -27.16 11.28 89.67
CA LEU A 1943 -28.39 11.68 88.98
C LEU A 1943 -28.95 10.56 88.10
N GLU A 1944 -28.11 9.64 87.62
CA GLU A 1944 -28.59 8.43 86.98
C GLU A 1944 -29.35 7.55 87.96
N TYR A 1945 -28.88 7.49 89.21
CA TYR A 1945 -29.58 6.78 90.27
C TYR A 1945 -30.91 7.46 90.59
N PHE A 1946 -30.91 8.80 90.58
CA PHE A 1946 -32.13 9.56 90.86
C PHE A 1946 -33.16 9.37 89.77
N CYS A 1947 -32.74 9.38 88.50
CA CYS A 1947 -33.65 9.07 87.41
C CYS A 1947 -34.06 7.61 87.42
N ASP A 1948 -33.22 6.72 87.96
CA ASP A 1948 -33.59 5.31 88.08
C ASP A 1948 -34.71 5.10 89.08
N GLN A 1949 -34.62 5.72 90.26
CA GLN A 1949 -35.75 5.63 91.17
C GLN A 1949 -36.93 6.52 90.78
N GLU A 1950 -36.71 7.56 89.98
CA GLU A 1950 -37.82 8.25 89.34
C GLU A 1950 -38.56 7.33 88.37
N LEU A 1951 -37.82 6.44 87.70
CA LEU A 1951 -38.44 5.39 86.89
C LEU A 1951 -39.07 4.31 87.77
N GLN A 1952 -38.55 4.12 88.98
CA GLN A 1952 -39.13 3.15 89.91
C GLN A 1952 -40.49 3.60 90.43
N HIS A 1953 -40.66 4.92 90.64
CA HIS A 1953 -41.93 5.44 91.14
C HIS A 1953 -43.08 5.23 90.14
N ARG A 1954 -42.77 5.31 88.84
CA ARG A 1954 -43.78 5.09 87.81
C ARG A 1954 -44.24 3.63 87.80
N VAL A 1955 -43.30 2.69 87.92
CA VAL A 1955 -43.68 1.28 87.84
C VAL A 1955 -44.28 0.83 89.16
N GLU A 1956 -43.95 1.50 90.28
CA GLU A 1956 -44.63 1.22 91.55
C GLU A 1956 -46.08 1.71 91.51
N SER A 1957 -46.30 2.91 90.95
CA SER A 1957 -47.67 3.42 90.81
C SER A 1957 -48.49 2.57 89.84
N LEU A 1958 -47.88 2.14 88.74
CA LEU A 1958 -48.63 1.32 87.79
C LEU A 1958 -48.81 -0.10 88.32
N ALA A 1959 -47.92 -0.55 89.20
CA ALA A 1959 -48.12 -1.83 89.88
C ALA A 1959 -49.25 -1.75 90.89
N ALA A 1960 -49.46 -0.58 91.49
CA ALA A 1960 -50.65 -0.37 92.31
C ALA A 1960 -51.90 -0.35 91.45
N PHE A 1961 -51.84 0.32 90.29
CA PHE A 1961 -52.98 0.38 89.39
C PHE A 1961 -53.29 -0.98 88.76
N ALA A 1962 -52.30 -1.87 88.66
CA ALA A 1962 -52.53 -3.23 88.20
C ALA A 1962 -53.36 -4.03 89.20
N GLU A 1963 -53.18 -3.77 90.50
CA GLU A 1963 -54.13 -4.25 91.50
C GLU A 1963 -55.49 -3.59 91.33
N ARG A 1964 -55.47 -2.27 91.06
CA ARG A 1964 -56.69 -1.45 91.11
C ARG A 1964 -57.68 -1.85 90.01
N TYR A 1965 -57.20 -2.04 88.77
CA TYR A 1965 -58.12 -2.24 87.66
C TYR A 1965 -58.73 -3.64 87.66
N VAL A 1966 -57.97 -4.66 88.06
CA VAL A 1966 -58.58 -5.99 88.13
C VAL A 1966 -59.47 -6.11 89.37
N ASP A 1967 -59.12 -5.40 90.46
CA ASP A 1967 -60.03 -5.33 91.60
C ASP A 1967 -61.29 -4.54 91.27
N LYS A 1968 -61.22 -3.67 90.26
CA LYS A 1968 -62.38 -2.97 89.75
C LYS A 1968 -63.26 -3.90 88.91
N LEU A 1969 -62.67 -4.69 88.01
CA LEU A 1969 -63.49 -5.34 86.99
C LEU A 1969 -63.76 -6.83 87.18
N GLN A 1970 -63.07 -7.53 88.08
CA GLN A 1970 -63.32 -8.97 88.18
C GLN A 1970 -64.63 -9.31 88.90
N ALA A 1971 -65.33 -8.32 89.47
CA ALA A 1971 -66.70 -8.49 89.97
C ALA A 1971 -67.76 -7.99 88.99
N ASN A 1972 -67.42 -6.98 88.17
CA ASN A 1972 -68.20 -6.64 86.98
C ASN A 1972 -68.30 -7.85 86.06
N GLN A 1973 -67.24 -8.65 86.00
CA GLN A 1973 -67.19 -9.87 85.19
C GLN A 1973 -68.18 -10.93 85.68
N ARG A 1974 -68.21 -11.20 86.99
CA ARG A 1974 -69.16 -12.21 87.47
C ARG A 1974 -70.59 -11.68 87.51
N SER A 1975 -70.77 -10.35 87.64
CA SER A 1975 -72.10 -9.78 87.44
C SER A 1975 -72.57 -9.97 85.99
N ARG A 1976 -71.65 -9.84 85.03
CA ARG A 1976 -71.97 -10.09 83.62
C ARG A 1976 -72.34 -11.54 83.37
N TYR A 1977 -71.57 -12.49 83.93
CA TYR A 1977 -71.87 -13.90 83.71
C TYR A 1977 -73.17 -14.32 84.40
N ALA A 1978 -73.46 -13.80 85.59
CA ALA A 1978 -74.73 -14.11 86.24
C ALA A 1978 -75.90 -13.43 85.53
N LEU A 1979 -75.67 -12.29 84.88
CA LEU A 1979 -76.75 -11.58 84.19
C LEU A 1979 -77.10 -12.26 82.87
N LEU A 1980 -76.10 -12.58 82.05
CA LEU A 1980 -76.35 -13.27 80.78
C LEU A 1980 -76.31 -14.78 80.88
N MET A 1981 -76.25 -15.34 82.09
CA MET A 1981 -76.40 -16.79 82.21
C MET A 1981 -77.85 -17.22 82.03
N ARG A 1982 -78.81 -16.35 82.36
CA ARG A 1982 -80.23 -16.64 82.22
C ARG A 1982 -80.89 -15.82 81.12
N ALA A 1983 -80.10 -15.26 80.20
CA ALA A 1983 -80.64 -14.44 79.12
C ALA A 1983 -80.71 -15.30 77.86
N PHE A 1984 -81.80 -16.08 77.77
CA PHE A 1984 -82.02 -16.99 76.65
C PHE A 1984 -82.94 -16.40 75.60
N THR A 1985 -82.95 -15.07 75.47
CA THR A 1985 -83.70 -14.39 74.42
C THR A 1985 -82.91 -14.27 73.12
N MET A 1986 -81.70 -14.80 73.07
CA MET A 1986 -80.86 -14.75 71.89
C MET A 1986 -80.27 -16.12 71.64
N SER A 1987 -80.30 -16.57 70.39
CA SER A 1987 -79.83 -17.90 70.02
C SER A 1987 -78.55 -17.86 69.20
N ALA A 1988 -78.54 -17.13 68.09
CA ALA A 1988 -77.34 -17.06 67.26
C ALA A 1988 -76.26 -16.16 67.85
N ALA A 1989 -76.63 -15.26 68.77
CA ALA A 1989 -75.69 -14.33 69.37
C ALA A 1989 -75.17 -14.78 70.73
N GLU A 1990 -75.83 -15.77 71.35
CA GLU A 1990 -75.48 -16.17 72.71
C GLU A 1990 -74.10 -16.81 72.78
N THR A 1991 -73.80 -17.72 71.85
CA THR A 1991 -72.46 -18.31 71.81
C THR A 1991 -71.41 -17.31 71.32
N ALA A 1992 -71.83 -16.34 70.50
CA ALA A 1992 -70.90 -15.30 70.07
C ALA A 1992 -70.48 -14.40 71.23
N ARG A 1993 -71.38 -14.13 72.18
CA ARG A 1993 -70.94 -13.45 73.39
C ARG A 1993 -70.32 -14.38 74.42
N ARG A 1994 -70.60 -15.69 74.33
CA ARG A 1994 -69.95 -16.68 75.19
C ARG A 1994 -68.53 -17.01 74.73
N THR A 1995 -68.15 -16.66 73.51
CA THR A 1995 -66.75 -16.76 73.10
C THR A 1995 -65.90 -15.74 73.87
N ARG A 1996 -66.50 -14.64 74.34
CA ARG A 1996 -65.83 -13.80 75.32
C ARG A 1996 -65.65 -14.53 76.65
N GLU A 1997 -66.59 -15.43 76.98
CA GLU A 1997 -66.60 -16.09 78.29
C GLU A 1997 -65.57 -17.22 78.36
N PHE A 1998 -65.57 -18.13 77.38
CA PHE A 1998 -64.88 -19.40 77.53
C PHE A 1998 -63.83 -19.72 76.45
N ARG A 1999 -63.70 -18.91 75.40
CA ARG A 1999 -62.84 -19.30 74.30
C ARG A 1999 -61.44 -18.68 74.38
N SER A 2000 -61.35 -17.38 74.66
CA SER A 2000 -60.09 -16.66 74.53
C SER A 2000 -59.13 -17.00 75.68
N PRO A 2001 -57.82 -16.96 75.41
CA PRO A 2001 -56.85 -17.23 76.47
C PRO A 2001 -56.76 -16.12 77.47
N PRO A 2002 -56.32 -16.40 78.72
CA PRO A 2002 -56.39 -15.41 79.80
C PRO A 2002 -55.49 -14.19 79.64
N GLN A 2003 -54.44 -14.30 78.84
CA GLN A 2003 -53.72 -13.11 78.38
C GLN A 2003 -54.23 -12.58 77.05
N GLU A 2004 -55.37 -13.10 76.54
CA GLU A 2004 -56.01 -12.46 75.39
C GLU A 2004 -57.24 -11.66 75.77
N GLN A 2005 -57.99 -12.03 76.82
CA GLN A 2005 -59.10 -11.16 77.21
C GLN A 2005 -58.63 -9.80 77.72
N ILE A 2006 -57.43 -9.73 78.27
CA ILE A 2006 -56.90 -8.47 78.79
C ILE A 2006 -56.64 -7.48 77.64
N ASN A 2007 -56.26 -7.99 76.46
CA ASN A 2007 -56.13 -7.12 75.31
C ASN A 2007 -57.48 -6.89 74.64
N MET A 2008 -58.42 -7.82 74.79
CA MET A 2008 -59.78 -7.59 74.33
C MET A 2008 -60.50 -6.53 75.15
N LEU A 2009 -60.05 -6.31 76.39
CA LEU A 2009 -60.70 -5.42 77.35
C LEU A 2009 -60.54 -3.94 77.01
N LEU A 2010 -59.40 -3.56 76.42
CA LEU A 2010 -59.02 -2.15 76.32
C LEU A 2010 -58.99 -1.67 74.88
N HIS A 2011 -60.03 -1.97 74.11
CA HIS A 2011 -60.17 -1.54 72.73
C HIS A 2011 -61.12 -0.36 72.60
N PHE A 2012 -61.02 0.59 73.55
CA PHE A 2012 -61.94 1.72 73.67
C PHE A 2012 -61.48 2.93 72.86
N LYS A 2013 -60.37 2.80 72.13
CA LYS A 2013 -59.77 3.94 71.46
C LYS A 2013 -60.44 4.17 70.10
N ASP A 2014 -61.02 5.35 69.93
CA ASP A 2014 -61.62 5.83 68.68
C ASP A 2014 -62.65 4.91 68.03
N ASP A 2020 -67.11 -4.43 69.82
CA ASP A 2020 -65.83 -4.96 70.26
C ASP A 2020 -65.57 -4.60 71.72
N CYS A 2021 -66.55 -3.94 72.34
CA CYS A 2021 -66.44 -3.50 73.73
C CYS A 2021 -67.82 -3.53 74.40
N PRO A 2022 -68.17 -4.63 75.06
CA PRO A 2022 -69.48 -4.76 75.71
C PRO A 2022 -69.56 -4.20 77.12
N LEU A 2023 -68.49 -3.60 77.63
CA LEU A 2023 -68.17 -3.00 78.93
C LEU A 2023 -68.91 -1.66 79.07
N PRO A 2024 -69.46 -1.34 80.24
CA PRO A 2024 -70.25 -0.10 80.37
C PRO A 2024 -69.38 1.15 80.41
N GLU A 2025 -70.07 2.30 80.40
CA GLU A 2025 -69.43 3.60 80.23
C GLU A 2025 -69.17 4.33 81.54
N ASP A 2026 -69.12 3.61 82.66
CA ASP A 2026 -68.75 4.19 83.94
C ASP A 2026 -67.39 3.73 84.43
N ILE A 2027 -66.68 2.92 83.65
CA ILE A 2027 -65.47 2.23 84.10
C ILE A 2027 -64.30 2.47 83.15
N ARG A 2028 -64.38 3.47 82.28
CA ARG A 2028 -63.38 3.67 81.25
C ARG A 2028 -62.43 4.85 81.50
N GLN A 2029 -62.70 5.68 82.51
CA GLN A 2029 -62.06 6.99 82.59
C GLN A 2029 -61.03 7.13 83.71
N ASP A 2030 -60.98 6.20 84.66
CA ASP A 2030 -59.97 6.33 85.72
C ASP A 2030 -58.57 6.06 85.16
N LEU A 2031 -58.42 5.05 84.31
CA LEU A 2031 -57.13 4.86 83.63
C LEU A 2031 -56.87 5.92 82.58
N GLN A 2032 -57.94 6.55 82.05
CA GLN A 2032 -57.75 7.71 81.19
C GLN A 2032 -57.14 8.88 81.96
N ASP A 2033 -57.58 9.11 83.20
CA ASP A 2033 -56.95 10.14 84.02
C ASP A 2033 -55.61 9.69 84.58
N PHE A 2034 -55.37 8.38 84.62
CA PHE A 2034 -54.09 7.85 85.11
C PHE A 2034 -52.98 7.97 84.07
N HIS A 2035 -53.24 7.55 82.82
CA HIS A 2035 -52.13 7.46 81.88
C HIS A 2035 -51.76 8.82 81.30
N GLN A 2036 -52.72 9.76 81.21
CA GLN A 2036 -52.35 11.10 80.78
C GLN A 2036 -51.61 11.84 81.90
N ASP A 2037 -51.89 11.47 83.17
CA ASP A 2037 -51.08 11.97 84.28
C ASP A 2037 -49.67 11.38 84.23
N LEU A 2038 -49.54 10.12 83.79
CA LEU A 2038 -48.21 9.56 83.54
C LEU A 2038 -47.49 10.24 82.39
N LEU A 2039 -48.21 10.61 81.33
CA LEU A 2039 -47.62 11.41 80.25
C LEU A 2039 -47.11 12.75 80.76
N ALA A 2040 -47.93 13.46 81.55
CA ALA A 2040 -47.50 14.73 82.12
C ALA A 2040 -46.38 14.56 83.15
N HIS A 2041 -46.31 13.41 83.81
CA HIS A 2041 -45.16 13.11 84.66
C HIS A 2041 -43.90 12.90 83.82
N CYS A 2042 -44.06 12.39 82.60
CA CYS A 2042 -42.97 12.29 81.64
C CYS A 2042 -42.76 13.64 80.93
N GLY A 2043 -41.97 13.63 79.86
CA GLY A 2043 -41.54 14.87 79.22
C GLY A 2043 -42.61 15.62 78.45
N ILE A 2044 -43.61 14.90 77.94
CA ILE A 2044 -44.72 15.53 77.23
C ILE A 2044 -45.65 16.21 78.25
N GLN A 2045 -46.07 17.44 77.95
CA GLN A 2045 -46.97 18.09 78.88
C GLN A 2045 -48.44 17.73 78.66
N LEU A 2046 -48.75 17.06 77.54
CA LEU A 2046 -50.03 16.38 77.29
C LEU A 2046 -51.22 17.35 77.30
N GLU A 2047 -51.23 18.25 76.31
CA GLU A 2047 -52.36 19.16 76.13
C GLU A 2047 -53.19 18.73 74.91
N PRO A 2091 -35.79 26.68 85.33
CA PRO A 2091 -36.44 25.35 85.36
C PRO A 2091 -37.52 25.24 86.44
N GLN A 2092 -38.50 24.36 86.21
CA GLN A 2092 -39.58 24.11 87.15
C GLN A 2092 -39.50 22.74 87.82
N SER A 2093 -38.79 21.79 87.24
CA SER A 2093 -38.63 20.46 87.80
C SER A 2093 -37.29 19.91 87.35
N LEU A 2094 -37.00 18.66 87.72
CA LEU A 2094 -35.73 18.09 87.31
C LEU A 2094 -35.72 17.64 85.86
N GLN A 2095 -36.88 17.56 85.21
CA GLN A 2095 -36.92 17.35 83.76
C GLN A 2095 -36.42 18.57 82.99
N GLU A 2096 -36.45 19.76 83.59
CA GLU A 2096 -35.86 20.95 82.99
C GLU A 2096 -34.60 21.41 83.70
N LEU A 2097 -34.25 20.80 84.83
CA LEU A 2097 -33.00 21.09 85.52
C LEU A 2097 -31.81 20.61 84.71
N VAL A 2098 -31.70 19.30 84.51
CA VAL A 2098 -30.49 18.71 83.94
C VAL A 2098 -30.56 18.62 82.42
N SER A 2099 -31.68 18.99 81.80
CA SER A 2099 -31.72 19.06 80.34
C SER A 2099 -30.83 20.19 79.84
N HIS A 2100 -30.88 21.33 80.52
CA HIS A 2100 -30.03 22.48 80.23
C HIS A 2100 -28.72 22.47 81.00
N MET A 2101 -28.25 21.29 81.42
CA MET A 2101 -27.00 21.18 82.16
C MET A 2101 -25.89 20.59 81.30
N VAL A 2102 -26.23 19.59 80.47
CA VAL A 2102 -25.25 18.95 79.60
C VAL A 2102 -24.79 19.91 78.51
N VAL A 2103 -25.72 20.67 77.91
CA VAL A 2103 -25.34 21.67 76.92
C VAL A 2103 -24.59 22.82 77.56
N ARG A 2104 -24.88 23.13 78.83
CA ARG A 2104 -24.14 24.15 79.58
C ARG A 2104 -22.70 23.72 79.77
N TRP A 2105 -22.48 22.46 80.13
CA TRP A 2105 -21.13 21.94 80.31
C TRP A 2105 -20.42 21.72 78.98
N ALA A 2106 -21.18 21.52 77.90
CA ALA A 2106 -20.58 21.27 76.60
C ALA A 2106 -20.16 22.55 75.89
N GLN A 2107 -20.92 23.64 76.08
CA GLN A 2107 -20.52 24.93 75.52
C GLN A 2107 -19.40 25.60 76.29
N GLU A 2108 -19.00 25.05 77.44
CA GLU A 2108 -17.94 25.64 78.24
C GLU A 2108 -16.57 25.34 77.62
N ASP A 2109 -16.20 24.07 77.55
CA ASP A 2109 -14.92 23.68 77.00
C ASP A 2109 -15.05 22.34 76.30
N TYR A 2110 -14.07 22.04 75.45
CA TYR A 2110 -13.99 20.76 74.76
C TYR A 2110 -13.57 19.68 75.76
N VAL A 2111 -14.27 18.56 75.74
CA VAL A 2111 -13.93 17.47 76.65
C VAL A 2111 -12.66 16.78 76.16
N GLN A 2112 -12.04 16.06 77.09
CA GLN A 2112 -10.83 15.30 76.83
C GLN A 2112 -11.03 13.80 77.02
N SER A 2113 -12.20 13.40 77.49
CA SER A 2113 -12.48 12.11 78.08
C SER A 2113 -13.47 11.31 77.25
N PRO A 2114 -13.29 9.99 77.13
CA PRO A 2114 -14.26 9.14 76.41
C PRO A 2114 -15.33 8.53 77.30
N GLU A 2115 -15.34 8.82 78.60
CA GLU A 2115 -16.34 8.29 79.53
C GLU A 2115 -17.41 9.30 79.92
N LEU A 2116 -17.07 10.58 80.08
CA LEU A 2116 -18.08 11.58 80.44
C LEU A 2116 -19.00 11.90 79.26
N VAL A 2117 -18.44 11.94 78.04
CA VAL A 2117 -19.23 12.19 76.83
C VAL A 2117 -20.09 10.98 76.48
N ARG A 2118 -19.81 9.80 77.06
CA ARG A 2118 -20.77 8.71 76.95
C ARG A 2118 -21.76 8.74 78.10
N ALA A 2119 -21.32 9.16 79.29
CA ALA A 2119 -22.14 9.07 80.50
C ALA A 2119 -23.30 10.05 80.47
N MET A 2120 -23.03 11.36 80.33
CA MET A 2120 -24.19 12.26 80.39
C MET A 2120 -24.98 12.28 79.09
N PHE A 2121 -24.38 11.81 77.99
CA PHE A 2121 -25.15 11.58 76.76
C PHE A 2121 -26.03 10.34 76.85
N SER A 2122 -25.71 9.40 77.73
CA SER A 2122 -26.69 8.37 78.10
C SER A 2122 -27.67 8.87 79.15
N LEU A 2123 -27.32 9.91 79.90
CA LEU A 2123 -28.21 10.45 80.93
C LEU A 2123 -29.36 11.29 80.36
N LEU A 2124 -29.10 12.20 79.40
CA LEU A 2124 -30.21 13.09 79.02
C LEU A 2124 -31.22 12.39 78.12
N HIS A 2125 -30.78 11.40 77.33
CA HIS A 2125 -31.70 10.63 76.50
C HIS A 2125 -32.63 9.79 77.35
N ARG A 2126 -32.16 9.37 78.52
CA ARG A 2126 -32.98 8.69 79.53
C ARG A 2126 -34.19 9.54 79.93
N GLN A 2127 -33.94 10.76 80.39
CA GLN A 2127 -35.04 11.59 80.85
C GLN A 2127 -35.82 12.22 79.71
N TYR A 2128 -35.27 12.24 78.49
CA TYR A 2128 -36.06 12.66 77.34
C TYR A 2128 -37.03 11.55 76.90
N ASP A 2129 -36.50 10.38 76.55
CA ASP A 2129 -37.35 9.24 76.23
C ASP A 2129 -37.52 8.34 77.46
N GLY A 2130 -37.95 8.99 78.55
CA GLY A 2130 -38.49 8.27 79.69
C GLY A 2130 -39.59 7.28 79.35
N LEU A 2131 -40.45 7.62 78.39
CA LEU A 2131 -41.51 6.70 77.97
C LEU A 2131 -40.94 5.46 77.28
N GLY A 2132 -39.95 5.66 76.41
CA GLY A 2132 -39.29 4.53 75.77
C GLY A 2132 -38.47 3.70 76.73
N GLU A 2133 -37.86 4.33 77.73
CA GLU A 2133 -37.11 3.60 78.74
C GLU A 2133 -38.02 2.85 79.69
N LEU A 2134 -39.22 3.37 79.97
CA LEU A 2134 -40.22 2.63 80.71
C LEU A 2134 -40.75 1.45 79.91
N LEU A 2135 -40.92 1.63 78.60
CA LEU A 2135 -41.46 0.58 77.75
C LEU A 2135 -40.50 -0.60 77.62
N ARG A 2136 -39.19 -0.37 77.76
CA ARG A 2136 -38.22 -1.46 77.75
C ARG A 2136 -37.80 -1.91 79.14
N ALA A 2137 -38.32 -1.30 80.20
CA ALA A 2137 -38.04 -1.77 81.55
C ALA A 2137 -39.23 -2.44 82.21
N LEU A 2138 -40.45 -2.21 81.73
CA LEU A 2138 -41.63 -2.83 82.30
C LEU A 2138 -41.88 -4.32 81.96
N PRO A 2139 -41.52 -4.89 80.79
CA PRO A 2139 -41.73 -6.34 80.62
C PRO A 2139 -40.79 -7.20 81.44
N ARG A 2140 -39.70 -6.64 81.96
CA ARG A 2140 -38.81 -7.35 82.86
C ARG A 2140 -39.15 -7.08 84.33
N ALA A 2141 -40.42 -6.78 84.59
CA ALA A 2141 -40.93 -6.52 85.93
C ALA A 2141 -42.08 -7.48 86.22
N TYR A 2142 -42.06 -8.09 87.41
CA TYR A 2142 -43.07 -9.05 87.80
C TYR A 2142 -43.65 -8.67 89.16
N THR A 2143 -44.77 -9.27 89.51
CA THR A 2143 -45.47 -9.00 90.76
C THR A 2143 -45.78 -10.33 91.44
N ILE A 2144 -45.43 -10.43 92.71
CA ILE A 2144 -45.59 -11.66 93.49
C ILE A 2144 -46.53 -11.38 94.65
N SER A 2145 -47.45 -12.30 94.90
CA SER A 2145 -48.37 -12.22 96.04
C SER A 2145 -47.58 -12.17 97.34
N PRO A 2146 -47.97 -11.33 98.30
CA PRO A 2146 -47.06 -10.99 99.41
C PRO A 2146 -46.87 -12.08 100.46
N SER A 2147 -47.44 -13.27 100.27
CA SER A 2147 -47.20 -14.38 101.18
C SER A 2147 -46.03 -15.25 100.76
N SER A 2148 -45.23 -14.81 99.77
CA SER A 2148 -44.10 -15.58 99.26
C SER A 2148 -42.79 -14.79 99.38
N VAL A 2149 -42.79 -13.73 100.19
CA VAL A 2149 -41.59 -12.91 100.36
C VAL A 2149 -40.52 -13.69 101.11
N GLU A 2150 -40.92 -14.49 102.11
CA GLU A 2150 -39.93 -15.25 102.88
C GLU A 2150 -39.33 -16.39 102.09
N ASP A 2151 -39.97 -16.81 101.00
CA ASP A 2151 -39.35 -17.76 100.08
C ASP A 2151 -38.49 -17.05 99.04
N THR A 2152 -38.92 -15.88 98.56
CA THR A 2152 -38.22 -15.25 97.44
C THR A 2152 -36.97 -14.47 97.86
N MET A 2153 -36.86 -13.99 99.10
CA MET A 2153 -35.63 -13.27 99.45
C MET A 2153 -34.44 -14.20 99.56
N SER A 2154 -34.67 -15.49 99.86
CA SER A 2154 -33.61 -16.49 99.82
C SER A 2154 -33.07 -16.65 98.40
N LEU A 2155 -33.96 -16.68 97.40
CA LEU A 2155 -33.53 -16.83 96.01
C LEU A 2155 -32.83 -15.56 95.52
N LEU A 2156 -33.29 -14.39 95.94
CA LEU A 2156 -32.60 -13.16 95.57
C LEU A 2156 -31.23 -13.04 96.22
N GLU A 2157 -31.06 -13.54 97.45
CA GLU A 2157 -29.72 -13.61 98.03
C GLU A 2157 -28.84 -14.62 97.30
N CYS A 2158 -29.45 -15.73 96.85
CA CYS A 2158 -28.70 -16.72 96.08
C CYS A 2158 -28.29 -16.20 94.71
N LEU A 2159 -29.13 -15.35 94.10
CA LEU A 2159 -28.77 -14.72 92.84
C LEU A 2159 -27.76 -13.59 93.06
N GLY A 2160 -27.77 -12.96 94.24
CA GLY A 2160 -26.69 -12.07 94.60
C GLY A 2160 -25.39 -12.77 94.92
N GLN A 2161 -25.46 -14.05 95.27
CA GLN A 2161 -24.30 -14.91 95.50
C GLN A 2161 -23.71 -15.48 94.21
N ILE A 2162 -24.54 -15.94 93.28
CA ILE A 2162 -24.04 -16.57 92.06
C ILE A 2162 -23.40 -15.52 91.15
N ARG A 2163 -23.92 -14.29 91.17
CA ARG A 2163 -23.31 -13.20 90.42
C ARG A 2163 -22.37 -12.35 91.27
N SER A 2164 -22.15 -12.73 92.53
CA SER A 2164 -20.93 -12.31 93.20
C SER A 2164 -19.78 -13.26 92.93
N LEU A 2165 -20.08 -14.52 92.58
CA LEU A 2165 -19.04 -15.50 92.33
C LEU A 2165 -18.70 -15.69 90.85
N LEU A 2166 -19.57 -15.26 89.92
CA LEU A 2166 -19.21 -15.45 88.51
C LEU A 2166 -18.06 -14.56 88.07
N ILE A 2167 -17.80 -13.45 88.75
CA ILE A 2167 -16.65 -12.62 88.44
C ILE A 2167 -15.47 -12.92 89.36
N VAL A 2168 -15.44 -14.12 89.95
CA VAL A 2168 -14.20 -14.68 90.49
C VAL A 2168 -13.94 -16.00 89.75
N GLN A 2169 -12.67 -16.29 89.51
CA GLN A 2169 -12.28 -17.50 88.79
C GLN A 2169 -12.31 -18.69 89.74
N MET A 2170 -12.61 -19.87 89.18
CA MET A 2170 -12.95 -21.03 89.98
C MET A 2170 -11.69 -21.61 90.62
N GLY A 2171 -11.74 -21.82 91.94
CA GLY A 2171 -10.59 -22.27 92.69
C GLY A 2171 -10.73 -23.68 93.24
N PRO A 2172 -9.97 -24.00 94.31
CA PRO A 2172 -10.01 -25.37 94.88
C PRO A 2172 -11.29 -25.71 95.64
N GLN A 2173 -11.79 -24.79 96.48
CA GLN A 2173 -13.03 -25.03 97.20
C GLN A 2173 -14.14 -24.07 96.72
N GLU A 2174 -14.18 -23.78 95.43
CA GLU A 2174 -15.27 -23.01 94.86
C GLU A 2174 -16.32 -23.90 94.19
N GLU A 2175 -16.22 -25.22 94.32
CA GLU A 2175 -17.09 -26.17 93.62
C GLU A 2175 -18.36 -26.46 94.38
N ASN A 2176 -18.33 -26.38 95.71
CA ASN A 2176 -19.45 -26.80 96.54
C ASN A 2176 -20.42 -25.66 96.85
N LEU A 2177 -19.91 -24.44 96.97
CA LEU A 2177 -20.73 -23.26 97.22
C LEU A 2177 -21.56 -22.90 95.99
N MET A 2178 -21.09 -23.28 94.80
CA MET A 2178 -21.89 -23.20 93.58
C MET A 2178 -23.10 -24.12 93.66
N ILE A 2179 -22.85 -25.40 93.96
CA ILE A 2179 -23.88 -26.40 93.72
C ILE A 2179 -24.88 -26.49 94.87
N GLN A 2180 -24.50 -26.17 96.11
CA GLN A 2180 -25.53 -26.06 97.13
C GLN A 2180 -26.37 -24.79 96.99
N SER A 2181 -25.84 -23.75 96.34
CA SER A 2181 -26.68 -22.59 96.04
C SER A 2181 -27.71 -22.91 94.96
N ILE A 2182 -27.27 -23.53 93.87
CA ILE A 2182 -28.25 -23.90 92.84
C ILE A 2182 -29.08 -25.11 93.23
N GLY A 2183 -28.72 -25.80 94.33
CA GLY A 2183 -29.63 -26.76 94.94
C GLY A 2183 -30.57 -26.15 95.95
N ASN A 2184 -30.16 -25.01 96.56
CA ASN A 2184 -31.08 -24.23 97.38
C ASN A 2184 -32.16 -23.58 96.53
N ILE A 2185 -31.87 -23.39 95.23
CA ILE A 2185 -32.92 -23.02 94.28
C ILE A 2185 -34.01 -24.08 94.22
N MET A 2186 -33.63 -25.37 94.31
CA MET A 2186 -34.58 -26.46 94.04
C MET A 2186 -35.63 -26.64 95.13
N ASN A 2187 -35.33 -26.30 96.39
CA ASN A 2187 -36.29 -26.57 97.44
C ASN A 2187 -36.97 -25.27 97.90
N ASN A 2188 -37.35 -24.43 96.94
CA ASN A 2188 -37.80 -23.08 97.23
C ASN A 2188 -39.29 -22.89 96.95
N LYS A 2189 -39.90 -23.73 96.12
CA LYS A 2189 -41.32 -23.73 95.77
C LYS A 2189 -41.80 -22.42 95.13
N VAL A 2190 -40.86 -21.65 94.59
CA VAL A 2190 -41.16 -20.63 93.59
C VAL A 2190 -40.53 -21.00 92.25
N PHE A 2191 -39.74 -22.08 92.24
CA PHE A 2191 -39.10 -22.59 91.04
C PHE A 2191 -40.10 -23.20 90.07
N TYR A 2192 -41.26 -23.64 90.56
CA TYR A 2192 -42.26 -24.26 89.71
C TYR A 2192 -43.60 -23.53 89.75
N GLN A 2193 -43.81 -22.61 90.69
CA GLN A 2193 -45.04 -21.82 90.72
C GLN A 2193 -45.09 -20.83 89.57
N HIS A 2194 -44.02 -20.06 89.38
CA HIS A 2194 -43.91 -19.11 88.29
C HIS A 2194 -42.61 -19.38 87.54
N PRO A 2195 -42.68 -19.72 86.25
CA PRO A 2195 -41.45 -19.98 85.50
C PRO A 2195 -40.84 -18.74 84.86
N ASN A 2196 -41.54 -17.61 84.84
CA ASN A 2196 -41.17 -16.47 84.02
C ASN A 2196 -40.65 -15.26 84.78
N LEU A 2197 -40.58 -15.30 86.12
CA LEU A 2197 -39.86 -14.23 86.79
C LEU A 2197 -38.36 -14.42 86.67
N MET A 2198 -37.93 -15.67 86.47
CA MET A 2198 -36.52 -15.95 86.22
C MET A 2198 -36.08 -15.44 84.86
N ARG A 2199 -36.99 -15.36 83.89
CA ARG A 2199 -36.67 -14.72 82.61
C ARG A 2199 -36.39 -13.23 82.78
N ALA A 2200 -37.08 -12.59 83.74
CA ALA A 2200 -36.77 -11.19 84.05
C ALA A 2200 -35.51 -11.05 84.88
N LEU A 2201 -35.24 -11.98 85.80
CA LEU A 2201 -34.01 -11.94 86.57
C LEU A 2201 -32.76 -12.22 85.74
N GLY A 2202 -32.89 -12.99 84.66
CA GLY A 2202 -31.75 -13.28 83.82
C GLY A 2202 -30.84 -14.35 84.39
N MET A 2203 -31.41 -15.39 84.98
CA MET A 2203 -30.62 -16.46 85.58
C MET A 2203 -30.16 -17.50 84.57
N HIS A 2204 -30.90 -17.70 83.49
CA HIS A 2204 -30.69 -18.86 82.62
C HIS A 2204 -29.53 -18.72 81.64
N GLU A 2205 -28.88 -17.56 81.56
CA GLU A 2205 -27.61 -17.44 80.85
C GLU A 2205 -26.41 -17.25 81.76
N THR A 2206 -26.62 -16.81 83.01
CA THR A 2206 -25.52 -16.75 83.97
C THR A 2206 -25.10 -18.14 84.44
N VAL A 2207 -25.95 -19.14 84.27
CA VAL A 2207 -25.60 -20.52 84.60
C VAL A 2207 -24.80 -21.21 83.51
N MET A 2208 -24.75 -20.65 82.30
CA MET A 2208 -23.88 -21.15 81.25
C MET A 2208 -22.70 -20.24 80.94
N GLU A 2209 -22.75 -18.98 81.36
CA GLU A 2209 -21.54 -18.16 81.31
C GLU A 2209 -20.51 -18.65 82.31
N VAL A 2210 -20.95 -19.25 83.41
CA VAL A 2210 -20.01 -19.95 84.28
C VAL A 2210 -19.63 -21.32 83.74
N MET A 2211 -20.41 -21.87 82.80
CA MET A 2211 -20.07 -23.15 82.20
C MET A 2211 -18.99 -22.98 81.13
N VAL A 2212 -19.08 -21.90 80.35
CA VAL A 2212 -18.09 -21.65 79.30
C VAL A 2212 -16.73 -21.25 79.86
N ASN A 2213 -16.65 -20.84 81.13
CA ASN A 2213 -15.34 -20.61 81.74
C ASN A 2213 -14.57 -21.92 81.89
N VAL A 2214 -15.23 -22.97 82.39
CA VAL A 2214 -14.54 -24.24 82.59
C VAL A 2214 -14.62 -25.15 81.37
N LEU A 2215 -15.38 -24.78 80.34
CA LEU A 2215 -15.33 -25.50 79.08
C LEU A 2215 -14.55 -24.77 77.99
N GLY A 2216 -14.15 -23.53 78.21
CA GLY A 2216 -13.35 -22.80 77.25
C GLY A 2216 -14.15 -21.97 76.26
N GLU A 2222 -8.51 -29.96 78.00
CA GLU A 2222 -8.98 -30.87 79.04
C GLU A 2222 -9.95 -30.17 79.99
N ILE A 2223 -10.60 -30.94 80.85
CA ILE A 2223 -11.49 -30.43 81.88
C ILE A 2223 -10.83 -30.64 83.24
N ARG A 2224 -11.00 -29.67 84.12
CA ARG A 2224 -10.46 -29.74 85.47
C ARG A 2224 -11.53 -29.78 86.55
N PHE A 2225 -12.81 -29.66 86.19
CA PHE A 2225 -13.90 -29.60 87.17
C PHE A 2225 -14.97 -30.60 86.71
N PRO A 2226 -14.86 -31.86 87.15
CA PRO A 2226 -15.86 -32.87 86.74
C PRO A 2226 -17.14 -32.80 87.55
N LYS A 2227 -17.05 -32.17 88.73
CA LYS A 2227 -18.21 -32.00 89.60
C LYS A 2227 -19.21 -30.98 89.07
N MET A 2228 -18.74 -29.93 88.40
CA MET A 2228 -19.59 -28.76 88.18
C MET A 2228 -20.45 -28.89 86.91
N VAL A 2229 -20.00 -29.68 85.94
CA VAL A 2229 -20.68 -29.72 84.64
C VAL A 2229 -22.02 -30.45 84.71
N THR A 2230 -22.04 -31.61 85.39
CA THR A 2230 -23.25 -32.38 85.59
C THR A 2230 -24.21 -31.74 86.59
N SER A 2231 -23.77 -30.71 87.31
CA SER A 2231 -24.60 -29.91 88.19
C SER A 2231 -25.09 -28.63 87.54
N CYS A 2232 -24.34 -28.09 86.59
CA CYS A 2232 -24.83 -26.96 85.81
C CYS A 2232 -25.93 -27.40 84.86
N CYS A 2233 -25.74 -28.54 84.18
CA CYS A 2233 -26.82 -29.07 83.37
C CYS A 2233 -27.96 -29.66 84.19
N ARG A 2234 -27.71 -29.96 85.47
CA ARG A 2234 -28.76 -30.43 86.37
C ARG A 2234 -29.84 -29.38 86.58
N PHE A 2235 -29.43 -28.11 86.73
CA PHE A 2235 -30.38 -27.01 86.84
C PHE A 2235 -31.16 -26.81 85.55
N LEU A 2236 -30.46 -26.82 84.42
CA LEU A 2236 -31.03 -26.58 83.10
C LEU A 2236 -32.00 -27.66 82.65
N CYS A 2237 -31.70 -28.94 82.94
CA CYS A 2237 -32.56 -30.03 82.48
C CYS A 2237 -33.92 -30.01 83.15
N TYR A 2238 -34.00 -29.51 84.37
CA TYR A 2238 -35.28 -29.24 85.00
C TYR A 2238 -35.83 -27.87 84.66
N PHE A 2239 -34.98 -26.93 84.22
CA PHE A 2239 -35.47 -25.63 83.79
C PHE A 2239 -36.20 -25.70 82.46
N CYS A 2240 -35.86 -26.67 81.60
CA CYS A 2240 -36.52 -26.77 80.30
C CYS A 2240 -38.00 -27.16 80.44
N ARG A 2241 -38.30 -28.13 81.29
CA ARG A 2241 -39.67 -28.65 81.35
C ARG A 2241 -40.42 -28.23 82.62
N ILE A 2242 -40.40 -26.94 82.97
CA ILE A 2242 -41.34 -26.43 83.96
C ILE A 2242 -42.45 -25.68 83.22
N SER A 2243 -42.10 -25.09 82.09
CA SER A 2243 -43.02 -24.49 81.13
C SER A 2243 -42.43 -24.73 79.75
N ARG A 2244 -42.89 -24.01 78.74
CA ARG A 2244 -42.34 -24.25 77.40
C ARG A 2244 -41.93 -23.02 76.61
N GLN A 2245 -42.31 -21.80 76.99
CA GLN A 2245 -41.69 -20.65 76.36
C GLN A 2245 -40.29 -20.35 76.90
N ASN A 2246 -39.82 -21.12 77.89
CA ASN A 2246 -38.40 -21.10 78.25
C ASN A 2246 -37.55 -21.95 77.30
N GLN A 2247 -38.17 -22.73 76.42
CA GLN A 2247 -37.43 -23.67 75.57
C GLN A 2247 -36.67 -22.95 74.46
N ARG A 2248 -37.32 -21.99 73.79
CA ARG A 2248 -36.72 -21.28 72.67
C ARG A 2248 -35.81 -20.15 73.09
N SER A 2249 -35.70 -19.87 74.39
CA SER A 2249 -34.59 -19.04 74.86
C SER A 2249 -33.29 -19.83 74.88
N MET A 2250 -33.38 -21.16 74.82
CA MET A 2250 -32.23 -22.06 74.76
C MET A 2250 -31.93 -22.58 73.37
N PHE A 2251 -32.76 -22.26 72.37
CA PHE A 2251 -32.63 -22.95 71.09
C PHE A 2251 -31.50 -22.38 70.25
N ASP A 2252 -31.31 -21.05 70.27
CA ASP A 2252 -30.21 -20.43 69.54
C ASP A 2252 -28.87 -20.68 70.23
N HIS A 2253 -28.88 -21.20 71.45
CA HIS A 2253 -27.70 -21.62 72.18
C HIS A 2253 -27.19 -22.98 71.74
N LEU A 2254 -27.89 -23.66 70.81
CA LEU A 2254 -27.55 -25.03 70.47
C LEU A 2254 -26.34 -25.14 69.54
N SER A 2255 -25.87 -24.02 68.98
CA SER A 2255 -24.62 -24.06 68.23
C SER A 2255 -23.41 -24.26 69.15
N TYR A 2256 -23.57 -24.04 70.46
CA TYR A 2256 -22.52 -24.29 71.43
C TYR A 2256 -22.94 -25.23 72.56
N LEU A 2257 -24.23 -25.53 72.69
CA LEU A 2257 -24.70 -26.46 73.72
C LEU A 2257 -24.23 -27.89 73.46
N LEU A 2258 -24.21 -28.33 72.20
CA LEU A 2258 -23.65 -29.62 71.84
C LEU A 2258 -22.34 -29.47 71.07
N GLU A 2259 -21.71 -28.30 71.12
CA GLU A 2259 -20.38 -28.15 70.52
C GLU A 2259 -19.28 -28.70 71.42
N ASN A 2260 -19.53 -28.82 72.72
CA ASN A 2260 -18.52 -29.28 73.65
C ASN A 2260 -18.98 -30.55 74.36
N SER A 2261 -19.82 -31.34 73.70
CA SER A 2261 -20.34 -32.57 74.27
C SER A 2261 -19.48 -33.78 73.93
N GLY A 2262 -18.61 -33.66 72.93
CA GLY A 2262 -17.76 -34.78 72.53
C GLY A 2262 -16.28 -34.51 72.70
N MET A 2267 -19.02 -37.47 79.28
CA MET A 2267 -18.38 -37.60 80.58
C MET A 2267 -19.14 -38.55 81.49
N GLN A 2268 -18.53 -38.93 82.60
CA GLN A 2268 -19.20 -39.74 83.61
C GLN A 2268 -20.25 -38.91 84.33
N GLY A 2269 -21.43 -39.48 84.50
CA GLY A 2269 -22.56 -38.76 85.08
C GLY A 2269 -23.48 -38.22 83.98
N SER A 2270 -23.56 -36.89 83.86
CA SER A 2270 -24.32 -36.26 82.80
C SER A 2270 -23.42 -35.33 82.00
N THR A 2271 -23.71 -35.23 80.72
CA THR A 2271 -22.95 -34.46 79.73
C THR A 2271 -23.85 -33.37 79.16
N PRO A 2272 -23.28 -32.26 78.61
CA PRO A 2272 -24.13 -31.16 78.12
C PRO A 2272 -25.00 -31.45 76.88
N LEU A 2273 -25.05 -32.70 76.42
CA LEU A 2273 -25.99 -33.10 75.38
C LEU A 2273 -27.36 -33.45 75.94
N ASP A 2274 -27.47 -33.68 77.25
CA ASP A 2274 -28.76 -34.02 77.87
C ASP A 2274 -29.72 -32.84 77.77
N VAL A 2275 -29.22 -31.62 77.93
CA VAL A 2275 -30.07 -30.45 77.79
C VAL A 2275 -30.37 -30.17 76.32
N ALA A 2276 -29.49 -30.57 75.41
CA ALA A 2276 -29.80 -30.47 73.99
C ALA A 2276 -30.90 -31.43 73.58
N ALA A 2277 -30.95 -32.61 74.22
CA ALA A 2277 -32.05 -33.53 74.00
C ALA A 2277 -33.34 -33.04 74.66
N ALA A 2278 -33.22 -32.34 75.77
CA ALA A 2278 -34.39 -31.70 76.40
C ALA A 2278 -34.85 -30.45 75.66
N SER A 2279 -34.03 -29.92 74.75
CA SER A 2279 -34.45 -28.78 73.94
C SER A 2279 -35.35 -29.15 72.76
N VAL A 2280 -35.58 -30.43 72.49
CA VAL A 2280 -36.37 -30.87 71.35
C VAL A 2280 -37.54 -31.76 71.75
N ILE A 2281 -37.97 -31.69 73.00
CA ILE A 2281 -38.99 -32.61 73.52
C ILE A 2281 -40.29 -31.82 73.74
N ASP A 2282 -41.42 -32.52 73.60
CA ASP A 2282 -42.76 -32.20 74.13
C ASP A 2282 -43.50 -31.18 73.26
N ASN A 2283 -42.94 -30.79 72.11
CA ASN A 2283 -43.71 -30.00 71.16
C ASN A 2283 -43.16 -30.25 69.76
N ASN A 2284 -44.06 -30.13 68.76
CA ASN A 2284 -43.68 -30.31 67.37
C ASN A 2284 -43.13 -29.05 66.72
N GLU A 2285 -43.50 -27.85 67.20
CA GLU A 2285 -42.98 -26.64 66.55
C GLU A 2285 -41.57 -26.31 67.02
N LEU A 2286 -41.20 -26.73 68.23
CA LEU A 2286 -39.79 -26.77 68.62
C LEU A 2286 -39.02 -27.89 67.91
N ALA A 2287 -39.72 -28.80 67.23
CA ALA A 2287 -39.12 -29.95 66.58
C ALA A 2287 -38.92 -29.76 65.08
N LEU A 2288 -39.84 -29.11 64.38
CA LEU A 2288 -39.67 -29.01 62.93
C LEU A 2288 -38.95 -27.72 62.53
N ALA A 2289 -38.63 -26.86 63.50
CA ALA A 2289 -37.96 -25.60 63.23
C ALA A 2289 -36.45 -25.68 63.42
N LEU A 2290 -35.86 -26.87 63.39
CA LEU A 2290 -34.42 -27.00 63.40
C LEU A 2290 -33.85 -26.59 62.04
N GLN A 2291 -32.79 -25.79 62.07
CA GLN A 2291 -32.06 -25.52 60.85
C GLN A 2291 -31.16 -26.71 60.51
N GLU A 2292 -31.01 -26.95 59.20
CA GLU A 2292 -30.35 -28.17 58.73
C GLU A 2292 -28.84 -28.14 58.93
N GLN A 2293 -28.25 -26.95 59.13
CA GLN A 2293 -26.81 -26.85 59.33
C GLN A 2293 -26.36 -27.28 60.72
N ASP A 2294 -27.28 -27.47 61.67
CA ASP A 2294 -26.92 -27.87 63.02
C ASP A 2294 -27.15 -29.36 63.28
N LEU A 2295 -27.19 -30.18 62.23
CA LEU A 2295 -27.43 -31.61 62.38
C LEU A 2295 -26.32 -32.49 61.84
N GLU A 2296 -25.56 -32.04 60.84
CA GLU A 2296 -24.42 -32.81 60.36
C GLU A 2296 -23.28 -32.85 61.36
N LYS A 2297 -23.28 -31.94 62.33
CA LYS A 2297 -22.28 -31.95 63.39
C LYS A 2297 -22.47 -33.14 64.35
N VAL A 2298 -23.69 -33.68 64.44
CA VAL A 2298 -23.92 -34.87 65.25
C VAL A 2298 -23.35 -36.11 64.57
N VAL A 2299 -23.66 -36.28 63.28
CA VAL A 2299 -23.10 -37.40 62.53
C VAL A 2299 -21.63 -37.21 62.19
N SER A 2300 -21.08 -36.01 62.34
CA SER A 2300 -19.63 -35.85 62.27
C SER A 2300 -18.96 -36.51 63.48
N TYR A 2301 -19.53 -36.33 64.67
CA TYR A 2301 -19.03 -37.06 65.85
C TYR A 2301 -19.32 -38.55 65.74
N LEU A 2302 -20.45 -38.91 65.13
CA LEU A 2302 -20.77 -40.34 64.93
C LEU A 2302 -19.81 -41.00 63.94
N ALA A 2303 -19.46 -40.31 62.85
CA ALA A 2303 -18.47 -40.81 61.92
C ALA A 2303 -17.05 -40.75 62.49
N GLY A 2304 -16.81 -39.88 63.47
CA GLY A 2304 -15.55 -39.94 64.18
C GLY A 2304 -15.45 -41.16 65.07
N CYS A 2305 -16.51 -41.46 65.83
CA CYS A 2305 -16.50 -42.61 66.72
C CYS A 2305 -16.79 -43.93 65.99
N GLY A 2306 -17.12 -43.89 64.70
CA GLY A 2306 -17.28 -45.12 63.95
C GLY A 2306 -15.99 -45.90 63.74
N LEU A 2307 -14.84 -45.24 63.86
CA LEU A 2307 -13.57 -45.93 63.91
C LEU A 2307 -12.62 -45.30 64.94
N GLN A 2308 -13.10 -44.33 65.72
CA GLN A 2308 -12.33 -43.78 66.83
C GLN A 2308 -12.47 -44.72 68.03
N SER A 2309 -11.33 -45.11 68.60
CA SER A 2309 -11.33 -45.98 69.76
C SER A 2309 -11.68 -45.15 71.00
N CYS A 2310 -11.85 -45.81 72.11
CA CYS A 2310 -12.28 -45.07 73.29
C CYS A 2310 -11.07 -44.73 74.15
N PRO A 2311 -10.92 -43.48 74.58
CA PRO A 2311 -9.90 -43.16 75.58
C PRO A 2311 -10.27 -43.60 76.99
N MET A 2312 -11.51 -44.05 77.20
CA MET A 2312 -11.97 -44.53 78.50
C MET A 2312 -11.64 -46.00 78.74
N LEU A 2313 -11.25 -46.73 77.70
CA LEU A 2313 -11.04 -48.18 77.77
C LEU A 2313 -9.56 -48.57 77.81
N LEU A 2314 -8.74 -47.97 76.94
CA LEU A 2314 -7.32 -48.30 76.91
C LEU A 2314 -6.58 -47.72 78.11
N ALA A 2315 -7.08 -46.61 78.66
CA ALA A 2315 -6.52 -46.07 79.89
C ALA A 2315 -6.99 -46.84 81.12
N LYS A 2316 -8.07 -47.62 80.99
CA LYS A 2316 -8.57 -48.46 82.08
C LYS A 2316 -7.93 -49.83 82.09
N GLY A 2317 -7.65 -50.40 80.92
CA GLY A 2317 -6.95 -51.67 80.83
C GLY A 2317 -7.79 -52.78 80.23
N TYR A 2318 -8.92 -52.43 79.65
CA TYR A 2318 -9.92 -53.28 79.02
C TYR A 2318 -9.56 -53.53 77.55
N PRO A 2319 -9.96 -54.68 76.99
CA PRO A 2319 -9.48 -55.06 75.65
C PRO A 2319 -9.93 -54.14 74.53
N ASP A 2320 -9.19 -54.21 73.43
CA ASP A 2320 -9.26 -53.20 72.37
C ASP A 2320 -10.33 -53.55 71.36
N ILE A 2321 -11.25 -52.60 71.13
CA ILE A 2321 -12.18 -52.64 70.02
C ILE A 2321 -11.97 -51.35 69.24
N GLY A 2322 -11.81 -51.47 67.92
CA GLY A 2322 -11.41 -50.34 67.06
C GLY A 2322 -12.40 -49.20 66.99
N TRP A 2323 -13.61 -49.36 67.53
CA TRP A 2323 -14.62 -48.31 67.56
C TRP A 2323 -15.29 -48.34 68.92
N ASN A 2324 -15.99 -47.26 69.25
CA ASN A 2324 -16.60 -47.11 70.57
C ASN A 2324 -18.11 -47.25 70.44
N PRO A 2325 -18.72 -48.30 71.01
CA PRO A 2325 -20.19 -48.43 70.91
C PRO A 2325 -20.94 -47.46 71.80
N CYS A 2326 -20.48 -47.28 73.04
CA CYS A 2326 -21.17 -46.39 73.98
C CYS A 2326 -20.83 -44.93 73.77
N GLY A 2327 -19.76 -44.62 73.03
CA GLY A 2327 -19.45 -43.23 72.75
C GLY A 2327 -20.42 -42.60 71.77
N GLY A 2328 -20.93 -43.40 70.85
CA GLY A 2328 -21.94 -42.97 69.90
C GLY A 2328 -23.34 -43.48 70.16
N GLU A 2329 -23.62 -44.01 71.36
CA GLU A 2329 -24.92 -44.62 71.60
C GLU A 2329 -25.99 -43.56 71.87
N ARG A 2330 -25.65 -42.51 72.63
CA ARG A 2330 -26.62 -41.45 72.93
C ARG A 2330 -26.53 -40.29 71.95
N TYR A 2331 -25.71 -40.38 70.90
CA TYR A 2331 -25.84 -39.47 69.77
C TYR A 2331 -27.09 -39.76 68.94
N LEU A 2332 -27.67 -40.95 69.07
CA LEU A 2332 -28.89 -41.31 68.38
C LEU A 2332 -30.14 -41.01 69.18
N ASP A 2333 -30.04 -40.95 70.52
CA ASP A 2333 -31.19 -40.69 71.37
C ASP A 2333 -31.63 -39.24 71.26
N PHE A 2334 -30.68 -38.31 71.09
CA PHE A 2334 -31.02 -36.93 70.79
C PHE A 2334 -31.63 -36.79 69.41
N LEU A 2335 -31.12 -37.56 68.44
CA LEU A 2335 -31.62 -37.52 67.07
C LEU A 2335 -33.05 -38.02 66.99
N ARG A 2336 -33.36 -39.09 67.72
CA ARG A 2336 -34.70 -39.68 67.69
C ARG A 2336 -35.72 -38.76 68.35
N PHE A 2337 -35.36 -38.13 69.47
CA PHE A 2337 -36.26 -37.16 70.08
C PHE A 2337 -36.35 -35.88 69.28
N ALA A 2338 -35.34 -35.56 68.47
CA ALA A 2338 -35.45 -34.44 67.55
C ALA A 2338 -36.36 -34.76 66.37
N VAL A 2339 -36.43 -36.02 65.96
CA VAL A 2339 -37.28 -36.39 64.84
C VAL A 2339 -38.73 -36.56 65.29
N PHE A 2340 -38.98 -37.43 66.26
CA PHE A 2340 -40.34 -37.80 66.61
C PHE A 2340 -40.70 -37.21 67.97
N VAL A 2341 -41.79 -36.45 68.01
CA VAL A 2341 -42.39 -35.97 69.26
C VAL A 2341 -43.89 -36.23 69.19
N ASN A 2342 -44.37 -37.11 70.08
CA ASN A 2342 -45.77 -37.15 70.55
C ASN A 2342 -46.73 -37.55 69.42
N GLY A 2343 -46.55 -38.78 68.92
CA GLY A 2343 -47.55 -39.44 68.10
C GLY A 2343 -47.74 -38.93 66.71
N GLU A 2344 -46.91 -37.99 66.25
CA GLU A 2344 -47.00 -37.50 64.89
C GLU A 2344 -45.59 -37.31 64.33
N SER A 2345 -45.36 -37.76 63.10
CA SER A 2345 -44.06 -37.66 62.46
C SER A 2345 -43.89 -36.31 61.80
N VAL A 2346 -42.64 -35.86 61.72
CA VAL A 2346 -42.31 -34.66 60.97
C VAL A 2346 -42.21 -35.03 59.50
N GLU A 2347 -42.63 -34.10 58.62
CA GLU A 2347 -42.60 -34.33 57.18
C GLU A 2347 -41.38 -33.74 56.50
N GLU A 2348 -40.67 -32.82 57.14
CA GLU A 2348 -39.46 -32.22 56.57
C GLU A 2348 -38.19 -32.86 57.10
N ASN A 2349 -38.02 -32.91 58.43
CA ASN A 2349 -36.77 -33.38 59.02
C ASN A 2349 -36.55 -34.87 58.83
N ALA A 2350 -37.62 -35.65 58.72
CA ALA A 2350 -37.50 -37.08 58.43
C ALA A 2350 -37.01 -37.35 57.02
N ASN A 2351 -37.17 -36.38 56.12
CA ASN A 2351 -36.60 -36.52 54.77
C ASN A 2351 -35.12 -36.17 54.76
N VAL A 2352 -34.69 -35.27 55.64
CA VAL A 2352 -33.30 -34.82 55.63
C VAL A 2352 -32.40 -35.68 56.50
N VAL A 2353 -32.95 -36.40 57.48
CA VAL A 2353 -32.08 -37.19 58.36
C VAL A 2353 -31.53 -38.44 57.66
N VAL A 2354 -32.30 -39.08 56.78
CA VAL A 2354 -31.93 -40.38 56.23
C VAL A 2354 -30.81 -40.27 55.19
N ARG A 2355 -30.91 -39.35 54.22
CA ARG A 2355 -29.82 -39.26 53.25
C ARG A 2355 -28.59 -38.55 53.82
N LEU A 2356 -28.71 -37.78 54.89
CA LEU A 2356 -27.54 -37.28 55.59
C LEU A 2356 -26.93 -38.34 56.50
N LEU A 2357 -27.68 -39.39 56.82
CA LEU A 2357 -27.18 -40.56 57.55
C LEU A 2357 -26.47 -41.57 56.66
N ILE A 2358 -27.06 -41.90 55.51
CA ILE A 2358 -26.64 -43.08 54.76
C ILE A 2358 -25.54 -42.83 53.75
N ARG A 2359 -25.17 -41.57 53.49
CA ARG A 2359 -23.95 -41.34 52.72
C ARG A 2359 -22.71 -41.32 53.61
N LYS A 2360 -22.89 -41.42 54.92
CA LYS A 2360 -21.79 -41.59 55.86
C LYS A 2360 -21.52 -43.08 55.98
N PRO A 2361 -20.36 -43.57 55.55
CA PRO A 2361 -20.12 -45.03 55.61
C PRO A 2361 -19.72 -45.52 56.98
N GLU A 2362 -19.15 -44.62 57.79
CA GLU A 2362 -18.63 -44.99 59.11
C GLU A 2362 -19.64 -44.80 60.23
N CYS A 2363 -20.77 -44.14 59.98
CA CYS A 2363 -21.76 -43.90 61.02
C CYS A 2363 -22.55 -45.14 61.41
N PHE A 2364 -22.55 -46.16 60.57
CA PHE A 2364 -23.22 -47.42 60.88
C PHE A 2364 -22.26 -48.32 61.67
N GLY A 2365 -22.69 -49.55 61.93
CA GLY A 2365 -21.84 -50.53 62.57
C GLY A 2365 -20.85 -51.13 61.59
N PRO A 2366 -19.87 -51.85 62.14
CA PRO A 2366 -18.85 -52.49 61.28
C PRO A 2366 -19.33 -53.75 60.59
N ALA A 2367 -20.50 -54.29 60.97
CA ALA A 2367 -21.00 -55.51 60.34
C ALA A 2367 -21.62 -55.21 58.98
N LEU A 2368 -22.57 -54.27 58.93
CA LEU A 2368 -23.25 -53.92 57.69
C LEU A 2368 -22.56 -52.79 56.93
N ARG A 2369 -21.28 -52.53 57.20
CA ARG A 2369 -20.56 -51.47 56.51
C ARG A 2369 -20.21 -51.88 55.08
N GLY A 2373 -18.75 -57.50 54.68
CA GLY A 2373 -20.08 -57.10 55.11
C GLY A 2373 -20.90 -58.25 55.65
N SER A 2374 -20.69 -58.55 56.93
CA SER A 2374 -21.41 -59.64 57.57
C SER A 2374 -22.83 -59.22 57.93
N GLY A 2375 -23.63 -60.20 58.34
CA GLY A 2375 -25.01 -59.97 58.67
C GLY A 2375 -25.21 -59.28 60.01
N LEU A 2376 -26.48 -59.05 60.35
CA LEU A 2376 -26.82 -58.34 61.58
C LEU A 2376 -26.72 -59.27 62.79
N LEU A 2377 -27.08 -60.54 62.63
CA LEU A 2377 -26.98 -61.49 63.73
C LEU A 2377 -25.53 -61.90 63.98
N ALA A 2378 -24.64 -61.72 62.99
CA ALA A 2378 -23.23 -62.05 63.16
C ALA A 2378 -22.52 -61.13 64.15
N ALA A 2379 -23.06 -59.94 64.39
CA ALA A 2379 -22.54 -59.11 65.47
C ALA A 2379 -23.10 -59.54 66.82
N ILE A 2380 -24.40 -59.81 66.89
CA ILE A 2380 -25.03 -60.06 68.18
C ILE A 2380 -24.69 -61.46 68.71
N GLU A 2381 -24.39 -62.42 67.84
CA GLU A 2381 -24.04 -63.76 68.28
C GLU A 2381 -22.64 -63.80 68.89
N GLU A 2382 -21.75 -62.97 68.36
CA GLU A 2382 -20.45 -62.78 69.01
C GLU A 2382 -20.59 -61.91 70.25
N ALA A 2383 -21.52 -60.95 70.24
CA ALA A 2383 -21.68 -60.02 71.36
C ALA A 2383 -22.19 -60.72 72.62
N ILE A 2384 -23.16 -61.62 72.47
CA ILE A 2384 -23.66 -62.37 73.61
C ILE A 2384 -22.58 -63.28 74.18
N ARG A 2385 -21.77 -63.89 73.32
CA ARG A 2385 -20.79 -64.85 73.84
C ARG A 2385 -19.58 -64.13 74.45
N ILE A 2386 -19.21 -62.96 73.93
CA ILE A 2386 -18.17 -62.17 74.57
C ILE A 2386 -18.69 -61.45 75.81
N SER A 2387 -20.01 -61.32 75.96
CA SER A 2387 -20.55 -60.85 77.22
C SER A 2387 -20.63 -61.97 78.25
N GLU A 2388 -20.75 -63.20 77.80
CA GLU A 2388 -20.73 -64.34 78.72
C GLU A 2388 -19.31 -64.67 79.17
N ASP A 2389 -18.32 -64.56 78.28
CA ASP A 2389 -16.94 -64.84 78.67
C ASP A 2389 -16.38 -63.69 79.49
N PRO A 2390 -15.75 -63.96 80.64
CA PRO A 2390 -15.25 -62.86 81.48
C PRO A 2390 -13.98 -62.22 80.95
N ALA A 2391 -13.13 -62.98 80.25
CA ALA A 2391 -11.90 -62.42 79.71
C ALA A 2391 -12.13 -61.61 78.44
N ARG A 2392 -13.14 -61.98 77.64
CA ARG A 2392 -13.46 -61.22 76.44
C ARG A 2392 -14.16 -59.91 76.78
N ASP A 2393 -14.84 -59.84 77.92
CA ASP A 2393 -15.49 -58.64 78.39
C ASP A 2393 -14.52 -57.82 79.24
N GLY A 2394 -15.04 -56.83 79.95
CA GLY A 2394 -14.24 -56.00 80.82
C GLY A 2394 -13.77 -56.75 82.05
N PRO A 2395 -12.45 -56.93 82.18
CA PRO A 2395 -11.75 -57.55 83.30
C PRO A 2395 -10.37 -56.93 83.50
N ASN A 2414 -16.32 -49.37 86.31
CA ASN A 2414 -16.74 -50.74 86.60
C ASN A 2414 -18.11 -51.06 86.00
N ARG A 2415 -18.91 -50.02 85.78
CA ARG A 2415 -20.25 -50.19 85.21
C ARG A 2415 -20.23 -50.19 83.68
N VAL A 2416 -19.17 -49.66 83.06
CA VAL A 2416 -19.08 -49.60 81.61
C VAL A 2416 -18.72 -50.98 81.08
N HIS A 2417 -19.56 -51.52 80.20
CA HIS A 2417 -19.41 -52.88 79.70
C HIS A 2417 -19.47 -52.93 78.18
N LEU A 2418 -18.42 -53.50 77.59
CA LEU A 2418 -18.33 -53.71 76.15
C LEU A 2418 -19.27 -54.79 75.65
N GLY A 2419 -19.84 -55.59 76.55
CA GLY A 2419 -20.81 -56.62 76.19
C GLY A 2419 -22.24 -56.15 76.13
N HIS A 2420 -22.51 -54.95 76.66
CA HIS A 2420 -23.85 -54.37 76.58
C HIS A 2420 -23.89 -53.11 75.71
N ALA A 2421 -22.76 -52.40 75.60
CA ALA A 2421 -22.73 -51.24 74.71
C ALA A 2421 -22.83 -51.63 73.24
N ILE A 2422 -22.36 -52.82 72.87
CA ILE A 2422 -22.37 -53.29 71.48
C ILE A 2422 -23.81 -53.49 70.98
N MET A 2423 -24.70 -53.93 71.86
CA MET A 2423 -26.10 -54.09 71.51
C MET A 2423 -26.89 -52.80 71.73
N SER A 2424 -26.49 -51.98 72.71
CA SER A 2424 -27.15 -50.70 72.95
C SER A 2424 -26.95 -49.74 71.77
N PHE A 2425 -25.78 -49.78 71.14
CA PHE A 2425 -25.53 -49.02 69.92
C PHE A 2425 -26.48 -49.43 68.80
N TYR A 2426 -26.68 -50.73 68.61
CA TYR A 2426 -27.55 -51.22 67.55
C TYR A 2426 -29.00 -50.87 67.84
N ALA A 2427 -29.42 -50.93 69.12
CA ALA A 2427 -30.78 -50.58 69.48
C ALA A 2427 -31.06 -49.09 69.31
N ALA A 2428 -30.06 -48.24 69.57
CA ALA A 2428 -30.22 -46.82 69.26
C ALA A 2428 -30.19 -46.58 67.75
N LEU A 2429 -29.56 -47.47 66.99
CA LEU A 2429 -29.49 -47.29 65.54
C LEU A 2429 -30.80 -47.66 64.84
N ILE A 2430 -31.39 -48.81 65.19
CA ILE A 2430 -32.40 -49.41 64.31
C ILE A 2430 -33.76 -48.73 64.49
N ASP A 2431 -34.10 -48.35 65.73
CA ASP A 2431 -35.42 -47.84 66.01
C ASP A 2431 -35.64 -46.44 65.43
N LEU A 2432 -34.56 -45.68 65.27
CA LEU A 2432 -34.66 -44.39 64.58
C LEU A 2432 -35.00 -44.57 63.11
N LEU A 2433 -34.44 -45.61 62.48
CA LEU A 2433 -34.88 -45.99 61.13
C LEU A 2433 -36.31 -46.53 61.15
N GLY A 2434 -36.76 -47.06 62.29
CA GLY A 2434 -38.13 -47.53 62.38
C GLY A 2434 -39.16 -46.40 62.39
N ARG A 2435 -38.92 -45.37 63.22
CA ARG A 2435 -39.87 -44.27 63.37
C ARG A 2435 -39.38 -42.98 62.72
N CYS A 2436 -38.43 -43.07 61.78
CA CYS A 2436 -38.16 -42.00 60.82
C CYS A 2436 -38.96 -42.14 59.54
N ALA A 2437 -39.72 -43.22 59.39
CA ALA A 2437 -40.55 -43.41 58.21
C ALA A 2437 -41.77 -42.49 58.27
N PRO A 2438 -42.26 -42.04 57.12
CA PRO A 2438 -43.49 -41.24 57.11
C PRO A 2438 -44.72 -42.11 57.37
N GLU A 2439 -45.86 -41.45 57.52
CA GLU A 2439 -47.08 -42.10 57.94
C GLU A 2439 -47.74 -42.88 56.80
N MET A 2440 -48.78 -43.65 57.15
CA MET A 2440 -49.37 -44.60 56.22
C MET A 2440 -50.32 -43.95 55.23
N HIS A 2441 -50.98 -42.87 55.60
CA HIS A 2441 -51.83 -42.16 54.66
C HIS A 2441 -51.05 -41.27 53.71
N LEU A 2442 -49.72 -41.19 53.86
CA LEU A 2442 -48.84 -40.67 52.83
C LEU A 2442 -48.30 -41.76 51.92
N ILE A 2443 -48.63 -43.03 52.17
CA ILE A 2443 -48.20 -44.10 51.25
C ILE A 2443 -49.14 -44.21 50.05
N GLN A 2444 -50.45 -44.26 50.29
CA GLN A 2444 -51.40 -44.38 49.18
C GLN A 2444 -51.57 -43.10 48.37
N ALA A 2445 -51.07 -41.97 48.85
CA ALA A 2445 -51.29 -40.70 48.16
C ALA A 2445 -50.27 -40.52 47.03
N GLY A 2446 -50.22 -39.30 46.48
CA GLY A 2446 -49.34 -38.98 45.37
C GLY A 2446 -48.00 -38.41 45.79
N LYS A 2447 -47.46 -38.92 46.89
CA LYS A 2447 -46.13 -38.53 47.36
C LYS A 2447 -45.10 -39.24 46.50
N GLY A 2448 -44.31 -38.48 45.74
CA GLY A 2448 -43.36 -39.08 44.82
C GLY A 2448 -42.08 -39.59 45.45
N GLU A 2449 -41.75 -39.12 46.66
CA GLU A 2449 -40.51 -39.48 47.32
C GLU A 2449 -40.67 -40.08 48.71
N ALA A 2450 -41.86 -39.99 49.31
CA ALA A 2450 -42.05 -40.54 50.65
C ALA A 2450 -42.01 -42.06 50.66
N LEU A 2451 -42.32 -42.70 49.53
CA LEU A 2451 -42.15 -44.14 49.36
C LEU A 2451 -40.70 -44.52 49.11
N ARG A 2452 -39.87 -43.56 48.70
CA ARG A 2452 -38.54 -43.95 48.24
C ARG A 2452 -37.58 -44.19 49.41
N ILE A 2453 -37.64 -43.35 50.45
CA ILE A 2453 -36.87 -43.60 51.67
C ILE A 2453 -37.28 -44.92 52.30
N ARG A 2454 -38.59 -45.21 52.27
CA ARG A 2454 -39.13 -46.53 52.60
C ARG A 2454 -38.49 -47.66 51.78
N ALA A 2455 -38.33 -47.44 50.46
CA ALA A 2455 -37.77 -48.47 49.60
C ALA A 2455 -36.28 -48.69 49.86
N ILE A 2456 -35.51 -47.60 49.97
CA ILE A 2456 -34.08 -47.72 50.26
C ILE A 2456 -33.84 -48.24 51.68
N LEU A 2457 -34.78 -48.03 52.60
CA LEU A 2457 -34.66 -48.50 53.98
C LEU A 2457 -35.06 -49.96 54.11
N ARG A 2458 -35.93 -50.46 53.23
CA ARG A 2458 -36.13 -51.90 53.14
C ARG A 2458 -35.07 -52.59 52.29
N SER A 2459 -34.36 -51.85 51.44
CA SER A 2459 -33.31 -52.42 50.61
C SER A 2459 -31.96 -52.52 51.30
N LEU A 2460 -31.57 -51.54 52.12
CA LEU A 2460 -30.25 -51.63 52.76
C LEU A 2460 -30.28 -52.62 53.92
N VAL A 2461 -31.32 -52.57 54.74
CA VAL A 2461 -31.50 -53.48 55.87
C VAL A 2461 -32.38 -54.64 55.39
N PRO A 2462 -31.94 -55.88 55.51
CA PRO A 2462 -32.76 -57.02 55.09
C PRO A 2462 -33.84 -57.35 56.10
N LEU A 2463 -34.73 -58.26 55.70
CA LEU A 2463 -35.89 -58.67 56.46
C LEU A 2463 -35.69 -59.97 57.23
N ASP A 2464 -34.93 -60.92 56.68
CA ASP A 2464 -34.71 -62.21 57.32
C ASP A 2464 -33.71 -62.10 58.47
N ASP A 2465 -33.01 -60.96 58.58
CA ASP A 2465 -32.20 -60.68 59.75
C ASP A 2465 -33.04 -60.24 60.94
N LEU A 2466 -34.33 -59.94 60.75
CA LEU A 2466 -35.19 -59.59 61.87
C LEU A 2466 -35.67 -60.81 62.65
N VAL A 2467 -35.94 -61.91 61.93
CA VAL A 2467 -36.56 -63.06 62.56
C VAL A 2467 -35.58 -63.82 63.43
N GLY A 2468 -34.27 -63.71 63.17
CA GLY A 2468 -33.30 -64.37 64.03
C GLY A 2468 -33.20 -63.73 65.40
N ILE A 2469 -33.16 -62.40 65.46
CA ILE A 2469 -33.06 -61.73 66.76
C ILE A 2469 -34.41 -61.78 67.47
N ILE A 2470 -35.54 -61.80 66.74
CA ILE A 2470 -36.80 -62.03 67.45
C ILE A 2470 -36.98 -63.51 67.82
N SER A 2471 -36.17 -64.41 67.24
CA SER A 2471 -36.19 -65.83 67.53
C SER A 2471 -35.19 -66.25 68.59
N LEU A 2472 -34.24 -65.40 68.95
CA LEU A 2472 -33.22 -65.78 69.94
C LEU A 2472 -33.82 -65.81 71.33
N PRO A 2473 -33.69 -66.91 72.06
CA PRO A 2473 -34.35 -67.03 73.38
C PRO A 2473 -33.61 -66.26 74.46
N LEU A 2474 -34.17 -66.32 75.67
CA LEU A 2474 -33.63 -65.59 76.81
C LEU A 2474 -32.89 -66.52 77.77
N GLN A 2475 -32.04 -65.91 78.58
CA GLN A 2475 -31.46 -66.53 79.77
C GLN A 2475 -32.28 -66.04 80.96
N ILE A 2476 -33.48 -66.58 81.08
CA ILE A 2476 -34.45 -66.10 82.07
C ILE A 2476 -34.03 -66.57 83.46
N PRO A 2477 -34.11 -65.73 84.49
CA PRO A 2477 -33.79 -66.19 85.85
C PRO A 2477 -34.76 -67.23 86.36
N THR A 2478 -34.22 -68.22 87.07
CA THR A 2478 -35.00 -69.29 87.67
C THR A 2478 -34.23 -69.86 88.85
N LEU A 2479 -34.92 -70.64 89.67
CA LEU A 2479 -34.31 -71.30 90.82
C LEU A 2479 -34.46 -72.81 90.68
N VAL A 2486 -31.10 -67.53 91.07
CA VAL A 2486 -30.24 -66.54 90.41
C VAL A 2486 -31.05 -65.52 89.64
N GLN A 2487 -30.41 -64.42 89.29
CA GLN A 2487 -30.94 -63.47 88.33
C GLN A 2487 -29.77 -62.74 87.70
N PRO A 2488 -29.63 -62.78 86.37
CA PRO A 2488 -28.39 -62.34 85.72
C PRO A 2488 -28.26 -60.82 85.68
N LYS A 2489 -27.15 -60.38 85.10
CA LYS A 2489 -26.80 -58.98 85.08
C LYS A 2489 -27.60 -58.24 84.01
N MET A 2490 -28.07 -57.04 84.35
CA MET A 2490 -28.77 -56.20 83.38
C MET A 2490 -27.82 -55.37 82.52
N SER A 2491 -26.56 -55.22 82.92
CA SER A 2491 -25.55 -54.59 82.08
C SER A 2491 -24.63 -55.60 81.43
N ALA A 2492 -25.01 -56.88 81.40
CA ALA A 2492 -24.20 -57.88 80.72
C ALA A 2492 -25.04 -58.93 79.98
N SER A 2493 -26.36 -58.81 79.95
CA SER A 2493 -27.21 -59.77 79.26
C SER A 2493 -28.17 -59.03 78.33
N PHE A 2494 -28.95 -59.79 77.59
CA PHE A 2494 -29.88 -59.22 76.61
C PHE A 2494 -31.17 -58.89 77.36
N VAL A 2495 -31.31 -57.62 77.75
CA VAL A 2495 -32.54 -57.11 78.37
C VAL A 2495 -33.45 -56.64 77.23
N PRO A 2496 -34.80 -56.59 77.42
CA PRO A 2496 -35.68 -56.32 76.28
C PRO A 2496 -35.75 -54.86 75.82
N ASP A 2497 -34.85 -54.00 76.31
CA ASP A 2497 -34.75 -52.62 75.83
C ASP A 2497 -34.36 -52.56 74.36
N HIS A 2498 -33.70 -53.60 73.88
CA HIS A 2498 -33.18 -53.69 72.52
C HIS A 2498 -34.16 -54.50 71.69
N LYS A 2499 -34.87 -55.43 72.35
CA LYS A 2499 -35.97 -56.17 71.77
C LYS A 2499 -37.14 -55.25 71.42
N ALA A 2500 -37.27 -54.14 72.15
CA ALA A 2500 -38.33 -53.15 71.90
C ALA A 2500 -38.08 -52.28 70.68
N SER A 2501 -36.99 -52.49 69.94
CA SER A 2501 -36.70 -51.70 68.76
C SER A 2501 -37.15 -52.39 67.47
N MET A 2502 -36.77 -53.66 67.29
CA MET A 2502 -37.08 -54.38 66.06
C MET A 2502 -38.56 -54.70 65.94
N VAL A 2503 -39.30 -54.73 67.04
CA VAL A 2503 -40.72 -54.96 66.97
C VAL A 2503 -41.47 -53.77 66.35
N LEU A 2504 -40.98 -52.55 66.58
CA LEU A 2504 -41.53 -51.38 65.89
C LEU A 2504 -40.88 -51.16 64.53
N PHE A 2505 -39.66 -51.68 64.34
CA PHE A 2505 -39.03 -51.69 63.02
C PHE A 2505 -39.77 -52.66 62.10
N LEU A 2506 -40.44 -53.67 62.67
CA LEU A 2506 -41.30 -54.59 61.95
C LEU A 2506 -42.65 -53.97 61.59
N ASP A 2507 -43.10 -52.97 62.36
CA ASP A 2507 -44.53 -52.62 62.39
C ASP A 2507 -44.97 -51.86 61.15
N ARG A 2508 -44.45 -50.66 60.94
CA ARG A 2508 -45.01 -49.82 59.90
C ARG A 2508 -44.08 -49.52 58.74
N VAL A 2509 -42.76 -49.68 58.89
CA VAL A 2509 -41.85 -49.42 57.76
C VAL A 2509 -41.60 -50.69 56.92
N TYR A 2510 -41.74 -51.88 57.51
CA TYR A 2510 -41.78 -53.10 56.74
C TYR A 2510 -43.21 -53.61 56.57
N GLY A 2511 -43.94 -53.76 57.67
CA GLY A 2511 -45.37 -54.04 57.58
C GLY A 2511 -45.72 -55.46 57.21
N ILE A 2512 -46.97 -55.83 57.47
CA ILE A 2512 -47.50 -57.13 57.09
C ILE A 2512 -48.82 -56.96 56.33
N GLU A 2513 -48.96 -57.71 55.24
CA GLU A 2513 -50.13 -57.65 54.37
C GLU A 2513 -50.82 -58.99 54.23
N ASN A 2514 -50.08 -60.06 53.98
CA ASN A 2514 -50.63 -61.41 53.96
C ASN A 2514 -50.11 -62.20 55.15
N GLN A 2515 -50.54 -63.46 55.23
CA GLN A 2515 -50.51 -64.19 56.50
C GLN A 2515 -49.40 -65.23 56.62
N ASP A 2516 -48.75 -65.63 55.52
CA ASP A 2516 -47.71 -66.65 55.63
C ASP A 2516 -46.47 -66.15 56.37
N PHE A 2517 -46.31 -64.83 56.46
CA PHE A 2517 -45.37 -64.22 57.40
C PHE A 2517 -46.02 -63.92 58.75
N LEU A 2518 -47.35 -63.79 58.81
CA LEU A 2518 -48.02 -63.51 60.08
C LEU A 2518 -47.95 -64.71 61.01
N LEU A 2519 -48.11 -65.91 60.47
CA LEU A 2519 -47.99 -67.12 61.29
C LEU A 2519 -46.54 -67.48 61.57
N HIS A 2520 -45.57 -66.70 61.05
CA HIS A 2520 -44.14 -66.91 61.31
C HIS A 2520 -43.48 -65.83 62.14
N VAL A 2521 -44.04 -64.62 62.20
CA VAL A 2521 -43.51 -63.62 63.12
C VAL A 2521 -43.89 -63.91 64.57
N LEU A 2522 -44.93 -64.70 64.79
CA LEU A 2522 -45.32 -65.14 66.13
C LEU A 2522 -45.17 -66.64 66.31
N ASP A 2523 -44.39 -67.30 65.45
CA ASP A 2523 -44.11 -68.72 65.61
C ASP A 2523 -43.14 -68.95 66.76
N VAL A 2524 -41.98 -68.30 66.70
CA VAL A 2524 -41.02 -68.31 67.80
C VAL A 2524 -40.84 -66.89 68.38
N GLY A 2525 -41.34 -65.87 67.69
CA GLY A 2525 -40.96 -64.50 68.02
C GLY A 2525 -41.54 -63.99 69.33
N PHE A 2526 -42.76 -64.40 69.68
CA PHE A 2526 -43.42 -63.83 70.86
C PHE A 2526 -43.68 -64.85 71.95
N LEU A 2527 -44.14 -66.05 71.60
CA LEU A 2527 -44.73 -67.03 72.50
C LEU A 2527 -43.77 -67.86 73.38
N PRO A 2528 -42.58 -68.30 72.93
CA PRO A 2528 -41.65 -68.93 73.89
C PRO A 2528 -41.13 -67.97 74.95
N ASP A 2529 -41.16 -66.66 74.71
CA ASP A 2529 -40.85 -65.66 75.72
C ASP A 2529 -42.07 -65.19 76.49
N MET A 2530 -43.26 -65.22 75.88
CA MET A 2530 -44.44 -64.82 76.62
C MET A 2530 -44.87 -65.93 77.59
N ARG A 2531 -44.62 -67.20 77.24
CA ARG A 2531 -44.78 -68.25 78.24
C ARG A 2531 -43.64 -68.26 79.27
N ALA A 2532 -42.48 -67.70 78.91
CA ALA A 2532 -41.46 -67.46 79.92
C ALA A 2532 -41.92 -66.38 80.90
N ALA A 2533 -42.69 -65.40 80.42
CA ALA A 2533 -43.36 -64.47 81.32
C ALA A 2533 -44.40 -65.18 82.16
N ALA A 2534 -45.10 -66.14 81.55
CA ALA A 2534 -46.10 -66.93 82.28
C ALA A 2534 -45.49 -67.81 83.36
N SER A 2535 -44.20 -68.16 83.23
CA SER A 2535 -43.56 -69.05 84.19
C SER A 2535 -43.39 -68.40 85.56
N LEU A 2536 -43.18 -67.09 85.62
CA LEU A 2536 -43.02 -66.40 86.90
C LEU A 2536 -43.96 -65.18 86.91
N ASP A 2537 -45.24 -65.42 86.70
CA ASP A 2537 -46.24 -64.34 86.73
C ASP A 2537 -47.14 -64.45 87.95
N THR A 2544 -38.16 -59.40 91.18
CA THR A 2544 -38.16 -59.80 89.79
C THR A 2544 -38.17 -58.60 88.85
N GLU A 2545 -37.00 -58.03 88.61
CA GLU A 2545 -36.90 -56.86 87.73
C GLU A 2545 -36.97 -57.23 86.26
N MET A 2546 -36.40 -58.39 85.89
CA MET A 2546 -36.38 -58.80 84.49
C MET A 2546 -37.78 -59.11 83.97
N ALA A 2547 -38.65 -59.62 84.84
CA ALA A 2547 -40.01 -59.96 84.45
C ALA A 2547 -40.80 -58.72 84.07
N LEU A 2548 -40.75 -57.68 84.91
CA LEU A 2548 -41.39 -56.41 84.56
C LEU A 2548 -40.65 -55.66 83.46
N ALA A 2549 -39.34 -55.89 83.30
CA ALA A 2549 -38.63 -55.28 82.18
C ALA A 2549 -39.09 -55.88 80.85
N LEU A 2550 -39.47 -57.15 80.83
CA LEU A 2550 -40.03 -57.73 79.61
C LEU A 2550 -41.53 -57.51 79.49
N ASN A 2551 -42.24 -57.29 80.59
CA ASN A 2551 -43.62 -56.83 80.46
C ASN A 2551 -43.73 -55.38 80.00
N ARG A 2552 -42.69 -54.56 80.22
CA ARG A 2552 -42.59 -53.28 79.51
C ARG A 2552 -42.69 -53.48 78.01
N TYR A 2553 -41.87 -54.39 77.47
CA TYR A 2553 -41.95 -54.82 76.08
C TYR A 2553 -43.33 -55.35 75.70
N LEU A 2554 -43.88 -56.25 76.52
CA LEU A 2554 -45.10 -56.95 76.15
C LEU A 2554 -46.32 -56.01 76.15
N CYS A 2555 -46.33 -55.03 77.04
CA CYS A 2555 -47.43 -54.07 77.12
C CYS A 2555 -47.11 -52.73 76.47
N LEU A 2556 -45.95 -52.60 75.81
CA LEU A 2556 -45.64 -51.44 74.99
C LEU A 2556 -45.66 -51.70 73.51
N ALA A 2557 -45.25 -52.89 73.06
CA ALA A 2557 -44.89 -53.08 71.67
C ALA A 2557 -45.77 -54.08 70.94
N VAL A 2558 -45.87 -55.31 71.45
CA VAL A 2558 -46.40 -56.41 70.65
C VAL A 2558 -47.92 -56.34 70.51
N LEU A 2559 -48.60 -55.75 71.47
CA LEU A 2559 -50.06 -55.68 71.42
C LEU A 2559 -50.58 -54.61 70.44
N PRO A 2560 -49.95 -53.42 70.30
CA PRO A 2560 -50.30 -52.60 69.13
C PRO A 2560 -49.83 -53.15 67.80
N LEU A 2561 -48.97 -54.18 67.77
CA LEU A 2561 -48.66 -54.85 66.51
C LEU A 2561 -49.82 -55.75 66.05
N ILE A 2562 -50.49 -56.42 66.98
CA ILE A 2562 -51.53 -57.37 66.60
C ILE A 2562 -52.93 -56.77 66.67
N THR A 2563 -53.13 -55.67 67.41
CA THR A 2563 -54.42 -55.00 67.41
C THR A 2563 -54.70 -54.33 66.06
N LYS A 2564 -53.66 -53.74 65.45
CA LYS A 2564 -53.83 -53.08 64.16
C LYS A 2564 -53.98 -54.07 63.01
N CYS A 2565 -53.57 -55.33 63.20
CA CYS A 2565 -53.76 -56.35 62.17
C CYS A 2565 -54.76 -57.42 62.60
N ALA A 2566 -55.53 -57.14 63.66
CA ALA A 2566 -56.68 -57.97 64.02
C ALA A 2566 -57.70 -58.24 62.90
N PRO A 2567 -58.03 -57.33 61.97
CA PRO A 2567 -58.96 -57.72 60.90
C PRO A 2567 -58.40 -58.73 59.90
N LEU A 2568 -57.09 -58.94 59.86
CA LEU A 2568 -56.53 -59.89 58.91
C LEU A 2568 -56.63 -61.33 59.42
N PHE A 2569 -56.93 -61.53 60.71
CA PHE A 2569 -56.91 -62.85 61.37
C PHE A 2569 -58.07 -63.77 60.98
N ALA A 2570 -58.78 -63.52 59.89
CA ALA A 2570 -59.86 -64.40 59.43
C ALA A 2570 -59.29 -65.52 58.58
N GLY A 2571 -59.70 -66.74 58.85
CA GLY A 2571 -59.26 -67.87 58.06
C GLY A 2571 -58.13 -68.66 58.69
N THR A 2572 -58.29 -69.02 59.96
CA THR A 2572 -57.32 -69.85 60.67
C THR A 2572 -57.75 -71.32 60.59
N GLU A 2573 -57.50 -71.91 59.43
CA GLU A 2573 -57.91 -73.29 59.18
C GLU A 2573 -56.74 -74.23 58.95
N HIS A 2574 -55.50 -73.73 58.88
CA HIS A 2574 -54.35 -74.57 58.59
C HIS A 2574 -53.67 -75.07 59.87
N ARG A 2575 -53.24 -74.16 60.74
CA ARG A 2575 -52.60 -74.48 62.00
C ARG A 2575 -53.49 -74.05 63.15
N ALA A 2576 -53.73 -74.96 64.10
CA ALA A 2576 -54.79 -74.80 65.09
C ALA A 2576 -54.33 -74.95 66.54
N ILE A 2577 -53.07 -75.25 66.79
CA ILE A 2577 -52.59 -75.36 68.16
C ILE A 2577 -51.94 -74.03 68.58
N MET A 2578 -51.42 -73.26 67.63
CA MET A 2578 -50.73 -72.03 67.99
C MET A 2578 -51.71 -70.93 68.37
N VAL A 2579 -52.89 -70.90 67.73
CA VAL A 2579 -53.94 -69.98 68.15
C VAL A 2579 -54.43 -70.37 69.54
N ASP A 2580 -54.42 -71.66 69.87
CA ASP A 2580 -54.81 -72.12 71.20
C ASP A 2580 -53.77 -71.71 72.23
N SER A 2581 -52.50 -71.72 71.86
CA SER A 2581 -51.45 -71.31 72.78
C SER A 2581 -51.46 -69.81 73.03
N MET A 2582 -51.78 -69.01 72.00
CA MET A 2582 -51.90 -67.57 72.22
C MET A 2582 -53.15 -67.26 73.06
N LEU A 2583 -54.25 -67.99 72.82
CA LEU A 2583 -55.44 -67.90 73.65
C LEU A 2583 -55.14 -68.32 75.09
N HIS A 2584 -54.20 -69.25 75.26
CA HIS A 2584 -53.77 -69.69 76.58
C HIS A 2584 -52.99 -68.59 77.30
N THR A 2585 -52.03 -67.98 76.60
CA THR A 2585 -51.16 -67.04 77.29
C THR A 2585 -51.84 -65.70 77.56
N VAL A 2586 -52.83 -65.28 76.77
CA VAL A 2586 -53.49 -64.01 77.07
C VAL A 2586 -54.40 -64.14 78.29
N TYR A 2587 -55.07 -65.28 78.47
CA TYR A 2587 -55.84 -65.47 79.68
C TYR A 2587 -54.95 -65.81 80.87
N ARG A 2588 -53.73 -66.28 80.61
CA ARG A 2588 -52.75 -66.50 81.67
C ARG A 2588 -52.27 -65.18 82.26
N LEU A 2589 -51.85 -64.23 81.42
CA LEU A 2589 -51.35 -62.95 81.93
C LEU A 2589 -52.41 -61.83 81.79
N SER A 2590 -53.69 -62.20 81.71
CA SER A 2590 -54.74 -61.20 81.93
C SER A 2590 -54.80 -60.73 83.39
N ARG A 2591 -54.24 -61.49 84.32
CA ARG A 2591 -54.26 -61.18 85.74
C ARG A 2591 -52.85 -61.19 86.31
N GLY A 2592 -52.66 -60.47 87.41
CA GLY A 2592 -51.36 -60.44 88.05
C GLY A 2592 -51.23 -59.43 89.19
N ARG A 2593 -50.47 -59.79 90.22
CA ARG A 2593 -50.21 -58.88 91.34
C ARG A 2593 -49.13 -57.86 91.02
N SER A 2594 -48.34 -58.10 89.96
CA SER A 2594 -47.29 -57.19 89.50
C SER A 2594 -47.74 -56.40 88.27
N LEU A 2595 -49.01 -56.03 88.22
CA LEU A 2595 -49.62 -55.51 87.00
C LEU A 2595 -50.55 -54.36 87.35
N THR A 2596 -50.32 -53.20 86.76
CA THR A 2596 -51.16 -52.03 86.98
C THR A 2596 -52.25 -51.96 85.92
N LYS A 2597 -53.22 -51.07 86.16
CA LYS A 2597 -54.36 -50.96 85.24
C LYS A 2597 -53.96 -50.26 83.95
N ALA A 2598 -53.07 -49.27 84.04
CA ALA A 2598 -52.53 -48.64 82.85
C ALA A 2598 -51.63 -49.55 82.04
N GLN A 2599 -51.13 -50.64 82.65
CA GLN A 2599 -50.32 -51.62 81.93
C GLN A 2599 -51.18 -52.76 81.38
N ARG A 2600 -52.30 -53.09 82.02
CA ARG A 2600 -53.17 -54.16 81.55
C ARG A 2600 -54.34 -53.68 80.70
N ASP A 2601 -54.50 -52.36 80.53
CA ASP A 2601 -55.53 -51.83 79.64
C ASP A 2601 -55.29 -52.26 78.19
N VAL A 2602 -54.03 -52.39 77.78
CA VAL A 2602 -53.76 -52.85 76.42
C VAL A 2602 -54.01 -54.35 76.25
N ILE A 2603 -53.86 -55.17 77.30
CA ILE A 2603 -54.30 -56.56 77.22
C ILE A 2603 -55.82 -56.64 77.16
N GLU A 2604 -56.50 -55.76 77.91
CA GLU A 2604 -57.96 -55.71 77.89
C GLU A 2604 -58.50 -55.27 76.53
N ASP A 2605 -57.79 -54.37 75.85
CA ASP A 2605 -58.17 -54.00 74.49
C ASP A 2605 -57.63 -54.97 73.44
N CYS A 2606 -56.68 -55.82 73.82
CA CYS A 2606 -56.08 -56.79 72.91
C CYS A 2606 -56.90 -58.06 72.78
N LEU A 2607 -57.32 -58.63 73.91
CA LEU A 2607 -57.97 -59.94 73.87
C LEU A 2607 -59.38 -59.89 73.29
N MET A 2608 -60.02 -58.72 73.28
CA MET A 2608 -61.33 -58.66 72.62
C MET A 2608 -61.19 -58.61 71.09
N ALA A 2609 -60.23 -57.85 70.58
CA ALA A 2609 -59.94 -57.87 69.15
C ALA A 2609 -59.33 -59.20 68.71
N LEU A 2610 -58.78 -59.97 69.65
CA LEU A 2610 -58.44 -61.36 69.37
C LEU A 2610 -59.68 -62.25 69.39
N CYS A 2611 -60.59 -62.01 70.33
CA CYS A 2611 -61.75 -62.89 70.52
C CYS A 2611 -62.75 -62.74 69.39
N ARG A 2612 -62.80 -61.57 68.75
CA ARG A 2612 -63.50 -61.46 67.49
C ARG A 2612 -62.51 -61.39 66.33
N TYR A 2613 -63.07 -61.25 65.12
CA TYR A 2613 -62.38 -61.44 63.84
C TYR A 2613 -61.69 -62.79 63.79
N ILE A 2614 -62.41 -63.82 64.26
CA ILE A 2614 -61.88 -65.17 64.37
C ILE A 2614 -63.07 -66.12 64.24
N ARG A 2615 -62.80 -67.36 63.88
CA ARG A 2615 -63.86 -68.35 63.83
C ARG A 2615 -64.12 -68.88 65.23
N PRO A 2616 -65.38 -68.92 65.68
CA PRO A 2616 -65.66 -69.28 67.09
C PRO A 2616 -65.70 -70.77 67.37
N SER A 2617 -65.09 -71.60 66.52
CA SER A 2617 -65.17 -73.04 66.72
C SER A 2617 -64.18 -73.52 67.78
N MET A 2618 -62.92 -73.05 67.72
CA MET A 2618 -61.90 -73.50 68.66
C MET A 2618 -61.60 -72.46 69.76
N LEU A 2619 -62.46 -71.45 69.91
CA LEU A 2619 -62.44 -70.61 71.10
C LEU A 2619 -63.28 -71.21 72.23
N GLN A 2620 -63.94 -72.33 71.95
CA GLN A 2620 -64.61 -73.10 72.98
C GLN A 2620 -63.61 -73.68 73.97
N HIS A 2621 -62.37 -73.93 73.53
CA HIS A 2621 -61.36 -74.50 74.41
C HIS A 2621 -60.85 -73.50 75.44
N LEU A 2622 -61.17 -72.21 75.29
CA LEU A 2622 -60.89 -71.20 76.29
C LEU A 2622 -62.12 -70.62 76.96
N LEU A 2623 -63.31 -70.73 76.36
CA LEU A 2623 -64.49 -70.58 77.20
C LEU A 2623 -64.70 -71.78 78.12
N ARG A 2624 -63.91 -72.86 77.93
CA ARG A 2624 -63.64 -73.83 78.98
C ARG A 2624 -63.27 -73.16 80.30
N ARG A 2625 -62.15 -72.43 80.32
CA ARG A 2625 -61.67 -71.81 81.55
C ARG A 2625 -62.25 -70.42 81.79
N LEU A 2626 -63.07 -69.91 80.88
CA LEU A 2626 -63.86 -68.73 81.22
C LEU A 2626 -64.89 -69.05 82.31
N VAL A 2627 -65.46 -70.25 82.31
CA VAL A 2627 -66.57 -70.56 83.22
C VAL A 2627 -66.04 -71.18 84.52
N PHE A 2628 -64.75 -71.52 84.60
CA PHE A 2628 -64.20 -72.18 85.79
C PHE A 2628 -64.06 -71.24 86.98
N ASP A 2629 -63.76 -69.97 86.75
CA ASP A 2629 -63.43 -69.07 87.84
C ASP A 2629 -64.23 -67.77 87.82
N VAL A 2630 -64.59 -67.26 86.65
CA VAL A 2630 -65.19 -65.93 86.55
C VAL A 2630 -66.68 -65.86 86.93
N PRO A 2631 -67.62 -66.61 86.35
CA PRO A 2631 -69.04 -66.33 86.64
C PRO A 2631 -69.51 -66.83 88.01
N ILE A 2632 -68.70 -67.61 88.72
CA ILE A 2632 -68.97 -67.88 90.13
C ILE A 2632 -68.52 -66.69 90.99
N LEU A 2633 -67.60 -65.88 90.47
CA LEU A 2633 -67.12 -64.69 91.16
C LEU A 2633 -68.04 -63.51 90.86
N ASN A 2634 -68.45 -62.80 91.90
CA ASN A 2634 -69.35 -61.67 91.76
C ASN A 2634 -68.61 -60.34 91.85
N UNK A 2638 -59.84 -57.81 85.14
CA UNK A 2638 -59.69 -59.20 85.56
C UNK A 2638 -60.98 -59.99 85.35
N UNK A 2639 -62.08 -59.45 85.87
CA UNK A 2639 -63.37 -60.11 85.76
C UNK A 2639 -64.30 -59.39 84.80
N UNK A 2640 -64.27 -58.05 84.82
CA UNK A 2640 -65.13 -57.23 83.99
C UNK A 2640 -64.80 -57.35 82.51
N UNK A 2641 -63.50 -57.40 82.20
CA UNK A 2641 -63.03 -57.56 80.83
C UNK A 2641 -63.43 -58.92 80.27
N UNK A 2642 -63.30 -59.95 81.10
CA UNK A 2642 -63.69 -61.31 80.73
C UNK A 2642 -65.19 -61.42 80.52
N UNK A 2643 -65.96 -60.74 81.37
CA UNK A 2643 -67.43 -60.74 81.25
C UNK A 2643 -67.88 -60.02 79.99
N UNK A 2644 -67.24 -58.89 79.68
CA UNK A 2644 -67.53 -58.14 78.47
C UNK A 2644 -67.17 -58.93 77.21
N UNK A 2645 -66.03 -59.64 77.28
CA UNK A 2645 -65.60 -60.50 76.20
C UNK A 2645 -66.57 -61.65 75.96
N UNK A 2646 -67.02 -62.27 77.05
CA UNK A 2646 -68.02 -63.34 77.00
C UNK A 2646 -69.33 -62.86 76.40
N UNK A 2647 -69.77 -61.68 76.82
CA UNK A 2647 -71.02 -61.08 76.35
C UNK A 2647 -70.96 -60.75 74.86
N UNK A 2648 -69.86 -60.16 74.42
CA UNK A 2648 -69.70 -59.82 73.01
C UNK A 2648 -69.54 -61.07 72.14
N UNK A 2649 -68.87 -62.10 72.67
CA UNK A 2649 -68.74 -63.37 71.97
C UNK A 2649 -70.09 -64.07 71.82
N UNK A 2650 -70.90 -64.01 72.87
CA UNK A 2650 -72.25 -64.56 72.85
C UNK A 2650 -73.14 -63.82 71.87
N UNK A 2651 -72.98 -62.49 71.84
CA UNK A 2651 -73.73 -61.64 70.90
C UNK A 2651 -73.37 -61.95 69.45
N UNK A 2652 -72.08 -62.14 69.18
CA UNK A 2652 -71.63 -62.47 67.83
C UNK A 2652 -71.99 -63.91 67.44
N UNK A 2653 -72.09 -64.80 68.42
CA UNK A 2653 -72.52 -66.17 68.17
C UNK A 2653 -74.01 -66.20 67.86
N UNK A 2654 -74.76 -65.32 68.51
CA UNK A 2654 -76.20 -65.18 68.27
C UNK A 2654 -76.46 -64.54 66.91
N UNK A 2655 -75.61 -63.57 66.54
CA UNK A 2655 -75.74 -62.89 65.25
C UNK A 2655 -75.31 -63.81 64.11
N UNK A 2662 -71.73 -79.49 74.54
CA UNK A 2662 -70.39 -78.94 74.69
C UNK A 2662 -70.45 -77.43 74.92
N UNK A 2663 -70.45 -76.67 73.84
CA UNK A 2663 -70.48 -75.20 73.91
C UNK A 2663 -71.80 -74.70 74.48
N UNK A 2664 -72.90 -75.32 74.07
CA UNK A 2664 -74.23 -74.99 74.56
C UNK A 2664 -74.36 -75.30 76.05
N UNK A 2665 -73.79 -76.44 76.45
CA UNK A 2665 -73.80 -76.86 77.85
C UNK A 2665 -72.97 -75.92 78.72
N UNK A 2666 -71.83 -75.51 78.20
CA UNK A 2666 -70.96 -74.55 78.89
C UNK A 2666 -71.62 -73.18 79.00
N UNK A 2667 -72.34 -72.78 77.96
CA UNK A 2667 -73.08 -71.51 77.96
C UNK A 2667 -74.23 -71.55 78.98
N UNK A 2668 -74.91 -72.69 79.05
CA UNK A 2668 -75.96 -72.90 80.05
C UNK A 2668 -75.41 -72.88 81.47
N UNK A 2669 -74.22 -73.47 81.65
CA UNK A 2669 -73.53 -73.47 82.93
C UNK A 2669 -73.11 -72.06 83.33
N UNK A 2670 -72.66 -71.27 82.35
CA UNK A 2670 -72.29 -69.88 82.57
C UNK A 2670 -73.49 -69.04 82.97
N UNK A 2671 -74.62 -69.28 82.30
CA UNK A 2671 -75.88 -68.59 82.62
C UNK A 2671 -76.36 -68.95 84.02
N UNK A 2672 -76.24 -70.22 84.38
CA UNK A 2672 -76.62 -70.70 85.71
C UNK A 2672 -75.73 -70.10 86.79
N UNK A 2673 -74.42 -70.03 86.52
CA UNK A 2673 -73.46 -69.45 87.45
C UNK A 2673 -73.70 -67.95 87.63
N UNK A 2674 -74.04 -67.27 86.54
CA UNK A 2674 -74.36 -65.84 86.59
C UNK A 2674 -75.64 -65.59 87.38
N UNK A 2675 -76.64 -66.45 87.19
CA UNK A 2675 -77.90 -66.34 87.91
C UNK A 2675 -77.73 -66.66 89.40
N UNK A 2676 -76.79 -67.55 89.71
CA UNK A 2676 -76.49 -67.88 91.10
C UNK A 2676 -75.70 -66.76 91.77
N UNK A 2677 -74.82 -66.11 91.01
CA UNK A 2677 -74.02 -65.01 91.53
C UNK A 2677 -74.86 -63.76 91.74
N UNK A 2678 -75.80 -63.50 90.84
CA UNK A 2678 -76.66 -62.34 90.95
C UNK A 2678 -77.73 -62.54 92.01
N UNK A 2686 -73.24 -51.03 89.19
CA UNK A 2686 -71.82 -51.12 88.89
C UNK A 2686 -71.52 -52.41 88.11
N UNK A 2687 -71.30 -53.50 88.85
CA UNK A 2687 -71.01 -54.78 88.23
C UNK A 2687 -72.29 -55.54 87.92
N UNK A 2688 -73.38 -55.13 88.57
CA UNK A 2688 -74.68 -55.79 88.40
C UNK A 2688 -75.23 -55.58 87.00
N UNK A 2689 -75.06 -54.37 86.46
CA UNK A 2689 -75.50 -54.05 85.11
C UNK A 2689 -74.70 -54.83 84.07
N UNK A 2690 -73.41 -54.98 84.32
CA UNK A 2690 -72.52 -55.75 83.44
C UNK A 2690 -72.89 -57.23 83.47
N UNK A 2691 -73.22 -57.74 84.66
CA UNK A 2691 -73.66 -59.13 84.82
C UNK A 2691 -74.99 -59.37 84.13
N UNK A 2692 -75.89 -58.41 84.24
CA UNK A 2692 -77.19 -58.49 83.57
C UNK A 2692 -77.05 -58.47 82.05
N UNK A 2693 -76.14 -57.62 81.55
CA UNK A 2693 -75.85 -57.54 80.13
C UNK A 2693 -75.23 -58.84 79.61
N UNK A 2694 -74.32 -59.41 80.39
CA UNK A 2694 -73.69 -60.68 80.05
C UNK A 2694 -74.71 -61.83 80.04
N UNK A 2695 -75.63 -61.81 80.99
CA UNK A 2695 -76.70 -62.81 81.06
C UNK A 2695 -77.66 -62.68 79.88
N UNK A 2696 -78.00 -61.45 79.52
CA UNK A 2696 -78.88 -61.18 78.39
C UNK A 2696 -78.22 -61.54 77.06
N UNK A 2697 -76.90 -61.42 77.00
CA UNK A 2697 -76.15 -61.81 75.81
C UNK A 2697 -76.03 -63.33 75.71
N UNK A 2698 -75.83 -63.99 76.85
CA UNK A 2698 -75.67 -65.44 76.88
C UNK A 2698 -76.99 -66.18 76.70
N UNK A 2699 -78.10 -65.50 77.01
CA UNK A 2699 -79.43 -66.09 76.85
C UNK A 2699 -79.80 -66.24 75.38
N UNK A 2700 -79.25 -65.37 74.53
CA UNK A 2700 -79.52 -65.41 73.10
C UNK A 2700 -78.76 -66.55 72.44
N GLU A 2741 -61.01 -92.42 97.87
CA GLU A 2741 -60.34 -93.38 98.74
C GLU A 2741 -60.26 -94.77 98.12
N THR A 2742 -59.17 -95.04 97.38
CA THR A 2742 -58.97 -96.35 96.77
C THR A 2742 -57.95 -97.21 97.50
N LEU A 2743 -56.89 -96.61 98.06
CA LEU A 2743 -55.92 -97.39 98.82
C LEU A 2743 -56.44 -97.78 100.20
N ASN A 2744 -57.43 -97.06 100.73
CA ASN A 2744 -58.06 -97.39 102.00
C ASN A 2744 -59.42 -98.03 101.81
N VAL A 2745 -59.57 -98.86 100.78
CA VAL A 2745 -60.84 -99.51 100.47
C VAL A 2745 -60.74 -100.98 100.84
N ILE A 2746 -61.91 -101.61 101.02
CA ILE A 2746 -61.99 -103.04 101.29
C ILE A 2746 -61.86 -103.80 99.99
N ILE A 2747 -61.16 -104.94 100.06
CA ILE A 2747 -60.96 -105.85 98.94
C ILE A 2747 -61.73 -107.12 99.24
N PRO A 2748 -62.79 -107.44 98.48
CA PRO A 2748 -63.53 -108.69 98.74
C PRO A 2748 -62.94 -109.87 98.00
N GLU A 2749 -63.59 -111.04 98.11
CA GLU A 2749 -63.11 -112.23 97.40
C GLU A 2749 -63.38 -112.16 95.90
N LYS A 2750 -64.31 -111.29 95.48
CA LYS A 2750 -64.56 -111.10 94.06
C LYS A 2750 -63.56 -110.18 93.40
N LEU A 2751 -62.90 -109.30 94.16
CA LEU A 2751 -61.93 -108.37 93.59
C LEU A 2751 -60.67 -109.09 93.11
N ASP A 2752 -60.28 -110.15 93.81
CA ASP A 2752 -59.11 -110.93 93.41
C ASP A 2752 -59.31 -111.68 92.10
N SER A 2753 -60.56 -111.97 91.73
CA SER A 2753 -60.86 -112.51 90.42
C SER A 2753 -61.13 -111.43 89.39
N PHE A 2754 -61.73 -110.31 89.80
CA PHE A 2754 -62.06 -109.23 88.87
C PHE A 2754 -60.81 -108.52 88.37
N ILE A 2755 -59.79 -108.39 89.22
CA ILE A 2755 -58.56 -107.75 88.80
C ILE A 2755 -57.82 -108.61 87.78
N ASN A 2756 -57.80 -109.93 88.00
CA ASN A 2756 -57.19 -110.86 87.06
C ASN A 2756 -57.98 -110.90 85.75
N LYS A 2757 -59.32 -110.83 85.83
CA LYS A 2757 -60.14 -110.85 84.62
C LYS A 2757 -59.97 -109.56 83.82
N PHE A 2758 -59.81 -108.43 84.50
CA PHE A 2758 -59.55 -107.17 83.81
C PHE A 2758 -58.17 -107.16 83.17
N ALA A 2759 -57.18 -107.77 83.84
CA ALA A 2759 -55.84 -107.90 83.25
C ALA A 2759 -55.86 -108.82 82.02
N GLU A 2760 -56.63 -109.92 82.10
CA GLU A 2760 -56.72 -110.83 80.96
C GLU A 2760 -57.47 -110.19 79.79
N TYR A 2761 -58.52 -109.41 80.10
CA TYR A 2761 -59.26 -108.72 79.05
C TYR A 2761 -58.42 -107.63 78.40
N THR A 2762 -57.60 -106.92 79.19
CA THR A 2762 -56.70 -105.93 78.64
C THR A 2762 -55.63 -106.56 77.77
N HIS A 2763 -55.09 -107.71 78.19
CA HIS A 2763 -54.08 -108.41 77.39
C HIS A 2763 -54.66 -108.95 76.09
N GLU A 2764 -55.88 -109.49 76.14
CA GLU A 2764 -56.52 -110.01 74.93
C GLU A 2764 -56.89 -108.89 73.98
N LYS A 2765 -57.37 -107.76 74.50
CA LYS A 2765 -57.68 -106.62 73.64
C LYS A 2765 -56.42 -106.02 73.03
N TRP A 2766 -55.34 -105.95 73.81
CA TRP A 2766 -54.08 -105.40 73.30
C TRP A 2766 -53.46 -106.32 72.24
N ALA A 2767 -53.55 -107.64 72.45
CA ALA A 2767 -53.02 -108.58 71.47
C ALA A 2767 -53.86 -108.57 70.19
N PHE A 2768 -55.19 -108.45 70.33
CA PHE A 2768 -56.06 -108.32 69.16
C PHE A 2768 -55.83 -107.01 68.41
N ASP A 2769 -55.46 -105.94 69.13
CA ASP A 2769 -55.14 -104.69 68.46
C ASP A 2769 -53.76 -104.73 67.81
N LYS A 2770 -52.82 -105.47 68.39
CA LYS A 2770 -51.50 -105.61 67.78
C LYS A 2770 -51.49 -106.58 66.61
N ILE A 2771 -52.48 -107.48 66.54
CA ILE A 2771 -52.51 -108.45 65.45
C ILE A 2771 -52.93 -107.84 64.12
N GLN A 2772 -53.49 -106.64 64.14
CA GLN A 2772 -53.98 -106.00 62.91
C GLN A 2772 -52.95 -105.09 62.26
N ASN A 2773 -51.91 -104.69 63.00
CA ASN A 2773 -50.93 -103.73 62.52
C ASN A 2773 -49.59 -104.37 62.18
N ASN A 2774 -49.57 -105.70 61.98
CA ASN A 2774 -48.39 -106.50 61.62
C ASN A 2774 -47.27 -106.36 62.66
N TRP A 2775 -47.54 -106.92 63.83
CA TRP A 2775 -46.59 -106.89 64.94
C TRP A 2775 -45.63 -108.06 64.86
N SER A 2776 -44.36 -107.81 65.20
CA SER A 2776 -43.35 -108.84 65.30
C SER A 2776 -43.24 -109.36 66.73
N TYR A 2777 -42.55 -110.48 66.88
CA TYR A 2777 -42.34 -111.13 68.17
C TYR A 2777 -40.86 -111.00 68.54
N GLY A 2778 -40.59 -110.33 69.66
CA GLY A 2778 -39.22 -110.14 70.10
C GLY A 2778 -39.13 -110.14 71.61
N GLU A 2779 -37.89 -110.18 72.10
CA GLU A 2779 -37.64 -110.21 73.53
C GLU A 2779 -37.88 -108.85 74.17
N ASN A 2780 -37.42 -107.78 73.51
CA ASN A 2780 -37.65 -106.41 73.96
C ASN A 2780 -38.42 -105.65 72.89
N VAL A 2781 -39.41 -104.87 73.33
CA VAL A 2781 -40.25 -104.10 72.43
C VAL A 2781 -39.49 -102.85 71.99
N ASP A 2782 -39.36 -102.65 70.68
CA ASP A 2782 -38.74 -101.46 70.13
C ASP A 2782 -39.65 -100.84 69.09
N GLU A 2783 -39.38 -99.58 68.75
CA GLU A 2783 -40.20 -98.86 67.78
C GLU A 2783 -39.76 -99.08 66.33
N GLU A 2784 -38.73 -99.88 66.10
CA GLU A 2784 -38.26 -100.10 64.73
C GLU A 2784 -39.12 -101.13 64.01
N LEU A 2785 -39.27 -102.32 64.59
CA LEU A 2785 -39.99 -103.42 63.96
C LEU A 2785 -41.33 -103.72 64.62
N LYS A 2786 -41.71 -102.96 65.67
CA LYS A 2786 -42.93 -103.13 66.44
C LYS A 2786 -43.02 -104.54 67.05
N THR A 2787 -42.07 -104.80 67.94
CA THR A 2787 -41.98 -106.09 68.60
C THR A 2787 -43.01 -106.20 69.72
N HIS A 2788 -43.46 -107.43 69.98
CA HIS A 2788 -44.45 -107.71 71.00
C HIS A 2788 -43.92 -108.76 71.97
N PRO A 2789 -43.51 -108.38 73.18
CA PRO A 2789 -43.03 -109.38 74.14
C PRO A 2789 -44.09 -109.78 75.14
N MET A 2790 -45.21 -109.06 75.16
CA MET A 2790 -46.27 -109.28 76.11
C MET A 2790 -47.50 -109.92 75.47
N LEU A 2791 -47.29 -110.72 74.42
CA LEU A 2791 -48.36 -111.43 73.74
C LEU A 2791 -48.48 -112.85 74.31
N ARG A 2792 -49.02 -112.93 75.53
CA ARG A 2792 -49.10 -114.20 76.25
C ARG A 2792 -50.34 -114.25 77.13
N PRO A 2793 -50.60 -115.38 77.78
CA PRO A 2793 -51.78 -115.50 78.65
C PRO A 2793 -51.58 -114.75 79.96
N TYR A 2794 -52.68 -114.59 80.70
CA TYR A 2794 -52.61 -113.87 81.97
C TYR A 2794 -52.03 -114.73 83.07
N LYS A 2795 -52.28 -116.05 83.03
CA LYS A 2795 -51.76 -116.97 84.03
C LYS A 2795 -50.37 -117.49 83.70
N THR A 2796 -49.81 -117.11 82.55
CA THR A 2796 -48.49 -117.58 82.14
C THR A 2796 -47.39 -116.58 82.47
N PHE A 2797 -47.73 -115.43 83.04
CA PHE A 2797 -46.78 -114.42 83.45
C PHE A 2797 -46.48 -114.54 84.95
N SER A 2798 -45.44 -113.84 85.38
CA SER A 2798 -44.95 -113.91 86.74
C SER A 2798 -45.17 -112.58 87.47
N GLU A 2799 -44.54 -112.45 88.63
CA GLU A 2799 -44.77 -111.27 89.47
C GLU A 2799 -44.09 -110.03 88.91
N LYS A 2800 -42.93 -110.18 88.27
CA LYS A 2800 -42.28 -109.05 87.61
C LYS A 2800 -42.95 -108.68 86.29
N ASP A 2801 -43.73 -109.59 85.71
CA ASP A 2801 -44.41 -109.32 84.44
C ASP A 2801 -45.84 -108.83 84.63
N LYS A 2802 -46.45 -109.12 85.79
CA LYS A 2802 -47.76 -108.59 86.13
C LYS A 2802 -47.68 -107.28 86.91
N GLU A 2803 -46.49 -106.67 86.97
CA GLU A 2803 -46.33 -105.42 87.69
C GLU A 2803 -46.90 -104.22 86.95
N ILE A 2804 -47.11 -104.35 85.63
CA ILE A 2804 -47.74 -103.28 84.86
C ILE A 2804 -49.25 -103.47 84.73
N TYR A 2805 -49.81 -104.47 85.40
CA TYR A 2805 -51.24 -104.75 85.30
C TYR A 2805 -51.90 -105.11 86.62
N ARG A 2806 -51.13 -105.22 87.71
CA ARG A 2806 -51.71 -105.54 89.01
C ARG A 2806 -52.48 -104.36 89.60
N TRP A 2807 -51.79 -103.26 89.87
CA TRP A 2807 -52.37 -102.13 90.61
C TRP A 2807 -53.34 -101.35 89.74
N PRO A 2808 -53.09 -101.25 88.43
CA PRO A 2808 -54.01 -100.52 87.56
C PRO A 2808 -55.35 -101.21 87.36
N ILE A 2809 -55.41 -102.53 87.57
CA ILE A 2809 -56.70 -103.23 87.55
C ILE A 2809 -57.33 -103.33 88.92
N LYS A 2810 -56.70 -102.78 89.96
CA LYS A 2810 -57.23 -102.85 91.32
C LYS A 2810 -57.66 -101.49 91.87
N GLU A 2811 -56.99 -100.40 91.45
CA GLU A 2811 -57.31 -99.08 91.97
C GLU A 2811 -58.67 -98.60 91.48
N SER A 2812 -59.00 -98.85 90.21
CA SER A 2812 -60.29 -98.42 89.66
C SER A 2812 -61.43 -99.23 90.27
N LEU A 2813 -61.21 -100.52 90.51
CA LEU A 2813 -62.23 -101.36 91.13
C LEU A 2813 -62.43 -100.99 92.59
N LYS A 2814 -61.34 -100.60 93.28
CA LYS A 2814 -61.48 -100.12 94.65
C LYS A 2814 -62.20 -98.79 94.71
N ALA A 2815 -61.96 -97.91 93.73
CA ALA A 2815 -62.69 -96.64 93.66
C ALA A 2815 -64.17 -96.86 93.36
N MET A 2816 -64.49 -97.85 92.51
CA MET A 2816 -65.90 -98.15 92.24
C MET A 2816 -66.59 -98.80 93.44
N ILE A 2817 -65.85 -99.63 94.20
CA ILE A 2817 -66.42 -100.22 95.41
C ILE A 2817 -66.57 -99.16 96.51
N ALA A 2818 -65.71 -98.14 96.52
CA ALA A 2818 -65.84 -97.07 97.49
C ALA A 2818 -66.94 -96.09 97.12
N TRP A 2819 -67.18 -95.89 95.82
CA TRP A 2819 -68.28 -95.04 95.38
C TRP A 2819 -69.63 -95.72 95.56
N GLU A 2820 -69.71 -97.01 95.24
CA GLU A 2820 -70.96 -97.77 95.43
C GLU A 2820 -70.61 -99.14 96.00
N TRP A 2821 -71.24 -99.49 97.13
CA TRP A 2821 -71.01 -100.77 97.78
C TRP A 2821 -71.71 -101.87 97.00
N THR A 2822 -71.00 -102.40 96.00
CA THR A 2822 -71.50 -103.47 95.14
C THR A 2822 -70.36 -104.45 94.87
N ILE A 2823 -70.32 -105.52 95.66
CA ILE A 2823 -69.36 -106.61 95.47
C ILE A 2823 -70.15 -107.91 95.46
N GLU A 2824 -70.52 -108.37 94.26
CA GLU A 2824 -71.37 -109.55 94.12
C GLU A 2824 -71.17 -110.14 92.73
N LYS A 2825 -71.45 -111.44 92.63
CA LYS A 2825 -71.50 -112.16 91.36
C LYS A 2825 -72.84 -112.91 91.32
N ALA A 2826 -73.74 -112.48 90.44
CA ALA A 2826 -75.09 -113.03 90.41
C ALA A 2826 -75.51 -113.50 89.02
N ARG A 2827 -74.57 -113.60 88.08
CA ARG A 2827 -74.87 -114.05 86.73
C ARG A 2827 -73.74 -114.96 86.26
N GLU A 2828 -73.86 -115.45 85.03
CA GLU A 2828 -72.89 -116.37 84.46
C GLU A 2828 -71.66 -115.60 83.95
N GLY A 2829 -70.57 -116.34 83.77
CA GLY A 2829 -69.33 -115.76 83.27
C GLY A 2829 -69.18 -115.95 81.77
N GLU A 2830 -68.63 -114.92 81.12
CA GLU A 2830 -68.43 -114.95 79.68
C GLU A 2830 -67.26 -114.05 79.27
N TYR A 2855 -49.01 -114.69 70.03
CA TYR A 2855 -50.01 -115.74 70.17
C TYR A 2855 -51.29 -115.38 69.41
N ASN A 2856 -52.35 -116.16 69.68
CA ASN A 2856 -53.66 -115.98 69.06
C ASN A 2856 -54.68 -115.75 70.17
N PRO A 2857 -54.71 -114.56 70.77
CA PRO A 2857 -55.68 -114.26 71.83
C PRO A 2857 -57.00 -113.81 71.20
N GLN A 2858 -58.09 -114.51 71.52
CA GLN A 2858 -59.39 -114.19 70.95
C GLN A 2858 -60.20 -113.39 71.95
N PRO A 2859 -60.67 -112.20 71.58
CA PRO A 2859 -61.51 -111.42 72.50
C PRO A 2859 -62.94 -111.93 72.49
N PRO A 2860 -63.65 -111.81 73.59
CA PRO A 2860 -65.02 -112.32 73.67
C PRO A 2860 -66.01 -111.32 73.07
N ASP A 2861 -67.29 -111.64 73.18
CA ASP A 2861 -68.36 -110.79 72.64
C ASP A 2861 -68.58 -109.61 73.58
N LEU A 2862 -68.01 -108.46 73.22
CA LEU A 2862 -68.15 -107.24 74.01
C LEU A 2862 -69.32 -106.37 73.58
N SER A 2863 -69.90 -106.62 72.41
CA SER A 2863 -71.07 -105.89 71.93
C SER A 2863 -72.35 -106.71 72.05
N GLY A 2864 -72.42 -107.62 73.01
CA GLY A 2864 -73.61 -108.43 73.18
C GLY A 2864 -74.72 -107.71 73.94
N VAL A 2865 -74.37 -107.12 75.08
CA VAL A 2865 -75.34 -106.45 75.94
C VAL A 2865 -75.18 -104.94 75.81
N THR A 2866 -76.29 -104.26 75.53
CA THR A 2866 -76.26 -102.80 75.48
C THR A 2866 -76.28 -102.22 76.89
N LEU A 2867 -75.82 -100.97 76.99
CA LEU A 2867 -75.78 -100.27 78.27
C LEU A 2867 -77.18 -99.82 78.66
N SER A 2868 -77.56 -100.11 79.91
CA SER A 2868 -78.85 -99.75 80.40
C SER A 2868 -78.84 -98.30 80.87
N ARG A 2869 -79.99 -97.83 81.38
CA ARG A 2869 -80.11 -96.46 81.85
C ARG A 2869 -79.35 -96.23 83.15
N GLU A 2870 -79.17 -97.27 83.96
CA GLU A 2870 -78.29 -97.15 85.13
C GLU A 2870 -76.85 -97.50 84.79
N LEU A 2871 -76.65 -98.41 83.83
CA LEU A 2871 -75.31 -98.83 83.46
C LEU A 2871 -74.54 -97.74 82.73
N GLN A 2872 -75.22 -96.93 81.92
CA GLN A 2872 -74.56 -95.81 81.26
C GLN A 2872 -74.16 -94.74 82.28
N ALA A 2873 -75.00 -94.52 83.29
CA ALA A 2873 -74.64 -93.60 84.37
C ALA A 2873 -73.49 -94.13 85.21
N MET A 2874 -73.42 -95.45 85.41
CA MET A 2874 -72.32 -96.04 86.14
C MET A 2874 -71.02 -95.95 85.35
N ALA A 2875 -71.10 -96.08 84.02
CA ALA A 2875 -69.91 -95.90 83.18
C ALA A 2875 -69.47 -94.44 83.17
N GLU A 2876 -70.43 -93.51 83.18
CA GLU A 2876 -70.10 -92.09 83.27
C GLU A 2876 -69.47 -91.76 84.63
N GLN A 2877 -69.97 -92.36 85.71
CA GLN A 2877 -69.40 -92.11 87.03
C GLN A 2877 -68.03 -92.74 87.18
N LEU A 2878 -67.79 -93.89 86.54
CA LEU A 2878 -66.47 -94.50 86.56
C LEU A 2878 -65.47 -93.68 85.75
N ALA A 2879 -65.91 -93.11 84.62
CA ALA A 2879 -65.05 -92.22 83.86
C ALA A 2879 -64.74 -90.93 84.62
N GLU A 2880 -65.73 -90.39 85.34
CA GLU A 2880 -65.52 -89.18 86.12
C GLU A 2880 -64.60 -89.45 87.32
N ASN A 2881 -64.77 -90.60 87.97
CA ASN A 2881 -63.89 -90.96 89.08
C ASN A 2881 -62.47 -91.23 88.61
N TYR A 2882 -62.32 -91.87 87.45
CA TYR A 2882 -60.98 -92.10 86.90
C TYR A 2882 -60.32 -90.80 86.47
N HIS A 2883 -61.08 -89.88 85.89
CA HIS A 2883 -60.53 -88.57 85.49
C HIS A 2883 -60.16 -87.73 86.71
N ASN A 2884 -60.95 -87.81 87.79
CA ASN A 2884 -60.62 -87.08 89.01
C ASN A 2884 -59.39 -87.68 89.70
N THR A 2885 -59.26 -89.01 89.68
CA THR A 2885 -58.08 -89.65 90.25
C THR A 2885 -56.84 -89.34 89.42
N TRP A 2886 -56.97 -89.29 88.10
CA TRP A 2886 -55.86 -88.91 87.23
C TRP A 2886 -55.47 -87.45 87.44
N GLY A 2887 -56.47 -86.58 87.64
CA GLY A 2887 -56.17 -85.17 87.90
C GLY A 2887 -55.52 -84.94 89.24
N ARG A 2888 -55.92 -85.70 90.26
CA ARG A 2888 -55.27 -85.61 91.57
C ARG A 2888 -53.84 -86.14 91.51
N LYS A 2889 -53.61 -87.21 90.73
CA LYS A 2889 -52.26 -87.71 90.56
C LYS A 2889 -51.39 -86.72 89.79
N LYS A 2890 -51.96 -86.06 88.78
CA LYS A 2890 -51.21 -85.04 88.04
C LYS A 2890 -50.92 -83.82 88.89
N LYS A 2891 -51.87 -83.44 89.77
CA LYS A 2891 -51.64 -82.30 90.65
C LYS A 2891 -50.59 -82.61 91.70
N GLN A 2892 -50.61 -83.83 92.24
CA GLN A 2892 -49.58 -84.25 93.19
C GLN A 2892 -48.21 -84.36 92.52
N GLU A 2893 -48.17 -84.79 91.25
CA GLU A 2893 -46.89 -84.86 90.55
C GLU A 2893 -46.36 -83.49 90.19
N LEU A 2894 -47.25 -82.53 89.90
CA LEU A 2894 -46.81 -81.16 89.67
C LEU A 2894 -46.42 -80.47 90.97
N GLU A 2895 -47.06 -80.81 92.09
CA GLU A 2895 -46.73 -80.19 93.36
C GLU A 2895 -45.46 -80.77 93.97
N ALA A 2896 -45.14 -82.02 93.68
CA ALA A 2896 -43.93 -82.63 94.21
C ALA A 2896 -42.75 -82.43 93.26
N LEU A 2905 -55.53 -81.06 85.45
CA LEU A 2905 -55.99 -79.72 85.15
C LEU A 2905 -57.09 -79.76 84.10
N VAL A 2906 -57.78 -80.90 84.01
CA VAL A 2906 -58.82 -81.09 83.01
C VAL A 2906 -60.01 -81.80 83.64
N PRO A 2907 -61.22 -81.21 83.58
CA PRO A 2907 -62.41 -81.91 84.09
C PRO A 2907 -63.14 -82.64 82.98
N TYR A 2908 -63.73 -83.80 83.30
CA TYR A 2908 -64.47 -84.57 82.31
C TYR A 2908 -65.89 -84.05 82.10
N ASP A 2909 -66.37 -83.15 82.96
CA ASP A 2909 -67.72 -82.62 82.83
C ASP A 2909 -67.82 -81.62 81.68
N THR A 2910 -66.77 -80.83 81.48
CA THR A 2910 -66.68 -79.86 80.39
C THR A 2910 -65.49 -80.14 79.48
N LEU A 2911 -65.20 -81.41 79.21
CA LEU A 2911 -64.11 -81.74 78.32
C LEU A 2911 -64.53 -81.56 76.87
N THR A 2912 -63.54 -81.39 75.99
CA THR A 2912 -63.80 -81.23 74.57
C THR A 2912 -64.06 -82.59 73.94
N ALA A 2913 -64.42 -82.56 72.65
CA ALA A 2913 -64.68 -83.80 71.92
C ALA A 2913 -63.39 -84.56 71.63
N LYS A 2914 -62.26 -83.84 71.49
CA LYS A 2914 -60.98 -84.50 71.25
C LYS A 2914 -60.51 -85.28 72.46
N GLU A 2915 -60.96 -84.90 73.66
CA GLU A 2915 -60.68 -85.66 74.87
C GLU A 2915 -61.80 -86.64 75.21
N LYS A 2916 -63.04 -86.33 74.86
CA LYS A 2916 -64.15 -87.24 75.10
C LYS A 2916 -64.15 -88.43 74.15
N ALA A 2917 -63.57 -88.28 72.96
CA ALA A 2917 -63.43 -89.41 72.05
C ALA A 2917 -62.26 -90.30 72.41
N ARG A 2918 -61.36 -89.84 73.27
CA ARG A 2918 -60.18 -90.61 73.66
C ARG A 2918 -60.30 -91.20 75.06
N ASP A 2919 -61.03 -90.54 75.95
CA ASP A 2919 -61.17 -91.01 77.33
C ASP A 2919 -62.31 -92.02 77.49
N ARG A 2920 -63.22 -92.09 76.52
CA ARG A 2920 -64.37 -92.97 76.66
C ARG A 2920 -64.05 -94.43 76.39
N GLU A 2921 -62.96 -94.71 75.66
CA GLU A 2921 -62.60 -96.10 75.36
C GLU A 2921 -62.16 -96.85 76.60
N LYS A 2922 -61.46 -96.15 77.52
CA LYS A 2922 -61.08 -96.79 78.78
C LYS A 2922 -62.29 -97.07 79.65
N ALA A 2923 -63.26 -96.15 79.67
CA ALA A 2923 -64.49 -96.39 80.44
C ALA A 2923 -65.32 -97.51 79.83
N GLN A 2924 -65.38 -97.59 78.50
CA GLN A 2924 -66.12 -98.66 77.84
C GLN A 2924 -65.45 -100.02 78.06
N GLU A 2925 -64.12 -100.06 78.03
CA GLU A 2925 -63.39 -101.29 78.29
C GLU A 2925 -63.53 -101.74 79.75
N LEU A 2926 -63.50 -100.78 80.68
CA LEU A 2926 -63.69 -101.11 82.09
C LEU A 2926 -65.10 -101.58 82.38
N LEU A 2927 -66.10 -100.98 81.71
CA LEU A 2927 -67.48 -101.44 81.88
C LEU A 2927 -67.70 -102.81 81.26
N LYS A 2928 -67.12 -103.05 80.07
CA LYS A 2928 -67.26 -104.35 79.42
C LYS A 2928 -66.48 -105.44 80.16
N PHE A 2929 -65.42 -105.06 80.87
CA PHE A 2929 -64.69 -106.05 81.66
C PHE A 2929 -65.34 -106.32 83.00
N LEU A 2930 -65.96 -105.30 83.61
CA LEU A 2930 -66.67 -105.49 84.86
C LEU A 2930 -68.01 -106.18 84.68
N GLN A 2931 -68.63 -106.08 83.50
CA GLN A 2931 -69.93 -106.71 83.28
C GLN A 2931 -69.85 -108.23 83.19
N MET A 2932 -68.68 -108.78 82.92
CA MET A 2932 -68.54 -110.24 82.88
C MET A 2932 -68.45 -110.81 84.30
N ASN A 2933 -68.73 -112.12 84.40
CA ASN A 2933 -68.71 -112.90 85.64
C ASN A 2933 -69.71 -112.40 86.68
N GLY A 2934 -70.79 -111.76 86.22
CA GLY A 2934 -71.85 -111.32 87.10
C GLY A 2934 -71.52 -110.18 88.04
N TYR A 2935 -70.41 -109.47 87.81
CA TYR A 2935 -70.02 -108.38 88.69
C TYR A 2935 -70.59 -107.04 88.21
N ALA A 2936 -71.91 -106.99 88.02
CA ALA A 2936 -72.59 -105.78 87.58
C ALA A 2936 -72.82 -104.87 88.78
N VAL A 2937 -71.98 -103.85 88.91
CA VAL A 2937 -72.12 -102.88 89.99
C VAL A 2937 -73.29 -101.96 89.67
N THR A 2938 -74.34 -102.03 90.49
CA THR A 2938 -75.55 -101.24 90.30
C THR A 2938 -75.62 -100.14 91.34
N ARG A 2939 -75.94 -98.93 90.91
CA ARG A 2939 -76.05 -97.80 91.82
C ARG A 2939 -77.37 -97.85 92.59
N UNK A 2951 -82.87 -77.88 77.93
CA UNK A 2951 -82.28 -76.76 78.67
C UNK A 2951 -83.23 -75.57 78.68
N UNK A 2952 -84.48 -75.81 78.26
CA UNK A 2952 -85.48 -74.75 78.20
C UNK A 2952 -86.45 -74.86 79.37
N UNK A 2953 -86.79 -76.09 79.73
CA UNK A 2953 -87.75 -76.37 80.81
C UNK A 2953 -87.22 -75.95 82.17
N UNK A 2954 -85.94 -76.21 82.41
CA UNK A 2954 -85.28 -75.83 83.66
C UNK A 2954 -85.18 -74.31 83.78
N UNK A 2955 -84.90 -73.66 82.66
CA UNK A 2955 -84.83 -72.20 82.59
C UNK A 2955 -86.20 -71.58 82.85
N UNK A 2956 -87.25 -72.20 82.28
CA UNK A 2956 -88.62 -71.74 82.49
C UNK A 2956 -89.05 -71.92 83.94
N UNK A 2957 -88.65 -73.03 84.55
CA UNK A 2957 -88.94 -73.30 85.96
C UNK A 2957 -88.23 -72.31 86.87
N UNK A 2958 -86.97 -72.01 86.54
CA UNK A 2958 -86.20 -71.03 87.30
C UNK A 2958 -86.79 -69.62 87.18
N UNK A 2959 -87.26 -69.29 85.97
CA UNK A 2959 -87.91 -68.00 85.72
C UNK A 2959 -89.23 -67.90 86.48
N UNK A 2960 -89.98 -68.99 86.53
CA UNK A 2960 -91.23 -69.05 87.29
C UNK A 2960 -90.99 -68.90 88.78
N UNK A 2961 -89.94 -69.56 89.28
CA UNK A 2961 -89.56 -69.46 90.69
C UNK A 2961 -89.12 -68.04 91.04
N UNK A 2962 -88.36 -67.42 90.15
CA UNK A 2962 -87.90 -66.04 90.33
C UNK A 2962 -89.08 -65.06 90.30
N UNK A 2963 -90.04 -65.31 89.43
CA UNK A 2963 -91.25 -64.49 89.34
C UNK A 2963 -92.10 -64.64 90.59
N UNK A 2964 -92.20 -65.86 91.13
CA UNK A 2964 -92.92 -66.11 92.36
C UNK A 2964 -92.25 -65.42 93.56
N UNK A 2965 -90.93 -65.47 93.60
CA UNK A 2965 -90.16 -64.81 94.64
C UNK A 2965 -90.30 -63.28 94.57
N UNK A 2966 -90.30 -62.75 93.35
CA UNK A 2966 -90.48 -61.32 93.13
C UNK A 2966 -91.90 -60.87 93.50
N UNK A 2967 -92.88 -61.71 93.22
CA UNK A 2967 -94.26 -61.44 93.60
C UNK A 2967 -94.45 -61.46 95.11
N UNK A 2968 -93.78 -62.40 95.77
CA UNK A 2968 -93.80 -62.49 97.23
C UNK A 2968 -93.13 -61.26 97.87
N UNK A 2969 -92.02 -60.83 97.29
CA UNK A 2969 -91.30 -59.65 97.77
C UNK A 2969 -92.13 -58.38 97.56
N UNK A 2970 -92.82 -58.29 96.43
CA UNK A 2970 -93.69 -57.17 96.13
C UNK A 2970 -94.89 -57.13 97.07
N UNK A 2971 -95.44 -58.30 97.38
CA UNK A 2971 -96.54 -58.42 98.34
C UNK A 2971 -96.11 -58.00 99.74
N UNK A 2972 -94.90 -58.41 100.12
CA UNK A 2972 -94.33 -58.02 101.42
C UNK A 2972 -94.09 -56.51 101.49
N UNK A 2973 -93.59 -55.93 100.41
CA UNK A 2973 -93.34 -54.50 100.34
C UNK A 2973 -94.64 -53.69 100.33
N UNK A 2974 -95.69 -54.26 99.75
CA UNK A 2974 -97.00 -53.62 99.73
C UNK A 2974 -97.67 -53.72 101.10
N UNK A 2975 -97.44 -54.82 101.80
CA UNK A 2975 -97.99 -55.01 103.14
C UNK A 2975 -97.27 -54.13 104.15
N UNK A 2976 -95.98 -53.91 103.95
CA UNK A 2976 -95.20 -53.05 104.82
C UNK A 2976 -95.53 -51.59 104.59
N UNK A 2996 -81.79 -55.75 98.13
CA UNK A 2996 -80.90 -56.55 97.28
C UNK A 2996 -81.70 -57.48 96.38
N UNK A 2997 -82.99 -57.62 96.69
CA UNK A 2997 -83.87 -58.48 95.91
C UNK A 2997 -84.45 -57.75 94.71
N UNK A 2998 -84.56 -56.42 94.83
CA UNK A 2998 -85.13 -55.58 93.78
C UNK A 2998 -84.25 -55.56 92.54
N UNK A 2999 -82.94 -55.49 92.74
CA UNK A 2999 -81.97 -55.50 91.65
C UNK A 2999 -81.99 -56.84 90.93
N UNK A 3000 -82.12 -57.92 91.69
CA UNK A 3000 -82.20 -59.26 91.15
C UNK A 3000 -83.48 -59.46 90.34
N UNK A 3001 -84.58 -58.90 90.85
CA UNK A 3001 -85.86 -58.96 90.15
C UNK A 3001 -85.83 -58.15 88.86
N UNK A 3002 -85.17 -56.99 88.89
CA UNK A 3002 -85.00 -56.15 87.71
C UNK A 3002 -84.13 -56.84 86.66
N UNK A 3003 -83.07 -57.51 87.11
CA UNK A 3003 -82.19 -58.26 86.22
C UNK A 3003 -82.92 -59.44 85.59
N UNK A 3004 -83.75 -60.13 86.38
CA UNK A 3004 -84.56 -61.23 85.89
C UNK A 3004 -85.59 -60.76 84.87
N UNK A 3005 -86.20 -59.61 85.13
CA UNK A 3005 -87.17 -59.02 84.21
C UNK A 3005 -86.51 -58.59 82.89
N UNK A 3006 -85.31 -58.03 83.00
CA UNK A 3006 -84.53 -57.64 81.82
C UNK A 3006 -84.12 -58.87 80.99
N UNK A 3007 -83.73 -59.94 81.68
CA UNK A 3007 -83.37 -61.19 81.01
C UNK A 3007 -84.57 -61.82 80.32
N UNK A 3008 -85.73 -61.76 80.98
CA UNK A 3008 -86.98 -62.27 80.40
C UNK A 3008 -87.40 -61.47 79.18
N UNK A 3009 -87.23 -60.15 79.25
CA UNK A 3009 -87.54 -59.26 78.13
C UNK A 3009 -86.60 -59.51 76.96
N UNK A 3010 -85.32 -59.73 77.25
CA UNK A 3010 -84.34 -60.05 76.22
C UNK A 3010 -84.63 -61.40 75.56
N UNK A 3011 -85.04 -62.37 76.36
CA UNK A 3011 -85.42 -63.70 75.86
C UNK A 3011 -86.67 -63.62 74.98
N UNK A 3012 -87.64 -62.82 75.39
CA UNK A 3012 -88.87 -62.62 74.63
C UNK A 3012 -88.61 -61.87 73.33
N UNK A 3013 -87.63 -60.97 73.34
CA UNK A 3013 -87.24 -60.24 72.15
C UNK A 3013 -86.47 -61.13 71.19
N UNK A 3014 -85.67 -62.04 71.74
CA UNK A 3014 -84.88 -62.97 70.93
C UNK A 3014 -85.75 -64.05 70.31
N UNK A 3015 -86.76 -64.50 71.04
CA UNK A 3015 -87.67 -65.53 70.55
C UNK A 3015 -88.64 -64.94 69.53
N UNK A 3025 -96.36 -78.36 77.32
CA UNK A 3025 -95.27 -78.36 78.31
C UNK A 3025 -94.65 -76.97 78.42
N UNK A 3026 -93.81 -76.63 77.45
CA UNK A 3026 -93.11 -75.34 77.44
C UNK A 3026 -94.08 -74.18 77.24
N UNK A 3027 -95.06 -74.37 76.37
CA UNK A 3027 -96.09 -73.37 76.12
C UNK A 3027 -96.96 -73.14 77.35
N UNK A 3028 -97.27 -74.24 78.04
CA UNK A 3028 -98.06 -74.19 79.27
C UNK A 3028 -97.29 -73.48 80.38
N UNK A 3029 -95.99 -73.75 80.46
CA UNK A 3029 -95.11 -73.10 81.43
C UNK A 3029 -94.99 -71.61 81.15
N UNK A 3030 -94.89 -71.25 79.87
CA UNK A 3030 -94.83 -69.85 79.45
C UNK A 3030 -96.13 -69.12 79.76
N UNK A 3031 -97.26 -69.79 79.54
CA UNK A 3031 -98.56 -69.24 79.85
C UNK A 3031 -98.74 -69.03 81.35
N UNK A 3032 -98.27 -70.00 82.15
CA UNK A 3032 -98.31 -69.90 83.59
C UNK A 3032 -97.43 -68.76 84.11
N UNK A 3033 -96.26 -68.60 83.51
CA UNK A 3033 -95.35 -67.51 83.85
C UNK A 3033 -95.93 -66.16 83.49
N UNK A 3034 -96.59 -66.08 82.34
CA UNK A 3034 -97.27 -64.86 81.91
C UNK A 3034 -98.43 -64.49 82.83
N UNK A 3035 -99.19 -65.51 83.26
CA UNK A 3035 -100.29 -65.32 84.19
C UNK A 3035 -99.79 -64.86 85.56
N UNK A 3036 -98.67 -65.43 86.01
CA UNK A 3036 -98.05 -65.03 87.26
C UNK A 3036 -97.53 -63.59 87.21
N UNK A 3037 -96.94 -63.23 86.06
CA UNK A 3037 -96.45 -61.87 85.85
C UNK A 3037 -97.60 -60.86 85.81
N UNK A 3038 -98.71 -61.25 85.19
CA UNK A 3038 -99.91 -60.41 85.14
C UNK A 3038 -100.52 -60.23 86.53
N UNK A 3039 -100.54 -61.30 87.31
CA UNK A 3039 -101.06 -61.26 88.67
C UNK A 3039 -100.17 -60.43 89.59
N UNK A 3040 -98.86 -60.45 89.33
CA UNK A 3040 -97.91 -59.64 90.08
C UNK A 3040 -98.01 -58.17 89.71
N UNK A 3041 -98.29 -57.90 88.43
CA UNK A 3041 -98.42 -56.53 87.94
C UNK A 3041 -99.74 -55.90 88.40
N UNK A 3042 -100.80 -56.70 88.46
CA UNK A 3042 -102.10 -56.21 88.89
C UNK A 3042 -102.13 -55.99 90.40
N UNK A 3049 -92.86 -49.39 84.15
CA UNK A 3049 -92.27 -49.21 82.83
C UNK A 3049 -91.66 -50.52 82.32
N UNK A 3050 -90.63 -50.99 83.00
CA UNK A 3050 -89.93 -52.22 82.62
C UNK A 3050 -90.82 -53.45 82.79
N UNK A 3051 -91.60 -53.46 83.87
CA UNK A 3051 -92.54 -54.55 84.14
C UNK A 3051 -93.65 -54.57 83.09
N UNK A 3052 -94.12 -53.39 82.70
CA UNK A 3052 -95.15 -53.26 81.68
C UNK A 3052 -94.63 -53.71 80.31
N UNK A 3053 -93.37 -53.36 80.02
CA UNK A 3053 -92.72 -53.78 78.78
C UNK A 3053 -92.52 -55.30 78.73
N UNK A 3054 -92.15 -55.87 79.87
CA UNK A 3054 -91.98 -57.32 79.99
C UNK A 3054 -93.32 -58.05 79.84
N UNK A 3055 -94.37 -57.48 80.41
CA UNK A 3055 -95.72 -58.04 80.28
C UNK A 3055 -96.21 -57.96 78.84
N UNK A 3056 -95.92 -56.85 78.16
CA UNK A 3056 -96.29 -56.68 76.76
C UNK A 3056 -95.53 -57.66 75.86
N UNK A 3057 -94.25 -57.87 76.17
CA UNK A 3057 -93.42 -58.83 75.44
C UNK A 3057 -93.91 -60.27 75.64
N UNK A 3058 -94.30 -60.58 76.88
CA UNK A 3058 -94.85 -61.89 77.19
C UNK A 3058 -96.20 -62.14 76.49
N UNK A 3059 -97.03 -61.09 76.45
CA UNK A 3059 -98.32 -61.17 75.76
C UNK A 3059 -98.15 -61.30 74.25
N UNK A 3060 -97.11 -60.67 73.71
CA UNK A 3060 -96.80 -60.78 72.29
C UNK A 3060 -96.23 -62.15 71.95
N UNK A 3061 -95.47 -62.71 72.88
CA UNK A 3061 -94.88 -64.04 72.68
C UNK A 3061 -95.92 -65.14 72.79
N UNK A 3062 -96.86 -64.98 73.72
CA UNK A 3062 -97.92 -65.97 73.91
C UNK A 3062 -98.96 -65.86 72.80
N UNK A 3141 -106.97 -71.22 84.59
CA UNK A 3141 -106.05 -70.26 85.18
C UNK A 3141 -105.94 -69.00 84.32
N UNK A 3142 -105.62 -69.20 83.05
CA UNK A 3142 -105.45 -68.10 82.11
C UNK A 3142 -106.77 -67.39 81.82
N UNK A 3143 -107.84 -68.17 81.70
CA UNK A 3143 -109.18 -67.64 81.48
C UNK A 3143 -109.66 -66.84 82.69
N UNK A 3144 -109.34 -67.34 83.89
CA UNK A 3144 -109.68 -66.67 85.13
C UNK A 3144 -108.91 -65.36 85.28
N UNK A 3145 -107.63 -65.37 84.89
CA UNK A 3145 -106.79 -64.19 84.91
C UNK A 3145 -107.29 -63.14 83.92
N UNK A 3146 -107.71 -63.59 82.74
CA UNK A 3146 -108.26 -62.71 81.72
C UNK A 3146 -109.58 -62.09 82.18
N UNK A 3147 -110.42 -62.90 82.84
CA UNK A 3147 -111.69 -62.42 83.39
C UNK A 3147 -111.46 -61.39 84.50
N UNK A 3148 -110.47 -61.64 85.35
CA UNK A 3148 -110.10 -60.72 86.42
C UNK A 3148 -109.56 -59.41 85.87
N UNK A 3149 -108.75 -59.49 84.81
CA UNK A 3149 -108.21 -58.31 84.14
C UNK A 3149 -109.33 -57.50 83.47
N UNK A 3150 -110.29 -58.19 82.86
CA UNK A 3150 -111.44 -57.54 82.24
C UNK A 3150 -112.32 -56.86 83.27
N UNK A 3151 -112.51 -57.51 84.42
CA UNK A 3151 -113.29 -56.94 85.52
C UNK A 3151 -112.60 -55.71 86.11
N UNK A 3152 -111.27 -55.78 86.23
CA UNK A 3152 -110.48 -54.64 86.71
C UNK A 3152 -110.53 -53.47 85.74
N UNK A 3153 -110.48 -53.77 84.45
CA UNK A 3153 -110.59 -52.75 83.40
C UNK A 3153 -111.96 -52.10 83.39
N UNK A 3154 -113.00 -52.91 83.60
CA UNK A 3154 -114.37 -52.41 83.68
C UNK A 3154 -114.58 -51.52 84.91
N UNK A 3155 -113.99 -51.93 86.03
CA UNK A 3155 -114.04 -51.14 87.26
C UNK A 3155 -113.30 -49.82 87.12
N UNK A 3156 -112.15 -49.86 86.43
CA UNK A 3156 -111.37 -48.66 86.16
C UNK A 3156 -112.11 -47.70 85.24
N UNK A 3157 -112.79 -48.26 84.23
CA UNK A 3157 -113.60 -47.47 83.30
C UNK A 3157 -114.79 -46.83 84.02
N UNK A 3158 -115.41 -47.58 84.93
CA UNK A 3158 -116.52 -47.07 85.73
C UNK A 3158 -116.06 -45.96 86.67
N UNK A 3159 -114.89 -46.12 87.27
CA UNK A 3159 -114.32 -45.12 88.15
C UNK A 3159 -113.90 -43.86 87.40
N UNK A 3160 -113.47 -44.04 86.15
CA UNK A 3160 -113.11 -42.91 85.30
C UNK A 3160 -114.36 -42.17 84.82
N UNK A 3161 -115.44 -42.91 84.58
CA UNK A 3161 -116.70 -42.32 84.15
C UNK A 3161 -117.39 -41.57 85.29
N UNK A 3162 -117.30 -42.12 86.50
CA UNK A 3162 -117.90 -41.49 87.66
C UNK A 3162 -117.07 -40.29 88.12
N UNK A 3169 -104.09 -46.15 90.05
CA UNK A 3169 -105.35 -45.44 89.83
C UNK A 3169 -105.58 -45.19 88.34
N UNK A 3170 -104.87 -44.20 87.80
CA UNK A 3170 -105.00 -43.85 86.39
C UNK A 3170 -103.90 -44.52 85.56
N UNK A 3171 -102.68 -44.49 86.09
CA UNK A 3171 -101.52 -45.08 85.41
C UNK A 3171 -101.63 -46.59 85.31
N UNK A 3172 -102.10 -47.22 86.39
CA UNK A 3172 -102.30 -48.67 86.43
C UNK A 3172 -103.40 -49.08 85.46
N UNK A 3173 -104.44 -48.26 85.38
CA UNK A 3173 -105.56 -48.49 84.46
C UNK A 3173 -105.11 -48.38 83.01
N UNK A 3174 -104.27 -47.37 82.73
CA UNK A 3174 -103.70 -47.17 81.40
C UNK A 3174 -102.78 -48.31 81.00
N UNK A 3175 -101.99 -48.80 81.96
CA UNK A 3175 -101.10 -49.93 81.75
C UNK A 3175 -101.88 -51.22 81.47
N UNK A 3176 -102.97 -51.41 82.22
CA UNK A 3176 -103.85 -52.56 82.02
C UNK A 3176 -104.54 -52.52 80.67
N UNK A 3177 -104.97 -51.32 80.26
CA UNK A 3177 -105.59 -51.12 78.96
C UNK A 3177 -104.61 -51.39 77.82
N UNK A 3178 -103.37 -50.92 77.99
CA UNK A 3178 -102.30 -51.16 77.02
C UNK A 3178 -101.96 -52.64 76.91
N UNK A 3179 -101.92 -53.32 78.05
CA UNK A 3179 -101.66 -54.76 78.09
C UNK A 3179 -102.78 -55.55 77.42
N UNK A 3180 -104.02 -55.14 77.65
CA UNK A 3180 -105.19 -55.75 77.03
C UNK A 3180 -105.19 -55.55 75.52
N UNK A 3181 -104.82 -54.34 75.09
CA UNK A 3181 -104.71 -54.02 73.67
C UNK A 3181 -103.61 -54.84 72.99
N UNK A 3182 -102.48 -54.99 73.67
CA UNK A 3182 -101.37 -55.79 73.17
C UNK A 3182 -101.75 -57.27 73.08
N UNK A 3183 -102.46 -57.77 74.08
CA UNK A 3183 -102.95 -59.15 74.08
C UNK A 3183 -103.95 -59.39 72.95
N UNK A 3184 -104.84 -58.42 72.72
CA UNK A 3184 -105.81 -58.50 71.64
C UNK A 3184 -105.14 -58.48 70.27
N UNK A 3185 -104.12 -57.62 70.13
CA UNK A 3185 -103.36 -57.52 68.89
C UNK A 3185 -102.55 -58.78 68.62
N UNK A 3186 -102.09 -59.43 69.68
CA UNK A 3186 -101.36 -60.69 69.57
C UNK A 3186 -102.30 -61.84 69.23
N UNK A 3187 -103.50 -61.80 69.79
CA UNK A 3187 -104.50 -62.85 69.55
C UNK A 3187 -105.11 -62.74 68.16
N UNK A 3188 -105.18 -61.52 67.63
CA UNK A 3188 -105.74 -61.29 66.30
C UNK A 3188 -104.78 -61.80 65.21
N UNK A 3189 -103.48 -61.75 65.50
CA UNK A 3189 -102.48 -62.20 64.55
C UNK A 3189 -102.40 -63.73 64.53
N UNK A 3198 -114.96 -65.53 78.82
CA UNK A 3198 -114.90 -64.13 79.23
C UNK A 3198 -115.63 -63.24 78.23
N UNK A 3199 -116.57 -63.83 77.50
CA UNK A 3199 -117.33 -63.11 76.47
C UNK A 3199 -118.25 -62.06 77.09
N UNK A 3200 -118.87 -62.39 78.21
CA UNK A 3200 -119.73 -61.47 78.93
C UNK A 3200 -118.92 -60.30 79.50
N UNK A 3201 -117.73 -60.59 79.99
CA UNK A 3201 -116.83 -59.57 80.53
C UNK A 3201 -116.33 -58.65 79.41
N UNK A 3202 -116.05 -59.22 78.25
CA UNK A 3202 -115.63 -58.45 77.08
C UNK A 3202 -116.76 -57.55 76.57
N UNK A 3203 -117.98 -58.08 76.60
CA UNK A 3203 -119.17 -57.31 76.21
C UNK A 3203 -119.43 -56.16 77.18
N UNK A 3204 -119.24 -56.43 78.48
CA UNK A 3204 -119.39 -55.40 79.50
C UNK A 3204 -118.34 -54.31 79.37
N UNK A 3205 -117.11 -54.71 79.06
CA UNK A 3205 -116.01 -53.77 78.83
C UNK A 3205 -116.27 -52.91 77.59
N UNK A 3206 -116.80 -53.52 76.54
CA UNK A 3206 -117.15 -52.82 75.31
C UNK A 3206 -118.28 -51.82 75.54
N UNK A 3207 -119.27 -52.23 76.35
CA UNK A 3207 -120.38 -51.37 76.71
C UNK A 3207 -119.91 -50.18 77.55
N UNK A 3208 -118.98 -50.43 78.48
CA UNK A 3208 -118.39 -49.38 79.31
C UNK A 3208 -117.58 -48.40 78.47
N UNK A 3209 -116.82 -48.93 77.49
CA UNK A 3209 -116.03 -48.09 76.60
C UNK A 3209 -116.92 -47.27 75.66
N UNK A 3210 -118.06 -47.82 75.29
CA UNK A 3210 -119.02 -47.10 74.46
C UNK A 3210 -119.74 -46.02 75.26
N UNK A 3211 -120.00 -46.29 76.54
CA UNK A 3211 -120.66 -45.34 77.41
C UNK A 3211 -119.73 -44.19 77.78
N UNK A 3212 -118.46 -44.49 78.00
CA UNK A 3212 -117.47 -43.47 78.34
C UNK A 3212 -117.09 -42.64 77.11
N UNK A 3221 -107.03 -39.96 77.35
CA UNK A 3221 -107.07 -41.42 77.32
C UNK A 3221 -108.11 -41.92 76.33
N UNK A 3222 -108.71 -40.98 75.59
CA UNK A 3222 -109.76 -41.30 74.62
C UNK A 3222 -109.20 -42.11 73.45
N UNK A 3223 -108.00 -41.76 73.00
CA UNK A 3223 -107.33 -42.47 71.91
C UNK A 3223 -106.96 -43.89 72.34
N UNK A 3224 -106.52 -44.03 73.59
CA UNK A 3224 -106.18 -45.32 74.15
C UNK A 3224 -107.43 -46.21 74.30
N UNK A 3225 -108.53 -45.59 74.71
CA UNK A 3225 -109.81 -46.30 74.84
C UNK A 3225 -110.33 -46.75 73.47
N UNK A 3226 -110.16 -45.89 72.46
CA UNK A 3226 -110.55 -46.21 71.09
C UNK A 3226 -109.71 -47.35 70.53
N UNK A 3227 -108.41 -47.32 70.82
CA UNK A 3227 -107.49 -48.38 70.39
C UNK A 3227 -107.82 -49.72 71.07
N UNK A 3228 -108.16 -49.65 72.35
CA UNK A 3228 -108.54 -50.85 73.10
C UNK A 3228 -109.87 -51.42 72.64
N UNK A 3229 -110.77 -50.53 72.19
CA UNK A 3229 -112.05 -50.96 71.66
C UNK A 3229 -111.89 -51.55 70.26
N UNK A 3230 -110.96 -51.02 69.49
CA UNK A 3230 -110.69 -51.50 68.14
C UNK A 3230 -109.98 -52.86 68.17
N UNK A 3231 -109.02 -53.02 69.08
CA UNK A 3231 -108.29 -54.26 69.21
C UNK A 3231 -109.13 -55.33 69.91
N UNK A 3269 -123.49 -56.97 65.60
CA UNK A 3269 -124.29 -57.31 64.43
C UNK A 3269 -125.25 -56.19 64.08
N UNK A 3270 -126.47 -56.27 64.62
CA UNK A 3270 -127.51 -55.28 64.35
C UNK A 3270 -127.17 -53.92 64.96
N UNK A 3271 -126.61 -53.95 66.18
CA UNK A 3271 -126.18 -52.73 66.85
C UNK A 3271 -125.02 -52.08 66.12
N UNK A 3272 -124.11 -52.90 65.60
CA UNK A 3272 -122.96 -52.41 64.83
C UNK A 3272 -123.43 -51.80 63.51
N UNK A 3273 -124.42 -52.43 62.88
CA UNK A 3273 -125.00 -51.91 61.63
C UNK A 3273 -125.72 -50.59 61.86
N UNK A 3274 -126.43 -50.49 62.99
CA UNK A 3274 -127.13 -49.27 63.37
C UNK A 3274 -126.14 -48.14 63.66
N UNK A 3275 -125.05 -48.47 64.34
CA UNK A 3275 -123.99 -47.51 64.63
C UNK A 3275 -123.30 -47.02 63.35
N UNK A 3276 -123.08 -47.95 62.42
CA UNK A 3276 -122.49 -47.61 61.12
C UNK A 3276 -123.42 -46.71 60.30
N UNK A 3277 -124.72 -47.00 60.35
CA UNK A 3277 -125.72 -46.19 59.66
C UNK A 3277 -125.81 -44.79 60.27
N UNK A 3278 -125.72 -44.71 61.59
CA UNK A 3278 -125.73 -43.43 62.30
C UNK A 3278 -124.48 -42.60 61.97
N UNK A 3279 -123.34 -43.28 61.89
CA UNK A 3279 -122.08 -42.63 61.53
C UNK A 3279 -122.11 -42.12 60.09
N UNK A 3280 -122.70 -42.91 59.19
CA UNK A 3280 -122.85 -42.52 57.79
C UNK A 3280 -123.80 -41.32 57.65
N UNK A 3281 -124.87 -41.32 58.44
CA UNK A 3281 -125.82 -40.21 58.46
C UNK A 3281 -125.17 -38.93 59.00
N UNK A 3282 -124.37 -39.07 60.04
CA UNK A 3282 -123.66 -37.94 60.64
C UNK A 3282 -122.58 -37.40 59.70
N UNK A 3283 -121.98 -38.29 58.92
CA UNK A 3283 -120.99 -37.88 57.93
C UNK A 3283 -121.65 -37.18 56.74
N UNK A 3284 -122.84 -37.64 56.38
CA UNK A 3284 -123.59 -37.04 55.27
C UNK A 3284 -124.15 -35.68 55.64
N UNK A 3285 -124.61 -35.55 56.88
CA UNK A 3285 -125.16 -34.28 57.36
C UNK A 3285 -124.05 -33.27 57.63
N UNK A 3293 -115.12 -37.52 69.48
CA UNK A 3293 -114.12 -38.48 69.92
C UNK A 3293 -114.68 -39.89 69.92
N UNK A 3294 -115.99 -40.01 70.17
CA UNK A 3294 -116.64 -41.31 70.20
C UNK A 3294 -117.01 -41.76 68.80
N UNK A 3295 -117.23 -40.79 67.90
CA UNK A 3295 -117.62 -41.07 66.52
C UNK A 3295 -116.50 -41.75 65.75
N UNK A 3296 -115.27 -41.31 65.98
CA UNK A 3296 -114.08 -41.89 65.35
C UNK A 3296 -113.87 -43.32 65.83
N UNK A 3297 -114.10 -43.55 67.12
CA UNK A 3297 -113.98 -44.87 67.71
C UNK A 3297 -115.05 -45.83 67.16
N UNK A 3298 -116.26 -45.30 67.00
CA UNK A 3298 -117.37 -46.07 66.42
C UNK A 3298 -117.10 -46.41 64.96
N UNK A 3299 -116.54 -45.46 64.22
CA UNK A 3299 -116.16 -45.69 62.82
C UNK A 3299 -115.04 -46.72 62.69
N UNK A 3300 -114.08 -46.67 63.61
CA UNK A 3300 -112.99 -47.63 63.64
C UNK A 3300 -113.49 -49.03 63.98
N UNK A 3301 -114.43 -49.11 64.91
CA UNK A 3301 -115.06 -50.37 65.30
C UNK A 3301 -115.87 -50.96 64.15
N UNK A 3302 -116.58 -50.10 63.43
CA UNK A 3302 -117.36 -50.51 62.26
C UNK A 3302 -116.45 -51.01 61.13
N UNK A 3303 -115.32 -50.33 60.94
CA UNK A 3303 -114.33 -50.73 59.95
C UNK A 3303 -113.69 -52.06 60.30
N UNK A 3304 -113.40 -52.26 61.59
CA UNK A 3304 -112.85 -53.52 62.08
C UNK A 3304 -113.84 -54.66 61.92
N UNK A 3305 -115.12 -54.40 62.18
CA UNK A 3305 -116.18 -55.38 62.01
C UNK A 3305 -116.36 -55.75 60.54
N UNK A 3306 -116.28 -54.75 59.66
CA UNK A 3306 -116.41 -54.98 58.22
C UNK A 3306 -115.21 -55.74 57.67
N UNK A 3307 -114.04 -55.51 58.27
CA UNK A 3307 -112.83 -56.23 57.87
C UNK A 3307 -112.87 -57.67 58.36
N UNK A 3308 -113.45 -57.88 59.55
CA UNK A 3308 -113.56 -59.21 60.12
C UNK A 3308 -114.61 -60.05 59.38
N UNK A 3309 -115.71 -59.43 59.00
CA UNK A 3309 -116.77 -60.13 58.28
C UNK A 3309 -116.38 -60.37 56.83
N UNK A 3316 -120.07 -56.53 50.95
CA UNK A 3316 -119.05 -55.83 50.16
C UNK A 3316 -119.44 -54.38 49.94
N UNK A 3317 -120.74 -54.09 50.01
CA UNK A 3317 -121.23 -52.74 49.82
C UNK A 3317 -121.08 -51.92 51.08
N UNK A 3318 -121.14 -52.59 52.24
CA UNK A 3318 -121.03 -51.93 53.54
C UNK A 3318 -119.64 -51.34 53.76
N UNK A 3319 -118.62 -52.08 53.34
CA UNK A 3319 -117.23 -51.63 53.46
C UNK A 3319 -116.98 -50.43 52.55
N UNK A 3320 -117.57 -50.46 51.35
CA UNK A 3320 -117.47 -49.36 50.40
C UNK A 3320 -118.17 -48.11 50.93
N UNK A 3321 -119.33 -48.30 51.55
CA UNK A 3321 -120.09 -47.21 52.15
C UNK A 3321 -119.33 -46.60 53.34
N UNK A 3322 -118.69 -47.45 54.13
CA UNK A 3322 -117.87 -47.01 55.26
C UNK A 3322 -116.65 -46.23 54.79
N UNK A 3323 -116.03 -46.69 53.71
CA UNK A 3323 -114.88 -46.02 53.12
C UNK A 3323 -115.28 -44.66 52.54
N UNK A 3324 -116.44 -44.61 51.91
CA UNK A 3324 -116.97 -43.36 51.35
C UNK A 3324 -117.31 -42.36 52.47
N UNK A 3325 -117.87 -42.86 53.57
CA UNK A 3325 -118.18 -42.03 54.73
C UNK A 3325 -116.91 -41.49 55.38
N UNK A 3326 -115.88 -42.33 55.46
CA UNK A 3326 -114.58 -41.93 56.01
C UNK A 3326 -113.91 -40.88 55.13
N UNK A 3327 -114.01 -41.06 53.81
CA UNK A 3327 -113.46 -40.10 52.85
C UNK A 3327 -114.19 -38.76 52.93
N UNK A 3328 -115.52 -38.81 53.09
CA UNK A 3328 -116.33 -37.61 53.24
C UNK A 3328 -116.00 -36.87 54.55
N UNK A 3329 -115.78 -37.63 55.62
CA UNK A 3329 -115.40 -37.06 56.91
C UNK A 3329 -114.01 -36.43 56.85
N UNK A 3330 -113.09 -37.08 56.13
CA UNK A 3330 -111.75 -36.56 55.97
C UNK A 3330 -111.74 -35.30 55.09
N UNK A 3331 -112.64 -35.25 54.12
CA UNK A 3331 -112.76 -34.08 53.25
C UNK A 3331 -113.41 -32.91 53.99
N UNK A 3332 -114.35 -33.22 54.88
CA UNK A 3332 -115.03 -32.19 55.66
C UNK A 3332 -114.12 -31.65 56.76
N UNK A 3333 -113.31 -32.52 57.34
CA UNK A 3333 -112.39 -32.11 58.39
C UNK A 3333 -111.19 -31.37 57.83
N UNK A 3340 -103.35 -34.88 65.86
CA UNK A 3340 -104.77 -35.13 66.05
C UNK A 3340 -105.09 -36.61 65.87
N UNK A 3341 -106.36 -36.91 65.60
CA UNK A 3341 -106.80 -38.29 65.41
C UNK A 3341 -106.98 -38.60 63.93
N UNK A 3342 -105.99 -38.23 63.13
CA UNK A 3342 -106.05 -38.47 61.69
C UNK A 3342 -105.25 -39.72 61.31
N UNK A 3343 -104.25 -40.05 62.13
CA UNK A 3343 -103.39 -41.20 61.87
C UNK A 3343 -104.15 -42.52 62.00
N UNK A 3344 -105.01 -42.61 63.00
CA UNK A 3344 -105.83 -43.81 63.21
C UNK A 3344 -106.84 -43.98 62.07
N UNK A 3345 -107.39 -42.87 61.60
CA UNK A 3345 -108.32 -42.87 60.48
C UNK A 3345 -107.63 -43.29 59.19
N UNK A 3346 -106.40 -42.82 59.00
CA UNK A 3346 -105.59 -43.18 57.84
C UNK A 3346 -105.21 -44.66 57.88
N UNK A 3347 -104.90 -45.18 59.07
CA UNK A 3347 -104.60 -46.59 59.26
C UNK A 3347 -105.82 -47.46 58.98
N UNK A 3348 -106.98 -47.02 59.43
CA UNK A 3348 -108.24 -47.72 59.19
C UNK A 3348 -108.60 -47.72 57.70
N UNK A 3349 -108.34 -46.60 57.03
CA UNK A 3349 -108.57 -46.50 55.60
C UNK A 3349 -107.62 -47.39 54.80
N UNK A 3350 -106.38 -47.47 55.25
CA UNK A 3350 -105.38 -48.33 54.61
C UNK A 3350 -105.70 -49.81 54.83
N UNK A 3351 -106.30 -50.11 55.99
CA UNK A 3351 -106.69 -51.48 56.30
C UNK A 3351 -107.93 -51.91 55.52
N UNK A 3352 -108.88 -50.98 55.35
CA UNK A 3352 -110.13 -51.30 54.66
C UNK A 3352 -110.15 -50.76 53.24
N UNK A 3353 -108.98 -50.48 52.68
CA UNK A 3353 -108.88 -50.00 51.30
C UNK A 3353 -108.75 -51.15 50.30
N UNK A 3354 -108.87 -52.38 50.79
CA UNK A 3354 -108.79 -53.55 49.92
C UNK A 3354 -110.08 -53.72 49.12
N UNK A 3355 -111.21 -53.50 49.79
CA UNK A 3355 -112.51 -53.62 49.14
C UNK A 3355 -112.86 -52.34 48.38
N UNK A 3359 -116.79 -50.97 39.97
CA UNK A 3359 -118.06 -50.47 40.50
C UNK A 3359 -117.83 -49.53 41.67
N UNK A 3360 -117.25 -50.04 42.75
CA UNK A 3360 -116.98 -49.24 43.94
C UNK A 3360 -115.71 -48.41 43.74
N UNK A 3361 -114.80 -48.92 42.91
CA UNK A 3361 -113.53 -48.26 42.66
C UNK A 3361 -113.72 -46.94 41.90
N UNK A 3362 -114.66 -46.93 40.95
CA UNK A 3362 -115.00 -45.74 40.19
C UNK A 3362 -115.60 -44.67 41.09
N UNK A 3363 -116.46 -45.10 42.01
CA UNK A 3363 -117.09 -44.20 42.97
C UNK A 3363 -116.05 -43.63 43.93
N UNK A 3364 -115.11 -44.46 44.36
CA UNK A 3364 -114.01 -44.04 45.22
C UNK A 3364 -113.11 -43.03 44.52
N UNK A 3365 -112.84 -43.26 43.24
CA UNK A 3365 -112.04 -42.34 42.43
C UNK A 3365 -112.76 -41.01 42.23
N UNK A 3366 -114.07 -41.06 41.99
CA UNK A 3366 -114.88 -39.86 41.82
C UNK A 3366 -114.98 -39.06 43.12
N UNK A 3367 -114.96 -39.76 44.26
CA UNK A 3367 -114.98 -39.10 45.55
C UNK A 3367 -113.62 -38.51 45.89
N UNK A 3368 -112.55 -39.16 45.47
CA UNK A 3368 -111.20 -38.70 45.76
C UNK A 3368 -110.76 -37.58 44.81
N UNK A 3369 -111.41 -37.48 43.66
CA UNK A 3369 -111.11 -36.44 42.67
C UNK A 3369 -111.39 -35.03 43.21
N UNK A 3370 -112.48 -34.89 43.96
CA UNK A 3370 -112.84 -33.62 44.57
C UNK A 3370 -111.82 -33.20 45.63
N UNK A 3371 -111.36 -34.19 46.41
CA UNK A 3371 -110.35 -33.96 47.44
C UNK A 3371 -109.01 -33.59 46.81
N UNK A 3372 -108.70 -34.23 45.68
CA UNK A 3372 -107.48 -33.93 44.93
C UNK A 3372 -107.52 -32.52 44.34
N UNK A 3373 -108.68 -32.12 43.83
CA UNK A 3373 -108.89 -30.78 43.30
C UNK A 3373 -108.78 -29.73 44.40
N UNK A 3374 -109.33 -30.03 45.57
CA UNK A 3374 -109.25 -29.14 46.73
C UNK A 3374 -107.81 -29.00 47.22
N UNK A 3375 -107.07 -30.11 47.21
CA UNK A 3375 -105.66 -30.10 47.60
C UNK A 3375 -104.81 -29.30 46.60
N UNK A 3376 -105.14 -29.43 45.31
CA UNK A 3376 -104.46 -28.68 44.26
C UNK A 3376 -104.74 -27.19 44.38
N UNK A 3377 -105.98 -26.84 44.71
CA UNK A 3377 -106.37 -25.45 44.93
C UNK A 3377 -105.67 -24.86 46.14
N UNK A 3378 -105.56 -25.65 47.20
CA UNK A 3378 -104.86 -25.24 48.42
C UNK A 3378 -103.37 -25.05 48.17
N UNK A 3379 -102.78 -25.94 47.36
CA UNK A 3379 -101.37 -25.84 46.99
C UNK A 3379 -101.12 -24.60 46.12
N UNK A 3380 -102.05 -24.31 45.21
CA UNK A 3380 -101.96 -23.12 44.37
C UNK A 3380 -102.08 -21.84 45.21
N UNK A 3381 -102.98 -21.85 46.19
CA UNK A 3381 -103.14 -20.73 47.10
C UNK A 3381 -101.89 -20.51 47.97
N UNK A 3382 -101.30 -21.61 48.42
CA UNK A 3382 -100.07 -21.56 49.20
C UNK A 3382 -98.89 -21.05 48.38
N UNK A 3383 -98.83 -21.47 47.11
CA UNK A 3383 -97.80 -21.00 46.18
C UNK A 3383 -97.96 -19.50 45.89
N UNK A 3384 -99.20 -19.06 45.74
CA UNK A 3384 -99.50 -17.64 45.51
C UNK A 3384 -99.15 -16.80 46.74
N UNK A 3385 -99.41 -17.34 47.93
CA UNK A 3385 -99.09 -16.66 49.17
C UNK A 3385 -97.57 -16.60 49.39
N UNK A 3386 -96.87 -17.63 48.95
CA UNK A 3386 -95.41 -17.66 49.05
C UNK A 3386 -94.77 -16.71 48.05
N UNK A 3387 -95.37 -16.60 46.87
CA UNK A 3387 -94.87 -15.69 45.84
C UNK A 3387 -95.16 -14.24 46.19
N UNK A 3388 -96.28 -14.01 46.88
CA UNK A 3388 -96.66 -12.66 47.30
C UNK A 3388 -95.83 -12.21 48.49
N UNK A 3395 -94.64 -12.87 62.39
CA UNK A 3395 -95.05 -12.16 61.18
C UNK A 3395 -96.03 -12.99 60.36
N UNK A 3396 -96.04 -12.79 59.05
CA UNK A 3396 -96.93 -13.51 58.16
C UNK A 3396 -96.24 -14.76 57.60
N UNK A 3397 -94.97 -14.94 57.97
CA UNK A 3397 -94.20 -16.09 57.49
C UNK A 3397 -94.48 -17.33 58.34
N UNK A 3398 -94.67 -17.12 59.63
CA UNK A 3398 -94.93 -18.23 60.56
C UNK A 3398 -96.31 -18.84 60.33
N UNK A 3399 -97.30 -17.99 60.09
CA UNK A 3399 -98.66 -18.44 59.81
C UNK A 3399 -98.71 -19.19 58.48
N UNK A 3400 -97.98 -18.69 57.50
CA UNK A 3400 -97.87 -19.33 56.19
C UNK A 3400 -97.17 -20.68 56.30
N UNK A 3401 -96.15 -20.76 57.15
CA UNK A 3401 -95.43 -22.00 57.40
C UNK A 3401 -96.32 -23.03 58.09
N UNK A 3402 -97.11 -22.58 59.05
CA UNK A 3402 -98.06 -23.44 59.76
C UNK A 3402 -99.15 -23.95 58.81
N UNK A 3403 -99.63 -23.08 57.94
CA UNK A 3403 -100.63 -23.44 56.93
C UNK A 3403 -100.06 -24.44 55.94
N UNK A 3404 -98.81 -24.26 55.54
CA UNK A 3404 -98.12 -25.17 54.63
C UNK A 3404 -97.90 -26.54 55.29
N UNK A 3405 -97.59 -26.53 56.58
CA UNK A 3405 -97.42 -27.76 57.35
C UNK A 3405 -98.72 -28.53 57.47
N UNK A 3406 -99.82 -27.81 57.72
CA UNK A 3406 -101.15 -28.41 57.80
C UNK A 3406 -101.58 -28.97 56.44
N UNK A 3407 -101.27 -28.23 55.38
CA UNK A 3407 -101.57 -28.66 54.01
C UNK A 3407 -100.77 -29.90 53.64
N UNK A 3408 -99.52 -29.97 54.07
CA UNK A 3408 -98.67 -31.14 53.83
C UNK A 3408 -99.16 -32.35 54.61
N UNK A 3409 -99.62 -32.11 55.84
CA UNK A 3409 -100.17 -33.17 56.69
C UNK A 3409 -101.48 -33.73 56.11
N UNK A 3410 -102.26 -32.85 55.48
CA UNK A 3410 -103.48 -33.29 54.80
C UNK A 3410 -103.15 -34.03 53.50
N UNK A 3411 -102.15 -33.52 52.77
CA UNK A 3411 -101.76 -34.07 51.48
C UNK A 3411 -101.12 -35.44 51.62
N UNK A 3412 -100.44 -35.69 52.74
CA UNK A 3412 -99.86 -37.00 53.02
C UNK A 3412 -100.96 -38.06 53.20
N UNK A 3413 -101.98 -37.70 53.96
CA UNK A 3413 -103.12 -38.58 54.20
C UNK A 3413 -103.95 -38.77 52.93
N UNK A 3414 -103.95 -37.75 52.07
CA UNK A 3414 -104.62 -37.84 50.77
C UNK A 3414 -103.87 -38.79 49.83
N UNK A 3415 -102.55 -38.65 49.80
CA UNK A 3415 -101.69 -39.45 48.94
C UNK A 3415 -101.63 -40.91 49.39
N UNK A 3416 -101.79 -41.13 50.69
CA UNK A 3416 -101.83 -42.49 51.24
C UNK A 3416 -103.05 -43.28 50.75
N UNK A 3417 -104.13 -42.57 50.44
CA UNK A 3417 -105.32 -43.19 49.86
C UNK A 3417 -105.23 -43.22 48.34
N UNK A 3418 -104.60 -42.19 47.78
CA UNK A 3418 -104.43 -42.07 46.34
C UNK A 3418 -103.53 -43.16 45.76
N UNK A 3419 -102.49 -43.53 46.50
CA UNK A 3419 -101.59 -44.61 46.09
C UNK A 3419 -102.31 -45.96 46.11
N UNK A 3420 -103.16 -46.15 47.11
CA UNK A 3420 -103.97 -47.38 47.21
C UNK A 3420 -104.99 -47.44 46.09
N UNK A 3421 -105.58 -46.30 45.75
CA UNK A 3421 -106.53 -46.21 44.64
C UNK A 3421 -105.86 -46.50 43.29
N UNK A 3422 -104.63 -45.98 43.13
CA UNK A 3422 -103.86 -46.22 41.92
C UNK A 3422 -103.42 -47.68 41.81
N UNK A 3423 -103.10 -48.30 42.93
CA UNK A 3423 -102.72 -49.70 42.97
C UNK A 3423 -103.93 -50.61 42.69
N UNK A 3424 -105.11 -50.17 43.11
CA UNK A 3424 -106.34 -50.91 42.86
C UNK A 3424 -106.75 -50.76 41.39
N UNK A 3425 -106.53 -49.59 40.83
CA UNK A 3425 -106.87 -49.34 39.42
C UNK A 3425 -105.88 -50.00 38.47
N UNK A 3426 -104.64 -50.17 38.93
CA UNK A 3426 -103.61 -50.79 38.12
C UNK A 3426 -103.75 -52.31 38.09
N UNK A 3427 -104.43 -52.85 39.10
CA UNK A 3427 -104.65 -54.28 39.19
C UNK A 3427 -105.97 -54.68 38.54
N UNK A 3428 -106.75 -53.69 38.13
CA UNK A 3428 -108.04 -53.93 37.51
C UNK A 3428 -108.05 -53.41 36.07
N UNK A 3429 -107.91 -52.10 35.92
CA UNK A 3429 -107.91 -51.48 34.60
C UNK A 3429 -106.52 -51.53 33.97
N UNK A 3430 -106.16 -52.69 33.46
CA UNK A 3430 -104.86 -52.88 32.82
C UNK A 3430 -104.93 -53.94 31.74
N UNK A 3435 -109.67 -41.31 31.70
CA UNK A 3435 -110.67 -40.35 32.16
C UNK A 3435 -110.42 -39.93 33.60
N UNK A 3436 -111.01 -40.67 34.54
CA UNK A 3436 -110.87 -40.37 35.96
C UNK A 3436 -109.44 -40.64 36.43
N UNK A 3437 -108.85 -41.73 35.95
CA UNK A 3437 -107.47 -42.09 36.28
C UNK A 3437 -106.49 -41.06 35.71
N UNK A 3438 -106.77 -40.60 34.49
CA UNK A 3438 -105.96 -39.57 33.84
C UNK A 3438 -106.06 -38.23 34.58
N UNK A 3439 -107.28 -37.91 35.05
CA UNK A 3439 -107.50 -36.69 35.82
C UNK A 3439 -106.79 -36.74 37.16
N UNK A 3440 -106.82 -37.91 37.81
CA UNK A 3440 -106.13 -38.12 39.08
C UNK A 3440 -104.61 -38.04 38.90
N UNK A 3441 -104.12 -38.59 37.79
CA UNK A 3441 -102.69 -38.52 37.46
C UNK A 3441 -102.25 -37.08 37.19
N UNK A 3442 -103.09 -36.32 36.48
CA UNK A 3442 -102.81 -34.92 36.20
C UNK A 3442 -102.81 -34.08 37.49
N UNK A 3443 -103.75 -34.36 38.38
CA UNK A 3443 -103.84 -33.69 39.67
C UNK A 3443 -102.63 -34.00 40.55
N UNK A 3444 -102.22 -35.26 40.57
CA UNK A 3444 -101.05 -35.67 41.35
C UNK A 3444 -99.76 -35.08 40.77
N UNK A 3445 -99.68 -34.99 39.45
CA UNK A 3445 -98.53 -34.37 38.78
C UNK A 3445 -98.46 -32.87 39.08
N UNK A 3446 -99.62 -32.22 39.10
CA UNK A 3446 -99.70 -30.79 39.46
C UNK A 3446 -99.31 -30.57 40.91
N UNK A 3447 -99.73 -31.48 41.79
CA UNK A 3447 -99.37 -31.44 43.20
C UNK A 3447 -97.87 -31.63 43.41
N UNK A 3448 -97.28 -32.56 42.66
CA UNK A 3448 -95.84 -32.81 42.70
C UNK A 3448 -95.04 -31.63 42.18
N UNK A 3449 -95.54 -31.00 41.11
CA UNK A 3449 -94.90 -29.81 40.54
C UNK A 3449 -95.00 -28.62 41.49
N UNK A 3450 -96.10 -28.54 42.23
CA UNK A 3450 -96.27 -27.48 43.22
C UNK A 3450 -95.38 -27.71 44.44
N UNK A 3451 -95.20 -28.97 44.79
CA UNK A 3451 -94.36 -29.33 45.94
C UNK A 3451 -92.88 -29.14 45.63
N UNK A 3452 -92.47 -29.48 44.42
CA UNK A 3452 -91.08 -29.33 44.00
C UNK A 3452 -90.74 -27.86 43.74
N UNK A 3456 -89.15 -24.55 51.60
CA UNK A 3456 -90.31 -24.18 52.40
C UNK A 3456 -91.25 -25.36 52.59
N UNK A 3457 -91.84 -25.82 51.49
CA UNK A 3457 -92.79 -26.93 51.50
C UNK A 3457 -92.10 -28.25 51.88
N UNK A 3458 -90.88 -28.45 51.38
CA UNK A 3458 -90.10 -29.64 51.69
C UNK A 3458 -89.70 -29.65 53.17
N UNK A 3459 -89.35 -28.47 53.68
CA UNK A 3459 -88.98 -28.31 55.09
C UNK A 3459 -90.19 -28.56 56.00
N UNK A 3460 -91.35 -28.07 55.57
CA UNK A 3460 -92.60 -28.30 56.31
C UNK A 3460 -92.99 -29.78 56.31
N UNK A 3461 -92.79 -30.44 55.18
CA UNK A 3461 -93.06 -31.88 55.06
C UNK A 3461 -92.10 -32.69 55.93
N UNK A 3462 -90.84 -32.28 55.97
CA UNK A 3462 -89.84 -32.93 56.81
C UNK A 3462 -90.15 -32.74 58.30
N UNK A 3463 -90.59 -31.54 58.67
CA UNK A 3463 -90.96 -31.24 60.05
C UNK A 3463 -92.23 -31.99 60.47
N UNK A 3464 -93.13 -32.21 59.51
CA UNK A 3464 -94.34 -32.98 59.77
C UNK A 3464 -94.04 -34.47 59.90
N UNK A 3465 -93.07 -34.94 59.12
CA UNK A 3465 -92.67 -36.35 59.15
C UNK A 3465 -91.88 -36.67 60.41
N UNK A 3466 -91.05 -35.74 60.86
CA UNK A 3466 -90.24 -35.93 62.06
C UNK A 3466 -91.11 -35.81 63.32
N UNK A 3513 -91.28 -40.68 50.53
CA UNK A 3513 -92.57 -40.69 51.20
C UNK A 3513 -93.66 -41.19 50.27
N UNK A 3514 -94.91 -40.84 50.58
CA UNK A 3514 -96.05 -41.25 49.77
C UNK A 3514 -96.17 -40.38 48.53
N UNK A 3515 -95.63 -39.17 48.61
CA UNK A 3515 -95.69 -38.20 47.52
C UNK A 3515 -94.88 -38.66 46.31
N UNK A 3516 -93.73 -39.28 46.57
CA UNK A 3516 -92.88 -39.81 45.50
C UNK A 3516 -93.56 -40.98 44.78
N UNK A 3517 -94.22 -41.84 45.55
CA UNK A 3517 -94.95 -42.98 45.00
C UNK A 3517 -96.15 -42.49 44.19
N UNK A 3518 -96.83 -41.47 44.69
CA UNK A 3518 -97.96 -40.86 43.99
C UNK A 3518 -97.52 -40.22 42.68
N UNK A 3519 -96.37 -39.54 42.70
CA UNK A 3519 -95.80 -38.91 41.52
C UNK A 3519 -95.38 -39.96 40.49
N UNK A 3520 -94.81 -41.07 40.97
CA UNK A 3520 -94.41 -42.17 40.10
C UNK A 3520 -95.62 -42.84 39.43
N UNK A 3521 -96.68 -43.06 40.21
CA UNK A 3521 -97.92 -43.63 39.70
C UNK A 3521 -98.59 -42.69 38.69
N UNK A 3522 -98.55 -41.40 38.97
CA UNK A 3522 -99.11 -40.38 38.08
C UNK A 3522 -98.34 -40.31 36.78
N UNK A 3523 -97.02 -40.39 36.87
CA UNK A 3523 -96.15 -40.39 35.69
C UNK A 3523 -96.39 -41.62 34.84
N UNK A 3524 -96.54 -42.78 35.49
CA UNK A 3524 -96.84 -44.03 34.80
C UNK A 3524 -98.19 -43.99 34.10
N UNK A 3525 -99.20 -43.46 34.78
CA UNK A 3525 -100.54 -43.34 34.20
C UNK A 3525 -100.59 -42.35 33.02
N UNK A 3526 -99.94 -41.20 33.18
CA UNK A 3526 -99.91 -40.18 32.13
C UNK A 3526 -99.03 -40.60 30.96
N UNK A 3527 -98.08 -41.49 31.20
CA UNK A 3527 -97.23 -42.01 30.14
C UNK A 3527 -97.94 -43.14 29.40
N UNK A 3528 -98.75 -43.90 30.11
CA UNK A 3528 -99.53 -44.98 29.50
C UNK A 3528 -100.69 -44.41 28.69
N UNK A 3529 -101.25 -43.30 29.15
CA UNK A 3529 -102.34 -42.65 28.43
C UNK A 3529 -101.81 -41.87 27.24
N UNK A 3534 -93.73 -40.14 19.59
CA UNK A 3534 -93.94 -38.89 20.32
C UNK A 3534 -92.86 -38.68 21.37
N UNK A 3535 -91.87 -39.58 21.38
CA UNK A 3535 -90.79 -39.54 22.36
C UNK A 3535 -89.89 -38.33 22.15
N UNK A 3536 -89.62 -38.01 20.88
CA UNK A 3536 -88.80 -36.84 20.53
C UNK A 3536 -89.51 -35.54 20.92
N UNK A 3537 -90.82 -35.51 20.70
CA UNK A 3537 -91.64 -34.36 21.06
C UNK A 3537 -91.70 -34.17 22.57
N UNK A 3538 -91.80 -35.29 23.29
CA UNK A 3538 -91.80 -35.27 24.75
C UNK A 3538 -90.45 -34.80 25.30
N UNK A 3539 -89.36 -35.25 24.68
CA UNK A 3539 -88.02 -34.82 25.05
C UNK A 3539 -87.81 -33.33 24.79
N UNK A 3540 -88.32 -32.85 23.66
CA UNK A 3540 -88.25 -31.44 23.30
C UNK A 3540 -89.06 -30.57 24.28
N UNK A 3541 -90.23 -31.06 24.66
CA UNK A 3541 -91.08 -30.37 25.63
C UNK A 3541 -90.43 -30.34 27.02
N UNK A 3542 -89.77 -31.44 27.39
CA UNK A 3542 -89.05 -31.52 28.66
C UNK A 3542 -87.85 -30.57 28.68
N UNK A 3543 -87.15 -30.47 27.55
CA UNK A 3543 -86.03 -29.55 27.40
C UNK A 3543 -86.50 -28.09 27.47
N UNK A 3544 -87.63 -27.81 26.83
CA UNK A 3544 -88.21 -26.46 26.86
C UNK A 3544 -88.72 -26.09 28.25
N UNK A 3545 -89.20 -27.08 29.00
CA UNK A 3545 -89.65 -26.86 30.37
C UNK A 3545 -88.46 -26.66 31.31
N UNK A 3546 -87.36 -27.37 31.04
CA UNK A 3546 -86.17 -27.26 31.87
C UNK A 3546 -85.44 -25.94 31.61
N UNK A 3547 -85.44 -25.48 30.36
CA UNK A 3547 -84.80 -24.22 30.01
C UNK A 3547 -85.64 -23.03 30.47
N UNK A 3553 -94.84 -21.07 28.03
CA UNK A 3553 -93.88 -20.96 26.94
C UNK A 3553 -93.52 -22.34 26.38
N UNK A 3554 -93.48 -23.33 27.27
CA UNK A 3554 -93.14 -24.70 26.90
C UNK A 3554 -94.20 -25.32 26.00
N UNK A 3555 -95.47 -25.05 26.32
CA UNK A 3555 -96.59 -25.54 25.52
C UNK A 3555 -96.60 -24.90 24.14
N UNK A 3556 -96.27 -23.62 24.08
CA UNK A 3556 -96.18 -22.90 22.83
C UNK A 3556 -95.03 -23.41 21.97
N UNK A 3557 -93.89 -23.70 22.61
CA UNK A 3557 -92.73 -24.25 21.92
C UNK A 3557 -92.98 -25.67 21.42
N UNK A 3558 -93.80 -26.42 22.16
CA UNK A 3558 -94.17 -27.77 21.75
C UNK A 3558 -95.17 -27.74 20.60
N UNK A 3559 -96.06 -26.74 20.61
CA UNK A 3559 -97.05 -26.58 19.56
C UNK A 3559 -96.43 -26.09 18.26
N UNK A 3560 -95.45 -25.20 18.38
CA UNK A 3560 -94.76 -24.66 17.21
C UNK A 3560 -93.80 -25.70 16.62
N UNK A 3569 -88.89 -52.18 16.73
CA UNK A 3569 -89.61 -52.07 17.98
C UNK A 3569 -90.63 -50.94 17.92
N UNK A 3570 -90.36 -49.95 17.08
CA UNK A 3570 -91.23 -48.78 16.93
C UNK A 3570 -92.57 -49.16 16.30
N UNK A 3571 -92.53 -50.04 15.31
CA UNK A 3571 -93.75 -50.53 14.65
C UNK A 3571 -94.60 -51.35 15.62
N UNK A 3572 -93.93 -52.15 16.44
CA UNK A 3572 -94.60 -52.96 17.47
C UNK A 3572 -95.25 -52.08 18.52
N UNK A 3573 -94.54 -51.02 18.92
CA UNK A 3573 -95.06 -50.05 19.89
C UNK A 3573 -96.26 -49.30 19.33
N UNK A 3574 -96.19 -48.93 18.04
CA UNK A 3574 -97.28 -48.25 17.36
C UNK A 3574 -98.51 -49.16 17.25
N UNK A 3575 -98.29 -50.43 16.94
CA UNK A 3575 -99.37 -51.41 16.86
C UNK A 3575 -100.01 -51.66 18.23
N UNK A 3576 -99.18 -51.70 19.27
CA UNK A 3576 -99.68 -51.87 20.64
C UNK A 3576 -100.45 -50.64 21.12
N UNK A 3577 -100.04 -49.47 20.67
CA UNK A 3577 -100.74 -48.24 21.01
C UNK A 3577 -102.06 -48.14 20.25
N UNK A 3578 -102.09 -48.65 19.03
CA UNK A 3578 -103.30 -48.65 18.21
C UNK A 3578 -104.32 -49.66 18.75
N UNK A 3579 -103.84 -50.83 19.17
CA UNK A 3579 -104.71 -51.86 19.71
C UNK A 3579 -105.17 -51.50 21.13
N UNK A 3590 -105.77 -31.44 22.00
CA UNK A 3590 -105.48 -31.36 23.43
C UNK A 3590 -104.41 -32.36 23.82
N UNK A 3591 -103.73 -32.93 22.83
CA UNK A 3591 -102.68 -33.90 23.07
C UNK A 3591 -101.37 -33.20 23.46
N UNK A 3592 -101.19 -31.99 22.96
CA UNK A 3592 -99.98 -31.20 23.21
C UNK A 3592 -99.86 -30.81 24.68
N UNK A 3593 -100.98 -30.44 25.29
CA UNK A 3593 -101.02 -30.08 26.70
C UNK A 3593 -100.70 -31.28 27.58
N UNK A 3594 -101.23 -32.45 27.20
CA UNK A 3594 -100.98 -33.70 27.91
C UNK A 3594 -99.51 -34.11 27.80
N UNK A 3595 -98.93 -33.93 26.61
CA UNK A 3595 -97.53 -34.21 26.37
C UNK A 3595 -96.62 -33.28 27.17
N UNK A 3596 -97.01 -32.00 27.24
CA UNK A 3596 -96.27 -31.02 28.02
C UNK A 3596 -96.34 -31.32 29.52
N UNK A 3597 -97.51 -31.76 29.99
CA UNK A 3597 -97.70 -32.14 31.38
C UNK A 3597 -96.89 -33.39 31.73
N UNK A 3598 -96.85 -34.35 30.81
CA UNK A 3598 -96.06 -35.57 31.00
C UNK A 3598 -94.57 -35.26 31.02
N UNK A 3599 -94.13 -34.35 30.15
CA UNK A 3599 -92.75 -33.92 30.10
C UNK A 3599 -92.34 -33.17 31.36
N UNK A 3600 -93.25 -32.33 31.88
CA UNK A 3600 -93.02 -31.60 33.12
C UNK A 3600 -92.94 -32.55 34.31
N UNK A 3601 -93.79 -33.57 34.32
CA UNK A 3601 -93.77 -34.59 35.36
C UNK A 3601 -92.49 -35.41 35.32
N UNK A 3602 -92.03 -35.74 34.12
CA UNK A 3602 -90.77 -36.46 33.92
C UNK A 3602 -89.57 -35.63 34.37
N UNK A 3603 -89.60 -34.34 34.06
CA UNK A 3603 -88.55 -33.41 34.48
C UNK A 3603 -88.52 -33.25 36.00
N UNK A 3604 -89.70 -33.18 36.61
CA UNK A 3604 -89.81 -33.09 38.06
C UNK A 3604 -89.31 -34.37 38.74
N UNK A 3605 -89.62 -35.51 38.15
CA UNK A 3605 -89.14 -36.81 38.65
C UNK A 3605 -87.63 -36.92 38.53
N UNK A 3606 -87.08 -36.44 37.42
CA UNK A 3606 -85.63 -36.44 37.20
C UNK A 3606 -84.92 -35.50 38.17
N UNK A 3607 -85.53 -34.35 38.45
CA UNK A 3607 -84.97 -33.39 39.40
C UNK A 3607 -85.05 -33.91 40.83
N UNK A 3608 -86.09 -34.69 41.13
CA UNK A 3608 -86.23 -35.29 42.45
C UNK A 3608 -85.25 -36.45 42.63
N UNK A 3609 -85.00 -37.19 41.56
CA UNK A 3609 -84.07 -38.31 41.61
C UNK A 3609 -82.62 -37.83 41.65
N UNK A 3610 -82.36 -36.70 41.01
CA UNK A 3610 -81.01 -36.12 40.98
C UNK A 3610 -80.68 -35.46 42.31
N LEU A 3623 -55.75 -32.44 56.32
CA LEU A 3623 -56.26 -31.09 56.55
C LEU A 3623 -56.19 -30.72 58.02
N LEU A 3624 -56.73 -31.60 58.87
CA LEU A 3624 -56.74 -31.34 60.30
C LEU A 3624 -55.41 -31.78 60.92
N SER A 3625 -55.07 -31.15 62.04
CA SER A 3625 -53.75 -31.30 62.64
C SER A 3625 -53.73 -32.46 63.62
N LYS A 3626 -52.64 -32.54 64.38
CA LYS A 3626 -52.64 -33.29 65.62
C LYS A 3626 -52.65 -32.39 66.86
N GLN A 3627 -52.15 -31.14 66.73
CA GLN A 3627 -52.31 -30.19 67.81
C GLN A 3627 -53.76 -29.75 67.95
N ARG A 3628 -54.46 -29.63 66.81
CA ARG A 3628 -55.86 -29.27 66.75
C ARG A 3628 -56.79 -30.36 67.28
N ARG A 3629 -56.24 -31.53 67.62
CA ARG A 3629 -57.05 -32.58 68.23
C ARG A 3629 -57.48 -32.19 69.64
N ARG A 3630 -56.55 -31.62 70.42
CA ARG A 3630 -56.84 -31.27 71.80
C ARG A 3630 -56.81 -29.77 72.06
N ALA A 3631 -56.33 -28.95 71.11
CA ALA A 3631 -56.33 -27.50 71.32
C ALA A 3631 -57.76 -26.94 71.34
N VAL A 3632 -58.62 -27.43 70.44
CA VAL A 3632 -59.99 -26.92 70.41
C VAL A 3632 -60.79 -27.46 71.61
N VAL A 3633 -60.50 -28.69 72.03
CA VAL A 3633 -61.18 -29.25 73.20
C VAL A 3633 -60.70 -28.56 74.47
N ALA A 3634 -59.44 -28.10 74.49
CA ALA A 3634 -58.97 -27.26 75.59
C ALA A 3634 -59.62 -25.89 75.55
N CYS A 3635 -59.84 -25.35 74.36
CA CYS A 3635 -60.47 -24.04 74.23
C CYS A 3635 -61.94 -24.09 74.61
N PHE A 3636 -62.55 -25.29 74.55
CA PHE A 3636 -63.91 -25.49 75.02
C PHE A 3636 -64.08 -25.14 76.49
N ARG A 3637 -63.13 -25.54 77.35
CA ARG A 3637 -63.28 -25.27 78.77
C ARG A 3637 -61.93 -25.10 79.46
N MET A 3638 -61.08 -24.20 78.98
CA MET A 3638 -60.06 -23.64 79.84
C MET A 3638 -60.68 -22.56 80.73
N THR A 3639 -60.17 -22.46 81.95
CA THR A 3639 -60.89 -21.80 83.03
C THR A 3639 -60.86 -20.28 82.87
N PRO A 3640 -61.95 -19.58 83.25
CA PRO A 3640 -62.00 -18.11 83.03
C PRO A 3640 -61.16 -17.30 84.00
N LEU A 3641 -61.32 -15.98 83.93
CA LEU A 3641 -60.36 -15.06 84.55
C LEU A 3641 -60.52 -14.97 86.06
N TYR A 3642 -61.74 -15.16 86.59
CA TYR A 3642 -61.94 -15.10 88.03
C TYR A 3642 -61.59 -16.42 88.74
N ASN A 3643 -60.98 -17.36 88.04
CA ASN A 3643 -60.46 -18.56 88.67
C ASN A 3643 -58.96 -18.47 88.92
N LEU A 3644 -58.24 -17.74 88.08
CA LEU A 3644 -56.86 -17.41 88.39
C LEU A 3644 -56.80 -16.23 89.37
N PRO A 3645 -55.81 -16.22 90.26
CA PRO A 3645 -55.76 -15.18 91.29
C PRO A 3645 -55.33 -13.81 90.75
N THR A 3646 -55.42 -12.84 91.65
CA THR A 3646 -55.22 -11.43 91.32
C THR A 3646 -53.75 -11.13 91.00
N HIS A 3647 -52.81 -11.79 91.68
CA HIS A 3647 -51.39 -11.55 91.42
C HIS A 3647 -50.97 -12.12 90.06
N ARG A 3648 -51.71 -13.09 89.53
CA ARG A 3648 -51.54 -13.56 88.16
C ARG A 3648 -52.29 -12.70 87.15
N ALA A 3649 -53.38 -12.06 87.56
CA ALA A 3649 -54.10 -11.13 86.69
C ALA A 3649 -53.37 -9.81 86.50
N CYS A 3650 -52.75 -9.29 87.55
CA CYS A 3650 -52.09 -7.99 87.50
C CYS A 3650 -50.81 -8.00 86.68
N ASN A 3651 -50.25 -9.18 86.41
CA ASN A 3651 -49.14 -9.27 85.46
C ASN A 3651 -49.61 -9.54 84.04
N MET A 3652 -50.77 -10.19 83.86
CA MET A 3652 -51.37 -10.27 82.54
C MET A 3652 -51.81 -8.90 82.06
N PHE A 3653 -52.12 -8.01 82.99
CA PHE A 3653 -52.37 -6.59 82.75
C PHE A 3653 -51.29 -5.86 81.95
N LEU A 3654 -50.09 -5.70 82.53
CA LEU A 3654 -49.14 -4.72 82.00
C LEU A 3654 -48.46 -5.19 80.72
N GLU A 3655 -48.36 -6.51 80.53
CA GLU A 3655 -47.81 -7.04 79.27
C GLU A 3655 -48.69 -6.69 78.08
N SER A 3656 -50.01 -6.65 78.29
CA SER A 3656 -50.89 -6.20 77.22
C SER A 3656 -51.06 -4.68 77.21
N TYR A 3657 -50.89 -4.04 78.38
CA TYR A 3657 -50.91 -2.59 78.46
C TYR A 3657 -49.80 -1.96 77.63
N LYS A 3658 -48.63 -2.63 77.58
CA LYS A 3658 -47.54 -2.20 76.72
C LYS A 3658 -47.94 -2.24 75.25
N ALA A 3659 -48.53 -3.35 74.80
CA ALA A 3659 -48.90 -3.48 73.41
C ALA A 3659 -50.15 -2.67 73.03
N ALA A 3660 -50.89 -2.17 74.01
CA ALA A 3660 -52.11 -1.40 73.74
C ALA A 3660 -51.97 0.10 73.88
N TRP A 3661 -51.16 0.61 74.81
CA TRP A 3661 -51.25 2.04 75.12
C TRP A 3661 -50.01 2.85 74.75
N ILE A 3662 -48.82 2.44 75.16
CA ILE A 3662 -47.61 3.17 74.82
C ILE A 3662 -47.08 2.73 73.45
N LEU A 3663 -47.50 1.56 72.95
CA LEU A 3663 -47.10 1.13 71.61
C LEU A 3663 -47.67 2.02 70.52
N THR A 3664 -48.87 2.55 70.70
CA THR A 3664 -49.53 3.36 69.69
C THR A 3664 -49.13 4.83 69.74
N GLU A 3665 -48.36 5.25 70.73
CA GLU A 3665 -47.92 6.64 70.81
C GLU A 3665 -46.80 6.88 69.81
N ASP A 3666 -46.99 7.88 68.95
CA ASP A 3666 -46.00 8.29 67.96
C ASP A 3666 -45.86 9.79 68.03
N HIS A 3667 -44.77 10.25 68.63
CA HIS A 3667 -44.49 11.67 68.72
C HIS A 3667 -43.12 11.91 68.08
N SER A 3668 -42.71 13.16 68.05
CA SER A 3668 -41.47 13.61 67.43
C SER A 3668 -40.65 14.32 68.50
N PHE A 3669 -40.31 13.59 69.58
CA PHE A 3669 -39.40 14.11 70.60
C PHE A 3669 -38.01 14.42 70.07
N GLU A 3670 -37.64 13.90 68.89
CA GLU A 3670 -36.26 13.88 68.43
C GLU A 3670 -35.84 15.14 67.69
N ASP A 3671 -36.76 15.87 67.05
CA ASP A 3671 -36.35 17.14 66.44
C ASP A 3671 -36.14 18.23 67.49
N ARG A 3672 -36.66 18.03 68.70
CA ARG A 3672 -36.54 19.01 69.78
C ARG A 3672 -35.17 18.95 70.45
N MET A 3673 -34.56 17.76 70.49
CA MET A 3673 -33.27 17.64 71.15
C MET A 3673 -32.12 18.15 70.28
N ILE A 3674 -32.19 17.92 68.96
CA ILE A 3674 -31.00 18.08 68.13
C ILE A 3674 -30.74 19.55 67.79
N ASP A 3675 -31.79 20.36 67.65
CA ASP A 3675 -31.57 21.77 67.33
C ASP A 3675 -31.03 22.55 68.53
N ASP A 3676 -31.20 22.03 69.75
CA ASP A 3676 -30.53 22.63 70.90
C ASP A 3676 -29.01 22.48 70.80
N LEU A 3677 -28.54 21.26 70.52
CA LEU A 3677 -27.11 21.03 70.32
C LEU A 3677 -26.60 21.70 69.05
N SER A 3678 -27.50 21.98 68.10
CA SER A 3678 -27.11 22.72 66.92
C SER A 3678 -26.97 24.23 67.18
N LYS A 3679 -27.94 24.83 67.88
CA LYS A 3679 -27.92 26.26 68.18
C LYS A 3679 -27.01 26.61 69.34
N ALA A 3680 -26.41 25.61 70.00
CA ALA A 3680 -25.42 25.83 71.05
C ALA A 3680 -24.11 26.42 70.54
N GLY A 3681 -23.92 26.57 69.23
CA GLY A 3681 -22.75 27.23 68.68
C GLY A 3681 -22.64 28.71 68.98
N GLU A 3682 -23.77 29.36 69.26
CA GLU A 3682 -23.79 30.77 69.61
C GLU A 3682 -23.66 30.92 71.12
N GLN A 3683 -22.55 31.51 71.56
CA GLN A 3683 -22.27 31.66 72.99
C GLN A 3683 -21.73 33.07 73.21
N GLU A 3684 -21.23 33.32 74.42
CA GLU A 3684 -20.71 34.62 74.78
C GLU A 3684 -19.47 34.48 75.67
N LYS A 3693 -13.72 28.79 67.15
CA LYS A 3693 -13.83 27.55 66.40
C LYS A 3693 -13.82 26.34 67.33
N LYS A 3694 -14.56 26.45 68.45
CA LYS A 3694 -14.59 25.35 69.40
C LYS A 3694 -15.70 24.36 69.02
N PRO A 3695 -15.52 23.06 69.30
CA PRO A 3695 -16.46 22.05 68.78
C PRO A 3695 -17.83 22.10 69.46
N ASP A 3696 -18.87 22.02 68.63
CA ASP A 3696 -20.27 22.01 68.99
C ASP A 3696 -20.65 20.70 69.69
N PRO A 3697 -21.69 20.70 70.53
CA PRO A 3697 -21.98 19.49 71.31
C PRO A 3697 -22.48 18.30 70.50
N LEU A 3698 -23.08 18.49 69.33
CA LEU A 3698 -23.37 17.33 68.51
C LEU A 3698 -22.14 16.84 67.77
N HIS A 3699 -21.23 17.75 67.39
CA HIS A 3699 -20.01 17.33 66.73
C HIS A 3699 -19.08 16.61 67.70
N GLN A 3700 -19.18 16.92 69.00
CA GLN A 3700 -18.49 16.11 70.01
C GLN A 3700 -18.97 14.67 69.98
N LEU A 3701 -20.28 14.45 69.87
CA LEU A 3701 -20.83 13.10 69.80
C LEU A 3701 -20.46 12.41 68.49
N VAL A 3702 -20.44 13.16 67.38
CA VAL A 3702 -20.09 12.57 66.08
C VAL A 3702 -18.61 12.22 65.99
N LEU A 3703 -17.72 13.06 66.51
CA LEU A 3703 -16.30 12.70 66.54
C LEU A 3703 -16.00 11.66 67.61
N HIS A 3704 -16.84 11.56 68.64
CA HIS A 3704 -16.81 10.44 69.57
C HIS A 3704 -17.12 9.12 68.87
N PHE A 3705 -18.21 9.10 68.11
CA PHE A 3705 -18.62 7.86 67.46
C PHE A 3705 -17.85 7.59 66.17
N SER A 3706 -17.07 8.55 65.69
CA SER A 3706 -16.17 8.29 64.58
C SER A 3706 -14.90 7.58 65.00
N ARG A 3707 -14.54 7.63 66.29
CA ARG A 3707 -13.35 6.95 66.77
C ARG A 3707 -13.61 5.92 67.86
N THR A 3708 -14.87 5.69 68.25
CA THR A 3708 -15.10 4.50 69.07
C THR A 3708 -15.13 3.21 68.28
N ALA A 3709 -15.13 3.28 66.95
CA ALA A 3709 -15.26 2.09 66.12
C ALA A 3709 -13.97 1.69 65.40
N LEU A 3710 -12.96 2.56 65.36
CA LEU A 3710 -11.65 2.23 64.80
C LEU A 3710 -10.71 1.62 65.83
N THR A 3711 -11.24 0.93 66.83
CA THR A 3711 -10.39 0.25 67.80
C THR A 3711 -9.77 -1.00 67.16
N GLU A 3712 -8.74 -1.52 67.83
CA GLU A 3712 -8.04 -2.72 67.37
C GLU A 3712 -8.87 -3.94 67.75
N LYS A 3713 -9.83 -4.29 66.88
CA LYS A 3713 -10.79 -5.33 67.21
C LYS A 3713 -11.38 -5.91 65.94
N SER A 3714 -11.46 -7.24 65.88
CA SER A 3714 -12.07 -7.90 64.73
C SER A 3714 -13.59 -7.82 64.77
N LYS A 3715 -14.16 -7.74 65.97
CA LYS A 3715 -15.60 -7.67 66.16
C LYS A 3715 -15.93 -6.34 66.83
N LEU A 3716 -16.84 -5.58 66.21
CA LEU A 3716 -17.16 -4.25 66.68
C LEU A 3716 -18.16 -4.32 67.84
N ASP A 3717 -18.05 -3.38 68.76
CA ASP A 3717 -18.83 -3.44 70.00
C ASP A 3717 -20.27 -3.00 69.76
N GLU A 3718 -21.21 -3.86 70.15
CA GLU A 3718 -22.63 -3.52 70.11
C GLU A 3718 -22.95 -2.66 71.33
N ASP A 3719 -23.27 -1.39 71.11
CA ASP A 3719 -23.45 -0.43 72.19
C ASP A 3719 -24.92 -0.28 72.57
N TYR A 3720 -25.12 0.40 73.69
CA TYR A 3720 -26.46 0.66 74.21
C TYR A 3720 -27.13 1.82 73.47
N LEU A 3721 -26.38 2.88 73.19
CA LEU A 3721 -26.98 4.14 72.77
C LEU A 3721 -26.94 4.39 71.27
N TYR A 3722 -26.17 3.62 70.50
CA TYR A 3722 -26.06 3.91 69.08
C TYR A 3722 -27.31 3.49 68.32
N MET A 3723 -27.92 2.36 68.69
CA MET A 3723 -29.17 1.95 68.05
C MET A 3723 -30.32 2.88 68.39
N ALA A 3724 -30.22 3.60 69.51
CA ALA A 3724 -31.15 4.68 69.76
C ALA A 3724 -30.82 5.90 68.90
N TYR A 3725 -29.59 6.40 69.01
CA TYR A 3725 -29.24 7.71 68.45
C TYR A 3725 -29.18 7.73 66.94
N ALA A 3726 -28.86 6.61 66.29
CA ALA A 3726 -28.91 6.55 64.84
C ALA A 3726 -30.35 6.66 64.35
N ASP A 3727 -31.28 6.03 65.07
CA ASP A 3727 -32.70 6.23 64.78
C ASP A 3727 -33.14 7.66 65.07
N ILE A 3728 -32.53 8.28 66.10
CA ILE A 3728 -32.91 9.65 66.47
C ILE A 3728 -32.56 10.63 65.36
N MET A 3729 -31.27 10.69 64.98
CA MET A 3729 -30.90 11.58 63.88
C MET A 3729 -31.15 10.98 62.51
N ALA A 3730 -31.79 9.79 62.43
CA ALA A 3730 -32.34 9.33 61.17
C ALA A 3730 -33.77 9.82 60.96
N LYS A 3731 -34.57 9.84 62.03
CA LYS A 3731 -35.93 10.34 61.94
C LYS A 3731 -36.03 11.84 62.18
N SER A 3732 -34.92 12.53 62.47
CA SER A 3732 -35.00 13.98 62.58
C SER A 3732 -35.25 14.68 61.23
N CYS A 3733 -34.86 14.08 60.11
CA CYS A 3733 -34.85 14.78 58.84
C CYS A 3733 -35.93 14.32 57.86
N HIS A 3734 -36.63 13.22 58.13
CA HIS A 3734 -37.73 12.78 57.27
C HIS A 3734 -39.06 13.42 57.66
N LEU A 3735 -39.06 14.62 58.22
CA LEU A 3735 -40.32 15.26 58.60
C LEU A 3735 -41.03 15.84 57.38
N GLU A 3736 -40.27 16.28 56.38
CA GLU A 3736 -40.84 16.86 55.17
C GLU A 3736 -40.77 15.91 53.98
N GLU A 3737 -40.19 14.73 54.14
CA GLU A 3737 -40.04 13.80 53.03
C GLU A 3737 -41.22 12.83 52.94
N GLU A 3750 -51.76 17.47 43.86
CA GLU A 3750 -52.27 18.81 43.59
C GLU A 3750 -51.58 19.84 44.45
N VAL A 3751 -50.25 19.78 44.48
CA VAL A 3751 -49.45 20.74 45.22
C VAL A 3751 -48.85 21.74 44.25
N SER A 3752 -48.20 22.76 44.78
CA SER A 3752 -47.75 23.90 43.99
C SER A 3752 -46.23 23.86 43.82
N PHE A 3753 -45.67 24.96 43.30
CA PHE A 3753 -44.25 25.07 43.01
C PHE A 3753 -43.42 25.36 44.25
N GLU A 3754 -43.69 26.52 44.87
CA GLU A 3754 -42.82 27.05 45.90
C GLU A 3754 -42.95 26.30 47.22
N GLU A 3755 -44.11 25.71 47.51
CA GLU A 3755 -44.22 24.93 48.74
C GLU A 3755 -43.41 23.63 48.65
N LYS A 3756 -43.38 23.00 47.46
CA LYS A 3756 -42.61 21.76 47.35
C LYS A 3756 -41.12 22.06 47.25
N GLU A 3757 -40.73 23.17 46.61
CA GLU A 3757 -39.31 23.54 46.63
C GLU A 3757 -38.89 24.03 48.02
N MET A 3758 -39.84 24.61 48.74
CA MET A 3758 -39.63 25.03 50.12
C MET A 3758 -39.35 23.82 51.01
N GLU A 3759 -40.14 22.75 50.86
CA GLU A 3759 -39.89 21.60 51.73
C GLU A 3759 -38.66 20.81 51.30
N LYS A 3760 -38.29 20.81 50.01
CA LYS A 3760 -37.05 20.11 49.65
C LYS A 3760 -35.82 20.88 50.14
N GLN A 3761 -35.86 22.23 50.13
CA GLN A 3761 -34.69 22.90 50.70
C GLN A 3761 -34.78 23.02 52.22
N ARG A 3762 -35.97 22.82 52.81
CA ARG A 3762 -36.03 22.54 54.25
C ARG A 3762 -35.33 21.22 54.58
N LEU A 3763 -35.52 20.21 53.74
CA LEU A 3763 -34.78 18.97 53.89
C LEU A 3763 -33.28 19.20 53.72
N LEU A 3764 -32.90 20.01 52.74
CA LEU A 3764 -31.48 20.28 52.51
C LEU A 3764 -30.87 21.07 53.66
N TYR A 3765 -31.63 21.98 54.26
CA TYR A 3765 -31.16 22.70 55.45
C TYR A 3765 -31.04 21.78 56.66
N GLN A 3766 -31.99 20.86 56.84
CA GLN A 3766 -31.91 19.93 57.96
C GLN A 3766 -30.84 18.87 57.75
N GLN A 3767 -30.37 18.68 56.52
CA GLN A 3767 -29.29 17.74 56.26
C GLN A 3767 -27.92 18.41 56.33
N SER A 3768 -27.85 19.70 55.96
CA SER A 3768 -26.68 20.53 56.22
C SER A 3768 -26.60 20.95 57.69
N ARG A 3769 -27.67 20.73 58.45
CA ARG A 3769 -27.62 20.81 59.90
C ARG A 3769 -26.61 19.84 60.47
N LEU A 3770 -26.55 18.63 59.90
CA LEU A 3770 -25.74 17.54 60.43
C LEU A 3770 -24.44 17.33 59.66
N HIS A 3771 -24.50 17.18 58.34
CA HIS A 3771 -23.32 16.70 57.60
C HIS A 3771 -22.27 17.78 57.35
N THR A 3772 -22.47 18.99 57.86
CA THR A 3772 -21.42 20.00 57.86
C THR A 3772 -20.42 19.78 58.99
N ARG A 3773 -20.67 18.82 59.88
CA ARG A 3773 -19.78 18.48 60.99
C ARG A 3773 -19.45 16.99 61.03
N GLY A 3774 -19.16 16.39 59.88
CA GLY A 3774 -18.60 15.05 59.87
C GLY A 3774 -19.60 13.92 59.95
N ALA A 3775 -20.90 14.22 59.92
CA ALA A 3775 -21.92 13.18 59.95
C ALA A 3775 -22.00 12.39 58.67
N ALA A 3776 -21.47 12.92 57.56
CA ALA A 3776 -21.46 12.15 56.31
C ALA A 3776 -20.34 11.13 56.28
N GLU A 3777 -19.25 11.35 57.02
CA GLU A 3777 -18.16 10.38 57.09
C GLU A 3777 -18.14 9.60 58.39
N MET A 3778 -19.00 9.93 59.35
CA MET A 3778 -19.16 9.08 60.52
C MET A 3778 -19.82 7.75 60.15
N VAL A 3779 -20.66 7.75 59.12
CA VAL A 3779 -21.51 6.59 58.84
C VAL A 3779 -20.74 5.44 58.19
N LEU A 3780 -19.58 5.71 57.58
CA LEU A 3780 -18.96 4.70 56.73
C LEU A 3780 -17.97 3.82 57.49
N GLN A 3781 -17.19 4.39 58.41
CA GLN A 3781 -16.18 3.60 59.11
C GLN A 3781 -16.78 2.61 60.11
N MET A 3782 -17.98 2.89 60.62
CA MET A 3782 -18.67 1.88 61.42
C MET A 3782 -19.20 0.73 60.56
N ILE A 3783 -19.30 0.93 59.24
CA ILE A 3783 -19.53 -0.17 58.32
C ILE A 3783 -18.21 -0.86 58.00
N SER A 3784 -17.14 -0.07 57.85
CA SER A 3784 -15.83 -0.60 57.43
C SER A 3784 -15.18 -1.44 58.50
N ALA A 3785 -15.45 -1.15 59.78
CA ALA A 3785 -14.92 -1.97 60.86
C ALA A 3785 -15.82 -3.15 61.20
N CYS A 3786 -16.93 -3.31 60.49
CA CYS A 3786 -17.83 -4.42 60.74
C CYS A 3786 -17.35 -5.70 60.04
N LYS A 3787 -17.15 -5.64 58.72
CA LYS A 3787 -16.75 -6.71 57.80
C LYS A 3787 -17.40 -8.08 58.06
N GLY A 3788 -18.71 -8.16 57.85
CA GLY A 3788 -19.41 -9.43 57.88
C GLY A 3788 -20.14 -9.74 59.16
N GLU A 3789 -21.00 -8.81 59.60
CA GLU A 3789 -21.89 -9.02 60.73
C GLU A 3789 -23.22 -8.33 60.43
N THR A 3790 -24.27 -9.12 60.25
CA THR A 3790 -25.60 -8.61 59.93
C THR A 3790 -26.44 -8.35 61.19
N GLY A 3791 -25.88 -7.57 62.10
CA GLY A 3791 -26.53 -7.27 63.36
C GLY A 3791 -27.62 -6.21 63.22
N ALA A 3792 -28.05 -5.71 64.38
CA ALA A 3792 -29.15 -4.76 64.45
C ALA A 3792 -28.69 -3.30 64.40
N MET A 3793 -27.41 -3.03 64.65
CA MET A 3793 -26.92 -1.66 64.56
C MET A 3793 -26.67 -1.23 63.13
N VAL A 3794 -26.38 -2.19 62.25
CA VAL A 3794 -26.28 -1.92 60.81
C VAL A 3794 -27.63 -1.48 60.26
N SER A 3795 -28.70 -2.08 60.79
CA SER A 3795 -30.10 -1.82 60.46
C SER A 3795 -30.60 -0.48 60.96
N SER A 3796 -29.81 0.28 61.71
CA SER A 3796 -30.10 1.68 62.01
C SER A 3796 -29.12 2.65 61.37
N THR A 3797 -27.84 2.27 61.28
CA THR A 3797 -26.88 3.14 60.64
C THR A 3797 -27.01 3.16 59.13
N LEU A 3798 -27.83 2.29 58.53
CA LEU A 3798 -28.19 2.47 57.14
C LEU A 3798 -29.49 3.25 56.95
N LYS A 3799 -30.39 3.22 57.93
CA LYS A 3799 -31.50 4.18 57.94
C LYS A 3799 -31.00 5.60 58.04
N LEU A 3800 -29.94 5.82 58.83
CA LEU A 3800 -29.33 7.14 58.89
C LEU A 3800 -28.69 7.49 57.53
N GLY A 3801 -28.18 6.48 56.81
CA GLY A 3801 -27.61 6.73 55.50
C GLY A 3801 -28.64 7.08 54.44
N ILE A 3802 -29.79 6.38 54.46
CA ILE A 3802 -30.97 6.78 53.69
C ILE A 3802 -31.35 8.22 54.03
N SER A 3803 -31.31 8.56 55.32
CA SER A 3803 -31.75 9.85 55.79
C SER A 3803 -30.82 10.97 55.34
N ILE A 3804 -29.51 10.72 55.31
CA ILE A 3804 -28.60 11.81 55.03
C ILE A 3804 -28.25 11.86 53.53
N LEU A 3805 -28.50 10.78 52.79
CA LEU A 3805 -28.33 10.78 51.35
C LEU A 3805 -29.62 11.05 50.59
N ASN A 3806 -30.76 11.18 51.27
CA ASN A 3806 -31.99 11.50 50.56
C ASN A 3806 -32.00 12.97 50.15
N GLY A 3807 -32.52 13.23 48.94
CA GLY A 3807 -32.65 14.58 48.42
C GLY A 3807 -31.86 14.87 47.16
N GLY A 3808 -30.87 14.05 46.83
CA GLY A 3808 -30.08 14.27 45.62
C GLY A 3808 -29.07 15.40 45.74
N ASN A 3809 -28.27 15.35 46.80
CA ASN A 3809 -27.31 16.40 47.10
C ASN A 3809 -25.92 16.05 46.56
N ALA A 3810 -25.16 17.06 46.16
CA ALA A 3810 -23.87 16.86 45.52
C ALA A 3810 -22.68 17.13 46.44
N GLU A 3811 -22.80 18.05 47.40
CA GLU A 3811 -21.70 18.23 48.34
C GLU A 3811 -21.60 17.08 49.34
N VAL A 3812 -22.69 16.34 49.59
CA VAL A 3812 -22.58 15.11 50.35
C VAL A 3812 -21.82 14.02 49.59
N GLN A 3813 -21.73 14.11 48.26
CA GLN A 3813 -20.98 13.18 47.43
C GLN A 3813 -19.51 13.56 47.33
N GLN A 3814 -19.24 14.85 47.07
CA GLN A 3814 -17.89 15.37 47.10
C GLN A 3814 -17.31 15.45 48.50
N LYS A 3815 -18.14 15.33 49.54
CA LYS A 3815 -17.65 15.07 50.89
C LYS A 3815 -17.00 13.69 50.98
N MET A 3816 -17.60 12.68 50.33
CA MET A 3816 -17.17 11.30 50.49
C MET A 3816 -16.02 10.91 49.57
N LEU A 3817 -15.97 11.46 48.35
CA LEU A 3817 -15.10 10.89 47.32
C LEU A 3817 -13.61 11.06 47.66
N ASP A 3818 -13.17 12.31 47.89
CA ASP A 3818 -11.78 12.59 48.26
C ASP A 3818 -11.40 11.93 49.58
N TYR A 3819 -12.34 11.88 50.52
CA TYR A 3819 -12.10 11.29 51.83
C TYR A 3819 -11.90 9.78 51.75
N LEU A 3820 -12.53 9.12 50.77
CA LEU A 3820 -12.22 7.70 50.58
C LEU A 3820 -10.97 7.48 49.73
N LYS A 3821 -10.74 8.29 48.69
CA LYS A 3821 -9.59 8.04 47.81
C LYS A 3821 -8.24 8.38 48.43
N ASP A 3822 -8.16 9.40 49.27
CA ASP A 3822 -6.86 9.71 49.85
C ASP A 3822 -6.60 8.97 51.16
N LYS A 3823 -7.62 8.32 51.72
CA LYS A 3823 -7.39 7.48 52.89
C LYS A 3823 -6.71 6.18 52.50
N LYS A 3824 -7.16 5.56 51.41
CA LYS A 3824 -6.65 4.29 50.86
C LYS A 3824 -6.71 3.17 51.91
N GLU A 3825 -7.93 2.91 52.36
CA GLU A 3825 -8.19 1.82 53.30
C GLU A 3825 -9.33 0.98 52.74
N VAL A 3826 -8.98 -0.09 52.05
CA VAL A 3826 -9.98 -1.01 51.52
C VAL A 3826 -10.50 -1.84 52.68
N GLY A 3827 -11.77 -2.22 52.62
CA GLY A 3827 -12.41 -2.91 53.72
C GLY A 3827 -13.86 -2.53 53.85
N PHE A 3828 -14.21 -1.28 53.50
CA PHE A 3828 -15.61 -0.92 53.32
C PHE A 3828 -16.19 -1.64 52.11
N PHE A 3829 -15.39 -1.83 51.07
CA PHE A 3829 -15.90 -2.51 49.90
C PHE A 3829 -15.98 -4.03 50.09
N GLN A 3830 -15.12 -4.62 50.92
CA GLN A 3830 -15.37 -6.01 51.32
C GLN A 3830 -16.50 -6.14 52.34
N SER A 3831 -16.80 -5.08 53.10
CA SER A 3831 -18.01 -5.08 53.92
C SER A 3831 -19.26 -5.15 53.05
N ILE A 3832 -19.30 -4.35 51.98
CA ILE A 3832 -20.43 -4.42 51.06
C ILE A 3832 -20.38 -5.71 50.22
N GLN A 3833 -19.20 -6.29 50.02
CA GLN A 3833 -19.09 -7.59 49.36
C GLN A 3833 -19.73 -8.69 50.20
N ALA A 3834 -19.44 -8.71 51.50
CA ALA A 3834 -19.89 -9.78 52.36
C ALA A 3834 -21.30 -9.55 52.90
N LEU A 3835 -21.77 -8.31 52.95
CA LEU A 3835 -23.03 -8.04 53.63
C LEU A 3835 -24.25 -8.32 52.76
N MET A 3836 -24.10 -8.37 51.43
CA MET A 3836 -25.26 -8.53 50.57
C MET A 3836 -25.51 -9.97 50.14
N GLN A 3837 -24.53 -10.86 50.30
CA GLN A 3837 -24.75 -12.27 50.01
C GLN A 3837 -25.21 -13.08 51.21
N THR A 3838 -25.24 -12.49 52.39
CA THR A 3838 -25.80 -13.15 53.58
C THR A 3838 -27.26 -12.78 53.79
N CYS A 3839 -28.01 -12.82 52.70
CA CYS A 3839 -29.41 -12.45 52.64
C CYS A 3839 -30.24 -13.70 52.40
N SER A 3840 -31.50 -13.65 52.80
CA SER A 3840 -32.38 -14.80 52.79
C SER A 3840 -33.17 -14.88 51.48
N VAL A 3841 -33.41 -16.12 51.04
CA VAL A 3841 -33.85 -16.42 49.68
C VAL A 3841 -35.21 -17.12 49.82
N LEU A 3842 -36.02 -17.14 48.76
CA LEU A 3842 -37.26 -17.91 48.72
C LEU A 3842 -36.96 -19.36 48.34
N ASP A 3843 -36.28 -20.06 49.25
CA ASP A 3843 -36.05 -21.49 49.12
C ASP A 3843 -37.19 -22.27 49.76
N LEU A 3844 -37.48 -23.43 49.18
CA LEU A 3844 -38.73 -24.14 49.44
C LEU A 3844 -38.48 -25.43 50.22
N ASN A 3845 -37.63 -25.34 51.24
CA ASN A 3845 -37.56 -26.38 52.27
C ASN A 3845 -37.84 -25.74 53.62
N ALA A 3846 -37.53 -24.45 53.74
CA ALA A 3846 -37.85 -23.66 54.93
C ALA A 3846 -39.22 -22.98 54.81
N PHE A 3847 -40.05 -23.38 53.85
CA PHE A 3847 -41.35 -22.76 53.63
C PHE A 3847 -42.52 -23.64 54.04
N GLU A 3848 -42.53 -24.90 53.60
CA GLU A 3848 -43.67 -25.78 53.87
C GLU A 3848 -43.71 -26.26 55.31
N ARG A 3849 -42.64 -26.10 56.09
CA ARG A 3849 -42.75 -26.37 57.51
C ARG A 3849 -43.49 -25.26 58.25
N GLN A 3850 -43.20 -23.99 57.96
CA GLN A 3850 -44.01 -22.95 58.58
C GLN A 3850 -45.36 -22.77 57.91
N ASN A 3851 -45.56 -23.34 56.71
CA ASN A 3851 -46.91 -23.48 56.16
C ASN A 3851 -47.80 -24.29 57.10
N LYS A 3852 -47.24 -25.33 57.72
CA LYS A 3852 -48.00 -26.11 58.68
C LYS A 3852 -48.00 -25.44 60.04
N ALA A 3853 -46.89 -24.80 60.42
CA ALA A 3853 -46.78 -24.15 61.71
C ALA A 3853 -47.67 -22.90 61.83
N GLU A 3854 -48.09 -22.31 60.72
CA GLU A 3854 -48.99 -21.17 60.77
C GLU A 3854 -50.43 -21.56 61.06
N GLY A 3855 -50.82 -22.80 60.78
CA GLY A 3855 -52.15 -23.26 61.12
C GLY A 3855 -52.34 -23.51 62.60
N LEU A 3856 -51.25 -23.66 63.35
CA LEU A 3856 -51.30 -23.92 64.78
C LEU A 3856 -51.42 -22.59 65.53
N GLY A 3857 -52.66 -22.14 65.71
CA GLY A 3857 -52.91 -20.87 66.38
C GLY A 3857 -52.98 -20.93 67.89
N MET A 3858 -53.52 -22.01 68.42
CA MET A 3858 -53.74 -22.16 69.86
C MET A 3858 -52.78 -23.22 70.39
N VAL A 3859 -51.92 -22.80 71.34
CA VAL A 3859 -51.05 -23.71 72.04
C VAL A 3859 -51.61 -23.89 73.45
N ASN A 3860 -51.36 -25.05 74.03
CA ASN A 3860 -51.99 -25.42 75.30
C ASN A 3860 -51.19 -24.80 76.46
N GLU A 3861 -51.53 -25.24 77.68
CA GLU A 3861 -50.92 -24.77 78.95
C GLU A 3861 -51.10 -23.26 79.13
N ASP A 3862 -52.26 -22.75 78.73
CA ASP A 3862 -52.64 -21.34 78.84
C ASP A 3862 -51.66 -20.41 78.10
N GLY A 3863 -51.55 -20.65 76.81
CA GLY A 3863 -50.64 -19.87 75.97
C GLY A 3863 -51.26 -19.50 74.64
N THR A 3864 -50.68 -18.49 74.00
CA THR A 3864 -51.04 -18.04 72.66
C THR A 3864 -49.76 -18.05 71.82
N VAL A 3865 -49.92 -18.07 70.50
CA VAL A 3865 -48.77 -18.08 69.60
C VAL A 3865 -48.06 -16.72 69.64
N ILE A 3866 -46.75 -16.75 69.83
CA ILE A 3866 -45.94 -15.53 69.77
C ILE A 3866 -45.47 -15.43 68.32
N ASN A 3867 -46.36 -14.88 67.48
CA ASN A 3867 -46.07 -14.79 66.05
C ASN A 3867 -45.02 -13.72 65.77
N ARG A 3868 -45.00 -12.66 66.57
CA ARG A 3868 -43.99 -11.62 66.43
C ARG A 3868 -42.62 -12.08 66.89
N GLN A 3869 -42.56 -13.00 67.86
CA GLN A 3869 -41.26 -13.54 68.29
C GLN A 3869 -40.81 -14.66 67.37
N ASN A 3870 -41.73 -15.39 66.74
CA ASN A 3870 -41.31 -16.35 65.73
C ASN A 3870 -40.88 -15.67 64.44
N GLY A 3871 -41.60 -14.62 64.04
CA GLY A 3871 -41.36 -13.94 62.79
C GLY A 3871 -41.74 -14.81 61.60
N GLU A 3872 -41.31 -14.35 60.43
CA GLU A 3872 -41.34 -15.14 59.21
C GLU A 3872 -39.94 -15.69 58.98
N LYS A 3873 -39.79 -17.01 59.02
CA LYS A 3873 -38.48 -17.61 58.84
C LYS A 3873 -38.05 -17.56 57.37
N VAL A 3874 -38.98 -17.43 56.44
CA VAL A 3874 -38.66 -17.27 55.04
C VAL A 3874 -38.60 -15.78 54.69
N MET A 3875 -37.44 -15.36 54.17
CA MET A 3875 -37.03 -13.96 54.02
C MET A 3875 -37.24 -13.16 55.31
N ALA A 3876 -36.38 -13.47 56.29
CA ALA A 3876 -36.28 -12.68 57.51
C ALA A 3876 -35.32 -11.51 57.36
N ASP A 3877 -34.56 -11.44 56.27
CA ASP A 3877 -33.60 -10.36 56.03
C ASP A 3877 -34.11 -9.36 55.00
N ASP A 3878 -35.41 -9.07 55.02
CA ASP A 3878 -36.01 -8.26 53.96
C ASP A 3878 -35.67 -6.78 54.10
N GLU A 3879 -35.80 -6.23 55.31
CA GLU A 3879 -35.57 -4.79 55.53
C GLU A 3879 -34.10 -4.44 55.39
N PHE A 3880 -33.21 -5.40 55.65
CA PHE A 3880 -31.77 -5.16 55.62
C PHE A 3880 -31.31 -4.88 54.18
N THR A 3881 -31.59 -5.79 53.26
CA THR A 3881 -31.28 -5.58 51.86
C THR A 3881 -32.25 -4.61 51.18
N GLN A 3882 -33.39 -4.31 51.80
CA GLN A 3882 -34.23 -3.22 51.32
C GLN A 3882 -33.52 -1.87 51.51
N ASP A 3883 -32.93 -1.67 52.68
CA ASP A 3883 -32.28 -0.39 52.97
C ASP A 3883 -30.89 -0.28 52.34
N LEU A 3884 -30.16 -1.40 52.22
CA LEU A 3884 -28.83 -1.34 51.62
C LEU A 3884 -28.89 -0.96 50.14
N PHE A 3885 -29.86 -1.52 49.42
CA PHE A 3885 -29.96 -1.22 48.00
C PHE A 3885 -30.45 0.21 47.75
N ARG A 3886 -31.27 0.76 48.64
CA ARG A 3886 -31.62 2.17 48.45
C ARG A 3886 -30.48 3.08 48.89
N PHE A 3887 -29.58 2.59 49.76
CA PHE A 3887 -28.38 3.35 50.07
C PHE A 3887 -27.45 3.41 48.87
N LEU A 3888 -27.24 2.28 48.20
CA LEU A 3888 -26.44 2.30 46.97
C LEU A 3888 -27.19 2.96 45.81
N GLN A 3889 -28.51 3.08 45.90
CA GLN A 3889 -29.30 3.86 44.95
C GLN A 3889 -28.97 5.33 45.07
N LEU A 3890 -29.14 5.87 46.27
CA LEU A 3890 -28.98 7.29 46.55
C LEU A 3890 -27.53 7.69 46.76
N LEU A 3891 -26.60 6.74 46.76
CA LEU A 3891 -25.19 7.07 46.68
C LEU A 3891 -24.81 7.55 45.28
N CYS A 3892 -25.58 7.16 44.26
CA CYS A 3892 -25.26 7.49 42.88
C CYS A 3892 -26.45 8.05 42.10
N GLU A 3893 -27.56 8.36 42.78
CA GLU A 3893 -28.72 8.99 42.12
C GLU A 3893 -28.38 10.36 41.55
N GLY A 3894 -27.38 11.05 42.12
CA GLY A 3894 -26.98 12.36 41.67
C GLY A 3894 -26.31 12.48 40.32
N HIS A 3895 -26.26 11.38 39.54
CA HIS A 3895 -25.79 11.35 38.14
C HIS A 3895 -24.34 11.80 38.01
N ASN A 3896 -23.48 11.36 38.94
CA ASN A 3896 -22.11 11.81 38.97
C ASN A 3896 -21.21 10.61 38.66
N ASN A 3897 -20.56 10.64 37.49
CA ASN A 3897 -20.04 9.41 36.89
C ASN A 3897 -18.65 9.01 37.35
N ASP A 3898 -17.94 9.90 38.07
CA ASP A 3898 -16.74 9.45 38.75
C ASP A 3898 -17.06 8.41 39.82
N PHE A 3899 -18.25 8.49 40.42
CA PHE A 3899 -18.73 7.45 41.33
C PHE A 3899 -19.01 6.14 40.60
N GLN A 3900 -19.50 6.20 39.36
CA GLN A 3900 -19.77 4.96 38.62
C GLN A 3900 -18.50 4.30 38.10
N ASN A 3901 -17.51 5.08 37.66
CA ASN A 3901 -16.20 4.49 37.38
C ASN A 3901 -15.50 4.03 38.64
N TYR A 3902 -15.70 4.75 39.75
CA TYR A 3902 -15.18 4.39 41.06
C TYR A 3902 -15.73 3.06 41.55
N LEU A 3903 -17.03 2.82 41.37
CA LEU A 3903 -17.71 1.75 42.09
C LEU A 3903 -17.34 0.38 41.53
N ARG A 3904 -16.69 0.36 40.37
CA ARG A 3904 -16.28 -0.86 39.68
C ARG A 3904 -14.78 -0.93 39.43
N THR A 3905 -14.07 0.20 39.35
CA THR A 3905 -12.66 0.21 38.95
C THR A 3905 -11.89 1.16 39.85
N GLN A 3906 -11.06 0.59 40.72
CA GLN A 3906 -10.30 1.35 41.70
C GLN A 3906 -8.81 1.05 41.46
N THR A 3907 -8.20 1.80 40.54
CA THR A 3907 -6.76 1.71 40.35
C THR A 3907 -6.01 2.38 41.49
N GLY A 3908 -6.66 3.31 42.20
CA GLY A 3908 -6.02 3.95 43.34
C GLY A 3908 -5.83 3.04 44.53
N ASN A 3909 -6.67 2.01 44.66
CA ASN A 3909 -6.47 0.98 45.66
C ASN A 3909 -5.91 -0.27 45.00
N THR A 3910 -5.62 -1.29 45.80
CA THR A 3910 -5.03 -2.54 45.30
C THR A 3910 -6.04 -3.65 45.12
N THR A 3911 -7.32 -3.40 45.37
CA THR A 3911 -8.35 -4.43 45.34
C THR A 3911 -9.58 -3.90 44.63
N THR A 3912 -9.95 -4.53 43.52
CA THR A 3912 -11.22 -4.26 42.86
C THR A 3912 -12.30 -5.11 43.52
N ILE A 3913 -13.50 -4.56 43.66
CA ILE A 3913 -14.56 -5.33 44.31
C ILE A 3913 -15.73 -5.55 43.35
N ASN A 3914 -15.92 -4.63 42.38
CA ASN A 3914 -16.86 -4.77 41.27
C ASN A 3914 -18.30 -5.07 41.70
N ILE A 3915 -19.01 -4.07 42.25
CA ILE A 3915 -20.28 -4.32 42.95
C ILE A 3915 -21.40 -4.75 41.99
N ILE A 3916 -21.33 -4.37 40.71
CA ILE A 3916 -22.50 -4.47 39.84
C ILE A 3916 -22.75 -5.91 39.42
N ILE A 3917 -21.70 -6.67 39.09
CA ILE A 3917 -21.90 -8.08 38.77
C ILE A 3917 -22.23 -8.91 40.02
N CYS A 3918 -21.82 -8.46 41.21
CA CYS A 3918 -22.34 -9.08 42.43
C CYS A 3918 -23.84 -8.84 42.58
N THR A 3919 -24.31 -7.64 42.23
CA THR A 3919 -25.75 -7.37 42.28
C THR A 3919 -26.50 -8.15 41.21
N VAL A 3920 -25.87 -8.40 40.05
CA VAL A 3920 -26.60 -9.13 39.03
C VAL A 3920 -26.57 -10.64 39.31
N ASP A 3921 -25.56 -11.14 40.04
CA ASP A 3921 -25.61 -12.52 40.52
C ASP A 3921 -26.63 -12.68 41.64
N TYR A 3922 -26.79 -11.64 42.45
CA TYR A 3922 -27.91 -11.55 43.38
C TYR A 3922 -29.24 -11.56 42.64
N LEU A 3923 -29.31 -10.87 41.49
CA LEU A 3923 -30.53 -10.78 40.71
C LEU A 3923 -30.89 -12.14 40.09
N LEU A 3924 -29.88 -12.88 39.63
CA LEU A 3924 -30.17 -14.19 39.03
C LEU A 3924 -30.43 -15.26 40.09
N ARG A 3925 -29.82 -15.14 41.28
CA ARG A 3925 -30.25 -15.95 42.42
C ARG A 3925 -31.70 -15.66 42.78
N LEU A 3926 -32.12 -14.40 42.67
CA LEU A 3926 -33.51 -14.04 42.90
C LEU A 3926 -34.45 -14.67 41.86
N GLN A 3927 -34.07 -14.63 40.58
CA GLN A 3927 -35.02 -15.13 39.58
C GLN A 3927 -35.05 -16.65 39.55
N GLU A 3928 -33.91 -17.32 39.75
CA GLU A 3928 -33.99 -18.76 39.92
C GLU A 3928 -34.49 -19.19 41.29
N SER A 3929 -34.70 -18.26 42.23
CA SER A 3929 -35.51 -18.58 43.40
C SER A 3929 -37.00 -18.50 43.08
N ILE A 3930 -37.44 -17.36 42.56
CA ILE A 3930 -38.88 -17.13 42.43
C ILE A 3930 -39.46 -17.87 41.21
N SER A 3931 -38.62 -18.28 40.26
CA SER A 3931 -39.09 -19.13 39.17
C SER A 3931 -39.46 -20.51 39.66
N ASP A 3932 -38.65 -21.09 40.55
CA ASP A 3932 -39.03 -22.36 41.15
C ASP A 3932 -40.11 -22.18 42.22
N PHE A 3933 -40.21 -20.98 42.82
CA PHE A 3933 -41.37 -20.68 43.66
C PHE A 3933 -42.67 -20.70 42.86
N TYR A 3934 -42.61 -20.23 41.61
CA TYR A 3934 -43.78 -20.31 40.73
C TYR A 3934 -44.02 -21.73 40.24
N TRP A 3935 -42.94 -22.47 39.96
CA TRP A 3935 -43.08 -23.85 39.48
C TRP A 3935 -43.50 -24.82 40.59
N TYR A 3936 -43.38 -24.41 41.85
CA TYR A 3936 -43.87 -25.15 43.00
C TYR A 3936 -45.39 -25.11 43.14
N TYR A 3937 -46.03 -24.00 42.76
CA TYR A 3937 -47.48 -23.85 42.88
C TYR A 3937 -48.16 -23.64 41.53
N SER A 3938 -47.49 -23.97 40.42
CA SER A 3938 -48.17 -24.01 39.13
C SER A 3938 -49.25 -25.09 39.04
N GLY A 3939 -49.20 -26.11 39.89
CA GLY A 3939 -50.22 -27.14 39.87
C GLY A 3939 -51.57 -26.69 40.42
N LYS A 3940 -51.56 -25.77 41.38
CA LYS A 3940 -52.79 -25.29 41.97
C LYS A 3940 -53.18 -23.97 41.29
N ASP A 3941 -54.46 -23.84 40.96
CA ASP A 3941 -54.94 -22.66 40.23
C ASP A 3941 -55.19 -21.49 41.17
N VAL A 3942 -56.10 -21.64 42.12
CA VAL A 3942 -56.42 -20.60 43.08
C VAL A 3942 -55.37 -20.60 44.17
N ILE A 3943 -54.64 -19.49 44.30
CA ILE A 3943 -53.59 -19.38 45.30
C ILE A 3943 -54.13 -18.55 46.47
N GLU A 3944 -53.79 -18.96 47.70
CA GLU A 3944 -54.34 -18.38 48.92
C GLU A 3944 -53.39 -17.31 49.48
N GLU A 3945 -53.59 -16.94 50.74
CA GLU A 3945 -53.06 -15.70 51.30
C GLU A 3945 -51.55 -15.69 51.56
N GLN A 3946 -51.07 -16.45 52.56
CA GLN A 3946 -49.71 -16.26 53.08
C GLN A 3946 -48.63 -16.60 52.07
N GLY A 3947 -48.89 -17.51 51.14
CA GLY A 3947 -47.95 -17.73 50.06
C GLY A 3947 -47.78 -16.52 49.17
N LYS A 3948 -48.88 -15.84 48.85
CA LYS A 3948 -48.76 -14.64 48.05
C LYS A 3948 -48.34 -13.42 48.86
N ARG A 3949 -48.48 -13.44 50.19
CA ARG A 3949 -47.87 -12.40 51.00
C ARG A 3949 -46.35 -12.59 51.07
N ASN A 3950 -45.90 -13.85 51.09
CA ASN A 3950 -44.48 -14.16 50.95
C ASN A 3950 -43.97 -13.77 49.56
N PHE A 3951 -44.82 -13.90 48.54
CA PHE A 3951 -44.54 -13.32 47.23
C PHE A 3951 -44.48 -11.80 47.27
N SER A 3952 -45.32 -11.17 48.09
CA SER A 3952 -45.42 -9.72 48.11
C SER A 3952 -44.21 -9.07 48.76
N LYS A 3953 -43.77 -9.59 49.91
CA LYS A 3953 -42.59 -8.99 50.53
C LYS A 3953 -41.29 -9.40 49.84
N ALA A 3954 -41.34 -10.32 48.86
CA ALA A 3954 -40.20 -10.57 47.99
C ALA A 3954 -40.22 -9.65 46.76
N MET A 3955 -41.41 -9.45 46.16
CA MET A 3955 -41.47 -8.52 45.04
C MET A 3955 -41.35 -7.07 45.48
N SER A 3956 -41.57 -6.79 46.78
CA SER A 3956 -41.33 -5.45 47.29
C SER A 3956 -39.85 -5.10 47.38
N VAL A 3957 -38.99 -6.09 47.66
CA VAL A 3957 -37.55 -5.82 47.59
C VAL A 3957 -37.05 -5.95 46.16
N ALA A 3958 -37.78 -6.71 45.33
CA ALA A 3958 -37.52 -6.72 43.90
C ALA A 3958 -37.81 -5.35 43.28
N LYS A 3959 -38.79 -4.64 43.84
CA LYS A 3959 -39.16 -3.28 43.43
C LYS A 3959 -37.99 -2.32 43.48
N GLN A 3960 -37.08 -2.52 44.44
CA GLN A 3960 -35.93 -1.63 44.58
C GLN A 3960 -34.63 -2.21 44.02
N VAL A 3961 -34.47 -3.53 44.00
CA VAL A 3961 -33.26 -4.06 43.37
C VAL A 3961 -33.40 -4.00 41.84
N PHE A 3962 -34.61 -3.80 41.30
CA PHE A 3962 -34.76 -3.69 39.85
C PHE A 3962 -34.30 -2.34 39.32
N ASN A 3963 -34.32 -1.28 40.13
CA ASN A 3963 -33.78 0.01 39.68
C ASN A 3963 -32.47 0.39 40.38
N SER A 3964 -32.03 -0.40 41.37
CA SER A 3964 -30.75 -0.11 42.02
C SER A 3964 -29.55 -0.32 41.10
N LEU A 3965 -29.70 -1.04 39.99
CA LEU A 3965 -28.68 -1.09 38.95
C LEU A 3965 -29.04 -0.22 37.76
N THR A 3966 -30.20 0.45 37.78
CA THR A 3966 -30.48 1.43 36.73
C THR A 3966 -29.91 2.79 37.07
N GLU A 3967 -29.92 3.18 38.34
CA GLU A 3967 -29.13 4.38 38.66
C GLU A 3967 -27.61 4.13 38.79
N TYR A 3968 -27.10 3.00 38.28
CA TYR A 3968 -25.70 2.91 37.88
C TYR A 3968 -25.49 3.11 36.38
N ILE A 3969 -26.53 3.00 35.55
CA ILE A 3969 -26.32 3.01 34.11
C ILE A 3969 -26.94 4.21 33.41
N GLN A 3970 -27.86 4.95 34.06
CA GLN A 3970 -28.41 6.13 33.39
C GLN A 3970 -27.46 7.33 33.38
N GLY A 3971 -26.26 7.22 33.94
CA GLY A 3971 -25.28 8.27 33.84
C GLY A 3971 -24.62 8.33 32.47
N PRO A 3972 -24.23 9.54 32.03
CA PRO A 3972 -23.66 9.69 30.66
C PRO A 3972 -22.21 9.20 30.54
N CYS A 3973 -22.03 7.89 30.68
CA CYS A 3973 -20.76 7.23 30.41
C CYS A 3973 -21.07 5.79 30.03
N THR A 3974 -20.54 5.34 28.91
CA THR A 3974 -20.80 4.00 28.40
C THR A 3974 -19.88 2.94 28.97
N GLY A 3975 -19.07 3.28 29.97
CA GLY A 3975 -18.16 2.31 30.57
C GLY A 3975 -18.83 1.22 31.39
N ASN A 3976 -20.04 1.46 31.89
CA ASN A 3976 -20.79 0.42 32.59
C ASN A 3976 -21.21 -0.69 31.62
N GLN A 3977 -21.59 -0.32 30.41
CA GLN A 3977 -22.04 -1.24 29.38
C GLN A 3977 -20.89 -2.06 28.77
N GLN A 3978 -19.63 -1.82 29.17
CA GLN A 3978 -18.57 -2.75 28.82
C GLN A 3978 -18.75 -4.06 29.59
N SER A 3979 -18.96 -3.96 30.90
CA SER A 3979 -19.09 -5.15 31.74
C SER A 3979 -20.51 -5.68 31.79
N LEU A 3980 -21.52 -4.81 31.76
CA LEU A 3980 -22.91 -5.25 31.83
C LEU A 3980 -23.35 -6.03 30.58
N ALA A 3981 -22.65 -5.85 29.46
CA ALA A 3981 -22.93 -6.62 28.26
C ALA A 3981 -22.21 -7.97 28.28
N HIS A 3982 -20.96 -8.00 28.74
CA HIS A 3982 -20.16 -9.21 28.69
C HIS A 3982 -20.44 -10.16 29.85
N SER A 3983 -21.00 -9.68 30.96
CA SER A 3983 -21.20 -10.54 32.11
C SER A 3983 -22.58 -11.19 32.06
N ARG A 3984 -23.10 -11.59 33.22
CA ARG A 3984 -24.20 -12.53 33.34
C ARG A 3984 -25.55 -11.84 33.59
N LEU A 3985 -25.82 -10.73 32.89
CA LEU A 3985 -27.08 -10.03 33.08
C LEU A 3985 -28.24 -10.62 32.26
N TRP A 3986 -27.99 -10.98 31.00
CA TRP A 3986 -29.11 -11.11 30.08
C TRP A 3986 -29.79 -12.46 30.14
N ASP A 3987 -29.09 -13.52 30.54
CA ASP A 3987 -29.78 -14.77 30.81
C ASP A 3987 -30.64 -14.65 32.07
N ALA A 3988 -30.23 -13.82 33.02
CA ALA A 3988 -31.10 -13.47 34.14
C ALA A 3988 -32.30 -12.65 33.67
N VAL A 3989 -32.12 -11.81 32.65
CA VAL A 3989 -33.27 -11.06 32.12
C VAL A 3989 -34.27 -12.00 31.43
N VAL A 3990 -33.79 -12.99 30.66
CA VAL A 3990 -34.72 -13.93 30.05
C VAL A 3990 -35.37 -14.83 31.10
N GLY A 3991 -34.64 -15.16 32.17
CA GLY A 3991 -35.21 -15.93 33.26
C GLY A 3991 -36.26 -15.14 34.04
N PHE A 3992 -36.10 -13.82 34.12
CA PHE A 3992 -37.19 -13.00 34.64
C PHE A 3992 -38.35 -12.89 33.67
N LEU A 3993 -38.08 -12.72 32.37
CA LEU A 3993 -39.13 -12.46 31.38
C LEU A 3993 -40.04 -13.66 31.14
N HIS A 3994 -39.50 -14.88 31.30
CA HIS A 3994 -40.34 -16.08 31.18
C HIS A 3994 -41.41 -16.09 32.27
N VAL A 3995 -41.02 -15.89 33.53
CA VAL A 3995 -42.01 -15.88 34.60
C VAL A 3995 -42.85 -14.60 34.56
N PHE A 3996 -42.34 -13.52 33.95
CA PHE A 3996 -43.12 -12.29 33.80
C PHE A 3996 -44.27 -12.49 32.82
N ALA A 3997 -44.04 -13.25 31.76
CA ALA A 3997 -45.13 -13.60 30.85
C ALA A 3997 -45.96 -14.77 31.34
N HIS A 3998 -45.45 -15.59 32.25
CA HIS A 3998 -46.20 -16.74 32.77
C HIS A 3998 -46.97 -16.50 34.05
N MET A 3999 -46.77 -15.38 34.74
CA MET A 3999 -47.51 -15.20 35.99
C MET A 3999 -48.95 -14.78 35.73
N MET A 4000 -49.17 -13.88 34.78
CA MET A 4000 -50.52 -13.41 34.49
C MET A 4000 -51.30 -14.37 33.59
N MET A 4001 -50.75 -15.53 33.24
CA MET A 4001 -51.59 -16.59 32.68
C MET A 4001 -52.50 -17.22 33.72
N LYS A 4002 -52.07 -17.32 34.97
CA LYS A 4002 -52.91 -17.86 36.03
C LYS A 4002 -53.42 -16.80 36.99
N LEU A 4003 -52.77 -15.63 37.09
CA LEU A 4003 -53.26 -14.58 37.97
C LEU A 4003 -54.30 -13.67 37.31
N ALA A 4004 -55.05 -14.19 36.33
CA ALA A 4004 -56.25 -13.54 35.84
C ALA A 4004 -57.49 -14.39 36.04
N GLN A 4005 -57.42 -15.41 36.91
CA GLN A 4005 -58.50 -16.37 37.09
C GLN A 4005 -59.68 -15.79 37.88
N ASP A 4006 -59.38 -15.04 38.94
CA ASP A 4006 -60.40 -14.61 39.91
C ASP A 4006 -60.25 -13.11 40.13
N SER A 4007 -61.29 -12.49 40.71
CA SER A 4007 -61.27 -11.05 40.95
C SER A 4007 -60.31 -10.64 42.06
N SER A 4008 -59.91 -11.56 42.93
CA SER A 4008 -58.99 -11.28 44.02
C SER A 4008 -57.54 -11.52 43.65
N GLN A 4009 -57.16 -11.33 42.39
CA GLN A 4009 -55.83 -11.65 41.90
C GLN A 4009 -55.13 -10.46 41.27
N ILE A 4010 -55.67 -9.26 41.41
CA ILE A 4010 -55.22 -8.14 40.60
C ILE A 4010 -54.41 -7.10 41.38
N GLU A 4011 -54.63 -6.96 42.70
CA GLU A 4011 -53.92 -5.93 43.45
C GLU A 4011 -52.49 -6.30 43.76
N LEU A 4012 -52.10 -7.55 43.52
CA LEU A 4012 -50.71 -8.00 43.54
C LEU A 4012 -50.14 -8.21 42.14
N LEU A 4013 -51.01 -8.50 41.17
CA LEU A 4013 -50.54 -8.59 39.80
C LEU A 4013 -50.13 -7.20 39.29
N LYS A 4014 -50.85 -6.15 39.73
CA LYS A 4014 -50.45 -4.80 39.34
C LYS A 4014 -49.18 -4.36 40.07
N GLU A 4015 -48.91 -4.95 41.25
CA GLU A 4015 -47.58 -4.81 41.86
C GLU A 4015 -46.53 -5.42 40.96
N LEU A 4016 -46.83 -6.57 40.36
CA LEU A 4016 -45.86 -7.16 39.44
C LEU A 4016 -45.72 -6.33 38.16
N LEU A 4017 -46.80 -5.65 37.73
CA LEU A 4017 -46.60 -4.89 36.49
C LEU A 4017 -46.05 -3.48 36.73
N ASP A 4018 -46.15 -2.89 37.93
CA ASP A 4018 -45.27 -1.73 38.09
C ASP A 4018 -43.88 -2.13 38.60
N LEU A 4019 -43.62 -3.43 38.78
CA LEU A 4019 -42.27 -3.94 38.57
C LEU A 4019 -41.89 -4.01 37.08
N GLN A 4020 -42.84 -4.34 36.20
CA GLN A 4020 -42.56 -4.30 34.76
C GLN A 4020 -42.25 -2.88 34.29
N LYS A 4021 -42.86 -1.89 34.96
CA LYS A 4021 -42.58 -0.47 34.76
C LYS A 4021 -41.09 -0.15 34.85
N ASP A 4022 -40.41 -0.73 35.82
CA ASP A 4022 -38.98 -0.52 35.95
C ASP A 4022 -38.15 -1.59 35.23
N MET A 4023 -38.76 -2.73 34.91
CA MET A 4023 -38.11 -3.71 34.04
C MET A 4023 -37.90 -3.16 32.63
N VAL A 4024 -38.80 -2.31 32.14
CA VAL A 4024 -38.57 -1.70 30.84
C VAL A 4024 -37.56 -0.54 30.90
N VAL A 4025 -37.50 0.20 32.02
CA VAL A 4025 -36.53 1.28 32.11
C VAL A 4025 -35.15 0.74 32.50
N MET A 4026 -35.07 -0.55 32.85
CA MET A 4026 -33.79 -1.25 32.93
C MET A 4026 -33.04 -1.16 31.60
N LEU A 4027 -33.65 -1.66 30.53
CA LEU A 4027 -33.02 -1.70 29.23
C LEU A 4027 -33.36 -0.49 28.38
N LEU A 4028 -34.19 0.44 28.87
CA LEU A 4028 -34.27 1.75 28.23
C LEU A 4028 -32.95 2.50 28.38
N SER A 4029 -32.22 2.26 29.47
CA SER A 4029 -31.00 3.00 29.75
C SER A 4029 -29.80 2.50 28.95
N LEU A 4030 -29.83 1.28 28.43
CA LEU A 4030 -28.76 0.79 27.56
C LEU A 4030 -28.89 1.29 26.12
N LEU A 4031 -29.96 2.01 25.82
CA LEU A 4031 -30.12 2.72 24.55
C LEU A 4031 -29.54 4.12 24.61
N GLU A 4032 -28.83 4.46 25.68
CA GLU A 4032 -28.25 5.79 25.86
C GLU A 4032 -26.88 5.82 25.20
N GLY A 4033 -26.69 6.79 24.30
CA GLY A 4033 -25.53 6.77 23.44
C GLY A 4033 -25.56 5.60 22.48
N ASN A 4034 -26.70 5.35 21.85
CA ASN A 4034 -26.92 4.16 21.03
C ASN A 4034 -26.26 4.37 19.67
N VAL A 4035 -25.18 3.64 19.42
CA VAL A 4035 -24.63 3.57 18.07
C VAL A 4035 -25.64 2.84 17.19
N VAL A 4036 -25.73 3.26 15.92
CA VAL A 4036 -26.78 2.79 15.01
C VAL A 4036 -26.65 1.30 14.75
N ASN A 4037 -25.48 0.87 14.30
CA ASN A 4037 -25.13 -0.55 14.19
C ASN A 4037 -24.00 -0.81 15.17
N GLY A 4038 -24.38 -1.17 16.40
CA GLY A 4038 -23.41 -1.48 17.43
C GLY A 4038 -23.65 -2.88 17.98
N MET A 4039 -22.59 -3.51 18.49
CA MET A 4039 -22.72 -4.86 19.03
C MET A 4039 -23.53 -4.87 20.33
N ILE A 4040 -23.55 -3.74 21.05
CA ILE A 4040 -24.49 -3.57 22.16
C ILE A 4040 -25.93 -3.57 21.65
N ALA A 4041 -26.18 -2.95 20.50
CA ALA A 4041 -27.52 -2.91 19.94
C ALA A 4041 -27.94 -4.28 19.37
N ARG A 4042 -26.98 -5.06 18.89
CA ARG A 4042 -27.28 -6.42 18.44
C ARG A 4042 -27.48 -7.37 19.63
N GLN A 4043 -26.74 -7.14 20.71
CA GLN A 4043 -26.91 -7.91 21.93
C GLN A 4043 -28.12 -7.45 22.75
N MET A 4044 -28.74 -6.34 22.35
CA MET A 4044 -30.08 -5.99 22.83
C MET A 4044 -31.15 -6.89 22.23
N VAL A 4045 -30.97 -7.36 20.99
CA VAL A 4045 -32.03 -8.06 20.27
C VAL A 4045 -31.76 -9.56 20.13
N ASP A 4046 -30.53 -10.01 20.38
CA ASP A 4046 -30.33 -11.47 20.49
C ASP A 4046 -30.91 -12.02 21.79
N MET A 4047 -31.22 -11.13 22.74
CA MET A 4047 -32.11 -11.39 23.87
C MET A 4047 -33.38 -12.12 23.44
N LEU A 4048 -34.08 -11.55 22.47
CA LEU A 4048 -35.41 -11.98 22.08
C LEU A 4048 -35.40 -13.12 21.06
N VAL A 4049 -34.22 -13.66 20.72
CA VAL A 4049 -34.14 -14.93 20.02
C VAL A 4049 -33.46 -16.00 20.84
N GLU A 4050 -32.76 -15.65 21.92
CA GLU A 4050 -32.44 -16.60 22.97
C GLU A 4050 -33.69 -16.91 23.79
N SER A 4051 -34.61 -15.95 23.85
CA SER A 4051 -35.88 -16.13 24.56
C SER A 4051 -37.04 -15.87 23.61
N SER A 4052 -37.03 -16.50 22.43
CA SER A 4052 -38.04 -16.21 21.42
C SER A 4052 -39.42 -16.70 21.83
N SER A 4053 -39.50 -17.68 22.72
CA SER A 4053 -40.76 -18.34 23.01
C SER A 4053 -41.57 -17.68 24.12
N ASN A 4054 -41.08 -16.61 24.74
CA ASN A 4054 -41.79 -15.94 25.82
C ASN A 4054 -42.09 -14.47 25.52
N VAL A 4055 -41.98 -14.07 24.26
CA VAL A 4055 -42.24 -12.70 23.85
C VAL A 4055 -43.57 -12.57 23.10
N GLU A 4056 -43.98 -13.64 22.38
CA GLU A 4056 -45.27 -13.62 21.71
C GLU A 4056 -46.41 -13.49 22.70
N MET A 4057 -46.24 -14.10 23.88
CA MET A 4057 -47.25 -14.07 24.93
C MET A 4057 -47.41 -12.66 25.50
N ILE A 4058 -46.30 -12.00 25.85
CA ILE A 4058 -46.38 -10.65 26.41
C ILE A 4058 -46.66 -9.61 25.33
N LEU A 4059 -46.54 -9.97 24.06
CA LEU A 4059 -46.95 -9.06 22.99
C LEU A 4059 -48.41 -9.19 22.62
N LYS A 4060 -48.97 -10.39 22.71
CA LYS A 4060 -50.39 -10.57 22.44
C LYS A 4060 -51.25 -10.34 23.68
N PHE A 4061 -50.64 -10.31 24.87
CA PHE A 4061 -51.40 -10.00 26.07
C PHE A 4061 -51.81 -8.53 26.10
N PHE A 4062 -51.01 -7.65 25.51
CA PHE A 4062 -51.37 -6.24 25.41
C PHE A 4062 -52.24 -5.96 24.20
N ASP A 4063 -52.58 -6.98 23.42
CA ASP A 4063 -53.50 -6.88 22.30
C ASP A 4063 -54.85 -7.51 22.58
N MET A 4064 -54.89 -8.58 23.38
CA MET A 4064 -56.15 -9.24 23.73
C MET A 4064 -56.96 -8.46 24.76
N PHE A 4065 -56.40 -7.40 25.35
CA PHE A 4065 -57.16 -6.55 26.27
C PHE A 4065 -57.24 -5.10 25.80
N LEU A 4066 -56.66 -4.76 24.64
CA LEU A 4066 -56.73 -3.39 24.13
C LEU A 4066 -57.58 -3.25 22.87
N LYS A 4067 -57.80 -4.31 22.09
CA LYS A 4067 -58.93 -4.33 21.16
C LYS A 4067 -60.25 -4.62 21.87
N LEU A 4068 -60.19 -4.84 23.19
CA LEU A 4068 -61.36 -4.97 24.06
C LEU A 4068 -62.33 -3.82 23.92
N LYS A 4069 -61.84 -2.58 23.93
CA LYS A 4069 -62.70 -1.42 23.72
C LYS A 4069 -63.04 -1.23 22.25
N ASP A 4070 -62.34 -1.90 21.34
CA ASP A 4070 -62.69 -1.90 19.92
C ASP A 4070 -63.75 -2.93 19.58
N ILE A 4071 -64.03 -3.89 20.46
CA ILE A 4071 -65.21 -4.74 20.26
C ILE A 4071 -66.49 -3.93 20.43
N VAL A 4072 -66.52 -3.08 21.47
CA VAL A 4072 -67.70 -2.27 21.79
C VAL A 4072 -67.84 -1.07 20.86
N GLY A 4073 -66.76 -0.67 20.19
CA GLY A 4073 -66.81 0.50 19.31
C GLY A 4073 -67.62 0.31 18.05
N SER A 4074 -67.90 -0.93 17.67
CA SER A 4074 -68.80 -1.21 16.56
C SER A 4074 -70.22 -1.38 17.08
N GLU A 4075 -71.19 -0.97 16.26
CA GLU A 4075 -72.60 -1.10 16.61
C GLU A 4075 -73.18 -2.46 16.24
N ALA A 4076 -72.47 -3.25 15.44
CA ALA A 4076 -72.97 -4.57 15.10
C ALA A 4076 -72.79 -5.55 16.25
N PHE A 4077 -71.72 -5.38 17.04
CA PHE A 4077 -71.49 -6.25 18.18
C PHE A 4077 -72.16 -5.77 19.45
N GLN A 4078 -72.91 -4.67 19.38
CA GLN A 4078 -73.61 -4.10 20.54
C GLN A 4078 -75.06 -4.58 20.62
N ASP A 4079 -75.73 -4.74 19.48
CA ASP A 4079 -77.15 -5.04 19.45
C ASP A 4079 -77.44 -6.54 19.45
N TYR A 4080 -76.57 -7.35 20.04
CA TYR A 4080 -76.83 -8.78 20.13
C TYR A 4080 -77.96 -9.07 21.13
N VAL A 4081 -77.66 -8.96 22.42
CA VAL A 4081 -78.65 -9.14 23.47
C VAL A 4081 -79.05 -7.76 23.95
N THR A 4082 -80.24 -7.32 23.55
CA THR A 4082 -80.74 -5.98 23.85
C THR A 4082 -81.49 -5.93 25.18
N ASP A 4083 -81.09 -6.76 26.15
CA ASP A 4083 -81.73 -6.77 27.46
C ASP A 4083 -81.35 -5.51 28.24
N PRO A 4084 -82.29 -4.89 28.96
CA PRO A 4084 -81.96 -3.69 29.74
C PRO A 4084 -81.18 -3.98 31.01
N ARG A 4085 -80.99 -5.25 31.36
CA ARG A 4085 -80.19 -5.62 32.51
C ARG A 4085 -78.71 -5.29 32.28
N GLY A 4086 -78.18 -5.70 31.13
CA GLY A 4086 -76.75 -5.67 30.90
C GLY A 4086 -76.05 -6.99 31.13
N LEU A 4087 -76.79 -8.04 31.47
CA LEU A 4087 -76.23 -9.37 31.64
C LEU A 4087 -76.38 -10.12 30.33
N ILE A 4088 -75.38 -9.99 29.47
CA ILE A 4088 -75.33 -10.82 28.27
C ILE A 4088 -74.70 -12.15 28.62
N SER A 4089 -75.28 -13.23 28.12
CA SER A 4089 -74.78 -14.56 28.45
C SER A 4089 -73.47 -14.83 27.70
N LYS A 4090 -72.69 -15.78 28.25
CA LYS A 4090 -71.35 -16.03 27.73
C LYS A 4090 -71.40 -16.74 26.38
N LYS A 4091 -72.34 -17.66 26.21
CA LYS A 4091 -72.49 -18.40 24.96
C LYS A 4091 -72.99 -17.53 23.84
N ASP A 4092 -73.71 -16.45 24.15
CA ASP A 4092 -74.12 -15.51 23.11
C ASP A 4092 -72.96 -14.66 22.62
N PHE A 4093 -71.89 -14.57 23.40
CA PHE A 4093 -70.69 -13.84 22.99
C PHE A 4093 -69.60 -14.73 22.41
N GLN A 4094 -69.58 -16.02 22.76
CA GLN A 4094 -68.54 -16.91 22.27
C GLN A 4094 -68.67 -17.16 20.76
N LYS A 4095 -69.86 -17.55 20.30
CA LYS A 4095 -70.10 -17.74 18.88
C LYS A 4095 -70.05 -16.42 18.11
N ALA A 4096 -70.25 -15.29 18.80
CA ALA A 4096 -70.15 -13.98 18.17
C ALA A 4096 -68.70 -13.58 17.93
N MET A 4097 -67.82 -13.85 18.91
CA MET A 4097 -66.39 -13.63 18.74
C MET A 4097 -65.76 -14.66 17.83
N ASP A 4098 -66.39 -15.82 17.66
CA ASP A 4098 -65.92 -16.80 16.68
C ASP A 4098 -66.20 -16.35 15.24
N SER A 4099 -67.08 -15.38 15.04
CA SER A 4099 -67.41 -14.90 13.69
C SER A 4099 -66.46 -13.81 13.18
N GLN A 4100 -65.76 -13.10 14.07
CA GLN A 4100 -64.84 -12.07 13.62
C GLN A 4100 -63.56 -12.68 13.05
N LYS A 4101 -62.87 -11.91 12.21
CA LYS A 4101 -61.65 -12.36 11.57
C LYS A 4101 -60.39 -11.86 12.28
N GLN A 4102 -60.53 -11.15 13.39
CA GLN A 4102 -59.41 -10.65 14.16
C GLN A 4102 -59.21 -11.43 15.47
N PHE A 4103 -59.57 -12.71 15.49
CA PHE A 4103 -59.52 -13.50 16.71
C PHE A 4103 -58.81 -14.82 16.43
N THR A 4104 -58.60 -15.58 17.51
CA THR A 4104 -57.97 -16.89 17.46
C THR A 4104 -58.94 -17.90 18.08
N GLY A 4105 -59.04 -19.08 17.46
CA GLY A 4105 -59.99 -20.11 17.82
C GLY A 4105 -59.97 -20.59 19.26
N PRO A 4106 -58.87 -21.23 19.70
CA PRO A 4106 -58.79 -21.69 21.09
C PRO A 4106 -58.59 -20.57 22.11
N GLU A 4107 -58.41 -19.32 21.67
CA GLU A 4107 -58.20 -18.19 22.55
C GLU A 4107 -59.46 -17.38 22.79
N ILE A 4108 -60.61 -18.04 22.94
CA ILE A 4108 -61.84 -17.34 23.32
C ILE A 4108 -62.23 -17.65 24.76
N GLN A 4109 -62.35 -18.94 25.08
CA GLN A 4109 -62.90 -19.35 26.35
C GLN A 4109 -61.92 -19.14 27.51
N PHE A 4110 -60.62 -19.01 27.22
CA PHE A 4110 -59.66 -18.70 28.28
C PHE A 4110 -59.83 -17.29 28.81
N LEU A 4111 -60.01 -16.30 27.92
CA LEU A 4111 -60.36 -14.97 28.39
C LEU A 4111 -61.80 -14.90 28.88
N LEU A 4112 -62.67 -15.81 28.44
CA LEU A 4112 -63.97 -15.92 29.12
C LEU A 4112 -63.80 -16.38 30.57
N SER A 4113 -62.86 -17.28 30.82
CA SER A 4113 -62.56 -17.71 32.19
C SER A 4113 -61.84 -16.61 32.96
N CYS A 4114 -61.08 -15.77 32.26
CA CYS A 4114 -60.50 -14.58 32.88
C CYS A 4114 -61.57 -13.57 33.25
N SER A 4115 -62.64 -13.50 32.46
CA SER A 4115 -63.80 -12.70 32.82
C SER A 4115 -64.57 -13.38 33.95
N GLU A 4116 -65.46 -12.61 34.58
CA GLU A 4116 -66.29 -13.13 35.66
C GLU A 4116 -67.35 -14.06 35.09
N ALA A 4117 -67.46 -15.26 35.66
CA ALA A 4117 -68.37 -16.26 35.11
C ALA A 4117 -69.81 -16.01 35.57
N ASP A 4118 -70.05 -16.13 36.88
CA ASP A 4118 -71.36 -15.99 37.54
C ASP A 4118 -72.41 -16.89 36.90
N GLU A 4119 -72.16 -18.20 37.08
CA GLU A 4119 -72.97 -19.29 36.51
C GLU A 4119 -73.11 -19.21 34.99
N ASN A 4120 -72.05 -18.72 34.31
CA ASN A 4120 -71.91 -18.67 32.85
C ASN A 4120 -73.03 -17.89 32.16
N GLU A 4121 -73.60 -16.89 32.85
CA GLU A 4121 -74.70 -16.12 32.30
C GLU A 4121 -74.54 -14.63 32.55
N MET A 4122 -73.33 -14.16 32.82
CA MET A 4122 -73.09 -12.75 33.13
C MET A 4122 -71.69 -12.40 32.68
N ILE A 4123 -71.57 -11.44 31.78
CA ILE A 4123 -70.26 -10.95 31.36
C ILE A 4123 -69.90 -9.64 32.05
N ASN A 4124 -70.80 -8.66 31.92
CA ASN A 4124 -70.65 -7.30 32.43
C ASN A 4124 -69.35 -6.67 31.89
N PHE A 4125 -69.37 -6.44 30.57
CA PHE A 4125 -68.20 -5.91 29.90
C PHE A 4125 -67.87 -4.47 30.28
N GLU A 4126 -68.76 -3.76 30.98
CA GLU A 4126 -68.38 -2.47 31.57
C GLU A 4126 -67.28 -2.62 32.63
N GLU A 4127 -67.26 -3.73 33.38
CA GLU A 4127 -66.16 -3.93 34.32
C GLU A 4127 -65.11 -4.91 33.79
N PHE A 4128 -65.43 -5.70 32.76
CA PHE A 4128 -64.37 -6.31 31.95
C PHE A 4128 -63.49 -5.23 31.31
N ALA A 4129 -64.06 -4.07 30.96
CA ALA A 4129 -63.31 -3.06 30.23
C ALA A 4129 -62.31 -2.30 31.11
N ASN A 4130 -62.82 -1.47 32.03
CA ASN A 4130 -62.00 -0.42 32.63
C ASN A 4130 -61.04 -0.90 33.71
N ARG A 4131 -61.05 -2.18 34.07
CA ARG A 4131 -60.23 -2.63 35.20
C ARG A 4131 -58.88 -3.20 34.78
N PHE A 4132 -58.75 -3.72 33.56
CA PHE A 4132 -57.55 -4.45 33.16
C PHE A 4132 -56.56 -3.61 32.36
N GLN A 4133 -56.88 -2.34 32.07
CA GLN A 4133 -55.91 -1.42 31.49
C GLN A 4133 -55.54 -0.28 32.45
N GLU A 4134 -56.11 -0.26 33.65
CA GLU A 4134 -55.62 0.65 34.68
C GLU A 4134 -54.17 0.31 35.09
N PRO A 4135 -53.74 -0.95 35.20
CA PRO A 4135 -52.28 -1.19 35.25
C PRO A 4135 -51.62 -1.33 33.90
N ALA A 4136 -52.37 -1.31 32.79
CA ALA A 4136 -51.81 -1.46 31.46
C ALA A 4136 -51.93 -0.17 30.64
N ARG A 4137 -52.00 0.97 31.31
CA ARG A 4137 -51.91 2.28 30.66
C ARG A 4137 -50.49 2.82 30.63
N ASP A 4138 -49.67 2.43 31.62
CA ASP A 4138 -48.31 2.91 31.78
C ASP A 4138 -47.26 1.92 31.29
N ILE A 4139 -47.57 0.63 31.32
CA ILE A 4139 -46.61 -0.36 30.85
C ILE A 4139 -46.76 -0.56 29.35
N GLY A 4140 -47.96 -0.33 28.81
CA GLY A 4140 -48.19 -0.54 27.39
C GLY A 4140 -47.50 0.50 26.53
N PHE A 4141 -47.47 1.74 27.01
CA PHE A 4141 -46.79 2.81 26.30
C PHE A 4141 -45.29 2.57 26.27
N ASN A 4142 -44.71 2.17 27.40
CA ASN A 4142 -43.28 1.93 27.45
C ASN A 4142 -42.86 0.65 26.73
N VAL A 4143 -43.73 -0.37 26.64
CA VAL A 4143 -43.32 -1.48 25.78
C VAL A 4143 -43.51 -1.11 24.30
N ALA A 4144 -44.43 -0.17 23.99
CA ALA A 4144 -44.48 0.38 22.64
C ALA A 4144 -43.21 1.15 22.31
N VAL A 4145 -42.72 1.91 23.29
CA VAL A 4145 -41.43 2.58 23.17
C VAL A 4145 -40.32 1.55 22.97
N LEU A 4146 -40.38 0.42 23.67
CA LEU A 4146 -39.38 -0.62 23.53
C LEU A 4146 -39.37 -1.22 22.12
N LEU A 4147 -40.54 -1.41 21.52
CA LEU A 4147 -40.57 -1.90 20.14
C LEU A 4147 -40.17 -0.83 19.13
N THR A 4148 -40.39 0.46 19.44
CA THR A 4148 -40.05 1.49 18.46
C THR A 4148 -38.69 2.14 18.68
N ASN A 4149 -37.96 1.78 19.76
CA ASN A 4149 -36.56 2.18 19.84
C ASN A 4149 -35.74 1.46 18.78
N LEU A 4150 -35.96 0.16 18.68
CA LEU A 4150 -35.07 -0.75 17.97
C LEU A 4150 -35.44 -0.92 16.49
N SER A 4151 -36.64 -0.50 16.09
CA SER A 4151 -37.05 -0.60 14.70
C SER A 4151 -36.26 0.37 13.81
N GLU A 4152 -36.04 1.59 14.28
CA GLU A 4152 -35.24 2.55 13.53
C GLU A 4152 -33.78 2.58 13.94
N HIS A 4153 -33.41 1.91 15.03
CA HIS A 4153 -32.00 1.92 15.43
C HIS A 4153 -31.17 0.95 14.62
N VAL A 4154 -31.56 -0.32 14.59
CA VAL A 4154 -30.86 -1.32 13.78
C VAL A 4154 -31.73 -1.61 12.55
N PRO A 4155 -31.25 -1.30 11.35
CA PRO A 4155 -32.01 -1.65 10.14
C PRO A 4155 -31.53 -2.96 9.52
N HIS A 4156 -32.35 -3.46 8.59
CA HIS A 4156 -32.04 -4.57 7.69
C HIS A 4156 -31.69 -5.87 8.43
N ASP A 4157 -32.69 -6.37 9.16
CA ASP A 4157 -32.55 -7.57 9.97
C ASP A 4157 -33.89 -8.28 9.99
N PRO A 4158 -33.93 -9.60 9.73
CA PRO A 4158 -35.21 -10.25 9.42
C PRO A 4158 -36.10 -10.51 10.62
N ARG A 4159 -35.56 -11.09 11.69
CA ARG A 4159 -36.42 -11.64 12.73
C ARG A 4159 -36.83 -10.63 13.79
N LEU A 4160 -36.24 -9.45 13.81
CA LEU A 4160 -36.76 -8.39 14.67
C LEU A 4160 -37.85 -7.57 14.00
N ARG A 4161 -38.23 -7.91 12.78
CA ARG A 4161 -39.25 -7.17 12.05
C ARG A 4161 -40.64 -7.76 12.17
N ASN A 4162 -40.76 -9.07 12.41
CA ASN A 4162 -42.06 -9.72 12.41
C ASN A 4162 -42.89 -9.31 13.62
N PHE A 4163 -42.25 -9.15 14.78
CA PHE A 4163 -43.01 -8.93 16.01
C PHE A 4163 -43.56 -7.52 16.13
N LEU A 4164 -43.02 -6.54 15.42
CA LEU A 4164 -43.74 -5.27 15.34
C LEU A 4164 -44.98 -5.39 14.46
N GLU A 4165 -44.96 -6.24 13.43
CA GLU A 4165 -46.20 -6.51 12.71
C GLU A 4165 -47.19 -7.29 13.58
N LEU A 4166 -46.71 -8.12 14.48
CA LEU A 4166 -47.58 -8.83 15.41
C LEU A 4166 -48.02 -7.98 16.61
N ALA A 4167 -47.36 -6.86 16.87
CA ALA A 4167 -47.70 -6.02 18.02
C ALA A 4167 -47.79 -4.54 17.67
N GLU A 4168 -48.22 -4.21 16.45
CA GLU A 4168 -48.47 -2.82 16.05
C GLU A 4168 -49.72 -2.21 16.69
N SER A 4169 -50.50 -2.98 17.46
CA SER A 4169 -51.75 -2.49 18.05
C SER A 4169 -51.55 -1.41 19.09
N ILE A 4170 -50.63 -1.62 20.03
CA ILE A 4170 -50.35 -0.61 21.05
C ILE A 4170 -49.63 0.59 20.45
N LEU A 4171 -48.84 0.38 19.39
CA LEU A 4171 -48.25 1.49 18.65
C LEU A 4171 -49.33 2.34 17.99
N GLU A 4172 -50.33 1.69 17.38
CA GLU A 4172 -51.44 2.39 16.75
C GLU A 4172 -52.31 3.10 17.77
N TYR A 4173 -52.50 2.48 18.94
CA TYR A 4173 -53.29 3.11 20.00
C TYR A 4173 -52.54 4.30 20.61
N PHE A 4174 -51.21 4.26 20.63
CA PHE A 4174 -50.40 5.33 21.20
C PHE A 4174 -49.73 6.19 20.14
N ARG A 4175 -50.27 6.22 18.92
CA ARG A 4175 -49.86 7.23 17.95
C ARG A 4175 -50.04 8.67 18.41
N PRO A 4176 -51.15 9.10 19.05
CA PRO A 4176 -51.17 10.48 19.58
C PRO A 4176 -50.28 10.69 20.79
N TYR A 4177 -49.98 9.64 21.55
CA TYR A 4177 -49.20 9.77 22.77
C TYR A 4177 -47.71 9.53 22.55
N LEU A 4178 -47.25 9.42 21.31
CA LEU A 4178 -45.85 9.18 20.98
C LEU A 4178 -45.25 10.40 20.28
N GLY A 4179 -43.97 10.64 20.55
CA GLY A 4179 -43.25 11.75 19.96
C GLY A 4179 -41.78 11.43 19.78
N ARG A 4180 -41.21 11.82 18.64
CA ARG A 4180 -39.84 11.50 18.29
C ARG A 4180 -39.05 12.81 18.28
N ILE A 4181 -38.05 12.91 19.15
CA ILE A 4181 -37.41 14.20 19.44
C ILE A 4181 -35.89 14.02 19.53
N GLU A 4182 -35.15 14.98 19.00
CA GLU A 4182 -33.70 14.88 18.80
C GLU A 4182 -32.99 15.98 19.58
N ILE A 4183 -31.94 15.62 20.32
CA ILE A 4183 -31.08 16.59 21.02
C ILE A 4183 -29.62 16.30 20.68
N MET A 4184 -28.90 17.34 20.27
CA MET A 4184 -27.46 17.27 20.05
C MET A 4184 -26.74 17.05 21.37
N GLY A 4185 -25.74 16.18 21.39
CA GLY A 4185 -25.06 16.00 22.66
C GLY A 4185 -23.86 15.09 22.58
N ALA A 4186 -23.11 15.08 23.70
CA ALA A 4186 -21.97 14.19 23.96
C ALA A 4186 -20.89 14.31 22.89
N SER A 4187 -20.48 15.56 22.64
CA SER A 4187 -19.46 15.93 21.64
C SER A 4187 -19.85 15.43 20.23
N ARG A 4188 -20.95 15.98 19.74
CA ARG A 4188 -21.51 15.71 18.40
C ARG A 4188 -21.85 14.22 18.22
N ARG A 4189 -22.84 13.77 18.99
CA ARG A 4189 -23.39 12.41 18.87
C ARG A 4189 -24.89 12.50 19.19
N ILE A 4190 -25.71 12.66 18.15
CA ILE A 4190 -27.14 12.88 18.33
C ILE A 4190 -27.92 11.57 18.21
N GLU A 4191 -28.75 11.29 19.22
CA GLU A 4191 -29.64 10.13 19.22
C GLU A 4191 -30.96 10.52 19.87
N ARG A 4192 -32.03 9.87 19.41
CA ARG A 4192 -33.41 10.27 19.70
C ARG A 4192 -33.91 9.77 21.05
N ILE A 4193 -34.83 10.55 21.64
CA ILE A 4193 -35.41 10.29 22.95
C ILE A 4193 -36.92 10.38 22.80
N TYR A 4194 -37.64 9.46 23.44
CA TYR A 4194 -39.10 9.41 23.38
C TYR A 4194 -39.70 9.88 24.70
N PHE A 4195 -40.90 10.45 24.62
CA PHE A 4195 -41.59 11.02 25.77
C PHE A 4195 -43.06 10.67 25.67
N GLU A 4196 -43.80 10.97 26.73
CA GLU A 4196 -45.23 10.72 26.80
C GLU A 4196 -45.95 12.05 26.92
N ILE A 4197 -47.10 12.16 26.26
CA ILE A 4197 -47.96 13.31 26.40
C ILE A 4197 -49.33 12.84 26.89
N SER A 4198 -49.88 13.56 27.87
CA SER A 4198 -51.09 13.16 28.56
C SER A 4198 -52.33 13.46 27.73
N GLU A 4199 -53.40 12.70 28.00
CA GLU A 4199 -54.64 12.87 27.24
C GLU A 4199 -55.38 14.15 27.64
N THR A 4200 -55.10 14.71 28.81
CA THR A 4200 -55.73 15.95 29.23
C THR A 4200 -55.20 17.12 28.38
N ASN A 4201 -53.88 17.23 28.27
CA ASN A 4201 -53.26 18.24 27.41
C ASN A 4201 -53.16 17.81 25.95
N ARG A 4202 -53.64 16.62 25.59
CA ARG A 4202 -53.71 16.22 24.19
C ARG A 4202 -54.78 17.00 23.44
N ALA A 4203 -56.05 16.83 23.83
CA ALA A 4203 -57.17 17.31 23.02
C ALA A 4203 -57.39 18.81 23.12
N GLN A 4204 -56.64 19.52 23.94
CA GLN A 4204 -56.87 20.93 24.19
C GLN A 4204 -55.83 21.86 23.58
N TRP A 4205 -54.70 21.33 23.07
CA TRP A 4205 -53.78 22.19 22.34
C TRP A 4205 -54.33 22.57 20.97
N GLU A 4206 -55.28 21.79 20.46
CA GLU A 4206 -55.90 22.08 19.16
C GLU A 4206 -57.17 22.92 19.32
N MET A 4207 -57.01 24.08 19.95
CA MET A 4207 -58.09 25.03 20.06
C MET A 4207 -57.65 26.41 19.59
N PRO A 4208 -58.57 27.21 19.05
CA PRO A 4208 -58.21 28.55 18.54
C PRO A 4208 -57.87 29.58 19.61
N GLN A 4209 -57.83 29.22 20.90
CA GLN A 4209 -57.23 30.11 21.89
C GLN A 4209 -55.72 30.19 21.71
N VAL A 4210 -55.11 29.18 21.07
CA VAL A 4210 -53.66 29.09 20.95
C VAL A 4210 -53.20 28.76 19.53
N LYS A 4211 -54.05 28.16 18.69
CA LYS A 4211 -53.59 27.83 17.33
C LYS A 4211 -53.41 29.05 16.43
N GLU A 4212 -53.93 30.21 16.82
CA GLU A 4212 -53.56 31.43 16.10
C GLU A 4212 -52.42 32.19 16.75
N SER A 4213 -52.18 31.99 18.07
CA SER A 4213 -50.94 32.47 18.67
C SER A 4213 -49.73 31.76 18.08
N LYS A 4214 -49.94 30.51 17.66
CA LYS A 4214 -49.02 29.75 16.81
C LYS A 4214 -48.53 30.58 15.64
N ARG A 4215 -49.44 31.02 14.78
CA ARG A 4215 -49.04 31.77 13.59
C ARG A 4215 -48.64 33.21 13.93
N GLN A 4216 -49.18 33.75 15.03
CA GLN A 4216 -48.76 35.04 15.58
C GLN A 4216 -47.26 35.08 15.87
N PHE A 4217 -46.68 33.98 16.35
CA PHE A 4217 -45.24 34.01 16.49
C PHE A 4217 -44.51 33.30 15.34
N ILE A 4218 -45.22 32.54 14.50
CA ILE A 4218 -44.60 32.01 13.27
C ILE A 4218 -44.25 33.15 12.32
N PHE A 4219 -45.08 34.20 12.29
CA PHE A 4219 -44.84 35.34 11.39
C PHE A 4219 -43.57 36.11 11.75
N ASP A 4220 -43.15 36.05 13.02
CA ASP A 4220 -42.06 36.93 13.45
C ASP A 4220 -40.84 36.18 13.98
N VAL A 4221 -40.35 35.19 13.25
CA VAL A 4221 -39.04 34.61 13.53
C VAL A 4221 -38.12 34.83 12.34
N VAL A 4222 -38.69 35.10 11.17
CA VAL A 4222 -37.92 35.49 10.00
C VAL A 4222 -38.13 36.98 9.67
N ASN A 4223 -39.26 37.57 10.10
CA ASN A 4223 -39.53 38.98 9.88
C ASN A 4223 -38.59 39.87 10.70
N GLU A 4224 -38.24 39.47 11.92
CA GLU A 4224 -37.35 40.27 12.73
C GLU A 4224 -36.25 39.42 13.38
N GLY A 4225 -36.46 38.12 13.49
CA GLY A 4225 -35.51 37.28 14.21
C GLY A 4225 -34.27 36.96 13.41
N GLY A 4226 -33.16 36.78 14.13
CA GLY A 4226 -31.93 36.31 13.54
C GLY A 4226 -31.75 34.80 13.71
N GLU A 4227 -30.60 34.32 13.23
CA GLU A 4227 -30.28 32.90 13.33
C GLU A 4227 -29.86 32.53 14.74
N ALA A 4228 -29.16 33.44 15.43
CA ALA A 4228 -28.69 33.13 16.78
C ALA A 4228 -29.75 33.36 17.84
N GLU A 4229 -30.81 34.11 17.53
CA GLU A 4229 -31.86 34.44 18.50
C GLU A 4229 -33.25 34.01 18.03
N LYS A 4230 -33.39 32.79 17.52
CA LYS A 4230 -34.69 32.33 17.04
C LYS A 4230 -35.41 31.43 18.05
N MET A 4231 -34.70 30.49 18.67
CA MET A 4231 -35.30 29.62 19.68
C MET A 4231 -35.20 30.20 21.09
N GLU A 4232 -34.37 31.24 21.27
CA GLU A 4232 -34.35 32.00 22.52
C GLU A 4232 -35.68 32.71 22.77
N LEU A 4233 -36.41 33.00 21.70
CA LEU A 4233 -37.78 33.48 21.77
C LEU A 4233 -38.78 32.35 21.85
N PHE A 4234 -38.45 31.20 21.27
CA PHE A 4234 -39.38 30.08 21.21
C PHE A 4234 -39.57 29.44 22.57
N VAL A 4235 -38.55 29.41 23.43
CA VAL A 4235 -38.77 28.81 24.75
C VAL A 4235 -39.66 29.70 25.62
N SER A 4236 -39.59 31.02 25.45
CA SER A 4236 -40.51 31.91 26.15
C SER A 4236 -41.91 31.81 25.56
N PHE A 4237 -42.00 31.55 24.25
CA PHE A 4237 -43.29 31.26 23.62
C PHE A 4237 -43.95 30.01 24.21
N CYS A 4238 -43.18 28.93 24.39
CA CYS A 4238 -43.76 27.72 24.99
C CYS A 4238 -44.16 27.93 26.44
N GLU A 4239 -43.34 28.63 27.24
CA GLU A 4239 -43.75 28.82 28.62
C GLU A 4239 -44.91 29.81 28.77
N ASP A 4240 -45.03 30.80 27.89
CA ASP A 4240 -46.19 31.69 27.93
C ASP A 4240 -47.47 30.96 27.52
N THR A 4241 -47.36 30.05 26.54
CA THR A 4241 -48.54 29.28 26.14
C THR A 4241 -48.96 28.30 27.24
N ILE A 4242 -47.98 27.66 27.91
CA ILE A 4242 -48.35 26.74 28.98
C ILE A 4242 -48.81 27.51 30.22
N PHE A 4243 -48.43 28.80 30.33
CA PHE A 4243 -48.98 29.69 31.34
C PHE A 4243 -50.44 30.06 31.06
N GLU A 4244 -50.79 30.39 29.83
CA GLU A 4244 -52.20 30.63 29.57
C GLU A 4244 -53.02 29.35 29.60
N MET A 4245 -52.39 28.19 29.37
CA MET A 4245 -53.16 26.97 29.59
C MET A 4245 -53.25 26.62 31.08
N GLN A 4246 -52.28 27.08 31.90
CA GLN A 4246 -52.45 27.01 33.35
C GLN A 4246 -53.68 27.79 33.80
N ILE A 4247 -53.79 29.05 33.37
CA ILE A 4247 -54.93 29.85 33.83
C ILE A 4247 -56.23 29.42 33.13
N ALA A 4248 -56.15 28.94 31.88
CA ALA A 4248 -57.33 28.49 31.16
C ALA A 4248 -57.81 27.13 31.65
N ALA A 4249 -56.91 26.28 32.14
CA ALA A 4249 -57.30 25.05 32.80
C ALA A 4249 -57.84 25.33 34.20
N GLN A 4250 -57.44 26.45 34.81
CA GLN A 4250 -58.06 26.86 36.05
C GLN A 4250 -59.51 27.29 35.81
N ILE A 4251 -59.76 28.12 34.80
CA ILE A 4251 -61.12 28.61 34.54
C ILE A 4251 -61.87 27.70 33.57
N SER A 4252 -61.31 26.54 33.22
CA SER A 4252 -62.02 25.60 32.37
C SER A 4252 -63.14 24.92 33.14
N GLU A 4253 -64.09 24.34 32.41
CA GLU A 4253 -65.24 23.71 33.06
C GLU A 4253 -64.86 22.39 33.73
N UNK A 4318 -62.35 33.14 8.43
CA UNK A 4318 -63.46 32.78 9.29
C UNK A 4318 -64.34 33.99 9.58
N UNK A 4319 -63.72 35.09 9.98
CA UNK A 4319 -64.44 36.32 10.29
C UNK A 4319 -64.55 37.22 9.06
N UNK A 4320 -63.58 37.09 8.15
CA UNK A 4320 -63.54 37.91 6.95
C UNK A 4320 -64.68 37.57 5.99
N UNK A 4321 -64.97 36.28 5.84
CA UNK A 4321 -66.06 35.83 4.98
C UNK A 4321 -67.41 36.25 5.55
N UNK A 4322 -67.51 36.22 6.89
CA UNK A 4322 -68.71 36.66 7.59
C UNK A 4322 -68.94 38.16 7.42
N UNK A 4323 -67.86 38.94 7.51
CA UNK A 4323 -67.92 40.38 7.30
C UNK A 4323 -68.27 40.73 5.85
N UNK A 4324 -67.75 39.94 4.91
CA UNK A 4324 -68.05 40.10 3.49
C UNK A 4324 -69.53 39.84 3.21
N UNK A 4325 -70.05 38.76 3.78
CA UNK A 4325 -71.46 38.42 3.64
C UNK A 4325 -72.34 39.48 4.32
N UNK A 4326 -71.87 40.03 5.42
CA UNK A 4326 -72.56 41.12 6.13
C UNK A 4326 -72.66 42.38 5.28
N UNK A 4327 -71.54 42.76 4.67
CA UNK A 4327 -71.48 43.94 3.81
C UNK A 4327 -72.33 43.75 2.56
N UNK A 4328 -72.32 42.53 2.01
CA UNK A 4328 -73.12 42.18 0.85
C UNK A 4328 -74.63 42.23 1.15
N UNK A 4329 -75.01 41.70 2.31
CA UNK A 4329 -76.40 41.73 2.76
C UNK A 4329 -76.87 43.16 3.02
N UNK A 4330 -76.00 43.97 3.60
CA UNK A 4330 -76.30 45.38 3.86
C UNK A 4330 -76.46 46.17 2.56
N UNK A 4331 -75.59 45.91 1.59
CA UNK A 4331 -75.66 46.55 0.28
C UNK A 4331 -76.93 46.15 -0.48
N UNK A 4332 -77.28 44.86 -0.39
CA UNK A 4332 -78.49 44.36 -1.01
C UNK A 4332 -79.75 44.95 -0.38
N UNK A 4333 -79.76 45.07 0.94
CA UNK A 4333 -80.89 45.66 1.65
C UNK A 4333 -81.01 47.15 1.37
N UNK A 4334 -79.86 47.83 1.22
CA UNK A 4334 -79.84 49.24 0.85
C UNK A 4334 -80.39 49.45 -0.56
N UNK A 4335 -79.98 48.59 -1.50
CA UNK A 4335 -80.46 48.66 -2.87
C UNK A 4335 -81.94 48.31 -2.98
N UNK A 4336 -82.41 47.44 -2.10
CA UNK A 4336 -83.82 47.07 -2.06
C UNK A 4336 -84.68 48.18 -1.46
N UNK A 4337 -84.16 48.86 -0.44
CA UNK A 4337 -84.90 49.92 0.23
C UNK A 4337 -84.77 51.25 -0.51
N UNK A 4338 -83.84 51.32 -1.46
CA UNK A 4338 -83.70 52.51 -2.30
C UNK A 4338 -84.88 52.66 -3.25
N TRP A 4541 -70.69 37.07 52.44
CA TRP A 4541 -70.84 37.26 51.01
C TRP A 4541 -70.22 36.10 50.23
N GLY A 4542 -70.07 34.96 50.89
CA GLY A 4542 -69.50 33.78 50.26
C GLY A 4542 -70.42 33.13 49.23
N GLU A 4543 -71.72 33.41 49.30
CA GLU A 4543 -72.63 32.91 48.27
C GLU A 4543 -72.50 33.70 46.97
N LEU A 4544 -71.95 34.91 47.02
CA LEU A 4544 -71.77 35.74 45.84
C LEU A 4544 -70.33 35.88 45.40
N GLU A 4545 -69.37 35.62 46.30
CA GLU A 4545 -67.95 35.82 45.98
C GLU A 4545 -67.44 34.84 44.94
N VAL A 4546 -67.95 33.60 44.94
CA VAL A 4546 -67.65 32.69 43.85
C VAL A 4546 -68.71 32.75 42.75
N GLN A 4547 -69.88 33.32 43.03
CA GLN A 4547 -70.89 33.49 42.00
C GLN A 4547 -70.48 34.53 40.97
N ARG A 4548 -69.74 35.56 41.38
CA ARG A 4548 -69.35 36.57 40.39
C ARG A 4548 -68.20 36.08 39.50
N VAL A 4549 -67.30 35.24 40.01
CA VAL A 4549 -66.32 34.64 39.11
C VAL A 4549 -66.96 33.55 38.25
N LYS A 4550 -68.04 32.93 38.74
CA LYS A 4550 -68.83 32.05 37.86
C LYS A 4550 -69.52 32.83 36.75
N PHE A 4551 -69.97 34.06 37.06
CA PHE A 4551 -70.46 34.97 36.02
C PHE A 4551 -69.37 35.33 35.02
N LEU A 4552 -68.17 35.68 35.52
CA LEU A 4552 -67.03 36.02 34.66
C LEU A 4552 -66.56 34.84 33.82
N ASN A 4553 -66.79 33.60 34.27
CA ASN A 4553 -66.40 32.43 33.50
C ASN A 4553 -67.21 32.30 32.22
N TYR A 4554 -68.55 32.30 32.32
CA TYR A 4554 -69.31 32.25 31.06
C TYR A 4554 -69.40 33.62 30.39
N LEU A 4555 -68.91 34.67 31.03
CA LEU A 4555 -68.60 35.92 30.33
C LEU A 4555 -67.43 35.74 29.36
N SER A 4556 -66.36 35.11 29.83
CA SER A 4556 -65.18 34.89 29.00
C SER A 4556 -65.24 33.59 28.18
N ARG A 4557 -66.31 32.81 28.34
CA ARG A 4557 -66.43 31.56 27.60
C ARG A 4557 -66.65 31.80 26.11
N ASN A 4558 -67.58 32.70 25.77
CA ASN A 4558 -67.94 32.94 24.38
C ASN A 4558 -67.55 34.36 23.97
N PHE A 4559 -66.33 34.74 24.35
CA PHE A 4559 -65.79 36.10 24.17
C PHE A 4559 -65.73 36.49 22.69
N TYR A 4560 -65.29 35.57 21.84
CA TYR A 4560 -65.11 35.78 20.40
C TYR A 4560 -66.42 36.01 19.68
N THR A 4561 -67.42 35.16 19.94
CA THR A 4561 -68.73 35.29 19.30
C THR A 4561 -69.50 36.48 19.85
N LEU A 4562 -69.32 36.78 21.15
CA LEU A 4562 -69.91 37.98 21.73
C LEU A 4562 -69.33 39.24 21.10
N ARG A 4563 -68.02 39.25 20.82
CA ARG A 4563 -67.40 40.36 20.12
C ARG A 4563 -67.89 40.44 18.67
N PHE A 4564 -68.14 39.30 18.05
CA PHE A 4564 -68.66 39.27 16.68
C PHE A 4564 -70.06 39.89 16.58
N LEU A 4565 -70.95 39.51 17.50
CA LEU A 4565 -72.28 40.12 17.49
C LEU A 4565 -72.23 41.58 17.92
N ALA A 4566 -71.27 41.94 18.78
CA ALA A 4566 -71.02 43.33 19.13
C ALA A 4566 -70.59 44.16 17.93
N LEU A 4567 -69.87 43.55 16.98
CA LEU A 4567 -69.56 44.27 15.75
C LEU A 4567 -70.80 44.37 14.86
N PHE A 4568 -71.52 43.26 14.70
CA PHE A 4568 -72.55 43.21 13.65
C PHE A 4568 -73.78 44.02 14.03
N LEU A 4569 -74.15 44.07 15.31
CA LEU A 4569 -75.31 44.89 15.65
C LEU A 4569 -75.01 46.38 15.56
N ALA A 4570 -73.76 46.80 15.84
CA ALA A 4570 -73.36 48.17 15.56
C ALA A 4570 -73.39 48.45 14.06
N PHE A 4571 -72.96 47.46 13.25
CA PHE A 4571 -73.04 47.58 11.80
C PHE A 4571 -74.49 47.70 11.33
N ALA A 4572 -75.40 46.96 11.96
CA ALA A 4572 -76.81 46.98 11.57
C ALA A 4572 -77.49 48.29 11.94
N ILE A 4573 -77.20 48.85 13.12
CA ILE A 4573 -77.81 50.13 13.45
C ILE A 4573 -77.13 51.27 12.69
N ASN A 4574 -75.85 51.11 12.32
CA ASN A 4574 -75.22 52.10 11.43
C ASN A 4574 -75.75 51.99 10.01
N PHE A 4575 -76.31 50.83 9.65
CA PHE A 4575 -77.02 50.68 8.39
C PHE A 4575 -78.42 51.30 8.45
N ILE A 4576 -79.13 51.11 9.56
CA ILE A 4576 -80.47 51.69 9.68
C ILE A 4576 -80.38 53.20 9.87
N LEU A 4577 -79.20 53.70 10.26
CA LEU A 4577 -78.86 55.11 10.32
C LEU A 4577 -78.93 55.83 8.97
N LEU A 4578 -78.96 55.10 7.86
CA LEU A 4578 -78.98 55.65 6.50
C LEU A 4578 -80.27 56.37 6.15
N PHE A 4579 -81.28 56.39 7.02
CA PHE A 4579 -82.58 56.94 6.70
C PHE A 4579 -82.93 58.11 7.62
N TYR A 4580 -81.96 58.98 7.90
CA TYR A 4580 -82.17 60.20 8.69
C TYR A 4580 -82.19 61.42 7.78
N LYS A 4581 -83.05 62.37 8.16
CA LYS A 4581 -83.31 63.55 7.36
C LYS A 4581 -83.48 64.74 8.29
N VAL A 4582 -83.12 65.93 7.81
CA VAL A 4582 -83.28 67.15 8.58
C VAL A 4582 -83.97 68.22 7.74
N SER A 4583 -84.86 68.98 8.38
CA SER A 4583 -85.61 70.03 7.71
C SER A 4583 -85.91 71.13 8.72
N ASP A 4584 -86.47 72.23 8.22
CA ASP A 4584 -86.78 73.38 9.06
C ASP A 4584 -88.08 73.20 9.84
N SER A 4585 -88.87 72.17 9.55
CA SER A 4585 -90.14 71.96 10.22
C SER A 4585 -89.97 71.11 11.46
N PRO A 4586 -90.66 71.45 12.56
CA PRO A 4586 -90.62 70.59 13.75
C PRO A 4586 -91.41 69.33 13.53
N PRO A 4587 -90.98 68.19 14.11
CA PRO A 4587 -91.69 66.92 13.96
C PRO A 4587 -93.02 66.92 14.72
N ASN A 4626 -83.71 75.44 15.48
CA ASN A 4626 -84.11 75.70 14.10
C ASN A 4626 -84.39 74.41 13.34
N MET A 4627 -83.37 73.93 12.63
CA MET A 4627 -83.48 72.67 11.91
C MET A 4627 -83.45 71.50 12.88
N VAL A 4628 -84.44 70.62 12.76
CA VAL A 4628 -84.60 69.49 13.68
C VAL A 4628 -84.33 68.21 12.90
N TYR A 4629 -83.44 67.37 13.44
CA TYR A 4629 -83.07 66.10 12.82
C TYR A 4629 -84.12 65.05 13.19
N TYR A 4630 -84.96 64.69 12.23
CA TYR A 4630 -85.99 63.68 12.43
C TYR A 4630 -85.65 62.41 11.66
N PHE A 4631 -86.49 61.39 11.80
CA PHE A 4631 -86.31 60.12 11.11
C PHE A 4631 -87.42 59.87 10.11
N LEU A 4632 -87.04 59.34 8.94
CA LEU A 4632 -87.97 59.11 7.84
C LEU A 4632 -88.32 57.61 7.83
N GLU A 4633 -89.61 57.32 7.90
CA GLU A 4633 -90.11 55.95 7.98
C GLU A 4633 -91.32 55.80 7.08
N GLU A 4634 -91.48 54.60 6.52
CA GLU A 4634 -92.60 54.27 5.63
C GLU A 4634 -93.39 53.12 6.25
N SER A 4635 -94.51 53.48 6.90
CA SER A 4635 -95.54 52.55 7.39
C SER A 4635 -94.99 51.57 8.41
N THR A 4636 -94.11 52.05 9.29
CA THR A 4636 -93.58 51.25 10.39
C THR A 4636 -93.29 52.20 11.55
N GLY A 4637 -93.66 51.79 12.76
CA GLY A 4637 -93.65 52.69 13.90
C GLY A 4637 -92.51 52.54 14.88
N TYR A 4638 -92.03 51.31 15.09
CA TYR A 4638 -91.04 51.03 16.13
C TYR A 4638 -89.60 51.07 15.62
N MET A 4639 -89.37 51.75 14.49
CA MET A 4639 -88.00 51.87 13.97
C MET A 4639 -87.15 52.79 14.82
N GLU A 4640 -87.75 53.86 15.35
CA GLU A 4640 -87.05 54.82 16.19
C GLU A 4640 -86.89 54.40 17.65
N PRO A 4641 -87.88 53.79 18.35
CA PRO A 4641 -87.58 53.29 19.70
C PRO A 4641 -86.72 52.03 19.72
N ALA A 4642 -86.43 51.40 18.57
CA ALA A 4642 -85.52 50.26 18.56
C ALA A 4642 -84.09 50.72 18.79
N LEU A 4643 -83.71 51.87 18.21
CA LEU A 4643 -82.32 52.30 18.22
C LEU A 4643 -81.88 52.75 19.60
N TRP A 4644 -82.79 53.33 20.39
CA TRP A 4644 -82.44 53.81 21.73
C TRP A 4644 -82.17 52.68 22.71
N CYS A 4645 -82.61 51.45 22.39
CA CYS A 4645 -82.22 50.28 23.16
C CYS A 4645 -81.09 49.51 22.50
N LEU A 4646 -81.00 49.55 21.16
CA LEU A 4646 -79.91 48.87 20.46
C LEU A 4646 -78.58 49.55 20.71
N SER A 4647 -78.57 50.87 20.90
CA SER A 4647 -77.34 51.60 21.17
C SER A 4647 -76.83 51.33 22.58
N LEU A 4648 -77.75 51.30 23.56
CA LEU A 4648 -77.36 50.90 24.92
C LEU A 4648 -76.98 49.44 24.98
N LEU A 4649 -77.58 48.59 24.13
CA LEU A 4649 -77.14 47.21 23.99
C LEU A 4649 -75.70 47.14 23.49
N HIS A 4650 -75.35 47.99 22.52
CA HIS A 4650 -73.99 48.01 22.00
C HIS A 4650 -73.00 48.53 23.03
N THR A 4651 -73.40 49.53 23.82
CA THR A 4651 -72.53 50.02 24.88
C THR A 4651 -72.38 49.01 26.03
N LEU A 4652 -73.45 48.29 26.34
CA LEU A 4652 -73.37 47.26 27.39
C LEU A 4652 -72.50 46.10 26.96
N VAL A 4653 -72.63 45.64 25.71
CA VAL A 4653 -71.76 44.57 25.25
C VAL A 4653 -70.34 45.08 25.03
N ALA A 4654 -70.16 46.39 24.81
CA ALA A 4654 -68.83 46.99 24.85
C ALA A 4654 -68.22 46.89 26.25
N PHE A 4655 -69.02 47.18 27.28
CA PHE A 4655 -68.57 46.98 28.66
C PHE A 4655 -68.23 45.52 28.93
N LEU A 4656 -69.06 44.61 28.40
CA LEU A 4656 -68.85 43.17 28.58
C LEU A 4656 -67.52 42.73 28.00
N CYS A 4657 -67.19 43.16 26.77
CA CYS A 4657 -65.94 42.72 26.19
C CYS A 4657 -64.74 43.42 26.83
N ILE A 4658 -64.92 44.62 27.38
CA ILE A 4658 -63.79 45.29 28.07
C ILE A 4658 -63.42 44.55 29.35
N ILE A 4659 -64.37 44.30 30.24
CA ILE A 4659 -63.95 43.57 31.45
C ILE A 4659 -63.72 42.08 31.15
N GLY A 4660 -64.21 41.55 30.01
CA GLY A 4660 -63.78 40.23 29.59
C GLY A 4660 -62.33 40.17 29.14
N TYR A 4661 -61.86 41.22 28.44
CA TYR A 4661 -60.45 41.36 28.12
C TYR A 4661 -59.61 41.42 29.40
N ASN A 4662 -60.01 42.29 30.33
CA ASN A 4662 -59.31 42.40 31.61
C ASN A 4662 -59.57 41.22 32.55
N CYS A 4663 -60.43 40.28 32.18
CA CYS A 4663 -60.67 39.06 32.94
C CYS A 4663 -59.85 37.88 32.43
N LEU A 4664 -59.71 37.70 31.11
CA LEU A 4664 -58.93 36.57 30.61
C LEU A 4664 -57.46 36.92 30.35
N LYS A 4665 -57.17 38.01 29.62
CA LYS A 4665 -55.82 38.13 29.09
C LYS A 4665 -55.04 39.38 29.51
N VAL A 4666 -55.23 39.86 30.73
CA VAL A 4666 -54.14 40.57 31.39
C VAL A 4666 -52.97 39.68 31.84
N PRO A 4667 -53.06 38.35 32.09
CA PRO A 4667 -51.82 37.59 32.27
C PRO A 4667 -50.89 37.54 31.05
N LEU A 4668 -51.39 37.74 29.82
CA LEU A 4668 -50.48 37.81 28.68
C LEU A 4668 -49.62 39.08 28.73
N VAL A 4669 -50.22 40.22 29.09
CA VAL A 4669 -49.44 41.44 29.25
C VAL A 4669 -48.75 41.51 30.59
N ILE A 4670 -49.01 40.55 31.47
CA ILE A 4670 -48.28 40.44 32.73
C ILE A 4670 -47.00 39.62 32.57
N PHE A 4671 -47.07 38.41 31.98
CA PHE A 4671 -46.05 37.40 32.24
C PHE A 4671 -44.70 37.71 31.60
N LYS A 4672 -44.71 38.15 30.34
CA LYS A 4672 -43.47 38.20 29.56
C LYS A 4672 -42.53 39.31 30.02
N ARG A 4673 -43.05 40.43 30.54
CA ARG A 4673 -42.10 41.46 30.89
C ARG A 4673 -41.50 41.30 32.29
N GLU A 4674 -42.17 40.64 33.24
CA GLU A 4674 -41.38 40.23 34.39
C GLU A 4674 -40.55 38.97 34.13
N LYS A 4675 -40.86 38.19 33.09
CA LYS A 4675 -39.87 37.21 32.62
C LYS A 4675 -38.62 37.91 32.10
N GLU A 4676 -38.83 38.97 31.32
CA GLU A 4676 -37.75 39.82 30.80
C GLU A 4676 -37.00 40.49 31.95
N LEU A 4677 -37.73 40.89 32.99
CA LEU A 4677 -37.14 41.55 34.15
C LEU A 4677 -36.27 40.59 34.96
N ALA A 4678 -36.78 39.38 35.25
CA ALA A 4678 -35.98 38.38 35.95
C ALA A 4678 -34.81 37.91 35.11
N ARG A 4679 -34.97 37.90 33.79
CA ARG A 4679 -33.88 37.58 32.86
C ARG A 4679 -32.71 38.55 33.02
N LYS A 4680 -33.00 39.85 33.01
CA LYS A 4680 -31.91 40.81 33.21
C LYS A 4680 -31.50 40.96 34.68
N LEU A 4681 -32.32 40.54 35.65
CA LEU A 4681 -31.86 40.49 37.03
C LEU A 4681 -30.79 39.41 37.21
N GLU A 4682 -31.06 38.22 36.68
CA GLU A 4682 -30.16 37.08 36.92
C GLU A 4682 -28.95 37.12 36.00
N PHE A 4683 -29.16 37.44 34.72
CA PHE A 4683 -28.06 37.31 33.76
C PHE A 4683 -27.23 38.58 33.63
N ASP A 4684 -27.86 39.71 33.30
CA ASP A 4684 -27.11 40.91 32.98
C ASP A 4684 -26.84 41.80 34.19
N GLY A 4685 -27.82 41.98 35.07
CA GLY A 4685 -27.67 42.87 36.20
C GLY A 4685 -28.04 44.30 35.85
N LEU A 4686 -29.23 44.47 35.24
CA LEU A 4686 -29.63 45.71 34.60
C LEU A 4686 -29.81 46.87 35.56
N TYR A 4687 -30.07 46.59 36.84
CA TYR A 4687 -30.40 47.59 37.84
C TYR A 4687 -29.41 47.61 38.99
N ILE A 4688 -28.48 46.67 39.03
CA ILE A 4688 -27.46 46.60 40.06
C ILE A 4688 -26.07 46.93 39.52
N THR A 4689 -25.71 46.33 38.38
CA THR A 4689 -24.39 46.62 37.80
C THR A 4689 -24.38 47.95 37.08
N GLU A 4690 -25.51 48.34 36.48
CA GLU A 4690 -25.69 49.68 35.91
C GLU A 4690 -27.16 50.05 36.05
N GLN A 4691 -27.57 51.09 35.34
CA GLN A 4691 -28.97 51.54 35.28
C GLN A 4691 -29.14 52.40 34.04
N PRO A 4692 -30.12 52.11 33.17
CA PRO A 4692 -30.22 52.81 31.88
C PRO A 4692 -30.72 54.25 31.98
N ASP A 4696 -35.02 54.85 29.56
CA ASP A 4696 -35.99 55.04 28.49
C ASP A 4696 -37.39 55.21 29.05
N VAL A 4697 -38.39 54.67 28.34
CA VAL A 4697 -39.77 54.84 28.73
C VAL A 4697 -40.21 53.79 29.76
N LYS A 4698 -39.62 52.60 29.72
CA LYS A 4698 -40.01 51.49 30.59
C LYS A 4698 -39.02 51.21 31.70
N GLY A 4699 -37.74 51.58 31.50
CA GLY A 4699 -36.68 51.12 32.38
C GLY A 4699 -36.72 51.72 33.78
N GLN A 4700 -37.25 52.93 33.91
CA GLN A 4700 -37.35 53.53 35.24
C GLN A 4700 -38.76 53.46 35.82
N TRP A 4701 -39.76 53.11 35.02
CA TRP A 4701 -41.05 52.76 35.59
C TRP A 4701 -40.99 51.33 36.15
N ASP A 4702 -40.06 50.50 35.66
CA ASP A 4702 -39.85 49.18 36.24
C ASP A 4702 -39.12 49.19 37.59
N ARG A 4703 -38.89 50.36 38.21
CA ARG A 4703 -38.33 50.39 39.55
C ARG A 4703 -39.37 50.49 40.65
N LEU A 4704 -40.65 50.60 40.30
CA LEU A 4704 -41.74 50.55 41.28
C LEU A 4704 -42.38 49.18 41.35
N VAL A 4705 -41.57 48.12 41.19
CA VAL A 4705 -42.11 46.76 41.24
C VAL A 4705 -41.24 45.82 42.07
N LEU A 4706 -40.00 46.16 42.40
CA LEU A 4706 -39.12 45.20 43.07
C LEU A 4706 -39.36 45.17 44.58
N ASN A 4707 -39.62 46.33 45.20
CA ASN A 4707 -39.61 46.41 46.65
C ASN A 4707 -40.88 45.87 47.30
N THR A 4708 -41.94 45.66 46.53
CA THR A 4708 -43.17 45.13 47.14
C THR A 4708 -43.07 43.62 47.32
N PRO A 4709 -43.58 43.07 48.43
CA PRO A 4709 -43.46 41.62 48.65
C PRO A 4709 -44.34 40.78 47.75
N SER A 4710 -45.35 41.35 47.12
CA SER A 4710 -46.23 40.64 46.20
C SER A 4710 -45.81 40.81 44.75
N PHE A 4711 -44.50 40.99 44.50
CA PHE A 4711 -44.00 41.05 43.13
C PHE A 4711 -44.12 39.71 42.41
N PRO A 4712 -43.50 38.57 42.87
CA PRO A 4712 -43.50 37.39 42.00
C PRO A 4712 -44.73 36.52 42.15
N SER A 4713 -45.81 37.06 42.71
CA SER A 4713 -47.02 36.29 43.00
C SER A 4713 -47.75 35.81 41.74
N ASN A 4714 -47.44 36.36 40.57
CA ASN A 4714 -48.09 35.98 39.33
C ASN A 4714 -47.10 35.40 38.31
N TYR A 4715 -46.02 34.79 38.80
CA TYR A 4715 -45.04 34.10 37.98
C TYR A 4715 -44.48 32.95 38.79
N TRP A 4716 -44.02 31.91 38.07
CA TRP A 4716 -43.74 30.60 38.63
C TRP A 4716 -42.58 30.62 39.63
N ASP A 4717 -41.52 31.36 39.34
CA ASP A 4717 -40.32 31.40 40.17
C ASP A 4717 -40.42 32.61 41.09
N LYS A 4718 -40.55 32.34 42.39
CA LYS A 4718 -40.71 33.39 43.39
C LYS A 4718 -39.51 33.47 44.34
N PHE A 4719 -38.43 32.75 44.06
CA PHE A 4719 -37.16 32.92 44.76
C PHE A 4719 -36.19 33.75 43.94
N VAL A 4720 -36.71 34.71 43.17
CA VAL A 4720 -35.85 35.46 42.25
C VAL A 4720 -35.10 36.57 42.98
N LYS A 4721 -35.61 37.02 44.13
CA LYS A 4721 -34.96 38.07 44.88
C LYS A 4721 -33.78 37.59 45.71
N ARG A 4722 -33.57 36.28 45.83
CA ARG A 4722 -32.44 35.76 46.61
C ARG A 4722 -31.33 35.16 45.76
N LYS A 4723 -31.61 34.61 44.57
CA LYS A 4723 -30.49 34.16 43.75
C LYS A 4723 -29.77 35.32 43.07
N VAL A 4724 -30.36 36.51 43.02
CA VAL A 4724 -29.58 37.68 42.63
C VAL A 4724 -28.57 38.04 43.71
N LEU A 4725 -28.91 37.80 44.99
CA LEU A 4725 -27.94 37.96 46.06
C LEU A 4725 -26.92 36.83 46.07
N ASP A 4726 -27.33 35.62 45.66
CA ASP A 4726 -26.37 34.55 45.44
C ASP A 4726 -25.43 34.86 44.28
N LYS A 4727 -25.92 35.59 43.29
CA LYS A 4727 -25.18 35.99 42.09
C LYS A 4727 -24.14 37.05 42.41
N HIS A 4728 -24.59 38.18 42.96
CA HIS A 4728 -23.75 39.34 43.18
C HIS A 4728 -23.86 39.83 44.61
N GLY A 4729 -23.76 38.91 45.57
CA GLY A 4729 -23.57 39.29 46.95
C GLY A 4729 -22.11 39.35 47.34
N ASP A 4730 -21.21 39.08 46.41
CA ASP A 4730 -19.77 39.08 46.67
C ASP A 4730 -19.08 40.37 46.21
N ILE A 4731 -19.63 41.06 45.21
CA ILE A 4731 -18.95 42.23 44.67
C ILE A 4731 -19.38 43.55 45.29
N PHE A 4732 -20.62 43.65 45.77
CA PHE A 4732 -21.23 44.88 46.26
C PHE A 4732 -21.59 44.73 47.74
N GLY A 4733 -22.33 45.71 48.26
CA GLY A 4733 -22.83 45.64 49.62
C GLY A 4733 -24.17 44.92 49.67
N ARG A 4734 -24.39 44.18 50.76
CA ARG A 4734 -25.64 43.43 50.91
C ARG A 4734 -26.75 44.30 51.46
N GLU A 4735 -26.40 45.22 52.37
CA GLU A 4735 -27.40 46.03 53.06
C GLU A 4735 -28.07 47.04 52.13
N ARG A 4736 -27.38 47.43 51.07
CA ARG A 4736 -27.98 48.33 50.08
C ARG A 4736 -28.86 47.58 49.10
N ILE A 4737 -28.42 46.41 48.62
CA ILE A 4737 -29.20 45.68 47.62
C ILE A 4737 -30.40 45.01 48.27
N ALA A 4738 -30.36 44.71 49.57
CA ALA A 4738 -31.53 44.15 50.24
C ALA A 4738 -32.63 45.19 50.41
N GLU A 4739 -32.25 46.44 50.71
CA GLU A 4739 -33.23 47.51 50.78
C GLU A 4739 -33.70 47.94 49.39
N LEU A 4740 -32.84 47.78 48.38
CA LEU A 4740 -33.22 48.15 47.02
C LEU A 4740 -34.18 47.13 46.41
N LEU A 4741 -33.95 45.84 46.67
CA LEU A 4741 -34.86 44.78 46.23
C LEU A 4741 -36.04 44.58 47.18
N GLY A 4742 -36.03 45.19 48.37
CA GLY A 4742 -37.20 45.20 49.21
C GLY A 4742 -37.43 43.94 50.03
N MET A 4743 -36.37 43.32 50.54
CA MET A 4743 -36.49 42.17 51.44
C MET A 4743 -36.66 42.69 52.87
N ASP A 4744 -37.87 42.59 53.41
CA ASP A 4744 -38.11 43.01 54.78
C ASP A 4744 -37.68 41.91 55.74
N LEU A 4745 -36.65 42.20 56.55
CA LEU A 4745 -36.02 41.28 57.51
C LEU A 4745 -35.50 40.03 56.80
N ALA A 4746 -34.48 40.27 55.96
CA ALA A 4746 -33.95 39.24 55.07
C ALA A 4746 -33.22 38.14 55.83
N SER A 4747 -32.31 38.54 56.73
CA SER A 4747 -31.53 37.57 57.48
C SER A 4747 -32.36 36.85 58.54
N LEU A 4748 -33.48 37.45 58.95
CA LEU A 4748 -34.42 36.75 59.81
C LEU A 4748 -35.26 35.76 59.03
N GLU A 4749 -35.69 36.12 57.82
CA GLU A 4749 -36.53 35.21 57.04
C GLU A 4749 -35.73 34.06 56.45
N ILE A 4750 -34.43 34.26 56.18
CA ILE A 4750 -33.62 33.19 55.63
C ILE A 4750 -33.36 32.10 56.66
N THR A 4751 -33.42 32.44 57.94
CA THR A 4751 -33.36 31.45 59.01
C THR A 4751 -34.75 30.92 59.38
N ALA A 4752 -35.78 31.76 59.28
CA ALA A 4752 -37.13 31.34 59.66
C ALA A 4752 -37.73 30.36 58.66
N HIS A 4753 -37.60 30.66 57.35
CA HIS A 4753 -38.07 29.75 56.33
C HIS A 4753 -37.24 28.48 56.26
N ASN A 4754 -36.00 28.51 56.75
CA ASN A 4754 -35.19 27.30 56.78
C ASN A 4754 -35.57 26.42 57.96
N GLU A 4755 -35.81 27.02 59.13
CA GLU A 4755 -36.12 26.25 60.32
C GLU A 4755 -37.58 25.81 60.33
N ARG A 4756 -38.51 26.75 60.36
CA ARG A 4756 -39.94 26.42 60.43
C ARG A 4756 -40.77 27.38 59.59
N THR A 4766 -61.20 42.08 55.78
CA THR A 4766 -60.18 43.06 55.41
C THR A 4766 -59.25 42.50 54.34
N TRP A 4767 -59.80 42.23 53.16
CA TRP A 4767 -59.01 41.66 52.08
C TRP A 4767 -58.11 42.70 51.42
N LEU A 4768 -58.64 43.91 51.22
CA LEU A 4768 -57.87 44.98 50.59
C LEU A 4768 -56.88 45.65 51.53
N MET A 4769 -57.02 45.43 52.84
CA MET A 4769 -56.11 46.08 53.79
C MET A 4769 -54.73 45.44 53.76
N SER A 4770 -54.64 44.13 53.54
CA SER A 4770 -53.35 43.47 53.38
C SER A 4770 -52.76 43.66 51.98
N ILE A 4771 -53.52 44.23 51.06
CA ILE A 4771 -53.05 44.41 49.69
C ILE A 4771 -52.13 45.61 49.60
N ASP A 4772 -51.36 45.65 48.52
CA ASP A 4772 -50.35 46.68 48.30
C ASP A 4772 -51.02 47.92 47.70
N VAL A 4773 -50.27 49.02 47.68
CA VAL A 4773 -50.77 50.24 47.06
C VAL A 4773 -50.03 50.58 45.76
N LYS A 4774 -48.87 49.96 45.52
CA LYS A 4774 -48.00 50.38 44.43
C LYS A 4774 -47.99 49.42 43.26
N TYR A 4775 -48.05 48.11 43.52
CA TYR A 4775 -47.92 47.12 42.46
C TYR A 4775 -49.14 47.11 41.53
N GLN A 4776 -50.33 47.32 42.11
CA GLN A 4776 -51.55 47.34 41.31
C GLN A 4776 -51.62 48.58 40.42
N ILE A 4777 -51.18 49.74 40.91
CA ILE A 4777 -51.14 50.91 40.05
C ILE A 4777 -49.97 50.82 39.06
N TRP A 4778 -48.92 50.06 39.40
CA TRP A 4778 -47.81 49.84 38.47
C TRP A 4778 -48.26 48.98 37.29
N LYS A 4779 -49.02 47.92 37.55
CA LYS A 4779 -49.54 47.14 36.43
C LYS A 4779 -50.83 47.72 35.86
N PHE A 4780 -51.39 48.75 36.49
CA PHE A 4780 -52.45 49.54 35.88
C PHE A 4780 -51.89 50.52 34.87
N GLY A 4781 -50.63 50.95 35.05
CA GLY A 4781 -49.98 51.76 34.03
C GLY A 4781 -49.63 51.05 32.74
N VAL A 4782 -49.29 49.76 32.79
CA VAL A 4782 -48.78 49.07 31.61
C VAL A 4782 -49.90 48.71 30.63
N ILE A 4783 -51.13 48.47 31.12
CA ILE A 4783 -52.22 48.18 30.20
C ILE A 4783 -52.67 49.44 29.48
N PHE A 4784 -52.51 50.60 30.10
CA PHE A 4784 -52.71 51.87 29.40
C PHE A 4784 -51.54 52.20 28.49
N THR A 4785 -50.33 51.74 28.82
CA THR A 4785 -49.17 51.97 27.96
C THR A 4785 -49.24 51.16 26.68
N ASP A 4786 -49.62 49.89 26.78
CA ASP A 4786 -49.55 48.95 25.67
C ASP A 4786 -50.65 49.27 24.64
N ASN A 4787 -50.51 48.69 23.44
CA ASN A 4787 -51.28 49.13 22.29
C ASN A 4787 -52.73 48.66 22.28
N SER A 4788 -53.01 47.46 22.78
CA SER A 4788 -54.32 46.84 22.52
C SER A 4788 -55.41 47.39 23.43
N PHE A 4789 -55.12 47.53 24.72
CA PHE A 4789 -56.15 47.93 25.68
C PHE A 4789 -56.58 49.38 25.50
N LEU A 4790 -55.67 50.27 25.08
CA LEU A 4790 -56.07 51.65 24.86
C LEU A 4790 -56.92 51.78 23.59
N TYR A 4791 -56.68 50.94 22.59
CA TYR A 4791 -57.54 50.91 21.41
C TYR A 4791 -58.92 50.34 21.75
N LEU A 4792 -58.96 49.30 22.58
CA LEU A 4792 -60.25 48.75 23.00
C LEU A 4792 -61.01 49.71 23.91
N GLY A 4793 -60.31 50.53 24.67
CA GLY A 4793 -60.97 51.59 25.42
C GLY A 4793 -61.39 52.75 24.57
N TRP A 4794 -60.65 53.01 23.47
CA TRP A 4794 -61.09 53.98 22.47
C TRP A 4794 -62.36 53.51 21.78
N TYR A 4795 -62.54 52.18 21.68
CA TYR A 4795 -63.77 51.62 21.14
C TYR A 4795 -64.97 51.91 22.04
N MET A 4796 -64.77 52.11 23.34
CA MET A 4796 -65.90 52.35 24.24
C MET A 4796 -66.05 53.83 24.62
N VAL A 4797 -64.98 54.63 24.44
CA VAL A 4797 -65.06 56.06 24.74
C VAL A 4797 -65.92 56.81 23.71
N MET A 4798 -66.27 56.18 22.60
CA MET A 4798 -67.17 56.77 21.62
C MET A 4798 -68.62 56.37 21.84
N SER A 4799 -68.87 55.24 22.52
CA SER A 4799 -70.22 54.70 22.60
C SER A 4799 -71.09 55.45 23.61
N LEU A 4800 -70.54 55.76 24.79
CA LEU A 4800 -71.25 56.65 25.72
C LEU A 4800 -71.31 58.08 25.18
N LEU A 4801 -70.37 58.45 24.32
CA LEU A 4801 -70.45 59.76 23.65
C LEU A 4801 -71.45 59.72 22.51
N GLY A 4802 -71.76 58.52 22.00
CA GLY A 4802 -72.66 58.34 20.88
C GLY A 4802 -74.12 58.61 21.20
N HIS A 4803 -74.46 58.69 22.48
CA HIS A 4803 -75.80 59.05 22.89
C HIS A 4803 -76.01 60.56 22.97
N TYR A 4804 -74.93 61.35 22.89
CA TYR A 4804 -75.09 62.80 22.80
C TYR A 4804 -75.58 63.21 21.41
N ASN A 4805 -74.97 62.64 20.37
CA ASN A 4805 -75.45 62.79 18.99
C ASN A 4805 -75.26 61.44 18.32
N ASN A 4806 -76.27 61.00 17.58
CA ASN A 4806 -76.33 59.64 17.05
C ASN A 4806 -75.30 59.35 15.96
N PHE A 4807 -74.78 60.38 15.31
CA PHE A 4807 -74.01 60.20 14.09
C PHE A 4807 -72.52 59.96 14.32
N PHE A 4808 -72.05 59.98 15.56
CA PHE A 4808 -70.66 59.61 15.82
C PHE A 4808 -70.46 58.11 16.00
N PHE A 4809 -71.47 57.29 15.65
CA PHE A 4809 -71.33 55.85 15.53
C PHE A 4809 -70.68 55.43 14.21
N ALA A 4810 -70.39 56.38 13.32
CA ALA A 4810 -69.83 56.04 12.02
C ALA A 4810 -68.35 55.68 12.12
N ALA A 4811 -67.65 56.19 13.12
CA ALA A 4811 -66.24 55.85 13.34
C ALA A 4811 -66.05 54.43 13.85
N HIS A 4812 -67.15 53.76 14.25
CA HIS A 4812 -67.09 52.35 14.62
C HIS A 4812 -67.01 51.42 13.42
N LEU A 4813 -67.18 51.94 12.21
CA LEU A 4813 -67.02 51.14 11.00
C LEU A 4813 -65.58 51.10 10.50
N LEU A 4814 -64.66 51.78 11.18
CA LEU A 4814 -63.23 51.60 10.93
C LEU A 4814 -62.65 50.42 11.68
N ASP A 4815 -63.49 49.68 12.42
CA ASP A 4815 -63.07 48.45 13.07
C ASP A 4815 -62.79 47.35 12.07
N ILE A 4816 -63.40 47.41 10.88
CA ILE A 4816 -63.11 46.48 9.80
C ILE A 4816 -61.67 46.61 9.33
N ALA A 4817 -61.09 47.81 9.41
CA ALA A 4817 -59.75 48.05 8.88
C ALA A 4817 -58.67 47.40 9.72
N MET A 4818 -58.83 47.38 11.04
CA MET A 4818 -57.82 46.78 11.90
C MET A 4818 -58.22 45.39 12.39
N GLY A 4819 -59.49 45.00 12.23
CA GLY A 4819 -59.94 43.69 12.64
C GLY A 4819 -59.39 42.56 11.80
N VAL A 4820 -59.53 42.64 10.49
CA VAL A 4820 -58.94 41.65 9.60
C VAL A 4820 -57.47 42.03 9.35
N LYS A 4821 -56.63 41.02 9.16
CA LYS A 4821 -55.22 41.25 8.86
C LYS A 4821 -55.00 41.62 7.39
N THR A 4822 -55.95 41.26 6.51
CA THR A 4822 -55.81 41.56 5.09
C THR A 4822 -55.89 43.06 4.83
N LEU A 4823 -56.85 43.74 5.44
CA LEU A 4823 -56.97 45.18 5.33
C LEU A 4823 -56.27 45.96 6.44
N ARG A 4824 -55.46 45.28 7.26
CA ARG A 4824 -54.62 45.99 8.21
C ARG A 4824 -53.35 46.53 7.57
N THR A 4825 -52.85 45.83 6.53
CA THR A 4825 -51.61 46.24 5.90
C THR A 4825 -51.74 47.50 5.06
N ILE A 4826 -52.96 47.84 4.58
CA ILE A 4826 -53.14 49.07 3.82
C ILE A 4826 -52.94 50.29 4.70
N LEU A 4827 -53.58 50.30 5.87
CA LEU A 4827 -53.38 51.43 6.78
C LEU A 4827 -52.02 51.36 7.46
N SER A 4828 -51.44 50.16 7.58
CA SER A 4828 -50.11 50.04 8.14
C SER A 4828 -49.00 50.42 7.16
N SER A 4829 -49.29 50.45 5.86
CA SER A 4829 -48.28 50.80 4.86
C SER A 4829 -47.97 52.29 4.83
N VAL A 4830 -48.89 53.14 5.30
CA VAL A 4830 -48.63 54.57 5.29
C VAL A 4830 -47.57 54.94 6.32
N THR A 4831 -47.74 54.47 7.55
CA THR A 4831 -46.72 54.68 8.58
C THR A 4831 -45.53 53.75 8.45
N HIS A 4832 -45.57 52.79 7.51
CA HIS A 4832 -44.39 52.00 7.19
C HIS A 4832 -43.37 52.84 6.45
N ASN A 4833 -43.82 53.70 5.54
CA ASN A 4833 -42.93 54.66 4.89
C ASN A 4833 -43.48 56.07 5.00
N GLY A 4834 -43.83 56.47 6.21
CA GLY A 4834 -44.23 57.84 6.42
C GLY A 4834 -43.04 58.70 6.77
N LYS A 4835 -41.95 58.06 7.22
CA LYS A 4835 -40.78 58.78 7.73
C LYS A 4835 -40.10 59.59 6.63
N GLN A 4836 -40.17 59.12 5.38
CA GLN A 4836 -39.75 59.91 4.24
C GLN A 4836 -40.90 60.58 3.51
N LEU A 4837 -42.14 60.07 3.65
CA LEU A 4837 -43.23 60.65 2.88
C LEU A 4837 -43.70 61.98 3.45
N VAL A 4838 -43.65 62.16 4.78
CA VAL A 4838 -44.00 63.46 5.33
C VAL A 4838 -42.96 64.52 4.95
N MET A 4839 -41.69 64.12 4.80
CA MET A 4839 -40.72 65.12 4.39
C MET A 4839 -40.76 65.39 2.89
N THR A 4840 -41.10 64.41 2.06
CA THR A 4840 -41.25 64.77 0.65
C THR A 4840 -42.58 65.44 0.33
N VAL A 4841 -43.61 65.27 1.18
CA VAL A 4841 -44.78 66.13 0.99
C VAL A 4841 -44.50 67.50 1.60
N GLY A 4842 -43.54 67.61 2.51
CA GLY A 4842 -43.00 68.91 2.87
C GLY A 4842 -42.24 69.55 1.71
N LEU A 4843 -41.54 68.74 0.92
CA LEU A 4843 -40.96 69.23 -0.33
C LEU A 4843 -42.03 69.73 -1.28
N LEU A 4844 -43.13 68.98 -1.38
CA LEU A 4844 -44.30 69.42 -2.14
C LEU A 4844 -44.89 70.72 -1.59
N ALA A 4845 -44.82 70.93 -0.28
CA ALA A 4845 -45.31 72.15 0.33
C ALA A 4845 -44.39 73.34 0.12
N VAL A 4846 -43.08 73.13 0.05
CA VAL A 4846 -42.14 74.24 -0.11
C VAL A 4846 -41.82 74.56 -1.56
N VAL A 4847 -41.99 73.63 -2.50
CA VAL A 4847 -41.67 73.95 -3.89
C VAL A 4847 -42.73 74.89 -4.47
N VAL A 4848 -44.00 74.67 -4.13
CA VAL A 4848 -45.05 75.57 -4.62
C VAL A 4848 -45.05 76.87 -3.82
N TYR A 4849 -44.53 76.85 -2.60
CA TYR A 4849 -44.33 78.10 -1.86
C TYR A 4849 -43.18 78.91 -2.44
N LEU A 4850 -42.19 78.23 -3.02
CA LEU A 4850 -41.18 78.91 -3.83
C LEU A 4850 -41.79 79.45 -5.12
N TYR A 4851 -42.63 78.64 -5.77
CA TYR A 4851 -43.15 78.90 -7.10
C TYR A 4851 -44.28 79.93 -7.14
N THR A 4852 -44.88 80.27 -6.00
CA THR A 4852 -46.00 81.20 -6.05
C THR A 4852 -45.61 82.66 -5.79
N VAL A 4853 -44.42 82.94 -5.26
CA VAL A 4853 -44.06 84.34 -5.02
C VAL A 4853 -43.73 85.05 -6.34
N VAL A 4854 -43.30 84.30 -7.35
CA VAL A 4854 -43.02 84.93 -8.64
C VAL A 4854 -44.32 85.31 -9.34
N ALA A 4855 -45.41 84.57 -9.08
CA ALA A 4855 -46.73 84.97 -9.55
C ALA A 4855 -47.34 86.06 -8.68
N PHE A 4856 -47.01 86.07 -7.39
CA PHE A 4856 -47.50 87.12 -6.49
C PHE A 4856 -46.85 88.47 -6.79
N ASN A 4857 -45.59 88.47 -7.26
CA ASN A 4857 -44.88 89.71 -7.57
C ASN A 4857 -45.00 90.13 -9.02
N PHE A 4858 -44.76 89.22 -9.98
CA PHE A 4858 -44.63 89.60 -11.38
C PHE A 4858 -45.86 89.30 -12.23
N PHE A 4859 -46.74 88.40 -11.80
CA PHE A 4859 -47.88 88.01 -12.62
C PHE A 4859 -49.20 88.27 -11.89
N ARG A 4860 -49.36 89.49 -11.38
CA ARG A 4860 -50.54 89.93 -10.65
C ARG A 4860 -51.75 90.18 -11.54
N LYS A 4861 -51.60 90.07 -12.86
CA LYS A 4861 -52.63 90.55 -13.78
C LYS A 4861 -53.84 89.64 -13.86
N PHE A 4862 -53.64 88.33 -14.00
CA PHE A 4862 -54.67 87.43 -14.52
C PHE A 4862 -55.28 86.49 -13.49
N TYR A 4863 -54.72 86.40 -12.28
CA TYR A 4863 -55.21 85.45 -11.27
C TYR A 4863 -56.54 85.94 -10.73
N ASN A 4864 -57.61 85.61 -11.46
CA ASN A 4864 -58.95 86.09 -11.09
C ASN A 4864 -59.98 85.12 -11.65
N LYS A 4865 -60.85 84.60 -10.78
CA LYS A 4865 -61.93 83.72 -11.19
C LYS A 4865 -63.30 84.41 -11.13
N SER A 4866 -63.36 85.61 -10.57
CA SER A 4866 -64.61 86.35 -10.48
C SER A 4866 -65.03 86.85 -11.86
N GLU A 4867 -66.09 86.27 -12.41
CA GLU A 4867 -66.57 86.69 -13.73
C GLU A 4867 -67.34 88.00 -13.68
N ASP A 4868 -67.67 88.50 -12.50
CA ASP A 4868 -68.36 89.78 -12.36
C ASP A 4868 -67.35 90.92 -12.45
N GLU A 4869 -67.64 91.87 -13.33
CA GLU A 4869 -66.74 93.00 -13.56
C GLU A 4869 -66.81 94.01 -12.41
N ASP A 4870 -68.02 94.26 -11.89
CA ASP A 4870 -68.18 95.21 -10.80
C ASP A 4870 -67.73 94.64 -9.47
N GLU A 4871 -67.77 93.32 -9.32
CA GLU A 4871 -67.35 92.67 -8.08
C GLU A 4871 -66.06 91.88 -8.33
N PRO A 4872 -64.91 92.55 -8.38
CA PRO A 4872 -63.64 91.82 -8.58
C PRO A 4872 -62.97 91.46 -7.26
N ASP A 4873 -62.64 90.19 -7.08
CA ASP A 4873 -61.94 89.71 -5.89
C ASP A 4873 -60.90 88.73 -6.42
N MET A 4874 -59.71 89.23 -6.72
CA MET A 4874 -58.57 88.37 -7.00
C MET A 4874 -57.99 87.85 -5.69
N LYS A 4875 -57.32 86.71 -5.74
CA LYS A 4875 -56.74 86.11 -4.55
C LYS A 4875 -55.23 86.28 -4.46
N CYS A 4876 -54.60 86.91 -5.45
CA CYS A 4876 -53.19 87.29 -5.34
C CYS A 4876 -53.06 88.73 -4.84
N ASP A 4877 -53.65 88.95 -3.67
CA ASP A 4877 -53.43 90.18 -2.91
C ASP A 4877 -52.66 89.92 -1.62
N ASP A 4878 -52.98 88.81 -0.94
CA ASP A 4878 -52.22 88.35 0.22
C ASP A 4878 -51.69 86.96 -0.10
N MET A 4879 -50.40 86.75 0.15
CA MET A 4879 -49.79 85.51 -0.25
C MET A 4879 -50.18 84.35 0.65
N MET A 4880 -50.67 84.62 1.86
CA MET A 4880 -51.24 83.55 2.67
C MET A 4880 -52.53 83.03 2.04
N THR A 4881 -53.29 83.92 1.40
CA THR A 4881 -54.45 83.49 0.63
C THR A 4881 -54.01 82.82 -0.67
N CYS A 4882 -52.96 83.34 -1.31
CA CYS A 4882 -52.49 82.81 -2.59
C CYS A 4882 -51.90 81.40 -2.43
N TYR A 4883 -51.23 81.14 -1.31
CA TYR A 4883 -50.63 79.83 -1.09
C TYR A 4883 -51.68 78.77 -0.76
N LEU A 4884 -52.72 79.14 0.00
CA LEU A 4884 -53.84 78.24 0.22
C LEU A 4884 -54.60 77.98 -1.08
N PHE A 4885 -54.75 79.01 -1.92
CA PHE A 4885 -55.30 78.82 -3.25
C PHE A 4885 -54.46 77.88 -4.11
N HIS A 4886 -53.13 78.03 -4.04
CA HIS A 4886 -52.25 77.23 -4.89
C HIS A 4886 -52.21 75.77 -4.46
N MET A 4887 -52.14 75.50 -3.16
CA MET A 4887 -52.30 74.11 -2.77
C MET A 4887 -53.75 73.63 -2.77
N TYR A 4888 -54.72 74.51 -3.03
CA TYR A 4888 -56.08 74.02 -3.27
C TYR A 4888 -56.31 73.59 -4.71
N VAL A 4889 -55.67 74.20 -5.71
CA VAL A 4889 -55.93 73.81 -7.09
C VAL A 4889 -54.75 73.17 -7.81
N GLY A 4890 -53.50 73.47 -7.44
CA GLY A 4890 -52.36 73.05 -8.25
C GLY A 4890 -51.97 71.58 -8.11
N VAL A 4891 -51.99 71.05 -6.88
CA VAL A 4891 -51.79 69.61 -6.68
C VAL A 4891 -53.07 68.85 -6.94
N ARG A 4892 -54.17 69.56 -7.18
CA ARG A 4892 -55.53 69.07 -7.33
C ARG A 4892 -55.95 68.77 -8.75
N ALA A 4893 -55.86 69.76 -9.64
CA ALA A 4893 -56.56 69.68 -10.93
C ALA A 4893 -55.89 68.70 -11.88
N GLY A 4894 -54.57 68.54 -11.79
CA GLY A 4894 -53.88 67.61 -12.66
C GLY A 4894 -53.69 68.07 -14.09
N GLY A 4895 -53.98 69.33 -14.39
CA GLY A 4895 -53.80 69.86 -15.72
C GLY A 4895 -53.17 71.23 -15.72
N GLY A 4896 -52.29 71.47 -14.76
CA GLY A 4896 -51.59 72.74 -14.64
C GLY A 4896 -52.27 73.67 -13.64
N ILE A 4897 -51.94 74.94 -13.75
CA ILE A 4897 -52.54 75.97 -12.92
C ILE A 4897 -53.36 76.98 -13.74
N GLY A 4898 -53.08 77.14 -15.03
CA GLY A 4898 -53.70 78.17 -15.83
C GLY A 4898 -54.98 77.74 -16.50
N ASP A 4899 -55.71 76.81 -15.88
CA ASP A 4899 -57.07 76.51 -16.28
C ASP A 4899 -58.10 77.15 -15.36
N GLU A 4900 -57.73 77.46 -14.11
CA GLU A 4900 -58.53 78.35 -13.29
C GLU A 4900 -58.46 79.79 -13.80
N ILE A 4901 -57.39 80.13 -14.50
CA ILE A 4901 -57.14 81.46 -15.04
C ILE A 4901 -57.48 81.42 -16.52
N GLU A 4902 -58.12 82.49 -17.02
CA GLU A 4902 -58.54 82.56 -18.42
C GLU A 4902 -57.33 82.63 -19.37
N ASP A 4903 -57.64 82.63 -20.66
CA ASP A 4903 -56.63 82.42 -21.69
C ASP A 4903 -55.73 83.64 -21.85
N PRO A 4904 -54.41 83.45 -21.96
CA PRO A 4904 -53.48 84.59 -22.19
C PRO A 4904 -53.49 85.08 -23.63
N ALA A 4905 -54.51 85.85 -23.98
CA ALA A 4905 -54.60 86.42 -25.32
C ALA A 4905 -53.73 87.66 -25.49
N GLY A 4906 -53.29 88.27 -24.37
CA GLY A 4906 -52.49 89.47 -24.46
C GLY A 4906 -51.00 89.18 -24.62
N ASP A 4907 -50.27 90.20 -25.07
CA ASP A 4907 -48.83 90.12 -25.27
C ASP A 4907 -48.04 90.49 -24.02
N GLU A 4908 -48.70 90.78 -22.91
CA GLU A 4908 -48.01 91.14 -21.67
C GLU A 4908 -47.42 89.87 -21.05
N TYR A 4909 -46.14 89.63 -21.33
CA TYR A 4909 -45.36 88.46 -20.91
C TYR A 4909 -46.07 87.16 -21.31
N GLU A 4910 -46.28 87.01 -22.62
CA GLU A 4910 -47.04 85.87 -23.12
C GLU A 4910 -46.19 84.59 -23.12
N LEU A 4911 -44.97 84.68 -23.64
CA LEU A 4911 -44.10 83.51 -23.75
C LEU A 4911 -43.35 83.20 -22.46
N TYR A 4912 -43.56 83.98 -21.40
CA TYR A 4912 -43.03 83.64 -20.08
C TYR A 4912 -44.02 82.86 -19.24
N ARG A 4913 -45.33 83.14 -19.37
CA ARG A 4913 -46.31 82.35 -18.64
C ARG A 4913 -46.45 80.95 -19.21
N VAL A 4914 -46.14 80.76 -20.50
CA VAL A 4914 -46.14 79.40 -21.05
C VAL A 4914 -44.94 78.59 -20.61
N VAL A 4915 -43.93 79.24 -20.04
CA VAL A 4915 -42.83 78.53 -19.37
C VAL A 4915 -43.17 78.30 -17.91
N PHE A 4916 -43.80 79.31 -17.29
CA PHE A 4916 -44.28 79.24 -15.91
C PHE A 4916 -45.23 78.07 -15.69
N ASP A 4917 -46.23 77.93 -16.56
CA ASP A 4917 -47.26 76.92 -16.34
C ASP A 4917 -46.73 75.52 -16.54
N ILE A 4918 -45.85 75.32 -17.53
CA ILE A 4918 -45.34 73.98 -17.77
C ILE A 4918 -44.19 73.63 -16.82
N THR A 4919 -43.51 74.61 -16.22
CA THR A 4919 -42.56 74.24 -15.17
C THR A 4919 -43.24 74.09 -13.82
N PHE A 4920 -44.50 74.51 -13.70
CA PHE A 4920 -45.37 73.99 -12.65
C PHE A 4920 -45.83 72.57 -12.98
N PHE A 4921 -46.19 72.34 -14.24
CA PHE A 4921 -46.81 71.10 -14.69
C PHE A 4921 -45.83 69.93 -14.68
N PHE A 4922 -44.63 70.13 -15.21
CA PHE A 4922 -43.65 69.06 -15.26
C PHE A 4922 -43.16 68.68 -13.87
N PHE A 4923 -43.30 69.56 -12.89
CA PHE A 4923 -42.78 69.28 -11.56
C PHE A 4923 -43.84 68.72 -10.62
N VAL A 4924 -44.97 69.41 -10.41
CA VAL A 4924 -45.76 69.12 -9.21
C VAL A 4924 -46.86 68.10 -9.46
N ILE A 4925 -47.27 67.87 -10.71
CA ILE A 4925 -48.26 66.84 -10.97
C ILE A 4925 -47.62 65.63 -11.67
N VAL A 4926 -46.66 65.86 -12.56
CA VAL A 4926 -46.08 64.79 -13.35
C VAL A 4926 -45.16 63.92 -12.50
N ILE A 4927 -44.29 64.54 -11.72
CA ILE A 4927 -43.22 63.83 -11.03
C ILE A 4927 -43.56 63.62 -9.55
N LEU A 4928 -43.61 64.73 -8.79
CA LEU A 4928 -43.70 64.65 -7.33
C LEU A 4928 -45.05 64.14 -6.83
N LEU A 4929 -46.07 64.02 -7.68
CA LEU A 4929 -47.21 63.21 -7.28
C LEU A 4929 -46.97 61.74 -7.53
N ALA A 4930 -46.22 61.41 -8.59
CA ALA A 4930 -45.94 60.00 -8.89
C ALA A 4930 -44.99 59.39 -7.88
N ILE A 4931 -44.15 60.19 -7.21
CA ILE A 4931 -43.39 59.68 -6.07
C ILE A 4931 -44.33 59.26 -4.93
N ILE A 4932 -45.34 60.06 -4.62
CA ILE A 4932 -46.26 59.72 -3.53
C ILE A 4932 -47.14 58.54 -3.92
N GLN A 4933 -47.41 58.37 -5.21
CA GLN A 4933 -48.08 57.15 -5.69
C GLN A 4933 -47.17 55.93 -5.50
N GLY A 4934 -45.92 56.02 -5.95
CA GLY A 4934 -44.98 54.91 -5.90
C GLY A 4934 -44.61 54.46 -4.50
N LEU A 4935 -44.39 55.39 -3.57
CA LEU A 4935 -44.04 55.07 -2.20
C LEU A 4935 -45.19 54.45 -1.40
N ILE A 4936 -46.39 54.38 -1.97
CA ILE A 4936 -47.50 53.64 -1.40
C ILE A 4936 -47.68 52.29 -2.11
N ILE A 4937 -47.69 52.30 -3.45
CA ILE A 4937 -48.02 51.09 -4.19
C ILE A 4937 -46.87 50.09 -4.19
N ASP A 4938 -45.65 50.60 -4.26
CA ASP A 4938 -44.46 49.70 -4.20
C ASP A 4938 -44.46 49.04 -2.81
N ALA A 4939 -44.62 49.85 -1.77
CA ALA A 4939 -44.58 49.33 -0.40
C ALA A 4939 -45.70 48.31 -0.16
N PHE A 4940 -46.87 48.54 -0.78
CA PHE A 4940 -47.93 47.54 -0.83
C PHE A 4940 -47.42 46.24 -1.45
N GLY A 4941 -46.69 46.35 -2.57
CA GLY A 4941 -46.15 45.17 -3.21
C GLY A 4941 -45.12 44.44 -2.37
N GLU A 4942 -44.24 45.21 -1.71
CA GLU A 4942 -43.20 44.62 -0.87
C GLU A 4942 -43.79 43.89 0.32
N LEU A 4943 -44.76 44.52 1.01
CA LEU A 4943 -45.39 43.89 2.17
C LEU A 4943 -46.26 42.71 1.79
N ARG A 4944 -46.99 42.76 0.67
CA ARG A 4944 -47.81 41.60 0.34
C ARG A 4944 -46.95 40.45 -0.17
N ASP A 4945 -45.80 40.74 -0.80
CA ASP A 4945 -44.92 39.64 -1.18
C ASP A 4945 -44.23 39.01 0.03
N GLN A 4946 -43.84 39.81 1.03
CA GLN A 4946 -43.28 39.20 2.22
C GLN A 4946 -44.36 38.65 3.16
N GLN A 4947 -45.64 38.92 2.90
CA GLN A 4947 -46.72 38.23 3.60
C GLN A 4947 -46.76 36.74 3.28
N GLU A 4948 -46.31 36.36 2.08
CA GLU A 4948 -46.33 34.98 1.63
C GLU A 4948 -44.95 34.39 1.37
N GLN A 4949 -43.87 35.17 1.44
CA GLN A 4949 -42.57 34.51 1.49
C GLN A 4949 -42.32 33.86 2.84
N VAL A 4950 -43.01 34.31 3.90
CA VAL A 4950 -42.98 33.53 5.13
C VAL A 4950 -43.78 32.23 4.97
N LYS A 4951 -44.83 32.24 4.11
CA LYS A 4951 -45.51 31.00 3.76
C LYS A 4951 -44.57 30.08 2.98
N GLU A 4952 -43.76 30.66 2.10
CA GLU A 4952 -42.70 29.91 1.43
C GLU A 4952 -41.68 29.34 2.42
N ASP A 4953 -41.36 30.11 3.46
CA ASP A 4953 -40.38 29.65 4.46
C ASP A 4953 -40.93 28.49 5.29
N MET A 4954 -42.22 28.56 5.67
CA MET A 4954 -42.83 27.41 6.34
C MET A 4954 -42.98 26.23 5.39
N GLU A 4955 -43.18 26.49 4.09
CA GLU A 4955 -43.42 25.42 3.14
C GLU A 4955 -42.14 24.69 2.74
N THR A 4956 -41.00 25.37 2.78
CA THR A 4956 -39.74 24.76 2.37
C THR A 4956 -38.76 24.52 3.49
N LYS A 4957 -38.54 25.48 4.39
CA LYS A 4957 -37.55 25.30 5.45
C LYS A 4957 -38.08 24.38 6.56
N CYS A 4958 -37.37 24.38 7.70
CA CYS A 4958 -37.38 23.25 8.61
C CYS A 4958 -37.87 23.58 10.02
N PHE A 4959 -37.85 24.86 10.43
CA PHE A 4959 -38.30 25.41 11.72
C PHE A 4959 -37.41 25.04 12.90
N ILE A 4960 -36.41 24.19 12.69
CA ILE A 4960 -35.50 23.78 13.75
C ILE A 4960 -34.08 24.14 13.36
N CYS A 4961 -33.63 23.64 12.22
CA CYS A 4961 -32.26 23.72 11.74
C CYS A 4961 -32.21 24.33 10.35
N GLY A 4962 -31.04 24.27 9.71
CA GLY A 4962 -30.85 24.90 8.41
C GLY A 4962 -30.71 23.95 7.23
N ILE A 4963 -31.55 22.92 7.18
CA ILE A 4963 -31.62 22.00 6.04
C ILE A 4963 -32.90 22.26 5.27
N GLY A 4964 -32.77 22.54 3.98
CA GLY A 4964 -33.91 22.75 3.11
C GLY A 4964 -34.51 21.46 2.61
N SER A 4965 -35.65 21.59 1.95
CA SER A 4965 -36.44 20.43 1.53
C SER A 4965 -36.05 19.90 0.16
N ASP A 4966 -35.04 20.47 -0.50
CA ASP A 4966 -34.66 20.01 -1.83
C ASP A 4966 -33.97 18.65 -1.80
N TYR A 4967 -33.28 18.31 -0.72
CA TYR A 4967 -32.63 17.01 -0.62
C TYR A 4967 -33.50 15.94 0.04
N PHE A 4968 -34.73 16.28 0.43
CA PHE A 4968 -35.69 15.27 0.88
C PHE A 4968 -36.53 14.74 -0.26
N ASP A 4969 -36.13 15.00 -1.50
CA ASP A 4969 -36.93 14.63 -2.66
C ASP A 4969 -36.65 13.21 -3.13
N THR A 4970 -35.49 12.64 -2.79
CA THR A 4970 -35.18 11.27 -3.20
C THR A 4970 -36.04 10.28 -2.41
N THR A 4971 -36.20 10.49 -1.12
CA THR A 4971 -37.14 9.70 -0.33
C THR A 4971 -38.56 10.08 -0.72
N PRO A 4972 -39.41 9.13 -1.12
CA PRO A 4972 -40.78 9.49 -1.52
C PRO A 4972 -41.63 9.89 -0.32
N HIS A 4973 -42.31 11.03 -0.49
CA HIS A 4973 -43.07 11.78 0.55
C HIS A 4973 -42.34 11.82 1.90
N GLY A 4974 -41.07 12.20 1.86
CA GLY A 4974 -40.25 12.36 3.05
C GLY A 4974 -40.39 13.69 3.74
N PHE A 4975 -41.28 14.54 3.24
CA PHE A 4975 -41.55 15.84 3.83
C PHE A 4975 -42.39 15.72 5.10
N GLU A 4976 -43.50 14.98 5.03
CA GLU A 4976 -44.43 14.96 6.16
C GLU A 4976 -43.95 14.06 7.30
N THR A 4977 -43.16 13.02 7.00
CA THR A 4977 -42.63 12.18 8.07
C THR A 4977 -41.59 12.94 8.90
N HIS A 4978 -40.98 13.97 8.32
CA HIS A 4978 -40.09 14.84 9.05
C HIS A 4978 -40.78 16.07 9.63
N THR A 4979 -41.92 16.46 9.07
CA THR A 4979 -42.64 17.65 9.55
C THR A 4979 -43.58 17.36 10.71
N LEU A 4980 -44.32 16.26 10.66
CA LEU A 4980 -45.37 16.03 11.66
C LEU A 4980 -44.85 15.46 12.97
N GLU A 4981 -43.89 14.54 12.94
CA GLU A 4981 -43.51 13.81 14.15
C GLU A 4981 -42.13 14.20 14.68
N GLU A 4982 -41.10 14.16 13.84
CA GLU A 4982 -39.74 14.36 14.36
C GLU A 4982 -39.45 15.84 14.64
N HIS A 4983 -39.43 16.67 13.60
CA HIS A 4983 -39.20 18.10 13.79
C HIS A 4983 -40.56 18.80 13.83
N ASN A 4984 -41.23 18.66 14.98
CA ASN A 4984 -42.56 19.20 15.17
C ASN A 4984 -42.53 20.34 16.17
N LEU A 4985 -43.46 21.27 16.02
CA LEU A 4985 -43.50 22.46 16.87
C LEU A 4985 -44.24 22.18 18.18
N ALA A 4986 -45.22 21.27 18.15
CA ALA A 4986 -46.03 20.98 19.32
C ALA A 4986 -45.41 19.94 20.25
N ASN A 4987 -44.71 18.95 19.70
CA ASN A 4987 -44.17 17.88 20.54
C ASN A 4987 -43.00 18.37 21.40
N TYR A 4988 -42.26 19.39 20.95
CA TYR A 4988 -41.20 19.92 21.80
C TYR A 4988 -41.72 20.71 22.98
N MET A 4989 -42.81 21.46 22.81
CA MET A 4989 -43.39 22.11 23.97
C MET A 4989 -44.13 21.12 24.86
N PHE A 4990 -44.59 19.99 24.30
CA PHE A 4990 -45.05 18.89 25.14
C PHE A 4990 -43.89 18.27 25.94
N PHE A 4991 -42.71 18.17 25.33
CA PHE A 4991 -41.52 17.69 26.05
C PHE A 4991 -41.11 18.66 27.14
N LEU A 4992 -41.28 19.96 26.90
CA LEU A 4992 -41.03 20.96 27.93
C LEU A 4992 -42.10 20.90 29.02
N MET A 4993 -43.33 20.48 28.66
CA MET A 4993 -44.41 20.34 29.62
C MET A 4993 -44.15 19.20 30.59
N TYR A 4994 -43.88 18.00 30.07
CA TYR A 4994 -43.93 16.81 30.91
C TYR A 4994 -42.75 16.70 31.88
N LEU A 4995 -41.70 17.49 31.68
CA LEU A 4995 -40.57 17.55 32.60
C LEU A 4995 -40.78 18.49 33.78
N ILE A 4996 -41.92 19.14 33.90
CA ILE A 4996 -42.12 20.09 34.99
C ILE A 4996 -42.87 19.45 36.16
N ASN A 4997 -43.91 18.66 35.88
CA ASN A 4997 -44.82 18.18 36.92
C ASN A 4997 -44.14 17.13 37.81
N LYS A 4998 -43.58 16.08 37.21
CA LYS A 4998 -43.02 15.02 38.02
C LYS A 4998 -41.63 15.43 38.55
N ASP A 4999 -41.11 14.63 39.47
CA ASP A 4999 -39.89 14.97 40.18
C ASP A 4999 -38.64 14.66 39.36
N GLU A 5000 -37.54 15.35 39.70
CA GLU A 5000 -36.25 15.12 39.07
C GLU A 5000 -35.44 14.00 39.73
N THR A 5001 -36.00 13.30 40.70
CA THR A 5001 -35.49 12.01 41.11
C THR A 5001 -35.99 10.88 40.21
N GLU A 5002 -36.81 11.21 39.21
CA GLU A 5002 -37.22 10.34 38.12
C GLU A 5002 -36.43 10.53 36.83
N HIS A 5003 -35.86 11.71 36.61
CA HIS A 5003 -35.28 11.98 35.31
C HIS A 5003 -33.91 11.31 35.16
N THR A 5004 -33.58 11.04 33.90
CA THR A 5004 -32.42 10.24 33.53
C THR A 5004 -31.24 11.15 33.21
N GLY A 5005 -30.21 10.56 32.61
CA GLY A 5005 -29.04 11.34 32.22
C GLY A 5005 -29.36 12.36 31.13
N GLN A 5006 -30.03 11.92 30.07
CA GLN A 5006 -30.45 12.87 29.03
C GLN A 5006 -31.58 13.80 29.49
N GLU A 5007 -32.48 13.32 30.35
CA GLU A 5007 -33.56 14.17 30.83
C GLU A 5007 -33.06 15.24 31.81
N SER A 5008 -31.94 15.00 32.49
CA SER A 5008 -31.31 16.09 33.24
C SER A 5008 -30.35 16.91 32.38
N TYR A 5009 -29.79 16.29 31.33
CA TYR A 5009 -28.95 16.99 30.36
C TYR A 5009 -29.72 18.09 29.65
N VAL A 5010 -31.01 17.83 29.36
CA VAL A 5010 -31.81 18.81 28.64
C VAL A 5010 -32.32 19.92 29.55
N TRP A 5011 -32.26 19.75 30.88
CA TRP A 5011 -32.88 20.71 31.79
C TRP A 5011 -31.85 21.54 32.57
N LYS A 5012 -30.68 20.98 32.90
CA LYS A 5012 -29.74 21.68 33.76
C LYS A 5012 -29.04 22.85 33.08
N MET A 5013 -29.03 22.92 31.74
CA MET A 5013 -28.66 24.15 31.08
C MET A 5013 -29.86 24.86 30.45
N TYR A 5014 -31.05 24.23 30.47
CA TYR A 5014 -32.25 24.98 30.12
C TYR A 5014 -32.58 26.02 31.17
N GLN A 5015 -32.33 25.69 32.45
CA GLN A 5015 -32.64 26.66 33.51
C GLN A 5015 -31.68 27.85 33.51
N GLU A 5016 -30.42 27.64 33.12
CA GLU A 5016 -29.47 28.73 32.96
C GLU A 5016 -29.42 29.25 31.52
N ARG A 5017 -30.26 28.68 30.66
CA ARG A 5017 -30.71 29.25 29.39
C ARG A 5017 -29.55 29.46 28.41
N CYS A 5018 -28.95 28.34 27.99
CA CYS A 5018 -28.00 28.29 26.88
C CYS A 5018 -28.46 27.19 25.91
N TRP A 5019 -28.63 27.55 24.63
CA TRP A 5019 -29.34 26.65 23.70
C TRP A 5019 -28.55 26.18 22.48
N ASP A 5020 -27.33 25.69 22.65
CA ASP A 5020 -26.71 24.92 21.59
C ASP A 5020 -27.03 23.42 21.70
N PHE A 5021 -28.16 23.06 22.32
CA PHE A 5021 -28.52 21.65 22.45
C PHE A 5021 -29.35 21.15 21.27
N PHE A 5022 -29.95 22.06 20.50
CA PHE A 5022 -30.55 21.68 19.22
C PHE A 5022 -29.47 21.32 18.21
N PRO A 5023 -29.80 20.50 17.15
CA PRO A 5023 -28.76 20.05 16.21
C PRO A 5023 -28.06 21.14 15.42
N ALA A 5024 -28.85 21.94 14.70
CA ALA A 5024 -28.39 23.03 13.84
C ALA A 5024 -27.36 22.56 12.80
N GLY A 5025 -27.77 21.57 12.00
CA GLY A 5025 -26.94 21.11 10.90
C GLY A 5025 -27.00 19.63 10.55
N ASP A 5026 -27.55 18.79 11.42
CA ASP A 5026 -27.57 17.34 11.17
C ASP A 5026 -28.78 16.73 11.88
N CYS A 5027 -29.69 16.15 11.10
CA CYS A 5027 -30.83 15.42 11.67
C CYS A 5027 -31.23 14.33 10.68
N PHE A 5028 -30.79 13.09 10.98
CA PHE A 5028 -31.29 11.85 10.36
C PHE A 5028 -30.94 11.68 8.88
N ARG A 5029 -30.17 12.58 8.30
CA ARG A 5029 -29.99 12.58 6.86
C ARG A 5029 -28.58 12.79 6.34
N LYS A 5030 -27.73 13.54 7.03
CA LYS A 5030 -26.48 14.00 6.44
C LYS A 5030 -25.42 12.90 6.46
N GLN A 5031 -25.04 12.44 7.66
CA GLN A 5031 -24.02 11.41 7.80
C GLN A 5031 -24.55 10.15 8.47
N TYR A 5032 -25.87 10.07 8.69
CA TYR A 5032 -26.53 8.84 9.07
C TYR A 5032 -27.01 8.04 7.86
N GLU A 5033 -26.61 8.43 6.65
CA GLU A 5033 -27.05 7.76 5.43
C GLU A 5033 -26.18 6.56 5.08
N ASP A 5034 -24.97 6.49 5.65
CA ASP A 5034 -24.05 5.40 5.34
C ASP A 5034 -24.50 4.06 5.90
N GLN A 5035 -25.16 4.05 7.06
CA GLN A 5035 -25.71 2.82 7.63
C GLN A 5035 -27.22 2.77 7.55
N LEU A 5036 -27.83 3.41 6.55
CA LEU A 5036 -29.27 3.45 6.42
C LEU A 5036 -29.68 2.69 5.18
N SER A 5037 -30.52 1.68 5.36
CA SER A 5037 -30.98 0.84 4.26
C SER A 5037 -32.43 1.16 3.91
N GLY B 1 0.50 -22.44 130.77
CA GLY B 1 0.86 -21.60 131.91
C GLY B 1 0.91 -20.13 131.56
N VAL B 2 -0.01 -19.35 132.14
CA VAL B 2 -0.13 -17.93 131.87
C VAL B 2 0.12 -17.14 133.14
N GLU B 3 0.98 -16.12 133.04
CA GLU B 3 1.29 -15.21 134.12
C GLU B 3 0.33 -14.03 134.08
N ILE B 4 -0.23 -13.68 135.24
CA ILE B 4 -1.16 -12.57 135.38
C ILE B 4 -0.55 -11.54 136.31
N GLU B 5 -0.58 -10.28 135.89
CA GLU B 5 -0.20 -9.16 136.74
C GLU B 5 -1.29 -8.10 136.68
N THR B 6 -1.82 -7.71 137.84
CA THR B 6 -2.84 -6.68 137.88
C THR B 6 -2.23 -5.31 137.58
N ILE B 7 -3.09 -4.38 137.19
CA ILE B 7 -2.67 -3.04 136.81
C ILE B 7 -3.33 -2.03 137.75
N SER B 8 -4.65 -2.08 137.85
CA SER B 8 -5.38 -1.25 138.79
C SER B 8 -6.26 -2.12 139.67
N PRO B 9 -6.37 -1.81 140.97
CA PRO B 9 -7.18 -2.65 141.85
C PRO B 9 -8.67 -2.48 141.60
N GLY B 10 -9.38 -3.61 141.60
CA GLY B 10 -10.81 -3.60 141.35
C GLY B 10 -11.63 -3.98 142.56
N ASP B 11 -12.52 -4.97 142.40
CA ASP B 11 -13.43 -5.37 143.45
C ASP B 11 -12.89 -6.55 144.27
N GLY B 12 -12.61 -7.67 143.60
CA GLY B 12 -12.35 -8.90 144.31
C GLY B 12 -13.59 -9.62 144.80
N ARG B 13 -14.77 -9.21 144.31
CA ARG B 13 -16.06 -9.74 144.73
C ARG B 13 -16.65 -10.80 143.80
N THR B 14 -16.70 -10.55 142.49
CA THR B 14 -17.35 -11.46 141.54
C THR B 14 -16.36 -11.94 140.49
N PHE B 15 -16.07 -13.24 140.50
CA PHE B 15 -15.33 -13.81 139.38
C PHE B 15 -16.18 -14.85 138.66
N PRO B 16 -16.16 -14.89 137.33
CA PRO B 16 -17.20 -15.62 136.60
C PRO B 16 -17.00 -17.13 136.57
N LYS B 17 -18.13 -17.82 136.38
CA LYS B 17 -18.18 -19.26 136.16
C LYS B 17 -19.10 -19.53 134.97
N LYS B 18 -19.44 -20.81 134.73
CA LYS B 18 -20.26 -21.20 133.59
C LYS B 18 -21.68 -20.67 133.74
N GLY B 19 -22.20 -20.07 132.68
CA GLY B 19 -23.53 -19.49 132.69
C GLY B 19 -23.50 -18.01 133.03
N GLN B 20 -22.56 -17.28 132.44
CA GLN B 20 -22.35 -15.87 132.75
C GLN B 20 -21.82 -15.17 131.51
N THR B 21 -22.54 -14.13 131.07
CA THR B 21 -22.06 -13.23 130.04
C THR B 21 -21.15 -12.19 130.67
N CYS B 22 -20.16 -11.75 129.90
CA CYS B 22 -19.05 -10.91 130.36
C CYS B 22 -18.70 -9.89 129.29
N VAL B 23 -18.30 -8.70 129.72
CA VAL B 23 -17.78 -7.68 128.82
C VAL B 23 -16.34 -7.35 129.22
N VAL B 24 -15.44 -7.36 128.22
CA VAL B 24 -14.03 -7.07 128.43
C VAL B 24 -13.60 -6.00 127.41
N HIS B 25 -13.06 -4.89 127.90
CA HIS B 25 -12.68 -3.79 127.01
C HIS B 25 -11.18 -3.86 126.72
N TYR B 26 -10.83 -4.77 125.84
CA TYR B 26 -9.47 -5.29 125.72
C TYR B 26 -8.65 -4.53 124.69
N THR B 27 -7.33 -4.62 124.83
CA THR B 27 -6.36 -4.11 123.86
C THR B 27 -5.30 -5.18 123.65
N GLY B 28 -4.73 -5.22 122.45
CA GLY B 28 -3.76 -6.23 122.09
C GLY B 28 -2.49 -5.64 121.51
N MET B 29 -1.36 -6.25 121.86
CA MET B 29 -0.06 -5.74 121.45
C MET B 29 0.95 -6.88 121.61
N LEU B 30 1.69 -7.13 120.54
CA LEU B 30 2.57 -8.28 120.41
C LEU B 30 3.89 -8.00 121.12
N GLN B 31 4.88 -8.89 121.00
CA GLN B 31 5.98 -8.73 121.94
C GLN B 31 6.99 -7.71 121.42
N ASN B 32 7.03 -7.51 120.11
CA ASN B 32 7.92 -6.53 119.49
C ASN B 32 7.34 -5.11 119.50
N GLY B 33 6.26 -4.86 120.23
CA GLY B 33 5.76 -3.51 120.42
C GLY B 33 4.86 -2.99 119.33
N LYS B 34 4.10 -3.85 118.67
CA LYS B 34 3.22 -3.45 117.58
C LYS B 34 1.76 -3.70 117.95
N LYS B 35 0.89 -2.81 117.48
CA LYS B 35 -0.54 -2.94 117.69
C LYS B 35 -1.14 -3.91 116.68
N PHE B 36 -2.07 -4.75 117.15
CA PHE B 36 -2.84 -5.56 116.22
C PHE B 36 -4.35 -5.62 116.49
N ASP B 37 -4.80 -5.58 117.76
CA ASP B 37 -6.21 -5.68 118.12
C ASP B 37 -6.55 -4.66 119.20
N SER B 38 -7.81 -4.21 119.18
CA SER B 38 -8.37 -3.36 120.21
C SER B 38 -9.89 -3.31 120.09
N SER B 39 -10.53 -2.80 121.14
CA SER B 39 -11.91 -2.35 121.08
C SER B 39 -12.05 -0.85 121.39
N ARG B 40 -10.91 -0.16 121.59
CA ARG B 40 -10.90 1.29 121.72
C ARG B 40 -11.34 1.96 120.43
N ASP B 41 -10.96 1.36 119.30
CA ASP B 41 -11.21 1.84 117.97
C ASP B 41 -12.65 1.64 117.55
N ARG B 42 -13.38 0.81 118.29
CA ARG B 42 -14.75 0.38 118.03
C ARG B 42 -15.78 1.31 118.65
N ASN B 43 -15.50 1.80 119.86
CA ASN B 43 -16.49 2.31 120.83
C ASN B 43 -17.60 1.28 121.09
N LYS B 44 -17.23 0.00 121.08
CA LYS B 44 -18.11 -1.09 121.44
C LYS B 44 -17.39 -1.90 122.53
N PRO B 45 -18.09 -2.33 123.57
CA PRO B 45 -17.54 -3.39 124.42
C PRO B 45 -17.72 -4.75 123.79
N PHE B 46 -16.68 -5.59 123.86
CA PHE B 46 -16.80 -6.93 123.30
C PHE B 46 -17.65 -7.80 124.21
N LYS B 47 -18.66 -8.47 123.64
CA LYS B 47 -19.62 -9.26 124.38
C LYS B 47 -19.50 -10.73 124.03
N PHE B 48 -19.31 -11.57 125.04
CA PHE B 48 -19.25 -13.01 124.88
C PHE B 48 -19.61 -13.64 126.22
N ARG B 49 -19.79 -14.95 126.21
CA ARG B 49 -19.91 -15.69 127.47
C ARG B 49 -19.03 -16.93 127.48
N ILE B 50 -18.59 -17.28 128.70
CA ILE B 50 -17.53 -18.26 128.90
C ILE B 50 -18.11 -19.67 128.76
N GLY B 51 -17.29 -20.60 128.29
CA GLY B 51 -17.72 -21.97 128.13
C GLY B 51 -18.35 -22.30 126.80
N LYS B 52 -18.44 -21.34 125.89
CA LYS B 52 -18.97 -21.58 124.55
C LYS B 52 -17.88 -21.89 123.54
N GLN B 53 -16.64 -22.09 124.01
CA GLN B 53 -15.43 -22.27 123.22
C GLN B 53 -15.26 -21.13 122.22
N GLU B 54 -15.60 -19.92 122.63
CA GLU B 54 -15.54 -18.77 121.73
C GLU B 54 -14.13 -18.20 121.70
N VAL B 55 -13.60 -17.83 122.86
CA VAL B 55 -12.23 -17.34 122.95
C VAL B 55 -11.29 -18.54 122.97
N ILE B 56 -10.01 -18.29 122.70
CA ILE B 56 -9.01 -19.34 122.73
C ILE B 56 -8.73 -19.71 124.18
N LYS B 57 -8.26 -20.95 124.40
CA LYS B 57 -8.13 -21.50 125.75
C LYS B 57 -7.05 -20.82 126.59
N GLY B 58 -6.14 -20.04 125.97
CA GLY B 58 -5.26 -19.20 126.75
C GLY B 58 -5.91 -17.94 127.28
N PHE B 59 -7.10 -17.61 126.80
CA PHE B 59 -7.88 -16.49 127.31
C PHE B 59 -9.09 -16.93 128.12
N GLU B 60 -9.62 -18.13 127.85
CA GLU B 60 -10.87 -18.53 128.50
C GLU B 60 -10.66 -18.87 129.97
N GLU B 61 -9.43 -19.20 130.37
CA GLU B 61 -9.14 -19.45 131.78
C GLU B 61 -8.64 -18.21 132.49
N GLY B 62 -8.06 -17.25 131.77
CA GLY B 62 -7.68 -15.99 132.37
C GLY B 62 -8.81 -15.01 132.49
N ALA B 63 -9.88 -15.19 131.71
CA ALA B 63 -11.05 -14.33 131.81
C ALA B 63 -12.01 -14.75 132.92
N ALA B 64 -11.80 -15.92 133.53
CA ALA B 64 -12.66 -16.42 134.60
C ALA B 64 -12.08 -16.19 135.99
N GLN B 65 -10.96 -15.46 136.09
CA GLN B 65 -10.29 -15.25 137.36
C GLN B 65 -10.31 -13.80 137.82
N MET B 66 -10.88 -12.89 137.03
CA MET B 66 -10.85 -11.48 137.39
C MET B 66 -12.23 -11.00 137.84
N SER B 67 -12.31 -9.71 138.18
CA SER B 67 -13.46 -9.16 138.85
C SER B 67 -13.83 -7.81 138.25
N LEU B 68 -14.78 -7.13 138.89
CA LEU B 68 -15.20 -5.83 138.39
C LEU B 68 -14.15 -4.77 138.69
N GLY B 69 -13.98 -3.85 137.73
CA GLY B 69 -13.05 -2.75 137.87
C GLY B 69 -11.58 -3.14 137.83
N GLN B 70 -11.26 -4.33 137.32
CA GLN B 70 -9.92 -4.88 137.46
C GLN B 70 -9.22 -4.83 136.11
N ARG B 71 -8.09 -4.14 136.07
CA ARG B 71 -7.23 -4.12 134.90
C ARG B 71 -6.06 -5.07 135.14
N ALA B 72 -5.87 -6.02 134.25
CA ALA B 72 -4.84 -7.04 134.41
C ALA B 72 -3.92 -7.06 133.20
N LYS B 73 -2.85 -7.83 133.31
CA LYS B 73 -1.86 -8.00 132.24
C LYS B 73 -1.57 -9.50 132.11
N LEU B 74 -1.98 -10.08 130.99
CA LEU B 74 -1.81 -11.50 130.71
C LEU B 74 -0.87 -11.68 129.54
N THR B 75 0.19 -12.46 129.74
CA THR B 75 1.17 -12.75 128.70
C THR B 75 0.99 -14.20 128.25
N CYS B 76 0.37 -14.39 127.09
CA CYS B 76 0.06 -15.72 126.60
C CYS B 76 1.23 -16.26 125.78
N THR B 77 1.72 -17.44 126.16
CA THR B 77 2.74 -18.16 125.40
C THR B 77 2.15 -18.63 124.07
N PRO B 78 2.98 -18.87 123.05
CA PRO B 78 2.44 -19.27 121.74
C PRO B 78 1.87 -20.69 121.73
N ASP B 79 2.15 -21.50 122.75
CA ASP B 79 1.62 -22.86 122.81
C ASP B 79 0.14 -22.88 123.14
N VAL B 80 -0.42 -21.81 123.71
CA VAL B 80 -1.81 -21.78 124.14
C VAL B 80 -2.70 -20.97 123.20
N ALA B 81 -2.15 -20.39 122.14
CA ALA B 81 -2.96 -19.59 121.21
C ALA B 81 -2.30 -19.66 119.84
N TYR B 82 -2.84 -20.53 118.97
CA TYR B 82 -2.43 -20.70 117.57
C TYR B 82 -0.94 -21.05 117.45
N GLY B 83 -0.64 -22.26 117.89
CA GLY B 83 0.73 -22.77 117.89
C GLY B 83 1.33 -23.01 116.51
N ALA B 84 0.60 -23.75 115.66
CA ALA B 84 1.21 -24.24 114.41
C ALA B 84 1.37 -23.12 113.39
N THR B 85 0.27 -22.70 112.75
CA THR B 85 0.32 -21.60 111.78
C THR B 85 -0.48 -20.40 112.23
N GLY B 86 -1.74 -20.61 112.60
CA GLY B 86 -2.57 -19.53 113.07
C GLY B 86 -3.38 -18.86 111.98
N HIS B 87 -3.95 -17.72 112.36
CA HIS B 87 -4.77 -16.93 111.46
C HIS B 87 -3.89 -16.25 110.42
N PRO B 88 -4.16 -16.44 109.13
CA PRO B 88 -3.31 -15.82 108.09
C PRO B 88 -3.57 -14.33 107.97
N GLY B 89 -2.50 -13.54 108.08
CA GLY B 89 -2.58 -12.10 107.98
C GLY B 89 -2.67 -11.39 109.32
N VAL B 90 -2.75 -12.11 110.41
CA VAL B 90 -2.90 -11.51 111.73
C VAL B 90 -1.64 -11.70 112.58
N ILE B 91 -1.31 -12.95 112.91
CA ILE B 91 -0.23 -13.28 113.83
C ILE B 91 0.75 -14.18 113.09
N PRO B 92 2.06 -13.88 113.10
CA PRO B 92 3.03 -14.83 112.57
C PRO B 92 3.11 -16.06 113.46
N PRO B 93 3.54 -17.20 112.91
CA PRO B 93 3.49 -18.45 113.68
C PRO B 93 4.51 -18.47 114.82
N ASN B 94 4.02 -18.91 115.99
CA ASN B 94 4.78 -18.97 117.25
C ASN B 94 5.34 -17.61 117.64
N ALA B 95 4.43 -16.68 117.91
CA ALA B 95 4.75 -15.39 118.51
C ALA B 95 3.86 -15.18 119.72
N THR B 96 4.46 -14.66 120.81
CA THR B 96 3.72 -14.46 122.05
C THR B 96 2.78 -13.27 121.94
N LEU B 97 1.65 -13.36 122.63
CA LEU B 97 0.63 -12.33 122.61
C LEU B 97 0.38 -11.80 124.01
N ILE B 98 0.31 -10.48 124.14
CA ILE B 98 0.22 -9.81 125.42
C ILE B 98 -1.03 -8.93 125.39
N PHE B 99 -1.96 -9.18 126.30
CA PHE B 99 -3.22 -8.43 126.36
C PHE B 99 -3.30 -7.73 127.71
N ASP B 100 -3.65 -6.44 127.70
CA ASP B 100 -4.00 -5.71 128.91
C ASP B 100 -5.52 -5.47 128.94
N VAL B 101 -6.21 -6.19 129.82
CA VAL B 101 -7.65 -6.35 129.80
C VAL B 101 -8.30 -5.45 130.84
N GLU B 102 -9.59 -5.20 130.65
CA GLU B 102 -10.41 -4.50 131.65
C GLU B 102 -11.85 -4.98 131.54
N LEU B 103 -12.39 -5.45 132.65
CA LEU B 103 -13.77 -5.91 132.73
C LEU B 103 -14.69 -4.74 133.09
N LEU B 104 -15.74 -4.52 132.28
CA LEU B 104 -16.52 -3.29 132.39
C LEU B 104 -17.70 -3.41 133.37
N ASN B 105 -18.54 -4.43 133.17
CA ASN B 105 -19.83 -4.51 133.82
C ASN B 105 -20.19 -6.00 133.82
N LEU B 106 -21.36 -6.35 134.37
CA LEU B 106 -22.03 -7.63 134.13
C LEU B 106 -21.25 -8.83 134.67
N GLU B 107 -20.90 -8.78 135.96
CA GLU B 107 -20.20 -9.84 136.70
C GLU B 107 -18.86 -10.21 136.06
N GLN C 12 -15.47 -24.28 22.41
CA GLN C 12 -15.20 -23.35 23.50
C GLN C 12 -16.13 -23.61 24.67
N PHE C 13 -17.44 -23.58 24.39
CA PHE C 13 -18.45 -23.77 25.40
C PHE C 13 -19.48 -24.77 24.89
N LEU C 14 -20.21 -25.37 25.83
CA LEU C 14 -21.17 -26.41 25.52
C LEU C 14 -22.54 -25.81 25.18
N ARG C 15 -23.22 -26.48 24.26
CA ARG C 15 -24.61 -26.21 23.92
C ARG C 15 -25.25 -27.58 23.70
N THR C 16 -26.50 -27.62 23.25
CA THR C 16 -27.28 -28.83 23.04
C THR C 16 -26.80 -29.52 21.77
N ASP C 17 -26.99 -30.84 21.70
CA ASP C 17 -26.73 -31.67 20.50
C ASP C 17 -25.25 -31.64 20.10
N ASP C 18 -24.41 -32.02 21.06
CA ASP C 18 -23.00 -32.29 20.81
C ASP C 18 -22.73 -33.77 21.03
N GLU C 19 -22.05 -34.41 20.08
CA GLU C 19 -21.63 -35.79 20.24
C GLU C 19 -20.47 -35.83 21.22
N VAL C 20 -20.74 -36.22 22.46
CA VAL C 20 -19.74 -36.20 23.51
C VAL C 20 -19.29 -37.63 23.80
N VAL C 21 -18.26 -37.75 24.63
CA VAL C 21 -17.83 -39.04 25.17
C VAL C 21 -17.32 -38.82 26.60
N LEU C 22 -17.86 -39.58 27.54
CA LEU C 22 -17.59 -39.37 28.96
C LEU C 22 -16.27 -40.02 29.34
N GLN C 23 -15.31 -39.20 29.75
CA GLN C 23 -13.99 -39.66 30.18
C GLN C 23 -13.88 -39.64 31.69
N CYS C 24 -13.13 -40.60 32.23
CA CYS C 24 -12.62 -40.55 33.58
C CYS C 24 -11.17 -41.01 33.54
N SER C 25 -10.41 -40.65 34.56
CA SER C 25 -9.01 -41.04 34.65
C SER C 25 -8.73 -41.70 35.99
N ALA C 26 -8.17 -42.90 35.95
CA ALA C 26 -7.80 -43.63 37.15
C ALA C 26 -6.29 -43.58 37.37
N GLU C 31 0.53 -45.53 36.50
CA GLU C 31 0.11 -45.19 35.14
C GLU C 31 -1.27 -44.54 35.17
N GLN C 32 -1.38 -43.39 34.50
CA GLN C 32 -2.66 -42.73 34.34
C GLN C 32 -3.45 -43.43 33.24
N LEU C 33 -4.56 -44.05 33.62
CA LEU C 33 -5.40 -44.80 32.69
C LEU C 33 -6.54 -43.92 32.23
N LYS C 34 -6.69 -43.77 30.92
CA LYS C 34 -7.79 -43.02 30.33
C LYS C 34 -8.92 -43.99 29.98
N LEU C 35 -10.10 -43.77 30.56
CA LEU C 35 -11.21 -44.71 30.42
C LEU C 35 -12.44 -43.96 29.93
N CYS C 36 -13.12 -44.54 28.94
CA CYS C 36 -14.39 -44.04 28.45
C CYS C 36 -15.48 -45.09 28.59
N LEU C 37 -16.71 -44.63 28.76
CA LEU C 37 -17.86 -45.53 28.92
C LEU C 37 -18.43 -45.85 27.55
N ALA C 38 -18.53 -47.14 27.24
CA ALA C 38 -18.94 -47.62 25.93
C ALA C 38 -20.37 -48.12 25.95
N ALA C 39 -20.87 -48.50 24.78
CA ALA C 39 -22.21 -49.08 24.69
C ALA C 39 -22.23 -50.13 23.60
N GLU C 40 -22.72 -51.33 23.95
CA GLU C 40 -22.81 -52.40 22.96
C GLU C 40 -24.06 -52.27 22.10
N GLY C 41 -25.24 -52.35 22.73
CA GLY C 41 -26.48 -52.25 22.00
C GLY C 41 -26.93 -53.55 21.38
N PHE C 42 -28.24 -53.81 21.43
CA PHE C 42 -28.89 -55.03 20.92
C PHE C 42 -28.27 -56.29 21.54
N GLY C 43 -28.41 -56.38 22.86
CA GLY C 43 -27.90 -57.48 23.64
C GLY C 43 -26.79 -57.04 24.58
N ASN C 44 -26.74 -57.66 25.76
CA ASN C 44 -25.80 -57.34 26.84
C ASN C 44 -25.92 -55.87 27.26
N ARG C 45 -27.09 -55.59 27.85
CA ARG C 45 -27.58 -54.23 28.05
C ARG C 45 -26.74 -53.43 29.05
N LEU C 46 -26.20 -54.08 30.09
CA LEU C 46 -25.34 -53.39 31.04
C LEU C 46 -24.01 -53.05 30.38
N CYS C 47 -23.69 -51.76 30.33
CA CYS C 47 -22.66 -51.25 29.46
C CYS C 47 -21.33 -51.12 30.19
N PHE C 48 -20.27 -51.65 29.56
CA PHE C 48 -18.95 -51.72 30.17
C PHE C 48 -17.99 -50.79 29.41
N LEU C 49 -16.79 -50.64 29.96
CA LEU C 49 -15.86 -49.63 29.50
C LEU C 49 -14.84 -50.20 28.51
N GLU C 50 -14.07 -49.29 27.91
CA GLU C 50 -12.98 -49.60 26.99
C GLU C 50 -11.87 -48.56 27.19
N PRO C 51 -10.62 -48.98 27.27
CA PRO C 51 -9.53 -48.03 27.54
C PRO C 51 -9.12 -47.27 26.28
N THR C 52 -8.62 -46.04 26.47
CA THR C 52 -8.16 -45.22 25.36
C THR C 52 -6.84 -44.51 25.67
N SER C 53 -6.12 -44.95 26.69
CA SER C 53 -4.79 -44.41 26.96
C SER C 53 -3.70 -45.09 26.17
N ASN C 54 -3.99 -46.28 25.63
CA ASN C 54 -3.02 -47.11 24.93
C ASN C 54 -3.28 -47.13 23.42
N ALA C 55 -3.62 -45.97 22.86
CA ALA C 55 -3.94 -45.85 21.44
C ALA C 55 -2.75 -46.05 20.51
N GLN C 56 -1.51 -46.14 21.03
CA GLN C 56 -0.37 -46.48 20.20
C GLN C 56 -0.26 -47.97 19.92
N ASN C 57 -1.04 -48.82 20.59
CA ASN C 57 -1.03 -50.25 20.29
C ASN C 57 -2.40 -50.84 20.00
N VAL C 58 -3.47 -50.04 20.04
CA VAL C 58 -4.79 -50.54 19.67
C VAL C 58 -5.60 -49.42 19.02
N PRO C 59 -6.27 -49.69 17.91
CA PRO C 59 -7.26 -48.75 17.41
C PRO C 59 -8.55 -48.89 18.19
N PRO C 60 -9.04 -47.82 18.81
CA PRO C 60 -10.23 -47.93 19.65
C PRO C 60 -11.50 -47.87 18.81
N ASP C 61 -12.65 -48.07 19.44
CA ASP C 61 -13.94 -47.96 18.77
C ASP C 61 -14.65 -46.77 19.39
N LEU C 62 -15.00 -45.78 18.56
CA LEU C 62 -15.63 -44.57 19.06
C LEU C 62 -17.12 -44.52 18.72
N ALA C 63 -17.55 -45.26 17.68
CA ALA C 63 -18.96 -45.38 17.35
C ALA C 63 -19.75 -46.14 18.40
N ILE C 64 -19.07 -46.87 19.29
CA ILE C 64 -19.71 -47.48 20.44
C ILE C 64 -19.90 -46.52 21.60
N CYS C 65 -19.29 -45.32 21.54
CA CYS C 65 -19.41 -44.35 22.63
C CYS C 65 -19.66 -42.93 22.14
N CYS C 66 -20.20 -42.74 20.93
CA CYS C 66 -20.78 -41.44 20.60
C CYS C 66 -22.04 -41.23 21.43
N PHE C 67 -21.97 -40.29 22.39
CA PHE C 67 -23.11 -39.96 23.24
C PHE C 67 -23.55 -38.54 22.94
N THR C 68 -24.86 -38.31 22.88
CA THR C 68 -25.40 -37.01 22.53
C THR C 68 -26.64 -36.72 23.37
N LEU C 69 -26.75 -35.49 23.88
CA LEU C 69 -27.93 -35.06 24.63
C LEU C 69 -28.70 -34.00 23.82
N GLU C 70 -30.03 -34.07 23.89
CA GLU C 70 -30.89 -33.16 23.13
C GLU C 70 -31.85 -32.37 23.98
N GLN C 71 -32.08 -32.76 25.24
CA GLN C 71 -32.99 -32.06 26.12
C GLN C 71 -32.26 -31.74 27.42
N SER C 72 -32.26 -30.46 27.78
CA SER C 72 -31.68 -30.01 29.04
C SER C 72 -32.72 -29.12 29.71
N LEU C 73 -33.58 -29.71 30.51
CA LEU C 73 -34.58 -28.95 31.23
C LEU C 73 -34.02 -28.54 32.57
N SER C 74 -34.86 -27.97 33.43
CA SER C 74 -34.40 -27.33 34.67
C SER C 74 -34.04 -28.35 35.75
N VAL C 75 -34.01 -27.92 37.01
CA VAL C 75 -33.60 -28.79 38.12
C VAL C 75 -34.52 -30.01 38.22
N ARG C 76 -35.81 -29.77 38.39
CA ARG C 76 -36.81 -30.80 38.17
C ARG C 76 -37.97 -30.23 37.35
N ALA C 77 -37.70 -29.76 36.12
CA ALA C 77 -38.76 -29.13 35.33
C ALA C 77 -39.83 -30.10 34.86
N LEU C 78 -39.57 -31.40 34.91
CA LEU C 78 -40.61 -32.38 34.59
C LEU C 78 -41.37 -32.84 35.85
N GLN C 79 -41.34 -32.03 36.94
CA GLN C 79 -42.37 -32.08 37.98
C GLN C 79 -43.77 -32.09 37.38
N GLU C 80 -43.98 -31.25 36.37
CA GLU C 80 -45.31 -31.04 35.81
C GLU C 80 -45.62 -32.12 34.80
N MET C 81 -44.62 -32.55 34.05
CA MET C 81 -44.83 -33.47 32.93
C MET C 81 -44.87 -34.93 33.40
N LEU C 82 -44.35 -35.24 34.59
CA LEU C 82 -44.58 -36.58 35.13
C LEU C 82 -46.05 -36.78 35.51
N ALA C 83 -46.73 -35.70 35.91
CA ALA C 83 -48.16 -35.78 36.21
C ALA C 83 -49.02 -35.49 34.99
N ASN C 84 -48.50 -34.79 33.99
CA ASN C 84 -49.26 -34.44 32.80
C ASN C 84 -49.43 -35.65 31.89
N GLY C 97 -34.65 -23.45 19.54
CA GLY C 97 -33.84 -24.48 18.91
C GLY C 97 -33.04 -25.31 19.89
N HIS C 98 -31.75 -25.06 19.97
CA HIS C 98 -30.85 -25.78 20.88
C HIS C 98 -30.56 -24.90 22.09
N ARG C 99 -30.97 -25.37 23.27
CA ARG C 99 -30.97 -24.56 24.48
C ARG C 99 -29.61 -24.62 25.18
N THR C 100 -29.33 -23.57 25.96
CA THR C 100 -28.10 -23.47 26.73
C THR C 100 -28.30 -24.17 28.07
N LEU C 101 -27.50 -25.20 28.32
CA LEU C 101 -27.51 -25.93 29.57
C LEU C 101 -26.55 -25.31 30.58
N LEU C 102 -26.78 -25.60 31.86
CA LEU C 102 -26.05 -25.01 32.96
C LEU C 102 -25.53 -26.11 33.86
N TYR C 103 -24.76 -25.71 34.87
CA TYR C 103 -24.57 -26.57 36.02
C TYR C 103 -25.83 -26.53 36.89
N GLY C 104 -26.34 -27.70 37.23
CA GLY C 104 -27.60 -27.83 37.93
C GLY C 104 -28.72 -28.41 37.09
N HIS C 105 -28.59 -28.40 35.76
CA HIS C 105 -29.69 -28.84 34.91
C HIS C 105 -29.53 -30.32 34.56
N ALA C 106 -30.60 -30.89 34.01
CA ALA C 106 -30.73 -32.33 33.82
C ALA C 106 -30.26 -32.76 32.42
N ILE C 107 -29.87 -34.02 32.32
CA ILE C 107 -29.37 -34.62 31.08
C ILE C 107 -30.28 -35.78 30.68
N LEU C 108 -30.72 -35.78 29.42
CA LEU C 108 -31.30 -36.96 28.77
C LEU C 108 -30.37 -37.39 27.65
N LEU C 109 -29.80 -38.59 27.77
CA LEU C 109 -28.76 -39.07 26.88
C LEU C 109 -29.32 -39.97 25.79
N ARG C 110 -28.56 -40.09 24.70
CA ARG C 110 -28.93 -40.78 23.47
C ARG C 110 -27.66 -41.38 22.88
N HIS C 111 -27.75 -42.61 22.39
CA HIS C 111 -26.61 -43.14 21.63
C HIS C 111 -26.78 -42.85 20.15
N ALA C 112 -25.70 -43.02 19.41
CA ALA C 112 -25.69 -42.86 17.95
C ALA C 112 -25.85 -44.20 17.24
N HIS C 113 -25.44 -45.28 17.88
CA HIS C 113 -25.68 -46.62 17.35
C HIS C 113 -27.09 -47.10 17.64
N SER C 114 -27.47 -47.15 18.93
CA SER C 114 -28.73 -47.77 19.32
C SER C 114 -29.93 -46.85 19.17
N ARG C 115 -29.72 -45.53 19.19
CA ARG C 115 -30.78 -44.49 19.19
C ARG C 115 -31.72 -44.69 20.38
N MET C 116 -31.14 -45.03 21.53
CA MET C 116 -31.83 -45.39 22.75
C MET C 116 -31.42 -44.45 23.87
N TYR C 117 -32.19 -44.45 24.96
CA TYR C 117 -31.95 -43.56 26.09
C TYR C 117 -31.22 -44.29 27.21
N LEU C 118 -30.33 -43.57 27.89
CA LEU C 118 -29.51 -44.12 28.97
C LEU C 118 -30.25 -43.98 30.30
N SER C 119 -30.41 -45.09 31.00
CA SER C 119 -31.11 -45.13 32.28
C SER C 119 -30.40 -46.07 33.26
N CYS C 120 -31.06 -46.39 34.38
CA CYS C 120 -30.58 -47.37 35.34
C CYS C 120 -31.69 -48.36 35.68
N LEU C 121 -31.33 -49.64 35.77
CA LEU C 121 -32.25 -50.68 36.19
C LEU C 121 -31.98 -51.09 37.63
N THR C 122 -33.06 -51.38 38.36
CA THR C 122 -33.00 -51.55 39.81
C THR C 122 -32.52 -52.93 40.25
N THR C 123 -32.42 -53.90 39.34
CA THR C 123 -31.92 -55.23 39.69
C THR C 123 -30.42 -55.27 39.45
N SER C 124 -29.65 -55.40 40.53
CA SER C 124 -28.20 -55.24 40.47
C SER C 124 -27.51 -56.53 40.08
N ARG C 125 -26.38 -56.40 39.39
CA ARG C 125 -25.55 -57.53 38.99
C ARG C 125 -24.25 -57.61 39.80
N SER C 126 -24.19 -56.96 40.96
CA SER C 126 -22.97 -56.97 41.77
C SER C 126 -22.91 -58.20 42.67
N MET C 127 -24.06 -58.62 43.22
CA MET C 127 -24.21 -59.74 44.15
C MET C 127 -23.30 -59.59 45.37
N THR C 128 -23.28 -58.39 45.94
CA THR C 128 -22.42 -58.13 47.10
C THR C 128 -23.12 -57.34 48.19
N ASP C 129 -24.41 -56.98 48.01
CA ASP C 129 -25.25 -56.30 49.00
C ASP C 129 -24.67 -54.94 49.43
N LYS C 130 -24.01 -54.24 48.52
CA LYS C 130 -23.46 -52.93 48.81
C LYS C 130 -24.28 -51.80 48.21
N LEU C 131 -25.51 -52.11 47.76
CA LEU C 131 -26.43 -51.19 47.09
C LEU C 131 -25.78 -50.54 45.86
N ALA C 132 -25.16 -51.38 45.03
CA ALA C 132 -24.47 -50.93 43.83
C ALA C 132 -25.32 -51.34 42.63
N PHE C 133 -26.10 -50.40 42.12
CA PHE C 133 -26.93 -50.66 40.95
C PHE C 133 -26.11 -50.41 39.69
N ASP C 134 -26.52 -51.05 38.60
CA ASP C 134 -25.84 -50.93 37.32
C ASP C 134 -26.78 -50.34 36.28
N VAL C 135 -26.21 -49.66 35.30
CA VAL C 135 -26.97 -48.88 34.35
C VAL C 135 -27.15 -49.66 33.05
N GLY C 136 -28.06 -49.19 32.21
CA GLY C 136 -28.25 -49.77 30.90
C GLY C 136 -29.01 -48.79 30.03
N LEU C 137 -29.64 -49.31 28.98
CA LEU C 137 -30.43 -48.48 28.09
C LEU C 137 -31.84 -49.03 27.98
N GLN C 138 -32.83 -48.13 27.92
CA GLN C 138 -34.24 -48.48 28.02
C GLN C 138 -34.97 -48.07 26.76
N GLU C 139 -35.81 -48.99 26.25
CA GLU C 139 -36.58 -48.70 25.04
C GLU C 139 -37.71 -47.73 25.32
N ASP C 140 -38.22 -47.70 26.55
CA ASP C 140 -39.28 -46.79 26.93
C ASP C 140 -38.77 -45.35 27.01
N ALA C 141 -39.69 -44.42 26.77
CA ALA C 141 -39.38 -42.99 26.79
C ALA C 141 -39.87 -42.31 28.07
N THR C 142 -40.16 -43.10 29.09
CA THR C 142 -40.65 -42.54 30.35
C THR C 142 -39.52 -41.89 31.12
N GLY C 143 -39.74 -40.65 31.55
CA GLY C 143 -38.72 -39.91 32.27
C GLY C 143 -38.74 -40.14 33.78
N GLU C 144 -38.87 -41.40 34.19
CA GLU C 144 -38.79 -41.73 35.61
C GLU C 144 -37.34 -41.82 36.07
N ALA C 145 -36.58 -42.77 35.50
CA ALA C 145 -35.19 -42.99 35.88
C ALA C 145 -34.23 -42.83 34.69
N CYS C 146 -34.62 -42.04 33.69
CA CYS C 146 -33.74 -41.72 32.57
C CYS C 146 -33.16 -40.31 32.67
N TRP C 147 -33.57 -39.54 33.68
CA TRP C 147 -33.13 -38.17 33.87
C TRP C 147 -32.00 -38.12 34.89
N TRP C 148 -30.88 -37.50 34.50
CA TRP C 148 -29.69 -37.47 35.35
C TRP C 148 -29.22 -36.02 35.43
N THR C 149 -29.38 -35.39 36.59
CA THR C 149 -29.03 -33.98 36.73
C THR C 149 -27.53 -33.82 37.01
N MET C 150 -27.05 -32.59 36.86
CA MET C 150 -25.64 -32.25 36.82
C MET C 150 -25.25 -31.43 38.06
N HIS C 151 -24.07 -31.73 38.60
CA HIS C 151 -23.54 -31.00 39.76
C HIS C 151 -22.04 -30.80 39.63
N PRO C 152 -21.51 -29.65 40.04
CA PRO C 152 -20.07 -29.41 39.97
C PRO C 152 -19.34 -30.13 41.11
N ALA C 153 -18.01 -30.05 41.07
CA ALA C 153 -17.17 -30.80 42.02
C ALA C 153 -16.72 -29.91 43.16
N SER C 154 -16.18 -28.73 42.86
CA SER C 154 -15.60 -27.85 43.84
C SER C 154 -16.40 -26.56 43.95
N LYS C 155 -15.91 -25.65 44.81
CA LYS C 155 -16.49 -24.33 44.99
C LYS C 155 -15.95 -23.32 43.97
N GLN C 156 -15.18 -23.77 42.99
CA GLN C 156 -14.71 -22.89 41.94
C GLN C 156 -15.85 -22.49 41.01
N ARG C 157 -16.77 -23.42 40.73
CA ARG C 157 -17.97 -23.13 39.98
C ARG C 157 -19.17 -23.37 40.89
N SER C 158 -20.22 -22.59 40.69
CA SER C 158 -21.42 -22.74 41.52
C SER C 158 -22.64 -22.99 40.64
N GLU C 159 -23.83 -22.83 41.21
CA GLU C 159 -25.07 -23.14 40.51
C GLU C 159 -25.32 -22.12 39.40
N GLY C 160 -25.57 -22.63 38.20
CA GLY C 160 -25.80 -21.79 37.05
C GLY C 160 -24.58 -21.43 36.23
N GLU C 161 -23.44 -22.05 36.48
CA GLU C 161 -22.19 -21.61 35.88
C GLU C 161 -22.10 -22.11 34.44
N LYS C 162 -21.00 -21.79 33.78
CA LYS C 162 -20.84 -22.01 32.34
C LYS C 162 -20.16 -23.36 32.12
N VAL C 163 -20.88 -24.27 31.46
CA VAL C 163 -20.35 -25.58 31.12
C VAL C 163 -19.41 -25.48 29.93
N ARG C 164 -18.36 -26.30 29.93
CA ARG C 164 -17.29 -26.18 28.95
C ARG C 164 -16.60 -27.53 28.77
N VAL C 165 -15.54 -27.53 27.97
CA VAL C 165 -14.72 -28.71 27.73
C VAL C 165 -13.62 -28.80 28.79
N GLY C 166 -13.34 -30.02 29.23
CA GLY C 166 -12.26 -30.23 30.19
C GLY C 166 -12.59 -29.83 31.62
N ASP C 167 -13.86 -29.88 32.01
CA ASP C 167 -14.27 -29.50 33.35
C ASP C 167 -14.35 -30.72 34.26
N ASP C 168 -14.71 -30.46 35.51
CA ASP C 168 -14.98 -31.50 36.49
C ASP C 168 -16.47 -31.78 36.56
N LEU C 169 -16.84 -33.06 36.53
CA LEU C 169 -18.23 -33.45 36.42
C LEU C 169 -18.63 -34.45 37.49
N ILE C 170 -19.78 -34.20 38.09
CA ILE C 170 -20.47 -35.13 38.99
C ILE C 170 -21.92 -35.23 38.52
N LEU C 171 -22.36 -36.44 38.20
CA LEU C 171 -23.66 -36.69 37.60
C LEU C 171 -24.47 -37.63 38.48
N VAL C 172 -25.71 -37.23 38.78
CA VAL C 172 -26.57 -37.95 39.72
C VAL C 172 -27.98 -37.94 39.15
N SER C 173 -28.79 -38.93 39.55
CA SER C 173 -30.09 -39.18 38.94
C SER C 173 -31.20 -38.43 39.68
N VAL C 174 -32.45 -38.76 39.35
CA VAL C 174 -33.64 -38.10 39.92
C VAL C 174 -34.41 -39.05 40.83
N SER C 175 -34.92 -40.15 40.28
CA SER C 175 -35.67 -41.15 41.04
C SER C 175 -34.78 -42.13 41.78
N SER C 176 -33.51 -42.23 41.41
CA SER C 176 -32.56 -43.11 42.09
C SER C 176 -31.44 -42.36 42.78
N GLU C 177 -30.80 -41.41 42.09
CA GLU C 177 -29.78 -40.50 42.65
C GLU C 177 -28.59 -41.24 43.24
N ARG C 178 -27.94 -42.07 42.42
CA ARG C 178 -26.63 -42.62 42.71
C ARG C 178 -25.64 -42.20 41.63
N TYR C 179 -24.36 -42.20 42.00
CA TYR C 179 -23.30 -41.62 41.21
C TYR C 179 -22.59 -42.69 40.38
N LEU C 180 -22.25 -42.36 39.14
CA LEU C 180 -21.48 -43.27 38.30
C LEU C 180 -20.05 -43.34 38.82
N HIS C 181 -19.63 -44.53 39.24
CA HIS C 181 -18.28 -44.71 39.75
C HIS C 181 -17.65 -45.93 39.09
N LEU C 182 -16.43 -46.22 39.49
CA LEU C 182 -15.65 -47.31 38.94
C LEU C 182 -15.58 -48.45 39.94
N SER C 183 -15.34 -49.67 39.42
CA SER C 183 -15.36 -50.88 40.24
C SER C 183 -13.99 -51.08 40.91
N THR C 184 -14.01 -51.22 42.23
CA THR C 184 -12.80 -51.50 43.01
C THR C 184 -12.94 -52.76 43.85
N ALA C 185 -13.98 -53.56 43.63
CA ALA C 185 -14.22 -54.73 44.46
C ALA C 185 -13.54 -55.98 43.90
N SER C 186 -13.89 -56.36 42.67
CA SER C 186 -13.42 -57.63 42.12
C SER C 186 -13.40 -57.58 40.60
N GLY C 187 -12.52 -58.40 40.03
CA GLY C 187 -12.41 -58.54 38.58
C GLY C 187 -11.76 -57.33 37.94
N GLU C 188 -12.20 -57.02 36.73
CA GLU C 188 -11.79 -55.82 36.02
C GLU C 188 -12.68 -54.66 36.47
N LEU C 189 -12.57 -53.53 35.79
CA LEU C 189 -13.21 -52.29 36.20
C LEU C 189 -14.42 -52.04 35.31
N GLN C 190 -15.55 -51.68 35.93
CA GLN C 190 -16.77 -51.39 35.19
C GLN C 190 -17.57 -50.36 35.99
N VAL C 191 -18.53 -49.74 35.31
CA VAL C 191 -19.27 -48.60 35.87
C VAL C 191 -20.44 -49.07 36.72
N ASP C 192 -20.57 -48.50 37.92
CA ASP C 192 -21.65 -48.81 38.84
C ASP C 192 -22.31 -47.52 39.31
N ALA C 193 -23.50 -47.66 39.89
CA ALA C 193 -24.25 -46.53 40.44
C ALA C 193 -24.47 -46.79 41.94
N SER C 194 -23.53 -46.31 42.76
CA SER C 194 -23.62 -46.44 44.21
C SER C 194 -23.15 -45.13 44.84
N PHE C 195 -22.95 -45.18 46.16
CA PHE C 195 -22.54 -44.01 46.94
C PHE C 195 -21.03 -43.86 46.87
N MET C 196 -20.58 -43.40 45.70
CA MET C 196 -19.16 -43.27 45.39
C MET C 196 -19.07 -42.22 44.28
N GLN C 197 -18.49 -41.07 44.59
CA GLN C 197 -18.47 -39.94 43.66
C GLN C 197 -17.13 -39.94 42.92
N THR C 198 -17.18 -40.18 41.61
CA THR C 198 -16.00 -40.14 40.76
C THR C 198 -16.18 -39.05 39.72
N LEU C 199 -15.14 -38.25 39.53
CA LEU C 199 -15.18 -37.11 38.61
C LEU C 199 -15.13 -37.59 37.17
N TRP C 200 -15.92 -36.95 36.32
CA TRP C 200 -16.05 -37.27 34.91
C TRP C 200 -15.59 -36.09 34.06
N ASN C 201 -15.46 -36.33 32.75
CA ASN C 201 -15.15 -35.28 31.78
C ASN C 201 -16.13 -35.35 30.62
N MET C 202 -16.60 -34.17 30.18
CA MET C 202 -17.70 -34.12 29.20
C MET C 202 -17.22 -34.47 27.81
N ASN C 203 -16.18 -33.76 27.33
CA ASN C 203 -15.48 -33.95 26.06
C ASN C 203 -16.38 -33.96 24.82
N PRO C 204 -16.88 -32.81 24.36
CA PRO C 204 -17.58 -32.80 23.07
C PRO C 204 -16.62 -33.05 21.92
N ILE C 205 -17.06 -33.87 20.96
CA ILE C 205 -16.23 -34.29 19.85
C ILE C 205 -16.78 -33.75 18.53
N CYS C 206 -18.02 -34.09 18.20
CA CYS C 206 -18.67 -33.64 16.97
C CYS C 206 -19.75 -32.62 17.32
N SER C 207 -19.70 -31.46 16.68
CA SER C 207 -20.76 -30.47 16.81
C SER C 207 -21.71 -30.59 15.61
N CYS C 208 -22.67 -29.68 15.51
CA CYS C 208 -23.61 -29.66 14.40
C CYS C 208 -22.92 -29.02 13.20
N CYS C 209 -22.41 -29.84 12.30
CA CYS C 209 -21.73 -29.39 11.09
C CYS C 209 -22.69 -29.44 9.91
N GLU C 210 -22.32 -28.70 8.85
CA GLU C 210 -23.19 -28.57 7.69
C GLU C 210 -23.18 -29.83 6.83
N GLU C 211 -24.15 -29.92 5.92
CA GLU C 211 -24.30 -31.06 5.03
C GLU C 211 -23.32 -30.97 3.87
N GLY C 212 -22.91 -32.14 3.37
CA GLY C 212 -21.89 -32.24 2.35
C GLY C 212 -20.46 -32.15 2.88
N TYR C 213 -20.28 -31.83 4.16
CA TYR C 213 -18.96 -31.59 4.72
C TYR C 213 -18.73 -32.67 5.78
N VAL C 214 -17.78 -33.57 5.54
CA VAL C 214 -17.62 -34.76 6.38
C VAL C 214 -16.87 -34.40 7.65
N THR C 215 -17.22 -35.04 8.76
CA THR C 215 -16.39 -34.92 9.95
C THR C 215 -15.95 -36.32 10.37
N GLY C 216 -15.18 -36.38 11.45
CA GLY C 216 -14.58 -37.63 11.88
C GLY C 216 -15.62 -38.58 12.45
N GLY C 217 -15.82 -39.71 11.78
CA GLY C 217 -16.76 -40.72 12.25
C GLY C 217 -18.04 -40.82 11.46
N HIS C 218 -17.99 -40.54 10.15
CA HIS C 218 -19.15 -40.64 9.27
C HIS C 218 -18.85 -41.61 8.13
N VAL C 219 -19.72 -42.58 7.92
CA VAL C 219 -19.53 -43.57 6.86
C VAL C 219 -19.81 -42.93 5.50
N LEU C 220 -19.01 -43.32 4.50
CA LEU C 220 -19.18 -42.87 3.13
C LEU C 220 -18.58 -43.92 2.21
N ARG C 221 -18.57 -43.64 0.91
CA ARG C 221 -17.96 -44.54 -0.07
C ARG C 221 -17.12 -43.76 -1.05
N LEU C 222 -16.27 -44.50 -1.77
CA LEU C 222 -15.16 -43.95 -2.53
C LEU C 222 -15.30 -44.25 -4.01
N PHE C 223 -16.46 -43.92 -4.57
CA PHE C 223 -16.81 -44.23 -5.97
C PHE C 223 -15.83 -43.60 -6.96
N HIS C 224 -15.44 -44.37 -7.98
CA HIS C 224 -14.92 -43.75 -9.20
C HIS C 224 -15.33 -44.57 -10.41
N GLU C 229 -16.64 -47.84 -9.99
CA GLU C 229 -16.11 -48.85 -9.09
C GLU C 229 -16.51 -48.58 -7.64
N CYS C 230 -16.64 -49.65 -6.86
CA CYS C 230 -16.89 -49.56 -5.43
C CYS C 230 -15.82 -50.31 -4.66
N LEU C 231 -15.41 -49.78 -3.52
CA LEU C 231 -14.29 -50.33 -2.74
C LEU C 231 -14.86 -51.47 -1.87
N THR C 232 -14.82 -52.69 -2.40
CA THR C 232 -15.58 -53.81 -1.85
C THR C 232 -14.66 -54.99 -1.50
N ILE C 233 -15.27 -55.97 -0.81
CA ILE C 233 -14.61 -57.20 -0.38
C ILE C 233 -15.30 -58.37 -1.07
N SER C 234 -14.54 -59.38 -1.48
CA SER C 234 -15.10 -60.53 -2.18
C SER C 234 -15.90 -61.42 -1.23
N ALA C 235 -16.71 -62.29 -1.82
CA ALA C 235 -17.49 -63.26 -1.07
C ALA C 235 -16.65 -64.47 -0.69
N GLN C 241 -9.92 -66.38 3.26
CA GLN C 241 -10.68 -65.90 4.41
C GLN C 241 -11.40 -64.60 4.09
N ARG C 242 -11.54 -64.32 2.80
CA ARG C 242 -12.15 -63.09 2.28
C ARG C 242 -11.44 -61.85 2.83
N ARG C 243 -10.12 -61.82 2.61
CA ARG C 243 -9.30 -60.70 3.01
C ARG C 243 -8.82 -59.87 1.82
N LEU C 244 -8.92 -60.39 0.61
CA LEU C 244 -8.48 -59.67 -0.57
C LEU C 244 -9.50 -58.62 -0.97
N VAL C 245 -9.02 -57.42 -1.29
CA VAL C 245 -9.87 -56.27 -1.57
C VAL C 245 -10.01 -56.12 -3.07
N TYR C 246 -11.24 -55.95 -3.54
CA TYR C 246 -11.54 -55.87 -4.97
C TYR C 246 -12.36 -54.61 -5.25
N TYR C 247 -12.61 -54.36 -6.54
CA TYR C 247 -13.55 -53.34 -6.97
C TYR C 247 -14.50 -53.92 -8.01
N GLU C 248 -15.80 -53.67 -7.82
CA GLU C 248 -16.83 -54.27 -8.66
C GLU C 248 -17.78 -53.23 -9.24
N GLY C 249 -18.90 -53.70 -9.79
CA GLY C 249 -19.85 -52.82 -10.46
C GLY C 249 -20.83 -52.14 -9.54
N GLY C 250 -22.10 -52.07 -9.96
CA GLY C 250 -23.12 -51.36 -9.21
C GLY C 250 -24.02 -52.24 -8.37
N ALA C 251 -24.04 -53.55 -8.65
CA ALA C 251 -24.86 -54.46 -7.87
C ALA C 251 -24.28 -54.67 -6.47
N VAL C 252 -22.96 -54.76 -6.37
CA VAL C 252 -22.32 -54.88 -5.07
C VAL C 252 -22.20 -53.51 -4.40
N CYS C 253 -22.32 -52.43 -5.17
CA CYS C 253 -22.19 -51.06 -4.68
C CYS C 253 -23.37 -50.60 -3.82
N THR C 254 -24.38 -51.45 -3.59
CA THR C 254 -25.44 -51.15 -2.64
C THR C 254 -25.42 -52.09 -1.44
N HIS C 255 -24.38 -52.90 -1.30
CA HIS C 255 -24.32 -53.88 -0.22
C HIS C 255 -23.73 -53.25 1.03
N ALA C 256 -23.46 -54.05 2.05
CA ALA C 256 -23.08 -53.56 3.37
C ALA C 256 -21.58 -53.30 3.50
N ARG C 257 -20.75 -54.20 3.01
CA ARG C 257 -19.31 -54.06 3.21
C ARG C 257 -18.60 -53.34 2.07
N SER C 258 -19.28 -52.43 1.37
CA SER C 258 -18.59 -51.48 0.48
C SER C 258 -18.40 -50.12 1.14
N LEU C 259 -18.69 -50.00 2.44
CA LEU C 259 -18.75 -48.73 3.16
C LEU C 259 -17.55 -48.60 4.09
N TRP C 260 -16.92 -47.41 4.10
CA TRP C 260 -15.69 -47.17 4.83
C TRP C 260 -15.78 -45.81 5.53
N ARG C 261 -15.19 -45.69 6.72
CA ARG C 261 -15.41 -44.54 7.59
C ARG C 261 -14.06 -43.89 7.94
N LEU C 262 -14.11 -42.65 8.45
CA LEU C 262 -12.96 -41.76 8.62
C LEU C 262 -12.74 -41.46 10.09
N GLU C 263 -11.61 -41.93 10.67
CA GLU C 263 -11.24 -41.50 12.04
C GLU C 263 -9.74 -41.28 12.15
N PRO C 264 -9.30 -40.19 12.80
CA PRO C 264 -7.88 -39.92 12.96
C PRO C 264 -7.30 -40.56 14.23
N LEU C 265 -6.03 -40.25 14.49
CA LEU C 265 -5.27 -40.95 15.54
C LEU C 265 -5.58 -40.42 16.94
N ARG C 266 -5.70 -39.11 17.10
CA ARG C 266 -5.90 -38.51 18.41
C ARG C 266 -7.37 -38.59 18.81
N ILE C 267 -7.61 -38.55 20.12
CA ILE C 267 -8.94 -38.70 20.69
C ILE C 267 -9.67 -37.35 20.78
N SER C 268 -8.96 -36.27 21.05
CA SER C 268 -9.60 -35.00 21.37
C SER C 268 -10.05 -34.29 20.11
N TRP C 269 -11.36 -34.05 20.02
CA TRP C 269 -12.03 -33.35 18.92
C TRP C 269 -11.72 -33.99 17.56
N SER C 270 -11.80 -35.33 17.53
CA SER C 270 -11.49 -36.06 16.31
C SER C 270 -12.58 -35.94 15.27
N GLY C 271 -13.80 -35.57 15.68
CA GLY C 271 -14.90 -35.39 14.77
C GLY C 271 -15.01 -33.96 14.27
N SER C 272 -13.89 -33.40 13.87
CA SER C 272 -13.82 -32.06 13.32
C SER C 272 -13.71 -32.11 11.81
N HIS C 273 -13.95 -30.96 11.17
CA HIS C 273 -13.66 -30.79 9.76
C HIS C 273 -12.16 -30.77 9.52
N LEU C 274 -11.66 -31.86 8.94
CA LEU C 274 -10.26 -32.03 8.67
C LEU C 274 -9.86 -31.28 7.41
N ARG C 275 -8.56 -31.29 7.13
CA ARG C 275 -7.98 -30.81 5.90
C ARG C 275 -7.12 -31.92 5.33
N TRP C 276 -6.54 -31.69 4.15
CA TRP C 276 -5.70 -32.68 3.53
C TRP C 276 -4.27 -32.58 4.06
N GLY C 277 -3.69 -33.72 4.37
CA GLY C 277 -2.49 -33.80 5.17
C GLY C 277 -2.68 -34.31 6.58
N GLN C 278 -3.82 -34.93 6.87
CA GLN C 278 -4.11 -35.48 8.20
C GLN C 278 -4.17 -37.00 8.11
N PRO C 279 -3.29 -37.73 8.80
CA PRO C 279 -3.33 -39.19 8.73
C PRO C 279 -4.57 -39.77 9.38
N LEU C 280 -5.18 -40.72 8.70
CA LEU C 280 -6.48 -41.29 9.06
C LEU C 280 -6.37 -42.81 9.03
N ARG C 281 -7.50 -43.49 9.26
CA ARG C 281 -7.60 -44.93 9.08
C ARG C 281 -8.92 -45.29 8.40
N ILE C 282 -8.86 -46.29 7.54
CA ILE C 282 -9.97 -46.70 6.67
C ILE C 282 -10.72 -47.80 7.39
N ARG C 283 -11.95 -47.53 7.80
CA ARG C 283 -12.68 -48.41 8.72
C ARG C 283 -13.52 -49.42 7.96
N HIS C 284 -13.33 -50.70 8.28
CA HIS C 284 -14.22 -51.75 7.83
C HIS C 284 -15.25 -52.00 8.94
N VAL C 285 -16.53 -52.07 8.58
CA VAL C 285 -17.59 -52.00 9.57
C VAL C 285 -18.30 -53.34 9.79
N THR C 286 -18.34 -54.23 8.78
CA THR C 286 -19.14 -55.45 8.89
C THR C 286 -18.35 -56.63 9.42
N THR C 287 -17.21 -56.94 8.81
CA THR C 287 -16.31 -57.93 9.40
C THR C 287 -15.40 -57.27 10.44
N GLY C 288 -14.90 -56.08 10.14
CA GLY C 288 -14.28 -55.22 11.12
C GLY C 288 -12.79 -55.41 11.34
N ARG C 289 -12.01 -55.28 10.27
CA ARG C 289 -10.55 -55.34 10.35
C ARG C 289 -9.97 -54.29 9.40
N TYR C 290 -9.03 -53.51 9.91
CA TYR C 290 -8.57 -52.32 9.22
C TYR C 290 -7.73 -52.66 8.00
N LEU C 291 -7.65 -51.74 7.04
CA LEU C 291 -6.97 -51.94 5.78
C LEU C 291 -5.59 -51.29 5.84
N ALA C 292 -4.54 -52.11 5.89
CA ALA C 292 -3.17 -51.59 5.93
C ALA C 292 -2.67 -51.25 4.52
N LEU C 299 -1.85 -54.59 -0.88
CA LEU C 299 -2.15 -54.23 0.50
C LEU C 299 -3.55 -54.69 0.91
N VAL C 300 -3.62 -55.71 1.76
CA VAL C 300 -4.89 -56.28 2.18
C VAL C 300 -5.09 -56.11 3.68
N VAL C 301 -6.22 -56.57 4.21
CA VAL C 301 -6.58 -56.30 5.60
C VAL C 301 -5.86 -57.25 6.55
N VAL C 302 -5.38 -56.69 7.66
CA VAL C 302 -4.73 -57.44 8.74
C VAL C 302 -5.56 -57.14 10.00
N ASP C 303 -5.32 -57.89 11.07
CA ASP C 303 -6.17 -57.83 12.26
C ASP C 303 -6.01 -56.50 13.01
N ALA C 304 -7.10 -56.05 13.62
CA ALA C 304 -7.10 -54.86 14.47
C ALA C 304 -6.64 -55.15 15.90
N CYS C 305 -6.32 -56.42 16.22
CA CYS C 305 -5.75 -56.72 17.53
C CYS C 305 -4.33 -56.19 17.64
N LYS C 306 -3.58 -56.24 16.54
CA LYS C 306 -2.22 -55.70 16.48
C LYS C 306 -2.04 -54.68 15.35
N ALA C 307 -3.12 -54.02 14.92
CA ALA C 307 -2.99 -52.93 13.95
C ALA C 307 -2.43 -51.71 14.65
N HIS C 308 -1.23 -51.30 14.26
CA HIS C 308 -0.53 -50.21 14.92
C HIS C 308 -0.46 -48.99 13.99
N THR C 309 0.32 -48.00 14.41
CA THR C 309 0.36 -46.72 13.71
C THR C 309 1.17 -46.82 12.42
N LYS C 310 2.29 -47.54 12.47
CA LYS C 310 3.15 -47.67 11.28
C LYS C 310 2.57 -48.64 10.26
N ALA C 311 1.63 -49.49 10.66
CA ALA C 311 1.05 -50.45 9.74
C ALA C 311 -0.17 -49.90 9.01
N THR C 312 -1.12 -49.32 9.75
CA THR C 312 -2.37 -48.81 9.17
C THR C 312 -2.51 -47.32 9.50
N SER C 313 -2.11 -46.47 8.56
CA SER C 313 -2.33 -45.03 8.68
C SER C 313 -2.40 -44.44 7.27
N PHE C 314 -3.62 -44.25 6.77
CA PHE C 314 -3.85 -43.73 5.43
C PHE C 314 -4.12 -42.23 5.53
N CYS C 315 -4.00 -41.54 4.39
CA CYS C 315 -4.27 -40.10 4.39
C CYS C 315 -4.73 -39.69 2.99
N PHE C 316 -5.19 -38.44 2.89
CA PHE C 316 -5.83 -37.93 1.68
C PHE C 316 -5.12 -36.64 1.27
N ARG C 317 -4.74 -36.56 -0.01
CA ARG C 317 -4.09 -35.36 -0.53
C ARG C 317 -4.54 -35.08 -1.97
N VAL C 318 -4.41 -33.81 -2.37
CA VAL C 318 -4.84 -33.33 -3.67
C VAL C 318 -3.93 -33.90 -4.75
N SER C 319 -2.71 -33.36 -4.83
CA SER C 319 -1.57 -33.93 -5.54
C SER C 319 -0.32 -33.24 -5.02
N LYS C 320 0.39 -33.88 -4.09
CA LYS C 320 1.43 -33.17 -3.35
C LYS C 320 2.78 -33.34 -4.03
N GLU C 321 3.48 -32.23 -4.25
CA GLU C 321 4.67 -32.18 -5.07
C GLU C 321 5.91 -32.50 -4.21
N LYS C 322 7.09 -32.19 -4.72
CA LYS C 322 8.36 -32.46 -4.02
C LYS C 322 8.48 -31.48 -2.85
N LEU C 323 7.84 -31.85 -1.74
CA LEU C 323 7.80 -31.00 -0.55
C LEU C 323 8.04 -31.84 0.70
N GLY C 333 -13.08 -24.11 18.56
CA GLY C 333 -13.97 -24.43 17.45
C GLY C 333 -13.55 -25.62 16.60
N MET C 334 -14.22 -25.78 15.46
CA MET C 334 -13.94 -26.86 14.53
C MET C 334 -12.87 -26.41 13.52
N GLY C 335 -12.36 -27.38 12.77
CA GLY C 335 -11.22 -27.18 11.90
C GLY C 335 -11.54 -26.49 10.58
N PRO C 336 -10.54 -26.45 9.68
CA PRO C 336 -10.70 -25.70 8.42
C PRO C 336 -11.56 -26.45 7.42
N PRO C 337 -12.43 -25.74 6.68
CA PRO C 337 -13.34 -26.37 5.70
C PRO C 337 -12.74 -26.70 4.33
N GLU C 338 -12.14 -27.88 4.21
CA GLU C 338 -11.38 -28.22 3.01
C GLU C 338 -11.91 -29.43 2.25
N ILE C 339 -12.78 -30.25 2.83
CA ILE C 339 -13.32 -31.43 2.14
C ILE C 339 -14.60 -31.02 1.43
N LYS C 340 -14.78 -31.48 0.20
CA LYS C 340 -16.01 -31.29 -0.55
C LYS C 340 -16.53 -32.63 -1.07
N TYR C 341 -17.82 -32.65 -1.40
CA TYR C 341 -18.48 -33.84 -1.93
C TYR C 341 -18.80 -33.66 -3.40
N GLY C 342 -18.22 -34.50 -4.25
CA GLY C 342 -18.40 -34.41 -5.69
C GLY C 342 -17.38 -33.53 -6.38
N GLU C 343 -16.97 -32.45 -5.73
CA GLU C 343 -15.88 -31.60 -6.20
C GLU C 343 -14.59 -31.91 -5.44
N SER C 344 -14.31 -33.20 -5.23
CA SER C 344 -13.17 -33.63 -4.43
C SER C 344 -11.96 -33.96 -5.30
N LEU C 345 -12.08 -34.97 -6.17
CA LEU C 345 -11.00 -35.47 -7.05
C LEU C 345 -9.75 -35.82 -6.26
N CYS C 346 -9.95 -36.49 -5.13
CA CYS C 346 -8.89 -36.81 -4.18
C CYS C 346 -8.61 -38.31 -4.23
N PHE C 347 -7.42 -38.69 -3.76
CA PHE C 347 -7.09 -40.09 -3.58
C PHE C 347 -6.60 -40.33 -2.16
N VAL C 348 -6.63 -41.59 -1.75
CA VAL C 348 -6.07 -42.00 -0.47
C VAL C 348 -4.60 -42.31 -0.68
N GLN C 349 -3.79 -42.16 0.38
CA GLN C 349 -2.35 -42.19 0.18
C GLN C 349 -1.62 -42.62 1.45
N HIS C 350 -0.34 -42.93 1.28
CA HIS C 350 0.55 -43.29 2.37
C HIS C 350 1.12 -42.04 3.02
N VAL C 351 1.61 -42.21 4.25
CA VAL C 351 2.32 -41.14 4.94
C VAL C 351 3.79 -41.47 5.16
N ALA C 352 4.18 -42.73 5.06
CA ALA C 352 5.56 -43.15 5.34
C ALA C 352 6.27 -43.67 4.09
N SER C 353 5.63 -44.56 3.34
CA SER C 353 6.19 -45.04 2.09
C SER C 353 6.00 -44.03 0.96
N GLY C 354 4.92 -43.27 1.01
CA GLY C 354 4.63 -42.22 0.04
C GLY C 354 4.25 -42.69 -1.35
N LEU C 355 3.38 -43.70 -1.44
CA LEU C 355 2.99 -44.28 -2.73
C LEU C 355 1.49 -44.55 -2.70
N TRP C 356 0.82 -44.33 -3.84
CA TRP C 356 -0.63 -44.46 -3.93
C TRP C 356 -1.05 -45.87 -4.33
N LEU C 357 -2.36 -46.13 -4.28
CA LEU C 357 -2.90 -47.46 -4.49
C LEU C 357 -4.03 -47.43 -5.52
N THR C 358 -3.90 -48.27 -6.54
CA THR C 358 -4.96 -48.53 -7.51
C THR C 358 -4.81 -49.97 -7.97
N TYR C 359 -5.59 -50.39 -8.96
CA TYR C 359 -5.50 -51.77 -9.42
C TYR C 359 -4.55 -51.88 -10.61
N ALA C 360 -4.29 -53.13 -11.00
CA ALA C 360 -3.43 -53.40 -12.15
C ALA C 360 -4.17 -53.11 -13.45
N LEU C 372 -14.37 -59.34 -13.61
CA LEU C 372 -14.61 -57.90 -13.57
C LEU C 372 -13.99 -57.32 -12.31
N LYS C 373 -13.76 -58.18 -11.33
CA LYS C 373 -13.24 -57.77 -10.02
C LYS C 373 -11.76 -57.43 -10.16
N LYS C 374 -11.40 -56.22 -9.71
CA LYS C 374 -10.05 -55.70 -9.88
C LYS C 374 -9.34 -55.66 -8.53
N LYS C 375 -8.23 -56.40 -8.42
CA LYS C 375 -7.50 -56.52 -7.16
C LYS C 375 -6.68 -55.27 -6.88
N ALA C 376 -6.78 -54.76 -5.66
CA ALA C 376 -6.06 -53.56 -5.27
C ALA C 376 -4.59 -53.88 -5.04
N ILE C 377 -3.71 -53.02 -5.56
CA ILE C 377 -2.26 -53.21 -5.48
C ILE C 377 -1.59 -51.89 -5.13
N LEU C 378 -0.29 -51.97 -4.86
CA LEU C 378 0.54 -50.78 -4.63
C LEU C 378 1.36 -50.56 -5.89
N HIS C 379 0.77 -49.87 -6.86
CA HIS C 379 1.41 -49.62 -8.13
C HIS C 379 2.33 -48.41 -8.03
N GLN C 380 3.46 -48.49 -8.72
CA GLN C 380 4.48 -47.44 -8.66
C GLN C 380 4.41 -46.47 -9.84
N GLU C 381 3.69 -46.81 -10.91
CA GLU C 381 3.56 -45.88 -12.03
C GLU C 381 2.52 -44.80 -11.72
N GLY C 382 1.25 -45.18 -11.71
CA GLY C 382 0.16 -44.27 -11.40
C GLY C 382 -0.30 -43.48 -12.60
N HIS C 383 -1.60 -43.15 -12.60
CA HIS C 383 -2.23 -42.39 -13.67
C HIS C 383 -3.41 -41.64 -13.05
N MET C 384 -4.13 -40.88 -13.87
CA MET C 384 -5.21 -40.01 -13.40
C MET C 384 -6.55 -40.74 -13.26
N ASP C 385 -6.55 -42.06 -13.09
CA ASP C 385 -7.77 -42.83 -12.83
C ASP C 385 -8.06 -43.00 -11.35
N ASP C 386 -7.38 -42.25 -10.49
CA ASP C 386 -7.58 -42.33 -9.06
C ASP C 386 -8.33 -41.13 -8.49
N ALA C 387 -8.71 -40.17 -9.34
CA ALA C 387 -9.45 -38.99 -8.90
C ALA C 387 -10.91 -39.37 -8.68
N LEU C 388 -11.17 -39.92 -7.50
CA LEU C 388 -12.48 -40.44 -7.12
C LEU C 388 -13.29 -39.36 -6.41
N PHE C 389 -14.62 -39.51 -6.46
CA PHE C 389 -15.51 -38.56 -5.79
C PHE C 389 -16.16 -39.21 -4.57
N LEU C 390 -16.23 -38.43 -3.50
CA LEU C 390 -16.72 -38.91 -2.21
C LEU C 390 -18.24 -38.82 -2.16
N THR C 391 -18.88 -39.93 -1.77
CA THR C 391 -20.34 -40.01 -1.66
C THR C 391 -20.68 -40.66 -0.33
N ARG C 392 -21.51 -40.00 0.49
CA ARG C 392 -22.03 -40.66 1.68
C ARG C 392 -23.36 -41.29 1.33
N CYS C 393 -23.57 -42.52 1.81
CA CYS C 393 -24.84 -43.21 1.60
C CYS C 393 -25.77 -42.92 2.78
N GLN C 394 -26.90 -43.62 2.85
CA GLN C 394 -27.94 -43.32 3.83
C GLN C 394 -27.55 -43.84 5.20
N GLN C 395 -27.88 -43.08 6.24
CA GLN C 395 -27.36 -43.29 7.58
C GLN C 395 -28.26 -44.15 8.47
N GLU C 396 -29.37 -44.68 7.96
CA GLU C 396 -30.25 -45.47 8.81
C GLU C 396 -29.85 -46.94 8.88
N GLU C 397 -29.00 -47.41 7.97
CA GLU C 397 -28.59 -48.80 7.99
C GLU C 397 -27.11 -49.00 8.36
N SER C 398 -26.43 -47.92 8.76
CA SER C 398 -25.03 -48.05 9.18
C SER C 398 -24.91 -48.76 10.52
N GLN C 399 -25.73 -48.37 11.50
CA GLN C 399 -25.78 -49.11 12.75
C GLN C 399 -26.36 -50.51 12.56
N ALA C 400 -27.17 -50.72 11.51
CA ALA C 400 -27.62 -52.08 11.18
C ALA C 400 -26.46 -52.91 10.63
N ALA C 401 -25.53 -52.27 9.90
CA ALA C 401 -24.34 -52.97 9.45
C ALA C 401 -23.37 -53.22 10.60
N ARG C 402 -23.43 -52.38 11.65
CA ARG C 402 -22.56 -52.64 12.80
C ARG C 402 -23.18 -53.67 13.76
N MET C 403 -24.51 -53.75 13.86
CA MET C 403 -25.09 -54.70 14.80
C MET C 403 -24.90 -56.14 14.33
N ILE C 404 -24.84 -56.36 13.01
CA ILE C 404 -24.49 -57.69 12.52
C ILE C 404 -23.01 -57.98 12.76
N HIS C 405 -22.16 -56.95 12.79
CA HIS C 405 -20.76 -57.14 13.19
C HIS C 405 -20.63 -57.57 14.64
N SER C 406 -21.36 -56.90 15.54
CA SER C 406 -21.30 -57.22 16.96
C SER C 406 -21.89 -58.59 17.25
N THR C 407 -23.07 -58.87 16.67
CA THR C 407 -23.66 -60.19 16.84
C THR C 407 -22.90 -61.26 16.06
N ALA C 408 -22.11 -60.88 15.06
CA ALA C 408 -21.28 -61.86 14.37
C ALA C 408 -20.06 -62.21 15.19
N GLY C 409 -19.50 -61.24 15.92
CA GLY C 409 -18.49 -61.56 16.91
C GLY C 409 -19.03 -62.39 18.04
N LEU C 410 -20.33 -62.24 18.35
CA LEU C 410 -20.99 -63.13 19.30
C LEU C 410 -21.15 -64.54 18.70
N TYR C 411 -21.52 -64.63 17.42
CA TYR C 411 -21.84 -65.92 16.85
C TYR C 411 -20.63 -66.72 16.42
N ASN C 412 -19.49 -66.10 16.07
CA ASN C 412 -18.28 -66.90 15.88
C ASN C 412 -17.79 -67.48 17.20
N GLN C 413 -17.98 -66.75 18.30
CA GLN C 413 -17.79 -67.33 19.63
C GLN C 413 -18.75 -68.51 19.87
N PHE C 414 -19.98 -68.38 19.37
CA PHE C 414 -20.93 -69.49 19.52
C PHE C 414 -20.56 -70.70 18.66
N ILE C 415 -19.96 -70.48 17.49
CA ILE C 415 -19.42 -71.60 16.71
C ILE C 415 -18.22 -72.22 17.43
N LYS C 416 -17.40 -71.39 18.07
CA LYS C 416 -16.22 -71.89 18.80
C LYS C 416 -16.63 -72.74 20.00
N GLY C 417 -17.64 -72.30 20.75
CA GLY C 417 -17.91 -72.92 22.03
C GLY C 417 -18.69 -74.22 21.98
N LEU C 418 -19.55 -74.40 20.97
CA LEU C 418 -20.48 -75.53 21.01
C LEU C 418 -19.84 -76.84 20.61
N ASP C 419 -18.90 -76.84 19.68
CA ASP C 419 -18.26 -78.09 19.25
C ASP C 419 -17.04 -78.45 20.07
N SER C 420 -16.77 -77.73 21.17
CA SER C 420 -15.71 -78.15 22.08
C SER C 420 -16.10 -79.37 22.91
N PHE C 421 -17.40 -79.63 23.07
CA PHE C 421 -17.88 -80.81 23.78
C PHE C 421 -18.77 -81.69 22.91
N SER C 422 -18.81 -81.46 21.60
CA SER C 422 -19.68 -82.23 20.73
C SER C 422 -19.11 -83.60 20.42
N GLY C 423 -17.79 -83.71 20.28
CA GLY C 423 -17.13 -84.96 20.01
C GLY C 423 -16.61 -85.70 21.22
N LYS C 424 -16.60 -85.06 22.40
CA LYS C 424 -16.14 -85.69 23.62
C LYS C 424 -17.20 -85.50 24.70
N PRO C 425 -17.65 -86.57 25.35
CA PRO C 425 -18.65 -86.44 26.41
C PRO C 425 -18.04 -85.88 27.69
N ARG C 426 -18.82 -85.06 28.39
CA ARG C 426 -18.45 -84.50 29.67
C ARG C 426 -19.40 -85.02 30.75
N GLY C 427 -18.84 -85.61 31.80
CA GLY C 427 -19.63 -86.13 32.90
C GLY C 427 -19.84 -85.13 34.02
N PRO C 434 -14.35 -72.93 28.78
CA PRO C 434 -14.99 -71.68 28.38
C PRO C 434 -16.45 -71.64 28.80
N ALA C 435 -16.87 -70.52 29.41
CA ALA C 435 -18.25 -70.39 29.85
C ALA C 435 -19.14 -69.97 28.69
N LEU C 436 -20.34 -70.55 28.64
CA LEU C 436 -21.25 -70.26 27.53
C LEU C 436 -22.19 -69.14 27.93
N PRO C 437 -22.40 -68.14 27.08
CA PRO C 437 -23.29 -67.00 27.44
C PRO C 437 -24.77 -67.21 27.09
N ILE C 438 -25.45 -68.00 27.94
CA ILE C 438 -26.87 -68.31 27.74
C ILE C 438 -27.72 -67.05 27.81
N GLU C 439 -27.48 -66.22 28.84
CA GLU C 439 -28.22 -64.98 29.02
C GLU C 439 -27.91 -63.93 27.96
N ALA C 440 -26.77 -64.06 27.28
CA ALA C 440 -26.44 -63.13 26.21
C ALA C 440 -27.05 -63.55 24.89
N VAL C 441 -27.23 -64.85 24.64
CA VAL C 441 -27.83 -65.24 23.37
C VAL C 441 -29.33 -65.45 23.46
N ILE C 442 -29.93 -65.50 24.66
CA ILE C 442 -31.36 -65.76 24.72
C ILE C 442 -32.15 -64.48 24.40
N LEU C 443 -31.63 -63.32 24.80
CA LEU C 443 -32.29 -62.04 24.60
C LEU C 443 -31.75 -61.28 23.40
N SER C 444 -30.88 -61.88 22.59
CA SER C 444 -30.37 -61.20 21.42
C SER C 444 -31.34 -61.28 20.25
N LEU C 445 -32.34 -62.16 20.33
CA LEU C 445 -33.11 -62.53 19.15
C LEU C 445 -34.54 -61.96 19.11
N GLN C 446 -35.21 -61.76 20.24
CA GLN C 446 -36.56 -61.20 20.13
C GLN C 446 -36.52 -59.71 19.82
N ASP C 447 -35.41 -59.03 20.10
CA ASP C 447 -35.23 -57.69 19.54
C ASP C 447 -35.05 -57.73 18.03
N LEU C 448 -34.38 -58.76 17.50
CA LEU C 448 -34.38 -58.95 16.05
C LEU C 448 -35.75 -59.36 15.52
N ILE C 449 -36.57 -60.03 16.34
CA ILE C 449 -37.94 -60.36 15.94
C ILE C 449 -38.77 -59.09 15.83
N GLY C 450 -38.65 -58.19 16.81
CA GLY C 450 -39.29 -56.89 16.70
C GLY C 450 -38.68 -56.01 15.61
N TYR C 451 -37.41 -56.27 15.27
CA TYR C 451 -36.75 -55.53 14.20
C TYR C 451 -37.21 -56.00 12.83
N PHE C 452 -37.55 -57.28 12.68
CA PHE C 452 -37.90 -57.86 11.40
C PHE C 452 -39.39 -58.07 11.22
N GLU C 453 -40.19 -57.85 12.26
CA GLU C 453 -41.65 -58.04 12.15
C GLU C 453 -42.26 -56.92 11.32
N PRO C 454 -43.10 -57.23 10.34
CA PRO C 454 -43.69 -56.20 9.50
C PRO C 454 -44.76 -55.43 10.25
N PRO C 455 -45.07 -54.19 9.82
CA PRO C 455 -46.14 -53.44 10.48
C PRO C 455 -47.51 -54.01 10.15
N SER C 456 -48.50 -53.57 10.92
CA SER C 456 -49.86 -54.10 10.84
C SER C 456 -50.60 -53.53 9.64
N GLU C 457 -51.84 -53.99 9.48
CA GLU C 457 -52.67 -53.67 8.33
C GLU C 457 -53.46 -52.36 8.48
N GLU C 458 -53.42 -51.74 9.66
CA GLU C 458 -54.24 -50.56 9.92
C GLU C 458 -53.62 -49.25 9.43
N LEU C 459 -52.44 -49.30 8.83
CA LEU C 459 -51.77 -48.10 8.37
C LEU C 459 -52.24 -47.74 6.97
N GLN C 460 -52.02 -46.49 6.58
CA GLN C 460 -52.32 -46.08 5.22
C GLN C 460 -51.24 -46.59 4.27
N HIS C 461 -51.60 -46.66 2.99
CA HIS C 461 -50.69 -47.18 1.98
C HIS C 461 -49.54 -46.22 1.68
N GLU C 462 -49.63 -44.97 2.14
CA GLU C 462 -48.61 -43.97 1.84
C GLU C 462 -47.36 -44.18 2.69
N GLU C 463 -47.53 -44.44 3.99
CA GLU C 463 -46.37 -44.56 4.88
C GLU C 463 -45.98 -45.99 5.17
N LYS C 464 -46.87 -46.96 4.95
CA LYS C 464 -46.55 -48.35 5.26
C LYS C 464 -45.68 -49.00 4.17
N GLN C 465 -45.98 -48.70 2.90
CA GLN C 465 -45.23 -49.34 1.82
C GLN C 465 -43.81 -48.80 1.72
N SER C 466 -43.59 -47.57 2.21
CA SER C 466 -42.24 -47.01 2.26
C SER C 466 -41.37 -47.79 3.24
N LYS C 467 -41.90 -48.09 4.44
CA LYS C 467 -41.20 -48.93 5.38
C LYS C 467 -41.09 -50.38 4.89
N LEU C 468 -42.06 -50.86 4.11
CA LEU C 468 -41.96 -52.20 3.55
C LEU C 468 -40.83 -52.29 2.53
N ARG C 469 -40.73 -51.28 1.66
CA ARG C 469 -39.65 -51.20 0.68
C ARG C 469 -38.31 -50.97 1.36
N SER C 470 -38.30 -50.36 2.54
CA SER C 470 -37.07 -50.26 3.32
C SER C 470 -36.69 -51.63 3.90
N LEU C 471 -37.67 -52.38 4.42
CA LEU C 471 -37.35 -53.62 5.09
C LEU C 471 -36.97 -54.74 4.12
N ARG C 472 -37.50 -54.70 2.89
CA ARG C 472 -37.11 -55.71 1.89
C ARG C 472 -35.64 -55.58 1.50
N ASN C 473 -35.21 -54.37 1.12
CA ASN C 473 -33.80 -54.16 0.81
C ASN C 473 -32.94 -54.14 2.07
N ARG C 474 -33.54 -53.96 3.25
CA ARG C 474 -32.84 -54.16 4.51
C ARG C 474 -32.39 -55.60 4.66
N GLN C 475 -33.29 -56.57 4.44
CA GLN C 475 -32.86 -57.96 4.55
C GLN C 475 -32.07 -58.42 3.32
N SER C 476 -32.32 -57.82 2.15
CA SER C 476 -31.46 -58.07 0.99
C SER C 476 -30.05 -57.50 1.18
N LEU C 477 -29.91 -56.45 1.98
CA LEU C 477 -28.62 -55.90 2.34
C LEU C 477 -27.86 -56.84 3.28
N PHE C 478 -28.58 -57.56 4.12
CA PHE C 478 -28.03 -58.46 5.13
C PHE C 478 -27.69 -59.83 4.58
N GLN C 479 -28.47 -60.33 3.62
CA GLN C 479 -28.30 -61.67 3.06
C GLN C 479 -27.05 -61.82 2.19
N GLU C 480 -26.37 -60.72 1.87
CA GLU C 480 -25.07 -60.80 1.21
C GLU C 480 -23.97 -61.18 2.21
N GLU C 481 -24.04 -60.66 3.43
CA GLU C 481 -23.04 -60.91 4.46
C GLU C 481 -23.69 -61.83 5.50
N GLY C 482 -23.72 -63.12 5.19
CA GLY C 482 -24.23 -64.12 6.10
C GLY C 482 -25.74 -64.08 6.22
N MET C 483 -26.22 -64.09 7.48
CA MET C 483 -27.59 -63.83 7.91
C MET C 483 -28.60 -64.93 7.56
N LEU C 484 -28.29 -65.81 6.61
CA LEU C 484 -29.12 -66.96 6.33
C LEU C 484 -28.36 -68.26 6.22
N SER C 485 -27.03 -68.22 6.16
CA SER C 485 -26.22 -69.43 6.29
C SER C 485 -25.92 -69.74 7.75
N LEU C 486 -25.80 -68.71 8.59
CA LEU C 486 -25.29 -68.88 9.93
C LEU C 486 -26.31 -69.56 10.85
N VAL C 487 -27.60 -69.37 10.55
CA VAL C 487 -28.66 -69.96 11.39
C VAL C 487 -28.66 -71.48 11.27
N LEU C 488 -28.60 -72.02 10.04
CA LEU C 488 -28.47 -73.46 9.94
C LEU C 488 -27.06 -73.93 10.25
N ASN C 489 -26.05 -73.05 10.12
CA ASN C 489 -24.69 -73.39 10.54
C ASN C 489 -24.55 -73.52 12.06
N CYS C 490 -25.45 -72.94 12.83
CA CYS C 490 -25.47 -73.26 14.26
C CYS C 490 -26.51 -74.33 14.63
N ILE C 491 -27.58 -74.50 13.86
CA ILE C 491 -28.60 -75.45 14.28
C ILE C 491 -28.29 -76.86 13.75
N ASP C 492 -27.28 -76.97 12.86
CA ASP C 492 -26.93 -78.25 12.25
C ASP C 492 -26.43 -79.28 13.26
N ARG C 493 -25.76 -78.84 14.32
CA ARG C 493 -25.43 -79.70 15.43
C ARG C 493 -26.14 -79.31 16.72
N LEU C 494 -27.12 -78.40 16.64
CA LEU C 494 -28.07 -78.24 17.74
C LEU C 494 -29.23 -79.24 17.64
N ASN C 495 -29.64 -79.60 16.43
CA ASN C 495 -30.75 -80.54 16.29
C ASN C 495 -30.34 -82.01 16.36
N VAL C 496 -29.06 -82.29 16.65
CA VAL C 496 -28.57 -83.66 16.62
C VAL C 496 -28.95 -84.44 17.88
N TYR C 497 -29.35 -83.75 18.95
CA TYR C 497 -29.79 -84.39 20.18
C TYR C 497 -31.29 -84.19 20.32
N THR C 498 -32.00 -85.23 20.75
CA THR C 498 -33.46 -85.22 20.75
C THR C 498 -34.08 -84.88 22.10
N THR C 499 -33.48 -85.33 23.20
CA THR C 499 -34.08 -85.09 24.51
C THR C 499 -33.79 -83.67 24.98
N ALA C 500 -34.49 -83.26 26.04
CA ALA C 500 -34.32 -81.91 26.56
C ALA C 500 -33.24 -81.84 27.63
N ALA C 501 -33.16 -82.84 28.51
CA ALA C 501 -32.19 -82.84 29.59
C ALA C 501 -31.25 -84.04 29.58
N HIS C 502 -31.64 -85.16 28.98
CA HIS C 502 -30.77 -86.35 28.93
C HIS C 502 -29.71 -86.21 27.86
N PHE C 503 -30.14 -86.03 26.60
CA PHE C 503 -29.19 -85.89 25.50
C PHE C 503 -28.51 -84.54 25.47
N ALA C 504 -29.10 -83.53 26.11
CA ALA C 504 -28.52 -82.19 26.17
C ALA C 504 -27.74 -81.97 27.47
N GLU C 505 -27.17 -83.02 28.02
CA GLU C 505 -26.32 -82.94 29.21
C GLU C 505 -24.86 -82.70 28.88
N TYR C 506 -24.54 -82.35 27.63
CA TYR C 506 -23.16 -82.14 27.23
C TYR C 506 -22.61 -80.80 27.69
N ALA C 507 -23.47 -79.80 27.85
CA ALA C 507 -23.06 -78.44 28.21
C ALA C 507 -23.34 -78.12 29.67
N GLY C 508 -24.55 -78.37 30.14
CA GLY C 508 -24.88 -78.12 31.53
C GLY C 508 -26.37 -77.93 31.71
N GLU C 509 -26.74 -77.65 32.96
CA GLU C 509 -28.13 -77.44 33.29
C GLU C 509 -28.65 -76.10 32.77
N GLU C 510 -27.76 -75.11 32.60
CA GLU C 510 -28.18 -73.83 32.03
C GLU C 510 -28.49 -73.94 30.54
N ALA C 511 -27.96 -74.96 29.87
CA ALA C 511 -28.38 -75.31 28.51
C ALA C 511 -29.52 -76.30 28.48
N ALA C 512 -29.62 -77.18 29.48
CA ALA C 512 -30.73 -78.12 29.54
C ALA C 512 -32.05 -77.44 29.87
N GLU C 513 -31.98 -76.32 30.58
CA GLU C 513 -33.19 -75.55 30.89
C GLU C 513 -33.61 -74.66 29.73
N SER C 514 -32.66 -74.21 28.93
CA SER C 514 -32.90 -73.34 27.78
C SER C 514 -32.77 -74.08 26.47
N TRP C 515 -32.93 -75.41 26.49
CA TRP C 515 -33.05 -76.22 25.29
C TRP C 515 -34.07 -75.68 24.29
N LYS C 516 -35.25 -75.31 24.78
CA LYS C 516 -36.42 -75.02 23.96
C LYS C 516 -36.41 -73.57 23.48
N GLU C 517 -36.00 -72.66 24.35
CA GLU C 517 -36.07 -71.24 24.07
C GLU C 517 -34.98 -70.76 23.12
N ILE C 518 -34.03 -71.61 22.74
CA ILE C 518 -33.17 -71.27 21.63
C ILE C 518 -33.88 -71.56 20.31
N VAL C 519 -34.48 -72.74 20.17
CA VAL C 519 -34.95 -73.17 18.85
C VAL C 519 -36.30 -72.55 18.50
N ASN C 520 -37.17 -72.27 19.48
CA ASN C 520 -38.40 -71.53 19.13
C ASN C 520 -38.17 -70.09 18.74
N LEU C 521 -37.01 -69.49 19.08
CA LEU C 521 -36.65 -68.22 18.47
C LEU C 521 -35.84 -68.37 17.20
N LEU C 522 -35.07 -69.47 17.07
CA LEU C 522 -34.31 -69.69 15.84
C LEU C 522 -35.22 -69.93 14.64
N TYR C 523 -36.26 -70.74 14.82
CA TYR C 523 -37.18 -70.99 13.71
C TYR C 523 -38.10 -69.80 13.44
N GLU C 524 -38.40 -69.00 14.47
CA GLU C 524 -39.12 -67.75 14.25
C GLU C 524 -38.27 -66.77 13.44
N LEU C 525 -36.96 -66.71 13.72
CA LEU C 525 -36.07 -65.87 12.94
C LEU C 525 -35.95 -66.37 11.50
N LEU C 526 -35.91 -67.70 11.32
CA LEU C 526 -35.86 -68.29 9.99
C LEU C 526 -37.15 -68.01 9.21
N ALA C 527 -38.28 -67.95 9.89
CA ALA C 527 -39.55 -67.63 9.21
C ALA C 527 -39.62 -66.16 8.85
N SER C 528 -39.13 -65.28 9.73
CA SER C 528 -39.17 -63.85 9.44
C SER C 528 -38.16 -63.46 8.36
N LEU C 529 -37.12 -64.27 8.13
CA LEU C 529 -36.31 -64.11 6.92
C LEU C 529 -37.15 -64.35 5.67
N ILE C 530 -37.97 -65.39 5.66
CA ILE C 530 -38.68 -65.82 4.45
C ILE C 530 -40.09 -65.20 4.43
N ARG C 531 -40.37 -64.27 5.32
CA ARG C 531 -41.68 -63.61 5.32
C ARG C 531 -41.81 -62.60 4.19
N GLY C 532 -42.39 -63.04 3.07
CA GLY C 532 -42.77 -62.11 2.02
C GLY C 532 -41.82 -62.05 0.84
N ASN C 533 -40.53 -62.10 1.11
CA ASN C 533 -39.53 -61.81 0.08
C ASN C 533 -39.21 -63.07 -0.72
N ARG C 534 -39.08 -62.91 -2.05
CA ARG C 534 -38.90 -64.03 -2.95
C ARG C 534 -37.50 -64.08 -3.57
N ALA C 535 -36.59 -63.21 -3.11
CA ALA C 535 -35.23 -63.17 -3.65
C ALA C 535 -34.25 -64.04 -2.87
N ASN C 536 -34.51 -64.30 -1.59
CA ASN C 536 -33.59 -65.11 -0.79
C ASN C 536 -34.10 -66.51 -0.47
N CYS C 537 -35.37 -66.81 -0.75
CA CYS C 537 -35.83 -68.18 -0.57
C CYS C 537 -35.45 -69.09 -1.74
N ALA C 538 -34.93 -68.53 -2.83
CA ALA C 538 -34.58 -69.33 -3.99
C ALA C 538 -33.34 -70.19 -3.74
N LEU C 539 -32.47 -69.80 -2.81
CA LEU C 539 -31.31 -70.64 -2.51
C LEU C 539 -31.61 -71.71 -1.47
N PHE C 540 -32.77 -71.64 -0.81
CA PHE C 540 -33.23 -72.72 0.06
C PHE C 540 -33.98 -73.81 -0.71
N SER C 541 -33.96 -73.74 -2.04
CA SER C 541 -34.52 -74.79 -2.89
C SER C 541 -33.55 -75.93 -3.14
N THR C 542 -32.30 -75.81 -2.65
CA THR C 542 -31.28 -76.80 -2.93
C THR C 542 -31.18 -77.89 -1.88
N ASN C 543 -31.67 -77.67 -0.66
CA ASN C 543 -31.68 -78.68 0.38
C ASN C 543 -33.06 -78.62 1.05
N LEU C 544 -34.11 -78.73 0.23
CA LEU C 544 -35.49 -78.71 0.71
C LEU C 544 -35.82 -79.93 1.57
N ASP C 545 -35.03 -81.00 1.47
CA ASP C 545 -35.17 -82.13 2.37
C ASP C 545 -34.84 -81.74 3.81
N TRP C 546 -33.99 -80.73 4.01
CA TRP C 546 -33.65 -80.28 5.35
C TRP C 546 -34.84 -79.65 6.07
N VAL C 547 -35.71 -78.94 5.34
CA VAL C 547 -36.91 -78.40 5.98
C VAL C 547 -38.08 -79.38 5.97
N VAL C 548 -38.06 -80.40 5.11
CA VAL C 548 -39.18 -81.35 5.15
C VAL C 548 -38.87 -82.66 5.88
N SER C 549 -37.70 -82.81 6.49
CA SER C 549 -37.45 -84.02 7.28
C SER C 549 -37.39 -83.79 8.79
N LYS C 550 -37.66 -82.58 9.29
CA LYS C 550 -37.56 -82.30 10.73
C LYS C 550 -38.89 -81.84 11.34
N LEU C 551 -40.01 -82.46 10.95
CA LEU C 551 -41.30 -82.01 11.47
C LEU C 551 -41.72 -82.71 12.75
N ASP C 552 -41.54 -84.03 12.83
CA ASP C 552 -42.01 -84.80 13.97
C ASP C 552 -40.89 -85.05 14.98
N ARG C 553 -40.00 -84.07 15.14
CA ARG C 553 -38.88 -84.14 16.08
C ARG C 553 -39.33 -83.80 17.52
N LEU C 554 -40.61 -83.42 17.68
CA LEU C 554 -41.40 -83.22 18.91
C LEU C 554 -41.13 -81.84 19.55
N GLU C 555 -40.14 -81.10 19.08
CA GLU C 555 -39.79 -79.81 19.65
C GLU C 555 -39.78 -78.75 18.55
N ALA C 556 -40.35 -77.58 18.87
CA ALA C 556 -40.44 -76.41 17.99
C ALA C 556 -41.14 -76.73 16.67
N SER C 557 -42.39 -77.18 16.78
CA SER C 557 -43.22 -77.37 15.60
C SER C 557 -44.00 -76.13 15.22
N SER C 558 -43.83 -75.02 15.93
CA SER C 558 -44.58 -73.82 15.62
C SER C 558 -43.86 -72.89 14.66
N GLY C 559 -42.58 -73.15 14.38
CA GLY C 559 -41.82 -72.31 13.49
C GLY C 559 -41.66 -72.86 12.09
N ILE C 560 -41.39 -74.18 12.00
CA ILE C 560 -41.10 -74.82 10.72
C ILE C 560 -42.32 -74.90 9.81
N LEU C 561 -43.52 -75.05 10.38
CA LEU C 561 -44.73 -75.08 9.57
C LEU C 561 -45.01 -73.75 8.89
N GLU C 562 -44.83 -72.64 9.59
CA GLU C 562 -45.01 -71.37 8.91
C GLU C 562 -43.72 -70.84 8.27
N VAL C 563 -42.60 -71.57 8.40
CA VAL C 563 -41.52 -71.43 7.41
C VAL C 563 -41.97 -72.01 6.07
N LEU C 564 -42.48 -73.24 6.09
CA LEU C 564 -42.87 -73.93 4.88
C LEU C 564 -44.15 -73.35 4.27
N TYR C 565 -44.94 -72.62 5.06
CA TYR C 565 -46.08 -71.89 4.52
C TYR C 565 -45.61 -70.74 3.63
N CYS C 566 -44.60 -69.99 4.08
CA CYS C 566 -44.16 -68.81 3.35
C CYS C 566 -43.07 -69.10 2.32
N VAL C 567 -42.47 -70.30 2.30
CA VAL C 567 -41.55 -70.58 1.20
C VAL C 567 -42.28 -70.90 -0.10
N LEU C 568 -43.59 -71.22 -0.05
CA LEU C 568 -44.35 -71.58 -1.24
C LEU C 568 -45.25 -70.47 -1.78
N ILE C 569 -45.39 -69.35 -1.06
CA ILE C 569 -46.13 -68.20 -1.56
C ILE C 569 -45.23 -67.31 -2.41
N GLU C 570 -43.95 -67.21 -2.05
CA GLU C 570 -43.09 -66.17 -2.60
C GLU C 570 -42.63 -66.49 -4.02
N SER C 571 -42.05 -67.68 -4.24
CA SER C 571 -41.42 -67.99 -5.52
C SER C 571 -41.93 -69.32 -6.07
N PRO C 572 -42.10 -69.43 -7.40
CA PRO C 572 -42.50 -70.71 -7.99
C PRO C 572 -41.36 -71.62 -8.39
N GLU C 573 -40.10 -71.23 -8.14
CA GLU C 573 -38.96 -72.08 -8.47
C GLU C 573 -38.69 -73.15 -7.44
N VAL C 574 -39.45 -73.21 -6.35
CA VAL C 574 -39.21 -74.18 -5.30
C VAL C 574 -40.23 -75.34 -5.32
N LEU C 575 -41.39 -75.15 -5.94
CA LEU C 575 -42.46 -76.14 -5.87
C LEU C 575 -42.43 -77.16 -7.02
N ASN C 576 -41.44 -77.08 -7.91
CA ASN C 576 -41.22 -78.12 -8.90
C ASN C 576 -40.27 -79.21 -8.40
N ILE C 577 -40.00 -79.25 -7.09
CA ILE C 577 -39.04 -80.19 -6.52
C ILE C 577 -39.72 -81.25 -5.67
N ILE C 578 -40.78 -80.89 -4.94
CA ILE C 578 -41.45 -81.82 -4.04
C ILE C 578 -42.27 -82.81 -4.86
N GLN C 579 -41.78 -84.04 -4.95
CA GLN C 579 -42.58 -85.16 -5.42
C GLN C 579 -42.96 -86.02 -4.21
N GLU C 580 -43.50 -87.21 -4.48
CA GLU C 580 -44.24 -87.98 -3.49
C GLU C 580 -43.39 -88.48 -2.32
N ASN C 581 -42.06 -88.39 -2.39
CA ASN C 581 -41.21 -88.83 -1.28
C ASN C 581 -41.22 -87.85 -0.11
N HIS C 582 -41.63 -86.60 -0.32
CA HIS C 582 -41.68 -85.60 0.75
C HIS C 582 -43.08 -85.17 1.15
N ILE C 583 -44.13 -85.64 0.45
CA ILE C 583 -45.46 -85.07 0.65
C ILE C 583 -46.24 -85.84 1.72
N LYS C 584 -45.80 -87.05 2.08
CA LYS C 584 -46.46 -87.83 3.12
C LYS C 584 -45.95 -87.53 4.52
N SER C 585 -44.78 -86.88 4.65
CA SER C 585 -44.36 -86.40 5.95
C SER C 585 -45.29 -85.31 6.47
N ILE C 586 -45.88 -84.55 5.55
CA ILE C 586 -46.86 -83.53 5.93
C ILE C 586 -48.15 -84.17 6.42
N ILE C 587 -48.57 -85.27 5.77
CA ILE C 587 -49.73 -86.03 6.21
C ILE C 587 -49.43 -86.73 7.54
N SER C 588 -48.16 -87.11 7.74
CA SER C 588 -47.74 -87.72 8.99
C SER C 588 -47.85 -86.76 10.16
N LEU C 589 -47.38 -85.51 9.99
CA LEU C 589 -47.57 -84.53 11.06
C LEU C 589 -49.04 -84.12 11.18
N LEU C 590 -49.80 -84.15 10.07
CA LEU C 590 -51.24 -83.93 10.12
C LEU C 590 -51.95 -84.94 11.01
N ASP C 591 -51.54 -86.20 10.94
CA ASP C 591 -52.14 -87.22 11.81
C ASP C 591 -51.44 -87.32 13.16
N LYS C 592 -50.25 -86.75 13.34
CA LYS C 592 -49.54 -86.92 14.59
C LYS C 592 -49.48 -85.68 15.47
N HIS C 593 -49.98 -84.53 15.02
CA HIS C 593 -49.97 -83.35 15.88
C HIS C 593 -51.29 -82.59 15.81
N GLY C 594 -52.41 -83.30 15.91
CA GLY C 594 -53.70 -82.66 16.01
C GLY C 594 -54.20 -82.11 14.70
N ARG C 595 -55.38 -81.48 14.78
CA ARG C 595 -56.04 -80.89 13.62
C ARG C 595 -55.74 -79.40 13.60
N ASN C 596 -54.71 -79.03 12.84
CA ASN C 596 -54.26 -77.65 12.75
C ASN C 596 -54.83 -77.00 11.50
N HIS C 597 -54.86 -75.66 11.51
CA HIS C 597 -55.08 -74.93 10.27
C HIS C 597 -53.77 -74.50 9.61
N LYS C 598 -52.64 -74.80 10.25
CA LYS C 598 -51.33 -74.58 9.64
C LYS C 598 -51.02 -75.61 8.57
N VAL C 599 -51.72 -76.75 8.56
CA VAL C 599 -51.31 -77.90 7.77
C VAL C 599 -52.12 -78.10 6.50
N LEU C 600 -53.22 -77.36 6.32
CA LEU C 600 -54.03 -77.53 5.12
C LEU C 600 -53.96 -76.35 4.16
N ASP C 601 -53.77 -75.13 4.69
CA ASP C 601 -53.53 -73.99 3.81
C ASP C 601 -52.18 -74.10 3.09
N VAL C 602 -51.23 -74.86 3.64
CA VAL C 602 -49.96 -75.08 2.93
C VAL C 602 -50.15 -75.94 1.69
N LEU C 603 -51.02 -76.96 1.75
CA LEU C 603 -51.37 -77.72 0.55
C LEU C 603 -52.30 -76.93 -0.35
N CYS C 604 -53.07 -75.99 0.22
CA CYS C 604 -53.87 -75.10 -0.62
C CYS C 604 -52.99 -74.12 -1.39
N SER C 605 -51.82 -73.81 -0.85
CA SER C 605 -50.88 -72.87 -1.48
C SER C 605 -49.86 -73.55 -2.38
N LEU C 606 -49.57 -74.84 -2.14
CA LEU C 606 -48.54 -75.51 -2.93
C LEU C 606 -49.02 -75.82 -4.34
N CYS C 607 -50.32 -76.01 -4.52
CA CYS C 607 -50.83 -76.46 -5.81
C CYS C 607 -50.93 -75.32 -6.80
N VAL C 608 -51.34 -74.14 -6.34
CA VAL C 608 -51.60 -72.99 -7.20
C VAL C 608 -50.51 -71.95 -6.97
N CYS C 609 -50.01 -71.36 -8.06
CA CYS C 609 -48.95 -70.36 -7.98
C CYS C 609 -48.99 -69.47 -9.23
N ASN C 610 -49.10 -68.16 -9.00
CA ASN C 610 -49.16 -67.13 -10.04
C ASN C 610 -50.33 -67.36 -11.00
N GLY C 611 -51.41 -67.98 -10.52
CA GLY C 611 -52.53 -68.30 -11.38
C GLY C 611 -52.31 -69.43 -12.35
N VAL C 612 -51.34 -70.30 -12.09
CA VAL C 612 -51.12 -71.48 -12.93
C VAL C 612 -50.66 -72.65 -12.05
N ALA C 613 -51.22 -73.83 -12.28
CA ALA C 613 -50.96 -74.97 -11.42
C ALA C 613 -50.11 -76.01 -12.14
N VAL C 614 -49.54 -76.92 -11.35
CA VAL C 614 -48.87 -78.11 -11.88
C VAL C 614 -49.69 -79.32 -11.42
N ARG C 615 -49.94 -80.24 -12.36
CA ARG C 615 -50.68 -81.46 -12.04
C ARG C 615 -49.76 -82.65 -11.85
N SER C 616 -48.47 -82.42 -11.63
CA SER C 616 -47.60 -83.37 -10.97
C SER C 616 -47.63 -83.21 -9.46
N ASN C 617 -48.52 -82.34 -8.96
CA ASN C 617 -48.72 -82.14 -7.54
C ASN C 617 -50.20 -82.13 -7.17
N GLN C 618 -51.09 -82.41 -8.12
CA GLN C 618 -52.52 -82.28 -7.88
C GLN C 618 -53.10 -83.53 -7.23
N ASP C 619 -53.08 -84.66 -7.95
CA ASP C 619 -53.68 -85.89 -7.46
C ASP C 619 -52.77 -86.68 -6.50
N LEU C 620 -51.60 -86.13 -6.15
CA LEU C 620 -50.69 -86.85 -5.26
C LEU C 620 -51.20 -86.86 -3.82
N ILE C 621 -52.07 -85.91 -3.46
CA ILE C 621 -52.71 -85.97 -2.15
C ILE C 621 -54.04 -86.70 -2.20
N THR C 622 -54.71 -86.71 -3.35
CA THR C 622 -55.86 -87.58 -3.54
C THR C 622 -55.47 -89.05 -3.64
N GLU C 623 -54.19 -89.33 -3.87
CA GLU C 623 -53.66 -90.69 -3.78
C GLU C 623 -53.65 -91.20 -2.34
N ASN C 624 -53.28 -90.34 -1.38
CA ASN C 624 -52.96 -90.73 -0.01
C ASN C 624 -53.98 -90.28 1.02
N LEU C 625 -54.22 -88.98 1.12
CA LEU C 625 -54.95 -88.39 2.24
C LEU C 625 -56.45 -88.66 2.13
N LEU C 626 -56.98 -88.66 0.92
CA LEU C 626 -58.41 -88.78 0.62
C LEU C 626 -59.02 -90.18 0.67
N PRO C 627 -58.49 -91.24 0.04
CA PRO C 627 -59.21 -92.51 0.05
C PRO C 627 -59.13 -93.29 1.35
N GLY C 628 -58.36 -92.82 2.34
CA GLY C 628 -58.36 -93.48 3.62
C GLY C 628 -59.65 -93.25 4.39
N ARG C 629 -60.13 -91.99 4.40
CA ARG C 629 -61.38 -91.55 5.05
C ARG C 629 -61.43 -91.95 6.53
N GLU C 630 -60.29 -91.82 7.21
CA GLU C 630 -60.22 -91.99 8.65
C GLU C 630 -59.40 -90.89 9.31
N LEU C 631 -59.01 -89.86 8.57
CA LEU C 631 -58.21 -88.75 9.08
C LEU C 631 -59.01 -87.45 9.13
N LEU C 632 -59.67 -87.10 8.03
CA LEU C 632 -60.43 -85.87 7.92
C LEU C 632 -61.91 -86.17 8.12
N LEU C 633 -62.74 -85.15 7.93
CA LEU C 633 -64.13 -85.17 8.35
C LEU C 633 -65.04 -85.20 7.12
N GLN C 634 -65.79 -86.28 6.96
CA GLN C 634 -66.70 -86.45 5.82
C GLN C 634 -68.15 -86.43 6.30
N THR C 635 -69.07 -86.29 5.35
CA THR C 635 -70.48 -86.19 5.71
C THR C 635 -71.37 -86.68 4.57
N ASN C 636 -72.61 -87.03 4.93
CA ASN C 636 -73.64 -87.44 3.99
C ASN C 636 -74.99 -87.21 4.65
N LEU C 637 -76.04 -87.17 3.84
CA LEU C 637 -77.38 -86.94 4.35
C LEU C 637 -77.88 -88.19 5.08
N ILE C 638 -78.53 -87.98 6.23
CA ILE C 638 -78.92 -89.09 7.10
C ILE C 638 -80.35 -88.84 7.56
N ASN C 639 -81.01 -89.88 8.04
CA ASN C 639 -82.42 -89.88 8.37
C ASN C 639 -82.65 -89.29 9.76
N TYR C 640 -83.93 -89.20 10.14
CA TYR C 640 -84.35 -88.96 11.50
C TYR C 640 -85.06 -90.20 12.05
N VAL C 641 -84.78 -90.52 13.31
CA VAL C 641 -85.51 -91.57 14.01
C VAL C 641 -85.92 -91.06 15.38
N THR C 642 -87.13 -91.44 15.79
CA THR C 642 -87.61 -91.42 17.16
C THR C 642 -88.20 -92.80 17.46
N SER C 643 -88.69 -92.97 18.68
CA SER C 643 -89.18 -94.28 19.09
C SER C 643 -90.30 -94.11 20.11
N ILE C 644 -91.33 -94.93 19.97
CA ILE C 644 -92.50 -94.89 20.84
C ILE C 644 -92.43 -96.11 21.75
N ARG C 645 -93.03 -96.00 22.93
CA ARG C 645 -92.88 -97.04 23.95
C ARG C 645 -94.10 -97.12 24.86
N PRO C 646 -94.69 -98.30 25.05
CA PRO C 646 -95.76 -98.46 26.03
C PRO C 646 -95.23 -98.80 27.42
N ASN C 647 -96.08 -98.59 28.41
CA ASN C 647 -95.68 -98.75 29.82
C ASN C 647 -95.99 -100.17 30.29
N ILE C 648 -95.10 -101.08 29.90
CA ILE C 648 -95.05 -102.43 30.45
C ILE C 648 -93.65 -102.60 31.03
N PHE C 649 -93.56 -102.59 32.36
CA PHE C 649 -92.29 -102.58 33.07
C PHE C 649 -92.15 -103.92 33.82
N VAL C 650 -91.24 -104.77 33.36
CA VAL C 650 -91.01 -106.10 33.91
C VAL C 650 -89.56 -106.21 34.36
N GLY C 651 -89.35 -106.50 35.64
CA GLY C 651 -88.00 -106.69 36.17
C GLY C 651 -87.99 -107.69 37.31
N ARG C 652 -86.80 -108.19 37.61
CA ARG C 652 -86.62 -109.14 38.69
C ARG C 652 -85.60 -108.66 39.72
N ALA C 653 -85.64 -109.37 40.84
CA ALA C 653 -84.70 -109.28 41.94
C ALA C 653 -84.69 -110.66 42.62
N GLU C 654 -84.31 -110.70 43.90
CA GLU C 654 -84.31 -111.97 44.63
C GLU C 654 -85.73 -112.47 44.87
N GLY C 655 -86.52 -111.71 45.61
CA GLY C 655 -87.95 -112.00 45.73
C GLY C 655 -88.77 -111.03 44.91
N SER C 656 -89.16 -111.46 43.72
CA SER C 656 -89.77 -110.56 42.75
C SER C 656 -91.24 -110.91 42.54
N THR C 657 -91.98 -109.97 41.96
CA THR C 657 -93.41 -110.10 41.74
C THR C 657 -93.75 -110.69 40.37
N GLN C 658 -92.75 -111.09 39.59
CA GLN C 658 -92.96 -111.51 38.21
C GLN C 658 -93.39 -112.98 38.12
N TYR C 659 -93.66 -113.41 36.89
CA TYR C 659 -93.76 -114.82 36.52
C TYR C 659 -92.56 -115.24 35.68
N GLY C 660 -92.25 -114.50 34.62
CA GLY C 660 -91.05 -114.73 33.86
C GLY C 660 -91.28 -114.95 32.37
N LYS C 661 -92.54 -114.95 31.95
CA LYS C 661 -92.88 -115.34 30.58
C LYS C 661 -93.82 -114.26 30.03
N TRP C 662 -93.34 -113.46 29.08
CA TRP C 662 -94.19 -112.47 28.43
C TRP C 662 -93.79 -112.33 26.96
N TYR C 663 -94.80 -112.10 26.12
CA TYR C 663 -94.65 -112.19 24.66
C TYR C 663 -95.78 -111.40 24.00
N PHE C 664 -95.47 -110.87 22.81
CA PHE C 664 -96.29 -109.89 22.11
C PHE C 664 -96.02 -110.04 20.62
N GLU C 665 -96.81 -109.35 19.79
CA GLU C 665 -96.49 -109.23 18.36
C GLU C 665 -96.71 -107.82 17.85
N VAL C 666 -96.13 -107.57 16.67
CA VAL C 666 -96.37 -106.39 15.86
C VAL C 666 -96.69 -106.85 14.44
N MET C 667 -97.76 -106.30 13.85
CA MET C 667 -98.13 -106.61 12.48
C MET C 667 -97.80 -105.41 11.60
N VAL C 668 -97.23 -105.68 10.41
CA VAL C 668 -96.72 -104.64 9.52
C VAL C 668 -97.58 -104.59 8.26
N ASP C 669 -98.12 -103.41 7.96
CA ASP C 669 -99.00 -103.29 6.78
C ASP C 669 -98.74 -102.05 5.94
N GLU C 670 -98.20 -100.97 6.53
CA GLU C 670 -98.05 -99.71 5.79
C GLU C 670 -96.66 -99.14 6.04
N VAL C 671 -95.71 -99.50 5.18
CA VAL C 671 -94.34 -99.01 5.27
C VAL C 671 -93.86 -98.75 3.85
N VAL C 672 -93.32 -97.55 3.60
CA VAL C 672 -92.79 -97.19 2.29
C VAL C 672 -91.55 -98.03 1.98
N PRO C 673 -91.30 -98.38 0.72
CA PRO C 673 -90.05 -99.09 0.39
C PRO C 673 -88.81 -98.21 0.56
N PHE C 674 -88.74 -97.12 -0.20
CA PHE C 674 -87.62 -96.18 -0.11
C PHE C 674 -88.17 -94.79 -0.41
N LEU C 675 -88.43 -94.01 0.63
CA LEU C 675 -88.81 -92.62 0.47
C LEU C 675 -87.60 -91.69 0.45
N THR C 676 -86.64 -91.95 1.31
CA THR C 676 -85.43 -91.16 1.50
C THR C 676 -84.27 -91.74 0.68
N ALA C 677 -83.07 -91.19 0.91
CA ALA C 677 -81.88 -91.69 0.23
C ALA C 677 -81.44 -93.03 0.80
N GLN C 678 -81.08 -93.05 2.08
CA GLN C 678 -80.55 -94.25 2.70
C GLN C 678 -81.66 -95.24 3.04
N ALA C 679 -81.30 -96.31 3.76
CA ALA C 679 -82.23 -97.37 4.07
C ALA C 679 -83.26 -96.93 5.10
N THR C 680 -84.47 -97.46 4.97
CA THR C 680 -85.55 -97.19 5.91
C THR C 680 -85.28 -97.98 7.18
N HIS C 681 -84.88 -97.28 8.25
CA HIS C 681 -84.49 -97.92 9.49
C HIS C 681 -85.73 -98.45 10.21
N LEU C 682 -85.94 -99.76 10.14
CA LEU C 682 -87.19 -100.40 10.53
C LEU C 682 -86.84 -101.71 11.23
N ARG C 683 -86.94 -101.74 12.55
CA ARG C 683 -86.69 -102.97 13.30
C ARG C 683 -87.31 -102.87 14.69
N VAL C 684 -87.55 -104.03 15.29
CA VAL C 684 -88.17 -104.13 16.60
C VAL C 684 -87.09 -104.52 17.62
N GLY C 685 -87.41 -104.34 18.89
CA GLY C 685 -86.48 -104.75 19.92
C GLY C 685 -86.93 -104.33 21.30
N TRP C 686 -86.24 -104.85 22.30
CA TRP C 686 -86.48 -104.56 23.71
C TRP C 686 -85.16 -104.14 24.34
N ALA C 687 -85.23 -103.25 25.31
CA ALA C 687 -84.03 -102.72 25.94
C ALA C 687 -84.32 -102.45 27.41
N LEU C 688 -83.29 -102.02 28.12
CA LEU C 688 -83.38 -101.68 29.53
C LEU C 688 -83.17 -100.18 29.70
N THR C 689 -83.80 -99.61 30.72
CA THR C 689 -84.11 -98.18 30.73
C THR C 689 -82.90 -97.32 31.09
N GLU C 690 -81.81 -97.93 31.60
CA GLU C 690 -80.73 -97.15 32.17
C GLU C 690 -79.73 -96.62 31.16
N GLY C 691 -79.56 -97.28 30.02
CA GLY C 691 -78.57 -96.82 29.07
C GLY C 691 -79.07 -96.46 27.69
N TYR C 692 -80.12 -97.14 27.24
CA TYR C 692 -80.68 -96.91 25.91
C TYR C 692 -81.50 -95.63 25.91
N SER C 693 -81.10 -94.66 25.09
CA SER C 693 -81.80 -93.39 24.99
C SER C 693 -81.59 -92.80 23.60
N PRO C 694 -82.53 -93.03 22.68
CA PRO C 694 -82.41 -92.48 21.32
C PRO C 694 -82.75 -90.99 21.28
N TYR C 695 -81.83 -90.20 20.74
CA TYR C 695 -82.01 -88.80 20.40
C TYR C 695 -81.78 -88.55 18.92
N PRO C 696 -82.58 -87.68 18.30
CA PRO C 696 -82.41 -87.42 16.86
C PRO C 696 -81.19 -86.57 16.54
N GLY C 697 -80.64 -85.84 17.51
CA GLY C 697 -79.45 -85.06 17.27
C GLY C 697 -78.22 -85.61 17.98
N GLY C 698 -77.30 -86.17 17.21
CA GLY C 698 -76.06 -86.70 17.76
C GLY C 698 -76.16 -88.15 18.18
N GLY C 699 -75.02 -88.68 18.59
CA GLY C 699 -74.86 -90.06 18.99
C GLY C 699 -73.63 -90.65 18.34
N GLU C 700 -73.58 -91.98 18.31
CA GLU C 700 -72.48 -92.71 17.68
C GLU C 700 -72.95 -93.35 16.38
N GLY C 701 -71.97 -93.74 15.56
CA GLY C 701 -72.27 -94.30 14.26
C GLY C 701 -72.25 -93.25 13.16
N TRP C 702 -73.02 -93.51 12.11
CA TRP C 702 -73.23 -92.54 11.03
C TRP C 702 -74.30 -91.52 11.36
N GLY C 703 -75.35 -91.94 12.03
CA GLY C 703 -76.49 -91.10 12.34
C GLY C 703 -77.77 -91.91 12.27
N GLY C 704 -78.79 -91.40 12.95
CA GLY C 704 -80.07 -92.08 12.98
C GLY C 704 -80.03 -93.32 13.85
N ASN C 705 -79.85 -93.13 15.14
CA ASN C 705 -79.67 -94.25 16.07
C ASN C 705 -81.00 -94.60 16.75
N GLY C 706 -81.48 -95.82 16.51
CA GLY C 706 -82.64 -96.36 17.20
C GLY C 706 -82.32 -97.59 18.03
N VAL C 707 -83.04 -98.70 17.80
CA VAL C 707 -82.72 -99.96 18.46
C VAL C 707 -81.70 -100.72 17.63
N GLY C 708 -81.00 -101.66 18.27
CA GLY C 708 -79.96 -102.42 17.61
C GLY C 708 -78.65 -101.67 17.43
N ASP C 709 -78.63 -100.39 17.77
CA ASP C 709 -77.49 -99.51 17.57
C ASP C 709 -76.66 -99.38 18.84
N ASP C 710 -76.95 -100.18 19.86
CA ASP C 710 -76.28 -100.12 21.15
C ASP C 710 -76.22 -101.55 21.70
N LEU C 711 -75.63 -101.70 22.89
CA LEU C 711 -75.57 -103.01 23.54
C LEU C 711 -76.82 -103.31 24.37
N TYR C 712 -77.60 -102.29 24.72
CA TYR C 712 -78.75 -102.47 25.60
C TYR C 712 -79.97 -103.04 24.86
N SER C 713 -80.07 -102.79 23.56
CA SER C 713 -81.21 -103.18 22.76
C SER C 713 -80.82 -104.33 21.83
N TYR C 714 -81.84 -105.06 21.36
CA TYR C 714 -81.66 -106.23 20.50
C TYR C 714 -82.55 -106.03 19.27
N GLY C 715 -82.00 -105.41 18.23
CA GLY C 715 -82.74 -105.09 17.03
C GLY C 715 -82.54 -106.12 15.93
N PHE C 716 -83.59 -106.30 15.12
CA PHE C 716 -83.57 -107.28 14.05
C PHE C 716 -84.62 -106.86 13.02
N ASP C 717 -84.18 -106.63 11.79
CA ASP C 717 -85.06 -106.18 10.71
C ASP C 717 -85.49 -107.30 9.76
N GLY C 718 -84.84 -108.47 9.82
CA GLY C 718 -85.21 -109.55 8.93
C GLY C 718 -84.02 -110.25 8.29
N LEU C 719 -82.89 -109.55 8.21
CA LEU C 719 -81.67 -110.14 7.68
C LEU C 719 -80.52 -110.20 8.67
N HIS C 720 -80.42 -109.25 9.60
CA HIS C 720 -79.25 -109.19 10.47
C HIS C 720 -79.71 -108.78 11.86
N LEU C 721 -79.26 -109.53 12.87
CA LEU C 721 -79.57 -109.27 14.27
C LEU C 721 -78.61 -108.19 14.77
N TRP C 722 -79.07 -106.94 14.77
CA TRP C 722 -78.26 -105.81 15.21
C TRP C 722 -78.22 -105.73 16.73
N THR C 723 -77.03 -105.81 17.30
CA THR C 723 -76.85 -105.52 18.73
C THR C 723 -75.46 -104.91 18.90
N GLY C 724 -75.38 -103.58 18.89
CA GLY C 724 -74.13 -102.89 19.07
C GLY C 724 -73.37 -102.64 17.78
N HIS C 725 -74.06 -102.05 16.80
CA HIS C 725 -73.48 -101.59 15.52
C HIS C 725 -72.88 -102.74 14.72
N VAL C 726 -73.56 -103.89 14.71
CA VAL C 726 -73.08 -105.10 14.06
C VAL C 726 -74.14 -105.63 13.11
N ALA C 727 -73.70 -106.51 12.20
CA ALA C 727 -74.58 -107.20 11.27
C ALA C 727 -74.17 -108.67 11.21
N ARG C 728 -75.05 -109.56 11.67
CA ARG C 728 -74.78 -110.99 11.76
C ARG C 728 -75.78 -111.74 10.88
N PRO C 729 -75.32 -112.61 9.99
CA PRO C 729 -76.25 -113.27 9.06
C PRO C 729 -77.07 -114.36 9.73
N VAL C 730 -78.33 -114.48 9.28
CA VAL C 730 -79.30 -115.37 9.90
C VAL C 730 -79.72 -116.41 8.85
N THR C 731 -79.65 -117.69 9.23
CA THR C 731 -79.87 -118.79 8.28
C THR C 731 -81.28 -119.34 8.47
N SER C 732 -82.24 -118.67 7.81
CA SER C 732 -83.65 -119.04 7.81
C SER C 732 -84.15 -119.22 6.38
N PRO C 733 -85.10 -120.12 6.16
CA PRO C 733 -85.66 -120.29 4.80
C PRO C 733 -86.61 -119.15 4.46
N GLY C 734 -86.36 -118.50 3.32
CA GLY C 734 -87.22 -117.44 2.84
C GLY C 734 -87.09 -116.15 3.64
N GLN C 735 -85.88 -115.62 3.70
CA GLN C 735 -85.62 -114.45 4.53
C GLN C 735 -85.90 -113.17 3.75
N HIS C 736 -86.46 -112.18 4.45
CA HIS C 736 -86.65 -110.85 3.91
C HIS C 736 -86.84 -109.86 5.05
N LEU C 737 -86.85 -108.58 4.69
CA LEU C 737 -87.06 -107.50 5.64
C LEU C 737 -88.55 -107.39 5.99
N LEU C 738 -88.91 -106.39 6.80
CA LEU C 738 -90.30 -106.21 7.24
C LEU C 738 -91.12 -105.61 6.09
N ALA C 739 -91.57 -106.50 5.22
CA ALA C 739 -92.51 -106.14 4.18
C ALA C 739 -93.91 -106.01 4.79
N PRO C 740 -94.82 -105.28 4.12
CA PRO C 740 -96.22 -105.27 4.57
C PRO C 740 -96.88 -106.65 4.46
N GLU C 741 -98.03 -106.76 5.16
CA GLU C 741 -98.82 -107.98 5.31
C GLU C 741 -97.99 -109.12 5.93
N ASP C 742 -97.15 -108.77 6.89
CA ASP C 742 -96.42 -109.72 7.72
C ASP C 742 -96.46 -109.27 9.17
N VAL C 743 -96.12 -110.20 10.07
CA VAL C 743 -96.20 -110.00 11.51
C VAL C 743 -94.81 -110.31 12.08
N VAL C 744 -94.24 -109.35 12.82
CA VAL C 744 -92.91 -109.46 13.37
C VAL C 744 -92.99 -109.40 14.90
N SER C 745 -92.26 -110.31 15.55
CA SER C 745 -92.29 -110.37 17.01
C SER C 745 -90.97 -110.95 17.50
N CYS C 746 -90.81 -110.96 18.82
CA CYS C 746 -89.71 -111.62 19.52
C CYS C 746 -90.21 -112.10 20.86
N CYS C 747 -89.73 -113.25 21.32
CA CYS C 747 -90.11 -113.76 22.62
C CYS C 747 -88.94 -113.69 23.59
N LEU C 748 -89.26 -113.38 24.84
CA LEU C 748 -88.28 -113.02 25.85
C LEU C 748 -88.70 -113.68 27.17
N ASP C 749 -87.74 -114.30 27.85
CA ASP C 749 -87.98 -114.82 29.19
C ASP C 749 -86.82 -114.46 30.12
N LEU C 750 -87.11 -114.49 31.41
CA LEU C 750 -86.47 -113.64 32.42
C LEU C 750 -85.42 -114.31 33.27
N SER C 751 -85.66 -115.51 33.79
CA SER C 751 -84.70 -116.13 34.71
C SER C 751 -83.47 -116.62 33.97
N VAL C 752 -83.65 -117.60 33.09
CA VAL C 752 -82.59 -118.00 32.16
C VAL C 752 -82.73 -117.06 30.97
N PRO C 753 -81.66 -116.44 30.49
CA PRO C 753 -81.80 -115.51 29.36
C PRO C 753 -82.05 -116.26 28.07
N SER C 754 -83.08 -115.82 27.34
CA SER C 754 -83.37 -116.33 26.00
C SER C 754 -84.18 -115.29 25.24
N ILE C 755 -83.62 -114.80 24.14
CA ILE C 755 -84.28 -113.87 23.24
C ILE C 755 -84.44 -114.56 21.89
N SER C 756 -85.58 -115.19 21.65
CA SER C 756 -85.86 -115.75 20.34
C SER C 756 -86.80 -114.82 19.58
N PHE C 757 -86.74 -114.92 18.25
CA PHE C 757 -87.53 -114.09 17.35
C PHE C 757 -88.48 -114.94 16.54
N ARG C 758 -89.68 -114.43 16.28
CA ARG C 758 -90.78 -115.20 15.68
C ARG C 758 -91.41 -114.39 14.57
N ILE C 759 -91.38 -114.93 13.35
CA ILE C 759 -91.91 -114.26 12.16
C ILE C 759 -92.16 -115.33 11.09
N ASN C 760 -93.31 -115.21 10.39
CA ASN C 760 -93.68 -116.06 9.25
C ASN C 760 -93.81 -117.55 9.63
N GLY C 761 -94.36 -117.82 10.81
CA GLY C 761 -94.74 -119.17 11.19
C GLY C 761 -93.62 -120.09 11.65
N CYS C 762 -92.35 -119.70 11.47
CA CYS C 762 -91.22 -120.52 11.87
C CYS C 762 -90.21 -119.57 12.51
N PRO C 763 -89.64 -119.90 13.67
CA PRO C 763 -88.68 -119.00 14.30
C PRO C 763 -87.36 -118.97 13.53
N VAL C 764 -86.71 -117.81 13.56
CA VAL C 764 -85.38 -117.72 12.97
C VAL C 764 -84.37 -118.37 13.91
N GLN C 765 -83.21 -118.68 13.37
CA GLN C 765 -82.19 -119.41 14.11
C GLN C 765 -81.10 -118.44 14.59
N GLY C 766 -81.46 -117.69 15.62
CA GLY C 766 -80.55 -116.78 16.28
C GLY C 766 -81.12 -116.25 17.58
N VAL C 767 -80.35 -116.37 18.67
CA VAL C 767 -80.79 -115.98 19.99
C VAL C 767 -79.69 -115.17 20.68
N PHE C 768 -80.10 -114.45 21.73
CA PHE C 768 -79.20 -113.78 22.67
C PHE C 768 -79.45 -114.27 24.08
N GLU C 769 -78.36 -114.40 24.85
CA GLU C 769 -78.45 -114.80 26.25
C GLU C 769 -77.24 -114.25 27.01
N ALA C 770 -77.18 -114.58 28.30
CA ALA C 770 -76.09 -114.26 29.23
C ALA C 770 -75.86 -112.76 29.39
N PHE C 771 -76.91 -111.96 29.27
CA PHE C 771 -76.81 -110.51 29.43
C PHE C 771 -77.17 -110.10 30.86
N ASN C 772 -76.88 -108.85 31.19
CA ASN C 772 -77.18 -108.30 32.50
C ASN C 772 -78.53 -107.60 32.47
N LEU C 773 -79.40 -107.94 33.43
CA LEU C 773 -80.74 -107.36 33.52
C LEU C 773 -80.88 -106.36 34.67
N ASP C 774 -79.94 -105.41 34.81
CA ASP C 774 -80.02 -104.41 35.87
C ASP C 774 -80.95 -103.27 35.46
N GLY C 775 -82.24 -103.59 35.43
CA GLY C 775 -83.26 -102.66 34.98
C GLY C 775 -84.49 -103.43 34.55
N LEU C 776 -85.43 -102.71 33.95
CA LEU C 776 -86.71 -103.29 33.59
C LEU C 776 -86.84 -103.35 32.08
N PHE C 777 -87.85 -104.07 31.61
CA PHE C 777 -88.05 -104.30 30.19
C PHE C 777 -89.04 -103.28 29.67
N PHE C 778 -89.04 -103.05 28.35
CA PHE C 778 -90.08 -102.26 27.69
C PHE C 778 -90.12 -102.62 26.21
N PRO C 779 -91.31 -102.59 25.59
CA PRO C 779 -91.37 -102.63 24.12
C PRO C 779 -91.01 -101.28 23.51
N VAL C 780 -90.36 -101.32 22.36
CA VAL C 780 -89.92 -100.12 21.66
C VAL C 780 -89.69 -100.49 20.19
N VAL C 781 -90.05 -99.57 19.29
CA VAL C 781 -89.92 -99.81 17.85
C VAL C 781 -89.11 -98.68 17.22
N SER C 782 -88.52 -98.96 16.06
CA SER C 782 -87.78 -97.97 15.30
C SER C 782 -88.51 -97.71 13.99
N PHE C 783 -88.75 -96.44 13.68
CA PHE C 783 -89.50 -96.08 12.49
C PHE C 783 -88.90 -94.83 11.87
N SER C 784 -88.68 -94.89 10.56
CA SER C 784 -88.20 -93.74 9.79
C SER C 784 -89.41 -92.98 9.24
N ALA C 785 -89.15 -92.07 8.30
CA ALA C 785 -90.22 -91.30 7.69
C ALA C 785 -91.05 -92.18 6.76
N GLY C 786 -92.38 -92.14 6.93
CA GLY C 786 -93.28 -92.87 6.07
C GLY C 786 -93.62 -94.26 6.55
N VAL C 787 -93.78 -94.43 7.86
CA VAL C 787 -94.07 -95.72 8.47
C VAL C 787 -95.39 -95.59 9.23
N LYS C 788 -96.35 -96.47 8.95
CA LYS C 788 -97.53 -96.57 9.79
C LYS C 788 -97.73 -98.02 10.21
N VAL C 789 -97.53 -98.29 11.50
CA VAL C 789 -97.53 -99.65 12.03
C VAL C 789 -98.41 -99.67 13.28
N ARG C 790 -99.05 -100.81 13.55
CA ARG C 790 -99.76 -101.03 14.80
C ARG C 790 -99.23 -102.28 15.50
N PHE C 791 -99.31 -102.26 16.83
CA PHE C 791 -98.80 -103.31 17.69
C PHE C 791 -99.95 -104.22 18.11
N LEU C 792 -99.71 -105.52 18.12
CA LEU C 792 -100.69 -106.48 18.62
C LEU C 792 -100.44 -106.58 20.13
N LEU C 793 -101.33 -105.94 20.89
CA LEU C 793 -101.07 -105.67 22.30
C LEU C 793 -101.24 -106.92 23.15
N GLY C 794 -102.43 -107.51 23.14
CA GLY C 794 -102.70 -108.70 23.93
C GLY C 794 -103.98 -109.39 23.53
N GLY C 795 -104.77 -109.75 24.54
CA GLY C 795 -106.07 -110.35 24.32
C GLY C 795 -107.21 -109.45 24.74
N ARG C 796 -106.90 -108.44 25.56
CA ARG C 796 -107.90 -107.50 26.04
C ARG C 796 -108.23 -106.44 24.99
N HIS C 797 -107.23 -105.67 24.58
CA HIS C 797 -107.37 -104.72 23.49
C HIS C 797 -106.76 -105.24 22.19
N GLY C 798 -106.58 -106.55 22.06
CA GLY C 798 -106.19 -107.14 20.81
C GLY C 798 -106.65 -108.58 20.68
N GLU C 799 -106.24 -109.25 19.60
CA GLU C 799 -106.48 -110.69 19.47
C GLU C 799 -105.37 -111.26 18.60
N PHE C 800 -104.57 -112.14 19.17
CA PHE C 800 -103.35 -112.60 18.53
C PHE C 800 -103.65 -113.55 17.37
N LYS C 801 -103.09 -113.25 16.20
CA LYS C 801 -103.22 -114.17 15.07
C LYS C 801 -102.42 -115.44 15.32
N PHE C 802 -101.27 -115.32 15.98
CA PHE C 802 -100.43 -116.47 16.31
C PHE C 802 -100.61 -116.78 17.79
N LEU C 803 -101.13 -117.97 18.07
CA LEU C 803 -101.30 -118.39 19.46
C LEU C 803 -99.94 -118.74 20.06
N PRO C 804 -99.67 -118.33 21.29
CA PRO C 804 -98.34 -118.54 21.88
C PRO C 804 -98.12 -119.99 22.26
N PRO C 805 -96.87 -120.42 22.43
CA PRO C 805 -96.61 -121.76 22.97
C PRO C 805 -97.05 -121.86 24.41
N PRO C 806 -97.28 -123.08 24.92
CA PRO C 806 -97.76 -123.24 26.31
C PRO C 806 -96.72 -122.79 27.33
N GLY C 807 -97.13 -121.87 28.21
CA GLY C 807 -96.26 -121.25 29.20
C GLY C 807 -96.01 -119.79 28.94
N TYR C 808 -96.08 -119.36 27.68
CA TYR C 808 -95.84 -117.97 27.30
C TYR C 808 -97.12 -117.18 27.53
N ALA C 809 -97.04 -116.18 28.39
CA ALA C 809 -98.21 -115.34 28.66
C ALA C 809 -98.18 -114.08 27.80
N PRO C 810 -99.34 -113.58 27.39
CA PRO C 810 -99.37 -112.34 26.61
C PRO C 810 -99.05 -111.11 27.46
N CYS C 811 -98.73 -110.02 26.77
CA CYS C 811 -98.17 -108.82 27.38
C CYS C 811 -99.22 -107.94 28.06
N HIS C 812 -100.51 -108.18 27.79
CA HIS C 812 -101.59 -107.25 28.13
C HIS C 812 -101.90 -107.12 29.62
N GLU C 813 -101.19 -107.81 30.52
CA GLU C 813 -101.53 -107.75 31.94
C GLU C 813 -100.38 -107.44 32.88
N ALA C 814 -99.31 -106.82 32.40
CA ALA C 814 -98.28 -106.28 33.30
C ALA C 814 -98.48 -104.80 33.53
N VAL C 815 -99.73 -104.39 33.65
CA VAL C 815 -100.11 -102.97 33.71
C VAL C 815 -100.24 -102.54 35.16
N LEU C 816 -99.68 -101.38 35.48
CA LEU C 816 -99.87 -100.74 36.78
C LEU C 816 -101.31 -100.23 36.89
N PRO C 817 -101.94 -100.35 38.07
CA PRO C 817 -103.41 -100.15 38.12
C PRO C 817 -103.87 -98.70 37.91
N ARG C 818 -103.20 -97.71 38.50
CA ARG C 818 -103.64 -96.33 38.32
C ARG C 818 -103.08 -95.65 37.09
N GLU C 819 -102.21 -96.30 36.34
CA GLU C 819 -101.74 -95.79 35.06
C GLU C 819 -102.44 -96.55 33.95
N ARG C 820 -103.22 -95.84 33.14
CA ARG C 820 -103.74 -96.40 31.91
C ARG C 820 -102.60 -96.63 30.93
N LEU C 821 -102.77 -97.62 30.06
CA LEU C 821 -101.64 -98.10 29.27
C LEU C 821 -101.34 -97.09 28.17
N ARG C 822 -100.21 -96.41 28.31
CA ARG C 822 -99.92 -95.17 27.63
C ARG C 822 -98.75 -95.34 26.68
N LEU C 823 -98.83 -94.71 25.51
CA LEU C 823 -97.78 -94.80 24.49
C LEU C 823 -97.01 -93.48 24.46
N GLU C 824 -95.87 -93.46 25.15
CA GLU C 824 -95.09 -92.25 25.38
C GLU C 824 -93.64 -92.46 24.94
N PRO C 825 -93.03 -91.52 24.22
CA PRO C 825 -91.66 -91.72 23.74
C PRO C 825 -90.62 -91.59 24.85
N ILE C 826 -89.54 -92.37 24.72
CA ILE C 826 -88.51 -92.47 25.75
C ILE C 826 -87.63 -91.22 25.71
N LYS C 827 -87.37 -90.65 26.90
CA LYS C 827 -86.49 -89.50 27.13
C LYS C 827 -86.95 -88.27 26.33
N GLU C 828 -88.25 -88.02 26.33
CA GLU C 828 -88.76 -86.90 25.55
C GLU C 828 -88.53 -85.59 26.28
N TYR C 829 -88.31 -84.54 25.50
CA TYR C 829 -88.07 -83.20 26.00
C TYR C 829 -88.92 -82.17 25.27
N ARG C 830 -89.90 -82.62 24.50
CA ARG C 830 -90.71 -81.72 23.68
C ARG C 830 -92.02 -82.44 23.33
N ARG C 831 -93.13 -81.72 23.44
CA ARG C 831 -94.42 -82.20 22.97
C ARG C 831 -95.13 -81.10 22.18
N GLU C 832 -96.02 -81.53 21.28
CA GLU C 832 -96.83 -80.58 20.52
C GLU C 832 -98.07 -80.22 21.33
N GLY C 833 -98.20 -78.94 21.67
CA GLY C 833 -99.28 -78.49 22.50
C GLY C 833 -100.26 -77.58 21.77
N PRO C 834 -101.10 -76.87 22.52
CA PRO C 834 -102.06 -75.96 21.87
C PRO C 834 -101.40 -74.71 21.31
N ARG C 835 -100.41 -74.17 22.00
CA ARG C 835 -99.71 -72.98 21.54
C ARG C 835 -98.27 -72.95 22.04
N PRO C 837 -95.00 -75.72 20.37
CA PRO C 837 -94.19 -76.81 20.92
C PRO C 837 -93.72 -76.53 22.35
N HIS C 838 -94.35 -77.21 23.31
CA HIS C 838 -94.02 -77.07 24.72
C HIS C 838 -93.10 -78.20 25.15
N LEU C 839 -92.16 -77.88 26.04
CA LEU C 839 -91.03 -78.76 26.36
C LEU C 839 -91.13 -79.29 27.78
N VAL C 840 -90.65 -80.53 27.97
CA VAL C 840 -90.74 -81.22 29.25
C VAL C 840 -89.34 -81.63 29.69
N GLY C 841 -89.27 -82.32 30.84
CA GLY C 841 -88.04 -82.89 31.34
C GLY C 841 -88.09 -84.40 31.35
N PRO C 842 -87.14 -85.04 32.04
CA PRO C 842 -87.12 -86.51 32.06
C PRO C 842 -88.17 -87.05 33.03
N SER C 843 -89.01 -87.96 32.55
CA SER C 843 -89.95 -88.64 33.45
C SER C 843 -89.18 -89.61 34.34
N ARG C 844 -89.47 -89.58 35.63
CA ARG C 844 -88.69 -90.37 36.59
C ARG C 844 -89.06 -91.84 36.43
N CYS C 845 -88.05 -92.67 36.19
CA CYS C 845 -88.30 -94.08 35.98
C CYS C 845 -88.45 -94.78 37.32
N LEU C 846 -89.29 -95.82 37.33
CA LEU C 846 -89.43 -96.65 38.51
C LEU C 846 -88.14 -97.42 38.74
N SER C 847 -87.66 -97.38 39.97
CA SER C 847 -86.38 -97.99 40.28
C SER C 847 -86.49 -99.51 40.30
N HIS C 848 -85.35 -100.16 40.09
CA HIS C 848 -85.28 -101.61 40.12
C HIS C 848 -85.19 -102.15 41.55
N THR C 849 -85.07 -101.25 42.53
CA THR C 849 -85.15 -101.60 43.94
C THR C 849 -86.44 -101.07 44.57
N ASP C 850 -87.53 -100.97 43.80
CA ASP C 850 -88.78 -100.43 44.29
C ASP C 850 -89.91 -101.45 44.37
N PHE C 851 -89.99 -102.38 43.40
CA PHE C 851 -91.05 -103.38 43.39
C PHE C 851 -90.85 -104.48 44.43
N VAL C 852 -89.63 -104.67 44.92
CA VAL C 852 -89.36 -105.79 45.82
C VAL C 852 -89.92 -105.49 47.21
N PRO C 853 -90.60 -106.44 47.86
CA PRO C 853 -91.08 -106.18 49.22
C PRO C 853 -89.99 -106.42 50.26
N CYS C 854 -89.71 -105.38 51.05
CA CYS C 854 -88.74 -105.45 52.12
C CYS C 854 -89.40 -105.03 53.42
N PRO C 855 -89.22 -105.79 54.51
CA PRO C 855 -89.89 -105.43 55.77
C PRO C 855 -89.26 -104.22 56.46
N ILE C 861 -90.10 -108.74 68.21
CA ILE C 861 -89.04 -109.50 68.85
C ILE C 861 -89.35 -109.76 70.32
N VAL C 862 -89.22 -108.72 71.14
CA VAL C 862 -89.52 -108.86 72.57
C VAL C 862 -91.03 -108.81 72.79
N LEU C 863 -91.44 -109.27 73.96
CA LEU C 863 -92.86 -109.33 74.31
C LEU C 863 -93.09 -108.60 75.63
N PRO C 864 -93.73 -107.44 75.63
CA PRO C 864 -94.06 -106.76 76.89
C PRO C 864 -95.21 -107.47 77.60
N PRO C 865 -95.08 -107.72 78.91
CA PRO C 865 -96.15 -108.45 79.62
C PRO C 865 -97.39 -107.62 79.92
N HIS C 866 -97.32 -106.30 79.78
CA HIS C 866 -98.45 -105.44 80.10
C HIS C 866 -99.45 -105.34 78.96
N LEU C 867 -99.19 -105.96 77.80
CA LEU C 867 -100.11 -105.94 76.68
C LEU C 867 -100.33 -107.33 76.09
N GLU C 868 -100.51 -108.35 76.95
CA GLU C 868 -100.64 -109.71 76.47
C GLU C 868 -102.10 -110.11 76.28
N ARG C 869 -102.92 -109.97 77.32
CA ARG C 869 -104.34 -110.30 77.22
C ARG C 869 -105.10 -109.27 76.40
N ILE C 870 -104.65 -108.02 76.41
CA ILE C 870 -105.35 -106.99 75.64
C ILE C 870 -105.02 -107.13 74.15
N ARG C 871 -103.95 -107.85 73.80
CA ARG C 871 -103.71 -108.19 72.40
C ARG C 871 -104.72 -109.22 71.90
N GLU C 872 -105.27 -110.04 72.79
CA GLU C 872 -106.39 -110.90 72.42
C GLU C 872 -107.72 -110.17 72.52
N LYS C 873 -107.82 -109.19 73.42
CA LYS C 873 -109.04 -108.39 73.51
C LYS C 873 -109.20 -107.50 72.28
N LEU C 874 -108.08 -107.04 71.70
CA LEU C 874 -108.13 -106.30 70.45
C LEU C 874 -108.53 -107.19 69.28
N ALA C 875 -108.14 -108.47 69.31
CA ALA C 875 -108.60 -109.40 68.28
C ALA C 875 -110.09 -109.72 68.45
N GLU C 876 -110.56 -109.79 69.70
CA GLU C 876 -111.98 -109.98 69.95
C GLU C 876 -112.80 -108.77 69.52
N ASN C 877 -112.28 -107.56 69.73
CA ASN C 877 -112.98 -106.37 69.27
C ASN C 877 -112.87 -106.24 67.75
N ILE C 878 -111.82 -106.81 67.15
CA ILE C 878 -111.73 -106.91 65.70
C ILE C 878 -112.77 -107.89 65.15
N HIS C 879 -113.06 -108.97 65.88
CA HIS C 879 -114.16 -109.85 65.49
C HIS C 879 -115.51 -109.17 65.68
N GLU C 880 -115.62 -108.29 66.67
CA GLU C 880 -116.85 -107.51 66.84
C GLU C 880 -117.05 -106.52 65.70
N LEU C 881 -115.97 -105.85 65.27
CA LEU C 881 -116.05 -104.96 64.12
C LEU C 881 -116.18 -105.74 62.83
N TRP C 882 -115.75 -107.00 62.82
CA TRP C 882 -116.04 -107.91 61.72
C TRP C 882 -117.52 -108.19 61.61
N ALA C 883 -118.18 -108.46 62.74
CA ALA C 883 -119.60 -108.83 62.71
C ALA C 883 -120.54 -107.63 62.62
N LEU C 884 -120.09 -106.43 63.04
CA LEU C 884 -121.00 -105.29 63.14
C LEU C 884 -121.42 -104.76 61.76
N THR C 885 -120.50 -104.66 60.82
CA THR C 885 -120.82 -104.24 59.46
C THR C 885 -121.28 -105.43 58.61
N ARG C 886 -121.13 -106.63 59.13
CA ARG C 886 -121.55 -107.87 58.47
C ARG C 886 -123.03 -108.16 58.68
N ILE C 887 -123.52 -107.98 59.92
CA ILE C 887 -124.94 -108.18 60.20
C ILE C 887 -125.79 -107.08 59.60
N GLU C 888 -125.21 -105.91 59.33
CA GLU C 888 -125.95 -104.81 58.75
C GLU C 888 -126.07 -104.90 57.23
N GLN C 889 -125.31 -105.79 56.58
CA GLN C 889 -125.37 -105.93 55.13
C GLN C 889 -125.70 -107.33 54.64
N GLY C 890 -125.66 -108.36 55.48
CA GLY C 890 -126.23 -109.62 55.01
C GLY C 890 -125.57 -110.92 55.43
N TRP C 891 -124.52 -110.83 56.24
CA TRP C 891 -123.88 -112.02 56.78
C TRP C 891 -124.79 -112.64 57.84
N THR C 892 -125.22 -113.88 57.61
CA THR C 892 -126.15 -114.53 58.52
C THR C 892 -125.46 -115.66 59.27
N TYR C 893 -126.17 -116.21 60.26
CA TYR C 893 -125.62 -117.32 61.04
C TYR C 893 -125.81 -118.64 60.30
N GLY C 894 -124.78 -119.49 60.36
CA GLY C 894 -124.83 -120.79 59.75
C GLY C 894 -123.65 -121.65 60.18
N PRO C 895 -123.85 -122.97 60.24
CA PRO C 895 -122.74 -123.87 60.58
C PRO C 895 -121.73 -124.04 59.46
N VAL C 896 -122.10 -123.70 58.23
CA VAL C 896 -121.20 -123.79 57.09
C VAL C 896 -120.77 -122.39 56.68
N ARG C 897 -119.78 -122.31 55.81
CA ARG C 897 -119.28 -121.05 55.26
C ARG C 897 -119.36 -121.11 53.75
N ASP C 898 -120.05 -120.13 53.16
CA ASP C 898 -120.22 -120.07 51.71
C ASP C 898 -120.21 -118.61 51.27
N ASP C 899 -119.70 -118.37 50.06
CA ASP C 899 -119.56 -117.00 49.57
C ASP C 899 -120.90 -116.44 49.08
N ASN C 900 -121.60 -117.18 48.23
CA ASN C 900 -122.87 -116.69 47.70
C ASN C 900 -124.00 -116.80 48.71
N LYS C 901 -123.95 -117.80 49.59
CA LYS C 901 -125.02 -118.02 50.56
C LYS C 901 -124.90 -117.12 51.78
N ARG C 902 -123.77 -116.40 51.90
CA ARG C 902 -123.53 -115.41 52.96
C ARG C 902 -123.63 -116.04 54.35
N LEU C 903 -123.08 -117.24 54.50
CA LEU C 903 -123.16 -117.99 55.76
C LEU C 903 -121.90 -117.71 56.55
N HIS C 904 -122.08 -117.25 57.80
CA HIS C 904 -120.92 -116.98 58.65
C HIS C 904 -120.84 -118.01 59.77
N PRO C 905 -119.67 -118.64 59.98
CA PRO C 905 -119.49 -119.47 61.18
C PRO C 905 -119.02 -118.68 62.40
N CYS C 906 -118.57 -117.44 62.18
CA CYS C 906 -118.06 -116.59 63.23
C CYS C 906 -118.90 -115.33 63.43
N LEU C 907 -120.22 -115.47 63.42
CA LEU C 907 -121.12 -114.32 63.57
C LEU C 907 -121.59 -114.10 65.00
N VAL C 908 -121.37 -115.04 65.91
CA VAL C 908 -121.82 -114.88 67.28
C VAL C 908 -120.84 -113.98 68.02
N ASN C 909 -119.61 -114.46 68.18
CA ASN C 909 -118.56 -113.74 68.91
C ASN C 909 -117.21 -114.37 68.59
N PHE C 910 -116.19 -114.00 69.37
CA PHE C 910 -114.89 -114.65 69.31
C PHE C 910 -114.84 -115.94 70.09
N HIS C 911 -115.74 -116.12 71.07
CA HIS C 911 -115.77 -117.34 71.86
C HIS C 911 -116.40 -118.50 71.12
N SER C 912 -117.31 -118.22 70.19
CA SER C 912 -117.90 -119.24 69.33
C SER C 912 -117.07 -119.55 68.10
N LEU C 913 -115.91 -118.90 67.95
CA LEU C 913 -115.06 -119.14 66.80
C LEU C 913 -114.28 -120.46 66.97
N PRO C 914 -114.05 -121.18 65.87
CA PRO C 914 -113.30 -122.44 65.97
C PRO C 914 -111.81 -122.19 66.17
N GLU C 915 -111.08 -123.30 66.29
CA GLU C 915 -109.64 -123.20 66.53
C GLU C 915 -108.82 -122.73 65.33
N PRO C 916 -109.07 -123.16 64.06
CA PRO C 916 -108.31 -122.52 62.96
C PRO C 916 -108.71 -121.08 62.67
N GLU C 917 -109.84 -120.60 63.16
CA GLU C 917 -110.23 -119.20 63.01
C GLU C 917 -109.76 -118.32 64.14
N ARG C 918 -109.62 -118.86 65.36
CA ARG C 918 -109.19 -118.04 66.48
C ARG C 918 -107.70 -117.75 66.40
N ASN C 919 -106.90 -118.75 66.02
CA ASN C 919 -105.46 -118.52 65.88
C ASN C 919 -105.13 -117.67 64.65
N TYR C 920 -106.07 -117.51 63.72
CA TYR C 920 -105.86 -116.58 62.62
C TYR C 920 -105.89 -115.13 63.12
N ASN C 921 -106.90 -114.77 63.91
CA ASN C 921 -106.89 -113.44 64.53
C ASN C 921 -105.78 -113.31 65.55
N LEU C 922 -105.40 -114.40 66.20
CA LEU C 922 -104.28 -114.35 67.14
C LEU C 922 -102.95 -114.12 66.44
N GLN C 923 -102.74 -114.74 65.27
CA GLN C 923 -101.51 -114.52 64.53
C GLN C 923 -101.51 -113.18 63.82
N MET C 924 -102.68 -112.63 63.48
CA MET C 924 -102.73 -111.25 62.99
C MET C 924 -102.40 -110.26 64.11
N SER C 925 -102.95 -110.48 65.31
CA SER C 925 -102.63 -109.64 66.45
C SER C 925 -101.17 -109.76 66.86
N GLY C 926 -100.62 -110.97 66.77
CA GLY C 926 -99.20 -111.19 67.02
C GLY C 926 -98.31 -110.56 65.97
N GLU C 927 -98.77 -110.51 64.73
CA GLU C 927 -98.02 -109.82 63.69
C GLU C 927 -98.10 -108.31 63.83
N THR C 928 -99.19 -107.78 64.38
CA THR C 928 -99.34 -106.33 64.42
C THR C 928 -98.96 -105.68 65.75
N LEU C 929 -98.73 -106.43 66.83
CA LEU C 929 -98.26 -105.69 68.01
C LEU C 929 -96.74 -105.67 68.10
N LYS C 930 -96.07 -106.57 67.38
CA LYS C 930 -94.62 -106.66 67.44
C LYS C 930 -93.95 -105.51 66.70
N THR C 931 -94.67 -104.85 65.80
CA THR C 931 -94.14 -103.75 65.02
C THR C 931 -94.44 -102.38 65.63
N LEU C 932 -94.80 -102.33 66.93
CA LEU C 932 -94.97 -101.04 67.59
C LEU C 932 -93.63 -100.36 67.86
N LEU C 933 -92.76 -101.03 68.63
CA LEU C 933 -91.45 -100.50 68.96
C LEU C 933 -90.42 -100.78 67.88
N ALA C 934 -90.83 -101.34 66.74
CA ALA C 934 -89.93 -101.53 65.62
C ALA C 934 -89.60 -100.21 64.93
N LEU C 935 -90.43 -99.18 65.11
CA LEU C 935 -90.17 -97.87 64.53
C LEU C 935 -89.62 -96.90 65.56
N GLY C 936 -90.01 -97.05 66.82
CA GLY C 936 -89.62 -96.12 67.86
C GLY C 936 -90.79 -95.45 68.55
N CYS C 937 -91.98 -96.03 68.48
CA CYS C 937 -93.16 -95.44 69.10
C CYS C 937 -93.25 -95.83 70.56
N HIS C 938 -93.06 -94.85 71.45
CA HIS C 938 -93.07 -95.12 72.88
C HIS C 938 -94.51 -95.31 73.37
N VAL C 939 -94.81 -96.50 73.85
CA VAL C 939 -96.14 -96.87 74.32
C VAL C 939 -96.09 -97.11 75.83
N GLY C 940 -97.00 -96.47 76.56
CA GLY C 940 -97.05 -96.62 78.00
C GLY C 940 -98.44 -96.98 78.46
N MET C 941 -98.50 -97.64 79.62
CA MET C 941 -99.75 -98.12 80.21
C MET C 941 -100.15 -97.17 81.33
N ALA C 942 -101.26 -96.46 81.13
CA ALA C 942 -101.78 -95.54 82.12
C ALA C 942 -103.28 -95.43 81.94
N ASP C 943 -103.93 -94.78 82.91
CA ASP C 943 -105.36 -94.44 82.92
C ASP C 943 -106.22 -95.70 82.82
N GLU C 944 -106.15 -96.48 83.89
CA GLU C 944 -106.86 -97.75 84.00
C GLU C 944 -108.35 -97.59 84.28
N LYS C 945 -108.80 -96.40 84.67
CA LYS C 945 -110.21 -96.19 84.96
C LYS C 945 -111.02 -95.82 83.71
N ALA C 946 -110.39 -95.16 82.73
CA ALA C 946 -111.13 -94.65 81.59
C ALA C 946 -111.55 -95.79 80.64
N GLU C 947 -110.68 -96.79 80.46
CA GLU C 947 -111.02 -97.92 79.61
C GLU C 947 -112.12 -98.79 80.21
N ASP C 948 -112.15 -98.89 81.54
CA ASP C 948 -113.20 -99.62 82.22
C ASP C 948 -114.50 -98.83 82.27
N ASN C 949 -114.42 -97.50 82.32
CA ASN C 949 -115.63 -96.69 82.26
C ASN C 949 -116.20 -96.59 80.86
N LEU C 950 -115.39 -96.82 79.83
CA LEU C 950 -115.91 -96.84 78.46
C LEU C 950 -116.76 -98.07 78.23
N LYS C 951 -118.03 -97.87 77.87
CA LYS C 951 -118.95 -98.95 77.59
C LYS C 951 -118.93 -99.25 76.09
N LYS C 952 -119.88 -100.06 75.66
CA LYS C 952 -120.01 -100.44 74.26
C LYS C 952 -120.89 -99.45 73.50
N THR C 953 -120.95 -99.62 72.18
CA THR C 953 -121.81 -98.81 71.34
C THR C 953 -123.26 -99.24 71.50
N LYS C 954 -124.18 -98.29 71.32
CA LYS C 954 -125.58 -98.60 71.36
C LYS C 954 -126.00 -99.32 70.09
N LEU C 955 -126.92 -100.28 70.22
CA LEU C 955 -127.37 -101.14 69.13
C LEU C 955 -128.80 -100.83 68.75
N PRO C 956 -129.08 -100.59 67.48
CA PRO C 956 -130.47 -100.36 67.04
C PRO C 956 -131.18 -101.69 66.80
N LYS C 957 -132.46 -101.60 66.46
CA LYS C 957 -133.23 -102.81 66.18
C LYS C 957 -132.88 -103.41 64.82
N THR C 958 -132.57 -102.58 63.84
CA THR C 958 -132.19 -103.04 62.51
C THR C 958 -130.70 -103.30 62.37
N TYR C 959 -129.89 -102.91 63.35
CA TYR C 959 -128.47 -103.21 63.30
C TYR C 959 -128.15 -104.65 63.69
N MET C 960 -129.07 -105.34 64.35
CA MET C 960 -128.89 -106.74 64.71
C MET C 960 -129.69 -107.62 63.75
N MET C 961 -129.10 -108.76 63.36
CA MET C 961 -129.61 -109.58 62.27
C MET C 961 -130.76 -110.49 62.72
N SER C 962 -131.07 -111.53 61.93
CA SER C 962 -132.09 -112.49 62.27
C SER C 962 -131.55 -113.68 63.05
N ASN C 963 -130.43 -113.50 63.77
CA ASN C 963 -129.80 -114.58 64.51
C ASN C 963 -130.09 -114.55 66.00
N GLY C 964 -130.36 -113.38 66.57
CA GLY C 964 -130.59 -113.25 67.99
C GLY C 964 -129.36 -112.90 68.81
N TYR C 965 -128.20 -112.76 68.17
CA TYR C 965 -126.96 -112.39 68.85
C TYR C 965 -126.44 -111.09 68.27
N LYS C 966 -125.75 -110.32 69.10
CA LYS C 966 -125.24 -109.03 68.67
C LYS C 966 -123.80 -108.84 69.11
N PRO C 967 -122.95 -108.30 68.25
CA PRO C 967 -121.59 -107.94 68.67
C PRO C 967 -121.60 -106.65 69.46
N ALA C 968 -120.62 -106.52 70.36
CA ALA C 968 -120.47 -105.36 71.22
C ALA C 968 -119.10 -104.73 70.98
N PRO C 969 -118.97 -103.86 69.98
CA PRO C 969 -117.70 -103.16 69.78
C PRO C 969 -117.59 -101.93 70.65
N LEU C 970 -116.34 -101.51 70.88
CA LEU C 970 -116.07 -100.31 71.66
C LEU C 970 -116.29 -99.07 70.82
N ASP C 971 -117.13 -98.15 71.32
CA ASP C 971 -117.38 -96.88 70.67
C ASP C 971 -116.18 -95.95 70.89
N LEU C 972 -115.54 -95.55 69.80
CA LEU C 972 -114.40 -94.64 69.86
C LEU C 972 -114.82 -93.19 69.59
N SER C 973 -115.99 -92.80 70.10
CA SER C 973 -116.51 -91.45 69.90
C SER C 973 -115.79 -90.41 70.74
N HIS C 974 -115.15 -90.83 71.83
CA HIS C 974 -114.30 -89.94 72.61
C HIS C 974 -112.89 -89.85 72.06
N VAL C 975 -112.55 -90.64 71.05
CA VAL C 975 -111.22 -90.66 70.46
C VAL C 975 -111.21 -89.70 69.27
N ARG C 976 -110.08 -89.02 69.09
CA ARG C 976 -109.92 -88.04 68.03
C ARG C 976 -108.88 -88.51 67.02
N LEU C 977 -109.07 -88.13 65.76
CA LEU C 977 -108.14 -88.48 64.70
C LEU C 977 -106.92 -87.57 64.78
N THR C 978 -105.74 -88.19 64.86
CA THR C 978 -104.60 -87.29 64.99
C THR C 978 -103.83 -87.20 63.69
N PRO C 979 -103.41 -85.99 63.29
CA PRO C 979 -102.58 -85.85 62.09
C PRO C 979 -101.16 -86.35 62.27
N ALA C 980 -100.69 -86.56 63.51
CA ALA C 980 -99.35 -87.08 63.71
C ALA C 980 -99.30 -88.58 63.44
N GLN C 981 -100.23 -89.35 64.02
CA GLN C 981 -100.29 -90.78 63.80
C GLN C 981 -101.05 -91.16 62.54
N THR C 982 -101.74 -90.20 61.91
CA THR C 982 -102.33 -90.44 60.60
C THR C 982 -101.27 -90.61 59.51
N THR C 983 -100.06 -90.08 59.73
CA THR C 983 -98.94 -90.32 58.84
C THR C 983 -98.17 -91.59 59.18
N LEU C 984 -98.39 -92.15 60.37
CA LEU C 984 -97.74 -93.41 60.74
C LEU C 984 -98.58 -94.63 60.41
N VAL C 985 -99.91 -94.56 60.56
CA VAL C 985 -100.74 -95.73 60.26
C VAL C 985 -100.83 -95.90 58.73
N ASP C 986 -100.47 -94.87 57.98
CA ASP C 986 -100.28 -95.00 56.54
C ASP C 986 -99.04 -95.83 56.19
N ARG C 987 -98.04 -95.86 57.07
CA ARG C 987 -96.85 -96.66 56.81
C ARG C 987 -96.93 -98.05 57.44
N LEU C 988 -97.65 -98.18 58.56
CA LEU C 988 -97.82 -99.49 59.19
C LEU C 988 -98.67 -100.44 58.35
N ALA C 989 -99.56 -99.92 57.49
CA ALA C 989 -100.30 -100.80 56.58
C ALA C 989 -99.36 -101.45 55.57
N GLU C 990 -98.42 -100.66 55.03
CA GLU C 990 -97.38 -101.22 54.18
C GLU C 990 -96.44 -102.14 54.95
N ASN C 991 -96.14 -101.80 56.21
CA ASN C 991 -95.30 -102.66 57.06
C ASN C 991 -95.97 -104.00 57.34
N GLY C 992 -97.29 -104.02 57.39
CA GLY C 992 -98.03 -105.23 57.65
C GLY C 992 -98.37 -106.05 56.42
N HIS C 993 -98.42 -105.43 55.24
CA HIS C 993 -98.83 -106.18 54.06
C HIS C 993 -97.77 -106.30 52.96
N ASN C 994 -96.61 -105.64 53.08
CA ASN C 994 -95.55 -106.06 52.18
C ASN C 994 -94.93 -107.37 52.63
N VAL C 995 -95.11 -107.76 53.90
CA VAL C 995 -94.80 -109.13 54.30
C VAL C 995 -95.88 -110.09 53.80
N TRP C 996 -97.10 -109.62 53.59
CA TRP C 996 -98.08 -110.40 52.84
C TRP C 996 -97.63 -110.65 51.39
N ALA C 997 -97.05 -109.62 50.75
CA ALA C 997 -96.57 -109.79 49.38
C ALA C 997 -95.32 -110.68 49.31
N ARG C 998 -94.40 -110.49 50.27
CA ARG C 998 -93.34 -111.45 50.62
C ARG C 998 -93.86 -112.88 50.65
N ASP C 999 -94.93 -113.12 51.40
CA ASP C 999 -95.36 -114.50 51.62
C ASP C 999 -96.10 -115.08 50.44
N ARG C 1000 -96.77 -114.25 49.64
CA ARG C 1000 -97.40 -114.78 48.44
C ARG C 1000 -96.37 -115.06 47.34
N VAL C 1001 -95.31 -114.24 47.27
CA VAL C 1001 -94.28 -114.45 46.27
C VAL C 1001 -93.36 -115.61 46.65
N ALA C 1002 -93.21 -115.89 47.94
CA ALA C 1002 -92.39 -117.02 48.36
C ALA C 1002 -93.08 -118.35 48.09
N GLN C 1003 -94.42 -118.35 48.00
CA GLN C 1003 -95.14 -119.55 47.59
C GLN C 1003 -95.06 -119.78 46.09
N GLY C 1004 -94.69 -118.77 45.33
CA GLY C 1004 -94.46 -118.90 43.90
C GLY C 1004 -95.49 -118.23 43.01
N TRP C 1005 -96.27 -117.29 43.53
CA TRP C 1005 -97.33 -116.68 42.74
C TRP C 1005 -96.83 -115.39 42.08
N SER C 1006 -97.58 -114.93 41.09
CA SER C 1006 -97.15 -113.89 40.17
C SER C 1006 -98.12 -112.71 40.17
N TYR C 1007 -97.89 -111.75 39.27
CA TYR C 1007 -98.71 -110.55 39.13
C TYR C 1007 -99.39 -110.53 37.77
N SER C 1008 -100.69 -110.27 37.76
CA SER C 1008 -101.41 -109.95 36.53
C SER C 1008 -102.65 -109.13 36.87
N ALA C 1009 -103.15 -108.41 35.87
CA ALA C 1009 -104.38 -107.66 36.04
C ALA C 1009 -105.60 -108.57 36.12
N VAL C 1010 -105.50 -109.82 35.65
CA VAL C 1010 -106.52 -110.82 35.90
C VAL C 1010 -106.02 -111.70 37.03
N GLN C 1011 -106.96 -112.24 37.80
CA GLN C 1011 -106.65 -113.29 38.75
C GLN C 1011 -107.12 -114.64 38.22
N ASP C 1012 -106.41 -115.69 38.61
CA ASP C 1012 -106.69 -117.05 38.14
C ASP C 1012 -106.11 -118.02 39.16
N ILE C 1013 -107.00 -118.68 39.90
CA ILE C 1013 -106.60 -119.64 40.94
C ILE C 1013 -105.87 -120.90 40.44
N PRO C 1014 -105.99 -121.42 39.16
CA PRO C 1014 -105.07 -122.51 38.80
C PRO C 1014 -103.69 -122.00 38.38
N ALA C 1015 -103.63 -120.75 37.93
CA ALA C 1015 -102.38 -120.14 37.49
C ALA C 1015 -101.73 -119.28 38.56
N ARG C 1016 -102.24 -119.35 39.80
CA ARG C 1016 -101.83 -118.54 40.98
C ARG C 1016 -101.59 -117.06 40.64
N ARG C 1017 -102.58 -116.49 39.96
CA ARG C 1017 -102.55 -115.12 39.47
C ARG C 1017 -103.39 -114.27 40.41
N ASN C 1018 -102.95 -113.04 40.66
CA ASN C 1018 -103.74 -112.08 41.44
C ASN C 1018 -103.26 -110.67 41.13
N PRO C 1019 -104.15 -109.67 41.20
CA PRO C 1019 -103.71 -108.27 41.12
C PRO C 1019 -103.37 -107.68 42.49
N ARG C 1020 -103.14 -108.56 43.46
CA ARG C 1020 -102.89 -108.17 44.84
C ARG C 1020 -101.40 -108.01 45.15
N LEU C 1021 -100.53 -108.79 44.51
CA LEU C 1021 -99.12 -108.87 44.90
C LEU C 1021 -98.37 -107.65 44.38
N VAL C 1022 -98.63 -106.51 45.04
CA VAL C 1022 -98.06 -105.22 44.62
C VAL C 1022 -97.42 -104.59 45.85
N PRO C 1023 -96.41 -103.75 45.66
CA PRO C 1023 -96.04 -102.79 46.71
C PRO C 1023 -97.14 -101.76 46.91
N TYR C 1024 -97.08 -101.12 48.08
CA TYR C 1024 -98.24 -100.36 48.54
C TYR C 1024 -98.36 -99.02 47.83
N ARG C 1025 -97.24 -98.37 47.51
CA ARG C 1025 -97.30 -97.16 46.70
C ARG C 1025 -97.23 -97.42 45.20
N LEU C 1026 -97.27 -98.68 44.77
CA LEU C 1026 -97.66 -99.03 43.41
C LEU C 1026 -99.11 -99.50 43.33
N LEU C 1027 -99.75 -99.77 44.47
CA LEU C 1027 -101.16 -100.12 44.52
C LEU C 1027 -102.05 -98.90 44.31
N ASP C 1028 -103.17 -99.10 43.62
CA ASP C 1028 -104.15 -98.05 43.36
C ASP C 1028 -104.94 -97.74 44.63
N GLU C 1029 -105.65 -96.59 44.62
CA GLU C 1029 -106.34 -96.11 45.80
C GLU C 1029 -107.72 -96.74 45.99
N ALA C 1030 -108.10 -97.72 45.16
CA ALA C 1030 -109.31 -98.48 45.43
C ALA C 1030 -109.15 -99.44 46.59
N THR C 1031 -107.91 -99.71 47.02
CA THR C 1031 -107.60 -100.64 48.10
C THR C 1031 -107.07 -99.92 49.34
N LYS C 1032 -106.66 -98.65 49.19
CA LYS C 1032 -106.05 -97.80 50.21
C LYS C 1032 -106.87 -97.70 51.50
N ARG C 1033 -108.06 -97.12 51.44
CA ARG C 1033 -108.85 -96.99 52.64
C ARG C 1033 -109.64 -98.25 52.97
N SER C 1034 -109.85 -99.16 52.00
CA SER C 1034 -110.45 -100.44 52.33
C SER C 1034 -109.51 -101.31 53.17
N ASN C 1035 -108.20 -101.06 53.08
CA ASN C 1035 -107.23 -101.66 54.01
C ASN C 1035 -107.06 -100.83 55.28
N ARG C 1036 -106.91 -99.51 55.13
CA ARG C 1036 -106.53 -98.68 56.27
C ARG C 1036 -107.69 -98.40 57.23
N ASP C 1037 -108.91 -98.22 56.73
CA ASP C 1037 -110.04 -98.07 57.64
C ASP C 1037 -110.51 -99.40 58.20
N SER C 1038 -110.11 -100.52 57.59
CA SER C 1038 -110.35 -101.81 58.23
C SER C 1038 -109.39 -102.01 59.40
N LEU C 1039 -108.13 -101.59 59.23
CA LEU C 1039 -107.17 -101.69 60.34
C LEU C 1039 -107.17 -100.47 61.27
N CYS C 1040 -107.92 -99.42 60.95
CA CYS C 1040 -107.98 -98.25 61.83
C CYS C 1040 -108.99 -98.41 62.95
N GLN C 1041 -109.78 -99.50 62.94
CA GLN C 1041 -110.64 -99.87 64.05
C GLN C 1041 -109.88 -100.40 65.26
N ALA C 1042 -108.55 -100.53 65.20
CA ALA C 1042 -107.74 -100.98 66.31
C ALA C 1042 -106.87 -99.90 66.93
N VAL C 1043 -106.41 -98.92 66.15
CA VAL C 1043 -105.43 -97.95 66.66
C VAL C 1043 -106.09 -96.89 67.55
N ARG C 1044 -107.26 -96.33 67.18
CA ARG C 1044 -107.94 -95.45 68.12
C ARG C 1044 -108.57 -96.23 69.27
N THR C 1045 -108.82 -97.53 69.09
CA THR C 1045 -109.26 -98.36 70.20
C THR C 1045 -108.14 -98.55 71.23
N LEU C 1046 -106.89 -98.75 70.79
CA LEU C 1046 -105.80 -98.83 71.75
C LEU C 1046 -105.46 -97.46 72.31
N LEU C 1047 -105.81 -96.40 71.58
CA LEU C 1047 -105.72 -95.05 72.16
C LEU C 1047 -106.73 -94.87 73.29
N GLY C 1048 -107.96 -95.35 73.10
CA GLY C 1048 -108.99 -95.30 74.13
C GLY C 1048 -108.84 -96.33 75.23
N TYR C 1049 -107.98 -97.34 75.03
CA TYR C 1049 -107.65 -98.30 76.08
C TYR C 1049 -106.82 -97.68 77.21
N GLY C 1050 -106.29 -96.47 77.03
CA GLY C 1050 -105.40 -95.85 77.97
C GLY C 1050 -103.96 -95.82 77.54
N TYR C 1051 -103.62 -96.50 76.44
CA TYR C 1051 -102.24 -96.59 75.96
C TYR C 1051 -101.95 -95.42 75.03
N ASN C 1052 -101.10 -94.50 75.46
CA ASN C 1052 -100.66 -93.40 74.61
C ASN C 1052 -99.49 -93.84 73.74
N ILE C 1053 -99.44 -93.32 72.52
CA ILE C 1053 -98.39 -93.63 71.57
C ILE C 1053 -97.77 -92.31 71.10
N GLU C 1054 -96.44 -92.31 70.96
CA GLU C 1054 -95.68 -91.14 70.56
C GLU C 1054 -95.22 -91.22 69.11
N PRO C 1055 -94.98 -90.07 68.46
CA PRO C 1055 -94.51 -90.02 67.07
C PRO C 1055 -93.00 -90.19 66.94
N ASP C 1070 -83.83 -88.56 37.20
CA ASP C 1070 -82.38 -88.62 37.02
C ASP C 1070 -81.76 -87.27 37.36
N ARG C 1071 -81.34 -86.51 36.35
CA ARG C 1071 -80.70 -85.22 36.55
C ARG C 1071 -81.57 -84.10 36.00
N VAL C 1072 -81.05 -82.88 36.11
CA VAL C 1072 -81.76 -81.68 35.71
C VAL C 1072 -81.18 -81.18 34.38
N ARG C 1073 -82.05 -80.67 33.51
CA ARG C 1073 -81.67 -80.20 32.19
C ARG C 1073 -81.59 -78.67 32.22
N ILE C 1074 -80.76 -78.11 31.35
CA ILE C 1074 -80.59 -76.66 31.22
C ILE C 1074 -80.91 -76.27 29.79
N PHE C 1075 -81.91 -75.40 29.62
CA PHE C 1075 -82.43 -74.98 28.32
C PHE C 1075 -81.95 -73.55 28.03
N ARG C 1076 -81.09 -73.39 27.02
CA ARG C 1076 -80.45 -72.10 26.75
C ARG C 1076 -80.21 -71.94 25.25
N ALA C 1077 -80.14 -70.69 24.80
CA ALA C 1077 -79.85 -70.44 23.40
C ALA C 1077 -78.36 -70.60 23.09
N GLU C 1078 -78.03 -70.43 21.82
CA GLU C 1078 -76.63 -70.44 21.40
C GLU C 1078 -75.97 -69.11 21.75
N LYS C 1079 -74.65 -69.14 21.85
CA LYS C 1079 -73.90 -67.97 22.30
C LYS C 1079 -73.70 -66.92 21.21
N SER C 1080 -74.08 -67.20 19.97
CA SER C 1080 -74.03 -66.17 18.94
C SER C 1080 -75.28 -65.30 18.89
N TYR C 1081 -76.31 -65.64 19.67
CA TYR C 1081 -77.53 -64.87 19.75
C TYR C 1081 -77.58 -63.97 20.99
N THR C 1082 -76.45 -63.82 21.69
CA THR C 1082 -76.42 -63.03 22.90
C THR C 1082 -76.42 -61.53 22.59
N VAL C 1083 -76.64 -60.73 23.63
CA VAL C 1083 -76.70 -59.27 23.49
C VAL C 1083 -75.72 -58.63 24.46
N GLN C 1084 -75.33 -57.38 24.14
CA GLN C 1084 -74.49 -56.56 25.00
C GLN C 1084 -75.00 -55.15 25.23
N SER C 1085 -75.97 -54.68 24.45
CA SER C 1085 -76.54 -53.35 24.64
C SER C 1085 -77.99 -53.37 24.23
N GLY C 1086 -78.80 -52.57 24.92
CA GLY C 1086 -80.23 -52.57 24.76
C GLY C 1086 -80.94 -53.22 25.94
N ARG C 1087 -82.21 -53.53 25.71
CA ARG C 1087 -83.03 -54.14 26.75
C ARG C 1087 -84.04 -55.09 26.14
N TRP C 1088 -84.15 -56.27 26.76
CA TRP C 1088 -84.90 -57.41 26.22
C TRP C 1088 -85.68 -58.05 27.35
N TYR C 1089 -86.53 -59.01 27.00
CA TYR C 1089 -87.46 -59.59 27.97
C TYR C 1089 -87.98 -60.92 27.44
N PHE C 1090 -88.15 -61.90 28.34
CA PHE C 1090 -88.79 -63.17 27.97
C PHE C 1090 -89.86 -63.45 29.03
N GLU C 1091 -90.70 -64.45 28.78
CA GLU C 1091 -91.57 -64.95 29.84
C GLU C 1091 -91.45 -66.46 29.93
N PHE C 1092 -92.07 -67.02 30.98
CA PHE C 1092 -92.13 -68.48 31.16
C PHE C 1092 -93.50 -68.84 31.70
N GLU C 1093 -94.19 -69.71 30.98
CA GLU C 1093 -95.47 -70.25 31.44
C GLU C 1093 -95.23 -71.61 32.09
N ALA C 1094 -95.73 -71.77 33.32
CA ALA C 1094 -95.49 -72.96 34.12
C ALA C 1094 -96.81 -73.65 34.39
N VAL C 1095 -97.20 -74.60 33.52
CA VAL C 1095 -98.45 -75.33 33.70
C VAL C 1095 -98.35 -76.35 34.81
N THR C 1096 -97.13 -76.71 35.22
CA THR C 1096 -96.88 -77.61 36.35
C THR C 1096 -95.97 -76.89 37.34
N THR C 1097 -96.45 -76.67 38.55
CA THR C 1097 -95.58 -76.18 39.62
C THR C 1097 -94.61 -77.28 40.04
N GLY C 1098 -93.32 -77.02 39.87
CA GLY C 1098 -92.30 -78.03 40.10
C GLY C 1098 -90.94 -77.44 40.38
N GLU C 1099 -89.91 -77.92 39.68
CA GLU C 1099 -88.56 -77.38 39.82
C GLU C 1099 -88.23 -76.59 38.56
N MET C 1100 -88.63 -75.32 38.51
CA MET C 1100 -88.31 -74.44 37.40
C MET C 1100 -87.17 -73.51 37.82
N ARG C 1101 -86.27 -73.23 36.89
CA ARG C 1101 -85.26 -72.19 37.05
C ARG C 1101 -85.40 -71.22 35.88
N VAL C 1102 -85.81 -69.97 36.15
CA VAL C 1102 -85.96 -68.96 35.11
C VAL C 1102 -85.04 -67.78 35.40
N GLY C 1103 -84.52 -67.17 34.34
CA GLY C 1103 -83.65 -66.02 34.45
C GLY C 1103 -82.73 -65.92 33.24
N TRP C 1104 -81.60 -65.23 33.43
CA TRP C 1104 -80.60 -65.08 32.39
C TRP C 1104 -79.24 -65.53 32.92
N ALA C 1105 -78.35 -65.94 32.01
CA ALA C 1105 -77.02 -66.41 32.38
C ALA C 1105 -76.01 -65.93 31.35
N ARG C 1106 -74.73 -66.37 31.52
CA ARG C 1106 -73.54 -66.02 30.75
C ARG C 1106 -73.21 -67.10 29.72
N PRO C 1107 -72.63 -66.73 28.56
CA PRO C 1107 -72.31 -67.74 27.54
C PRO C 1107 -71.15 -68.64 27.89
N GLU C 1108 -70.32 -68.30 28.88
CA GLU C 1108 -69.30 -69.23 29.39
C GLU C 1108 -69.87 -70.05 30.55
N LEU C 1109 -71.02 -70.67 30.27
CA LEU C 1109 -71.73 -71.44 31.27
C LEU C 1109 -71.06 -72.80 31.43
N ARG C 1110 -70.84 -73.18 32.68
CA ARG C 1110 -70.29 -74.49 32.97
C ARG C 1110 -71.42 -75.38 33.44
N PRO C 1111 -71.84 -76.39 32.65
CA PRO C 1111 -72.89 -77.29 33.10
C PRO C 1111 -72.44 -78.34 34.12
N ASP C 1112 -71.16 -78.32 34.51
CA ASP C 1112 -70.66 -79.18 35.58
C ASP C 1112 -71.26 -78.75 36.92
N VAL C 1113 -71.28 -77.46 37.19
CA VAL C 1113 -71.81 -76.93 38.45
C VAL C 1113 -73.33 -76.85 38.33
N GLU C 1114 -74.03 -77.07 39.44
CA GLU C 1114 -75.46 -76.86 39.49
C GLU C 1114 -75.78 -75.39 39.28
N LEU C 1115 -76.79 -75.13 38.46
CA LEU C 1115 -77.12 -73.77 38.04
C LEU C 1115 -77.71 -72.99 39.22
N GLY C 1116 -77.02 -71.95 39.65
CA GLY C 1116 -77.48 -71.12 40.74
C GLY C 1116 -76.47 -70.97 41.86
N ALA C 1117 -75.43 -71.82 41.86
CA ALA C 1117 -74.45 -71.84 42.93
C ALA C 1117 -73.15 -71.15 42.58
N ASP C 1118 -72.88 -70.88 41.31
CA ASP C 1118 -71.66 -70.20 40.90
C ASP C 1118 -71.96 -68.77 40.47
N GLU C 1119 -70.93 -68.09 39.98
CA GLU C 1119 -71.04 -66.70 39.54
C GLU C 1119 -71.26 -66.58 38.03
N LEU C 1120 -71.97 -67.54 37.43
CA LEU C 1120 -72.24 -67.49 36.00
C LEU C 1120 -73.73 -67.40 35.68
N ALA C 1121 -74.60 -67.35 36.68
CA ALA C 1121 -76.05 -67.30 36.45
C ALA C 1121 -76.73 -66.58 37.62
N TYR C 1122 -77.71 -65.74 37.27
CA TYR C 1122 -78.54 -65.02 38.25
C TYR C 1122 -79.97 -65.47 38.02
N VAL C 1123 -80.41 -66.48 38.78
CA VAL C 1123 -81.61 -67.24 38.48
C VAL C 1123 -82.62 -67.03 39.60
N PHE C 1124 -83.86 -67.44 39.33
CA PHE C 1124 -84.98 -67.24 40.24
C PHE C 1124 -85.46 -68.58 40.78
N ASN C 1125 -85.63 -68.65 42.09
CA ASN C 1125 -86.34 -69.75 42.73
C ASN C 1125 -87.78 -69.35 43.00
N GLY C 1126 -88.68 -70.31 42.83
CA GLY C 1126 -90.09 -70.05 43.08
C GLY C 1126 -90.82 -71.15 43.83
N HIS C 1127 -90.20 -72.34 43.91
CA HIS C 1127 -90.79 -73.40 44.71
C HIS C 1127 -90.61 -73.10 46.19
N ARG C 1128 -89.49 -72.48 46.55
CA ARG C 1128 -89.27 -71.90 47.87
C ARG C 1128 -89.26 -70.39 47.84
N GLY C 1129 -88.90 -69.81 46.70
CA GLY C 1129 -88.95 -68.37 46.49
C GLY C 1129 -87.82 -67.53 47.04
N GLN C 1130 -86.60 -67.67 46.53
CA GLN C 1130 -85.53 -66.80 47.02
C GLN C 1130 -84.46 -66.59 45.95
N ARG C 1131 -83.35 -66.01 46.41
CA ARG C 1131 -82.05 -65.83 45.78
C ARG C 1131 -81.38 -67.18 45.48
N TRP C 1132 -80.68 -67.22 44.34
CA TRP C 1132 -79.67 -68.26 44.10
C TRP C 1132 -78.48 -67.62 43.39
N HIS C 1133 -77.59 -67.02 44.17
CA HIS C 1133 -76.30 -66.54 43.67
C HIS C 1133 -75.38 -66.35 44.88
N LEU C 1134 -74.37 -67.23 45.01
CA LEU C 1134 -73.41 -67.24 46.11
C LEU C 1134 -74.11 -67.37 47.47
N GLY C 1135 -75.21 -68.12 47.49
CA GLY C 1135 -76.01 -68.28 48.70
C GLY C 1135 -77.50 -68.28 48.39
N SER C 1136 -78.31 -67.94 49.40
CA SER C 1136 -79.76 -67.91 49.28
C SER C 1136 -80.31 -67.04 50.38
N GLU C 1137 -81.21 -66.10 50.02
CA GLU C 1137 -81.82 -65.18 50.96
C GLU C 1137 -83.18 -64.79 50.41
N PRO C 1138 -84.21 -64.62 51.25
CA PRO C 1138 -85.60 -64.65 50.76
C PRO C 1138 -86.00 -63.43 49.95
N PHE C 1139 -86.72 -63.70 48.85
CA PHE C 1139 -87.35 -62.67 48.02
C PHE C 1139 -88.47 -63.30 47.21
N GLY C 1140 -89.68 -62.77 47.33
CA GLY C 1140 -90.75 -63.15 46.43
C GLY C 1140 -91.76 -64.10 47.03
N ARG C 1141 -92.62 -64.60 46.13
CA ARG C 1141 -93.77 -65.44 46.40
C ARG C 1141 -93.62 -66.81 45.77
N PRO C 1142 -94.31 -67.83 46.28
CA PRO C 1142 -94.40 -69.11 45.58
C PRO C 1142 -95.22 -69.00 44.30
N TRP C 1143 -95.20 -70.09 43.55
CA TRP C 1143 -95.79 -70.16 42.22
C TRP C 1143 -97.30 -70.42 42.32
N GLN C 1144 -97.93 -70.58 41.16
CA GLN C 1144 -99.23 -71.22 41.03
C GLN C 1144 -99.23 -72.01 39.72
N SER C 1145 -100.07 -73.05 39.68
CA SER C 1145 -100.12 -73.96 38.52
C SER C 1145 -100.77 -73.21 37.36
N GLY C 1146 -99.93 -72.65 36.50
CA GLY C 1146 -100.39 -71.76 35.43
C GLY C 1146 -99.92 -70.34 35.63
N ASP C 1147 -98.67 -70.18 36.07
CA ASP C 1147 -98.08 -68.87 36.29
C ASP C 1147 -97.29 -68.41 35.07
N VAL C 1148 -97.21 -67.11 34.89
CA VAL C 1148 -96.40 -66.48 33.85
C VAL C 1148 -95.36 -65.61 34.54
N VAL C 1149 -94.10 -66.02 34.44
CA VAL C 1149 -92.99 -65.34 35.12
C VAL C 1149 -91.89 -65.05 34.09
N GLY C 1150 -91.33 -63.84 34.15
CA GLY C 1150 -90.31 -63.42 33.21
C GLY C 1150 -89.24 -62.59 33.91
N CYS C 1151 -88.19 -62.28 33.16
CA CYS C 1151 -87.08 -61.48 33.68
C CYS C 1151 -86.59 -60.51 32.62
N MET C 1152 -86.34 -59.27 33.04
CA MET C 1152 -85.79 -58.23 32.18
C MET C 1152 -84.64 -57.54 32.89
N ILE C 1153 -83.72 -57.00 32.09
CA ILE C 1153 -82.52 -56.34 32.58
C ILE C 1153 -82.37 -55.01 31.86
N ASP C 1154 -82.38 -53.92 32.62
CA ASP C 1154 -81.89 -52.62 32.17
C ASP C 1154 -80.39 -52.59 32.38
N LEU C 1155 -79.63 -53.02 31.36
CA LEU C 1155 -78.18 -52.99 31.50
C LEU C 1155 -77.59 -51.59 31.32
N THR C 1156 -78.42 -50.59 31.08
CA THR C 1156 -77.97 -49.20 31.15
C THR C 1156 -77.54 -48.86 32.57
N GLU C 1157 -78.25 -49.38 33.57
CA GLU C 1157 -77.92 -49.20 34.98
C GLU C 1157 -78.25 -50.47 35.78
N ASN C 1158 -77.95 -51.63 35.17
CA ASN C 1158 -77.83 -52.98 35.77
C ASN C 1158 -78.90 -53.32 36.82
N THR C 1159 -80.14 -53.20 36.37
CA THR C 1159 -81.33 -53.49 37.16
C THR C 1159 -81.88 -54.84 36.73
N ILE C 1160 -82.15 -55.71 37.71
CA ILE C 1160 -82.76 -57.02 37.48
C ILE C 1160 -84.21 -56.96 37.94
N ILE C 1161 -85.15 -57.20 37.02
CA ILE C 1161 -86.56 -57.09 37.33
C ILE C 1161 -87.24 -58.40 37.00
N PHE C 1162 -87.84 -59.05 38.01
CA PHE C 1162 -88.71 -60.19 37.83
C PHE C 1162 -90.16 -59.77 37.95
N THR C 1163 -90.99 -60.27 37.04
CA THR C 1163 -92.41 -59.98 37.01
C THR C 1163 -93.20 -61.26 37.25
N LEU C 1164 -94.27 -61.16 38.04
CA LEU C 1164 -95.17 -62.28 38.27
C LEU C 1164 -96.58 -61.87 37.85
N ASN C 1165 -96.99 -62.33 36.66
CA ASN C 1165 -98.33 -62.12 36.10
C ASN C 1165 -98.67 -60.64 35.96
N GLY C 1166 -97.69 -59.84 35.57
CA GLY C 1166 -97.87 -58.41 35.46
C GLY C 1166 -97.52 -57.62 36.70
N GLU C 1167 -97.41 -58.27 37.86
CA GLU C 1167 -97.11 -57.58 39.11
C GLU C 1167 -95.65 -57.83 39.46
N VAL C 1168 -94.92 -56.75 39.73
CA VAL C 1168 -93.49 -56.83 40.01
C VAL C 1168 -93.28 -57.08 41.50
N LEU C 1169 -92.39 -58.01 41.83
CA LEU C 1169 -92.15 -58.39 43.21
C LEU C 1169 -90.99 -57.61 43.82
N MET C 1170 -91.15 -57.29 45.10
CA MET C 1170 -90.17 -56.58 45.90
C MET C 1170 -89.56 -57.53 46.93
N SER C 1171 -88.48 -57.09 47.53
CA SER C 1171 -87.71 -57.92 48.45
C SER C 1171 -88.17 -57.70 49.88
N ASP C 1172 -87.34 -58.14 50.83
CA ASP C 1172 -87.54 -57.82 52.23
C ASP C 1172 -87.14 -56.39 52.56
N SER C 1173 -86.31 -55.77 51.73
CA SER C 1173 -85.92 -54.37 51.92
C SER C 1173 -86.95 -53.40 51.35
N GLY C 1174 -87.82 -53.85 50.45
CA GLY C 1174 -88.77 -52.99 49.80
C GLY C 1174 -88.41 -52.57 48.39
N SER C 1175 -87.34 -53.12 47.82
CA SER C 1175 -86.91 -52.78 46.46
C SER C 1175 -87.39 -53.85 45.49
N GLU C 1176 -88.04 -53.41 44.40
CA GLU C 1176 -88.53 -54.37 43.41
C GLU C 1176 -87.41 -54.97 42.56
N THR C 1177 -86.24 -54.36 42.55
CA THR C 1177 -85.09 -54.88 41.83
C THR C 1177 -84.29 -55.82 42.72
N ALA C 1178 -83.58 -56.75 42.08
CA ALA C 1178 -82.96 -57.86 42.79
C ALA C 1178 -81.48 -57.63 43.09
N PHE C 1179 -80.66 -57.45 42.06
CA PHE C 1179 -79.23 -57.21 42.23
C PHE C 1179 -78.79 -56.01 41.39
N ARG C 1180 -77.79 -55.29 41.90
CA ARG C 1180 -77.14 -54.22 41.17
C ARG C 1180 -75.64 -54.49 41.14
N GLU C 1181 -74.91 -53.57 40.47
CA GLU C 1181 -73.46 -53.66 40.23
C GLU C 1181 -73.08 -54.93 39.47
N ILE C 1182 -73.67 -55.11 38.29
CA ILE C 1182 -73.32 -56.21 37.39
C ILE C 1182 -72.52 -55.65 36.23
N GLU C 1183 -71.34 -56.23 35.98
CA GLU C 1183 -70.57 -55.89 34.80
C GLU C 1183 -71.08 -56.68 33.59
N ILE C 1184 -71.04 -56.02 32.44
CA ILE C 1184 -71.56 -56.60 31.20
C ILE C 1184 -70.64 -57.69 30.67
N GLY C 1185 -69.40 -57.33 30.32
CA GLY C 1185 -68.42 -58.32 29.93
C GLY C 1185 -68.78 -58.98 28.62
N ASP C 1186 -69.13 -60.25 28.71
CA ASP C 1186 -69.51 -61.09 27.59
C ASP C 1186 -71.00 -61.06 27.26
N GLY C 1187 -71.84 -60.47 28.10
CA GLY C 1187 -73.25 -60.34 27.81
C GLY C 1187 -74.06 -61.47 28.45
N PHE C 1188 -75.37 -61.38 28.27
CA PHE C 1188 -76.24 -62.34 28.91
C PHE C 1188 -76.86 -63.27 27.88
N LEU C 1189 -77.43 -64.38 28.37
CA LEU C 1189 -77.94 -65.45 27.55
C LEU C 1189 -79.28 -65.83 28.17
N PRO C 1190 -80.34 -66.00 27.36
CA PRO C 1190 -81.61 -66.51 27.90
C PRO C 1190 -81.48 -67.97 28.32
N VAL C 1191 -81.61 -68.22 29.62
CA VAL C 1191 -81.41 -69.56 30.17
C VAL C 1191 -82.71 -70.00 30.82
N CYS C 1192 -82.92 -71.31 30.86
CA CYS C 1192 -83.98 -71.90 31.65
C CYS C 1192 -83.54 -73.30 32.04
N SER C 1193 -84.16 -73.82 33.09
CA SER C 1193 -83.81 -75.16 33.55
C SER C 1193 -85.04 -75.83 34.14
N LEU C 1194 -85.21 -77.11 33.81
CA LEU C 1194 -86.37 -77.91 34.20
C LEU C 1194 -85.90 -79.20 34.85
N GLY C 1195 -86.51 -79.55 35.97
CA GLY C 1195 -86.11 -80.69 36.73
C GLY C 1195 -86.65 -82.01 36.18
N PRO C 1196 -86.73 -83.02 37.03
CA PRO C 1196 -87.23 -84.34 36.60
C PRO C 1196 -88.75 -84.41 36.64
N GLY C 1197 -89.35 -84.49 35.45
CA GLY C 1197 -90.75 -84.86 35.35
C GLY C 1197 -91.77 -83.75 35.42
N GLN C 1198 -91.48 -82.56 34.90
CA GLN C 1198 -92.45 -81.48 34.84
C GLN C 1198 -92.52 -80.90 33.43
N VAL C 1199 -93.47 -79.98 33.24
CA VAL C 1199 -93.75 -79.35 31.95
C VAL C 1199 -93.60 -77.84 32.09
N GLY C 1200 -92.88 -77.23 31.13
CA GLY C 1200 -92.82 -75.78 31.03
C GLY C 1200 -92.04 -75.34 29.81
N HIS C 1201 -92.56 -74.37 29.07
CA HIS C 1201 -91.95 -73.94 27.82
C HIS C 1201 -91.42 -72.52 27.94
N LEU C 1202 -90.55 -72.15 27.00
CA LEU C 1202 -89.93 -70.83 26.97
C LEU C 1202 -90.75 -69.94 26.04
N ASN C 1203 -91.25 -68.82 26.56
CA ASN C 1203 -91.99 -67.86 25.75
C ASN C 1203 -91.00 -66.94 25.04
N LEU C 1204 -90.90 -67.08 23.72
CA LEU C 1204 -89.98 -66.21 22.99
C LEU C 1204 -90.60 -64.85 22.73
N GLY C 1205 -91.77 -64.82 22.08
CA GLY C 1205 -92.42 -63.57 21.74
C GLY C 1205 -92.04 -63.06 20.36
N GLN C 1206 -92.25 -63.90 19.33
CA GLN C 1206 -91.95 -63.49 17.97
C GLN C 1206 -92.94 -62.45 17.47
N ASP C 1207 -94.22 -62.81 17.47
CA ASP C 1207 -95.30 -61.87 17.19
C ASP C 1207 -95.73 -61.22 18.48
N VAL C 1208 -96.12 -59.94 18.40
CA VAL C 1208 -96.43 -59.17 19.60
C VAL C 1208 -97.75 -59.62 20.22
N SER C 1209 -98.69 -60.09 19.39
CA SER C 1209 -99.98 -60.53 19.92
C SER C 1209 -99.91 -61.87 20.64
N SER C 1210 -98.84 -62.65 20.41
CA SER C 1210 -98.66 -63.88 21.15
C SER C 1210 -98.20 -63.64 22.59
N LEU C 1211 -97.70 -62.45 22.90
CA LEU C 1211 -97.47 -62.10 24.29
C LEU C 1211 -98.77 -61.65 24.96
N ARG C 1212 -99.03 -62.18 26.15
CA ARG C 1212 -100.25 -61.91 26.89
C ARG C 1212 -100.05 -60.90 28.03
N PHE C 1213 -99.02 -61.10 28.85
CA PHE C 1213 -98.78 -60.29 30.04
C PHE C 1213 -97.64 -59.30 29.86
N PHE C 1214 -97.40 -58.84 28.63
CA PHE C 1214 -96.49 -57.73 28.42
C PHE C 1214 -97.21 -56.41 28.19
N ALA C 1215 -98.49 -56.47 27.80
CA ALA C 1215 -99.27 -55.25 27.63
C ALA C 1215 -99.75 -54.68 28.96
N ILE C 1216 -99.56 -55.40 30.06
CA ILE C 1216 -99.93 -54.88 31.37
C ILE C 1216 -98.76 -54.15 32.00
N CYS C 1217 -97.55 -54.72 31.94
CA CYS C 1217 -96.38 -54.11 32.53
C CYS C 1217 -95.22 -54.07 31.53
N GLY C 1218 -94.50 -52.95 31.51
CA GLY C 1218 -93.21 -52.89 30.86
C GLY C 1218 -93.24 -52.57 29.38
N LEU C 1219 -94.41 -52.30 28.80
CA LEU C 1219 -94.48 -51.98 27.39
C LEU C 1219 -94.25 -50.50 27.14
N GLN C 1220 -94.48 -49.66 28.16
CA GLN C 1220 -94.34 -48.22 27.99
C GLN C 1220 -92.94 -47.72 28.32
N GLU C 1221 -92.28 -48.32 29.31
CA GLU C 1221 -91.02 -47.79 29.81
C GLU C 1221 -89.84 -48.05 28.86
N GLY C 1222 -89.99 -48.96 27.91
CA GLY C 1222 -89.02 -49.09 26.84
C GLY C 1222 -88.56 -50.49 26.48
N PHE C 1223 -88.97 -51.50 27.25
CA PHE C 1223 -88.54 -52.85 26.99
C PHE C 1223 -89.27 -53.44 25.79
N GLU C 1224 -88.59 -54.37 25.12
CA GLU C 1224 -89.03 -55.02 23.91
C GLU C 1224 -88.75 -56.51 24.07
N PRO C 1225 -89.51 -57.37 23.40
CA PRO C 1225 -89.22 -58.81 23.43
C PRO C 1225 -87.93 -59.12 22.69
N PHE C 1226 -87.43 -60.35 22.92
CA PHE C 1226 -86.15 -60.75 22.35
C PHE C 1226 -86.21 -60.90 20.84
N ALA C 1227 -87.38 -61.28 20.31
CA ALA C 1227 -87.51 -61.53 18.87
C ALA C 1227 -88.09 -60.29 18.21
N ILE C 1228 -87.22 -59.31 17.98
CA ILE C 1228 -87.67 -58.07 17.35
C ILE C 1228 -87.71 -58.20 15.83
N ASN C 1229 -86.69 -58.83 15.23
CA ASN C 1229 -86.58 -58.96 13.77
C ASN C 1229 -86.14 -60.39 13.48
N MET C 1230 -87.11 -61.30 13.40
CA MET C 1230 -86.81 -62.73 13.29
C MET C 1230 -87.47 -63.30 12.05
N GLN C 1231 -86.64 -63.88 11.17
CA GLN C 1231 -87.05 -64.54 9.96
C GLN C 1231 -87.28 -66.04 10.17
N ARG C 1232 -86.97 -66.56 11.36
CA ARG C 1232 -86.95 -67.99 11.61
C ARG C 1232 -86.98 -68.21 13.12
N PRO C 1233 -87.52 -69.33 13.59
CA PRO C 1233 -87.49 -69.61 15.03
C PRO C 1233 -86.08 -69.92 15.51
N VAL C 1234 -85.82 -69.55 16.76
CA VAL C 1234 -84.50 -69.74 17.35
C VAL C 1234 -84.33 -71.21 17.71
N THR C 1235 -83.09 -71.71 17.66
CA THR C 1235 -82.76 -73.04 18.15
C THR C 1235 -82.01 -72.90 19.48
N THR C 1236 -82.70 -73.23 20.56
CA THR C 1236 -82.13 -73.15 21.91
C THR C 1236 -81.54 -74.51 22.27
N TRP C 1237 -80.29 -74.52 22.69
CA TRP C 1237 -79.62 -75.78 22.99
C TRP C 1237 -80.05 -76.29 24.37
N PHE C 1238 -79.77 -77.57 24.63
CA PHE C 1238 -80.14 -78.13 25.92
C PHE C 1238 -79.20 -79.28 26.31
N SER C 1239 -78.98 -79.40 27.61
CA SER C 1239 -78.07 -80.38 28.18
C SER C 1239 -78.65 -81.77 28.05
N LYS C 1240 -77.80 -82.75 27.83
CA LYS C 1240 -78.23 -84.13 27.76
C LYS C 1240 -77.71 -84.90 28.96
N SER C 1241 -78.53 -85.84 29.44
CA SER C 1241 -78.10 -86.78 30.47
C SER C 1241 -77.40 -88.00 29.88
N LEU C 1242 -76.99 -87.92 28.62
CA LEU C 1242 -76.08 -88.91 28.03
C LEU C 1242 -74.65 -88.53 28.38
N PRO C 1243 -73.95 -89.30 29.22
CA PRO C 1243 -72.58 -88.93 29.57
C PRO C 1243 -71.59 -89.41 28.53
N GLN C 1244 -70.70 -88.52 28.11
CA GLN C 1244 -69.63 -88.91 27.20
C GLN C 1244 -68.38 -88.08 27.54
N PHE C 1245 -67.39 -88.14 26.68
CA PHE C 1245 -66.03 -87.74 26.98
C PHE C 1245 -65.76 -86.31 26.53
N GLU C 1246 -64.83 -85.65 27.23
CA GLU C 1246 -64.49 -84.24 27.00
C GLU C 1246 -63.04 -84.03 27.39
N PRO C 1247 -62.24 -83.33 26.57
CA PRO C 1247 -60.78 -83.30 26.81
C PRO C 1247 -60.40 -82.50 28.05
N VAL C 1248 -59.18 -82.76 28.51
CA VAL C 1248 -58.67 -82.25 29.78
C VAL C 1248 -58.22 -80.80 29.64
N PRO C 1249 -58.78 -79.87 30.43
CA PRO C 1249 -58.25 -78.52 30.42
C PRO C 1249 -56.93 -78.45 31.16
N PRO C 1250 -56.00 -77.60 30.72
CA PRO C 1250 -54.68 -77.55 31.38
C PRO C 1250 -54.72 -76.86 32.73
N GLU C 1251 -55.62 -75.90 32.87
CA GLU C 1251 -55.77 -75.15 34.11
C GLU C 1251 -56.90 -75.75 34.96
N HIS C 1252 -56.69 -76.99 35.38
CA HIS C 1252 -57.66 -77.67 36.22
C HIS C 1252 -57.14 -77.76 37.65
N PRO C 1253 -57.93 -77.35 38.64
CA PRO C 1253 -57.43 -77.29 40.02
C PRO C 1253 -57.37 -78.64 40.73
N HIS C 1254 -57.81 -79.72 40.10
CA HIS C 1254 -57.83 -81.03 40.75
C HIS C 1254 -56.74 -81.95 40.23
N TYR C 1255 -56.69 -82.20 38.92
CA TYR C 1255 -55.78 -83.19 38.36
C TYR C 1255 -54.87 -82.55 37.31
N GLU C 1256 -53.66 -83.12 37.20
CA GLU C 1256 -52.73 -82.72 36.16
C GLU C 1256 -52.10 -83.97 35.53
N VAL C 1257 -51.72 -83.82 34.27
CA VAL C 1257 -50.94 -84.84 33.54
C VAL C 1257 -49.78 -84.14 32.86
N ALA C 1258 -48.74 -84.92 32.56
CA ALA C 1258 -47.54 -84.42 31.92
C ALA C 1258 -46.82 -85.58 31.24
N ARG C 1259 -46.09 -85.28 30.17
CA ARG C 1259 -45.30 -86.28 29.46
C ARG C 1259 -43.83 -86.13 29.78
N MET C 1260 -43.14 -87.26 29.93
CA MET C 1260 -41.72 -87.27 30.25
C MET C 1260 -40.88 -87.12 29.00
N ASP C 1261 -39.56 -87.06 29.20
CA ASP C 1261 -38.60 -87.04 28.12
C ASP C 1261 -38.21 -88.46 27.74
N GLY C 1262 -37.37 -88.58 26.72
CA GLY C 1262 -36.96 -89.87 26.23
C GLY C 1262 -35.58 -90.29 26.66
N THR C 1263 -35.51 -91.28 27.54
CA THR C 1263 -34.24 -91.87 27.94
C THR C 1263 -34.06 -93.21 27.24
N VAL C 1264 -32.92 -93.84 27.51
CA VAL C 1264 -32.65 -95.18 26.99
C VAL C 1264 -33.23 -96.24 27.93
N ASP C 1265 -33.06 -96.05 29.24
CA ASP C 1265 -33.52 -97.04 30.20
C ASP C 1265 -35.04 -97.02 30.35
N THR C 1266 -35.65 -95.84 30.36
CA THR C 1266 -37.10 -95.69 30.40
C THR C 1266 -37.56 -94.90 29.18
N PRO C 1267 -38.54 -95.38 28.43
CA PRO C 1267 -39.00 -94.68 27.23
C PRO C 1267 -39.77 -93.42 27.56
N PRO C 1268 -40.01 -92.52 26.56
CA PRO C 1268 -40.83 -91.34 26.84
C PRO C 1268 -42.30 -91.68 27.04
N CYS C 1269 -42.80 -91.47 28.26
CA CYS C 1269 -44.14 -91.88 28.64
C CYS C 1269 -44.83 -90.71 29.32
N LEU C 1270 -45.97 -91.00 29.94
CA LEU C 1270 -46.79 -90.01 30.63
C LEU C 1270 -47.31 -90.63 31.92
N ARG C 1271 -47.66 -89.77 32.89
CA ARG C 1271 -48.35 -90.24 34.09
C ARG C 1271 -49.24 -89.12 34.61
N LEU C 1272 -49.94 -89.41 35.72
CA LEU C 1272 -50.89 -88.51 36.36
C LEU C 1272 -50.35 -88.10 37.73
N ALA C 1273 -50.72 -86.90 38.17
CA ALA C 1273 -50.33 -86.41 39.49
C ALA C 1273 -51.44 -85.56 40.08
N HIS C 1274 -51.58 -85.63 41.41
CA HIS C 1274 -52.56 -84.85 42.15
C HIS C 1274 -51.84 -83.95 43.13
N ARG C 1275 -52.17 -82.65 43.10
CA ARG C 1275 -51.53 -81.68 43.98
C ARG C 1275 -52.40 -81.29 45.17
N THR C 1276 -53.71 -81.11 44.96
CA THR C 1276 -54.61 -80.79 46.06
C THR C 1276 -55.15 -82.08 46.68
N TRP C 1277 -54.22 -82.85 47.26
CA TRP C 1277 -54.56 -84.07 47.97
C TRP C 1277 -54.99 -83.83 49.41
N GLY C 1278 -54.45 -82.81 50.05
CA GLY C 1278 -54.64 -82.60 51.47
C GLY C 1278 -55.96 -81.93 51.82
N SER C 1279 -55.89 -80.84 52.57
CA SER C 1279 -57.09 -80.19 53.09
C SER C 1279 -57.80 -79.34 52.04
N GLN C 1280 -58.71 -78.49 52.51
CA GLN C 1280 -59.49 -77.54 51.72
C GLN C 1280 -60.37 -78.24 50.69
N ASN C 1281 -61.16 -79.19 51.19
CA ASN C 1281 -62.25 -79.86 50.46
C ASN C 1281 -61.76 -80.57 49.19
N SER C 1282 -60.92 -81.58 49.40
CA SER C 1282 -60.42 -82.40 48.29
C SER C 1282 -61.35 -83.59 48.10
N LEU C 1283 -62.34 -83.42 47.23
CA LEU C 1283 -63.24 -84.51 46.83
C LEU C 1283 -62.58 -85.24 45.67
N VAL C 1284 -62.13 -86.47 45.92
CA VAL C 1284 -61.55 -87.33 44.88
C VAL C 1284 -62.49 -88.50 44.66
N GLU C 1285 -62.65 -88.89 43.40
CA GLU C 1285 -63.58 -89.93 42.98
C GLU C 1285 -62.90 -90.73 41.88
N MET C 1286 -63.46 -91.90 41.54
CA MET C 1286 -62.89 -92.79 40.52
C MET C 1286 -62.82 -92.13 39.15
N LEU C 1287 -61.60 -91.83 38.71
CA LEU C 1287 -61.37 -91.29 37.38
C LEU C 1287 -61.43 -92.40 36.34
N PHE C 1288 -61.74 -92.02 35.11
CA PHE C 1288 -61.82 -92.96 33.98
C PHE C 1288 -60.92 -92.41 32.87
N LEU C 1289 -59.64 -92.73 32.96
CA LEU C 1289 -58.67 -92.26 31.97
C LEU C 1289 -58.81 -93.08 30.69
N ARG C 1290 -58.43 -92.45 29.59
CA ARG C 1290 -58.52 -93.05 28.26
C ARG C 1290 -57.57 -92.26 27.38
N LEU C 1291 -56.97 -92.93 26.40
CA LEU C 1291 -56.29 -92.24 25.31
C LEU C 1291 -57.20 -92.24 24.08
N SER C 1292 -57.33 -91.07 23.46
CA SER C 1292 -58.44 -90.76 22.55
C SER C 1292 -58.31 -91.35 21.16
N LEU C 1293 -57.36 -92.26 20.92
CA LEU C 1293 -57.23 -92.82 19.58
C LEU C 1293 -57.31 -94.33 19.60
N PRO C 1294 -58.01 -94.93 18.63
CA PRO C 1294 -58.27 -96.38 18.68
C PRO C 1294 -57.28 -97.21 17.88
N VAL C 1295 -57.43 -98.54 17.95
CA VAL C 1295 -56.74 -99.46 17.07
C VAL C 1295 -57.79 -100.39 16.45
N GLN C 1296 -57.91 -100.33 15.13
CA GLN C 1296 -58.80 -101.23 14.39
C GLN C 1296 -58.02 -102.45 13.92
N PHE C 1297 -58.69 -103.61 13.99
CA PHE C 1297 -58.02 -104.90 13.85
C PHE C 1297 -57.92 -105.30 12.37
N HIS C 1298 -57.38 -106.50 12.13
CA HIS C 1298 -57.42 -107.08 10.79
C HIS C 1298 -58.82 -107.62 10.52
N GLN C 1299 -59.16 -107.66 9.23
CA GLN C 1299 -60.53 -107.85 8.78
C GLN C 1299 -60.92 -109.32 8.67
N HIS C 1300 -60.22 -110.07 7.82
CA HIS C 1300 -60.37 -111.52 7.73
C HIS C 1300 -59.10 -112.18 8.23
N PHE C 1301 -59.24 -113.08 9.20
CA PHE C 1301 -58.11 -113.61 9.95
C PHE C 1301 -57.32 -114.61 9.12
N ARG C 1302 -56.21 -115.10 9.70
CA ARG C 1302 -55.32 -115.99 8.95
C ARG C 1302 -55.90 -117.39 8.79
N CYS C 1303 -56.81 -117.78 9.68
CA CYS C 1303 -57.48 -119.09 9.72
C CYS C 1303 -56.49 -120.26 9.76
N ASP C 1422 -33.54 -108.46 18.98
CA ASP C 1422 -33.77 -109.72 18.28
C ASP C 1422 -33.35 -109.61 16.81
N ASP C 1423 -33.68 -110.65 16.03
CA ASP C 1423 -33.44 -110.59 14.60
C ASP C 1423 -34.50 -109.71 13.95
N PRO C 1424 -34.15 -108.95 12.91
CA PRO C 1424 -35.16 -108.11 12.25
C PRO C 1424 -36.15 -108.88 11.40
N GLU C 1425 -35.87 -110.15 11.08
CA GLU C 1425 -36.73 -110.92 10.18
C GLU C 1425 -38.00 -111.45 10.83
N ILE C 1426 -38.05 -111.54 12.17
CA ILE C 1426 -39.23 -112.07 12.84
C ILE C 1426 -40.17 -110.97 13.34
N ILE C 1427 -39.71 -109.73 13.41
CA ILE C 1427 -40.56 -108.64 13.89
C ILE C 1427 -41.37 -108.01 12.77
N LEU C 1428 -40.90 -108.09 11.52
CA LEU C 1428 -41.54 -107.41 10.40
C LEU C 1428 -42.87 -108.03 9.98
N ASN C 1429 -43.05 -109.34 10.19
CA ASN C 1429 -44.23 -110.02 9.67
C ASN C 1429 -45.36 -110.17 10.67
N THR C 1430 -45.08 -110.23 11.96
CA THR C 1430 -46.13 -110.46 12.95
C THR C 1430 -46.81 -109.15 13.33
N THR C 1431 -48.06 -109.27 13.77
CA THR C 1431 -48.87 -108.13 14.19
C THR C 1431 -49.29 -108.36 15.64
N THR C 1432 -48.42 -108.00 16.57
CA THR C 1432 -48.79 -108.00 17.98
C THR C 1432 -48.06 -106.85 18.67
N TYR C 1433 -48.79 -106.11 19.50
CA TYR C 1433 -48.31 -104.88 20.12
C TYR C 1433 -48.82 -104.82 21.55
N TYR C 1434 -47.92 -104.47 22.48
CA TYR C 1434 -48.16 -104.62 23.90
C TYR C 1434 -47.89 -103.32 24.61
N TYR C 1435 -48.74 -102.99 25.58
CA TYR C 1435 -48.51 -101.85 26.47
C TYR C 1435 -48.93 -102.27 27.86
N SER C 1436 -48.62 -101.42 28.85
CA SER C 1436 -48.88 -101.77 30.23
C SER C 1436 -49.24 -100.52 31.02
N VAL C 1437 -49.60 -100.74 32.28
CA VAL C 1437 -49.69 -99.69 33.28
C VAL C 1437 -48.87 -100.18 34.46
N ARG C 1438 -48.34 -99.26 35.25
CA ARG C 1438 -47.63 -99.62 36.47
C ARG C 1438 -48.11 -98.70 37.59
N VAL C 1439 -48.89 -99.26 38.51
CA VAL C 1439 -49.42 -98.48 39.62
C VAL C 1439 -48.30 -98.20 40.61
N PHE C 1440 -48.21 -96.96 41.08
CA PHE C 1440 -47.19 -96.57 42.04
C PHE C 1440 -47.50 -97.14 43.42
N ALA C 1441 -46.56 -96.97 44.34
CA ALA C 1441 -46.68 -97.56 45.67
C ALA C 1441 -47.64 -96.77 46.54
N GLY C 1442 -48.24 -97.50 47.49
CA GLY C 1442 -49.16 -96.90 48.44
C GLY C 1442 -50.59 -96.76 47.97
N GLN C 1443 -50.95 -97.34 46.83
CA GLN C 1443 -52.30 -97.22 46.29
C GLN C 1443 -53.02 -98.56 46.36
N GLU C 1444 -54.36 -98.49 46.35
CA GLU C 1444 -55.20 -99.69 46.41
C GLU C 1444 -55.19 -100.40 45.05
N PRO C 1445 -54.63 -101.61 44.96
CA PRO C 1445 -54.66 -102.33 43.68
C PRO C 1445 -55.97 -103.01 43.39
N SER C 1446 -56.89 -103.01 44.36
CA SER C 1446 -58.18 -103.67 44.18
C SER C 1446 -59.14 -102.88 43.32
N CYS C 1447 -58.95 -101.57 43.19
CA CYS C 1447 -59.82 -100.72 42.39
C CYS C 1447 -59.15 -100.26 41.09
N VAL C 1448 -58.18 -101.02 40.59
CA VAL C 1448 -57.49 -100.71 39.35
C VAL C 1448 -58.01 -101.68 38.29
N TRP C 1449 -58.54 -101.13 37.20
CA TRP C 1449 -59.13 -101.93 36.15
C TRP C 1449 -58.54 -101.51 34.81
N VAL C 1450 -57.83 -102.44 34.16
CA VAL C 1450 -56.95 -102.14 33.03
C VAL C 1450 -57.43 -102.91 31.80
N GLY C 1451 -57.55 -102.21 30.68
CA GLY C 1451 -57.87 -102.87 29.43
C GLY C 1451 -58.27 -101.93 28.31
N TRP C 1452 -59.23 -102.35 27.49
CA TRP C 1452 -59.64 -101.58 26.33
C TRP C 1452 -61.15 -101.45 26.29
N VAL C 1453 -61.63 -100.25 25.98
CA VAL C 1453 -63.06 -99.93 25.95
C VAL C 1453 -63.42 -99.44 24.56
N THR C 1454 -64.49 -99.97 24.00
CA THR C 1454 -65.04 -99.58 22.72
C THR C 1454 -65.72 -98.21 22.84
N PRO C 1455 -65.99 -97.53 21.71
CA PRO C 1455 -66.83 -96.33 21.75
C PRO C 1455 -68.27 -96.54 22.26
N ASP C 1456 -68.79 -97.76 22.33
CA ASP C 1456 -70.12 -98.02 22.88
C ASP C 1456 -70.06 -98.00 24.41
N TYR C 1457 -69.86 -96.81 24.96
CA TYR C 1457 -69.71 -96.62 26.40
C TYR C 1457 -70.25 -95.24 26.75
N HIS C 1458 -71.45 -95.20 27.33
CA HIS C 1458 -72.12 -93.95 27.65
C HIS C 1458 -72.67 -93.98 29.09
N GLN C 1459 -71.86 -94.43 30.04
CA GLN C 1459 -72.31 -94.60 31.41
C GLN C 1459 -71.30 -94.02 32.40
N HIS C 1460 -71.81 -93.56 33.54
CA HIS C 1460 -70.96 -93.03 34.60
C HIS C 1460 -71.69 -93.19 35.93
N ASP C 1461 -71.16 -94.03 36.81
CA ASP C 1461 -71.60 -94.12 38.19
C ASP C 1461 -70.35 -94.17 39.06
N MET C 1462 -70.53 -93.96 40.36
CA MET C 1462 -69.40 -93.68 41.25
C MET C 1462 -68.66 -94.93 41.74
N ASN C 1463 -69.24 -96.12 41.64
CA ASN C 1463 -68.55 -97.33 42.12
C ASN C 1463 -68.71 -98.48 41.13
N PHE C 1464 -68.40 -98.23 39.86
CA PHE C 1464 -68.39 -99.31 38.86
C PHE C 1464 -67.31 -100.34 39.14
N ASP C 1465 -67.53 -101.55 38.63
CA ASP C 1465 -66.57 -102.65 38.71
C ASP C 1465 -66.88 -103.63 37.58
N LEU C 1466 -66.17 -104.78 37.58
CA LEU C 1466 -66.37 -105.79 36.55
C LEU C 1466 -67.49 -106.77 36.85
N SER C 1467 -68.22 -106.59 37.94
CA SER C 1467 -69.49 -107.28 38.08
C SER C 1467 -70.62 -106.50 37.45
N LYS C 1468 -70.49 -105.18 37.35
CA LYS C 1468 -71.45 -104.30 36.70
C LYS C 1468 -71.06 -103.97 35.26
N VAL C 1469 -70.70 -104.96 34.44
CA VAL C 1469 -70.44 -104.73 33.03
C VAL C 1469 -71.23 -105.76 32.21
N ARG C 1470 -71.67 -105.34 31.04
CA ARG C 1470 -72.62 -106.13 30.25
C ARG C 1470 -71.95 -106.76 29.03
N ALA C 1471 -72.30 -108.01 28.78
CA ALA C 1471 -71.81 -108.76 27.63
C ALA C 1471 -72.93 -109.68 27.16
N VAL C 1472 -73.19 -109.70 25.85
CA VAL C 1472 -74.33 -110.40 25.30
C VAL C 1472 -73.82 -111.56 24.45
N THR C 1473 -74.25 -112.77 24.80
CA THR C 1473 -73.85 -113.97 24.07
C THR C 1473 -74.72 -114.12 22.83
N VAL C 1474 -74.08 -114.03 21.67
CA VAL C 1474 -74.73 -114.23 20.39
C VAL C 1474 -74.26 -115.55 19.81
N THR C 1475 -75.21 -116.39 19.41
CA THR C 1475 -74.93 -117.63 18.71
C THR C 1475 -76.07 -117.91 17.74
N MET C 1476 -75.73 -118.51 16.59
CA MET C 1476 -76.71 -118.94 15.61
C MET C 1476 -76.37 -120.34 15.14
N GLY C 1477 -77.34 -120.99 14.52
CA GLY C 1477 -77.15 -122.35 14.07
C GLY C 1477 -78.13 -122.82 13.02
N ASP C 1478 -78.45 -124.11 13.06
CA ASP C 1478 -79.35 -124.73 12.11
C ASP C 1478 -80.75 -124.82 12.71
N GLU C 1479 -81.69 -125.31 11.91
CA GLU C 1479 -83.08 -125.41 12.34
C GLU C 1479 -83.32 -126.57 13.28
N GLN C 1480 -82.44 -127.58 13.28
CA GLN C 1480 -82.62 -128.73 14.16
C GLN C 1480 -82.19 -128.44 15.59
N GLY C 1481 -81.37 -127.42 15.81
CA GLY C 1481 -80.91 -127.05 17.14
C GLY C 1481 -79.42 -127.05 17.34
N ASN C 1482 -78.63 -127.47 16.35
CA ASN C 1482 -77.18 -127.53 16.46
C ASN C 1482 -76.58 -126.13 16.38
N VAL C 1483 -75.39 -125.98 16.96
CA VAL C 1483 -74.73 -124.68 17.03
C VAL C 1483 -73.74 -124.56 15.88
N HIS C 1484 -73.48 -123.32 15.46
CA HIS C 1484 -72.50 -123.06 14.41
C HIS C 1484 -71.30 -122.25 14.90
N SER C 1485 -71.56 -121.07 15.48
CA SER C 1485 -70.49 -120.24 16.02
C SER C 1485 -71.05 -119.42 17.17
N SER C 1486 -70.16 -118.97 18.04
CA SER C 1486 -70.55 -118.24 19.24
C SER C 1486 -69.81 -116.90 19.25
N LEU C 1487 -70.52 -115.86 19.67
CA LEU C 1487 -70.02 -114.49 19.56
C LEU C 1487 -70.37 -113.71 20.81
N LYS C 1488 -69.39 -112.98 21.34
CA LYS C 1488 -69.57 -112.18 22.55
C LYS C 1488 -69.40 -110.70 22.20
N CYS C 1489 -70.47 -109.92 22.36
CA CYS C 1489 -70.43 -108.48 22.15
C CYS C 1489 -70.39 -107.78 23.52
N SER C 1490 -69.23 -107.24 23.86
CA SER C 1490 -69.07 -106.51 25.11
C SER C 1490 -68.46 -105.15 24.83
N ASN C 1491 -68.43 -104.32 25.87
CA ASN C 1491 -67.85 -103.00 25.79
C ASN C 1491 -66.65 -102.81 26.70
N CYS C 1492 -66.45 -103.69 27.68
CA CYS C 1492 -65.42 -103.52 28.71
C CYS C 1492 -64.59 -104.80 28.75
N TYR C 1493 -63.60 -104.91 27.87
CA TYR C 1493 -62.70 -106.06 27.82
C TYR C 1493 -61.46 -105.81 28.68
N MET C 1494 -61.69 -105.69 29.98
CA MET C 1494 -60.66 -105.34 30.94
C MET C 1494 -60.58 -106.38 32.05
N VAL C 1495 -59.53 -106.26 32.88
CA VAL C 1495 -59.37 -107.12 34.06
C VAL C 1495 -59.28 -106.35 35.37
N TRP C 1496 -59.02 -107.09 36.44
CA TRP C 1496 -58.93 -106.58 37.79
C TRP C 1496 -57.46 -106.51 38.19
N GLY C 1497 -57.05 -105.35 38.71
CA GLY C 1497 -55.66 -105.20 39.12
C GLY C 1497 -55.32 -105.95 40.38
N GLY C 1498 -56.31 -106.20 41.22
CA GLY C 1498 -56.16 -106.99 42.43
C GLY C 1498 -56.46 -108.46 42.29
N ASP C 1499 -56.48 -108.99 41.06
CA ASP C 1499 -56.80 -110.40 40.86
C ASP C 1499 -55.63 -111.30 41.25
N PHE C 1500 -54.41 -110.90 40.91
CA PHE C 1500 -53.23 -111.67 41.29
C PHE C 1500 -52.51 -111.08 42.50
N VAL C 1501 -52.72 -109.79 42.75
CA VAL C 1501 -52.09 -109.09 43.87
C VAL C 1501 -52.65 -109.58 45.21
N ILE C 1509 -50.20 -101.59 51.79
CA ILE C 1509 -48.93 -100.91 52.03
C ILE C 1509 -47.78 -101.61 51.32
N SER C 1510 -47.96 -101.90 50.04
CA SER C 1510 -46.89 -102.53 49.26
C SER C 1510 -45.80 -101.51 48.96
N HIS C 1511 -44.55 -101.95 49.02
CA HIS C 1511 -43.42 -101.06 48.83
C HIS C 1511 -42.89 -101.04 47.40
N THR C 1512 -43.18 -102.05 46.59
CA THR C 1512 -42.69 -102.14 45.23
C THR C 1512 -43.86 -102.10 44.26
N ASP C 1513 -43.70 -101.35 43.18
CA ASP C 1513 -44.73 -101.19 42.16
C ASP C 1513 -44.99 -102.47 41.37
N LEU C 1514 -46.19 -102.56 40.80
CA LEU C 1514 -46.72 -103.76 40.15
C LEU C 1514 -47.20 -103.40 38.74
N VAL C 1515 -47.14 -104.38 37.85
CA VAL C 1515 -47.31 -104.17 36.41
C VAL C 1515 -48.50 -104.97 35.91
N ILE C 1516 -49.41 -104.30 35.21
CA ILE C 1516 -50.52 -104.94 34.48
C ILE C 1516 -50.43 -104.52 33.02
N GLY C 1517 -50.34 -105.50 32.12
CA GLY C 1517 -50.17 -105.23 30.71
C GLY C 1517 -51.36 -105.68 29.89
N CYS C 1518 -51.40 -105.20 28.65
CA CYS C 1518 -52.35 -105.64 27.64
C CYS C 1518 -51.64 -105.77 26.31
N LEU C 1519 -51.81 -106.91 25.63
CA LEU C 1519 -51.26 -107.12 24.30
C LEU C 1519 -52.40 -107.39 23.32
N VAL C 1520 -52.30 -106.81 22.13
CA VAL C 1520 -53.30 -107.00 21.08
C VAL C 1520 -52.61 -107.67 19.89
N ASP C 1521 -52.98 -108.91 19.60
CA ASP C 1521 -52.58 -109.59 18.37
C ASP C 1521 -53.64 -109.32 17.30
N LEU C 1522 -53.26 -108.54 16.30
CA LEU C 1522 -54.23 -108.04 15.33
C LEU C 1522 -54.61 -109.07 14.28
N ALA C 1523 -53.77 -110.08 14.05
CA ALA C 1523 -54.04 -111.02 12.97
C ALA C 1523 -55.13 -112.03 13.32
N THR C 1524 -55.18 -112.51 14.57
CA THR C 1524 -56.19 -113.46 15.00
C THR C 1524 -57.21 -112.87 15.99
N GLY C 1525 -56.83 -111.81 16.71
CA GLY C 1525 -57.79 -111.08 17.53
C GLY C 1525 -57.89 -111.53 18.97
N LEU C 1526 -57.05 -112.46 19.42
CA LEU C 1526 -57.12 -112.97 20.79
C LEU C 1526 -56.27 -112.11 21.71
N MET C 1527 -56.84 -111.73 22.84
CA MET C 1527 -56.20 -110.80 23.78
C MET C 1527 -56.12 -111.43 25.16
N THR C 1528 -54.98 -112.04 25.46
CA THR C 1528 -54.66 -112.53 26.79
C THR C 1528 -53.68 -111.57 27.45
N PHE C 1529 -54.02 -111.08 28.64
CA PHE C 1529 -53.29 -109.98 29.27
C PHE C 1529 -52.27 -110.56 30.24
N THR C 1530 -51.11 -109.93 30.34
CA THR C 1530 -49.96 -110.40 31.12
C THR C 1530 -49.72 -109.47 32.31
N ALA C 1531 -49.27 -110.05 33.43
CA ALA C 1531 -48.98 -109.29 34.65
C ALA C 1531 -47.62 -109.70 35.21
N ASN C 1532 -46.71 -108.72 35.30
CA ASN C 1532 -45.35 -108.88 35.84
C ASN C 1532 -44.56 -109.98 35.13
N GLY C 1533 -44.71 -110.06 33.81
CA GLY C 1533 -43.98 -111.03 33.03
C GLY C 1533 -44.57 -112.42 33.01
N LYS C 1534 -45.70 -112.64 33.67
CA LYS C 1534 -46.37 -113.93 33.66
C LYS C 1534 -47.83 -113.76 33.26
N GLU C 1535 -48.35 -114.75 32.54
CA GLU C 1535 -49.67 -114.66 31.93
C GLU C 1535 -50.76 -115.06 32.92
N SER C 1536 -51.91 -114.39 32.80
CA SER C 1536 -53.09 -114.67 33.61
C SER C 1536 -54.00 -115.65 32.86
N ASN C 1537 -55.24 -115.79 33.33
CA ASN C 1537 -56.14 -116.82 32.83
C ASN C 1537 -57.22 -116.31 31.88
N THR C 1538 -57.67 -115.07 32.04
CA THR C 1538 -58.84 -114.58 31.33
C THR C 1538 -58.51 -114.22 29.89
N PHE C 1539 -59.30 -114.74 28.95
CA PHE C 1539 -59.17 -114.44 27.53
C PHE C 1539 -60.49 -113.88 27.00
N PHE C 1540 -60.40 -113.04 25.96
CA PHE C 1540 -61.57 -112.55 25.28
C PHE C 1540 -61.25 -112.35 23.81
N GLN C 1541 -62.29 -112.47 22.98
CA GLN C 1541 -62.21 -112.27 21.53
C GLN C 1541 -63.30 -111.31 21.12
N VAL C 1542 -63.05 -110.54 20.05
CA VAL C 1542 -63.97 -109.51 19.61
C VAL C 1542 -64.19 -109.67 18.11
N GLU C 1543 -65.30 -109.11 17.64
CA GLU C 1543 -65.57 -109.02 16.20
C GLU C 1543 -64.49 -108.17 15.54
N PRO C 1544 -64.14 -108.48 14.28
CA PRO C 1544 -62.94 -107.83 13.69
C PRO C 1544 -63.11 -106.36 13.40
N ASN C 1545 -64.27 -105.94 12.90
CA ASN C 1545 -64.47 -104.55 12.48
C ASN C 1545 -65.15 -103.74 13.59
N THR C 1546 -64.53 -103.79 14.77
CA THR C 1546 -64.83 -102.87 15.85
C THR C 1546 -63.51 -102.18 16.23
N LYS C 1547 -63.59 -101.16 17.07
CA LYS C 1547 -62.38 -100.55 17.61
C LYS C 1547 -62.44 -100.41 19.12
N LEU C 1548 -61.26 -100.32 19.72
CA LEU C 1548 -61.09 -100.34 21.17
C LEU C 1548 -60.21 -99.16 21.55
N PHE C 1549 -60.60 -98.43 22.60
CA PHE C 1549 -59.77 -97.33 23.09
C PHE C 1549 -58.95 -97.80 24.29
N PRO C 1550 -57.68 -97.41 24.41
CA PRO C 1550 -56.91 -97.78 25.62
C PRO C 1550 -57.37 -96.96 26.81
N ALA C 1551 -57.89 -97.64 27.84
CA ALA C 1551 -58.54 -96.97 28.96
C ALA C 1551 -58.36 -97.73 30.26
N VAL C 1552 -58.19 -96.98 31.36
CA VAL C 1552 -58.16 -97.52 32.71
C VAL C 1552 -59.17 -96.79 33.57
N PHE C 1553 -59.75 -97.53 34.52
CA PHE C 1553 -60.67 -96.96 35.51
C PHE C 1553 -60.03 -97.11 36.88
N VAL C 1554 -59.50 -96.00 37.44
CA VAL C 1554 -58.73 -96.03 38.67
C VAL C 1554 -59.23 -94.93 39.61
N LEU C 1555 -59.57 -95.32 40.84
CA LEU C 1555 -59.71 -94.38 41.95
C LEU C 1555 -58.33 -94.17 42.56
N PRO C 1556 -57.78 -92.96 42.57
CA PRO C 1556 -56.49 -92.72 43.22
C PRO C 1556 -56.62 -92.56 44.73
N THR C 1557 -55.71 -93.18 45.48
CA THR C 1557 -55.68 -93.01 46.94
C THR C 1557 -54.41 -92.32 47.42
N HIS C 1558 -53.66 -91.70 46.52
CA HIS C 1558 -52.66 -90.67 46.83
C HIS C 1558 -52.42 -89.86 45.56
N GLN C 1559 -51.24 -89.25 45.45
CA GLN C 1559 -51.01 -88.22 44.44
C GLN C 1559 -50.70 -88.80 43.07
N ASN C 1560 -49.54 -89.42 42.91
CA ASN C 1560 -49.07 -89.92 41.63
C ASN C 1560 -49.26 -91.44 41.58
N VAL C 1561 -50.19 -91.89 40.74
CA VAL C 1561 -50.72 -93.25 40.81
C VAL C 1561 -50.53 -93.99 39.50
N ILE C 1562 -51.13 -93.48 38.42
CA ILE C 1562 -51.25 -94.18 37.15
C ILE C 1562 -50.07 -93.78 36.29
N GLN C 1563 -49.39 -94.78 35.71
CA GLN C 1563 -48.26 -94.53 34.81
C GLN C 1563 -48.37 -95.48 33.64
N PHE C 1564 -48.85 -94.98 32.50
CA PHE C 1564 -48.79 -95.72 31.25
C PHE C 1564 -47.34 -95.77 30.80
N GLU C 1565 -46.99 -96.82 30.06
CA GLU C 1565 -45.64 -96.95 29.55
C GLU C 1565 -45.66 -97.09 28.04
N LEU C 1566 -44.89 -96.25 27.38
CA LEU C 1566 -44.72 -96.32 25.92
C LEU C 1566 -43.46 -97.14 25.59
N GLY C 1567 -43.43 -98.37 26.10
CA GLY C 1567 -42.28 -99.22 25.99
C GLY C 1567 -42.54 -100.50 25.24
N LYS C 1568 -41.46 -101.25 25.02
CA LYS C 1568 -41.51 -102.49 24.25
C LYS C 1568 -40.34 -103.35 24.67
N GLN C 1569 -40.58 -104.66 24.76
CA GLN C 1569 -39.54 -105.63 25.07
C GLN C 1569 -38.92 -106.18 23.78
N LYS C 1570 -38.08 -107.22 23.92
CA LYS C 1570 -37.14 -107.62 22.87
C LYS C 1570 -37.78 -108.34 21.69
N ASN C 1571 -39.08 -108.65 21.74
CA ASN C 1571 -39.73 -109.35 20.64
C ASN C 1571 -41.07 -108.76 20.23
N ILE C 1572 -41.54 -107.71 20.90
CA ILE C 1572 -42.85 -107.14 20.64
C ILE C 1572 -42.70 -105.64 20.42
N MET C 1573 -43.31 -105.14 19.34
CA MET C 1573 -43.37 -103.75 18.90
C MET C 1573 -44.28 -102.93 19.81
N PRO C 1574 -44.05 -101.60 19.92
CA PRO C 1574 -44.96 -100.77 20.74
C PRO C 1574 -46.25 -100.35 20.04
N LEU C 1575 -47.03 -99.48 20.68
CA LEU C 1575 -48.30 -99.01 20.12
C LEU C 1575 -48.12 -98.00 18.99
N SER C 1576 -46.96 -97.36 18.90
CA SER C 1576 -46.75 -96.33 17.88
C SER C 1576 -46.73 -96.90 16.47
N ALA C 1577 -46.41 -98.19 16.33
CA ALA C 1577 -46.45 -98.82 15.02
C ALA C 1577 -47.88 -99.04 14.54
N ALA C 1578 -48.76 -99.48 15.44
CA ALA C 1578 -50.17 -99.65 15.12
C ALA C 1578 -50.96 -98.35 15.23
N MET C 1579 -50.29 -97.24 15.56
CA MET C 1579 -50.97 -95.96 15.65
C MET C 1579 -51.52 -95.51 14.30
N PHE C 1580 -50.63 -95.19 13.35
CA PHE C 1580 -51.02 -94.68 12.04
C PHE C 1580 -50.29 -95.47 10.96
N LEU C 1581 -50.32 -94.95 9.72
CA LEU C 1581 -49.80 -95.71 8.59
C LEU C 1581 -48.31 -95.44 8.35
N SER C 1582 -47.84 -94.23 8.61
CA SER C 1582 -46.54 -93.78 8.13
C SER C 1582 -45.36 -94.28 8.95
N GLU C 1583 -45.57 -95.12 9.97
CA GLU C 1583 -44.47 -95.46 10.87
C GLU C 1583 -44.53 -96.91 11.37
N ARG C 1584 -45.17 -97.79 10.60
CA ARG C 1584 -45.57 -99.11 11.13
C ARG C 1584 -44.40 -100.06 11.36
N LYS C 1585 -43.26 -99.86 10.70
CA LYS C 1585 -42.13 -100.79 10.81
C LYS C 1585 -40.86 -100.13 11.34
N ASN C 1586 -40.98 -99.14 12.21
CA ASN C 1586 -39.82 -98.54 12.85
C ASN C 1586 -39.97 -98.72 14.36
N PRO C 1587 -39.02 -99.35 15.07
CA PRO C 1587 -39.25 -99.68 16.48
C PRO C 1587 -38.87 -98.60 17.47
N ALA C 1588 -38.85 -97.33 17.07
CA ALA C 1588 -38.56 -96.23 17.99
C ALA C 1588 -39.84 -95.75 18.66
N PRO C 1589 -40.00 -95.91 19.98
CA PRO C 1589 -41.26 -95.53 20.63
C PRO C 1589 -41.19 -94.10 21.15
N GLN C 1590 -41.99 -93.22 20.53
CA GLN C 1590 -42.16 -91.85 21.01
C GLN C 1590 -43.64 -91.53 21.05
N CYS C 1591 -44.00 -90.59 21.93
CA CYS C 1591 -45.40 -90.27 22.19
C CYS C 1591 -45.71 -88.85 21.75
N PRO C 1592 -46.62 -88.64 20.81
CA PRO C 1592 -46.97 -87.28 20.38
C PRO C 1592 -47.96 -86.64 21.33
N PRO C 1593 -48.05 -85.31 21.34
CA PRO C 1593 -49.11 -84.64 22.12
C PRO C 1593 -50.50 -84.73 21.50
N ARG C 1594 -50.65 -85.37 20.33
CA ARG C 1594 -51.99 -85.70 19.84
C ARG C 1594 -52.69 -86.67 20.78
N LEU C 1595 -51.96 -87.67 21.27
CA LEU C 1595 -52.51 -88.59 22.27
C LEU C 1595 -52.27 -88.02 23.66
N GLU C 1596 -53.34 -87.54 24.29
CA GLU C 1596 -53.34 -87.16 25.69
C GLU C 1596 -54.50 -87.87 26.36
N VAL C 1597 -54.64 -87.68 27.67
CA VAL C 1597 -55.63 -88.44 28.43
C VAL C 1597 -57.02 -87.90 28.16
N GLN C 1598 -58.01 -88.76 28.38
CA GLN C 1598 -59.41 -88.48 28.08
C GLN C 1598 -60.26 -88.86 29.28
N MET C 1599 -61.10 -87.92 29.72
CA MET C 1599 -61.92 -88.12 30.91
C MET C 1599 -63.37 -87.76 30.58
N LEU C 1600 -64.26 -88.66 30.99
CA LEU C 1600 -65.68 -88.48 30.76
C LEU C 1600 -66.26 -87.61 31.87
N MET C 1601 -66.93 -86.53 31.49
CA MET C 1601 -67.77 -85.70 32.36
C MET C 1601 -69.23 -85.91 32.00
N PRO C 1602 -70.15 -86.01 32.97
CA PRO C 1602 -71.50 -86.52 32.67
C PRO C 1602 -72.44 -85.54 31.97
N VAL C 1603 -71.97 -84.41 31.44
CA VAL C 1603 -72.86 -83.44 30.81
C VAL C 1603 -72.16 -82.82 29.60
N SER C 1604 -72.94 -82.58 28.54
CA SER C 1604 -72.47 -81.93 27.33
C SER C 1604 -73.64 -81.19 26.70
N TRP C 1605 -73.42 -80.66 25.50
CA TRP C 1605 -74.41 -79.84 24.83
C TRP C 1605 -74.71 -80.44 23.46
N SER C 1606 -75.97 -80.79 23.23
CA SER C 1606 -76.47 -81.15 21.91
C SER C 1606 -77.58 -80.17 21.55
N ARG C 1607 -78.11 -80.30 20.33
CA ARG C 1607 -79.00 -79.31 19.73
C ARG C 1607 -80.27 -79.93 19.19
N MET C 1608 -81.43 -79.30 19.48
CA MET C 1608 -82.61 -79.81 18.81
C MET C 1608 -82.78 -79.12 17.45
N PRO C 1609 -83.31 -79.83 16.46
CA PRO C 1609 -83.63 -79.17 15.18
C PRO C 1609 -84.88 -78.33 15.30
N ASN C 1610 -85.09 -77.48 14.29
CA ASN C 1610 -86.26 -76.61 14.25
C ASN C 1610 -87.50 -77.29 13.71
N HIS C 1611 -87.41 -78.54 13.26
CA HIS C 1611 -88.57 -79.30 12.80
C HIS C 1611 -88.39 -80.75 13.21
N PHE C 1612 -89.38 -81.27 13.95
CA PHE C 1612 -89.33 -82.63 14.49
C PHE C 1612 -90.23 -83.57 13.70
N LEU C 1613 -90.43 -84.76 14.28
CA LEU C 1613 -91.34 -85.78 13.75
C LEU C 1613 -92.67 -85.67 14.50
N GLN C 1614 -93.68 -85.12 13.83
CA GLN C 1614 -95.02 -84.98 14.41
C GLN C 1614 -95.69 -86.35 14.34
N VAL C 1615 -95.56 -87.09 15.43
CA VAL C 1615 -96.09 -88.44 15.53
C VAL C 1615 -97.47 -88.39 16.16
N GLU C 1616 -98.32 -89.38 15.85
CA GLU C 1616 -99.69 -89.39 16.33
C GLU C 1616 -100.13 -90.84 16.46
N THR C 1617 -101.07 -91.11 17.37
CA THR C 1617 -101.50 -92.47 17.68
C THR C 1617 -103.00 -92.62 17.41
N ARG C 1618 -103.37 -93.75 16.79
CA ARG C 1618 -104.75 -93.99 16.35
C ARG C 1618 -105.09 -95.47 16.45
N ARG C 1619 -106.38 -95.76 16.66
CA ARG C 1619 -106.88 -97.13 16.58
C ARG C 1619 -108.35 -97.15 16.18
N ALA C 1620 -108.69 -98.02 15.23
CA ALA C 1620 -110.07 -98.32 14.90
C ALA C 1620 -110.28 -99.81 15.12
N GLY C 1621 -111.28 -100.16 15.92
CA GLY C 1621 -111.55 -101.54 16.25
C GLY C 1621 -111.00 -101.93 17.61
N GLU C 1622 -111.54 -103.03 18.16
CA GLU C 1622 -111.18 -103.47 19.50
C GLU C 1622 -110.11 -104.55 19.52
N ARG C 1623 -109.82 -105.19 18.39
CA ARG C 1623 -108.84 -106.25 18.38
C ARG C 1623 -107.71 -106.00 17.38
N LEU C 1624 -107.54 -104.76 16.91
CA LEU C 1624 -106.52 -104.44 15.93
C LEU C 1624 -105.21 -103.97 16.57
N GLY C 1625 -105.28 -102.99 17.46
CA GLY C 1625 -104.11 -102.45 18.12
C GLY C 1625 -103.85 -101.00 17.75
N TRP C 1626 -103.28 -100.27 18.70
CA TRP C 1626 -103.07 -98.84 18.53
C TRP C 1626 -101.92 -98.57 17.56
N ALA C 1627 -102.19 -97.76 16.55
CA ALA C 1627 -101.28 -97.56 15.42
C ALA C 1627 -100.51 -96.25 15.57
N VAL C 1628 -99.25 -96.28 15.16
CA VAL C 1628 -98.39 -95.11 15.16
C VAL C 1628 -98.24 -94.66 13.71
N GLN C 1629 -98.32 -93.34 13.48
CA GLN C 1629 -98.22 -92.80 12.13
C GLN C 1629 -97.08 -91.79 12.08
N CYS C 1630 -96.63 -91.51 10.86
CA CYS C 1630 -95.73 -90.40 10.57
C CYS C 1630 -95.89 -90.02 9.11
N GLN C 1631 -95.66 -88.74 8.82
CA GLN C 1631 -95.78 -88.24 7.46
C GLN C 1631 -94.78 -87.16 7.10
N ASP C 1632 -93.75 -86.92 7.92
CA ASP C 1632 -92.83 -85.83 7.68
C ASP C 1632 -91.55 -86.35 7.04
N PRO C 1633 -91.25 -85.98 5.78
CA PRO C 1633 -89.96 -86.35 5.17
C PRO C 1633 -88.88 -85.36 5.57
N LEU C 1634 -87.82 -85.87 6.18
CA LEU C 1634 -86.79 -85.03 6.78
C LEU C 1634 -85.44 -85.74 6.72
N THR C 1635 -84.43 -85.03 6.23
CA THR C 1635 -83.06 -85.52 6.22
C THR C 1635 -82.15 -84.45 6.77
N MET C 1636 -80.92 -84.83 7.08
CA MET C 1636 -80.05 -83.95 7.86
C MET C 1636 -78.59 -84.25 7.59
N MET C 1637 -77.81 -83.18 7.40
CA MET C 1637 -76.38 -83.26 7.11
C MET C 1637 -75.61 -83.60 8.38
N ALA C 1638 -74.99 -84.78 8.43
CA ALA C 1638 -74.31 -85.23 9.63
C ALA C 1638 -72.94 -85.81 9.27
N LEU C 1639 -72.00 -85.68 10.20
CA LEU C 1639 -70.59 -86.01 10.00
C LEU C 1639 -70.26 -87.30 10.75
N HIS C 1640 -69.05 -87.81 10.51
CA HIS C 1640 -68.58 -89.09 11.05
C HIS C 1640 -67.51 -88.95 12.13
N ILE C 1641 -66.51 -88.09 11.91
CA ILE C 1641 -65.24 -87.91 12.65
C ILE C 1641 -64.69 -89.30 13.01
N PRO C 1642 -64.10 -90.01 12.03
CA PRO C 1642 -63.85 -91.46 12.19
C PRO C 1642 -62.74 -91.82 13.17
N GLU C 1643 -62.03 -90.85 13.75
CA GLU C 1643 -61.04 -91.16 14.77
C GLU C 1643 -61.66 -91.40 16.14
N GLU C 1644 -62.94 -91.12 16.31
CA GLU C 1644 -63.67 -91.47 17.52
C GLU C 1644 -65.01 -92.15 17.25
N ASN C 1645 -65.56 -92.05 16.03
CA ASN C 1645 -66.84 -92.62 15.60
C ASN C 1645 -67.99 -92.10 16.48
N ARG C 1646 -68.25 -90.82 16.31
CA ARG C 1646 -69.34 -90.12 16.96
C ARG C 1646 -70.04 -89.26 15.91
N CYS C 1647 -71.31 -89.56 15.63
CA CYS C 1647 -72.03 -88.78 14.62
C CYS C 1647 -72.35 -87.40 15.16
N MET C 1648 -71.96 -86.38 14.41
CA MET C 1648 -71.99 -85.02 14.94
C MET C 1648 -72.50 -84.07 13.85
N ASP C 1649 -73.45 -83.24 14.22
CA ASP C 1649 -74.15 -82.40 13.25
C ASP C 1649 -73.29 -81.23 12.79
N ILE C 1650 -73.52 -80.84 11.53
CA ILE C 1650 -72.98 -79.57 11.00
C ILE C 1650 -73.75 -78.38 11.58
N LEU C 1651 -74.93 -78.61 12.14
CA LEU C 1651 -75.65 -77.58 12.87
C LEU C 1651 -75.01 -77.23 14.22
N GLU C 1652 -74.05 -78.03 14.70
CA GLU C 1652 -73.45 -77.83 16.02
C GLU C 1652 -72.06 -77.19 15.99
N LEU C 1653 -71.53 -76.82 14.82
CA LEU C 1653 -70.28 -76.09 14.74
C LEU C 1653 -70.44 -74.58 14.81
N SER C 1654 -71.57 -74.09 15.29
CA SER C 1654 -71.76 -72.66 15.48
C SER C 1654 -71.42 -72.20 16.88
N GLU C 1655 -70.91 -73.09 17.73
CA GLU C 1655 -70.61 -72.74 19.11
C GLU C 1655 -69.30 -73.29 19.65
N ARG C 1656 -68.60 -74.17 18.94
CA ARG C 1656 -67.41 -74.79 19.50
C ARG C 1656 -66.13 -74.04 19.18
N LEU C 1657 -66.14 -73.16 18.17
CA LEU C 1657 -65.09 -72.19 17.85
C LEU C 1657 -63.80 -72.83 17.34
N ASP C 1658 -63.74 -74.15 17.24
CA ASP C 1658 -62.49 -74.85 16.96
C ASP C 1658 -62.60 -75.80 15.78
N LEU C 1659 -63.74 -76.45 15.59
CA LEU C 1659 -63.79 -77.47 14.54
C LEU C 1659 -64.26 -76.86 13.21
N GLN C 1660 -64.91 -75.68 13.26
CA GLN C 1660 -65.37 -75.04 12.03
C GLN C 1660 -64.31 -74.15 11.39
N ARG C 1661 -63.28 -73.73 12.13
CA ARG C 1661 -62.14 -73.11 11.49
C ARG C 1661 -61.29 -74.15 10.76
N PHE C 1662 -61.32 -75.39 11.23
CA PHE C 1662 -60.64 -76.47 10.53
C PHE C 1662 -61.45 -76.95 9.32
N HIS C 1663 -62.75 -77.14 9.49
CA HIS C 1663 -63.58 -77.71 8.43
C HIS C 1663 -63.83 -76.72 7.29
N SER C 1664 -63.74 -75.41 7.56
CA SER C 1664 -63.91 -74.43 6.49
C SER C 1664 -62.72 -74.42 5.56
N HIS C 1665 -61.52 -74.73 6.07
CA HIS C 1665 -60.31 -74.80 5.27
C HIS C 1665 -60.04 -76.18 4.68
N THR C 1666 -60.84 -77.20 5.02
CA THR C 1666 -60.80 -78.44 4.23
C THR C 1666 -61.41 -78.21 2.85
N LEU C 1667 -62.32 -77.25 2.73
CA LEU C 1667 -62.99 -77.01 1.45
C LEU C 1667 -62.13 -76.20 0.50
N ARG C 1668 -61.26 -75.31 1.00
CA ARG C 1668 -60.42 -74.56 0.09
C ARG C 1668 -59.31 -75.41 -0.50
N LEU C 1669 -58.84 -76.43 0.22
CA LEU C 1669 -58.02 -77.47 -0.39
C LEU C 1669 -58.84 -78.32 -1.36
N TYR C 1670 -60.15 -78.44 -1.13
CA TYR C 1670 -61.01 -79.19 -2.03
C TYR C 1670 -61.29 -78.43 -3.32
N ARG C 1671 -61.23 -77.10 -3.30
CA ARG C 1671 -61.31 -76.34 -4.55
C ARG C 1671 -59.96 -75.87 -5.05
N ALA C 1672 -58.87 -76.08 -4.30
CA ALA C 1672 -57.55 -75.85 -4.87
C ALA C 1672 -57.12 -77.00 -5.77
N VAL C 1673 -57.56 -78.22 -5.47
CA VAL C 1673 -57.24 -79.34 -6.34
C VAL C 1673 -58.20 -79.39 -7.53
N CYS C 1674 -59.42 -78.91 -7.37
CA CYS C 1674 -60.40 -78.87 -8.45
C CYS C 1674 -60.45 -77.48 -9.08
N ALA C 1675 -59.28 -77.00 -9.53
CA ALA C 1675 -59.17 -75.68 -10.12
C ALA C 1675 -58.20 -75.73 -11.29
N LEU C 1676 -58.13 -74.59 -12.00
CA LEU C 1676 -57.27 -74.36 -13.17
C LEU C 1676 -57.59 -75.32 -14.32
N GLY C 1677 -58.86 -75.69 -14.44
CA GLY C 1677 -59.28 -76.58 -15.51
C GLY C 1677 -58.85 -78.02 -15.37
N ASN C 1678 -58.78 -78.53 -14.15
CA ASN C 1678 -58.35 -79.91 -13.88
C ASN C 1678 -59.63 -80.68 -13.64
N ASN C 1679 -59.90 -81.65 -14.51
CA ASN C 1679 -61.19 -82.33 -14.51
C ASN C 1679 -61.11 -83.80 -14.10
N ARG C 1680 -59.93 -84.32 -13.74
CA ARG C 1680 -59.86 -85.75 -13.48
C ARG C 1680 -60.23 -86.07 -12.02
N VAL C 1681 -59.82 -85.24 -11.07
CA VAL C 1681 -60.25 -85.38 -9.69
C VAL C 1681 -61.56 -84.68 -9.40
N ALA C 1682 -62.06 -83.86 -10.34
CA ALA C 1682 -63.40 -83.33 -10.24
C ALA C 1682 -64.44 -84.42 -10.40
N HIS C 1683 -64.10 -85.48 -11.14
CA HIS C 1683 -64.95 -86.66 -11.16
C HIS C 1683 -64.86 -87.41 -9.83
N ALA C 1684 -63.66 -87.50 -9.27
CA ALA C 1684 -63.43 -88.35 -8.10
C ALA C 1684 -64.00 -87.74 -6.82
N LEU C 1685 -63.94 -86.42 -6.67
CA LEU C 1685 -64.48 -85.76 -5.48
C LEU C 1685 -65.99 -85.63 -5.51
N CYS C 1686 -66.63 -85.91 -6.66
CA CYS C 1686 -68.08 -85.98 -6.69
C CYS C 1686 -68.59 -87.18 -5.90
N SER C 1687 -67.82 -88.28 -5.87
CA SER C 1687 -68.17 -89.40 -5.01
C SER C 1687 -68.03 -89.03 -3.54
N HIS C 1688 -67.07 -88.16 -3.21
CA HIS C 1688 -66.90 -87.72 -1.84
C HIS C 1688 -68.04 -86.81 -1.40
N VAL C 1689 -68.19 -85.66 -2.08
CA VAL C 1689 -69.21 -84.68 -1.75
C VAL C 1689 -70.11 -84.51 -2.98
N ASP C 1690 -71.37 -84.95 -2.87
CA ASP C 1690 -72.21 -85.16 -4.04
C ASP C 1690 -73.45 -84.25 -4.05
N GLN C 1691 -74.41 -84.65 -4.89
CA GLN C 1691 -75.44 -83.74 -5.39
C GLN C 1691 -76.42 -83.32 -4.29
N ALA C 1692 -77.08 -84.28 -3.64
CA ALA C 1692 -78.08 -83.87 -2.65
C ALA C 1692 -77.42 -83.36 -1.36
N GLN C 1693 -76.16 -83.75 -1.09
CA GLN C 1693 -75.43 -83.11 0.01
C GLN C 1693 -75.16 -81.64 -0.26
N LEU C 1694 -74.92 -81.26 -1.53
CA LEU C 1694 -74.93 -79.86 -1.89
C LEU C 1694 -76.33 -79.24 -1.80
N LEU C 1695 -77.33 -79.91 -2.37
CA LEU C 1695 -78.61 -79.25 -2.65
C LEU C 1695 -79.56 -79.18 -1.44
N HIS C 1696 -79.44 -80.08 -0.48
CA HIS C 1696 -80.17 -79.83 0.77
C HIS C 1696 -79.47 -78.74 1.59
N ALA C 1697 -78.14 -78.73 1.56
CA ALA C 1697 -77.37 -77.84 2.42
C ALA C 1697 -77.35 -76.40 1.89
N LEU C 1698 -77.56 -76.17 0.59
CA LEU C 1698 -77.51 -74.79 0.18
C LEU C 1698 -78.80 -74.09 0.58
N GLU C 1699 -79.93 -74.79 0.46
CA GLU C 1699 -81.22 -74.27 0.87
C GLU C 1699 -81.45 -74.44 2.36
N ASP C 1700 -80.52 -75.09 3.07
CA ASP C 1700 -80.45 -74.94 4.52
C ASP C 1700 -80.19 -73.47 4.86
N ALA C 1701 -80.65 -73.06 6.05
CA ALA C 1701 -80.57 -71.67 6.46
C ALA C 1701 -79.86 -71.44 7.79
N HIS C 1702 -79.76 -72.45 8.65
CA HIS C 1702 -79.11 -72.23 9.94
C HIS C 1702 -77.60 -72.48 9.89
N LEU C 1703 -76.94 -72.36 8.70
CA LEU C 1703 -75.53 -72.64 8.55
C LEU C 1703 -74.69 -71.42 8.92
N PRO C 1704 -73.45 -71.62 9.41
CA PRO C 1704 -72.58 -70.48 9.67
C PRO C 1704 -72.04 -69.84 8.40
N GLY C 1705 -71.45 -68.65 8.54
CA GLY C 1705 -71.02 -67.82 7.44
C GLY C 1705 -69.87 -68.29 6.58
N PRO C 1706 -68.71 -68.59 7.19
CA PRO C 1706 -67.58 -69.09 6.37
C PRO C 1706 -67.86 -70.39 5.64
N LEU C 1707 -68.49 -71.36 6.31
CA LEU C 1707 -68.84 -72.61 5.64
C LEU C 1707 -69.97 -72.40 4.63
N ARG C 1708 -70.87 -71.47 4.94
CA ARG C 1708 -71.93 -71.03 4.03
C ARG C 1708 -71.37 -70.53 2.71
N ALA C 1709 -70.29 -69.74 2.76
CA ALA C 1709 -69.67 -69.29 1.52
C ALA C 1709 -68.78 -70.36 0.91
N GLY C 1710 -68.13 -71.19 1.73
CA GLY C 1710 -67.14 -72.11 1.24
C GLY C 1710 -67.73 -73.28 0.46
N TYR C 1711 -68.83 -73.84 0.94
CA TYR C 1711 -69.49 -74.91 0.18
C TYR C 1711 -70.08 -74.40 -1.12
N TYR C 1712 -70.53 -73.13 -1.15
CA TYR C 1712 -71.10 -72.61 -2.38
C TYR C 1712 -70.03 -72.32 -3.42
N ASP C 1713 -68.87 -71.82 -2.99
CA ASP C 1713 -67.77 -71.64 -3.92
C ASP C 1713 -67.19 -72.98 -4.35
N LEU C 1714 -67.24 -73.98 -3.47
CA LEU C 1714 -66.85 -75.33 -3.85
C LEU C 1714 -67.76 -75.91 -4.91
N LEU C 1715 -69.07 -75.69 -4.79
CA LEU C 1715 -70.01 -76.28 -5.74
C LEU C 1715 -69.95 -75.62 -7.11
N ILE C 1716 -69.37 -74.42 -7.20
CA ILE C 1716 -69.13 -73.85 -8.53
C ILE C 1716 -67.76 -74.24 -9.07
N SER C 1717 -66.74 -74.35 -8.22
CA SER C 1717 -65.40 -74.72 -8.67
C SER C 1717 -65.28 -76.19 -9.03
N ILE C 1718 -66.15 -77.06 -8.48
CA ILE C 1718 -66.03 -78.48 -8.76
C ILE C 1718 -66.80 -78.85 -10.03
N HIS C 1719 -67.80 -78.06 -10.43
CA HIS C 1719 -68.62 -78.44 -11.57
C HIS C 1719 -68.60 -77.44 -12.73
N LEU C 1720 -68.89 -76.15 -12.49
CA LEU C 1720 -69.21 -75.30 -13.64
C LEU C 1720 -68.27 -74.09 -13.77
N GLU C 1721 -66.99 -74.30 -13.46
CA GLU C 1721 -65.95 -73.35 -13.79
C GLU C 1721 -65.05 -73.78 -14.95
N SER C 1722 -65.04 -75.06 -15.31
CA SER C 1722 -64.41 -75.49 -16.55
C SER C 1722 -65.24 -75.14 -17.78
N ALA C 1723 -66.49 -74.71 -17.59
CA ALA C 1723 -67.37 -74.33 -18.68
C ALA C 1723 -67.56 -72.81 -18.80
N CYS C 1724 -67.10 -72.03 -17.82
CA CYS C 1724 -67.21 -70.58 -17.91
C CYS C 1724 -65.99 -69.92 -18.53
N ARG C 1725 -64.81 -70.56 -18.46
CA ARG C 1725 -63.62 -69.97 -19.06
C ARG C 1725 -63.74 -69.92 -20.58
N SER C 1726 -64.27 -70.98 -21.18
CA SER C 1726 -64.41 -71.05 -22.64
C SER C 1726 -65.46 -70.09 -23.17
N ARG C 1727 -66.40 -69.64 -22.33
CA ARG C 1727 -67.37 -68.66 -22.79
C ARG C 1727 -66.96 -67.23 -22.45
N ARG C 1728 -66.33 -67.01 -21.28
CA ARG C 1728 -65.88 -65.66 -20.95
C ARG C 1728 -64.64 -65.25 -21.72
N SER C 1729 -63.83 -66.20 -22.18
CA SER C 1729 -62.68 -65.86 -23.00
C SER C 1729 -63.07 -65.50 -24.43
N MET C 1730 -64.30 -65.77 -24.86
CA MET C 1730 -64.70 -65.50 -26.24
C MET C 1730 -66.04 -64.77 -26.31
N LEU C 1731 -66.54 -64.23 -25.19
CA LEU C 1731 -67.73 -63.39 -25.25
C LEU C 1731 -67.52 -62.12 -26.08
N SER C 1732 -66.32 -61.55 -26.07
CA SER C 1732 -66.10 -60.29 -26.77
C SER C 1732 -65.80 -60.47 -28.26
N GLU C 1733 -65.63 -61.70 -28.75
CA GLU C 1733 -65.41 -61.93 -30.17
C GLU C 1733 -66.75 -62.28 -30.78
N TYR C 1734 -67.08 -61.62 -31.90
CA TYR C 1734 -68.44 -61.64 -32.45
C TYR C 1734 -68.44 -62.26 -33.85
N ILE C 1735 -68.96 -63.48 -33.96
CA ILE C 1735 -69.20 -64.12 -35.25
C ILE C 1735 -70.66 -64.57 -35.32
N VAL C 1736 -71.38 -64.04 -36.29
CA VAL C 1736 -72.79 -64.36 -36.51
C VAL C 1736 -72.87 -65.06 -37.86
N PRO C 1737 -73.66 -66.13 -38.00
CA PRO C 1737 -73.95 -66.65 -39.32
C PRO C 1737 -75.14 -65.90 -39.92
N LEU C 1738 -75.21 -65.92 -41.24
CA LEU C 1738 -76.33 -65.29 -41.93
C LEU C 1738 -77.44 -66.30 -42.19
N THR C 1739 -77.91 -66.90 -41.10
CA THR C 1739 -79.01 -67.84 -41.12
C THR C 1739 -80.32 -67.08 -41.32
N PRO C 1740 -81.42 -67.77 -41.70
CA PRO C 1740 -82.73 -67.07 -41.80
C PRO C 1740 -83.24 -66.41 -40.52
N GLU C 1741 -82.69 -66.71 -39.35
CA GLU C 1741 -83.07 -66.01 -38.13
C GLU C 1741 -82.35 -64.68 -37.97
N THR C 1742 -81.44 -64.31 -38.87
CA THR C 1742 -80.73 -63.03 -38.79
C THR C 1742 -81.14 -62.05 -39.89
N ARG C 1743 -82.42 -62.02 -40.26
CA ARG C 1743 -82.91 -61.06 -41.26
C ARG C 1743 -84.03 -60.15 -40.76
N ALA C 1744 -84.74 -60.54 -39.71
CA ALA C 1744 -85.82 -59.72 -39.14
C ALA C 1744 -85.55 -59.50 -37.65
N ILE C 1745 -84.71 -58.50 -37.34
CA ILE C 1745 -84.48 -58.03 -35.98
C ILE C 1745 -84.49 -56.51 -36.01
N THR C 1746 -85.31 -55.89 -35.17
CA THR C 1746 -85.25 -54.46 -34.93
C THR C 1746 -84.48 -54.18 -33.65
N LEU C 1747 -83.89 -52.99 -33.58
CA LEU C 1747 -83.21 -52.57 -32.35
C LEU C 1747 -84.20 -52.14 -31.28
N PHE C 1748 -85.40 -51.70 -31.66
CA PHE C 1748 -86.45 -51.34 -30.74
C PHE C 1748 -87.62 -52.30 -30.89
N PRO C 1749 -88.24 -52.71 -29.79
CA PRO C 1749 -89.36 -53.68 -29.88
C PRO C 1749 -90.59 -53.04 -30.52
N PRO C 1750 -91.07 -53.61 -31.62
CA PRO C 1750 -92.18 -53.00 -32.34
C PRO C 1750 -93.52 -53.22 -31.65
N GLY C 1751 -94.39 -52.23 -31.79
CA GLY C 1751 -95.70 -52.27 -31.18
C GLY C 1751 -96.32 -50.89 -31.04
N ARG C 1758 -90.16 -45.56 -30.17
CA ARG C 1758 -88.86 -45.03 -29.79
C ARG C 1758 -88.54 -45.33 -28.32
N ARG C 1759 -89.12 -46.42 -27.81
CA ARG C 1759 -88.88 -46.85 -26.44
C ARG C 1759 -87.77 -47.90 -26.42
N HIS C 1760 -86.91 -47.82 -25.40
CA HIS C 1760 -85.79 -48.74 -25.30
C HIS C 1760 -86.26 -50.11 -24.85
N GLY C 1761 -85.74 -51.15 -25.50
CA GLY C 1761 -86.07 -52.50 -25.13
C GLY C 1761 -85.33 -52.95 -23.89
N LEU C 1762 -85.82 -54.03 -23.30
CA LEU C 1762 -85.24 -54.53 -22.06
C LEU C 1762 -84.00 -55.36 -22.38
N PRO C 1763 -82.88 -55.15 -21.70
CA PRO C 1763 -81.61 -55.73 -22.13
C PRO C 1763 -81.49 -57.21 -21.77
N GLY C 1764 -80.69 -57.93 -22.56
CA GLY C 1764 -80.39 -59.32 -22.30
C GLY C 1764 -81.33 -60.31 -22.96
N VAL C 1765 -82.47 -59.86 -23.50
CA VAL C 1765 -83.45 -60.78 -24.05
C VAL C 1765 -83.60 -60.55 -25.54
N GLY C 1766 -84.54 -61.26 -26.15
CA GLY C 1766 -84.72 -61.20 -27.58
C GLY C 1766 -84.32 -62.52 -28.21
N VAL C 1767 -83.40 -62.46 -29.16
CA VAL C 1767 -82.82 -63.64 -29.78
C VAL C 1767 -81.38 -63.33 -30.18
N THR C 1768 -80.45 -64.16 -29.72
CA THR C 1768 -79.05 -63.99 -30.08
C THR C 1768 -78.60 -65.20 -30.87
N THR C 1769 -77.67 -64.96 -31.80
CA THR C 1769 -77.19 -65.98 -32.73
C THR C 1769 -75.67 -65.99 -32.80
N SER C 1770 -75.01 -65.75 -31.67
CA SER C 1770 -73.55 -65.79 -31.64
C SER C 1770 -73.06 -67.23 -31.62
N LEU C 1771 -72.09 -67.53 -32.46
CA LEU C 1771 -71.50 -68.86 -32.55
C LEU C 1771 -70.67 -69.15 -31.31
N ARG C 1772 -71.19 -70.00 -30.42
CA ARG C 1772 -70.51 -70.40 -29.20
C ARG C 1772 -70.66 -71.91 -29.01
N PRO C 1773 -69.60 -72.62 -28.63
CA PRO C 1773 -69.66 -74.08 -28.50
C PRO C 1773 -70.42 -74.48 -27.24
N PRO C 1774 -70.94 -75.71 -27.19
CA PRO C 1774 -71.55 -76.20 -25.95
C PRO C 1774 -70.50 -76.51 -24.88
N HIS C 1775 -70.99 -76.76 -23.67
CA HIS C 1775 -70.11 -77.04 -22.55
C HIS C 1775 -69.69 -78.51 -22.49
N HIS C 1776 -70.37 -79.38 -23.27
CA HIS C 1776 -70.04 -80.80 -23.44
C HIS C 1776 -70.08 -81.57 -22.11
N PHE C 1777 -71.25 -81.60 -21.49
CA PHE C 1777 -71.39 -82.25 -20.18
C PHE C 1777 -71.44 -83.76 -20.33
N SER C 1778 -70.70 -84.45 -19.46
CA SER C 1778 -70.60 -85.90 -19.45
C SER C 1778 -71.14 -86.46 -18.13
N PRO C 1779 -71.89 -87.56 -18.17
CA PRO C 1779 -72.47 -88.10 -16.93
C PRO C 1779 -71.42 -88.78 -16.08
N PRO C 1780 -71.36 -88.47 -14.79
CA PRO C 1780 -70.34 -89.10 -13.92
C PRO C 1780 -70.77 -90.50 -13.51
N CYS C 1781 -69.84 -91.44 -13.62
CA CYS C 1781 -70.05 -92.82 -13.22
C CYS C 1781 -68.74 -93.38 -12.69
N PHE C 1782 -68.83 -94.30 -11.73
CA PHE C 1782 -67.65 -94.89 -11.11
C PHE C 1782 -67.58 -96.40 -11.29
N VAL C 1783 -68.64 -97.03 -11.78
CA VAL C 1783 -68.65 -98.47 -12.03
C VAL C 1783 -68.14 -98.80 -13.43
N ALA C 1784 -67.66 -97.81 -14.16
CA ALA C 1784 -67.15 -98.05 -15.50
C ALA C 1784 -65.78 -98.73 -15.46
N ALA C 1785 -65.44 -99.38 -16.57
CA ALA C 1785 -64.18 -100.09 -16.68
C ALA C 1785 -63.03 -99.11 -16.86
N LEU C 1786 -61.89 -99.42 -16.24
CA LEU C 1786 -60.73 -98.54 -16.30
C LEU C 1786 -60.00 -98.73 -17.63
N PRO C 1787 -59.62 -97.66 -18.31
CA PRO C 1787 -58.86 -97.80 -19.56
C PRO C 1787 -57.38 -98.01 -19.31
N ALA C 1788 -56.81 -99.00 -20.00
CA ALA C 1788 -55.41 -99.42 -19.91
C ALA C 1788 -54.98 -99.76 -18.47
N GLU C 1793 -54.13 -94.83 -20.77
CA GLU C 1793 -54.04 -93.37 -20.78
C GLU C 1793 -55.22 -92.77 -21.54
N ALA C 1794 -56.08 -92.06 -20.81
CA ALA C 1794 -57.32 -91.57 -21.40
C ALA C 1794 -57.06 -90.37 -22.31
N PRO C 1795 -57.78 -90.27 -23.44
CA PRO C 1795 -57.62 -89.10 -24.32
C PRO C 1795 -58.19 -87.81 -23.76
N ALA C 1796 -59.40 -87.87 -23.19
CA ALA C 1796 -60.07 -86.66 -22.71
C ALA C 1796 -61.05 -87.04 -21.61
N ARG C 1797 -61.00 -86.30 -20.49
CA ARG C 1797 -61.90 -86.46 -19.37
C ARG C 1797 -62.55 -85.12 -19.08
N LEU C 1798 -63.87 -85.10 -18.96
CA LEU C 1798 -64.61 -83.84 -18.99
C LEU C 1798 -65.54 -83.75 -17.76
N SER C 1799 -66.26 -82.63 -17.67
CA SER C 1799 -66.96 -82.23 -16.45
C SER C 1799 -68.15 -83.15 -16.15
N PRO C 1800 -68.48 -83.35 -14.89
CA PRO C 1800 -69.65 -84.17 -14.55
C PRO C 1800 -70.96 -83.44 -14.87
N ALA C 1801 -71.99 -84.22 -15.16
CA ALA C 1801 -73.29 -83.72 -15.55
C ALA C 1801 -74.23 -83.69 -14.35
N ILE C 1802 -74.89 -82.57 -14.14
CA ILE C 1802 -75.84 -82.36 -13.05
C ILE C 1802 -77.10 -81.83 -13.70
N PRO C 1803 -78.30 -82.31 -13.31
CA PRO C 1803 -79.53 -81.72 -13.86
C PRO C 1803 -79.74 -80.28 -13.43
N LEU C 1804 -79.56 -79.35 -14.37
CA LEU C 1804 -79.70 -77.93 -14.09
C LEU C 1804 -81.14 -77.46 -14.19
N GLU C 1805 -82.06 -78.32 -14.66
CA GLU C 1805 -83.46 -77.96 -14.77
C GLU C 1805 -84.10 -77.81 -13.39
N ALA C 1806 -83.59 -78.51 -12.39
CA ALA C 1806 -84.10 -78.33 -11.04
C ALA C 1806 -83.38 -77.19 -10.32
N LEU C 1807 -82.15 -76.90 -10.71
CA LEU C 1807 -81.36 -75.85 -10.07
C LEU C 1807 -81.65 -74.47 -10.65
N ARG C 1808 -82.32 -74.41 -11.81
CA ARG C 1808 -82.62 -73.14 -12.45
C ARG C 1808 -83.62 -72.29 -11.65
N ASP C 1809 -84.45 -72.91 -10.82
CA ASP C 1809 -85.36 -72.16 -9.95
C ASP C 1809 -84.82 -71.96 -8.55
N LYS C 1810 -83.98 -72.89 -8.08
CA LYS C 1810 -83.30 -72.74 -6.81
C LYS C 1810 -82.25 -71.64 -6.88
N ALA C 1811 -81.75 -71.32 -8.07
CA ALA C 1811 -80.88 -70.16 -8.23
C ALA C 1811 -81.62 -68.82 -8.11
N LEU C 1812 -82.95 -68.84 -8.06
CA LEU C 1812 -83.76 -67.62 -7.99
C LEU C 1812 -84.53 -67.46 -6.68
N ARG C 1813 -85.00 -68.57 -6.11
CA ARG C 1813 -85.92 -68.48 -4.97
C ARG C 1813 -85.22 -67.99 -3.71
N MET C 1814 -83.92 -68.30 -3.56
CA MET C 1814 -83.12 -67.78 -2.46
C MET C 1814 -83.03 -66.27 -2.49
N LEU C 1815 -82.76 -65.70 -3.67
CA LEU C 1815 -82.73 -64.25 -3.82
C LEU C 1815 -84.11 -63.64 -3.60
N GLY C 1816 -85.15 -64.33 -4.10
CA GLY C 1816 -86.50 -63.79 -4.03
C GLY C 1816 -87.05 -63.70 -2.62
N GLU C 1817 -86.68 -64.63 -1.74
CA GLU C 1817 -87.12 -64.48 -0.36
C GLU C 1817 -86.07 -63.82 0.54
N ALA C 1818 -84.80 -63.80 0.11
CA ALA C 1818 -83.79 -63.07 0.86
C ALA C 1818 -84.02 -61.58 0.77
N VAL C 1819 -84.57 -61.09 -0.35
CA VAL C 1819 -84.85 -59.66 -0.40
C VAL C 1819 -86.09 -59.25 0.40
N ARG C 1820 -87.09 -60.13 0.59
CA ARG C 1820 -88.19 -59.78 1.47
C ARG C 1820 -87.78 -59.95 2.93
N ASP C 1821 -86.74 -60.76 3.18
CA ASP C 1821 -86.08 -60.71 4.48
C ASP C 1821 -85.34 -59.37 4.68
N GLY C 1822 -84.64 -58.91 3.65
CA GLY C 1822 -83.88 -57.67 3.77
C GLY C 1822 -84.76 -56.44 3.85
N GLY C 1823 -85.92 -56.47 3.21
CA GLY C 1823 -86.90 -55.41 3.40
C GLY C 1823 -87.56 -55.47 4.76
N GLN C 1824 -87.64 -56.67 5.34
CA GLN C 1824 -88.09 -56.83 6.72
C GLN C 1824 -87.01 -56.47 7.73
N HIS C 1825 -85.77 -56.30 7.27
CA HIS C 1825 -84.58 -55.89 8.03
C HIS C 1825 -84.37 -56.74 9.30
N ALA C 1826 -84.05 -58.01 9.04
CA ALA C 1826 -83.79 -58.95 10.11
C ALA C 1826 -82.47 -58.66 10.81
N ARG C 1827 -82.47 -58.74 12.14
CA ARG C 1827 -81.28 -58.42 12.91
C ARG C 1827 -80.23 -59.52 12.82
N ASP C 1828 -80.65 -60.77 12.96
CA ASP C 1828 -79.75 -61.92 12.86
C ASP C 1828 -80.19 -62.78 11.69
N PRO C 1829 -79.84 -62.41 10.46
CA PRO C 1829 -80.35 -63.14 9.30
C PRO C 1829 -79.56 -64.41 9.00
N VAL C 1830 -79.84 -64.99 7.84
CA VAL C 1830 -79.35 -66.31 7.46
C VAL C 1830 -77.85 -66.28 7.26
N GLY C 1831 -77.11 -66.93 8.16
CA GLY C 1831 -75.67 -66.97 8.10
C GLY C 1831 -74.96 -66.10 9.13
N GLY C 1832 -75.69 -65.21 9.82
CA GLY C 1832 -75.13 -64.39 10.88
C GLY C 1832 -75.10 -62.90 10.57
N SER C 1833 -74.97 -62.53 9.29
CA SER C 1833 -74.89 -61.12 8.92
C SER C 1833 -75.38 -60.94 7.49
N VAL C 1834 -75.57 -59.67 7.11
CA VAL C 1834 -76.07 -59.33 5.78
C VAL C 1834 -75.03 -59.58 4.69
N GLU C 1835 -73.75 -59.52 5.05
CA GLU C 1835 -72.69 -59.86 4.11
C GLU C 1835 -72.74 -61.34 3.76
N PHE C 1836 -72.87 -62.20 4.77
CA PHE C 1836 -73.04 -63.63 4.50
C PHE C 1836 -74.44 -63.97 4.00
N GLN C 1837 -75.39 -63.03 4.11
CA GLN C 1837 -76.65 -63.18 3.39
C GLN C 1837 -76.46 -63.07 1.89
N PHE C 1838 -75.83 -61.98 1.43
CA PHE C 1838 -75.93 -61.62 0.04
C PHE C 1838 -74.67 -61.80 -0.80
N VAL C 1839 -73.53 -62.19 -0.23
CA VAL C 1839 -72.38 -62.47 -1.11
C VAL C 1839 -72.44 -63.83 -1.81
N PRO C 1840 -72.88 -65.00 -1.21
CA PRO C 1840 -72.63 -66.26 -1.93
C PRO C 1840 -73.63 -66.56 -3.04
N VAL C 1841 -74.91 -66.23 -2.86
CA VAL C 1841 -75.91 -66.59 -3.85
C VAL C 1841 -75.84 -65.69 -5.10
N LEU C 1842 -75.31 -64.47 -4.95
CA LEU C 1842 -75.14 -63.62 -6.12
C LEU C 1842 -73.93 -64.04 -6.94
N LYS C 1843 -72.88 -64.52 -6.29
CA LYS C 1843 -71.76 -65.10 -7.00
C LYS C 1843 -72.12 -66.47 -7.59
N LEU C 1844 -73.12 -67.14 -7.00
CA LEU C 1844 -73.73 -68.30 -7.64
C LEU C 1844 -74.44 -67.90 -8.93
N VAL C 1845 -75.28 -66.87 -8.87
CA VAL C 1845 -76.11 -66.57 -10.04
C VAL C 1845 -75.31 -65.89 -11.15
N SER C 1846 -74.17 -65.25 -10.81
CA SER C 1846 -73.40 -64.56 -11.85
C SER C 1846 -72.71 -65.54 -12.79
N THR C 1847 -72.25 -66.69 -12.30
CA THR C 1847 -71.59 -67.67 -13.15
C THR C 1847 -72.57 -68.34 -14.11
N LEU C 1848 -73.77 -68.73 -13.64
CA LEU C 1848 -74.79 -69.25 -14.56
C LEU C 1848 -75.32 -68.17 -15.49
N LEU C 1849 -75.33 -66.91 -15.04
CA LEU C 1849 -75.81 -65.83 -15.90
C LEU C 1849 -74.83 -65.53 -17.02
N VAL C 1850 -73.52 -65.63 -16.74
CA VAL C 1850 -72.54 -65.44 -17.80
C VAL C 1850 -72.32 -66.71 -18.61
N MET C 1851 -72.68 -67.88 -18.07
CA MET C 1851 -72.58 -69.13 -18.80
C MET C 1851 -73.78 -69.36 -19.70
N GLY C 1852 -74.90 -68.71 -19.44
CA GLY C 1852 -76.02 -68.76 -20.35
C GLY C 1852 -76.85 -70.02 -20.24
N ILE C 1853 -77.32 -70.31 -19.02
CA ILE C 1853 -78.18 -71.47 -18.79
C ILE C 1853 -79.64 -71.05 -18.77
N PHE C 1854 -79.94 -69.92 -18.12
CA PHE C 1854 -81.29 -69.39 -18.04
C PHE C 1854 -81.77 -68.89 -19.41
N GLY C 1855 -83.08 -68.89 -19.59
CA GLY C 1855 -83.66 -68.43 -20.84
C GLY C 1855 -83.88 -66.93 -20.89
N ASP C 1856 -85.02 -66.50 -21.45
CA ASP C 1856 -85.32 -65.07 -21.57
C ASP C 1856 -86.47 -64.60 -20.71
N GLU C 1857 -87.25 -65.51 -20.12
CA GLU C 1857 -88.33 -65.10 -19.23
C GLU C 1857 -88.07 -65.45 -17.78
N ASP C 1858 -87.00 -66.18 -17.48
CA ASP C 1858 -86.55 -66.32 -16.11
C ASP C 1858 -85.51 -65.28 -15.72
N VAL C 1859 -84.84 -64.66 -16.70
CA VAL C 1859 -84.09 -63.44 -16.43
C VAL C 1859 -84.98 -62.21 -16.52
N LYS C 1860 -86.22 -62.38 -16.98
CA LYS C 1860 -87.26 -61.39 -16.72
C LYS C 1860 -87.45 -61.20 -15.22
N GLN C 1861 -87.41 -62.29 -14.45
CA GLN C 1861 -87.65 -62.20 -13.02
C GLN C 1861 -86.51 -61.53 -12.27
N ILE C 1862 -85.25 -61.72 -12.68
CA ILE C 1862 -84.16 -61.05 -11.97
C ILE C 1862 -84.11 -59.56 -12.29
N LEU C 1863 -84.66 -59.15 -13.44
CA LEU C 1863 -84.78 -57.72 -13.72
C LEU C 1863 -86.04 -57.13 -13.09
N LYS C 1864 -87.03 -57.97 -12.77
CA LYS C 1864 -88.04 -57.53 -11.81
C LYS C 1864 -87.45 -57.42 -10.41
N MET C 1865 -86.44 -58.25 -10.12
CA MET C 1865 -85.85 -58.36 -8.79
C MET C 1865 -85.02 -57.15 -8.44
N ILE C 1866 -84.07 -56.80 -9.31
CA ILE C 1866 -83.10 -55.76 -8.96
C ILE C 1866 -83.73 -54.38 -9.04
N GLU C 1867 -84.75 -54.20 -9.88
CA GLU C 1867 -85.33 -52.89 -10.14
C GLU C 1867 -86.74 -53.04 -10.66
N PRO C 1868 -87.76 -53.12 -9.79
CA PRO C 1868 -89.14 -53.23 -10.27
C PRO C 1868 -89.85 -51.90 -10.52
N GLU C 1869 -89.12 -50.82 -10.80
CA GLU C 1869 -89.76 -49.55 -11.13
C GLU C 1869 -89.64 -49.19 -12.60
N VAL C 1870 -88.52 -49.49 -13.24
CA VAL C 1870 -88.28 -49.10 -14.63
C VAL C 1870 -88.42 -50.32 -15.54
N PHE C 1871 -87.98 -51.49 -15.06
CA PHE C 1871 -87.97 -52.71 -15.86
C PHE C 1871 -89.35 -53.37 -16.01
N THR C 1872 -90.45 -52.70 -15.64
CA THR C 1872 -91.76 -53.31 -15.80
C THR C 1872 -92.20 -53.21 -17.25
N GLU C 1873 -92.56 -54.37 -17.82
CA GLU C 1873 -93.04 -54.43 -19.19
C GLU C 1873 -94.48 -53.92 -19.28
N GLU C 1923 -92.34 -54.52 -4.12
CA GLU C 1923 -91.52 -54.41 -2.92
C GLU C 1923 -90.30 -53.52 -3.16
N GLU C 1924 -89.25 -53.76 -2.38
CA GLU C 1924 -88.03 -52.98 -2.46
C GLU C 1924 -87.05 -53.59 -3.44
N GLY C 1925 -86.40 -52.74 -4.23
CA GLY C 1925 -85.39 -53.19 -5.15
C GLY C 1925 -84.09 -53.52 -4.45
N LEU C 1926 -83.19 -54.13 -5.22
CA LEU C 1926 -81.90 -54.55 -4.70
C LEU C 1926 -80.91 -53.38 -4.57
N LEU C 1927 -81.01 -52.40 -5.46
CA LEU C 1927 -79.97 -51.38 -5.59
C LEU C 1927 -80.14 -50.24 -4.60
N GLN C 1928 -81.36 -49.99 -4.12
CA GLN C 1928 -81.61 -48.88 -3.23
C GLN C 1928 -81.54 -49.24 -1.75
N MET C 1929 -81.07 -50.44 -1.41
CA MET C 1929 -80.74 -50.69 -0.02
C MET C 1929 -79.28 -50.34 0.24
N LYS C 1930 -78.88 -50.38 1.51
CA LYS C 1930 -77.51 -50.06 1.90
C LYS C 1930 -76.77 -51.36 2.12
N LEU C 1931 -75.86 -51.70 1.21
CA LEU C 1931 -75.14 -52.95 1.22
C LEU C 1931 -73.67 -52.70 1.56
N PRO C 1932 -72.98 -53.67 2.16
CA PRO C 1932 -71.53 -53.52 2.35
C PRO C 1932 -70.77 -53.59 1.04
N GLU C 1933 -69.49 -53.20 1.10
CA GLU C 1933 -68.68 -52.98 -0.09
C GLU C 1933 -68.06 -54.25 -0.65
N SER C 1934 -68.35 -55.42 -0.08
CA SER C 1934 -67.77 -56.67 -0.55
C SER C 1934 -68.75 -57.57 -1.29
N VAL C 1935 -70.03 -57.20 -1.37
CA VAL C 1935 -71.03 -58.08 -1.95
C VAL C 1935 -71.47 -57.61 -3.33
N LYS C 1936 -71.37 -56.31 -3.58
CA LYS C 1936 -71.91 -55.71 -4.79
C LYS C 1936 -70.87 -55.50 -5.89
N LEU C 1937 -69.78 -56.27 -5.87
CA LEU C 1937 -68.92 -56.33 -7.05
C LEU C 1937 -69.41 -57.37 -8.05
N GLN C 1938 -70.04 -58.44 -7.56
CA GLN C 1938 -70.70 -59.37 -8.48
C GLN C 1938 -71.92 -58.76 -9.14
N MET C 1939 -72.58 -57.80 -8.48
CA MET C 1939 -73.59 -57.00 -9.17
C MET C 1939 -72.98 -56.18 -10.29
N CYS C 1940 -71.77 -55.62 -10.07
CA CYS C 1940 -71.08 -54.92 -11.16
C CYS C 1940 -70.70 -55.88 -12.28
N ASN C 1941 -70.34 -57.11 -11.94
CA ASN C 1941 -70.03 -58.14 -12.94
C ASN C 1941 -71.26 -58.49 -13.77
N LEU C 1942 -72.43 -58.67 -13.13
CA LEU C 1942 -73.60 -59.07 -13.89
C LEU C 1942 -74.18 -57.90 -14.71
N LEU C 1943 -74.11 -56.67 -14.19
CA LEU C 1943 -74.49 -55.54 -15.05
C LEU C 1943 -73.46 -55.27 -16.14
N GLU C 1944 -72.20 -55.64 -15.92
CA GLU C 1944 -71.21 -55.61 -17.00
C GLU C 1944 -71.56 -56.63 -18.07
N TYR C 1945 -72.07 -57.80 -17.65
CA TYR C 1945 -72.56 -58.80 -18.61
C TYR C 1945 -73.79 -58.29 -19.36
N PHE C 1946 -74.67 -57.58 -18.65
CA PHE C 1946 -75.87 -57.03 -19.27
C PHE C 1946 -75.53 -55.94 -20.29
N CYS C 1947 -74.58 -55.06 -19.95
CA CYS C 1947 -74.10 -54.10 -20.93
C CYS C 1947 -73.31 -54.75 -22.06
N ASP C 1948 -72.70 -55.91 -21.79
CA ASP C 1948 -71.99 -56.64 -22.84
C ASP C 1948 -72.96 -57.21 -23.88
N GLN C 1949 -74.05 -57.84 -23.44
CA GLN C 1949 -75.04 -58.27 -24.42
C GLN C 1949 -75.91 -57.12 -24.96
N GLU C 1950 -76.00 -56.01 -24.24
CA GLU C 1950 -76.56 -54.80 -24.84
C GLU C 1950 -75.67 -54.29 -25.98
N LEU C 1951 -74.35 -54.46 -25.85
CA LEU C 1951 -73.43 -54.20 -26.95
C LEU C 1951 -73.54 -55.27 -28.04
N GLN C 1952 -73.92 -56.49 -27.66
CA GLN C 1952 -74.10 -57.56 -28.64
C GLN C 1952 -75.32 -57.31 -29.52
N HIS C 1953 -76.39 -56.75 -28.97
CA HIS C 1953 -77.58 -56.48 -29.76
C HIS C 1953 -77.33 -55.45 -30.86
N ARG C 1954 -76.46 -54.47 -30.62
CA ARG C 1954 -76.12 -53.47 -31.62
C ARG C 1954 -75.36 -54.11 -32.78
N VAL C 1955 -74.39 -54.97 -32.47
CA VAL C 1955 -73.58 -55.55 -33.53
C VAL C 1955 -74.36 -56.65 -34.25
N GLU C 1956 -75.33 -57.28 -33.57
CA GLU C 1956 -76.22 -58.22 -34.26
C GLU C 1956 -77.16 -57.50 -35.23
N SER C 1957 -77.70 -56.35 -34.81
CA SER C 1957 -78.55 -55.56 -35.70
C SER C 1957 -77.76 -54.99 -36.88
N LEU C 1958 -76.53 -54.53 -36.63
CA LEU C 1958 -75.73 -53.99 -37.73
C LEU C 1958 -75.19 -55.12 -38.61
N ALA C 1959 -75.04 -56.33 -38.07
CA ALA C 1959 -74.71 -57.48 -38.89
C ALA C 1959 -75.87 -57.90 -39.77
N ALA C 1960 -77.10 -57.68 -39.30
CA ALA C 1960 -78.25 -57.86 -40.19
C ALA C 1960 -78.29 -56.78 -41.26
N PHE C 1961 -77.99 -55.54 -40.89
CA PHE C 1961 -77.97 -54.44 -41.86
C PHE C 1961 -76.83 -54.57 -42.87
N ALA C 1962 -75.75 -55.27 -42.49
CA ALA C 1962 -74.68 -55.56 -43.43
C ALA C 1962 -75.12 -56.53 -44.52
N GLU C 1963 -76.01 -57.47 -44.19
CA GLU C 1963 -76.70 -58.23 -45.22
C GLU C 1963 -77.64 -57.34 -46.02
N ARG C 1964 -78.34 -56.43 -45.32
CA ARG C 1964 -79.43 -55.66 -45.92
C ARG C 1964 -78.94 -54.70 -47.00
N TYR C 1965 -77.85 -53.97 -46.74
CA TYR C 1965 -77.42 -52.92 -47.66
C TYR C 1965 -76.76 -53.48 -48.92
N VAL C 1966 -76.00 -54.57 -48.80
CA VAL C 1966 -75.44 -55.15 -50.01
C VAL C 1966 -76.50 -55.92 -50.78
N ASP C 1967 -77.49 -56.52 -50.09
CA ASP C 1967 -78.64 -57.11 -50.79
C ASP C 1967 -79.50 -56.04 -51.45
N LYS C 1968 -79.42 -54.81 -50.96
CA LYS C 1968 -80.07 -53.67 -51.59
C LYS C 1968 -79.33 -53.25 -52.86
N LEU C 1969 -78.00 -53.13 -52.80
CA LEU C 1969 -77.30 -52.41 -53.87
C LEU C 1969 -76.56 -53.28 -54.89
N GLN C 1970 -76.35 -54.58 -54.65
CA GLN C 1970 -75.56 -55.34 -55.62
C GLN C 1970 -76.34 -55.70 -56.88
N ALA C 1971 -77.66 -55.42 -56.93
CA ALA C 1971 -78.45 -55.48 -58.16
C ALA C 1971 -78.63 -54.11 -58.83
N ASN C 1972 -78.65 -53.04 -58.04
CA ASN C 1972 -78.49 -51.68 -58.56
C ASN C 1972 -77.17 -51.56 -59.31
N GLN C 1973 -76.14 -52.27 -58.84
CA GLN C 1973 -74.82 -52.29 -59.46
C GLN C 1973 -74.85 -52.94 -60.85
N ARG C 1974 -75.49 -54.11 -60.98
CA ARG C 1974 -75.53 -54.73 -62.30
C ARG C 1974 -76.53 -54.06 -63.23
N SER C 1975 -77.56 -53.40 -62.69
CA SER C 1975 -78.40 -52.53 -63.52
C SER C 1975 -77.59 -51.36 -64.06
N ARG C 1976 -76.70 -50.80 -63.24
CA ARG C 1976 -75.81 -49.72 -63.68
C ARG C 1976 -74.85 -50.19 -64.78
N TYR C 1977 -74.23 -51.37 -64.60
CA TYR C 1977 -73.30 -51.86 -65.61
C TYR C 1977 -73.99 -52.23 -66.92
N ALA C 1978 -75.20 -52.81 -66.84
CA ALA C 1978 -75.95 -53.09 -68.07
C ALA C 1978 -76.48 -51.82 -68.73
N LEU C 1979 -76.73 -50.76 -67.93
CA LEU C 1979 -77.23 -49.52 -68.51
C LEU C 1979 -76.14 -48.73 -69.22
N LEU C 1980 -74.99 -48.56 -68.56
CA LEU C 1980 -73.88 -47.84 -69.17
C LEU C 1980 -72.91 -48.75 -69.94
N MET C 1981 -73.26 -50.02 -70.15
CA MET C 1981 -72.44 -50.84 -71.03
C MET C 1981 -72.68 -50.49 -72.50
N ARG C 1982 -73.87 -50.00 -72.83
CA ARG C 1982 -74.21 -49.61 -74.20
C ARG C 1982 -74.36 -48.10 -74.36
N ALA C 1983 -73.83 -47.31 -73.43
CA ALA C 1983 -73.94 -45.86 -73.48
C ALA C 1983 -72.63 -45.30 -74.04
N PHE C 1984 -72.54 -45.32 -75.37
CA PHE C 1984 -71.35 -44.86 -76.08
C PHE C 1984 -71.50 -43.42 -76.58
N THR C 1985 -72.30 -42.62 -75.89
CA THR C 1985 -72.43 -41.19 -76.20
C THR C 1985 -71.38 -40.34 -75.52
N MET C 1986 -70.47 -40.96 -74.76
CA MET C 1986 -69.41 -40.24 -74.07
C MET C 1986 -68.10 -40.96 -74.30
N SER C 1987 -67.06 -40.19 -74.61
CA SER C 1987 -65.74 -40.75 -74.91
C SER C 1987 -64.71 -40.47 -73.84
N ALA C 1988 -64.50 -39.21 -73.47
CA ALA C 1988 -63.52 -38.88 -72.46
C ALA C 1988 -64.02 -39.18 -71.04
N ALA C 1989 -65.32 -39.33 -70.85
CA ALA C 1989 -65.89 -39.59 -69.53
C ALA C 1989 -66.21 -41.06 -69.29
N GLU C 1990 -66.22 -41.88 -70.35
CA GLU C 1990 -66.64 -43.28 -70.23
C GLU C 1990 -65.66 -44.09 -69.40
N THR C 1991 -64.36 -43.93 -69.65
CA THR C 1991 -63.36 -44.62 -68.83
C THR C 1991 -63.26 -44.01 -67.43
N ALA C 1992 -63.59 -42.72 -67.29
CA ALA C 1992 -63.60 -42.11 -65.97
C ALA C 1992 -64.72 -42.67 -65.09
N ARG C 1993 -65.87 -43.01 -65.68
CA ARG C 1993 -66.88 -43.73 -64.91
C ARG C 1993 -66.62 -45.23 -64.86
N ARG C 1994 -65.81 -45.77 -65.77
CA ARG C 1994 -65.41 -47.18 -65.72
C ARG C 1994 -64.29 -47.43 -64.71
N THR C 1995 -63.60 -46.38 -64.25
CA THR C 1995 -62.69 -46.54 -63.13
C THR C 1995 -63.45 -46.85 -61.84
N ARG C 1996 -64.73 -46.47 -61.76
CA ARG C 1996 -65.59 -46.99 -60.70
C ARG C 1996 -65.85 -48.49 -60.90
N GLU C 1997 -65.88 -48.94 -62.16
CA GLU C 1997 -66.23 -50.32 -62.47
C GLU C 1997 -65.08 -51.29 -62.19
N PHE C 1998 -63.88 -50.99 -62.71
CA PHE C 1998 -62.84 -52.01 -62.78
C PHE C 1998 -61.52 -51.64 -62.11
N ARG C 1999 -61.36 -50.42 -61.60
CA ARG C 1999 -60.05 -50.02 -61.11
C ARG C 1999 -59.89 -50.17 -59.60
N SER C 2000 -60.88 -49.73 -58.82
CA SER C 2000 -60.73 -49.63 -57.38
C SER C 2000 -60.79 -51.00 -56.70
N PRO C 2001 -60.07 -51.17 -55.58
CA PRO C 2001 -60.12 -52.45 -54.87
C PRO C 2001 -61.44 -52.66 -54.17
N PRO C 2002 -61.83 -53.93 -53.91
CA PRO C 2002 -63.17 -54.24 -53.40
C PRO C 2002 -63.47 -53.73 -52.01
N GLN C 2003 -62.47 -53.49 -51.19
CA GLN C 2003 -62.65 -52.71 -49.97
C GLN C 2003 -62.41 -51.21 -50.17
N GLU C 2004 -62.26 -50.75 -51.41
CA GLU C 2004 -62.26 -49.31 -51.67
C GLU C 2004 -63.55 -48.79 -52.28
N GLN C 2005 -64.27 -49.61 -53.06
CA GLN C 2005 -65.57 -49.10 -53.54
C GLN C 2005 -66.57 -48.94 -52.41
N ILE C 2006 -66.44 -49.70 -51.33
CA ILE C 2006 -67.36 -49.60 -50.21
C ILE C 2006 -67.19 -48.24 -49.50
N ASN C 2007 -65.97 -47.70 -49.47
CA ASN C 2007 -65.78 -46.35 -48.95
C ASN C 2007 -66.12 -45.29 -50.00
N MET C 2008 -66.00 -45.63 -51.28
CA MET C 2008 -66.46 -44.72 -52.34
C MET C 2008 -67.99 -44.60 -52.35
N LEU C 2009 -68.68 -45.60 -51.82
CA LEU C 2009 -70.15 -45.69 -51.86
C LEU C 2009 -70.83 -44.67 -50.95
N LEU C 2010 -70.25 -44.35 -49.80
CA LEU C 2010 -70.96 -43.64 -48.74
C LEU C 2010 -70.36 -42.24 -48.50
N HIS C 2011 -70.15 -41.49 -49.58
CA HIS C 2011 -69.64 -40.12 -49.50
C HIS C 2011 -70.77 -39.11 -49.69
N PHE C 2012 -71.93 -39.37 -49.09
CA PHE C 2012 -73.16 -38.60 -49.26
C PHE C 2012 -73.25 -37.44 -48.25
N LYS C 2013 -72.24 -37.28 -47.41
CA LYS C 2013 -72.31 -36.32 -46.31
C LYS C 2013 -71.93 -34.93 -46.81
N ASP C 2014 -72.87 -33.99 -46.67
CA ASP C 2014 -72.68 -32.55 -46.97
C ASP C 2014 -72.11 -32.23 -48.36
N ASP C 2020 -68.98 -37.26 -57.01
CA ASP C 2020 -68.34 -38.28 -56.19
C ASP C 2020 -69.37 -39.31 -55.73
N CYS C 2021 -70.61 -39.17 -56.20
CA CYS C 2021 -71.70 -40.06 -55.83
C CYS C 2021 -72.68 -40.19 -56.99
N PRO C 2022 -72.51 -41.19 -57.85
CA PRO C 2022 -73.39 -41.37 -59.01
C PRO C 2022 -74.66 -42.18 -58.74
N LEU C 2023 -74.91 -42.58 -57.49
CA LEU C 2023 -75.96 -43.39 -56.87
C LEU C 2023 -77.26 -42.56 -56.78
N PRO C 2024 -78.42 -43.15 -57.03
CA PRO C 2024 -79.67 -42.36 -57.05
C PRO C 2024 -80.15 -41.98 -55.65
N GLU C 2025 -81.19 -41.15 -55.62
CA GLU C 2025 -81.66 -40.51 -54.40
C GLU C 2025 -82.83 -41.25 -53.75
N ASP C 2026 -83.02 -42.53 -54.05
CA ASP C 2026 -84.03 -43.35 -53.39
C ASP C 2026 -83.44 -44.39 -52.47
N ILE C 2027 -82.12 -44.42 -52.32
CA ILE C 2027 -81.40 -45.50 -51.65
C ILE C 2027 -80.47 -44.98 -50.55
N ARG C 2028 -80.63 -43.74 -50.12
CA ARG C 2028 -79.70 -43.11 -49.19
C ARG C 2028 -80.22 -42.97 -47.77
N GLN C 2029 -81.50 -43.25 -47.52
CA GLN C 2029 -82.13 -42.80 -46.28
C GLN C 2029 -82.46 -43.92 -45.30
N ASP C 2030 -82.42 -45.19 -45.71
CA ASP C 2030 -82.71 -46.25 -44.76
C ASP C 2030 -81.58 -46.39 -43.73
N LEU C 2031 -80.32 -46.29 -44.17
CA LEU C 2031 -79.23 -46.26 -43.19
C LEU C 2031 -79.17 -44.93 -42.46
N GLN C 2032 -79.73 -43.86 -43.03
CA GLN C 2032 -79.90 -42.61 -42.29
C GLN C 2032 -80.87 -42.79 -41.13
N ASP C 2033 -81.97 -43.50 -41.35
CA ASP C 2033 -82.88 -43.80 -40.24
C ASP C 2033 -82.33 -44.89 -39.32
N PHE C 2034 -81.38 -45.68 -39.80
CA PHE C 2034 -80.78 -46.74 -39.00
C PHE C 2034 -79.75 -46.19 -38.02
N HIS C 2035 -78.81 -45.36 -38.50
CA HIS C 2035 -77.69 -44.99 -37.64
C HIS C 2035 -78.08 -43.92 -36.62
N GLN C 2036 -79.06 -43.06 -36.93
CA GLN C 2036 -79.52 -42.12 -35.92
C GLN C 2036 -80.38 -42.84 -34.88
N ASP C 2037 -81.03 -43.94 -35.27
CA ASP C 2037 -81.68 -44.81 -34.29
C ASP C 2037 -80.65 -45.49 -33.40
N LEU C 2038 -79.50 -45.88 -33.97
CA LEU C 2038 -78.39 -46.38 -33.15
C LEU C 2038 -77.82 -45.32 -32.21
N LEU C 2039 -77.74 -44.05 -32.66
CA LEU C 2039 -77.35 -42.96 -31.77
C LEU C 2039 -78.32 -42.82 -30.61
N ALA C 2040 -79.63 -42.81 -30.90
CA ALA C 2040 -80.64 -42.71 -29.86
C ALA C 2040 -80.67 -43.95 -28.96
N HIS C 2041 -80.27 -45.11 -29.49
CA HIS C 2041 -80.09 -46.29 -28.65
C HIS C 2041 -78.89 -46.12 -27.72
N CYS C 2042 -77.87 -45.37 -28.16
CA CYS C 2042 -76.75 -44.99 -27.32
C CYS C 2042 -77.12 -43.79 -26.45
N GLY C 2043 -76.12 -43.17 -25.82
CA GLY C 2043 -76.35 -42.14 -24.81
C GLY C 2043 -76.85 -40.82 -25.36
N ILE C 2044 -76.51 -40.49 -26.60
CA ILE C 2044 -76.97 -39.25 -27.23
C ILE C 2044 -78.42 -39.42 -27.62
N GLN C 2045 -79.24 -38.40 -27.35
CA GLN C 2045 -80.65 -38.52 -27.73
C GLN C 2045 -80.90 -38.09 -29.18
N LEU C 2046 -79.91 -37.47 -29.82
CA LEU C 2046 -79.87 -37.24 -31.28
C LEU C 2046 -81.03 -36.38 -31.78
N GLU C 2047 -81.02 -35.12 -31.35
CA GLU C 2047 -82.00 -34.14 -31.82
C GLU C 2047 -81.35 -33.17 -32.79
N PRO C 2091 -85.39 -42.42 -13.51
CA PRO C 2091 -84.82 -42.96 -14.75
C PRO C 2091 -85.87 -43.55 -15.70
N GLN C 2092 -85.58 -43.52 -17.00
CA GLN C 2092 -86.45 -44.09 -18.02
C GLN C 2092 -85.93 -45.37 -18.65
N SER C 2093 -84.63 -45.63 -18.57
CA SER C 2093 -84.04 -46.83 -19.12
C SER C 2093 -82.81 -47.17 -18.28
N LEU C 2094 -82.09 -48.21 -18.69
CA LEU C 2094 -80.91 -48.59 -17.93
C LEU C 2094 -79.71 -47.68 -18.21
N GLN C 2095 -79.77 -46.85 -19.26
CA GLN C 2095 -78.77 -45.82 -19.44
C GLN C 2095 -78.88 -44.70 -18.40
N GLU C 2096 -80.05 -44.54 -17.78
CA GLU C 2096 -80.20 -43.61 -16.67
C GLU C 2096 -80.39 -44.30 -15.33
N LEU C 2097 -80.54 -45.63 -15.32
CA LEU C 2097 -80.60 -46.39 -14.09
C LEU C 2097 -79.27 -46.37 -13.34
N VAL C 2098 -78.24 -46.94 -13.97
CA VAL C 2098 -76.98 -47.17 -13.27
C VAL C 2098 -76.01 -46.00 -13.42
N SER C 2099 -76.36 -44.97 -14.20
CA SER C 2099 -75.54 -43.76 -14.24
C SER C 2099 -75.59 -43.03 -12.91
N HIS C 2100 -76.78 -42.95 -12.31
CA HIS C 2100 -76.99 -42.37 -10.99
C HIS C 2100 -76.89 -43.38 -9.87
N MET C 2101 -76.16 -44.48 -10.08
CA MET C 2101 -75.99 -45.50 -9.05
C MET C 2101 -74.59 -45.46 -8.46
N VAL C 2102 -73.58 -45.24 -9.30
CA VAL C 2102 -72.20 -45.19 -8.83
C VAL C 2102 -71.96 -43.96 -7.96
N VAL C 2103 -72.50 -42.81 -8.38
CA VAL C 2103 -72.39 -41.60 -7.56
C VAL C 2103 -73.22 -41.72 -6.28
N ARG C 2104 -74.32 -42.47 -6.34
CA ARG C 2104 -75.13 -42.75 -5.15
C ARG C 2104 -74.34 -43.56 -4.14
N TRP C 2105 -73.63 -44.59 -4.62
CA TRP C 2105 -72.80 -45.41 -3.74
C TRP C 2105 -71.54 -44.69 -3.29
N ALA C 2106 -71.08 -43.71 -4.07
CA ALA C 2106 -69.85 -43.00 -3.74
C ALA C 2106 -70.09 -41.88 -2.73
N GLN C 2107 -71.25 -41.23 -2.78
CA GLN C 2107 -71.59 -40.22 -1.79
C GLN C 2107 -72.02 -40.81 -0.45
N GLU C 2108 -72.19 -42.13 -0.38
CA GLU C 2108 -72.60 -42.76 0.87
C GLU C 2108 -71.43 -42.85 1.84
N ASP C 2109 -70.38 -43.59 1.47
CA ASP C 2109 -69.24 -43.74 2.35
C ASP C 2109 -67.96 -43.86 1.50
N TYR C 2110 -66.83 -43.64 2.16
CA TYR C 2110 -65.53 -43.81 1.53
C TYR C 2110 -65.24 -45.30 1.35
N VAL C 2111 -64.80 -45.67 0.14
CA VAL C 2111 -64.49 -47.07 -0.10
C VAL C 2111 -63.18 -47.45 0.58
N GLN C 2112 -63.00 -48.75 0.75
CA GLN C 2112 -61.81 -49.30 1.37
C GLN C 2112 -61.03 -50.19 0.42
N SER C 2113 -61.56 -50.42 -0.78
CA SER C 2113 -61.18 -51.49 -1.67
C SER C 2113 -60.58 -50.95 -2.96
N PRO C 2114 -59.55 -51.63 -3.51
CA PRO C 2114 -58.99 -51.23 -4.80
C PRO C 2114 -59.59 -51.92 -6.01
N GLU C 2115 -60.58 -52.80 -5.82
CA GLU C 2115 -61.23 -53.51 -6.91
C GLU C 2115 -62.60 -52.97 -7.28
N LEU C 2116 -63.41 -52.51 -6.31
CA LEU C 2116 -64.72 -51.95 -6.63
C LEU C 2116 -64.61 -50.57 -7.26
N VAL C 2117 -63.65 -49.75 -6.81
CA VAL C 2117 -63.41 -48.44 -7.39
C VAL C 2117 -62.77 -48.54 -8.78
N ARG C 2118 -62.24 -49.70 -9.14
CA ARG C 2118 -61.86 -49.92 -10.54
C ARG C 2118 -63.02 -50.50 -11.33
N ALA C 2119 -63.83 -51.36 -10.68
CA ALA C 2119 -64.86 -52.11 -11.38
C ALA C 2119 -66.00 -51.22 -11.85
N MET C 2120 -66.65 -50.48 -10.94
CA MET C 2120 -67.79 -49.70 -11.44
C MET C 2120 -67.35 -48.43 -12.16
N PHE C 2121 -66.12 -47.98 -11.93
CA PHE C 2121 -65.56 -46.91 -12.74
C PHE C 2121 -65.16 -47.37 -14.14
N SER C 2122 -64.94 -48.67 -14.34
CA SER C 2122 -64.92 -49.21 -15.70
C SER C 2122 -66.32 -49.47 -16.24
N LEU C 2123 -67.31 -49.61 -15.35
CA LEU C 2123 -68.68 -49.87 -15.79
C LEU C 2123 -69.39 -48.64 -16.34
N LEU C 2124 -69.28 -47.48 -15.68
CA LEU C 2124 -70.13 -46.37 -16.16
C LEU C 2124 -69.56 -45.71 -17.42
N HIS C 2125 -68.23 -45.75 -17.59
CA HIS C 2125 -67.61 -45.22 -18.80
C HIS C 2125 -67.99 -46.06 -20.02
N ARG C 2126 -68.21 -47.37 -19.79
CA ARG C 2126 -68.74 -48.27 -20.81
C ARG C 2126 -70.07 -47.76 -21.38
N GLN C 2127 -71.04 -47.55 -20.51
CA GLN C 2127 -72.36 -47.15 -21.00
C GLN C 2127 -72.42 -45.66 -21.36
N TYR C 2128 -71.45 -44.86 -20.92
CA TYR C 2128 -71.37 -43.49 -21.41
C TYR C 2128 -70.78 -43.44 -22.81
N ASP C 2129 -69.57 -43.94 -23.01
CA ASP C 2129 -68.97 -44.05 -24.34
C ASP C 2129 -69.22 -45.44 -24.93
N GLY C 2130 -70.49 -45.84 -24.91
CA GLY C 2130 -70.96 -46.96 -25.71
C GLY C 2130 -70.57 -46.89 -27.18
N LEU C 2131 -70.59 -45.67 -27.76
CA LEU C 2131 -70.18 -45.51 -29.16
C LEU C 2131 -68.69 -45.80 -29.34
N GLY C 2132 -67.85 -45.31 -28.44
CA GLY C 2132 -66.43 -45.61 -28.50
C GLY C 2132 -66.11 -47.05 -28.20
N GLU C 2133 -66.88 -47.68 -27.31
CA GLU C 2133 -66.70 -49.10 -27.03
C GLU C 2133 -67.16 -49.98 -28.18
N LEU C 2134 -68.20 -49.56 -28.91
CA LEU C 2134 -68.61 -50.24 -30.12
C LEU C 2134 -67.57 -50.08 -31.22
N LEU C 2135 -66.96 -48.89 -31.31
CA LEU C 2135 -65.98 -48.61 -32.36
C LEU C 2135 -64.69 -49.43 -32.17
N ARG C 2136 -64.37 -49.82 -30.94
CA ARG C 2136 -63.22 -50.68 -30.69
C ARG C 2136 -63.59 -52.16 -30.53
N ALA C 2137 -64.87 -52.51 -30.61
CA ALA C 2137 -65.28 -53.91 -30.58
C ALA C 2137 -65.74 -54.43 -31.93
N LEU C 2138 -66.14 -53.55 -32.84
CA LEU C 2138 -66.59 -53.97 -34.17
C LEU C 2138 -65.51 -54.43 -35.17
N PRO C 2139 -64.26 -53.90 -35.21
CA PRO C 2139 -63.29 -54.49 -36.16
C PRO C 2139 -62.79 -55.88 -35.78
N ARG C 2140 -63.02 -56.31 -34.55
CA ARG C 2140 -62.72 -57.69 -34.14
C ARG C 2140 -63.94 -58.60 -34.23
N ALA C 2141 -64.85 -58.26 -35.14
CA ALA C 2141 -66.07 -59.03 -35.40
C ALA C 2141 -66.11 -59.43 -36.87
N TYR C 2142 -66.42 -60.69 -37.13
CA TYR C 2142 -66.47 -61.21 -38.49
C TYR C 2142 -67.81 -61.90 -38.73
N THR C 2143 -68.10 -62.16 -40.00
CA THR C 2143 -69.35 -62.80 -40.41
C THR C 2143 -69.04 -63.94 -41.36
N ILE C 2144 -69.58 -65.12 -41.07
CA ILE C 2144 -69.31 -66.33 -41.82
C ILE C 2144 -70.63 -66.81 -42.44
N SER C 2145 -70.56 -67.23 -43.71
CA SER C 2145 -71.71 -67.79 -44.40
C SER C 2145 -72.19 -69.05 -43.66
N PRO C 2146 -73.51 -69.24 -43.51
CA PRO C 2146 -74.02 -70.21 -42.53
C PRO C 2146 -73.87 -71.68 -42.91
N SER C 2147 -73.21 -72.00 -44.03
CA SER C 2147 -72.93 -73.38 -44.38
C SER C 2147 -71.58 -73.86 -43.86
N SER C 2148 -70.93 -73.09 -42.99
CA SER C 2148 -69.62 -73.44 -42.45
C SER C 2148 -69.63 -73.50 -40.93
N VAL C 2149 -70.83 -73.58 -40.34
CA VAL C 2149 -70.96 -73.64 -38.89
C VAL C 2149 -70.43 -74.97 -38.35
N GLU C 2150 -70.69 -76.07 -39.07
CA GLU C 2150 -70.23 -77.38 -38.62
C GLU C 2150 -68.72 -77.54 -38.74
N ASP C 2151 -68.06 -76.70 -39.55
CA ASP C 2151 -66.61 -76.67 -39.55
C ASP C 2151 -66.06 -75.74 -38.47
N THR C 2152 -66.74 -74.60 -38.24
CA THR C 2152 -66.15 -73.60 -37.35
C THR C 2152 -66.37 -73.89 -35.87
N MET C 2153 -67.41 -74.65 -35.48
CA MET C 2153 -67.57 -74.92 -34.04
C MET C 2153 -66.50 -75.87 -33.52
N SER C 2154 -65.94 -76.71 -34.39
CA SER C 2154 -64.78 -77.53 -34.01
C SER C 2154 -63.57 -76.66 -33.69
N LEU C 2155 -63.34 -75.62 -34.49
CA LEU C 2155 -62.19 -74.73 -34.24
C LEU C 2155 -62.42 -73.87 -33.00
N LEU C 2156 -63.67 -73.44 -32.77
CA LEU C 2156 -63.95 -72.71 -31.54
C LEU C 2156 -63.82 -73.57 -30.29
N GLU C 2157 -64.17 -74.86 -30.38
CA GLU C 2157 -63.90 -75.76 -29.25
C GLU C 2157 -62.41 -75.98 -29.07
N CYS C 2158 -61.66 -76.03 -30.18
CA CYS C 2158 -60.20 -76.19 -30.10
C CYS C 2158 -59.54 -74.94 -29.52
N LEU C 2159 -60.08 -73.76 -29.81
CA LEU C 2159 -59.57 -72.53 -29.19
C LEU C 2159 -60.02 -72.41 -27.74
N GLY C 2160 -61.17 -72.99 -27.39
CA GLY C 2160 -61.51 -73.13 -25.97
C GLY C 2160 -60.67 -74.15 -25.24
N GLN C 2161 -60.06 -75.10 -25.96
CA GLN C 2161 -59.14 -76.09 -25.43
C GLN C 2161 -57.71 -75.56 -25.27
N ILE C 2162 -57.20 -74.81 -26.25
CA ILE C 2162 -55.82 -74.34 -26.19
C ILE C 2162 -55.68 -73.23 -25.13
N ARG C 2163 -56.74 -72.45 -24.92
CA ARG C 2163 -56.72 -71.46 -23.84
C ARG C 2163 -57.40 -71.97 -22.58
N SER C 2164 -57.82 -73.23 -22.55
CA SER C 2164 -57.98 -73.91 -21.27
C SER C 2164 -56.69 -74.55 -20.81
N LEU C 2165 -55.78 -74.84 -21.73
CA LEU C 2165 -54.52 -75.49 -21.38
C LEU C 2165 -53.35 -74.52 -21.24
N LEU C 2166 -53.43 -73.30 -21.78
CA LEU C 2166 -52.29 -72.39 -21.62
C LEU C 2166 -52.10 -71.91 -20.19
N ILE C 2167 -53.14 -71.94 -19.36
CA ILE C 2167 -53.01 -71.60 -17.95
C ILE C 2167 -52.85 -72.85 -17.08
N VAL C 2168 -52.41 -73.96 -17.67
CA VAL C 2168 -51.82 -75.05 -16.90
C VAL C 2168 -50.39 -75.26 -17.40
N GLN C 2169 -49.50 -75.61 -16.48
CA GLN C 2169 -48.10 -75.79 -16.81
C GLN C 2169 -47.90 -77.17 -17.45
N MET C 2170 -46.92 -77.26 -18.34
CA MET C 2170 -46.77 -78.41 -19.22
C MET C 2170 -46.24 -79.61 -18.43
N GLY C 2171 -46.91 -80.75 -18.54
CA GLY C 2171 -46.58 -81.93 -17.78
C GLY C 2171 -46.05 -83.07 -18.63
N PRO C 2172 -46.16 -84.32 -18.12
CA PRO C 2172 -45.63 -85.47 -18.86
C PRO C 2172 -46.43 -85.87 -20.09
N GLN C 2173 -47.76 -85.91 -20.01
CA GLN C 2173 -48.58 -86.23 -21.17
C GLN C 2173 -49.41 -85.01 -21.62
N GLU C 2174 -48.83 -83.82 -21.54
CA GLU C 2174 -49.46 -82.63 -22.08
C GLU C 2174 -48.93 -82.25 -23.46
N GLU C 2175 -48.09 -83.08 -24.06
CA GLU C 2175 -47.41 -82.78 -25.31
C GLU C 2175 -48.23 -83.15 -26.54
N ASN C 2176 -49.10 -84.16 -26.42
CA ASN C 2176 -49.81 -84.71 -27.57
C ASN C 2176 -51.17 -84.05 -27.78
N LEU C 2177 -51.83 -83.66 -26.69
CA LEU C 2177 -53.11 -82.97 -26.77
C LEU C 2177 -52.96 -81.56 -27.32
N MET C 2178 -51.77 -80.97 -27.14
CA MET C 2178 -51.44 -79.72 -27.82
C MET C 2178 -51.40 -79.91 -29.34
N ILE C 2179 -50.64 -80.90 -29.80
CA ILE C 2179 -50.27 -80.93 -31.20
C ILE C 2179 -51.35 -81.57 -32.06
N GLN C 2180 -52.15 -82.50 -31.52
CA GLN C 2180 -53.30 -82.95 -32.32
C GLN C 2180 -54.42 -81.91 -32.36
N SER C 2181 -54.49 -81.00 -31.38
CA SER C 2181 -55.43 -79.88 -31.48
C SER C 2181 -55.00 -78.90 -32.57
N ILE C 2182 -53.73 -78.48 -32.55
CA ILE C 2182 -53.29 -77.58 -33.61
C ILE C 2182 -53.09 -78.29 -34.95
N GLY C 2183 -53.15 -79.63 -34.97
CA GLY C 2183 -53.28 -80.35 -36.22
C GLY C 2183 -54.72 -80.54 -36.67
N ASN C 2184 -55.65 -80.54 -35.71
CA ASN C 2184 -57.07 -80.49 -36.04
C ASN C 2184 -57.45 -79.14 -36.65
N ILE C 2185 -56.66 -78.11 -36.34
CA ILE C 2185 -56.79 -76.83 -37.06
C ILE C 2185 -56.52 -77.03 -38.56
N MET C 2186 -55.56 -77.89 -38.90
CA MET C 2186 -55.08 -77.98 -40.29
C MET C 2186 -56.09 -78.63 -41.24
N ASN C 2187 -56.95 -79.52 -40.78
CA ASN C 2187 -57.84 -80.22 -41.70
C ASN C 2187 -59.27 -79.68 -41.58
N ASN C 2188 -59.40 -78.35 -41.48
CA ASN C 2188 -60.66 -77.72 -41.14
C ASN C 2188 -61.28 -76.96 -42.31
N LYS C 2189 -60.47 -76.56 -43.29
CA LYS C 2189 -60.88 -75.86 -44.52
C LYS C 2189 -61.55 -74.51 -44.26
N VAL C 2190 -61.34 -73.94 -43.06
CA VAL C 2190 -61.53 -72.52 -42.81
C VAL C 2190 -60.18 -71.85 -42.52
N PHE C 2191 -59.13 -72.66 -42.42
CA PHE C 2191 -57.77 -72.18 -42.18
C PHE C 2191 -57.21 -71.44 -43.39
N TYR C 2192 -57.73 -71.70 -44.58
CA TYR C 2192 -57.24 -71.07 -45.79
C TYR C 2192 -58.33 -70.29 -46.53
N GLN C 2193 -59.60 -70.50 -46.19
CA GLN C 2193 -60.67 -69.73 -46.83
C GLN C 2193 -60.65 -68.27 -46.38
N HIS C 2194 -60.57 -68.04 -45.07
CA HIS C 2194 -60.48 -66.70 -44.51
C HIS C 2194 -59.28 -66.64 -43.57
N PRO C 2195 -58.29 -65.78 -43.86
CA PRO C 2195 -57.13 -65.70 -42.96
C PRO C 2195 -57.29 -64.72 -41.82
N ASN C 2196 -58.34 -63.89 -41.82
CA ASN C 2196 -58.41 -62.74 -40.92
C ASN C 2196 -59.46 -62.86 -39.82
N LEU C 2197 -60.21 -63.96 -39.74
CA LEU C 2197 -61.03 -64.14 -38.54
C LEU C 2197 -60.17 -64.60 -37.38
N MET C 2198 -59.04 -65.24 -37.67
CA MET C 2198 -58.09 -65.62 -36.64
C MET C 2198 -57.40 -64.40 -36.03
N ARG C 2199 -57.25 -63.31 -36.79
CA ARG C 2199 -56.76 -62.06 -36.24
C ARG C 2199 -57.73 -61.49 -35.20
N ALA C 2200 -59.04 -61.69 -35.41
CA ALA C 2200 -60.02 -61.29 -34.41
C ALA C 2200 -60.07 -62.25 -33.23
N LEU C 2201 -59.89 -63.55 -33.47
CA LEU C 2201 -59.87 -64.51 -32.37
C LEU C 2201 -58.63 -64.38 -31.50
N GLY C 2202 -57.52 -63.91 -32.04
CA GLY C 2202 -56.30 -63.74 -31.26
C GLY C 2202 -55.55 -65.03 -31.03
N MET C 2203 -55.47 -65.88 -32.05
CA MET C 2203 -54.80 -67.16 -31.92
C MET C 2203 -53.29 -67.06 -32.11
N HIS C 2204 -52.81 -66.08 -32.89
CA HIS C 2204 -51.43 -66.08 -33.35
C HIS C 2204 -50.42 -65.58 -32.33
N GLU C 2205 -50.85 -65.10 -31.16
CA GLU C 2205 -49.94 -64.86 -30.05
C GLU C 2205 -50.10 -65.84 -28.89
N THR C 2206 -51.25 -66.53 -28.79
CA THR C 2206 -51.41 -67.59 -27.81
C THR C 2206 -50.59 -68.83 -28.16
N VAL C 2207 -50.18 -68.97 -29.43
CA VAL C 2207 -49.32 -70.07 -29.85
C VAL C 2207 -47.85 -69.81 -29.58
N MET C 2208 -47.47 -68.57 -29.27
CA MET C 2208 -46.11 -68.28 -28.83
C MET C 2208 -46.02 -67.91 -27.35
N GLU C 2209 -47.13 -67.54 -26.72
CA GLU C 2209 -47.11 -67.43 -25.26
C GLU C 2209 -46.94 -68.80 -24.60
N VAL C 2210 -47.41 -69.86 -25.27
CA VAL C 2210 -47.07 -71.20 -24.81
C VAL C 2210 -45.67 -71.61 -25.23
N MET C 2211 -45.08 -70.94 -26.22
CA MET C 2211 -43.71 -71.24 -26.62
C MET C 2211 -42.71 -70.64 -25.65
N VAL C 2212 -42.98 -69.41 -25.19
CA VAL C 2212 -42.07 -68.76 -24.25
C VAL C 2212 -42.09 -69.38 -22.86
N ASN C 2213 -43.10 -70.20 -22.53
CA ASN C 2213 -43.06 -70.96 -21.28
C ASN C 2213 -41.95 -72.01 -21.31
N VAL C 2214 -41.84 -72.76 -22.42
CA VAL C 2214 -40.82 -73.81 -22.51
C VAL C 2214 -39.52 -73.30 -23.08
N LEU C 2215 -39.46 -72.06 -23.56
CA LEU C 2215 -38.19 -71.46 -23.94
C LEU C 2215 -37.67 -70.45 -22.93
N GLY C 2216 -38.46 -70.08 -21.93
CA GLY C 2216 -38.01 -69.17 -20.90
C GLY C 2216 -38.28 -67.70 -21.18
N GLU C 2222 -31.62 -75.05 -20.55
CA GLU C 2222 -31.86 -76.21 -21.41
C GLU C 2222 -33.33 -76.30 -21.82
N ILE C 2223 -33.62 -77.18 -22.76
CA ILE C 2223 -34.98 -77.46 -23.20
C ILE C 2223 -35.38 -78.84 -22.72
N ARG C 2224 -36.64 -78.98 -22.31
CA ARG C 2224 -37.18 -80.25 -21.85
C ARG C 2224 -38.27 -80.80 -22.75
N PHE C 2225 -38.70 -80.05 -23.77
CA PHE C 2225 -39.80 -80.46 -24.64
C PHE C 2225 -39.33 -80.32 -26.08
N PRO C 2226 -38.72 -81.37 -26.65
CA PRO C 2226 -38.24 -81.29 -28.04
C PRO C 2226 -39.34 -81.50 -29.07
N LYS C 2227 -40.43 -82.12 -28.63
CA LYS C 2227 -41.59 -82.37 -29.49
C LYS C 2227 -42.37 -81.11 -29.82
N MET C 2228 -42.44 -80.15 -28.88
CA MET C 2228 -43.46 -79.10 -29.00
C MET C 2228 -42.97 -77.92 -29.83
N VAL C 2229 -41.65 -77.70 -29.91
CA VAL C 2229 -41.13 -76.48 -30.53
C VAL C 2229 -41.28 -76.53 -32.06
N THR C 2230 -40.94 -77.68 -32.67
CA THR C 2230 -41.08 -77.88 -34.10
C THR C 2230 -42.53 -78.04 -34.54
N SER C 2231 -43.45 -78.19 -33.59
CA SER C 2231 -44.88 -78.22 -33.85
C SER C 2231 -45.54 -76.87 -33.62
N CYS C 2232 -44.99 -76.05 -32.71
CA CYS C 2232 -45.48 -74.69 -32.56
C CYS C 2232 -45.08 -73.84 -33.76
N CYS C 2233 -43.83 -73.98 -34.22
CA CYS C 2233 -43.46 -73.27 -35.45
C CYS C 2233 -44.06 -73.90 -36.69
N ARG C 2234 -44.55 -75.15 -36.59
CA ARG C 2234 -45.24 -75.79 -37.71
C ARG C 2234 -46.54 -75.06 -38.07
N PHE C 2235 -47.28 -74.64 -37.05
CA PHE C 2235 -48.49 -73.85 -37.26
C PHE C 2235 -48.18 -72.49 -37.85
N LEU C 2236 -47.17 -71.82 -37.31
CA LEU C 2236 -46.77 -70.48 -37.70
C LEU C 2236 -46.20 -70.40 -39.11
N CYS C 2237 -45.41 -71.40 -39.53
CA CYS C 2237 -44.77 -71.35 -40.84
C CYS C 2237 -45.80 -71.45 -41.97
N TYR C 2238 -46.91 -72.13 -41.72
CA TYR C 2238 -48.03 -72.11 -42.65
C TYR C 2238 -48.96 -70.93 -42.41
N PHE C 2239 -48.94 -70.35 -41.21
CA PHE C 2239 -49.75 -69.17 -40.94
C PHE C 2239 -49.21 -67.93 -41.64
N CYS C 2240 -47.89 -67.87 -41.90
CA CYS C 2240 -47.32 -66.70 -42.56
C CYS C 2240 -47.78 -66.56 -44.00
N ARG C 2241 -47.80 -67.67 -44.75
CA ARG C 2241 -48.10 -67.58 -46.18
C ARG C 2241 -49.47 -68.13 -46.55
N ILE C 2242 -50.53 -67.73 -45.85
CA ILE C 2242 -51.89 -67.96 -46.34
C ILE C 2242 -52.41 -66.63 -46.90
N SER C 2243 -51.95 -65.53 -46.33
CA SER C 2243 -52.17 -64.18 -46.83
C SER C 2243 -50.90 -63.39 -46.51
N ARG C 2244 -50.96 -62.07 -46.53
CA ARG C 2244 -49.75 -61.31 -46.25
C ARG C 2244 -49.89 -60.15 -45.27
N GLN C 2245 -51.10 -59.69 -44.94
CA GLN C 2245 -51.21 -58.76 -43.81
C GLN C 2245 -51.12 -59.45 -42.47
N ASN C 2246 -51.02 -60.79 -42.43
CA ASN C 2246 -50.63 -61.49 -41.22
C ASN C 2246 -49.12 -61.45 -40.97
N GLN C 2247 -48.33 -60.98 -41.94
CA GLN C 2247 -46.87 -61.03 -41.84
C GLN C 2247 -46.34 -60.01 -40.85
N ARG C 2248 -46.84 -58.76 -40.91
CA ARG C 2248 -46.36 -57.68 -40.07
C ARG C 2248 -46.98 -57.69 -38.68
N SER C 2249 -47.92 -58.60 -38.39
CA SER C 2249 -48.26 -58.87 -37.00
C SER C 2249 -47.17 -59.69 -36.31
N MET C 2250 -46.30 -60.33 -37.10
CA MET C 2250 -45.18 -61.11 -36.60
C MET C 2250 -43.85 -60.37 -36.66
N PHE C 2251 -43.81 -59.16 -37.24
CA PHE C 2251 -42.52 -58.56 -37.53
C PHE C 2251 -41.89 -57.92 -36.30
N ASP C 2252 -42.70 -57.30 -35.44
CA ASP C 2252 -42.18 -56.72 -34.20
C ASP C 2252 -41.86 -57.79 -33.16
N HIS C 2253 -42.26 -59.04 -33.40
CA HIS C 2253 -41.91 -60.20 -32.60
C HIS C 2253 -40.52 -60.73 -32.91
N LEU C 2254 -39.81 -60.15 -33.88
CA LEU C 2254 -38.55 -60.71 -34.34
C LEU C 2254 -37.39 -60.41 -33.40
N SER C 2255 -37.57 -59.50 -32.43
CA SER C 2255 -36.54 -59.32 -31.42
C SER C 2255 -36.46 -60.51 -30.46
N TYR C 2256 -37.48 -61.37 -30.45
CA TYR C 2256 -37.44 -62.60 -29.64
C TYR C 2256 -37.69 -63.86 -30.46
N LEU C 2257 -38.14 -63.73 -31.72
CA LEU C 2257 -38.35 -64.91 -32.58
C LEU C 2257 -37.05 -65.60 -32.95
N LEU C 2258 -35.98 -64.84 -33.20
CA LEU C 2258 -34.66 -65.42 -33.41
C LEU C 2258 -33.72 -65.13 -32.25
N GLU C 2259 -34.24 -64.73 -31.09
CA GLU C 2259 -33.40 -64.59 -29.91
C GLU C 2259 -33.11 -65.91 -29.23
N ASN C 2260 -33.94 -66.94 -29.47
CA ASN C 2260 -33.77 -68.22 -28.82
C ASN C 2260 -33.56 -69.32 -29.86
N SER C 2261 -33.01 -68.96 -31.02
CA SER C 2261 -32.75 -69.91 -32.08
C SER C 2261 -31.37 -70.55 -32.01
N GLY C 2262 -30.47 -69.96 -31.24
CA GLY C 2262 -29.11 -70.49 -31.13
C GLY C 2262 -28.76 -70.92 -29.72
N MET C 2267 -32.01 -76.87 -33.39
CA MET C 2267 -32.43 -78.17 -32.89
C MET C 2267 -32.70 -79.17 -34.01
N GLN C 2268 -32.87 -80.44 -33.64
CA GLN C 2268 -33.24 -81.46 -34.62
C GLN C 2268 -34.68 -81.27 -35.04
N GLY C 2269 -34.92 -81.35 -36.34
CA GLY C 2269 -36.24 -81.08 -36.89
C GLY C 2269 -36.34 -79.65 -37.42
N SER C 2270 -37.17 -78.83 -36.80
CA SER C 2270 -37.27 -77.42 -37.13
C SER C 2270 -37.00 -76.56 -35.91
N THR C 2271 -36.41 -75.39 -36.15
CA THR C 2271 -35.99 -74.45 -35.13
C THR C 2271 -36.76 -73.14 -35.33
N PRO C 2272 -36.90 -72.29 -34.28
CA PRO C 2272 -37.69 -71.06 -34.45
C PRO C 2272 -37.12 -69.97 -35.36
N LEU C 2273 -36.04 -70.26 -36.09
CA LEU C 2273 -35.55 -69.37 -37.12
C LEU C 2273 -36.26 -69.57 -38.46
N ASP C 2274 -36.95 -70.70 -38.64
CA ASP C 2274 -37.66 -70.98 -39.88
C ASP C 2274 -38.80 -69.98 -40.08
N VAL C 2275 -39.49 -69.62 -39.00
CA VAL C 2275 -40.54 -68.62 -39.11
C VAL C 2275 -39.97 -67.22 -39.27
N ALA C 2276 -38.75 -66.98 -38.76
CA ALA C 2276 -38.09 -65.70 -39.00
C ALA C 2276 -37.69 -65.58 -40.47
N ALA C 2277 -37.32 -66.69 -41.11
CA ALA C 2277 -37.05 -66.67 -42.54
C ALA C 2277 -38.33 -66.54 -43.36
N ALA C 2278 -39.44 -67.08 -42.84
CA ALA C 2278 -40.74 -66.88 -43.48
C ALA C 2278 -41.32 -65.50 -43.23
N SER C 2279 -40.77 -64.73 -42.29
CA SER C 2279 -41.21 -63.36 -42.05
C SER C 2279 -40.63 -62.36 -43.05
N VAL C 2280 -39.71 -62.76 -43.94
CA VAL C 2280 -39.07 -61.85 -44.87
C VAL C 2280 -39.23 -62.28 -46.32
N ILE C 2281 -40.24 -63.12 -46.62
CA ILE C 2281 -40.39 -63.69 -47.95
C ILE C 2281 -41.61 -63.07 -48.63
N ASP C 2282 -41.56 -62.99 -49.96
CA ASP C 2282 -42.68 -62.84 -50.91
C ASP C 2282 -43.13 -61.37 -51.03
N ASN C 2283 -42.45 -60.42 -50.38
CA ASN C 2283 -42.72 -59.02 -50.64
C ASN C 2283 -41.46 -58.21 -50.37
N ASN C 2284 -41.32 -57.10 -51.09
CA ASN C 2284 -40.18 -56.20 -50.91
C ASN C 2284 -40.39 -55.17 -49.80
N GLU C 2285 -41.63 -54.81 -49.46
CA GLU C 2285 -41.82 -53.81 -48.40
C GLU C 2285 -41.70 -54.43 -47.02
N LEU C 2286 -41.99 -55.72 -46.89
CA LEU C 2286 -41.60 -56.47 -45.70
C LEU C 2286 -40.10 -56.74 -45.66
N ALA C 2287 -39.38 -56.47 -46.76
CA ALA C 2287 -37.96 -56.76 -46.87
C ALA C 2287 -37.07 -55.53 -46.65
N LEU C 2288 -37.47 -54.35 -47.11
CA LEU C 2288 -36.58 -53.20 -46.96
C LEU C 2288 -36.89 -52.43 -45.69
N ALA C 2289 -37.91 -52.82 -44.92
CA ALA C 2289 -38.28 -52.15 -43.69
C ALA C 2289 -37.69 -52.78 -42.45
N LEU C 2290 -36.63 -53.57 -42.60
CA LEU C 2290 -35.91 -54.10 -41.43
C LEU C 2290 -35.11 -52.98 -40.78
N GLN C 2291 -35.19 -52.89 -39.45
CA GLN C 2291 -34.31 -52.00 -38.72
C GLN C 2291 -32.93 -52.63 -38.61
N GLU C 2292 -31.89 -51.78 -38.65
CA GLU C 2292 -30.52 -52.26 -38.74
C GLU C 2292 -30.00 -52.86 -37.45
N GLN C 2293 -30.65 -52.56 -36.32
CA GLN C 2293 -30.21 -53.10 -35.03
C GLN C 2293 -30.58 -54.56 -34.83
N ASP C 2294 -31.44 -55.14 -35.68
CA ASP C 2294 -31.84 -56.52 -35.55
C ASP C 2294 -31.12 -57.45 -36.51
N LEU C 2295 -29.95 -57.05 -37.02
CA LEU C 2295 -29.21 -57.86 -37.97
C LEU C 2295 -27.81 -58.23 -37.52
N GLU C 2296 -27.18 -57.43 -36.66
CA GLU C 2296 -25.87 -57.81 -36.13
C GLU C 2296 -25.96 -58.97 -35.15
N LYS C 2297 -27.15 -59.25 -34.62
CA LYS C 2297 -27.36 -60.40 -33.76
C LYS C 2297 -27.25 -61.72 -34.53
N VAL C 2298 -27.46 -61.71 -35.83
CA VAL C 2298 -27.28 -62.93 -36.63
C VAL C 2298 -25.80 -63.21 -36.83
N VAL C 2299 -25.03 -62.20 -37.22
CA VAL C 2299 -23.59 -62.37 -37.37
C VAL C 2299 -22.86 -62.44 -36.03
N SER C 2300 -23.52 -62.09 -34.92
CA SER C 2300 -22.95 -62.39 -33.61
C SER C 2300 -22.95 -63.90 -33.36
N TYR C 2301 -24.05 -64.58 -33.70
CA TYR C 2301 -24.07 -66.04 -33.62
C TYR C 2301 -23.15 -66.66 -34.66
N LEU C 2302 -23.02 -66.03 -35.84
CA LEU C 2302 -22.11 -66.53 -36.86
C LEU C 2302 -20.65 -66.40 -36.43
N ALA C 2303 -20.28 -65.27 -35.81
CA ALA C 2303 -18.95 -65.10 -35.25
C ALA C 2303 -18.72 -65.96 -34.01
N GLY C 2304 -19.78 -66.33 -33.31
CA GLY C 2304 -19.64 -67.31 -32.25
C GLY C 2304 -19.32 -68.70 -32.79
N CYS C 2305 -20.06 -69.13 -33.81
CA CYS C 2305 -19.83 -70.45 -34.39
C CYS C 2305 -18.65 -70.49 -35.35
N GLY C 2306 -18.02 -69.35 -35.65
CA GLY C 2306 -16.83 -69.36 -36.46
C GLY C 2306 -15.62 -70.00 -35.80
N LEU C 2307 -15.63 -70.09 -34.46
CA LEU C 2307 -14.65 -70.88 -33.73
C LEU C 2307 -15.28 -71.64 -32.57
N GLN C 2308 -16.61 -71.61 -32.44
CA GLN C 2308 -17.32 -72.42 -31.47
C GLN C 2308 -17.49 -73.83 -32.03
N SER C 2309 -17.10 -74.83 -31.26
CA SER C 2309 -17.22 -76.21 -31.69
C SER C 2309 -18.67 -76.64 -31.50
N CYS C 2310 -18.99 -77.82 -31.96
CA CYS C 2310 -20.38 -78.23 -31.90
C CYS C 2310 -20.62 -79.10 -30.67
N PRO C 2311 -21.63 -78.81 -29.86
CA PRO C 2311 -22.03 -79.75 -28.79
C PRO C 2311 -22.75 -80.98 -29.29
N MET C 2312 -23.12 -81.02 -30.58
CA MET C 2312 -23.80 -82.16 -31.18
C MET C 2312 -22.83 -83.23 -31.68
N LEU C 2313 -21.54 -82.92 -31.76
CA LEU C 2313 -20.54 -83.80 -32.34
C LEU C 2313 -19.67 -84.48 -31.29
N LEU C 2314 -19.17 -83.73 -30.31
CA LEU C 2314 -18.32 -84.31 -29.28
C LEU C 2314 -19.12 -85.18 -28.31
N ALA C 2315 -20.40 -84.87 -28.13
CA ALA C 2315 -21.27 -85.73 -27.33
C ALA C 2315 -21.71 -86.97 -28.10
N LYS C 2316 -21.59 -86.95 -29.43
CA LYS C 2316 -21.93 -88.10 -30.26
C LYS C 2316 -20.74 -89.04 -30.44
N GLY C 2317 -19.53 -88.50 -30.54
CA GLY C 2317 -18.33 -89.32 -30.63
C GLY C 2317 -17.59 -89.19 -31.94
N TYR C 2318 -17.96 -88.19 -32.73
CA TYR C 2318 -17.45 -87.85 -34.06
C TYR C 2318 -16.22 -86.93 -33.92
N PRO C 2319 -15.30 -86.98 -34.89
CA PRO C 2319 -14.01 -86.27 -34.72
C PRO C 2319 -14.14 -84.75 -34.66
N ASP C 2320 -13.10 -84.15 -34.10
CA ASP C 2320 -13.15 -82.76 -33.67
C ASP C 2320 -12.78 -81.81 -34.79
N ILE C 2321 -13.65 -80.86 -35.07
CA ILE C 2321 -13.35 -79.70 -35.92
C ILE C 2321 -13.63 -78.47 -35.07
N GLY C 2322 -12.67 -77.53 -35.05
CA GLY C 2322 -12.72 -76.38 -34.15
C GLY C 2322 -13.87 -75.41 -34.39
N TRP C 2323 -14.62 -75.55 -35.47
CA TRP C 2323 -15.77 -74.72 -35.77
C TRP C 2323 -16.87 -75.61 -36.32
N ASN C 2324 -18.10 -75.08 -36.34
CA ASN C 2324 -19.26 -75.86 -36.73
C ASN C 2324 -19.74 -75.38 -38.10
N PRO C 2325 -19.67 -76.20 -39.14
CA PRO C 2325 -20.16 -75.75 -40.46
C PRO C 2325 -21.67 -75.71 -40.55
N CYS C 2326 -22.35 -76.73 -40.03
CA CYS C 2326 -23.81 -76.80 -40.11
C CYS C 2326 -24.51 -75.95 -39.06
N GLY C 2327 -23.79 -75.53 -38.01
CA GLY C 2327 -24.40 -74.67 -37.02
C GLY C 2327 -24.64 -73.26 -37.54
N GLY C 2328 -23.76 -72.79 -38.43
CA GLY C 2328 -23.91 -71.51 -39.08
C GLY C 2328 -24.35 -71.57 -40.53
N GLU C 2329 -24.84 -72.71 -41.01
CA GLU C 2329 -25.16 -72.83 -42.42
C GLU C 2329 -26.49 -72.16 -42.77
N ARG C 2330 -27.50 -72.31 -41.90
CA ARG C 2330 -28.79 -71.68 -42.15
C ARG C 2330 -28.94 -70.31 -41.50
N TYR C 2331 -27.88 -69.78 -40.88
CA TYR C 2331 -27.84 -68.37 -40.56
C TYR C 2331 -27.68 -67.48 -41.78
N LEU C 2332 -27.23 -68.05 -42.90
CA LEU C 2332 -27.11 -67.33 -44.15
C LEU C 2332 -28.35 -67.42 -45.03
N ASP C 2333 -29.15 -68.48 -44.87
CA ASP C 2333 -30.34 -68.67 -45.67
C ASP C 2333 -31.42 -67.66 -45.29
N PHE C 2334 -31.52 -67.33 -44.00
CA PHE C 2334 -32.40 -66.26 -43.56
C PHE C 2334 -31.90 -64.90 -44.05
N LEU C 2335 -30.58 -64.70 -44.06
CA LEU C 2335 -30.00 -63.44 -44.50
C LEU C 2335 -30.23 -63.22 -45.99
N ARG C 2336 -30.11 -64.28 -46.79
CA ARG C 2336 -30.29 -64.16 -48.24
C ARG C 2336 -31.74 -63.88 -48.60
N PHE C 2337 -32.68 -64.54 -47.93
CA PHE C 2337 -34.09 -64.24 -48.15
C PHE C 2337 -34.49 -62.89 -47.57
N ALA C 2338 -33.76 -62.39 -46.57
CA ALA C 2338 -33.99 -61.03 -46.11
C ALA C 2338 -33.46 -59.99 -47.09
N VAL C 2339 -32.40 -60.32 -47.82
CA VAL C 2339 -31.84 -59.37 -48.78
C VAL C 2339 -32.63 -59.38 -50.08
N PHE C 2340 -32.76 -60.54 -50.72
CA PHE C 2340 -33.33 -60.60 -52.06
C PHE C 2340 -34.70 -61.25 -52.01
N VAL C 2341 -35.70 -60.55 -52.53
CA VAL C 2341 -37.04 -61.10 -52.74
C VAL C 2341 -37.49 -60.74 -54.16
N ASN C 2342 -37.66 -61.76 -55.01
CA ASN C 2342 -38.52 -61.72 -56.20
C ASN C 2342 -37.99 -60.75 -57.26
N GLY C 2343 -36.80 -61.06 -57.77
CA GLY C 2343 -36.29 -60.48 -59.00
C GLY C 2343 -35.85 -59.03 -58.93
N GLU C 2344 -35.84 -58.43 -57.75
CA GLU C 2344 -35.36 -57.06 -57.61
C GLU C 2344 -34.54 -56.95 -56.33
N SER C 2345 -33.40 -56.28 -56.42
CA SER C 2345 -32.50 -56.12 -55.28
C SER C 2345 -32.91 -54.92 -54.43
N VAL C 2346 -32.62 -55.01 -53.14
CA VAL C 2346 -32.80 -53.87 -52.24
C VAL C 2346 -31.62 -52.93 -52.41
N GLU C 2347 -31.88 -51.62 -52.29
CA GLU C 2347 -30.83 -50.62 -52.45
C GLU C 2347 -30.27 -50.13 -51.13
N GLU C 2348 -30.97 -50.35 -50.01
CA GLU C 2348 -30.48 -49.96 -48.69
C GLU C 2348 -29.83 -51.10 -47.93
N ASN C 2349 -30.53 -52.23 -47.78
CA ASN C 2349 -30.05 -53.32 -46.94
C ASN C 2349 -28.84 -54.03 -47.55
N ALA C 2350 -28.73 -54.02 -48.88
CA ALA C 2350 -27.57 -54.61 -49.54
C ALA C 2350 -26.31 -53.78 -49.30
N ASN C 2351 -26.45 -52.50 -48.96
CA ASN C 2351 -25.30 -51.69 -48.60
C ASN C 2351 -24.87 -51.94 -47.17
N VAL C 2352 -25.82 -52.29 -46.29
CA VAL C 2352 -25.51 -52.45 -44.86
C VAL C 2352 -25.08 -53.88 -44.53
N VAL C 2353 -25.44 -54.87 -45.36
CA VAL C 2353 -25.08 -56.25 -45.00
C VAL C 2353 -23.59 -56.53 -45.21
N VAL C 2354 -22.96 -55.94 -46.23
CA VAL C 2354 -21.61 -56.31 -46.63
C VAL C 2354 -20.56 -55.77 -45.65
N ARG C 2355 -20.62 -54.48 -45.28
CA ARG C 2355 -19.62 -53.99 -44.34
C ARG C 2355 -19.88 -54.44 -42.91
N LEU C 2356 -21.11 -54.84 -42.57
CA LEU C 2356 -21.36 -55.48 -41.29
C LEU C 2356 -20.95 -56.95 -41.30
N LEU C 2357 -20.77 -57.54 -42.48
CA LEU C 2357 -20.24 -58.88 -42.65
C LEU C 2357 -18.72 -58.93 -42.61
N ILE C 2358 -18.05 -58.02 -43.33
CA ILE C 2358 -16.63 -58.18 -43.62
C ILE C 2358 -15.69 -57.57 -42.59
N ARG C 2359 -16.20 -56.82 -41.61
CA ARG C 2359 -15.35 -56.46 -40.48
C ARG C 2359 -15.38 -57.52 -39.39
N LYS C 2360 -16.19 -58.56 -39.55
CA LYS C 2360 -16.17 -59.73 -38.68
C LYS C 2360 -15.14 -60.70 -39.23
N PRO C 2361 -14.04 -60.96 -38.53
CA PRO C 2361 -13.01 -61.85 -39.09
C PRO C 2361 -13.37 -63.33 -38.97
N GLU C 2362 -14.20 -63.67 -37.98
CA GLU C 2362 -14.54 -65.05 -37.69
C GLU C 2362 -15.79 -65.55 -38.42
N CYS C 2363 -16.55 -64.65 -39.04
CA CYS C 2363 -17.79 -65.05 -39.71
C CYS C 2363 -17.56 -65.78 -41.02
N PHE C 2364 -16.36 -65.66 -41.60
CA PHE C 2364 -16.01 -66.37 -42.82
C PHE C 2364 -15.48 -67.76 -42.46
N GLY C 2365 -15.02 -68.49 -43.46
CA GLY C 2365 -14.39 -69.78 -43.24
C GLY C 2365 -12.97 -69.63 -42.75
N PRO C 2366 -12.40 -70.74 -42.28
CA PRO C 2366 -11.02 -70.70 -41.78
C PRO C 2366 -9.96 -70.69 -42.87
N ALA C 2367 -10.35 -70.91 -44.13
CA ALA C 2367 -9.38 -70.91 -45.22
C ALA C 2367 -9.01 -69.50 -45.63
N LEU C 2368 -10.01 -68.67 -45.95
CA LEU C 2368 -9.78 -67.30 -46.38
C LEU C 2368 -9.76 -66.30 -45.23
N ARG C 2369 -9.54 -66.77 -43.99
CA ARG C 2369 -9.50 -65.87 -42.84
C ARG C 2369 -8.21 -65.07 -42.81
N GLY C 2373 -3.62 -68.19 -44.55
CA GLY C 2373 -4.73 -67.90 -45.45
C GLY C 2373 -4.65 -68.70 -46.73
N SER C 2374 -5.14 -69.94 -46.69
CA SER C 2374 -5.12 -70.81 -47.85
C SER C 2374 -6.25 -70.43 -48.82
N GLY C 2375 -6.19 -71.04 -50.01
CA GLY C 2375 -7.16 -70.76 -51.05
C GLY C 2375 -8.51 -71.40 -50.79
N LEU C 2376 -9.42 -71.16 -51.74
CA LEU C 2376 -10.78 -71.64 -51.62
C LEU C 2376 -10.87 -73.13 -51.99
N LEU C 2377 -10.10 -73.57 -52.97
CA LEU C 2377 -10.09 -74.98 -53.35
C LEU C 2377 -9.34 -75.83 -52.32
N ALA C 2378 -8.48 -75.22 -51.52
CA ALA C 2378 -7.75 -75.97 -50.49
C ALA C 2378 -8.64 -76.46 -49.37
N ALA C 2379 -9.82 -75.86 -49.18
CA ALA C 2379 -10.81 -76.42 -48.27
C ALA C 2379 -11.59 -77.55 -48.93
N ILE C 2380 -12.01 -77.36 -50.18
CA ILE C 2380 -12.92 -78.33 -50.80
C ILE C 2380 -12.17 -79.60 -51.24
N GLU C 2381 -10.86 -79.50 -51.52
CA GLU C 2381 -10.10 -80.68 -51.92
C GLU C 2381 -9.84 -81.59 -50.73
N GLU C 2382 -9.67 -81.01 -49.55
CA GLU C 2382 -9.64 -81.80 -48.33
C GLU C 2382 -11.03 -82.29 -47.95
N ALA C 2383 -12.06 -81.50 -48.23
CA ALA C 2383 -13.43 -81.83 -47.84
C ALA C 2383 -13.95 -83.04 -48.59
N ILE C 2384 -13.69 -83.11 -49.90
CA ILE C 2384 -14.11 -84.26 -50.70
C ILE C 2384 -13.39 -85.53 -50.23
N ARG C 2385 -12.11 -85.42 -49.89
CA ARG C 2385 -11.36 -86.63 -49.56
C ARG C 2385 -11.68 -87.10 -48.14
N ILE C 2386 -11.97 -86.17 -47.22
CA ILE C 2386 -12.44 -86.58 -45.90
C ILE C 2386 -13.91 -87.01 -45.92
N SER C 2387 -14.65 -86.66 -46.97
CA SER C 2387 -15.98 -87.24 -47.13
C SER C 2387 -15.90 -88.64 -47.75
N GLU C 2388 -14.85 -88.89 -48.53
CA GLU C 2388 -14.65 -90.23 -49.07
C GLU C 2388 -14.10 -91.20 -48.04
N ASP C 2389 -13.20 -90.74 -47.17
CA ASP C 2389 -12.65 -91.62 -46.13
C ASP C 2389 -13.67 -91.81 -45.02
N PRO C 2390 -13.92 -93.06 -44.59
CA PRO C 2390 -14.94 -93.29 -43.56
C PRO C 2390 -14.49 -92.90 -42.16
N ALA C 2391 -13.20 -93.01 -41.87
CA ALA C 2391 -12.69 -92.66 -40.54
C ALA C 2391 -12.55 -91.16 -40.35
N ARG C 2392 -12.25 -90.42 -41.43
CA ARG C 2392 -12.17 -88.97 -41.33
C ARG C 2392 -13.54 -88.33 -41.22
N ASP C 2393 -14.58 -88.99 -41.72
CA ASP C 2393 -15.95 -88.52 -41.63
C ASP C 2393 -16.58 -89.05 -40.35
N GLY C 2394 -17.90 -88.93 -40.25
CA GLY C 2394 -18.62 -89.41 -39.10
C GLY C 2394 -18.68 -90.93 -39.06
N PRO C 2395 -18.07 -91.53 -38.03
CA PRO C 2395 -18.04 -92.96 -37.72
C PRO C 2395 -17.98 -93.20 -36.22
N ASN C 2414 -27.28 -89.58 -37.19
CA ASN C 2414 -26.72 -90.42 -38.24
C ASN C 2414 -26.75 -89.71 -39.60
N ARG C 2415 -27.65 -88.74 -39.74
CA ARG C 2415 -27.76 -87.96 -40.97
C ARG C 2415 -26.82 -86.77 -41.01
N VAL C 2416 -26.34 -86.32 -39.86
CA VAL C 2416 -25.45 -85.16 -39.79
C VAL C 2416 -24.06 -85.59 -40.23
N HIS C 2417 -23.53 -84.92 -41.26
CA HIS C 2417 -22.25 -85.30 -41.87
C HIS C 2417 -21.32 -84.11 -42.00
N LEU C 2418 -20.12 -84.26 -41.42
CA LEU C 2418 -19.07 -83.27 -41.50
C LEU C 2418 -18.47 -83.16 -42.89
N GLY C 2419 -18.72 -84.13 -43.78
CA GLY C 2419 -18.25 -84.09 -45.15
C GLY C 2419 -19.15 -83.36 -46.10
N HIS C 2420 -20.37 -83.06 -45.70
CA HIS C 2420 -21.29 -82.28 -46.51
C HIS C 2420 -21.61 -80.92 -45.92
N ALA C 2421 -21.53 -80.79 -44.59
CA ALA C 2421 -21.73 -79.49 -43.97
C ALA C 2421 -20.62 -78.49 -44.32
N ILE C 2422 -19.40 -78.98 -44.55
CA ILE C 2422 -18.25 -78.13 -44.86
C ILE C 2422 -18.44 -77.41 -46.20
N MET C 2423 -19.08 -78.07 -47.16
CA MET C 2423 -19.36 -77.45 -48.44
C MET C 2423 -20.69 -76.71 -48.43
N SER C 2424 -21.65 -77.15 -47.61
CA SER C 2424 -22.94 -76.45 -47.49
C SER C 2424 -22.77 -75.07 -46.86
N PHE C 2425 -21.84 -74.96 -45.90
CA PHE C 2425 -21.49 -73.65 -45.34
C PHE C 2425 -20.95 -72.71 -46.39
N TYR C 2426 -20.05 -73.19 -47.25
CA TYR C 2426 -19.47 -72.35 -48.29
C TYR C 2426 -20.51 -71.96 -49.32
N ALA C 2427 -21.43 -72.87 -49.66
CA ALA C 2427 -22.48 -72.57 -50.62
C ALA C 2427 -23.47 -71.55 -50.08
N ALA C 2428 -23.76 -71.60 -48.78
CA ALA C 2428 -24.57 -70.55 -48.16
C ALA C 2428 -23.81 -69.24 -48.06
N LEU C 2429 -22.47 -69.30 -48.03
CA LEU C 2429 -21.68 -68.07 -47.92
C LEU C 2429 -21.58 -67.33 -49.25
N ILE C 2430 -21.29 -68.04 -50.34
CA ILE C 2430 -20.79 -67.36 -51.55
C ILE C 2430 -21.93 -66.73 -52.34
N ASP C 2431 -23.09 -67.40 -52.37
CA ASP C 2431 -24.19 -66.96 -53.22
C ASP C 2431 -24.84 -65.68 -52.69
N LEU C 2432 -24.79 -65.47 -51.37
CA LEU C 2432 -25.26 -64.22 -50.80
C LEU C 2432 -24.38 -63.05 -51.23
N LEU C 2433 -23.07 -63.27 -51.33
CA LEU C 2433 -22.19 -62.29 -51.94
C LEU C 2433 -22.46 -62.15 -53.43
N GLY C 2434 -23.01 -63.19 -54.06
CA GLY C 2434 -23.35 -63.10 -55.47
C GLY C 2434 -24.55 -62.20 -55.74
N ARG C 2435 -25.63 -62.38 -54.97
CA ARG C 2435 -26.86 -61.62 -55.19
C ARG C 2435 -27.10 -60.57 -54.10
N CYS C 2436 -26.05 -60.16 -53.39
CA CYS C 2436 -26.06 -58.92 -52.62
C CYS C 2436 -25.53 -57.74 -53.42
N ALA C 2437 -25.06 -57.97 -54.63
CA ALA C 2437 -24.57 -56.89 -55.48
C ALA C 2437 -25.74 -56.08 -56.02
N PRO C 2438 -25.55 -54.78 -56.24
CA PRO C 2438 -26.61 -53.97 -56.87
C PRO C 2438 -26.73 -54.27 -58.35
N GLU C 2439 -27.75 -53.68 -58.96
CA GLU C 2439 -28.11 -54.00 -60.34
C GLU C 2439 -27.18 -53.31 -61.34
N MET C 2440 -27.35 -53.69 -62.61
CA MET C 2440 -26.40 -53.28 -63.65
C MET C 2440 -26.63 -51.86 -64.14
N HIS C 2441 -27.87 -51.38 -64.12
CA HIS C 2441 -28.14 -50.00 -64.50
C HIS C 2441 -27.79 -49.01 -63.39
N LEU C 2442 -27.37 -49.49 -62.22
CA LEU C 2442 -26.70 -48.67 -61.22
C LEU C 2442 -25.18 -48.68 -61.39
N ILE C 2443 -24.63 -49.45 -62.32
CA ILE C 2443 -23.20 -49.43 -62.55
C ILE C 2443 -22.79 -48.27 -63.45
N GLN C 2444 -23.48 -48.07 -64.57
CA GLN C 2444 -23.13 -46.98 -65.49
C GLN C 2444 -23.55 -45.61 -64.99
N ALA C 2445 -24.38 -45.54 -63.94
CA ALA C 2445 -24.88 -44.25 -63.46
C ALA C 2445 -23.86 -43.56 -62.55
N GLY C 2446 -24.31 -42.50 -61.89
CA GLY C 2446 -23.48 -41.71 -61.00
C GLY C 2446 -23.53 -42.15 -59.55
N LYS C 2447 -23.62 -43.46 -59.33
CA LYS C 2447 -23.58 -44.02 -57.98
C LYS C 2447 -22.13 -44.02 -57.51
N GLY C 2448 -21.84 -43.26 -56.46
CA GLY C 2448 -20.46 -43.14 -56.01
C GLY C 2448 -19.96 -44.29 -55.16
N GLU C 2449 -20.87 -45.10 -54.60
CA GLU C 2449 -20.48 -46.19 -53.72
C GLU C 2449 -21.02 -47.56 -54.13
N ALA C 2450 -21.96 -47.62 -55.07
CA ALA C 2450 -22.49 -48.92 -55.47
C ALA C 2450 -21.47 -49.75 -56.25
N LEU C 2451 -20.49 -49.10 -56.88
CA LEU C 2451 -19.38 -49.80 -57.51
C LEU C 2451 -18.34 -50.23 -56.48
N ARG C 2452 -18.35 -49.65 -55.28
CA ARG C 2452 -17.25 -49.90 -54.38
C ARG C 2452 -17.38 -51.23 -53.64
N ILE C 2453 -18.60 -51.59 -53.23
CA ILE C 2453 -18.83 -52.92 -52.66
C ILE C 2453 -18.54 -54.01 -53.70
N ARG C 2454 -18.89 -53.73 -54.97
CA ARG C 2454 -18.45 -54.53 -56.10
C ARG C 2454 -16.94 -54.68 -56.18
N ALA C 2455 -16.20 -53.58 -55.98
CA ALA C 2455 -14.74 -53.61 -56.07
C ALA C 2455 -14.12 -54.38 -54.91
N ILE C 2456 -14.57 -54.13 -53.68
CA ILE C 2456 -14.05 -54.86 -52.53
C ILE C 2456 -14.47 -56.32 -52.54
N LEU C 2457 -15.58 -56.65 -53.21
CA LEU C 2457 -16.06 -58.02 -53.30
C LEU C 2457 -15.34 -58.79 -54.41
N ARG C 2458 -14.86 -58.10 -55.45
CA ARG C 2458 -13.94 -58.73 -56.38
C ARG C 2458 -12.50 -58.75 -55.88
N SER C 2459 -12.16 -57.90 -54.91
CA SER C 2459 -10.82 -57.86 -54.34
C SER C 2459 -10.59 -58.87 -53.23
N LEU C 2460 -11.57 -59.12 -52.36
CA LEU C 2460 -11.33 -60.06 -51.27
C LEU C 2460 -11.39 -61.51 -51.78
N VAL C 2461 -12.38 -61.81 -52.61
CA VAL C 2461 -12.54 -63.13 -53.21
C VAL C 2461 -11.87 -63.11 -54.58
N PRO C 2462 -10.93 -63.99 -54.85
CA PRO C 2462 -10.27 -64.01 -56.17
C PRO C 2462 -11.15 -64.66 -57.24
N LEU C 2463 -10.68 -64.56 -58.48
CA LEU C 2463 -11.39 -65.04 -59.66
C LEU C 2463 -10.92 -66.40 -60.14
N ASP C 2464 -9.61 -66.69 -60.02
CA ASP C 2464 -9.06 -67.96 -60.49
C ASP C 2464 -9.40 -69.11 -59.54
N ASP C 2465 -9.92 -68.80 -58.35
CA ASP C 2465 -10.47 -69.82 -57.47
C ASP C 2465 -11.86 -70.27 -57.91
N LEU C 2466 -12.49 -69.58 -58.86
CA LEU C 2466 -13.80 -70.01 -59.37
C LEU C 2466 -13.65 -71.13 -60.40
N VAL C 2467 -12.61 -71.06 -61.23
CA VAL C 2467 -12.51 -71.99 -62.35
C VAL C 2467 -12.11 -73.38 -61.89
N GLY C 2468 -11.46 -73.51 -60.73
CA GLY C 2468 -11.13 -74.83 -60.22
C GLY C 2468 -12.35 -75.62 -59.76
N ILE C 2469 -13.24 -74.96 -59.01
CA ILE C 2469 -14.43 -75.66 -58.55
C ILE C 2469 -15.43 -75.85 -59.69
N ILE C 2470 -15.46 -74.94 -60.68
CA ILE C 2470 -16.29 -75.24 -61.85
C ILE C 2470 -15.61 -76.27 -62.76
N SER C 2471 -14.31 -76.52 -62.57
CA SER C 2471 -13.56 -77.51 -63.34
C SER C 2471 -13.49 -78.88 -62.67
N LEU C 2472 -13.87 -79.00 -61.41
CA LEU C 2472 -13.77 -80.28 -60.71
C LEU C 2472 -14.88 -81.22 -61.20
N PRO C 2473 -14.53 -82.43 -61.65
CA PRO C 2473 -15.54 -83.33 -62.22
C PRO C 2473 -16.40 -84.00 -61.15
N LEU C 2474 -17.34 -84.82 -61.62
CA LEU C 2474 -18.28 -85.49 -60.74
C LEU C 2474 -17.93 -86.97 -60.58
N GLN C 2475 -18.46 -87.55 -59.50
CA GLN C 2475 -18.52 -88.99 -59.30
C GLN C 2475 -19.94 -89.42 -59.70
N ILE C 2476 -20.17 -89.44 -61.01
CA ILE C 2476 -21.52 -89.67 -61.53
C ILE C 2476 -21.87 -91.15 -61.39
N PRO C 2477 -23.09 -91.50 -60.98
CA PRO C 2477 -23.49 -92.90 -60.90
C PRO C 2477 -23.53 -93.58 -62.26
N THR C 2478 -23.07 -94.83 -62.30
CA THR C 2478 -23.07 -95.63 -63.51
C THR C 2478 -23.08 -97.11 -63.12
N LEU C 2479 -23.37 -97.96 -64.09
CA LEU C 2479 -23.37 -99.41 -63.89
C LEU C 2479 -22.35 -100.06 -64.82
N VAL C 2486 -24.62 -98.56 -59.15
CA VAL C 2486 -24.50 -97.78 -57.93
C VAL C 2486 -25.05 -96.38 -58.12
N GLN C 2487 -25.28 -95.71 -56.99
CA GLN C 2487 -25.56 -94.28 -56.98
C GLN C 2487 -25.14 -93.74 -55.60
N PRO C 2488 -24.25 -92.76 -55.56
CA PRO C 2488 -23.60 -92.39 -54.30
C PRO C 2488 -24.52 -91.59 -53.38
N LYS C 2489 -23.96 -91.23 -52.23
CA LYS C 2489 -24.73 -90.57 -51.18
C LYS C 2489 -24.91 -89.09 -51.51
N MET C 2490 -26.12 -88.58 -51.27
CA MET C 2490 -26.39 -87.16 -51.44
C MET C 2490 -25.99 -86.32 -50.23
N SER C 2491 -25.80 -86.93 -49.06
CA SER C 2491 -25.27 -86.23 -47.90
C SER C 2491 -23.79 -86.54 -47.67
N ALA C 2492 -23.09 -87.09 -48.68
CA ALA C 2492 -21.66 -87.32 -48.55
C ALA C 2492 -20.88 -87.05 -49.83
N SER C 2493 -21.51 -86.56 -50.89
CA SER C 2493 -20.82 -86.27 -52.15
C SER C 2493 -21.16 -84.85 -52.58
N PHE C 2494 -20.54 -84.42 -53.68
CA PHE C 2494 -20.72 -83.07 -54.21
C PHE C 2494 -21.98 -83.11 -55.09
N VAL C 2495 -23.11 -82.69 -54.53
CA VAL C 2495 -24.36 -82.53 -55.28
C VAL C 2495 -24.38 -81.12 -55.84
N PRO C 2496 -25.11 -80.83 -56.95
CA PRO C 2496 -24.97 -79.51 -57.59
C PRO C 2496 -25.69 -78.35 -56.90
N ASP C 2497 -26.16 -78.56 -55.66
CA ASP C 2497 -26.74 -77.48 -54.87
C ASP C 2497 -25.71 -76.40 -54.55
N HIS C 2498 -24.44 -76.77 -54.56
CA HIS C 2498 -23.33 -75.89 -54.21
C HIS C 2498 -22.69 -75.37 -55.49
N LYS C 2499 -22.80 -76.17 -56.56
CA LYS C 2499 -22.44 -75.78 -57.91
C LYS C 2499 -23.35 -74.67 -58.42
N ALA C 2500 -24.59 -74.61 -57.92
CA ALA C 2500 -25.54 -73.57 -58.30
C ALA C 2500 -25.26 -72.21 -57.67
N SER C 2501 -24.20 -72.07 -56.88
CA SER C 2501 -23.87 -70.79 -56.25
C SER C 2501 -22.82 -70.02 -57.04
N MET C 2502 -21.70 -70.67 -57.40
CA MET C 2502 -20.61 -69.97 -58.08
C MET C 2502 -20.97 -69.60 -59.51
N VAL C 2503 -21.96 -70.26 -60.11
CA VAL C 2503 -22.37 -69.90 -61.46
C VAL C 2503 -23.11 -68.55 -61.47
N LEU C 2504 -23.84 -68.23 -60.40
CA LEU C 2504 -24.42 -66.90 -60.27
C LEU C 2504 -23.46 -65.91 -59.66
N PHE C 2505 -22.47 -66.39 -58.91
CA PHE C 2505 -21.38 -65.56 -58.42
C PHE C 2505 -20.49 -65.13 -59.58
N LEU C 2506 -20.47 -65.91 -60.66
CA LEU C 2506 -19.80 -65.56 -61.92
C LEU C 2506 -20.57 -64.53 -62.73
N ASP C 2507 -21.90 -64.49 -62.57
CA ASP C 2507 -22.77 -63.89 -63.58
C ASP C 2507 -22.70 -62.37 -63.61
N ARG C 2508 -23.14 -61.72 -62.54
CA ARG C 2508 -23.31 -60.28 -62.60
C ARG C 2508 -22.39 -59.48 -61.68
N VAL C 2509 -21.81 -60.09 -60.65
CA VAL C 2509 -20.89 -59.34 -59.78
C VAL C 2509 -19.43 -59.43 -60.26
N TYR C 2510 -19.08 -60.48 -60.99
CA TYR C 2510 -17.80 -60.51 -61.70
C TYR C 2510 -17.99 -60.21 -63.18
N GLY C 2511 -18.87 -60.94 -63.85
CA GLY C 2511 -19.26 -60.59 -65.20
C GLY C 2511 -18.25 -60.95 -66.27
N ILE C 2512 -18.70 -60.97 -67.52
CA ILE C 2512 -17.85 -61.21 -68.67
C ILE C 2512 -18.06 -60.11 -69.71
N GLU C 2513 -16.97 -59.61 -70.26
CA GLU C 2513 -16.98 -58.54 -71.25
C GLU C 2513 -16.32 -58.93 -72.55
N ASN C 2514 -15.12 -59.52 -72.50
CA ASN C 2514 -14.47 -60.06 -73.68
C ASN C 2514 -14.44 -61.58 -73.62
N GLN C 2515 -13.85 -62.19 -74.65
CA GLN C 2515 -14.13 -63.59 -74.97
C GLN C 2515 -13.03 -64.57 -74.58
N ASP C 2516 -11.81 -64.12 -74.28
CA ASP C 2516 -10.75 -65.06 -73.91
C ASP C 2516 -11.01 -65.75 -72.59
N PHE C 2517 -11.86 -65.17 -71.74
CA PHE C 2517 -12.42 -65.88 -70.60
C PHE C 2517 -13.73 -66.58 -70.94
N LEU C 2518 -14.43 -66.16 -72.01
CA LEU C 2518 -15.69 -66.81 -72.38
C LEU C 2518 -15.43 -68.21 -72.93
N LEU C 2519 -14.37 -68.37 -73.71
CA LEU C 2519 -14.03 -69.69 -74.22
C LEU C 2519 -13.33 -70.55 -73.17
N HIS C 2520 -13.11 -70.02 -71.96
CA HIS C 2520 -12.50 -70.77 -70.86
C HIS C 2520 -13.43 -71.04 -69.68
N VAL C 2521 -14.51 -70.28 -69.52
CA VAL C 2521 -15.51 -70.62 -68.51
C VAL C 2521 -16.36 -71.82 -68.95
N LEU C 2522 -16.43 -72.10 -70.25
CA LEU C 2522 -17.12 -73.27 -70.76
C LEU C 2522 -16.19 -74.27 -71.43
N ASP C 2523 -14.89 -74.17 -71.13
CA ASP C 2523 -13.92 -75.14 -71.65
C ASP C 2523 -14.05 -76.47 -70.91
N VAL C 2524 -13.94 -76.43 -69.58
CA VAL C 2524 -14.19 -77.58 -68.73
C VAL C 2524 -15.40 -77.34 -67.82
N GLY C 2525 -15.88 -76.10 -67.72
CA GLY C 2525 -16.82 -75.75 -66.67
C GLY C 2525 -18.21 -76.34 -66.85
N PHE C 2526 -18.68 -76.46 -68.09
CA PHE C 2526 -20.06 -76.89 -68.31
C PHE C 2526 -20.17 -78.23 -69.03
N LEU C 2527 -19.36 -78.44 -70.06
CA LEU C 2527 -19.52 -79.51 -71.05
C LEU C 2527 -19.10 -80.93 -70.66
N PRO C 2528 -18.01 -81.17 -69.89
CA PRO C 2528 -17.78 -82.53 -69.39
C PRO C 2528 -18.83 -83.02 -68.41
N ASP C 2529 -19.57 -82.12 -67.76
CA ASP C 2529 -20.71 -82.48 -66.94
C ASP C 2529 -22.02 -82.47 -67.70
N MET C 2530 -22.15 -81.64 -68.73
CA MET C 2530 -23.38 -81.67 -69.51
C MET C 2530 -23.42 -82.89 -70.44
N ARG C 2531 -22.26 -83.37 -70.89
CA ARG C 2531 -22.24 -84.67 -71.56
C ARG C 2531 -22.38 -85.82 -70.57
N ALA C 2532 -22.02 -85.61 -69.30
CA ALA C 2532 -22.36 -86.58 -68.27
C ALA C 2532 -23.87 -86.64 -68.06
N ALA C 2533 -24.55 -85.50 -68.21
CA ALA C 2533 -26.02 -85.52 -68.25
C ALA C 2533 -26.52 -86.24 -69.49
N ALA C 2534 -25.82 -86.07 -70.61
CA ALA C 2534 -26.17 -86.76 -71.84
C ALA C 2534 -25.98 -88.27 -71.76
N SER C 2535 -25.11 -88.74 -70.87
CA SER C 2535 -24.83 -90.18 -70.76
C SER C 2535 -26.02 -90.96 -70.22
N LEU C 2536 -26.83 -90.37 -69.35
CA LEU C 2536 -28.00 -91.06 -68.82
C LEU C 2536 -29.22 -90.14 -68.96
N ASP C 2537 -29.49 -89.70 -70.19
CA ASP C 2537 -30.66 -88.86 -70.45
C ASP C 2537 -31.73 -89.61 -71.24
N THR C 2544 -33.13 -92.19 -60.84
CA THR C 2544 -32.01 -91.30 -61.11
C THR C 2544 -32.24 -89.92 -60.51
N GLU C 2545 -31.96 -89.77 -59.21
CA GLU C 2545 -32.16 -88.49 -58.54
C GLU C 2545 -31.03 -87.50 -58.84
N MET C 2546 -29.80 -88.00 -58.99
CA MET C 2546 -28.65 -87.11 -59.24
C MET C 2546 -28.74 -86.45 -60.61
N ALA C 2547 -29.32 -87.14 -61.59
CA ALA C 2547 -29.45 -86.61 -62.93
C ALA C 2547 -30.39 -85.40 -62.96
N LEU C 2548 -31.56 -85.53 -62.32
CA LEU C 2548 -32.46 -84.39 -62.22
C LEU C 2548 -31.96 -83.34 -61.24
N ALA C 2549 -31.16 -83.72 -60.25
CA ALA C 2549 -30.55 -82.74 -59.36
C ALA C 2549 -29.55 -81.85 -60.10
N LEU C 2550 -28.86 -82.41 -61.10
CA LEU C 2550 -27.97 -81.58 -61.92
C LEU C 2550 -28.69 -80.92 -63.09
N ASN C 2551 -29.83 -81.46 -63.54
CA ASN C 2551 -30.66 -80.69 -64.47
C ASN C 2551 -31.37 -79.53 -63.81
N ARG C 2552 -31.61 -79.57 -62.48
CA ARG C 2552 -31.96 -78.35 -61.74
C ARG C 2552 -30.95 -77.25 -61.98
N TYR C 2553 -29.67 -77.56 -61.78
CA TYR C 2553 -28.56 -76.66 -62.13
C TYR C 2553 -28.59 -76.22 -63.59
N LEU C 2554 -28.74 -77.19 -64.51
CA LEU C 2554 -28.58 -76.90 -65.93
C LEU C 2554 -29.73 -76.04 -66.46
N CYS C 2555 -30.93 -76.20 -65.91
CA CYS C 2555 -32.09 -75.43 -66.35
C CYS C 2555 -32.44 -74.29 -65.38
N LEU C 2556 -31.62 -74.06 -64.35
CA LEU C 2556 -31.76 -72.88 -63.51
C LEU C 2556 -30.67 -71.84 -63.70
N ALA C 2557 -29.44 -72.24 -64.01
CA ALA C 2557 -28.30 -71.36 -63.84
C ALA C 2557 -27.57 -71.05 -65.13
N VAL C 2558 -27.12 -72.08 -65.86
CA VAL C 2558 -26.13 -71.87 -66.91
C VAL C 2558 -26.76 -71.27 -68.16
N LEU C 2559 -28.04 -71.51 -68.41
CA LEU C 2559 -28.67 -70.98 -69.60
C LEU C 2559 -29.02 -69.49 -69.51
N PRO C 2560 -29.44 -68.93 -68.36
CA PRO C 2560 -29.43 -67.45 -68.25
C PRO C 2560 -28.02 -66.84 -68.19
N LEU C 2561 -26.97 -67.63 -68.01
CA LEU C 2561 -25.62 -67.09 -68.14
C LEU C 2561 -25.25 -66.85 -69.60
N ILE C 2562 -25.67 -67.74 -70.51
CA ILE C 2562 -25.25 -67.63 -71.90
C ILE C 2562 -26.31 -66.95 -72.77
N THR C 2563 -27.57 -66.88 -72.33
CA THR C 2563 -28.57 -66.14 -73.07
C THR C 2563 -28.31 -64.63 -72.99
N LYS C 2564 -27.88 -64.15 -71.83
CA LYS C 2564 -27.60 -62.73 -71.65
C LYS C 2564 -26.31 -62.30 -72.35
N CYS C 2565 -25.41 -63.22 -72.67
CA CYS C 2565 -24.19 -62.92 -73.40
C CYS C 2565 -24.18 -63.52 -74.79
N ALA C 2566 -25.34 -63.98 -75.27
CA ALA C 2566 -25.52 -64.35 -76.67
C ALA C 2566 -25.11 -63.31 -77.72
N PRO C 2567 -25.28 -61.98 -77.54
CA PRO C 2567 -24.77 -61.07 -78.58
C PRO C 2567 -23.25 -60.98 -78.65
N LEU C 2568 -22.52 -61.46 -77.67
CA LEU C 2568 -21.06 -61.38 -77.73
C LEU C 2568 -20.46 -62.52 -78.56
N PHE C 2569 -21.25 -63.56 -78.88
CA PHE C 2569 -20.79 -64.79 -79.54
C PHE C 2569 -20.43 -64.62 -81.02
N ALA C 2570 -20.25 -63.41 -81.53
CA ALA C 2570 -19.86 -63.20 -82.91
C ALA C 2570 -18.34 -63.28 -83.04
N GLY C 2571 -17.88 -64.03 -84.04
CA GLY C 2571 -16.46 -64.14 -84.29
C GLY C 2571 -15.83 -65.40 -83.74
N THR C 2572 -16.45 -66.55 -84.01
CA THR C 2572 -15.90 -67.84 -83.60
C THR C 2572 -15.08 -68.44 -84.75
N GLU C 2573 -13.86 -67.91 -84.89
CA GLU C 2573 -12.98 -68.32 -85.97
C GLU C 2573 -11.70 -68.99 -85.48
N HIS C 2574 -11.46 -69.04 -84.17
CA HIS C 2574 -10.22 -69.62 -83.65
C HIS C 2574 -10.38 -71.09 -83.29
N ARG C 2575 -11.33 -71.42 -82.42
CA ARG C 2575 -11.60 -72.79 -82.01
C ARG C 2575 -12.99 -73.19 -82.51
N ALA C 2576 -13.07 -74.37 -83.15
CA ALA C 2576 -14.23 -74.74 -83.93
C ALA C 2576 -14.82 -76.10 -83.59
N ILE C 2577 -14.23 -76.84 -82.66
CA ILE C 2577 -14.79 -78.13 -82.26
C ILE C 2577 -15.64 -77.96 -81.00
N MET C 2578 -15.33 -76.95 -80.19
CA MET C 2578 -16.07 -76.78 -78.93
C MET C 2578 -17.46 -76.19 -79.17
N VAL C 2579 -17.60 -75.32 -80.16
CA VAL C 2579 -18.93 -74.85 -80.57
C VAL C 2579 -19.73 -76.01 -81.14
N ASP C 2580 -19.06 -76.95 -81.82
CA ASP C 2580 -19.74 -78.13 -82.34
C ASP C 2580 -20.19 -79.05 -81.21
N SER C 2581 -19.41 -79.14 -80.14
CA SER C 2581 -19.79 -79.97 -79.01
C SER C 2581 -20.94 -79.36 -78.21
N MET C 2582 -20.98 -78.03 -78.10
CA MET C 2582 -22.12 -77.39 -77.44
C MET C 2582 -23.38 -77.51 -78.30
N LEU C 2583 -23.22 -77.37 -79.62
CA LEU C 2583 -24.32 -77.64 -80.56
C LEU C 2583 -24.79 -79.09 -80.49
N HIS C 2584 -23.86 -80.00 -80.18
CA HIS C 2584 -24.21 -81.40 -80.00
C HIS C 2584 -25.02 -81.62 -78.74
N THR C 2585 -24.58 -81.03 -77.63
CA THR C 2585 -25.24 -81.34 -76.36
C THR C 2585 -26.59 -80.64 -76.21
N VAL C 2586 -26.82 -79.50 -76.87
CA VAL C 2586 -28.12 -78.85 -76.74
C VAL C 2586 -29.18 -79.61 -77.54
N TYR C 2587 -28.82 -80.16 -78.70
CA TYR C 2587 -29.78 -80.98 -79.43
C TYR C 2587 -29.89 -82.37 -78.80
N ARG C 2588 -28.89 -82.79 -78.04
CA ARG C 2588 -28.97 -84.04 -77.28
C ARG C 2588 -30.00 -83.95 -76.15
N LEU C 2589 -29.92 -82.90 -75.33
CA LEU C 2589 -30.86 -82.77 -74.21
C LEU C 2589 -31.98 -81.75 -74.52
N SER C 2590 -32.25 -81.50 -75.80
CA SER C 2590 -33.50 -80.83 -76.16
C SER C 2590 -34.73 -81.70 -75.92
N ARG C 2591 -34.55 -83.02 -75.81
CA ARG C 2591 -35.65 -83.97 -75.62
C ARG C 2591 -35.36 -84.84 -74.41
N GLY C 2592 -36.42 -85.39 -73.83
CA GLY C 2592 -36.28 -86.28 -72.69
C GLY C 2592 -37.58 -86.68 -72.02
N ARG C 2593 -37.64 -87.91 -71.51
CA ARG C 2593 -38.81 -88.39 -70.78
C ARG C 2593 -38.82 -87.92 -69.33
N SER C 2594 -37.67 -87.46 -68.83
CA SER C 2594 -37.55 -86.92 -67.48
C SER C 2594 -37.50 -85.40 -67.48
N LEU C 2595 -38.27 -84.76 -68.37
CA LEU C 2595 -38.13 -83.34 -68.66
C LEU C 2595 -39.52 -82.73 -68.82
N THR C 2596 -39.81 -81.70 -68.02
CA THR C 2596 -41.09 -81.01 -68.12
C THR C 2596 -40.97 -79.80 -69.04
N LYS C 2597 -42.11 -79.22 -69.38
CA LYS C 2597 -42.13 -78.10 -70.32
C LYS C 2597 -41.62 -76.83 -69.65
N ALA C 2598 -41.94 -76.64 -68.36
CA ALA C 2598 -41.40 -75.52 -67.60
C ALA C 2598 -39.91 -75.65 -67.35
N GLN C 2599 -39.35 -76.85 -67.49
CA GLN C 2599 -37.91 -77.06 -67.34
C GLN C 2599 -37.18 -76.96 -68.68
N ARG C 2600 -37.85 -77.31 -69.79
CA ARG C 2600 -37.24 -77.24 -71.12
C ARG C 2600 -37.55 -75.95 -71.88
N ASP C 2601 -38.38 -75.07 -71.31
CA ASP C 2601 -38.63 -73.78 -71.95
C ASP C 2601 -37.37 -72.94 -72.02
N VAL C 2602 -36.48 -73.07 -71.03
CA VAL C 2602 -35.22 -72.32 -71.08
C VAL C 2602 -34.24 -72.91 -72.10
N ILE C 2603 -34.26 -74.21 -72.37
CA ILE C 2603 -33.48 -74.76 -73.49
C ILE C 2603 -34.06 -74.29 -74.81
N GLU C 2604 -35.40 -74.21 -74.90
CA GLU C 2604 -36.06 -73.73 -76.12
C GLU C 2604 -35.75 -72.26 -76.38
N ASP C 2605 -35.61 -71.45 -75.33
CA ASP C 2605 -35.20 -70.06 -75.50
C ASP C 2605 -33.69 -69.92 -75.59
N CYS C 2606 -32.93 -70.96 -75.22
CA CYS C 2606 -31.48 -70.94 -75.25
C CYS C 2606 -30.93 -71.26 -76.63
N LEU C 2607 -31.42 -72.33 -77.25
CA LEU C 2607 -30.81 -72.80 -78.49
C LEU C 2607 -31.10 -71.90 -79.68
N MET C 2608 -32.14 -71.06 -79.61
CA MET C 2608 -32.34 -70.11 -80.69
C MET C 2608 -31.38 -68.93 -80.62
N ALA C 2609 -31.16 -68.40 -79.40
CA ALA C 2609 -30.15 -67.37 -79.21
C ALA C 2609 -28.73 -67.92 -79.42
N LEU C 2610 -28.56 -69.23 -79.32
CA LEU C 2610 -27.32 -69.85 -79.77
C LEU C 2610 -27.28 -69.98 -81.31
N CYS C 2611 -28.42 -70.32 -81.92
CA CYS C 2611 -28.46 -70.58 -83.36
C CYS C 2611 -28.29 -69.30 -84.16
N ARG C 2612 -28.70 -68.17 -83.61
CA ARG C 2612 -28.31 -66.90 -84.19
C ARG C 2612 -27.22 -66.23 -83.35
N TYR C 2613 -26.81 -65.04 -83.79
CA TYR C 2613 -25.60 -64.33 -83.34
C TYR C 2613 -24.38 -65.23 -83.48
N ILE C 2614 -24.30 -65.93 -84.61
CA ILE C 2614 -23.24 -66.90 -84.89
C ILE C 2614 -23.05 -66.94 -86.39
N ARG C 2615 -21.89 -67.39 -86.82
CA ARG C 2615 -21.68 -67.56 -88.25
C ARG C 2615 -22.29 -68.88 -88.71
N PRO C 2616 -23.09 -68.88 -89.78
CA PRO C 2616 -23.84 -70.08 -90.16
C PRO C 2616 -23.05 -71.10 -90.98
N SER C 2617 -21.71 -71.04 -90.94
CA SER C 2617 -20.92 -71.96 -91.75
C SER C 2617 -20.81 -73.34 -91.13
N MET C 2618 -20.54 -73.43 -89.82
CA MET C 2618 -20.38 -74.72 -89.16
C MET C 2618 -21.59 -75.12 -88.33
N LEU C 2619 -22.73 -74.45 -88.52
CA LEU C 2619 -24.01 -74.94 -88.02
C LEU C 2619 -24.66 -75.89 -89.00
N GLN C 2620 -24.04 -76.07 -90.17
CA GLN C 2620 -24.45 -77.10 -91.11
C GLN C 2620 -24.24 -78.50 -90.55
N HIS C 2621 -23.27 -78.66 -89.64
CA HIS C 2621 -22.98 -79.95 -89.05
C HIS C 2621 -24.06 -80.40 -88.06
N LEU C 2622 -24.96 -79.49 -87.65
CA LEU C 2622 -26.12 -79.83 -86.83
C LEU C 2622 -27.45 -79.68 -87.55
N LEU C 2623 -27.52 -78.90 -88.64
CA LEU C 2623 -28.65 -79.13 -89.54
C LEU C 2623 -28.51 -80.44 -90.32
N ARG C 2624 -27.34 -81.09 -90.24
CA ARG C 2624 -27.22 -82.53 -90.47
C ARG C 2624 -28.32 -83.33 -89.77
N ARG C 2625 -28.32 -83.29 -88.43
CA ARG C 2625 -29.27 -84.08 -87.67
C ARG C 2625 -30.59 -83.36 -87.41
N LEU C 2626 -30.73 -82.10 -87.86
CA LEU C 2626 -32.06 -81.51 -87.91
C LEU C 2626 -32.96 -82.24 -88.90
N VAL C 2627 -32.41 -82.71 -90.03
CA VAL C 2627 -33.24 -83.25 -91.11
C VAL C 2627 -33.42 -84.77 -90.94
N PHE C 2628 -32.68 -85.40 -90.02
CA PHE C 2628 -32.72 -86.85 -89.87
C PHE C 2628 -34.01 -87.34 -89.22
N ASP C 2629 -34.58 -86.58 -88.30
CA ASP C 2629 -35.70 -87.05 -87.50
C ASP C 2629 -36.89 -86.11 -87.49
N VAL C 2630 -36.67 -84.81 -87.57
CA VAL C 2630 -37.75 -83.83 -87.38
C VAL C 2630 -38.67 -83.65 -88.58
N PRO C 2631 -38.23 -83.30 -89.81
CA PRO C 2631 -39.22 -82.96 -90.85
C PRO C 2631 -39.92 -84.16 -91.47
N ILE C 2632 -39.49 -85.38 -91.17
CA ILE C 2632 -40.30 -86.56 -91.49
C ILE C 2632 -41.41 -86.74 -90.46
N LEU C 2633 -41.23 -86.18 -89.27
CA LEU C 2633 -42.23 -86.24 -88.21
C LEU C 2633 -43.22 -85.09 -88.38
N ASN C 2634 -44.50 -85.41 -88.32
CA ASN C 2634 -45.56 -84.43 -88.48
C ASN C 2634 -46.18 -84.01 -87.15
N UNK C 2638 -39.92 -80.01 -78.60
CA UNK C 2638 -39.19 -81.12 -79.18
C UNK C 2638 -39.12 -80.99 -80.70
N UNK C 2639 -40.26 -80.77 -81.33
CA UNK C 2639 -40.32 -80.66 -82.78
C UNK C 2639 -40.61 -79.22 -83.22
N UNK C 2640 -41.49 -78.55 -82.48
CA UNK C 2640 -41.91 -77.18 -82.80
C UNK C 2640 -40.78 -76.19 -82.64
N UNK C 2641 -39.99 -76.36 -81.57
CA UNK C 2641 -38.85 -75.50 -81.31
C UNK C 2641 -37.77 -75.67 -82.37
N UNK C 2642 -37.54 -76.91 -82.78
CA UNK C 2642 -36.58 -77.22 -83.84
C UNK C 2642 -37.04 -76.67 -85.19
N UNK C 2643 -38.34 -76.74 -85.46
CA UNK C 2643 -38.91 -76.21 -86.70
C UNK C 2643 -38.81 -74.68 -86.74
N UNK C 2644 -39.09 -74.03 -85.61
CA UNK C 2644 -38.98 -72.58 -85.50
C UNK C 2644 -37.53 -72.13 -85.65
N UNK C 2645 -36.61 -72.89 -85.06
CA UNK C 2645 -35.18 -72.64 -85.17
C UNK C 2645 -34.70 -72.77 -86.63
N UNK C 2646 -35.14 -73.81 -87.30
CA UNK C 2646 -34.85 -74.05 -88.71
C UNK C 2646 -35.37 -72.93 -89.59
N UNK C 2647 -36.61 -72.50 -89.32
CA UNK C 2647 -37.25 -71.43 -90.08
C UNK C 2647 -36.53 -70.09 -89.91
N UNK C 2648 -36.17 -69.76 -88.67
CA UNK C 2648 -35.47 -68.52 -88.40
C UNK C 2648 -34.04 -68.54 -88.95
N UNK C 2649 -33.39 -69.71 -88.91
CA UNK C 2649 -32.06 -69.87 -89.50
C UNK C 2649 -32.10 -69.72 -91.02
N UNK C 2650 -33.14 -70.27 -91.64
CA UNK C 2650 -33.34 -70.14 -93.07
C UNK C 2650 -33.63 -68.69 -93.47
N UNK C 2651 -34.42 -68.00 -92.64
CA UNK C 2651 -34.73 -66.59 -92.85
C UNK C 2651 -33.47 -65.72 -92.76
N UNK C 2652 -32.63 -66.01 -91.77
CA UNK C 2652 -31.38 -65.25 -91.61
C UNK C 2652 -30.35 -65.60 -92.69
N UNK C 2653 -30.41 -66.82 -93.21
CA UNK C 2653 -29.54 -67.21 -94.31
C UNK C 2653 -29.98 -66.53 -95.61
N UNK C 2654 -31.29 -66.35 -95.75
CA UNK C 2654 -31.84 -65.66 -96.91
C UNK C 2654 -31.57 -64.16 -96.83
N UNK C 2655 -31.60 -63.61 -95.61
CA UNK C 2655 -31.32 -62.20 -95.40
C UNK C 2655 -29.83 -61.92 -95.56
N UNK C 2662 -24.29 -79.59 -100.48
CA UNK C 2662 -24.15 -79.81 -99.05
C UNK C 2662 -25.33 -79.18 -98.29
N UNK C 2663 -25.17 -77.91 -97.92
CA UNK C 2663 -26.20 -77.18 -97.17
C UNK C 2663 -27.45 -76.97 -98.01
N UNK C 2664 -27.26 -76.63 -99.29
CA UNK C 2664 -28.37 -76.44 -100.22
C UNK C 2664 -29.12 -77.75 -100.46
N UNK C 2665 -28.37 -78.85 -100.55
CA UNK C 2665 -28.95 -80.18 -100.74
C UNK C 2665 -29.73 -80.61 -99.51
N UNK C 2666 -29.20 -80.32 -98.33
CA UNK C 2666 -29.88 -80.62 -97.08
C UNK C 2666 -31.14 -79.79 -96.90
N UNK C 2667 -31.08 -78.53 -97.34
CA UNK C 2667 -32.25 -77.64 -97.29
C UNK C 2667 -33.34 -78.11 -98.25
N UNK C 2668 -32.93 -78.57 -99.43
CA UNK C 2668 -33.86 -79.15 -100.41
C UNK C 2668 -34.49 -80.42 -99.87
N UNK C 2669 -33.69 -81.24 -99.18
CA UNK C 2669 -34.19 -82.47 -98.55
C UNK C 2669 -35.18 -82.16 -97.43
N UNK C 2670 -34.89 -81.10 -96.68
CA UNK C 2670 -35.79 -80.65 -95.62
C UNK C 2670 -37.11 -80.15 -96.18
N UNK C 2671 -37.04 -79.40 -97.27
CA UNK C 2671 -38.23 -78.91 -97.97
C UNK C 2671 -39.06 -80.06 -98.52
N UNK C 2672 -38.39 -81.06 -99.09
CA UNK C 2672 -39.06 -82.25 -99.61
C UNK C 2672 -39.73 -83.07 -98.51
N UNK C 2673 -39.04 -83.21 -97.38
CA UNK C 2673 -39.57 -83.91 -96.22
C UNK C 2673 -40.78 -83.19 -95.63
N UNK C 2674 -40.71 -81.87 -95.58
CA UNK C 2674 -41.82 -81.04 -95.10
C UNK C 2674 -43.03 -81.15 -96.04
N UNK C 2675 -42.77 -81.15 -97.35
CA UNK C 2675 -43.84 -81.29 -98.34
C UNK C 2675 -44.47 -82.69 -98.30
N UNK C 2676 -43.65 -83.69 -97.97
CA UNK C 2676 -44.15 -85.06 -97.85
C UNK C 2676 -44.96 -85.22 -96.56
N UNK C 2677 -44.55 -84.54 -95.51
CA UNK C 2677 -45.24 -84.61 -94.22
C UNK C 2677 -46.56 -83.86 -94.25
N UNK C 2678 -46.59 -82.72 -94.96
CA UNK C 2678 -47.79 -81.92 -95.06
C UNK C 2678 -48.78 -82.56 -96.04
N UNK C 2686 -52.71 -75.54 -86.23
CA UNK C 2686 -51.84 -75.79 -85.10
C UNK C 2686 -50.38 -75.95 -85.54
N UNK C 2687 -50.03 -77.18 -85.91
CA UNK C 2687 -48.67 -77.47 -86.36
C UNK C 2687 -48.54 -77.24 -87.86
N UNK C 2688 -49.68 -77.20 -88.55
CA UNK C 2688 -49.71 -77.03 -89.99
C UNK C 2688 -49.24 -75.63 -90.41
N UNK C 2689 -49.63 -74.63 -89.63
CA UNK C 2689 -49.20 -73.25 -89.88
C UNK C 2689 -47.70 -73.09 -89.65
N UNK C 2690 -47.19 -73.75 -88.62
CA UNK C 2690 -45.77 -73.73 -88.32
C UNK C 2690 -44.96 -74.43 -89.41
N UNK C 2691 -45.49 -75.55 -89.91
CA UNK C 2691 -44.87 -76.28 -91.01
C UNK C 2691 -44.86 -75.47 -92.30
N UNK C 2692 -45.95 -74.75 -92.55
CA UNK C 2692 -46.06 -73.88 -93.72
C UNK C 2692 -45.09 -72.71 -93.63
N UNK C 2693 -44.95 -72.15 -92.43
CA UNK C 2693 -44.00 -71.06 -92.18
C UNK C 2693 -42.55 -71.54 -92.37
N UNK C 2694 -42.26 -72.74 -91.87
CA UNK C 2694 -40.94 -73.34 -92.02
C UNK C 2694 -40.62 -73.62 -93.48
N UNK C 2695 -41.61 -74.09 -94.23
CA UNK C 2695 -41.45 -74.35 -95.67
C UNK C 2695 -41.23 -73.05 -96.44
N UNK C 2696 -41.98 -72.00 -96.10
CA UNK C 2696 -41.84 -70.71 -96.74
C UNK C 2696 -40.50 -70.05 -96.41
N UNK C 2697 -39.98 -70.34 -95.22
CA UNK C 2697 -38.67 -69.84 -94.83
C UNK C 2697 -37.55 -70.60 -95.55
N UNK C 2698 -37.72 -71.92 -95.69
CA UNK C 2698 -36.72 -72.76 -96.32
C UNK C 2698 -36.70 -72.62 -97.83
N UNK C 2699 -37.82 -72.16 -98.40
CA UNK C 2699 -37.90 -71.94 -99.84
C UNK C 2699 -37.07 -70.74 -100.29
N UNK C 2700 -36.89 -69.78 -99.39
CA UNK C 2700 -36.09 -68.59 -99.68
C UNK C 2700 -34.60 -68.91 -99.67
N GLU C 2741 -25.35 -108.15 -97.47
CA GLU C 2741 -24.95 -109.56 -97.39
C GLU C 2741 -23.62 -109.83 -98.07
N THR C 2742 -22.52 -109.73 -97.32
CA THR C 2742 -21.19 -110.00 -97.86
C THR C 2742 -20.63 -111.34 -97.43
N LEU C 2743 -20.90 -111.78 -96.20
CA LEU C 2743 -20.44 -113.09 -95.76
C LEU C 2743 -21.25 -114.23 -96.36
N ASN C 2744 -22.47 -113.97 -96.81
CA ASN C 2744 -23.30 -114.96 -97.46
C ASN C 2744 -23.36 -114.74 -98.97
N VAL C 2745 -22.25 -114.33 -99.57
CA VAL C 2745 -22.18 -114.04 -101.00
C VAL C 2745 -21.39 -115.15 -101.68
N ILE C 2746 -21.59 -115.26 -102.99
CA ILE C 2746 -20.86 -116.21 -103.80
C ILE C 2746 -19.49 -115.64 -104.15
N ILE C 2747 -18.48 -116.51 -104.15
CA ILE C 2747 -17.12 -116.17 -104.50
C ILE C 2747 -16.79 -116.85 -105.82
N PRO C 2748 -16.58 -116.11 -106.91
CA PRO C 2748 -16.24 -116.75 -108.19
C PRO C 2748 -14.73 -116.97 -108.34
N GLU C 2749 -14.32 -117.48 -109.50
CA GLU C 2749 -12.90 -117.70 -109.75
C GLU C 2749 -12.15 -116.39 -109.99
N LYS C 2750 -12.85 -115.32 -110.32
CA LYS C 2750 -12.22 -114.02 -110.50
C LYS C 2750 -11.99 -113.31 -109.17
N LEU C 2751 -12.75 -113.65 -108.12
CA LEU C 2751 -12.59 -112.98 -106.83
C LEU C 2751 -11.28 -113.37 -106.16
N ASP C 2752 -10.83 -114.61 -106.37
CA ASP C 2752 -9.57 -115.07 -105.80
C ASP C 2752 -8.36 -114.37 -106.41
N SER C 2753 -8.49 -113.85 -107.63
CA SER C 2753 -7.45 -113.02 -108.21
C SER C 2753 -7.66 -111.54 -107.91
N PHE C 2754 -8.91 -111.09 -107.80
CA PHE C 2754 -9.19 -109.68 -107.55
C PHE C 2754 -8.81 -109.28 -106.13
N ILE C 2755 -8.97 -110.19 -105.17
CA ILE C 2755 -8.61 -109.89 -103.79
C ILE C 2755 -7.10 -109.77 -103.66
N ASN C 2756 -6.35 -110.66 -104.33
CA ASN C 2756 -4.90 -110.58 -104.34
C ASN C 2756 -4.40 -109.34 -105.08
N LYS C 2757 -5.08 -108.96 -106.17
CA LYS C 2757 -4.69 -107.76 -106.91
C LYS C 2757 -4.97 -106.49 -106.11
N PHE C 2758 -6.07 -106.48 -105.35
CA PHE C 2758 -6.37 -105.35 -104.49
C PHE C 2758 -5.38 -105.24 -103.33
N ALA C 2759 -4.96 -106.40 -102.80
CA ALA C 2759 -3.93 -106.40 -101.76
C ALA C 2759 -2.59 -105.92 -102.30
N GLU C 2760 -2.23 -106.33 -103.51
CA GLU C 2760 -0.98 -105.89 -104.12
C GLU C 2760 -1.01 -104.40 -104.46
N TYR C 2761 -2.16 -103.91 -104.92
CA TYR C 2761 -2.31 -102.48 -105.22
C TYR C 2761 -2.27 -101.65 -103.95
N THR C 2762 -2.86 -102.15 -102.86
CA THR C 2762 -2.79 -101.45 -101.57
C THR C 2762 -1.37 -101.42 -101.03
N HIS C 2763 -0.63 -102.53 -101.17
CA HIS C 2763 0.75 -102.58 -100.71
C HIS C 2763 1.65 -101.66 -101.53
N GLU C 2764 1.45 -101.63 -102.86
CA GLU C 2764 2.25 -100.75 -103.71
C GLU C 2764 1.95 -99.29 -103.47
N LYS C 2765 0.67 -98.95 -103.26
CA LYS C 2765 0.29 -97.57 -102.94
C LYS C 2765 0.82 -97.16 -101.57
N TRP C 2766 0.78 -98.06 -100.59
CA TRP C 2766 1.27 -97.74 -99.25
C TRP C 2766 2.79 -97.58 -99.25
N ALA C 2767 3.50 -98.42 -100.02
CA ALA C 2767 4.95 -98.30 -100.10
C ALA C 2767 5.36 -97.04 -100.84
N PHE C 2768 4.62 -96.68 -101.89
CA PHE C 2768 4.88 -95.42 -102.60
C PHE C 2768 4.56 -94.21 -101.74
N ASP C 2769 3.58 -94.32 -100.85
CA ASP C 2769 3.30 -93.22 -99.93
C ASP C 2769 4.33 -93.14 -98.81
N LYS C 2770 4.87 -94.29 -98.38
CA LYS C 2770 5.91 -94.27 -97.36
C LYS C 2770 7.26 -93.87 -97.90
N ILE C 2771 7.49 -93.99 -99.21
CA ILE C 2771 8.78 -93.64 -99.80
C ILE C 2771 9.00 -92.14 -99.86
N GLN C 2772 7.94 -91.33 -99.71
CA GLN C 2772 8.07 -89.88 -99.82
C GLN C 2772 8.30 -89.19 -98.48
N ASN C 2773 8.04 -89.88 -97.37
CA ASN C 2773 8.13 -89.29 -96.04
C ASN C 2773 9.34 -89.76 -95.26
N ASN C 2774 10.35 -90.32 -95.95
CA ASN C 2774 11.61 -90.82 -95.39
C ASN C 2774 11.37 -91.90 -94.33
N TRP C 2775 10.91 -93.05 -94.81
CA TRP C 2775 10.62 -94.19 -93.95
C TRP C 2775 11.87 -95.04 -93.76
N SER C 2776 12.05 -95.55 -92.54
CA SER C 2776 13.11 -96.50 -92.23
C SER C 2776 12.62 -97.93 -92.36
N TYR C 2777 13.58 -98.86 -92.37
CA TYR C 2777 13.30 -100.29 -92.49
C TYR C 2777 13.64 -100.96 -91.17
N GLY C 2778 12.63 -101.57 -90.54
CA GLY C 2778 12.82 -102.22 -89.26
C GLY C 2778 11.94 -103.45 -89.13
N GLU C 2779 12.21 -104.23 -88.08
CA GLU C 2779 11.46 -105.46 -87.85
C GLU C 2779 10.07 -105.16 -87.32
N ASN C 2780 9.96 -104.21 -86.37
CA ASN C 2780 8.69 -103.77 -85.83
C ASN C 2780 8.50 -102.28 -86.12
N VAL C 2781 7.29 -101.91 -86.52
CA VAL C 2781 6.96 -100.54 -86.86
C VAL C 2781 6.73 -99.76 -85.57
N ASP C 2782 7.46 -98.66 -85.40
CA ASP C 2782 7.28 -97.78 -84.25
C ASP C 2782 7.12 -96.34 -84.75
N GLU C 2783 6.61 -95.49 -83.86
CA GLU C 2783 6.37 -94.09 -84.19
C GLU C 2783 7.59 -93.20 -83.99
N GLU C 2784 8.72 -93.74 -83.54
CA GLU C 2784 9.90 -92.93 -83.31
C GLU C 2784 10.65 -92.64 -84.61
N LEU C 2785 11.00 -93.69 -85.34
CA LEU C 2785 11.80 -93.57 -86.56
C LEU C 2785 11.02 -93.85 -87.83
N LYS C 2786 9.71 -94.15 -87.71
CA LYS C 2786 8.82 -94.48 -88.82
C LYS C 2786 9.33 -95.69 -89.62
N THR C 2787 9.38 -96.82 -88.92
CA THR C 2787 9.87 -98.05 -89.51
C THR C 2787 8.81 -98.69 -90.40
N HIS C 2788 9.27 -99.41 -91.42
CA HIS C 2788 8.38 -100.06 -92.38
C HIS C 2788 8.73 -101.55 -92.46
N PRO C 2789 7.91 -102.43 -91.86
CA PRO C 2789 8.20 -103.86 -91.96
C PRO C 2789 7.38 -104.56 -93.04
N MET C 2790 6.41 -103.84 -93.60
CA MET C 2790 5.50 -104.39 -94.60
C MET C 2790 5.80 -103.85 -95.99
N LEU C 2791 7.05 -103.52 -96.27
CA LEU C 2791 7.47 -103.04 -97.58
C LEU C 2791 8.01 -104.20 -98.40
N ARG C 2792 7.09 -105.04 -98.87
CA ARG C 2792 7.45 -106.26 -99.59
C ARG C 2792 6.40 -106.62 -100.64
N PRO C 2793 6.64 -107.66 -101.44
CA PRO C 2793 5.66 -108.04 -102.47
C PRO C 2793 4.46 -108.75 -101.86
N TYR C 2794 3.42 -108.91 -102.69
CA TYR C 2794 2.21 -109.55 -102.21
C TYR C 2794 2.35 -111.06 -102.14
N LYS C 2795 3.13 -111.64 -103.04
CA LYS C 2795 3.37 -113.09 -103.07
C LYS C 2795 4.51 -113.53 -102.16
N THR C 2796 5.21 -112.59 -101.53
CA THR C 2796 6.34 -112.91 -100.67
C THR C 2796 5.96 -112.97 -99.20
N PHE C 2797 4.70 -112.71 -98.86
CA PHE C 2797 4.19 -112.78 -97.51
C PHE C 2797 3.50 -114.12 -97.27
N SER C 2798 3.22 -114.40 -96.00
CA SER C 2798 2.64 -115.67 -95.58
C SER C 2798 1.22 -115.46 -95.04
N GLU C 2799 0.69 -116.50 -94.40
CA GLU C 2799 -0.69 -116.47 -93.94
C GLU C 2799 -0.87 -115.57 -92.73
N LYS C 2800 0.12 -115.49 -91.84
CA LYS C 2800 0.07 -114.57 -90.72
C LYS C 2800 0.33 -113.13 -91.13
N ASP C 2801 0.96 -112.91 -92.30
CA ASP C 2801 1.25 -111.57 -92.77
C ASP C 2801 0.18 -111.02 -93.72
N LYS C 2802 -0.59 -111.89 -94.34
CA LYS C 2802 -1.72 -111.50 -95.17
C LYS C 2802 -3.02 -111.44 -94.38
N GLU C 2803 -2.95 -111.51 -93.05
CA GLU C 2803 -4.15 -111.48 -92.23
C GLU C 2803 -4.73 -110.07 -92.09
N ILE C 2804 -3.93 -109.03 -92.39
CA ILE C 2804 -4.44 -107.67 -92.39
C ILE C 2804 -4.90 -107.20 -93.76
N TYR C 2805 -4.89 -108.09 -94.76
CA TYR C 2805 -5.26 -107.72 -96.11
C TYR C 2805 -6.12 -108.78 -96.82
N ARG C 2806 -6.38 -109.93 -96.18
CA ARG C 2806 -7.21 -110.95 -96.82
C ARG C 2806 -8.69 -110.54 -96.82
N TRP C 2807 -9.28 -110.39 -95.64
CA TRP C 2807 -10.73 -110.20 -95.51
C TRP C 2807 -11.15 -108.80 -95.95
N PRO C 2808 -10.29 -107.79 -95.73
CA PRO C 2808 -10.64 -106.43 -96.15
C PRO C 2808 -10.65 -106.25 -97.66
N ILE C 2809 -9.94 -107.09 -98.41
CA ILE C 2809 -10.02 -107.06 -99.87
C ILE C 2809 -11.08 -108.01 -100.42
N LYS C 2810 -11.79 -108.73 -99.55
CA LYS C 2810 -12.81 -109.67 -99.99
C LYS C 2810 -14.22 -109.26 -99.62
N GLU C 2811 -14.40 -108.55 -98.50
CA GLU C 2811 -15.73 -108.15 -98.06
C GLU C 2811 -16.35 -107.10 -98.96
N SER C 2812 -15.54 -106.13 -99.42
CA SER C 2812 -16.05 -105.08 -100.30
C SER C 2812 -16.38 -105.64 -101.68
N LEU C 2813 -15.58 -106.58 -102.17
CA LEU C 2813 -15.85 -107.21 -103.45
C LEU C 2813 -17.08 -108.12 -103.38
N LYS C 2814 -17.28 -108.78 -102.24
CA LYS C 2814 -18.49 -109.57 -102.06
C LYS C 2814 -19.73 -108.69 -101.95
N ALA C 2815 -19.60 -107.52 -101.31
CA ALA C 2815 -20.72 -106.57 -101.27
C ALA C 2815 -21.03 -106.00 -102.66
N MET C 2816 -20.00 -105.77 -103.48
CA MET C 2816 -20.24 -105.28 -104.84
C MET C 2816 -20.85 -106.37 -105.72
N ILE C 2817 -20.45 -107.63 -105.51
CA ILE C 2817 -21.05 -108.73 -106.27
C ILE C 2817 -22.49 -108.98 -105.81
N ALA C 2818 -22.79 -108.71 -104.53
CA ALA C 2818 -24.15 -108.87 -104.05
C ALA C 2818 -25.05 -107.72 -104.46
N TRP C 2819 -24.49 -106.52 -104.61
CA TRP C 2819 -25.26 -105.39 -105.11
C TRP C 2819 -25.51 -105.48 -106.61
N GLU C 2820 -24.49 -105.89 -107.38
CA GLU C 2820 -24.65 -106.08 -108.82
C GLU C 2820 -23.95 -107.36 -109.23
N TRP C 2821 -24.67 -108.24 -109.92
CA TRP C 2821 -24.14 -109.51 -110.38
C TRP C 2821 -23.23 -109.26 -111.58
N THR C 2822 -21.96 -108.97 -111.29
CA THR C 2822 -20.94 -108.72 -112.31
C THR C 2822 -19.64 -109.37 -111.86
N ILE C 2823 -19.39 -110.58 -112.37
CA ILE C 2823 -18.14 -111.29 -112.13
C ILE C 2823 -17.62 -111.74 -113.49
N GLU C 2824 -16.75 -110.93 -114.10
CA GLU C 2824 -16.25 -111.19 -115.44
C GLU C 2824 -14.93 -110.46 -115.63
N LYS C 2825 -14.12 -110.99 -116.55
CA LYS C 2825 -12.90 -110.35 -117.03
C LYS C 2825 -12.95 -110.32 -118.55
N ALA C 2826 -13.10 -109.12 -119.12
CA ALA C 2826 -13.30 -108.99 -120.55
C ALA C 2826 -12.32 -108.01 -121.20
N ARG C 2827 -11.27 -107.61 -120.49
CA ARG C 2827 -10.27 -106.68 -121.02
C ARG C 2827 -8.89 -107.14 -120.57
N GLU C 2828 -7.87 -106.39 -120.97
CA GLU C 2828 -6.49 -106.72 -120.64
C GLU C 2828 -6.15 -106.28 -119.22
N GLY C 2829 -5.08 -106.87 -118.69
CA GLY C 2829 -4.62 -106.54 -117.35
C GLY C 2829 -3.51 -105.50 -117.36
N GLU C 2830 -3.56 -104.59 -116.38
CA GLU C 2830 -2.57 -103.54 -116.27
C GLU C 2830 -2.40 -103.08 -114.82
N TYR C 2855 11.62 -101.63 -99.97
CA TYR C 2855 11.78 -102.00 -101.37
C TYR C 2855 11.46 -100.83 -102.30
N ASN C 2856 11.34 -101.13 -103.59
CA ASN C 2856 11.03 -100.15 -104.63
C ASN C 2856 9.76 -100.60 -105.34
N PRO C 2857 8.60 -100.43 -104.71
CA PRO C 2857 7.33 -100.81 -105.36
C PRO C 2857 6.84 -99.68 -106.24
N GLN C 2858 6.63 -99.98 -107.53
CA GLN C 2858 6.21 -98.96 -108.49
C GLN C 2858 4.72 -99.07 -108.71
N PRO C 2859 3.94 -98.01 -108.49
CA PRO C 2859 2.50 -98.07 -108.76
C PRO C 2859 2.23 -97.90 -110.25
N PRO C 2860 1.16 -98.50 -110.75
CA PRO C 2860 0.86 -98.41 -112.19
C PRO C 2860 0.13 -97.10 -112.50
N ASP C 2861 -0.29 -96.98 -113.76
CA ASP C 2861 -0.98 -95.78 -114.23
C ASP C 2861 -2.43 -95.83 -113.77
N LEU C 2862 -2.72 -95.10 -112.68
CA LEU C 2862 -4.07 -95.03 -112.13
C LEU C 2862 -4.90 -93.87 -112.68
N SER C 2863 -4.27 -92.91 -113.35
CA SER C 2863 -4.96 -91.79 -113.96
C SER C 2863 -5.05 -91.92 -115.48
N GLY C 2864 -5.07 -93.15 -115.99
CA GLY C 2864 -5.16 -93.36 -117.43
C GLY C 2864 -6.58 -93.24 -117.96
N VAL C 2865 -7.51 -93.92 -117.32
CA VAL C 2865 -8.91 -93.97 -117.75
C VAL C 2865 -9.74 -93.10 -116.83
N THR C 2866 -10.52 -92.19 -117.41
CA THR C 2866 -11.43 -91.38 -116.62
C THR C 2866 -12.69 -92.18 -116.28
N LEU C 2867 -13.38 -91.73 -115.23
CA LEU C 2867 -14.60 -92.38 -114.78
C LEU C 2867 -15.75 -92.03 -115.72
N SER C 2868 -16.47 -93.04 -116.15
CA SER C 2868 -17.60 -92.86 -117.05
C SER C 2868 -18.84 -92.45 -116.25
N ARG C 2869 -19.94 -92.27 -116.97
CA ARG C 2869 -21.19 -91.87 -116.31
C ARG C 2869 -21.81 -93.00 -115.51
N GLU C 2870 -21.54 -94.25 -115.88
CA GLU C 2870 -21.95 -95.38 -115.04
C GLU C 2870 -20.89 -95.74 -114.02
N LEU C 2871 -19.61 -95.52 -114.36
CA LEU C 2871 -18.51 -95.86 -113.46
C LEU C 2871 -18.46 -94.94 -112.25
N GLN C 2872 -18.80 -93.66 -112.43
CA GLN C 2872 -18.85 -92.74 -111.30
C GLN C 2872 -19.99 -93.09 -110.36
N ALA C 2873 -21.13 -93.53 -110.92
CA ALA C 2873 -22.25 -93.98 -110.09
C ALA C 2873 -21.91 -95.28 -109.37
N MET C 2874 -21.13 -96.16 -110.01
CA MET C 2874 -20.70 -97.39 -109.35
C MET C 2874 -19.71 -97.11 -108.23
N ALA C 2875 -18.85 -96.12 -108.41
CA ALA C 2875 -17.94 -95.72 -107.34
C ALA C 2875 -18.71 -95.06 -106.19
N GLU C 2876 -19.74 -94.27 -106.51
CA GLU C 2876 -20.60 -93.70 -105.48
C GLU C 2876 -21.36 -94.78 -104.72
N GLN C 2877 -21.85 -95.79 -105.44
CA GLN C 2877 -22.58 -96.89 -104.78
C GLN C 2877 -21.65 -97.75 -103.94
N LEU C 2878 -20.40 -97.93 -104.38
CA LEU C 2878 -19.43 -98.67 -103.57
C LEU C 2878 -19.05 -97.90 -102.31
N ALA C 2879 -18.92 -96.57 -102.42
CA ALA C 2879 -18.67 -95.74 -101.25
C ALA C 2879 -19.86 -95.77 -100.28
N GLU C 2880 -21.08 -95.73 -100.82
CA GLU C 2880 -22.27 -95.79 -99.96
C GLU C 2880 -22.42 -97.14 -99.29
N ASN C 2881 -22.13 -98.22 -100.01
CA ASN C 2881 -22.19 -99.56 -99.43
C ASN C 2881 -21.11 -99.76 -98.38
N TYR C 2882 -19.91 -99.22 -98.63
CA TYR C 2882 -18.84 -99.32 -97.64
C TYR C 2882 -19.15 -98.49 -96.40
N HIS C 2883 -19.74 -97.30 -96.58
CA HIS C 2883 -20.11 -96.47 -95.44
C HIS C 2883 -21.25 -97.09 -94.64
N ASN C 2884 -22.20 -97.75 -95.31
CA ASN C 2884 -23.29 -98.43 -94.60
C ASN C 2884 -22.78 -99.67 -93.86
N THR C 2885 -21.83 -100.40 -94.45
CA THR C 2885 -21.24 -101.54 -93.77
C THR C 2885 -20.40 -101.10 -92.57
N TRP C 2886 -19.68 -99.98 -92.72
CA TRP C 2886 -18.92 -99.44 -91.59
C TRP C 2886 -19.84 -98.93 -90.49
N GLY C 2887 -20.98 -98.33 -90.86
CA GLY C 2887 -21.93 -97.87 -89.87
C GLY C 2887 -22.63 -99.00 -89.13
N ARG C 2888 -22.92 -100.10 -89.85
CA ARG C 2888 -23.50 -101.27 -89.21
C ARG C 2888 -22.49 -101.96 -88.28
N LYS C 2889 -21.22 -101.97 -88.68
CA LYS C 2889 -20.18 -102.51 -87.80
C LYS C 2889 -19.99 -101.64 -86.56
N LYS C 2890 -20.05 -100.31 -86.73
CA LYS C 2890 -19.94 -99.41 -85.58
C LYS C 2890 -21.16 -99.52 -84.66
N LYS C 2891 -22.35 -99.73 -85.23
CA LYS C 2891 -23.55 -99.89 -84.41
C LYS C 2891 -23.53 -101.21 -83.65
N GLN C 2892 -23.05 -102.28 -84.29
CA GLN C 2892 -22.91 -103.56 -83.61
C GLN C 2892 -21.83 -103.51 -82.53
N GLU C 2893 -20.75 -102.74 -82.77
CA GLU C 2893 -19.71 -102.61 -81.75
C GLU C 2893 -20.19 -101.75 -80.58
N LEU C 2894 -21.03 -100.75 -80.83
CA LEU C 2894 -21.60 -99.97 -79.74
C LEU C 2894 -22.68 -100.75 -79.00
N GLU C 2895 -23.41 -101.62 -79.69
CA GLU C 2895 -24.46 -102.40 -79.04
C GLU C 2895 -23.90 -103.57 -78.25
N ALA C 2896 -22.75 -104.10 -78.65
CA ALA C 2896 -22.15 -105.21 -77.93
C ALA C 2896 -21.19 -104.71 -76.86
N LEU C 2905 -22.88 -93.95 -87.21
CA LEU C 2905 -23.78 -92.85 -86.91
C LEU C 2905 -23.58 -91.71 -87.91
N VAL C 2906 -23.08 -92.04 -89.09
CA VAL C 2906 -22.80 -91.04 -90.10
C VAL C 2906 -23.23 -91.55 -91.47
N PRO C 2907 -24.11 -90.82 -92.18
CA PRO C 2907 -24.47 -91.23 -93.54
C PRO C 2907 -23.62 -90.53 -94.59
N TYR C 2908 -23.32 -91.22 -95.69
CA TYR C 2908 -22.52 -90.63 -96.76
C TYR C 2908 -23.36 -89.76 -97.70
N ASP C 2909 -24.68 -89.81 -97.60
CA ASP C 2909 -25.54 -89.02 -98.47
C ASP C 2909 -25.55 -87.55 -98.06
N THR C 2910 -25.48 -87.28 -96.75
CA THR C 2910 -25.43 -85.94 -96.21
C THR C 2910 -24.17 -85.72 -95.37
N LEU C 2911 -23.04 -86.27 -95.80
CA LEU C 2911 -21.80 -86.08 -95.07
C LEU C 2911 -21.20 -84.70 -95.39
N THR C 2912 -20.37 -84.21 -94.48
CA THR C 2912 -19.70 -82.93 -94.67
C THR C 2912 -18.53 -83.07 -95.64
N ALA C 2913 -17.92 -81.93 -95.96
CA ALA C 2913 -16.77 -81.94 -96.86
C ALA C 2913 -15.53 -82.50 -96.17
N LYS C 2914 -15.43 -82.36 -94.85
CA LYS C 2914 -14.28 -82.90 -94.12
C LYS C 2914 -14.30 -84.42 -94.09
N GLU C 2915 -15.48 -85.02 -94.23
CA GLU C 2915 -15.61 -86.48 -94.36
C GLU C 2915 -15.65 -86.92 -95.81
N LYS C 2916 -16.19 -86.10 -96.73
CA LYS C 2916 -16.21 -86.45 -98.14
C LYS C 2916 -14.84 -86.33 -98.79
N ALA C 2917 -13.97 -85.49 -98.26
CA ALA C 2917 -12.60 -85.41 -98.76
C ALA C 2917 -11.72 -86.53 -98.24
N ARG C 2918 -12.15 -87.22 -97.19
CA ARG C 2918 -11.37 -88.31 -96.59
C ARG C 2918 -11.90 -89.69 -96.96
N ASP C 2919 -13.20 -89.83 -97.20
CA ASP C 2919 -13.79 -91.12 -97.53
C ASP C 2919 -13.72 -91.44 -99.02
N ARG C 2920 -13.47 -90.44 -99.86
CA ARG C 2920 -13.47 -90.66 -101.31
C ARG C 2920 -12.20 -91.34 -101.81
N GLU C 2921 -11.10 -91.23 -101.05
CA GLU C 2921 -9.84 -91.84 -101.50
C GLU C 2921 -9.92 -93.35 -101.47
N LYS C 2922 -10.63 -93.92 -100.50
CA LYS C 2922 -10.82 -95.37 -100.46
C LYS C 2922 -11.70 -95.84 -101.61
N ALA C 2923 -12.73 -95.08 -101.95
CA ALA C 2923 -13.58 -95.44 -103.08
C ALA C 2923 -12.83 -95.31 -104.40
N GLN C 2924 -11.99 -94.28 -104.54
CA GLN C 2924 -11.20 -94.11 -105.75
C GLN C 2924 -10.16 -95.20 -105.90
N GLU C 2925 -9.52 -95.60 -104.79
CA GLU C 2925 -8.55 -96.69 -104.82
C GLU C 2925 -9.21 -98.02 -105.12
N LEU C 2926 -10.40 -98.26 -104.57
CA LEU C 2926 -11.12 -99.50 -104.84
C LEU C 2926 -11.61 -99.55 -106.29
N LEU C 2927 -12.02 -98.41 -106.84
CA LEU C 2927 -12.43 -98.37 -108.25
C LEU C 2927 -11.23 -98.54 -109.17
N LYS C 2928 -10.10 -97.90 -108.86
CA LYS C 2928 -8.90 -98.03 -109.67
C LYS C 2928 -8.29 -99.43 -109.57
N PHE C 2929 -8.52 -100.12 -108.45
CA PHE C 2929 -8.02 -101.49 -108.33
C PHE C 2929 -8.96 -102.50 -108.98
N LEU C 2930 -10.28 -102.24 -108.94
CA LEU C 2930 -11.23 -103.12 -109.61
C LEU C 2930 -11.24 -102.95 -111.12
N GLN C 2931 -10.85 -101.77 -111.62
CA GLN C 2931 -10.87 -101.54 -113.07
C GLN C 2931 -9.78 -102.30 -113.80
N MET C 2932 -8.73 -102.74 -113.12
CA MET C 2932 -7.69 -103.52 -113.77
C MET C 2932 -8.14 -104.96 -113.96
N ASN C 2933 -7.46 -105.67 -114.88
CA ASN C 2933 -7.69 -107.07 -115.23
C ASN C 2933 -9.09 -107.33 -115.78
N GLY C 2934 -9.70 -106.30 -116.37
CA GLY C 2934 -10.99 -106.44 -117.01
C GLY C 2934 -12.17 -106.67 -116.09
N TYR C 2935 -12.02 -106.44 -114.79
CA TYR C 2935 -13.12 -106.67 -113.85
C TYR C 2935 -13.96 -105.41 -113.64
N ALA C 2936 -14.45 -104.84 -114.74
CA ALA C 2936 -15.26 -103.64 -114.70
C ALA C 2936 -16.70 -104.03 -114.37
N VAL C 2937 -17.10 -103.84 -113.11
CA VAL C 2937 -18.46 -104.14 -112.69
C VAL C 2937 -19.37 -103.04 -113.21
N THR C 2938 -20.29 -103.41 -114.10
CA THR C 2938 -21.22 -102.47 -114.72
C THR C 2938 -22.62 -102.70 -114.16
N ARG C 2939 -23.29 -101.60 -113.81
CA ARG C 2939 -24.64 -101.68 -113.27
C ARG C 2939 -25.65 -101.93 -114.38
N UNK C 2951 -32.27 -78.05 -108.97
CA UNK C 2951 -33.21 -78.21 -107.85
C UNK C 2951 -34.42 -77.29 -108.03
N UNK C 2952 -34.54 -76.71 -109.21
CA UNK C 2952 -35.65 -75.81 -109.51
C UNK C 2952 -36.71 -76.49 -110.36
N UNK C 2953 -36.26 -77.33 -111.29
CA UNK C 2953 -37.15 -78.03 -112.21
C UNK C 2953 -38.03 -79.05 -111.49
N UNK C 2954 -37.45 -79.77 -110.54
CA UNK C 2954 -38.17 -80.75 -109.74
C UNK C 2954 -39.21 -80.06 -108.85
N UNK C 2955 -38.83 -78.91 -108.31
CA UNK C 2955 -39.74 -78.11 -107.48
C UNK C 2955 -40.89 -77.56 -108.31
N UNK C 2956 -40.59 -77.13 -109.52
CA UNK C 2956 -41.62 -76.64 -110.45
C UNK C 2956 -42.58 -77.75 -110.87
N UNK C 2957 -42.04 -78.94 -111.10
CA UNK C 2957 -42.85 -80.11 -111.44
C UNK C 2957 -43.76 -80.53 -110.28
N UNK C 2958 -43.21 -80.48 -109.06
CA UNK C 2958 -43.98 -80.79 -107.85
C UNK C 2958 -45.08 -79.76 -107.63
N UNK C 2959 -44.77 -78.49 -107.88
CA UNK C 2959 -45.76 -77.42 -107.77
C UNK C 2959 -46.87 -77.56 -108.81
N UNK C 2960 -46.50 -77.96 -110.02
CA UNK C 2960 -47.47 -78.19 -111.09
C UNK C 2960 -48.38 -79.39 -110.76
N UNK C 2961 -47.79 -80.45 -110.20
CA UNK C 2961 -48.55 -81.62 -109.78
C UNK C 2961 -49.52 -81.28 -108.64
N UNK C 2962 -49.05 -80.47 -107.69
CA UNK C 2962 -49.88 -80.01 -106.58
C UNK C 2962 -51.02 -79.12 -107.05
N UNK C 2963 -50.73 -78.27 -108.04
CA UNK C 2963 -51.75 -77.40 -108.63
C UNK C 2963 -52.79 -78.21 -109.39
N UNK C 2964 -52.35 -79.25 -110.09
CA UNK C 2964 -53.25 -80.14 -110.81
C UNK C 2964 -54.15 -80.92 -109.83
N UNK C 2965 -53.57 -81.38 -108.74
CA UNK C 2965 -54.31 -82.09 -107.70
C UNK C 2965 -55.33 -81.17 -107.02
N UNK C 2966 -54.94 -79.92 -106.77
CA UNK C 2966 -55.82 -78.93 -106.18
C UNK C 2966 -56.97 -78.57 -107.12
N UNK C 2967 -56.67 -78.49 -108.42
CA UNK C 2967 -57.68 -78.22 -109.44
C UNK C 2967 -58.67 -79.37 -109.55
N UNK C 2968 -58.16 -80.60 -109.46
CA UNK C 2968 -59.01 -81.79 -109.48
C UNK C 2968 -59.91 -81.85 -108.25
N UNK C 2969 -59.36 -81.51 -107.09
CA UNK C 2969 -60.12 -81.45 -105.83
C UNK C 2969 -61.20 -80.37 -105.87
N UNK C 2970 -60.85 -79.22 -106.45
CA UNK C 2970 -61.80 -78.12 -106.60
C UNK C 2970 -62.92 -78.48 -107.57
N UNK C 2971 -62.58 -79.19 -108.64
CA UNK C 2971 -63.56 -79.66 -109.61
C UNK C 2971 -64.50 -80.69 -108.99
N UNK C 2972 -63.95 -81.57 -108.16
CA UNK C 2972 -64.75 -82.56 -107.43
C UNK C 2972 -65.69 -81.89 -106.43
N UNK C 2973 -65.18 -80.87 -105.72
CA UNK C 2973 -65.99 -80.13 -104.75
C UNK C 2973 -67.08 -79.30 -105.43
N UNK C 2974 -66.80 -78.84 -106.64
CA UNK C 2974 -67.79 -78.08 -107.42
C UNK C 2974 -68.85 -79.01 -107.99
N UNK C 2975 -68.45 -80.22 -108.36
CA UNK C 2975 -69.38 -81.22 -108.89
C UNK C 2975 -70.27 -81.77 -107.77
N UNK C 2976 -69.72 -81.88 -106.58
CA UNK C 2976 -70.49 -82.35 -105.42
C UNK C 2976 -71.47 -81.28 -104.95
N UNK C 2996 -58.78 -82.55 -95.70
CA UNK C 2996 -57.35 -82.57 -95.39
C UNK C 2996 -56.53 -82.11 -96.60
N UNK C 2997 -57.18 -82.03 -97.75
CA UNK C 2997 -56.52 -81.62 -98.97
C UNK C 2997 -56.53 -80.10 -99.12
N UNK C 2998 -57.53 -79.47 -98.51
CA UNK C 2998 -57.69 -78.01 -98.58
C UNK C 2998 -56.56 -77.28 -97.85
N UNK C 2999 -56.16 -77.80 -96.70
CA UNK C 2999 -55.06 -77.24 -95.93
C UNK C 2999 -53.73 -77.37 -96.67
N UNK C 3000 -53.55 -78.51 -97.32
CA UNK C 3000 -52.36 -78.77 -98.13
C UNK C 3000 -52.30 -77.85 -99.34
N UNK C 3001 -53.45 -77.62 -99.97
CA UNK C 3001 -53.56 -76.71 -101.10
C UNK C 3001 -53.28 -75.27 -100.69
N UNK C 3002 -53.78 -74.89 -99.52
CA UNK C 3002 -53.54 -73.55 -98.97
C UNK C 3002 -52.06 -73.35 -98.63
N UNK C 3003 -51.44 -74.39 -98.06
CA UNK C 3003 -50.01 -74.35 -97.74
C UNK C 3003 -49.16 -74.26 -99.01
N UNK C 3004 -49.56 -74.99 -100.05
CA UNK C 3004 -48.87 -74.95 -101.34
C UNK C 3004 -49.01 -73.59 -102.00
N UNK C 3005 -50.20 -72.99 -101.90
CA UNK C 3005 -50.45 -71.65 -102.43
C UNK C 3005 -49.64 -70.60 -101.69
N UNK C 3006 -49.54 -70.74 -100.37
CA UNK C 3006 -48.74 -69.84 -99.55
C UNK C 3006 -47.25 -69.95 -99.87
N UNK C 3007 -46.80 -71.18 -100.08
CA UNK C 3007 -45.40 -71.44 -100.46
C UNK C 3007 -45.08 -70.86 -101.84
N UNK C 3008 -46.03 -71.00 -102.78
CA UNK C 3008 -45.88 -70.44 -104.12
C UNK C 3008 -45.86 -68.92 -104.09
N UNK C 3009 -46.70 -68.33 -103.25
CA UNK C 3009 -46.74 -66.87 -103.07
C UNK C 3009 -45.44 -66.36 -102.45
N UNK C 3010 -44.91 -67.09 -101.47
CA UNK C 3010 -43.65 -66.75 -100.83
C UNK C 3010 -42.48 -66.86 -101.82
N UNK C 3011 -42.51 -67.88 -102.66
CA UNK C 3011 -41.49 -68.07 -103.69
C UNK C 3011 -41.54 -66.96 -104.75
N UNK C 3012 -42.76 -66.57 -105.13
CA UNK C 3012 -42.95 -65.49 -106.09
C UNK C 3012 -42.54 -64.13 -105.52
N UNK C 3013 -42.72 -63.97 -104.21
CA UNK C 3013 -42.29 -62.75 -103.53
C UNK C 3013 -40.77 -62.70 -103.38
N UNK C 3014 -40.17 -63.86 -103.15
CA UNK C 3014 -38.72 -63.95 -103.00
C UNK C 3014 -38.00 -63.78 -104.34
N UNK C 3015 -38.59 -64.30 -105.41
CA UNK C 3015 -38.01 -64.18 -106.74
C UNK C 3015 -38.19 -62.76 -107.29
N UNK C 3025 -37.46 -73.74 -120.68
CA UNK C 3025 -37.58 -74.84 -119.72
C UNK C 3025 -38.30 -74.39 -118.46
N UNK C 3026 -37.57 -73.69 -117.59
CA UNK C 3026 -38.11 -73.20 -116.32
C UNK C 3026 -39.17 -72.14 -116.53
N UNK C 3027 -38.94 -71.25 -117.50
CA UNK C 3027 -39.90 -70.20 -117.85
C UNK C 3027 -41.17 -70.80 -118.43
N UNK C 3028 -41.01 -71.84 -119.26
CA UNK C 3028 -42.14 -72.54 -119.85
C UNK C 3028 -42.96 -73.28 -118.79
N UNK C 3029 -42.26 -73.88 -117.83
CA UNK C 3029 -42.90 -74.57 -116.71
C UNK C 3029 -43.66 -73.58 -115.81
N UNK C 3030 -43.07 -72.41 -115.58
CA UNK C 3030 -43.71 -71.35 -114.81
C UNK C 3030 -44.95 -70.81 -115.52
N UNK C 3031 -44.86 -70.65 -116.83
CA UNK C 3031 -45.99 -70.21 -117.64
C UNK C 3031 -47.12 -71.24 -117.64
N UNK C 3032 -46.76 -72.51 -117.72
CA UNK C 3032 -47.74 -73.60 -117.66
C UNK C 3032 -48.42 -73.67 -116.29
N UNK C 3033 -47.64 -73.46 -115.23
CA UNK C 3033 -48.18 -73.43 -113.87
C UNK C 3033 -49.12 -72.24 -113.66
N UNK C 3034 -48.75 -71.09 -114.22
CA UNK C 3034 -49.58 -69.89 -114.15
C UNK C 3034 -50.88 -70.08 -114.93
N UNK C 3035 -50.80 -70.73 -116.09
CA UNK C 3035 -51.98 -71.04 -116.89
C UNK C 3035 -52.91 -72.01 -116.18
N UNK C 3036 -52.32 -73.02 -115.52
CA UNK C 3036 -53.08 -73.99 -114.74
C UNK C 3036 -53.76 -73.33 -113.55
N UNK C 3037 -53.05 -72.42 -112.89
CA UNK C 3037 -53.60 -71.67 -111.77
C UNK C 3037 -54.75 -70.76 -112.21
N UNK C 3038 -54.59 -70.13 -113.37
CA UNK C 3038 -55.64 -69.28 -113.94
C UNK C 3038 -56.87 -70.10 -114.33
N UNK C 3039 -56.65 -71.28 -114.89
CA UNK C 3039 -57.75 -72.18 -115.26
C UNK C 3039 -58.46 -72.73 -114.03
N UNK C 3040 -57.71 -72.92 -112.95
CA UNK C 3040 -58.30 -73.39 -111.69
C UNK C 3040 -59.09 -72.27 -111.01
N UNK C 3041 -58.60 -71.04 -111.15
CA UNK C 3041 -59.27 -69.88 -110.55
C UNK C 3041 -60.53 -69.50 -111.31
N UNK C 3042 -60.51 -69.65 -112.63
CA UNK C 3042 -61.67 -69.35 -113.46
C UNK C 3042 -62.74 -70.42 -113.32
N UNK C 3049 -59.25 -64.76 -102.16
CA UNK C 3049 -58.30 -63.80 -101.61
C UNK C 3049 -56.86 -64.27 -101.80
N UNK C 3050 -56.52 -65.38 -101.16
CA UNK C 3050 -55.17 -65.95 -101.23
C UNK C 3050 -54.85 -66.47 -102.63
N UNK C 3051 -55.83 -67.09 -103.26
CA UNK C 3051 -55.69 -67.59 -104.63
C UNK C 3051 -55.52 -66.45 -105.62
N UNK C 3052 -56.27 -65.37 -105.40
CA UNK C 3052 -56.18 -64.18 -106.24
C UNK C 3052 -54.81 -63.50 -106.07
N UNK C 3053 -54.32 -63.45 -104.84
CA UNK C 3053 -53.00 -62.90 -104.54
C UNK C 3053 -51.90 -63.73 -105.18
N UNK C 3054 -52.04 -65.05 -105.13
CA UNK C 3054 -51.08 -65.97 -105.75
C UNK C 3054 -51.08 -65.82 -107.27
N UNK C 3055 -52.28 -65.66 -107.85
CA UNK C 3055 -52.42 -65.44 -109.29
C UNK C 3055 -51.79 -64.12 -109.73
N UNK C 3056 -51.99 -63.08 -108.91
CA UNK C 3056 -51.40 -61.77 -109.17
C UNK C 3056 -49.88 -61.82 -109.07
N UNK C 3057 -49.37 -62.55 -108.09
CA UNK C 3057 -47.93 -62.74 -107.92
C UNK C 3057 -47.32 -63.51 -109.08
N UNK C 3058 -48.03 -64.54 -109.55
CA UNK C 3058 -47.60 -65.32 -110.70
C UNK C 3058 -47.60 -64.48 -111.98
N UNK C 3059 -48.61 -63.65 -112.15
CA UNK C 3059 -48.71 -62.76 -113.30
C UNK C 3059 -47.62 -61.68 -113.27
N UNK C 3060 -47.26 -61.23 -112.07
CA UNK C 3060 -46.19 -60.25 -111.92
C UNK C 3060 -44.83 -60.89 -112.17
N UNK C 3061 -44.69 -62.16 -111.78
CA UNK C 3061 -43.43 -62.88 -111.99
C UNK C 3061 -43.23 -63.24 -113.47
N UNK C 3062 -44.31 -63.61 -114.14
CA UNK C 3062 -44.23 -63.96 -115.55
C UNK C 3062 -44.08 -62.72 -116.42
N UNK C 3141 -51.23 -72.47 -125.67
CA UNK C 3141 -51.84 -72.70 -124.37
C UNK C 3141 -52.09 -71.39 -123.64
N UNK C 3142 -51.03 -70.58 -123.50
CA UNK C 3142 -51.11 -69.30 -122.80
C UNK C 3142 -51.98 -68.30 -123.56
N UNK C 3143 -51.86 -68.30 -124.89
CA UNK C 3143 -52.66 -67.44 -125.74
C UNK C 3143 -54.14 -67.83 -125.69
N UNK C 3144 -54.39 -69.13 -125.65
CA UNK C 3144 -55.76 -69.65 -125.55
C UNK C 3144 -56.38 -69.31 -124.19
N UNK C 3145 -55.57 -69.40 -123.14
CA UNK C 3145 -56.00 -69.04 -121.79
C UNK C 3145 -56.30 -67.54 -121.69
N UNK C 3146 -55.47 -66.72 -122.33
CA UNK C 3146 -55.66 -65.28 -122.36
C UNK C 3146 -56.93 -64.91 -123.14
N UNK C 3147 -57.17 -65.61 -124.24
CA UNK C 3147 -58.37 -65.41 -125.05
C UNK C 3147 -59.63 -65.81 -124.28
N UNK C 3148 -59.54 -66.91 -123.55
CA UNK C 3148 -60.65 -67.38 -122.71
C UNK C 3148 -60.95 -66.40 -121.58
N UNK C 3149 -59.89 -65.86 -120.97
CA UNK C 3149 -60.03 -64.86 -119.92
C UNK C 3149 -60.64 -63.57 -120.44
N UNK C 3150 -60.23 -63.16 -121.65
CA UNK C 3150 -60.77 -61.98 -122.29
C UNK C 3150 -62.25 -62.16 -122.66
N UNK C 3151 -62.60 -63.36 -123.12
CA UNK C 3151 -63.98 -63.69 -123.44
C UNK C 3151 -64.85 -63.71 -122.19
N UNK C 3152 -64.32 -64.24 -121.09
CA UNK C 3152 -65.01 -64.26 -119.81
C UNK C 3152 -65.21 -62.85 -119.27
N UNK C 3153 -64.20 -62.00 -119.42
CA UNK C 3153 -64.28 -60.60 -119.00
C UNK C 3153 -65.32 -59.83 -119.83
N UNK C 3154 -65.36 -60.11 -121.14
CA UNK C 3154 -66.33 -59.49 -122.03
C UNK C 3154 -67.75 -59.93 -121.69
N UNK C 3155 -67.91 -61.22 -121.37
CA UNK C 3155 -69.22 -61.76 -120.96
C UNK C 3155 -69.67 -61.16 -119.63
N UNK C 3156 -68.73 -60.99 -118.71
CA UNK C 3156 -69.02 -60.37 -117.41
C UNK C 3156 -69.41 -58.89 -117.57
N UNK C 3157 -68.72 -58.19 -118.47
CA UNK C 3157 -69.02 -56.80 -118.78
C UNK C 3157 -70.41 -56.66 -119.42
N UNK C 3158 -70.73 -57.59 -120.31
CA UNK C 3158 -72.04 -57.63 -120.95
C UNK C 3158 -73.16 -57.91 -119.95
N UNK C 3159 -72.90 -58.83 -119.03
CA UNK C 3159 -73.86 -59.17 -117.98
C UNK C 3159 -74.04 -58.02 -116.99
N UNK C 3160 -72.98 -57.26 -116.76
CA UNK C 3160 -73.05 -56.09 -115.89
C UNK C 3160 -73.79 -54.95 -116.56
N UNK C 3161 -73.62 -54.83 -117.88
CA UNK C 3161 -74.30 -53.78 -118.65
C UNK C 3161 -75.78 -54.08 -118.81
N UNK C 3162 -76.13 -55.35 -118.98
CA UNK C 3162 -77.52 -55.76 -119.12
C UNK C 3162 -78.22 -55.73 -117.77
N UNK C 3169 -69.89 -64.31 -109.80
CA UNK C 3169 -70.77 -63.37 -110.49
C UNK C 3169 -70.12 -61.99 -110.60
N UNK C 3170 -70.14 -61.24 -109.50
CA UNK C 3170 -69.55 -59.91 -109.47
C UNK C 3170 -68.14 -59.95 -108.91
N UNK C 3171 -67.94 -60.72 -107.85
CA UNK C 3171 -66.65 -60.84 -107.19
C UNK C 3171 -65.63 -61.55 -108.09
N UNK C 3172 -66.07 -62.59 -108.78
CA UNK C 3172 -65.22 -63.32 -109.71
C UNK C 3172 -64.84 -62.45 -110.91
N UNK C 3173 -65.79 -61.63 -111.36
CA UNK C 3173 -65.55 -60.69 -112.46
C UNK C 3173 -64.55 -59.61 -112.05
N UNK C 3174 -64.68 -59.12 -110.83
CA UNK C 3174 -63.76 -58.12 -110.28
C UNK C 3174 -62.36 -58.70 -110.12
N UNK C 3175 -62.28 -59.95 -109.67
CA UNK C 3175 -61.00 -60.65 -109.52
C UNK C 3175 -60.34 -60.89 -110.87
N UNK C 3176 -61.13 -61.25 -111.88
CA UNK C 3176 -60.64 -61.45 -113.24
C UNK C 3176 -60.13 -60.15 -113.84
N UNK C 3177 -60.86 -59.06 -113.58
CA UNK C 3177 -60.46 -57.73 -114.05
C UNK C 3177 -59.17 -57.27 -113.38
N UNK C 3178 -59.04 -57.53 -112.08
CA UNK C 3178 -57.83 -57.20 -111.35
C UNK C 3178 -56.62 -58.02 -111.84
N UNK C 3179 -56.87 -59.29 -112.13
CA UNK C 3179 -55.83 -60.17 -112.67
C UNK C 3179 -55.38 -59.72 -114.07
N UNK C 3180 -56.34 -59.31 -114.89
CA UNK C 3180 -56.05 -58.79 -116.22
C UNK C 3180 -55.28 -57.49 -116.16
N UNK C 3181 -55.64 -56.63 -115.21
CA UNK C 3181 -54.94 -55.36 -115.00
C UNK C 3181 -53.51 -55.58 -114.52
N UNK C 3182 -53.33 -56.56 -113.62
CA UNK C 3182 -52.01 -56.93 -113.12
C UNK C 3182 -51.13 -57.51 -114.23
N UNK C 3183 -51.73 -58.35 -115.08
CA UNK C 3183 -51.04 -58.95 -116.22
C UNK C 3183 -50.63 -57.89 -117.23
N UNK C 3184 -51.50 -56.92 -117.47
CA UNK C 3184 -51.21 -55.81 -118.38
C UNK C 3184 -50.10 -54.92 -117.83
N UNK C 3185 -50.13 -54.66 -116.53
CA UNK C 3185 -49.11 -53.85 -115.87
C UNK C 3185 -47.76 -54.56 -115.84
N UNK C 3186 -47.79 -55.89 -115.77
CA UNK C 3186 -46.56 -56.68 -115.82
C UNK C 3186 -46.01 -56.75 -117.24
N UNK C 3187 -46.90 -56.79 -118.23
CA UNK C 3187 -46.48 -56.87 -119.62
C UNK C 3187 -45.97 -55.53 -120.14
N UNK C 3188 -46.49 -54.44 -119.57
CA UNK C 3188 -46.06 -53.10 -119.97
C UNK C 3188 -44.66 -52.79 -119.45
N UNK C 3189 -44.30 -53.39 -118.32
CA UNK C 3189 -42.98 -53.19 -117.74
C UNK C 3189 -41.93 -54.01 -118.48
N UNK C 3198 -54.95 -62.46 -129.63
CA UNK C 3198 -56.09 -62.06 -128.82
C UNK C 3198 -56.38 -60.57 -129.00
N UNK C 3199 -55.95 -60.02 -130.13
CA UNK C 3199 -56.13 -58.61 -130.44
C UNK C 3199 -57.61 -58.25 -130.62
N UNK C 3200 -58.35 -59.13 -131.30
CA UNK C 3200 -59.78 -58.95 -131.51
C UNK C 3200 -60.55 -59.01 -130.20
N UNK C 3201 -60.13 -59.93 -129.32
CA UNK C 3201 -60.73 -60.07 -128.00
C UNK C 3201 -60.46 -58.85 -127.13
N UNK C 3202 -59.23 -58.32 -127.22
CA UNK C 3202 -58.84 -57.11 -126.50
C UNK C 3202 -59.63 -55.89 -127.00
N UNK C 3203 -59.83 -55.82 -128.31
CA UNK C 3203 -60.60 -54.75 -128.93
C UNK C 3203 -62.08 -54.83 -128.51
N UNK C 3204 -62.61 -56.05 -128.44
CA UNK C 3204 -63.99 -56.27 -128.00
C UNK C 3204 -64.16 -55.90 -126.52
N UNK C 3205 -63.16 -56.23 -125.71
CA UNK C 3205 -63.17 -55.89 -124.30
C UNK C 3205 -63.09 -54.37 -124.09
N UNK C 3206 -62.27 -53.71 -124.90
CA UNK C 3206 -62.15 -52.26 -124.86
C UNK C 3206 -63.44 -51.58 -125.29
N UNK C 3207 -64.09 -52.12 -126.32
CA UNK C 3207 -65.37 -51.61 -126.79
C UNK C 3207 -66.47 -51.79 -125.74
N UNK C 3208 -66.45 -52.93 -125.05
CA UNK C 3208 -67.39 -53.21 -123.98
C UNK C 3208 -67.18 -52.27 -122.79
N UNK C 3209 -65.92 -52.01 -122.46
CA UNK C 3209 -65.57 -51.10 -121.38
C UNK C 3209 -65.92 -49.65 -121.72
N UNK C 3210 -65.83 -49.31 -123.00
CA UNK C 3210 -66.21 -47.97 -123.47
C UNK C 3210 -67.73 -47.81 -123.47
N UNK C 3211 -68.44 -48.89 -123.79
CA UNK C 3211 -69.90 -48.87 -123.82
C UNK C 3211 -70.48 -48.83 -122.41
N UNK C 3212 -69.86 -49.54 -121.48
CA UNK C 3212 -70.31 -49.58 -120.10
C UNK C 3212 -69.95 -48.29 -119.37
N UNK C 3221 -67.48 -50.08 -109.43
CA UNK C 3221 -66.52 -50.82 -110.23
C UNK C 3221 -66.04 -49.99 -111.41
N UNK C 3222 -66.46 -48.72 -111.44
CA UNK C 3222 -66.11 -47.81 -112.52
C UNK C 3222 -64.62 -47.48 -112.52
N UNK C 3223 -64.06 -47.31 -111.33
CA UNK C 3223 -62.63 -47.03 -111.18
C UNK C 3223 -61.79 -48.23 -111.60
N UNK C 3224 -62.28 -49.43 -111.26
CA UNK C 3224 -61.62 -50.67 -111.64
C UNK C 3224 -61.66 -50.88 -113.15
N UNK C 3225 -62.80 -50.54 -113.76
CA UNK C 3225 -62.96 -50.62 -115.20
C UNK C 3225 -62.06 -49.63 -115.92
N UNK C 3226 -61.95 -48.43 -115.37
CA UNK C 3226 -61.07 -47.40 -115.91
C UNK C 3226 -59.59 -47.81 -115.81
N UNK C 3227 -59.23 -48.43 -114.69
CA UNK C 3227 -57.87 -48.93 -114.49
C UNK C 3227 -57.55 -50.07 -115.45
N UNK C 3228 -58.52 -50.95 -115.67
CA UNK C 3228 -58.35 -52.07 -116.60
C UNK C 3228 -58.27 -51.59 -118.04
N UNK C 3229 -58.98 -50.51 -118.35
CA UNK C 3229 -58.93 -49.91 -119.69
C UNK C 3229 -57.60 -49.18 -119.91
N UNK C 3230 -57.08 -48.57 -118.84
CA UNK C 3230 -55.82 -47.85 -118.92
C UNK C 3230 -54.64 -48.81 -119.04
N UNK C 3231 -54.67 -49.89 -118.27
CA UNK C 3231 -53.60 -50.88 -118.31
C UNK C 3231 -53.70 -51.75 -119.56
N UNK C 3269 -56.22 -44.88 -132.76
CA UNK C 3269 -55.63 -43.89 -133.64
C UNK C 3269 -56.58 -42.73 -133.88
N UNK C 3270 -57.38 -42.82 -134.94
CA UNK C 3270 -58.33 -41.77 -135.32
C UNK C 3270 -59.45 -41.64 -134.28
N UNK C 3271 -59.92 -42.78 -133.78
CA UNK C 3271 -60.96 -42.80 -132.76
C UNK C 3271 -60.44 -42.22 -131.44
N UNK C 3272 -59.19 -42.53 -131.12
CA UNK C 3272 -58.54 -42.00 -129.93
C UNK C 3272 -58.34 -40.49 -130.03
N UNK C 3273 -57.96 -40.02 -131.22
CA UNK C 3273 -57.80 -38.60 -131.48
C UNK C 3273 -59.13 -37.85 -131.39
N UNK C 3274 -60.18 -38.47 -131.90
CA UNK C 3274 -61.53 -37.91 -131.83
C UNK C 3274 -62.03 -37.84 -130.40
N UNK C 3275 -61.75 -38.88 -129.61
CA UNK C 3275 -62.10 -38.92 -128.19
C UNK C 3275 -61.34 -37.86 -127.40
N UNK C 3276 -60.06 -37.68 -127.73
CA UNK C 3276 -59.23 -36.65 -127.09
C UNK C 3276 -59.72 -35.24 -127.43
N UNK C 3277 -60.13 -35.04 -128.68
CA UNK C 3277 -60.68 -33.77 -129.12
C UNK C 3277 -62.02 -33.47 -128.44
N UNK C 3278 -62.85 -34.49 -128.29
CA UNK C 3278 -64.13 -34.38 -127.60
C UNK C 3278 -63.93 -34.06 -126.12
N UNK C 3279 -62.94 -34.70 -125.50
CA UNK C 3279 -62.59 -34.44 -124.10
C UNK C 3279 -62.07 -33.03 -123.91
N UNK C 3280 -61.25 -32.56 -124.86
CA UNK C 3280 -60.72 -31.20 -124.83
C UNK C 3280 -61.84 -30.17 -124.99
N UNK C 3281 -62.78 -30.46 -125.88
CA UNK C 3281 -63.94 -29.60 -126.09
C UNK C 3281 -64.84 -29.55 -124.85
N UNK C 3282 -65.04 -30.69 -124.21
CA UNK C 3282 -65.84 -30.77 -122.99
C UNK C 3282 -65.16 -30.06 -121.82
N UNK C 3283 -63.82 -30.08 -121.80
CA UNK C 3283 -63.06 -29.39 -120.77
C UNK C 3283 -63.08 -27.89 -121.00
N UNK C 3284 -63.08 -27.49 -122.28
CA UNK C 3284 -63.11 -26.07 -122.63
C UNK C 3284 -64.49 -25.46 -122.38
N UNK C 3285 -65.54 -26.24 -122.65
CA UNK C 3285 -66.90 -25.77 -122.43
C UNK C 3285 -67.25 -25.78 -120.95
N UNK C 3293 -67.80 -40.11 -115.25
CA UNK C 3293 -67.01 -41.28 -114.89
C UNK C 3293 -66.32 -41.86 -116.11
N UNK C 3294 -66.95 -41.72 -117.27
CA UNK C 3294 -66.41 -42.24 -118.52
C UNK C 3294 -65.40 -41.25 -119.11
N UNK C 3295 -65.60 -39.97 -118.82
CA UNK C 3295 -64.74 -38.91 -119.33
C UNK C 3295 -63.32 -39.00 -118.76
N UNK C 3296 -63.24 -39.31 -117.47
CA UNK C 3296 -61.94 -39.49 -116.81
C UNK C 3296 -61.19 -40.69 -117.37
N UNK C 3297 -61.93 -41.77 -117.64
CA UNK C 3297 -61.37 -42.98 -118.23
C UNK C 3297 -60.88 -42.72 -119.65
N UNK C 3298 -61.65 -41.94 -120.41
CA UNK C 3298 -61.27 -41.56 -121.76
C UNK C 3298 -60.02 -40.67 -121.77
N UNK C 3299 -59.95 -39.76 -120.81
CA UNK C 3299 -58.80 -38.88 -120.66
C UNK C 3299 -57.54 -39.67 -120.27
N UNK C 3300 -57.72 -40.65 -119.38
CA UNK C 3300 -56.62 -41.53 -118.96
C UNK C 3300 -56.13 -42.39 -120.12
N UNK C 3301 -57.06 -42.89 -120.93
CA UNK C 3301 -56.73 -43.67 -122.12
C UNK C 3301 -55.99 -42.84 -123.16
N UNK C 3302 -56.43 -41.59 -123.33
CA UNK C 3302 -55.78 -40.65 -124.25
C UNK C 3302 -54.37 -40.30 -123.78
N UNK C 3303 -54.21 -40.12 -122.46
CA UNK C 3303 -52.90 -39.85 -121.87
C UNK C 3303 -51.96 -41.04 -122.02
N UNK C 3304 -52.50 -42.25 -121.84
CA UNK C 3304 -51.72 -43.48 -122.01
C UNK C 3304 -51.29 -43.65 -123.47
N UNK C 3305 -52.19 -43.34 -124.40
CA UNK C 3305 -51.90 -43.41 -125.82
C UNK C 3305 -50.83 -42.38 -126.23
N UNK C 3306 -50.93 -41.18 -125.67
CA UNK C 3306 -49.95 -40.13 -125.93
C UNK C 3306 -48.58 -40.45 -125.33
N UNK C 3307 -48.58 -41.15 -124.20
CA UNK C 3307 -47.34 -41.59 -123.58
C UNK C 3307 -46.71 -42.74 -124.35
N UNK C 3308 -47.54 -43.61 -124.91
CA UNK C 3308 -47.07 -44.74 -125.70
C UNK C 3308 -46.52 -44.29 -127.05
N UNK C 3309 -47.18 -43.31 -127.67
CA UNK C 3309 -46.74 -42.81 -128.96
C UNK C 3309 -45.51 -41.90 -128.80
N UNK C 3316 -46.06 -34.10 -130.08
CA UNK C 3316 -45.59 -33.41 -128.88
C UNK C 3316 -46.60 -32.34 -128.44
N UNK C 3317 -47.38 -31.85 -129.40
CA UNK C 3317 -48.38 -30.83 -129.11
C UNK C 3317 -49.64 -31.44 -128.50
N UNK C 3318 -49.91 -32.69 -128.87
CA UNK C 3318 -51.10 -33.40 -128.39
C UNK C 3318 -51.02 -33.68 -126.90
N UNK C 3319 -49.84 -34.06 -126.43
CA UNK C 3319 -49.60 -34.32 -125.01
C UNK C 3319 -49.73 -33.05 -124.19
N UNK C 3320 -49.24 -31.94 -124.74
CA UNK C 3320 -49.34 -30.63 -124.10
C UNK C 3320 -50.78 -30.16 -124.02
N UNK C 3321 -51.54 -30.41 -125.09
CA UNK C 3321 -52.97 -30.08 -125.14
C UNK C 3321 -53.76 -30.91 -124.13
N UNK C 3322 -53.41 -32.19 -124.02
CA UNK C 3322 -54.04 -33.10 -123.05
C UNK C 3322 -53.74 -32.68 -121.62
N UNK C 3323 -52.49 -32.26 -121.38
CA UNK C 3323 -52.08 -31.78 -120.05
C UNK C 3323 -52.79 -30.48 -119.69
N UNK C 3324 -52.94 -29.59 -120.68
CA UNK C 3324 -53.67 -28.34 -120.49
C UNK C 3324 -55.15 -28.58 -120.20
N UNK C 3325 -55.74 -29.55 -120.91
CA UNK C 3325 -57.13 -29.92 -120.69
C UNK C 3325 -57.34 -30.54 -119.31
N UNK C 3326 -56.38 -31.37 -118.88
CA UNK C 3326 -56.42 -31.98 -117.56
C UNK C 3326 -56.28 -30.93 -116.46
N UNK C 3327 -55.40 -29.95 -116.68
CA UNK C 3327 -55.21 -28.84 -115.74
C UNK C 3327 -56.46 -27.98 -115.65
N UNK C 3328 -57.10 -27.72 -116.79
CA UNK C 3328 -58.35 -26.96 -116.84
C UNK C 3328 -59.48 -27.69 -116.12
N UNK C 3329 -59.54 -29.01 -116.31
CA UNK C 3329 -60.54 -29.84 -115.65
C UNK C 3329 -60.32 -29.89 -114.14
N UNK C 3330 -59.06 -29.93 -113.72
CA UNK C 3330 -58.71 -29.94 -112.30
C UNK C 3330 -59.00 -28.57 -111.65
N UNK C 3331 -58.83 -27.51 -112.44
CA UNK C 3331 -59.13 -26.16 -111.95
C UNK C 3331 -60.63 -25.93 -111.85
N UNK C 3332 -61.38 -26.51 -112.79
CA UNK C 3332 -62.83 -26.37 -112.80
C UNK C 3332 -63.47 -27.23 -111.70
N UNK C 3333 -62.90 -28.40 -111.45
CA UNK C 3333 -63.41 -29.30 -110.42
C UNK C 3333 -63.03 -28.80 -109.03
N UNK C 3340 -62.21 -39.40 -103.98
CA UNK C 3340 -62.78 -39.24 -105.31
C UNK C 3340 -61.83 -39.80 -106.38
N UNK C 3341 -62.02 -39.37 -107.62
CA UNK C 3341 -61.19 -39.82 -108.72
C UNK C 3341 -60.16 -38.76 -109.09
N UNK C 3342 -59.48 -38.23 -108.08
CA UNK C 3342 -58.46 -37.20 -108.29
C UNK C 3342 -57.06 -37.81 -108.30
N UNK C 3343 -56.90 -38.94 -107.61
CA UNK C 3343 -55.62 -39.61 -107.48
C UNK C 3343 -55.14 -40.18 -108.82
N UNK C 3344 -56.08 -40.76 -109.57
CA UNK C 3344 -55.78 -41.32 -110.89
C UNK C 3344 -55.40 -40.20 -111.87
N UNK C 3345 -56.09 -39.07 -111.77
CA UNK C 3345 -55.81 -37.90 -112.60
C UNK C 3345 -54.43 -37.32 -112.27
N UNK C 3346 -54.10 -37.29 -110.98
CA UNK C 3346 -52.80 -36.81 -110.54
C UNK C 3346 -51.68 -37.73 -111.00
N UNK C 3347 -51.93 -39.04 -110.96
CA UNK C 3347 -50.99 -40.04 -111.44
C UNK C 3347 -50.76 -39.92 -112.95
N UNK C 3348 -51.85 -39.70 -113.69
CA UNK C 3348 -51.78 -39.50 -115.14
C UNK C 3348 -51.01 -38.21 -115.48
N UNK C 3349 -51.24 -37.16 -114.70
CA UNK C 3349 -50.53 -35.89 -114.88
C UNK C 3349 -49.04 -36.02 -114.57
N UNK C 3350 -48.72 -36.81 -113.54
CA UNK C 3350 -47.32 -37.06 -113.18
C UNK C 3350 -46.63 -37.93 -114.22
N UNK C 3351 -47.39 -38.82 -114.85
CA UNK C 3351 -46.85 -39.68 -115.90
C UNK C 3351 -46.63 -38.92 -117.20
N UNK C 3352 -47.55 -38.01 -117.52
CA UNK C 3352 -47.47 -37.25 -118.77
C UNK C 3352 -46.95 -35.83 -118.56
N UNK C 3353 -46.29 -35.59 -117.42
CA UNK C 3353 -45.72 -34.28 -117.14
C UNK C 3353 -44.30 -34.14 -117.66
N UNK C 3354 -43.83 -35.14 -118.40
CA UNK C 3354 -42.49 -35.10 -118.98
C UNK C 3354 -42.46 -34.17 -120.19
N UNK C 3355 -43.50 -34.24 -121.01
CA UNK C 3355 -43.59 -33.41 -122.20
C UNK C 3355 -44.12 -32.01 -121.85
N UNK C 3359 -41.60 -23.45 -124.72
CA UNK C 3359 -42.80 -23.22 -125.52
C UNK C 3359 -44.04 -23.70 -124.78
N UNK C 3360 -44.11 -25.01 -124.54
CA UNK C 3360 -45.25 -25.60 -123.83
C UNK C 3360 -45.13 -25.39 -122.34
N UNK C 3361 -43.89 -25.29 -121.85
CA UNK C 3361 -43.61 -25.11 -120.43
C UNK C 3361 -44.10 -23.76 -119.93
N UNK C 3362 -43.94 -22.72 -120.75
CA UNK C 3362 -44.41 -21.38 -120.42
C UNK C 3362 -45.93 -21.33 -120.35
N UNK C 3363 -46.58 -22.03 -121.27
CA UNK C 3363 -48.04 -22.12 -121.30
C UNK C 3363 -48.55 -22.89 -120.08
N UNK C 3364 -47.85 -23.95 -119.72
CA UNK C 3364 -48.18 -24.75 -118.53
C UNK C 3364 -48.03 -23.93 -117.25
N UNK C 3365 -46.97 -23.12 -117.19
CA UNK C 3365 -46.73 -22.23 -116.06
C UNK C 3365 -47.80 -21.14 -115.96
N UNK C 3366 -48.19 -20.59 -117.11
CA UNK C 3366 -49.24 -19.57 -117.16
C UNK C 3366 -50.61 -20.14 -116.79
N UNK C 3367 -50.82 -21.41 -117.10
CA UNK C 3367 -52.06 -22.09 -116.73
C UNK C 3367 -52.08 -22.44 -115.25
N UNK C 3368 -50.91 -22.78 -114.71
CA UNK C 3368 -50.80 -23.18 -113.31
C UNK C 3368 -50.78 -21.97 -112.37
N UNK C 3369 -50.43 -20.79 -112.92
CA UNK C 3369 -50.38 -19.56 -112.13
C UNK C 3369 -51.75 -19.15 -111.61
N UNK C 3370 -52.79 -19.34 -112.43
CA UNK C 3370 -54.16 -19.03 -112.04
C UNK C 3370 -54.64 -19.96 -110.93
N UNK C 3371 -54.26 -21.24 -111.04
CA UNK C 3371 -54.59 -22.23 -110.02
C UNK C 3371 -53.87 -21.94 -108.71
N UNK C 3372 -52.62 -21.49 -108.82
CA UNK C 3372 -51.84 -21.10 -107.65
C UNK C 3372 -52.43 -19.88 -106.96
N UNK C 3373 -52.88 -18.91 -107.76
CA UNK C 3373 -53.54 -17.72 -107.23
C UNK C 3373 -54.86 -18.05 -106.55
N UNK C 3374 -55.61 -18.98 -107.15
CA UNK C 3374 -56.87 -19.44 -106.56
C UNK C 3374 -56.64 -20.18 -105.24
N UNK C 3375 -55.58 -21.00 -105.21
CA UNK C 3375 -55.20 -21.71 -104.00
C UNK C 3375 -54.75 -20.76 -102.90
N UNK C 3376 -54.02 -19.72 -103.27
CA UNK C 3376 -53.58 -18.69 -102.33
C UNK C 3376 -54.76 -17.90 -101.77
N UNK C 3377 -55.73 -17.60 -102.64
CA UNK C 3377 -56.95 -16.91 -102.22
C UNK C 3377 -57.79 -17.78 -101.28
N UNK C 3378 -57.87 -19.07 -101.57
CA UNK C 3378 -58.57 -20.03 -100.73
C UNK C 3378 -57.90 -20.18 -99.36
N UNK C 3379 -56.56 -20.18 -99.36
CA UNK C 3379 -55.78 -20.26 -98.14
C UNK C 3379 -55.96 -19.00 -97.29
N UNK C 3380 -56.01 -17.85 -97.95
CA UNK C 3380 -56.24 -16.57 -97.27
C UNK C 3380 -57.64 -16.51 -96.66
N UNK C 3381 -58.62 -17.02 -97.40
CA UNK C 3381 -60.00 -17.11 -96.92
C UNK C 3381 -60.12 -18.04 -95.72
N UNK C 3382 -59.42 -19.16 -95.79
CA UNK C 3382 -59.40 -20.14 -94.69
C UNK C 3382 -58.72 -19.55 -93.44
N UNK C 3383 -57.64 -18.81 -93.65
CA UNK C 3383 -56.94 -18.14 -92.56
C UNK C 3383 -57.81 -17.05 -91.92
N UNK C 3384 -58.55 -16.32 -92.74
CA UNK C 3384 -59.48 -15.30 -92.25
C UNK C 3384 -60.64 -15.93 -91.47
N UNK C 3385 -61.12 -17.07 -91.94
CA UNK C 3385 -62.19 -17.79 -91.26
C UNK C 3385 -61.71 -18.40 -89.94
N UNK C 3386 -60.44 -18.80 -89.90
CA UNK C 3386 -59.85 -19.35 -88.68
C UNK C 3386 -59.58 -18.24 -87.66
N UNK C 3387 -59.21 -17.06 -88.15
CA UNK C 3387 -58.96 -15.92 -87.28
C UNK C 3387 -60.26 -15.34 -86.75
N UNK C 3388 -61.31 -15.42 -87.56
CA UNK C 3388 -62.62 -14.91 -87.15
C UNK C 3388 -63.29 -15.87 -86.17
N UNK C 3395 -70.83 -27.56 -85.06
CA UNK C 3395 -70.75 -26.10 -85.07
C UNK C 3395 -70.12 -25.61 -86.38
N UNK C 3396 -69.46 -24.47 -86.31
CA UNK C 3396 -68.82 -23.88 -87.48
C UNK C 3396 -67.36 -24.30 -87.57
N UNK C 3397 -66.91 -25.07 -86.58
CA UNK C 3397 -65.53 -25.55 -86.55
C UNK C 3397 -65.34 -26.78 -87.42
N UNK C 3398 -66.36 -27.65 -87.43
CA UNK C 3398 -66.31 -28.89 -88.19
C UNK C 3398 -66.36 -28.62 -89.69
N UNK C 3399 -67.21 -27.68 -90.11
CA UNK C 3399 -67.33 -27.28 -91.50
C UNK C 3399 -66.05 -26.61 -91.99
N UNK C 3400 -65.46 -25.80 -91.12
CA UNK C 3400 -64.19 -25.14 -91.43
C UNK C 3400 -63.06 -26.15 -91.54
N UNK C 3401 -63.09 -27.18 -90.69
CA UNK C 3401 -62.10 -28.25 -90.71
C UNK C 3401 -62.23 -29.08 -91.99
N UNK C 3402 -63.47 -29.35 -92.40
CA UNK C 3402 -63.73 -30.08 -93.64
C UNK C 3402 -63.30 -29.28 -94.87
N UNK C 3403 -63.54 -27.97 -94.84
CA UNK C 3403 -63.13 -27.07 -95.91
C UNK C 3403 -61.61 -26.99 -96.00
N UNK C 3404 -60.94 -26.95 -94.83
CA UNK C 3404 -59.48 -26.94 -94.78
C UNK C 3404 -58.89 -28.25 -95.28
N UNK C 3405 -59.55 -29.36 -94.97
CA UNK C 3405 -59.13 -30.68 -95.45
C UNK C 3405 -59.27 -30.78 -96.97
N UNK C 3406 -60.38 -30.28 -97.50
CA UNK C 3406 -60.60 -30.25 -98.95
C UNK C 3406 -59.59 -29.34 -99.66
N UNK C 3407 -59.28 -28.20 -99.04
CA UNK C 3407 -58.30 -27.26 -99.56
C UNK C 3407 -56.90 -27.87 -99.55
N UNK C 3408 -56.58 -28.63 -98.51
CA UNK C 3408 -55.29 -29.32 -98.42
C UNK C 3408 -55.19 -30.43 -99.45
N UNK C 3409 -56.30 -31.14 -99.68
CA UNK C 3409 -56.35 -32.20 -100.68
C UNK C 3409 -56.20 -31.65 -102.09
N UNK C 3410 -56.73 -30.44 -102.32
CA UNK C 3410 -56.56 -29.76 -103.60
C UNK C 3410 -55.12 -29.23 -103.76
N UNK C 3411 -54.59 -28.69 -102.67
CA UNK C 3411 -53.26 -28.09 -102.66
C UNK C 3411 -52.16 -29.12 -102.85
N UNK C 3412 -52.39 -30.35 -102.36
CA UNK C 3412 -51.43 -31.44 -102.56
C UNK C 3412 -51.33 -31.81 -104.03
N UNK C 3413 -52.48 -31.91 -104.70
CA UNK C 3413 -52.53 -32.22 -106.12
C UNK C 3413 -51.99 -31.06 -106.96
N UNK C 3414 -52.15 -29.85 -106.45
CA UNK C 3414 -51.58 -28.67 -107.11
C UNK C 3414 -50.05 -28.66 -107.00
N UNK C 3415 -49.55 -28.96 -105.80
CA UNK C 3415 -48.11 -28.96 -105.53
C UNK C 3415 -47.41 -30.11 -106.23
N UNK C 3416 -48.13 -31.22 -106.46
CA UNK C 3416 -47.58 -32.36 -107.19
C UNK C 3416 -47.29 -32.03 -108.65
N UNK C 3417 -48.04 -31.07 -109.20
CA UNK C 3417 -47.80 -30.60 -110.56
C UNK C 3417 -46.81 -29.43 -110.55
N UNK C 3418 -46.87 -28.63 -109.48
CA UNK C 3418 -45.99 -27.47 -109.32
C UNK C 3418 -44.52 -27.87 -109.17
N UNK C 3419 -44.28 -28.97 -108.45
CA UNK C 3419 -42.92 -29.49 -108.27
C UNK C 3419 -42.35 -30.00 -109.59
N UNK C 3420 -43.21 -30.64 -110.39
CA UNK C 3420 -42.83 -31.13 -111.71
C UNK C 3420 -42.53 -29.96 -112.65
N UNK C 3421 -43.33 -28.91 -112.56
CA UNK C 3421 -43.12 -27.70 -113.35
C UNK C 3421 -41.83 -26.99 -112.97
N UNK C 3422 -41.53 -26.96 -111.68
CA UNK C 3422 -40.30 -26.36 -111.17
C UNK C 3422 -39.07 -27.18 -111.59
N UNK C 3423 -39.22 -28.51 -111.60
CA UNK C 3423 -38.14 -29.40 -112.03
C UNK C 3423 -37.90 -29.29 -113.53
N UNK C 3424 -38.97 -29.04 -114.29
CA UNK C 3424 -38.86 -28.86 -115.73
C UNK C 3424 -38.23 -27.49 -116.06
N UNK C 3425 -38.56 -26.48 -115.26
CA UNK C 3425 -38.03 -25.15 -115.47
C UNK C 3425 -36.58 -25.04 -115.00
N UNK C 3426 -36.20 -25.87 -114.03
CA UNK C 3426 -34.84 -25.87 -113.51
C UNK C 3426 -33.89 -26.62 -114.43
N UNK C 3427 -34.44 -27.49 -115.27
CA UNK C 3427 -33.65 -28.27 -116.21
C UNK C 3427 -33.56 -27.57 -117.56
N UNK C 3428 -34.31 -26.47 -117.70
CA UNK C 3428 -34.32 -25.72 -118.94
C UNK C 3428 -33.80 -24.30 -118.73
N UNK C 3429 -34.51 -23.53 -117.91
CA UNK C 3429 -34.12 -22.16 -117.63
C UNK C 3429 -33.09 -22.11 -116.50
N UNK C 3430 -31.85 -22.43 -116.83
CA UNK C 3430 -30.77 -22.43 -115.84
C UNK C 3430 -29.44 -22.10 -116.50
N UNK C 3435 -39.83 -13.92 -113.84
CA UNK C 3435 -41.17 -13.46 -114.17
C UNK C 3435 -42.22 -14.45 -113.68
N UNK C 3436 -42.56 -15.41 -114.54
CA UNK C 3436 -43.57 -16.42 -114.22
C UNK C 3436 -43.06 -17.37 -113.14
N UNK C 3437 -41.78 -17.74 -113.23
CA UNK C 3437 -41.14 -18.61 -112.24
C UNK C 3437 -41.05 -17.91 -110.89
N UNK C 3438 -40.74 -16.61 -110.91
CA UNK C 3438 -40.66 -15.80 -109.70
C UNK C 3438 -42.05 -15.65 -109.07
N UNK C 3439 -43.07 -15.48 -109.89
CA UNK C 3439 -44.45 -15.37 -109.43
C UNK C 3439 -44.93 -16.68 -108.80
N UNK C 3440 -44.57 -17.80 -109.43
CA UNK C 3440 -44.90 -19.12 -108.91
C UNK C 3440 -44.19 -19.40 -107.59
N UNK C 3441 -42.93 -18.96 -107.49
CA UNK C 3441 -42.15 -19.09 -106.26
C UNK C 3441 -42.75 -18.25 -105.14
N UNK C 3442 -43.17 -17.02 -105.46
CA UNK C 3442 -43.81 -16.15 -104.49
C UNK C 3442 -45.15 -16.72 -104.01
N UNK C 3443 -45.92 -17.28 -104.94
CA UNK C 3443 -47.20 -17.92 -104.61
C UNK C 3443 -47.01 -19.14 -103.71
N UNK C 3444 -46.00 -19.96 -104.02
CA UNK C 3444 -45.69 -21.14 -103.23
C UNK C 3444 -45.17 -20.76 -101.85
N UNK C 3445 -44.39 -19.69 -101.77
CA UNK C 3445 -43.89 -19.17 -100.50
C UNK C 3445 -45.03 -18.64 -99.63
N UNK C 3446 -45.98 -17.96 -100.27
CA UNK C 3446 -47.17 -17.46 -99.58
C UNK C 3446 -48.04 -18.61 -99.07
N UNK C 3447 -48.16 -19.66 -99.88
CA UNK C 3447 -48.91 -20.85 -99.50
C UNK C 3447 -48.24 -21.58 -98.33
N UNK C 3448 -46.91 -21.66 -98.35
CA UNK C 3448 -46.15 -22.26 -97.27
C UNK C 3448 -46.26 -21.46 -95.98
N UNK C 3449 -46.25 -20.14 -96.10
CA UNK C 3449 -46.40 -19.25 -94.95
C UNK C 3449 -47.81 -19.31 -94.37
N UNK C 3450 -48.79 -19.54 -95.23
CA UNK C 3450 -50.17 -19.70 -94.78
C UNK C 3450 -50.38 -21.05 -94.12
N UNK C 3451 -49.68 -22.07 -94.62
CA UNK C 3451 -49.78 -23.42 -94.06
C UNK C 3451 -49.08 -23.52 -92.71
N UNK C 3452 -47.93 -22.86 -92.58
CA UNK C 3452 -47.17 -22.87 -91.33
C UNK C 3452 -47.83 -21.99 -90.28
N UNK C 3456 -54.14 -26.92 -86.94
CA UNK C 3456 -55.38 -27.01 -87.69
C UNK C 3456 -55.12 -27.50 -89.12
N UNK C 3457 -54.40 -26.69 -89.89
CA UNK C 3457 -54.08 -27.01 -91.27
C UNK C 3457 -53.16 -28.22 -91.38
N UNK C 3458 -52.18 -28.30 -90.48
CA UNK C 3458 -51.25 -29.42 -90.43
C UNK C 3458 -51.96 -30.70 -90.04
N UNK C 3459 -52.91 -30.59 -89.10
CA UNK C 3459 -53.72 -31.73 -88.67
C UNK C 3459 -54.62 -32.21 -89.79
N UNK C 3460 -55.20 -31.27 -90.54
CA UNK C 3460 -56.04 -31.60 -91.68
C UNK C 3460 -55.24 -32.27 -92.80
N UNK C 3461 -54.01 -31.79 -93.03
CA UNK C 3461 -53.11 -32.38 -94.01
C UNK C 3461 -52.69 -33.79 -93.61
N UNK C 3462 -52.44 -33.98 -92.32
CA UNK C 3462 -52.09 -35.30 -91.78
C UNK C 3462 -53.26 -36.28 -91.90
N UNK C 3463 -54.47 -35.80 -91.62
CA UNK C 3463 -55.67 -36.61 -91.74
C UNK C 3463 -55.98 -36.96 -93.19
N UNK C 3464 -55.65 -36.05 -94.11
CA UNK C 3464 -55.83 -36.30 -95.53
C UNK C 3464 -54.78 -37.28 -96.06
N UNK C 3465 -53.57 -37.20 -95.51
CA UNK C 3465 -52.49 -38.10 -95.91
C UNK C 3465 -52.70 -39.52 -95.37
N UNK C 3466 -53.23 -39.62 -94.16
CA UNK C 3466 -53.49 -40.92 -93.55
C UNK C 3466 -54.71 -41.58 -94.17
N UNK C 3513 -43.74 -34.02 -97.30
CA UNK C 3513 -44.72 -34.17 -98.38
C UNK C 3513 -44.29 -33.37 -99.61
N UNK C 3514 -45.25 -33.05 -100.47
CA UNK C 3514 -44.99 -32.29 -101.68
C UNK C 3514 -44.85 -30.80 -101.36
N UNK C 3515 -45.47 -30.39 -100.25
CA UNK C 3515 -45.47 -28.99 -99.82
C UNK C 3515 -44.08 -28.52 -99.42
N UNK C 3516 -43.32 -29.41 -98.77
CA UNK C 3516 -41.95 -29.11 -98.36
C UNK C 3516 -41.04 -28.95 -99.58
N UNK C 3517 -41.23 -29.82 -100.57
CA UNK C 3517 -40.46 -29.76 -101.81
C UNK C 3517 -40.79 -28.50 -102.61
N UNK C 3518 -42.07 -28.14 -102.62
CA UNK C 3518 -42.53 -26.93 -103.28
C UNK C 3518 -41.97 -25.68 -102.60
N UNK C 3519 -41.93 -25.69 -101.28
CA UNK C 3519 -41.37 -24.59 -100.50
C UNK C 3519 -39.87 -24.46 -100.72
N UNK C 3520 -39.18 -25.60 -100.81
CA UNK C 3520 -37.74 -25.62 -101.09
C UNK C 3520 -37.43 -25.09 -102.48
N UNK C 3521 -38.22 -25.50 -103.46
CA UNK C 3521 -38.06 -25.02 -104.84
C UNK C 3521 -38.36 -23.53 -104.95
N UNK C 3522 -39.38 -23.08 -104.22
CA UNK C 3522 -39.75 -21.66 -104.19
C UNK C 3522 -38.66 -20.82 -103.53
N UNK C 3523 -38.08 -21.33 -102.45
CA UNK C 3523 -36.99 -20.67 -101.76
C UNK C 3523 -35.75 -20.57 -102.64
N UNK C 3524 -35.45 -21.66 -103.36
CA UNK C 3524 -34.33 -21.70 -104.29
C UNK C 3524 -34.51 -20.70 -105.44
N UNK C 3525 -35.73 -20.65 -106.00
CA UNK C 3525 -36.04 -19.73 -107.09
C UNK C 3525 -35.99 -18.27 -106.64
N UNK C 3526 -36.56 -17.97 -105.48
CA UNK C 3526 -36.58 -16.60 -104.96
C UNK C 3526 -35.20 -16.17 -104.46
N UNK C 3527 -34.35 -17.12 -104.12
CA UNK C 3527 -33.00 -16.81 -103.71
C UNK C 3527 -32.10 -16.61 -104.93
N UNK C 3528 -32.39 -17.34 -106.00
CA UNK C 3528 -31.64 -17.19 -107.25
C UNK C 3528 -32.01 -15.90 -107.96
N UNK C 3529 -33.28 -15.50 -107.84
CA UNK C 3529 -33.74 -14.26 -108.44
C UNK C 3529 -33.30 -13.05 -107.61
N UNK C 3534 -26.25 -8.53 -100.08
CA UNK C 3534 -27.61 -8.38 -99.59
C UNK C 3534 -27.92 -9.43 -98.51
N UNK C 3535 -26.91 -10.22 -98.16
CA UNK C 3535 -27.06 -11.30 -97.18
C UNK C 3535 -27.34 -10.75 -95.78
N UNK C 3536 -26.67 -9.66 -95.43
CA UNK C 3536 -26.87 -9.02 -94.14
C UNK C 3536 -28.26 -8.41 -94.03
N UNK C 3537 -28.73 -7.83 -95.14
CA UNK C 3537 -30.06 -7.24 -95.21
C UNK C 3537 -31.13 -8.33 -95.12
N UNK C 3538 -30.88 -9.47 -95.77
CA UNK C 3538 -31.78 -10.61 -95.71
C UNK C 3538 -31.85 -11.20 -94.30
N UNK C 3539 -30.69 -11.26 -93.63
CA UNK C 3539 -30.62 -11.74 -92.26
C UNK C 3539 -31.35 -10.81 -91.30
N UNK C 3540 -31.20 -9.50 -91.52
CA UNK C 3540 -31.89 -8.50 -90.72
C UNK C 3540 -33.40 -8.56 -90.92
N UNK C 3541 -33.83 -8.77 -92.16
CA UNK C 3541 -35.25 -8.91 -92.48
C UNK C 3541 -35.83 -10.18 -91.87
N UNK C 3542 -35.05 -11.27 -91.88
CA UNK C 3542 -35.45 -12.52 -91.27
C UNK C 3542 -35.57 -12.38 -89.75
N UNK C 3543 -34.64 -11.67 -89.15
CA UNK C 3543 -34.68 -11.39 -87.71
C UNK C 3543 -35.89 -10.54 -87.33
N UNK C 3544 -36.18 -9.54 -88.16
CA UNK C 3544 -37.34 -8.67 -87.94
C UNK C 3544 -38.66 -9.42 -88.13
N UNK C 3545 -38.67 -10.39 -89.04
CA UNK C 3545 -39.85 -11.22 -89.26
C UNK C 3545 -40.04 -12.22 -88.12
N UNK C 3546 -38.93 -12.70 -87.58
CA UNK C 3546 -38.97 -13.66 -86.47
C UNK C 3546 -39.39 -12.98 -85.16
N UNK C 3547 -38.92 -11.75 -84.96
CA UNK C 3547 -39.26 -11.00 -83.77
C UNK C 3547 -40.69 -10.47 -83.83
N UNK C 3553 -44.50 -4.72 -90.67
CA UNK C 3553 -43.49 -4.09 -89.83
C UNK C 3553 -42.09 -4.48 -90.28
N UNK C 3554 -41.96 -5.73 -90.74
CA UNK C 3554 -40.67 -6.27 -91.19
C UNK C 3554 -40.17 -5.56 -92.45
N UNK C 3555 -41.09 -5.30 -93.37
CA UNK C 3555 -40.78 -4.59 -94.60
C UNK C 3555 -40.35 -3.15 -94.32
N UNK C 3556 -41.02 -2.52 -93.35
CA UNK C 3556 -40.69 -1.16 -92.94
C UNK C 3556 -39.32 -1.11 -92.26
N UNK C 3557 -39.03 -2.12 -91.44
CA UNK C 3557 -37.74 -2.21 -90.75
C UNK C 3557 -36.60 -2.50 -91.74
N UNK C 3558 -36.92 -3.24 -92.81
CA UNK C 3558 -35.94 -3.52 -93.85
C UNK C 3558 -35.70 -2.29 -94.72
N UNK C 3559 -36.75 -1.51 -94.94
CA UNK C 3559 -36.63 -0.29 -95.74
C UNK C 3559 -35.90 0.81 -94.99
N UNK C 3560 -36.12 0.90 -93.68
CA UNK C 3560 -35.46 1.90 -92.86
C UNK C 3560 -34.00 1.53 -92.61
N UNK C 3569 -14.43 -14.15 -102.45
CA UNK C 3569 -15.59 -14.87 -102.95
C UNK C 3569 -16.74 -13.90 -103.23
N UNK C 3570 -16.77 -12.79 -102.50
CA UNK C 3570 -17.82 -11.79 -102.62
C UNK C 3570 -17.78 -11.10 -103.98
N UNK C 3571 -16.57 -10.79 -104.45
CA UNK C 3571 -16.38 -10.16 -105.75
C UNK C 3571 -16.79 -11.11 -106.88
N UNK C 3572 -16.48 -12.39 -106.71
CA UNK C 3572 -16.86 -13.42 -107.68
C UNK C 3572 -18.37 -13.59 -107.72
N UNK C 3573 -19.01 -13.56 -106.56
CA UNK C 3573 -20.47 -13.65 -106.45
C UNK C 3573 -21.14 -12.45 -107.09
N UNK C 3574 -20.57 -11.26 -106.87
CA UNK C 3574 -21.07 -10.02 -107.47
C UNK C 3574 -20.94 -10.04 -108.99
N UNK C 3575 -19.82 -10.55 -109.48
CA UNK C 3575 -19.59 -10.68 -110.92
C UNK C 3575 -20.54 -11.70 -111.54
N UNK C 3576 -20.80 -12.79 -110.84
CA UNK C 3576 -21.72 -13.82 -111.31
C UNK C 3576 -23.17 -13.31 -111.30
N UNK C 3577 -23.49 -12.45 -110.34
CA UNK C 3577 -24.82 -11.85 -110.27
C UNK C 3577 -25.00 -10.79 -111.36
N UNK C 3578 -23.91 -10.09 -111.70
CA UNK C 3578 -23.96 -9.09 -112.75
C UNK C 3578 -24.05 -9.73 -114.13
N UNK C 3579 -23.33 -10.84 -114.32
CA UNK C 3579 -23.37 -11.56 -115.59
C UNK C 3579 -24.66 -12.34 -115.75
N UNK C 3590 -38.71 -2.16 -105.62
CA UNK C 3590 -39.51 -3.34 -105.28
C UNK C 3590 -38.63 -4.51 -104.89
N UNK C 3591 -37.35 -4.23 -104.65
CA UNK C 3591 -36.40 -5.27 -104.27
C UNK C 3591 -36.52 -5.59 -102.78
N UNK C 3592 -36.95 -4.60 -102.00
CA UNK C 3592 -37.09 -4.75 -100.55
C UNK C 3592 -38.19 -5.73 -100.18
N UNK C 3593 -39.30 -5.68 -100.92
CA UNK C 3593 -40.41 -6.60 -100.73
C UNK C 3593 -40.02 -8.03 -101.07
N UNK C 3594 -39.25 -8.18 -102.14
CA UNK C 3594 -38.75 -9.49 -102.56
C UNK C 3594 -37.77 -10.06 -101.54
N UNK C 3595 -36.92 -9.19 -101.00
CA UNK C 3595 -35.97 -9.58 -99.96
C UNK C 3595 -36.68 -10.00 -98.67
N UNK C 3596 -37.73 -9.26 -98.32
CA UNK C 3596 -38.55 -9.58 -97.15
C UNK C 3596 -39.29 -10.90 -97.33
N UNK C 3597 -39.79 -11.14 -98.53
CA UNK C 3597 -40.47 -12.40 -98.86
C UNK C 3597 -39.51 -13.58 -98.80
N UNK C 3598 -38.30 -13.39 -99.32
CA UNK C 3598 -37.26 -14.41 -99.28
C UNK C 3598 -36.83 -14.72 -97.85
N UNK C 3599 -36.71 -13.67 -97.03
CA UNK C 3599 -36.36 -13.82 -95.62
C UNK C 3599 -37.46 -14.55 -94.85
N UNK C 3600 -38.71 -14.23 -95.16
CA UNK C 3600 -39.86 -14.90 -94.54
C UNK C 3600 -39.93 -16.37 -94.93
N UNK C 3601 -39.63 -16.66 -96.20
CA UNK C 3601 -39.58 -18.04 -96.69
C UNK C 3601 -38.46 -18.83 -96.03
N UNK C 3602 -37.31 -18.19 -95.85
CA UNK C 3602 -36.17 -18.80 -95.17
C UNK C 3602 -36.46 -19.07 -93.71
N UNK C 3603 -37.15 -18.13 -93.06
CA UNK C 3603 -37.55 -18.28 -91.66
C UNK C 3603 -38.58 -19.40 -91.50
N UNK C 3604 -39.51 -19.50 -92.44
CA UNK C 3604 -40.51 -20.57 -92.45
C UNK C 3604 -39.85 -21.94 -92.66
N UNK C 3605 -38.88 -21.99 -93.56
CA UNK C 3605 -38.12 -23.21 -93.82
C UNK C 3605 -37.31 -23.64 -92.60
N UNK C 3606 -36.71 -22.67 -91.92
CA UNK C 3606 -35.95 -22.93 -90.70
C UNK C 3606 -36.85 -23.41 -89.56
N UNK C 3607 -38.05 -22.84 -89.47
CA UNK C 3607 -39.02 -23.25 -88.46
C UNK C 3607 -39.58 -24.64 -88.75
N UNK C 3608 -39.71 -24.97 -90.03
CA UNK C 3608 -40.17 -26.28 -90.44
C UNK C 3608 -39.10 -27.35 -90.21
N UNK C 3609 -37.83 -26.98 -90.42
CA UNK C 3609 -36.73 -27.90 -90.22
C UNK C 3609 -36.43 -28.10 -88.73
N UNK C 3610 -36.67 -27.07 -87.93
CA UNK C 3610 -36.45 -27.15 -86.50
C UNK C 3610 -37.56 -27.94 -85.81
N LEU C 3623 -37.28 -44.95 -62.64
CA LEU C 3623 -38.53 -44.26 -62.34
C LEU C 3623 -39.65 -45.25 -62.04
N LEU C 3624 -39.82 -46.22 -62.94
CA LEU C 3624 -40.86 -47.21 -62.75
C LEU C 3624 -40.37 -48.34 -61.85
N SER C 3625 -41.33 -48.99 -61.17
CA SER C 3625 -41.03 -49.94 -60.13
C SER C 3625 -40.85 -51.34 -60.69
N LYS C 3626 -40.79 -52.31 -59.79
CA LYS C 3626 -41.05 -53.70 -60.14
C LYS C 3626 -42.41 -54.18 -59.63
N GLN C 3627 -42.93 -53.57 -58.56
CA GLN C 3627 -44.30 -53.88 -58.15
C GLN C 3627 -45.30 -53.31 -59.14
N ARG C 3628 -44.98 -52.13 -59.71
CA ARG C 3628 -45.81 -51.47 -60.71
C ARG C 3628 -45.80 -52.19 -62.05
N ARG C 3629 -44.99 -53.25 -62.21
CA ARG C 3629 -45.03 -54.05 -63.42
C ARG C 3629 -46.34 -54.82 -63.52
N ARG C 3630 -46.79 -55.41 -62.42
CA ARG C 3630 -47.99 -56.23 -62.42
C ARG C 3630 -49.13 -55.65 -61.61
N ALA C 3631 -48.87 -54.60 -60.79
CA ALA C 3631 -49.97 -53.99 -60.03
C ALA C 3631 -50.97 -53.28 -60.93
N VAL C 3632 -50.48 -52.57 -61.96
CA VAL C 3632 -51.39 -51.87 -62.86
C VAL C 3632 -52.11 -52.86 -63.78
N VAL C 3633 -51.43 -53.93 -64.17
CA VAL C 3633 -52.07 -54.96 -65.00
C VAL C 3633 -53.10 -55.74 -64.19
N ALA C 3634 -52.87 -55.89 -62.88
CA ALA C 3634 -53.88 -56.45 -62.00
C ALA C 3634 -55.05 -55.49 -61.82
N CYS C 3635 -54.77 -54.18 -61.76
CA CYS C 3635 -55.83 -53.20 -61.61
C CYS C 3635 -56.68 -53.08 -62.88
N PHE C 3636 -56.11 -53.50 -64.02
CA PHE C 3636 -56.86 -53.55 -65.28
C PHE C 3636 -58.07 -54.49 -65.18
N ARG C 3637 -57.91 -55.66 -64.57
CA ARG C 3637 -59.02 -56.60 -64.50
C ARG C 3637 -58.97 -57.47 -63.24
N MET C 3638 -58.89 -56.86 -62.07
CA MET C 3638 -59.36 -57.56 -60.87
C MET C 3638 -60.87 -57.49 -60.80
N THR C 3639 -61.47 -58.56 -60.28
CA THR C 3639 -62.87 -58.84 -60.51
C THR C 3639 -63.78 -57.90 -59.67
N PRO C 3640 -64.94 -57.51 -60.21
CA PRO C 3640 -65.79 -56.55 -59.50
C PRO C 3640 -66.56 -57.13 -58.32
N LEU C 3641 -67.47 -56.32 -57.76
CA LEU C 3641 -68.03 -56.61 -56.45
C LEU C 3641 -69.09 -57.70 -56.49
N TYR C 3642 -69.81 -57.86 -57.58
CA TYR C 3642 -70.82 -58.91 -57.70
C TYR C 3642 -70.24 -60.27 -58.07
N ASN C 3643 -68.91 -60.41 -58.06
CA ASN C 3643 -68.28 -61.70 -58.25
C ASN C 3643 -67.84 -62.31 -56.92
N LEU C 3644 -67.50 -61.47 -55.95
CA LEU C 3644 -67.30 -61.95 -54.58
C LEU C 3644 -68.65 -62.12 -53.89
N PRO C 3645 -68.78 -63.12 -53.01
CA PRO C 3645 -70.07 -63.39 -52.37
C PRO C 3645 -70.45 -62.37 -51.32
N THR C 3646 -71.69 -62.52 -50.84
CA THR C 3646 -72.32 -61.58 -49.94
C THR C 3646 -71.69 -61.61 -48.55
N HIS C 3647 -71.27 -62.79 -48.08
CA HIS C 3647 -70.64 -62.87 -46.76
C HIS C 3647 -69.26 -62.24 -46.73
N ARG C 3648 -68.62 -62.11 -47.89
CA ARG C 3648 -67.39 -61.33 -48.05
C ARG C 3648 -67.67 -59.85 -48.26
N ALA C 3649 -68.82 -59.50 -48.84
CA ALA C 3649 -69.21 -58.11 -48.98
C ALA C 3649 -69.64 -57.46 -47.67
N CYS C 3650 -70.37 -58.21 -46.83
CA CYS C 3650 -70.92 -57.68 -45.59
C CYS C 3650 -69.84 -57.43 -44.55
N ASN C 3651 -68.65 -58.00 -44.69
CA ASN C 3651 -67.54 -57.63 -43.84
C ASN C 3651 -66.69 -56.52 -44.42
N MET C 3652 -66.66 -56.37 -45.75
CA MET C 3652 -66.05 -55.19 -46.34
C MET C 3652 -66.85 -53.93 -46.02
N PHE C 3653 -68.15 -54.12 -45.77
CA PHE C 3653 -69.06 -53.10 -45.24
C PHE C 3653 -68.57 -52.40 -43.96
N LEU C 3654 -68.52 -53.13 -42.84
CA LEU C 3654 -68.43 -52.49 -41.53
C LEU C 3654 -67.04 -51.93 -41.25
N GLU C 3655 -65.99 -52.50 -41.86
CA GLU C 3655 -64.65 -51.97 -41.72
C GLU C 3655 -64.53 -50.57 -42.32
N SER C 3656 -65.25 -50.32 -43.41
CA SER C 3656 -65.27 -48.96 -43.96
C SER C 3656 -66.35 -48.10 -43.30
N TYR C 3657 -67.41 -48.72 -42.78
CA TYR C 3657 -68.43 -48.01 -42.02
C TYR C 3657 -67.85 -47.36 -40.77
N LYS C 3658 -66.88 -48.02 -40.15
CA LYS C 3658 -66.16 -47.45 -39.01
C LYS C 3658 -65.41 -46.18 -39.42
N ALA C 3659 -64.67 -46.24 -40.53
CA ALA C 3659 -63.88 -45.10 -40.96
C ALA C 3659 -64.72 -43.99 -41.60
N ALA C 3660 -65.99 -44.28 -41.93
CA ALA C 3660 -66.84 -43.28 -42.57
C ALA C 3660 -67.88 -42.63 -41.65
N TRP C 3661 -68.43 -43.35 -40.66
CA TRP C 3661 -69.60 -42.80 -39.98
C TRP C 3661 -69.37 -42.45 -38.51
N ILE C 3662 -68.83 -43.36 -37.70
CA ILE C 3662 -68.58 -43.07 -36.29
C ILE C 3662 -67.22 -42.38 -36.12
N LEU C 3663 -66.32 -42.48 -37.11
CA LEU C 3663 -65.04 -41.78 -37.05
C LEU C 3663 -65.21 -40.25 -37.09
N THR C 3664 -66.20 -39.76 -37.83
CA THR C 3664 -66.40 -38.33 -37.99
C THR C 3664 -67.22 -37.70 -36.87
N GLU C 3665 -67.77 -38.50 -35.96
CA GLU C 3665 -68.56 -37.95 -34.86
C GLU C 3665 -67.62 -37.37 -33.81
N ASP C 3666 -67.83 -36.10 -33.48
CA ASP C 3666 -67.06 -35.40 -32.46
C ASP C 3666 -68.04 -34.70 -31.54
N HIS C 3667 -68.22 -35.25 -30.34
CA HIS C 3667 -69.10 -34.66 -29.34
C HIS C 3667 -68.27 -34.44 -28.09
N SER C 3668 -68.91 -33.87 -27.07
CA SER C 3668 -68.28 -33.52 -25.81
C SER C 3668 -69.04 -34.24 -24.69
N PHE C 3669 -69.08 -35.57 -24.77
CA PHE C 3669 -69.65 -36.37 -23.69
C PHE C 3669 -68.91 -36.22 -22.35
N GLU C 3670 -67.70 -35.68 -22.36
CA GLU C 3670 -66.81 -35.73 -21.20
C GLU C 3670 -67.00 -34.60 -20.20
N ASP C 3671 -67.49 -33.44 -20.62
CA ASP C 3671 -67.78 -32.41 -19.63
C ASP C 3671 -69.05 -32.71 -18.84
N ARG C 3672 -69.88 -33.62 -19.34
CA ARG C 3672 -71.14 -33.99 -18.70
C ARG C 3672 -70.91 -34.96 -17.55
N MET C 3673 -69.89 -35.82 -17.65
CA MET C 3673 -69.65 -36.80 -16.60
C MET C 3673 -68.95 -36.18 -15.38
N ILE C 3674 -68.03 -35.24 -15.60
CA ILE C 3674 -67.10 -34.85 -14.53
C ILE C 3674 -67.75 -33.88 -13.56
N ASP C 3675 -68.67 -33.02 -14.02
CA ASP C 3675 -69.30 -32.09 -13.10
C ASP C 3675 -70.32 -32.78 -12.19
N ASP C 3676 -70.79 -33.97 -12.57
CA ASP C 3676 -71.60 -34.77 -11.65
C ASP C 3676 -70.79 -35.23 -10.44
N LEU C 3677 -69.60 -35.79 -10.69
CA LEU C 3677 -68.70 -36.19 -9.62
C LEU C 3677 -68.14 -34.99 -8.87
N SER C 3678 -68.15 -33.82 -9.51
CA SER C 3678 -67.74 -32.59 -8.83
C SER C 3678 -68.83 -32.04 -7.90
N LYS C 3679 -70.08 -31.99 -8.38
CA LYS C 3679 -71.20 -31.47 -7.60
C LYS C 3679 -71.74 -32.48 -6.60
N ALA C 3680 -71.22 -33.71 -6.61
CA ALA C 3680 -71.58 -34.72 -5.61
C ALA C 3680 -71.09 -34.40 -4.19
N GLY C 3681 -70.31 -33.32 -4.01
CA GLY C 3681 -69.90 -32.92 -2.68
C GLY C 3681 -71.02 -32.39 -1.81
N GLU C 3682 -72.11 -31.92 -2.41
CA GLU C 3682 -73.25 -31.44 -1.66
C GLU C 3682 -74.22 -32.59 -1.43
N GLN C 3683 -74.40 -32.97 -0.16
CA GLN C 3683 -75.25 -34.10 0.20
C GLN C 3683 -76.08 -33.69 1.42
N GLU C 3684 -76.77 -34.66 2.00
CA GLU C 3684 -77.63 -34.42 3.15
C GLU C 3684 -77.53 -35.57 4.14
N LYS C 3693 -66.07 -33.59 5.75
CA LYS C 3693 -64.82 -33.63 4.98
C LYS C 3693 -64.59 -35.01 4.36
N LYS C 3694 -65.67 -35.62 3.84
CA LYS C 3694 -65.54 -36.95 3.25
C LYS C 3694 -65.14 -36.84 1.79
N PRO C 3695 -64.38 -37.81 1.26
CA PRO C 3695 -63.80 -37.65 -0.09
C PRO C 3695 -64.84 -37.74 -1.19
N ASP C 3696 -64.73 -36.82 -2.15
CA ASP C 3696 -65.56 -36.68 -3.34
C ASP C 3696 -65.28 -37.82 -4.32
N PRO C 3697 -66.25 -38.17 -5.19
CA PRO C 3697 -66.06 -39.34 -6.05
C PRO C 3697 -65.00 -39.20 -7.12
N LEU C 3698 -64.66 -37.97 -7.56
CA LEU C 3698 -63.52 -37.86 -8.46
C LEU C 3698 -62.21 -37.91 -7.69
N HIS C 3699 -62.19 -37.40 -6.45
CA HIS C 3699 -60.97 -37.47 -5.65
C HIS C 3699 -60.69 -38.90 -5.22
N GLN C 3700 -61.73 -39.73 -5.10
CA GLN C 3700 -61.51 -41.16 -4.91
C GLN C 3700 -60.75 -41.77 -6.08
N LEU C 3701 -61.11 -41.39 -7.31
CA LEU C 3701 -60.41 -41.89 -8.49
C LEU C 3701 -58.99 -41.34 -8.58
N VAL C 3702 -58.79 -40.08 -8.20
CA VAL C 3702 -57.46 -39.47 -8.27
C VAL C 3702 -56.54 -40.04 -7.20
N LEU C 3703 -57.02 -40.27 -5.98
CA LEU C 3703 -56.19 -40.90 -4.97
C LEU C 3703 -56.02 -42.40 -5.22
N HIS C 3704 -56.95 -43.01 -5.95
CA HIS C 3704 -56.76 -44.35 -6.49
C HIS C 3704 -55.61 -44.41 -7.48
N PHE C 3705 -55.59 -43.49 -8.44
CA PHE C 3705 -54.55 -43.51 -9.46
C PHE C 3705 -53.25 -42.87 -9.01
N SER C 3706 -53.25 -42.21 -7.85
CA SER C 3706 -52.01 -41.74 -7.24
C SER C 3706 -51.25 -42.85 -6.54
N ARG C 3707 -51.91 -43.94 -6.16
CA ARG C 3707 -51.24 -45.05 -5.50
C ARG C 3707 -51.34 -46.38 -6.23
N THR C 3708 -51.97 -46.43 -7.41
CA THR C 3708 -51.80 -47.64 -8.20
C THR C 3708 -50.46 -47.69 -8.94
N ALA C 3709 -49.69 -46.59 -8.94
CA ALA C 3709 -48.46 -46.53 -9.71
C ALA C 3709 -47.20 -46.57 -8.86
N LEU C 3710 -47.30 -46.38 -7.54
CA LEU C 3710 -46.17 -46.52 -6.62
C LEU C 3710 -45.99 -47.94 -6.11
N THR C 3711 -46.38 -48.94 -6.89
CA THR C 3711 -46.15 -50.32 -6.50
C THR C 3711 -44.67 -50.68 -6.65
N GLU C 3712 -44.28 -51.79 -6.04
CA GLU C 3712 -42.91 -52.27 -6.09
C GLU C 3712 -42.69 -52.97 -7.43
N LYS C 3713 -42.35 -52.19 -8.45
CA LYS C 3713 -42.27 -52.71 -9.80
C LYS C 3713 -41.37 -51.83 -10.66
N SER C 3714 -40.50 -52.47 -11.43
CA SER C 3714 -39.62 -51.73 -12.34
C SER C 3714 -40.37 -51.27 -13.58
N LYS C 3715 -41.40 -52.00 -13.98
CA LYS C 3715 -42.20 -51.67 -15.16
C LYS C 3715 -43.62 -51.39 -14.72
N LEU C 3716 -44.14 -50.23 -15.11
CA LEU C 3716 -45.45 -49.79 -14.66
C LEU C 3716 -46.54 -50.44 -15.51
N ASP C 3717 -47.68 -50.70 -14.88
CA ASP C 3717 -48.74 -51.48 -15.53
C ASP C 3717 -49.51 -50.61 -16.54
N GLU C 3718 -49.59 -51.10 -17.77
CA GLU C 3718 -50.41 -50.45 -18.79
C GLU C 3718 -51.86 -50.86 -18.58
N ASP C 3719 -52.70 -49.91 -18.18
CA ASP C 3719 -54.07 -50.20 -17.80
C ASP C 3719 -55.05 -49.97 -18.94
N TYR C 3720 -56.27 -50.44 -18.73
CA TYR C 3720 -57.35 -50.31 -19.71
C TYR C 3720 -57.94 -48.91 -19.69
N LEU C 3721 -58.15 -48.35 -18.49
CA LEU C 3721 -58.99 -47.17 -18.35
C LEU C 3721 -58.22 -45.86 -18.23
N TYR C 3722 -56.90 -45.90 -18.02
CA TYR C 3722 -56.18 -44.64 -17.81
C TYR C 3722 -55.98 -43.89 -19.12
N MET C 3723 -55.71 -44.60 -20.22
CA MET C 3723 -55.61 -43.93 -21.51
C MET C 3723 -56.93 -43.36 -21.98
N ALA C 3724 -58.05 -43.90 -21.49
CA ALA C 3724 -59.32 -43.24 -21.70
C ALA C 3724 -59.45 -42.01 -20.81
N TYR C 3725 -59.32 -42.19 -19.49
CA TYR C 3725 -59.69 -41.16 -18.53
C TYR C 3725 -58.75 -39.96 -18.51
N ALA C 3726 -57.47 -40.16 -18.85
CA ALA C 3726 -56.56 -39.02 -18.98
C ALA C 3726 -56.96 -38.14 -20.15
N ASP C 3727 -57.39 -38.77 -21.25
CA ASP C 3727 -57.97 -38.00 -22.36
C ASP C 3727 -59.28 -37.35 -21.96
N ILE C 3728 -60.05 -37.99 -21.09
CA ILE C 3728 -61.36 -37.46 -20.67
C ILE C 3728 -61.17 -36.16 -19.88
N MET C 3729 -60.42 -36.22 -18.79
CA MET C 3729 -60.18 -34.99 -18.03
C MET C 3729 -59.04 -34.15 -18.61
N ALA C 3730 -58.49 -34.53 -19.77
CA ALA C 3730 -57.64 -33.61 -20.53
C ALA C 3730 -58.47 -32.76 -21.48
N LYS C 3731 -59.48 -33.35 -22.12
CA LYS C 3731 -60.36 -32.60 -23.01
C LYS C 3731 -61.54 -31.95 -22.30
N SER C 3732 -61.68 -32.14 -20.98
CA SER C 3732 -62.74 -31.43 -20.28
C SER C 3732 -62.49 -29.93 -20.17
N CYS C 3733 -61.23 -29.48 -20.19
CA CYS C 3733 -60.92 -28.10 -19.85
C CYS C 3733 -60.49 -27.24 -21.03
N HIS C 3734 -60.22 -27.83 -22.20
CA HIS C 3734 -59.91 -27.06 -23.40
C HIS C 3734 -61.13 -26.62 -24.19
N LEU C 3735 -62.27 -26.43 -23.52
CA LEU C 3735 -63.47 -26.00 -24.25
C LEU C 3735 -63.42 -24.52 -24.57
N GLU C 3736 -62.76 -23.72 -23.73
CA GLU C 3736 -62.65 -22.29 -23.94
C GLU C 3736 -61.28 -21.86 -24.43
N GLU C 3737 -60.33 -22.80 -24.56
CA GLU C 3737 -58.97 -22.46 -24.95
C GLU C 3737 -58.79 -22.54 -26.47
N GLU C 3750 -60.89 -9.72 -33.26
CA GLU C 3750 -61.83 -8.64 -32.99
C GLU C 3750 -62.74 -8.98 -31.81
N VAL C 3751 -62.15 -9.44 -30.72
CA VAL C 3751 -62.88 -9.75 -29.52
C VAL C 3751 -62.68 -8.62 -28.51
N SER C 3752 -63.41 -8.70 -27.39
CA SER C 3752 -63.47 -7.61 -26.44
C SER C 3752 -62.68 -7.96 -25.18
N PHE C 3753 -62.86 -7.13 -24.14
CA PHE C 3753 -62.12 -7.26 -22.89
C PHE C 3753 -62.72 -8.33 -21.99
N GLU C 3754 -63.98 -8.14 -21.60
CA GLU C 3754 -64.58 -8.93 -20.53
C GLU C 3754 -64.95 -10.33 -20.99
N GLU C 3755 -65.25 -10.53 -22.28
CA GLU C 3755 -65.53 -11.88 -22.74
C GLU C 3755 -64.26 -12.74 -22.76
N LYS C 3756 -63.10 -12.16 -23.10
CA LYS C 3756 -61.88 -12.95 -23.10
C LYS C 3756 -61.36 -13.17 -21.68
N GLU C 3757 -61.54 -12.19 -20.78
CA GLU C 3757 -61.18 -12.44 -19.39
C GLU C 3757 -62.16 -13.40 -18.73
N MET C 3758 -63.41 -13.38 -19.21
CA MET C 3758 -64.43 -14.31 -18.76
C MET C 3758 -64.06 -15.73 -19.13
N GLU C 3759 -63.61 -15.96 -20.37
CA GLU C 3759 -63.27 -17.32 -20.74
C GLU C 3759 -61.95 -17.78 -20.13
N LYS C 3760 -61.00 -16.87 -19.86
CA LYS C 3760 -59.78 -17.33 -19.19
C LYS C 3760 -60.06 -17.69 -17.72
N GLN C 3761 -60.95 -16.94 -17.04
CA GLN C 3761 -61.25 -17.39 -15.68
C GLN C 3761 -62.29 -18.50 -15.64
N ARG C 3762 -63.03 -18.72 -16.74
CA ARG C 3762 -63.75 -19.99 -16.90
C ARG C 3762 -62.79 -21.15 -16.98
N LEU C 3763 -61.67 -20.98 -17.70
CA LEU C 3763 -60.63 -21.99 -17.73
C LEU C 3763 -60.03 -22.19 -16.34
N LEU C 3764 -59.80 -21.09 -15.62
CA LEU C 3764 -59.21 -21.19 -14.28
C LEU C 3764 -60.18 -21.87 -13.31
N TYR C 3765 -61.48 -21.63 -13.46
CA TYR C 3765 -62.47 -22.32 -12.64
C TYR C 3765 -62.55 -23.81 -12.99
N GLN C 3766 -62.47 -24.15 -14.28
CA GLN C 3766 -62.51 -25.55 -14.67
C GLN C 3766 -61.21 -26.28 -14.33
N GLN C 3767 -60.13 -25.54 -14.06
CA GLN C 3767 -58.88 -26.17 -13.65
C GLN C 3767 -58.77 -26.27 -12.13
N SER C 3768 -59.35 -25.32 -11.40
CA SER C 3768 -59.56 -25.45 -9.96
C SER C 3768 -60.70 -26.41 -9.63
N ARG C 3769 -61.49 -26.80 -10.63
CA ARG C 3769 -62.41 -27.92 -10.49
C ARG C 3769 -61.67 -29.18 -10.13
N LEU C 3770 -60.50 -29.40 -10.72
CA LEU C 3770 -59.75 -30.64 -10.62
C LEU C 3770 -58.58 -30.55 -9.65
N HIS C 3771 -57.69 -29.55 -9.81
CA HIS C 3771 -56.41 -29.59 -9.10
C HIS C 3771 -56.51 -29.14 -7.65
N THR C 3772 -57.71 -28.82 -7.16
CA THR C 3772 -57.92 -28.61 -5.73
C THR C 3772 -58.04 -29.92 -4.96
N ARG C 3773 -58.04 -31.06 -5.65
CA ARG C 3773 -58.12 -32.38 -5.05
C ARG C 3773 -57.01 -33.31 -5.55
N GLY C 3774 -55.79 -32.81 -5.65
CA GLY C 3774 -54.66 -33.69 -5.89
C GLY C 3774 -54.39 -34.05 -7.33
N ALA C 3775 -55.14 -33.48 -8.27
CA ALA C 3775 -54.92 -33.75 -9.69
C ALA C 3775 -53.63 -33.13 -10.22
N ALA C 3776 -53.08 -32.13 -9.53
CA ALA C 3776 -51.81 -31.55 -9.96
C ALA C 3776 -50.62 -32.40 -9.55
N GLU C 3777 -50.75 -33.21 -8.50
CA GLU C 3777 -49.69 -34.11 -8.08
C GLU C 3777 -49.95 -35.56 -8.43
N MET C 3778 -51.13 -35.88 -8.96
CA MET C 3778 -51.35 -37.22 -9.51
C MET C 3778 -50.53 -37.44 -10.78
N VAL C 3779 -50.26 -36.36 -11.53
CA VAL C 3779 -49.71 -36.50 -12.86
C VAL C 3779 -48.21 -36.83 -12.84
N LEU C 3780 -47.52 -36.56 -11.73
CA LEU C 3780 -46.05 -36.61 -11.78
C LEU C 3780 -45.50 -37.97 -11.37
N GLN C 3781 -46.11 -38.64 -10.38
CA GLN C 3781 -45.56 -39.91 -9.92
C GLN C 3781 -45.79 -41.04 -10.92
N MET C 3782 -46.80 -40.94 -11.77
CA MET C 3782 -46.93 -41.91 -12.86
C MET C 3782 -45.89 -41.68 -13.95
N ILE C 3783 -45.26 -40.50 -13.97
CA ILE C 3783 -44.06 -40.29 -14.77
C ILE C 3783 -42.83 -40.81 -14.03
N SER C 3784 -42.80 -40.59 -12.71
CA SER C 3784 -41.62 -40.92 -11.91
C SER C 3784 -41.44 -42.43 -11.75
N ALA C 3785 -42.52 -43.20 -11.80
CA ALA C 3785 -42.43 -44.65 -11.74
C ALA C 3785 -42.24 -45.27 -13.12
N CYS C 3786 -42.18 -44.46 -14.17
CA CYS C 3786 -41.98 -44.98 -15.51
C CYS C 3786 -40.51 -45.26 -15.80
N LYS C 3787 -39.66 -44.23 -15.64
CA LYS C 3787 -38.21 -44.19 -15.91
C LYS C 3787 -37.74 -44.93 -17.16
N GLY C 3788 -38.13 -44.42 -18.33
CA GLY C 3788 -37.61 -44.91 -19.58
C GLY C 3788 -38.52 -45.87 -20.33
N GLU C 3789 -39.77 -45.46 -20.54
CA GLU C 3789 -40.71 -46.19 -21.39
C GLU C 3789 -41.56 -45.19 -22.15
N THR C 3790 -41.39 -45.15 -23.47
CA THR C 3790 -42.11 -44.22 -24.33
C THR C 3790 -43.41 -44.83 -24.87
N GLY C 3791 -44.25 -45.31 -23.96
CA GLY C 3791 -45.50 -45.93 -24.32
C GLY C 3791 -46.58 -44.93 -24.67
N ALA C 3792 -47.82 -45.45 -24.74
CA ALA C 3792 -48.95 -44.66 -25.17
C ALA C 3792 -49.69 -44.00 -24.01
N MET C 3793 -49.47 -44.43 -22.78
CA MET C 3793 -50.11 -43.78 -21.63
C MET C 3793 -49.41 -42.50 -21.24
N VAL C 3794 -48.11 -42.39 -21.53
CA VAL C 3794 -47.36 -41.15 -21.34
C VAL C 3794 -47.91 -40.08 -22.28
N SER C 3795 -48.29 -40.48 -23.48
CA SER C 3795 -48.87 -39.67 -24.54
C SER C 3795 -50.29 -39.19 -24.24
N SER C 3796 -50.90 -39.62 -23.15
CA SER C 3796 -52.14 -39.03 -22.65
C SER C 3796 -51.96 -38.30 -21.33
N THR C 3797 -51.10 -38.81 -20.45
CA THR C 3797 -50.86 -38.13 -19.18
C THR C 3797 -50.00 -36.88 -19.33
N LEU C 3798 -49.42 -36.64 -20.51
CA LEU C 3798 -48.84 -35.32 -20.76
C LEU C 3798 -49.81 -34.38 -21.47
N LYS C 3799 -50.79 -34.89 -22.22
CA LYS C 3799 -51.90 -34.05 -22.65
C LYS C 3799 -52.69 -33.53 -21.46
N LEU C 3800 -52.86 -34.36 -20.42
CA LEU C 3800 -53.49 -33.87 -19.20
C LEU C 3800 -52.63 -32.82 -18.52
N GLY C 3801 -51.30 -32.94 -18.65
CA GLY C 3801 -50.41 -31.94 -18.06
C GLY C 3801 -50.44 -30.61 -18.79
N ILE C 3802 -50.49 -30.65 -20.13
CA ILE C 3802 -50.80 -29.47 -20.94
C ILE C 3802 -52.12 -28.86 -20.50
N SER C 3803 -53.11 -29.71 -20.26
CA SER C 3803 -54.45 -29.25 -19.92
C SER C 3803 -54.51 -28.59 -18.55
N ILE C 3804 -53.75 -29.08 -17.58
CA ILE C 3804 -53.91 -28.56 -16.23
C ILE C 3804 -52.87 -27.46 -15.97
N LEU C 3805 -51.81 -27.37 -16.77
CA LEU C 3805 -50.86 -26.28 -16.67
C LEU C 3805 -51.13 -25.15 -17.66
N ASN C 3806 -52.14 -25.27 -18.52
CA ASN C 3806 -52.46 -24.17 -19.42
C ASN C 3806 -53.17 -23.05 -18.66
N GLY C 3807 -52.83 -21.82 -19.01
CA GLY C 3807 -53.46 -20.64 -18.42
C GLY C 3807 -52.54 -19.73 -17.64
N GLY C 3808 -51.36 -20.19 -17.23
CA GLY C 3808 -50.43 -19.37 -16.49
C GLY C 3808 -50.80 -19.17 -15.04
N ASN C 3809 -51.07 -20.27 -14.35
CA ASN C 3809 -51.53 -20.24 -12.97
C ASN C 3809 -50.36 -20.42 -12.01
N ALA C 3810 -50.46 -19.79 -10.83
CA ALA C 3810 -49.38 -19.79 -9.86
C ALA C 3810 -49.59 -20.73 -8.68
N GLU C 3811 -50.83 -20.96 -8.26
CA GLU C 3811 -51.06 -21.94 -7.22
C GLU C 3811 -50.87 -23.37 -7.69
N VAL C 3812 -51.00 -23.62 -9.01
CA VAL C 3812 -50.61 -24.94 -9.54
C VAL C 3812 -49.10 -25.14 -9.50
N GLN C 3813 -48.31 -24.05 -9.41
CA GLN C 3813 -46.85 -24.13 -9.29
C GLN C 3813 -46.40 -24.29 -7.85
N GLN C 3814 -46.97 -23.48 -6.96
CA GLN C 3814 -46.74 -23.63 -5.53
C GLN C 3814 -47.41 -24.89 -4.95
N LYS C 3815 -48.32 -25.51 -5.68
CA LYS C 3815 -48.76 -26.87 -5.37
C LYS C 3815 -47.62 -27.87 -5.55
N MET C 3816 -46.82 -27.71 -6.60
CA MET C 3816 -45.82 -28.70 -6.96
C MET C 3816 -44.50 -28.54 -6.22
N LEU C 3817 -44.10 -27.29 -5.93
CA LEU C 3817 -42.71 -27.05 -5.53
C LEU C 3817 -42.39 -27.67 -4.16
N ASP C 3818 -43.16 -27.31 -3.13
CA ASP C 3818 -42.95 -27.88 -1.78
C ASP C 3818 -43.16 -29.40 -1.76
N TYR C 3819 -44.12 -29.88 -2.56
CA TYR C 3819 -44.43 -31.30 -2.63
C TYR C 3819 -43.30 -32.10 -3.26
N LEU C 3820 -42.53 -31.50 -4.17
CA LEU C 3820 -41.34 -32.19 -4.67
C LEU C 3820 -40.13 -32.02 -3.75
N LYS C 3821 -39.93 -30.83 -3.16
CA LYS C 3821 -38.72 -30.61 -2.34
C LYS C 3821 -38.74 -31.32 -1.01
N ASP C 3822 -39.90 -31.47 -0.36
CA ASP C 3822 -39.89 -32.16 0.92
C ASP C 3822 -40.09 -33.66 0.79
N LYS C 3823 -40.45 -34.15 -0.40
CA LYS C 3823 -40.50 -35.59 -0.61
C LYS C 3823 -39.11 -36.18 -0.74
N LYS C 3824 -38.23 -35.51 -1.49
CA LYS C 3824 -36.85 -35.90 -1.75
C LYS C 3824 -36.76 -37.32 -2.34
N GLU C 3825 -37.40 -37.45 -3.50
CA GLU C 3825 -37.36 -38.69 -4.27
C GLU C 3825 -36.96 -38.35 -5.70
N VAL C 3826 -35.69 -38.47 -5.98
CA VAL C 3826 -35.19 -38.24 -7.33
C VAL C 3826 -35.57 -39.45 -8.18
N GLY C 3827 -35.84 -39.22 -9.46
CA GLY C 3827 -36.34 -40.26 -10.33
C GLY C 3827 -37.30 -39.73 -11.37
N PHE C 3828 -38.06 -38.68 -11.01
CA PHE C 3828 -38.80 -37.93 -12.01
C PHE C 3828 -37.84 -37.18 -12.93
N PHE C 3829 -36.73 -36.69 -12.38
CA PHE C 3829 -35.78 -35.97 -13.22
C PHE C 3829 -34.94 -36.91 -14.08
N GLN C 3830 -34.67 -38.14 -13.63
CA GLN C 3830 -34.11 -39.13 -14.56
C GLN C 3830 -35.14 -39.64 -15.56
N SER C 3831 -36.44 -39.60 -15.22
CA SER C 3831 -37.46 -39.89 -16.23
C SER C 3831 -37.43 -38.86 -17.34
N ILE C 3832 -37.32 -37.58 -17.00
CA ILE C 3832 -37.19 -36.54 -18.03
C ILE C 3832 -35.81 -36.58 -18.70
N GLN C 3833 -34.79 -37.10 -18.00
CA GLN C 3833 -33.49 -37.30 -18.62
C GLN C 3833 -33.55 -38.35 -19.71
N ALA C 3834 -34.20 -39.47 -19.43
CA ALA C 3834 -34.22 -40.60 -20.36
C ALA C 3834 -35.31 -40.47 -21.42
N LEU C 3835 -36.37 -39.70 -21.16
CA LEU C 3835 -37.51 -39.71 -22.05
C LEU C 3835 -37.32 -38.81 -23.27
N MET C 3836 -36.41 -37.84 -23.21
CA MET C 3836 -36.28 -36.88 -24.30
C MET C 3836 -35.19 -37.24 -25.29
N GLN C 3837 -34.27 -38.14 -24.93
CA GLN C 3837 -33.24 -38.58 -25.87
C GLN C 3837 -33.65 -39.83 -26.66
N THR C 3838 -34.78 -40.44 -26.32
CA THR C 3838 -35.31 -41.56 -27.11
C THR C 3838 -36.33 -41.10 -28.15
N CYS C 3839 -35.96 -40.01 -28.83
CA CYS C 3839 -36.78 -39.35 -29.83
C CYS C 3839 -36.16 -39.58 -31.21
N SER C 3840 -36.99 -39.49 -32.23
CA SER C 3840 -36.60 -39.83 -33.60
C SER C 3840 -36.10 -38.60 -34.35
N VAL C 3841 -35.11 -38.84 -35.22
CA VAL C 3841 -34.27 -37.78 -35.79
C VAL C 3841 -34.49 -37.86 -37.31
N LEU C 3842 -34.18 -36.78 -38.04
CA LEU C 3842 -34.18 -36.80 -39.51
C LEU C 3842 -32.86 -37.36 -40.04
N ASP C 3843 -32.66 -38.65 -39.79
CA ASP C 3843 -31.54 -39.37 -40.36
C ASP C 3843 -31.91 -39.95 -41.71
N LEU C 3844 -30.92 -40.01 -42.59
CA LEU C 3844 -31.15 -40.24 -44.02
C LEU C 3844 -30.66 -41.61 -44.46
N ASN C 3845 -30.97 -42.63 -43.68
CA ASN C 3845 -30.88 -44.01 -44.13
C ASN C 3845 -32.25 -44.66 -43.98
N ALA C 3846 -33.05 -44.17 -43.03
CA ALA C 3846 -34.44 -44.57 -42.86
C ALA C 3846 -35.41 -43.72 -43.65
N PHE C 3847 -34.91 -42.91 -44.61
CA PHE C 3847 -35.75 -42.01 -45.38
C PHE C 3847 -35.94 -42.47 -46.82
N GLU C 3848 -34.84 -42.78 -47.52
CA GLU C 3848 -34.92 -43.12 -48.93
C GLU C 3848 -35.50 -44.50 -49.18
N ARG C 3849 -35.61 -45.35 -48.16
CA ARG C 3849 -36.36 -46.59 -48.34
C ARG C 3849 -37.87 -46.36 -48.37
N GLN C 3850 -38.41 -45.54 -47.47
CA GLN C 3850 -39.83 -45.24 -47.58
C GLN C 3850 -40.11 -44.19 -48.66
N ASN C 3851 -39.09 -43.49 -49.15
CA ASN C 3851 -39.26 -42.73 -50.40
C ASN C 3851 -39.67 -43.62 -51.56
N LYS C 3852 -39.13 -44.84 -51.60
CA LYS C 3852 -39.53 -45.79 -52.63
C LYS C 3852 -40.81 -46.51 -52.24
N ALA C 3853 -40.97 -46.79 -50.94
CA ALA C 3853 -42.15 -47.51 -50.46
C ALA C 3853 -43.43 -46.67 -50.55
N GLU C 3854 -43.32 -45.35 -50.64
CA GLU C 3854 -44.50 -44.51 -50.79
C GLU C 3854 -45.05 -44.52 -52.20
N GLY C 3855 -44.22 -44.83 -53.20
CA GLY C 3855 -44.71 -44.94 -54.56
C GLY C 3855 -45.53 -46.18 -54.82
N LEU C 3856 -45.41 -47.19 -53.95
CA LEU C 3856 -46.14 -48.45 -54.08
C LEU C 3856 -47.53 -48.28 -53.45
N GLY C 3857 -48.49 -47.82 -54.26
CA GLY C 3857 -49.83 -47.59 -53.78
C GLY C 3857 -50.75 -48.80 -53.81
N MET C 3858 -50.60 -49.64 -54.83
CA MET C 3858 -51.47 -50.78 -55.06
C MET C 3858 -50.69 -52.06 -54.78
N VAL C 3859 -51.16 -52.84 -53.80
CA VAL C 3859 -50.61 -54.15 -53.52
C VAL C 3859 -51.59 -55.18 -54.04
N ASN C 3860 -51.08 -56.35 -54.43
CA ASN C 3860 -51.88 -57.35 -55.10
C ASN C 3860 -52.66 -58.18 -54.08
N GLU C 3861 -53.26 -59.28 -54.56
CA GLU C 3861 -54.08 -60.20 -53.76
C GLU C 3861 -55.26 -59.50 -53.09
N ASP C 3862 -55.87 -58.55 -53.81
CA ASP C 3862 -57.04 -57.77 -53.40
C ASP C 3862 -56.77 -57.00 -52.10
N GLY C 3863 -55.77 -56.13 -52.17
CA GLY C 3863 -55.38 -55.33 -51.02
C GLY C 3863 -55.08 -53.90 -51.39
N THR C 3864 -55.10 -53.03 -50.38
CA THR C 3864 -54.72 -51.62 -50.49
C THR C 3864 -53.66 -51.34 -49.43
N VAL C 3865 -52.89 -50.26 -49.63
CA VAL C 3865 -51.84 -49.90 -48.69
C VAL C 3865 -52.47 -49.43 -47.37
N ILE C 3866 -51.99 -50.00 -46.27
CA ILE C 3866 -52.40 -49.53 -44.93
C ILE C 3866 -51.38 -48.48 -44.53
N ASN C 3867 -51.62 -47.26 -45.02
CA ASN C 3867 -50.67 -46.17 -44.77
C ASN C 3867 -50.75 -45.69 -43.33
N ARG C 3868 -51.94 -45.76 -42.73
CA ARG C 3868 -52.10 -45.41 -41.32
C ARG C 3868 -51.48 -46.44 -40.38
N GLN C 3869 -51.44 -47.71 -40.79
CA GLN C 3869 -50.78 -48.72 -39.97
C GLN C 3869 -49.27 -48.73 -40.19
N ASN C 3870 -48.82 -48.33 -41.38
CA ASN C 3870 -47.38 -48.19 -41.57
C ASN C 3870 -46.85 -46.93 -40.89
N GLY C 3871 -47.61 -45.83 -40.95
CA GLY C 3871 -47.19 -44.56 -40.43
C GLY C 3871 -46.05 -43.96 -41.25
N GLU C 3872 -45.45 -42.92 -40.67
CA GLU C 3872 -44.20 -42.36 -41.16
C GLU C 3872 -43.09 -42.89 -40.27
N LYS C 3873 -42.18 -43.70 -40.85
CA LYS C 3873 -41.09 -44.26 -40.06
C LYS C 3873 -40.04 -43.21 -39.70
N VAL C 3874 -39.98 -42.12 -40.47
CA VAL C 3874 -39.08 -41.01 -40.15
C VAL C 3874 -39.82 -39.97 -39.33
N MET C 3875 -39.28 -39.69 -38.13
CA MET C 3875 -39.93 -38.95 -37.04
C MET C 3875 -41.35 -39.48 -36.77
N ALA C 3876 -41.36 -40.67 -36.18
CA ALA C 3876 -42.57 -41.25 -35.62
C ALA C 3876 -42.86 -40.80 -34.20
N ASP C 3877 -41.89 -40.12 -33.55
CA ASP C 3877 -42.04 -39.66 -32.18
C ASP C 3877 -42.29 -38.15 -32.11
N ASP C 3878 -43.07 -37.62 -33.05
CA ASP C 3878 -43.22 -36.18 -33.17
C ASP C 3878 -44.14 -35.60 -32.10
N GLU C 3879 -45.29 -36.22 -31.87
CA GLU C 3879 -46.27 -35.69 -30.92
C GLU C 3879 -45.78 -35.83 -29.49
N PHE C 3880 -44.93 -36.83 -29.23
CA PHE C 3880 -44.44 -37.10 -27.88
C PHE C 3880 -43.54 -35.96 -27.39
N THR C 3881 -42.49 -35.64 -28.15
CA THR C 3881 -41.64 -34.50 -27.81
C THR C 3881 -42.28 -33.16 -28.14
N GLN C 3882 -43.37 -33.15 -28.93
CA GLN C 3882 -44.16 -31.93 -29.07
C GLN C 3882 -44.86 -31.58 -27.77
N ASP C 3883 -45.45 -32.57 -27.11
CA ASP C 3883 -46.18 -32.32 -25.88
C ASP C 3883 -45.27 -32.18 -24.67
N LEU C 3884 -44.15 -32.91 -24.64
CA LEU C 3884 -43.23 -32.81 -23.49
C LEU C 3884 -42.61 -31.42 -23.40
N PHE C 3885 -42.22 -30.84 -24.53
CA PHE C 3885 -41.59 -29.53 -24.50
C PHE C 3885 -42.59 -28.43 -24.18
N ARG C 3886 -43.86 -28.58 -24.56
CA ARG C 3886 -44.82 -27.59 -24.12
C ARG C 3886 -45.19 -27.79 -22.65
N PHE C 3887 -45.02 -29.02 -22.13
CA PHE C 3887 -45.19 -29.22 -20.69
C PHE C 3887 -44.09 -28.52 -19.90
N LEU C 3888 -42.84 -28.65 -20.35
CA LEU C 3888 -41.76 -27.91 -19.70
C LEU C 3888 -41.81 -26.42 -20.02
N GLN C 3889 -42.51 -26.03 -21.08
CA GLN C 3889 -42.79 -24.62 -21.36
C GLN C 3889 -43.70 -24.03 -20.29
N LEU C 3890 -44.86 -24.64 -20.12
CA LEU C 3890 -45.91 -24.15 -19.23
C LEU C 3890 -45.66 -24.54 -17.77
N LEU C 3891 -44.63 -25.33 -17.50
CA LEU C 3891 -44.19 -25.52 -16.12
C LEU C 3891 -43.48 -24.28 -15.59
N CYS C 3892 -42.93 -23.44 -16.48
CA CYS C 3892 -42.17 -22.26 -16.08
C CYS C 3892 -42.58 -21.00 -16.82
N GLU C 3893 -43.68 -21.03 -17.58
CA GLU C 3893 -44.19 -19.82 -18.24
C GLU C 3893 -44.61 -18.75 -17.25
N GLY C 3894 -44.97 -19.13 -16.02
CA GLY C 3894 -45.40 -18.20 -15.00
C GLY C 3894 -44.35 -17.26 -14.42
N HIS C 3895 -43.13 -17.25 -14.98
CA HIS C 3895 -42.05 -16.30 -14.64
C HIS C 3895 -41.64 -16.41 -13.17
N ASN C 3896 -41.54 -17.63 -12.66
CA ASN C 3896 -41.26 -17.83 -11.24
C ASN C 3896 -39.88 -18.50 -11.13
N ASN C 3897 -38.91 -17.76 -10.60
CA ASN C 3897 -37.50 -18.09 -10.83
C ASN C 3897 -36.92 -19.09 -9.85
N ASP C 3898 -37.63 -19.40 -8.76
CA ASP C 3898 -37.23 -20.54 -7.94
C ASP C 3898 -37.33 -21.84 -8.73
N PHE C 3899 -38.28 -21.91 -9.69
CA PHE C 3899 -38.35 -23.03 -10.61
C PHE C 3899 -37.16 -23.07 -11.56
N GLN C 3900 -36.66 -21.92 -11.99
CA GLN C 3900 -35.51 -21.91 -12.90
C GLN C 3900 -34.20 -22.24 -12.19
N ASN C 3901 -34.01 -21.77 -10.95
CA ASN C 3901 -32.88 -22.26 -10.17
C ASN C 3901 -33.04 -23.72 -9.77
N TYR C 3902 -34.29 -24.14 -9.51
CA TYR C 3902 -34.62 -25.54 -9.23
C TYR C 3902 -34.29 -26.46 -10.39
N LEU C 3903 -34.58 -26.05 -11.61
CA LEU C 3903 -34.62 -26.98 -12.74
C LEU C 3903 -33.21 -27.38 -13.18
N ARG C 3904 -32.19 -26.68 -12.68
CA ARG C 3904 -30.79 -26.90 -12.98
C ARG C 3904 -29.94 -27.20 -11.76
N THR C 3905 -30.32 -26.74 -10.56
CA THR C 3905 -29.47 -26.85 -9.37
C THR C 3905 -30.31 -27.29 -8.19
N GLN C 3906 -30.11 -28.53 -7.76
CA GLN C 3906 -30.88 -29.13 -6.67
C GLN C 3906 -29.89 -29.56 -5.59
N THR C 3907 -29.55 -28.61 -4.70
CA THR C 3907 -28.75 -28.94 -3.53
C THR C 3907 -29.56 -29.71 -2.49
N GLY C 3908 -30.90 -29.58 -2.53
CA GLY C 3908 -31.74 -30.34 -1.62
C GLY C 3908 -31.79 -31.82 -1.91
N ASN C 3909 -31.55 -32.22 -3.15
CA ASN C 3909 -31.39 -33.63 -3.50
C ASN C 3909 -29.91 -33.93 -3.71
N THR C 3910 -29.60 -35.19 -3.97
CA THR C 3910 -28.22 -35.64 -4.14
C THR C 3910 -27.81 -35.79 -5.61
N THR C 3911 -28.69 -35.45 -6.56
CA THR C 3911 -28.43 -35.67 -7.96
C THR C 3911 -28.88 -34.45 -8.75
N THR C 3912 -27.95 -33.81 -9.44
CA THR C 3912 -28.28 -32.76 -10.39
C THR C 3912 -28.59 -33.40 -11.74
N ILE C 3913 -29.58 -32.85 -12.46
CA ILE C 3913 -29.91 -33.46 -13.75
C ILE C 3913 -29.69 -32.47 -14.88
N ASN C 3914 -29.79 -31.16 -14.59
CA ASN C 3914 -29.44 -30.06 -15.49
C ASN C 3914 -30.12 -30.14 -16.86
N ILE C 3915 -31.42 -29.82 -16.92
CA ILE C 3915 -32.23 -30.11 -18.10
C ILE C 3915 -31.86 -29.25 -19.31
N ILE C 3916 -31.30 -28.06 -19.09
CA ILE C 3916 -31.21 -27.08 -20.17
C ILE C 3916 -30.10 -27.43 -21.16
N ILE C 3917 -28.95 -27.90 -20.68
CA ILE C 3917 -27.91 -28.34 -21.60
C ILE C 3917 -28.26 -29.66 -22.28
N CYS C 3918 -29.12 -30.49 -21.66
CA CYS C 3918 -29.68 -31.62 -22.38
C CYS C 3918 -30.58 -31.16 -23.53
N THR C 3919 -31.36 -30.10 -23.31
CA THR C 3919 -32.19 -29.57 -24.38
C THR C 3919 -31.34 -28.90 -25.46
N VAL C 3920 -30.21 -28.32 -25.09
CA VAL C 3920 -29.41 -27.68 -26.14
C VAL C 3920 -28.58 -28.71 -26.90
N ASP C 3921 -28.26 -29.86 -26.28
CA ASP C 3921 -27.65 -30.96 -27.04
C ASP C 3921 -28.68 -31.63 -27.95
N TYR C 3922 -29.93 -31.66 -27.51
CA TYR C 3922 -31.05 -32.01 -28.38
C TYR C 3922 -31.16 -31.03 -29.55
N LEU C 3923 -30.96 -29.73 -29.27
CA LEU C 3923 -31.06 -28.69 -30.30
C LEU C 3923 -29.94 -28.81 -31.33
N LEU C 3924 -28.73 -29.16 -30.89
CA LEU C 3924 -27.63 -29.29 -31.84
C LEU C 3924 -27.69 -30.62 -32.58
N ARG C 3925 -28.23 -31.68 -31.97
CA ARG C 3925 -28.57 -32.89 -32.72
C ARG C 3925 -29.62 -32.58 -33.79
N LEU C 3926 -30.57 -31.69 -33.48
CA LEU C 3926 -31.54 -31.25 -34.47
C LEU C 3926 -30.91 -30.50 -35.63
N GLN C 3927 -29.98 -29.57 -35.33
CA GLN C 3927 -29.46 -28.75 -36.42
C GLN C 3927 -28.45 -29.54 -37.27
N GLU C 3928 -27.63 -30.40 -36.64
CA GLU C 3928 -26.81 -31.27 -37.48
C GLU C 3928 -27.58 -32.44 -38.08
N SER C 3929 -28.86 -32.62 -37.74
CA SER C 3929 -29.72 -33.47 -38.56
C SER C 3929 -30.23 -32.73 -39.78
N ILE C 3930 -30.87 -31.58 -39.57
CA ILE C 3930 -31.55 -30.90 -40.67
C ILE C 3930 -30.58 -30.17 -41.59
N SER C 3931 -29.36 -29.90 -41.13
CA SER C 3931 -28.33 -29.34 -42.00
C SER C 3931 -27.88 -30.35 -43.04
N ASP C 3932 -27.69 -31.61 -42.63
CA ASP C 3932 -27.39 -32.65 -43.61
C ASP C 3932 -28.63 -33.07 -44.40
N PHE C 3933 -29.82 -32.87 -43.83
CA PHE C 3933 -31.05 -33.03 -44.62
C PHE C 3933 -31.11 -32.01 -45.76
N TYR C 3934 -30.62 -30.79 -45.51
CA TYR C 3934 -30.55 -29.77 -46.56
C TYR C 3934 -29.41 -30.08 -47.53
N TRP C 3935 -28.28 -30.57 -47.03
CA TRP C 3935 -27.14 -30.90 -47.88
C TRP C 3935 -27.35 -32.16 -48.71
N TYR C 3936 -28.35 -32.97 -48.35
CA TYR C 3936 -28.78 -34.13 -49.12
C TYR C 3936 -29.55 -33.75 -50.38
N TYR C 3937 -30.34 -32.68 -50.35
CA TYR C 3937 -31.13 -32.25 -51.50
C TYR C 3937 -30.74 -30.86 -52.02
N SER C 3938 -29.55 -30.37 -51.65
CA SER C 3938 -29.03 -29.15 -52.29
C SER C 3938 -28.72 -29.33 -53.78
N GLY C 3939 -28.56 -30.58 -54.25
CA GLY C 3939 -28.30 -30.79 -55.67
C GLY C 3939 -29.53 -30.58 -56.54
N LYS C 3940 -30.71 -30.85 -56.02
CA LYS C 3940 -31.93 -30.69 -56.80
C LYS C 3940 -32.56 -29.34 -56.45
N ASP C 3941 -33.00 -28.62 -57.49
CA ASP C 3941 -33.55 -27.27 -57.29
C ASP C 3941 -35.00 -27.31 -56.84
N VAL C 3942 -35.88 -27.86 -57.67
CA VAL C 3942 -37.29 -27.98 -57.37
C VAL C 3942 -37.51 -29.16 -56.44
N ILE C 3943 -37.99 -28.89 -55.23
CA ILE C 3943 -38.23 -29.94 -54.24
C ILE C 3943 -39.72 -30.26 -54.21
N GLU C 3944 -40.05 -31.55 -54.12
CA GLU C 3944 -41.43 -32.03 -54.24
C GLU C 3944 -42.05 -32.19 -52.84
N GLU C 3945 -43.16 -32.93 -52.78
CA GLU C 3945 -44.10 -32.89 -51.65
C GLU C 3945 -43.62 -33.53 -50.36
N GLN C 3946 -43.50 -34.87 -50.32
CA GLN C 3946 -43.36 -35.59 -49.06
C GLN C 3946 -42.04 -35.30 -48.34
N GLY C 3947 -40.99 -34.97 -49.08
CA GLY C 3947 -39.76 -34.52 -48.44
C GLY C 3947 -39.95 -33.23 -47.67
N LYS C 3948 -40.68 -32.28 -48.25
CA LYS C 3948 -40.93 -31.03 -47.55
C LYS C 3948 -42.05 -31.16 -46.52
N ARG C 3949 -42.91 -32.18 -46.62
CA ARG C 3949 -43.83 -32.45 -45.52
C ARG C 3949 -43.09 -33.06 -44.33
N ASN C 3950 -42.08 -33.90 -44.61
CA ASN C 3950 -41.16 -34.37 -43.57
C ASN C 3950 -40.35 -33.22 -42.98
N PHE C 3951 -40.02 -32.23 -43.80
CA PHE C 3951 -39.47 -30.97 -43.30
C PHE C 3951 -40.47 -30.21 -42.45
N SER C 3952 -41.76 -30.27 -42.80
CA SER C 3952 -42.78 -29.47 -42.12
C SER C 3952 -43.07 -30.02 -40.73
N LYS C 3953 -43.23 -31.33 -40.59
CA LYS C 3953 -43.50 -31.86 -39.25
C LYS C 3953 -42.24 -31.93 -38.39
N ALA C 3954 -41.06 -31.63 -38.95
CA ALA C 3954 -39.87 -31.41 -38.13
C ALA C 3954 -39.74 -29.95 -37.72
N MET C 3955 -40.01 -29.01 -38.62
CA MET C 3955 -39.96 -27.61 -38.23
C MET C 3955 -41.15 -27.22 -37.34
N SER C 3956 -42.21 -28.02 -37.34
CA SER C 3956 -43.32 -27.80 -36.42
C SER C 3956 -42.96 -28.13 -34.97
N VAL C 3957 -42.09 -29.13 -34.75
CA VAL C 3957 -41.61 -29.37 -33.39
C VAL C 3957 -40.42 -28.45 -33.09
N ALA C 3958 -39.73 -27.99 -34.14
CA ALA C 3958 -38.74 -26.93 -33.96
C ALA C 3958 -39.39 -25.64 -33.50
N LYS C 3959 -40.63 -25.41 -33.94
CA LYS C 3959 -41.43 -24.24 -33.56
C LYS C 3959 -41.59 -24.12 -32.04
N GLN C 3960 -41.65 -25.25 -31.34
CA GLN C 3960 -41.83 -25.24 -29.90
C GLN C 3960 -40.53 -25.50 -29.13
N VAL C 3961 -39.58 -26.25 -29.68
CA VAL C 3961 -38.32 -26.39 -28.96
C VAL C 3961 -37.48 -25.11 -29.10
N PHE C 3962 -37.82 -24.22 -30.04
CA PHE C 3962 -37.07 -22.97 -30.15
C PHE C 3962 -37.43 -21.96 -29.06
N ASN C 3963 -38.64 -22.03 -28.49
CA ASN C 3963 -38.97 -21.15 -27.37
C ASN C 3963 -39.08 -21.89 -26.04
N SER C 3964 -38.98 -23.23 -26.05
CA SER C 3964 -39.01 -23.98 -24.79
C SER C 3964 -37.79 -23.72 -23.90
N LEU C 3965 -36.70 -23.19 -24.46
CA LEU C 3965 -35.59 -22.71 -23.65
C LEU C 3965 -35.58 -21.19 -23.52
N THR C 3966 -36.55 -20.50 -24.16
CA THR C 3966 -36.67 -19.06 -23.91
C THR C 3966 -37.53 -18.77 -22.69
N GLU C 3967 -38.58 -19.57 -22.45
CA GLU C 3967 -39.22 -19.42 -21.13
C GLU C 3967 -38.46 -20.11 -19.99
N TYR C 3968 -37.19 -20.47 -20.16
CA TYR C 3968 -36.27 -20.62 -19.04
C TYR C 3968 -35.40 -19.40 -18.80
N ILE C 3969 -35.27 -18.48 -19.76
CA ILE C 3969 -34.30 -17.40 -19.62
C ILE C 3969 -34.95 -16.02 -19.55
N GLN C 3970 -36.22 -15.86 -19.91
CA GLN C 3970 -36.84 -14.54 -19.78
C GLN C 3970 -37.21 -14.18 -18.35
N GLY C 3971 -36.97 -15.05 -17.36
CA GLY C 3971 -37.17 -14.70 -15.97
C GLY C 3971 -36.08 -13.79 -15.43
N PRO C 3972 -36.43 -12.91 -14.48
CA PRO C 3972 -35.46 -11.93 -13.95
C PRO C 3972 -34.42 -12.52 -13.00
N CYS C 3973 -33.58 -13.39 -13.52
CA CYS C 3973 -32.41 -13.91 -12.81
C CYS C 3973 -31.37 -14.29 -13.84
N THR C 3974 -30.15 -13.79 -13.66
CA THR C 3974 -29.06 -14.03 -14.62
C THR C 3974 -28.31 -15.32 -14.36
N GLY C 3975 -28.81 -16.18 -13.47
CA GLY C 3975 -28.13 -17.45 -13.19
C GLY C 3975 -28.20 -18.47 -14.30
N ASN C 3976 -29.19 -18.37 -15.20
CA ASN C 3976 -29.25 -19.26 -16.36
C ASN C 3976 -28.12 -18.96 -17.33
N GLN C 3977 -27.78 -17.69 -17.50
CA GLN C 3977 -26.73 -17.22 -18.40
C GLN C 3977 -25.32 -17.53 -17.88
N GLN C 3978 -25.18 -18.09 -16.67
CA GLN C 3978 -23.90 -18.64 -16.27
C GLN C 3978 -23.58 -19.88 -17.09
N SER C 3979 -24.53 -20.81 -17.19
CA SER C 3979 -24.31 -22.05 -17.89
C SER C 3979 -24.61 -21.95 -19.38
N LEU C 3980 -25.61 -21.16 -19.78
CA LEU C 3980 -25.96 -21.03 -21.19
C LEU C 3980 -24.88 -20.32 -22.00
N ALA C 3981 -24.01 -19.55 -21.35
CA ALA C 3981 -22.88 -18.94 -22.04
C ALA C 3981 -21.69 -19.88 -22.15
N HIS C 3982 -21.43 -20.64 -21.08
CA HIS C 3982 -20.24 -21.50 -21.05
C HIS C 3982 -20.44 -22.83 -21.75
N SER C 3983 -21.68 -23.29 -21.93
CA SER C 3983 -21.91 -24.60 -22.52
C SER C 3983 -22.03 -24.48 -24.03
N ARG C 3984 -22.71 -25.45 -24.66
CA ARG C 3984 -22.65 -25.71 -26.09
C ARG C 3984 -23.85 -25.14 -26.85
N LEU C 3985 -24.26 -23.91 -26.53
CA LEU C 3985 -25.40 -23.30 -27.21
C LEU C 3985 -25.00 -22.62 -28.52
N TRP C 3986 -23.89 -21.90 -28.55
CA TRP C 3986 -23.73 -20.90 -29.60
C TRP C 3986 -23.16 -21.46 -30.89
N ASP C 3987 -22.41 -22.56 -30.83
CA ASP C 3987 -22.05 -23.22 -32.08
C ASP C 3987 -23.27 -23.89 -32.71
N ALA C 3988 -24.22 -24.33 -31.88
CA ALA C 3988 -25.51 -24.75 -32.40
C ALA C 3988 -26.30 -23.59 -33.00
N VAL C 3989 -26.14 -22.39 -32.44
CA VAL C 3989 -26.81 -21.23 -33.03
C VAL C 3989 -26.21 -20.88 -34.39
N VAL C 3990 -24.88 -20.95 -34.54
CA VAL C 3990 -24.28 -20.67 -35.85
C VAL C 3990 -24.62 -21.80 -36.84
N GLY C 3991 -24.73 -23.04 -36.35
CA GLY C 3991 -25.15 -24.13 -37.22
C GLY C 3991 -26.60 -24.02 -37.66
N PHE C 3992 -27.45 -23.42 -36.82
CA PHE C 3992 -28.78 -23.07 -37.29
C PHE C 3992 -28.77 -21.88 -38.27
N LEU C 3993 -27.97 -20.84 -37.98
CA LEU C 3993 -27.99 -19.62 -38.77
C LEU C 3993 -27.45 -19.80 -40.18
N HIS C 3994 -26.50 -20.73 -40.36
CA HIS C 3994 -26.01 -21.03 -41.71
C HIS C 3994 -27.13 -21.56 -42.60
N VAL C 3995 -27.86 -22.57 -42.11
CA VAL C 3995 -28.96 -23.11 -42.91
C VAL C 3995 -30.13 -22.14 -42.95
N PHE C 3996 -30.26 -21.24 -41.96
CA PHE C 3996 -31.32 -20.23 -41.98
C PHE C 3996 -31.09 -19.22 -43.10
N ALA C 3997 -29.84 -18.86 -43.34
CA ALA C 3997 -29.52 -17.99 -44.47
C ALA C 3997 -29.41 -18.75 -45.79
N HIS C 3998 -29.21 -20.06 -45.76
CA HIS C 3998 -29.08 -20.85 -46.98
C HIS C 3998 -30.36 -21.50 -47.47
N MET C 3999 -31.44 -21.53 -46.68
CA MET C 3999 -32.65 -22.19 -47.17
C MET C 3999 -33.38 -21.32 -48.18
N MET C 4000 -33.49 -20.01 -47.92
CA MET C 4000 -34.21 -19.13 -48.83
C MET C 4000 -33.38 -18.69 -50.04
N MET C 4001 -32.16 -19.21 -50.18
CA MET C 4001 -31.48 -19.08 -51.47
C MET C 4001 -32.10 -19.96 -52.55
N LYS C 4002 -32.60 -21.14 -52.19
CA LYS C 4002 -33.27 -21.99 -53.16
C LYS C 4002 -34.78 -22.05 -53.00
N LEU C 4003 -35.32 -21.69 -51.83
CA LEU C 4003 -36.77 -21.67 -51.65
C LEU C 4003 -37.41 -20.36 -52.09
N ALA C 4004 -36.80 -19.64 -53.01
CA ALA C 4004 -37.45 -18.53 -53.71
C ALA C 4004 -37.55 -18.78 -55.22
N GLN C 4005 -37.38 -20.03 -55.65
CA GLN C 4005 -37.32 -20.35 -57.08
C GLN C 4005 -38.71 -20.31 -57.74
N ASP C 4006 -39.72 -20.85 -57.07
CA ASP C 4006 -41.03 -21.07 -57.67
C ASP C 4006 -42.10 -20.49 -56.75
N SER C 4007 -43.32 -20.31 -57.27
CA SER C 4007 -44.41 -19.73 -56.48
C SER C 4007 -44.95 -20.69 -55.42
N SER C 4008 -44.68 -21.99 -55.55
CA SER C 4008 -45.15 -22.98 -54.59
C SER C 4008 -44.13 -23.25 -53.48
N GLN C 4009 -43.32 -22.27 -53.11
CA GLN C 4009 -42.23 -22.46 -52.17
C GLN C 4009 -42.32 -21.53 -50.95
N ILE C 4010 -43.44 -20.84 -50.77
CA ILE C 4010 -43.49 -19.73 -49.84
C ILE C 4010 -44.30 -20.05 -48.58
N GLU C 4011 -45.29 -20.95 -48.64
CA GLU C 4011 -46.12 -21.21 -47.47
C GLU C 4011 -45.45 -22.08 -46.43
N LEU C 4012 -44.30 -22.68 -46.77
CA LEU C 4012 -43.42 -23.35 -45.83
C LEU C 4012 -42.19 -22.53 -45.51
N LEU C 4013 -41.76 -21.65 -46.43
CA LEU C 4013 -40.66 -20.76 -46.11
C LEU C 4013 -41.09 -19.74 -45.07
N LYS C 4014 -42.36 -19.31 -45.09
CA LYS C 4014 -42.84 -18.40 -44.05
C LYS C 4014 -43.03 -19.14 -42.73
N GLU C 4015 -43.25 -20.46 -42.77
CA GLU C 4015 -43.14 -21.27 -41.56
C GLU C 4015 -41.72 -21.20 -41.01
N LEU C 4016 -40.72 -21.24 -41.89
CA LEU C 4016 -39.35 -21.13 -41.40
C LEU C 4016 -39.06 -19.72 -40.89
N LEU C 4017 -39.71 -18.69 -41.46
CA LEU C 4017 -39.37 -17.37 -40.93
C LEU C 4017 -40.21 -16.97 -39.70
N ASP C 4018 -41.38 -17.58 -39.44
CA ASP C 4018 -41.86 -17.35 -38.08
C ASP C 4018 -41.30 -18.38 -37.11
N LEU C 4019 -40.44 -19.30 -37.57
CA LEU C 4019 -39.39 -19.81 -36.68
C LEU C 4019 -38.26 -18.80 -36.45
N GLN C 4020 -37.92 -17.98 -37.47
CA GLN C 4020 -36.94 -16.91 -37.25
C GLN C 4020 -37.45 -15.87 -36.26
N LYS C 4021 -38.78 -15.68 -36.22
CA LYS C 4021 -39.47 -14.85 -35.24
C LYS C 4021 -39.10 -15.20 -33.81
N ASP C 4022 -39.01 -16.49 -33.50
CA ASP C 4022 -38.60 -16.91 -32.18
C ASP C 4022 -37.11 -17.17 -32.06
N MET C 4023 -36.42 -17.34 -33.19
CA MET C 4023 -34.96 -17.36 -33.18
C MET C 4023 -34.37 -16.02 -32.76
N VAL C 4024 -35.01 -14.91 -33.10
CA VAL C 4024 -34.52 -13.62 -32.61
C VAL C 4024 -34.89 -13.36 -31.15
N VAL C 4025 -36.04 -13.87 -30.67
CA VAL C 4025 -36.38 -13.66 -29.26
C VAL C 4025 -35.67 -14.67 -28.38
N MET C 4026 -35.00 -15.67 -28.98
CA MET C 4026 -34.02 -16.47 -28.25
C MET C 4026 -32.94 -15.61 -27.62
N LEU C 4027 -32.23 -14.85 -28.44
CA LEU C 4027 -31.12 -14.02 -27.96
C LEU C 4027 -31.56 -12.60 -27.63
N LEU C 4028 -32.83 -12.25 -27.83
CA LEU C 4028 -33.34 -11.03 -27.23
C LEU C 4028 -33.35 -11.14 -25.70
N SER C 4029 -33.54 -12.35 -25.19
CA SER C 4029 -33.67 -12.55 -23.75
C SER C 4029 -32.33 -12.55 -23.02
N LEU C 4030 -31.21 -12.78 -23.71
CA LEU C 4030 -29.89 -12.67 -23.08
C LEU C 4030 -29.41 -11.23 -22.98
N LEU C 4031 -30.16 -10.28 -23.52
CA LEU C 4031 -29.92 -8.86 -23.33
C LEU C 4031 -30.64 -8.33 -22.09
N GLU C 4032 -31.20 -9.21 -21.26
CA GLU C 4032 -31.93 -8.81 -20.07
C GLU C 4032 -30.95 -8.69 -18.91
N GLY C 4033 -30.96 -7.52 -18.27
CA GLY C 4033 -29.92 -7.21 -17.31
C GLY C 4033 -28.57 -7.06 -17.98
N ASN C 4034 -28.52 -6.35 -19.11
CA ASN C 4034 -27.33 -6.27 -19.94
C ASN C 4034 -26.35 -5.29 -19.33
N VAL C 4035 -25.23 -5.79 -18.80
CA VAL C 4035 -24.13 -4.93 -18.41
C VAL C 4035 -23.54 -4.32 -19.69
N VAL C 4036 -23.08 -3.07 -19.59
CA VAL C 4036 -22.69 -2.29 -20.75
C VAL C 4036 -21.47 -2.90 -21.44
N ASN C 4037 -20.40 -3.13 -20.69
CA ASN C 4037 -19.25 -3.91 -21.16
C ASN C 4037 -19.19 -5.17 -20.29
N GLY C 4038 -19.86 -6.22 -20.76
CA GLY C 4038 -19.86 -7.49 -20.08
C GLY C 4038 -19.39 -8.60 -21.00
N MET C 4039 -18.81 -9.65 -20.42
CA MET C 4039 -18.32 -10.77 -21.22
C MET C 4039 -19.46 -11.55 -21.87
N ILE C 4040 -20.66 -11.51 -21.28
CA ILE C 4040 -21.85 -12.02 -21.95
C ILE C 4040 -22.16 -11.18 -23.19
N ALA C 4041 -21.98 -9.86 -23.10
CA ALA C 4041 -22.25 -8.99 -24.25
C ALA C 4041 -21.18 -9.15 -25.33
N ARG C 4042 -19.95 -9.47 -24.94
CA ARG C 4042 -18.92 -9.75 -25.94
C ARG C 4042 -19.09 -11.13 -26.56
N GLN C 4043 -19.59 -12.10 -25.78
CA GLN C 4043 -19.90 -13.42 -26.30
C GLN C 4043 -21.23 -13.45 -27.05
N MET C 4044 -21.99 -12.36 -27.01
CA MET C 4044 -23.09 -12.14 -27.94
C MET C 4044 -22.60 -11.83 -29.35
N VAL C 4045 -21.46 -11.16 -29.48
CA VAL C 4045 -21.02 -10.64 -30.78
C VAL C 4045 -19.82 -11.41 -31.34
N ASP C 4046 -19.14 -12.22 -30.53
CA ASP C 4046 -18.16 -13.14 -31.13
C ASP C 4046 -18.84 -14.28 -31.88
N MET C 4047 -20.14 -14.47 -31.64
CA MET C 4047 -21.04 -15.24 -32.49
C MET C 4047 -20.86 -14.90 -33.96
N LEU C 4048 -20.94 -13.61 -34.28
CA LEU C 4048 -20.99 -13.13 -35.67
C LEU C 4048 -19.62 -12.94 -36.28
N VAL C 4049 -18.55 -13.30 -35.59
CA VAL C 4049 -17.23 -13.45 -36.21
C VAL C 4049 -16.73 -14.89 -36.18
N GLU C 4050 -17.34 -15.75 -35.35
CA GLU C 4050 -17.21 -17.19 -35.55
C GLU C 4050 -18.04 -17.63 -36.75
N SER C 4051 -19.11 -16.89 -37.03
CA SER C 4051 -19.97 -17.15 -38.17
C SER C 4051 -20.07 -15.93 -39.05
N SER C 4052 -18.93 -15.33 -39.40
CA SER C 4052 -18.94 -14.06 -40.14
C SER C 4052 -19.48 -14.24 -41.56
N SER C 4053 -19.41 -15.43 -42.11
CA SER C 4053 -19.69 -15.64 -43.52
C SER C 4053 -21.16 -15.92 -43.83
N ASN C 4054 -22.04 -15.99 -42.83
CA ASN C 4054 -23.45 -16.28 -43.05
C ASN C 4054 -24.36 -15.16 -42.53
N VAL C 4055 -23.81 -13.98 -42.27
CA VAL C 4055 -24.58 -12.85 -41.78
C VAL C 4055 -24.78 -11.79 -42.86
N GLU C 4056 -23.83 -11.66 -43.79
CA GLU C 4056 -23.98 -10.73 -44.90
C GLU C 4056 -25.18 -11.10 -45.76
N MET C 4057 -25.41 -12.41 -45.91
CA MET C 4057 -26.52 -12.92 -46.70
C MET C 4057 -27.87 -12.58 -46.08
N ILE C 4058 -28.03 -12.84 -44.79
CA ILE C 4058 -29.30 -12.54 -44.13
C ILE C 4058 -29.45 -11.04 -43.84
N LEU C 4059 -28.38 -10.26 -43.98
CA LEU C 4059 -28.50 -8.81 -43.86
C LEU C 4059 -28.83 -8.14 -45.19
N LYS C 4060 -28.33 -8.68 -46.30
CA LYS C 4060 -28.68 -8.14 -47.60
C LYS C 4060 -29.95 -8.73 -48.17
N PHE C 4061 -30.44 -9.85 -47.59
CA PHE C 4061 -31.72 -10.39 -48.04
C PHE C 4061 -32.88 -9.52 -47.62
N PHE C 4062 -32.75 -8.83 -46.49
CA PHE C 4062 -33.76 -7.88 -46.04
C PHE C 4062 -33.60 -6.51 -46.68
N ASP C 4063 -32.60 -6.34 -47.53
CA ASP C 4063 -32.37 -5.12 -48.29
C ASP C 4063 -32.71 -5.27 -49.77
N MET C 4064 -32.51 -6.45 -50.34
CA MET C 4064 -32.84 -6.70 -51.73
C MET C 4064 -34.34 -6.86 -51.98
N PHE C 4065 -35.16 -6.93 -50.94
CA PHE C 4065 -36.61 -6.97 -51.09
C PHE C 4065 -37.32 -5.81 -50.42
N LEU C 4066 -36.59 -4.89 -49.77
CA LEU C 4066 -37.20 -3.73 -49.13
C LEU C 4066 -36.91 -2.40 -49.82
N LYS C 4067 -35.82 -2.29 -50.58
CA LYS C 4067 -35.73 -1.22 -51.59
C LYS C 4067 -36.54 -1.54 -52.84
N LEU C 4068 -37.18 -2.72 -52.87
CA LEU C 4068 -38.13 -3.12 -53.89
C LEU C 4068 -39.24 -2.10 -54.11
N LYS C 4069 -39.84 -1.59 -53.03
CA LYS C 4069 -40.85 -0.55 -53.17
C LYS C 4069 -40.24 0.82 -53.39
N ASP C 4070 -38.93 0.96 -53.19
CA ASP C 4070 -38.22 2.18 -53.52
C ASP C 4070 -37.77 2.24 -54.98
N ILE C 4071 -37.81 1.11 -55.71
CA ILE C 4071 -37.63 1.18 -57.16
C ILE C 4071 -38.84 1.85 -57.81
N VAL C 4072 -40.04 1.49 -57.36
CA VAL C 4072 -41.28 2.03 -57.91
C VAL C 4072 -41.57 3.45 -57.44
N GLY C 4073 -40.96 3.86 -56.32
CA GLY C 4073 -41.22 5.19 -55.77
C GLY C 4073 -40.67 6.33 -56.61
N SER C 4074 -39.74 6.06 -57.51
CA SER C 4074 -39.27 7.06 -58.46
C SER C 4074 -40.10 6.98 -59.74
N GLU C 4075 -40.29 8.14 -60.36
CA GLU C 4075 -41.03 8.23 -61.61
C GLU C 4075 -40.16 7.98 -62.83
N ALA C 4076 -38.84 7.96 -62.69
CA ALA C 4076 -37.97 7.69 -63.83
C ALA C 4076 -37.95 6.20 -64.15
N PHE C 4077 -38.08 5.35 -63.13
CA PHE C 4077 -38.09 3.91 -63.35
C PHE C 4077 -39.49 3.36 -63.63
N GLN C 4078 -40.50 4.22 -63.68
CA GLN C 4078 -41.88 3.83 -63.94
C GLN C 4078 -42.25 3.95 -65.41
N ASP C 4079 -41.74 4.96 -66.10
CA ASP C 4079 -42.14 5.25 -67.47
C ASP C 4079 -41.28 4.55 -68.51
N TYR C 4080 -40.72 3.38 -68.19
CA TYR C 4080 -39.95 2.63 -69.16
C TYR C 4080 -40.85 2.04 -70.23
N VAL C 4081 -41.59 0.98 -69.89
CA VAL C 4081 -42.54 0.35 -70.78
C VAL C 4081 -43.93 0.82 -70.38
N THR C 4082 -44.48 1.75 -71.16
CA THR C 4082 -45.77 2.36 -70.88
C THR C 4082 -46.95 1.56 -71.45
N ASP C 4083 -46.82 0.24 -71.51
CA ASP C 4083 -47.89 -0.61 -72.00
C ASP C 4083 -49.03 -0.66 -71.00
N PRO C 4084 -50.29 -0.62 -71.45
CA PRO C 4084 -51.42 -0.71 -70.51
C PRO C 4084 -51.66 -2.09 -69.95
N ARG C 4085 -50.95 -3.10 -70.46
CA ARG C 4085 -51.07 -4.46 -69.93
C ARG C 4085 -50.50 -4.54 -68.52
N GLY C 4086 -49.30 -4.01 -68.31
CA GLY C 4086 -48.55 -4.24 -67.09
C GLY C 4086 -47.52 -5.35 -67.19
N LEU C 4087 -47.36 -5.96 -68.37
CA LEU C 4087 -46.33 -6.96 -68.60
C LEU C 4087 -45.10 -6.28 -69.15
N ILE C 4088 -44.22 -5.83 -68.27
CA ILE C 4088 -42.93 -5.34 -68.70
C ILE C 4088 -41.99 -6.52 -68.85
N SER C 4089 -41.22 -6.52 -69.94
CA SER C 4089 -40.32 -7.64 -70.20
C SER C 4089 -39.12 -7.59 -69.27
N LYS C 4090 -38.49 -8.76 -69.08
CA LYS C 4090 -37.42 -8.90 -68.10
C LYS C 4090 -36.14 -8.18 -68.55
N LYS C 4091 -35.85 -8.26 -69.85
CA LYS C 4091 -34.66 -7.63 -70.40
C LYS C 4091 -34.76 -6.12 -70.41
N ASP C 4092 -35.98 -5.56 -70.44
CA ASP C 4092 -36.14 -4.13 -70.32
C ASP C 4092 -35.90 -3.64 -68.90
N PHE C 4093 -35.97 -4.53 -67.91
CA PHE C 4093 -35.68 -4.17 -66.54
C PHE C 4093 -34.27 -4.53 -66.10
N GLN C 4094 -33.62 -5.50 -66.75
CA GLN C 4094 -32.27 -5.90 -66.36
C GLN C 4094 -31.24 -4.80 -66.65
N LYS C 4095 -31.22 -4.28 -67.87
CA LYS C 4095 -30.33 -3.18 -68.22
C LYS C 4095 -30.71 -1.88 -67.52
N ALA C 4096 -31.97 -1.77 -67.06
CA ALA C 4096 -32.41 -0.61 -66.29
C ALA C 4096 -31.90 -0.65 -64.86
N MET C 4097 -31.94 -1.83 -64.23
CA MET C 4097 -31.36 -2.01 -62.91
C MET C 4097 -29.84 -2.03 -62.96
N ASP C 4098 -29.24 -2.32 -64.11
CA ASP C 4098 -27.79 -2.21 -64.25
C ASP C 4098 -27.33 -0.75 -64.31
N SER C 4099 -28.23 0.20 -64.53
CA SER C 4099 -27.86 1.61 -64.60
C SER C 4099 -27.86 2.31 -63.24
N GLN C 4100 -28.56 1.78 -62.25
CA GLN C 4100 -28.58 2.40 -60.93
C GLN C 4100 -27.26 2.14 -60.19
N LYS C 4101 -26.95 3.02 -59.23
CA LYS C 4101 -25.73 2.91 -58.44
C LYS C 4101 -25.95 2.22 -57.10
N GLN C 4102 -27.17 1.77 -56.81
CA GLN C 4102 -27.48 1.08 -55.56
C GLN C 4102 -27.67 -0.42 -55.76
N PHE C 4103 -27.00 -1.00 -56.74
CA PHE C 4103 -27.20 -2.40 -57.07
C PHE C 4103 -25.85 -3.11 -57.19
N THR C 4104 -25.91 -4.43 -57.38
CA THR C 4104 -24.75 -5.28 -57.53
C THR C 4104 -24.88 -6.01 -58.86
N GLY C 4105 -23.77 -6.12 -59.60
CA GLY C 4105 -23.72 -6.67 -60.93
C GLY C 4105 -24.27 -8.06 -61.13
N PRO C 4106 -23.64 -9.08 -60.52
CA PRO C 4106 -24.15 -10.45 -60.66
C PRO C 4106 -25.42 -10.72 -59.86
N GLU C 4107 -25.90 -9.77 -59.06
CA GLU C 4107 -27.10 -9.92 -58.24
C GLU C 4107 -28.34 -9.30 -58.89
N ILE C 4108 -28.49 -9.42 -60.20
CA ILE C 4108 -29.72 -8.97 -60.87
C ILE C 4108 -30.56 -10.16 -61.32
N GLN C 4109 -29.95 -11.06 -62.09
CA GLN C 4109 -30.71 -12.13 -62.73
C GLN C 4109 -31.12 -13.22 -61.75
N PHE C 4110 -30.47 -13.32 -60.59
CA PHE C 4110 -30.89 -14.28 -59.58
C PHE C 4110 -32.23 -13.89 -58.96
N LEU C 4111 -32.42 -12.62 -58.62
CA LEU C 4111 -33.74 -12.17 -58.20
C LEU C 4111 -34.71 -12.09 -59.37
N LEU C 4112 -34.22 -11.96 -60.61
CA LEU C 4112 -35.14 -12.16 -61.74
C LEU C 4112 -35.65 -13.61 -61.79
N SER C 4113 -34.78 -14.57 -61.46
CA SER C 4113 -35.21 -15.97 -61.38
C SER C 4113 -36.10 -16.21 -60.16
N CYS C 4114 -35.89 -15.43 -59.09
CA CYS C 4114 -36.80 -15.46 -57.96
C CYS C 4114 -38.17 -14.90 -58.32
N SER C 4115 -38.20 -13.91 -59.21
CA SER C 4115 -39.44 -13.42 -59.77
C SER C 4115 -40.03 -14.45 -60.74
N GLU C 4116 -41.31 -14.26 -61.07
CA GLU C 4116 -41.98 -15.14 -62.01
C GLU C 4116 -41.48 -14.87 -63.43
N ALA C 4117 -41.09 -15.93 -64.13
CA ALA C 4117 -40.49 -15.76 -65.46
C ALA C 4117 -41.57 -15.55 -66.53
N ASP C 4118 -42.39 -16.58 -66.75
CA ASP C 4118 -43.45 -16.62 -67.76
C ASP C 4118 -42.92 -16.28 -69.16
N GLU C 4119 -42.05 -17.19 -69.63
CA GLU C 4119 -41.34 -17.08 -70.92
C GLU C 4119 -40.52 -15.79 -71.03
N ASN C 4120 -39.98 -15.32 -69.90
CA ASN C 4120 -39.05 -14.18 -69.81
C ASN C 4120 -39.64 -12.88 -70.36
N GLU C 4121 -40.97 -12.72 -70.30
CA GLU C 4121 -41.61 -11.53 -70.84
C GLU C 4121 -42.68 -10.99 -69.91
N MET C 4122 -42.63 -11.33 -68.63
CA MET C 4122 -43.65 -10.89 -67.67
C MET C 4122 -43.00 -10.78 -66.30
N ILE C 4123 -43.02 -9.58 -65.72
CA ILE C 4123 -42.51 -9.38 -64.37
C ILE C 4123 -43.65 -9.34 -63.36
N ASN C 4124 -44.62 -8.44 -63.59
CA ASN C 4124 -45.76 -8.17 -62.73
C ASN C 4124 -45.28 -7.80 -61.31
N PHE C 4125 -44.64 -6.63 -61.26
CA PHE C 4125 -44.06 -6.17 -59.99
C PHE C 4125 -45.11 -5.79 -58.94
N GLU C 4126 -46.39 -5.71 -59.31
CA GLU C 4126 -47.44 -5.61 -58.28
C GLU C 4126 -47.50 -6.85 -57.40
N GLU C 4127 -47.22 -8.04 -57.94
CA GLU C 4127 -47.18 -9.22 -57.08
C GLU C 4127 -45.76 -9.64 -56.72
N PHE C 4128 -44.74 -9.16 -57.44
CA PHE C 4128 -43.38 -9.15 -56.90
C PHE C 4128 -43.32 -8.34 -55.60
N ALA C 4129 -44.13 -7.29 -55.48
CA ALA C 4129 -44.02 -6.39 -54.34
C ALA C 4129 -44.63 -6.98 -53.06
N ASN C 4130 -45.95 -7.11 -53.02
CA ASN C 4130 -46.66 -7.27 -51.74
C ASN C 4130 -46.59 -8.68 -51.15
N ARG C 4131 -45.97 -9.64 -51.84
CA ARG C 4131 -46.00 -11.02 -51.34
C ARG C 4131 -44.79 -11.40 -50.50
N PHE C 4132 -43.64 -10.76 -50.72
CA PHE C 4132 -42.39 -11.19 -50.09
C PHE C 4132 -42.02 -10.41 -48.83
N GLN C 4133 -42.83 -9.41 -48.44
CA GLN C 4133 -42.66 -8.75 -47.15
C GLN C 4133 -43.83 -9.01 -46.21
N GLU C 4134 -44.83 -9.78 -46.63
CA GLU C 4134 -45.85 -10.26 -45.71
C GLU C 4134 -45.25 -11.20 -44.65
N PRO C 4135 -44.29 -12.09 -44.94
CA PRO C 4135 -43.53 -12.70 -43.83
C PRO C 4135 -42.31 -11.90 -43.39
N ALA C 4136 -41.98 -10.79 -44.06
CA ALA C 4136 -40.83 -9.98 -43.71
C ALA C 4136 -41.23 -8.61 -43.14
N ARG C 4137 -42.43 -8.52 -42.58
CA ARG C 4137 -42.86 -7.33 -41.83
C ARG C 4137 -42.57 -7.45 -40.34
N ASP C 4138 -42.56 -8.68 -39.82
CA ASP C 4138 -42.38 -8.96 -38.40
C ASP C 4138 -40.98 -9.42 -38.07
N ILE C 4139 -40.28 -10.05 -39.01
CA ILE C 4139 -38.93 -10.49 -38.73
C ILE C 4139 -37.93 -9.37 -39.02
N GLY C 4140 -38.27 -8.45 -39.92
CA GLY C 4140 -37.37 -7.37 -40.28
C GLY C 4140 -37.23 -6.35 -39.17
N PHE C 4141 -38.34 -6.08 -38.47
CA PHE C 4141 -38.31 -5.15 -37.35
C PHE C 4141 -37.48 -5.70 -36.20
N ASN C 4142 -37.65 -6.98 -35.89
CA ASN C 4142 -36.89 -7.59 -34.81
C ASN C 4142 -35.43 -7.83 -35.15
N VAL C 4143 -35.08 -8.02 -36.42
CA VAL C 4143 -33.64 -8.07 -36.68
C VAL C 4143 -33.07 -6.66 -36.70
N ALA C 4144 -33.90 -5.63 -37.01
CA ALA C 4144 -33.45 -4.24 -36.80
C ALA C 4144 -33.21 -3.96 -35.32
N VAL C 4145 -34.10 -4.48 -34.48
CA VAL C 4145 -33.91 -4.42 -33.03
C VAL C 4145 -32.62 -5.14 -32.63
N LEU C 4146 -32.34 -6.29 -33.26
CA LEU C 4146 -31.11 -7.02 -32.97
C LEU C 4146 -29.85 -6.23 -33.31
N LEU C 4147 -29.87 -5.51 -34.44
CA LEU C 4147 -28.72 -4.67 -34.77
C LEU C 4147 -28.64 -3.42 -33.89
N THR C 4148 -29.77 -2.91 -33.38
CA THR C 4148 -29.71 -1.69 -32.59
C THR C 4148 -29.68 -1.94 -31.08
N ASN C 4149 -29.79 -3.20 -30.62
CA ASN C 4149 -29.48 -3.47 -29.21
C ASN C 4149 -28.00 -3.27 -28.94
N LEU C 4150 -27.17 -3.81 -29.82
CA LEU C 4150 -25.75 -4.00 -29.56
C LEU C 4150 -24.90 -2.82 -30.01
N SER C 4151 -25.46 -1.91 -30.81
CA SER C 4151 -24.71 -0.74 -31.27
C SER C 4151 -24.47 0.24 -30.12
N GLU C 4152 -25.47 0.45 -29.27
CA GLU C 4152 -25.29 1.32 -28.11
C GLU C 4152 -24.93 0.57 -26.83
N HIS C 4153 -24.99 -0.76 -26.83
CA HIS C 4153 -24.64 -1.51 -25.63
C HIS C 4153 -23.13 -1.63 -25.47
N VAL C 4154 -22.45 -2.17 -26.47
CA VAL C 4154 -20.99 -2.27 -26.42
C VAL C 4154 -20.42 -1.19 -27.36
N PRO C 4155 -19.68 -0.22 -26.83
CA PRO C 4155 -19.05 0.78 -27.69
C PRO C 4155 -17.59 0.43 -27.99
N HIS C 4156 -17.04 1.15 -28.99
CA HIS C 4156 -15.62 1.18 -29.34
C HIS C 4156 -15.07 -0.20 -29.72
N ASP C 4157 -15.62 -0.75 -30.80
CA ASP C 4157 -15.26 -2.08 -31.28
C ASP C 4157 -15.39 -2.06 -32.80
N PRO C 4158 -14.37 -2.54 -33.53
CA PRO C 4158 -14.31 -2.27 -34.98
C PRO C 4158 -15.27 -3.08 -35.83
N ARG C 4159 -15.29 -4.40 -35.65
CA ARG C 4159 -15.94 -5.25 -36.64
C ARG C 4159 -17.44 -5.43 -36.41
N LEU C 4160 -17.98 -5.00 -35.28
CA LEU C 4160 -19.43 -4.96 -35.14
C LEU C 4160 -20.04 -3.66 -35.65
N ARG C 4161 -19.22 -2.76 -36.21
CA ARG C 4161 -19.71 -1.47 -36.69
C ARG C 4161 -20.00 -1.47 -38.18
N ASN C 4162 -19.34 -2.32 -38.96
CA ASN C 4162 -19.47 -2.28 -40.41
C ASN C 4162 -20.84 -2.76 -40.86
N PHE C 4163 -21.38 -3.78 -40.19
CA PHE C 4163 -22.60 -4.40 -40.68
C PHE C 4163 -23.85 -3.59 -40.41
N LEU C 4164 -23.83 -2.66 -39.45
CA LEU C 4164 -24.93 -1.71 -39.38
C LEU C 4164 -24.86 -0.71 -40.53
N GLU C 4165 -23.65 -0.35 -41.01
CA GLU C 4165 -23.58 0.45 -42.22
C GLU C 4165 -24.02 -0.35 -43.45
N LEU C 4166 -23.82 -1.66 -43.44
CA LEU C 4166 -24.30 -2.50 -44.53
C LEU C 4166 -25.77 -2.86 -44.41
N ALA C 4167 -26.40 -2.67 -43.24
CA ALA C 4167 -27.80 -3.03 -43.06
C ALA C 4167 -28.60 -1.94 -42.36
N GLU C 4168 -28.26 -0.67 -42.58
CA GLU C 4168 -29.04 0.46 -42.09
C GLU C 4168 -30.39 0.66 -42.80
N SER C 4169 -30.70 -0.13 -43.84
CA SER C 4169 -31.91 0.05 -44.63
C SER C 4169 -33.18 -0.26 -43.84
N ILE C 4170 -33.21 -1.39 -43.14
CA ILE C 4170 -34.38 -1.74 -42.34
C ILE C 4170 -34.50 -0.85 -41.12
N LEU C 4171 -33.37 -0.36 -40.60
CA LEU C 4171 -33.38 0.64 -39.54
C LEU C 4171 -34.01 1.94 -40.02
N GLU C 4172 -33.65 2.37 -41.24
CA GLU C 4172 -34.21 3.58 -41.81
C GLU C 4172 -35.68 3.41 -42.15
N TYR C 4173 -36.08 2.23 -42.61
CA TYR C 4173 -37.48 1.95 -42.90
C TYR C 4173 -38.30 1.89 -41.62
N PHE C 4174 -37.72 1.44 -40.51
CA PHE C 4174 -38.42 1.31 -39.25
C PHE C 4174 -38.06 2.40 -38.26
N ARG C 4175 -37.55 3.55 -38.74
CA ARG C 4175 -37.44 4.73 -37.88
C ARG C 4175 -38.77 5.19 -37.25
N PRO C 4176 -39.92 5.25 -37.95
CA PRO C 4176 -41.17 5.57 -37.22
C PRO C 4176 -41.66 4.46 -36.32
N TYR C 4177 -41.29 3.22 -36.59
CA TYR C 4177 -41.79 2.07 -35.83
C TYR C 4177 -40.85 1.67 -34.68
N LEU C 4178 -39.81 2.46 -34.41
CA LEU C 4178 -38.85 2.16 -33.36
C LEU C 4178 -38.97 3.18 -32.23
N GLY C 4179 -38.74 2.72 -31.00
CA GLY C 4179 -38.79 3.56 -29.82
C GLY C 4179 -37.83 3.08 -28.75
N ARG C 4180 -37.15 4.02 -28.10
CA ARG C 4180 -36.12 3.71 -27.11
C ARG C 4180 -36.63 4.18 -25.76
N ILE C 4181 -36.80 3.25 -24.82
CA ILE C 4181 -37.56 3.50 -23.59
C ILE C 4181 -36.82 2.88 -22.40
N GLU C 4182 -36.81 3.59 -21.27
CA GLU C 4182 -36.00 3.25 -20.11
C GLU C 4182 -36.89 3.00 -18.91
N ILE C 4183 -36.64 1.91 -18.16
CA ILE C 4183 -37.34 1.62 -16.92
C ILE C 4183 -36.31 1.28 -15.84
N MET C 4184 -36.43 1.94 -14.69
CA MET C 4184 -35.62 1.65 -13.51
C MET C 4184 -35.98 0.27 -12.98
N GLY C 4185 -34.98 -0.51 -12.59
CA GLY C 4185 -35.34 -1.82 -12.06
C GLY C 4185 -34.17 -2.60 -11.53
N ALA C 4186 -34.52 -3.72 -10.87
CA ALA C 4186 -33.60 -4.75 -10.35
C ALA C 4186 -32.54 -4.16 -9.42
N SER C 4187 -33.03 -3.41 -8.41
CA SER C 4187 -32.23 -2.74 -7.39
C SER C 4187 -31.21 -1.78 -8.02
N ARG C 4188 -31.75 -0.76 -8.68
CA ARG C 4188 -31.00 0.32 -9.34
C ARG C 4188 -30.05 -0.22 -10.42
N ARG C 4189 -30.66 -0.77 -11.48
CA ARG C 4189 -29.92 -1.23 -12.67
C ARG C 4189 -30.82 -0.98 -13.88
N ILE C 4190 -30.65 0.17 -14.52
CA ILE C 4190 -31.54 0.58 -15.62
C ILE C 4190 -30.94 0.20 -16.97
N GLU C 4191 -31.74 -0.49 -17.79
CA GLU C 4191 -31.35 -0.83 -19.15
C GLU C 4191 -32.58 -0.74 -20.06
N ARG C 4192 -32.33 -0.40 -21.33
CA ARG C 4192 -33.38 0.00 -22.27
C ARG C 4192 -34.09 -1.18 -22.91
N ILE C 4193 -35.35 -0.95 -23.26
CA ILE C 4193 -36.25 -1.95 -23.86
C ILE C 4193 -36.87 -1.33 -25.10
N TYR C 4194 -36.97 -2.12 -26.17
CA TYR C 4194 -37.54 -1.65 -27.42
C TYR C 4194 -38.91 -2.26 -27.65
N PHE C 4195 -39.76 -1.53 -28.37
CA PHE C 4195 -41.14 -1.93 -28.62
C PHE C 4195 -41.49 -1.59 -30.06
N GLU C 4196 -42.66 -2.06 -30.49
CA GLU C 4196 -43.15 -1.81 -31.84
C GLU C 4196 -44.42 -0.97 -31.74
N ILE C 4197 -44.59 -0.05 -32.67
CA ILE C 4197 -45.83 0.72 -32.79
C ILE C 4197 -46.41 0.49 -34.18
N SER C 4198 -47.71 0.27 -34.23
CA SER C 4198 -48.40 -0.13 -35.45
C SER C 4198 -48.63 1.06 -36.37
N GLU C 4199 -48.74 0.78 -37.67
CA GLU C 4199 -48.95 1.83 -38.65
C GLU C 4199 -50.35 2.43 -38.60
N THR C 4200 -51.32 1.71 -38.01
CA THR C 4200 -52.67 2.25 -37.88
C THR C 4200 -52.70 3.37 -36.85
N ASN C 4201 -52.13 3.12 -35.67
CA ASN C 4201 -52.00 4.15 -34.63
C ASN C 4201 -50.77 5.04 -34.83
N ARG C 4202 -49.97 4.83 -35.89
CA ARG C 4202 -48.88 5.76 -36.20
C ARG C 4202 -49.41 7.08 -36.71
N ALA C 4203 -50.08 7.07 -37.86
CA ALA C 4203 -50.39 8.30 -38.59
C ALA C 4203 -51.54 9.11 -37.98
N GLN C 4204 -52.19 8.59 -36.94
CA GLN C 4204 -53.37 9.21 -36.38
C GLN C 4204 -53.16 9.88 -35.02
N TRP C 4205 -52.01 9.66 -34.37
CA TRP C 4205 -51.72 10.42 -33.15
C TRP C 4205 -51.39 11.86 -33.47
N GLU C 4206 -50.96 12.15 -34.70
CA GLU C 4206 -50.63 13.52 -35.12
C GLU C 4206 -51.84 14.21 -35.75
N MET C 4207 -52.92 14.29 -34.97
CA MET C 4207 -54.10 15.04 -35.39
C MET C 4207 -54.52 16.01 -34.29
N PRO C 4208 -55.12 17.15 -34.67
CA PRO C 4208 -55.53 18.15 -33.67
C PRO C 4208 -56.73 17.75 -32.81
N GLN C 4209 -57.24 16.53 -32.92
CA GLN C 4209 -58.18 16.04 -31.91
C GLN C 4209 -57.47 15.76 -30.59
N VAL C 4210 -56.15 15.54 -30.63
CA VAL C 4210 -55.39 15.15 -29.45
C VAL C 4210 -54.10 15.96 -29.28
N LYS C 4211 -53.55 16.56 -30.35
CA LYS C 4211 -52.31 17.32 -30.18
C LYS C 4211 -52.49 18.62 -29.40
N GLU C 4212 -53.71 19.11 -29.22
CA GLU C 4212 -53.92 20.20 -28.29
C GLU C 4212 -54.33 19.74 -26.89
N SER C 4213 -54.90 18.53 -26.75
CA SER C 4213 -55.04 17.94 -25.42
C SER C 4213 -53.68 17.66 -24.80
N LYS C 4214 -52.69 17.39 -25.66
CA LYS C 4214 -51.27 17.37 -25.30
C LYS C 4214 -50.89 18.59 -24.48
N ARG C 4215 -51.05 19.80 -25.05
CA ARG C 4215 -50.65 21.00 -24.34
C ARG C 4215 -51.63 21.38 -23.24
N GLN C 4216 -52.90 20.96 -23.38
CA GLN C 4216 -53.90 21.08 -22.32
C GLN C 4216 -53.45 20.43 -21.02
N PHE C 4217 -52.77 19.28 -21.09
CA PHE C 4217 -52.24 18.75 -19.86
C PHE C 4217 -50.75 19.07 -19.64
N ILE C 4218 -50.04 19.54 -20.67
CA ILE C 4218 -48.68 20.04 -20.47
C ILE C 4218 -48.69 21.30 -19.60
N PHE C 4219 -49.73 22.13 -19.74
CA PHE C 4219 -49.82 23.38 -18.97
C PHE C 4219 -50.01 23.11 -17.48
N ASP C 4220 -50.56 21.96 -17.10
CA ASP C 4220 -50.93 21.74 -15.71
C ASP C 4220 -50.23 20.57 -15.04
N VAL C 4221 -48.91 20.47 -15.18
CA VAL C 4221 -48.13 19.54 -14.38
C VAL C 4221 -47.14 20.32 -13.51
N VAL C 4222 -46.85 21.56 -13.90
CA VAL C 4222 -46.06 22.47 -13.06
C VAL C 4222 -46.94 23.57 -12.47
N ASN C 4223 -48.09 23.89 -13.10
CA ASN C 4223 -49.00 24.90 -12.58
C ASN C 4223 -49.68 24.45 -11.29
N GLU C 4224 -50.00 23.16 -11.18
CA GLU C 4224 -50.65 22.67 -9.97
C GLU C 4224 -50.00 21.39 -9.46
N GLY C 4225 -49.31 20.66 -10.33
CA GLY C 4225 -48.77 19.36 -9.94
C GLY C 4225 -47.53 19.44 -9.08
N GLY C 4226 -47.37 18.45 -8.22
CA GLY C 4226 -46.16 18.30 -7.44
C GLY C 4226 -45.20 17.30 -8.07
N GLU C 4227 -44.08 17.08 -7.38
CA GLU C 4227 -43.06 16.14 -7.84
C GLU C 4227 -43.50 14.70 -7.65
N ALA C 4228 -44.22 14.43 -6.56
CA ALA C 4228 -44.63 13.06 -6.27
C ALA C 4228 -45.90 12.65 -7.02
N GLU C 4229 -46.67 13.62 -7.52
CA GLU C 4229 -47.94 13.35 -8.21
C GLU C 4229 -47.97 13.91 -9.64
N LYS C 4230 -46.91 13.71 -10.41
CA LYS C 4230 -46.88 14.24 -11.77
C LYS C 4230 -47.22 13.18 -12.83
N MET C 4231 -46.66 11.97 -12.71
CA MET C 4231 -46.96 10.89 -13.64
C MET C 4231 -48.17 10.06 -13.20
N GLU C 4232 -48.61 10.22 -11.95
CA GLU C 4232 -49.87 9.63 -11.48
C GLU C 4232 -51.06 10.21 -12.24
N LEU C 4233 -50.92 11.43 -12.72
CA LEU C 4233 -51.89 12.05 -13.63
C LEU C 4233 -51.61 11.68 -15.09
N PHE C 4234 -50.35 11.43 -15.42
CA PHE C 4234 -49.98 11.16 -16.81
C PHE C 4234 -50.48 9.80 -17.27
N VAL C 4235 -50.53 8.80 -16.38
CA VAL C 4235 -51.04 7.50 -16.84
C VAL C 4235 -52.55 7.55 -17.10
N SER C 4236 -53.28 8.38 -16.34
CA SER C 4236 -54.70 8.57 -16.64
C SER C 4236 -54.89 9.42 -17.89
N PHE C 4237 -53.95 10.33 -18.16
CA PHE C 4237 -53.93 11.07 -19.42
C PHE C 4237 -53.77 10.13 -20.62
N CYS C 4238 -52.82 9.18 -20.53
CA CYS C 4238 -52.64 8.24 -21.64
C CYS C 4238 -53.84 7.33 -21.83
N GLU C 4239 -54.43 6.83 -20.74
CA GLU C 4239 -55.59 5.95 -20.94
C GLU C 4239 -56.83 6.71 -21.40
N ASP C 4240 -57.00 7.99 -21.00
CA ASP C 4240 -58.13 8.76 -21.51
C ASP C 4240 -57.93 9.09 -22.99
N THR C 4241 -56.69 9.34 -23.42
CA THR C 4241 -56.46 9.60 -24.84
C THR C 4241 -56.66 8.34 -25.67
N ILE C 4242 -56.23 7.17 -25.17
CA ILE C 4242 -56.43 5.95 -25.93
C ILE C 4242 -57.90 5.52 -25.86
N PHE C 4243 -58.65 6.00 -24.87
CA PHE C 4243 -60.10 5.86 -24.83
C PHE C 4243 -60.81 6.70 -25.88
N GLU C 4244 -60.42 7.97 -26.04
CA GLU C 4244 -61.03 8.73 -27.12
C GLU C 4244 -60.56 8.26 -28.49
N MET C 4245 -59.39 7.63 -28.58
CA MET C 4245 -59.04 7.04 -29.87
C MET C 4245 -59.77 5.71 -30.08
N GLN C 4246 -60.15 5.01 -29.00
CA GLN C 4246 -61.07 3.88 -29.13
C GLN C 4246 -62.40 4.31 -29.73
N ILE C 4247 -63.01 5.36 -29.18
CA ILE C 4247 -64.31 5.76 -29.71
C ILE C 4247 -64.17 6.47 -31.07
N ALA C 4248 -63.05 7.18 -31.29
CA ALA C 4248 -62.83 7.88 -32.55
C ALA C 4248 -62.44 6.90 -33.67
N ALA C 4249 -61.79 5.80 -33.34
CA ALA C 4249 -61.55 4.73 -34.30
C ALA C 4249 -62.82 3.95 -34.56
N GLN C 4250 -63.75 3.94 -33.60
CA GLN C 4250 -65.08 3.36 -33.87
C GLN C 4250 -65.83 4.22 -34.89
N ILE C 4251 -65.87 5.53 -34.69
CA ILE C 4251 -66.62 6.41 -35.60
C ILE C 4251 -65.76 6.92 -36.74
N SER C 4252 -64.54 6.41 -36.90
CA SER C 4252 -63.70 6.80 -38.02
C SER C 4252 -64.21 6.16 -39.31
N GLU C 4253 -63.80 6.71 -40.44
CA GLU C 4253 -64.28 6.21 -41.72
C GLU C 4253 -63.65 4.87 -42.08
N UNK C 4318 -54.19 29.84 -35.07
CA UNK C 4318 -54.96 29.30 -36.19
C UNK C 4318 -56.32 29.98 -36.27
N UNK C 4319 -57.02 30.07 -35.15
CA UNK C 4319 -58.34 30.69 -35.11
C UNK C 4319 -58.22 32.18 -34.77
N UNK C 4320 -57.17 32.53 -34.04
CA UNK C 4320 -56.94 33.91 -33.61
C UNK C 4320 -56.63 34.83 -34.79
N UNK C 4321 -55.80 34.35 -35.72
CA UNK C 4321 -55.47 35.11 -36.92
C UNK C 4321 -56.70 35.30 -37.82
N UNK C 4322 -57.52 34.27 -37.88
CA UNK C 4322 -58.77 34.30 -38.64
C UNK C 4322 -59.75 35.31 -38.04
N UNK C 4323 -59.85 35.31 -36.71
CA UNK C 4323 -60.70 36.27 -36.00
C UNK C 4323 -60.19 37.71 -36.16
N UNK C 4324 -58.88 37.87 -36.18
CA UNK C 4324 -58.24 39.17 -36.40
C UNK C 4324 -58.53 39.71 -37.79
N UNK C 4325 -58.40 38.84 -38.78
CA UNK C 4325 -58.72 39.19 -40.17
C UNK C 4325 -60.20 39.49 -40.33
N UNK C 4326 -61.05 38.76 -39.61
CA UNK C 4326 -62.49 38.99 -39.59
C UNK C 4326 -62.84 40.37 -39.04
N UNK C 4327 -62.24 40.71 -37.90
CA UNK C 4327 -62.47 42.00 -37.27
C UNK C 4327 -61.94 43.15 -38.12
N UNK C 4328 -60.80 42.92 -38.77
CA UNK C 4328 -60.21 43.91 -39.68
C UNK C 4328 -61.09 44.14 -40.91
N UNK C 4329 -61.61 43.06 -41.48
CA UNK C 4329 -62.50 43.15 -42.63
C UNK C 4329 -63.82 43.84 -42.27
N UNK C 4330 -64.33 43.55 -41.08
CA UNK C 4330 -65.55 44.19 -40.58
C UNK C 4330 -65.34 45.68 -40.34
N UNK C 4331 -64.20 46.05 -39.77
CA UNK C 4331 -63.85 47.45 -39.54
C UNK C 4331 -63.68 48.21 -40.85
N UNK C 4332 -63.04 47.57 -41.82
CA UNK C 4332 -62.84 48.15 -43.15
C UNK C 4332 -64.17 48.36 -43.87
N UNK C 4333 -65.06 47.37 -43.78
CA UNK C 4333 -66.37 47.47 -44.40
C UNK C 4333 -67.24 48.52 -43.71
N UNK C 4334 -67.10 48.66 -42.40
CA UNK C 4334 -67.80 49.69 -41.64
C UNK C 4334 -67.31 51.09 -42.04
N UNK C 4335 -66.00 51.24 -42.17
CA UNK C 4335 -65.40 52.52 -42.59
C UNK C 4335 -65.76 52.85 -44.03
N UNK C 4336 -65.93 51.84 -44.87
CA UNK C 4336 -66.31 52.04 -46.26
C UNK C 4336 -67.78 52.42 -46.38
N UNK C 4337 -68.63 51.82 -45.55
CA UNK C 4337 -70.06 52.08 -45.59
C UNK C 4337 -70.44 53.33 -44.80
N UNK C 4338 -69.49 53.84 -44.01
CA UNK C 4338 -69.71 55.09 -43.29
C UNK C 4338 -69.74 56.28 -44.24
N TRP C 4541 -87.34 -0.34 -38.66
CA TRP C 4541 -86.64 0.94 -38.74
C TRP C 4541 -85.14 0.75 -38.85
N GLY C 4542 -84.72 -0.43 -39.30
CA GLY C 4542 -83.31 -0.72 -39.47
C GLY C 4542 -82.65 0.02 -40.62
N GLU C 4543 -83.44 0.51 -41.58
CA GLU C 4543 -82.88 1.33 -42.65
C GLU C 4543 -82.54 2.74 -42.16
N LEU C 4544 -83.14 3.17 -41.05
CA LEU C 4544 -82.89 4.49 -40.50
C LEU C 4544 -82.09 4.48 -39.21
N GLU C 4545 -82.03 3.34 -38.50
CA GLU C 4545 -81.36 3.26 -37.21
C GLU C 4545 -79.85 3.42 -37.33
N VAL C 4546 -79.26 2.91 -38.41
CA VAL C 4546 -77.85 3.20 -38.68
C VAL C 4546 -77.68 4.43 -39.57
N GLN C 4547 -78.74 4.86 -40.26
CA GLN C 4547 -78.65 6.07 -41.06
C GLN C 4547 -78.55 7.31 -40.19
N ARG C 4548 -79.15 7.32 -39.01
CA ARG C 4548 -79.04 8.52 -38.17
C ARG C 4548 -77.68 8.61 -37.49
N VAL C 4549 -77.04 7.49 -37.16
CA VAL C 4549 -75.67 7.59 -36.67
C VAL C 4549 -74.71 7.87 -37.82
N LYS C 4550 -75.06 7.48 -39.05
CA LYS C 4550 -74.30 7.94 -40.21
C LYS C 4550 -74.43 9.44 -40.41
N PHE C 4551 -75.61 10.01 -40.13
CA PHE C 4551 -75.80 11.45 -40.10
C PHE C 4551 -74.95 12.10 -39.01
N LEU C 4552 -74.96 11.53 -37.81
CA LEU C 4552 -74.17 12.05 -36.70
C LEU C 4552 -72.67 11.94 -36.93
N ASN C 4553 -72.24 10.99 -37.77
CA ASN C 4553 -70.81 10.86 -38.08
C ASN C 4553 -70.29 12.05 -38.89
N TYR C 4554 -70.93 12.39 -40.01
CA TYR C 4554 -70.48 13.57 -40.72
C TYR C 4554 -71.00 14.87 -40.10
N LEU C 4555 -71.87 14.77 -39.11
CA LEU C 4555 -72.14 15.90 -38.22
C LEU C 4555 -70.92 16.22 -37.35
N SER C 4556 -70.32 15.18 -36.75
CA SER C 4556 -69.15 15.36 -35.90
C SER C 4556 -67.83 15.33 -36.66
N ARG C 4557 -67.86 15.12 -37.97
CA ARG C 4557 -66.63 15.08 -38.75
C ARG C 4557 -65.98 16.45 -38.86
N ASN C 4558 -66.77 17.47 -39.20
CA ASN C 4558 -66.24 18.81 -39.42
C ASN C 4558 -66.76 19.78 -38.34
N PHE C 4559 -66.70 19.31 -37.09
CA PHE C 4559 -67.26 20.01 -35.94
C PHE C 4559 -66.60 21.36 -35.72
N TYR C 4560 -65.27 21.42 -35.86
CA TYR C 4560 -64.45 22.61 -35.63
C TYR C 4560 -64.73 23.71 -36.66
N THR C 4561 -64.77 23.35 -37.95
CA THR C 4561 -65.02 24.32 -39.00
C THR C 4561 -66.49 24.74 -39.01
N LEU C 4562 -67.40 23.83 -38.65
CA LEU C 4562 -68.81 24.19 -38.50
C LEU C 4562 -69.01 25.18 -37.37
N ARG C 4563 -68.27 25.01 -36.27
CA ARG C 4563 -68.30 25.97 -35.17
C ARG C 4563 -67.68 27.31 -35.57
N PHE C 4564 -66.66 27.27 -36.43
CA PHE C 4564 -66.03 28.50 -36.93
C PHE C 4564 -66.99 29.31 -37.79
N LEU C 4565 -67.68 28.66 -38.72
CA LEU C 4565 -68.66 29.39 -39.53
C LEU C 4565 -69.87 29.82 -38.69
N ALA C 4566 -70.21 29.03 -37.66
CA ALA C 4566 -71.24 29.42 -36.70
C ALA C 4566 -70.87 30.69 -35.94
N LEU C 4567 -69.57 30.89 -35.68
CA LEU C 4567 -69.15 32.16 -35.07
C LEU C 4567 -69.21 33.29 -36.09
N PHE C 4568 -68.69 33.04 -37.30
CA PHE C 4568 -68.47 34.15 -38.24
C PHE C 4568 -69.77 34.66 -38.85
N LEU C 4569 -70.75 33.79 -39.09
CA LEU C 4569 -72.01 34.30 -39.62
C LEU C 4569 -72.80 35.08 -38.59
N ALA C 4570 -72.71 34.70 -37.30
CA ALA C 4570 -73.26 35.54 -36.24
C ALA C 4570 -72.54 36.88 -36.16
N PHE C 4571 -71.22 36.87 -36.34
CA PHE C 4571 -70.43 38.10 -36.41
C PHE C 4571 -70.86 38.98 -37.58
N ALA C 4572 -71.16 38.37 -38.73
CA ALA C 4572 -71.54 39.10 -39.93
C ALA C 4572 -72.94 39.72 -39.79
N ILE C 4573 -73.89 38.98 -39.22
CA ILE C 4573 -75.21 39.59 -39.04
C ILE C 4573 -75.20 40.59 -37.88
N ASN C 4574 -74.31 40.42 -36.90
CA ASN C 4574 -74.15 41.45 -35.87
C ASN C 4574 -73.44 42.68 -36.43
N PHE C 4575 -72.69 42.51 -37.52
CA PHE C 4575 -72.13 43.65 -38.25
C PHE C 4575 -73.18 44.36 -39.10
N ILE C 4576 -74.05 43.59 -39.77
CA ILE C 4576 -75.09 44.20 -40.60
C ILE C 4576 -76.17 44.84 -39.71
N LEU C 4577 -76.21 44.43 -38.44
CA LEU C 4577 -77.04 45.04 -37.40
C LEU C 4577 -76.72 46.50 -37.12
N LEU C 4578 -75.57 47.01 -37.58
CA LEU C 4578 -75.12 48.38 -37.34
C LEU C 4578 -75.94 49.44 -38.07
N PHE C 4579 -76.92 49.06 -38.87
CA PHE C 4579 -77.65 50.00 -39.70
C PHE C 4579 -79.14 50.00 -39.36
N TYR C 4580 -79.47 49.95 -38.05
CA TYR C 4580 -80.84 50.04 -37.57
C TYR C 4580 -81.11 51.41 -36.97
N LYS C 4581 -82.34 51.88 -37.18
CA LYS C 4581 -82.74 53.22 -36.81
C LYS C 4581 -84.17 53.17 -36.28
N VAL C 4582 -84.51 54.07 -35.38
CA VAL C 4582 -85.87 54.16 -34.84
C VAL C 4582 -86.35 55.60 -34.88
N SER C 4583 -87.63 55.77 -35.22
CA SER C 4583 -88.24 57.09 -35.33
C SER C 4583 -89.71 56.97 -34.96
N ASP C 4584 -90.37 58.12 -34.86
CA ASP C 4584 -91.79 58.16 -34.50
C ASP C 4584 -92.71 57.83 -35.67
N SER C 4585 -92.19 57.76 -36.89
CA SER C 4585 -93.02 57.51 -38.06
C SER C 4585 -93.15 56.01 -38.33
N PRO C 4586 -94.34 55.54 -38.70
CA PRO C 4586 -94.48 54.13 -39.07
C PRO C 4586 -93.86 53.87 -40.42
N PRO C 4587 -93.27 52.67 -40.64
CA PRO C 4587 -92.66 52.32 -41.92
C PRO C 4587 -93.70 52.12 -43.02
N ASN C 4626 -95.74 53.25 -30.60
CA ASN C 4626 -95.25 54.60 -30.84
C ASN C 4626 -94.05 54.60 -31.78
N MET C 4627 -92.85 54.60 -31.20
CA MET C 4627 -91.62 54.53 -31.99
C MET C 4627 -91.43 53.13 -32.54
N VAL C 4628 -91.22 53.05 -33.85
CA VAL C 4628 -91.09 51.78 -34.56
C VAL C 4628 -89.65 51.63 -35.03
N TYR C 4629 -89.04 50.49 -34.70
CA TYR C 4629 -87.66 50.19 -35.08
C TYR C 4629 -87.65 49.65 -36.51
N TYR C 4630 -87.19 50.47 -37.45
CA TYR C 4630 -87.10 50.08 -38.85
C TYR C 4630 -85.64 49.92 -39.26
N PHE C 4631 -85.42 49.51 -40.50
CA PHE C 4631 -84.08 49.33 -41.04
C PHE C 4631 -83.78 50.33 -42.15
N LEU C 4632 -82.55 50.85 -42.16
CA LEU C 4632 -82.13 51.88 -43.10
C LEU C 4632 -81.30 51.20 -44.17
N GLU C 4633 -81.70 51.37 -45.43
CA GLU C 4633 -81.05 50.73 -46.57
C GLU C 4633 -80.93 51.73 -47.71
N GLU C 4634 -79.87 51.58 -48.50
CA GLU C 4634 -79.60 52.45 -49.64
C GLU C 4634 -79.57 51.59 -50.90
N SER C 4635 -80.68 51.61 -51.64
CA SER C 4635 -80.81 51.03 -52.99
C SER C 4635 -80.56 49.53 -53.01
N THR C 4636 -81.02 48.83 -51.98
CA THR C 4636 -80.94 47.38 -51.92
C THR C 4636 -82.14 46.88 -51.13
N GLY C 4637 -82.79 45.82 -51.63
CA GLY C 4637 -84.06 45.40 -51.10
C GLY C 4637 -84.07 44.19 -50.19
N TYR C 4638 -83.18 43.22 -50.43
CA TYR C 4638 -83.22 41.95 -49.70
C TYR C 4638 -82.29 41.94 -48.48
N MET C 4639 -81.94 43.12 -47.96
CA MET C 4639 -81.11 43.18 -46.75
C MET C 4639 -81.88 42.74 -45.52
N GLU C 4640 -83.16 43.07 -45.45
CA GLU C 4640 -84.01 42.72 -44.31
C GLU C 4640 -84.54 41.29 -44.35
N PRO C 4641 -85.01 40.72 -45.48
CA PRO C 4641 -85.36 39.29 -45.45
C PRO C 4641 -84.17 38.34 -45.40
N ALA C 4642 -82.93 38.83 -45.53
CA ALA C 4642 -81.78 37.95 -45.34
C ALA C 4642 -81.60 37.59 -43.88
N LEU C 4643 -81.83 38.54 -42.98
CA LEU C 4643 -81.52 38.35 -41.57
C LEU C 4643 -82.47 37.34 -40.91
N TRP C 4644 -83.73 37.32 -41.35
CA TRP C 4644 -84.71 36.41 -40.76
C TRP C 4644 -84.45 34.95 -41.11
N CYS C 4645 -83.64 34.68 -42.13
CA CYS C 4645 -83.16 33.33 -42.39
C CYS C 4645 -81.76 33.10 -41.85
N LEU C 4646 -80.93 34.15 -41.82
CA LEU C 4646 -79.58 34.02 -41.27
C LEU C 4646 -79.60 33.78 -39.76
N SER C 4647 -80.58 34.33 -39.06
CA SER C 4647 -80.70 34.13 -37.62
C SER C 4647 -81.16 32.71 -37.29
N LEU C 4648 -82.14 32.20 -38.04
CA LEU C 4648 -82.54 30.81 -37.89
C LEU C 4648 -81.45 29.85 -38.34
N LEU C 4649 -80.62 30.26 -39.32
CA LEU C 4649 -79.43 29.51 -39.68
C LEU C 4649 -78.46 29.43 -38.51
N HIS C 4650 -78.27 30.54 -37.80
CA HIS C 4650 -77.37 30.55 -36.65
C HIS C 4650 -77.92 29.71 -35.50
N THR C 4651 -79.23 29.74 -35.29
CA THR C 4651 -79.83 28.90 -34.25
C THR C 4651 -79.80 27.41 -34.63
N LEU C 4652 -79.98 27.10 -35.91
CA LEU C 4652 -79.90 25.70 -36.36
C LEU C 4652 -78.49 25.15 -36.24
N VAL C 4653 -77.49 25.94 -36.64
CA VAL C 4653 -76.12 25.47 -36.48
C VAL C 4653 -75.70 25.49 -35.00
N ALA C 4654 -76.36 26.30 -34.17
CA ALA C 4654 -76.20 26.19 -32.73
C ALA C 4654 -76.72 24.86 -32.21
N PHE C 4655 -77.90 24.42 -32.70
CA PHE C 4655 -78.41 23.09 -32.38
C PHE C 4655 -77.46 22.00 -32.86
N LEU C 4656 -76.89 22.19 -34.06
CA LEU C 4656 -75.96 21.22 -34.64
C LEU C 4656 -74.74 21.03 -33.76
N CYS C 4657 -74.13 22.13 -33.31
CA CYS C 4657 -72.93 21.99 -32.48
C CYS C 4657 -73.26 21.49 -31.08
N ILE C 4658 -74.48 21.75 -30.56
CA ILE C 4658 -74.85 21.22 -29.25
C ILE C 4658 -74.98 19.70 -29.27
N ILE C 4659 -75.78 19.14 -30.19
CA ILE C 4659 -75.86 17.68 -30.19
C ILE C 4659 -74.58 17.06 -30.79
N GLY C 4660 -73.76 17.81 -31.51
CA GLY C 4660 -72.43 17.32 -31.87
C GLY C 4660 -71.48 17.21 -30.68
N TYR C 4661 -71.55 18.17 -29.76
CA TYR C 4661 -70.83 18.08 -28.49
C TYR C 4661 -71.28 16.85 -27.70
N ASN C 4662 -72.60 16.69 -27.56
CA ASN C 4662 -73.16 15.52 -26.87
C ASN C 4662 -73.07 14.23 -27.67
N CYS C 4663 -72.59 14.28 -28.91
CA CYS C 4663 -72.35 13.11 -29.74
C CYS C 4663 -70.91 12.63 -29.69
N LEU C 4664 -69.93 13.54 -29.70
CA LEU C 4664 -68.52 13.11 -29.65
C LEU C 4664 -67.96 13.05 -28.23
N LYS C 4665 -68.11 14.11 -27.42
CA LYS C 4665 -67.27 14.19 -26.23
C LYS C 4665 -68.03 14.29 -24.91
N VAL C 4666 -69.16 13.63 -24.78
CA VAL C 4666 -69.57 13.15 -23.45
C VAL C 4666 -68.75 11.97 -22.91
N PRO C 4667 -68.05 11.11 -23.69
CA PRO C 4667 -67.12 10.18 -23.02
C PRO C 4667 -65.94 10.84 -22.31
N LEU C 4668 -65.53 12.06 -22.67
CA LEU C 4668 -64.49 12.74 -21.89
C LEU C 4668 -64.98 13.10 -20.50
N VAL C 4669 -66.21 13.61 -20.38
CA VAL C 4669 -66.79 13.91 -19.07
C VAL C 4669 -67.36 12.66 -18.41
N ILE C 4670 -67.37 11.53 -19.11
CA ILE C 4670 -67.76 10.26 -18.50
C ILE C 4670 -66.56 9.56 -17.86
N PHE C 4671 -65.42 9.41 -18.57
CA PHE C 4671 -64.46 8.36 -18.24
C PHE C 4671 -63.69 8.63 -16.95
N LYS C 4672 -63.21 9.85 -16.77
CA LYS C 4672 -62.25 10.12 -15.71
C LYS C 4672 -62.85 10.07 -14.32
N ARG C 4673 -64.13 10.41 -14.15
CA ARG C 4673 -64.61 10.40 -12.77
C ARG C 4673 -65.10 9.03 -12.31
N GLU C 4674 -65.54 8.13 -13.20
CA GLU C 4674 -65.62 6.76 -12.71
C GLU C 4674 -64.27 6.05 -12.69
N LYS C 4675 -63.24 6.54 -13.39
CA LYS C 4675 -61.88 6.10 -13.09
C LYS C 4675 -61.49 6.49 -11.66
N GLU C 4676 -61.79 7.75 -11.31
CA GLU C 4676 -61.59 8.28 -9.97
C GLU C 4676 -62.40 7.50 -8.93
N LEU C 4677 -63.62 7.11 -9.31
CA LEU C 4677 -64.50 6.37 -8.42
C LEU C 4677 -64.00 4.95 -8.17
N ALA C 4678 -63.58 4.24 -9.23
CA ALA C 4678 -63.00 2.90 -9.07
C ALA C 4678 -61.67 2.96 -8.35
N ARG C 4679 -60.92 4.06 -8.52
CA ARG C 4679 -59.67 4.29 -7.80
C ARG C 4679 -59.90 4.32 -6.30
N LYS C 4680 -60.88 5.11 -5.85
CA LYS C 4680 -61.17 5.13 -4.41
C LYS C 4680 -61.98 3.92 -3.95
N LEU C 4681 -62.65 3.19 -4.83
CA LEU C 4681 -63.26 1.93 -4.41
C LEU C 4681 -62.20 0.89 -4.09
N GLU C 4682 -61.20 0.75 -4.95
CA GLU C 4682 -60.22 -0.31 -4.78
C GLU C 4682 -59.14 0.06 -3.77
N PHE C 4683 -58.67 1.31 -3.81
CA PHE C 4683 -57.52 1.67 -2.99
C PHE C 4683 -57.91 2.20 -1.61
N ASP C 4684 -58.74 3.25 -1.56
CA ASP C 4684 -59.00 3.92 -0.29
C ASP C 4684 -60.21 3.36 0.45
N GLY C 4685 -61.28 3.06 -0.27
CA GLY C 4685 -62.51 2.59 0.37
C GLY C 4685 -63.40 3.74 0.80
N LEU C 4686 -63.66 4.66 -0.14
CA LEU C 4686 -64.25 5.96 0.16
C LEU C 4686 -65.69 5.86 0.65
N TYR C 4687 -66.40 4.78 0.32
CA TYR C 4687 -67.82 4.63 0.59
C TYR C 4687 -68.12 3.43 1.49
N ILE C 4688 -67.10 2.62 1.79
CA ILE C 4688 -67.24 1.45 2.64
C ILE C 4688 -66.52 1.64 3.97
N THR C 4689 -65.27 2.12 3.94
CA THR C 4689 -64.53 2.33 5.18
C THR C 4689 -64.98 3.61 5.88
N GLU C 4690 -65.35 4.63 5.11
CA GLU C 4690 -65.96 5.84 5.64
C GLU C 4690 -66.95 6.37 4.60
N GLN C 4691 -67.37 7.62 4.77
CA GLN C 4691 -68.24 8.33 3.83
C GLN C 4691 -68.12 9.82 4.10
N PRO C 4692 -67.82 10.65 3.08
CA PRO C 4692 -67.54 12.07 3.32
C PRO C 4692 -68.78 12.91 3.66
N ASP C 4696 -69.56 16.43 0.26
CA ASP C 4696 -69.46 17.67 -0.49
C ASP C 4696 -70.52 17.74 -1.58
N VAL C 4697 -70.16 18.33 -2.72
CA VAL C 4697 -71.11 18.53 -3.80
C VAL C 4697 -71.24 17.29 -4.69
N LYS C 4698 -70.16 16.50 -4.83
CA LYS C 4698 -70.16 15.35 -5.72
C LYS C 4698 -70.21 14.01 -4.98
N GLY C 4699 -69.77 13.98 -3.73
CA GLY C 4699 -69.55 12.72 -3.03
C GLY C 4699 -70.81 11.96 -2.71
N GLN C 4700 -71.93 12.64 -2.51
CA GLN C 4700 -73.18 11.97 -2.23
C GLN C 4700 -74.10 11.88 -3.44
N TRP C 4701 -73.82 12.64 -4.50
CA TRP C 4701 -74.48 12.38 -5.77
C TRP C 4701 -73.87 11.16 -6.47
N ASP C 4702 -72.61 10.83 -6.13
CA ASP C 4702 -72.00 9.60 -6.63
C ASP C 4702 -72.52 8.32 -5.95
N ARG C 4703 -73.57 8.38 -5.12
CA ARG C 4703 -74.17 7.16 -4.58
C ARG C 4703 -75.35 6.66 -5.38
N LEU C 4704 -75.78 7.39 -6.41
CA LEU C 4704 -76.81 6.93 -7.34
C LEU C 4704 -76.22 6.32 -8.60
N VAL C 4705 -75.08 5.64 -8.49
CA VAL C 4705 -74.45 5.03 -9.65
C VAL C 4705 -73.95 3.62 -9.39
N LEU C 4706 -73.83 3.16 -8.14
CA LEU C 4706 -73.24 1.86 -7.89
C LEU C 4706 -74.24 0.72 -8.06
N ASN C 4707 -75.49 0.92 -7.65
CA ASN C 4707 -76.44 -0.18 -7.54
C ASN C 4707 -77.02 -0.59 -8.89
N THR C 4708 -76.89 0.23 -9.94
CA THR C 4708 -77.44 -0.18 -11.22
C THR C 4708 -76.50 -1.15 -11.93
N PRO C 4709 -77.05 -2.16 -12.63
CA PRO C 4709 -76.16 -3.15 -13.28
C PRO C 4709 -75.44 -2.62 -14.51
N SER C 4710 -75.88 -1.50 -15.08
CA SER C 4710 -75.22 -0.90 -16.23
C SER C 4710 -74.26 0.22 -15.82
N PHE C 4711 -73.67 0.10 -14.63
CA PHE C 4711 -72.65 1.07 -14.22
C PHE C 4711 -71.37 0.98 -15.06
N PRO C 4712 -70.64 -0.19 -15.11
CA PRO C 4712 -69.32 -0.13 -15.76
C PRO C 4712 -69.37 -0.34 -17.27
N SER C 4713 -70.55 -0.17 -17.89
CA SER C 4713 -70.73 -0.45 -19.31
C SER C 4713 -69.97 0.51 -20.22
N ASN C 4714 -69.49 1.63 -19.70
CA ASN C 4714 -68.75 2.62 -20.49
C ASN C 4714 -67.31 2.80 -19.99
N TYR C 4715 -66.75 1.76 -19.38
CA TYR C 4715 -65.35 1.76 -18.94
C TYR C 4715 -64.85 0.33 -19.06
N TRP C 4716 -63.53 0.21 -19.23
CA TRP C 4716 -62.88 -1.02 -19.67
C TRP C 4716 -63.00 -2.15 -18.65
N ASP C 4717 -62.84 -1.84 -17.36
CA ASP C 4717 -62.86 -2.84 -16.29
C ASP C 4717 -64.26 -2.90 -15.72
N LYS C 4718 -64.94 -4.02 -15.92
CA LYS C 4718 -66.31 -4.20 -15.47
C LYS C 4718 -66.43 -5.27 -14.39
N PHE C 4719 -65.32 -5.76 -13.86
CA PHE C 4719 -65.30 -6.61 -12.67
C PHE C 4719 -64.94 -5.81 -11.42
N VAL C 4720 -65.31 -4.53 -11.39
CA VAL C 4720 -64.87 -3.66 -10.30
C VAL C 4720 -65.73 -3.88 -9.05
N LYS C 4721 -66.94 -4.40 -9.21
CA LYS C 4721 -67.83 -4.62 -8.07
C LYS C 4721 -67.49 -5.89 -7.30
N ARG C 4722 -66.60 -6.75 -7.81
CA ARG C 4722 -66.25 -7.99 -7.11
C ARG C 4722 -64.85 -7.97 -6.50
N LYS C 4723 -63.89 -7.24 -7.06
CA LYS C 4723 -62.59 -7.17 -6.38
C LYS C 4723 -62.63 -6.23 -5.17
N VAL C 4724 -63.65 -5.39 -5.06
CA VAL C 4724 -63.84 -4.68 -3.79
C VAL C 4724 -64.31 -5.65 -2.71
N LEU C 4725 -65.07 -6.69 -3.09
CA LEU C 4725 -65.42 -7.75 -2.14
C LEU C 4725 -64.23 -8.66 -1.88
N ASP C 4726 -63.36 -8.85 -2.87
CA ASP C 4726 -62.09 -9.54 -2.63
C ASP C 4726 -61.17 -8.75 -1.71
N LYS C 4727 -61.27 -7.42 -1.77
CA LYS C 4727 -60.48 -6.49 -0.97
C LYS C 4727 -60.93 -6.49 0.49
N HIS C 4728 -62.20 -6.19 0.71
CA HIS C 4728 -62.73 -6.00 2.06
C HIS C 4728 -64.00 -6.83 2.26
N GLY C 4729 -63.92 -8.11 1.90
CA GLY C 4729 -64.93 -9.06 2.31
C GLY C 4729 -64.59 -9.78 3.58
N ASP C 4730 -63.43 -9.45 4.18
CA ASP C 4730 -62.96 -10.09 5.40
C ASP C 4730 -63.24 -9.26 6.65
N ILE C 4731 -63.33 -7.93 6.53
CA ILE C 4731 -63.47 -7.09 7.71
C ILE C 4731 -64.92 -6.75 8.05
N PHE C 4732 -65.81 -6.70 7.06
CA PHE C 4732 -67.19 -6.25 7.23
C PHE C 4732 -68.15 -7.39 6.88
N GLY C 4733 -69.43 -7.05 6.78
CA GLY C 4733 -70.44 -8.01 6.37
C GLY C 4733 -70.57 -8.02 4.85
N ARG C 4734 -70.85 -9.22 4.32
CA ARG C 4734 -70.99 -9.36 2.87
C ARG C 4734 -72.39 -9.00 2.40
N GLU C 4735 -73.40 -9.33 3.22
CA GLU C 4735 -74.80 -9.14 2.81
C GLU C 4735 -75.18 -7.67 2.75
N ARG C 4736 -74.49 -6.82 3.51
CA ARG C 4736 -74.74 -5.38 3.45
C ARG C 4736 -74.02 -4.74 2.27
N ILE C 4737 -72.77 -5.12 2.01
CA ILE C 4737 -72.02 -4.49 0.94
C ILE C 4737 -72.49 -4.99 -0.44
N ALA C 4738 -73.07 -6.19 -0.51
CA ALA C 4738 -73.62 -6.67 -1.77
C ALA C 4738 -74.89 -5.91 -2.15
N GLU C 4739 -75.73 -5.61 -1.16
CA GLU C 4739 -76.92 -4.78 -1.42
C GLU C 4739 -76.54 -3.32 -1.63
N LEU C 4740 -75.45 -2.86 -1.02
CA LEU C 4740 -75.03 -1.48 -1.20
C LEU C 4740 -74.40 -1.25 -2.57
N LEU C 4741 -73.61 -2.21 -3.06
CA LEU C 4741 -73.04 -2.16 -4.39
C LEU C 4741 -74.00 -2.66 -5.47
N GLY C 4742 -75.12 -3.26 -5.10
CA GLY C 4742 -76.15 -3.58 -6.07
C GLY C 4742 -75.93 -4.83 -6.89
N MET C 4743 -75.37 -5.88 -6.31
CA MET C 4743 -75.22 -7.16 -6.99
C MET C 4743 -76.49 -7.97 -6.81
N ASP C 4744 -77.29 -8.09 -7.87
CA ASP C 4744 -78.51 -8.87 -7.82
C ASP C 4744 -78.18 -10.34 -7.99
N LEU C 4745 -78.42 -11.14 -6.95
CA LEU C 4745 -78.12 -12.58 -6.87
C LEU C 4745 -76.63 -12.84 -7.11
N ALA C 4746 -75.83 -12.36 -6.14
CA ALA C 4746 -74.38 -12.37 -6.28
C ALA C 4746 -73.81 -13.77 -6.21
N SER C 4747 -74.22 -14.55 -5.20
CA SER C 4747 -73.70 -15.90 -5.02
C SER C 4747 -74.24 -16.85 -6.08
N LEU C 4748 -75.37 -16.53 -6.69
CA LEU C 4748 -75.85 -17.31 -7.83
C LEU C 4748 -75.07 -16.96 -9.10
N GLU C 4749 -74.76 -15.68 -9.31
CA GLU C 4749 -74.06 -15.29 -10.53
C GLU C 4749 -72.58 -15.68 -10.48
N ILE C 4750 -71.99 -15.76 -9.28
CA ILE C 4750 -70.58 -16.13 -9.17
C ILE C 4750 -70.38 -17.62 -9.49
N THR C 4751 -71.42 -18.43 -9.32
CA THR C 4751 -71.39 -19.81 -9.77
C THR C 4751 -71.87 -19.97 -11.21
N ALA C 4752 -72.82 -19.12 -11.64
CA ALA C 4752 -73.36 -19.25 -13.00
C ALA C 4752 -72.35 -18.79 -14.05
N HIS C 4753 -71.71 -17.64 -13.83
CA HIS C 4753 -70.67 -17.17 -14.75
C HIS C 4753 -69.42 -18.04 -14.71
N ASN C 4754 -69.21 -18.79 -13.63
CA ASN C 4754 -68.08 -19.70 -13.58
C ASN C 4754 -68.39 -20.99 -14.33
N GLU C 4755 -69.60 -21.52 -14.17
CA GLU C 4755 -69.96 -22.78 -14.81
C GLU C 4755 -70.30 -22.58 -16.29
N ARG C 4756 -71.35 -21.82 -16.57
CA ARG C 4756 -71.79 -21.62 -17.95
C ARG C 4756 -72.27 -20.20 -18.18
N THR C 4766 -88.56 -3.17 -27.86
CA THR C 4766 -88.53 -2.66 -26.49
C THR C 4766 -87.10 -2.41 -26.02
N TRP C 4767 -86.44 -1.44 -26.67
CA TRP C 4767 -85.06 -1.13 -26.33
C TRP C 4767 -84.96 -0.33 -25.05
N LEU C 4768 -85.86 0.63 -24.85
CA LEU C 4768 -85.84 1.47 -23.66
C LEU C 4768 -86.43 0.78 -22.45
N MET C 4769 -87.15 -0.33 -22.62
CA MET C 4769 -87.75 -1.01 -21.49
C MET C 4769 -86.72 -1.74 -20.65
N SER C 4770 -85.68 -2.29 -21.28
CA SER C 4770 -84.58 -2.91 -20.54
C SER C 4770 -83.60 -1.89 -19.99
N ILE C 4771 -83.75 -0.61 -20.35
CA ILE C 4771 -82.82 0.42 -19.91
C ILE C 4771 -83.15 0.84 -18.50
N ASP C 4772 -82.19 1.49 -17.85
CA ASP C 4772 -82.29 1.90 -16.46
C ASP C 4772 -83.04 3.24 -16.38
N VAL C 4773 -83.43 3.61 -15.18
CA VAL C 4773 -84.07 4.91 -14.98
C VAL C 4773 -83.18 5.89 -14.21
N LYS C 4774 -82.12 5.40 -13.56
CA LYS C 4774 -81.36 6.23 -12.63
C LYS C 4774 -79.99 6.64 -13.17
N TYR C 4775 -79.32 5.75 -13.91
CA TYR C 4775 -77.95 6.03 -14.36
C TYR C 4775 -77.92 7.11 -15.43
N GLN C 4776 -78.93 7.14 -16.30
CA GLN C 4776 -78.98 8.15 -17.36
C GLN C 4776 -79.28 9.53 -16.79
N ILE C 4777 -80.17 9.62 -15.79
CA ILE C 4777 -80.38 10.93 -15.15
C ILE C 4777 -79.21 11.30 -14.24
N TRP C 4778 -78.46 10.31 -13.74
CA TRP C 4778 -77.26 10.59 -12.96
C TRP C 4778 -76.17 11.22 -13.83
N LYS C 4779 -75.97 10.67 -15.03
CA LYS C 4779 -74.98 11.29 -15.91
C LYS C 4779 -75.59 12.44 -16.72
N PHE C 4780 -76.90 12.65 -16.63
CA PHE C 4780 -77.51 13.89 -17.13
C PHE C 4780 -77.28 15.04 -16.16
N GLY C 4781 -77.13 14.75 -14.87
CA GLY C 4781 -76.77 15.78 -13.91
C GLY C 4781 -75.35 16.32 -14.04
N VAL C 4782 -74.39 15.48 -14.43
CA VAL C 4782 -72.99 15.90 -14.40
C VAL C 4782 -72.63 16.83 -15.57
N ILE C 4783 -73.30 16.68 -16.72
CA ILE C 4783 -73.03 17.58 -17.84
C ILE C 4783 -73.61 18.96 -17.57
N PHE C 4784 -74.69 19.04 -16.79
CA PHE C 4784 -75.18 20.32 -16.32
C PHE C 4784 -74.34 20.87 -15.18
N THR C 4785 -73.71 20.00 -14.40
CA THR C 4785 -72.84 20.44 -13.31
C THR C 4785 -71.54 21.05 -13.84
N ASP C 4786 -70.93 20.40 -14.84
CA ASP C 4786 -69.60 20.77 -15.31
C ASP C 4786 -69.66 22.08 -16.10
N ASN C 4787 -68.49 22.67 -16.34
CA ASN C 4787 -68.41 24.06 -16.80
C ASN C 4787 -68.72 24.24 -18.28
N SER C 4788 -68.37 23.30 -19.14
CA SER C 4788 -68.36 23.57 -20.56
C SER C 4788 -69.75 23.48 -21.18
N PHE C 4789 -70.51 22.45 -20.81
CA PHE C 4789 -71.80 22.20 -21.45
C PHE C 4789 -72.84 23.25 -21.04
N LEU C 4790 -72.77 23.78 -19.82
CA LEU C 4790 -73.73 24.82 -19.44
C LEU C 4790 -73.41 26.14 -20.13
N TYR C 4791 -72.13 26.41 -20.39
CA TYR C 4791 -71.77 27.59 -21.18
C TYR C 4791 -72.19 27.43 -22.64
N LEU C 4792 -72.04 26.23 -23.21
CA LEU C 4792 -72.49 26.01 -24.58
C LEU C 4792 -74.02 26.02 -24.69
N GLY C 4793 -74.73 25.64 -23.62
CA GLY C 4793 -76.17 25.81 -23.60
C GLY C 4793 -76.60 27.25 -23.36
N TRP C 4794 -75.78 28.01 -22.64
CA TRP C 4794 -75.99 29.45 -22.54
C TRP C 4794 -75.81 30.13 -23.89
N TYR C 4795 -74.95 29.57 -24.74
CA TYR C 4795 -74.78 30.07 -26.10
C TYR C 4795 -76.05 29.88 -26.94
N MET C 4796 -76.89 28.89 -26.62
CA MET C 4796 -78.08 28.65 -27.42
C MET C 4796 -79.36 29.18 -26.75
N VAL C 4797 -79.33 29.42 -25.44
CA VAL C 4797 -80.49 29.97 -24.73
C VAL C 4797 -80.73 31.44 -25.10
N MET C 4798 -79.77 32.10 -25.76
CA MET C 4798 -79.95 33.45 -26.25
C MET C 4798 -80.46 33.51 -27.68
N SER C 4799 -80.24 32.45 -28.47
CA SER C 4799 -80.52 32.49 -29.90
C SER C 4799 -82.01 32.37 -30.20
N LEU C 4800 -82.71 31.43 -29.54
CA LEU C 4800 -84.16 31.38 -29.63
C LEU C 4800 -84.81 32.58 -28.95
N LEU C 4801 -84.11 33.19 -27.98
CA LEU C 4801 -84.60 34.43 -27.38
C LEU C 4801 -84.31 35.62 -28.29
N GLY C 4802 -83.35 35.47 -29.20
CA GLY C 4802 -82.94 36.54 -30.09
C GLY C 4802 -83.94 36.87 -31.18
N HIS C 4803 -84.93 36.00 -31.39
CA HIS C 4803 -86.00 36.28 -32.33
C HIS C 4803 -87.14 37.08 -31.70
N TYR C 4804 -87.14 37.24 -30.37
CA TYR C 4804 -88.11 38.13 -29.74
C TYR C 4804 -87.75 39.59 -29.98
N ASN C 4805 -86.47 39.93 -29.81
CA ASN C 4805 -85.94 41.24 -30.17
C ASN C 4805 -84.55 40.99 -30.74
N ASN C 4806 -84.24 41.66 -31.86
CA ASN C 4806 -83.05 41.36 -32.65
C ASN C 4806 -81.75 41.76 -31.97
N PHE C 4807 -81.80 42.67 -30.98
CA PHE C 4807 -80.59 43.31 -30.47
C PHE C 4807 -79.93 42.55 -29.33
N PHE C 4808 -80.50 41.43 -28.88
CA PHE C 4808 -79.81 40.61 -27.89
C PHE C 4808 -78.85 39.60 -28.51
N PHE C 4809 -78.53 39.75 -29.80
CA PHE C 4809 -77.44 39.04 -30.46
C PHE C 4809 -76.07 39.66 -30.18
N ALA C 4810 -76.03 40.78 -29.44
CA ALA C 4810 -74.77 41.46 -29.19
C ALA C 4810 -73.94 40.74 -28.13
N ALA C 4811 -74.59 40.01 -27.23
CA ALA C 4811 -73.88 39.23 -26.21
C ALA C 4811 -73.18 38.01 -26.79
N HIS C 4812 -73.46 37.66 -28.06
CA HIS C 4812 -72.73 36.60 -28.75
C HIS C 4812 -71.33 37.04 -29.20
N LEU C 4813 -71.02 38.34 -29.11
CA LEU C 4813 -69.68 38.81 -29.44
C LEU C 4813 -68.72 38.74 -28.26
N LEU C 4814 -69.18 38.30 -27.09
CA LEU C 4814 -68.29 37.96 -25.98
C LEU C 4814 -67.72 36.57 -26.09
N ASP C 4815 -68.06 35.84 -27.17
CA ASP C 4815 -67.45 34.54 -27.45
C ASP C 4815 -65.99 34.66 -27.83
N ILE C 4816 -65.57 35.82 -28.34
CA ILE C 4816 -64.17 36.10 -28.62
C ILE C 4816 -63.33 36.10 -27.35
N ALA C 4817 -63.93 36.49 -26.22
CA ALA C 4817 -63.18 36.64 -24.98
C ALA C 4817 -62.80 35.30 -24.38
N MET C 4818 -63.66 34.29 -24.48
CA MET C 4818 -63.36 32.99 -23.91
C MET C 4818 -62.90 31.99 -24.97
N GLY C 4819 -63.10 32.29 -26.25
CA GLY C 4819 -62.68 31.40 -27.32
C GLY C 4819 -61.18 31.29 -27.48
N VAL C 4820 -60.50 32.42 -27.60
CA VAL C 4820 -59.04 32.41 -27.64
C VAL C 4820 -58.50 32.37 -26.22
N LYS C 4821 -57.35 31.73 -26.03
CA LYS C 4821 -56.70 31.67 -24.73
C LYS C 4821 -55.95 32.96 -24.40
N THR C 4822 -55.59 33.74 -25.42
CA THR C 4822 -54.85 34.98 -25.19
C THR C 4822 -55.72 36.02 -24.47
N LEU C 4823 -56.97 36.18 -24.91
CA LEU C 4823 -57.90 37.08 -24.25
C LEU C 4823 -58.78 36.41 -23.21
N ARG C 4824 -58.49 35.15 -22.86
CA ARG C 4824 -59.18 34.52 -21.74
C ARG C 4824 -58.58 34.93 -20.40
N THR C 4825 -57.28 35.23 -20.36
CA THR C 4825 -56.62 35.56 -19.12
C THR C 4825 -56.99 36.95 -18.60
N ILE C 4826 -57.45 37.87 -19.46
CA ILE C 4826 -57.88 39.18 -19.00
C ILE C 4826 -59.14 39.07 -18.15
N LEU C 4827 -60.15 38.35 -18.64
CA LEU C 4827 -61.35 38.18 -17.85
C LEU C 4827 -61.13 37.19 -16.72
N SER C 4828 -60.16 36.28 -16.86
CA SER C 4828 -59.84 35.37 -15.77
C SER C 4828 -59.02 36.01 -14.65
N SER C 4829 -58.36 37.14 -14.93
CA SER C 4829 -57.55 37.81 -13.92
C SER C 4829 -58.37 38.54 -12.87
N VAL C 4830 -59.63 38.89 -13.19
CA VAL C 4830 -60.46 39.59 -12.21
C VAL C 4830 -60.86 38.65 -11.08
N THR C 4831 -61.39 37.47 -11.43
CA THR C 4831 -61.71 36.47 -10.43
C THR C 4831 -60.49 35.71 -9.92
N HIS C 4832 -59.30 35.96 -10.49
CA HIS C 4832 -58.07 35.43 -9.92
C HIS C 4832 -57.72 36.16 -8.62
N ASN C 4833 -57.93 37.47 -8.58
CA ASN C 4833 -57.78 38.23 -7.34
C ASN C 4833 -59.02 39.05 -7.06
N GLY C 4834 -60.19 38.42 -7.11
CA GLY C 4834 -61.40 39.10 -6.71
C GLY C 4834 -61.66 38.93 -5.23
N LYS C 4835 -61.04 37.90 -4.64
CA LYS C 4835 -61.30 37.53 -3.25
C LYS C 4835 -60.88 38.62 -2.27
N GLN C 4836 -59.83 39.38 -2.63
CA GLN C 4836 -59.47 40.58 -1.88
C GLN C 4836 -59.96 41.87 -2.54
N LEU C 4837 -60.27 41.86 -3.84
CA LEU C 4837 -60.64 43.10 -4.50
C LEU C 4837 -62.07 43.51 -4.16
N VAL C 4838 -62.98 42.53 -3.99
CA VAL C 4838 -64.34 42.88 -3.57
C VAL C 4838 -64.36 43.44 -2.15
N MET C 4839 -63.44 42.97 -1.29
CA MET C 4839 -63.43 43.53 0.06
C MET C 4839 -62.71 44.87 0.11
N THR C 4840 -61.71 45.12 -0.74
CA THR C 4840 -61.14 46.46 -0.70
C THR C 4840 -61.98 47.47 -1.49
N VAL C 4841 -62.82 47.03 -2.42
CA VAL C 4841 -63.78 47.98 -2.96
C VAL C 4841 -64.95 48.15 -2.00
N GLY C 4842 -65.15 47.19 -1.09
CA GLY C 4842 -65.99 47.44 0.07
C GLY C 4842 -65.39 48.46 1.02
N LEU C 4843 -64.05 48.45 1.16
CA LEU C 4843 -63.37 49.52 1.88
C LEU C 4843 -63.58 50.86 1.19
N LEU C 4844 -63.50 50.89 -0.14
CA LEU C 4844 -63.83 52.07 -0.92
C LEU C 4844 -65.28 52.50 -0.72
N ALA C 4845 -66.20 51.55 -0.51
CA ALA C 4845 -67.59 51.86 -0.26
C ALA C 4845 -67.85 52.39 1.15
N VAL C 4846 -67.09 51.95 2.14
CA VAL C 4846 -67.33 52.38 3.51
C VAL C 4846 -66.52 53.60 3.92
N VAL C 4847 -65.39 53.89 3.25
CA VAL C 4847 -64.61 55.07 3.65
C VAL C 4847 -65.34 56.34 3.22
N VAL C 4848 -65.95 56.34 2.04
CA VAL C 4848 -66.70 57.52 1.61
C VAL C 4848 -68.05 57.59 2.33
N TYR C 4849 -68.57 56.46 2.81
CA TYR C 4849 -69.76 56.48 3.64
C TYR C 4849 -69.43 57.02 5.03
N LEU C 4850 -68.19 56.81 5.50
CA LEU C 4850 -67.72 57.51 6.69
C LEU C 4850 -67.55 59.00 6.41
N TYR C 4851 -66.99 59.34 5.25
CA TYR C 4851 -66.57 60.69 4.92
C TYR C 4851 -67.71 61.61 4.48
N THR C 4852 -68.89 61.07 4.20
CA THR C 4852 -69.97 61.94 3.74
C THR C 4852 -70.92 62.39 4.85
N VAL C 4853 -70.91 61.77 6.04
CA VAL C 4853 -71.82 62.21 7.09
C VAL C 4853 -71.35 63.53 7.69
N VAL C 4854 -70.04 63.81 7.63
CA VAL C 4854 -69.55 65.07 8.16
C VAL C 4854 -69.94 66.23 7.22
N ALA C 4855 -70.08 65.95 5.92
CA ALA C 4855 -70.63 66.94 5.00
C ALA C 4855 -72.15 67.02 5.08
N PHE C 4856 -72.81 65.91 5.42
CA PHE C 4856 -74.26 65.91 5.59
C PHE C 4856 -74.68 66.67 6.84
N ASN C 4857 -73.86 66.64 7.89
CA ASN C 4857 -74.18 67.33 9.14
C ASN C 4857 -73.61 68.75 9.20
N PHE C 4858 -72.33 68.94 8.90
CA PHE C 4858 -71.67 70.22 9.17
C PHE C 4858 -71.47 71.10 7.95
N PHE C 4859 -71.53 70.55 6.73
CA PHE C 4859 -71.26 71.34 5.54
C PHE C 4859 -72.46 71.29 4.59
N ARG C 4860 -73.64 71.59 5.11
CA ARG C 4860 -74.90 71.60 4.37
C ARG C 4860 -75.04 72.81 3.44
N LYS C 4861 -74.10 73.75 3.47
CA LYS C 4861 -74.29 75.04 2.82
C LYS C 4861 -74.18 74.98 1.29
N PHE C 4862 -73.13 74.34 0.78
CA PHE C 4862 -72.68 74.58 -0.58
C PHE C 4862 -72.94 73.45 -1.57
N TYR C 4863 -73.39 72.27 -1.10
CA TYR C 4863 -73.59 71.12 -1.99
C TYR C 4863 -74.83 71.35 -2.85
N ASN C 4864 -74.64 72.07 -3.95
CA ASN C 4864 -75.75 72.44 -4.82
C ASN C 4864 -75.22 72.69 -6.22
N LYS C 4865 -75.78 71.98 -7.21
CA LYS C 4865 -75.42 72.17 -8.60
C LYS C 4865 -76.50 72.89 -9.40
N SER C 4866 -77.67 73.11 -8.80
CA SER C 4866 -78.76 73.82 -9.46
C SER C 4866 -78.43 75.30 -9.60
N GLU C 4867 -78.16 75.75 -10.82
CA GLU C 4867 -77.85 77.15 -11.06
C GLU C 4867 -79.08 78.05 -11.01
N ASP C 4868 -80.28 77.48 -10.99
CA ASP C 4868 -81.51 78.26 -10.89
C ASP C 4868 -81.75 78.64 -9.43
N GLU C 4869 -81.98 79.93 -9.20
CA GLU C 4869 -82.20 80.43 -7.85
C GLU C 4869 -83.59 80.08 -7.34
N ASP C 4870 -84.60 80.18 -8.21
CA ASP C 4870 -85.97 79.87 -7.81
C ASP C 4870 -86.21 78.37 -7.70
N GLU C 4871 -85.45 77.56 -8.43
CA GLU C 4871 -85.60 76.11 -8.36
C GLU C 4871 -84.37 75.49 -7.70
N PRO C 4872 -84.26 75.55 -6.36
CA PRO C 4872 -83.11 74.93 -5.69
C PRO C 4872 -83.39 73.50 -5.26
N ASP C 4873 -82.52 72.57 -5.66
CA ASP C 4873 -82.63 71.17 -5.28
C ASP C 4873 -81.20 70.75 -4.93
N MET C 4874 -80.82 70.89 -3.66
CA MET C 4874 -79.58 70.31 -3.16
C MET C 4874 -79.80 68.82 -2.91
N LYS C 4875 -78.72 68.06 -2.94
CA LYS C 4875 -78.80 66.62 -2.72
C LYS C 4875 -78.31 66.18 -1.36
N CYS C 4876 -77.84 67.11 -0.52
CA CYS C 4876 -77.55 66.80 0.88
C CYS C 4876 -78.75 67.13 1.77
N ASP C 4877 -79.88 66.51 1.43
CA ASP C 4877 -81.05 66.49 2.29
C ASP C 4877 -81.33 65.10 2.84
N ASP C 4878 -81.16 64.06 2.02
CA ASP C 4878 -81.23 62.68 2.45
C ASP C 4878 -79.89 62.04 2.16
N MET C 4879 -79.34 61.33 3.15
CA MET C 4879 -78.00 60.80 2.99
C MET C 4879 -77.96 59.59 2.08
N MET C 4880 -79.10 58.92 1.84
CA MET C 4880 -79.13 57.89 0.82
C MET C 4880 -78.96 58.51 -0.57
N THR C 4881 -79.49 59.71 -0.77
CA THR C 4881 -79.24 60.44 -2.01
C THR C 4881 -77.81 60.97 -2.03
N CYS C 4882 -77.31 61.43 -0.88
CA CYS C 4882 -75.97 62.02 -0.80
C CYS C 4882 -74.88 60.97 -1.04
N TYR C 4883 -75.10 59.74 -0.57
CA TYR C 4883 -74.10 58.69 -0.76
C TYR C 4883 -74.06 58.18 -2.19
N LEU C 4884 -75.23 58.09 -2.84
CA LEU C 4884 -75.26 57.78 -4.27
C LEU C 4884 -74.63 58.89 -5.10
N PHE C 4885 -74.86 60.15 -4.71
CA PHE C 4885 -74.16 61.29 -5.32
C PHE C 4885 -72.64 61.20 -5.12
N HIS C 4886 -72.20 60.82 -3.93
CA HIS C 4886 -70.78 60.80 -3.62
C HIS C 4886 -70.06 59.68 -4.35
N MET C 4887 -70.64 58.47 -4.40
CA MET C 4887 -70.03 57.48 -5.26
C MET C 4887 -70.35 57.67 -6.74
N TYR C 4888 -71.19 58.63 -7.11
CA TYR C 4888 -71.31 58.97 -8.52
C TYR C 4888 -70.24 59.94 -8.99
N VAL C 4889 -69.75 60.86 -8.15
CA VAL C 4889 -68.76 61.83 -8.63
C VAL C 4889 -67.39 61.70 -7.99
N GLY C 4890 -67.27 61.19 -6.75
CA GLY C 4890 -66.00 61.26 -6.04
C GLY C 4890 -64.95 60.25 -6.48
N VAL C 4891 -65.35 59.01 -6.73
CA VAL C 4891 -64.45 58.01 -7.31
C VAL C 4891 -64.34 58.21 -8.82
N ARG C 4892 -65.13 59.11 -9.38
CA ARG C 4892 -65.32 59.37 -10.80
C ARG C 4892 -64.42 60.46 -11.36
N ALA C 4893 -64.50 61.67 -10.79
CA ALA C 4893 -63.97 62.86 -11.45
C ALA C 4893 -62.43 62.89 -11.44
N GLY C 4894 -61.82 62.33 -10.41
CA GLY C 4894 -60.37 62.31 -10.34
C GLY C 4894 -59.72 63.63 -9.99
N GLY C 4895 -60.49 64.62 -9.57
CA GLY C 4895 -59.95 65.91 -9.19
C GLY C 4895 -60.58 66.44 -7.93
N GLY C 4896 -60.95 65.55 -7.01
CA GLY C 4896 -61.56 65.91 -5.75
C GLY C 4896 -63.08 65.83 -5.81
N ILE C 4897 -63.70 66.50 -4.85
CA ILE C 4897 -65.16 66.56 -4.79
C ILE C 4897 -65.68 67.99 -4.98
N GLY C 4898 -64.87 69.01 -4.71
CA GLY C 4898 -65.34 70.38 -4.71
C GLY C 4898 -65.20 71.07 -6.05
N ASP C 4899 -65.28 70.31 -7.13
CA ASP C 4899 -65.43 70.87 -8.46
C ASP C 4899 -66.86 70.80 -8.97
N GLU C 4900 -67.67 69.87 -8.44
CA GLU C 4900 -69.10 69.94 -8.63
C GLU C 4900 -69.72 71.08 -7.83
N ILE C 4901 -69.06 71.49 -6.76
CA ILE C 4901 -69.49 72.55 -5.86
C ILE C 4901 -68.71 73.81 -6.21
N GLU C 4902 -69.38 74.97 -6.21
CA GLU C 4902 -68.76 76.24 -6.57
C GLU C 4902 -67.69 76.65 -5.54
N ASP C 4903 -67.04 77.77 -5.85
CA ASP C 4903 -65.84 78.16 -5.13
C ASP C 4903 -66.15 78.67 -3.73
N PRO C 4904 -65.38 78.26 -2.71
CA PRO C 4904 -65.59 78.76 -1.34
C PRO C 4904 -65.03 80.18 -1.12
N ALA C 4905 -65.77 81.17 -1.60
CA ALA C 4905 -65.38 82.55 -1.41
C ALA C 4905 -65.72 83.08 -0.02
N GLY C 4906 -66.60 82.40 0.71
CA GLY C 4906 -66.99 82.86 2.03
C GLY C 4906 -66.07 82.38 3.12
N ASP C 4907 -66.14 83.06 4.26
CA ASP C 4907 -65.34 82.74 5.43
C ASP C 4907 -65.99 81.72 6.35
N GLU C 4908 -67.16 81.20 5.98
CA GLU C 4908 -67.85 80.19 6.78
C GLU C 4908 -67.14 78.85 6.64
N TYR C 4909 -66.25 78.56 7.60
CA TYR C 4909 -65.40 77.36 7.64
C TYR C 4909 -64.60 77.20 6.35
N GLU C 4910 -63.79 78.22 6.05
CA GLU C 4910 -63.06 78.24 4.78
C GLU C 4910 -61.86 77.30 4.83
N LEU C 4911 -61.06 77.39 5.89
CA LEU C 4911 -59.84 76.59 6.00
C LEU C 4911 -60.10 75.18 6.52
N TYR C 4912 -61.35 74.82 6.78
CA TYR C 4912 -61.69 73.44 7.10
C TYR C 4912 -62.13 72.66 5.87
N ARG C 4913 -62.80 73.31 4.91
CA ARG C 4913 -63.17 72.60 3.69
C ARG C 4913 -61.95 72.35 2.80
N VAL C 4914 -60.90 73.18 2.92
CA VAL C 4914 -59.67 72.89 2.18
C VAL C 4914 -58.88 71.75 2.80
N VAL C 4915 -59.22 71.33 4.01
CA VAL C 4915 -58.68 70.10 4.58
C VAL C 4915 -59.57 68.91 4.23
N PHE C 4916 -60.89 69.15 4.25
CA PHE C 4916 -61.89 68.17 3.84
C PHE C 4916 -61.67 67.66 2.43
N ASP C 4917 -61.48 68.58 1.48
CA ASP C 4917 -61.40 68.19 0.07
C ASP C 4917 -60.10 67.43 -0.22
N ILE C 4918 -58.99 67.85 0.39
CA ILE C 4918 -57.74 67.16 0.11
C ILE C 4918 -57.59 65.88 0.93
N THR C 4919 -58.31 65.72 2.05
CA THR C 4919 -58.29 64.40 2.68
C THR C 4919 -59.32 63.46 2.07
N PHE C 4920 -60.21 63.98 1.23
CA PHE C 4920 -60.89 63.13 0.26
C PHE C 4920 -59.95 62.77 -0.90
N PHE C 4921 -59.19 63.77 -1.37
CA PHE C 4921 -58.36 63.64 -2.57
C PHE C 4921 -57.16 62.72 -2.35
N PHE C 4922 -56.46 62.87 -1.24
CA PHE C 4922 -55.29 62.05 -0.98
C PHE C 4922 -55.67 60.60 -0.72
N PHE C 4923 -56.92 60.34 -0.33
CA PHE C 4923 -57.32 58.97 0.00
C PHE C 4923 -57.99 58.24 -1.17
N VAL C 4924 -59.06 58.79 -1.76
CA VAL C 4924 -59.94 57.94 -2.54
C VAL C 4924 -59.60 57.92 -4.03
N ILE C 4925 -58.86 58.91 -4.53
CA ILE C 4925 -58.45 58.87 -5.94
C ILE C 4925 -56.95 58.58 -6.06
N VAL C 4926 -56.14 59.12 -5.14
CA VAL C 4926 -54.69 59.00 -5.24
C VAL C 4926 -54.24 57.59 -4.89
N ILE C 4927 -54.75 57.03 -3.80
CA ILE C 4927 -54.23 55.79 -3.25
C ILE C 4927 -55.15 54.61 -3.59
N LEU C 4928 -56.37 54.61 -3.03
CA LEU C 4928 -57.24 53.44 -3.11
C LEU C 4928 -57.81 53.18 -4.50
N LEU C 4929 -57.64 54.10 -5.45
CA LEU C 4929 -57.86 53.69 -6.84
C LEU C 4929 -56.62 53.04 -7.43
N ALA C 4930 -55.43 53.47 -7.00
CA ALA C 4930 -54.20 52.88 -7.51
C ALA C 4930 -54.00 51.46 -7.00
N ILE C 4931 -54.57 51.11 -5.84
CA ILE C 4931 -54.60 49.70 -5.44
C ILE C 4931 -55.42 48.87 -6.41
N ILE C 4932 -56.59 49.35 -6.84
CA ILE C 4932 -57.43 48.59 -7.75
C ILE C 4932 -56.80 48.53 -9.15
N GLN C 4933 -56.01 49.55 -9.51
CA GLN C 4933 -55.21 49.47 -10.73
C GLN C 4933 -54.12 48.40 -10.61
N GLY C 4934 -53.35 48.43 -9.51
CA GLY C 4934 -52.25 47.50 -9.30
C GLY C 4934 -52.65 46.05 -9.17
N LEU C 4935 -53.73 45.75 -8.46
CA LEU C 4935 -54.21 44.38 -8.30
C LEU C 4935 -54.78 43.77 -9.57
N ILE C 4936 -54.91 44.55 -10.64
CA ILE C 4936 -55.25 44.04 -11.96
C ILE C 4936 -54.01 43.93 -12.85
N ILE C 4937 -53.20 44.99 -12.89
CA ILE C 4937 -52.08 45.05 -13.84
C ILE C 4937 -50.93 44.16 -13.40
N ASP C 4938 -50.69 44.12 -12.09
CA ASP C 4938 -49.62 43.23 -11.56
C ASP C 4938 -50.03 41.79 -11.85
N ALA C 4939 -51.28 41.43 -11.53
CA ALA C 4939 -51.76 40.06 -11.73
C ALA C 4939 -51.71 39.68 -13.21
N PHE C 4940 -51.99 40.64 -14.09
CA PHE C 4940 -51.76 40.47 -15.53
C PHE C 4940 -50.30 40.12 -15.80
N GLY C 4941 -49.38 40.83 -15.16
CA GLY C 4941 -47.96 40.55 -15.36
C GLY C 4941 -47.55 39.18 -14.84
N GLU C 4942 -48.07 38.81 -13.67
CA GLU C 4942 -47.74 37.52 -13.07
C GLU C 4942 -48.26 36.36 -13.92
N LEU C 4943 -49.51 36.44 -14.37
CA LEU C 4943 -50.07 35.39 -15.21
C LEU C 4943 -49.44 35.32 -16.59
N ARG C 4944 -49.11 36.45 -17.22
CA ARG C 4944 -48.49 36.34 -18.54
C ARG C 4944 -47.05 35.88 -18.44
N ASP C 4945 -46.36 36.17 -17.33
CA ASP C 4945 -45.02 35.63 -17.17
C ASP C 4945 -45.04 34.13 -16.88
N GLN C 4946 -46.01 33.65 -16.09
CA GLN C 4946 -46.09 32.21 -15.91
C GLN C 4946 -46.78 31.49 -17.08
N GLN C 4947 -47.35 32.23 -18.03
CA GLN C 4947 -47.79 31.64 -19.29
C GLN C 4947 -46.63 31.11 -20.12
N GLU C 4948 -45.44 31.73 -19.99
CA GLU C 4948 -44.26 31.35 -20.74
C GLU C 4948 -43.13 30.82 -19.89
N GLN C 4949 -43.22 30.86 -18.56
CA GLN C 4949 -42.24 30.08 -17.81
C GLN C 4949 -42.53 28.58 -17.89
N VAL C 4950 -43.77 28.20 -18.21
CA VAL C 4950 -43.99 26.80 -18.56
C VAL C 4950 -43.39 26.48 -19.93
N LYS C 4951 -43.33 27.47 -20.83
CA LYS C 4951 -42.58 27.31 -22.08
C LYS C 4951 -41.10 27.14 -21.80
N GLU C 4952 -40.58 27.90 -20.82
CA GLU C 4952 -39.22 27.72 -20.35
C GLU C 4952 -39.01 26.31 -19.75
N ASP C 4953 -40.01 25.80 -19.04
CA ASP C 4953 -39.88 24.48 -18.42
C ASP C 4953 -39.88 23.36 -19.47
N MET C 4954 -40.71 23.49 -20.52
CA MET C 4954 -40.63 22.54 -21.63
C MET C 4954 -39.33 22.70 -22.41
N GLU C 4955 -38.80 23.92 -22.48
CA GLU C 4955 -37.61 24.19 -23.28
C GLU C 4955 -36.33 23.72 -22.58
N THR C 4956 -36.31 23.71 -21.26
CA THR C 4956 -35.10 23.34 -20.53
C THR C 4956 -35.20 22.01 -19.78
N LYS C 4957 -36.30 21.75 -19.06
CA LYS C 4957 -36.39 20.52 -18.28
C LYS C 4957 -36.69 19.31 -19.18
N CYS C 4958 -37.07 18.20 -18.55
CA CYS C 4958 -36.90 16.87 -19.13
C CYS C 4958 -38.19 16.08 -19.32
N PHE C 4959 -39.28 16.44 -18.61
CA PHE C 4959 -40.63 15.85 -18.67
C PHE C 4959 -40.72 14.45 -18.06
N ILE C 4960 -39.58 13.86 -17.68
CA ILE C 4960 -39.57 12.52 -17.09
C ILE C 4960 -38.96 12.60 -15.70
N CYS C 4961 -37.72 13.10 -15.62
CA CYS C 4961 -36.89 13.10 -14.43
C CYS C 4961 -36.41 14.52 -14.12
N GLY C 4962 -35.48 14.63 -13.17
CA GLY C 4962 -35.03 15.93 -12.72
C GLY C 4962 -33.62 16.32 -13.15
N ILE C 4963 -33.26 16.07 -14.41
CA ILE C 4963 -31.98 16.50 -14.98
C ILE C 4963 -32.25 17.63 -15.96
N GLY C 4964 -31.59 18.77 -15.73
CA GLY C 4964 -31.69 19.91 -16.61
C GLY C 4964 -30.79 19.80 -17.82
N SER C 4965 -30.97 20.73 -18.76
CA SER C 4965 -30.29 20.69 -20.05
C SER C 4965 -28.93 21.37 -20.05
N ASP C 4966 -28.47 21.89 -18.91
CA ASP C 4966 -27.19 22.58 -18.86
C ASP C 4966 -26.01 21.63 -19.00
N TYR C 4967 -26.15 20.37 -18.57
CA TYR C 4967 -25.05 19.41 -18.69
C TYR C 4967 -25.13 18.59 -19.97
N PHE C 4968 -26.13 18.83 -20.83
CA PHE C 4968 -26.16 18.22 -22.16
C PHE C 4968 -25.48 19.10 -23.20
N ASP C 4969 -24.71 20.11 -22.76
CA ASP C 4969 -24.10 21.06 -23.67
C ASP C 4969 -22.76 20.59 -24.20
N THR C 4970 -22.09 19.66 -23.50
CA THR C 4970 -20.81 19.16 -23.98
C THR C 4970 -20.99 18.27 -25.21
N THR C 4971 -22.00 17.41 -25.18
CA THR C 4971 -22.36 16.66 -26.37
C THR C 4971 -23.01 17.59 -27.39
N PRO C 4972 -22.50 17.66 -28.62
CA PRO C 4972 -23.09 18.57 -29.61
C PRO C 4972 -24.45 18.10 -30.09
N HIS C 4973 -25.41 19.04 -30.06
CA HIS C 4973 -26.86 18.85 -30.28
C HIS C 4973 -27.40 17.59 -29.60
N GLY C 4974 -27.07 17.45 -28.32
CA GLY C 4974 -27.55 16.34 -27.49
C GLY C 4974 -28.91 16.54 -26.89
N PHE C 4975 -29.56 17.66 -27.22
CA PHE C 4975 -30.89 17.97 -26.73
C PHE C 4975 -31.96 17.16 -27.46
N GLU C 4976 -31.91 17.14 -28.80
CA GLU C 4976 -32.98 16.53 -29.58
C GLU C 4976 -32.88 15.01 -29.60
N THR C 4977 -31.66 14.45 -29.50
CA THR C 4977 -31.54 13.00 -29.44
C THR C 4977 -32.09 12.43 -28.15
N HIS C 4978 -32.15 13.25 -27.10
CA HIS C 4978 -32.79 12.87 -25.85
C HIS C 4978 -34.25 13.28 -25.78
N THR C 4979 -34.67 14.27 -26.56
CA THR C 4979 -36.05 14.75 -26.52
C THR C 4979 -36.98 13.95 -27.44
N LEU C 4980 -36.55 13.63 -28.65
CA LEU C 4980 -37.46 13.04 -29.62
C LEU C 4980 -37.66 11.54 -29.44
N GLU C 4981 -36.62 10.78 -29.13
CA GLU C 4981 -36.71 9.33 -29.14
C GLU C 4981 -36.70 8.69 -27.75
N GLU C 4982 -35.70 9.03 -26.92
CA GLU C 4982 -35.56 8.32 -25.64
C GLU C 4982 -36.58 8.79 -24.60
N HIS C 4983 -36.50 10.05 -24.19
CA HIS C 4983 -37.45 10.59 -23.22
C HIS C 4983 -38.52 11.34 -24.01
N ASN C 4984 -39.43 10.57 -24.61
CA ASN C 4984 -40.48 11.11 -25.45
C ASN C 4984 -41.85 10.90 -24.79
N LEU C 4985 -42.77 11.80 -25.09
CA LEU C 4985 -44.09 11.78 -24.48
C LEU C 4985 -45.03 10.82 -25.21
N ALA C 4986 -44.83 10.66 -26.52
CA ALA C 4986 -45.72 9.81 -27.32
C ALA C 4986 -45.33 8.34 -27.31
N ASN C 4987 -44.03 8.03 -27.26
CA ASN C 4987 -43.60 6.64 -27.33
C ASN C 4987 -43.93 5.87 -26.06
N TYR C 4988 -44.02 6.54 -24.90
CA TYR C 4988 -44.42 5.83 -23.69
C TYR C 4988 -45.90 5.48 -23.70
N MET C 4989 -46.76 6.35 -24.22
CA MET C 4989 -48.16 5.94 -24.33
C MET C 4989 -48.36 4.93 -25.46
N PHE C 4990 -47.48 4.92 -26.47
CA PHE C 4990 -47.46 3.80 -27.41
C PHE C 4990 -47.04 2.50 -26.73
N PHE C 4991 -46.09 2.56 -25.80
CA PHE C 4991 -45.69 1.39 -25.03
C PHE C 4991 -46.82 0.91 -24.11
N LEU C 4992 -47.59 1.85 -23.58
CA LEU C 4992 -48.79 1.48 -22.82
C LEU C 4992 -49.88 0.93 -23.72
N MET C 4993 -49.92 1.36 -24.98
CA MET C 4993 -50.89 0.84 -25.95
C MET C 4993 -50.61 -0.61 -26.31
N TYR C 4994 -49.38 -0.91 -26.72
CA TYR C 4994 -49.12 -2.20 -27.38
C TYR C 4994 -49.13 -3.38 -26.39
N LEU C 4995 -49.08 -3.12 -25.09
CA LEU C 4995 -49.19 -4.16 -24.07
C LEU C 4995 -50.63 -4.54 -23.72
N ILE C 4996 -51.63 -3.93 -24.34
CA ILE C 4996 -53.00 -4.23 -23.98
C ILE C 4996 -53.63 -5.26 -24.92
N ASN C 4997 -53.38 -5.15 -26.22
CA ASN C 4997 -54.10 -5.96 -27.21
C ASN C 4997 -53.66 -7.41 -27.17
N LYS C 4998 -52.35 -7.67 -27.25
CA LYS C 4998 -51.91 -9.06 -27.32
C LYS C 4998 -51.88 -9.67 -25.92
N ASP C 4999 -51.69 -10.97 -25.86
CA ASP C 4999 -51.83 -11.73 -24.61
C ASP C 4999 -50.57 -11.62 -23.75
N GLU C 5000 -50.76 -11.85 -22.44
CA GLU C 5000 -49.66 -11.87 -21.49
C GLU C 5000 -48.97 -13.22 -21.37
N THR C 5001 -49.36 -14.21 -22.19
CA THR C 5001 -48.52 -15.38 -22.43
C THR C 5001 -47.44 -15.11 -23.47
N GLU C 5002 -47.40 -13.89 -24.02
CA GLU C 5002 -46.34 -13.38 -24.88
C GLU C 5002 -45.34 -12.50 -24.15
N HIS C 5003 -45.73 -11.87 -23.05
CA HIS C 5003 -44.86 -10.87 -22.45
C HIS C 5003 -43.73 -11.51 -21.64
N THR C 5004 -42.64 -10.76 -21.55
CA THR C 5004 -41.39 -11.25 -21.01
C THR C 5004 -41.27 -10.87 -19.53
N GLY C 5005 -40.06 -11.01 -18.98
CA GLY C 5005 -39.84 -10.64 -17.60
C GLY C 5005 -39.98 -9.16 -17.36
N GLN C 5006 -39.35 -8.34 -18.20
CA GLN C 5006 -39.51 -6.89 -18.08
C GLN C 5006 -40.89 -6.42 -18.54
N GLU C 5007 -41.50 -7.08 -19.53
CA GLU C 5007 -42.83 -6.68 -19.98
C GLU C 5007 -43.91 -7.03 -18.96
N SER C 5008 -43.69 -8.04 -18.10
CA SER C 5008 -44.59 -8.25 -16.97
C SER C 5008 -44.19 -7.42 -15.76
N TYR C 5009 -42.90 -7.08 -15.64
CA TYR C 5009 -42.40 -6.20 -14.59
C TYR C 5009 -43.03 -4.81 -14.69
N VAL C 5010 -43.23 -4.34 -15.91
CA VAL C 5010 -43.79 -3.00 -16.10
C VAL C 5010 -45.31 -2.98 -15.93
N TRP C 5011 -45.97 -4.13 -15.92
CA TRP C 5011 -47.43 -4.16 -15.90
C TRP C 5011 -48.00 -4.63 -14.57
N LYS C 5012 -47.33 -5.55 -13.87
CA LYS C 5012 -47.92 -6.15 -12.67
C LYS C 5012 -47.96 -5.19 -11.48
N MET C 5013 -47.19 -4.11 -11.48
CA MET C 5013 -47.44 -3.04 -10.54
C MET C 5013 -48.05 -1.81 -11.20
N TYR C 5014 -48.15 -1.79 -12.53
CA TYR C 5014 -48.96 -0.76 -13.17
C TYR C 5014 -50.44 -0.93 -12.86
N GLN C 5015 -50.89 -2.19 -12.78
CA GLN C 5015 -52.31 -2.42 -12.51
C GLN C 5015 -52.68 -2.08 -11.06
N GLU C 5016 -51.76 -2.26 -10.11
CA GLU C 5016 -51.97 -1.83 -8.74
C GLU C 5016 -51.41 -0.45 -8.47
N ARG C 5017 -50.86 0.19 -9.51
CA ARG C 5017 -50.66 1.63 -9.63
C ARG C 5017 -49.70 2.17 -8.57
N CYS C 5018 -48.45 1.73 -8.67
CA CYS C 5018 -47.32 2.29 -7.93
C CYS C 5018 -46.20 2.61 -8.91
N TRP C 5019 -45.72 3.86 -8.93
CA TRP C 5019 -44.87 4.33 -10.02
C TRP C 5019 -43.47 4.81 -9.64
N ASP C 5020 -42.73 4.04 -8.86
CA ASP C 5020 -41.29 4.28 -8.78
C ASP C 5020 -40.50 3.50 -9.84
N PHE C 5021 -41.15 3.15 -10.97
CA PHE C 5021 -40.45 2.41 -12.02
C PHE C 5021 -39.75 3.33 -13.02
N PHE C 5022 -40.14 4.61 -13.08
CA PHE C 5022 -39.38 5.59 -13.82
C PHE C 5022 -38.05 5.87 -13.13
N PRO C 5023 -37.01 6.36 -13.88
CA PRO C 5023 -35.68 6.56 -13.27
C PRO C 5023 -35.62 7.55 -12.11
N ALA C 5024 -36.03 8.79 -12.39
CA ALA C 5024 -36.03 9.92 -11.44
C ALA C 5024 -34.64 10.17 -10.87
N GLY C 5025 -33.67 10.40 -11.76
CA GLY C 5025 -32.34 10.77 -11.33
C GLY C 5025 -31.17 10.28 -12.17
N ASP C 5026 -31.39 9.31 -13.05
CA ASP C 5026 -30.29 8.74 -13.85
C ASP C 5026 -30.84 8.22 -15.18
N CYS C 5027 -30.38 8.81 -16.28
CA CYS C 5027 -30.74 8.32 -17.61
C CYS C 5027 -29.59 8.63 -18.57
N PHE C 5028 -28.76 7.60 -18.85
CA PHE C 5028 -27.79 7.58 -19.94
C PHE C 5028 -26.62 8.55 -19.78
N ARG C 5029 -26.52 9.26 -18.65
CA ARG C 5029 -25.55 10.34 -18.57
C ARG C 5029 -24.76 10.44 -17.27
N LYS C 5030 -25.32 10.04 -16.12
CA LYS C 5030 -24.71 10.36 -14.84
C LYS C 5030 -23.54 9.45 -14.52
N GLN C 5031 -23.79 8.15 -14.40
CA GLN C 5031 -22.76 7.18 -14.08
C GLN C 5031 -22.58 6.13 -15.18
N TYR C 5032 -23.22 6.32 -16.33
CA TYR C 5032 -22.93 5.56 -17.54
C TYR C 5032 -21.87 6.24 -18.40
N GLU C 5033 -21.22 7.28 -17.89
CA GLU C 5033 -20.22 8.02 -18.66
C GLU C 5033 -18.83 7.40 -18.56
N ASP C 5034 -18.61 6.54 -17.56
CA ASP C 5034 -17.29 5.93 -17.36
C ASP C 5034 -16.95 4.91 -18.44
N GLN C 5035 -17.93 4.19 -18.97
CA GLN C 5035 -17.73 3.24 -20.06
C GLN C 5035 -18.29 3.74 -21.39
N LEU C 5036 -18.37 5.05 -21.58
CA LEU C 5036 -18.95 5.61 -22.79
C LEU C 5036 -17.85 6.32 -23.58
N SER C 5037 -17.67 5.88 -24.83
CA SER C 5037 -16.64 6.44 -25.70
C SER C 5037 -17.27 7.33 -26.76
N GLY D 1 -64.83 -115.52 -7.22
CA GLY D 1 -65.92 -116.09 -6.43
C GLY D 1 -66.67 -115.05 -5.61
N VAL D 2 -67.92 -114.81 -5.97
CA VAL D 2 -68.76 -113.80 -5.32
C VAL D 2 -69.95 -114.47 -4.65
N GLU D 3 -70.18 -114.10 -3.39
CA GLU D 3 -71.31 -114.58 -2.62
C GLU D 3 -72.49 -113.63 -2.81
N ILE D 4 -73.67 -114.20 -3.06
CA ILE D 4 -74.89 -113.43 -3.26
C ILE D 4 -75.89 -113.81 -2.17
N GLU D 5 -76.47 -112.80 -1.54
CA GLU D 5 -77.57 -113.00 -0.59
C GLU D 5 -78.70 -112.06 -0.95
N THR D 6 -79.89 -112.61 -1.17
CA THR D 6 -81.05 -111.77 -1.48
C THR D 6 -81.50 -111.00 -0.25
N ILE D 7 -82.27 -109.93 -0.50
CA ILE D 7 -82.73 -109.05 0.57
C ILE D 7 -84.26 -109.06 0.57
N SER D 8 -84.86 -108.76 -0.57
CA SER D 8 -86.30 -108.84 -0.73
C SER D 8 -86.65 -109.73 -1.91
N PRO D 9 -87.70 -110.56 -1.80
CA PRO D 9 -88.03 -111.46 -2.92
C PRO D 9 -88.64 -110.71 -4.09
N GLY D 10 -88.20 -111.09 -5.28
CA GLY D 10 -88.66 -110.46 -6.50
C GLY D 10 -89.51 -111.35 -7.37
N ASP D 11 -89.14 -111.48 -8.65
CA ASP D 11 -89.92 -112.26 -9.60
C ASP D 11 -89.42 -113.69 -9.75
N GLY D 12 -88.14 -113.84 -10.12
CA GLY D 12 -87.64 -115.13 -10.54
C GLY D 12 -88.01 -115.51 -11.96
N ARG D 13 -88.48 -114.56 -12.75
CA ARG D 13 -88.95 -114.78 -14.12
C ARG D 13 -87.94 -114.42 -15.19
N THR D 14 -87.33 -113.24 -15.15
CA THR D 14 -86.44 -112.78 -16.20
C THR D 14 -85.04 -112.50 -15.66
N PHE D 15 -84.06 -113.29 -16.10
CA PHE D 15 -82.68 -112.93 -15.81
C PHE D 15 -81.92 -112.64 -17.10
N PRO D 16 -81.06 -111.63 -17.14
CA PRO D 16 -80.59 -111.12 -18.42
C PRO D 16 -79.49 -111.95 -19.06
N LYS D 17 -79.40 -111.83 -20.39
CA LYS D 17 -78.34 -112.39 -21.21
C LYS D 17 -77.83 -111.31 -22.17
N LYS D 18 -76.99 -111.70 -23.13
CA LYS D 18 -76.39 -110.76 -24.06
C LYS D 18 -77.45 -110.17 -24.99
N GLY D 19 -77.42 -108.84 -25.14
CA GLY D 19 -78.40 -108.14 -25.95
C GLY D 19 -79.57 -107.63 -25.14
N GLN D 20 -79.28 -107.06 -23.96
CA GLN D 20 -80.31 -106.63 -23.04
C GLN D 20 -79.79 -105.43 -22.24
N THR D 21 -80.52 -104.32 -22.33
CA THR D 21 -80.27 -103.18 -21.46
C THR D 21 -80.95 -103.40 -20.12
N CYS D 22 -80.34 -102.86 -19.08
CA CYS D 22 -80.70 -103.11 -17.69
C CYS D 22 -80.56 -101.83 -16.87
N VAL D 23 -81.44 -101.66 -15.88
CA VAL D 23 -81.34 -100.57 -14.93
C VAL D 23 -81.17 -101.15 -13.52
N VAL D 24 -80.17 -100.65 -12.79
CA VAL D 24 -79.87 -101.08 -11.44
C VAL D 24 -79.78 -99.84 -10.54
N HIS D 25 -80.58 -99.80 -9.48
CA HIS D 25 -80.59 -98.64 -8.59
C HIS D 25 -79.72 -98.90 -7.36
N TYR D 26 -78.42 -98.79 -7.58
CA TYR D 26 -77.41 -99.38 -6.71
C TYR D 26 -76.93 -98.41 -5.64
N THR D 27 -76.38 -98.99 -4.57
CA THR D 27 -75.71 -98.25 -3.50
C THR D 27 -74.41 -98.97 -3.17
N GLY D 28 -73.40 -98.21 -2.75
CA GLY D 28 -72.09 -98.77 -2.47
C GLY D 28 -71.59 -98.38 -1.10
N MET D 29 -70.89 -99.32 -0.45
CA MET D 29 -70.41 -99.13 0.90
C MET D 29 -69.32 -100.17 1.17
N LEU D 30 -68.18 -99.67 1.63
CA LEU D 30 -66.95 -100.45 1.75
C LEU D 30 -67.01 -101.27 3.05
N GLN D 31 -65.92 -101.95 3.41
CA GLN D 31 -66.12 -102.96 4.45
C GLN D 31 -66.04 -102.30 5.84
N ASN D 32 -65.36 -101.17 5.94
CA ASN D 32 -65.24 -100.43 7.19
C ASN D 32 -66.42 -99.51 7.45
N GLY D 33 -67.51 -99.63 6.69
CA GLY D 33 -68.74 -98.91 6.98
C GLY D 33 -68.82 -97.49 6.47
N LYS D 34 -68.16 -97.19 5.35
CA LYS D 34 -68.15 -95.85 4.80
C LYS D 34 -68.84 -95.83 3.44
N LYS D 35 -69.51 -94.73 3.15
CA LYS D 35 -70.20 -94.52 1.88
C LYS D 35 -69.20 -94.06 0.83
N PHE D 36 -69.33 -94.59 -0.39
CA PHE D 36 -68.55 -94.04 -1.51
C PHE D 36 -69.34 -93.84 -2.80
N ASP D 37 -70.33 -94.68 -3.12
CA ASP D 37 -71.10 -94.58 -4.37
C ASP D 37 -72.59 -94.79 -4.09
N SER D 38 -73.41 -94.15 -4.92
CA SER D 38 -74.86 -94.34 -4.90
C SER D 38 -75.47 -93.75 -6.17
N SER D 39 -76.73 -94.12 -6.42
CA SER D 39 -77.59 -93.41 -7.35
C SER D 39 -78.82 -92.83 -6.66
N ARG D 40 -78.92 -92.96 -5.33
CA ARG D 40 -79.95 -92.31 -4.54
C ARG D 40 -79.79 -90.79 -4.60
N ASP D 41 -78.54 -90.34 -4.62
CA ASP D 41 -78.15 -88.94 -4.61
C ASP D 41 -78.39 -88.28 -5.97
N ARG D 42 -78.61 -89.10 -7.00
CA ARG D 42 -78.77 -88.69 -8.40
C ARG D 42 -80.21 -88.37 -8.76
N ASN D 43 -81.15 -89.16 -8.23
CA ASN D 43 -82.51 -89.35 -8.77
C ASN D 43 -82.47 -89.76 -10.24
N LYS D 44 -81.46 -90.56 -10.60
CA LYS D 44 -81.34 -91.15 -11.92
C LYS D 44 -81.15 -92.65 -11.71
N PRO D 45 -81.81 -93.49 -12.50
CA PRO D 45 -81.40 -94.90 -12.57
C PRO D 45 -80.18 -95.06 -13.47
N PHE D 46 -79.22 -95.88 -13.04
CA PHE D 46 -78.05 -96.11 -13.86
C PHE D 46 -78.39 -97.03 -15.02
N LYS D 47 -78.03 -96.62 -16.23
CA LYS D 47 -78.39 -97.34 -17.45
C LYS D 47 -77.14 -97.87 -18.14
N PHE D 48 -77.13 -99.18 -18.40
CA PHE D 48 -76.05 -99.83 -19.12
C PHE D 48 -76.60 -101.11 -19.71
N ARG D 49 -75.81 -101.76 -20.56
CA ARG D 49 -76.14 -103.10 -21.02
C ARG D 49 -74.95 -104.03 -20.93
N ILE D 50 -75.26 -105.31 -20.71
CA ILE D 50 -74.28 -106.32 -20.32
C ILE D 50 -73.52 -106.78 -21.58
N GLY D 51 -72.26 -107.15 -21.38
CA GLY D 51 -71.44 -107.63 -22.47
C GLY D 51 -70.69 -106.56 -23.23
N LYS D 52 -70.80 -105.29 -22.81
CA LYS D 52 -70.07 -104.19 -23.43
C LYS D 52 -68.76 -103.90 -22.70
N GLN D 53 -68.37 -104.76 -21.76
CA GLN D 53 -67.24 -104.60 -20.84
C GLN D 53 -67.30 -103.25 -20.12
N GLU D 54 -68.52 -102.83 -19.75
CA GLU D 54 -68.70 -101.53 -19.12
C GLU D 54 -68.44 -101.63 -17.62
N VAL D 55 -69.17 -102.52 -16.93
CA VAL D 55 -68.95 -102.74 -15.51
C VAL D 55 -67.77 -103.68 -15.35
N ILE D 56 -67.21 -103.72 -14.15
CA ILE D 56 -66.10 -104.61 -13.85
C ILE D 56 -66.61 -106.04 -13.77
N LYS D 57 -65.72 -107.01 -14.02
CA LYS D 57 -66.13 -108.42 -14.17
C LYS D 57 -66.62 -109.05 -12.86
N GLY D 58 -66.37 -108.42 -11.71
CA GLY D 58 -67.02 -108.86 -10.49
C GLY D 58 -68.45 -108.42 -10.36
N PHE D 59 -68.90 -107.49 -11.20
CA PHE D 59 -70.29 -107.06 -11.25
C PHE D 59 -71.02 -107.57 -12.48
N GLU D 60 -70.30 -107.85 -13.59
CA GLU D 60 -70.96 -108.18 -14.84
C GLU D 60 -71.55 -109.59 -14.80
N GLU D 61 -71.04 -110.45 -13.92
CA GLU D 61 -71.60 -111.78 -13.77
C GLU D 61 -72.66 -111.85 -12.67
N GLY D 62 -72.59 -110.95 -11.69
CA GLY D 62 -73.62 -110.86 -10.68
C GLY D 62 -74.84 -110.09 -11.12
N ALA D 63 -74.71 -109.25 -12.13
CA ALA D 63 -75.85 -108.52 -12.67
C ALA D 63 -76.66 -109.33 -13.68
N ALA D 64 -76.18 -110.49 -14.10
CA ALA D 64 -76.87 -111.34 -15.06
C ALA D 64 -77.61 -112.50 -14.40
N GLN D 65 -77.68 -112.53 -13.08
CA GLN D 65 -78.30 -113.63 -12.35
C GLN D 65 -79.55 -113.21 -11.59
N MET D 66 -79.91 -111.95 -11.61
CA MET D 66 -81.06 -111.49 -10.83
C MET D 66 -82.25 -111.17 -11.74
N SER D 67 -83.34 -110.72 -11.10
CA SER D 67 -84.62 -110.61 -11.78
C SER D 67 -85.30 -109.31 -11.39
N LEU D 68 -86.56 -109.16 -11.81
CA LEU D 68 -87.30 -107.96 -11.49
C LEU D 68 -87.72 -107.95 -10.02
N GLY D 69 -87.67 -106.76 -9.42
CA GLY D 69 -88.08 -106.57 -8.04
C GLY D 69 -87.16 -107.18 -7.01
N GLN D 70 -85.93 -107.52 -7.39
CA GLN D 70 -85.06 -108.32 -6.54
C GLN D 70 -83.96 -107.45 -5.96
N ARG D 71 -83.90 -107.39 -4.63
CA ARG D 71 -82.83 -106.72 -3.92
C ARG D 71 -81.84 -107.78 -3.44
N ALA D 72 -80.58 -107.63 -3.80
CA ALA D 72 -79.56 -108.61 -3.46
C ALA D 72 -78.41 -107.94 -2.73
N LYS D 73 -77.50 -108.76 -2.23
CA LYS D 73 -76.31 -108.32 -1.53
C LYS D 73 -75.11 -109.08 -2.07
N LEU D 74 -74.21 -108.39 -2.75
CA LEU D 74 -73.03 -108.98 -3.37
C LEU D 74 -71.79 -108.43 -2.69
N THR D 75 -70.93 -109.32 -2.22
CA THR D 75 -69.68 -108.95 -1.56
C THR D 75 -68.53 -109.31 -2.51
N CYS D 76 -67.96 -108.30 -3.16
CA CYS D 76 -66.91 -108.52 -4.14
C CYS D 76 -65.55 -108.52 -3.46
N THR D 77 -64.77 -109.60 -3.66
CA THR D 77 -63.41 -109.69 -3.19
C THR D 77 -62.54 -108.71 -3.98
N PRO D 78 -61.39 -108.28 -3.44
CA PRO D 78 -60.56 -107.29 -4.16
C PRO D 78 -59.86 -107.87 -5.38
N ASP D 79 -59.82 -109.19 -5.54
CA ASP D 79 -59.20 -109.79 -6.71
C ASP D 79 -60.02 -109.61 -7.97
N VAL D 80 -61.33 -109.31 -7.85
CA VAL D 80 -62.20 -109.22 -9.02
C VAL D 80 -62.56 -107.78 -9.37
N ALA D 81 -62.06 -106.80 -8.61
CA ALA D 81 -62.37 -105.40 -8.90
C ALA D 81 -61.20 -104.53 -8.42
N TYR D 82 -60.33 -104.15 -9.36
CA TYR D 82 -59.18 -103.26 -9.15
C TYR D 82 -58.24 -103.81 -8.08
N GLY D 83 -57.57 -104.89 -8.44
CA GLY D 83 -56.64 -105.57 -7.56
C GLY D 83 -55.37 -104.80 -7.23
N ALA D 84 -54.67 -104.29 -8.24
CA ALA D 84 -53.33 -103.75 -8.03
C ALA D 84 -53.37 -102.39 -7.33
N THR D 85 -53.74 -101.33 -8.06
CA THR D 85 -53.85 -100.00 -7.46
C THR D 85 -55.27 -99.47 -7.49
N GLY D 86 -55.90 -99.49 -8.66
CA GLY D 86 -57.28 -99.04 -8.78
C GLY D 86 -57.40 -97.57 -9.13
N HIS D 87 -58.63 -97.09 -8.99
CA HIS D 87 -58.96 -95.71 -9.31
C HIS D 87 -58.39 -94.80 -8.23
N PRO D 88 -57.59 -93.79 -8.59
CA PRO D 88 -56.99 -92.91 -7.57
C PRO D 88 -58.04 -91.94 -7.01
N GLY D 89 -58.14 -91.93 -5.68
CA GLY D 89 -59.08 -91.08 -4.99
C GLY D 89 -60.40 -91.72 -4.64
N VAL D 90 -60.64 -92.95 -5.07
CA VAL D 90 -61.91 -93.64 -4.84
C VAL D 90 -61.75 -94.78 -3.86
N ILE D 91 -60.98 -95.81 -4.22
CA ILE D 91 -60.85 -97.04 -3.45
C ILE D 91 -59.38 -97.23 -3.12
N PRO D 92 -59.02 -97.49 -1.86
CA PRO D 92 -57.64 -97.86 -1.55
C PRO D 92 -57.33 -99.25 -2.12
N PRO D 93 -56.05 -99.55 -2.37
CA PRO D 93 -55.73 -100.81 -3.05
C PRO D 93 -55.96 -102.02 -2.17
N ASN D 94 -56.60 -103.03 -2.77
CA ASN D 94 -57.00 -104.29 -2.14
C ASN D 94 -57.90 -104.06 -0.91
N ALA D 95 -59.07 -103.50 -1.19
CA ALA D 95 -60.15 -103.38 -0.22
C ALA D 95 -61.42 -103.96 -0.83
N THR D 96 -62.17 -104.72 -0.02
CA THR D 96 -63.37 -105.38 -0.50
C THR D 96 -64.51 -104.38 -0.66
N LEU D 97 -65.36 -104.62 -1.65
CA LEU D 97 -66.47 -103.75 -1.97
C LEU D 97 -67.79 -104.51 -1.86
N ILE D 98 -68.77 -103.88 -1.22
CA ILE D 98 -70.04 -104.51 -0.90
C ILE D 98 -71.14 -103.64 -1.49
N PHE D 99 -71.93 -104.21 -2.40
CA PHE D 99 -73.02 -103.47 -3.05
C PHE D 99 -74.34 -104.15 -2.72
N ASP D 100 -75.33 -103.35 -2.34
CA ASP D 100 -76.71 -103.81 -2.20
C ASP D 100 -77.54 -103.24 -3.36
N VAL D 101 -77.90 -104.11 -4.31
CA VAL D 101 -78.41 -103.74 -5.62
C VAL D 101 -79.93 -103.89 -5.65
N GLU D 102 -80.55 -103.21 -6.62
CA GLU D 102 -81.97 -103.38 -6.91
C GLU D 102 -82.21 -103.10 -8.39
N LEU D 103 -82.82 -104.07 -9.08
CA LEU D 103 -83.16 -103.95 -10.49
C LEU D 103 -84.55 -103.33 -10.63
N LEU D 104 -84.66 -102.27 -11.42
CA LEU D 104 -85.88 -101.46 -11.43
C LEU D 104 -86.91 -101.93 -12.47
N ASN D 105 -86.49 -102.06 -13.71
CA ASN D 105 -87.40 -102.23 -14.85
C ASN D 105 -86.56 -102.90 -15.94
N LEU D 106 -87.17 -103.17 -17.09
CA LEU D 106 -86.48 -103.45 -18.35
C LEU D 106 -85.66 -104.76 -18.31
N GLU D 107 -86.34 -105.85 -17.96
CA GLU D 107 -85.78 -107.21 -17.90
C GLU D 107 -84.56 -107.31 -16.98
N GLN E 12 -4.39 -25.97 -25.24
CA GLN E 12 -5.56 -26.42 -24.48
C GLN E 12 -6.50 -27.20 -25.38
N PHE E 13 -6.93 -26.56 -26.47
CA PHE E 13 -7.86 -27.16 -27.41
C PHE E 13 -7.34 -26.98 -28.82
N LEU E 14 -7.84 -27.83 -29.72
CA LEU E 14 -7.37 -27.84 -31.09
C LEU E 14 -8.15 -26.84 -31.95
N ARG E 15 -7.44 -26.25 -32.91
CA ARG E 15 -8.02 -25.43 -33.96
C ARG E 15 -7.25 -25.79 -35.24
N THR E 16 -7.51 -25.09 -36.33
CA THR E 16 -6.92 -25.33 -37.64
C THR E 16 -5.47 -24.83 -37.63
N ASP E 17 -4.64 -25.42 -38.51
CA ASP E 17 -3.25 -25.00 -38.76
C ASP E 17 -2.38 -25.11 -37.51
N ASP E 18 -2.34 -26.32 -36.95
CA ASP E 18 -1.40 -26.70 -35.92
C ASP E 18 -0.45 -27.75 -36.46
N GLU E 19 0.85 -27.54 -36.25
CA GLU E 19 1.85 -28.53 -36.62
C GLU E 19 1.79 -29.68 -35.62
N VAL E 20 1.16 -30.77 -36.01
CA VAL E 20 0.95 -31.90 -35.13
C VAL E 20 1.91 -33.03 -35.49
N VAL E 21 1.93 -34.06 -34.66
CA VAL E 21 2.64 -35.31 -34.96
C VAL E 21 1.84 -36.47 -34.37
N LEU E 22 1.54 -37.46 -35.20
CA LEU E 22 0.65 -38.54 -34.82
C LEU E 22 1.42 -39.59 -34.03
N GLN E 23 1.05 -39.77 -32.75
CA GLN E 23 1.65 -40.75 -31.87
C GLN E 23 0.75 -41.97 -31.72
N CYS E 24 1.40 -43.13 -31.57
CA CYS E 24 0.76 -44.34 -31.07
C CYS E 24 1.72 -44.98 -30.09
N SER E 25 1.19 -45.83 -29.21
CA SER E 25 2.01 -46.53 -28.23
C SER E 25 1.74 -48.02 -28.30
N ALA E 26 2.80 -48.80 -28.45
CA ALA E 26 2.70 -50.25 -28.50
C ALA E 26 3.20 -50.85 -27.18
N GLU E 31 7.98 -53.26 -22.47
CA GLU E 31 8.41 -51.89 -22.68
C GLU E 31 7.37 -51.14 -23.49
N GLN E 32 6.96 -49.98 -23.01
CA GLN E 32 6.06 -49.10 -23.75
C GLN E 32 6.86 -48.37 -24.83
N LEU E 33 6.55 -48.66 -26.09
CA LEU E 33 7.25 -48.08 -27.22
C LEU E 33 6.45 -46.90 -27.74
N LYS E 34 7.10 -45.74 -27.84
CA LYS E 34 6.49 -44.53 -28.39
C LYS E 34 6.84 -44.44 -29.86
N LEU E 35 5.83 -44.43 -30.73
CA LEU E 35 6.05 -44.47 -32.18
C LEU E 35 5.33 -43.31 -32.83
N CYS E 36 6.02 -42.63 -33.75
CA CYS E 36 5.44 -41.59 -34.58
C CYS E 36 5.58 -41.94 -36.06
N LEU E 37 4.63 -41.45 -36.86
CA LEU E 37 4.61 -41.72 -38.29
C LEU E 37 5.42 -40.63 -39.00
N ALA E 38 6.42 -41.04 -39.77
CA ALA E 38 7.37 -40.14 -40.41
C ALA E 38 7.05 -39.99 -41.90
N ALA E 39 7.81 -39.12 -42.56
CA ALA E 39 7.66 -38.95 -43.99
C ALA E 39 9.01 -38.64 -44.62
N GLU E 40 9.38 -39.40 -45.65
CA GLU E 40 10.65 -39.17 -46.32
C GLU E 40 10.54 -38.04 -47.34
N GLY E 41 9.70 -38.23 -48.36
CA GLY E 41 9.54 -37.21 -49.38
C GLY E 41 10.59 -37.28 -50.46
N PHE E 42 10.15 -37.07 -51.71
CA PHE E 42 10.99 -37.11 -52.92
C PHE E 42 11.71 -38.46 -53.05
N GLY E 43 10.91 -39.51 -53.18
CA GLY E 43 11.38 -40.87 -53.31
C GLY E 43 11.00 -41.71 -52.09
N ASN E 44 10.71 -42.99 -52.34
CA ASN E 44 10.24 -43.97 -51.34
C ASN E 44 8.97 -43.47 -50.65
N ARG E 45 7.91 -43.43 -51.48
CA ARG E 45 6.67 -42.73 -51.16
C ARG E 45 5.89 -43.35 -50.00
N LEU E 46 5.93 -44.68 -49.86
CA LEU E 46 5.27 -45.32 -48.73
C LEU E 46 6.02 -45.02 -47.44
N CYS E 47 5.33 -44.39 -46.49
CA CYS E 47 5.99 -43.73 -45.37
C CYS E 47 6.04 -44.65 -44.16
N PHE E 48 7.22 -44.76 -43.56
CA PHE E 48 7.48 -45.67 -42.45
C PHE E 48 7.74 -44.87 -41.17
N LEU E 49 7.82 -45.59 -40.06
CA LEU E 49 7.84 -44.96 -38.75
C LEU E 49 9.27 -44.79 -38.22
N GLU E 50 9.37 -44.07 -37.10
CA GLU E 50 10.61 -43.84 -36.37
C GLU E 50 10.29 -43.77 -34.89
N PRO E 51 11.07 -44.43 -34.03
CA PRO E 51 10.75 -44.47 -32.60
C PRO E 51 11.19 -43.20 -31.89
N THR E 52 10.48 -42.85 -30.82
CA THR E 52 10.81 -41.67 -30.02
C THR E 52 10.73 -41.93 -28.52
N SER E 53 10.71 -43.19 -28.09
CA SER E 53 10.76 -43.52 -26.67
C SER E 53 12.18 -43.59 -26.15
N ASN E 54 13.17 -43.71 -27.03
CA ASN E 54 14.56 -43.90 -26.67
C ASN E 54 15.38 -42.63 -26.95
N ALA E 55 14.82 -41.47 -26.65
CA ALA E 55 15.46 -40.18 -26.90
C ALA E 55 16.69 -39.91 -26.02
N GLN E 56 16.96 -40.74 -25.01
CA GLN E 56 18.19 -40.62 -24.24
C GLN E 56 19.40 -41.21 -24.95
N ASN E 57 19.21 -41.96 -26.03
CA ASN E 57 20.34 -42.49 -26.80
C ASN E 57 20.31 -42.15 -28.28
N VAL E 58 19.30 -41.44 -28.76
CA VAL E 58 19.27 -41.02 -30.17
C VAL E 58 18.59 -39.67 -30.28
N PRO E 59 19.15 -38.74 -31.02
CA PRO E 59 18.40 -37.54 -31.38
C PRO E 59 17.45 -37.84 -32.53
N PRO E 60 16.15 -37.62 -32.35
CA PRO E 60 15.20 -37.97 -33.40
C PRO E 60 15.12 -36.89 -34.47
N ASP E 61 14.37 -37.15 -35.53
CA ASP E 61 14.14 -36.17 -36.58
C ASP E 61 12.67 -35.81 -36.54
N LEU E 62 12.37 -34.52 -36.33
CA LEU E 62 10.99 -34.08 -36.22
C LEU E 62 10.52 -33.33 -37.46
N ALA E 63 11.45 -32.78 -38.25
CA ALA E 63 11.13 -32.16 -39.53
C ALA E 63 10.63 -33.15 -40.56
N ILE E 64 10.87 -34.45 -40.35
CA ILE E 64 10.29 -35.49 -41.18
C ILE E 64 8.86 -35.84 -40.78
N CYS E 65 8.37 -35.34 -39.64
CA CYS E 65 7.03 -35.64 -39.19
C CYS E 65 6.27 -34.43 -38.66
N CYS E 66 6.64 -33.21 -39.06
CA CYS E 66 5.73 -32.08 -38.88
C CYS E 66 4.54 -32.25 -39.80
N PHE E 67 3.36 -32.51 -39.23
CA PHE E 67 2.13 -32.67 -40.00
C PHE E 67 1.18 -31.55 -39.61
N THR E 68 0.50 -30.98 -40.61
CA THR E 68 -0.38 -29.85 -40.39
C THR E 68 -1.63 -29.98 -41.26
N LEU E 69 -2.80 -29.69 -40.69
CA LEU E 69 -4.05 -29.69 -41.43
C LEU E 69 -4.59 -28.27 -41.56
N GLU E 70 -5.17 -27.95 -42.71
CA GLU E 70 -5.68 -26.61 -42.98
C GLU E 70 -7.15 -26.57 -43.37
N GLN E 71 -7.75 -27.71 -43.72
CA GLN E 71 -9.15 -27.75 -44.09
C GLN E 71 -9.84 -28.83 -43.27
N SER E 72 -10.91 -28.43 -42.58
CA SER E 72 -11.71 -29.37 -41.80
C SER E 72 -13.17 -29.10 -42.18
N LEU E 73 -13.64 -29.79 -43.21
CA LEU E 73 -15.02 -29.65 -43.64
C LEU E 73 -15.87 -30.66 -42.89
N SER E 74 -17.14 -30.80 -43.28
CA SER E 74 -18.12 -31.56 -42.50
C SER E 74 -17.95 -33.07 -42.71
N VAL E 75 -19.00 -33.86 -42.42
CA VAL E 75 -18.91 -35.31 -42.49
C VAL E 75 -18.57 -35.76 -43.91
N ARG E 76 -19.39 -35.38 -44.88
CA ARG E 76 -19.02 -35.46 -46.28
C ARG E 76 -19.40 -34.16 -46.99
N ALA E 77 -18.84 -33.01 -46.55
CA ALA E 77 -19.23 -31.73 -47.14
C ALA E 77 -18.77 -31.56 -48.58
N LEU E 78 -17.82 -32.36 -49.05
CA LEU E 78 -17.44 -32.32 -50.45
C LEU E 78 -18.23 -33.33 -51.29
N GLN E 79 -19.42 -33.76 -50.80
CA GLN E 79 -20.47 -34.30 -51.69
C GLN E 79 -20.71 -33.41 -52.89
N GLU E 80 -20.75 -32.10 -52.66
CA GLU E 80 -21.11 -31.15 -53.69
C GLU E 80 -19.91 -30.83 -54.56
N MET E 81 -18.73 -30.76 -53.96
CA MET E 81 -17.55 -30.32 -54.66
C MET E 81 -16.88 -31.44 -55.45
N LEU E 82 -17.18 -32.72 -55.14
CA LEU E 82 -16.72 -33.78 -56.03
C LEU E 82 -17.46 -33.75 -57.36
N ALA E 83 -18.72 -33.29 -57.36
CA ALA E 83 -19.46 -33.12 -58.60
C ALA E 83 -19.28 -31.75 -59.23
N ASN E 84 -18.91 -30.74 -58.43
CA ASN E 84 -18.74 -29.39 -58.94
C ASN E 84 -17.45 -29.25 -59.75
N GLY E 97 -11.54 -17.47 -41.15
CA GLY E 97 -10.12 -17.75 -41.04
C GLY E 97 -9.83 -19.21 -40.78
N HIS E 98 -9.48 -19.54 -39.53
CA HIS E 98 -9.16 -20.91 -39.13
C HIS E 98 -10.36 -21.49 -38.37
N ARG E 99 -10.96 -22.54 -38.94
CA ARG E 99 -12.22 -23.08 -38.47
C ARG E 99 -12.02 -24.07 -37.33
N THR E 100 -13.06 -24.20 -36.51
CA THR E 100 -13.07 -25.14 -35.39
C THR E 100 -13.51 -26.51 -35.87
N LEU E 101 -12.64 -27.49 -35.73
CA LEU E 101 -12.94 -28.87 -36.10
C LEU E 101 -13.54 -29.63 -34.92
N LEU E 102 -14.22 -30.72 -35.23
CA LEU E 102 -14.98 -31.49 -34.27
C LEU E 102 -14.57 -32.96 -34.38
N TYR E 103 -15.11 -33.77 -33.47
CA TYR E 103 -15.17 -35.21 -33.73
C TYR E 103 -16.27 -35.48 -34.74
N GLY E 104 -15.93 -36.23 -35.80
CA GLY E 104 -16.81 -36.46 -36.91
C GLY E 104 -16.42 -35.77 -38.20
N HIS E 105 -15.56 -34.76 -38.12
CA HIS E 105 -15.22 -33.99 -39.31
C HIS E 105 -13.95 -34.54 -39.97
N ALA E 106 -13.71 -34.09 -41.20
CA ALA E 106 -12.70 -34.65 -42.07
C ALA E 106 -11.37 -33.93 -41.95
N ILE E 107 -10.29 -34.63 -42.29
CA ILE E 107 -8.91 -34.13 -42.21
C ILE E 107 -8.30 -34.16 -43.62
N LEU E 108 -7.72 -33.03 -44.04
CA LEU E 108 -6.80 -32.97 -45.17
C LEU E 108 -5.42 -32.60 -44.65
N LEU E 109 -4.46 -33.51 -44.79
CA LEU E 109 -3.14 -33.37 -44.18
C LEU E 109 -2.12 -32.82 -45.19
N ARG E 110 -1.05 -32.25 -44.63
CA ARG E 110 0.00 -31.53 -45.34
C ARG E 110 1.31 -31.76 -44.60
N HIS E 111 2.38 -32.00 -45.35
CA HIS E 111 3.68 -32.04 -44.69
C HIS E 111 4.33 -30.65 -44.73
N ALA E 112 5.37 -30.49 -43.92
CA ALA E 112 6.16 -29.26 -43.88
C ALA E 112 7.41 -29.35 -44.75
N HIS E 113 7.91 -30.57 -44.95
CA HIS E 113 9.02 -30.78 -45.87
C HIS E 113 8.53 -30.85 -47.32
N SER E 114 7.63 -31.77 -47.62
CA SER E 114 7.25 -32.03 -49.01
C SER E 114 6.20 -31.06 -49.54
N ARG E 115 5.41 -30.44 -48.66
CA ARG E 115 4.26 -29.56 -49.02
C ARG E 115 3.26 -30.32 -49.88
N MET E 116 3.03 -31.60 -49.53
CA MET E 116 2.22 -32.54 -50.27
C MET E 116 1.09 -33.06 -49.38
N TYR E 117 0.09 -33.67 -50.00
CA TYR E 117 -1.07 -34.17 -49.29
C TYR E 117 -0.97 -35.67 -49.03
N LEU E 118 -1.47 -36.09 -47.86
CA LEU E 118 -1.41 -37.48 -47.43
C LEU E 118 -2.64 -38.23 -47.94
N SER E 119 -2.40 -39.33 -48.65
CA SER E 119 -3.47 -40.16 -49.21
C SER E 119 -3.13 -41.65 -49.09
N CYS E 120 -3.90 -42.50 -49.77
CA CYS E 120 -3.63 -43.93 -49.85
C CYS E 120 -3.66 -44.38 -51.30
N LEU E 121 -2.72 -45.25 -51.66
CA LEU E 121 -2.68 -45.86 -52.98
C LEU E 121 -3.18 -47.29 -52.92
N THR E 122 -3.90 -47.70 -53.98
CA THR E 122 -4.65 -48.96 -53.97
C THR E 122 -3.79 -50.18 -54.28
N THR E 123 -2.56 -50.01 -54.74
CA THR E 123 -1.67 -51.14 -55.01
C THR E 123 -0.85 -51.43 -53.75
N SER E 124 -1.09 -52.59 -53.14
CA SER E 124 -0.52 -52.89 -51.83
C SER E 124 0.87 -53.48 -51.95
N ARG E 125 1.69 -53.21 -50.94
CA ARG E 125 3.04 -53.75 -50.84
C ARG E 125 3.17 -54.82 -49.76
N SER E 126 2.06 -55.41 -49.33
CA SER E 126 2.10 -56.43 -48.27
C SER E 126 2.39 -57.81 -48.84
N MET E 127 1.83 -58.11 -50.02
CA MET E 127 1.93 -59.41 -50.71
C MET E 127 1.48 -60.57 -49.82
N THR E 128 0.34 -60.39 -49.14
CA THR E 128 -0.16 -61.42 -48.25
C THR E 128 -1.65 -61.65 -48.39
N ASP E 129 -2.34 -60.93 -49.28
CA ASP E 129 -3.76 -61.08 -49.61
C ASP E 129 -4.67 -60.89 -48.39
N LYS E 130 -4.28 -59.98 -47.49
CA LYS E 130 -5.09 -59.68 -46.31
C LYS E 130 -5.83 -58.36 -46.44
N LEU E 131 -5.88 -57.80 -47.66
CA LEU E 131 -6.49 -56.49 -47.96
C LEU E 131 -5.87 -55.38 -47.12
N ALA E 132 -4.54 -55.36 -47.06
CA ALA E 132 -3.81 -54.38 -46.29
C ALA E 132 -3.18 -53.39 -47.26
N PHE E 133 -3.81 -52.24 -47.43
CA PHE E 133 -3.30 -51.21 -48.31
C PHE E 133 -2.32 -50.33 -47.53
N ASP E 134 -1.42 -49.69 -48.25
CA ASP E 134 -0.42 -48.82 -47.65
C ASP E 134 -0.59 -47.40 -48.17
N VAL E 135 -0.18 -46.44 -47.35
CA VAL E 135 -0.45 -45.04 -47.61
C VAL E 135 0.78 -44.38 -48.22
N GLY E 136 0.59 -43.18 -48.77
CA GLY E 136 1.68 -42.40 -49.29
C GLY E 136 1.24 -40.96 -49.44
N LEU E 137 1.95 -40.22 -50.28
CA LEU E 137 1.61 -38.83 -50.55
C LEU E 137 1.43 -38.61 -52.04
N GLN E 138 0.43 -37.78 -52.39
CA GLN E 138 -0.01 -37.62 -53.77
C GLN E 138 0.18 -36.18 -54.22
N GLU E 139 0.73 -36.02 -55.42
CA GLU E 139 0.94 -34.68 -55.98
C GLU E 139 -0.36 -34.04 -56.42
N ASP E 140 -1.36 -34.85 -56.78
CA ASP E 140 -2.64 -34.33 -57.20
C ASP E 140 -3.42 -33.78 -56.00
N ALA E 141 -4.30 -32.82 -56.28
CA ALA E 141 -5.13 -32.17 -55.27
C ALA E 141 -6.56 -32.68 -55.29
N THR E 142 -6.80 -33.82 -55.92
CA THR E 142 -8.14 -34.37 -56.01
C THR E 142 -8.56 -34.98 -54.67
N GLY E 143 -9.72 -34.58 -54.18
CA GLY E 143 -10.22 -35.07 -52.91
C GLY E 143 -10.99 -36.37 -52.99
N GLU E 144 -10.47 -37.33 -53.76
CA GLU E 144 -11.10 -38.65 -53.82
C GLU E 144 -10.68 -39.50 -52.63
N ALA E 145 -9.38 -39.79 -52.50
CA ALA E 145 -8.85 -40.62 -51.42
C ALA E 145 -7.82 -39.90 -50.57
N CYS E 146 -7.90 -38.56 -50.51
CA CYS E 146 -7.04 -37.78 -49.62
C CYS E 146 -7.78 -37.28 -48.39
N TRP E 147 -9.08 -37.54 -48.29
CA TRP E 147 -9.91 -37.09 -47.20
C TRP E 147 -10.07 -38.21 -46.18
N TRP E 148 -9.77 -37.92 -44.92
CA TRP E 148 -9.80 -38.92 -43.86
C TRP E 148 -10.59 -38.36 -42.68
N THR E 149 -11.78 -38.89 -42.45
CA THR E 149 -12.65 -38.36 -41.40
C THR E 149 -12.27 -38.95 -40.05
N MET E 150 -12.78 -38.31 -38.99
CA MET E 150 -12.37 -38.54 -37.62
C MET E 150 -13.50 -39.20 -36.83
N HIS E 151 -13.12 -40.14 -35.94
CA HIS E 151 -14.08 -40.83 -35.08
C HIS E 151 -13.48 -41.08 -33.71
N PRO E 152 -14.26 -40.94 -32.64
CA PRO E 152 -13.75 -41.20 -31.29
C PRO E 152 -13.66 -42.70 -31.01
N ALA E 153 -13.10 -43.03 -29.85
CA ALA E 153 -12.82 -44.43 -29.50
C ALA E 153 -13.93 -44.99 -28.61
N SER E 154 -14.27 -44.28 -27.54
CA SER E 154 -15.21 -44.78 -26.55
C SER E 154 -16.48 -43.94 -26.54
N LYS E 155 -17.38 -44.27 -25.62
CA LYS E 155 -18.62 -43.54 -25.39
C LYS E 155 -18.43 -42.36 -24.45
N GLN E 156 -17.19 -42.06 -24.06
CA GLN E 156 -16.93 -40.89 -23.23
C GLN E 156 -17.12 -39.60 -24.02
N ARG E 157 -16.73 -39.60 -25.30
CA ARG E 157 -16.99 -38.49 -26.20
C ARG E 157 -17.91 -38.99 -27.30
N SER E 158 -18.77 -38.10 -27.79
CA SER E 158 -19.69 -38.45 -28.85
C SER E 158 -19.52 -37.52 -30.05
N GLU E 159 -20.50 -37.54 -30.96
CA GLU E 159 -20.40 -36.77 -32.20
C GLU E 159 -20.50 -35.28 -31.89
N GLY E 160 -19.54 -34.52 -32.41
CA GLY E 160 -19.49 -33.09 -32.21
C GLY E 160 -18.69 -32.63 -31.02
N GLU E 161 -17.95 -33.51 -30.37
CA GLU E 161 -17.32 -33.16 -29.10
C GLU E 161 -16.07 -32.31 -29.33
N LYS E 162 -15.41 -31.95 -28.24
CA LYS E 162 -14.31 -31.00 -28.27
C LYS E 162 -12.98 -31.73 -28.42
N VAL E 163 -12.29 -31.48 -29.53
CA VAL E 163 -10.99 -32.08 -29.79
C VAL E 163 -9.92 -31.36 -28.96
N ARG E 164 -8.92 -32.11 -28.52
CA ARG E 164 -7.94 -31.60 -27.58
C ARG E 164 -6.64 -32.39 -27.71
N VAL E 165 -5.68 -32.07 -26.84
CA VAL E 165 -4.39 -32.76 -26.78
C VAL E 165 -4.51 -33.98 -25.86
N GLY E 166 -3.84 -35.07 -26.25
CA GLY E 166 -3.83 -36.26 -25.42
C GLY E 166 -5.10 -37.08 -25.44
N ASP E 167 -5.87 -37.03 -26.52
CA ASP E 167 -7.12 -37.76 -26.62
C ASP E 167 -6.90 -39.11 -27.31
N ASP E 168 -7.99 -39.85 -27.45
CA ASP E 168 -8.03 -41.11 -28.19
C ASP E 168 -8.54 -40.84 -29.60
N LEU E 169 -7.84 -41.40 -30.59
CA LEU E 169 -8.10 -41.09 -31.98
C LEU E 169 -8.27 -42.35 -32.82
N ILE E 170 -9.31 -42.35 -33.65
CA ILE E 170 -9.54 -43.35 -34.68
C ILE E 170 -9.82 -42.59 -35.99
N LEU E 171 -9.02 -42.86 -37.01
CA LEU E 171 -9.05 -42.11 -38.25
C LEU E 171 -9.32 -43.06 -39.42
N VAL E 172 -10.31 -42.72 -40.24
CA VAL E 172 -10.79 -43.58 -41.32
C VAL E 172 -11.06 -42.70 -42.54
N SER E 173 -11.00 -43.31 -43.73
CA SER E 173 -11.03 -42.56 -44.99
C SER E 173 -12.46 -42.40 -45.50
N VAL E 174 -12.59 -41.94 -46.76
CA VAL E 174 -13.88 -41.68 -47.39
C VAL E 174 -14.15 -42.68 -48.52
N SER E 175 -13.31 -42.67 -49.55
CA SER E 175 -13.44 -43.57 -50.70
C SER E 175 -12.84 -44.95 -50.44
N SER E 176 -12.01 -45.10 -49.42
CA SER E 176 -11.43 -46.39 -49.07
C SER E 176 -11.86 -46.88 -47.69
N GLU E 177 -11.80 -46.02 -46.67
CA GLU E 177 -12.29 -46.28 -45.31
C GLU E 177 -11.64 -47.52 -44.67
N ARG E 178 -10.31 -47.49 -44.58
CA ARG E 178 -9.55 -48.41 -43.75
C ARG E 178 -8.74 -47.63 -42.73
N TYR E 179 -8.42 -48.31 -41.64
CA TYR E 179 -7.84 -47.70 -40.44
C TYR E 179 -6.32 -47.84 -40.45
N LEU E 180 -5.64 -46.78 -40.01
CA LEU E 180 -4.19 -46.83 -39.88
C LEU E 180 -3.83 -47.72 -38.68
N HIS E 181 -3.12 -48.81 -38.94
CA HIS E 181 -2.73 -49.71 -37.86
C HIS E 181 -1.26 -50.03 -38.00
N LEU E 182 -0.77 -50.88 -37.10
CA LEU E 182 0.64 -51.25 -37.05
C LEU E 182 0.81 -52.67 -37.56
N SER E 183 2.02 -52.98 -38.01
CA SER E 183 2.32 -54.27 -38.64
C SER E 183 2.64 -55.32 -37.57
N THR E 184 1.92 -56.43 -37.61
CA THR E 184 2.15 -57.57 -36.71
C THR E 184 2.41 -58.86 -37.47
N ALA E 185 2.62 -58.79 -38.79
CA ALA E 185 2.79 -60.00 -39.58
C ALA E 185 4.24 -60.42 -39.67
N SER E 186 5.10 -59.55 -40.21
CA SER E 186 6.47 -59.94 -40.51
C SER E 186 7.37 -58.72 -40.51
N GLY E 187 8.66 -58.97 -40.22
CA GLY E 187 9.67 -57.93 -40.24
C GLY E 187 9.55 -56.98 -39.07
N GLU E 188 9.90 -55.72 -39.32
CA GLU E 188 9.71 -54.65 -38.36
C GLU E 188 8.28 -54.12 -38.49
N LEU E 189 8.00 -53.00 -37.82
CA LEU E 189 6.66 -52.47 -37.70
C LEU E 189 6.51 -51.27 -38.61
N GLN E 190 5.41 -51.23 -39.37
CA GLN E 190 5.13 -50.12 -40.26
C GLN E 190 3.62 -49.96 -40.38
N VAL E 191 3.19 -48.81 -40.89
CA VAL E 191 1.78 -48.42 -40.89
C VAL E 191 1.06 -48.98 -42.11
N ASP E 192 -0.10 -49.59 -41.87
CA ASP E 192 -0.93 -50.16 -42.93
C ASP E 192 -2.35 -49.65 -42.80
N ALA E 193 -3.13 -49.82 -43.86
CA ALA E 193 -4.54 -49.43 -43.88
C ALA E 193 -5.38 -50.68 -44.15
N SER E 194 -5.78 -51.35 -43.07
CA SER E 194 -6.63 -52.54 -43.18
C SER E 194 -7.68 -52.49 -42.07
N PHE E 195 -8.37 -53.61 -41.88
CA PHE E 195 -9.44 -53.74 -40.89
C PHE E 195 -8.84 -54.06 -39.52
N MET E 196 -8.24 -53.03 -38.94
CA MET E 196 -7.51 -53.14 -37.68
C MET E 196 -7.48 -51.73 -37.08
N GLN E 197 -8.20 -51.53 -35.97
CA GLN E 197 -8.34 -50.20 -35.38
C GLN E 197 -7.32 -50.01 -34.27
N THR E 198 -6.38 -49.11 -34.49
CA THR E 198 -5.38 -48.77 -33.49
C THR E 198 -5.53 -47.31 -33.10
N LEU E 199 -5.49 -47.04 -31.80
CA LEU E 199 -5.70 -45.70 -31.27
C LEU E 199 -4.48 -44.82 -31.52
N TRP E 200 -4.73 -43.58 -31.88
CA TRP E 200 -3.70 -42.59 -32.20
C TRP E 200 -3.76 -41.43 -31.21
N ASN E 201 -2.75 -40.56 -31.28
CA ASN E 201 -2.72 -39.34 -30.48
C ASN E 201 -2.40 -38.16 -31.39
N MET E 202 -3.10 -37.04 -31.18
CA MET E 202 -3.02 -35.92 -32.11
C MET E 202 -1.72 -35.14 -31.93
N ASN E 203 -1.45 -34.69 -30.70
CA ASN E 203 -0.24 -34.00 -30.25
C ASN E 203 0.13 -32.76 -31.06
N PRO E 204 -0.57 -31.63 -30.89
CA PRO E 204 -0.09 -30.39 -31.51
C PRO E 204 1.20 -29.90 -30.87
N ILE E 205 2.13 -29.46 -31.71
CA ILE E 205 3.45 -29.04 -31.26
C ILE E 205 3.65 -27.55 -31.47
N CYS E 206 3.55 -27.10 -32.73
CA CYS E 206 3.72 -25.68 -33.07
C CYS E 206 2.37 -25.09 -33.44
N SER E 207 2.01 -23.99 -32.81
CA SER E 207 0.82 -23.24 -33.19
C SER E 207 1.22 -22.07 -34.08
N CYS E 208 0.25 -21.22 -34.42
CA CYS E 208 0.51 -20.04 -35.24
C CYS E 208 1.12 -18.95 -34.36
N CYS E 209 2.44 -18.85 -34.39
CA CYS E 209 3.17 -17.86 -33.61
C CYS E 209 3.52 -16.65 -34.48
N GLU E 210 3.84 -15.54 -33.83
CA GLU E 210 4.09 -14.29 -34.53
C GLU E 210 5.44 -14.28 -35.22
N GLU E 211 5.65 -13.32 -36.11
CA GLU E 211 6.87 -13.18 -36.87
C GLU E 211 7.95 -12.50 -36.04
N GLY E 212 9.21 -12.85 -36.32
CA GLY E 212 10.34 -12.42 -35.53
C GLY E 212 10.58 -13.21 -34.27
N TYR E 213 9.66 -14.11 -33.90
CA TYR E 213 9.74 -14.84 -32.64
C TYR E 213 9.90 -16.31 -32.98
N VAL E 214 11.05 -16.89 -32.65
CA VAL E 214 11.39 -18.23 -33.12
C VAL E 214 10.71 -19.28 -32.26
N THR E 215 10.30 -20.39 -32.85
CA THR E 215 9.86 -21.51 -32.04
C THR E 215 10.71 -22.73 -32.41
N GLY E 216 10.42 -23.85 -31.75
CA GLY E 216 11.26 -25.02 -31.89
C GLY E 216 11.08 -25.66 -33.25
N GLY E 217 12.14 -25.68 -34.04
CA GLY E 217 12.13 -26.31 -35.35
C GLY E 217 12.11 -25.35 -36.52
N HIS E 218 12.75 -24.18 -36.38
CA HIS E 218 12.86 -23.19 -37.44
C HIS E 218 14.32 -22.90 -37.72
N VAL E 219 14.71 -22.98 -39.00
CA VAL E 219 16.09 -22.73 -39.39
C VAL E 219 16.38 -21.23 -39.32
N LEU E 220 17.60 -20.89 -38.90
CA LEU E 220 18.07 -19.51 -38.84
C LEU E 220 19.58 -19.52 -38.92
N ARG E 221 20.20 -18.35 -38.80
CA ARG E 221 21.65 -18.24 -38.79
C ARG E 221 22.10 -17.30 -37.69
N LEU E 222 23.40 -17.39 -37.39
CA LEU E 222 23.99 -16.83 -36.18
C LEU E 222 25.03 -15.77 -36.51
N PHE E 223 24.66 -14.80 -37.34
CA PHE E 223 25.56 -13.76 -37.84
C PHE E 223 26.18 -12.94 -36.71
N HIS E 224 27.47 -12.66 -36.82
CA HIS E 224 28.04 -11.52 -36.09
C HIS E 224 29.16 -10.87 -36.91
N GLU E 229 30.47 -12.56 -39.73
CA GLU E 229 30.83 -13.97 -39.79
C GLU E 229 29.58 -14.85 -39.95
N CYS E 230 29.76 -16.00 -40.59
CA CYS E 230 28.71 -17.01 -40.71
C CYS E 230 29.21 -18.34 -40.18
N LEU E 231 28.34 -19.09 -39.51
CA LEU E 231 28.71 -20.32 -38.83
C LEU E 231 28.69 -21.43 -39.88
N THR E 232 29.84 -21.69 -40.51
CA THR E 232 29.91 -22.50 -41.73
C THR E 232 30.87 -23.68 -41.57
N ILE E 233 30.84 -24.56 -42.58
CA ILE E 233 31.67 -25.75 -42.64
C ILE E 233 32.56 -25.62 -43.89
N SER E 234 33.81 -26.07 -43.77
CA SER E 234 34.75 -25.96 -44.88
C SER E 234 34.42 -26.94 -46.00
N ALA E 235 35.01 -26.69 -47.16
CA ALA E 235 34.85 -27.56 -48.33
C ALA E 235 35.77 -28.76 -48.24
N GLN E 241 37.55 -34.93 -43.42
CA GLN E 241 36.21 -35.37 -43.78
C GLN E 241 35.21 -34.21 -43.71
N ARG E 242 35.76 -32.99 -43.71
CA ARG E 242 35.01 -31.74 -43.59
C ARG E 242 34.16 -31.72 -42.32
N ARG E 243 34.85 -31.94 -41.20
CA ARG E 243 34.21 -31.90 -39.89
C ARG E 243 34.60 -30.67 -39.08
N LEU E 244 35.66 -29.96 -39.48
CA LEU E 244 36.09 -28.77 -38.76
C LEU E 244 35.19 -27.59 -39.10
N VAL E 245 34.80 -26.84 -38.06
CA VAL E 245 33.83 -25.75 -38.18
C VAL E 245 34.60 -24.44 -38.26
N TYR E 246 34.24 -23.60 -39.24
CA TYR E 246 34.93 -22.35 -39.50
C TYR E 246 33.92 -21.20 -39.54
N TYR E 247 34.43 -19.98 -39.67
CA TYR E 247 33.61 -18.81 -39.92
C TYR E 247 34.21 -18.01 -41.08
N GLU E 248 33.37 -17.62 -42.03
CA GLU E 248 33.84 -16.97 -43.25
C GLU E 248 33.09 -15.67 -43.53
N GLY E 249 33.25 -15.15 -44.74
CA GLY E 249 32.66 -13.87 -45.10
C GLY E 249 31.22 -13.94 -45.55
N GLY E 250 30.88 -13.19 -46.59
CA GLY E 250 29.51 -13.09 -47.07
C GLY E 250 29.18 -13.95 -48.28
N ALA E 251 30.21 -14.42 -48.98
CA ALA E 251 29.98 -15.28 -50.14
C ALA E 251 29.52 -16.67 -49.72
N VAL E 252 30.09 -17.20 -48.63
CA VAL E 252 29.64 -18.48 -48.11
C VAL E 252 28.38 -18.32 -47.27
N CYS E 253 28.09 -17.09 -46.82
CA CYS E 253 26.95 -16.80 -45.98
C CYS E 253 25.60 -16.87 -46.71
N THR E 254 25.58 -17.20 -48.00
CA THR E 254 24.34 -17.47 -48.71
C THR E 254 24.24 -18.93 -49.16
N HIS E 255 25.13 -19.79 -48.69
CA HIS E 255 25.17 -21.18 -49.13
C HIS E 255 24.22 -22.01 -48.25
N ALA E 256 24.26 -23.33 -48.42
CA ALA E 256 23.28 -24.21 -47.78
C ALA E 256 23.68 -24.64 -46.38
N ARG E 257 24.95 -24.99 -46.16
CA ARG E 257 25.35 -25.50 -44.86
C ARG E 257 25.89 -24.43 -43.92
N SER E 258 25.41 -23.18 -44.03
CA SER E 258 25.62 -22.19 -42.98
C SER E 258 24.41 -22.04 -42.08
N LEU E 259 23.41 -22.92 -42.21
CA LEU E 259 22.11 -22.79 -41.57
C LEU E 259 21.97 -23.82 -40.46
N TRP E 260 21.46 -23.38 -39.30
CA TRP E 260 21.38 -24.21 -38.09
C TRP E 260 20.02 -24.00 -37.43
N ARG E 261 19.47 -25.06 -36.82
CA ARG E 261 18.08 -25.06 -36.37
C ARG E 261 18.02 -25.41 -34.88
N LEU E 262 16.87 -25.13 -34.25
CA LEU E 262 16.68 -25.14 -32.80
C LEU E 262 15.67 -26.22 -32.41
N GLU E 263 16.13 -27.26 -31.69
CA GLU E 263 15.17 -28.23 -31.10
C GLU E 263 15.60 -28.65 -29.69
N PRO E 264 14.68 -28.72 -28.74
CA PRO E 264 15.02 -29.13 -27.37
C PRO E 264 14.91 -30.65 -27.18
N LEU E 265 15.10 -31.07 -25.93
CA LEU E 265 15.26 -32.50 -25.63
C LEU E 265 13.91 -33.24 -25.57
N ARG E 266 12.90 -32.62 -24.97
CA ARG E 266 11.62 -33.28 -24.78
C ARG E 266 10.78 -33.20 -26.06
N ILE E 267 9.85 -34.13 -26.20
CA ILE E 267 9.02 -34.27 -27.38
C ILE E 267 7.76 -33.40 -27.30
N SER E 268 7.19 -33.25 -26.09
CA SER E 268 5.88 -32.63 -25.96
C SER E 268 5.99 -31.12 -26.00
N TRP E 269 5.32 -30.52 -27.00
CA TRP E 269 5.23 -29.08 -27.24
C TRP E 269 6.62 -28.44 -27.35
N SER E 270 7.48 -29.11 -28.13
CA SER E 270 8.85 -28.63 -28.29
C SER E 270 8.93 -27.41 -29.19
N GLY E 271 7.91 -27.18 -30.00
CA GLY E 271 7.86 -26.02 -30.88
C GLY E 271 7.19 -24.83 -30.24
N SER E 272 7.54 -24.55 -29.00
CA SER E 272 7.02 -23.43 -28.25
C SER E 272 8.03 -22.29 -28.22
N HIS E 273 7.55 -21.11 -27.84
CA HIS E 273 8.44 -19.99 -27.56
C HIS E 273 9.22 -20.24 -26.29
N LEU E 274 10.51 -20.52 -26.46
CA LEU E 274 11.39 -20.81 -25.36
C LEU E 274 11.85 -19.54 -24.66
N ARG E 275 12.58 -19.71 -23.58
CA ARG E 275 13.28 -18.67 -22.86
C ARG E 275 14.74 -19.06 -22.75
N TRP E 276 15.55 -18.18 -22.17
CA TRP E 276 16.96 -18.47 -22.01
C TRP E 276 17.18 -19.27 -20.72
N GLY E 277 18.00 -20.30 -20.83
CA GLY E 277 18.09 -21.34 -19.81
C GLY E 277 17.48 -22.67 -20.21
N GLN E 278 17.21 -22.88 -21.49
CA GLN E 278 16.64 -24.14 -21.98
C GLN E 278 17.67 -24.86 -22.84
N PRO E 279 18.11 -26.06 -22.45
CA PRO E 279 19.10 -26.77 -23.26
C PRO E 279 18.55 -27.22 -24.60
N LEU E 280 19.33 -27.00 -25.66
CA LEU E 280 18.93 -27.19 -27.04
C LEU E 280 20.00 -28.01 -27.75
N ARG E 281 19.81 -28.22 -29.06
CA ARG E 281 20.82 -28.81 -29.92
C ARG E 281 20.90 -28.07 -31.24
N ILE E 282 22.12 -27.94 -31.76
CA ILE E 282 22.43 -27.14 -32.93
C ILE E 282 22.41 -28.07 -34.14
N ARG E 283 21.43 -27.87 -35.03
CA ARG E 283 21.12 -28.85 -36.08
C ARG E 283 21.91 -28.53 -37.35
N HIS E 284 22.63 -29.52 -37.86
CA HIS E 284 23.22 -29.46 -39.19
C HIS E 284 22.26 -30.15 -40.14
N VAL E 285 21.96 -29.52 -41.28
CA VAL E 285 20.85 -29.95 -42.12
C VAL E 285 21.29 -30.62 -43.42
N THR E 286 22.47 -30.29 -43.95
CA THR E 286 22.88 -30.77 -45.27
C THR E 286 23.67 -32.07 -45.21
N THR E 287 24.74 -32.09 -44.41
CA THR E 287 25.42 -33.36 -44.16
C THR E 287 24.75 -34.11 -43.01
N GLY E 288 24.37 -33.37 -41.97
CA GLY E 288 23.47 -33.88 -40.96
C GLY E 288 24.11 -34.61 -39.80
N ARG E 289 25.02 -33.93 -39.09
CA ARG E 289 25.65 -34.47 -37.89
C ARG E 289 25.78 -33.34 -36.87
N TYR E 290 25.37 -33.62 -35.63
CA TYR E 290 25.20 -32.57 -34.64
C TYR E 290 26.54 -32.05 -34.15
N LEU E 291 26.54 -30.82 -33.63
CA LEU E 291 27.75 -30.12 -33.19
C LEU E 291 27.88 -30.25 -31.68
N ALA E 292 28.85 -31.04 -31.22
CA ALA E 292 29.08 -31.22 -29.79
C ALA E 292 29.93 -30.07 -29.22
N LEU E 299 35.81 -27.82 -30.47
CA LEU E 299 34.59 -28.64 -30.48
C LEU E 299 34.03 -28.79 -31.90
N VAL E 300 34.15 -29.98 -32.47
CA VAL E 300 33.73 -30.23 -33.85
C VAL E 300 32.60 -31.26 -33.87
N VAL E 301 32.10 -31.59 -35.06
CA VAL E 301 30.91 -32.43 -35.19
C VAL E 301 31.27 -33.91 -35.04
N VAL E 302 30.43 -34.63 -34.30
CA VAL E 302 30.54 -36.07 -34.11
C VAL E 302 29.21 -36.66 -34.61
N ASP E 303 29.16 -37.98 -34.76
CA ASP E 303 28.02 -38.63 -35.41
C ASP E 303 26.76 -38.56 -34.55
N ALA E 304 25.61 -38.48 -35.22
CA ALA E 304 24.31 -38.52 -34.58
C ALA E 304 23.83 -39.94 -34.30
N CYS E 305 24.61 -40.96 -34.68
CA CYS E 305 24.25 -42.33 -34.31
C CYS E 305 24.46 -42.56 -32.82
N LYS E 306 25.49 -41.95 -32.24
CA LYS E 306 25.76 -42.02 -30.81
C LYS E 306 25.85 -40.64 -30.16
N ALA E 307 25.22 -39.63 -30.74
CA ALA E 307 25.14 -38.33 -30.08
C ALA E 307 24.14 -38.39 -28.93
N HIS E 308 24.63 -38.23 -27.71
CA HIS E 308 23.82 -38.38 -26.52
C HIS E 308 23.61 -37.02 -25.86
N THR E 309 23.04 -37.06 -24.66
CA THR E 309 22.65 -35.83 -23.97
C THR E 309 23.85 -35.11 -23.36
N LYS E 310 24.79 -35.86 -22.79
CA LYS E 310 25.96 -35.27 -22.17
C LYS E 310 26.98 -34.79 -23.20
N ALA E 311 26.88 -35.28 -24.45
CA ALA E 311 27.84 -34.89 -25.48
C ALA E 311 27.38 -33.65 -26.25
N THR E 312 26.14 -33.64 -26.72
CA THR E 312 25.61 -32.53 -27.53
C THR E 312 24.37 -31.95 -26.86
N SER E 313 24.55 -30.87 -26.08
CA SER E 313 23.43 -30.14 -25.50
C SER E 313 23.88 -28.69 -25.31
N PHE E 314 23.53 -27.83 -26.26
CA PHE E 314 23.90 -26.42 -26.21
C PHE E 314 22.73 -25.61 -25.64
N CYS E 315 23.01 -24.39 -25.22
CA CYS E 315 21.96 -23.53 -24.69
C CYS E 315 22.33 -22.08 -24.90
N PHE E 316 21.37 -21.20 -24.64
CA PHE E 316 21.50 -19.78 -24.95
C PHE E 316 21.21 -18.97 -23.69
N ARG E 317 22.09 -18.04 -23.35
CA ARG E 317 21.91 -17.17 -22.18
C ARG E 317 22.40 -15.76 -22.47
N VAL E 318 21.87 -14.81 -21.70
CA VAL E 318 22.16 -13.39 -21.86
C VAL E 318 23.59 -13.11 -21.41
N SER E 319 23.82 -13.13 -20.10
CA SER E 319 25.12 -13.22 -19.46
C SER E 319 24.89 -13.64 -18.01
N LYS E 320 25.07 -14.92 -17.71
CA LYS E 320 24.58 -15.46 -16.44
C LYS E 320 25.70 -15.41 -15.40
N GLU E 321 25.40 -14.86 -14.23
CA GLU E 321 26.40 -14.54 -13.22
C GLU E 321 26.62 -15.77 -12.32
N LYS E 322 27.24 -15.56 -11.15
CA LYS E 322 27.54 -16.64 -10.20
C LYS E 322 26.24 -17.08 -9.55
N LEU E 323 25.52 -17.96 -10.25
CA LEU E 323 24.21 -18.44 -9.80
C LEU E 323 24.11 -19.94 -9.99
N GLY E 333 -1.11 -23.55 -23.24
CA GLY E 333 -0.62 -22.59 -24.21
C GLY E 333 0.87 -22.68 -24.51
N MET E 334 1.38 -21.66 -25.20
CA MET E 334 2.79 -21.58 -25.55
C MET E 334 3.59 -20.87 -24.44
N GLY E 335 4.91 -20.94 -24.56
CA GLY E 335 5.79 -20.49 -23.51
C GLY E 335 6.01 -18.99 -23.45
N PRO E 336 6.96 -18.56 -22.62
CA PRO E 336 7.17 -17.11 -22.40
C PRO E 336 7.91 -16.46 -23.56
N PRO E 337 7.51 -15.23 -23.94
CA PRO E 337 8.14 -14.52 -25.08
C PRO E 337 9.45 -13.79 -24.78
N GLU E 338 10.56 -14.51 -24.91
CA GLU E 338 11.84 -13.97 -24.48
C GLU E 338 12.89 -13.85 -25.59
N ILE E 339 12.70 -14.48 -26.75
CA ILE E 339 13.66 -14.40 -27.84
C ILE E 339 13.27 -13.24 -28.74
N LYS E 340 14.25 -12.45 -29.17
CA LYS E 340 14.05 -11.39 -30.15
C LYS E 340 15.02 -11.53 -31.32
N TYR E 341 14.68 -10.90 -32.43
CA TYR E 341 15.50 -10.92 -33.64
C TYR E 341 16.14 -9.55 -33.85
N GLY E 342 17.47 -9.51 -33.82
CA GLY E 342 18.21 -8.27 -33.99
C GLY E 342 18.50 -7.57 -32.68
N GLU E 343 17.56 -7.63 -31.74
CA GLU E 343 17.76 -7.14 -30.37
C GLU E 343 18.06 -8.28 -29.42
N SER E 344 18.90 -9.23 -29.86
CA SER E 344 19.20 -10.43 -29.10
C SER E 344 20.48 -10.28 -28.27
N LEU E 345 21.63 -10.09 -28.94
CA LEU E 345 22.96 -9.99 -28.32
C LEU E 345 23.25 -11.19 -27.41
N CYS E 346 22.92 -12.38 -27.89
CA CYS E 346 23.01 -13.62 -27.15
C CYS E 346 24.15 -14.47 -27.70
N PHE E 347 24.63 -15.39 -26.88
CA PHE E 347 25.60 -16.38 -27.33
C PHE E 347 25.09 -17.78 -26.99
N VAL E 348 25.67 -18.76 -27.67
CA VAL E 348 25.39 -20.17 -27.38
C VAL E 348 26.37 -20.61 -26.29
N GLN E 349 25.98 -21.61 -25.50
CA GLN E 349 26.74 -21.91 -24.30
C GLN E 349 26.56 -23.36 -23.87
N HIS E 350 27.43 -23.78 -22.95
CA HIS E 350 27.40 -25.10 -22.35
C HIS E 350 26.41 -25.13 -21.19
N VAL E 351 25.99 -26.33 -20.82
CA VAL E 351 25.17 -26.52 -19.64
C VAL E 351 25.89 -27.32 -18.55
N ALA E 352 26.96 -28.03 -18.89
CA ALA E 352 27.67 -28.87 -17.93
C ALA E 352 29.08 -28.39 -17.65
N SER E 353 29.85 -28.08 -18.69
CA SER E 353 31.19 -27.51 -18.50
C SER E 353 31.11 -26.03 -18.17
N GLY E 354 30.11 -25.33 -18.68
CA GLY E 354 29.89 -23.91 -18.39
C GLY E 354 30.87 -22.96 -19.02
N LEU E 355 31.23 -23.15 -20.29
CA LEU E 355 32.22 -22.34 -20.96
C LEU E 355 31.74 -22.04 -22.39
N TRP E 356 32.00 -20.83 -22.88
CA TRP E 356 31.49 -20.39 -24.17
C TRP E 356 32.50 -20.70 -25.29
N LEU E 357 32.07 -20.47 -26.54
CA LEU E 357 32.84 -20.86 -27.71
C LEU E 357 32.96 -19.69 -28.68
N THR E 358 34.20 -19.36 -29.04
CA THR E 358 34.50 -18.42 -30.12
C THR E 358 35.80 -18.87 -30.77
N TYR E 359 36.34 -18.07 -31.68
CA TYR E 359 37.57 -18.48 -32.34
C TYR E 359 38.79 -17.88 -31.64
N ALA E 360 39.97 -18.30 -32.09
CA ALA E 360 41.22 -17.80 -31.55
C ALA E 360 41.50 -16.40 -32.06
N LEU E 372 41.29 -16.50 -44.01
CA LEU E 372 40.20 -15.70 -43.45
C LEU E 372 39.32 -16.57 -42.57
N LYS E 373 39.37 -17.88 -42.81
CA LYS E 373 38.54 -18.85 -42.11
C LYS E 373 39.04 -19.00 -40.68
N LYS E 374 38.14 -18.83 -39.71
CA LYS E 374 38.47 -18.82 -38.30
C LYS E 374 37.93 -20.08 -37.63
N LYS E 375 38.83 -20.89 -37.08
CA LYS E 375 38.46 -22.17 -36.49
C LYS E 375 37.82 -21.98 -35.11
N ALA E 376 36.70 -22.65 -34.90
CA ALA E 376 35.97 -22.54 -33.63
C ALA E 376 36.69 -23.32 -32.54
N ILE E 377 36.82 -22.72 -31.36
CA ILE E 377 37.52 -23.33 -30.24
C ILE E 377 36.73 -23.11 -28.96
N LEU E 378 37.18 -23.75 -27.89
CA LEU E 378 36.61 -23.55 -26.55
C LEU E 378 37.60 -22.69 -25.78
N HIS E 379 37.48 -21.37 -25.95
CA HIS E 379 38.38 -20.43 -25.30
C HIS E 379 37.91 -20.15 -23.88
N GLN E 380 38.88 -19.99 -22.98
CA GLN E 380 38.60 -19.78 -21.57
C GLN E 380 38.64 -18.31 -21.15
N GLU E 381 39.21 -17.43 -21.98
CA GLU E 381 39.22 -16.00 -21.63
C GLU E 381 37.87 -15.36 -21.94
N GLY E 382 37.55 -15.19 -23.21
CA GLY E 382 36.30 -14.62 -23.64
C GLY E 382 36.31 -13.10 -23.66
N HIS E 383 35.53 -12.54 -24.59
CA HIS E 383 35.40 -11.09 -24.74
C HIS E 383 34.01 -10.83 -25.33
N MET E 384 33.70 -9.56 -25.56
CA MET E 384 32.36 -9.16 -26.01
C MET E 384 32.17 -9.24 -27.53
N ASP E 385 32.94 -10.09 -28.22
CA ASP E 385 32.77 -10.32 -29.65
C ASP E 385 31.85 -11.49 -29.94
N ASP E 386 31.12 -11.99 -28.94
CA ASP E 386 30.21 -13.10 -29.11
C ASP E 386 28.75 -12.68 -29.08
N ALA E 387 28.46 -11.38 -28.93
CA ALA E 387 27.09 -10.87 -28.91
C ALA E 387 26.58 -10.81 -30.36
N LEU E 388 26.10 -11.97 -30.83
CA LEU E 388 25.64 -12.14 -32.20
C LEU E 388 24.14 -11.89 -32.30
N PHE E 389 23.69 -11.52 -33.50
CA PHE E 389 22.27 -11.28 -33.74
C PHE E 389 21.67 -12.39 -34.58
N LEU E 390 20.46 -12.80 -34.20
CA LEU E 390 19.78 -13.93 -34.83
C LEU E 390 19.03 -13.46 -36.07
N THR E 391 19.25 -14.16 -37.18
CA THR E 391 18.60 -13.85 -38.45
C THR E 391 18.07 -15.15 -39.05
N ARG E 392 16.77 -15.20 -39.37
CA ARG E 392 16.25 -16.33 -40.13
C ARG E 392 16.30 -15.99 -41.62
N CYS E 393 16.72 -16.96 -42.42
CA CYS E 393 16.76 -16.77 -43.87
C CYS E 393 15.44 -17.27 -44.47
N GLN E 394 15.38 -17.36 -45.79
CA GLN E 394 14.13 -17.65 -46.48
C GLN E 394 13.80 -19.13 -46.38
N GLN E 395 12.51 -19.45 -46.22
CA GLN E 395 12.06 -20.78 -45.86
C GLN E 395 11.70 -21.67 -47.04
N GLU E 396 11.88 -21.21 -48.29
CA GLU E 396 11.49 -22.04 -49.43
C GLU E 396 12.60 -23.00 -49.85
N GLU E 397 13.83 -22.79 -49.42
CA GLU E 397 14.92 -23.67 -49.80
C GLU E 397 15.46 -24.51 -48.64
N SER E 398 14.80 -24.47 -47.48
CA SER E 398 15.25 -25.28 -46.34
C SER E 398 14.94 -26.76 -46.57
N GLN E 399 13.74 -27.07 -47.03
CA GLN E 399 13.44 -28.44 -47.43
C GLN E 399 14.21 -28.87 -48.67
N ALA E 400 14.65 -27.91 -49.50
CA ALA E 400 15.55 -28.23 -50.60
C ALA E 400 16.94 -28.59 -50.08
N ALA E 401 17.37 -27.96 -48.99
CA ALA E 401 18.62 -28.33 -48.36
C ALA E 401 18.51 -29.66 -47.62
N ARG E 402 17.29 -30.03 -47.21
CA ARG E 402 17.14 -31.34 -46.56
C ARG E 402 16.95 -32.46 -47.59
N MET E 403 16.37 -32.18 -48.76
CA MET E 403 16.17 -33.25 -49.72
C MET E 403 17.49 -33.70 -50.34
N ILE E 404 18.47 -32.81 -50.45
CA ILE E 404 19.80 -33.23 -50.88
C ILE E 404 20.49 -34.01 -49.78
N HIS E 405 20.16 -33.76 -48.50
CA HIS E 405 20.66 -34.58 -47.40
C HIS E 405 20.11 -36.01 -47.48
N SER E 406 18.80 -36.14 -47.72
CA SER E 406 18.17 -37.45 -47.77
C SER E 406 18.64 -38.23 -49.01
N THR E 407 18.66 -37.56 -50.17
CA THR E 407 19.18 -38.23 -51.36
C THR E 407 20.68 -38.41 -51.30
N ALA E 408 21.39 -37.65 -50.47
CA ALA E 408 22.82 -37.87 -50.29
C ALA E 408 23.08 -39.08 -49.43
N GLY E 409 22.24 -39.31 -48.42
CA GLY E 409 22.28 -40.57 -47.69
C GLY E 409 21.91 -41.74 -48.57
N LEU E 410 21.05 -41.52 -49.56
CA LEU E 410 20.77 -42.54 -50.57
C LEU E 410 22.00 -42.77 -51.46
N TYR E 411 22.67 -41.70 -51.87
CA TYR E 411 23.74 -41.84 -52.85
C TYR E 411 25.07 -42.28 -52.26
N ASN E 412 25.36 -42.02 -50.97
CA ASN E 412 26.53 -42.66 -50.37
C ASN E 412 26.31 -44.17 -50.22
N GLN E 413 25.08 -44.59 -49.97
CA GLN E 413 24.74 -46.01 -50.07
C GLN E 413 24.95 -46.53 -51.49
N PHE E 414 24.65 -45.70 -52.49
CA PHE E 414 24.86 -46.11 -53.87
C PHE E 414 26.35 -46.20 -54.23
N ILE E 415 27.18 -45.34 -53.64
CA ILE E 415 28.63 -45.49 -53.80
C ILE E 415 29.13 -46.74 -53.09
N LYS E 416 28.55 -47.05 -51.93
CA LYS E 416 28.94 -48.25 -51.17
C LYS E 416 28.59 -49.53 -51.93
N GLY E 417 27.40 -49.59 -52.53
CA GLY E 417 26.91 -50.85 -53.05
C GLY E 417 27.46 -51.27 -54.40
N LEU E 418 27.82 -50.30 -55.25
CA LEU E 418 28.13 -50.65 -56.64
C LEU E 418 29.53 -51.23 -56.80
N ASP E 419 30.51 -50.78 -56.03
CA ASP E 419 31.87 -51.30 -56.17
C ASP E 419 32.13 -52.51 -55.29
N SER E 420 31.11 -53.07 -54.66
CA SER E 420 31.30 -54.33 -53.95
C SER E 420 31.42 -55.53 -54.90
N PHE E 421 30.93 -55.39 -56.13
CA PHE E 421 31.07 -56.44 -57.14
C PHE E 421 31.79 -55.96 -58.39
N SER E 422 32.43 -54.78 -58.34
CA SER E 422 33.09 -54.24 -59.52
C SER E 422 34.43 -54.90 -59.77
N GLY E 423 35.16 -55.24 -58.69
CA GLY E 423 36.44 -55.89 -58.81
C GLY E 423 36.41 -57.40 -58.72
N LYS E 424 35.28 -58.00 -58.34
CA LYS E 424 35.14 -59.44 -58.25
C LYS E 424 33.89 -59.88 -59.01
N PRO E 425 34.02 -60.82 -59.95
CA PRO E 425 32.83 -61.29 -60.68
C PRO E 425 31.96 -62.18 -59.83
N ARG E 426 30.65 -62.06 -60.04
CA ARG E 426 29.65 -62.90 -59.38
C ARG E 426 28.92 -63.73 -60.43
N GLY E 427 28.91 -65.05 -60.23
CA GLY E 427 28.24 -65.95 -61.15
C GLY E 427 26.80 -66.25 -60.76
N PRO E 434 24.34 -57.26 -49.82
CA PRO E 434 23.47 -56.09 -49.71
C PRO E 434 22.55 -55.96 -50.92
N ALA E 435 21.27 -55.71 -50.67
CA ALA E 435 20.30 -55.58 -51.74
C ALA E 435 20.35 -54.17 -52.31
N LEU E 436 20.24 -54.07 -53.64
CA LEU E 436 20.33 -52.77 -54.29
C LEU E 436 18.94 -52.20 -54.49
N PRO E 437 18.70 -50.93 -54.17
CA PRO E 437 17.35 -50.34 -54.31
C PRO E 437 17.07 -49.73 -55.69
N ILE E 438 16.76 -50.61 -56.64
CA ILE E 438 16.48 -50.19 -58.03
C ILE E 438 15.23 -49.32 -58.07
N GLU E 439 14.16 -49.77 -57.40
CA GLU E 439 12.90 -49.03 -57.37
C GLU E 439 12.99 -47.73 -56.58
N ALA E 440 13.98 -47.60 -55.70
CA ALA E 440 14.17 -46.36 -54.97
C ALA E 440 14.99 -45.35 -55.75
N VAL E 441 15.92 -45.79 -56.59
CA VAL E 441 16.70 -44.82 -57.36
C VAL E 441 16.13 -44.54 -58.74
N ILE E 442 15.18 -45.33 -59.23
CA ILE E 442 14.68 -45.08 -60.58
C ILE E 442 13.69 -43.92 -60.59
N LEU E 443 12.90 -43.78 -59.52
CA LEU E 443 11.89 -42.73 -59.40
C LEU E 443 12.36 -41.54 -58.58
N SER E 444 13.63 -41.49 -58.19
CA SER E 444 14.12 -40.36 -57.43
C SER E 444 14.46 -39.18 -58.33
N LEU E 445 14.57 -39.41 -59.65
CA LEU E 445 15.19 -38.44 -60.54
C LEU E 445 14.21 -37.68 -61.44
N GLN E 446 13.09 -38.26 -61.87
CA GLN E 446 12.20 -37.47 -62.73
C GLN E 446 11.44 -36.43 -61.92
N ASP E 447 11.29 -36.63 -60.60
CA ASP E 447 10.83 -35.53 -59.76
C ASP E 447 11.86 -34.41 -59.67
N LEU E 448 13.16 -34.74 -59.67
CA LEU E 448 14.17 -33.70 -59.83
C LEU E 448 14.16 -33.09 -61.22
N ILE E 449 13.74 -33.84 -62.24
CA ILE E 449 13.62 -33.29 -63.57
C ILE E 449 12.49 -32.27 -63.63
N GLY E 450 11.35 -32.60 -63.02
CA GLY E 450 10.28 -31.62 -62.87
C GLY E 450 10.63 -30.49 -61.92
N TYR E 451 11.56 -30.73 -61.00
CA TYR E 451 12.01 -29.70 -60.08
C TYR E 451 12.96 -28.72 -60.76
N PHE E 452 13.74 -29.19 -61.73
CA PHE E 452 14.76 -28.38 -62.38
C PHE E 452 14.36 -27.89 -63.76
N GLU E 453 13.23 -28.36 -64.30
CA GLU E 453 12.79 -27.94 -65.62
C GLU E 453 12.29 -26.50 -65.57
N PRO E 454 12.73 -25.64 -66.50
CA PRO E 454 12.31 -24.23 -66.48
C PRO E 454 10.88 -24.09 -66.94
N PRO E 455 10.18 -23.01 -66.57
CA PRO E 455 8.83 -22.80 -67.05
C PRO E 455 8.81 -22.42 -68.53
N SER E 456 7.61 -22.51 -69.12
CA SER E 456 7.41 -22.32 -70.55
C SER E 456 7.46 -20.83 -70.92
N GLU E 457 7.32 -20.58 -72.22
CA GLU E 457 7.44 -19.25 -72.79
C GLU E 457 6.15 -18.44 -72.75
N GLU E 458 5.03 -19.05 -72.35
CA GLU E 458 3.73 -18.38 -72.43
C GLU E 458 3.44 -17.48 -71.23
N LEU E 459 4.35 -17.39 -70.25
CA LEU E 459 4.13 -16.59 -69.07
C LEU E 459 4.54 -15.15 -69.33
N GLN E 460 4.05 -14.25 -68.49
CA GLN E 460 4.48 -12.86 -68.59
C GLN E 460 5.87 -12.70 -67.96
N HIS E 461 6.55 -11.62 -68.35
CA HIS E 461 7.91 -11.37 -67.87
C HIS E 461 7.96 -10.97 -66.41
N GLU E 462 6.81 -10.64 -65.80
CA GLU E 462 6.77 -10.19 -64.42
C GLU E 462 6.93 -11.35 -63.44
N GLU E 463 6.23 -12.46 -63.68
CA GLU E 463 6.28 -13.57 -62.74
C GLU E 463 7.22 -14.69 -63.16
N LYS E 464 7.61 -14.76 -64.43
CA LYS E 464 8.48 -15.84 -64.88
C LYS E 464 9.94 -15.59 -64.53
N GLN E 465 10.40 -14.34 -64.65
CA GLN E 465 11.80 -14.04 -64.40
C GLN E 465 12.12 -14.11 -62.90
N SER E 466 11.12 -13.90 -62.05
CA SER E 466 11.30 -14.06 -60.61
C SER E 466 11.59 -15.51 -60.25
N LYS E 467 10.83 -16.45 -60.82
CA LYS E 467 11.11 -17.87 -60.65
C LYS E 467 12.41 -18.29 -61.33
N LEU E 468 12.78 -17.64 -62.43
CA LEU E 468 14.06 -17.93 -63.09
C LEU E 468 15.23 -17.51 -62.19
N ARG E 469 15.15 -16.31 -61.61
CA ARG E 469 16.16 -15.82 -60.68
C ARG E 469 16.18 -16.64 -59.39
N SER E 470 15.05 -17.26 -59.04
CA SER E 470 15.04 -18.20 -57.92
C SER E 470 15.76 -19.49 -58.29
N LEU E 471 15.51 -20.01 -59.50
CA LEU E 471 16.06 -21.31 -59.87
C LEU E 471 17.56 -21.24 -60.16
N ARG E 472 18.06 -20.09 -60.65
CA ARG E 472 19.50 -19.95 -60.87
C ARG E 472 20.29 -20.02 -59.56
N ASN E 473 19.91 -19.20 -58.59
CA ASN E 473 20.58 -19.27 -57.28
C ASN E 473 20.17 -20.51 -56.50
N ARG E 474 19.06 -21.17 -56.88
CA ARG E 474 18.73 -22.49 -56.35
C ARG E 474 19.79 -23.52 -56.73
N GLN E 475 20.17 -23.59 -58.01
CA GLN E 475 21.21 -24.54 -58.38
C GLN E 475 22.60 -24.05 -57.98
N SER E 476 22.82 -22.73 -57.92
CA SER E 476 24.06 -22.21 -57.36
C SER E 476 24.19 -22.48 -55.86
N LEU E 477 23.07 -22.59 -55.16
CA LEU E 477 23.05 -22.98 -53.75
C LEU E 477 23.42 -24.45 -53.59
N PHE E 478 23.07 -25.28 -54.55
CA PHE E 478 23.28 -26.73 -54.52
C PHE E 478 24.68 -27.12 -54.97
N GLN E 479 25.25 -26.39 -55.94
CA GLN E 479 26.55 -26.71 -56.52
C GLN E 479 27.73 -26.49 -55.57
N GLU E 480 27.50 -25.85 -54.42
CA GLU E 480 28.52 -25.77 -53.38
C GLU E 480 28.64 -27.09 -52.62
N GLU E 481 27.52 -27.75 -52.36
CA GLU E 481 27.49 -29.00 -51.61
C GLU E 481 27.18 -30.11 -52.61
N GLY E 482 28.22 -30.55 -53.33
CA GLY E 482 28.08 -31.65 -54.26
C GLY E 482 27.33 -31.28 -55.52
N MET E 483 26.36 -32.11 -55.89
CA MET E 483 25.33 -31.92 -56.91
C MET E 483 25.82 -31.92 -58.35
N LEU E 484 27.13 -31.73 -58.58
CA LEU E 484 27.70 -31.87 -59.91
C LEU E 484 28.95 -32.71 -59.95
N SER E 485 29.55 -33.04 -58.80
CA SER E 485 30.61 -34.03 -58.76
C SER E 485 30.06 -35.45 -58.62
N LEU E 486 28.91 -35.59 -57.95
CA LEU E 486 28.43 -36.90 -57.56
C LEU E 486 27.86 -37.68 -58.75
N VAL E 487 27.36 -36.95 -59.76
CA VAL E 487 26.79 -37.60 -60.93
C VAL E 487 27.86 -38.32 -61.75
N LEU E 488 29.00 -37.67 -62.02
CA LEU E 488 30.06 -38.38 -62.68
C LEU E 488 30.80 -39.31 -61.72
N ASN E 489 30.74 -39.04 -60.40
CA ASN E 489 31.30 -39.96 -59.41
C ASN E 489 30.52 -41.27 -59.32
N CYS E 490 29.26 -41.31 -59.75
CA CYS E 490 28.60 -42.60 -59.88
C CYS E 490 28.63 -43.14 -61.31
N ILE E 491 28.75 -42.30 -62.34
CA ILE E 491 28.67 -42.84 -63.70
C ILE E 491 30.06 -43.25 -64.20
N ASP E 492 31.12 -42.92 -63.44
CA ASP E 492 32.49 -43.23 -63.84
C ASP E 492 32.77 -44.72 -63.92
N ARG E 493 32.12 -45.53 -63.09
CA ARG E 493 32.16 -46.97 -63.23
C ARG E 493 30.80 -47.56 -63.58
N LEU E 494 29.82 -46.72 -63.93
CA LEU E 494 28.63 -47.21 -64.61
C LEU E 494 28.85 -47.32 -66.12
N ASN E 495 29.64 -46.43 -66.72
CA ASN E 495 29.86 -46.49 -68.15
C ASN E 495 30.98 -47.45 -68.57
N VAL E 496 31.53 -48.22 -67.63
CA VAL E 496 32.68 -49.07 -67.94
C VAL E 496 32.25 -50.36 -68.63
N TYR E 497 30.97 -50.71 -68.57
CA TYR E 497 30.44 -51.90 -69.25
C TYR E 497 29.57 -51.46 -70.41
N THR E 498 29.69 -52.13 -71.55
CA THR E 498 29.06 -51.68 -72.78
C THR E 498 27.73 -52.38 -73.09
N THR E 499 27.61 -53.67 -72.77
CA THR E 499 26.40 -54.40 -73.11
C THR E 499 25.29 -54.11 -72.10
N ALA E 500 24.07 -54.52 -72.45
CA ALA E 500 22.94 -54.26 -71.57
C ALA E 500 22.70 -55.39 -70.58
N ALA E 501 22.87 -56.64 -71.03
CA ALA E 501 22.63 -57.79 -70.16
C ALA E 501 23.83 -58.71 -70.00
N HIS E 502 24.78 -58.70 -70.94
CA HIS E 502 25.96 -59.57 -70.84
C HIS E 502 26.99 -58.97 -69.90
N PHE E 503 27.45 -57.75 -70.21
CA PHE E 503 28.45 -57.09 -69.36
C PHE E 503 27.86 -56.55 -68.07
N ALA E 504 26.55 -56.34 -68.01
CA ALA E 504 25.88 -55.86 -66.82
C ALA E 504 25.28 -56.99 -66.00
N GLU E 505 25.89 -58.16 -66.05
CA GLU E 505 25.47 -59.32 -65.25
C GLU E 505 26.16 -59.36 -63.89
N TYR E 506 26.83 -58.29 -63.48
CA TYR E 506 27.53 -58.29 -62.21
C TYR E 506 26.61 -58.10 -61.02
N ALA E 507 25.47 -57.44 -61.21
CA ALA E 507 24.54 -57.11 -60.14
C ALA E 507 23.31 -58.01 -60.15
N GLY E 508 22.66 -58.15 -61.30
CA GLY E 508 21.50 -59.02 -61.40
C GLY E 508 20.62 -58.60 -62.56
N GLU E 509 19.51 -59.34 -62.68
CA GLU E 509 18.55 -59.07 -63.74
C GLU E 509 17.77 -57.78 -63.49
N GLU E 510 17.61 -57.38 -62.23
CA GLU E 510 16.93 -56.13 -61.92
C GLU E 510 17.78 -54.91 -62.30
N ALA E 511 19.10 -55.09 -62.40
CA ALA E 511 19.97 -54.07 -62.97
C ALA E 511 20.14 -54.23 -64.48
N ALA E 512 20.07 -55.47 -64.99
CA ALA E 512 20.19 -55.67 -66.43
C ALA E 512 18.95 -55.18 -67.18
N GLU E 513 17.80 -55.16 -66.51
CA GLU E 513 16.58 -54.64 -67.12
C GLU E 513 16.51 -53.12 -67.04
N SER E 514 17.13 -52.53 -66.01
CA SER E 514 17.14 -51.09 -65.80
C SER E 514 18.50 -50.47 -66.12
N TRP E 515 19.29 -51.16 -66.96
CA TRP E 515 20.52 -50.60 -67.53
C TRP E 515 20.32 -49.22 -68.14
N LYS E 516 19.26 -49.05 -68.93
CA LYS E 516 19.06 -47.89 -69.78
C LYS E 516 18.41 -46.74 -69.04
N GLU E 517 17.44 -47.07 -68.18
CA GLU E 517 16.64 -46.08 -67.49
C GLU E 517 17.38 -45.40 -66.34
N ILE E 518 18.59 -45.84 -66.00
CA ILE E 518 19.43 -45.03 -65.13
C ILE E 518 20.11 -43.93 -65.92
N VAL E 519 20.72 -44.27 -67.07
CA VAL E 519 21.60 -43.32 -67.73
C VAL E 519 20.82 -42.30 -68.56
N ASN E 520 19.66 -42.66 -69.13
CA ASN E 520 18.85 -41.62 -69.79
C ASN E 520 18.23 -40.61 -68.82
N LEU E 521 18.14 -40.91 -67.53
CA LEU E 521 17.82 -39.87 -66.57
C LEU E 521 19.06 -39.19 -66.00
N LEU E 522 20.20 -39.89 -65.93
CA LEU E 522 21.43 -39.28 -65.45
C LEU E 522 21.92 -38.17 -66.39
N TYR E 523 21.90 -38.43 -67.70
CA TYR E 523 22.34 -37.42 -68.64
C TYR E 523 21.32 -36.29 -68.80
N GLU E 524 20.04 -36.58 -68.59
CA GLU E 524 19.02 -35.53 -68.55
C GLU E 524 19.24 -34.62 -67.34
N LEU E 525 19.59 -35.21 -66.19
CA LEU E 525 19.91 -34.41 -65.00
C LEU E 525 21.17 -33.58 -65.23
N LEU E 526 22.18 -34.16 -65.90
CA LEU E 526 23.40 -33.43 -66.21
C LEU E 526 23.14 -32.28 -67.17
N ALA E 527 22.19 -32.44 -68.09
CA ALA E 527 21.84 -31.35 -69.00
C ALA E 527 21.05 -30.26 -68.31
N SER E 528 20.15 -30.64 -67.40
CA SER E 528 19.37 -29.63 -66.68
C SER E 528 20.21 -28.88 -65.66
N LEU E 529 21.33 -29.44 -65.21
CA LEU E 529 22.32 -28.64 -64.49
C LEU E 529 22.88 -27.53 -65.35
N ILE E 530 23.22 -27.83 -66.61
CA ILE E 530 23.92 -26.89 -67.47
C ILE E 530 22.93 -26.11 -68.35
N ARG E 531 21.63 -26.24 -68.06
CA ARG E 531 20.63 -25.49 -68.82
C ARG E 531 20.60 -24.02 -68.44
N GLY E 532 21.32 -23.19 -69.18
CA GLY E 532 21.18 -21.75 -69.06
C GLY E 532 22.28 -21.07 -68.26
N ASN E 533 22.71 -21.70 -67.17
CA ASN E 533 23.60 -21.04 -66.22
C ASN E 533 25.06 -21.16 -66.63
N ARG E 534 25.81 -20.08 -66.48
CA ARG E 534 27.18 -20.02 -66.95
C ARG E 534 28.20 -19.98 -65.80
N ALA E 535 27.75 -20.15 -64.57
CA ALA E 535 28.64 -20.12 -63.41
C ALA E 535 29.16 -21.50 -63.00
N ASN E 536 28.44 -22.57 -63.33
CA ASN E 536 28.89 -23.91 -62.94
C ASN E 536 29.40 -24.75 -64.11
N CYS E 537 29.21 -24.31 -65.36
CA CYS E 537 29.80 -25.04 -66.46
C CYS E 537 31.28 -24.72 -66.66
N ALA E 538 31.81 -23.71 -65.96
CA ALA E 538 33.19 -23.33 -66.12
C ALA E 538 34.16 -24.35 -65.52
N LEU E 539 33.71 -25.15 -64.55
CA LEU E 539 34.58 -26.19 -63.99
C LEU E 539 34.52 -27.48 -64.78
N PHE E 540 33.57 -27.62 -65.71
CA PHE E 540 33.55 -28.74 -66.64
C PHE E 540 34.41 -28.49 -67.88
N SER E 541 35.19 -27.40 -67.87
CA SER E 541 36.16 -27.12 -68.92
C SER E 541 37.48 -27.83 -68.71
N THR E 542 37.65 -28.52 -67.57
CA THR E 542 38.92 -29.14 -67.23
C THR E 542 39.04 -30.58 -67.71
N ASN E 543 37.94 -31.27 -67.95
CA ASN E 543 37.97 -32.63 -68.47
C ASN E 543 36.93 -32.73 -69.59
N LEU E 544 37.03 -31.82 -70.56
CA LEU E 544 36.12 -31.76 -71.70
C LEU E 544 36.26 -32.99 -72.60
N ASP E 545 37.37 -33.72 -72.49
CA ASP E 545 37.50 -34.99 -73.19
C ASP E 545 36.51 -36.02 -72.66
N TRP E 546 36.09 -35.89 -71.38
CA TRP E 546 35.12 -36.83 -70.82
C TRP E 546 33.75 -36.69 -71.48
N VAL E 547 33.35 -35.48 -71.87
CA VAL E 547 32.07 -35.34 -72.57
C VAL E 547 32.23 -35.49 -74.08
N VAL E 548 33.44 -35.36 -74.63
CA VAL E 548 33.55 -35.57 -76.08
C VAL E 548 34.11 -36.93 -76.50
N SER E 549 34.34 -37.86 -75.56
CA SER E 549 34.76 -39.19 -75.97
C SER E 549 33.71 -40.28 -75.74
N LYS E 550 32.49 -39.96 -75.32
CA LYS E 550 31.46 -40.97 -75.03
C LYS E 550 30.22 -40.81 -75.91
N LEU E 551 30.38 -40.49 -77.19
CA LEU E 551 29.19 -40.26 -78.02
C LEU E 551 28.70 -41.53 -78.71
N ASP E 552 29.59 -42.34 -79.25
CA ASP E 552 29.21 -43.53 -80.02
C ASP E 552 29.23 -44.79 -79.17
N ARG E 553 28.87 -44.66 -77.89
CA ARG E 553 28.83 -45.79 -76.96
C ARG E 553 27.54 -46.59 -77.11
N LEU E 554 26.62 -46.15 -77.99
CA LEU E 554 25.40 -46.77 -78.51
C LEU E 554 24.22 -46.62 -77.54
N GLU E 555 24.45 -46.15 -76.31
CA GLU E 555 23.39 -46.02 -75.32
C GLU E 555 23.38 -44.59 -74.80
N ALA E 556 22.16 -44.04 -74.65
CA ALA E 556 21.89 -42.69 -74.13
C ALA E 556 22.61 -41.61 -74.94
N SER E 557 22.28 -41.57 -76.22
CA SER E 557 22.77 -40.48 -77.08
C SER E 557 21.84 -39.28 -77.09
N SER E 558 20.74 -39.31 -76.34
CA SER E 558 19.82 -38.19 -76.35
C SER E 558 20.10 -37.16 -75.27
N GLY E 559 21.01 -37.46 -74.33
CA GLY E 559 21.33 -36.54 -73.26
C GLY E 559 22.62 -35.78 -73.48
N ILE E 560 23.66 -36.49 -73.94
CA ILE E 560 24.99 -35.90 -74.07
C ILE E 560 25.07 -34.86 -75.18
N LEU E 561 24.29 -35.03 -76.27
CA LEU E 561 24.29 -34.04 -77.35
C LEU E 561 23.71 -32.70 -76.89
N GLU E 562 22.62 -32.72 -76.12
CA GLU E 562 22.13 -31.45 -75.63
C GLU E 562 22.72 -31.06 -74.28
N VAL E 563 23.61 -31.88 -73.71
CA VAL E 563 24.59 -31.36 -72.76
C VAL E 563 25.59 -30.47 -73.48
N LEU E 564 26.18 -30.99 -74.57
CA LEU E 564 27.21 -30.28 -75.31
C LEU E 564 26.64 -29.10 -76.11
N TYR E 565 25.33 -29.10 -76.36
CA TYR E 565 24.68 -27.94 -76.95
C TYR E 565 24.67 -26.77 -75.98
N CYS E 566 24.35 -27.02 -74.72
CA CYS E 566 24.20 -25.95 -73.74
C CYS E 566 25.49 -25.62 -72.99
N VAL E 567 26.55 -26.43 -73.12
CA VAL E 567 27.82 -25.98 -72.53
C VAL E 567 28.51 -24.91 -73.37
N LEU E 568 28.11 -24.72 -74.63
CA LEU E 568 28.76 -23.74 -75.51
C LEU E 568 27.95 -22.46 -75.70
N ILE E 569 26.72 -22.39 -75.22
CA ILE E 569 25.94 -21.15 -75.24
C ILE E 569 26.26 -20.28 -74.03
N GLU E 570 26.53 -20.90 -72.88
CA GLU E 570 26.56 -20.17 -71.63
C GLU E 570 27.84 -19.35 -71.45
N SER E 571 29.01 -19.98 -71.58
CA SER E 571 30.27 -19.33 -71.26
C SER E 571 31.27 -19.45 -72.41
N PRO E 572 32.07 -18.41 -72.66
CA PRO E 572 33.11 -18.50 -73.69
C PRO E 572 34.45 -19.01 -73.22
N GLU E 573 34.59 -19.38 -71.94
CA GLU E 573 35.85 -19.91 -71.43
C GLU E 573 36.04 -21.39 -71.74
N VAL E 574 35.08 -22.05 -72.38
CA VAL E 574 35.18 -23.48 -72.66
C VAL E 574 35.52 -23.77 -74.13
N LEU E 575 35.28 -22.83 -75.04
CA LEU E 575 35.43 -23.09 -76.47
C LEU E 575 36.81 -22.72 -77.01
N ASN E 576 37.73 -22.29 -76.18
CA ASN E 576 39.13 -22.13 -76.56
C ASN E 576 39.95 -23.38 -76.30
N ILE E 577 39.29 -24.52 -76.07
CA ILE E 577 39.98 -25.76 -75.72
C ILE E 577 39.86 -26.79 -76.83
N ILE E 578 38.73 -26.85 -77.52
CA ILE E 578 38.48 -27.86 -78.56
C ILE E 578 39.29 -27.49 -79.80
N GLN E 579 40.37 -28.22 -80.04
CA GLN E 579 41.04 -28.21 -81.32
C GLN E 579 40.72 -29.50 -82.06
N GLU E 580 41.43 -29.77 -83.16
CA GLU E 580 41.01 -30.74 -84.17
C GLU E 580 40.99 -32.18 -83.67
N ASN E 581 41.55 -32.48 -82.50
CA ASN E 581 41.54 -33.84 -81.97
C ASN E 581 40.17 -34.25 -81.43
N HIS E 582 39.29 -33.30 -81.12
CA HIS E 582 37.97 -33.60 -80.60
C HIS E 582 36.82 -33.25 -81.55
N ILE E 583 37.10 -32.64 -82.70
CA ILE E 583 36.02 -32.09 -83.53
C ILE E 583 35.53 -33.11 -84.56
N LYS E 584 36.32 -34.17 -84.81
CA LYS E 584 35.90 -35.21 -85.75
C LYS E 584 35.07 -36.31 -85.11
N SER E 585 35.08 -36.41 -83.78
CA SER E 585 34.14 -37.33 -83.12
C SER E 585 32.70 -36.86 -83.32
N ILE E 586 32.50 -35.56 -83.46
CA ILE E 586 31.17 -35.03 -83.72
C ILE E 586 30.74 -35.36 -85.14
N ILE E 587 31.66 -35.30 -86.10
CA ILE E 587 31.39 -35.71 -87.48
C ILE E 587 31.18 -37.22 -87.54
N SER E 588 31.86 -37.96 -86.67
CA SER E 588 31.68 -39.41 -86.59
C SER E 588 30.28 -39.79 -86.14
N LEU E 589 29.77 -39.12 -85.09
CA LEU E 589 28.38 -39.39 -84.70
C LEU E 589 27.39 -38.83 -85.72
N LEU E 590 27.77 -37.73 -86.41
CA LEU E 590 26.97 -37.21 -87.52
C LEU E 590 26.78 -38.24 -88.63
N ASP E 591 27.84 -38.99 -88.95
CA ASP E 591 27.71 -40.03 -89.96
C ASP E 591 27.25 -41.37 -89.38
N LYS E 592 27.30 -41.56 -88.07
CA LYS E 592 26.94 -42.86 -87.51
C LYS E 592 25.61 -42.91 -86.78
N HIS E 593 24.91 -41.80 -86.62
CA HIS E 593 23.61 -41.85 -85.95
C HIS E 593 22.57 -40.99 -86.66
N GLY E 594 22.50 -41.11 -87.99
CA GLY E 594 21.45 -40.46 -88.75
C GLY E 594 21.67 -38.97 -88.93
N ARG E 595 20.69 -38.35 -89.58
CA ARG E 595 20.73 -36.92 -89.87
C ARG E 595 19.89 -36.20 -88.82
N ASN E 596 20.55 -35.71 -87.78
CA ASN E 596 19.90 -35.04 -86.67
C ASN E 596 19.98 -33.52 -86.85
N HIS E 597 19.07 -32.82 -86.17
CA HIS E 597 19.25 -31.39 -86.01
C HIS E 597 19.94 -31.03 -84.70
N LYS E 598 20.25 -32.03 -83.88
CA LYS E 598 21.04 -31.83 -82.67
C LYS E 598 22.52 -31.63 -82.98
N VAL E 599 22.97 -32.02 -84.18
CA VAL E 599 24.39 -32.13 -84.45
C VAL E 599 24.94 -30.99 -85.30
N LEU E 600 24.09 -30.11 -85.84
CA LEU E 600 24.57 -29.01 -86.66
C LEU E 600 24.41 -27.65 -86.00
N ASP E 601 23.38 -27.47 -85.18
CA ASP E 601 23.26 -26.25 -84.39
C ASP E 601 24.37 -26.14 -83.35
N VAL E 602 24.94 -27.27 -82.92
CA VAL E 602 26.06 -27.22 -81.98
C VAL E 602 27.31 -26.63 -82.64
N LEU E 603 27.57 -26.96 -83.91
CA LEU E 603 28.65 -26.31 -84.65
C LEU E 603 28.28 -24.90 -85.05
N CYS E 604 26.99 -24.61 -85.20
CA CYS E 604 26.55 -23.24 -85.43
C CYS E 604 26.77 -22.37 -84.19
N SER E 605 26.74 -22.98 -83.00
CA SER E 605 26.90 -22.27 -81.74
C SER E 605 28.36 -22.24 -81.27
N LEU E 606 29.19 -23.18 -81.69
CA LEU E 606 30.56 -23.23 -81.19
C LEU E 606 31.42 -22.14 -81.81
N CYS E 607 31.09 -21.71 -83.03
CA CYS E 607 31.95 -20.77 -83.73
C CYS E 607 31.76 -19.35 -83.24
N VAL E 608 30.52 -18.97 -82.95
CA VAL E 608 30.17 -17.60 -82.60
C VAL E 608 29.82 -17.55 -81.11
N CYS E 609 30.31 -16.53 -80.42
CA CYS E 609 30.07 -16.37 -78.99
C CYS E 609 30.22 -14.91 -78.59
N ASN E 610 29.17 -14.35 -77.97
CA ASN E 610 29.10 -12.96 -77.52
C ASN E 610 29.33 -11.97 -78.66
N GLY E 611 28.97 -12.36 -79.89
CA GLY E 611 29.22 -11.51 -81.03
C GLY E 611 30.66 -11.41 -81.47
N VAL E 612 31.51 -12.37 -81.12
CA VAL E 612 32.90 -12.40 -81.58
C VAL E 612 33.32 -13.86 -81.77
N ALA E 613 33.99 -14.14 -82.88
CA ALA E 613 34.34 -15.51 -83.25
C ALA E 613 35.84 -15.75 -83.08
N VAL E 614 36.20 -17.03 -83.06
CA VAL E 614 37.60 -17.45 -83.14
C VAL E 614 37.77 -18.20 -84.45
N ARG E 615 38.84 -17.88 -85.18
CA ARG E 615 39.13 -18.56 -86.44
C ARG E 615 40.20 -19.62 -86.30
N SER E 616 40.47 -20.06 -85.07
CA SER E 616 41.08 -21.35 -84.81
C SER E 616 40.04 -22.45 -84.71
N ASN E 617 38.77 -22.12 -84.98
CA ASN E 617 37.68 -23.07 -85.01
C ASN E 617 36.80 -22.91 -86.25
N GLN E 618 37.19 -22.04 -87.18
CA GLN E 618 36.33 -21.73 -88.31
C GLN E 618 36.51 -22.73 -89.45
N ASP E 619 37.69 -22.78 -90.04
CA ASP E 619 37.95 -23.64 -91.19
C ASP E 619 38.27 -25.09 -90.80
N LEU E 620 38.21 -25.43 -89.51
CA LEU E 620 38.54 -26.78 -89.08
C LEU E 620 37.45 -27.77 -89.49
N ILE E 621 36.22 -27.29 -89.72
CA ILE E 621 35.18 -28.17 -90.24
C ILE E 621 35.11 -28.11 -91.75
N THR E 622 35.54 -27.00 -92.36
CA THR E 622 35.72 -26.97 -93.81
C THR E 622 36.92 -27.79 -94.26
N GLU E 623 37.80 -28.15 -93.33
CA GLU E 623 38.87 -29.11 -93.59
C GLU E 623 38.34 -30.52 -93.81
N ASN E 624 37.35 -30.93 -93.01
CA ASN E 624 36.91 -32.31 -92.90
C ASN E 624 35.53 -32.58 -93.49
N LEU E 625 34.51 -31.89 -92.99
CA LEU E 625 33.12 -32.24 -93.27
C LEU E 625 32.71 -31.85 -94.69
N LEU E 626 33.22 -30.72 -95.18
CA LEU E 626 32.85 -30.13 -96.47
C LEU E 626 33.48 -30.73 -97.73
N PRO E 627 34.80 -30.95 -97.85
CA PRO E 627 35.33 -31.42 -99.15
C PRO E 627 35.08 -32.89 -99.44
N GLY E 628 34.51 -33.65 -98.51
CA GLY E 628 34.14 -35.02 -98.82
C GLY E 628 32.96 -35.11 -99.77
N ARG E 629 31.92 -34.31 -99.50
CA ARG E 629 30.69 -34.21 -100.31
C ARG E 629 30.03 -35.57 -100.52
N GLU E 630 30.02 -36.38 -99.47
CA GLU E 630 29.29 -37.63 -99.44
C GLU E 630 28.50 -37.82 -98.15
N LEU E 631 28.46 -36.80 -97.29
CA LEU E 631 27.76 -36.86 -96.02
C LEU E 631 26.52 -35.97 -96.00
N LEU E 632 26.66 -34.71 -96.41
CA LEU E 632 25.59 -33.74 -96.41
C LEU E 632 25.03 -33.60 -97.82
N LEU E 633 24.11 -32.66 -97.98
CA LEU E 633 23.26 -32.59 -99.17
C LEU E 633 23.63 -31.36 -99.99
N GLN E 634 24.12 -31.57 -101.21
CA GLN E 634 24.53 -30.50 -102.10
C GLN E 634 23.59 -30.42 -103.31
N THR E 635 23.68 -29.32 -104.05
CA THR E 635 22.78 -29.13 -105.18
C THR E 635 23.41 -28.22 -106.23
N ASN E 636 22.88 -28.31 -107.45
CA ASN E 636 23.29 -27.47 -108.57
C ASN E 636 22.13 -27.47 -109.57
N LEU E 637 22.15 -26.49 -110.47
CA LEU E 637 21.11 -26.36 -111.48
C LEU E 637 21.27 -27.45 -112.53
N ILE E 638 20.14 -28.06 -112.93
CA ILE E 638 20.17 -29.22 -113.81
C ILE E 638 19.10 -29.01 -114.89
N ASN E 639 19.22 -29.75 -115.98
CA ASN E 639 18.39 -29.58 -117.17
C ASN E 639 17.06 -30.29 -117.01
N TYR E 640 16.22 -30.16 -118.03
CA TYR E 640 15.04 -30.98 -118.23
C TYR E 640 15.20 -31.86 -119.46
N VAL E 641 14.78 -33.11 -119.35
CA VAL E 641 14.72 -34.01 -120.50
C VAL E 641 13.36 -34.69 -120.53
N THR E 642 12.84 -34.85 -121.75
CA THR E 642 11.79 -35.78 -122.10
C THR E 642 12.25 -36.57 -123.31
N SER E 643 11.40 -37.48 -123.79
CA SER E 643 11.80 -38.36 -124.88
C SER E 643 10.58 -38.74 -125.70
N ILE E 644 10.76 -38.75 -127.02
CA ILE E 644 9.70 -39.06 -127.97
C ILE E 644 9.97 -40.46 -128.52
N ARG E 645 8.91 -41.15 -128.94
CA ARG E 645 9.05 -42.55 -129.33
C ARG E 645 8.01 -42.95 -130.37
N PRO E 646 8.42 -43.54 -131.49
CA PRO E 646 7.46 -44.08 -132.45
C PRO E 646 7.07 -45.51 -132.13
N ASN E 647 5.94 -45.94 -132.71
CA ASN E 647 5.36 -47.25 -132.41
C ASN E 647 5.88 -48.29 -133.41
N ILE E 648 7.11 -48.74 -133.16
CA ILE E 648 7.69 -49.90 -133.80
C ILE E 648 8.05 -50.88 -132.69
N PHE E 649 7.27 -51.95 -132.57
CA PHE E 649 7.38 -52.90 -131.46
C PHE E 649 7.87 -54.24 -132.03
N VAL E 650 9.11 -54.60 -131.71
CA VAL E 650 9.75 -55.81 -132.22
C VAL E 650 10.18 -56.67 -131.02
N GLY E 651 9.68 -57.90 -130.96
CA GLY E 651 10.07 -58.82 -129.90
C GLY E 651 10.03 -60.26 -130.38
N ARG E 652 10.71 -61.12 -129.62
CA ARG E 652 10.75 -62.54 -129.95
C ARG E 652 10.25 -63.40 -128.80
N ALA E 653 10.01 -64.66 -129.16
CA ALA E 653 9.69 -65.77 -128.28
C ALA E 653 10.19 -67.04 -128.99
N GLU E 654 9.61 -68.18 -128.65
CA GLU E 654 9.99 -69.44 -129.28
C GLU E 654 9.56 -69.47 -130.75
N GLY E 655 8.26 -69.40 -131.00
CA GLY E 655 7.76 -69.23 -132.34
C GLY E 655 7.26 -67.81 -132.56
N SER E 656 8.10 -66.98 -133.15
CA SER E 656 7.83 -65.55 -133.23
C SER E 656 7.55 -65.13 -134.67
N THR E 657 6.96 -63.95 -134.81
CA THR E 657 6.56 -63.40 -136.10
C THR E 657 7.65 -62.53 -136.75
N GLN E 658 8.82 -62.44 -136.15
CA GLN E 658 9.85 -61.51 -136.59
C GLN E 658 10.68 -62.09 -137.72
N TYR E 659 11.61 -61.26 -138.23
CA TYR E 659 12.72 -61.69 -139.07
C TYR E 659 14.03 -61.62 -138.30
N GLY E 660 14.32 -60.48 -137.68
CA GLY E 660 15.47 -60.36 -136.81
C GLY E 660 16.43 -59.23 -137.16
N LYS E 661 16.14 -58.51 -138.25
CA LYS E 661 17.08 -57.54 -138.79
C LYS E 661 16.30 -56.24 -139.03
N TRP E 662 16.55 -55.21 -138.23
CA TRP E 662 15.93 -53.91 -138.46
C TRP E 662 16.91 -52.80 -138.09
N TYR E 663 16.84 -51.71 -138.85
CA TYR E 663 17.85 -50.65 -138.82
C TYR E 663 17.24 -49.36 -139.36
N PHE E 664 17.75 -48.23 -138.87
CA PHE E 664 17.18 -46.91 -139.07
C PHE E 664 18.30 -45.89 -138.96
N GLU E 665 18.02 -44.63 -139.30
CA GLU E 665 18.95 -43.54 -139.01
C GLU E 665 18.23 -42.32 -138.47
N VAL E 666 19.04 -41.43 -137.89
CA VAL E 666 18.65 -40.08 -137.49
C VAL E 666 19.68 -39.11 -138.06
N MET E 667 19.22 -38.03 -138.68
CA MET E 667 20.10 -37.00 -139.21
C MET E 667 20.00 -35.76 -138.32
N VAL E 668 21.14 -35.15 -138.02
CA VAL E 668 21.22 -34.04 -137.06
C VAL E 668 21.59 -32.76 -137.80
N ASP E 669 20.76 -31.72 -137.65
CA ASP E 669 21.01 -30.47 -138.36
C ASP E 669 20.82 -29.21 -137.52
N GLU E 670 19.99 -29.26 -136.46
CA GLU E 670 19.67 -28.05 -135.71
C GLU E 670 19.75 -28.38 -134.22
N VAL E 671 20.92 -28.17 -133.63
CA VAL E 671 21.14 -28.39 -132.21
C VAL E 671 22.04 -27.28 -131.70
N VAL E 672 21.64 -26.62 -130.62
CA VAL E 672 22.43 -25.54 -130.01
C VAL E 672 23.71 -26.11 -129.42
N PRO E 673 24.83 -25.38 -129.44
CA PRO E 673 26.05 -25.86 -128.76
C PRO E 673 25.90 -25.91 -127.25
N PHE E 674 25.66 -24.76 -126.63
CA PHE E 674 25.48 -24.66 -125.18
C PHE E 674 24.51 -23.52 -124.93
N LEU E 675 23.24 -23.85 -124.69
CA LEU E 675 22.26 -22.86 -124.28
C LEU E 675 22.19 -22.71 -122.77
N THR E 676 22.25 -23.83 -122.06
CA THR E 676 22.13 -23.92 -120.62
C THR E 676 23.51 -23.94 -119.96
N ALA E 677 23.55 -24.18 -118.65
CA ALA E 677 24.80 -24.27 -117.91
C ALA E 677 25.53 -25.57 -118.23
N GLN E 678 24.92 -26.70 -117.91
CA GLN E 678 25.56 -27.99 -118.07
C GLN E 678 25.54 -28.46 -119.53
N ALA E 679 25.95 -29.70 -119.75
CA ALA E 679 26.06 -30.24 -121.10
C ALA E 679 24.68 -30.50 -121.71
N THR E 680 24.59 -30.31 -123.02
CA THR E 680 23.36 -30.59 -123.77
C THR E 680 23.23 -32.10 -123.91
N HIS E 681 22.29 -32.68 -123.18
CA HIS E 681 22.12 -34.13 -123.13
C HIS E 681 21.50 -34.59 -124.44
N LEU E 682 22.31 -35.18 -125.32
CA LEU E 682 21.94 -35.45 -126.70
C LEU E 682 22.55 -36.80 -127.08
N ARG E 683 21.71 -37.84 -127.13
CA ARG E 683 22.16 -39.16 -127.55
C ARG E 683 20.98 -40.02 -127.98
N VAL E 684 21.28 -41.04 -128.78
CA VAL E 684 20.27 -41.95 -129.31
C VAL E 684 20.38 -43.27 -128.57
N GLY E 685 19.34 -44.10 -128.70
CA GLY E 685 19.38 -45.41 -128.10
C GLY E 685 18.07 -46.14 -128.23
N TRP E 686 18.10 -47.42 -127.87
CA TRP E 686 16.95 -48.29 -127.87
C TRP E 686 16.86 -48.98 -126.52
N ALA E 687 15.64 -49.24 -126.07
CA ALA E 687 15.43 -49.82 -124.75
C ALA E 687 14.23 -50.76 -124.81
N LEU E 688 13.95 -51.40 -123.68
CA LEU E 688 12.83 -52.30 -123.54
C LEU E 688 11.83 -51.70 -122.56
N THR E 689 10.55 -52.02 -122.77
CA THR E 689 9.47 -51.17 -122.28
C THR E 689 9.20 -51.37 -120.78
N GLU E 690 9.78 -52.41 -120.16
CA GLU E 690 9.37 -52.78 -118.81
C GLU E 690 10.08 -52.00 -117.71
N GLY E 691 11.29 -51.50 -117.95
CA GLY E 691 12.00 -50.81 -116.89
C GLY E 691 12.39 -49.37 -117.18
N TYR E 692 12.66 -49.06 -118.45
CA TYR E 692 13.08 -47.72 -118.85
C TYR E 692 11.87 -46.79 -118.86
N SER E 693 11.90 -45.74 -118.03
CA SER E 693 10.81 -44.78 -117.96
C SER E 693 11.37 -43.43 -117.52
N PRO E 694 11.67 -42.54 -118.47
CA PRO E 694 12.19 -41.21 -118.11
C PRO E 694 11.09 -40.28 -117.62
N TYR E 695 11.30 -39.70 -116.44
CA TYR E 695 10.50 -38.64 -115.85
C TYR E 695 11.35 -37.41 -115.59
N PRO E 696 10.81 -36.20 -115.82
CA PRO E 696 11.59 -34.99 -115.59
C PRO E 696 11.76 -34.65 -114.11
N GLY E 697 10.92 -35.19 -113.23
CA GLY E 697 11.06 -34.95 -111.82
C GLY E 697 11.52 -36.18 -111.04
N GLY E 698 12.77 -36.14 -110.58
CA GLY E 698 13.32 -37.23 -109.79
C GLY E 698 13.98 -38.31 -110.63
N GLY E 699 14.57 -39.26 -109.93
CA GLY E 699 15.31 -40.36 -110.51
C GLY E 699 16.64 -40.53 -109.80
N GLU E 700 17.55 -41.23 -110.46
CA GLU E 700 18.89 -41.46 -109.94
C GLU E 700 19.91 -40.62 -110.70
N GLY E 701 21.09 -40.48 -110.11
CA GLY E 701 22.14 -39.65 -110.70
C GLY E 701 22.12 -38.24 -110.16
N TRP E 702 22.59 -37.31 -110.99
CA TRP E 702 22.53 -35.88 -110.70
C TRP E 702 21.19 -35.28 -111.04
N GLY E 703 20.59 -35.72 -112.14
CA GLY E 703 19.36 -35.16 -112.65
C GLY E 703 19.38 -35.14 -114.16
N GLY E 704 18.18 -35.11 -114.75
CA GLY E 704 18.06 -35.11 -116.19
C GLY E 704 18.37 -36.47 -116.78
N ASN E 705 17.52 -37.45 -116.49
CA ASN E 705 17.78 -38.83 -116.90
C ASN E 705 17.01 -39.15 -118.18
N GLY E 706 17.75 -39.47 -119.24
CA GLY E 706 17.18 -39.95 -120.50
C GLY E 706 17.63 -41.35 -120.84
N VAL E 707 18.19 -41.54 -122.05
CA VAL E 707 18.76 -42.84 -122.44
C VAL E 707 20.21 -42.89 -121.99
N GLY E 708 20.74 -44.11 -121.86
CA GLY E 708 22.10 -44.31 -121.41
C GLY E 708 22.29 -44.16 -119.92
N ASP E 709 21.24 -43.76 -119.21
CA ASP E 709 21.27 -43.48 -117.78
C ASP E 709 20.78 -44.66 -116.96
N ASP E 710 20.55 -45.81 -117.61
CA ASP E 710 20.02 -47.00 -116.96
C ASP E 710 20.65 -48.21 -117.65
N LEU E 711 20.28 -49.41 -117.20
CA LEU E 711 20.77 -50.64 -117.82
C LEU E 711 19.93 -51.07 -119.00
N TYR E 712 18.69 -50.58 -119.11
CA TYR E 712 17.77 -51.02 -120.16
C TYR E 712 18.07 -50.37 -121.50
N SER E 713 18.66 -49.18 -121.50
CA SER E 713 18.92 -48.40 -122.71
C SER E 713 20.41 -48.41 -123.02
N TYR E 714 20.73 -48.11 -124.28
CA TYR E 714 22.11 -48.10 -124.77
C TYR E 714 22.35 -46.76 -125.47
N GLY E 715 22.81 -45.77 -124.70
CA GLY E 715 23.02 -44.43 -125.21
C GLY E 715 24.46 -44.16 -125.62
N PHE E 716 24.61 -43.30 -126.62
CA PHE E 716 25.93 -42.98 -127.16
C PHE E 716 25.82 -41.65 -127.87
N ASP E 717 26.61 -40.67 -127.40
CA ASP E 717 26.59 -39.32 -127.96
C ASP E 717 27.72 -39.04 -128.93
N GLY E 718 28.74 -39.89 -129.01
CA GLY E 718 29.84 -39.65 -129.92
C GLY E 718 31.21 -39.89 -129.30
N LEU E 719 31.28 -39.80 -127.97
CA LEU E 719 32.53 -40.05 -127.26
C LEU E 719 32.47 -41.21 -126.29
N HIS E 720 31.31 -41.48 -125.68
CA HIS E 720 31.24 -42.49 -124.63
C HIS E 720 29.93 -43.23 -124.75
N LEU E 721 30.01 -44.56 -124.73
CA LEU E 721 28.84 -45.43 -124.81
C LEU E 721 28.23 -45.55 -123.41
N TRP E 722 27.20 -44.75 -123.14
CA TRP E 722 26.55 -44.73 -121.84
C TRP E 722 25.59 -45.90 -121.72
N THR E 723 25.80 -46.76 -120.73
CA THR E 723 24.82 -47.79 -120.38
C THR E 723 24.92 -48.01 -118.88
N GLY E 724 24.08 -47.32 -118.11
CA GLY E 724 24.06 -47.47 -116.67
C GLY E 724 25.01 -46.55 -115.94
N HIS E 725 24.92 -45.25 -116.24
CA HIS E 725 25.65 -44.18 -115.55
C HIS E 725 27.16 -44.33 -115.67
N VAL E 726 27.63 -44.74 -116.85
CA VAL E 726 29.03 -45.01 -117.11
C VAL E 726 29.51 -44.22 -118.33
N ALA E 727 30.83 -44.11 -118.44
CA ALA E 727 31.48 -43.47 -119.59
C ALA E 727 32.66 -44.33 -120.01
N ARG E 728 32.59 -44.90 -121.21
CA ARG E 728 33.60 -45.81 -121.74
C ARG E 728 34.19 -45.22 -123.00
N PRO E 729 35.52 -45.12 -123.12
CA PRO E 729 36.12 -44.45 -124.29
C PRO E 729 36.06 -45.31 -125.54
N VAL E 730 35.87 -44.65 -126.67
CA VAL E 730 35.66 -45.31 -127.96
C VAL E 730 36.80 -44.91 -128.89
N THR E 731 37.45 -45.91 -129.49
CA THR E 731 38.65 -45.69 -130.29
C THR E 731 38.30 -45.69 -131.78
N SER E 732 37.84 -44.54 -132.26
CA SER E 732 37.47 -44.30 -133.65
C SER E 732 38.24 -43.12 -134.22
N PRO E 733 38.57 -43.13 -135.51
CA PRO E 733 39.26 -41.98 -136.11
C PRO E 733 38.31 -40.81 -136.33
N GLY E 734 38.68 -39.65 -135.81
CA GLY E 734 37.89 -38.45 -135.99
C GLY E 734 36.62 -38.43 -135.18
N GLN E 735 36.75 -38.56 -133.86
CA GLN E 735 35.59 -38.67 -132.99
C GLN E 735 35.10 -37.29 -132.59
N HIS E 736 33.77 -37.14 -132.52
CA HIS E 736 33.14 -35.95 -131.98
C HIS E 736 31.70 -36.27 -131.59
N LEU E 737 31.07 -35.30 -130.94
CA LEU E 737 29.68 -35.41 -130.51
C LEU E 737 28.75 -35.17 -131.71
N LEU E 738 27.44 -35.17 -131.45
CA LEU E 738 26.45 -35.00 -132.51
C LEU E 738 26.39 -33.54 -132.93
N ALA E 739 27.32 -33.18 -133.82
CA ALA E 739 27.30 -31.88 -134.46
C ALA E 739 26.24 -31.87 -135.56
N PRO E 740 25.77 -30.68 -135.97
CA PRO E 740 24.89 -30.60 -137.14
C PRO E 740 25.57 -31.05 -138.42
N GLU E 741 24.73 -31.31 -139.43
CA GLU E 741 25.09 -31.86 -140.75
C GLU E 741 25.83 -33.19 -140.62
N ASP E 742 25.37 -34.03 -139.70
CA ASP E 742 25.82 -35.41 -139.56
C ASP E 742 24.61 -36.30 -139.29
N VAL E 743 24.82 -37.61 -139.49
CA VAL E 743 23.78 -38.62 -139.39
C VAL E 743 24.23 -39.65 -138.36
N VAL E 744 23.40 -39.89 -137.35
CA VAL E 744 23.71 -40.79 -136.25
C VAL E 744 22.70 -41.95 -136.25
N SER E 745 23.22 -43.17 -136.09
CA SER E 745 22.36 -44.34 -136.10
C SER E 745 23.02 -45.44 -135.27
N CYS E 746 22.28 -46.54 -135.10
CA CYS E 746 22.78 -47.77 -134.49
C CYS E 746 22.04 -48.94 -135.12
N CYS E 747 22.74 -50.05 -135.31
CA CYS E 747 22.11 -51.24 -135.86
C CYS E 747 21.99 -52.32 -134.80
N LEU E 748 20.87 -53.05 -134.87
CA LEU E 748 20.44 -53.96 -133.82
C LEU E 748 19.89 -55.22 -134.47
N ASP E 749 20.30 -56.38 -133.98
CA ASP E 749 19.72 -57.64 -134.40
C ASP E 749 19.43 -58.53 -133.20
N LEU E 750 18.52 -59.49 -133.42
CA LEU E 750 17.62 -60.02 -132.40
C LEU E 750 18.00 -61.38 -131.83
N SER E 751 18.37 -62.36 -132.66
CA SER E 751 18.63 -63.70 -132.14
C SER E 751 19.95 -63.75 -131.38
N VAL E 752 21.06 -63.51 -132.07
CA VAL E 752 22.35 -63.32 -131.42
C VAL E 752 22.40 -61.84 -131.08
N PRO E 753 22.75 -61.45 -129.86
CA PRO E 753 22.76 -60.01 -129.52
C PRO E 753 23.94 -59.31 -130.18
N SER E 754 23.65 -58.19 -130.84
CA SER E 754 24.68 -57.32 -131.40
C SER E 754 24.10 -55.92 -131.54
N ILE E 755 24.70 -54.96 -130.85
CA ILE E 755 24.35 -53.55 -130.95
C ILE E 755 25.56 -52.81 -131.50
N SER E 756 25.61 -52.61 -132.80
CA SER E 756 26.66 -51.79 -133.38
C SER E 756 26.11 -50.41 -133.71
N PHE E 757 27.01 -49.43 -133.76
CA PHE E 757 26.67 -48.04 -134.01
C PHE E 757 27.33 -47.55 -135.30
N ARG E 758 26.61 -46.72 -136.05
CA ARG E 758 27.01 -46.32 -137.40
C ARG E 758 26.89 -44.81 -137.55
N ILE E 759 28.01 -44.16 -137.84
CA ILE E 759 28.06 -42.70 -137.99
C ILE E 759 29.31 -42.34 -138.80
N ASN E 760 29.16 -41.38 -139.73
CA ASN E 760 30.26 -40.82 -140.54
C ASN E 760 30.95 -41.87 -141.41
N GLY E 761 30.17 -42.79 -141.99
CA GLY E 761 30.66 -43.69 -143.01
C GLY E 761 31.48 -44.88 -142.54
N CYS E 762 31.88 -44.91 -141.26
CA CYS E 762 32.67 -46.01 -140.71
C CYS E 762 32.10 -46.32 -139.34
N PRO E 763 31.85 -47.58 -139.01
CA PRO E 763 31.29 -47.88 -137.68
C PRO E 763 32.31 -47.66 -136.58
N VAL E 764 31.81 -47.27 -135.41
CA VAL E 764 32.68 -47.15 -134.25
C VAL E 764 32.98 -48.55 -133.72
N GLN E 765 34.03 -48.63 -132.91
CA GLN E 765 34.51 -49.92 -132.39
C GLN E 765 34.03 -50.11 -130.96
N GLY E 766 32.75 -50.41 -130.83
CA GLY E 766 32.15 -50.73 -129.55
C GLY E 766 30.76 -51.30 -129.71
N VAL E 767 30.51 -52.45 -129.09
CA VAL E 767 29.24 -53.16 -129.21
C VAL E 767 28.76 -53.62 -127.83
N PHE E 768 27.47 -53.93 -127.76
CA PHE E 768 26.85 -54.58 -126.62
C PHE E 768 26.19 -55.89 -127.04
N GLU E 769 26.28 -56.90 -126.17
CA GLU E 769 25.65 -58.18 -126.40
C GLU E 769 25.35 -58.87 -125.06
N ALA E 770 24.81 -60.08 -125.15
CA ALA E 770 24.50 -60.97 -124.02
C ALA E 770 23.52 -60.37 -123.02
N PHE E 771 22.60 -59.53 -123.50
CA PHE E 771 21.59 -58.92 -122.64
C PHE E 771 20.29 -59.72 -122.69
N ASN E 772 19.38 -59.40 -121.77
CA ASN E 772 18.08 -60.06 -121.69
C ASN E 772 17.05 -59.25 -122.47
N LEU E 773 16.32 -59.93 -123.35
CA LEU E 773 15.29 -59.29 -124.18
C LEU E 773 13.87 -59.61 -123.73
N ASP E 774 13.57 -59.50 -122.43
CA ASP E 774 12.22 -59.79 -121.93
C ASP E 774 11.32 -58.57 -122.13
N GLY E 775 10.99 -58.32 -123.40
CA GLY E 775 10.20 -57.18 -123.78
C GLY E 775 10.43 -56.87 -125.25
N LEU E 776 9.93 -55.72 -125.68
CA LEU E 776 9.97 -55.36 -127.09
C LEU E 776 10.88 -54.16 -127.27
N PHE E 777 11.20 -53.87 -128.52
CA PHE E 777 12.13 -52.82 -128.87
C PHE E 777 11.34 -51.55 -129.19
N PHE E 778 12.00 -50.39 -129.10
CA PHE E 778 11.43 -49.13 -129.59
C PHE E 778 12.55 -48.14 -129.87
N PRO E 779 12.39 -47.28 -130.88
CA PRO E 779 13.29 -46.12 -130.99
C PRO E 779 12.92 -45.03 -130.00
N VAL E 780 13.95 -44.33 -129.51
CA VAL E 780 13.77 -43.27 -128.52
C VAL E 780 15.01 -42.38 -128.55
N VAL E 781 14.81 -41.06 -128.41
CA VAL E 781 15.90 -40.09 -128.47
C VAL E 781 15.89 -39.25 -127.22
N SER E 782 17.04 -38.66 -126.89
CA SER E 782 17.17 -37.75 -125.78
C SER E 782 17.49 -36.35 -126.30
N PHE E 783 16.72 -35.37 -125.83
CA PHE E 783 16.90 -34.00 -126.32
C PHE E 783 16.71 -33.02 -125.17
N SER E 784 17.65 -32.08 -125.06
CA SER E 784 17.56 -31.01 -124.07
C SER E 784 16.87 -29.80 -124.70
N ALA E 785 16.96 -28.65 -124.03
CA ALA E 785 16.36 -27.44 -124.56
C ALA E 785 17.15 -26.93 -125.76
N GLY E 786 16.44 -26.64 -126.85
CA GLY E 786 17.06 -26.07 -128.03
C GLY E 786 17.54 -27.09 -129.05
N VAL E 787 16.77 -28.17 -129.22
CA VAL E 787 17.12 -29.25 -130.13
C VAL E 787 16.00 -29.38 -131.15
N LYS E 788 16.34 -29.33 -132.44
CA LYS E 788 15.37 -29.70 -133.47
C LYS E 788 15.99 -30.75 -134.39
N VAL E 789 15.47 -31.97 -134.33
CA VAL E 789 16.03 -33.11 -135.03
C VAL E 789 14.90 -33.84 -135.74
N ARG E 790 15.22 -34.46 -136.88
CA ARG E 790 14.29 -35.36 -137.55
C ARG E 790 14.91 -36.74 -137.75
N PHE E 791 14.05 -37.76 -137.76
CA PHE E 791 14.44 -39.15 -137.87
C PHE E 791 14.28 -39.63 -139.30
N LEU E 792 15.24 -40.40 -139.79
CA LEU E 792 15.14 -41.02 -141.11
C LEU E 792 14.39 -42.33 -140.90
N LEU E 793 13.12 -42.32 -141.28
CA LEU E 793 12.19 -43.37 -140.89
C LEU E 793 12.43 -44.66 -141.67
N GLY E 794 12.30 -44.61 -142.99
CA GLY E 794 12.49 -45.78 -143.82
C GLY E 794 12.64 -45.44 -145.29
N GLY E 795 11.91 -46.19 -146.11
CA GLY E 795 11.87 -45.95 -147.55
C GLY E 795 10.53 -45.45 -148.02
N ARG E 796 9.49 -45.66 -147.20
CA ARG E 796 8.14 -45.24 -147.53
C ARG E 796 7.95 -43.75 -147.28
N HIS E 797 8.13 -43.30 -146.04
CA HIS E 797 8.10 -41.90 -145.68
C HIS E 797 9.50 -41.33 -145.48
N GLY E 798 10.51 -41.98 -146.03
CA GLY E 798 11.85 -41.42 -146.05
C GLY E 798 12.68 -41.95 -147.21
N GLU E 799 13.95 -41.58 -147.26
CA GLU E 799 14.88 -42.17 -148.21
C GLU E 799 16.28 -42.12 -147.60
N PHE E 800 16.87 -43.29 -147.38
CA PHE E 800 18.08 -43.39 -146.60
C PHE E 800 19.29 -42.90 -147.40
N LYS E 801 20.06 -41.97 -146.81
CA LYS E 801 21.30 -41.54 -147.44
C LYS E 801 22.34 -42.65 -147.42
N PHE E 802 22.35 -43.45 -146.35
CA PHE E 802 23.27 -44.58 -146.25
C PHE E 802 22.50 -45.86 -146.52
N LEU E 803 22.88 -46.56 -147.58
CA LEU E 803 22.24 -47.83 -147.90
C LEU E 803 22.69 -48.91 -146.91
N PRO E 804 21.78 -49.74 -146.43
CA PRO E 804 22.13 -50.72 -145.39
C PRO E 804 22.96 -51.86 -145.97
N PRO E 805 23.69 -52.59 -145.12
CA PRO E 805 24.36 -53.82 -145.60
C PRO E 805 23.35 -54.88 -145.98
N PRO E 806 23.74 -55.87 -146.80
CA PRO E 806 22.79 -56.90 -147.23
C PRO E 806 22.32 -57.78 -146.08
N GLY E 807 21.00 -57.85 -145.92
CA GLY E 807 20.36 -58.57 -144.84
C GLY E 807 19.66 -57.66 -143.84
N TYR E 808 20.12 -56.42 -143.73
CA TYR E 808 19.55 -55.45 -142.80
C TYR E 808 18.32 -54.83 -143.45
N ALA E 809 17.17 -54.99 -142.82
CA ALA E 809 15.94 -54.42 -143.36
C ALA E 809 15.65 -53.07 -142.71
N PRO E 810 15.07 -52.12 -143.44
CA PRO E 810 14.70 -50.84 -142.83
C PRO E 810 13.51 -50.95 -141.89
N CYS E 811 13.35 -49.92 -141.05
CA CYS E 811 12.43 -49.93 -139.92
C CYS E 811 10.98 -49.68 -140.33
N HIS E 812 10.74 -49.22 -141.57
CA HIS E 812 9.45 -48.66 -141.97
C HIS E 812 8.32 -49.68 -142.12
N GLU E 813 8.53 -50.97 -141.85
CA GLU E 813 7.47 -51.95 -142.07
C GLU E 813 7.20 -52.88 -140.89
N ALA E 814 7.54 -52.50 -139.67
CA ALA E 814 7.09 -53.23 -138.50
C ALA E 814 5.88 -52.57 -137.86
N VAL E 815 4.98 -52.06 -138.71
CA VAL E 815 3.85 -51.24 -138.28
C VAL E 815 2.62 -52.12 -138.12
N LEU E 816 1.90 -51.93 -137.01
CA LEU E 816 0.60 -52.55 -136.79
C LEU E 816 -0.43 -51.93 -137.74
N PRO E 817 -1.34 -52.73 -138.31
CA PRO E 817 -2.15 -52.22 -139.43
C PRO E 817 -3.17 -51.15 -139.07
N ARG E 818 -3.89 -51.28 -137.96
CA ARG E 818 -4.90 -50.28 -137.62
C ARG E 818 -4.35 -49.11 -136.81
N GLU E 819 -3.08 -49.14 -136.44
CA GLU E 819 -2.44 -47.99 -135.82
C GLU E 819 -1.55 -47.31 -136.85
N ARG E 820 -1.87 -46.05 -137.16
CA ARG E 820 -0.97 -45.22 -137.95
C ARG E 820 0.27 -44.92 -137.13
N LEU E 821 1.39 -44.71 -137.82
CA LEU E 821 2.69 -44.67 -137.15
C LEU E 821 2.81 -43.36 -136.39
N ARG E 822 2.78 -43.44 -135.07
CA ARG E 822 2.50 -42.33 -134.19
C ARG E 822 3.70 -42.03 -133.32
N LEU E 823 3.97 -40.74 -133.08
CA LEU E 823 5.11 -40.30 -132.28
C LEU E 823 4.58 -39.81 -130.93
N GLU E 824 4.64 -40.69 -129.92
CA GLU E 824 4.04 -40.45 -128.61
C GLU E 824 5.09 -40.67 -127.52
N PRO E 825 5.17 -39.78 -126.51
CA PRO E 825 6.20 -39.92 -125.48
C PRO E 825 5.88 -41.04 -124.49
N ILE E 826 6.95 -41.69 -124.00
CA ILE E 826 6.82 -42.86 -123.14
C ILE E 826 6.41 -42.43 -121.73
N LYS E 827 5.42 -43.14 -121.18
CA LYS E 827 4.90 -42.97 -119.81
C LYS E 827 4.38 -41.55 -119.58
N GLU E 828 3.65 -41.03 -120.55
CA GLU E 828 3.16 -39.66 -120.42
C GLU E 828 1.94 -39.61 -119.50
N TYR E 829 1.83 -38.49 -118.79
CA TYR E 829 0.74 -38.26 -117.85
C TYR E 829 0.14 -36.87 -118.05
N ARG E 830 0.48 -36.20 -119.15
CA ARG E 830 0.04 -34.83 -119.40
C ARG E 830 0.15 -34.54 -120.89
N ARG E 831 -0.87 -33.91 -121.46
CA ARG E 831 -0.83 -33.41 -122.82
C ARG E 831 -1.37 -31.98 -122.86
N GLU E 832 -0.94 -31.23 -123.86
CA GLU E 832 -1.44 -29.88 -124.08
C GLU E 832 -2.72 -29.94 -124.91
N GLY E 833 -3.83 -29.49 -124.33
CA GLY E 833 -5.11 -29.59 -124.98
C GLY E 833 -5.69 -28.23 -125.35
N PRO E 834 -6.98 -28.19 -125.68
CA PRO E 834 -7.60 -26.90 -126.02
C PRO E 834 -7.80 -25.99 -124.83
N ARG E 835 -8.15 -26.55 -123.67
CA ARG E 835 -8.35 -25.76 -122.46
C ARG E 835 -8.04 -26.58 -121.22
N PRO E 837 -3.78 -27.73 -119.96
CA PRO E 837 -3.04 -28.99 -119.83
C PRO E 837 -3.90 -30.11 -119.24
N HIS E 838 -4.31 -31.03 -120.09
CA HIS E 838 -5.12 -32.18 -119.71
C HIS E 838 -4.23 -33.40 -119.51
N LEU E 839 -4.58 -34.22 -118.51
CA LEU E 839 -3.70 -35.27 -118.02
C LEU E 839 -4.26 -36.65 -118.32
N VAL E 840 -3.35 -37.61 -118.58
CA VAL E 840 -3.72 -38.96 -118.97
C VAL E 840 -3.11 -39.96 -117.98
N GLY E 841 -3.33 -41.25 -118.26
CA GLY E 841 -2.71 -42.31 -117.50
C GLY E 841 -1.74 -43.11 -118.34
N PRO E 842 -1.33 -44.29 -117.85
CA PRO E 842 -0.37 -45.10 -118.61
C PRO E 842 -1.07 -45.83 -119.75
N SER E 843 -0.53 -45.69 -120.97
CA SER E 843 -1.03 -46.47 -122.08
C SER E 843 -0.61 -47.92 -121.91
N ARG E 844 -1.55 -48.84 -122.11
CA ARG E 844 -1.27 -50.25 -121.84
C ARG E 844 -0.37 -50.80 -122.93
N CYS E 845 0.78 -51.35 -122.53
CA CYS E 845 1.73 -51.87 -123.49
C CYS E 845 1.31 -53.25 -123.95
N LEU E 846 1.62 -53.56 -125.20
CA LEU E 846 1.38 -54.90 -125.73
C LEU E 846 2.32 -55.88 -125.04
N SER E 847 1.74 -56.98 -124.56
CA SER E 847 2.51 -57.93 -123.78
C SER E 847 3.46 -58.72 -124.68
N HIS E 848 4.51 -59.25 -124.07
CA HIS E 848 5.48 -60.07 -124.78
C HIS E 848 5.00 -61.51 -124.93
N THR E 849 3.86 -61.85 -124.33
CA THR E 849 3.19 -63.12 -124.54
C THR E 849 1.90 -62.95 -125.34
N ASP E 850 1.84 -61.95 -126.22
CA ASP E 850 0.64 -61.68 -126.99
C ASP E 850 0.77 -61.93 -128.48
N PHE E 851 1.93 -61.64 -129.07
CA PHE E 851 2.14 -61.85 -130.50
C PHE E 851 2.31 -63.32 -130.87
N VAL E 852 2.67 -64.17 -129.92
CA VAL E 852 2.98 -65.57 -130.26
C VAL E 852 1.69 -66.34 -130.53
N PRO E 853 1.62 -67.15 -131.59
CA PRO E 853 0.41 -67.94 -131.83
C PRO E 853 0.41 -69.22 -130.99
N CYS E 854 -0.63 -69.37 -130.18
CA CYS E 854 -0.82 -70.55 -129.36
C CYS E 854 -2.19 -71.16 -129.66
N PRO E 855 -2.28 -72.48 -129.86
CA PRO E 855 -3.57 -73.08 -130.20
C PRO E 855 -4.52 -73.17 -129.00
N ILE E 861 -9.08 -84.61 -131.73
CA ILE E 861 -8.50 -85.84 -131.21
C ILE E 861 -9.38 -87.05 -131.58
N VAL E 862 -10.51 -87.19 -130.88
CA VAL E 862 -11.41 -88.29 -131.16
C VAL E 862 -12.24 -87.99 -132.40
N LEU E 863 -12.83 -89.03 -132.97
CA LEU E 863 -13.63 -88.92 -134.19
C LEU E 863 -15.02 -89.50 -133.95
N PRO E 864 -16.07 -88.69 -133.89
CA PRO E 864 -17.43 -89.23 -133.77
C PRO E 864 -17.89 -89.81 -135.09
N PRO E 865 -18.47 -91.02 -135.08
CA PRO E 865 -18.88 -91.64 -136.34
C PRO E 865 -20.15 -91.07 -136.95
N HIS E 866 -20.91 -90.28 -136.18
CA HIS E 866 -22.17 -89.72 -136.69
C HIS E 866 -21.98 -88.47 -137.52
N LEU E 867 -20.75 -87.97 -137.67
CA LEU E 867 -20.46 -86.79 -138.47
C LEU E 867 -19.29 -87.00 -139.42
N GLU E 868 -19.22 -88.16 -140.06
CA GLU E 868 -18.08 -88.47 -140.92
C GLU E 868 -18.33 -88.09 -142.38
N ARG E 869 -19.43 -88.60 -142.96
CA ARG E 869 -19.76 -88.26 -144.35
C ARG E 869 -20.26 -86.83 -144.47
N ILE E 870 -20.92 -86.30 -143.43
CA ILE E 870 -21.43 -84.95 -143.50
C ILE E 870 -20.28 -83.94 -143.34
N ARG E 871 -19.13 -84.37 -142.82
CA ARG E 871 -17.94 -83.52 -142.85
C ARG E 871 -17.40 -83.35 -144.26
N GLU E 872 -17.62 -84.33 -145.13
CA GLU E 872 -17.32 -84.17 -146.56
C GLU E 872 -18.45 -83.46 -147.30
N LYS E 873 -19.69 -83.61 -146.83
CA LYS E 873 -20.79 -82.89 -147.43
C LYS E 873 -20.71 -81.39 -147.13
N LEU E 874 -20.17 -81.03 -145.97
CA LEU E 874 -19.92 -79.63 -145.65
C LEU E 874 -18.78 -79.06 -146.50
N ALA E 875 -17.79 -79.89 -146.84
CA ALA E 875 -16.74 -79.43 -147.77
C ALA E 875 -17.29 -79.29 -149.19
N GLU E 876 -18.21 -80.16 -149.58
CA GLU E 876 -18.85 -80.03 -150.89
C GLU E 876 -19.75 -78.79 -150.96
N ASN E 877 -20.45 -78.49 -149.87
CA ASN E 877 -21.25 -77.26 -149.84
C ASN E 877 -20.36 -76.03 -149.74
N ILE E 878 -19.16 -76.18 -149.16
CA ILE E 878 -18.17 -75.11 -149.20
C ILE E 878 -17.65 -74.88 -150.61
N HIS E 879 -17.50 -75.95 -151.39
CA HIS E 879 -17.15 -75.77 -152.81
C HIS E 879 -18.31 -75.15 -153.59
N GLU E 880 -19.55 -75.44 -153.18
CA GLU E 880 -20.70 -74.79 -153.81
C GLU E 880 -20.74 -73.30 -153.48
N LEU E 881 -20.45 -72.93 -152.24
CA LEU E 881 -20.37 -71.52 -151.86
C LEU E 881 -19.11 -70.87 -152.44
N TRP E 882 -18.10 -71.67 -152.74
CA TRP E 882 -16.95 -71.20 -153.50
C TRP E 882 -17.35 -70.81 -154.91
N ALA E 883 -18.14 -71.65 -155.58
CA ALA E 883 -18.50 -71.40 -156.97
C ALA E 883 -19.65 -70.40 -157.13
N LEU E 884 -20.50 -70.23 -156.12
CA LEU E 884 -21.71 -69.42 -156.27
C LEU E 884 -21.40 -67.92 -156.40
N THR E 885 -20.48 -67.40 -155.59
CA THR E 885 -20.07 -66.01 -155.69
C THR E 885 -18.97 -65.83 -156.74
N ARG E 886 -18.43 -66.93 -157.23
CA ARG E 886 -17.39 -66.95 -158.25
C ARG E 886 -17.98 -66.82 -159.66
N ILE E 887 -19.06 -67.55 -159.95
CA ILE E 887 -19.71 -67.45 -161.25
C ILE E 887 -20.45 -66.14 -161.40
N GLU E 888 -20.80 -65.47 -160.29
CA GLU E 888 -21.50 -64.20 -160.37
C GLU E 888 -20.56 -63.01 -160.56
N GLN E 889 -19.25 -63.21 -160.41
CA GLN E 889 -18.30 -62.12 -160.58
C GLN E 889 -17.20 -62.36 -161.61
N GLY E 890 -17.02 -63.59 -162.10
CA GLY E 890 -16.15 -63.72 -163.26
C GLY E 890 -15.26 -64.95 -163.38
N TRP E 891 -15.37 -65.86 -162.41
CA TRP E 891 -14.63 -67.12 -162.49
C TRP E 891 -15.26 -68.01 -163.55
N THR E 892 -14.49 -68.36 -164.58
CA THR E 892 -15.03 -69.14 -165.68
C THR E 892 -14.43 -70.54 -165.67
N TYR E 893 -14.98 -71.40 -166.53
CA TYR E 893 -14.48 -72.77 -166.63
C TYR E 893 -13.24 -72.83 -167.50
N GLY E 894 -12.28 -73.66 -167.08
CA GLY E 894 -11.06 -73.85 -167.82
C GLY E 894 -10.24 -75.00 -167.27
N PRO E 895 -9.50 -75.70 -168.14
CA PRO E 895 -8.63 -76.77 -167.66
C PRO E 895 -7.39 -76.28 -166.93
N VAL E 896 -7.01 -75.01 -167.10
CA VAL E 896 -5.87 -74.43 -166.43
C VAL E 896 -6.36 -73.50 -165.33
N ARG E 897 -5.44 -73.06 -164.48
CA ARG E 897 -5.73 -72.12 -163.41
C ARG E 897 -4.80 -70.92 -163.55
N ASP E 898 -5.38 -69.72 -163.64
CA ASP E 898 -4.62 -68.50 -163.80
C ASP E 898 -5.30 -67.37 -163.03
N ASP E 899 -4.49 -66.44 -162.51
CA ASP E 899 -5.05 -65.37 -161.69
C ASP E 899 -5.71 -64.29 -162.54
N ASN E 900 -5.00 -63.79 -163.56
CA ASN E 900 -5.55 -62.72 -164.39
C ASN E 900 -6.59 -63.24 -165.38
N LYS E 901 -6.44 -64.48 -165.83
CA LYS E 901 -7.35 -65.05 -166.83
C LYS E 901 -8.64 -65.56 -166.20
N ARG E 902 -8.70 -65.62 -164.87
CA ARG E 902 -9.90 -66.01 -164.10
C ARG E 902 -10.38 -67.41 -164.47
N LEU E 903 -9.44 -68.34 -164.64
CA LEU E 903 -9.73 -69.70 -165.06
C LEU E 903 -9.86 -70.56 -163.82
N HIS E 904 -11.00 -71.25 -163.69
CA HIS E 904 -11.20 -72.13 -162.54
C HIS E 904 -11.18 -73.59 -162.97
N PRO E 905 -10.39 -74.45 -162.31
CA PRO E 905 -10.49 -75.89 -162.55
C PRO E 905 -11.54 -76.56 -161.70
N CYS E 906 -12.03 -75.86 -160.67
CA CYS E 906 -13.02 -76.41 -159.74
C CYS E 906 -14.34 -75.63 -159.80
N LEU E 907 -14.81 -75.30 -160.99
CA LEU E 907 -16.06 -74.54 -161.14
C LEU E 907 -17.28 -75.41 -161.38
N VAL E 908 -17.12 -76.70 -161.66
CA VAL E 908 -18.27 -77.57 -161.91
C VAL E 908 -18.88 -77.96 -160.57
N ASN E 909 -18.13 -78.71 -159.77
CA ASN E 909 -18.59 -79.23 -158.48
C ASN E 909 -17.39 -79.71 -157.69
N PHE E 910 -17.68 -80.44 -156.60
CA PHE E 910 -16.64 -81.13 -155.84
C PHE E 910 -16.25 -82.46 -156.46
N HIS E 911 -17.12 -83.05 -157.28
CA HIS E 911 -16.82 -84.32 -157.93
C HIS E 911 -15.86 -84.16 -159.11
N SER E 912 -15.87 -83.00 -159.76
CA SER E 912 -14.94 -82.69 -160.83
C SER E 912 -13.61 -82.13 -160.32
N LEU E 913 -13.44 -82.02 -159.00
CA LEU E 913 -12.21 -81.49 -158.45
C LEU E 913 -11.11 -82.56 -158.47
N PRO E 914 -9.86 -82.15 -158.70
CA PRO E 914 -8.76 -83.12 -158.72
C PRO E 914 -8.39 -83.60 -157.32
N GLU E 915 -7.42 -84.51 -157.28
CA GLU E 915 -7.01 -85.08 -156.00
C GLU E 915 -6.22 -84.12 -155.10
N PRO E 916 -5.28 -83.28 -155.58
CA PRO E 916 -4.69 -82.29 -154.64
C PRO E 916 -5.64 -81.17 -154.22
N GLU E 917 -6.76 -80.97 -154.92
CA GLU E 917 -7.76 -79.99 -154.51
C GLU E 917 -8.83 -80.56 -153.60
N ARG E 918 -9.16 -81.84 -153.73
CA ARG E 918 -10.19 -82.43 -152.89
C ARG E 918 -9.69 -82.67 -151.48
N ASN E 919 -8.44 -83.14 -151.33
CA ASN E 919 -7.88 -83.33 -150.00
C ASN E 919 -7.56 -82.01 -149.32
N TYR E 920 -7.49 -80.90 -150.06
CA TYR E 920 -7.35 -79.60 -149.42
C TYR E 920 -8.61 -79.21 -148.66
N ASN E 921 -9.79 -79.34 -149.30
CA ASN E 921 -11.03 -79.13 -148.58
C ASN E 921 -11.27 -80.20 -147.53
N LEU E 922 -10.78 -81.42 -147.77
CA LEU E 922 -10.91 -82.47 -146.76
C LEU E 922 -10.04 -82.19 -145.54
N GLN E 923 -8.82 -81.66 -145.73
CA GLN E 923 -7.98 -81.33 -144.58
C GLN E 923 -8.43 -80.05 -143.89
N MET E 924 -9.10 -79.14 -144.61
CA MET E 924 -9.73 -78.01 -143.94
C MET E 924 -10.92 -78.47 -143.10
N SER E 925 -11.75 -79.36 -143.65
CA SER E 925 -12.87 -79.91 -142.90
C SER E 925 -12.40 -80.74 -141.71
N GLY E 926 -11.31 -81.49 -141.89
CA GLY E 926 -10.71 -82.22 -140.79
C GLY E 926 -10.09 -81.33 -139.73
N GLU E 927 -9.56 -80.17 -140.13
CA GLU E 927 -9.05 -79.22 -139.17
C GLU E 927 -10.17 -78.50 -138.42
N THR E 928 -11.34 -78.33 -139.06
CA THR E 928 -12.39 -77.54 -138.41
C THR E 928 -13.45 -78.36 -137.69
N LEU E 929 -13.53 -79.68 -137.87
CA LEU E 929 -14.53 -80.36 -137.04
C LEU E 929 -13.93 -80.89 -135.75
N LYS E 930 -12.61 -81.00 -135.68
CA LYS E 930 -11.95 -81.53 -134.48
C LYS E 930 -11.97 -80.53 -133.34
N THR E 931 -12.17 -79.24 -133.64
CA THR E 931 -12.19 -78.21 -132.62
C THR E 931 -13.60 -77.88 -132.14
N LEU E 932 -14.58 -78.75 -132.37
CA LEU E 932 -15.92 -78.55 -131.81
C LEU E 932 -15.94 -78.80 -130.31
N LEU E 933 -15.60 -80.03 -129.90
CA LEU E 933 -15.58 -80.40 -128.48
C LEU E 933 -14.28 -80.01 -127.80
N ALA E 934 -13.39 -79.29 -128.49
CA ALA E 934 -12.19 -78.77 -127.86
C ALA E 934 -12.50 -77.62 -126.91
N LEU E 935 -13.65 -76.96 -127.06
CA LEU E 935 -14.05 -75.90 -126.16
C LEU E 935 -15.08 -76.35 -125.14
N GLY E 936 -15.93 -77.31 -125.52
CA GLY E 936 -17.00 -77.76 -124.67
C GLY E 936 -18.39 -77.59 -125.28
N CYS E 937 -18.47 -77.49 -126.60
CA CYS E 937 -19.76 -77.30 -127.26
C CYS E 937 -20.42 -78.64 -127.49
N HIS E 938 -21.53 -78.87 -126.78
CA HIS E 938 -22.24 -80.15 -126.89
C HIS E 938 -23.03 -80.20 -128.19
N VAL E 939 -22.67 -81.13 -129.07
CA VAL E 939 -23.29 -81.29 -130.39
C VAL E 939 -24.03 -82.62 -130.41
N GLY E 940 -25.29 -82.59 -130.83
CA GLY E 940 -26.10 -83.79 -130.90
C GLY E 940 -26.76 -83.93 -132.26
N MET E 941 -27.05 -85.18 -132.62
CA MET E 941 -27.65 -85.51 -133.91
C MET E 941 -29.13 -85.78 -133.72
N ALA E 942 -29.96 -84.90 -134.28
CA ALA E 942 -31.40 -85.05 -134.21
C ALA E 942 -32.01 -84.39 -135.43
N ASP E 943 -33.32 -84.62 -135.60
CA ASP E 943 -34.17 -84.00 -136.63
C ASP E 943 -33.65 -84.34 -138.04
N GLU E 944 -33.76 -85.63 -138.36
CA GLU E 944 -33.29 -86.17 -139.63
C GLU E 944 -34.22 -85.86 -140.79
N LYS E 945 -35.44 -85.39 -140.53
CA LYS E 945 -36.38 -85.09 -141.61
C LYS E 945 -36.21 -83.67 -142.14
N ALA E 946 -35.77 -82.72 -141.29
CA ALA E 946 -35.72 -81.32 -141.69
C ALA E 946 -34.58 -81.06 -142.68
N GLU E 947 -33.43 -81.71 -142.48
CA GLU E 947 -32.31 -81.53 -143.39
C GLU E 947 -32.59 -82.15 -144.76
N ASP E 948 -33.34 -83.23 -144.78
CA ASP E 948 -33.73 -83.85 -146.05
C ASP E 948 -34.85 -83.07 -146.74
N ASN E 949 -35.73 -82.43 -145.96
CA ASN E 949 -36.75 -81.59 -146.55
C ASN E 949 -36.21 -80.25 -147.03
N LEU E 950 -35.06 -79.80 -146.51
CA LEU E 950 -34.46 -78.58 -146.99
C LEU E 950 -33.86 -78.79 -148.38
N LYS E 951 -34.34 -78.01 -149.35
CA LYS E 951 -33.85 -78.08 -150.72
C LYS E 951 -32.73 -77.07 -150.91
N LYS E 952 -32.33 -76.87 -152.16
CA LYS E 952 -31.28 -75.93 -152.52
C LYS E 952 -31.86 -74.54 -152.76
N THR E 953 -30.97 -73.57 -152.94
CA THR E 953 -31.37 -72.21 -153.27
C THR E 953 -31.80 -72.13 -154.73
N LYS E 954 -32.72 -71.20 -155.00
CA LYS E 954 -33.16 -70.97 -156.36
C LYS E 954 -32.08 -70.22 -157.13
N LEU E 955 -31.93 -70.57 -158.42
CA LEU E 955 -30.89 -70.03 -159.29
C LEU E 955 -31.48 -69.12 -160.35
N PRO E 956 -30.99 -67.89 -160.50
CA PRO E 956 -31.47 -67.02 -161.57
C PRO E 956 -30.76 -67.33 -162.88
N LYS E 957 -31.16 -66.62 -163.93
CA LYS E 957 -30.53 -66.80 -165.24
C LYS E 957 -29.16 -66.17 -165.30
N THR E 958 -28.97 -65.04 -164.62
CA THR E 958 -27.68 -64.35 -164.60
C THR E 958 -26.77 -64.83 -163.48
N TYR E 959 -27.28 -65.64 -162.55
CA TYR E 959 -26.43 -66.19 -161.50
C TYR E 959 -25.58 -67.36 -161.98
N MET E 960 -25.93 -67.96 -163.11
CA MET E 960 -25.15 -69.06 -163.68
C MET E 960 -24.33 -68.52 -164.86
N MET E 961 -23.09 -69.00 -164.97
CA MET E 961 -22.09 -68.42 -165.88
C MET E 961 -22.26 -68.91 -167.32
N SER E 962 -21.22 -68.74 -168.15
CA SER E 962 -21.24 -69.22 -169.53
C SER E 962 -20.70 -70.64 -169.67
N ASN E 963 -20.77 -71.45 -168.61
CA ASN E 963 -20.24 -72.80 -168.60
C ASN E 963 -21.30 -73.87 -168.80
N GLY E 964 -22.54 -73.61 -168.37
CA GLY E 964 -23.59 -74.60 -168.46
C GLY E 964 -23.78 -75.43 -167.21
N TYR E 965 -22.99 -75.21 -166.17
CA TYR E 965 -23.10 -75.92 -164.91
C TYR E 965 -23.38 -74.93 -163.80
N LYS E 966 -24.10 -75.38 -162.77
CA LYS E 966 -24.47 -74.50 -161.68
C LYS E 966 -24.24 -75.19 -160.34
N PRO E 967 -23.69 -74.47 -159.36
CA PRO E 967 -23.60 -75.03 -158.01
C PRO E 967 -24.94 -74.96 -157.29
N ALA E 968 -25.14 -75.90 -156.37
CA ALA E 968 -26.38 -76.01 -155.61
C ALA E 968 -26.04 -75.90 -154.12
N PRO E 969 -25.96 -74.69 -153.58
CA PRO E 969 -25.74 -74.53 -152.14
C PRO E 969 -27.05 -74.60 -151.36
N LEU E 970 -26.91 -74.94 -150.08
CA LEU E 970 -28.07 -75.00 -149.19
C LEU E 970 -28.47 -73.61 -148.74
N ASP E 971 -29.74 -73.26 -148.95
CA ASP E 971 -30.31 -71.99 -148.52
C ASP E 971 -30.52 -72.04 -147.01
N LEU E 972 -29.84 -71.15 -146.29
CA LEU E 972 -29.98 -71.04 -144.84
C LEU E 972 -30.96 -69.95 -144.43
N SER E 973 -32.04 -69.79 -145.20
CA SER E 973 -33.03 -68.74 -144.94
C SER E 973 -33.93 -69.08 -143.74
N HIS E 974 -34.03 -70.36 -143.38
CA HIS E 974 -34.73 -70.76 -142.18
C HIS E 974 -33.84 -70.70 -140.94
N VAL E 975 -32.54 -70.43 -141.11
CA VAL E 975 -31.59 -70.37 -140.01
C VAL E 975 -31.50 -68.93 -139.52
N ARG E 976 -31.35 -68.76 -138.21
CA ARG E 976 -31.27 -67.45 -137.60
C ARG E 976 -29.90 -67.22 -137.00
N LEU E 977 -29.47 -65.97 -137.00
CA LEU E 977 -28.18 -65.59 -136.43
C LEU E 977 -28.29 -65.54 -134.91
N THR E 978 -27.42 -66.29 -134.23
CA THR E 978 -27.60 -66.26 -132.78
C THR E 978 -26.52 -65.41 -132.12
N PRO E 979 -26.90 -64.58 -131.15
CA PRO E 979 -25.90 -63.81 -130.41
C PRO E 979 -25.06 -64.64 -129.46
N ALA E 980 -25.48 -65.87 -129.14
CA ALA E 980 -24.66 -66.72 -128.28
C ALA E 980 -23.49 -67.32 -129.03
N GLN E 981 -23.74 -67.91 -130.20
CA GLN E 981 -22.69 -68.48 -131.02
C GLN E 981 -22.00 -67.45 -131.91
N THR E 982 -22.54 -66.24 -132.01
CA THR E 982 -21.83 -65.14 -132.67
C THR E 982 -20.60 -64.70 -131.89
N THR E 983 -20.56 -64.96 -130.58
CA THR E 983 -19.37 -64.72 -129.78
C THR E 983 -18.40 -65.90 -129.80
N LEU E 984 -18.85 -67.07 -130.25
CA LEU E 984 -17.96 -68.23 -130.34
C LEU E 984 -17.33 -68.37 -131.72
N VAL E 985 -18.04 -68.05 -132.79
CA VAL E 985 -17.44 -68.17 -134.12
C VAL E 985 -16.44 -67.03 -134.35
N ASP E 986 -16.51 -65.99 -133.53
CA ASP E 986 -15.45 -64.99 -133.47
C ASP E 986 -14.16 -65.53 -132.88
N ARG E 987 -14.23 -66.54 -132.01
CA ARG E 987 -13.03 -67.13 -131.44
C ARG E 987 -12.53 -68.34 -132.22
N LEU E 988 -13.44 -69.07 -132.86
CA LEU E 988 -13.03 -70.22 -133.68
C LEU E 988 -12.26 -69.80 -134.92
N ALA E 989 -12.47 -68.58 -135.44
CA ALA E 989 -11.66 -68.11 -136.55
C ALA E 989 -10.19 -67.93 -136.14
N GLU E 990 -9.99 -67.38 -134.94
CA GLU E 990 -8.64 -67.31 -134.37
C GLU E 990 -8.09 -68.70 -134.05
N ASN E 991 -8.96 -69.61 -133.57
CA ASN E 991 -8.54 -70.98 -133.28
C ASN E 991 -8.12 -71.72 -134.55
N GLY E 992 -8.71 -71.37 -135.69
CA GLY E 992 -8.40 -72.00 -136.95
C GLY E 992 -7.25 -71.36 -137.71
N HIS E 993 -6.96 -70.08 -137.46
CA HIS E 993 -5.92 -69.42 -138.23
C HIS E 993 -4.71 -68.94 -137.43
N ASN E 994 -4.71 -69.03 -136.11
CA ASN E 994 -3.43 -68.87 -135.45
C ASN E 994 -2.56 -70.11 -135.61
N VAL E 995 -3.16 -71.26 -135.92
CA VAL E 995 -2.36 -72.40 -136.37
C VAL E 995 -1.89 -72.19 -137.81
N TRP E 996 -2.61 -71.39 -138.61
CA TRP E 996 -2.05 -70.93 -139.87
C TRP E 996 -0.83 -70.06 -139.67
N ALA E 997 -0.85 -69.17 -138.65
CA ALA E 997 0.31 -68.32 -138.39
C ALA E 997 1.48 -69.13 -137.79
N ARG E 998 1.18 -70.06 -136.89
CA ARG E 998 2.05 -71.17 -136.48
C ARG E 998 2.76 -71.79 -137.67
N ASP E 999 1.99 -72.20 -138.68
CA ASP E 999 2.57 -72.98 -139.77
C ASP E 999 3.37 -72.12 -140.75
N ARG E 1000 3.02 -70.85 -140.90
CA ARG E 1000 3.83 -69.99 -141.75
C ARG E 1000 5.12 -69.58 -141.06
N VAL E 1001 5.08 -69.41 -139.73
CA VAL E 1001 6.29 -69.05 -139.01
C VAL E 1001 7.22 -70.24 -138.82
N ALA E 1002 6.68 -71.46 -138.80
CA ALA E 1002 7.53 -72.63 -138.68
C ALA E 1002 8.28 -72.92 -139.99
N GLN E 1003 7.74 -72.45 -141.13
CA GLN E 1003 8.48 -72.55 -142.38
C GLN E 1003 9.58 -71.51 -142.49
N GLY E 1004 9.54 -70.48 -141.65
CA GLY E 1004 10.59 -69.49 -141.58
C GLY E 1004 10.25 -68.12 -142.14
N TRP E 1005 8.98 -67.79 -142.28
CA TRP E 1005 8.59 -66.52 -142.88
C TRP E 1005 8.36 -65.47 -141.80
N SER E 1006 8.34 -64.21 -142.22
CA SER E 1006 8.41 -63.05 -141.33
C SER E 1006 7.19 -62.14 -141.54
N TYR E 1007 7.22 -60.99 -140.87
CA TYR E 1007 6.15 -59.99 -140.93
C TYR E 1007 6.68 -58.69 -141.53
N SER E 1008 5.95 -58.15 -142.50
CA SER E 1008 6.17 -56.79 -142.99
C SER E 1008 4.88 -56.26 -143.59
N ALA E 1009 4.80 -54.92 -143.66
CA ALA E 1009 3.67 -54.28 -144.31
C ALA E 1009 3.68 -54.46 -145.83
N VAL E 1010 4.84 -54.79 -146.40
CA VAL E 1010 4.91 -55.21 -147.80
C VAL E 1010 5.02 -56.73 -147.81
N GLN E 1011 4.49 -57.34 -148.86
CA GLN E 1011 4.73 -58.75 -149.12
C GLN E 1011 5.75 -58.90 -150.25
N ASP E 1012 6.51 -59.99 -150.19
CA ASP E 1012 7.58 -60.25 -151.16
C ASP E 1012 7.85 -61.75 -151.16
N ILE E 1013 7.44 -62.42 -152.23
CA ILE E 1013 7.62 -63.86 -152.36
C ILE E 1013 9.07 -64.37 -152.43
N PRO E 1014 10.14 -63.60 -152.85
CA PRO E 1014 11.48 -64.17 -152.65
C PRO E 1014 12.00 -63.99 -151.23
N ALA E 1015 11.49 -62.98 -150.52
CA ALA E 1015 11.89 -62.69 -149.17
C ALA E 1015 10.95 -63.27 -148.11
N ARG E 1016 10.02 -64.13 -148.54
CA ARG E 1016 8.94 -64.76 -147.73
C ARG E 1016 8.28 -63.77 -146.76
N ARG E 1017 7.88 -62.64 -147.33
CA ARG E 1017 7.30 -61.53 -146.60
C ARG E 1017 5.79 -61.56 -146.82
N ASN E 1018 5.01 -61.24 -145.78
CA ASN E 1018 3.57 -61.10 -145.94
C ASN E 1018 3.03 -60.26 -144.79
N PRO E 1019 1.94 -59.51 -145.01
CA PRO E 1019 1.25 -58.83 -143.90
C PRO E 1019 0.18 -59.70 -143.26
N ARG E 1020 0.26 -61.01 -143.49
CA ARG E 1020 -0.74 -61.98 -143.03
C ARG E 1020 -0.38 -62.58 -141.67
N LEU E 1021 0.90 -62.75 -141.36
CA LEU E 1021 1.33 -63.54 -140.20
C LEU E 1021 1.17 -62.69 -138.94
N VAL E 1022 -0.10 -62.52 -138.52
CA VAL E 1022 -0.45 -61.68 -137.38
C VAL E 1022 -1.34 -62.52 -136.46
N PRO E 1023 -1.33 -62.22 -135.16
CA PRO E 1023 -2.45 -62.65 -134.32
C PRO E 1023 -3.73 -61.93 -134.69
N TYR E 1024 -4.85 -62.53 -134.27
CA TYR E 1024 -6.13 -62.14 -134.83
C TYR E 1024 -6.64 -60.82 -134.25
N ARG E 1025 -6.38 -60.57 -132.97
CA ARG E 1025 -6.72 -59.26 -132.40
C ARG E 1025 -5.59 -58.24 -132.53
N LEU E 1026 -4.52 -58.57 -133.24
CA LEU E 1026 -3.62 -57.55 -133.80
C LEU E 1026 -3.90 -57.30 -135.29
N LEU E 1027 -4.69 -58.15 -135.93
CA LEU E 1027 -5.10 -57.95 -137.32
C LEU E 1027 -6.17 -56.87 -137.43
N ASP E 1028 -6.11 -56.09 -138.51
CA ASP E 1028 -7.07 -55.03 -138.79
C ASP E 1028 -8.40 -55.63 -139.26
N GLU E 1029 -9.44 -54.79 -139.25
CA GLU E 1029 -10.79 -55.26 -139.56
C GLU E 1029 -11.09 -55.33 -141.05
N ALA E 1030 -10.10 -55.08 -141.91
CA ALA E 1030 -10.29 -55.33 -143.34
C ALA E 1030 -10.30 -56.82 -143.67
N THR E 1031 -9.84 -57.67 -142.75
CA THR E 1031 -9.75 -59.11 -142.94
C THR E 1031 -10.75 -59.86 -142.07
N LYS E 1032 -11.32 -59.19 -141.06
CA LYS E 1032 -12.26 -59.73 -140.05
C LYS E 1032 -13.46 -60.46 -140.65
N ARG E 1033 -14.32 -59.73 -141.35
CA ARG E 1033 -15.49 -60.38 -141.92
C ARG E 1033 -15.19 -61.07 -143.25
N SER E 1034 -14.11 -60.72 -143.94
CA SER E 1034 -13.70 -61.48 -145.11
C SER E 1034 -13.24 -62.89 -144.76
N ASN E 1035 -12.79 -63.10 -143.51
CA ASN E 1035 -12.53 -64.43 -142.97
C ASN E 1035 -13.78 -65.05 -142.35
N ARG E 1036 -14.50 -64.28 -141.53
CA ARG E 1036 -15.58 -64.85 -140.73
C ARG E 1036 -16.85 -65.10 -141.53
N ASP E 1037 -17.20 -64.25 -142.48
CA ASP E 1037 -18.34 -64.54 -143.34
C ASP E 1037 -18.02 -65.55 -144.42
N SER E 1038 -16.73 -65.79 -144.69
CA SER E 1038 -16.38 -66.91 -145.56
C SER E 1038 -16.53 -68.23 -144.81
N LEU E 1039 -16.17 -68.26 -143.53
CA LEU E 1039 -16.36 -69.46 -142.72
C LEU E 1039 -17.73 -69.56 -142.06
N CYS E 1040 -18.56 -68.52 -142.14
CA CYS E 1040 -19.89 -68.57 -141.55
C CYS E 1040 -20.91 -69.24 -142.47
N GLN E 1041 -20.53 -69.57 -143.69
CA GLN E 1041 -21.34 -70.39 -144.60
C GLN E 1041 -21.41 -71.86 -144.19
N ALA E 1042 -20.70 -72.26 -143.13
CA ALA E 1042 -20.73 -73.64 -142.65
C ALA E 1042 -21.44 -73.82 -141.31
N VAL E 1043 -21.42 -72.82 -140.43
CA VAL E 1043 -21.95 -73.00 -139.08
C VAL E 1043 -23.47 -72.95 -139.05
N ARG E 1044 -24.12 -72.01 -139.76
CA ARG E 1044 -25.57 -72.07 -139.84
C ARG E 1044 -26.04 -73.21 -140.74
N THR E 1045 -25.18 -73.68 -141.64
CA THR E 1045 -25.51 -74.86 -142.43
C THR E 1045 -25.51 -76.11 -141.56
N LEU E 1046 -24.56 -76.25 -140.62
CA LEU E 1046 -24.63 -77.38 -139.69
C LEU E 1046 -25.72 -77.20 -138.65
N LEU E 1047 -26.15 -75.95 -138.42
CA LEU E 1047 -27.34 -75.72 -137.62
C LEU E 1047 -28.59 -76.21 -138.35
N GLY E 1048 -28.70 -75.95 -139.64
CA GLY E 1048 -29.81 -76.43 -140.45
C GLY E 1048 -29.73 -77.89 -140.83
N TYR E 1049 -28.57 -78.53 -140.65
CA TYR E 1049 -28.43 -79.97 -140.84
C TYR E 1049 -29.17 -80.78 -139.78
N GLY E 1050 -29.63 -80.15 -138.70
CA GLY E 1050 -30.23 -80.83 -137.58
C GLY E 1050 -29.36 -80.92 -136.35
N TYR E 1051 -28.09 -80.51 -136.46
CA TYR E 1051 -27.14 -80.60 -135.35
C TYR E 1051 -27.21 -79.32 -134.52
N ASN E 1052 -27.71 -79.43 -133.30
CA ASN E 1052 -27.73 -78.30 -132.38
C ASN E 1052 -26.40 -78.21 -131.64
N ILE E 1053 -25.98 -76.98 -131.37
CA ILE E 1053 -24.73 -76.71 -130.66
C ILE E 1053 -25.04 -75.83 -129.45
N GLU E 1054 -24.38 -76.12 -128.33
CA GLU E 1054 -24.58 -75.41 -127.07
C GLU E 1054 -23.43 -74.45 -126.78
N PRO E 1055 -23.69 -73.39 -125.99
CA PRO E 1055 -22.67 -72.40 -125.61
C PRO E 1055 -21.82 -72.85 -124.43
N ASP E 1070 -0.72 -51.24 -116.74
CA ASP E 1070 0.05 -51.57 -115.54
C ASP E 1070 -0.78 -51.31 -114.30
N ARG E 1071 -0.47 -50.23 -113.58
CA ARG E 1071 -1.16 -49.89 -112.34
C ARG E 1071 -1.95 -48.60 -112.50
N VAL E 1072 -2.59 -48.19 -111.42
CA VAL E 1072 -3.46 -47.02 -111.39
C VAL E 1072 -2.73 -45.88 -110.68
N ARG E 1073 -2.90 -44.66 -111.18
CA ARG E 1073 -2.25 -43.49 -110.64
C ARG E 1073 -3.23 -42.72 -109.77
N ILE E 1074 -2.70 -41.97 -108.79
CA ILE E 1074 -3.52 -41.16 -107.88
C ILE E 1074 -3.03 -39.72 -107.99
N PHE E 1075 -3.94 -38.81 -108.39
CA PHE E 1075 -3.64 -37.40 -108.65
C PHE E 1075 -4.21 -36.57 -107.49
N ARG E 1076 -3.33 -35.95 -106.71
CA ARG E 1076 -3.73 -35.23 -105.51
C ARG E 1076 -2.82 -34.03 -105.25
N ALA E 1077 -3.34 -33.04 -104.55
CA ALA E 1077 -2.52 -31.88 -104.23
C ALA E 1077 -1.58 -32.18 -103.06
N GLU E 1078 -0.77 -31.19 -102.72
CA GLU E 1078 0.10 -31.28 -101.56
C GLU E 1078 -0.70 -31.04 -100.28
N LYS E 1079 -0.18 -31.55 -99.17
CA LYS E 1079 -0.89 -31.50 -97.90
C LYS E 1079 -0.84 -30.14 -97.21
N SER E 1080 -0.05 -29.19 -97.72
CA SER E 1080 -0.08 -27.84 -97.16
C SER E 1080 -1.16 -26.97 -97.78
N TYR E 1081 -1.87 -27.45 -98.81
CA TYR E 1081 -2.96 -26.73 -99.43
C TYR E 1081 -4.33 -27.22 -98.96
N THR E 1082 -4.37 -28.03 -97.89
CA THR E 1082 -5.63 -28.58 -97.41
C THR E 1082 -6.42 -27.53 -96.63
N VAL E 1083 -7.68 -27.86 -96.35
CA VAL E 1083 -8.58 -26.96 -95.64
C VAL E 1083 -9.18 -27.68 -94.43
N GLN E 1084 -9.63 -26.88 -93.47
CA GLN E 1084 -10.34 -27.38 -92.29
C GLN E 1084 -11.63 -26.65 -91.97
N SER E 1085 -11.89 -25.49 -92.57
CA SER E 1085 -13.13 -24.76 -92.34
C SER E 1085 -13.50 -24.00 -93.60
N GLY E 1086 -14.80 -23.89 -93.83
CA GLY E 1086 -15.32 -23.32 -95.06
C GLY E 1086 -15.93 -24.38 -95.95
N ARG E 1087 -16.13 -23.99 -97.21
CA ARG E 1087 -16.72 -24.88 -98.18
C ARG E 1087 -16.16 -24.61 -99.58
N TRP E 1088 -15.81 -25.69 -100.27
CA TRP E 1088 -15.05 -25.64 -101.51
C TRP E 1088 -15.67 -26.65 -102.49
N TYR E 1089 -15.19 -26.63 -103.73
CA TYR E 1089 -15.80 -27.41 -104.80
C TYR E 1089 -14.82 -27.55 -105.96
N PHE E 1090 -14.79 -28.73 -106.59
CA PHE E 1090 -14.02 -28.93 -107.81
C PHE E 1090 -14.94 -29.58 -108.84
N GLU E 1091 -14.49 -29.66 -110.08
CA GLU E 1091 -15.19 -30.51 -111.05
C GLU E 1091 -14.20 -31.43 -111.75
N PHE E 1092 -14.73 -32.36 -112.54
CA PHE E 1092 -13.91 -33.26 -113.34
C PHE E 1092 -14.60 -33.47 -114.68
N GLU E 1093 -13.89 -33.16 -115.76
CA GLU E 1093 -14.36 -33.42 -117.12
C GLU E 1093 -13.76 -34.73 -117.60
N ALA E 1094 -14.61 -35.63 -118.07
CA ALA E 1094 -14.21 -36.97 -118.48
C ALA E 1094 -14.50 -37.16 -119.96
N VAL E 1095 -13.52 -36.86 -120.81
CA VAL E 1095 -13.69 -37.01 -122.25
C VAL E 1095 -13.65 -38.47 -122.67
N THR E 1096 -13.14 -39.35 -121.81
CA THR E 1096 -13.12 -40.80 -122.04
C THR E 1096 -13.79 -41.46 -120.85
N THR E 1097 -14.90 -42.17 -121.10
CA THR E 1097 -15.49 -43.00 -120.08
C THR E 1097 -14.61 -44.22 -119.83
N GLY E 1098 -14.11 -44.34 -118.60
CA GLY E 1098 -13.13 -45.36 -118.26
C GLY E 1098 -13.11 -45.69 -116.79
N GLU E 1099 -11.92 -45.70 -116.19
CA GLU E 1099 -11.78 -45.93 -114.75
C GLU E 1099 -11.37 -44.60 -114.09
N MET E 1100 -12.36 -43.77 -113.77
CA MET E 1100 -12.12 -42.52 -113.06
C MET E 1100 -12.50 -42.71 -111.59
N ARG E 1101 -11.72 -42.09 -110.70
CA ARG E 1101 -12.07 -41.97 -109.29
C ARG E 1101 -12.05 -40.49 -108.94
N VAL E 1102 -13.22 -39.92 -108.62
CA VAL E 1102 -13.32 -38.50 -108.24
C VAL E 1102 -13.87 -38.38 -106.83
N GLY E 1103 -13.40 -37.38 -106.11
CA GLY E 1103 -13.86 -37.12 -104.75
C GLY E 1103 -12.78 -36.38 -103.95
N TRP E 1104 -12.85 -36.51 -102.63
CA TRP E 1104 -11.88 -35.90 -101.73
C TRP E 1104 -11.32 -36.98 -100.80
N ALA E 1105 -10.11 -36.75 -100.30
CA ALA E 1105 -9.45 -37.70 -99.40
C ALA E 1105 -8.70 -36.93 -98.32
N ARG E 1106 -7.95 -37.68 -97.47
CA ARG E 1106 -7.19 -37.25 -96.31
C ARG E 1106 -5.70 -37.11 -96.63
N PRO E 1107 -5.00 -36.17 -95.97
CA PRO E 1107 -3.55 -35.99 -96.26
C PRO E 1107 -2.67 -37.11 -95.75
N GLU E 1108 -3.14 -37.96 -94.83
CA GLU E 1108 -2.40 -39.16 -94.44
C GLU E 1108 -2.81 -40.34 -95.32
N LEU E 1109 -2.73 -40.11 -96.63
CA LEU E 1109 -3.14 -41.09 -97.62
C LEU E 1109 -2.05 -42.14 -97.76
N ARG E 1110 -2.46 -43.40 -97.74
CA ARG E 1110 -1.55 -44.50 -97.95
C ARG E 1110 -1.73 -45.00 -99.37
N PRO E 1111 -0.76 -44.79 -100.26
CA PRO E 1111 -0.90 -45.30 -101.64
C PRO E 1111 -0.63 -46.80 -101.76
N ASP E 1112 -0.33 -47.49 -100.67
CA ASP E 1112 -0.19 -48.95 -100.67
C ASP E 1112 -1.56 -49.59 -100.91
N VAL E 1113 -2.60 -49.12 -100.23
CA VAL E 1113 -3.94 -49.66 -100.35
C VAL E 1113 -4.58 -49.07 -101.59
N GLU E 1114 -5.42 -49.86 -102.27
CA GLU E 1114 -6.21 -49.35 -103.39
C GLU E 1114 -7.19 -48.30 -102.88
N LEU E 1115 -7.31 -47.21 -103.62
CA LEU E 1115 -8.09 -46.06 -103.20
C LEU E 1115 -9.58 -46.39 -103.25
N GLY E 1116 -10.23 -46.39 -102.09
CA GLY E 1116 -11.65 -46.67 -102.02
C GLY E 1116 -11.99 -47.78 -101.04
N ALA E 1117 -10.97 -48.54 -100.61
CA ALA E 1117 -11.19 -49.70 -99.77
C ALA E 1117 -10.87 -49.45 -98.29
N ASP E 1118 -10.16 -48.38 -97.96
CA ASP E 1118 -9.81 -48.06 -96.59
C ASP E 1118 -10.63 -46.88 -96.11
N GLU E 1119 -10.34 -46.44 -94.88
CA GLU E 1119 -11.03 -45.31 -94.26
C GLU E 1119 -10.28 -44.00 -94.43
N LEU E 1120 -9.59 -43.81 -95.55
CA LEU E 1120 -8.86 -42.57 -95.81
C LEU E 1120 -9.39 -41.81 -97.02
N ALA E 1121 -10.40 -42.32 -97.71
CA ALA E 1121 -10.93 -41.68 -98.91
C ALA E 1121 -12.41 -42.00 -99.08
N TYR E 1122 -13.19 -41.00 -99.47
CA TYR E 1122 -14.61 -41.13 -99.76
C TYR E 1122 -14.80 -40.76 -101.23
N VAL E 1123 -14.79 -41.76 -102.10
CA VAL E 1123 -14.63 -41.57 -103.53
C VAL E 1123 -15.89 -42.04 -104.25
N PHE E 1124 -15.99 -41.68 -105.52
CA PHE E 1124 -17.17 -41.94 -106.34
C PHE E 1124 -16.83 -42.94 -107.43
N ASN E 1125 -17.65 -43.97 -107.57
CA ASN E 1125 -17.62 -44.84 -108.74
C ASN E 1125 -18.68 -44.40 -109.75
N GLY E 1126 -18.33 -44.51 -111.03
CA GLY E 1126 -19.28 -44.14 -112.07
C GLY E 1126 -19.31 -45.09 -113.25
N HIS E 1127 -18.32 -45.99 -113.34
CA HIS E 1127 -18.36 -47.01 -114.38
C HIS E 1127 -19.39 -48.07 -114.02
N ARG E 1128 -19.53 -48.35 -112.73
CA ARG E 1128 -20.62 -49.16 -112.21
C ARG E 1128 -21.60 -48.34 -111.39
N GLY E 1129 -21.13 -47.23 -110.80
CA GLY E 1129 -21.96 -46.28 -110.10
C GLY E 1129 -22.37 -46.61 -108.69
N GLN E 1130 -21.44 -46.66 -107.73
CA GLN E 1130 -21.85 -46.91 -106.35
C GLN E 1130 -20.86 -46.27 -105.37
N ARG E 1131 -21.04 -46.65 -104.11
CA ARG E 1131 -20.21 -46.45 -102.94
C ARG E 1131 -18.85 -47.14 -103.08
N TRP E 1132 -17.82 -46.47 -102.54
CA TRP E 1132 -16.54 -47.14 -102.26
C TRP E 1132 -16.01 -46.59 -100.93
N HIS E 1133 -16.50 -47.17 -99.83
CA HIS E 1133 -15.96 -46.91 -98.50
C HIS E 1133 -16.41 -48.04 -97.59
N LEU E 1134 -15.47 -48.91 -97.19
CA LEU E 1134 -15.73 -50.09 -96.34
C LEU E 1134 -16.78 -51.01 -96.96
N GLY E 1135 -16.78 -51.10 -98.28
CA GLY E 1135 -17.75 -51.88 -99.01
C GLY E 1135 -18.21 -51.20 -100.28
N SER E 1136 -19.40 -51.57 -100.75
CA SER E 1136 -19.98 -51.02 -101.97
C SER E 1136 -21.48 -51.26 -101.95
N GLU E 1137 -22.25 -50.20 -102.22
CA GLU E 1137 -23.71 -50.27 -102.22
C GLU E 1137 -24.22 -49.22 -103.20
N PRO E 1138 -25.30 -49.48 -103.95
CA PRO E 1138 -25.58 -48.68 -105.16
C PRO E 1138 -26.06 -47.28 -104.87
N PHE E 1139 -25.54 -46.33 -105.66
CA PHE E 1139 -25.97 -44.94 -105.67
C PHE E 1139 -25.55 -44.29 -106.99
N GLY E 1140 -26.50 -43.74 -107.73
CA GLY E 1140 -26.16 -42.91 -108.87
C GLY E 1140 -26.34 -43.59 -110.22
N ARG E 1141 -25.84 -42.88 -111.23
CA ARG E 1141 -25.96 -43.20 -112.64
C ARG E 1141 -24.59 -43.46 -113.26
N PRO E 1142 -24.54 -44.21 -114.37
CA PRO E 1142 -23.30 -44.31 -115.14
C PRO E 1142 -22.95 -43.00 -115.83
N TRP E 1143 -21.75 -42.98 -116.42
CA TRP E 1143 -21.15 -41.80 -116.99
C TRP E 1143 -21.70 -41.55 -118.39
N GLN E 1144 -21.17 -40.54 -119.06
CA GLN E 1144 -21.23 -40.38 -120.50
C GLN E 1144 -19.91 -39.77 -120.96
N SER E 1145 -19.55 -40.03 -122.22
CA SER E 1145 -18.27 -39.59 -122.79
C SER E 1145 -18.34 -38.07 -122.97
N GLY E 1146 -17.80 -37.34 -122.00
CA GLY E 1146 -17.94 -35.90 -121.96
C GLY E 1146 -18.79 -35.43 -120.79
N ASP E 1147 -18.63 -36.07 -119.65
CA ASP E 1147 -19.38 -35.73 -118.45
C ASP E 1147 -18.59 -34.76 -117.57
N VAL E 1148 -19.31 -33.95 -116.81
CA VAL E 1148 -18.73 -33.03 -115.82
C VAL E 1148 -19.27 -33.42 -114.46
N VAL E 1149 -18.39 -33.95 -113.60
CA VAL E 1149 -18.76 -34.46 -112.29
C VAL E 1149 -17.86 -33.82 -111.24
N GLY E 1150 -18.46 -33.40 -110.12
CA GLY E 1150 -17.72 -32.74 -109.06
C GLY E 1150 -18.23 -33.17 -107.70
N CYS E 1151 -17.51 -32.74 -106.66
CA CYS E 1151 -17.87 -33.05 -105.29
C CYS E 1151 -17.65 -31.84 -104.39
N MET E 1152 -18.62 -31.60 -103.51
CA MET E 1152 -18.54 -30.53 -102.53
C MET E 1152 -18.94 -31.07 -101.16
N ILE E 1153 -18.40 -30.43 -100.12
CA ILE E 1153 -18.62 -30.83 -98.73
C ILE E 1153 -18.99 -29.59 -97.93
N ASP E 1154 -20.17 -29.60 -97.33
CA ASP E 1154 -20.55 -28.70 -96.24
C ASP E 1154 -20.05 -29.32 -94.96
N LEU E 1155 -18.81 -28.97 -94.57
CA LEU E 1155 -18.27 -29.49 -93.32
C LEU E 1155 -18.83 -28.79 -92.09
N THR E 1156 -19.71 -27.80 -92.26
CA THR E 1156 -20.48 -27.27 -91.15
C THR E 1156 -21.39 -28.34 -90.55
N GLU E 1157 -21.96 -29.19 -91.41
CA GLU E 1157 -22.79 -30.31 -90.99
C GLU E 1157 -22.60 -31.52 -91.90
N ASN E 1158 -21.32 -31.75 -92.28
CA ASN E 1158 -20.74 -32.97 -92.88
C ASN E 1158 -21.63 -33.66 -93.93
N THR E 1159 -21.98 -32.86 -94.94
CA THR E 1159 -22.78 -33.28 -96.08
C THR E 1159 -21.87 -33.51 -97.27
N ILE E 1160 -22.01 -34.66 -97.92
CA ILE E 1160 -21.27 -34.97 -99.14
C ILE E 1160 -22.22 -34.87 -100.32
N ILE E 1161 -21.90 -34.00 -101.27
CA ILE E 1161 -22.78 -33.75 -102.41
C ILE E 1161 -22.01 -33.99 -103.69
N PHE E 1162 -22.46 -34.95 -104.49
CA PHE E 1162 -21.96 -35.15 -105.85
C PHE E 1162 -22.96 -34.58 -106.85
N THR E 1163 -22.44 -33.89 -107.85
CA THR E 1163 -23.23 -33.27 -108.91
C THR E 1163 -22.87 -33.91 -110.25
N LEU E 1164 -23.88 -34.15 -111.07
CA LEU E 1164 -23.67 -34.66 -112.43
C LEU E 1164 -24.30 -33.68 -113.41
N ASN E 1165 -23.44 -32.87 -114.05
CA ASN E 1165 -23.82 -31.90 -115.09
C ASN E 1165 -24.87 -30.91 -114.60
N GLY E 1166 -24.73 -30.46 -113.35
CA GLY E 1166 -25.69 -29.56 -112.75
C GLY E 1166 -26.81 -30.23 -111.99
N GLU E 1167 -27.04 -31.52 -112.22
CA GLU E 1167 -28.13 -32.23 -111.56
C GLU E 1167 -27.55 -33.09 -110.44
N VAL E 1168 -28.11 -32.95 -109.25
CA VAL E 1168 -27.61 -33.64 -108.06
C VAL E 1168 -28.27 -35.02 -107.96
N LEU E 1169 -27.47 -36.04 -107.69
CA LEU E 1169 -27.95 -37.41 -107.64
C LEU E 1169 -28.33 -37.82 -106.24
N MET E 1170 -29.40 -38.62 -106.16
CA MET E 1170 -29.93 -39.16 -104.92
C MET E 1170 -29.67 -40.67 -104.88
N SER E 1171 -29.86 -41.24 -103.70
CA SER E 1171 -29.53 -42.64 -103.46
C SER E 1171 -30.76 -43.51 -103.68
N ASP E 1172 -30.68 -44.75 -103.19
CA ASP E 1172 -31.84 -45.63 -103.14
C ASP E 1172 -32.82 -45.26 -102.04
N SER E 1173 -32.36 -44.50 -101.03
CA SER E 1173 -33.23 -44.03 -99.96
C SER E 1173 -33.96 -42.75 -100.32
N GLY E 1174 -33.49 -42.03 -101.34
CA GLY E 1174 -34.08 -40.75 -101.71
C GLY E 1174 -33.34 -39.53 -101.22
N SER E 1175 -32.15 -39.69 -100.62
CA SER E 1175 -31.37 -38.58 -100.14
C SER E 1175 -30.29 -38.23 -101.14
N GLU E 1176 -30.18 -36.94 -101.49
CA GLU E 1176 -29.16 -36.52 -102.44
C GLU E 1176 -27.76 -36.51 -101.84
N THR E 1177 -27.65 -36.53 -100.52
CA THR E 1177 -26.36 -36.58 -99.85
C THR E 1177 -25.93 -38.03 -99.64
N ALA E 1178 -24.62 -38.23 -99.54
CA ALA E 1178 -24.04 -39.58 -99.59
C ALA E 1178 -23.74 -40.14 -98.20
N PHE E 1179 -22.87 -39.47 -97.43
CA PHE E 1179 -22.51 -39.91 -96.09
C PHE E 1179 -22.59 -38.74 -95.12
N ARG E 1180 -22.95 -39.06 -93.87
CA ARG E 1180 -22.93 -38.11 -92.76
C ARG E 1180 -22.07 -38.68 -91.64
N GLU E 1181 -21.96 -37.89 -90.57
CA GLU E 1181 -21.12 -38.18 -89.39
C GLU E 1181 -19.65 -38.37 -89.77
N ILE E 1182 -19.06 -37.35 -90.39
CA ILE E 1182 -17.64 -37.34 -90.72
C ILE E 1182 -16.95 -36.36 -89.77
N GLU E 1183 -15.91 -36.83 -89.08
CA GLU E 1183 -15.07 -35.95 -88.28
C GLU E 1183 -14.03 -35.26 -89.17
N ILE E 1184 -13.74 -34.00 -88.83
CA ILE E 1184 -12.82 -33.18 -89.63
C ILE E 1184 -11.39 -33.63 -89.43
N GLY E 1185 -10.87 -33.53 -88.21
CA GLY E 1185 -9.55 -34.04 -87.90
C GLY E 1185 -8.47 -33.25 -88.59
N ASP E 1186 -7.84 -33.90 -89.58
CA ASP E 1186 -6.76 -33.33 -90.37
C ASP E 1186 -7.23 -32.62 -91.64
N GLY E 1187 -8.50 -32.72 -92.00
CA GLY E 1187 -9.01 -31.98 -93.14
C GLY E 1187 -9.01 -32.84 -94.40
N PHE E 1188 -9.54 -32.26 -95.47
CA PHE E 1188 -9.67 -33.02 -96.70
C PHE E 1188 -8.69 -32.51 -97.76
N LEU E 1189 -8.51 -33.32 -98.80
CA LEU E 1189 -7.52 -33.09 -99.83
C LEU E 1189 -8.23 -33.36 -101.15
N PRO E 1190 -8.09 -32.50 -102.15
CA PRO E 1190 -8.64 -32.82 -103.49
C PRO E 1190 -7.86 -33.96 -104.14
N VAL E 1191 -8.56 -35.09 -104.34
CA VAL E 1191 -7.92 -36.30 -104.86
C VAL E 1191 -8.60 -36.66 -106.17
N CYS E 1192 -7.84 -37.31 -107.04
CA CYS E 1192 -8.39 -37.94 -108.22
C CYS E 1192 -7.52 -39.13 -108.59
N SER E 1193 -8.09 -40.05 -109.36
CA SER E 1193 -7.33 -41.23 -109.76
C SER E 1193 -7.78 -41.68 -111.14
N LEU E 1194 -6.81 -42.04 -111.97
CA LEU E 1194 -7.04 -42.43 -113.35
C LEU E 1194 -6.38 -43.78 -113.61
N GLY E 1195 -7.10 -44.67 -114.28
CA GLY E 1195 -6.62 -45.99 -114.53
C GLY E 1195 -5.65 -46.09 -115.69
N PRO E 1196 -5.54 -47.28 -116.27
CA PRO E 1196 -4.62 -47.50 -117.40
C PRO E 1196 -5.26 -47.09 -118.73
N GLY E 1197 -4.75 -46.03 -119.33
CA GLY E 1197 -5.04 -45.71 -120.71
C GLY E 1197 -6.27 -44.88 -120.99
N GLN E 1198 -6.60 -43.91 -120.13
CA GLN E 1198 -7.71 -43.00 -120.38
C GLN E 1198 -7.26 -41.56 -120.18
N VAL E 1199 -8.17 -40.62 -120.51
CA VAL E 1199 -7.91 -39.19 -120.46
C VAL E 1199 -8.92 -38.53 -119.52
N GLY E 1200 -8.44 -37.68 -118.62
CA GLY E 1200 -9.30 -36.85 -117.81
C GLY E 1200 -8.51 -35.88 -116.94
N HIS E 1201 -8.93 -34.61 -116.89
CA HIS E 1201 -8.18 -33.58 -116.19
C HIS E 1201 -8.96 -33.08 -114.99
N LEU E 1202 -8.25 -32.40 -114.08
CA LEU E 1202 -8.83 -31.87 -112.87
C LEU E 1202 -9.21 -30.41 -113.13
N ASN E 1203 -10.48 -30.08 -112.94
CA ASN E 1203 -10.96 -28.70 -113.08
C ASN E 1203 -10.69 -27.95 -111.78
N LEU E 1204 -9.75 -27.01 -111.81
CA LEU E 1204 -9.47 -26.24 -110.59
C LEU E 1204 -10.48 -25.12 -110.41
N GLY E 1205 -10.62 -24.25 -111.41
CA GLY E 1205 -11.51 -23.11 -111.30
C GLY E 1205 -10.85 -21.87 -110.76
N GLN E 1206 -9.76 -21.44 -111.41
CA GLN E 1206 -9.05 -20.23 -110.97
C GLN E 1206 -9.86 -18.98 -111.29
N ASP E 1207 -10.19 -18.78 -112.57
CA ASP E 1207 -11.10 -17.74 -113.00
C ASP E 1207 -12.51 -18.29 -112.98
N VAL E 1208 -13.48 -17.42 -112.63
CA VAL E 1208 -14.86 -17.87 -112.45
C VAL E 1208 -15.52 -18.20 -113.78
N SER E 1209 -15.11 -17.51 -114.86
CA SER E 1209 -15.70 -17.77 -116.15
C SER E 1209 -15.23 -19.07 -116.78
N SER E 1210 -14.11 -19.63 -116.30
CA SER E 1210 -13.66 -20.93 -116.78
C SER E 1210 -14.50 -22.07 -116.22
N LEU E 1211 -15.26 -21.84 -115.15
CA LEU E 1211 -16.25 -22.82 -114.72
C LEU E 1211 -17.51 -22.71 -115.57
N ARG E 1212 -18.00 -23.86 -116.04
CA ARG E 1212 -19.18 -23.93 -116.90
C ARG E 1212 -20.44 -24.36 -116.17
N PHE E 1213 -20.37 -25.43 -115.37
CA PHE E 1213 -21.52 -26.00 -114.70
C PHE E 1213 -21.57 -25.68 -113.20
N PHE E 1214 -21.02 -24.54 -112.81
CA PHE E 1214 -21.23 -24.05 -111.45
C PHE E 1214 -22.28 -22.95 -111.38
N ALA E 1215 -22.55 -22.28 -112.49
CA ALA E 1215 -23.59 -21.26 -112.52
C ALA E 1215 -24.99 -21.86 -112.59
N ILE E 1216 -25.10 -23.18 -112.78
CA ILE E 1216 -26.42 -23.83 -112.78
C ILE E 1216 -26.78 -24.29 -111.36
N CYS E 1217 -25.83 -24.91 -110.65
CA CYS E 1217 -26.09 -25.41 -109.30
C CYS E 1217 -25.01 -24.95 -108.34
N GLY E 1218 -25.41 -24.55 -107.14
CA GLY E 1218 -24.49 -24.39 -106.04
C GLY E 1218 -23.81 -23.04 -105.93
N LEU E 1219 -24.15 -22.09 -106.80
CA LEU E 1219 -23.52 -20.77 -106.74
C LEU E 1219 -24.25 -19.86 -105.77
N GLN E 1220 -25.52 -20.15 -105.48
CA GLN E 1220 -26.31 -19.29 -104.62
C GLN E 1220 -26.23 -19.71 -103.15
N GLU E 1221 -26.16 -21.01 -102.88
CA GLU E 1221 -26.26 -21.52 -101.51
C GLU E 1221 -25.00 -21.26 -100.69
N GLY E 1222 -23.88 -20.94 -101.32
CA GLY E 1222 -22.72 -20.45 -100.59
C GLY E 1222 -21.37 -21.06 -100.96
N PHE E 1223 -21.36 -22.08 -101.82
CA PHE E 1223 -20.12 -22.73 -102.18
C PHE E 1223 -19.31 -21.86 -103.14
N GLU E 1224 -18.00 -22.05 -103.07
CA GLU E 1224 -17.01 -21.30 -103.83
C GLU E 1224 -16.00 -22.30 -104.38
N PRO E 1225 -15.36 -22.00 -105.51
CA PRO E 1225 -14.30 -22.88 -106.02
C PRO E 1225 -13.08 -22.86 -105.11
N PHE E 1226 -12.19 -23.83 -105.33
CA PHE E 1226 -11.02 -23.99 -104.47
C PHE E 1226 -10.02 -22.85 -104.65
N ALA E 1227 -9.96 -22.28 -105.85
CA ALA E 1227 -8.97 -21.24 -106.15
C ALA E 1227 -9.64 -19.89 -106.01
N ILE E 1228 -9.77 -19.45 -104.76
CA ILE E 1228 -10.40 -18.15 -104.51
C ILE E 1228 -9.40 -17.01 -104.66
N ASN E 1229 -8.18 -17.17 -104.15
CA ASN E 1229 -7.15 -16.12 -104.17
C ASN E 1229 -5.84 -16.79 -104.56
N MET E 1230 -5.60 -16.92 -105.86
CA MET E 1230 -4.47 -17.68 -106.37
C MET E 1230 -3.60 -16.81 -107.27
N GLN E 1231 -2.34 -16.67 -106.90
CA GLN E 1231 -1.32 -15.95 -107.65
C GLN E 1231 -0.56 -16.84 -108.62
N ARG E 1232 -0.81 -18.14 -108.59
CA ARG E 1232 -0.02 -19.12 -109.33
C ARG E 1232 -0.81 -20.42 -109.42
N PRO E 1233 -0.59 -21.22 -110.46
CA PRO E 1233 -1.27 -22.52 -110.54
C PRO E 1233 -0.75 -23.49 -109.49
N VAL E 1234 -1.64 -24.36 -109.03
CA VAL E 1234 -1.30 -25.31 -107.99
C VAL E 1234 -0.49 -26.45 -108.62
N THR E 1235 0.41 -27.05 -107.83
CA THR E 1235 1.14 -28.24 -108.23
C THR E 1235 0.57 -29.43 -107.48
N THR E 1236 -0.19 -30.27 -108.20
CA THR E 1236 -0.81 -31.46 -107.64
C THR E 1236 0.13 -32.65 -107.85
N TRP E 1237 0.42 -33.37 -106.78
CA TRP E 1237 1.35 -34.48 -106.87
C TRP E 1237 0.67 -35.71 -107.46
N PHE E 1238 1.47 -36.68 -107.89
CA PHE E 1238 0.89 -37.89 -108.45
C PHE E 1238 1.82 -39.08 -108.26
N SER E 1239 1.19 -40.25 -108.08
CA SER E 1239 1.90 -41.49 -107.82
C SER E 1239 2.64 -41.96 -109.06
N LYS E 1240 3.81 -42.56 -108.85
CA LYS E 1240 4.57 -43.11 -109.95
C LYS E 1240 4.56 -44.63 -109.87
N SER E 1241 4.53 -45.26 -111.04
CA SER E 1241 4.71 -46.71 -111.15
C SER E 1241 6.18 -47.11 -111.22
N LEU E 1242 7.09 -46.19 -110.87
CA LEU E 1242 8.48 -46.53 -110.65
C LEU E 1242 8.65 -47.03 -109.22
N PRO E 1243 8.95 -48.31 -109.01
CA PRO E 1243 9.08 -48.81 -107.64
C PRO E 1243 10.48 -48.54 -107.08
N GLN E 1244 10.53 -48.00 -105.87
CA GLN E 1244 11.81 -47.81 -105.21
C GLN E 1244 11.60 -48.02 -103.70
N PHE E 1245 12.59 -47.67 -102.91
CA PHE E 1245 12.73 -48.11 -101.53
C PHE E 1245 12.18 -47.07 -100.56
N GLU E 1246 11.72 -47.55 -99.40
CA GLU E 1246 11.09 -46.72 -98.38
C GLU E 1246 11.34 -47.36 -97.02
N PRO E 1247 11.71 -46.59 -96.00
CA PRO E 1247 12.18 -47.20 -94.74
C PRO E 1247 11.07 -47.86 -93.96
N VAL E 1248 11.48 -48.74 -93.04
CA VAL E 1248 10.59 -49.63 -92.30
C VAL E 1248 9.92 -48.87 -91.16
N PRO E 1249 8.58 -48.83 -91.12
CA PRO E 1249 7.92 -48.27 -89.95
C PRO E 1249 8.00 -49.21 -88.78
N PRO E 1250 8.11 -48.70 -87.54
CA PRO E 1250 8.25 -49.58 -86.37
C PRO E 1250 6.95 -50.27 -85.99
N GLU E 1251 5.84 -49.60 -86.26
CA GLU E 1251 4.52 -50.15 -85.95
C GLU E 1251 3.90 -50.79 -87.19
N HIS E 1252 4.56 -51.84 -87.67
CA HIS E 1252 4.07 -52.58 -88.82
C HIS E 1252 3.48 -53.90 -88.38
N PRO E 1253 2.26 -54.24 -88.80
CA PRO E 1253 1.59 -55.45 -88.29
C PRO E 1253 2.07 -56.75 -88.94
N HIS E 1254 2.99 -56.69 -89.91
CA HIS E 1254 3.45 -57.90 -90.59
C HIS E 1254 4.85 -58.30 -90.17
N TYR E 1255 5.83 -57.42 -90.30
CA TYR E 1255 7.22 -57.78 -90.07
C TYR E 1255 7.84 -56.89 -88.99
N GLU E 1256 8.81 -57.45 -88.28
CA GLU E 1256 9.60 -56.71 -87.30
C GLU E 1256 11.07 -57.07 -87.45
N VAL E 1257 11.92 -56.11 -87.10
CA VAL E 1257 13.37 -56.31 -87.00
C VAL E 1257 13.84 -55.75 -85.67
N ALA E 1258 14.98 -56.24 -85.20
CA ALA E 1258 15.57 -55.83 -83.93
C ALA E 1258 17.06 -56.13 -83.96
N ARG E 1259 17.84 -55.34 -83.23
CA ARG E 1259 19.28 -55.55 -83.11
C ARG E 1259 19.61 -56.17 -81.76
N MET E 1260 20.58 -57.10 -81.78
CA MET E 1260 21.00 -57.80 -80.57
C MET E 1260 22.03 -56.98 -79.81
N ASP E 1261 22.44 -57.50 -78.66
CA ASP E 1261 23.51 -56.93 -77.86
C ASP E 1261 24.85 -57.50 -78.30
N GLY E 1262 25.92 -57.01 -77.68
CA GLY E 1262 27.25 -57.43 -78.04
C GLY E 1262 27.86 -58.42 -77.06
N THR E 1263 28.01 -59.66 -77.50
CA THR E 1263 28.71 -60.68 -76.73
C THR E 1263 30.10 -60.89 -77.31
N VAL E 1264 30.84 -61.79 -76.67
CA VAL E 1264 32.17 -62.17 -77.17
C VAL E 1264 32.04 -63.29 -78.18
N ASP E 1265 31.19 -64.29 -77.90
CA ASP E 1265 31.05 -65.44 -78.78
C ASP E 1265 30.29 -65.08 -80.05
N THR E 1266 29.24 -64.28 -79.94
CA THR E 1266 28.48 -63.79 -81.09
C THR E 1266 28.50 -62.27 -81.10
N PRO E 1267 28.85 -61.64 -82.22
CA PRO E 1267 28.93 -60.17 -82.27
C PRO E 1267 27.56 -59.53 -82.26
N PRO E 1268 27.47 -58.19 -82.01
CA PRO E 1268 26.16 -57.53 -82.07
C PRO E 1268 25.62 -57.43 -83.49
N CYS E 1269 24.53 -58.14 -83.76
CA CYS E 1269 23.98 -58.24 -85.11
C CYS E 1269 22.48 -57.95 -85.05
N LEU E 1270 21.81 -58.24 -86.16
CA LEU E 1270 20.38 -58.01 -86.30
C LEU E 1270 19.76 -59.21 -87.02
N ARG E 1271 18.46 -59.41 -86.84
CA ARG E 1271 17.73 -60.40 -87.64
C ARG E 1271 16.28 -59.95 -87.79
N LEU E 1272 15.49 -60.77 -88.49
CA LEU E 1272 14.10 -60.50 -88.80
C LEU E 1272 13.22 -61.53 -88.09
N ALA E 1273 11.99 -61.14 -87.75
CA ALA E 1273 11.03 -62.04 -87.12
C ALA E 1273 9.62 -61.72 -87.59
N HIS E 1274 8.81 -62.75 -87.70
CA HIS E 1274 7.41 -62.63 -88.10
C HIS E 1274 6.52 -63.15 -86.97
N ARG E 1275 5.54 -62.33 -86.57
CA ARG E 1275 4.64 -62.70 -85.49
C ARG E 1275 3.27 -63.17 -85.98
N THR E 1276 2.72 -62.51 -87.00
CA THR E 1276 1.43 -62.94 -87.56
C THR E 1276 1.69 -63.95 -88.68
N TRP E 1277 2.23 -65.10 -88.28
CA TRP E 1277 2.46 -66.21 -89.20
C TRP E 1277 1.24 -67.09 -89.38
N GLY E 1278 0.40 -67.22 -88.37
CA GLY E 1278 -0.69 -68.17 -88.37
C GLY E 1278 -1.91 -67.70 -89.13
N SER E 1279 -3.06 -67.71 -88.47
CA SER E 1279 -4.33 -67.42 -89.12
C SER E 1279 -4.56 -65.93 -89.31
N GLN E 1280 -5.81 -65.57 -89.62
CA GLN E 1280 -6.29 -64.20 -89.79
C GLN E 1280 -5.58 -63.50 -90.94
N ASN E 1281 -5.60 -64.16 -92.11
CA ASN E 1281 -5.19 -63.61 -93.41
C ASN E 1281 -3.74 -63.13 -93.40
N SER E 1282 -2.82 -64.09 -93.23
CA SER E 1282 -1.39 -63.80 -93.27
C SER E 1282 -0.89 -64.01 -94.69
N LEU E 1283 -0.89 -62.92 -95.47
CA LEU E 1283 -0.33 -62.92 -96.82
C LEU E 1283 1.15 -62.59 -96.69
N VAL E 1284 2.01 -63.58 -96.95
CA VAL E 1284 3.45 -63.40 -96.94
C VAL E 1284 3.96 -63.56 -98.37
N GLU E 1285 4.92 -62.72 -98.75
CA GLU E 1285 5.46 -62.66 -100.10
C GLU E 1285 6.96 -62.42 -99.97
N MET E 1286 7.69 -62.61 -101.09
CA MET E 1286 9.15 -62.45 -101.11
C MET E 1286 9.58 -61.04 -100.74
N LEU E 1287 10.19 -60.90 -99.57
CA LEU E 1287 10.75 -59.63 -99.14
C LEU E 1287 12.09 -59.38 -99.81
N PHE E 1288 12.45 -58.11 -99.90
CA PHE E 1288 13.72 -57.70 -100.50
C PHE E 1288 14.44 -56.80 -99.48
N LEU E 1289 15.15 -57.43 -98.55
CA LEU E 1289 15.87 -56.69 -97.53
C LEU E 1289 17.13 -56.08 -98.12
N ARG E 1290 17.56 -54.98 -97.50
CA ARG E 1290 18.72 -54.22 -97.94
C ARG E 1290 19.16 -53.39 -96.74
N LEU E 1291 20.46 -53.15 -96.62
CA LEU E 1291 20.97 -52.13 -95.71
C LEU E 1291 21.32 -50.89 -96.52
N SER E 1292 20.88 -49.72 -96.03
CA SER E 1292 20.74 -48.52 -96.83
C SER E 1292 22.04 -47.77 -97.08
N LEU E 1293 23.20 -48.34 -96.77
CA LEU E 1293 24.44 -47.62 -97.00
C LEU E 1293 25.39 -48.43 -97.87
N PRO E 1294 26.08 -47.76 -98.81
CA PRO E 1294 26.89 -48.50 -99.79
C PRO E 1294 28.37 -48.61 -99.42
N VAL E 1295 29.13 -49.32 -100.25
CA VAL E 1295 30.58 -49.33 -100.18
C VAL E 1295 31.12 -49.02 -101.57
N GLN E 1296 31.84 -47.91 -101.69
CA GLN E 1296 32.49 -47.52 -102.94
C GLN E 1296 33.93 -48.04 -102.95
N PHE E 1297 34.36 -48.51 -104.11
CA PHE E 1297 35.59 -49.30 -104.24
C PHE E 1297 36.80 -48.37 -104.41
N HIS E 1298 37.98 -48.98 -104.60
CA HIS E 1298 39.16 -48.21 -104.99
C HIS E 1298 39.07 -47.86 -106.47
N GLN E 1299 39.73 -46.77 -106.82
CA GLN E 1299 39.54 -46.11 -108.09
C GLN E 1299 40.42 -46.67 -109.21
N HIS E 1300 41.74 -46.62 -109.04
CA HIS E 1300 42.68 -47.27 -109.93
C HIS E 1300 43.36 -48.40 -109.19
N PHE E 1301 43.31 -49.60 -109.75
CA PHE E 1301 43.68 -50.82 -109.05
C PHE E 1301 45.21 -50.93 -108.93
N ARG E 1302 45.66 -51.98 -108.23
CA ARG E 1302 47.09 -52.14 -107.97
C ARG E 1302 47.85 -52.58 -109.21
N CYS E 1303 47.18 -53.22 -110.16
CA CYS E 1303 47.73 -53.75 -111.43
C CYS E 1303 48.90 -54.70 -111.20
N ASP E 1422 45.46 -62.65 -85.19
CA ASP E 1422 46.62 -62.68 -86.08
C ASP E 1422 47.63 -61.60 -85.72
N ASP E 1423 48.65 -61.45 -86.56
CA ASP E 1423 49.58 -60.35 -86.38
C ASP E 1423 48.94 -59.04 -86.84
N PRO E 1424 49.23 -57.91 -86.16
CA PRO E 1424 48.63 -56.65 -86.60
C PRO E 1424 49.23 -56.09 -87.88
N GLU E 1425 50.39 -56.59 -88.33
CA GLU E 1425 51.07 -56.03 -89.49
C GLU E 1425 50.47 -56.45 -90.82
N ILE E 1426 49.69 -57.53 -90.86
CA ILE E 1426 49.11 -57.99 -92.13
C ILE E 1426 47.69 -57.52 -92.33
N ILE E 1427 47.01 -57.05 -91.27
CA ILE E 1427 45.63 -56.59 -91.40
C ILE E 1427 45.54 -55.12 -91.80
N LEU E 1428 46.57 -54.32 -91.48
CA LEU E 1428 46.53 -52.88 -91.69
C LEU E 1428 46.62 -52.47 -93.16
N ASN E 1429 47.27 -53.29 -94.01
CA ASN E 1429 47.53 -52.88 -95.39
C ASN E 1429 46.52 -53.41 -96.39
N THR E 1430 45.89 -54.55 -96.14
CA THR E 1430 44.99 -55.13 -97.12
C THR E 1430 43.59 -54.54 -97.00
N THR E 1431 42.86 -54.57 -98.11
CA THR E 1431 41.49 -54.05 -98.18
C THR E 1431 40.58 -55.18 -98.62
N THR E 1432 40.15 -56.00 -97.65
CA THR E 1432 39.12 -56.99 -97.92
C THR E 1432 38.26 -57.14 -96.67
N TYR E 1433 36.96 -57.18 -96.87
CA TYR E 1433 35.97 -57.17 -95.79
C TYR E 1433 34.83 -58.12 -96.14
N TYR E 1434 34.43 -58.93 -95.17
CA TYR E 1434 33.55 -60.07 -95.40
C TYR E 1434 32.36 -60.02 -94.46
N TYR E 1435 31.19 -60.34 -94.98
CA TYR E 1435 30.00 -60.52 -94.15
C TYR E 1435 29.23 -61.72 -94.69
N SER E 1436 28.21 -62.13 -93.95
CA SER E 1436 27.47 -63.33 -94.31
C SER E 1436 26.02 -63.18 -93.93
N VAL E 1437 25.23 -64.19 -94.31
CA VAL E 1437 23.88 -64.39 -93.79
C VAL E 1437 23.84 -65.83 -93.32
N ARG E 1438 22.99 -66.12 -92.35
CA ARG E 1438 22.79 -67.50 -91.91
C ARG E 1438 21.29 -67.74 -91.79
N VAL E 1439 20.75 -68.54 -92.72
CA VAL E 1439 19.32 -68.84 -92.72
C VAL E 1439 19.02 -69.82 -91.59
N PHE E 1440 17.95 -69.56 -90.85
CA PHE E 1440 17.56 -70.41 -89.74
C PHE E 1440 16.96 -71.71 -90.27
N ALA E 1441 16.67 -72.63 -89.35
CA ALA E 1441 16.22 -73.95 -89.71
C ALA E 1441 14.74 -73.94 -90.10
N GLY E 1442 14.37 -74.89 -90.95
CA GLY E 1442 13.00 -75.05 -91.39
C GLY E 1442 12.57 -74.18 -92.54
N GLN E 1443 13.49 -73.47 -93.19
CA GLN E 1443 13.16 -72.58 -94.29
C GLN E 1443 13.68 -73.13 -95.61
N GLU E 1444 13.06 -72.68 -96.70
CA GLU E 1444 13.47 -73.10 -98.04
C GLU E 1444 14.76 -72.41 -98.44
N PRO E 1445 15.86 -73.15 -98.63
CA PRO E 1445 17.10 -72.52 -99.07
C PRO E 1445 17.16 -72.25 -100.56
N SER E 1446 16.18 -72.74 -101.30
CA SER E 1446 16.16 -72.56 -102.75
C SER E 1446 15.73 -71.17 -103.18
N CYS E 1447 15.04 -70.42 -102.31
CA CYS E 1447 14.59 -69.08 -102.64
C CYS E 1447 15.37 -68.01 -101.88
N VAL E 1448 16.59 -68.32 -101.46
CA VAL E 1448 17.46 -67.38 -100.76
C VAL E 1448 18.51 -66.89 -101.73
N TRP E 1449 18.58 -65.58 -101.94
CA TRP E 1449 19.51 -65.00 -102.90
C TRP E 1449 20.30 -63.90 -102.21
N VAL E 1450 21.63 -64.09 -102.13
CA VAL E 1450 22.50 -63.31 -101.26
C VAL E 1450 23.54 -62.61 -102.11
N GLY E 1451 23.72 -61.31 -101.87
CA GLY E 1451 24.78 -60.57 -102.54
C GLY E 1451 24.67 -59.07 -102.42
N TRP E 1452 25.04 -58.35 -103.48
CA TRP E 1452 25.05 -56.90 -103.46
C TRP E 1452 24.34 -56.34 -104.68
N VAL E 1453 23.52 -55.31 -104.45
CA VAL E 1453 22.71 -54.68 -105.49
C VAL E 1453 23.08 -53.21 -105.58
N THR E 1454 23.31 -52.73 -106.80
CA THR E 1454 23.59 -51.34 -107.08
C THR E 1454 22.32 -50.50 -106.94
N PRO E 1455 22.45 -49.17 -106.85
CA PRO E 1455 21.26 -48.30 -106.93
C PRO E 1455 20.46 -48.39 -108.23
N ASP E 1456 21.01 -48.93 -109.32
CA ASP E 1456 20.26 -49.10 -110.57
C ASP E 1456 19.34 -50.32 -110.47
N TYR E 1457 18.29 -50.19 -109.65
CA TYR E 1457 17.35 -51.27 -109.37
C TYR E 1457 16.00 -50.65 -109.10
N HIS E 1458 15.08 -50.72 -110.06
CA HIS E 1458 13.77 -50.11 -109.97
C HIS E 1458 12.68 -51.08 -110.40
N GLN E 1459 12.74 -52.33 -109.92
CA GLN E 1459 11.82 -53.37 -110.35
C GLN E 1459 11.29 -54.14 -109.15
N HIS E 1460 10.06 -54.64 -109.30
CA HIS E 1460 9.41 -55.46 -108.27
C HIS E 1460 8.40 -56.37 -108.93
N ASP E 1461 8.64 -57.68 -108.89
CA ASP E 1461 7.67 -58.68 -109.28
C ASP E 1461 7.72 -59.78 -108.22
N MET E 1462 6.70 -60.64 -108.21
CA MET E 1462 6.46 -61.54 -107.08
C MET E 1462 7.31 -62.81 -107.09
N ASN E 1463 7.90 -63.20 -108.22
CA ASN E 1463 8.71 -64.42 -108.25
C ASN E 1463 10.01 -64.21 -109.03
N PHE E 1464 10.76 -63.16 -108.69
CA PHE E 1464 12.07 -62.95 -109.28
C PHE E 1464 13.06 -64.04 -108.90
N ASP E 1465 14.08 -64.23 -109.74
CA ASP E 1465 15.18 -65.16 -109.50
C ASP E 1465 16.38 -64.70 -110.32
N LEU E 1466 17.44 -65.52 -110.33
CA LEU E 1466 18.66 -65.18 -111.07
C LEU E 1466 18.63 -65.60 -112.52
N SER E 1467 17.54 -66.15 -113.02
CA SER E 1467 17.35 -66.25 -114.46
C SER E 1467 16.73 -64.99 -115.03
N LYS E 1468 15.98 -64.25 -114.21
CA LYS E 1468 15.37 -62.97 -114.58
C LYS E 1468 16.21 -61.77 -114.11
N VAL E 1469 17.51 -61.76 -114.37
CA VAL E 1469 18.34 -60.60 -114.07
C VAL E 1469 19.18 -60.27 -115.29
N ARG E 1470 19.43 -58.98 -115.50
CA ARG E 1470 20.01 -58.50 -116.74
C ARG E 1470 21.46 -58.07 -116.55
N ALA E 1471 22.30 -58.43 -117.52
CA ALA E 1471 23.72 -58.07 -117.54
C ALA E 1471 24.11 -57.85 -118.98
N VAL E 1472 24.81 -56.75 -119.26
CA VAL E 1472 25.12 -56.34 -120.62
C VAL E 1472 26.63 -56.44 -120.82
N THR E 1473 27.02 -57.23 -121.81
CA THR E 1473 28.43 -57.42 -122.13
C THR E 1473 28.92 -56.26 -122.99
N VAL E 1474 29.85 -55.48 -122.44
CA VAL E 1474 30.48 -54.37 -123.14
C VAL E 1474 31.91 -54.77 -123.45
N THR E 1475 32.30 -54.61 -124.71
CA THR E 1475 33.67 -54.79 -125.15
C THR E 1475 33.96 -53.84 -126.30
N MET E 1476 35.19 -53.36 -126.37
CA MET E 1476 35.65 -52.51 -127.46
C MET E 1476 37.01 -52.99 -127.93
N GLY E 1477 37.41 -52.54 -129.11
CA GLY E 1477 38.66 -52.98 -129.68
C GLY E 1477 39.18 -52.11 -130.80
N ASP E 1478 39.88 -52.72 -131.74
CA ASP E 1478 40.47 -52.04 -132.88
C ASP E 1478 39.55 -52.12 -134.08
N GLU E 1479 39.96 -51.47 -135.18
CA GLU E 1479 39.16 -51.44 -136.39
C GLU E 1479 39.24 -52.74 -137.18
N GLN E 1480 40.29 -53.53 -136.97
CA GLN E 1480 40.43 -54.79 -137.70
C GLN E 1480 39.56 -55.89 -137.13
N GLY E 1481 39.11 -55.77 -135.89
CA GLY E 1481 38.25 -56.77 -135.27
C GLY E 1481 38.78 -57.37 -133.98
N ASN E 1482 40.00 -57.06 -133.59
CA ASN E 1482 40.60 -57.62 -132.37
C ASN E 1482 39.99 -56.99 -131.13
N VAL E 1483 40.06 -57.72 -130.01
CA VAL E 1483 39.44 -57.29 -128.78
C VAL E 1483 40.50 -56.62 -127.91
N HIS E 1484 40.05 -55.70 -127.05
CA HIS E 1484 40.94 -55.03 -126.11
C HIS E 1484 40.62 -55.35 -124.65
N SER E 1485 39.39 -55.10 -124.21
CA SER E 1485 38.98 -55.41 -122.86
C SER E 1485 37.48 -55.71 -122.87
N SER E 1486 37.04 -56.43 -121.84
CA SER E 1486 35.65 -56.86 -121.74
C SER E 1486 35.08 -56.39 -120.41
N LEU E 1487 33.83 -55.95 -120.44
CA LEU E 1487 33.22 -55.28 -119.31
C LEU E 1487 31.77 -55.75 -119.15
N LYS E 1488 31.39 -56.08 -117.92
CA LYS E 1488 30.05 -56.55 -117.60
C LYS E 1488 29.35 -55.55 -116.69
N CYS E 1489 28.28 -54.92 -117.18
CA CYS E 1489 27.47 -54.01 -116.39
C CYS E 1489 26.20 -54.73 -115.95
N SER E 1490 26.13 -55.06 -114.66
CA SER E 1490 24.96 -55.71 -114.11
C SER E 1490 24.50 -54.94 -112.87
N ASN E 1491 23.32 -55.34 -112.37
CA ASN E 1491 22.75 -54.74 -111.18
C ASN E 1491 22.59 -55.73 -110.04
N CYS E 1492 22.66 -57.03 -110.30
CA CYS E 1492 22.37 -58.06 -109.31
C CYS E 1492 23.55 -59.03 -109.28
N TYR E 1493 24.59 -58.68 -108.52
CA TYR E 1493 25.77 -59.54 -108.37
C TYR E 1493 25.62 -60.46 -107.16
N MET E 1494 24.64 -61.35 -107.25
CA MET E 1494 24.28 -62.23 -106.15
C MET E 1494 24.31 -63.70 -106.60
N VAL E 1495 24.18 -64.61 -105.63
CA VAL E 1495 24.11 -66.04 -105.90
C VAL E 1495 22.84 -66.69 -105.38
N TRP E 1496 22.78 -68.01 -105.52
CA TRP E 1496 21.65 -68.84 -105.13
C TRP E 1496 22.01 -69.56 -103.84
N GLY E 1497 21.10 -69.48 -102.86
CA GLY E 1497 21.35 -70.14 -101.58
C GLY E 1497 21.23 -71.64 -101.66
N GLY E 1498 20.45 -72.14 -102.60
CA GLY E 1498 20.30 -73.56 -102.85
C GLY E 1498 21.23 -74.13 -103.88
N ASP E 1499 22.32 -73.43 -104.22
CA ASP E 1499 23.23 -73.93 -105.24
C ASP E 1499 24.10 -75.08 -104.73
N PHE E 1500 24.57 -74.98 -103.48
CA PHE E 1500 25.36 -76.03 -102.88
C PHE E 1500 24.55 -76.88 -101.92
N VAL E 1501 23.44 -76.35 -101.40
CA VAL E 1501 22.58 -77.05 -100.47
C VAL E 1501 21.83 -78.19 -101.15
N ILE E 1509 13.60 -79.89 -94.63
CA ILE E 1509 13.54 -80.09 -93.19
C ILE E 1509 14.95 -80.25 -92.61
N SER E 1510 15.85 -79.34 -92.96
CA SER E 1510 17.20 -79.38 -92.41
C SER E 1510 17.19 -78.93 -90.96
N HIS E 1511 18.00 -79.58 -90.13
CA HIS E 1511 18.01 -79.30 -88.71
C HIS E 1511 19.10 -78.33 -88.28
N THR E 1512 20.13 -78.14 -89.09
CA THR E 1512 21.24 -77.26 -88.77
C THR E 1512 21.30 -76.11 -89.78
N ASP E 1513 21.53 -74.91 -89.28
CA ASP E 1513 21.60 -73.71 -90.09
C ASP E 1513 22.81 -73.69 -91.02
N LEU E 1514 22.71 -72.92 -92.10
CA LEU E 1514 23.66 -72.89 -93.20
C LEU E 1514 24.08 -71.44 -93.46
N VAL E 1515 25.31 -71.27 -93.96
CA VAL E 1515 25.97 -69.97 -94.04
C VAL E 1515 26.29 -69.64 -95.50
N ILE E 1516 25.87 -68.45 -95.94
CA ILE E 1516 26.26 -67.89 -97.23
C ILE E 1516 26.91 -66.54 -96.98
N GLY E 1517 28.15 -66.37 -97.46
CA GLY E 1517 28.91 -65.17 -97.21
C GLY E 1517 29.19 -64.40 -98.49
N CYS E 1518 29.61 -63.14 -98.30
CA CYS E 1518 30.11 -62.30 -99.39
C CYS E 1518 31.32 -61.53 -98.89
N LEU E 1519 32.41 -61.55 -99.65
CA LEU E 1519 33.60 -60.78 -99.35
C LEU E 1519 33.88 -59.81 -100.48
N VAL E 1520 34.28 -58.58 -100.14
CA VAL E 1520 34.62 -57.56 -101.10
C VAL E 1520 36.08 -57.18 -100.92
N ASP E 1521 36.91 -57.49 -101.91
CA ASP E 1521 38.29 -57.01 -101.96
C ASP E 1521 38.30 -55.71 -102.74
N LEU E 1522 38.57 -54.60 -102.05
CA LEU E 1522 38.40 -53.28 -102.63
C LEU E 1522 39.57 -52.88 -103.54
N ALA E 1523 40.74 -53.48 -103.38
CA ALA E 1523 41.91 -53.05 -104.13
C ALA E 1523 41.88 -53.54 -105.58
N THR E 1524 41.41 -54.77 -105.82
CA THR E 1524 41.33 -55.31 -107.18
C THR E 1524 39.90 -55.47 -107.69
N GLY E 1525 38.92 -55.59 -106.80
CA GLY E 1525 37.52 -55.56 -107.20
C GLY E 1525 36.90 -56.91 -107.48
N LEU E 1526 37.60 -58.01 -107.24
CA LEU E 1526 37.07 -59.34 -107.53
C LEU E 1526 36.31 -59.87 -106.31
N MET E 1527 35.11 -60.39 -106.56
CA MET E 1527 34.21 -60.82 -105.50
C MET E 1527 33.80 -62.29 -105.72
N THR E 1528 34.53 -63.19 -105.08
CA THR E 1528 34.17 -64.61 -105.01
C THR E 1528 33.56 -64.90 -103.64
N PHE E 1529 32.36 -65.48 -103.64
CA PHE E 1529 31.58 -65.61 -102.42
C PHE E 1529 31.81 -67.00 -101.84
N THR E 1530 31.82 -67.10 -100.51
CA THR E 1530 32.16 -68.31 -99.76
C THR E 1530 30.93 -68.83 -99.03
N ALA E 1531 30.82 -70.16 -98.91
CA ALA E 1531 29.71 -70.80 -98.23
C ALA E 1531 30.23 -71.88 -97.28
N ASN E 1532 29.92 -71.70 -95.99
CA ASN E 1532 30.28 -72.63 -94.90
C ASN E 1532 31.78 -72.89 -94.82
N GLY E 1533 32.58 -71.85 -95.04
CA GLY E 1533 34.02 -71.96 -94.96
C GLY E 1533 34.69 -72.51 -96.20
N LYS E 1534 33.94 -72.80 -97.26
CA LYS E 1534 34.50 -73.28 -98.50
C LYS E 1534 34.00 -72.43 -99.66
N GLU E 1535 34.87 -72.23 -100.65
CA GLU E 1535 34.61 -71.31 -101.73
C GLU E 1535 33.79 -71.98 -102.85
N SER E 1536 32.93 -71.17 -103.48
CA SER E 1536 32.10 -71.60 -104.58
C SER E 1536 32.81 -71.26 -105.90
N ASN E 1537 32.07 -71.34 -107.02
CA ASN E 1537 32.68 -71.21 -108.35
C ASN E 1537 32.45 -69.86 -109.01
N THR E 1538 31.34 -69.19 -108.74
CA THR E 1538 30.93 -68.02 -109.50
C THR E 1538 31.73 -66.78 -109.06
N PHE E 1539 32.30 -66.08 -110.05
CA PHE E 1539 33.02 -64.84 -109.82
C PHE E 1539 32.41 -63.72 -110.66
N PHE E 1540 32.52 -62.49 -110.17
CA PHE E 1540 32.11 -61.32 -110.94
C PHE E 1540 33.01 -60.15 -110.60
N GLN E 1541 33.16 -59.24 -111.57
CA GLN E 1541 33.94 -58.02 -111.43
C GLN E 1541 33.08 -56.85 -111.87
N VAL E 1542 33.33 -55.68 -111.29
CA VAL E 1542 32.52 -54.50 -111.54
C VAL E 1542 33.45 -53.34 -111.87
N GLU E 1543 32.89 -52.32 -112.53
CA GLU E 1543 33.58 -51.06 -112.75
C GLU E 1543 33.91 -50.41 -111.40
N PRO E 1544 35.03 -49.68 -111.30
CA PRO E 1544 35.49 -49.24 -109.98
C PRO E 1544 34.62 -48.17 -109.34
N ASN E 1545 34.14 -47.20 -110.13
CA ASN E 1545 33.38 -46.07 -109.57
C ASN E 1545 31.88 -46.31 -109.68
N THR E 1546 31.46 -47.47 -109.14
CA THR E 1546 30.06 -47.73 -108.86
C THR E 1546 29.95 -48.06 -107.39
N LYS E 1547 28.72 -48.17 -106.88
CA LYS E 1547 28.52 -48.62 -105.52
C LYS E 1547 27.47 -49.73 -105.44
N LEU E 1548 27.56 -50.51 -104.37
CA LEU E 1548 26.76 -51.72 -104.20
C LEU E 1548 26.13 -51.65 -102.81
N PHE E 1549 24.84 -51.98 -102.71
CA PHE E 1549 24.17 -52.03 -101.42
C PHE E 1549 24.12 -53.47 -100.94
N PRO E 1550 24.33 -53.76 -99.66
CA PRO E 1550 24.17 -55.14 -99.16
C PRO E 1550 22.70 -55.50 -99.08
N ALA E 1551 22.29 -56.53 -99.84
CA ALA E 1551 20.88 -56.85 -100.00
C ALA E 1551 20.66 -58.34 -100.20
N VAL E 1552 19.57 -58.86 -99.64
CA VAL E 1552 19.12 -60.23 -99.85
C VAL E 1552 17.67 -60.21 -100.30
N PHE E 1553 17.32 -61.19 -101.14
CA PHE E 1553 15.94 -61.38 -101.59
C PHE E 1553 15.48 -62.74 -101.07
N VAL E 1554 14.64 -62.74 -100.04
CA VAL E 1554 14.23 -63.97 -99.35
C VAL E 1554 12.72 -63.98 -99.17
N LEU E 1555 12.07 -65.06 -99.62
CA LEU E 1555 10.72 -65.39 -99.20
C LEU E 1555 10.80 -66.19 -97.90
N PRO E 1556 10.23 -65.70 -96.79
CA PRO E 1556 10.24 -66.48 -95.54
C PRO E 1556 9.15 -67.55 -95.53
N THR E 1557 9.49 -68.75 -95.06
CA THR E 1557 8.51 -69.82 -94.90
C THR E 1557 8.31 -70.22 -93.45
N HIS E 1558 8.78 -69.40 -92.50
CA HIS E 1558 8.35 -69.41 -91.11
C HIS E 1558 8.69 -68.04 -90.52
N GLN E 1559 8.87 -67.98 -89.20
CA GLN E 1559 8.91 -66.71 -88.49
C GLN E 1559 10.27 -66.02 -88.58
N ASN E 1560 11.28 -66.58 -87.93
CA ASN E 1560 12.60 -65.97 -87.84
C ASN E 1560 13.55 -66.69 -88.81
N VAL E 1561 13.95 -65.98 -89.86
CA VAL E 1561 14.57 -66.61 -91.02
C VAL E 1561 15.95 -66.02 -91.30
N ILE E 1562 16.01 -64.72 -91.57
CA ILE E 1562 17.20 -64.04 -92.08
C ILE E 1562 17.99 -63.51 -90.90
N GLN E 1563 19.29 -63.79 -90.86
CA GLN E 1563 20.16 -63.28 -89.80
C GLN E 1563 21.47 -62.82 -90.44
N PHE E 1564 21.61 -61.52 -90.62
CA PHE E 1564 22.89 -60.95 -91.00
C PHE E 1564 23.84 -61.05 -89.82
N GLU E 1565 25.13 -61.14 -90.09
CA GLU E 1565 26.12 -61.22 -89.03
C GLU E 1565 27.12 -60.09 -89.18
N LEU E 1566 27.32 -59.34 -88.09
CA LEU E 1566 28.33 -58.29 -88.03
C LEU E 1566 29.62 -58.84 -87.42
N GLY E 1567 30.14 -59.90 -88.03
CA GLY E 1567 31.27 -60.63 -87.50
C GLY E 1567 32.46 -60.63 -88.43
N LYS E 1568 33.55 -61.18 -87.90
CA LYS E 1568 34.82 -61.21 -88.62
C LYS E 1568 35.65 -62.37 -88.08
N GLN E 1569 36.35 -63.06 -88.98
CA GLN E 1569 37.24 -64.14 -88.59
C GLN E 1569 38.67 -63.59 -88.39
N LYS E 1570 39.64 -64.51 -88.24
CA LYS E 1570 40.95 -64.18 -87.69
C LYS E 1570 41.87 -63.43 -88.65
N ASN E 1571 41.48 -63.25 -89.90
CA ASN E 1571 42.33 -62.56 -90.86
C ASN E 1571 41.61 -61.52 -91.70
N ILE E 1572 40.30 -61.34 -91.52
CA ILE E 1572 39.51 -60.44 -92.34
C ILE E 1572 38.72 -59.52 -91.43
N MET E 1573 38.79 -58.21 -91.72
CA MET E 1573 38.13 -57.09 -91.04
C MET E 1573 36.62 -57.10 -91.34
N PRO E 1574 35.77 -56.55 -90.44
CA PRO E 1574 34.33 -56.48 -90.75
C PRO E 1574 33.92 -55.32 -91.66
N LEU E 1575 32.61 -55.12 -91.83
CA LEU E 1575 32.09 -54.05 -92.68
C LEU E 1575 32.19 -52.67 -92.04
N SER E 1576 32.34 -52.61 -90.71
CA SER E 1576 32.36 -51.32 -90.02
C SER E 1576 33.61 -50.52 -90.35
N ALA E 1577 34.69 -51.19 -90.77
CA ALA E 1577 35.89 -50.47 -91.17
C ALA E 1577 35.70 -49.78 -92.52
N ALA E 1578 35.06 -50.46 -93.46
CA ALA E 1578 34.76 -49.87 -94.76
C ALA E 1578 33.50 -49.02 -94.74
N MET E 1579 32.85 -48.91 -93.58
CA MET E 1579 31.64 -48.08 -93.48
C MET E 1579 31.94 -46.61 -93.75
N PHE E 1580 32.69 -45.96 -92.86
CA PHE E 1580 32.99 -44.53 -92.95
C PHE E 1580 34.50 -44.32 -92.79
N LEU E 1581 34.90 -43.06 -92.59
CA LEU E 1581 36.32 -42.72 -92.58
C LEU E 1581 36.94 -42.83 -91.18
N SER E 1582 36.17 -42.54 -90.13
CA SER E 1582 36.73 -42.32 -88.81
C SER E 1582 37.07 -43.59 -88.04
N GLU E 1583 36.92 -44.78 -88.64
CA GLU E 1583 37.07 -46.01 -87.85
C GLU E 1583 37.71 -47.14 -88.65
N ARG E 1584 38.47 -46.83 -89.69
CA ARG E 1584 38.83 -47.82 -90.71
C ARG E 1584 39.84 -48.87 -90.21
N LYS E 1585 40.61 -48.57 -89.15
CA LYS E 1585 41.65 -49.50 -88.69
C LYS E 1585 41.45 -49.94 -87.25
N ASN E 1586 40.20 -50.08 -86.79
CA ASN E 1586 39.91 -50.62 -85.47
C ASN E 1586 39.04 -51.86 -85.65
N PRO E 1587 39.45 -53.04 -85.16
CA PRO E 1587 38.70 -54.26 -85.48
C PRO E 1587 37.54 -54.59 -84.55
N ALA E 1588 36.96 -53.59 -83.88
CA ALA E 1588 35.79 -53.83 -83.02
C ALA E 1588 34.51 -53.71 -83.83
N PRO E 1589 33.75 -54.79 -84.01
CA PRO E 1589 32.54 -54.73 -84.85
C PRO E 1589 31.31 -54.39 -84.03
N GLN E 1590 30.76 -53.19 -84.25
CA GLN E 1590 29.49 -52.81 -83.65
C GLN E 1590 28.61 -52.21 -84.74
N CYS E 1591 27.30 -52.29 -84.53
CA CYS E 1591 26.32 -51.90 -85.54
C CYS E 1591 25.51 -50.71 -85.05
N PRO E 1592 25.55 -49.58 -85.76
CA PRO E 1592 24.76 -48.41 -85.34
C PRO E 1592 23.32 -48.52 -85.81
N PRO E 1593 22.41 -47.78 -85.18
CA PRO E 1593 21.02 -47.73 -85.70
C PRO E 1593 20.85 -46.87 -86.95
N ARG E 1594 21.92 -46.24 -87.45
CA ARG E 1594 21.85 -45.62 -88.78
C ARG E 1594 21.62 -46.67 -89.85
N LEU E 1595 22.30 -47.81 -89.75
CA LEU E 1595 22.06 -48.92 -90.68
C LEU E 1595 20.93 -49.79 -90.12
N GLU E 1596 19.77 -49.71 -90.76
CA GLU E 1596 18.66 -50.62 -90.51
C GLU E 1596 18.21 -51.18 -91.85
N VAL E 1597 17.23 -52.06 -91.81
CA VAL E 1597 16.83 -52.77 -93.03
C VAL E 1597 16.04 -51.85 -93.95
N GLN E 1598 16.04 -52.19 -95.24
CA GLN E 1598 15.43 -51.37 -96.27
C GLN E 1598 14.57 -52.26 -97.16
N MET E 1599 13.32 -51.85 -97.35
CA MET E 1599 12.37 -52.65 -98.12
C MET E 1599 11.70 -51.77 -99.17
N LEU E 1600 11.66 -52.30 -100.39
CA LEU E 1600 11.06 -51.60 -101.52
C LEU E 1600 9.55 -51.84 -101.51
N MET E 1601 8.79 -50.75 -101.51
CA MET E 1601 7.34 -50.75 -101.77
C MET E 1601 7.06 -50.13 -103.13
N PRO E 1602 6.13 -50.67 -103.93
CA PRO E 1602 6.06 -50.30 -105.35
C PRO E 1602 5.44 -48.94 -105.63
N VAL E 1603 5.22 -48.06 -104.66
CA VAL E 1603 4.58 -46.78 -104.94
C VAL E 1603 5.22 -45.70 -104.05
N SER E 1604 5.36 -44.50 -104.62
CA SER E 1604 5.88 -43.34 -103.92
C SER E 1604 5.26 -42.10 -104.53
N TRP E 1605 5.74 -40.94 -104.11
CA TRP E 1605 5.18 -39.67 -104.53
C TRP E 1605 6.28 -38.81 -105.14
N SER E 1606 6.11 -38.44 -106.41
CA SER E 1606 6.93 -37.43 -107.06
C SER E 1606 6.03 -36.29 -107.50
N ARG E 1607 6.63 -35.24 -108.06
CA ARG E 1607 5.95 -33.97 -108.30
C ARG E 1607 6.14 -33.49 -109.74
N MET E 1608 5.04 -33.03 -110.36
CA MET E 1608 5.28 -32.41 -111.67
C MET E 1608 5.58 -30.92 -111.50
N PRO E 1609 6.42 -30.35 -112.35
CA PRO E 1609 6.63 -28.89 -112.31
C PRO E 1609 5.46 -28.16 -112.92
N ASN E 1610 5.42 -26.85 -112.69
CA ASN E 1610 4.36 -26.00 -113.21
C ASN E 1610 4.60 -25.56 -114.65
N HIS E 1611 5.75 -25.89 -115.24
CA HIS E 1611 6.02 -25.59 -116.64
C HIS E 1611 6.81 -26.74 -117.26
N PHE E 1612 6.27 -27.31 -118.33
CA PHE E 1612 6.86 -28.46 -118.99
C PHE E 1612 7.56 -28.08 -120.28
N LEU E 1613 7.91 -29.11 -121.07
CA LEU E 1613 8.51 -28.95 -122.38
C LEU E 1613 7.41 -29.08 -123.42
N GLN E 1614 7.01 -27.96 -124.01
CA GLN E 1614 5.99 -27.93 -125.06
C GLN E 1614 6.63 -28.41 -126.36
N VAL E 1615 6.51 -29.70 -126.62
CA VAL E 1615 7.13 -30.34 -127.77
C VAL E 1615 6.09 -30.40 -128.89
N GLU E 1616 6.57 -30.42 -130.14
CA GLU E 1616 5.69 -30.39 -131.30
C GLU E 1616 6.37 -31.14 -132.44
N THR E 1617 5.58 -31.72 -133.34
CA THR E 1617 6.11 -32.55 -134.41
C THR E 1617 5.73 -31.96 -135.78
N ARG E 1618 6.68 -31.98 -136.71
CA ARG E 1618 6.52 -31.34 -138.02
C ARG E 1618 7.29 -32.10 -139.09
N ARG E 1619 6.78 -32.03 -140.33
CA ARG E 1619 7.52 -32.54 -141.49
C ARG E 1619 7.15 -31.79 -142.75
N ALA E 1620 8.14 -31.41 -143.53
CA ALA E 1620 7.94 -30.88 -144.87
C ALA E 1620 8.70 -31.78 -145.83
N GLY E 1621 8.01 -32.30 -146.84
CA GLY E 1621 8.60 -33.22 -147.79
C GLY E 1621 8.26 -34.67 -147.48
N GLU E 1622 8.43 -35.51 -148.50
CA GLU E 1622 8.05 -36.92 -148.39
C GLU E 1622 9.21 -37.84 -148.05
N ARG E 1623 10.45 -37.38 -148.18
CA ARG E 1623 11.61 -38.23 -147.90
C ARG E 1623 12.53 -37.65 -146.85
N LEU E 1624 12.06 -36.67 -146.07
CA LEU E 1624 12.91 -36.03 -145.07
C LEU E 1624 12.78 -36.68 -143.69
N GLY E 1625 11.56 -36.84 -143.19
CA GLY E 1625 11.30 -37.43 -141.90
C GLY E 1625 10.68 -36.44 -140.93
N TRP E 1626 9.87 -36.98 -140.01
CA TRP E 1626 9.12 -36.14 -139.09
C TRP E 1626 10.04 -35.59 -138.01
N ALA E 1627 10.00 -34.27 -137.83
CA ALA E 1627 10.94 -33.55 -136.99
C ALA E 1627 10.33 -33.20 -135.65
N VAL E 1628 11.14 -33.28 -134.60
CA VAL E 1628 10.75 -32.90 -133.25
C VAL E 1628 11.40 -31.56 -132.94
N GLN E 1629 10.64 -30.67 -132.31
CA GLN E 1629 11.15 -29.34 -131.99
C GLN E 1629 11.01 -29.10 -130.50
N CYS E 1630 11.77 -28.13 -130.00
CA CYS E 1630 11.60 -27.58 -128.66
C CYS E 1630 12.17 -26.17 -128.63
N GLN E 1631 11.61 -25.33 -127.78
CA GLN E 1631 12.06 -23.95 -127.67
C GLN E 1631 12.00 -23.39 -126.25
N ASP E 1632 11.79 -24.23 -125.23
CA ASP E 1632 11.62 -23.74 -123.88
C ASP E 1632 12.91 -23.88 -123.08
N PRO E 1633 13.56 -22.80 -122.68
CA PRO E 1633 14.74 -22.90 -121.81
C PRO E 1633 14.32 -23.00 -120.35
N LEU E 1634 14.74 -24.08 -119.70
CA LEU E 1634 14.27 -24.42 -118.36
C LEU E 1634 15.36 -25.16 -117.60
N THR E 1635 15.62 -24.70 -116.37
CA THR E 1635 16.56 -25.37 -115.48
C THR E 1635 15.91 -25.50 -114.11
N MET E 1636 16.50 -26.33 -113.26
CA MET E 1636 15.82 -26.74 -112.03
C MET E 1636 16.82 -27.12 -110.95
N MET E 1637 16.57 -26.64 -109.74
CA MET E 1637 17.43 -26.88 -108.58
C MET E 1637 17.20 -28.30 -108.07
N ALA E 1638 18.23 -29.15 -108.16
CA ALA E 1638 18.09 -30.55 -107.78
C ALA E 1638 19.29 -30.99 -106.94
N LEU E 1639 19.04 -31.93 -106.04
CA LEU E 1639 20.00 -32.39 -105.04
C LEU E 1639 20.52 -33.77 -105.41
N HIS E 1640 21.54 -34.21 -104.65
CA HIS E 1640 22.26 -35.46 -104.91
C HIS E 1640 21.97 -36.57 -103.91
N ILE E 1641 21.97 -36.24 -102.62
CA ILE E 1641 21.97 -37.12 -101.42
C ILE E 1641 22.90 -38.30 -101.67
N PRO E 1642 24.22 -38.08 -101.58
CA PRO E 1642 25.18 -39.06 -102.13
C PRO E 1642 25.31 -40.35 -101.35
N GLU E 1643 24.63 -40.51 -100.21
CA GLU E 1643 24.64 -41.79 -99.51
C GLU E 1643 23.69 -42.81 -100.11
N GLU E 1644 22.84 -42.40 -101.06
CA GLU E 1644 22.01 -43.33 -101.82
C GLU E 1644 22.04 -43.08 -103.32
N ASN E 1645 22.48 -41.90 -103.77
CA ASN E 1645 22.56 -41.47 -105.17
C ASN E 1645 21.18 -41.54 -105.84
N ARG E 1646 20.33 -40.64 -105.38
CA ARG E 1646 18.99 -40.45 -105.93
C ARG E 1646 18.76 -38.96 -106.10
N CYS E 1647 18.58 -38.51 -107.34
CA CYS E 1647 18.37 -37.08 -107.58
C CYS E 1647 16.99 -36.68 -107.09
N MET E 1648 16.94 -35.65 -106.25
CA MET E 1648 15.71 -35.33 -105.54
C MET E 1648 15.53 -33.82 -105.50
N ASP E 1649 14.33 -33.38 -105.86
CA ASP E 1649 14.07 -31.96 -106.04
C ASP E 1649 13.96 -31.23 -104.70
N ILE E 1650 14.36 -29.95 -104.73
CA ILE E 1650 14.09 -29.03 -103.63
C ILE E 1650 12.61 -28.62 -103.62
N LEU E 1651 11.91 -28.82 -104.73
CA LEU E 1651 10.47 -28.63 -104.77
C LEU E 1651 9.69 -29.71 -104.01
N GLU E 1652 10.33 -30.81 -103.60
CA GLU E 1652 9.67 -31.92 -102.93
C GLU E 1652 9.86 -31.97 -101.42
N LEU E 1653 10.56 -31.02 -100.83
CA LEU E 1653 10.67 -30.94 -99.36
C LEU E 1653 9.56 -30.15 -98.70
N SER E 1654 8.46 -29.92 -99.39
CA SER E 1654 7.32 -29.24 -98.79
C SER E 1654 6.29 -30.22 -98.21
N GLU E 1655 6.59 -31.51 -98.21
CA GLU E 1655 5.64 -32.51 -97.73
C GLU E 1655 6.25 -33.64 -96.90
N ARG E 1656 7.57 -33.75 -96.80
CA ARG E 1656 8.16 -34.88 -96.10
C ARG E 1656 8.42 -34.61 -94.62
N LEU E 1657 8.45 -33.34 -94.21
CA LEU E 1657 8.46 -32.88 -92.81
C LEU E 1657 9.75 -33.22 -92.06
N ASP E 1658 10.72 -33.86 -92.72
CA ASP E 1658 11.89 -34.40 -92.04
C ASP E 1658 13.18 -33.93 -92.66
N LEU E 1659 13.24 -33.78 -93.99
CA LEU E 1659 14.53 -33.48 -94.61
C LEU E 1659 14.73 -31.96 -94.72
N GLN E 1660 13.65 -31.17 -94.66
CA GLN E 1660 13.78 -29.73 -94.74
C GLN E 1660 14.04 -29.06 -93.39
N ARG E 1661 13.76 -29.74 -92.28
CA ARG E 1661 14.23 -29.24 -90.99
C ARG E 1661 15.73 -29.48 -90.84
N PHE E 1662 16.26 -30.50 -91.52
CA PHE E 1662 17.70 -30.73 -91.54
C PHE E 1662 18.40 -29.78 -92.51
N HIS E 1663 17.86 -29.62 -93.72
CA HIS E 1663 18.52 -28.84 -94.75
C HIS E 1663 18.45 -27.34 -94.47
N SER E 1664 17.46 -26.88 -93.70
CA SER E 1664 17.39 -25.46 -93.36
C SER E 1664 18.48 -25.07 -92.37
N HIS E 1665 18.89 -26.01 -91.51
CA HIS E 1665 19.96 -25.78 -90.54
C HIS E 1665 21.35 -26.13 -91.06
N THR E 1666 21.46 -26.71 -92.26
CA THR E 1666 22.77 -26.75 -92.91
C THR E 1666 23.21 -25.35 -93.34
N LEU E 1667 22.25 -24.46 -93.61
CA LEU E 1667 22.58 -23.13 -94.10
C LEU E 1667 23.01 -22.20 -92.97
N ARG E 1668 22.49 -22.39 -91.76
CA ARG E 1668 22.92 -21.52 -90.67
C ARG E 1668 24.33 -21.84 -90.20
N LEU E 1669 24.76 -23.10 -90.32
CA LEU E 1669 26.17 -23.42 -90.19
C LEU E 1669 26.97 -22.86 -91.36
N TYR E 1670 26.33 -22.71 -92.53
CA TYR E 1670 27.01 -22.13 -93.69
C TYR E 1670 27.18 -20.63 -93.57
N ARG E 1671 26.31 -19.95 -92.81
CA ARG E 1671 26.53 -18.54 -92.51
C ARG E 1671 27.13 -18.30 -91.12
N ALA E 1672 27.28 -19.33 -90.31
CA ALA E 1672 28.06 -19.15 -89.08
C ALA E 1672 29.55 -19.19 -89.35
N VAL E 1673 29.98 -19.94 -90.37
CA VAL E 1673 31.39 -19.94 -90.70
C VAL E 1673 31.74 -18.75 -91.59
N CYS E 1674 30.78 -18.25 -92.37
CA CYS E 1674 31.00 -17.07 -93.21
C CYS E 1674 30.44 -15.82 -92.53
N ALA E 1675 30.91 -15.56 -91.32
CA ALA E 1675 30.45 -14.42 -90.53
C ALA E 1675 31.62 -13.82 -89.77
N LEU E 1676 31.32 -12.68 -89.14
CA LEU E 1676 32.26 -11.89 -88.32
C LEU E 1676 33.45 -11.40 -89.13
N GLY E 1677 33.23 -11.12 -90.42
CA GLY E 1677 34.29 -10.61 -91.28
C GLY E 1677 35.34 -11.62 -91.66
N ASN E 1678 34.96 -12.88 -91.83
CA ASN E 1678 35.89 -13.96 -92.19
C ASN E 1678 35.69 -14.18 -93.68
N ASN E 1679 36.75 -13.92 -94.45
CA ASN E 1679 36.64 -13.89 -95.90
C ASN E 1679 37.39 -15.03 -96.60
N ARG E 1680 38.04 -15.94 -95.87
CA ARG E 1680 38.85 -16.95 -96.55
C ARG E 1680 38.02 -18.14 -96.99
N VAL E 1681 37.06 -18.57 -96.17
CA VAL E 1681 36.12 -19.61 -96.56
C VAL E 1681 34.91 -19.06 -97.30
N ALA E 1682 34.73 -17.74 -97.31
CA ALA E 1682 33.72 -17.13 -98.17
C ALA E 1682 34.09 -17.26 -99.64
N HIS E 1683 35.40 -17.35 -99.94
CA HIS E 1683 35.82 -17.71 -101.28
C HIS E 1683 35.54 -19.18 -101.56
N ALA E 1684 35.77 -20.04 -100.56
CA ALA E 1684 35.73 -21.48 -100.78
C ALA E 1684 34.29 -22.00 -100.91
N LEU E 1685 33.36 -21.44 -100.14
CA LEU E 1685 31.96 -21.87 -100.22
C LEU E 1685 31.23 -21.30 -101.43
N CYS E 1686 31.84 -20.37 -102.15
CA CYS E 1686 31.28 -19.93 -103.43
C CYS E 1686 31.36 -21.04 -104.46
N SER E 1687 32.40 -21.88 -104.40
CA SER E 1687 32.46 -23.05 -105.26
C SER E 1687 31.38 -24.06 -104.90
N HIS E 1688 31.03 -24.15 -103.61
CA HIS E 1688 29.97 -25.06 -103.18
C HIS E 1688 28.60 -24.57 -103.65
N VAL E 1689 28.20 -23.38 -103.21
CA VAL E 1689 26.90 -22.81 -103.54
C VAL E 1689 27.14 -21.47 -104.24
N ASP E 1690 26.83 -21.40 -105.54
CA ASP E 1690 27.32 -20.34 -106.42
C ASP E 1690 26.18 -19.48 -106.98
N GLN E 1691 26.54 -18.73 -108.03
CA GLN E 1691 25.80 -17.54 -108.44
C GLN E 1691 24.43 -17.89 -109.01
N ALA E 1692 24.36 -18.73 -110.06
CA ALA E 1692 23.06 -18.98 -110.65
C ALA E 1692 22.22 -19.93 -109.79
N GLN E 1693 22.85 -20.73 -108.91
CA GLN E 1693 22.08 -21.48 -107.93
C GLN E 1693 21.39 -20.56 -106.93
N LEU E 1694 22.03 -19.44 -106.57
CA LEU E 1694 21.31 -18.40 -105.83
C LEU E 1694 20.24 -17.71 -106.70
N LEU E 1695 20.60 -17.31 -107.92
CA LEU E 1695 19.76 -16.36 -108.67
C LEU E 1695 18.58 -16.98 -109.39
N HIS E 1696 18.62 -18.27 -109.74
CA HIS E 1696 17.38 -18.90 -110.18
C HIS E 1696 16.47 -19.17 -108.99
N ALA E 1697 17.05 -19.56 -107.86
CA ALA E 1697 16.28 -19.99 -106.71
C ALA E 1697 15.66 -18.82 -105.94
N LEU E 1698 16.20 -17.60 -106.04
CA LEU E 1698 15.58 -16.55 -105.28
C LEU E 1698 14.30 -16.11 -105.99
N GLU E 1699 14.35 -16.04 -107.32
CA GLU E 1699 13.19 -15.70 -108.13
C GLU E 1699 12.29 -16.90 -108.37
N ASP E 1700 12.69 -18.09 -107.91
CA ASP E 1700 11.74 -19.18 -107.71
C ASP E 1700 10.67 -18.74 -106.71
N ALA E 1701 9.47 -19.32 -106.85
CA ALA E 1701 8.34 -18.93 -106.03
C ALA E 1701 7.68 -20.08 -105.26
N HIS E 1702 7.87 -21.32 -105.68
CA HIS E 1702 7.23 -22.42 -104.97
C HIS E 1702 8.07 -22.98 -103.83
N LEU E 1703 9.01 -22.16 -103.25
CA LEU E 1703 9.89 -22.63 -102.20
C LEU E 1703 9.23 -22.52 -100.82
N PRO E 1704 9.60 -23.39 -99.87
CA PRO E 1704 9.07 -23.25 -98.50
C PRO E 1704 9.66 -22.07 -97.76
N GLY E 1705 9.04 -21.73 -96.63
CA GLY E 1705 9.34 -20.54 -95.86
C GLY E 1705 10.69 -20.45 -95.16
N PRO E 1706 11.03 -21.45 -94.31
CA PRO E 1706 12.34 -21.41 -93.64
C PRO E 1706 13.52 -21.45 -94.59
N LEU E 1707 13.48 -22.30 -95.62
CA LEU E 1707 14.57 -22.33 -96.60
C LEU E 1707 14.55 -21.08 -97.48
N ARG E 1708 13.35 -20.55 -97.74
CA ARG E 1708 13.16 -19.29 -98.44
C ARG E 1708 13.89 -18.14 -97.74
N ALA E 1709 13.80 -18.09 -96.41
CA ALA E 1709 14.53 -17.05 -95.68
C ALA E 1709 16.01 -17.40 -95.52
N GLY E 1710 16.32 -18.70 -95.37
CA GLY E 1710 17.68 -19.09 -95.04
C GLY E 1710 18.66 -18.92 -96.17
N TYR E 1711 18.26 -19.27 -97.41
CA TYR E 1711 19.14 -19.04 -98.54
C TYR E 1711 19.34 -17.56 -98.82
N TYR E 1712 18.33 -16.73 -98.53
CA TYR E 1712 18.49 -15.30 -98.78
C TYR E 1712 19.40 -14.66 -97.75
N ASP E 1713 19.30 -15.08 -96.50
CA ASP E 1713 20.24 -14.58 -95.49
C ASP E 1713 21.64 -15.12 -95.73
N LEU E 1714 21.74 -16.34 -96.27
CA LEU E 1714 23.03 -16.89 -96.66
C LEU E 1714 23.67 -16.07 -97.78
N LEU E 1715 22.88 -15.65 -98.76
CA LEU E 1715 23.44 -14.94 -99.90
C LEU E 1715 23.86 -13.53 -99.54
N ILE E 1716 23.39 -12.98 -98.42
CA ILE E 1716 23.92 -11.70 -97.96
C ILE E 1716 25.11 -11.89 -97.03
N SER E 1717 25.10 -12.94 -96.18
CA SER E 1717 26.21 -13.18 -95.26
C SER E 1717 27.45 -13.72 -95.96
N ILE E 1718 27.31 -14.35 -97.12
CA ILE E 1718 28.48 -14.91 -97.79
C ILE E 1718 29.17 -13.87 -98.68
N HIS E 1719 28.46 -12.84 -99.11
CA HIS E 1719 29.04 -11.89 -100.05
C HIS E 1719 29.10 -10.46 -99.55
N LEU E 1720 27.97 -9.87 -99.10
CA LEU E 1720 27.97 -8.41 -98.95
C LEU E 1720 27.68 -7.95 -97.52
N GLU E 1721 28.17 -8.69 -96.54
CA GLU E 1721 28.20 -8.23 -95.16
C GLU E 1721 29.58 -7.82 -94.67
N SER E 1722 30.65 -8.22 -95.36
CA SER E 1722 31.97 -7.66 -95.09
C SER E 1722 32.12 -6.25 -95.64
N ALA E 1723 31.19 -5.79 -96.46
CA ALA E 1723 31.21 -4.46 -97.05
C ALA E 1723 30.21 -3.50 -96.41
N CYS E 1724 29.30 -3.99 -95.57
CA CYS E 1724 28.34 -3.12 -94.91
C CYS E 1724 28.81 -2.66 -93.54
N ARG E 1725 29.70 -3.41 -92.88
CA ARG E 1725 30.20 -2.98 -91.58
C ARG E 1725 31.04 -1.72 -91.70
N SER E 1726 31.90 -1.65 -92.73
CA SER E 1726 32.77 -0.49 -92.93
C SER E 1726 31.99 0.77 -93.34
N ARG E 1727 30.77 0.63 -93.86
CA ARG E 1727 29.98 1.80 -94.18
C ARG E 1727 29.01 2.17 -93.06
N ARG E 1728 28.42 1.18 -92.37
CA ARG E 1728 27.53 1.50 -91.28
C ARG E 1728 28.27 1.95 -90.03
N SER E 1729 29.53 1.55 -89.86
CA SER E 1729 30.30 2.05 -88.74
C SER E 1729 30.77 3.49 -88.90
N MET E 1730 30.69 4.05 -90.12
CA MET E 1730 31.17 5.40 -90.35
C MET E 1730 30.15 6.26 -91.11
N LEU E 1731 28.90 5.81 -91.21
CA LEU E 1731 27.86 6.66 -91.78
C LEU E 1731 27.61 7.93 -90.96
N SER E 1732 27.75 7.86 -89.63
CA SER E 1732 27.45 9.03 -88.80
C SER E 1732 28.60 10.01 -88.70
N GLU E 1733 29.78 9.70 -89.20
CA GLU E 1733 30.91 10.62 -89.18
C GLU E 1733 30.93 11.34 -90.53
N TYR E 1734 31.03 12.67 -90.52
CA TYR E 1734 30.79 13.50 -91.69
C TYR E 1734 32.06 14.28 -92.07
N ILE E 1735 32.71 13.87 -93.15
CA ILE E 1735 33.81 14.63 -93.74
C ILE E 1735 33.52 14.87 -95.20
N VAL E 1736 33.44 16.16 -95.56
CA VAL E 1736 33.18 16.58 -96.94
C VAL E 1736 34.43 17.30 -97.43
N PRO E 1737 34.88 17.06 -98.66
CA PRO E 1737 35.90 17.93 -99.23
C PRO E 1737 35.26 19.15 -99.86
N LEU E 1738 36.06 20.22 -99.97
CA LEU E 1738 35.57 21.44 -100.62
C LEU E 1738 35.91 21.44 -102.10
N THR E 1739 35.44 20.39 -102.78
CA THR E 1739 35.60 20.24 -104.21
C THR E 1739 34.64 21.21 -104.93
N PRO E 1740 34.84 21.47 -106.23
CA PRO E 1740 33.89 22.32 -106.97
C PRO E 1740 32.44 21.82 -107.02
N GLU E 1741 32.17 20.56 -106.67
CA GLU E 1741 30.79 20.09 -106.59
C GLU E 1741 30.11 20.45 -105.27
N THR E 1742 30.82 21.09 -104.33
CA THR E 1742 30.24 21.49 -103.06
C THR E 1742 30.08 23.00 -102.91
N ARG E 1743 29.74 23.71 -103.99
CA ARG E 1743 29.50 25.15 -103.93
C ARG E 1743 28.11 25.58 -104.39
N ALA E 1744 27.40 24.75 -105.16
CA ALA E 1744 26.05 25.06 -105.62
C ALA E 1744 25.11 23.92 -105.23
N ILE E 1745 24.63 23.96 -103.99
CA ILE E 1745 23.58 23.06 -103.49
C ILE E 1745 22.59 23.90 -102.69
N THR E 1746 21.32 23.81 -103.04
CA THR E 1746 20.25 24.37 -102.23
C THR E 1746 19.61 23.27 -101.39
N LEU E 1747 19.04 23.67 -100.24
CA LEU E 1747 18.31 22.73 -99.41
C LEU E 1747 16.95 22.39 -99.99
N PHE E 1748 16.37 23.31 -100.78
CA PHE E 1748 15.10 23.08 -101.46
C PHE E 1748 15.32 23.05 -102.96
N PRO E 1749 14.64 22.15 -103.68
CA PRO E 1749 14.85 22.03 -105.13
C PRO E 1749 14.29 23.25 -105.86
N PRO E 1750 15.13 23.97 -106.60
CA PRO E 1750 14.68 25.20 -107.25
C PRO E 1750 13.82 24.94 -108.47
N GLY E 1751 12.87 25.84 -108.68
CA GLY E 1751 11.95 25.73 -109.80
C GLY E 1751 10.69 26.55 -109.60
N ARG E 1758 9.31 26.83 -101.53
CA ARG E 1758 9.30 26.42 -100.14
C ARG E 1758 8.74 25.01 -99.98
N ARG E 1759 8.90 24.20 -101.02
CA ARG E 1759 8.45 22.81 -101.01
C ARG E 1759 9.60 21.89 -100.61
N HIS E 1760 9.30 20.87 -99.81
CA HIS E 1760 10.35 19.97 -99.34
C HIS E 1760 10.77 19.02 -100.46
N GLY E 1761 12.08 18.84 -100.59
CA GLY E 1761 12.60 17.92 -101.57
C GLY E 1761 12.46 16.47 -101.13
N LEU E 1762 12.60 15.57 -102.11
CA LEU E 1762 12.43 14.16 -101.83
C LEU E 1762 13.72 13.59 -101.23
N PRO E 1763 13.64 12.82 -100.15
CA PRO E 1763 14.85 12.47 -99.40
C PRO E 1763 15.66 11.37 -100.07
N GLY E 1764 16.96 11.37 -99.79
CA GLY E 1764 17.86 10.34 -100.27
C GLY E 1764 18.50 10.60 -101.61
N VAL E 1765 18.04 11.61 -102.35
CA VAL E 1765 18.55 11.86 -103.70
C VAL E 1765 19.24 13.20 -103.74
N GLY E 1766 19.68 13.60 -104.93
CA GLY E 1766 20.44 14.82 -105.11
C GLY E 1766 21.87 14.48 -105.48
N VAL E 1767 22.81 14.99 -104.70
CA VAL E 1767 24.22 14.67 -104.86
C VAL E 1767 24.88 14.72 -103.48
N THR E 1768 25.55 13.64 -103.11
CA THR E 1768 26.28 13.59 -101.85
C THR E 1768 27.76 13.43 -102.14
N THR E 1769 28.57 14.01 -101.25
CA THR E 1769 30.01 14.06 -101.41
C THR E 1769 30.73 13.65 -100.13
N SER E 1770 30.17 12.68 -99.41
CA SER E 1770 30.81 12.20 -98.20
C SER E 1770 31.96 11.26 -98.54
N LEU E 1771 33.11 11.48 -97.89
CA LEU E 1771 34.29 10.66 -98.11
C LEU E 1771 34.08 9.28 -97.50
N ARG E 1772 33.87 8.28 -98.37
CA ARG E 1772 33.69 6.89 -97.96
C ARG E 1772 34.51 5.98 -98.89
N PRO E 1773 35.20 4.99 -98.34
CA PRO E 1773 36.06 4.12 -99.18
C PRO E 1773 35.23 3.14 -100.00
N PRO E 1774 35.77 2.60 -101.08
CA PRO E 1774 35.08 1.55 -101.82
C PRO E 1774 35.09 0.23 -101.05
N HIS E 1775 34.29 -0.72 -101.56
CA HIS E 1775 34.19 -2.03 -100.94
C HIS E 1775 35.30 -2.97 -101.36
N HIS E 1776 36.05 -2.62 -102.40
CA HIS E 1776 37.23 -3.34 -102.88
C HIS E 1776 36.92 -4.79 -103.27
N PHE E 1777 36.05 -4.95 -104.27
CA PHE E 1777 35.62 -6.27 -104.69
C PHE E 1777 36.69 -6.95 -105.55
N SER E 1778 36.94 -8.23 -105.25
CA SER E 1778 37.93 -9.04 -105.94
C SER E 1778 37.26 -10.22 -106.64
N PRO E 1779 37.67 -10.55 -107.85
CA PRO E 1779 37.02 -11.64 -108.60
C PRO E 1779 37.41 -13.00 -108.05
N PRO E 1780 36.44 -13.88 -107.78
CA PRO E 1780 36.77 -15.20 -107.23
C PRO E 1780 37.26 -16.15 -108.31
N CYS E 1781 38.36 -16.84 -108.03
CA CYS E 1781 38.92 -17.83 -108.92
C CYS E 1781 39.55 -18.93 -108.09
N PHE E 1782 39.53 -20.15 -108.63
CA PHE E 1782 40.05 -21.31 -107.92
C PHE E 1782 41.18 -22.01 -108.66
N VAL E 1783 41.44 -21.62 -109.91
CA VAL E 1783 42.54 -22.19 -110.69
C VAL E 1783 43.83 -21.42 -110.47
N ALA E 1784 43.84 -20.45 -109.55
CA ALA E 1784 45.04 -19.67 -109.30
C ALA E 1784 46.06 -20.49 -108.50
N ALA E 1785 47.32 -20.06 -108.60
CA ALA E 1785 48.40 -20.74 -107.90
C ALA E 1785 48.37 -20.41 -106.41
N LEU E 1786 48.69 -21.41 -105.59
CA LEU E 1786 48.65 -21.24 -104.14
C LEU E 1786 49.90 -20.52 -103.67
N PRO E 1787 49.77 -19.53 -102.79
CA PRO E 1787 50.97 -18.84 -102.28
C PRO E 1787 51.59 -19.61 -101.12
N ALA E 1788 52.92 -19.75 -101.19
CA ALA E 1788 53.75 -20.48 -100.22
C ALA E 1788 53.29 -21.92 -99.97
N GLU E 1793 51.80 -17.75 -96.72
CA GLU E 1793 50.88 -16.99 -95.88
C GLU E 1793 50.43 -15.71 -96.59
N ALA E 1794 49.15 -15.63 -96.91
CA ALA E 1794 48.64 -14.54 -97.74
C ALA E 1794 48.52 -13.25 -96.91
N PRO E 1795 48.83 -12.09 -97.50
CA PRO E 1795 48.68 -10.82 -96.77
C PRO E 1795 47.22 -10.41 -96.56
N ALA E 1796 46.39 -10.51 -97.59
CA ALA E 1796 45.01 -10.05 -97.51
C ALA E 1796 44.15 -10.83 -98.51
N ARG E 1797 43.01 -11.33 -98.03
CA ARG E 1797 42.03 -12.03 -98.86
C ARG E 1797 40.68 -11.36 -98.67
N LEU E 1798 40.02 -11.03 -99.78
CA LEU E 1798 38.88 -10.12 -99.74
C LEU E 1798 37.67 -10.76 -100.44
N SER E 1799 36.56 -10.02 -100.46
CA SER E 1799 35.25 -10.56 -100.81
C SER E 1799 35.16 -10.92 -102.29
N PRO E 1800 34.37 -11.94 -102.64
CA PRO E 1800 34.20 -12.28 -104.05
C PRO E 1800 33.34 -11.24 -104.78
N ALA E 1801 33.60 -11.12 -106.08
CA ALA E 1801 32.92 -10.15 -106.93
C ALA E 1801 31.78 -10.81 -107.68
N ILE E 1802 30.61 -10.17 -107.63
CA ILE E 1802 29.39 -10.64 -108.29
C ILE E 1802 28.89 -9.45 -109.11
N PRO E 1803 28.44 -9.66 -110.36
CA PRO E 1803 27.86 -8.54 -111.11
C PRO E 1803 26.56 -8.05 -110.50
N LEU E 1804 26.59 -6.86 -109.90
CA LEU E 1804 25.42 -6.28 -109.27
C LEU E 1804 24.54 -5.52 -110.24
N GLU E 1805 25.01 -5.33 -111.47
CA GLU E 1805 24.22 -4.63 -112.48
C GLU E 1805 23.00 -5.43 -112.91
N ALA E 1806 23.07 -6.76 -112.82
CA ALA E 1806 21.90 -7.58 -113.10
C ALA E 1806 21.03 -7.75 -111.87
N LEU E 1807 21.60 -7.67 -110.68
CA LEU E 1807 20.87 -7.85 -109.43
C LEU E 1807 20.18 -6.57 -108.98
N ARG E 1808 20.56 -5.41 -109.55
CA ARG E 1808 19.98 -4.14 -109.14
C ARG E 1808 18.50 -4.02 -109.51
N ASP E 1809 18.03 -4.77 -110.53
CA ASP E 1809 16.61 -4.77 -110.88
C ASP E 1809 15.86 -5.94 -110.26
N LYS E 1810 16.56 -7.06 -110.04
CA LYS E 1810 15.96 -8.19 -109.33
C LYS E 1810 15.75 -7.87 -107.86
N ALA E 1811 16.48 -6.90 -107.31
CA ALA E 1811 16.19 -6.42 -105.97
C ALA E 1811 14.92 -5.58 -105.88
N LEU E 1812 14.31 -5.23 -107.01
CA LEU E 1812 13.11 -4.39 -107.05
C LEU E 1812 11.87 -5.10 -107.58
N ARG E 1813 12.05 -6.00 -108.55
CA ARG E 1813 10.90 -6.58 -109.25
C ARG E 1813 10.10 -7.54 -108.35
N MET E 1814 10.78 -8.19 -107.41
CA MET E 1814 10.11 -9.04 -106.42
C MET E 1814 9.18 -8.23 -105.54
N LEU E 1815 9.64 -7.08 -105.06
CA LEU E 1815 8.79 -6.19 -104.26
C LEU E 1815 7.65 -5.63 -105.11
N GLY E 1816 7.95 -5.29 -106.37
CA GLY E 1816 6.97 -4.65 -107.23
C GLY E 1816 5.81 -5.55 -107.61
N GLU E 1817 6.05 -6.86 -107.75
CA GLU E 1817 4.91 -7.73 -108.00
C GLU E 1817 4.38 -8.40 -106.73
N ALA E 1818 5.18 -8.44 -105.66
CA ALA E 1818 4.68 -8.95 -104.38
C ALA E 1818 3.64 -8.02 -103.80
N VAL E 1819 3.77 -6.72 -104.04
CA VAL E 1819 2.73 -5.82 -103.53
C VAL E 1819 1.45 -5.86 -104.34
N ARG E 1820 1.48 -6.18 -105.64
CA ARG E 1820 0.22 -6.35 -106.35
C ARG E 1820 -0.38 -7.71 -106.05
N ASP E 1821 0.45 -8.66 -105.58
CA ASP E 1821 -0.09 -9.86 -104.96
C ASP E 1821 -0.77 -9.53 -103.63
N GLY E 1822 -0.15 -8.68 -102.82
CA GLY E 1822 -0.70 -8.34 -101.52
C GLY E 1822 -1.95 -7.49 -101.60
N GLY E 1823 -2.04 -6.64 -102.63
CA GLY E 1823 -3.28 -5.94 -102.90
C GLY E 1823 -4.37 -6.84 -103.45
N GLN E 1824 -3.97 -7.92 -104.12
CA GLN E 1824 -4.90 -8.95 -104.54
C GLN E 1824 -5.27 -9.90 -103.41
N HIS E 1825 -4.58 -9.81 -102.28
CA HIS E 1825 -4.80 -10.56 -101.03
C HIS E 1825 -4.91 -12.08 -101.27
N ALA E 1826 -3.78 -12.64 -101.66
CA ALA E 1826 -3.70 -14.07 -101.92
C ALA E 1826 -3.74 -14.86 -100.61
N ARG E 1827 -4.49 -15.97 -100.63
CA ARG E 1827 -4.67 -16.75 -99.41
C ARG E 1827 -3.43 -17.59 -99.10
N ASP E 1828 -2.87 -18.24 -100.12
CA ASP E 1828 -1.66 -19.06 -99.97
C ASP E 1828 -0.57 -18.45 -100.84
N PRO E 1829 0.09 -17.38 -100.38
CA PRO E 1829 1.07 -16.70 -101.25
C PRO E 1829 2.42 -17.37 -101.24
N VAL E 1830 3.40 -16.69 -101.83
CA VAL E 1830 4.71 -17.24 -102.13
C VAL E 1830 5.47 -17.52 -100.83
N GLY E 1831 5.68 -18.80 -100.54
CA GLY E 1831 6.36 -19.21 -99.33
C GLY E 1831 5.47 -19.76 -98.24
N GLY E 1832 4.15 -19.61 -98.36
CA GLY E 1832 3.20 -20.19 -97.43
C GLY E 1832 2.42 -19.16 -96.62
N SER E 1833 3.00 -18.00 -96.36
CA SER E 1833 2.33 -16.97 -95.55
C SER E 1833 2.88 -15.60 -95.92
N VAL E 1834 2.20 -14.56 -95.42
CA VAL E 1834 2.56 -13.18 -95.72
C VAL E 1834 3.85 -12.77 -95.00
N GLU E 1835 4.14 -13.40 -93.85
CA GLU E 1835 5.40 -13.17 -93.17
C GLU E 1835 6.57 -13.66 -94.02
N PHE E 1836 6.47 -14.88 -94.54
CA PHE E 1836 7.50 -15.38 -95.45
C PHE E 1836 7.42 -14.73 -96.83
N GLN E 1837 6.33 -14.03 -97.15
CA GLN E 1837 6.31 -13.17 -98.32
C GLN E 1837 7.24 -11.99 -98.14
N PHE E 1838 7.07 -11.24 -97.04
CA PHE E 1838 7.66 -9.90 -96.98
C PHE E 1838 8.83 -9.71 -96.03
N VAL E 1839 9.23 -10.73 -95.26
CA VAL E 1839 10.45 -10.52 -94.46
C VAL E 1839 11.76 -10.67 -95.25
N PRO E 1840 11.97 -11.64 -96.23
CA PRO E 1840 13.35 -11.82 -96.70
C PRO E 1840 13.80 -10.80 -97.75
N VAL E 1841 12.90 -10.37 -98.64
CA VAL E 1841 13.32 -9.48 -99.72
C VAL E 1841 13.51 -8.05 -99.22
N LEU E 1842 12.85 -7.67 -98.13
CA LEU E 1842 13.08 -6.34 -97.57
C LEU E 1842 14.38 -6.28 -96.78
N LYS E 1843 14.75 -7.37 -96.13
CA LYS E 1843 16.08 -7.45 -95.51
C LYS E 1843 17.17 -7.61 -96.57
N LEU E 1844 16.82 -8.13 -97.75
CA LEU E 1844 17.72 -8.06 -98.90
C LEU E 1844 17.94 -6.61 -99.33
N VAL E 1845 16.85 -5.85 -99.49
CA VAL E 1845 17.00 -4.52 -100.08
C VAL E 1845 17.58 -3.53 -99.07
N SER E 1846 17.45 -3.79 -97.76
CA SER E 1846 17.96 -2.85 -96.77
C SER E 1846 19.49 -2.81 -96.73
N THR E 1847 20.14 -3.96 -96.94
CA THR E 1847 21.61 -4.00 -96.93
C THR E 1847 22.21 -3.31 -98.15
N LEU E 1848 21.65 -3.53 -99.35
CA LEU E 1848 22.11 -2.78 -100.51
C LEU E 1848 21.74 -1.31 -100.43
N LEU E 1849 20.63 -0.98 -99.75
CA LEU E 1849 20.23 0.41 -99.63
C LEU E 1849 21.15 1.17 -98.67
N VAL E 1850 21.61 0.50 -97.61
CA VAL E 1850 22.55 1.14 -96.70
C VAL E 1850 23.99 1.04 -97.21
N MET E 1851 24.26 0.10 -98.11
CA MET E 1851 25.58 -0.03 -98.71
C MET E 1851 25.78 0.93 -99.89
N GLY E 1852 24.69 1.40 -100.48
CA GLY E 1852 24.79 2.44 -101.49
C GLY E 1852 25.19 1.93 -102.86
N ILE E 1853 24.44 0.97 -103.37
CA ILE E 1853 24.69 0.41 -104.70
C ILE E 1853 23.76 1.06 -105.73
N PHE E 1854 22.50 1.24 -105.36
CA PHE E 1854 21.50 1.87 -106.21
C PHE E 1854 21.81 3.35 -106.40
N GLY E 1855 21.35 3.90 -107.53
CA GLY E 1855 21.54 5.31 -107.82
C GLY E 1855 20.49 6.21 -107.20
N ASP E 1856 20.05 7.23 -107.95
CA ASP E 1856 19.07 8.18 -107.46
C ASP E 1856 17.71 8.09 -108.16
N GLU E 1857 17.62 7.39 -109.29
CA GLU E 1857 16.34 7.23 -109.95
C GLU E 1857 15.79 5.81 -109.88
N ASP E 1858 16.56 4.87 -109.34
CA ASP E 1858 16.01 3.56 -109.00
C ASP E 1858 15.53 3.50 -107.56
N VAL E 1859 16.01 4.39 -106.68
CA VAL E 1859 15.37 4.61 -105.40
C VAL E 1859 14.23 5.61 -105.50
N LYS E 1860 14.08 6.26 -106.67
CA LYS E 1860 12.81 6.89 -107.01
C LYS E 1860 11.68 5.87 -107.02
N GLN E 1861 11.95 4.67 -107.54
CA GLN E 1861 10.92 3.65 -107.64
C GLN E 1861 10.51 3.08 -106.29
N ILE E 1862 11.44 2.92 -105.34
CA ILE E 1862 11.03 2.37 -104.04
C ILE E 1862 10.27 3.42 -103.22
N LEU E 1863 10.46 4.70 -103.52
CA LEU E 1863 9.64 5.72 -102.87
C LEU E 1863 8.31 5.92 -103.61
N LYS E 1864 8.23 5.53 -104.87
CA LYS E 1864 6.92 5.30 -105.47
C LYS E 1864 6.24 4.07 -104.87
N MET E 1865 7.06 3.10 -104.44
CA MET E 1865 6.58 1.81 -103.97
C MET E 1865 5.92 1.93 -102.60
N ILE E 1866 6.64 2.52 -101.63
CA ILE E 1866 6.16 2.50 -100.26
C ILE E 1866 5.01 3.48 -100.06
N GLU E 1867 4.98 4.56 -100.85
CA GLU E 1867 4.01 5.62 -100.66
C GLU E 1867 3.82 6.40 -101.96
N PRO E 1868 2.90 5.97 -102.83
CA PRO E 1868 2.66 6.71 -104.08
C PRO E 1868 1.63 7.83 -103.98
N GLU E 1869 1.39 8.40 -102.80
CA GLU E 1869 0.48 9.53 -102.69
C GLU E 1869 1.20 10.86 -102.45
N VAL E 1870 2.28 10.86 -101.67
CA VAL E 1870 2.97 12.10 -101.31
C VAL E 1870 4.28 12.20 -102.10
N PHE E 1871 4.94 11.07 -102.33
CA PHE E 1871 6.25 11.05 -103.00
C PHE E 1871 6.16 11.23 -104.52
N THR E 1872 5.02 11.62 -105.08
CA THR E 1872 4.95 11.83 -106.52
C THR E 1872 5.59 13.16 -106.90
N GLU E 1873 6.54 13.10 -107.83
CA GLU E 1873 7.21 14.30 -108.30
C GLU E 1873 6.30 15.07 -109.26
N GLU E 1923 -1.65 2.13 -107.28
CA GLU E 1923 -2.09 0.98 -106.48
C GLU E 1923 -2.01 1.28 -104.99
N GLU E 1924 -1.87 0.22 -104.20
CA GLU E 1924 -1.81 0.33 -102.75
C GLU E 1924 -0.36 0.49 -102.27
N GLY E 1925 -0.18 1.36 -101.30
CA GLY E 1925 1.13 1.55 -100.71
C GLY E 1925 1.50 0.43 -99.77
N LEU E 1926 2.77 0.43 -99.35
CA LEU E 1926 3.28 -0.59 -98.45
C LEU E 1926 2.85 -0.37 -97.00
N LEU E 1927 2.72 0.89 -96.59
CA LEU E 1927 2.56 1.22 -95.17
C LEU E 1927 1.13 1.10 -94.68
N GLN E 1928 0.14 1.22 -95.57
CA GLN E 1928 -1.25 1.19 -95.17
C GLN E 1928 -1.88 -0.20 -95.25
N MET E 1929 -1.09 -1.25 -95.47
CA MET E 1929 -1.63 -2.59 -95.28
C MET E 1929 -1.39 -3.04 -93.85
N LYS E 1930 -1.96 -4.18 -93.49
CA LYS E 1930 -1.81 -4.73 -92.14
C LYS E 1930 -0.77 -5.83 -92.20
N LEU E 1931 0.40 -5.57 -91.64
CA LEU E 1931 1.54 -6.47 -91.69
C LEU E 1931 1.80 -7.04 -90.30
N PRO E 1932 2.39 -8.23 -90.21
CA PRO E 1932 2.79 -8.75 -88.90
C PRO E 1932 3.98 -7.98 -88.33
N GLU E 1933 4.23 -8.21 -87.03
CA GLU E 1933 5.17 -7.39 -86.27
C GLU E 1933 6.63 -7.82 -86.43
N SER E 1934 6.92 -8.80 -87.28
CA SER E 1934 8.29 -9.27 -87.46
C SER E 1934 8.91 -8.87 -88.80
N VAL E 1935 8.16 -8.22 -89.69
CA VAL E 1935 8.66 -7.94 -91.02
C VAL E 1935 9.00 -6.46 -91.20
N LYS E 1936 8.34 -5.59 -90.42
CA LYS E 1936 8.45 -4.15 -90.60
C LYS E 1936 9.43 -3.49 -89.64
N LEU E 1937 10.40 -4.24 -89.12
CA LEU E 1937 11.54 -3.60 -88.46
C LEU E 1937 12.62 -3.23 -89.47
N GLN E 1938 12.76 -3.98 -90.56
CA GLN E 1938 13.65 -3.55 -91.64
C GLN E 1938 13.12 -2.34 -92.37
N MET E 1939 11.79 -2.15 -92.40
CA MET E 1939 11.25 -0.87 -92.85
C MET E 1939 11.65 0.27 -91.94
N CYS E 1940 11.68 0.03 -90.61
CA CYS E 1940 12.18 1.05 -89.70
C CYS E 1940 13.67 1.31 -89.91
N ASN E 1941 14.43 0.27 -90.24
CA ASN E 1941 15.85 0.43 -90.56
C ASN E 1941 16.06 1.27 -91.82
N LEU E 1942 15.27 1.02 -92.87
CA LEU E 1942 15.50 1.77 -94.10
C LEU E 1942 14.96 3.20 -94.01
N LEU E 1943 13.87 3.43 -93.28
CA LEU E 1943 13.47 4.82 -93.03
C LEU E 1943 14.41 5.52 -92.05
N GLU E 1944 15.08 4.77 -91.16
CA GLU E 1944 16.15 5.34 -90.36
C GLU E 1944 17.32 5.75 -91.22
N TYR E 1945 17.63 4.96 -92.26
CA TYR E 1945 18.65 5.31 -93.23
C TYR E 1945 18.24 6.55 -94.03
N PHE E 1946 16.96 6.64 -94.38
CA PHE E 1946 16.44 7.79 -95.13
C PHE E 1946 16.51 9.06 -94.30
N CYS E 1947 16.13 8.98 -93.02
CA CYS E 1947 16.29 10.13 -92.12
C CYS E 1947 17.77 10.43 -91.85
N ASP E 1948 18.63 9.42 -91.92
CA ASP E 1948 20.07 9.65 -91.75
C ASP E 1948 20.65 10.45 -92.90
N GLN E 1949 20.32 10.10 -94.14
CA GLN E 1949 20.78 10.95 -95.24
C GLN E 1949 19.97 12.24 -95.39
N GLU E 1950 18.75 12.30 -94.86
CA GLU E 1950 18.08 13.59 -94.71
C GLU E 1950 18.83 14.48 -93.73
N LEU E 1951 19.44 13.90 -92.69
CA LEU E 1951 20.34 14.63 -91.81
C LEU E 1951 21.67 14.95 -92.49
N GLN E 1952 22.08 14.12 -93.46
CA GLN E 1952 23.30 14.37 -94.21
C GLN E 1952 23.16 15.57 -95.13
N HIS E 1953 21.97 15.76 -95.73
CA HIS E 1953 21.75 16.89 -96.61
C HIS E 1953 21.87 18.24 -95.90
N ARG E 1954 21.44 18.29 -94.64
CA ARG E 1954 21.54 19.52 -93.84
C ARG E 1954 23.00 19.87 -93.57
N VAL E 1955 23.81 18.87 -93.21
CA VAL E 1955 25.20 19.16 -92.86
C VAL E 1955 26.03 19.37 -94.13
N GLU E 1956 25.60 18.80 -95.26
CA GLU E 1956 26.25 19.10 -96.54
C GLU E 1956 25.96 20.54 -96.97
N SER E 1957 24.72 20.99 -96.82
CA SER E 1957 24.36 22.37 -97.14
C SER E 1957 25.05 23.35 -96.21
N LEU E 1958 25.13 23.03 -94.92
CA LEU E 1958 25.80 23.95 -94.00
C LEU E 1958 27.31 23.89 -94.16
N ALA E 1959 27.84 22.77 -94.66
CA ALA E 1959 29.25 22.70 -95.00
C ALA E 1959 29.56 23.54 -96.24
N ALA E 1960 28.60 23.65 -97.16
CA ALA E 1960 28.75 24.60 -98.26
C ALA E 1960 28.69 26.03 -97.76
N PHE E 1961 27.76 26.32 -96.84
CA PHE E 1961 27.64 27.66 -96.27
C PHE E 1961 28.84 28.04 -95.40
N ALA E 1962 29.55 27.05 -94.84
CA ALA E 1962 30.78 27.30 -94.10
C ALA E 1962 31.89 27.79 -95.03
N GLU E 1963 31.92 27.29 -96.27
CA GLU E 1963 32.75 27.91 -97.31
C GLU E 1963 32.25 29.31 -97.64
N ARG E 1964 30.92 29.45 -97.74
CA ARG E 1964 30.29 30.66 -98.27
C ARG E 1964 30.55 31.87 -97.38
N TYR E 1965 30.37 31.72 -96.07
CA TYR E 1965 30.42 32.89 -95.19
C TYR E 1965 31.85 33.39 -94.96
N VAL E 1966 32.83 32.48 -94.89
CA VAL E 1966 34.20 32.96 -94.75
C VAL E 1966 34.72 33.49 -96.09
N ASP E 1967 34.26 32.91 -97.21
CA ASP E 1967 34.57 33.50 -98.52
C ASP E 1967 33.90 34.86 -98.71
N LYS E 1968 32.82 35.09 -97.98
CA LYS E 1968 32.17 36.39 -97.95
C LYS E 1968 32.99 37.40 -97.14
N LEU E 1969 33.45 37.02 -95.94
CA LEU E 1969 33.94 38.03 -95.01
C LEU E 1969 35.46 38.15 -94.87
N GLN E 1970 36.26 37.20 -95.37
CA GLN E 1970 37.69 37.32 -95.14
C GLN E 1970 38.37 38.37 -96.04
N ALA E 1971 37.65 38.96 -96.99
CA ALA E 1971 38.10 40.14 -97.73
C ALA E 1971 37.52 41.44 -97.20
N ASN E 1972 36.31 41.40 -96.61
CA ASN E 1972 35.80 42.49 -95.78
C ASN E 1972 36.76 42.75 -94.62
N GLN E 1973 37.38 41.68 -94.11
CA GLN E 1973 38.35 41.77 -93.03
C GLN E 1973 39.62 42.53 -93.44
N ARG E 1974 40.19 42.20 -94.60
CA ARG E 1974 41.40 42.91 -95.01
C ARG E 1974 41.08 44.32 -95.53
N SER E 1975 39.87 44.55 -96.03
CA SER E 1975 39.44 45.92 -96.31
C SER E 1975 39.34 46.73 -95.02
N ARG E 1976 38.87 46.11 -93.93
CA ARG E 1976 38.82 46.76 -92.64
C ARG E 1976 40.21 47.10 -92.10
N TYR E 1977 41.15 46.14 -92.19
CA TYR E 1977 42.50 46.41 -91.69
C TYR E 1977 43.24 47.44 -92.53
N ALA E 1978 43.05 47.44 -93.86
CA ALA E 1978 43.67 48.48 -94.67
C ALA E 1978 42.99 49.84 -94.47
N LEU E 1979 41.71 49.85 -94.10
CA LEU E 1979 41.01 51.12 -93.90
C LEU E 1979 41.40 51.76 -92.57
N LEU E 1980 41.38 51.00 -91.48
CA LEU E 1980 41.77 51.52 -90.17
C LEU E 1980 43.25 51.36 -89.86
N MET E 1981 44.07 50.96 -90.83
CA MET E 1981 45.51 50.97 -90.60
C MET E 1981 46.07 52.38 -90.66
N ARG E 1982 45.43 53.27 -91.44
CA ARG E 1982 45.86 54.66 -91.56
C ARG E 1982 44.90 55.64 -90.89
N ALA E 1983 44.05 55.15 -90.00
CA ALA E 1983 43.06 56.00 -89.33
C ALA E 1983 43.60 56.36 -87.94
N PHE E 1984 44.47 57.37 -87.91
CA PHE E 1984 45.11 57.81 -86.68
C PHE E 1984 44.42 59.02 -86.06
N THR E 1985 43.11 59.15 -86.29
CA THR E 1985 42.30 60.19 -85.67
C THR E 1985 41.78 59.78 -84.29
N MET E 1986 42.12 58.59 -83.82
CA MET E 1986 41.68 58.10 -82.53
C MET E 1986 42.87 57.50 -81.80
N SER E 1987 43.00 57.83 -80.52
CA SER E 1987 44.14 57.38 -79.72
C SER E 1987 43.75 56.37 -78.65
N ALA E 1988 42.77 56.69 -77.81
CA ALA E 1988 42.35 55.76 -76.76
C ALA E 1988 41.49 54.63 -77.30
N ALA E 1989 40.89 54.80 -78.48
CA ALA E 1989 40.02 53.80 -79.05
C ALA E 1989 40.70 52.92 -80.09
N GLU E 1990 41.89 53.33 -80.57
CA GLU E 1990 42.56 52.61 -81.66
C GLU E 1990 43.01 51.22 -81.23
N THR E 1991 43.61 51.10 -80.05
CA THR E 1991 44.01 49.79 -79.55
C THR E 1991 42.79 48.99 -79.10
N ALA E 1992 41.72 49.66 -78.68
CA ALA E 1992 40.49 48.94 -78.33
C ALA E 1992 39.84 48.29 -79.55
N ARG E 1993 39.93 48.92 -80.72
CA ARG E 1993 39.50 48.23 -81.93
C ARG E 1993 40.56 47.31 -82.50
N ARG E 1994 41.84 47.51 -82.14
CA ARG E 1994 42.90 46.60 -82.53
C ARG E 1994 42.95 45.32 -81.68
N THR E 1995 42.26 45.31 -80.54
CA THR E 1995 42.08 44.06 -79.82
C THR E 1995 41.17 43.11 -80.58
N ARG E 1996 40.30 43.63 -81.45
CA ARG E 1996 39.63 42.78 -82.44
C ARG E 1996 40.63 42.22 -83.45
N GLU E 1997 41.69 42.98 -83.74
CA GLU E 1997 42.64 42.60 -84.79
C GLU E 1997 43.61 41.52 -84.32
N PHE E 1998 44.25 41.71 -83.17
CA PHE E 1998 45.42 40.92 -82.82
C PHE E 1998 45.34 40.17 -81.48
N ARG E 1999 44.30 40.38 -80.68
CA ARG E 1999 44.30 39.82 -79.33
C ARG E 1999 43.54 38.48 -79.24
N SER E 2000 42.34 38.41 -79.82
CA SER E 2000 41.45 37.28 -79.59
C SER E 2000 41.93 36.03 -80.34
N PRO E 2001 41.66 34.84 -79.80
CA PRO E 2001 42.05 33.61 -80.49
C PRO E 2001 41.20 33.34 -81.69
N PRO E 2002 41.71 32.57 -82.69
CA PRO E 2002 41.01 32.42 -83.98
C PRO E 2002 39.69 31.67 -83.93
N GLN E 2003 39.46 30.85 -82.91
CA GLN E 2003 38.13 30.36 -82.63
C GLN E 2003 37.36 31.25 -81.63
N GLU E 2004 37.89 32.43 -81.29
CA GLU E 2004 37.08 33.40 -80.53
C GLU E 2004 36.56 34.54 -81.38
N GLN E 2005 37.26 34.96 -82.45
CA GLN E 2005 36.66 35.98 -83.30
C GLN E 2005 35.41 35.48 -84.03
N ILE E 2006 35.31 34.18 -84.28
CA ILE E 2006 34.16 33.63 -84.97
C ILE E 2006 32.91 33.74 -84.09
N ASN E 2007 33.07 33.65 -82.76
CA ASN E 2007 31.94 33.89 -81.87
C ASN E 2007 31.74 35.38 -81.64
N MET E 2008 32.80 36.18 -81.76
CA MET E 2008 32.64 37.63 -81.70
C MET E 2008 31.90 38.17 -82.92
N LEU E 2009 31.93 37.43 -84.03
CA LEU E 2009 31.38 37.86 -85.31
C LEU E 2009 29.85 37.89 -85.34
N LEU E 2010 29.20 36.98 -84.64
CA LEU E 2010 27.77 36.73 -84.81
C LEU E 2010 26.96 37.11 -83.58
N HIS E 2011 27.21 38.29 -83.03
CA HIS E 2011 26.48 38.81 -81.88
C HIS E 2011 25.43 39.84 -82.29
N PHE E 2012 24.74 39.57 -83.41
CA PHE E 2012 23.79 40.49 -84.03
C PHE E 2012 22.38 40.33 -83.47
N LYS E 2013 22.18 39.45 -82.50
CA LYS E 2013 20.85 39.12 -82.02
C LYS E 2013 20.41 40.14 -80.98
N ASP E 2014 19.30 40.82 -81.27
CA ASP E 2014 18.61 41.75 -80.36
C ASP E 2014 19.48 42.85 -79.75
N ASP E 2020 29.48 46.07 -80.04
CA ASP E 2020 29.92 44.68 -80.02
C ASP E 2020 29.88 44.08 -81.41
N CYS E 2021 29.53 44.91 -82.40
CA CYS E 2021 29.41 44.47 -83.78
C CYS E 2021 29.79 45.61 -84.73
N PRO E 2022 31.04 45.70 -85.14
CA PRO E 2022 31.49 46.79 -86.02
C PRO E 2022 31.30 46.53 -87.51
N LEU E 2023 30.70 45.41 -87.89
CA LEU E 2023 30.39 44.80 -89.19
C LEU E 2023 29.23 45.57 -89.85
N PRO E 2024 29.26 45.80 -91.17
CA PRO E 2024 28.21 46.62 -91.79
C PRO E 2024 26.90 45.85 -91.95
N GLU E 2025 25.88 46.59 -92.40
CA GLU E 2025 24.50 46.11 -92.43
C GLU E 2025 24.08 45.56 -93.80
N ASP E 2026 25.03 45.17 -94.64
CA ASP E 2026 24.73 44.52 -95.90
C ASP E 2026 25.11 43.04 -95.92
N ILE E 2027 25.61 42.51 -94.81
CA ILE E 2027 26.23 41.19 -94.77
C ILE E 2027 25.62 40.32 -93.67
N ARG E 2028 24.46 40.70 -93.12
CA ARG E 2028 23.89 40.01 -91.97
C ARG E 2028 22.70 39.12 -92.30
N GLN E 2029 22.17 39.16 -93.52
CA GLN E 2029 20.85 38.61 -93.79
C GLN E 2029 20.84 37.34 -94.62
N ASP E 2030 21.95 36.97 -95.26
CA ASP E 2030 21.95 35.74 -96.04
C ASP E 2030 21.89 34.51 -95.12
N LEU E 2031 22.65 34.53 -94.02
CA LEU E 2031 22.51 33.46 -93.05
C LEU E 2031 21.21 33.55 -92.27
N GLN E 2032 20.60 34.75 -92.19
CA GLN E 2032 19.25 34.87 -91.65
C GLN E 2032 18.23 34.16 -92.52
N ASP E 2033 18.36 34.28 -93.85
CA ASP E 2033 17.48 33.53 -94.74
C ASP E 2033 17.88 32.06 -94.83
N PHE E 2034 19.11 31.73 -94.46
CA PHE E 2034 19.59 30.34 -94.49
C PHE E 2034 19.06 29.56 -93.28
N HIS E 2035 19.21 30.09 -92.07
CA HIS E 2035 18.93 29.26 -90.89
C HIS E 2035 17.44 29.15 -90.62
N GLN E 2036 16.64 30.16 -91.01
CA GLN E 2036 15.19 29.99 -90.88
C GLN E 2036 14.66 29.04 -91.94
N ASP E 2037 15.35 28.96 -93.09
CA ASP E 2037 15.03 27.92 -94.07
C ASP E 2037 15.40 26.54 -93.53
N LEU E 2038 16.49 26.44 -92.76
CA LEU E 2038 16.80 25.19 -92.07
C LEU E 2038 15.78 24.85 -91.00
N LEU E 2039 15.26 25.84 -90.28
CA LEU E 2039 14.16 25.60 -89.34
C LEU E 2039 12.93 25.07 -90.05
N ALA E 2040 12.53 25.70 -91.16
CA ALA E 2040 11.40 25.22 -91.93
C ALA E 2040 11.65 23.86 -92.59
N HIS E 2041 12.91 23.55 -92.89
CA HIS E 2041 13.25 22.20 -93.33
C HIS E 2041 13.09 21.19 -92.19
N CYS E 2042 13.31 21.63 -90.95
CA CYS E 2042 13.04 20.83 -89.77
C CYS E 2042 11.55 20.90 -89.41
N GLY E 2043 11.19 20.42 -88.22
CA GLY E 2043 9.80 20.24 -87.84
C GLY E 2043 9.04 21.53 -87.57
N ILE E 2044 9.74 22.58 -87.15
CA ILE E 2044 9.10 23.87 -86.91
C ILE E 2044 8.81 24.54 -88.25
N GLN E 2045 7.62 25.11 -88.40
CA GLN E 2045 7.32 25.78 -89.65
C GLN E 2045 7.81 27.23 -89.70
N LEU E 2046 8.22 27.77 -88.54
CA LEU E 2046 8.99 29.02 -88.44
C LEU E 2046 8.21 30.23 -88.98
N GLU E 2047 7.11 30.56 -88.29
CA GLU E 2047 6.34 31.75 -88.63
C GLU E 2047 6.57 32.85 -87.59
N PRO E 2091 -0.87 13.89 -95.29
CA PRO E 2091 0.49 14.42 -95.12
C PRO E 2091 1.00 15.16 -96.36
N GLN E 2092 1.91 16.12 -96.15
CA GLN E 2092 2.52 16.89 -97.22
C GLN E 2092 3.99 16.55 -97.47
N SER E 2093 4.67 15.95 -96.50
CA SER E 2093 6.08 15.57 -96.65
C SER E 2093 6.31 14.35 -95.77
N LEU E 2094 7.57 13.91 -95.72
CA LEU E 2094 7.85 12.75 -94.89
C LEU E 2094 7.95 13.09 -93.40
N GLN E 2095 8.02 14.37 -93.05
CA GLN E 2095 7.88 14.77 -91.65
C GLN E 2095 6.47 14.58 -91.13
N GLU E 2096 5.46 14.53 -92.00
CA GLU E 2096 4.10 14.19 -91.61
C GLU E 2096 3.66 12.82 -92.10
N LEU E 2097 4.46 12.15 -92.93
CA LEU E 2097 4.19 10.78 -93.35
C LEU E 2097 4.30 9.82 -92.18
N VAL E 2098 5.51 9.69 -91.63
CA VAL E 2098 5.79 8.63 -90.66
C VAL E 2098 5.52 9.08 -89.22
N SER E 2099 5.17 10.35 -89.00
CA SER E 2099 4.74 10.77 -87.67
C SER E 2099 3.42 10.13 -87.28
N HIS E 2100 2.50 10.06 -88.23
CA HIS E 2100 1.21 9.39 -88.06
C HIS E 2100 1.24 7.93 -88.47
N MET E 2101 2.41 7.30 -88.44
CA MET E 2101 2.53 5.89 -88.80
C MET E 2101 2.75 5.01 -87.58
N VAL E 2102 3.56 5.50 -86.63
CA VAL E 2102 3.84 4.73 -85.41
C VAL E 2102 2.60 4.63 -84.54
N VAL E 2103 1.86 5.73 -84.40
CA VAL E 2103 0.60 5.69 -83.64
C VAL E 2103 -0.45 4.87 -84.37
N ARG E 2104 -0.40 4.85 -85.71
CA ARG E 2104 -1.30 4.01 -86.49
C ARG E 2104 -1.04 2.53 -86.22
N TRP E 2105 0.24 2.15 -86.18
CA TRP E 2105 0.61 0.77 -85.88
C TRP E 2105 0.41 0.42 -84.41
N ALA E 2106 0.44 1.42 -83.53
CA ALA E 2106 0.30 1.16 -82.11
C ALA E 2106 -1.15 1.04 -81.68
N GLN E 2107 -2.06 1.78 -82.32
CA GLN E 2107 -3.49 1.64 -82.03
C GLN E 2107 -4.09 0.39 -82.67
N GLU E 2108 -3.34 -0.32 -83.51
CA GLU E 2108 -3.87 -1.52 -84.15
C GLU E 2108 -3.90 -2.70 -83.19
N ASP E 2109 -2.73 -3.11 -82.70
CA ASP E 2109 -2.66 -4.23 -81.78
C ASP E 2109 -1.52 -4.01 -80.79
N TYR E 2110 -1.56 -4.75 -79.69
CA TYR E 2110 -0.50 -4.74 -78.70
C TYR E 2110 0.72 -5.47 -79.24
N VAL E 2111 1.89 -4.86 -79.10
CA VAL E 2111 3.11 -5.49 -79.59
C VAL E 2111 3.50 -6.63 -78.66
N GLN E 2112 4.33 -7.52 -79.18
CA GLN E 2112 4.84 -8.66 -78.46
C GLN E 2112 6.34 -8.62 -78.30
N SER E 2113 7.00 -7.64 -78.90
CA SER E 2113 8.42 -7.62 -79.17
C SER E 2113 9.12 -6.49 -78.42
N PRO E 2114 10.34 -6.73 -77.93
CA PRO E 2114 11.11 -5.67 -77.27
C PRO E 2114 12.05 -4.89 -78.19
N GLU E 2115 12.08 -5.22 -79.49
CA GLU E 2115 12.94 -4.53 -80.45
C GLU E 2115 12.20 -3.54 -81.33
N LEU E 2116 10.96 -3.82 -81.74
CA LEU E 2116 10.21 -2.87 -82.57
C LEU E 2116 9.74 -1.67 -81.77
N VAL E 2117 9.34 -1.88 -80.51
CA VAL E 2117 8.93 -0.79 -79.63
C VAL E 2117 10.12 0.05 -79.18
N ARG E 2118 11.34 -0.43 -79.35
CA ARG E 2118 12.50 0.44 -79.19
C ARG E 2118 12.88 1.10 -80.52
N ALA E 2119 12.69 0.38 -81.64
CA ALA E 2119 13.17 0.85 -82.93
C ALA E 2119 12.37 2.05 -83.44
N MET E 2120 11.04 1.91 -83.58
CA MET E 2120 10.34 3.06 -84.15
C MET E 2120 10.13 4.17 -83.13
N PHE E 2121 10.23 3.86 -81.84
CA PHE E 2121 10.26 4.89 -80.81
C PHE E 2121 11.58 5.64 -80.77
N SER E 2122 12.67 5.04 -81.28
CA SER E 2122 13.86 5.82 -81.59
C SER E 2122 13.76 6.52 -82.92
N LEU E 2123 12.89 6.05 -83.82
CA LEU E 2123 12.73 6.68 -85.13
C LEU E 2123 11.93 7.98 -85.10
N LEU E 2124 10.81 8.05 -84.38
CA LEU E 2124 10.00 9.27 -84.51
C LEU E 2124 10.58 10.44 -83.73
N HIS E 2125 11.29 10.16 -82.62
CA HIS E 2125 11.96 11.21 -81.86
C HIS E 2125 13.09 11.82 -82.66
N ARG E 2126 13.72 11.03 -83.54
CA ARG E 2126 14.71 11.52 -84.50
C ARG E 2126 14.15 12.63 -85.37
N GLN E 2127 13.05 12.36 -86.06
CA GLN E 2127 12.50 13.35 -86.97
C GLN E 2127 11.72 14.44 -86.25
N TYR E 2128 11.34 14.23 -85.00
CA TYR E 2128 10.77 15.32 -84.21
C TYR E 2128 11.86 16.29 -83.74
N ASP E 2129 12.84 15.81 -82.98
CA ASP E 2129 13.97 16.63 -82.58
C ASP E 2129 15.15 16.42 -83.54
N GLY E 2130 14.84 16.58 -84.83
CA GLY E 2130 15.87 16.76 -85.84
C GLY E 2130 16.89 17.84 -85.51
N LEU E 2131 16.44 18.94 -84.91
CA LEU E 2131 17.37 20.01 -84.53
C LEU E 2131 18.32 19.56 -83.43
N GLY E 2132 17.80 18.85 -82.42
CA GLY E 2132 18.66 18.32 -81.38
C GLY E 2132 19.56 17.21 -81.86
N GLU E 2133 19.11 16.40 -82.82
CA GLU E 2133 19.96 15.38 -83.40
C GLU E 2133 21.03 15.95 -84.30
N LEU E 2134 20.75 17.06 -84.98
CA LEU E 2134 21.77 17.79 -85.72
C LEU E 2134 22.79 18.43 -84.79
N LEU E 2135 22.32 18.95 -83.65
CA LEU E 2135 23.21 19.63 -82.71
C LEU E 2135 24.18 18.66 -82.04
N ARG E 2136 23.83 17.38 -81.93
CA ARG E 2136 24.74 16.37 -81.41
C ARG E 2136 25.45 15.57 -82.49
N ALA E 2137 25.19 15.84 -83.77
CA ALA E 2137 25.92 15.19 -84.84
C ALA E 2137 26.88 16.12 -85.57
N LEU E 2138 26.68 17.43 -85.47
CA LEU E 2138 27.58 18.37 -86.11
C LEU E 2138 28.97 18.62 -85.47
N PRO E 2139 29.19 18.54 -84.14
CA PRO E 2139 30.58 18.69 -83.65
C PRO E 2139 31.48 17.50 -83.96
N ARG E 2140 30.92 16.36 -84.35
CA ARG E 2140 31.70 15.21 -84.80
C ARG E 2140 31.83 15.17 -86.32
N ALA E 2141 31.77 16.35 -86.94
CA ALA E 2141 31.90 16.51 -88.38
C ALA E 2141 33.04 17.47 -88.68
N TYR E 2142 33.90 17.10 -89.62
CA TYR E 2142 35.05 17.91 -89.98
C TYR E 2142 35.08 18.13 -91.49
N THR E 2143 35.90 19.09 -91.92
CA THR E 2143 36.02 19.45 -93.32
C THR E 2143 37.50 19.49 -93.69
N ILE E 2144 37.86 18.81 -94.77
CA ILE E 2144 39.25 18.68 -95.21
C ILE E 2144 39.37 19.30 -96.59
N SER E 2145 40.45 20.07 -96.81
CA SER E 2145 40.75 20.65 -98.10
C SER E 2145 40.91 19.56 -99.15
N PRO E 2146 40.37 19.73 -100.36
CA PRO E 2146 40.19 18.59 -101.28
C PRO E 2146 41.46 18.06 -101.92
N SER E 2147 42.64 18.58 -101.58
CA SER E 2147 43.89 18.04 -102.09
C SER E 2147 44.48 16.97 -101.18
N SER E 2148 43.72 16.49 -100.18
CA SER E 2148 44.18 15.48 -99.24
C SER E 2148 43.29 14.24 -99.24
N VAL E 2149 42.46 14.10 -100.28
CA VAL E 2149 41.56 12.95 -100.37
C VAL E 2149 42.34 11.67 -100.62
N GLU E 2150 43.40 11.73 -101.44
CA GLU E 2150 44.18 10.54 -101.73
C GLU E 2150 45.02 10.09 -100.54
N ASP E 2151 45.25 10.96 -99.56
CA ASP E 2151 45.86 10.54 -98.31
C ASP E 2151 44.82 10.03 -97.32
N THR E 2152 43.65 10.67 -97.28
CA THR E 2152 42.69 10.32 -96.23
C THR E 2152 41.87 9.06 -96.53
N MET E 2153 41.68 8.66 -97.80
CA MET E 2153 40.92 7.43 -98.03
C MET E 2153 41.68 6.19 -97.59
N SER E 2154 43.02 6.24 -97.60
CA SER E 2154 43.84 5.17 -97.04
C SER E 2154 43.58 5.01 -95.53
N LEU E 2155 43.49 6.13 -94.81
CA LEU E 2155 43.25 6.06 -93.37
C LEU E 2155 41.83 5.60 -93.07
N LEU E 2156 40.86 6.02 -93.89
CA LEU E 2156 39.49 5.53 -93.70
C LEU E 2156 39.37 4.05 -94.01
N GLU E 2157 40.12 3.53 -94.99
CA GLU E 2157 40.13 2.08 -95.20
C GLU E 2157 40.83 1.38 -94.05
N CYS E 2158 41.87 1.99 -93.48
CA CYS E 2158 42.55 1.41 -92.32
C CYS E 2158 41.66 1.42 -91.07
N LEU E 2159 40.81 2.43 -90.92
CA LEU E 2159 39.85 2.45 -89.83
C LEU E 2159 38.69 1.50 -90.09
N GLY E 2160 38.35 1.25 -91.36
CA GLY E 2160 37.44 0.17 -91.68
C GLY E 2160 38.03 -1.21 -91.48
N GLN E 2161 39.36 -1.32 -91.49
CA GLN E 2161 40.09 -2.56 -91.20
C GLN E 2161 40.25 -2.83 -89.72
N ILE E 2162 40.60 -1.81 -88.92
CA ILE E 2162 40.83 -2.02 -87.50
C ILE E 2162 39.53 -2.32 -86.77
N ARG E 2163 38.42 -1.75 -87.24
CA ARG E 2163 37.12 -2.07 -86.66
C ARG E 2163 36.38 -3.14 -87.46
N SER E 2164 37.01 -3.71 -88.49
CA SER E 2164 36.60 -5.04 -88.95
C SER E 2164 37.31 -6.13 -88.17
N LEU E 2165 38.48 -5.83 -87.59
CA LEU E 2165 39.24 -6.83 -86.84
C LEU E 2165 39.01 -6.78 -85.33
N LEU E 2166 38.50 -5.68 -84.77
CA LEU E 2166 38.29 -5.67 -83.32
C LEU E 2166 37.18 -6.60 -82.87
N ILE E 2167 36.25 -6.96 -83.74
CA ILE E 2167 35.22 -7.93 -83.40
C ILE E 2167 35.58 -9.33 -83.90
N VAL E 2168 36.87 -9.59 -84.14
CA VAL E 2168 37.38 -10.95 -84.19
C VAL E 2168 38.44 -11.09 -83.10
N GLN E 2169 38.49 -12.29 -82.49
CA GLN E 2169 39.44 -12.55 -81.42
C GLN E 2169 40.82 -12.83 -82.00
N MET E 2170 41.84 -12.48 -81.24
CA MET E 2170 43.21 -12.44 -81.75
C MET E 2170 43.76 -13.86 -81.90
N GLY E 2171 44.28 -14.18 -83.10
CA GLY E 2171 44.74 -15.51 -83.42
C GLY E 2171 46.25 -15.60 -83.60
N PRO E 2172 46.71 -16.64 -84.32
CA PRO E 2172 48.15 -16.83 -84.51
C PRO E 2172 48.82 -15.83 -85.44
N GLN E 2173 48.21 -15.51 -86.58
CA GLN E 2173 48.77 -14.52 -87.49
C GLN E 2173 47.89 -13.26 -87.56
N GLU E 2174 47.30 -12.86 -86.43
CA GLU E 2174 46.57 -11.62 -86.35
C GLU E 2174 47.40 -10.49 -85.75
N GLU E 2175 48.69 -10.71 -85.50
CA GLU E 2175 49.55 -9.75 -84.80
C GLU E 2175 50.18 -8.74 -85.74
N ASN E 2176 50.41 -9.11 -86.99
CA ASN E 2176 51.16 -8.28 -87.92
C ASN E 2176 50.26 -7.35 -88.74
N LEU E 2177 49.04 -7.80 -89.06
CA LEU E 2177 48.08 -6.99 -89.79
C LEU E 2177 47.54 -5.85 -88.92
N MET E 2178 47.57 -6.02 -87.61
CA MET E 2178 47.30 -4.92 -86.67
C MET E 2178 48.37 -3.83 -86.79
N ILE E 2179 49.63 -4.23 -86.69
CA ILE E 2179 50.68 -3.25 -86.44
C ILE E 2179 51.16 -2.59 -87.73
N GLN E 2180 51.10 -3.27 -88.88
CA GLN E 2180 51.37 -2.53 -90.11
C GLN E 2180 50.22 -1.61 -90.51
N SER E 2181 48.99 -1.87 -90.06
CA SER E 2181 47.92 -0.91 -90.26
C SER E 2181 48.12 0.34 -89.42
N ILE E 2182 48.38 0.17 -88.12
CA ILE E 2182 48.63 1.35 -87.30
C ILE E 2182 50.00 1.97 -87.55
N GLY E 2183 50.87 1.28 -88.31
CA GLY E 2183 52.06 1.94 -88.85
C GLY E 2183 51.82 2.62 -90.18
N ASN E 2184 50.84 2.15 -90.95
CA ASN E 2184 50.39 2.87 -92.13
C ASN E 2184 49.70 4.17 -91.76
N ILE E 2185 49.17 4.24 -90.53
CA ILE E 2185 48.72 5.53 -89.99
C ILE E 2185 49.88 6.53 -89.91
N MET E 2186 51.09 6.05 -89.57
CA MET E 2186 52.19 6.96 -89.26
C MET E 2186 52.77 7.68 -90.47
N ASN E 2187 52.70 7.09 -91.67
CA ASN E 2187 53.33 7.72 -92.83
C ASN E 2187 52.28 8.34 -93.74
N ASN E 2188 51.29 9.01 -93.15
CA ASN E 2188 50.11 9.45 -93.88
C ASN E 2188 50.06 10.97 -94.03
N LYS E 2189 50.75 11.73 -93.17
CA LYS E 2189 50.86 13.19 -93.19
C LYS E 2189 49.51 13.90 -93.03
N VAL E 2190 48.51 13.19 -92.51
CA VAL E 2190 47.32 13.80 -91.92
C VAL E 2190 47.29 13.53 -90.41
N PHE E 2191 48.22 12.69 -89.93
CA PHE E 2191 48.35 12.35 -88.53
C PHE E 2191 48.84 13.53 -87.69
N TYR E 2192 49.52 14.49 -88.32
CA TYR E 2192 50.05 15.64 -87.60
C TYR E 2192 49.53 16.97 -88.14
N GLN E 2193 48.89 16.98 -89.32
CA GLN E 2193 48.31 18.21 -89.83
C GLN E 2193 47.08 18.62 -89.03
N HIS E 2194 46.16 17.69 -88.80
CA HIS E 2194 44.97 17.94 -88.00
C HIS E 2194 44.88 16.86 -86.92
N PRO E 2195 44.91 17.25 -85.63
CA PRO E 2195 44.83 16.24 -84.57
C PRO E 2195 43.40 15.90 -84.16
N ASN E 2196 42.41 16.66 -84.61
CA ASN E 2196 41.07 16.59 -84.04
C ASN E 2196 40.01 15.97 -84.95
N LEU E 2197 40.36 15.55 -86.17
CA LEU E 2197 39.39 14.75 -86.91
C LEU E 2197 39.35 13.32 -86.39
N MET E 2198 40.46 12.88 -85.78
CA MET E 2198 40.48 11.56 -85.14
C MET E 2198 39.60 11.53 -83.90
N ARG E 2199 39.42 12.67 -83.22
CA ARG E 2199 38.46 12.74 -82.12
C ARG E 2199 37.03 12.52 -82.62
N ALA E 2200 36.72 12.97 -83.84
CA ALA E 2200 35.43 12.70 -84.42
C ALA E 2200 35.31 11.26 -84.94
N LEU E 2201 36.40 10.71 -85.48
CA LEU E 2201 36.36 9.32 -85.94
C LEU E 2201 36.29 8.32 -84.78
N GLY E 2202 36.80 8.68 -83.61
CA GLY E 2202 36.73 7.78 -82.47
C GLY E 2202 37.77 6.68 -82.50
N MET E 2203 38.99 7.01 -82.92
CA MET E 2203 40.06 6.02 -83.02
C MET E 2203 40.76 5.77 -81.69
N HIS E 2204 40.79 6.76 -80.80
CA HIS E 2204 41.68 6.71 -79.64
C HIS E 2204 41.16 5.86 -78.47
N GLU E 2205 39.94 5.32 -78.56
CA GLU E 2205 39.49 4.30 -77.62
C GLU E 2205 39.37 2.91 -78.24
N THR E 2206 39.26 2.82 -79.57
CA THR E 2206 39.30 1.52 -80.23
C THR E 2206 40.68 0.89 -80.20
N VAL E 2207 41.72 1.70 -79.98
CA VAL E 2207 43.09 1.18 -79.85
C VAL E 2207 43.38 0.65 -78.45
N MET E 2208 42.55 0.96 -77.47
CA MET E 2208 42.68 0.36 -76.14
C MET E 2208 41.58 -0.63 -75.82
N GLU E 2209 40.45 -0.61 -76.54
CA GLU E 2209 39.51 -1.71 -76.42
C GLU E 2209 40.08 -3.00 -76.99
N VAL E 2210 40.98 -2.91 -77.96
CA VAL E 2210 41.73 -4.09 -78.38
C VAL E 2210 42.87 -4.39 -77.42
N MET E 2211 43.28 -3.43 -76.58
CA MET E 2211 44.33 -3.70 -75.61
C MET E 2211 43.77 -4.44 -74.39
N VAL E 2212 42.56 -4.08 -73.97
CA VAL E 2212 41.95 -4.74 -72.81
C VAL E 2212 41.50 -6.16 -73.12
N ASN E 2213 41.41 -6.55 -74.40
CA ASN E 2213 41.16 -7.96 -74.72
C ASN E 2213 42.36 -8.83 -74.35
N VAL E 2214 43.57 -8.39 -74.68
CA VAL E 2214 44.77 -9.18 -74.38
C VAL E 2214 45.36 -8.85 -73.02
N LEU E 2215 44.85 -7.83 -72.34
CA LEU E 2215 45.25 -7.59 -70.95
C LEU E 2215 44.18 -8.02 -69.93
N GLY E 2216 42.98 -8.38 -70.38
CA GLY E 2216 41.95 -8.84 -69.47
C GLY E 2216 41.02 -7.76 -68.95
N GLU E 2222 48.40 -14.17 -67.17
CA GLU E 2222 49.57 -14.04 -68.01
C GLU E 2222 49.25 -13.33 -69.32
N ILE E 2223 50.29 -12.97 -70.07
CA ILE E 2223 50.15 -12.34 -71.37
C ILE E 2223 50.59 -13.35 -72.43
N ARG E 2224 49.88 -13.36 -73.56
CA ARG E 2224 50.21 -14.23 -74.67
C ARG E 2224 50.64 -13.49 -75.92
N PHE E 2225 50.60 -12.16 -75.93
CA PHE E 2225 50.92 -11.35 -77.11
C PHE E 2225 51.91 -10.28 -76.68
N PRO E 2226 53.22 -10.57 -76.72
CA PRO E 2226 54.22 -9.57 -76.32
C PRO E 2226 54.50 -8.55 -77.40
N LYS E 2227 54.17 -8.90 -78.64
CA LYS E 2227 54.36 -8.00 -79.78
C LYS E 2227 53.38 -6.83 -79.78
N MET E 2228 52.16 -7.03 -79.32
CA MET E 2228 51.10 -6.08 -79.63
C MET E 2228 51.02 -4.94 -78.61
N VAL E 2229 51.50 -5.16 -77.38
CA VAL E 2229 51.31 -4.18 -76.32
C VAL E 2229 52.21 -2.95 -76.51
N THR E 2230 53.48 -3.18 -76.85
CA THR E 2230 54.44 -2.11 -77.11
C THR E 2230 54.18 -1.41 -78.45
N SER E 2231 53.30 -1.96 -79.29
CA SER E 2231 52.85 -1.34 -80.51
C SER E 2231 51.52 -0.61 -80.36
N CYS E 2232 50.68 -1.06 -79.44
CA CYS E 2232 49.47 -0.30 -79.11
C CYS E 2232 49.81 0.97 -78.37
N CYS E 2233 50.73 0.89 -77.40
CA CYS E 2233 51.18 2.12 -76.75
C CYS E 2233 52.09 2.95 -77.64
N ARG E 2234 52.65 2.36 -78.71
CA ARG E 2234 53.45 3.11 -79.66
C ARG E 2234 52.63 4.16 -80.39
N PHE E 2235 51.39 3.82 -80.76
CA PHE E 2235 50.48 4.77 -81.38
C PHE E 2235 50.08 5.87 -80.40
N LEU E 2236 49.74 5.49 -79.18
CA LEU E 2236 49.27 6.40 -78.14
C LEU E 2236 50.33 7.38 -77.67
N CYS E 2237 51.59 6.94 -77.53
CA CYS E 2237 52.64 7.81 -77.02
C CYS E 2237 52.95 8.95 -77.98
N TYR E 2238 52.77 8.74 -79.28
CA TYR E 2238 52.83 9.82 -80.25
C TYR E 2238 51.50 10.54 -80.40
N PHE E 2239 50.38 9.89 -80.03
CA PHE E 2239 49.09 10.56 -80.09
C PHE E 2239 48.94 11.61 -78.99
N CYS E 2240 49.62 11.44 -77.86
CA CYS E 2240 49.50 12.41 -76.77
C CYS E 2240 50.10 13.77 -77.15
N ARG E 2241 51.28 13.78 -77.76
CA ARG E 2241 51.97 15.04 -78.02
C ARG E 2241 51.95 15.46 -79.49
N ILE E 2242 50.80 15.43 -80.15
CA ILE E 2242 50.66 16.12 -81.42
C ILE E 2242 49.91 17.43 -81.19
N SER E 2243 49.03 17.42 -80.20
CA SER E 2243 48.34 18.60 -79.68
C SER E 2243 48.18 18.38 -78.20
N ARG E 2244 47.30 19.13 -77.54
CA ARG E 2244 47.15 18.94 -76.11
C ARG E 2244 45.72 18.83 -75.58
N GLN E 2245 44.69 19.17 -76.36
CA GLN E 2245 43.34 18.82 -75.91
C GLN E 2245 43.00 17.35 -76.16
N ASN E 2246 43.91 16.59 -76.77
CA ASN E 2246 43.80 15.13 -76.78
C ASN E 2246 44.28 14.50 -75.48
N GLN E 2247 44.90 15.28 -74.59
CA GLN E 2247 45.52 14.73 -73.38
C GLN E 2247 44.46 14.33 -72.34
N ARG E 2248 43.47 15.20 -72.13
CA ARG E 2248 42.44 14.96 -71.11
C ARG E 2248 41.32 14.04 -71.59
N SER E 2249 41.35 13.61 -72.85
CA SER E 2249 40.52 12.48 -73.26
C SER E 2249 41.12 11.17 -72.75
N MET E 2250 42.40 11.19 -72.37
CA MET E 2250 43.09 10.04 -71.81
C MET E 2250 43.23 10.08 -70.30
N PHE E 2251 42.79 11.16 -69.64
CA PHE E 2251 43.14 11.33 -68.23
C PHE E 2251 42.25 10.49 -67.33
N ASP E 2252 40.95 10.39 -67.65
CA ASP E 2252 40.04 9.57 -66.88
C ASP E 2252 40.26 8.08 -67.13
N HIS E 2253 41.05 7.74 -68.14
CA HIS E 2253 41.47 6.37 -68.44
C HIS E 2253 42.62 5.91 -67.54
N LEU E 2254 43.14 6.78 -66.67
CA LEU E 2254 44.34 6.46 -65.90
C LEU E 2254 44.06 5.53 -64.73
N SER E 2255 42.80 5.30 -64.38
CA SER E 2255 42.50 4.29 -63.38
C SER E 2255 42.74 2.87 -63.89
N TYR E 2256 42.86 2.69 -65.22
CA TYR E 2256 43.20 1.41 -65.81
C TYR E 2256 44.42 1.46 -66.72
N LEU E 2257 44.91 2.65 -67.07
CA LEU E 2257 46.11 2.77 -67.90
C LEU E 2257 47.37 2.29 -67.17
N LEU E 2258 47.49 2.57 -65.87
CA LEU E 2258 48.58 2.04 -65.07
C LEU E 2258 48.08 0.99 -64.07
N GLU E 2259 46.89 0.45 -64.27
CA GLU E 2259 46.43 -0.67 -63.45
C GLU E 2259 47.02 -2.00 -63.89
N ASN E 2260 47.48 -2.10 -65.12
CA ASN E 2260 48.01 -3.35 -65.65
C ASN E 2260 49.46 -3.18 -66.08
N SER E 2261 50.17 -2.24 -65.45
CA SER E 2261 51.56 -1.97 -65.78
C SER E 2261 52.53 -2.79 -64.94
N GLY E 2262 52.07 -3.36 -63.84
CA GLY E 2262 52.94 -4.14 -62.97
C GLY E 2262 52.52 -5.60 -62.85
N MET E 2267 57.29 -4.87 -68.88
CA MET E 2267 57.65 -5.84 -69.90
C MET E 2267 58.87 -5.40 -70.69
N GLN E 2268 59.41 -6.32 -71.50
CA GLN E 2268 60.52 -5.99 -72.38
C GLN E 2268 60.03 -5.11 -73.53
N GLY E 2269 60.77 -4.06 -73.81
CA GLY E 2269 60.36 -3.07 -74.80
C GLY E 2269 59.70 -1.86 -74.14
N SER E 2270 58.41 -1.66 -74.41
CA SER E 2270 57.65 -0.61 -73.74
C SER E 2270 56.44 -1.21 -73.02
N THR E 2271 56.08 -0.58 -71.92
CA THR E 2271 55.02 -1.01 -71.02
C THR E 2271 53.94 0.07 -70.99
N PRO E 2272 52.67 -0.26 -70.63
CA PRO E 2272 51.61 0.77 -70.65
C PRO E 2272 51.71 1.90 -69.63
N LEU E 2273 52.81 2.00 -68.88
CA LEU E 2273 53.06 3.14 -68.02
C LEU E 2273 53.71 4.30 -68.77
N ASP E 2274 54.26 4.04 -69.97
CA ASP E 2274 54.90 5.10 -70.76
C ASP E 2274 53.87 6.13 -71.21
N VAL E 2275 52.67 5.68 -71.55
CA VAL E 2275 51.62 6.62 -71.94
C VAL E 2275 51.05 7.31 -70.71
N ALA E 2276 51.09 6.67 -69.54
CA ALA E 2276 50.70 7.35 -68.31
C ALA E 2276 51.68 8.45 -67.94
N ALA E 2277 52.96 8.25 -68.24
CA ALA E 2277 53.94 9.31 -68.05
C ALA E 2277 53.79 10.41 -69.09
N ALA E 2278 53.36 10.05 -70.30
CA ALA E 2278 53.05 11.06 -71.32
C ALA E 2278 51.73 11.77 -71.07
N SER E 2279 50.90 11.26 -70.17
CA SER E 2279 49.66 11.95 -69.80
C SER E 2279 49.85 13.10 -68.82
N VAL E 2280 51.06 13.30 -68.28
CA VAL E 2280 51.31 14.34 -67.28
C VAL E 2280 52.41 15.30 -67.71
N ILE E 2281 52.70 15.40 -69.00
CA ILE E 2281 53.84 16.18 -69.48
C ILE E 2281 53.30 17.42 -70.21
N ASP E 2282 54.09 18.50 -70.17
CA ASP E 2282 54.08 19.67 -71.05
C ASP E 2282 52.99 20.69 -70.68
N ASN E 2283 52.27 20.47 -69.57
CA ASN E 2283 51.38 21.51 -69.07
C ASN E 2283 51.22 21.34 -67.56
N ASN E 2284 50.98 22.46 -66.88
CA ASN E 2284 50.78 22.46 -65.44
C ASN E 2284 49.34 22.18 -65.04
N GLU E 2285 48.35 22.49 -65.89
CA GLU E 2285 46.97 22.24 -65.48
C GLU E 2285 46.57 20.77 -65.66
N LEU E 2286 47.22 20.07 -66.59
CA LEU E 2286 47.16 18.62 -66.61
C LEU E 2286 47.97 17.99 -65.48
N ALA E 2287 48.78 18.78 -64.77
CA ALA E 2287 49.65 18.29 -63.72
C ALA E 2287 49.09 18.50 -62.31
N LEU E 2288 48.42 19.62 -62.04
CA LEU E 2288 47.96 19.84 -60.67
C LEU E 2288 46.53 19.33 -60.48
N ALA E 2289 45.89 18.83 -61.53
CA ALA E 2289 44.52 18.34 -61.45
C ALA E 2289 44.44 16.83 -61.24
N LEU E 2290 45.52 16.20 -60.77
CA LEU E 2290 45.45 14.79 -60.40
C LEU E 2290 44.66 14.63 -59.11
N GLN E 2291 43.76 13.66 -59.08
CA GLN E 2291 43.12 13.28 -57.84
C GLN E 2291 44.06 12.43 -57.00
N GLU E 2292 43.97 12.61 -55.68
CA GLU E 2292 44.94 12.02 -54.76
C GLU E 2292 44.77 10.51 -54.60
N GLN E 2293 43.60 9.97 -54.96
CA GLN E 2293 43.36 8.55 -54.83
C GLN E 2293 44.05 7.72 -55.91
N ASP E 2294 44.57 8.34 -56.96
CA ASP E 2294 45.23 7.62 -58.05
C ASP E 2294 46.75 7.67 -57.96
N LEU E 2295 47.30 7.92 -56.77
CA LEU E 2295 48.74 8.03 -56.60
C LEU E 2295 49.32 7.05 -55.59
N GLU E 2296 48.55 6.60 -54.60
CA GLU E 2296 49.04 5.58 -53.67
C GLU E 2296 49.16 4.22 -54.33
N LYS E 2297 48.51 4.02 -55.48
CA LYS E 2297 48.65 2.78 -56.23
C LYS E 2297 50.04 2.64 -56.85
N VAL E 2298 50.74 3.75 -57.08
CA VAL E 2298 52.11 3.68 -57.59
C VAL E 2298 53.07 3.24 -56.50
N VAL E 2299 52.97 3.86 -55.31
CA VAL E 2299 53.80 3.45 -54.19
C VAL E 2299 53.35 2.13 -53.58
N SER E 2300 52.15 1.64 -53.90
CA SER E 2300 51.79 0.27 -53.54
C SER E 2300 52.63 -0.73 -54.33
N TYR E 2301 52.81 -0.49 -55.64
CA TYR E 2301 53.73 -1.32 -56.42
C TYR E 2301 55.17 -1.11 -56.00
N LEU E 2302 55.52 0.11 -55.60
CA LEU E 2302 56.88 0.37 -55.12
C LEU E 2302 57.16 -0.34 -53.80
N ALA E 2303 56.21 -0.33 -52.87
CA ALA E 2303 56.33 -1.08 -51.64
C ALA E 2303 56.24 -2.59 -51.85
N GLY E 2304 55.59 -3.03 -52.93
CA GLY E 2304 55.65 -4.43 -53.29
C GLY E 2304 57.03 -4.83 -53.78
N CYS E 2305 57.62 -4.04 -54.66
CA CYS E 2305 58.95 -4.35 -55.18
C CYS E 2305 60.08 -3.97 -54.23
N GLY E 2306 59.78 -3.31 -53.11
CA GLY E 2306 60.81 -3.04 -52.12
C GLY E 2306 61.35 -4.27 -51.42
N LEU E 2307 60.59 -5.37 -51.43
CA LEU E 2307 61.09 -6.66 -51.00
C LEU E 2307 60.61 -7.80 -51.90
N GLN E 2308 59.93 -7.48 -53.00
CA GLN E 2308 59.56 -8.47 -54.00
C GLN E 2308 60.76 -8.72 -54.91
N SER E 2309 61.13 -9.98 -55.07
CA SER E 2309 62.24 -10.34 -55.93
C SER E 2309 61.78 -10.28 -57.38
N CYS E 2310 62.71 -10.45 -58.30
CA CYS E 2310 62.33 -10.30 -59.69
C CYS E 2310 62.05 -11.66 -60.31
N PRO E 2311 60.92 -11.84 -60.99
CA PRO E 2311 60.71 -13.07 -61.78
C PRO E 2311 61.52 -13.10 -63.06
N MET E 2312 62.17 -11.99 -63.44
CA MET E 2312 62.99 -11.93 -64.64
C MET E 2312 64.42 -12.39 -64.40
N LEU E 2313 64.83 -12.55 -63.13
CA LEU E 2313 66.21 -12.87 -62.78
C LEU E 2313 66.41 -14.32 -62.36
N LEU E 2314 65.52 -14.85 -61.51
CA LEU E 2314 65.64 -16.23 -61.07
C LEU E 2314 65.28 -17.21 -62.17
N ALA E 2315 64.40 -16.81 -63.09
CA ALA E 2315 64.11 -17.63 -64.26
C ALA E 2315 65.20 -17.55 -65.31
N LYS E 2316 66.05 -16.53 -65.24
CA LYS E 2316 67.18 -16.39 -66.16
C LYS E 2316 68.43 -17.10 -65.65
N GLY E 2317 68.66 -17.10 -64.34
CA GLY E 2317 69.78 -17.83 -63.77
C GLY E 2317 70.80 -16.94 -63.11
N TYR E 2318 70.48 -15.67 -62.92
CA TYR E 2318 71.28 -14.60 -62.35
C TYR E 2318 71.13 -14.58 -60.83
N PRO E 2319 72.15 -14.12 -60.09
CA PRO E 2319 72.14 -14.27 -58.63
C PRO E 2319 71.04 -13.48 -57.93
N ASP E 2320 70.75 -13.91 -56.70
CA ASP E 2320 69.54 -13.50 -56.00
C ASP E 2320 69.78 -12.21 -55.21
N ILE E 2321 68.93 -11.22 -55.46
CA ILE E 2321 68.82 -10.04 -54.63
C ILE E 2321 67.37 -9.95 -54.19
N GLY E 2322 67.15 -9.76 -52.88
CA GLY E 2322 65.81 -9.85 -52.28
C GLY E 2322 64.82 -8.80 -52.75
N TRP E 2323 65.26 -7.79 -53.49
CA TRP E 2323 64.38 -6.76 -54.04
C TRP E 2323 64.83 -6.46 -55.46
N ASN E 2324 63.95 -5.81 -56.22
CA ASN E 2324 64.21 -5.56 -57.63
C ASN E 2324 64.51 -4.07 -57.83
N PRO E 2325 65.73 -3.70 -58.24
CA PRO E 2325 66.02 -2.27 -58.45
C PRO E 2325 65.39 -1.72 -59.72
N CYS E 2326 65.45 -2.48 -60.82
CA CYS E 2326 64.91 -2.00 -62.09
C CYS E 2326 63.41 -2.18 -62.21
N GLY E 2327 62.80 -3.00 -61.34
CA GLY E 2327 61.35 -3.13 -61.36
C GLY E 2327 60.64 -1.90 -60.84
N GLY E 2328 61.26 -1.21 -59.89
CA GLY E 2328 60.75 0.03 -59.36
C GLY E 2328 61.48 1.27 -59.80
N GLU E 2329 62.32 1.20 -60.84
CA GLU E 2329 63.12 2.35 -61.22
C GLU E 2329 62.31 3.37 -62.01
N ARG E 2330 61.43 2.92 -62.91
CA ARG E 2330 60.61 3.84 -63.69
C ARG E 2330 59.25 4.10 -63.05
N TYR E 2331 58.98 3.57 -61.86
CA TYR E 2331 57.86 4.05 -61.07
C TYR E 2331 58.10 5.45 -60.51
N LEU E 2332 59.35 5.90 -60.46
CA LEU E 2332 59.69 7.24 -60.00
C LEU E 2332 59.75 8.24 -61.14
N ASP E 2333 60.00 7.79 -62.38
CA ASP E 2333 60.11 8.71 -63.52
C ASP E 2333 58.74 9.25 -63.89
N PHE E 2334 57.68 8.44 -63.75
CA PHE E 2334 56.32 8.94 -63.92
C PHE E 2334 55.94 9.90 -62.80
N LEU E 2335 56.39 9.61 -61.58
CA LEU E 2335 56.08 10.45 -60.42
C LEU E 2335 56.74 11.82 -60.55
N ARG E 2336 57.98 11.85 -61.03
CA ARG E 2336 58.71 13.10 -61.17
C ARG E 2336 58.12 13.99 -62.26
N PHE E 2337 57.73 13.39 -63.39
CA PHE E 2337 57.06 14.15 -64.44
C PHE E 2337 55.64 14.53 -64.04
N ALA E 2338 55.01 13.79 -63.12
CA ALA E 2338 53.73 14.21 -62.58
C ALA E 2338 53.88 15.38 -61.62
N VAL E 2339 55.01 15.46 -60.92
CA VAL E 2339 55.20 16.56 -59.96
C VAL E 2339 55.66 17.82 -60.68
N PHE E 2340 56.76 17.75 -61.43
CA PHE E 2340 57.38 18.95 -61.98
C PHE E 2340 57.18 18.97 -63.50
N VAL E 2341 56.60 20.07 -63.99
CA VAL E 2341 56.51 20.34 -65.42
C VAL E 2341 56.93 21.78 -65.65
N ASN E 2342 58.06 21.97 -66.37
CA ASN E 2342 58.38 23.19 -67.12
C ASN E 2342 58.64 24.39 -66.19
N GLY E 2343 59.67 24.26 -65.35
CA GLY E 2343 60.26 25.39 -64.66
C GLY E 2343 59.45 25.97 -63.52
N GLU E 2344 58.33 25.36 -63.14
CA GLU E 2344 57.55 25.83 -62.02
C GLU E 2344 57.05 24.63 -61.22
N SER E 2345 57.16 24.71 -59.89
CA SER E 2345 56.74 23.62 -59.01
C SER E 2345 55.26 23.72 -58.70
N VAL E 2346 54.65 22.56 -58.46
CA VAL E 2346 53.27 22.52 -57.99
C VAL E 2346 53.27 22.79 -56.49
N GLU E 2347 52.22 23.48 -56.02
CA GLU E 2347 52.10 23.81 -54.60
C GLU E 2347 51.21 22.86 -53.82
N GLU E 2348 50.38 22.06 -54.50
CA GLU E 2348 49.53 21.10 -53.84
C GLU E 2348 50.09 19.69 -53.86
N ASN E 2349 50.44 19.17 -55.05
CA ASN E 2349 50.87 17.78 -55.18
C ASN E 2349 52.23 17.52 -54.56
N ALA E 2350 53.09 18.54 -54.51
CA ALA E 2350 54.38 18.40 -53.84
C ALA E 2350 54.24 18.28 -52.35
N ASN E 2351 53.12 18.73 -51.78
CA ASN E 2351 52.87 18.54 -50.36
C ASN E 2351 52.33 17.13 -50.08
N VAL E 2352 51.62 16.54 -51.03
CA VAL E 2352 51.00 15.24 -50.82
C VAL E 2352 51.92 14.08 -51.20
N VAL E 2353 52.92 14.31 -52.05
CA VAL E 2353 53.77 13.19 -52.47
C VAL E 2353 54.74 12.76 -51.36
N VAL E 2354 55.25 13.69 -50.54
CA VAL E 2354 56.32 13.39 -49.60
C VAL E 2354 55.82 12.60 -48.40
N ARG E 2355 54.72 13.01 -47.76
CA ARG E 2355 54.26 12.22 -46.62
C ARG E 2355 53.56 10.93 -47.03
N LEU E 2356 53.08 10.82 -48.27
CA LEU E 2356 52.62 9.54 -48.79
C LEU E 2356 53.77 8.65 -49.21
N LEU E 2357 54.96 9.22 -49.40
CA LEU E 2357 56.19 8.47 -49.67
C LEU E 2357 56.86 7.95 -48.40
N ILE E 2358 56.98 8.80 -47.38
CA ILE E 2358 57.89 8.51 -46.26
C ILE E 2358 57.26 7.73 -45.12
N ARG E 2359 55.94 7.52 -45.12
CA ARG E 2359 55.38 6.57 -44.17
C ARG E 2359 55.40 5.14 -44.72
N LYS E 2360 55.84 4.96 -45.97
CA LYS E 2360 56.08 3.65 -46.54
C LYS E 2360 57.51 3.25 -46.21
N PRO E 2361 57.73 2.23 -45.39
CA PRO E 2361 59.12 1.89 -45.01
C PRO E 2361 59.87 1.11 -46.09
N GLU E 2362 59.12 0.41 -46.93
CA GLU E 2362 59.71 -0.46 -47.95
C GLU E 2362 59.93 0.23 -49.29
N CYS E 2363 59.39 1.43 -49.49
CA CYS E 2363 59.52 2.11 -50.77
C CYS E 2363 60.91 2.70 -50.99
N PHE E 2364 61.70 2.85 -49.93
CA PHE E 2364 63.07 3.32 -50.05
C PHE E 2364 64.00 2.14 -50.33
N GLY E 2365 65.30 2.41 -50.35
CA GLY E 2365 66.28 1.36 -50.49
C GLY E 2365 66.51 0.63 -49.19
N PRO E 2366 67.20 -0.52 -49.29
CA PRO E 2366 67.47 -1.31 -48.08
C PRO E 2366 68.59 -0.75 -47.20
N ALA E 2367 69.35 0.23 -47.70
CA ALA E 2367 70.44 0.80 -46.91
C ALA E 2367 69.91 1.78 -45.86
N LEU E 2368 69.12 2.77 -46.27
CA LEU E 2368 68.57 3.77 -45.38
C LEU E 2368 67.22 3.37 -44.80
N ARG E 2369 66.87 2.10 -44.82
CA ARG E 2369 65.59 1.65 -44.27
C ARG E 2369 65.60 1.66 -42.75
N GLY E 2373 70.72 -0.01 -40.56
CA GLY E 2373 70.61 1.18 -41.38
C GLY E 2373 71.96 1.75 -41.78
N SER E 2374 72.53 1.20 -42.85
CA SER E 2374 73.82 1.66 -43.33
C SER E 2374 73.68 2.95 -44.12
N GLY E 2375 74.83 3.56 -44.43
CA GLY E 2375 74.87 4.82 -45.14
C GLY E 2375 74.54 4.69 -46.61
N LEU E 2376 74.56 5.85 -47.28
CA LEU E 2376 74.22 5.90 -48.70
C LEU E 2376 75.38 5.43 -49.57
N LEU E 2377 76.62 5.74 -49.17
CA LEU E 2377 77.79 5.28 -49.93
C LEU E 2377 78.04 3.79 -49.72
N ALA E 2378 77.53 3.22 -48.62
CA ALA E 2378 77.70 1.79 -48.36
C ALA E 2378 76.95 0.91 -49.36
N ALA E 2379 75.93 1.44 -50.03
CA ALA E 2379 75.32 0.71 -51.13
C ALA E 2379 76.12 0.86 -52.42
N ILE E 2380 76.57 2.09 -52.71
CA ILE E 2380 77.20 2.34 -54.01
C ILE E 2380 78.63 1.78 -54.06
N GLU E 2381 79.31 1.66 -52.91
CA GLU E 2381 80.66 1.11 -52.90
C GLU E 2381 80.66 -0.39 -53.13
N GLU E 2382 79.62 -1.06 -52.64
CA GLU E 2382 79.42 -2.47 -52.99
C GLU E 2382 78.90 -2.61 -54.41
N ALA E 2383 78.10 -1.64 -54.87
CA ALA E 2383 77.48 -1.71 -56.19
C ALA E 2383 78.51 -1.60 -57.32
N ILE E 2384 79.48 -0.69 -57.17
CA ILE E 2384 80.54 -0.55 -58.15
C ILE E 2384 81.41 -1.81 -58.20
N ARG E 2385 81.69 -2.41 -57.04
CA ARG E 2385 82.60 -3.54 -57.04
C ARG E 2385 81.91 -4.82 -57.52
N ILE E 2386 80.61 -4.96 -57.25
CA ILE E 2386 79.87 -6.08 -57.82
C ILE E 2386 79.52 -5.85 -59.29
N SER E 2387 79.60 -4.61 -59.77
CA SER E 2387 79.51 -4.40 -61.21
C SER E 2387 80.84 -4.67 -61.90
N GLU E 2388 81.96 -4.51 -61.17
CA GLU E 2388 83.26 -4.84 -61.73
C GLU E 2388 83.50 -6.35 -61.74
N ASP E 2389 83.05 -7.06 -60.70
CA ASP E 2389 83.24 -8.51 -60.66
C ASP E 2389 82.25 -9.19 -61.60
N PRO E 2390 82.70 -10.11 -62.46
CA PRO E 2390 81.78 -10.74 -63.41
C PRO E 2390 80.86 -11.78 -62.78
N ALA E 2391 81.32 -12.47 -61.72
CA ALA E 2391 80.50 -13.48 -61.08
C ALA E 2391 79.45 -12.87 -60.14
N ARG E 2392 79.74 -11.72 -59.54
CA ARG E 2392 78.77 -11.05 -58.70
C ARG E 2392 77.67 -10.37 -59.52
N ASP E 2393 77.97 -10.02 -60.77
CA ASP E 2393 77.00 -9.43 -61.68
C ASP E 2393 76.29 -10.53 -62.46
N GLY E 2394 75.58 -10.15 -63.51
CA GLY E 2394 74.88 -11.09 -64.34
C GLY E 2394 75.83 -11.92 -65.19
N PRO E 2395 75.86 -13.24 -64.96
CA PRO E 2395 76.64 -14.25 -65.68
C PRO E 2395 75.91 -15.58 -65.70
N ASN E 2414 70.07 -10.09 -71.70
CA ASN E 2414 71.51 -9.85 -71.71
C ASN E 2414 71.85 -8.40 -71.41
N ARG E 2415 70.90 -7.50 -71.65
CA ARG E 2415 71.10 -6.08 -71.39
C ARG E 2415 70.74 -5.69 -69.95
N VAL E 2416 69.95 -6.52 -69.27
CA VAL E 2416 69.54 -6.22 -67.90
C VAL E 2416 70.69 -6.52 -66.95
N HIS E 2417 71.11 -5.52 -66.19
CA HIS E 2417 72.28 -5.62 -65.33
C HIS E 2417 71.98 -5.17 -63.91
N LEU E 2418 72.25 -6.06 -62.96
CA LEU E 2418 72.10 -5.78 -61.54
C LEU E 2418 73.15 -4.81 -61.01
N GLY E 2419 74.21 -4.55 -61.78
CA GLY E 2419 75.23 -3.60 -61.40
C GLY E 2419 74.95 -2.17 -61.80
N HIS E 2420 73.97 -1.96 -62.68
CA HIS E 2420 73.55 -0.63 -63.07
C HIS E 2420 72.15 -0.27 -62.61
N ALA E 2421 71.28 -1.28 -62.41
CA ALA E 2421 69.95 -1.01 -61.88
C ALA E 2421 69.99 -0.55 -60.42
N ILE E 2422 70.99 -0.99 -59.65
CA ILE E 2422 71.12 -0.64 -58.23
C ILE E 2422 71.37 0.86 -58.06
N MET E 2423 72.13 1.46 -58.98
CA MET E 2423 72.38 2.89 -58.93
C MET E 2423 71.29 3.68 -59.67
N SER E 2424 70.67 3.08 -60.70
CA SER E 2424 69.59 3.75 -61.42
C SER E 2424 68.36 3.93 -60.52
N PHE E 2425 68.10 2.96 -59.64
CA PHE E 2425 67.04 3.09 -58.63
C PHE E 2425 67.29 4.27 -57.71
N TYR E 2426 68.54 4.42 -57.24
CA TYR E 2426 68.87 5.51 -56.33
C TYR E 2426 68.79 6.86 -57.03
N ALA E 2427 69.20 6.92 -58.31
CA ALA E 2427 69.13 8.16 -59.08
C ALA E 2427 67.69 8.57 -59.36
N ALA E 2428 66.81 7.59 -59.58
CA ALA E 2428 65.38 7.92 -59.70
C ALA E 2428 64.79 8.30 -58.36
N LEU E 2429 65.38 7.83 -57.25
CA LEU E 2429 64.86 8.16 -55.93
C LEU E 2429 65.21 9.58 -55.49
N ILE E 2430 66.48 9.98 -55.66
CA ILE E 2430 66.98 11.14 -54.91
C ILE E 2430 66.55 12.45 -55.57
N ASP E 2431 66.52 12.48 -56.92
CA ASP E 2431 66.26 13.72 -57.62
C ASP E 2431 64.82 14.17 -57.50
N LEU E 2432 63.90 13.22 -57.29
CA LEU E 2432 62.50 13.58 -57.02
C LEU E 2432 62.38 14.28 -55.67
N LEU E 2433 63.15 13.84 -54.68
CA LEU E 2433 63.27 14.58 -53.42
C LEU E 2433 63.96 15.92 -53.64
N GLY E 2434 64.81 16.02 -54.67
CA GLY E 2434 65.46 17.29 -54.95
C GLY E 2434 64.52 18.34 -55.51
N ARG E 2435 63.69 17.98 -56.49
CA ARG E 2435 62.78 18.93 -57.14
C ARG E 2435 61.32 18.70 -56.76
N CYS E 2436 61.06 18.03 -55.63
CA CYS E 2436 59.78 18.09 -54.96
C CYS E 2436 59.71 19.19 -53.90
N ALA E 2437 60.82 19.88 -53.66
CA ALA E 2437 60.82 20.97 -52.71
C ALA E 2437 60.12 22.20 -53.29
N PRO E 2438 59.46 23.00 -52.45
CA PRO E 2438 58.86 24.25 -52.93
C PRO E 2438 59.91 25.30 -53.25
N GLU E 2439 59.45 26.40 -53.83
CA GLU E 2439 60.35 27.43 -54.34
C GLU E 2439 60.91 28.30 -53.22
N MET E 2440 61.87 29.16 -53.59
CA MET E 2440 62.65 29.91 -52.62
C MET E 2440 61.90 31.13 -52.08
N HIS E 2441 61.04 31.74 -52.88
CA HIS E 2441 60.24 32.86 -52.37
C HIS E 2441 59.06 32.40 -51.53
N LEU E 2442 58.84 31.09 -51.38
CA LEU E 2442 57.99 30.55 -50.34
C LEU E 2442 58.75 30.20 -49.07
N ILE E 2443 60.07 30.37 -49.06
CA ILE E 2443 60.83 30.12 -47.82
C ILE E 2443 60.79 31.33 -46.88
N GLN E 2444 61.05 32.53 -47.40
CA GLN E 2444 61.03 33.73 -46.57
C GLN E 2444 59.63 34.19 -46.18
N ALA E 2445 58.58 33.66 -46.80
CA ALA E 2445 57.23 34.11 -46.55
C ALA E 2445 56.66 33.45 -45.29
N GLY E 2446 55.35 33.64 -45.09
CA GLY E 2446 54.66 33.09 -43.92
C GLY E 2446 54.03 31.73 -44.16
N LYS E 2447 54.72 30.88 -44.92
CA LYS E 2447 54.29 29.51 -45.15
C LYS E 2447 54.63 28.70 -43.90
N GLY E 2448 53.61 28.18 -43.21
CA GLY E 2448 53.86 27.48 -41.97
C GLY E 2448 54.32 26.04 -42.13
N GLU E 2449 54.12 25.44 -43.30
CA GLU E 2449 54.46 24.05 -43.52
C GLU E 2449 55.38 23.80 -44.71
N ALA E 2450 55.59 24.80 -45.58
CA ALA E 2450 56.46 24.59 -46.74
C ALA E 2450 57.93 24.44 -46.33
N LEU E 2451 58.31 25.00 -45.18
CA LEU E 2451 59.64 24.79 -44.62
C LEU E 2451 59.76 23.43 -43.94
N ARG E 2452 58.63 22.80 -43.59
CA ARG E 2452 58.72 21.62 -42.76
C ARG E 2452 59.10 20.37 -43.56
N ILE E 2453 58.55 20.21 -44.77
CA ILE E 2453 58.98 19.13 -45.66
C ILE E 2453 60.46 19.29 -46.01
N ARG E 2454 60.90 20.53 -46.20
CA ARG E 2454 62.32 20.88 -46.30
C ARG E 2454 63.12 20.40 -45.09
N ALA E 2455 62.59 20.61 -43.87
CA ALA E 2455 63.30 20.23 -42.66
C ALA E 2455 63.38 18.71 -42.49
N ILE E 2456 62.25 18.00 -42.71
CA ILE E 2456 62.25 16.55 -42.61
C ILE E 2456 63.06 15.90 -43.75
N LEU E 2457 63.20 16.60 -44.88
CA LEU E 2457 63.96 16.09 -46.02
C LEU E 2457 65.45 16.34 -45.85
N ARG E 2458 65.83 17.37 -45.11
CA ARG E 2458 67.22 17.50 -44.69
C ARG E 2458 67.56 16.65 -43.47
N SER E 2459 66.55 16.24 -42.69
CA SER E 2459 66.76 15.41 -41.53
C SER E 2459 66.84 13.92 -41.82
N LEU E 2460 66.05 13.39 -42.76
CA LEU E 2460 66.12 11.96 -43.02
C LEU E 2460 67.35 11.61 -43.85
N VAL E 2461 67.62 12.41 -44.88
CA VAL E 2461 68.80 12.23 -45.74
C VAL E 2461 69.91 13.12 -45.20
N PRO E 2462 71.08 12.58 -44.88
CA PRO E 2462 72.18 13.40 -44.37
C PRO E 2462 72.87 14.16 -45.49
N LEU E 2463 73.77 15.07 -45.08
CA LEU E 2463 74.50 15.96 -45.98
C LEU E 2463 75.91 15.47 -46.30
N ASP E 2464 76.60 14.82 -45.35
CA ASP E 2464 77.96 14.36 -45.57
C ASP E 2464 77.99 13.10 -46.43
N ASP E 2465 76.84 12.47 -46.67
CA ASP E 2465 76.73 11.41 -47.65
C ASP E 2465 76.70 11.93 -49.08
N LEU E 2466 76.54 13.25 -49.28
CA LEU E 2466 76.57 13.80 -50.63
C LEU E 2466 78.00 13.98 -51.14
N VAL E 2467 78.91 14.36 -50.25
CA VAL E 2467 80.26 14.71 -50.68
C VAL E 2467 81.07 13.49 -51.07
N GLY E 2468 80.73 12.31 -50.54
CA GLY E 2468 81.44 11.10 -50.94
C GLY E 2468 81.14 10.69 -52.37
N ILE E 2469 79.87 10.72 -52.77
CA ILE E 2469 79.51 10.34 -54.13
C ILE E 2469 79.91 11.44 -55.12
N ILE E 2470 79.90 12.72 -54.69
CA ILE E 2470 80.45 13.74 -55.58
C ILE E 2470 81.98 13.71 -55.60
N SER E 2471 82.61 13.04 -54.62
CA SER E 2471 84.05 12.88 -54.52
C SER E 2471 84.58 11.61 -55.17
N LEU E 2472 83.72 10.65 -55.50
CA LEU E 2472 84.18 9.40 -56.09
C LEU E 2472 84.62 9.60 -57.53
N PRO E 2473 85.84 9.22 -57.91
CA PRO E 2473 86.35 9.49 -59.25
C PRO E 2473 85.77 8.54 -60.29
N LEU E 2474 86.18 8.77 -61.54
CA LEU E 2474 85.69 7.99 -62.67
C LEU E 2474 86.71 6.97 -63.15
N GLN E 2475 86.20 5.98 -63.87
CA GLN E 2475 87.00 5.07 -64.68
C GLN E 2475 86.92 5.59 -66.11
N ILE E 2476 87.63 6.67 -66.37
CA ILE E 2476 87.52 7.38 -67.66
C ILE E 2476 88.25 6.59 -68.73
N PRO E 2477 87.69 6.44 -69.93
CA PRO E 2477 88.42 5.75 -71.01
C PRO E 2477 89.67 6.49 -71.44
N THR E 2478 90.71 5.71 -71.72
CA THR E 2478 91.99 6.24 -72.19
C THR E 2478 92.72 5.14 -72.96
N LEU E 2479 93.75 5.55 -73.68
CA LEU E 2479 94.58 4.62 -74.44
C LEU E 2479 96.03 4.70 -73.96
N VAL E 2486 90.59 1.70 -74.91
CA VAL E 2486 89.38 1.11 -74.34
C VAL E 2486 88.32 2.17 -74.08
N GLN E 2487 87.09 1.71 -73.89
CA GLN E 2487 86.02 2.54 -73.37
C GLN E 2487 85.01 1.62 -72.68
N PRO E 2488 84.72 1.83 -71.41
CA PRO E 2488 83.98 0.84 -70.62
C PRO E 2488 82.49 0.82 -70.94
N LYS E 2489 81.79 -0.07 -70.25
CA LYS E 2489 80.38 -0.31 -70.52
C LYS E 2489 79.53 0.79 -69.90
N MET E 2490 78.51 1.23 -70.65
CA MET E 2490 77.56 2.21 -70.12
C MET E 2490 76.44 1.58 -69.31
N SER E 2491 76.22 0.27 -69.43
CA SER E 2491 75.29 -0.43 -68.56
C SER E 2491 75.99 -1.22 -67.47
N ALA E 2492 77.27 -0.93 -67.21
CA ALA E 2492 77.96 -1.59 -66.11
C ALA E 2492 78.90 -0.66 -65.36
N SER E 2493 78.96 0.63 -65.66
CA SER E 2493 79.83 1.56 -64.96
C SER E 2493 79.02 2.77 -64.52
N PHE E 2494 79.67 3.67 -63.80
CA PHE E 2494 79.02 4.86 -63.26
C PHE E 2494 79.04 5.92 -64.36
N VAL E 2495 77.93 6.04 -65.08
CA VAL E 2495 77.75 7.10 -66.08
C VAL E 2495 77.14 8.29 -65.36
N PRO E 2496 77.31 9.54 -65.87
CA PRO E 2496 76.89 10.72 -65.09
C PRO E 2496 75.39 11.01 -65.04
N ASP E 2497 74.56 10.06 -65.52
CA ASP E 2497 73.12 10.18 -65.41
C ASP E 2497 72.65 10.19 -63.96
N HIS E 2498 73.46 9.62 -63.07
CA HIS E 2498 73.15 9.47 -61.67
C HIS E 2498 73.86 10.58 -60.90
N LYS E 2499 75.00 11.03 -61.45
CA LYS E 2499 75.72 12.20 -60.97
C LYS E 2499 74.90 13.46 -61.17
N ALA E 2500 74.02 13.48 -62.18
CA ALA E 2500 73.15 14.61 -62.44
C ALA E 2500 71.99 14.76 -61.46
N SER E 2501 71.88 13.88 -60.46
CA SER E 2501 70.80 13.97 -59.49
C SER E 2501 71.22 14.70 -58.21
N MET E 2502 72.35 14.29 -57.62
CA MET E 2502 72.79 14.87 -56.36
C MET E 2502 73.27 16.31 -56.50
N VAL E 2503 73.65 16.73 -57.71
CA VAL E 2503 74.04 18.10 -57.91
C VAL E 2503 72.84 19.05 -57.83
N LEU E 2504 71.66 18.60 -58.24
CA LEU E 2504 70.44 19.39 -58.04
C LEU E 2504 69.83 19.15 -56.67
N PHE E 2505 70.12 17.98 -56.06
CA PHE E 2505 69.75 17.73 -54.68
C PHE E 2505 70.55 18.61 -53.73
N LEU E 2506 71.73 19.03 -54.17
CA LEU E 2506 72.57 19.99 -53.45
C LEU E 2506 72.06 21.43 -53.60
N ASP E 2507 71.34 21.73 -54.68
CA ASP E 2507 71.20 23.12 -55.15
C ASP E 2507 70.24 23.92 -54.29
N ARG E 2508 68.96 23.55 -54.28
CA ARG E 2508 67.97 24.41 -53.66
C ARG E 2508 67.28 23.83 -52.43
N VAL E 2509 67.31 22.52 -52.21
CA VAL E 2509 66.68 21.96 -51.01
C VAL E 2509 67.66 21.85 -49.85
N TYR E 2510 68.97 21.76 -50.11
CA TYR E 2510 69.97 21.91 -49.08
C TYR E 2510 70.61 23.31 -49.12
N GLY E 2511 71.10 23.71 -50.29
CA GLY E 2511 71.53 25.08 -50.48
C GLY E 2511 72.86 25.43 -49.84
N ILE E 2512 73.44 26.54 -50.27
CA ILE E 2512 74.67 27.07 -49.71
C ILE E 2512 74.49 28.54 -49.35
N GLU E 2513 74.98 28.92 -48.17
CA GLU E 2513 74.87 30.27 -47.65
C GLU E 2513 76.22 30.89 -47.33
N ASN E 2514 77.09 30.17 -46.64
CA ASN E 2514 78.45 30.62 -46.40
C ASN E 2514 79.44 29.75 -47.17
N GLN E 2515 80.73 30.07 -47.05
CA GLN E 2515 81.72 29.67 -48.02
C GLN E 2515 82.61 28.49 -47.60
N ASP E 2516 82.65 28.13 -46.31
CA ASP E 2516 83.52 27.03 -45.89
C ASP E 2516 83.05 25.67 -46.44
N PHE E 2517 81.77 25.58 -46.83
CA PHE E 2517 81.30 24.47 -47.63
C PHE E 2517 81.41 24.76 -49.13
N LEU E 2518 81.47 26.04 -49.54
CA LEU E 2518 81.59 26.36 -50.96
C LEU E 2518 82.95 25.98 -51.50
N LEU E 2519 84.01 26.21 -50.71
CA LEU E 2519 85.34 25.79 -51.14
C LEU E 2519 85.57 24.29 -50.96
N HIS E 2520 84.57 23.54 -50.46
CA HIS E 2520 84.65 22.10 -50.30
C HIS E 2520 83.72 21.30 -51.20
N VAL E 2521 82.65 21.91 -51.71
CA VAL E 2521 81.82 21.22 -52.71
C VAL E 2521 82.50 21.19 -54.07
N LEU E 2522 83.46 22.08 -54.31
CA LEU E 2522 84.24 22.09 -55.55
C LEU E 2522 85.71 21.80 -55.29
N ASP E 2523 86.04 21.23 -54.14
CA ASP E 2523 87.42 20.82 -53.85
C ASP E 2523 87.78 19.56 -54.63
N VAL E 2524 86.98 18.50 -54.48
CA VAL E 2524 87.13 17.29 -55.28
C VAL E 2524 85.88 17.06 -56.13
N GLY E 2525 84.79 17.79 -55.89
CA GLY E 2525 83.51 17.43 -56.47
C GLY E 2525 83.40 17.68 -57.97
N PHE E 2526 84.04 18.74 -58.47
CA PHE E 2526 83.85 19.09 -59.87
C PHE E 2526 85.12 18.99 -60.70
N LEU E 2527 86.25 19.45 -60.16
CA LEU E 2527 87.49 19.71 -60.89
C LEU E 2527 88.37 18.52 -61.26
N PRO E 2528 88.53 17.45 -60.44
CA PRO E 2528 89.24 16.27 -60.96
C PRO E 2528 88.51 15.55 -62.08
N ASP E 2529 87.20 15.73 -62.20
CA ASP E 2529 86.42 15.23 -63.34
C ASP E 2529 86.31 16.24 -64.47
N MET E 2530 86.35 17.54 -64.17
CA MET E 2530 86.31 18.51 -65.26
C MET E 2530 87.66 18.59 -65.96
N ARG E 2531 88.76 18.36 -65.26
CA ARG E 2531 90.04 18.19 -65.95
C ARG E 2531 90.13 16.83 -66.63
N ALA E 2532 89.36 15.83 -66.17
CA ALA E 2532 89.23 14.60 -66.95
C ALA E 2532 88.48 14.86 -68.25
N ALA E 2533 87.52 15.79 -68.23
CA ALA E 2533 86.93 16.26 -69.48
C ALA E 2533 87.95 17.00 -70.33
N ALA E 2534 88.82 17.78 -69.68
CA ALA E 2534 89.88 18.49 -70.38
C ALA E 2534 90.90 17.56 -71.02
N SER E 2535 91.04 16.34 -70.50
CA SER E 2535 92.05 15.40 -71.02
C SER E 2535 91.73 14.92 -72.43
N LEU E 2536 90.44 14.79 -72.78
CA LEU E 2536 90.07 14.36 -74.12
C LEU E 2536 89.01 15.32 -74.67
N ASP E 2537 89.36 16.61 -74.71
CA ASP E 2537 88.47 17.62 -75.25
C ASP E 2537 88.98 18.16 -76.58
N THR E 2544 83.71 9.01 -78.81
CA THR E 2544 83.76 9.35 -77.40
C THR E 2544 82.39 9.68 -76.83
N GLU E 2545 81.62 8.65 -76.48
CA GLU E 2545 80.29 8.86 -75.95
C GLU E 2545 80.29 9.28 -74.49
N MET E 2546 81.25 8.77 -73.70
CA MET E 2546 81.32 9.08 -72.27
C MET E 2546 81.68 10.55 -72.04
N ALA E 2547 82.48 11.12 -72.93
CA ALA E 2547 82.90 12.52 -72.79
C ALA E 2547 81.71 13.45 -72.96
N LEU E 2548 80.90 13.25 -74.01
CA LEU E 2548 79.68 14.05 -74.15
C LEU E 2548 78.60 13.68 -73.15
N ALA E 2549 78.61 12.44 -72.64
CA ALA E 2549 77.68 12.08 -71.56
C ALA E 2549 77.99 12.84 -70.28
N LEU E 2550 79.26 13.12 -70.02
CA LEU E 2550 79.60 13.93 -68.86
C LEU E 2550 79.56 15.44 -69.15
N ASN E 2551 79.71 15.85 -70.42
CA ASN E 2551 79.40 17.24 -70.75
C ASN E 2551 77.91 17.55 -70.72
N ARG E 2552 77.04 16.56 -70.90
CA ARG E 2552 75.63 16.72 -70.53
C ARG E 2552 75.48 17.20 -69.10
N TYR E 2553 76.12 16.49 -68.17
CA TYR E 2553 76.22 16.91 -66.76
C TYR E 2553 76.82 18.30 -66.61
N LEU E 2554 77.95 18.55 -67.27
CA LEU E 2554 78.70 19.79 -67.02
C LEU E 2554 77.95 21.01 -67.55
N CYS E 2555 77.21 20.86 -68.66
CA CYS E 2555 76.45 21.96 -69.24
C CYS E 2555 74.96 21.91 -68.90
N LEU E 2556 74.54 20.98 -68.05
CA LEU E 2556 73.18 20.97 -67.52
C LEU E 2556 73.09 21.35 -66.05
N ALA E 2557 74.07 21.00 -65.23
CA ALA E 2557 73.88 21.00 -63.79
C ALA E 2557 74.78 21.98 -63.05
N VAL E 2558 76.10 21.86 -63.23
CA VAL E 2558 77.05 22.50 -62.32
C VAL E 2558 77.14 24.02 -62.57
N LEU E 2559 76.88 24.46 -63.79
CA LEU E 2559 76.99 25.88 -64.10
C LEU E 2559 75.80 26.70 -63.60
N PRO E 2560 74.54 26.22 -63.61
CA PRO E 2560 73.51 26.91 -62.83
C PRO E 2560 73.67 26.77 -61.31
N LEU E 2561 74.56 25.89 -60.82
CA LEU E 2561 74.85 25.87 -59.40
C LEU E 2561 75.76 27.04 -59.01
N ILE E 2562 76.72 27.40 -59.85
CA ILE E 2562 77.67 28.45 -59.49
C ILE E 2562 77.29 29.82 -60.05
N THR E 2563 76.43 29.88 -61.08
CA THR E 2563 75.96 31.18 -61.56
C THR E 2563 75.03 31.83 -60.54
N LYS E 2564 74.18 31.04 -59.88
CA LYS E 2564 73.26 31.57 -58.89
C LYS E 2564 73.96 31.96 -57.58
N CYS E 2565 75.16 31.44 -57.33
CA CYS E 2565 75.93 31.82 -56.15
C CYS E 2565 77.19 32.60 -56.51
N ALA E 2566 77.28 33.08 -57.74
CA ALA E 2566 78.31 34.04 -58.14
C ALA E 2566 78.44 35.31 -57.27
N PRO E 2567 77.38 35.92 -56.72
CA PRO E 2567 77.63 37.07 -55.83
C PRO E 2567 78.29 36.73 -54.50
N LEU E 2568 78.31 35.46 -54.09
CA LEU E 2568 78.93 35.11 -52.82
C LEU E 2568 80.45 34.98 -52.94
N PHE E 2569 80.98 34.91 -54.17
CA PHE E 2569 82.40 34.64 -54.45
C PHE E 2569 83.36 35.80 -54.11
N ALA E 2570 82.95 36.79 -53.32
CA ALA E 2570 83.82 37.88 -52.92
C ALA E 2570 84.62 37.48 -51.69
N GLY E 2571 85.93 37.73 -51.73
CA GLY E 2571 86.77 37.43 -50.59
C GLY E 2571 87.53 36.14 -50.70
N THR E 2572 88.19 35.93 -51.83
CA THR E 2572 89.04 34.76 -52.05
C THR E 2572 90.49 35.10 -51.70
N GLU E 2573 90.76 35.13 -50.40
CA GLU E 2573 92.07 35.48 -49.90
C GLU E 2573 92.78 34.35 -49.16
N HIS E 2574 92.12 33.22 -48.94
CA HIS E 2574 92.71 32.13 -48.17
C HIS E 2574 93.41 31.10 -49.07
N ARG E 2575 92.67 30.53 -50.03
CA ARG E 2575 93.20 29.56 -50.97
C ARG E 2575 93.17 30.15 -52.37
N ALA E 2576 94.30 30.07 -53.07
CA ALA E 2576 94.51 30.84 -54.29
C ALA E 2576 94.95 30.02 -55.50
N ILE E 2577 95.13 28.71 -55.36
CA ILE E 2577 95.50 27.87 -56.51
C ILE E 2577 94.25 27.23 -57.09
N MET E 2578 93.21 27.03 -56.27
CA MET E 2578 92.01 26.35 -56.77
C MET E 2578 91.16 27.27 -57.65
N VAL E 2579 91.14 28.57 -57.33
CA VAL E 2579 90.50 29.54 -58.22
C VAL E 2579 91.26 29.62 -59.54
N ASP E 2580 92.58 29.45 -59.49
CA ASP E 2580 93.39 29.44 -60.71
C ASP E 2580 93.10 28.19 -61.54
N SER E 2581 92.87 27.06 -60.89
CA SER E 2581 92.55 25.83 -61.61
C SER E 2581 91.16 25.88 -62.24
N MET E 2582 90.19 26.51 -61.57
CA MET E 2582 88.88 26.67 -62.18
C MET E 2582 88.93 27.66 -63.34
N LEU E 2583 89.72 28.74 -63.17
CA LEU E 2583 89.98 29.67 -64.27
C LEU E 2583 90.69 28.99 -65.43
N HIS E 2584 91.51 27.98 -65.12
CA HIS E 2584 92.19 27.19 -66.15
C HIS E 2584 91.19 26.33 -66.91
N THR E 2585 90.32 25.62 -66.19
CA THR E 2585 89.46 24.66 -66.88
C THR E 2585 88.32 25.33 -67.65
N VAL E 2586 87.87 26.52 -67.25
CA VAL E 2586 86.79 27.16 -68.02
C VAL E 2586 87.32 27.71 -69.35
N TYR E 2587 88.55 28.23 -69.37
CA TYR E 2587 89.13 28.64 -70.63
C TYR E 2587 89.62 27.45 -71.45
N ARG E 2588 89.85 26.31 -70.79
CA ARG E 2588 90.19 25.08 -71.51
C ARG E 2588 88.99 24.54 -72.29
N LEU E 2589 87.82 24.43 -71.64
CA LEU E 2589 86.65 23.90 -72.33
C LEU E 2589 85.67 25.03 -72.75
N SER E 2590 86.17 26.25 -72.89
CA SER E 2590 85.40 27.27 -73.60
C SER E 2590 85.31 26.98 -75.10
N ARG E 2591 86.19 26.15 -75.64
CA ARG E 2591 86.22 25.82 -77.06
C ARG E 2591 86.18 24.31 -77.25
N GLY E 2592 85.72 23.88 -78.43
CA GLY E 2592 85.68 22.47 -78.74
C GLY E 2592 84.96 22.12 -80.02
N ARG E 2593 85.46 21.08 -80.71
CA ARG E 2593 84.81 20.60 -81.93
C ARG E 2593 83.61 19.72 -81.65
N SER E 2594 83.48 19.21 -80.42
CA SER E 2594 82.37 18.39 -79.97
C SER E 2594 81.37 19.19 -79.14
N LEU E 2595 81.17 20.45 -79.47
CA LEU E 2595 80.46 21.40 -78.62
C LEU E 2595 79.56 22.27 -79.48
N THR E 2596 78.27 22.28 -79.16
CA THR E 2596 77.30 23.11 -79.88
C THR E 2596 77.12 24.44 -79.16
N LYS E 2597 76.45 25.37 -79.85
CA LYS E 2597 76.27 26.71 -79.29
C LYS E 2597 75.25 26.70 -78.17
N ALA E 2598 74.21 25.89 -78.30
CA ALA E 2598 73.23 25.72 -77.23
C ALA E 2598 73.81 25.01 -76.01
N GLN E 2599 74.93 24.30 -76.18
CA GLN E 2599 75.60 23.65 -75.06
C GLN E 2599 76.68 24.54 -74.44
N ARG E 2600 77.29 25.44 -75.23
CA ARG E 2600 78.33 26.32 -74.71
C ARG E 2600 77.81 27.70 -74.33
N ASP E 2601 76.52 27.98 -74.55
CA ASP E 2601 75.94 29.24 -74.09
C ASP E 2601 75.98 29.37 -72.58
N VAL E 2602 75.85 28.26 -71.86
CA VAL E 2602 75.93 28.32 -70.41
C VAL E 2602 77.37 28.51 -69.90
N ILE E 2603 78.39 28.03 -70.63
CA ILE E 2603 79.77 28.39 -70.29
C ILE E 2603 80.02 29.86 -70.59
N GLU E 2604 79.44 30.37 -71.68
CA GLU E 2604 79.57 31.79 -72.02
C GLU E 2604 78.90 32.70 -70.99
N ASP E 2605 77.78 32.25 -70.41
CA ASP E 2605 77.15 33.00 -69.33
C ASP E 2605 77.77 32.69 -67.97
N CYS E 2606 78.56 31.62 -67.88
CA CYS E 2606 79.20 31.21 -66.62
C CYS E 2606 80.50 31.96 -66.37
N LEU E 2607 81.37 32.03 -67.38
CA LEU E 2607 82.70 32.57 -67.15
C LEU E 2607 82.70 34.08 -66.95
N MET E 2608 81.65 34.79 -67.40
CA MET E 2608 81.61 36.22 -67.10
C MET E 2608 81.18 36.49 -65.66
N ALA E 2609 80.20 35.76 -65.15
CA ALA E 2609 79.85 35.84 -63.74
C ALA E 2609 80.94 35.28 -62.84
N LEU E 2610 81.84 34.45 -63.38
CA LEU E 2610 83.07 34.11 -62.67
C LEU E 2610 84.09 35.24 -62.76
N CYS E 2611 84.20 35.88 -63.92
CA CYS E 2611 85.23 36.89 -64.14
C CYS E 2611 84.95 38.17 -63.36
N ARG E 2612 83.68 38.46 -63.08
CA ARG E 2612 83.38 39.48 -62.08
C ARG E 2612 82.90 38.82 -60.79
N TYR E 2613 82.55 39.69 -59.83
CA TYR E 2613 82.34 39.35 -58.42
C TYR E 2613 83.56 38.61 -57.86
N ILE E 2614 84.74 39.10 -58.20
CA ILE E 2614 86.00 38.49 -57.81
C ILE E 2614 87.04 39.60 -57.74
N ARG E 2615 88.10 39.35 -57.00
CA ARG E 2615 89.18 40.32 -56.95
C ARG E 2615 90.06 40.17 -58.18
N PRO E 2616 90.37 41.27 -58.90
CA PRO E 2616 91.08 41.14 -60.18
C PRO E 2616 92.59 41.01 -60.07
N SER E 2617 93.11 40.60 -58.90
CA SER E 2617 94.56 40.53 -58.73
C SER E 2617 95.14 39.25 -59.37
N MET E 2618 94.51 38.10 -59.14
CA MET E 2618 95.03 36.84 -59.65
C MET E 2618 94.26 36.33 -60.88
N LEU E 2619 93.43 37.18 -61.49
CA LEU E 2619 92.89 36.91 -62.82
C LEU E 2619 93.85 37.38 -63.92
N GLN E 2620 94.95 38.02 -63.52
CA GLN E 2620 96.03 38.34 -64.44
C GLN E 2620 96.69 37.08 -64.98
N HIS E 2621 96.67 36.00 -64.22
CA HIS E 2621 97.29 34.75 -64.64
C HIS E 2621 96.52 34.06 -65.75
N LEU E 2622 95.27 34.48 -66.02
CA LEU E 2622 94.49 34.01 -67.17
C LEU E 2622 94.25 35.06 -68.23
N LEU E 2623 94.38 36.36 -67.92
CA LEU E 2623 94.58 37.29 -69.02
C LEU E 2623 95.99 37.16 -69.62
N ARG E 2624 96.88 36.40 -68.97
CA ARG E 2624 98.02 35.79 -69.64
C ARG E 2624 97.63 35.14 -70.97
N ARG E 2625 96.79 34.10 -70.90
CA ARG E 2625 96.43 33.36 -72.10
C ARG E 2625 95.22 33.94 -72.82
N LEU E 2626 94.62 35.01 -72.30
CA LEU E 2626 93.68 35.76 -73.12
C LEU E 2626 94.37 36.44 -74.30
N VAL E 2627 95.60 36.91 -74.12
CA VAL E 2627 96.26 37.71 -75.15
C VAL E 2627 97.09 36.83 -76.09
N PHE E 2628 97.27 35.55 -75.76
CA PHE E 2628 98.11 34.66 -76.57
C PHE E 2628 97.47 34.28 -77.90
N ASP E 2629 96.16 34.12 -77.95
CA ASP E 2629 95.50 33.59 -79.13
C ASP E 2629 94.36 34.44 -79.64
N VAL E 2630 93.63 35.13 -78.75
CA VAL E 2630 92.40 35.82 -79.16
C VAL E 2630 92.62 37.16 -79.88
N PRO E 2631 93.33 38.17 -79.36
CA PRO E 2631 93.32 39.48 -80.05
C PRO E 2631 94.18 39.55 -81.31
N ILE E 2632 94.98 38.52 -81.58
CA ILE E 2632 95.61 38.40 -82.89
C ILE E 2632 94.62 37.82 -83.89
N LEU E 2633 93.60 37.12 -83.41
CA LEU E 2633 92.55 36.56 -84.25
C LEU E 2633 91.46 37.59 -84.49
N ASN E 2634 91.08 37.76 -85.75
CA ASN E 2634 90.08 38.75 -86.13
C ASN E 2634 88.72 38.09 -86.39
N UNK E 2638 83.56 31.57 -78.69
CA UNK E 2638 84.97 31.23 -78.69
C UNK E 2638 85.85 32.46 -78.60
N UNK E 2639 85.60 33.43 -79.48
CA UNK E 2639 86.38 34.66 -79.52
C UNK E 2639 85.57 35.85 -79.01
N UNK E 2640 84.29 35.89 -79.38
CA UNK E 2640 83.41 37.01 -79.02
C UNK E 2640 83.14 37.06 -77.53
N UNK E 2641 82.94 35.90 -76.91
CA UNK E 2641 82.71 35.79 -75.48
C UNK E 2641 83.94 36.23 -74.70
N UNK E 2642 85.11 35.82 -75.17
CA UNK E 2642 86.38 36.20 -74.57
C UNK E 2642 86.64 37.70 -74.69
N UNK E 2643 86.30 38.26 -75.85
CA UNK E 2643 86.44 39.70 -76.09
C UNK E 2643 85.51 40.51 -75.20
N UNK E 2644 84.27 40.06 -75.05
CA UNK E 2644 83.29 40.70 -74.19
C UNK E 2644 83.71 40.62 -72.72
N UNK E 2645 84.26 39.47 -72.33
CA UNK E 2645 84.78 39.28 -70.98
C UNK E 2645 85.96 40.20 -70.69
N UNK E 2646 86.87 40.31 -71.65
CA UNK E 2646 88.02 41.21 -71.57
C UNK E 2646 87.59 42.67 -71.45
N UNK E 2647 86.60 43.06 -72.26
CA UNK E 2647 86.08 44.42 -72.26
C UNK E 2647 85.40 44.77 -70.94
N UNK E 2648 84.59 43.87 -70.42
CA UNK E 2648 83.90 44.11 -69.15
C UNK E 2648 84.88 44.09 -67.97
N UNK E 2649 85.91 43.25 -68.04
CA UNK E 2649 86.95 43.22 -67.01
C UNK E 2649 87.76 44.52 -67.01
N UNK E 2650 88.05 45.02 -68.21
CA UNK E 2650 88.77 46.29 -68.36
C UNK E 2650 87.92 47.46 -67.86
N UNK E 2651 86.62 47.40 -68.13
CA UNK E 2651 85.68 48.41 -67.65
C UNK E 2651 85.59 48.43 -66.13
N UNK E 2652 85.54 47.25 -65.52
CA UNK E 2652 85.49 47.15 -64.07
C UNK E 2652 86.82 47.50 -63.40
N UNK E 2653 87.92 47.28 -64.12
CA UNK E 2653 89.24 47.68 -63.63
C UNK E 2653 89.39 49.19 -63.68
N UNK E 2654 88.79 49.80 -64.70
CA UNK E 2654 88.79 51.25 -64.84
C UNK E 2654 87.87 51.90 -63.81
N UNK E 2655 86.76 51.25 -63.52
CA UNK E 2655 85.82 51.75 -62.52
C UNK E 2655 86.37 51.58 -61.11
N UNK E 2662 103.47 44.37 -65.91
CA UNK E 2662 102.80 43.09 -65.88
C UNK E 2662 101.41 43.17 -66.51
N UNK E 2663 100.41 43.51 -65.70
CA UNK E 2663 99.03 43.61 -66.15
C UNK E 2663 98.85 44.77 -67.14
N UNK E 2664 99.50 45.89 -66.84
CA UNK E 2664 99.46 47.07 -67.71
C UNK E 2664 100.14 46.80 -69.05
N UNK E 2665 101.25 46.06 -68.99
CA UNK E 2665 102.00 45.67 -70.18
C UNK E 2665 101.18 44.71 -71.05
N UNK E 2666 100.51 43.77 -70.40
CA UNK E 2666 99.65 42.82 -71.10
C UNK E 2666 98.43 43.51 -71.71
N UNK E 2667 97.89 44.51 -71.02
CA UNK E 2667 96.78 45.30 -71.53
C UNK E 2667 97.19 46.13 -72.74
N UNK E 2668 98.40 46.69 -72.67
CA UNK E 2668 98.97 47.44 -73.79
C UNK E 2668 99.22 46.53 -75.00
N UNK E 2669 99.68 45.31 -74.73
CA UNK E 2669 99.89 44.32 -75.77
C UNK E 2669 98.57 43.88 -76.42
N UNK E 2670 97.53 43.77 -75.59
CA UNK E 2670 96.19 43.44 -76.07
C UNK E 2670 95.62 44.55 -76.95
N UNK E 2671 95.84 45.79 -76.54
CA UNK E 2671 95.42 46.97 -77.30
C UNK E 2671 96.16 47.05 -78.64
N UNK E 2672 97.46 46.75 -78.62
CA UNK E 2672 98.28 46.74 -79.82
C UNK E 2672 97.85 45.63 -80.79
N UNK E 2673 97.54 44.46 -80.23
CA UNK E 2673 97.08 43.32 -81.03
C UNK E 2673 95.71 43.60 -81.64
N UNK E 2674 94.84 44.26 -80.89
CA UNK E 2674 93.52 44.65 -81.38
C UNK E 2674 93.63 45.69 -82.49
N UNK E 2675 94.54 46.65 -82.32
CA UNK E 2675 94.77 47.68 -83.33
C UNK E 2675 95.41 47.10 -84.59
N UNK E 2676 96.22 46.06 -84.43
CA UNK E 2676 96.82 45.38 -85.57
C UNK E 2676 95.80 44.53 -86.31
N UNK E 2677 94.89 43.92 -85.56
CA UNK E 2677 93.84 43.07 -86.14
C UNK E 2677 92.79 43.91 -86.87
N UNK E 2678 92.46 45.07 -86.31
CA UNK E 2678 91.47 45.95 -86.92
C UNK E 2678 92.06 46.69 -88.12
N UNK E 2686 79.72 43.86 -87.43
CA UNK E 2686 79.56 42.56 -86.78
C UNK E 2686 80.57 42.39 -85.65
N UNK E 2687 81.77 41.92 -86.00
CA UNK E 2687 82.83 41.71 -85.03
C UNK E 2687 83.65 42.98 -84.83
N UNK E 2688 83.56 43.89 -85.80
CA UNK E 2688 84.30 45.14 -85.79
C UNK E 2688 83.84 46.05 -84.66
N UNK E 2689 82.53 46.10 -84.43
CA UNK E 2689 81.95 46.90 -83.36
C UNK E 2689 82.36 46.36 -81.98
N UNK E 2690 82.39 45.03 -81.88
CA UNK E 2690 82.82 44.37 -80.65
C UNK E 2690 84.30 44.62 -80.37
N UNK E 2691 85.11 44.58 -81.43
CA UNK E 2691 86.54 44.86 -81.32
C UNK E 2691 86.79 46.32 -80.92
N UNK E 2692 86.00 47.23 -81.48
CA UNK E 2692 86.10 48.65 -81.15
C UNK E 2692 85.68 48.91 -79.70
N UNK E 2693 84.64 48.22 -79.24
CA UNK E 2693 84.19 48.31 -77.86
C UNK E 2693 85.23 47.77 -76.89
N UNK E 2694 85.85 46.65 -77.26
CA UNK E 2694 86.92 46.04 -76.46
C UNK E 2694 88.15 46.96 -76.39
N UNK E 2695 88.48 47.60 -77.51
CA UNK E 2695 89.59 48.54 -77.55
C UNK E 2695 89.31 49.79 -76.71
N UNK E 2696 88.09 50.29 -76.77
CA UNK E 2696 87.68 51.46 -75.99
C UNK E 2696 87.63 51.14 -74.50
N UNK E 2697 87.32 49.89 -74.16
CA UNK E 2697 87.32 49.46 -72.77
C UNK E 2697 88.75 49.27 -72.26
N UNK E 2698 89.62 48.73 -73.10
CA UNK E 2698 91.00 48.47 -72.72
C UNK E 2698 91.84 49.75 -72.67
N UNK E 2699 91.40 50.78 -73.40
CA UNK E 2699 92.11 52.06 -73.40
C UNK E 2699 91.95 52.79 -72.07
N UNK E 2700 90.84 52.54 -71.38
CA UNK E 2700 90.58 53.18 -70.09
C UNK E 2700 91.43 52.54 -68.99
N GLU E 2741 120.05 27.11 -81.83
CA GLU E 2741 121.09 26.17 -82.23
C GLU E 2741 122.27 26.16 -81.27
N THR E 2742 122.21 25.29 -80.26
CA THR E 2742 123.30 25.16 -79.29
C THR E 2742 124.18 23.94 -79.51
N LEU E 2743 123.60 22.81 -79.93
CA LEU E 2743 124.40 21.62 -80.21
C LEU E 2743 125.17 21.74 -81.53
N ASN E 2744 124.73 22.61 -82.44
CA ASN E 2744 125.43 22.85 -83.70
C ASN E 2744 126.18 24.17 -83.67
N VAL E 2745 126.75 24.53 -82.53
CA VAL E 2745 127.47 25.78 -82.36
C VAL E 2745 128.97 25.50 -82.31
N ILE E 2746 129.75 26.54 -82.59
CA ILE E 2746 131.20 26.45 -82.49
C ILE E 2746 131.63 26.62 -81.03
N ILE E 2747 132.64 25.86 -80.64
CA ILE E 2747 133.22 25.89 -79.31
C ILE E 2747 134.63 26.48 -79.43
N PRO E 2748 134.89 27.67 -78.89
CA PRO E 2748 136.24 28.24 -78.98
C PRO E 2748 137.13 27.79 -77.84
N GLU E 2749 138.37 28.30 -77.79
CA GLU E 2749 139.29 27.96 -76.70
C GLU E 2749 138.89 28.61 -75.39
N LYS E 2750 138.09 29.66 -75.43
CA LYS E 2750 137.60 30.30 -74.22
C LYS E 2750 136.42 29.56 -73.61
N LEU E 2751 135.67 28.79 -74.40
CA LEU E 2751 134.52 28.07 -73.86
C LEU E 2751 134.93 26.94 -72.93
N ASP E 2752 136.07 26.29 -73.21
CA ASP E 2752 136.58 25.22 -72.37
C ASP E 2752 137.01 25.71 -71.00
N SER E 2753 137.36 26.99 -70.87
CA SER E 2753 137.62 27.59 -69.56
C SER E 2753 136.36 28.19 -68.95
N PHE E 2754 135.46 28.74 -69.78
CA PHE E 2754 134.26 29.37 -69.26
C PHE E 2754 133.28 28.34 -68.68
N ILE E 2755 133.22 27.14 -69.26
CA ILE E 2755 132.35 26.10 -68.76
C ILE E 2755 132.84 25.61 -67.40
N ASN E 2756 134.16 25.45 -67.27
CA ASN E 2756 134.75 25.05 -65.98
C ASN E 2756 134.59 26.15 -64.93
N LYS E 2757 134.71 27.42 -65.35
CA LYS E 2757 134.54 28.52 -64.41
C LYS E 2757 133.10 28.66 -63.95
N PHE E 2758 132.14 28.40 -64.85
CA PHE E 2758 130.73 28.41 -64.48
C PHE E 2758 130.40 27.24 -63.55
N ALA E 2759 131.02 26.08 -63.78
CA ALA E 2759 130.83 24.94 -62.87
C ALA E 2759 131.43 25.22 -61.50
N GLU E 2760 132.60 25.87 -61.45
CA GLU E 2760 133.22 26.20 -60.17
C GLU E 2760 132.43 27.26 -59.42
N TYR E 2761 131.88 28.24 -60.16
CA TYR E 2761 131.06 29.28 -59.54
C TYR E 2761 129.75 28.71 -59.01
N THR E 2762 129.16 27.77 -59.75
CA THR E 2762 127.94 27.09 -59.29
C THR E 2762 128.21 26.26 -58.04
N HIS E 2763 129.34 25.55 -58.02
CA HIS E 2763 129.70 24.73 -56.85
C HIS E 2763 129.99 25.60 -55.63
N GLU E 2764 130.68 26.73 -55.82
CA GLU E 2764 130.99 27.63 -54.71
C GLU E 2764 129.72 28.31 -54.18
N LYS E 2765 128.82 28.71 -55.08
CA LYS E 2765 127.56 29.31 -54.65
C LYS E 2765 126.67 28.29 -53.95
N TRP E 2766 126.65 27.05 -54.44
CA TRP E 2766 125.83 26.01 -53.80
C TRP E 2766 126.39 25.62 -52.43
N ALA E 2767 127.72 25.57 -52.30
CA ALA E 2767 128.33 25.27 -51.01
C ALA E 2767 128.12 26.40 -50.02
N PHE E 2768 128.21 27.66 -50.49
CA PHE E 2768 127.93 28.80 -49.63
C PHE E 2768 126.46 28.87 -49.22
N ASP E 2769 125.55 28.40 -50.08
CA ASP E 2769 124.14 28.34 -49.71
C ASP E 2769 123.86 27.18 -48.76
N LYS E 2770 124.59 26.07 -48.89
CA LYS E 2770 124.40 24.95 -47.97
C LYS E 2770 125.06 25.20 -46.62
N ILE E 2771 126.04 26.09 -46.55
CA ILE E 2771 126.73 26.35 -45.28
C ILE E 2771 125.87 27.14 -44.31
N GLN E 2772 124.79 27.77 -44.77
CA GLN E 2772 123.96 28.58 -43.89
C GLN E 2772 122.79 27.83 -43.29
N ASN E 2773 122.44 26.67 -43.84
CA ASN E 2773 121.27 25.89 -43.41
C ASN E 2773 121.64 24.66 -42.60
N ASN E 2774 122.87 24.60 -42.07
CA ASN E 2774 123.40 23.51 -41.25
C ASN E 2774 123.36 22.17 -41.99
N TRP E 2775 124.22 22.08 -43.00
CA TRP E 2775 124.32 20.89 -43.83
C TRP E 2775 125.31 19.89 -43.21
N SER E 2776 124.98 18.61 -43.29
CA SER E 2776 125.87 17.55 -42.87
C SER E 2776 126.69 17.03 -44.05
N TYR E 2777 127.72 16.25 -43.74
CA TYR E 2777 128.61 15.67 -44.73
C TYR E 2777 128.40 14.16 -44.76
N GLY E 2778 127.98 13.64 -45.91
CA GLY E 2778 127.72 12.23 -46.06
C GLY E 2778 128.06 11.74 -47.46
N GLU E 2779 128.06 10.41 -47.60
CA GLU E 2779 128.39 9.81 -48.87
C GLU E 2779 127.26 9.96 -49.88
N ASN E 2780 126.02 9.76 -49.45
CA ASN E 2780 124.84 9.95 -50.27
C ASN E 2780 123.95 11.03 -49.65
N VAL E 2781 123.43 11.91 -50.50
CA VAL E 2781 122.59 13.01 -50.05
C VAL E 2781 121.17 12.47 -49.80
N ASP E 2782 120.67 12.69 -48.59
CA ASP E 2782 119.30 12.32 -48.25
C ASP E 2782 118.59 13.52 -47.64
N GLU E 2783 117.26 13.43 -47.59
CA GLU E 2783 116.43 14.51 -47.07
C GLU E 2783 116.25 14.45 -45.56
N GLU E 2784 116.83 13.47 -44.87
CA GLU E 2784 116.66 13.36 -43.43
C GLU E 2784 117.59 14.32 -42.68
N LEU E 2785 118.88 14.23 -42.96
CA LEU E 2785 119.90 15.00 -42.25
C LEU E 2785 120.52 16.10 -43.11
N LYS E 2786 120.09 16.25 -44.37
CA LYS E 2786 120.59 17.22 -45.35
C LYS E 2786 122.09 17.05 -45.56
N THR E 2787 122.43 15.88 -46.10
CA THR E 2787 123.82 15.54 -46.36
C THR E 2787 124.33 16.24 -47.63
N HIS E 2788 125.63 16.51 -47.66
CA HIS E 2788 126.27 17.18 -48.78
C HIS E 2788 127.44 16.35 -49.28
N PRO E 2789 127.31 15.66 -50.42
CA PRO E 2789 128.44 14.88 -50.93
C PRO E 2789 129.21 15.62 -52.03
N MET E 2790 128.65 16.74 -52.48
CA MET E 2790 129.23 17.50 -53.58
C MET E 2790 129.85 18.81 -53.10
N LEU E 2791 130.35 18.82 -51.86
CA LEU E 2791 131.01 19.98 -51.29
C LEU E 2791 132.53 19.85 -51.48
N ARG E 2792 132.96 20.06 -52.72
CA ARG E 2792 134.37 19.87 -53.08
C ARG E 2792 134.79 20.83 -54.18
N PRO E 2793 136.06 20.83 -54.56
CA PRO E 2793 136.52 21.73 -55.63
C PRO E 2793 136.09 21.24 -57.00
N TYR E 2794 136.25 22.12 -58.00
CA TYR E 2794 135.86 21.78 -59.35
C TYR E 2794 136.87 20.87 -60.03
N LYS E 2795 138.15 21.03 -59.70
CA LYS E 2795 139.22 20.22 -60.26
C LYS E 2795 139.46 18.93 -59.49
N THR E 2796 138.75 18.71 -58.39
CA THR E 2796 138.93 17.51 -57.57
C THR E 2796 137.91 16.44 -57.88
N PHE E 2797 136.98 16.69 -58.80
CA PHE E 2797 135.98 15.73 -59.22
C PHE E 2797 136.41 15.04 -60.51
N SER E 2798 135.70 13.98 -60.85
CA SER E 2798 136.03 13.14 -62.00
C SER E 2798 134.95 13.26 -63.07
N GLU E 2799 135.01 12.35 -64.06
CA GLU E 2799 134.10 12.42 -65.20
C GLU E 2799 132.69 12.00 -64.84
N LYS E 2800 132.55 11.04 -63.92
CA LYS E 2800 131.21 10.67 -63.45
C LYS E 2800 130.63 11.68 -62.47
N ASP E 2801 131.47 12.53 -61.87
CA ASP E 2801 131.00 13.53 -60.93
C ASP E 2801 130.75 14.89 -61.57
N LYS E 2802 131.38 15.15 -62.71
CA LYS E 2802 131.13 16.35 -63.49
C LYS E 2802 130.04 16.16 -64.53
N GLU E 2803 129.31 15.04 -64.47
CA GLU E 2803 128.26 14.77 -65.44
C GLU E 2803 127.00 15.60 -65.18
N ILE E 2804 126.84 16.15 -63.98
CA ILE E 2804 125.71 17.02 -63.67
C ILE E 2804 126.05 18.49 -63.87
N TYR E 2805 127.25 18.80 -64.35
CA TYR E 2805 127.68 20.18 -64.53
C TYR E 2805 128.42 20.44 -65.83
N ARG E 2806 128.68 19.41 -66.64
CA ARG E 2806 129.38 19.61 -67.90
C ARG E 2806 128.48 20.27 -68.95
N TRP E 2807 127.39 19.60 -69.33
CA TRP E 2807 126.56 20.05 -70.45
C TRP E 2807 125.72 21.26 -70.07
N PRO E 2808 125.30 21.36 -68.82
CA PRO E 2808 124.50 22.53 -68.40
C PRO E 2808 125.29 23.82 -68.36
N ILE E 2809 126.63 23.75 -68.23
CA ILE E 2809 127.46 24.93 -68.32
C ILE E 2809 127.96 25.18 -69.74
N LYS E 2810 127.60 24.34 -70.69
CA LYS E 2810 128.05 24.50 -72.08
C LYS E 2810 126.93 24.85 -73.05
N GLU E 2811 125.70 24.40 -72.78
CA GLU E 2811 124.59 24.65 -73.69
C GLU E 2811 124.18 26.12 -73.69
N SER E 2812 124.16 26.75 -72.50
CA SER E 2812 123.80 28.15 -72.41
C SER E 2812 124.86 29.05 -73.03
N LEU E 2813 126.13 28.70 -72.87
CA LEU E 2813 127.22 29.46 -73.47
C LEU E 2813 127.23 29.28 -74.98
N LYS E 2814 126.88 28.09 -75.47
CA LYS E 2814 126.77 27.89 -76.91
C LYS E 2814 125.59 28.66 -77.49
N ALA E 2815 124.47 28.74 -76.75
CA ALA E 2815 123.34 29.54 -77.18
C ALA E 2815 123.67 31.03 -77.19
N MET E 2816 124.47 31.51 -76.22
CA MET E 2816 124.88 32.91 -76.22
C MET E 2816 125.87 33.21 -77.34
N ILE E 2817 126.74 32.25 -77.66
CA ILE E 2817 127.67 32.45 -78.77
C ILE E 2817 126.94 32.38 -80.10
N ALA E 2818 125.85 31.61 -80.17
CA ALA E 2818 125.06 31.55 -81.41
C ALA E 2818 124.16 32.77 -81.57
N TRP E 2819 123.71 33.36 -80.46
CA TRP E 2819 122.92 34.58 -80.54
C TRP E 2819 123.80 35.79 -80.84
N GLU E 2820 124.99 35.87 -80.23
CA GLU E 2820 125.92 36.96 -80.50
C GLU E 2820 127.32 36.40 -80.59
N TRP E 2821 128.00 36.69 -81.70
CA TRP E 2821 129.37 36.20 -81.93
C TRP E 2821 130.32 37.02 -81.07
N THR E 2822 130.51 36.56 -79.83
CA THR E 2822 131.40 37.20 -78.86
C THR E 2822 132.13 36.10 -78.09
N ILE E 2823 133.34 35.78 -78.54
CA ILE E 2823 134.22 34.83 -77.84
C ILE E 2823 135.58 35.52 -77.68
N GLU E 2824 135.78 36.16 -76.54
CA GLU E 2824 136.99 36.94 -76.29
C GLU E 2824 137.21 37.08 -74.79
N LYS E 2825 138.48 37.28 -74.41
CA LYS E 2825 138.87 37.62 -73.06
C LYS E 2825 139.76 38.86 -73.14
N ALA E 2826 139.26 39.99 -72.64
CA ALA E 2826 139.96 41.26 -72.79
C ALA E 2826 140.14 41.99 -71.46
N ARG E 2827 139.89 41.33 -70.33
CA ARG E 2827 140.04 41.94 -69.03
C ARG E 2827 140.66 40.92 -68.08
N GLU E 2828 140.85 41.33 -66.83
CA GLU E 2828 141.47 40.48 -65.83
C GLU E 2828 140.47 39.48 -65.26
N GLY E 2829 140.99 38.44 -64.63
CA GLY E 2829 140.15 37.40 -64.03
C GLY E 2829 139.95 37.64 -62.54
N GLU E 2830 138.74 37.36 -62.07
CA GLU E 2830 138.40 37.53 -60.67
C GLU E 2830 137.29 36.58 -60.24
N TYR E 2855 133.35 21.38 -47.11
CA TYR E 2855 134.52 22.23 -47.21
C TYR E 2855 134.17 23.68 -46.89
N ASN E 2856 135.11 24.58 -47.20
CA ASN E 2856 134.97 26.01 -46.97
C ASN E 2856 135.14 26.73 -48.31
N PRO E 2857 134.14 26.67 -49.19
CA PRO E 2857 134.23 27.36 -50.48
C PRO E 2857 133.82 28.82 -50.34
N GLN E 2858 134.72 29.73 -50.71
CA GLN E 2858 134.44 31.16 -50.56
C GLN E 2858 134.00 31.74 -51.89
N PRO E 2859 132.83 32.36 -51.98
CA PRO E 2859 132.41 32.98 -53.24
C PRO E 2859 133.08 34.33 -53.43
N PRO E 2860 133.32 34.73 -54.67
CA PRO E 2860 134.01 36.00 -54.93
C PRO E 2860 133.03 37.17 -54.86
N ASP E 2861 133.53 38.36 -55.19
CA ASP E 2861 132.73 39.57 -55.15
C ASP E 2861 131.84 39.61 -56.39
N LEU E 2862 130.57 39.24 -56.23
CA LEU E 2862 129.59 39.25 -57.31
C LEU E 2862 128.82 40.55 -57.42
N SER E 2863 128.86 41.40 -56.39
CA SER E 2863 128.19 42.70 -56.41
C SER E 2863 129.17 43.85 -56.61
N GLY E 2864 130.28 43.61 -57.30
CA GLY E 2864 131.26 44.65 -57.52
C GLY E 2864 130.90 45.56 -58.67
N VAL E 2865 130.54 44.97 -59.81
CA VAL E 2865 130.23 45.71 -61.03
C VAL E 2865 128.73 45.69 -61.25
N THR E 2866 128.14 46.87 -61.45
CA THR E 2866 126.73 46.95 -61.77
C THR E 2866 126.50 46.66 -63.24
N LEU E 2867 125.26 46.27 -63.56
CA LEU E 2867 124.89 45.94 -64.92
C LEU E 2867 124.73 47.21 -65.74
N SER E 2868 125.36 47.23 -66.92
CA SER E 2868 125.29 48.38 -67.80
C SER E 2868 123.99 48.34 -68.60
N ARG E 2869 123.82 49.34 -69.47
CA ARG E 2869 122.62 49.42 -70.29
C ARG E 2869 122.61 48.36 -71.40
N GLU E 2870 123.78 47.90 -71.84
CA GLU E 2870 123.83 46.77 -72.75
C GLU E 2870 123.91 45.45 -72.02
N LEU E 2871 124.52 45.44 -70.82
CA LEU E 2871 124.67 44.23 -70.05
C LEU E 2871 123.35 43.74 -69.48
N GLN E 2872 122.47 44.67 -69.09
CA GLN E 2872 121.15 44.27 -68.60
C GLN E 2872 120.30 43.69 -69.74
N ALA E 2873 120.44 44.24 -70.95
CA ALA E 2873 119.75 43.68 -72.10
C ALA E 2873 120.32 42.32 -72.49
N MET E 2874 121.62 42.12 -72.31
CA MET E 2874 122.23 40.82 -72.58
C MET E 2874 121.78 39.79 -71.56
N ALA E 2875 121.61 40.20 -70.29
CA ALA E 2875 121.08 39.29 -69.29
C ALA E 2875 119.62 38.96 -69.55
N GLU E 2876 118.84 39.95 -70.02
CA GLU E 2876 117.45 39.69 -70.41
C GLU E 2876 117.38 38.75 -71.61
N GLN E 2877 118.28 38.92 -72.58
CA GLN E 2877 118.28 38.05 -73.75
C GLN E 2877 118.74 36.63 -73.40
N LEU E 2878 119.67 36.50 -72.45
CA LEU E 2878 120.09 35.18 -71.99
C LEU E 2878 118.98 34.49 -71.22
N ALA E 2879 118.22 35.25 -70.42
CA ALA E 2879 117.06 34.67 -69.72
C ALA E 2879 115.97 34.26 -70.70
N GLU E 2880 115.74 35.06 -71.75
CA GLU E 2880 114.73 34.72 -72.75
C GLU E 2880 115.15 33.52 -73.58
N ASN E 2881 116.44 33.43 -73.93
CA ASN E 2881 116.93 32.27 -74.67
C ASN E 2881 116.90 31.01 -73.83
N TYR E 2882 117.22 31.12 -72.53
CA TYR E 2882 117.14 29.97 -71.63
C TYR E 2882 115.70 29.52 -71.43
N HIS E 2883 114.77 30.47 -71.31
CA HIS E 2883 113.37 30.13 -71.15
C HIS E 2883 112.79 29.52 -72.42
N ASN E 2884 113.21 29.98 -73.59
CA ASN E 2884 112.76 29.39 -74.84
C ASN E 2884 113.35 27.99 -75.04
N THR E 2885 114.60 27.79 -74.65
CA THR E 2885 115.20 26.46 -74.73
C THR E 2885 114.54 25.50 -73.75
N TRP E 2886 114.20 25.98 -72.55
CA TRP E 2886 113.49 25.15 -71.58
C TRP E 2886 112.08 24.83 -72.06
N GLY E 2887 111.41 25.79 -72.72
CA GLY E 2887 110.08 25.53 -73.24
C GLY E 2887 110.09 24.56 -74.41
N ARG E 2888 111.11 24.63 -75.26
CA ARG E 2888 111.25 23.67 -76.36
C ARG E 2888 111.57 22.27 -75.83
N LYS E 2889 112.38 22.18 -74.77
CA LYS E 2889 112.65 20.90 -74.15
C LYS E 2889 111.40 20.32 -73.48
N LYS E 2890 110.60 21.18 -72.84
CA LYS E 2890 109.35 20.72 -72.24
C LYS E 2890 108.33 20.30 -73.30
N LYS E 2891 108.30 21.00 -74.44
CA LYS E 2891 107.37 20.63 -75.51
C LYS E 2891 107.79 19.33 -76.17
N GLN E 2892 109.11 19.11 -76.34
CA GLN E 2892 109.59 17.85 -76.88
C GLN E 2892 109.36 16.70 -75.90
N GLU E 2893 109.47 16.97 -74.59
CA GLU E 2893 109.21 15.92 -73.61
C GLU E 2893 107.73 15.59 -73.52
N LEU E 2894 106.85 16.59 -73.71
CA LEU E 2894 105.42 16.31 -73.75
C LEU E 2894 105.01 15.63 -75.05
N GLU E 2895 105.69 15.93 -76.16
CA GLU E 2895 105.35 15.33 -77.43
C GLU E 2895 105.89 13.90 -77.56
N ALA E 2896 106.98 13.60 -76.88
CA ALA E 2896 107.54 12.25 -76.93
C ALA E 2896 106.97 11.38 -75.81
N LEU E 2905 105.46 25.81 -71.88
CA LEU E 2905 104.16 26.43 -72.06
C LEU E 2905 104.09 27.76 -71.32
N VAL E 2906 105.25 28.37 -71.11
CA VAL E 2906 105.33 29.63 -70.37
C VAL E 2906 106.33 30.56 -71.05
N PRO E 2907 105.91 31.77 -71.44
CA PRO E 2907 106.85 32.74 -72.01
C PRO E 2907 107.39 33.69 -70.96
N TYR E 2908 108.65 34.10 -71.11
CA TYR E 2908 109.25 35.02 -70.14
C TYR E 2908 108.91 36.48 -70.42
N ASP E 2909 108.29 36.76 -71.57
CA ASP E 2909 107.92 38.14 -71.90
C ASP E 2909 106.70 38.60 -71.12
N THR E 2910 105.76 37.68 -70.88
CA THR E 2910 104.56 37.96 -70.10
C THR E 2910 104.45 37.02 -68.90
N LEU E 2911 105.57 36.74 -68.24
CA LEU E 2911 105.55 35.89 -67.06
C LEU E 2911 105.09 36.69 -65.84
N THR E 2912 104.57 35.98 -64.85
CA THR E 2912 104.13 36.62 -63.62
C THR E 2912 105.32 36.94 -62.72
N ALA E 2913 105.03 37.63 -61.62
CA ALA E 2913 106.08 37.98 -60.67
C ALA E 2913 106.58 36.78 -59.89
N LYS E 2914 105.71 35.77 -59.69
CA LYS E 2914 106.12 34.56 -58.99
C LYS E 2914 107.11 33.73 -59.80
N GLU E 2915 107.07 33.88 -61.13
CA GLU E 2915 108.05 33.25 -62.00
C GLU E 2915 109.23 34.16 -62.33
N LYS E 2916 109.00 35.48 -62.37
CA LYS E 2916 110.08 36.42 -62.63
C LYS E 2916 111.01 36.59 -61.43
N ALA E 2917 110.51 36.36 -60.21
CA ALA E 2917 111.35 36.38 -59.03
C ALA E 2917 112.15 35.10 -58.85
N ARG E 2918 111.79 34.03 -59.56
CA ARG E 2918 112.47 32.75 -59.45
C ARG E 2918 113.39 32.46 -60.63
N ASP E 2919 113.06 32.98 -61.82
CA ASP E 2919 113.85 32.73 -63.01
C ASP E 2919 115.00 33.71 -63.18
N ARG E 2920 114.98 34.83 -62.46
CA ARG E 2920 116.00 35.85 -62.63
C ARG E 2920 117.30 35.51 -61.92
N GLU E 2921 117.26 34.63 -60.92
CA GLU E 2921 118.47 34.29 -60.18
C GLU E 2921 119.43 33.48 -61.05
N LYS E 2922 118.89 32.62 -61.91
CA LYS E 2922 119.75 31.87 -62.84
C LYS E 2922 120.39 32.80 -63.87
N ALA E 2923 119.64 33.80 -64.36
CA ALA E 2923 120.20 34.75 -65.31
C ALA E 2923 121.24 35.64 -64.65
N GLN E 2924 121.01 36.03 -63.39
CA GLN E 2924 121.98 36.85 -62.67
C GLN E 2924 123.25 36.06 -62.36
N GLU E 2925 123.11 34.79 -62.00
CA GLU E 2925 124.27 33.93 -61.75
C GLU E 2925 125.06 33.67 -63.03
N LEU E 2926 124.36 33.46 -64.14
CA LEU E 2926 125.03 33.24 -65.42
C LEU E 2926 125.73 34.50 -65.90
N LEU E 2927 125.13 35.67 -65.67
CA LEU E 2927 125.79 36.93 -66.04
C LEU E 2927 127.00 37.21 -65.15
N LYS E 2928 126.87 36.95 -63.84
CA LYS E 2928 127.99 37.16 -62.92
C LYS E 2928 129.10 36.15 -63.14
N PHE E 2929 128.78 34.97 -63.66
CA PHE E 2929 129.82 34.00 -63.96
C PHE E 2929 130.47 34.26 -65.31
N LEU E 2930 129.71 34.75 -66.29
CA LEU E 2930 130.29 35.10 -67.58
C LEU E 2930 131.08 36.40 -67.55
N GLN E 2931 130.79 37.30 -66.62
CA GLN E 2931 131.51 38.57 -66.55
C GLN E 2931 132.95 38.42 -66.05
N MET E 2932 133.27 37.32 -65.37
CA MET E 2932 134.63 37.12 -64.92
C MET E 2932 135.51 36.62 -66.08
N ASN E 2933 136.83 36.78 -65.90
CA ASN E 2933 137.88 36.37 -66.85
C ASN E 2933 137.76 37.10 -68.19
N GLY E 2934 137.18 38.30 -68.19
CA GLY E 2934 137.10 39.12 -69.38
C GLY E 2934 136.19 38.62 -70.47
N TYR E 2935 135.31 37.66 -70.18
CA TYR E 2935 134.41 37.13 -71.20
C TYR E 2935 133.08 37.89 -71.23
N ALA E 2936 133.16 39.21 -71.38
CA ALA E 2936 131.98 40.07 -71.44
C ALA E 2936 131.42 40.03 -72.86
N VAL E 2937 130.35 39.27 -73.05
CA VAL E 2937 129.69 39.19 -74.34
C VAL E 2937 128.89 40.46 -74.56
N THR E 2938 129.28 41.24 -75.57
CA THR E 2938 128.64 42.50 -75.88
C THR E 2938 127.83 42.37 -77.16
N ARG E 2939 126.61 42.88 -77.14
CA ARG E 2939 125.75 42.82 -78.31
C ARG E 2939 126.15 43.88 -79.34
N UNK E 2951 104.18 54.31 -72.15
CA UNK E 2951 103.19 53.64 -72.98
C UNK E 2951 102.17 54.62 -73.53
N UNK E 2952 102.45 55.91 -73.38
CA UNK E 2952 101.55 56.96 -73.84
C UNK E 2952 102.06 57.59 -75.12
N UNK E 2953 103.38 57.73 -75.22
CA UNK E 2953 104.02 58.37 -76.38
C UNK E 2953 103.87 57.52 -77.65
N UNK E 2954 104.02 56.20 -77.49
CA UNK E 2954 103.86 55.28 -78.61
C UNK E 2954 102.42 55.25 -79.10
N UNK E 2955 101.48 55.32 -78.15
CA UNK E 2955 100.05 55.37 -78.45
C UNK E 2955 99.69 56.66 -79.18
N UNK E 2956 100.28 57.76 -78.74
CA UNK E 2956 100.07 59.06 -79.38
C UNK E 2956 100.65 59.09 -80.79
N UNK E 2957 101.82 58.47 -80.97
CA UNK E 2957 102.44 58.37 -82.29
C UNK E 2957 101.61 57.49 -83.24
N UNK E 2958 101.08 56.40 -82.72
CA UNK E 2958 100.21 55.52 -83.49
C UNK E 2958 98.91 56.22 -83.88
N UNK E 2959 98.36 57.01 -82.95
CA UNK E 2959 97.15 57.78 -83.22
C UNK E 2959 97.40 58.86 -84.26
N UNK E 2960 98.56 59.50 -84.21
CA UNK E 2960 98.95 60.50 -85.18
C UNK E 2960 99.14 59.89 -86.56
N UNK E 2961 99.75 58.70 -86.62
CA UNK E 2961 99.93 57.98 -87.87
C UNK E 2961 98.60 57.54 -88.48
N UNK E 2962 97.69 57.09 -87.62
CA UNK E 2962 96.35 56.69 -88.04
C UNK E 2962 95.56 57.90 -88.55
N UNK E 2963 95.71 59.04 -87.88
CA UNK E 2963 95.06 60.28 -88.30
C UNK E 2963 95.60 60.76 -89.64
N UNK E 2964 96.91 60.64 -89.84
CA UNK E 2964 97.55 61.00 -91.11
C UNK E 2964 97.08 60.09 -92.25
N UNK E 2965 96.96 58.80 -91.95
CA UNK E 2965 96.47 57.82 -92.93
C UNK E 2965 95.00 58.08 -93.29
N UNK E 2966 94.20 58.42 -92.29
CA UNK E 2966 92.80 58.76 -92.49
C UNK E 2966 92.64 60.04 -93.30
N UNK E 2967 93.51 61.02 -93.05
CA UNK E 2967 93.51 62.27 -93.79
C UNK E 2967 93.91 62.04 -95.25
N UNK E 2968 94.89 61.17 -95.47
CA UNK E 2968 95.32 60.80 -96.82
C UNK E 2968 94.21 60.07 -97.58
N UNK E 2969 93.52 59.17 -96.88
CA UNK E 2969 92.39 58.44 -97.47
C UNK E 2969 91.23 59.37 -97.80
N UNK E 2970 90.97 60.34 -96.93
CA UNK E 2970 89.92 61.34 -97.15
C UNK E 2970 90.27 62.25 -98.33
N UNK E 2971 91.54 62.62 -98.44
CA UNK E 2971 92.02 63.42 -99.56
C UNK E 2971 91.89 62.67 -100.88
N UNK E 2972 92.21 61.37 -100.85
CA UNK E 2972 92.08 60.51 -102.02
C UNK E 2972 90.61 60.36 -102.44
N UNK E 2973 89.74 60.19 -101.45
CA UNK E 2973 88.30 60.07 -101.71
C UNK E 2973 87.69 61.38 -102.22
N UNK E 2974 88.24 62.50 -101.77
CA UNK E 2974 87.79 63.81 -102.23
C UNK E 2974 88.29 64.09 -103.65
N UNK E 2975 89.50 63.61 -103.95
CA UNK E 2975 90.06 63.78 -105.29
C UNK E 2975 89.36 62.89 -106.30
N UNK E 2976 88.94 61.70 -105.86
CA UNK E 2976 88.22 60.77 -106.71
C UNK E 2976 86.79 61.26 -106.96
N UNK E 2996 87.50 49.44 -96.58
CA UNK E 2996 87.93 48.76 -95.37
C UNK E 2996 88.73 49.70 -94.47
N UNK E 2997 89.10 50.86 -95.02
CA UNK E 2997 89.87 51.85 -94.28
C UNK E 2997 88.95 52.77 -93.48
N UNK E 2998 87.72 52.93 -93.97
CA UNK E 2998 86.73 53.81 -93.35
C UNK E 2998 86.30 53.29 -91.98
N UNK E 2999 86.11 51.97 -91.89
CA UNK E 2999 85.73 51.33 -90.63
C UNK E 2999 86.86 51.45 -89.60
N UNK E 3000 88.10 51.30 -90.07
CA UNK E 3000 89.28 51.43 -89.22
C UNK E 3000 89.43 52.87 -88.71
N UNK E 3001 89.17 53.82 -89.60
CA UNK E 3001 89.22 55.24 -89.23
C UNK E 3001 88.13 55.60 -88.23
N UNK E 3002 86.94 55.03 -88.41
CA UNK E 3002 85.83 55.23 -87.48
C UNK E 3002 86.13 54.63 -86.11
N UNK E 3003 86.74 53.44 -86.11
CA UNK E 3003 87.15 52.78 -84.87
C UNK E 3003 88.23 53.57 -84.15
N UNK E 3004 89.17 54.12 -84.90
CA UNK E 3004 90.24 54.95 -84.35
C UNK E 3004 89.68 56.25 -83.76
N UNK E 3005 88.71 56.85 -84.45
CA UNK E 3005 88.05 58.05 -83.97
C UNK E 3005 87.24 57.79 -82.71
N UNK E 3006 86.57 56.63 -82.65
CA UNK E 3006 85.81 56.22 -81.47
C UNK E 3006 86.74 55.97 -80.28
N UNK E 3007 87.89 55.34 -80.54
CA UNK E 3007 88.89 55.09 -79.52
C UNK E 3007 89.49 56.39 -78.99
N UNK E 3008 89.73 57.33 -79.89
CA UNK E 3008 90.25 58.65 -79.51
C UNK E 3008 89.24 59.43 -78.68
N UNK E 3009 87.96 59.34 -79.05
CA UNK E 3009 86.88 59.98 -78.32
C UNK E 3009 86.73 59.37 -76.92
N UNK E 3010 86.85 58.05 -76.84
CA UNK E 3010 86.78 57.33 -75.56
C UNK E 3010 87.96 57.70 -74.66
N UNK E 3011 89.15 57.84 -75.25
CA UNK E 3011 90.34 58.24 -74.52
C UNK E 3011 90.22 59.69 -74.01
N UNK E 3012 89.67 60.56 -74.84
CA UNK E 3012 89.47 61.96 -74.47
C UNK E 3012 88.40 62.10 -73.38
N UNK E 3013 87.41 61.21 -73.41
CA UNK E 3013 86.38 61.20 -72.38
C UNK E 3013 86.92 60.64 -71.06
N UNK E 3014 87.82 59.66 -71.15
CA UNK E 3014 88.41 59.06 -69.97
C UNK E 3014 89.42 59.99 -69.31
N UNK E 3015 90.16 60.75 -70.13
CA UNK E 3015 91.15 61.69 -69.61
C UNK E 3015 90.47 62.92 -69.03
N UNK E 3025 106.23 67.43 -74.64
CA UNK E 3025 106.32 66.14 -75.30
C UNK E 3025 104.93 65.59 -75.63
N UNK E 3026 104.26 65.06 -74.61
CA UNK E 3026 102.93 64.47 -74.77
C UNK E 3026 101.89 65.53 -75.11
N UNK E 3027 102.00 66.70 -74.48
CA UNK E 3027 101.10 67.82 -74.75
C UNK E 3027 101.30 68.35 -76.17
N UNK E 3028 102.55 68.40 -76.60
CA UNK E 3028 102.89 68.84 -77.95
C UNK E 3028 102.37 67.85 -79.00
N UNK E 3029 102.49 66.55 -78.69
CA UNK E 3029 101.98 65.50 -79.57
C UNK E 3029 100.45 65.56 -79.66
N UNK E 3030 99.80 65.81 -78.54
CA UNK E 3030 98.35 65.95 -78.50
C UNK E 3030 97.88 67.18 -79.28
N UNK E 3031 98.63 68.28 -79.16
CA UNK E 3031 98.33 69.50 -79.91
C UNK E 3031 98.51 69.29 -81.41
N UNK E 3032 99.56 68.56 -81.79
CA UNK E 3032 99.82 68.23 -83.19
C UNK E 3032 98.73 67.33 -83.76
N UNK E 3033 98.28 66.36 -82.95
CA UNK E 3033 97.20 65.46 -83.34
C UNK E 3033 95.89 66.21 -83.51
N UNK E 3034 95.63 67.16 -82.61
CA UNK E 3034 94.43 67.99 -82.68
C UNK E 3034 94.46 68.90 -83.91
N UNK E 3035 95.63 69.44 -84.22
CA UNK E 3035 95.81 70.28 -85.41
C UNK E 3035 95.62 69.47 -86.69
N UNK E 3036 96.13 68.24 -86.69
CA UNK E 3036 95.97 67.34 -87.83
C UNK E 3036 94.50 66.94 -88.02
N UNK E 3037 93.80 66.69 -86.92
CA UNK E 3037 92.38 66.37 -86.95
C UNK E 3037 91.55 67.55 -87.46
N UNK E 3038 91.92 68.76 -87.03
CA UNK E 3038 91.26 69.98 -87.48
C UNK E 3038 91.49 70.21 -88.97
N UNK E 3039 92.71 69.97 -89.44
CA UNK E 3039 93.06 70.12 -90.84
C UNK E 3039 92.36 69.07 -91.71
N UNK E 3040 92.15 67.88 -91.14
CA UNK E 3040 91.43 66.83 -91.85
C UNK E 3040 89.93 67.11 -91.90
N UNK E 3041 89.41 67.73 -90.84
CA UNK E 3041 87.99 68.08 -90.78
C UNK E 3041 87.66 69.26 -91.68
N UNK E 3042 88.58 70.21 -91.77
CA UNK E 3042 88.38 71.38 -92.61
C UNK E 3042 88.54 71.03 -94.10
N UNK E 3049 79.50 64.17 -87.77
CA UNK E 3049 78.93 63.96 -86.45
C UNK E 3049 79.99 63.43 -85.48
N UNK E 3050 80.47 62.23 -85.75
CA UNK E 3050 81.48 61.57 -84.91
C UNK E 3050 82.82 62.30 -84.96
N UNK E 3051 83.19 62.77 -86.15
CA UNK E 3051 84.42 63.53 -86.34
C UNK E 3051 84.35 64.88 -85.62
N UNK E 3052 83.17 65.50 -85.67
CA UNK E 3052 82.93 66.77 -84.99
C UNK E 3052 82.98 66.59 -83.48
N UNK E 3053 82.41 65.49 -83.00
CA UNK E 3053 82.44 65.16 -81.57
C UNK E 3053 83.85 64.88 -81.09
N UNK E 3054 84.63 64.19 -81.91
CA UNK E 3054 86.04 63.90 -81.61
C UNK E 3054 86.87 65.18 -81.58
N UNK E 3055 86.60 66.09 -82.52
CA UNK E 3055 87.27 67.37 -82.57
C UNK E 3055 86.93 68.24 -81.36
N UNK E 3056 85.67 68.21 -80.95
CA UNK E 3056 85.22 68.93 -79.77
C UNK E 3056 85.85 68.37 -78.49
N UNK E 3057 85.95 67.04 -78.42
CA UNK E 3057 86.60 66.37 -77.29
C UNK E 3057 88.09 66.69 -77.22
N UNK E 3058 88.74 66.74 -78.38
CA UNK E 3058 90.15 67.09 -78.47
C UNK E 3058 90.39 68.55 -78.07
N UNK E 3059 89.48 69.44 -78.49
CA UNK E 3059 89.57 70.85 -78.14
C UNK E 3059 89.32 71.07 -76.65
N UNK E 3060 88.44 70.26 -76.06
CA UNK E 3060 88.17 70.33 -74.63
C UNK E 3060 89.33 69.78 -73.82
N UNK E 3061 90.00 68.77 -74.36
CA UNK E 3061 91.14 68.16 -73.69
C UNK E 3061 92.37 69.06 -73.75
N UNK E 3062 92.56 69.74 -74.88
CA UNK E 3062 93.69 70.65 -75.05
C UNK E 3062 93.47 71.95 -74.29
N UNK E 3141 102.45 76.22 -85.81
CA UNK E 3141 101.55 75.25 -86.41
C UNK E 3141 100.12 75.45 -85.90
N UNK E 3142 99.97 75.45 -84.58
CA UNK E 3142 98.65 75.61 -83.95
C UNK E 3142 98.08 77.00 -84.18
N UNK E 3143 98.95 78.01 -84.12
CA UNK E 3143 98.54 79.39 -84.37
C UNK E 3143 98.13 79.59 -85.83
N UNK E 3144 98.85 78.94 -86.73
CA UNK E 3144 98.55 78.99 -88.15
C UNK E 3144 97.22 78.29 -88.45
N UNK E 3145 96.98 77.16 -87.78
CA UNK E 3145 95.74 76.42 -87.91
C UNK E 3145 94.55 77.23 -87.38
N UNK E 3146 94.76 77.91 -86.25
CA UNK E 3146 93.74 78.78 -85.66
C UNK E 3146 93.43 79.97 -86.56
N UNK E 3147 94.47 80.54 -87.17
CA UNK E 3147 94.30 81.65 -88.11
C UNK E 3147 93.55 81.22 -89.37
N UNK E 3148 93.87 80.01 -89.85
CA UNK E 3148 93.18 79.44 -91.01
C UNK E 3148 91.71 79.15 -90.71
N UNK E 3149 91.45 78.65 -89.51
CA UNK E 3149 90.08 78.38 -89.06
C UNK E 3149 89.28 79.68 -88.91
N UNK E 3150 89.93 80.72 -88.39
CA UNK E 3150 89.30 82.03 -88.25
C UNK E 3150 89.00 82.66 -89.61
N UNK E 3151 89.92 82.49 -90.56
CA UNK E 3151 89.75 82.99 -91.91
C UNK E 3151 88.61 82.25 -92.62
N UNK E 3152 88.52 80.94 -92.41
CA UNK E 3152 87.45 80.13 -92.97
C UNK E 3152 86.10 80.51 -92.38
N UNK E 3153 86.07 80.78 -91.08
CA UNK E 3153 84.86 81.22 -90.39
C UNK E 3153 84.40 82.59 -90.88
N UNK E 3154 85.36 83.48 -91.11
CA UNK E 3154 85.08 84.82 -91.64
C UNK E 3154 84.54 84.74 -93.07
N UNK E 3155 85.13 83.87 -93.88
CA UNK E 3155 84.68 83.64 -95.25
C UNK E 3155 83.26 83.05 -95.28
N UNK E 3156 82.99 82.13 -94.36
CA UNK E 3156 81.67 81.53 -94.23
C UNK E 3156 80.62 82.54 -93.79
N UNK E 3157 81.01 83.42 -92.86
CA UNK E 3157 80.13 84.50 -92.39
C UNK E 3157 79.84 85.50 -93.51
N UNK E 3158 80.86 85.81 -94.31
CA UNK E 3158 80.70 86.70 -95.46
C UNK E 3158 79.79 86.08 -96.52
N UNK E 3159 79.95 84.78 -96.76
CA UNK E 3159 79.11 84.07 -97.73
C UNK E 3159 77.67 83.95 -97.24
N UNK E 3160 77.48 83.85 -95.92
CA UNK E 3160 76.15 83.80 -95.34
C UNK E 3160 75.48 85.18 -95.38
N UNK E 3161 76.28 86.23 -95.22
CA UNK E 3161 75.78 87.59 -95.27
C UNK E 3161 75.41 88.01 -96.69
N UNK E 3162 76.22 87.58 -97.65
CA UNK E 3162 75.96 87.89 -99.05
C UNK E 3162 74.81 87.05 -99.60
N UNK E 3169 79.23 73.66 -96.80
CA UNK E 3169 78.65 74.97 -97.07
C UNK E 3169 78.10 75.60 -95.81
N UNK E 3170 76.92 75.13 -95.39
CA UNK E 3170 76.27 75.65 -94.20
C UNK E 3170 76.58 74.77 -92.99
N UNK E 3171 76.51 73.45 -93.20
CA UNK E 3171 76.76 72.47 -92.13
C UNK E 3171 78.21 72.49 -91.68
N UNK E 3172 79.13 72.63 -92.63
CA UNK E 3172 80.56 72.71 -92.33
C UNK E 3172 80.87 74.01 -91.58
N UNK E 3173 80.20 75.08 -91.96
CA UNK E 3173 80.35 76.39 -91.31
C UNK E 3173 79.84 76.33 -89.87
N UNK E 3174 78.70 75.67 -89.68
CA UNK E 3174 78.12 75.49 -88.35
C UNK E 3174 79.01 74.62 -87.46
N UNK E 3175 79.59 73.57 -88.05
CA UNK E 3175 80.52 72.70 -87.34
C UNK E 3175 81.79 73.44 -86.94
N UNK E 3176 82.30 74.28 -87.83
CA UNK E 3176 83.47 75.10 -87.56
C UNK E 3176 83.20 76.13 -86.46
N UNK E 3177 82.00 76.73 -86.49
CA UNK E 3177 81.58 77.68 -85.48
C UNK E 3177 81.44 77.01 -84.11
N UNK E 3178 80.88 75.81 -84.10
CA UNK E 3178 80.73 75.02 -82.87
C UNK E 3178 82.09 74.62 -82.30
N UNK E 3179 83.02 74.24 -83.18
CA UNK E 3179 84.38 73.88 -82.78
C UNK E 3179 85.12 75.09 -82.22
N UNK E 3180 84.93 76.25 -82.84
CA UNK E 3180 85.55 77.49 -82.37
C UNK E 3180 84.98 77.90 -81.01
N UNK E 3181 83.67 77.74 -80.83
CA UNK E 3181 83.01 78.03 -79.56
C UNK E 3181 83.49 77.09 -78.46
N UNK E 3182 83.66 75.81 -78.79
CA UNK E 3182 84.17 74.82 -77.84
C UNK E 3182 85.61 75.12 -77.46
N UNK E 3183 86.42 75.51 -78.43
CA UNK E 3183 87.82 75.88 -78.19
C UNK E 3183 87.92 77.14 -77.31
N UNK E 3184 87.04 78.11 -77.56
CA UNK E 3184 86.99 79.33 -76.75
C UNK E 3184 86.55 79.03 -75.32
N UNK E 3185 85.57 78.14 -75.16
CA UNK E 3185 85.08 77.75 -73.85
C UNK E 3185 86.13 76.94 -73.08
N UNK E 3186 86.95 76.19 -73.80
CA UNK E 3186 88.03 75.44 -73.19
C UNK E 3186 89.18 76.35 -72.80
N UNK E 3187 89.43 77.37 -73.61
CA UNK E 3187 90.51 78.32 -73.35
C UNK E 3187 90.16 79.29 -72.22
N UNK E 3188 88.87 79.58 -72.06
CA UNK E 3188 88.40 80.47 -71.00
C UNK E 3188 88.50 79.80 -69.64
N UNK E 3189 88.37 78.48 -69.61
CA UNK E 3189 88.45 77.72 -68.36
C UNK E 3189 89.90 77.55 -67.92
N UNK E 3198 96.64 85.80 -83.80
CA UNK E 3198 95.38 85.73 -84.53
C UNK E 3198 94.38 86.75 -84.00
N UNK E 3199 94.90 87.81 -83.38
CA UNK E 3199 94.07 88.86 -82.79
C UNK E 3199 93.31 89.64 -83.86
N UNK E 3200 93.99 89.92 -84.97
CA UNK E 3200 93.37 90.63 -86.09
C UNK E 3200 92.27 89.78 -86.74
N UNK E 3201 92.53 88.47 -86.85
CA UNK E 3201 91.55 87.54 -87.39
C UNK E 3201 90.33 87.41 -86.48
N UNK E 3202 90.57 87.41 -85.17
CA UNK E 3202 89.50 87.36 -84.18
C UNK E 3202 88.67 88.64 -84.22
N UNK E 3203 89.33 89.78 -84.38
CA UNK E 3203 88.65 91.07 -84.50
C UNK E 3203 87.82 91.15 -85.77
N UNK E 3204 88.35 90.61 -86.86
CA UNK E 3204 87.62 90.54 -88.14
C UNK E 3204 86.41 89.63 -88.04
N UNK E 3205 86.56 88.50 -87.35
CA UNK E 3205 85.45 87.57 -87.12
C UNK E 3205 84.37 88.20 -86.25
N UNK E 3206 84.78 88.94 -85.23
CA UNK E 3206 83.86 89.65 -84.35
C UNK E 3206 83.10 90.74 -85.10
N UNK E 3207 83.81 91.46 -85.98
CA UNK E 3207 83.20 92.49 -86.82
C UNK E 3207 82.20 91.89 -87.80
N UNK E 3208 82.55 90.74 -88.37
CA UNK E 3208 81.65 90.03 -89.28
C UNK E 3208 80.41 89.52 -88.56
N UNK E 3209 80.58 89.02 -87.34
CA UNK E 3209 79.46 88.55 -86.53
C UNK E 3209 78.56 89.70 -86.08
N UNK E 3210 79.16 90.87 -85.86
CA UNK E 3210 78.40 92.05 -85.49
C UNK E 3210 77.63 92.61 -86.70
N UNK E 3211 78.24 92.49 -87.88
CA UNK E 3211 77.60 92.98 -89.11
C UNK E 3211 76.46 92.06 -89.54
N UNK E 3212 76.64 90.75 -89.35
CA UNK E 3212 75.61 89.78 -89.71
C UNK E 3212 74.48 89.79 -88.69
N UNK E 3221 70.65 80.22 -87.23
CA UNK E 3221 72.05 80.16 -86.83
C UNK E 3221 72.43 81.40 -86.02
N UNK E 3222 71.43 82.23 -85.72
CA UNK E 3222 71.64 83.47 -84.97
C UNK E 3222 72.07 83.19 -83.53
N UNK E 3223 71.47 82.17 -82.92
CA UNK E 3223 71.81 81.76 -81.56
C UNK E 3223 73.24 81.20 -81.50
N UNK E 3224 73.61 80.45 -82.52
CA UNK E 3224 74.95 79.88 -82.64
C UNK E 3224 75.99 80.98 -82.84
N UNK E 3225 75.64 81.99 -83.65
CA UNK E 3225 76.51 83.13 -83.88
C UNK E 3225 76.69 83.96 -82.60
N UNK E 3226 75.60 84.13 -81.85
CA UNK E 3226 75.63 84.84 -80.57
C UNK E 3226 76.49 84.10 -79.55
N UNK E 3227 76.37 82.76 -79.52
CA UNK E 3227 77.16 81.93 -78.63
C UNK E 3227 78.65 81.98 -79.00
N UNK E 3228 78.95 81.98 -80.29
CA UNK E 3228 80.33 82.06 -80.77
C UNK E 3228 80.93 83.44 -80.50
N UNK E 3229 80.10 84.47 -80.52
CA UNK E 3229 80.55 85.83 -80.22
C UNK E 3229 80.76 86.00 -78.72
N UNK E 3230 79.94 85.33 -77.92
CA UNK E 3230 80.06 85.40 -76.47
C UNK E 3230 81.28 84.62 -75.96
N UNK E 3231 81.51 83.44 -76.55
CA UNK E 3231 82.65 82.62 -76.17
C UNK E 3231 83.95 83.19 -76.75
N UNK E 3269 86.38 98.03 -75.68
CA UNK E 3269 86.53 99.09 -74.68
C UNK E 3269 85.49 100.18 -74.88
N UNK E 3270 85.86 101.20 -75.64
CA UNK E 3270 84.98 102.34 -75.90
C UNK E 3270 83.78 101.93 -76.75
N UNK E 3271 84.01 101.08 -77.75
CA UNK E 3271 82.95 100.57 -78.60
C UNK E 3271 81.98 99.68 -77.81
N UNK E 3272 82.54 98.89 -76.90
CA UNK E 3272 81.74 98.02 -76.03
C UNK E 3272 80.89 98.85 -75.06
N UNK E 3273 81.48 99.93 -74.54
CA UNK E 3273 80.77 100.84 -73.64
C UNK E 3273 79.64 101.58 -74.38
N UNK E 3274 79.91 101.96 -75.63
CA UNK E 3274 78.91 102.62 -76.47
C UNK E 3274 77.76 101.67 -76.81
N UNK E 3275 78.10 100.41 -77.09
CA UNK E 3275 77.10 99.38 -77.37
C UNK E 3275 76.25 99.08 -76.13
N UNK E 3276 76.88 99.06 -74.96
CA UNK E 3276 76.18 98.85 -73.70
C UNK E 3276 75.24 100.01 -73.39
N UNK E 3277 75.70 101.23 -73.66
CA UNK E 3277 74.88 102.43 -73.47
C UNK E 3277 73.69 102.45 -74.42
N UNK E 3278 73.91 102.03 -75.67
CA UNK E 3278 72.85 101.93 -76.66
C UNK E 3278 71.82 100.87 -76.29
N UNK E 3279 72.30 99.75 -75.75
CA UNK E 3279 71.43 98.67 -75.29
C UNK E 3279 70.59 99.12 -74.08
N UNK E 3280 71.23 99.85 -73.17
CA UNK E 3280 70.54 100.41 -72.01
C UNK E 3280 69.48 101.42 -72.41
N UNK E 3281 69.79 102.26 -73.40
CA UNK E 3281 68.85 103.23 -73.93
C UNK E 3281 67.67 102.56 -74.62
N UNK E 3282 67.96 101.50 -75.37
CA UNK E 3282 66.91 100.74 -76.06
C UNK E 3282 66.03 99.98 -75.07
N UNK E 3283 66.61 99.55 -73.95
CA UNK E 3283 65.85 98.87 -72.91
C UNK E 3283 64.99 99.87 -72.13
N UNK E 3284 65.50 101.08 -71.95
CA UNK E 3284 64.77 102.12 -71.25
C UNK E 3284 63.61 102.67 -72.09
N UNK E 3285 63.83 102.78 -73.40
CA UNK E 3285 62.80 103.28 -74.30
C UNK E 3285 61.75 102.20 -74.55
N UNK E 3293 67.48 90.23 -82.41
CA UNK E 3293 68.39 89.08 -82.34
C UNK E 3293 69.83 89.53 -82.11
N UNK E 3294 70.16 90.71 -82.62
CA UNK E 3294 71.50 91.26 -82.46
C UNK E 3294 71.64 91.95 -81.12
N UNK E 3295 70.53 92.46 -80.60
CA UNK E 3295 70.53 93.18 -79.32
C UNK E 3295 70.85 92.25 -78.15
N UNK E 3296 70.32 91.03 -78.19
CA UNK E 3296 70.58 90.03 -77.17
C UNK E 3296 72.04 89.59 -77.19
N UNK E 3297 72.60 89.47 -78.39
CA UNK E 3297 74.01 89.11 -78.57
C UNK E 3297 74.92 90.22 -78.06
N UNK E 3298 74.53 91.47 -78.33
CA UNK E 3298 75.28 92.63 -77.85
C UNK E 3298 75.24 92.73 -76.33
N UNK E 3299 74.07 92.45 -75.75
CA UNK E 3299 73.90 92.43 -74.30
C UNK E 3299 74.73 91.33 -73.65
N UNK E 3300 74.76 90.16 -74.28
CA UNK E 3300 75.56 89.03 -73.81
C UNK E 3300 77.06 89.35 -73.88
N UNK E 3301 77.47 90.00 -74.97
CA UNK E 3301 78.86 90.41 -75.13
C UNK E 3301 79.26 91.47 -74.09
N UNK E 3302 78.35 92.39 -73.81
CA UNK E 3302 78.58 93.41 -72.79
C UNK E 3302 78.68 92.81 -71.39
N UNK E 3303 77.83 91.81 -71.12
CA UNK E 3303 77.84 91.10 -69.85
C UNK E 3303 79.14 90.30 -69.69
N UNK E 3304 79.59 89.67 -70.77
CA UNK E 3304 80.84 88.93 -70.77
C UNK E 3304 82.05 89.85 -70.56
N UNK E 3305 82.00 91.03 -71.18
CA UNK E 3305 83.06 92.03 -71.01
C UNK E 3305 83.09 92.57 -69.58
N UNK E 3306 81.91 92.79 -69.01
CA UNK E 3306 81.80 93.28 -67.62
C UNK E 3306 82.24 92.21 -66.62
N UNK E 3307 82.02 90.94 -66.96
CA UNK E 3307 82.45 89.84 -66.12
C UNK E 3307 83.97 89.64 -66.21
N UNK E 3308 84.52 89.89 -67.40
CA UNK E 3308 85.95 89.76 -67.61
C UNK E 3308 86.74 90.90 -66.96
N UNK E 3309 86.17 92.11 -67.02
CA UNK E 3309 86.81 93.27 -66.42
C UNK E 3309 86.66 93.26 -64.91
N UNK E 3316 82.05 98.59 -61.28
CA UNK E 3316 81.06 97.86 -60.48
C UNK E 3316 79.66 98.39 -60.74
N UNK E 3317 79.57 99.64 -61.19
CA UNK E 3317 78.28 100.26 -61.48
C UNK E 3317 77.77 99.83 -62.85
N UNK E 3318 78.69 99.54 -63.76
CA UNK E 3318 78.36 99.14 -65.13
C UNK E 3318 77.67 97.78 -65.16
N UNK E 3319 78.15 96.86 -64.33
CA UNK E 3319 77.56 95.52 -64.23
C UNK E 3319 76.15 95.60 -63.64
N UNK E 3320 75.97 96.48 -62.65
CA UNK E 3320 74.68 96.70 -62.02
C UNK E 3320 73.69 97.32 -63.01
N UNK E 3321 74.18 98.26 -63.82
CA UNK E 3321 73.36 98.90 -64.84
C UNK E 3321 72.95 97.91 -65.93
N UNK E 3322 73.89 97.03 -66.31
CA UNK E 3322 73.61 95.98 -67.29
C UNK E 3322 72.60 94.97 -66.75
N UNK E 3323 72.72 94.62 -65.49
CA UNK E 3323 71.77 93.72 -64.83
C UNK E 3323 70.38 94.34 -64.73
N UNK E 3324 70.32 95.64 -64.43
CA UNK E 3324 69.06 96.37 -64.37
C UNK E 3324 68.40 96.47 -65.75
N UNK E 3325 69.21 96.68 -66.78
CA UNK E 3325 68.73 96.73 -68.16
C UNK E 3325 68.20 95.38 -68.60
N UNK E 3326 68.91 94.31 -68.22
CA UNK E 3326 68.48 92.95 -68.53
C UNK E 3326 67.17 92.59 -67.82
N UNK E 3327 67.04 93.02 -66.57
CA UNK E 3327 65.83 92.81 -65.80
C UNK E 3327 64.64 93.58 -66.39
N UNK E 3328 64.91 94.81 -66.84
CA UNK E 3328 63.88 95.62 -67.49
C UNK E 3328 63.44 95.02 -68.82
N UNK E 3329 64.40 94.48 -69.58
CA UNK E 3329 64.11 93.82 -70.84
C UNK E 3329 63.31 92.53 -70.63
N UNK E 3330 63.64 91.80 -69.57
CA UNK E 3330 62.92 90.58 -69.23
C UNK E 3330 61.51 90.87 -68.73
N UNK E 3331 61.35 92.01 -68.06
CA UNK E 3331 60.03 92.43 -67.58
C UNK E 3331 59.16 92.93 -68.73
N UNK E 3332 59.79 93.59 -69.70
CA UNK E 3332 59.07 94.11 -70.86
C UNK E 3332 58.69 92.98 -71.82
N UNK E 3333 59.56 91.98 -71.94
CA UNK E 3333 59.30 90.84 -72.82
C UNK E 3333 58.30 89.89 -72.19
N UNK E 3340 62.56 80.00 -76.94
CA UNK E 3340 63.03 81.31 -77.38
C UNK E 3340 64.46 81.57 -76.91
N UNK E 3341 64.84 82.85 -76.87
CA UNK E 3341 66.18 83.23 -76.44
C UNK E 3341 66.16 83.77 -75.01
N UNK E 3342 65.49 83.05 -74.13
CA UNK E 3342 65.38 83.45 -72.74
C UNK E 3342 66.39 82.72 -71.87
N UNK E 3343 66.78 81.52 -72.31
CA UNK E 3343 67.71 80.67 -71.56
C UNK E 3343 69.11 81.29 -71.52
N UNK E 3344 69.55 81.86 -72.63
CA UNK E 3344 70.85 82.51 -72.71
C UNK E 3344 70.88 83.76 -71.85
N UNK E 3345 69.77 84.49 -71.83
CA UNK E 3345 69.63 85.68 -70.99
C UNK E 3345 69.64 85.32 -69.51
N UNK E 3346 68.97 84.23 -69.17
CA UNK E 3346 68.95 83.72 -67.79
C UNK E 3346 70.34 83.26 -67.36
N UNK E 3347 71.07 82.61 -68.26
CA UNK E 3347 72.43 82.17 -67.99
C UNK E 3347 73.37 83.36 -67.79
N UNK E 3348 73.20 84.40 -68.62
CA UNK E 3348 73.98 85.63 -68.49
C UNK E 3348 73.68 86.35 -67.18
N UNK E 3349 72.41 86.35 -66.79
CA UNK E 3349 71.99 86.97 -65.53
C UNK E 3349 72.54 86.20 -64.33
N UNK E 3350 72.57 84.87 -64.43
CA UNK E 3350 73.12 84.03 -63.37
C UNK E 3350 74.63 84.18 -63.27
N UNK E 3351 75.27 84.44 -64.41
CA UNK E 3351 76.71 84.64 -64.44
C UNK E 3351 77.10 86.02 -63.89
N UNK E 3352 76.30 87.03 -64.20
CA UNK E 3352 76.60 88.39 -63.77
C UNK E 3352 75.76 88.82 -62.58
N UNK E 3353 75.20 87.86 -61.85
CA UNK E 3353 74.40 88.15 -60.67
C UNK E 3353 75.25 88.22 -59.40
N UNK E 3354 76.56 88.12 -59.56
CA UNK E 3354 77.48 88.20 -58.42
C UNK E 3354 77.61 89.64 -57.95
N UNK E 3355 77.71 90.56 -58.89
CA UNK E 3355 77.84 91.98 -58.56
C UNK E 3355 76.48 92.60 -58.26
N UNK E 3359 73.67 98.67 -51.69
CA UNK E 3359 73.49 99.79 -52.61
C UNK E 3359 72.82 99.33 -53.89
N UNK E 3360 73.49 98.46 -54.64
CA UNK E 3360 72.97 97.93 -55.89
C UNK E 3360 71.96 96.81 -55.63
N UNK E 3361 72.14 96.13 -54.51
CA UNK E 3361 71.27 95.01 -54.14
C UNK E 3361 69.85 95.48 -53.81
N UNK E 3362 69.75 96.63 -53.16
CA UNK E 3362 68.46 97.23 -52.83
C UNK E 3362 67.71 97.65 -54.10
N UNK E 3363 68.47 98.21 -55.05
CA UNK E 3363 67.90 98.62 -56.33
C UNK E 3363 67.44 97.41 -57.15
N UNK E 3364 68.22 96.33 -57.09
CA UNK E 3364 67.88 95.08 -57.75
C UNK E 3364 66.62 94.47 -57.15
N UNK E 3365 66.51 94.53 -55.83
CA UNK E 3365 65.34 94.02 -55.12
C UNK E 3365 64.09 94.85 -55.45
N UNK E 3366 64.27 96.17 -55.53
CA UNK E 3366 63.16 97.07 -55.87
C UNK E 3366 62.73 96.89 -57.32
N UNK E 3367 63.66 96.53 -58.19
CA UNK E 3367 63.34 96.25 -59.59
C UNK E 3367 62.66 94.89 -59.73
N UNK E 3368 63.06 93.92 -58.92
CA UNK E 3368 62.50 92.58 -58.98
C UNK E 3368 61.15 92.47 -58.28
N UNK E 3369 60.86 93.42 -57.39
CA UNK E 3369 59.59 93.44 -56.68
C UNK E 3369 58.39 93.67 -57.60
N UNK E 3370 58.57 94.53 -58.60
CA UNK E 3370 57.53 94.80 -59.59
C UNK E 3370 57.26 93.57 -60.45
N UNK E 3371 58.33 92.87 -60.82
CA UNK E 3371 58.23 91.63 -61.59
C UNK E 3371 57.55 90.53 -60.78
N UNK E 3372 57.86 90.47 -59.49
CA UNK E 3372 57.23 89.52 -58.57
C UNK E 3372 55.74 89.81 -58.41
N UNK E 3373 55.39 91.08 -58.31
CA UNK E 3373 54.00 91.51 -58.21
C UNK E 3373 53.23 91.19 -59.49
N UNK E 3374 53.87 91.40 -60.64
CA UNK E 3374 53.28 91.06 -61.94
C UNK E 3374 53.07 89.56 -62.08
N UNK E 3375 54.03 88.78 -61.61
CA UNK E 3375 53.94 87.32 -61.64
C UNK E 3375 52.83 86.82 -60.72
N UNK E 3376 52.69 87.47 -59.56
CA UNK E 3376 51.63 87.14 -58.61
C UNK E 3376 50.25 87.47 -59.18
N UNK E 3377 50.15 88.61 -59.87
CA UNK E 3377 48.92 89.01 -60.53
C UNK E 3377 48.54 88.06 -61.67
N UNK E 3378 49.55 87.63 -62.42
CA UNK E 3378 49.35 86.66 -63.51
C UNK E 3378 48.91 85.30 -62.96
N UNK E 3379 49.50 84.89 -61.84
CA UNK E 3379 49.13 83.64 -61.17
C UNK E 3379 47.71 83.70 -60.62
N UNK E 3380 47.33 84.86 -60.08
CA UNK E 3380 45.97 85.07 -59.58
C UNK E 3380 44.95 85.04 -60.72
N UNK E 3381 45.32 85.64 -61.85
CA UNK E 3381 44.47 85.64 -63.04
C UNK E 3381 44.30 84.23 -63.61
N UNK E 3382 45.40 83.46 -63.61
CA UNK E 3382 45.37 82.08 -64.05
C UNK E 3382 44.52 81.20 -63.14
N UNK E 3383 44.62 81.44 -61.83
CA UNK E 3383 43.82 80.72 -60.85
C UNK E 3383 42.33 81.05 -61.00
N UNK E 3384 42.03 82.32 -61.27
CA UNK E 3384 40.65 82.76 -61.49
C UNK E 3384 40.08 82.15 -62.78
N UNK E 3385 40.92 82.06 -63.82
CA UNK E 3385 40.51 81.46 -65.09
C UNK E 3385 40.31 79.95 -64.95
N UNK E 3386 41.10 79.32 -64.10
CA UNK E 3386 40.98 77.89 -63.84
C UNK E 3386 39.74 77.59 -63.00
N UNK E 3387 39.43 78.49 -62.06
CA UNK E 3387 38.25 78.33 -61.22
C UNK E 3387 36.97 78.62 -62.00
N UNK E 3388 37.05 79.53 -62.96
CA UNK E 3388 35.90 79.87 -63.80
C UNK E 3388 35.64 78.80 -64.84
N UNK E 3395 39.41 73.97 -77.39
CA UNK E 3395 38.50 74.72 -76.54
C UNK E 3395 39.24 75.83 -75.80
N UNK E 3396 38.72 76.19 -74.62
CA UNK E 3396 39.34 77.23 -73.81
C UNK E 3396 40.30 76.64 -72.79
N UNK E 3397 40.41 75.31 -72.79
CA UNK E 3397 41.30 74.62 -71.87
C UNK E 3397 42.73 74.59 -72.39
N UNK E 3398 42.86 74.44 -73.71
CA UNK E 3398 44.17 74.37 -74.35
C UNK E 3398 44.89 75.72 -74.30
N UNK E 3399 44.14 76.80 -74.53
CA UNK E 3399 44.69 78.15 -74.47
C UNK E 3399 45.11 78.51 -73.05
N UNK E 3400 44.30 78.07 -72.08
CA UNK E 3400 44.59 78.28 -70.67
C UNK E 3400 45.83 77.49 -70.25
N UNK E 3401 45.97 76.28 -70.78
CA UNK E 3401 47.13 75.44 -70.51
C UNK E 3401 48.40 76.05 -71.10
N UNK E 3402 48.28 76.59 -72.32
CA UNK E 3402 49.42 77.26 -72.97
C UNK E 3402 49.83 78.53 -72.21
N UNK E 3403 48.84 79.27 -71.73
CA UNK E 3403 49.08 80.47 -70.94
C UNK E 3403 49.73 80.13 -69.61
N UNK E 3404 49.30 79.03 -68.98
CA UNK E 3404 49.88 78.55 -67.74
C UNK E 3404 51.32 78.07 -67.95
N UNK E 3405 51.57 77.43 -69.09
CA UNK E 3405 52.92 76.99 -69.43
C UNK E 3405 53.86 78.17 -69.66
N UNK E 3406 53.37 79.20 -70.34
CA UNK E 3406 54.13 80.43 -70.57
C UNK E 3406 54.41 81.16 -69.26
N UNK E 3407 53.41 81.19 -68.38
CA UNK E 3407 53.53 81.80 -67.07
C UNK E 3407 54.54 81.05 -66.19
N UNK E 3408 54.54 79.73 -66.28
CA UNK E 3408 55.50 78.89 -65.56
C UNK E 3408 56.93 79.09 -66.09
N UNK E 3409 57.04 79.23 -67.41
CA UNK E 3409 58.33 79.47 -68.05
C UNK E 3409 58.90 80.84 -67.68
N UNK E 3410 58.01 81.81 -67.49
CA UNK E 3410 58.43 83.14 -67.03
C UNK E 3410 58.79 83.11 -65.55
N UNK E 3411 58.00 82.37 -64.76
CA UNK E 3411 58.17 82.30 -63.32
C UNK E 3411 59.44 81.55 -62.94
N UNK E 3412 59.86 80.59 -63.76
CA UNK E 3412 61.11 79.87 -63.54
C UNK E 3412 62.32 80.81 -63.69
N UNK E 3413 62.29 81.63 -64.74
CA UNK E 3413 63.34 82.60 -65.00
C UNK E 3413 63.32 83.72 -63.96
N UNK E 3414 62.13 84.02 -63.42
CA UNK E 3414 62.01 84.99 -62.35
C UNK E 3414 62.60 84.45 -61.04
N UNK E 3415 62.29 83.19 -60.73
CA UNK E 3415 62.74 82.54 -59.52
C UNK E 3415 64.24 82.27 -59.55
N UNK E 3416 64.79 82.07 -60.74
CA UNK E 3416 66.23 81.87 -60.91
C UNK E 3416 67.03 83.13 -60.53
N UNK E 3417 66.42 84.30 -60.68
CA UNK E 3417 67.04 85.55 -60.26
C UNK E 3417 66.68 85.86 -58.82
N UNK E 3418 65.48 85.45 -58.41
CA UNK E 3418 65.01 85.68 -57.04
C UNK E 3418 65.82 84.90 -56.01
N UNK E 3419 66.21 83.68 -56.35
CA UNK E 3419 67.03 82.85 -55.48
C UNK E 3419 68.42 83.45 -55.31
N UNK E 3420 68.96 83.99 -56.40
CA UNK E 3420 70.26 84.67 -56.37
C UNK E 3420 70.20 85.94 -55.54
N UNK E 3421 69.09 86.67 -55.66
CA UNK E 3421 68.86 87.88 -54.87
C UNK E 3421 68.73 87.56 -53.38
N UNK E 3422 68.04 86.47 -53.07
CA UNK E 3422 67.88 86.02 -51.69
C UNK E 3422 69.20 85.54 -51.10
N UNK E 3423 70.02 84.88 -51.92
CA UNK E 3423 71.34 84.43 -51.49
C UNK E 3423 72.29 85.60 -51.28
N UNK E 3424 72.13 86.65 -52.08
CA UNK E 3424 72.94 87.86 -51.93
C UNK E 3424 72.52 88.65 -50.70
N UNK E 3425 71.22 88.66 -50.42
CA UNK E 3425 70.69 89.38 -49.25
C UNK E 3425 70.97 88.62 -47.96
N UNK E 3426 71.08 87.30 -48.05
CA UNK E 3426 71.35 86.48 -46.88
C UNK E 3426 72.82 86.52 -46.50
N UNK E 3427 73.67 86.88 -47.45
CA UNK E 3427 75.11 86.97 -47.22
C UNK E 3427 75.51 88.38 -46.81
N UNK E 3428 74.55 89.30 -46.88
CA UNK E 3428 74.81 90.70 -46.53
C UNK E 3428 73.97 91.12 -45.33
N UNK E 3429 72.66 91.11 -45.49
CA UNK E 3429 71.74 91.50 -44.43
C UNK E 3429 71.46 90.32 -43.49
N UNK E 3430 72.42 90.02 -42.63
CA UNK E 3430 72.28 88.92 -41.67
C UNK E 3430 73.06 89.21 -40.40
N UNK E 3435 61.49 94.62 -44.79
CA UNK E 3435 60.81 95.52 -45.70
C UNK E 3435 60.71 94.93 -47.10
N UNK E 3436 61.72 95.20 -47.92
CA UNK E 3436 61.76 94.71 -49.30
C UNK E 3436 61.94 93.19 -49.33
N UNK E 3437 62.79 92.68 -48.45
CA UNK E 3437 63.04 91.25 -48.34
C UNK E 3437 61.78 90.52 -47.85
N UNK E 3438 61.09 91.14 -46.90
CA UNK E 3438 59.84 90.60 -46.37
C UNK E 3438 58.74 90.59 -47.44
N UNK E 3439 58.71 91.65 -48.24
CA UNK E 3439 57.74 91.75 -49.33
C UNK E 3439 58.01 90.71 -50.41
N UNK E 3440 59.29 90.49 -50.72
CA UNK E 3440 59.72 89.48 -51.69
C UNK E 3440 59.38 88.07 -51.19
N UNK E 3441 59.59 87.85 -49.89
CA UNK E 3441 59.27 86.58 -49.26
C UNK E 3441 57.76 86.30 -49.28
N UNK E 3442 56.97 87.34 -49.01
CA UNK E 3442 55.51 87.24 -49.06
C UNK E 3442 55.01 86.96 -50.47
N UNK E 3443 55.62 87.62 -51.45
CA UNK E 3443 55.29 87.41 -52.85
C UNK E 3443 55.63 86.00 -53.32
N UNK E 3444 56.80 85.50 -52.91
CA UNK E 3444 57.22 84.15 -53.25
C UNK E 3444 56.35 83.10 -52.56
N UNK E 3445 55.94 83.39 -51.33
CA UNK E 3445 55.04 82.50 -50.60
C UNK E 3445 53.66 82.44 -51.25
N UNK E 3446 53.18 83.59 -51.71
CA UNK E 3446 51.91 83.67 -52.44
C UNK E 3446 51.99 82.91 -53.77
N UNK E 3447 53.12 83.05 -54.45
CA UNK E 3447 53.36 82.33 -55.70
C UNK E 3447 53.41 80.82 -55.48
N UNK E 3448 54.05 80.39 -54.40
CA UNK E 3448 54.12 78.98 -54.04
C UNK E 3448 52.75 78.42 -53.67
N UNK E 3449 51.96 79.23 -52.95
CA UNK E 3449 50.61 78.82 -52.58
C UNK E 3449 49.68 78.75 -53.79
N UNK E 3450 49.92 79.62 -54.77
CA UNK E 3450 49.16 79.60 -56.01
C UNK E 3450 49.55 78.41 -56.89
N UNK E 3451 50.84 78.05 -56.84
CA UNK E 3451 51.34 76.93 -57.63
C UNK E 3451 50.90 75.59 -57.04
N UNK E 3452 50.87 75.50 -55.71
CA UNK E 3452 50.44 74.27 -55.04
C UNK E 3452 48.93 74.11 -55.09
N UNK E 3456 47.41 70.74 -62.94
CA UNK E 3456 47.38 71.68 -64.06
C UNK E 3456 48.69 72.45 -64.15
N UNK E 3457 48.94 73.28 -63.14
CA UNK E 3457 50.13 74.11 -63.09
C UNK E 3457 51.40 73.27 -62.93
N UNK E 3458 51.33 72.22 -62.13
CA UNK E 3458 52.44 71.30 -61.93
C UNK E 3458 52.75 70.53 -63.20
N UNK E 3459 51.69 70.13 -63.90
CA UNK E 3459 51.82 69.43 -65.18
C UNK E 3459 52.43 70.33 -66.25
N UNK E 3460 52.02 71.60 -66.26
CA UNK E 3460 52.57 72.59 -67.18
C UNK E 3460 54.05 72.87 -66.89
N UNK E 3461 54.39 72.93 -65.61
CA UNK E 3461 55.78 73.12 -65.18
C UNK E 3461 56.65 71.93 -65.57
N UNK E 3462 56.09 70.72 -65.41
CA UNK E 3462 56.80 69.50 -65.79
C UNK E 3462 57.00 69.42 -67.31
N UNK E 3463 55.99 69.83 -68.06
CA UNK E 3463 56.07 69.84 -69.52
C UNK E 3463 57.06 70.90 -70.02
N UNK E 3464 57.17 72.01 -69.28
CA UNK E 3464 58.12 73.06 -69.62
C UNK E 3464 59.55 72.63 -69.27
N UNK E 3465 59.69 71.87 -68.18
CA UNK E 3465 61.00 71.39 -67.75
C UNK E 3465 61.51 70.28 -68.66
N UNK E 3466 60.60 69.42 -69.12
CA UNK E 3466 60.98 68.32 -70.01
C UNK E 3466 61.27 68.83 -71.42
N UNK E 3513 62.96 72.02 -58.22
CA UNK E 3513 63.29 73.08 -59.15
C UNK E 3513 63.69 74.35 -58.41
N UNK E 3514 63.59 75.49 -59.09
CA UNK E 3514 63.94 76.77 -58.49
C UNK E 3514 62.82 77.27 -57.59
N UNK E 3515 61.60 76.80 -57.86
CA UNK E 3515 60.42 77.21 -57.10
C UNK E 3515 60.48 76.73 -55.66
N UNK E 3516 60.99 75.51 -55.47
CA UNK E 3516 61.14 74.93 -54.13
C UNK E 3516 62.18 75.70 -53.32
N UNK E 3517 63.28 76.08 -53.96
CA UNK E 3517 64.34 76.85 -53.32
C UNK E 3517 63.84 78.26 -52.97
N UNK E 3518 63.05 78.84 -53.86
CA UNK E 3518 62.45 80.15 -53.63
C UNK E 3518 61.46 80.11 -52.47
N UNK E 3519 60.66 79.05 -52.40
CA UNK E 3519 59.71 78.84 -51.32
C UNK E 3519 60.43 78.63 -49.98
N UNK E 3520 61.53 77.89 -50.01
CA UNK E 3520 62.34 77.66 -48.81
C UNK E 3520 62.97 78.96 -48.30
N UNK E 3521 63.50 79.76 -49.22
CA UNK E 3521 64.09 81.05 -48.88
C UNK E 3521 63.04 82.03 -48.35
N UNK E 3522 61.86 82.00 -48.96
CA UNK E 3522 60.74 82.84 -48.51
C UNK E 3522 60.25 82.44 -47.13
N UNK E 3523 60.19 81.13 -46.87
CA UNK E 3523 59.79 80.60 -45.57
C UNK E 3523 60.81 80.99 -44.51
N UNK E 3524 62.10 80.88 -44.85
CA UNK E 3524 63.18 81.27 -43.94
C UNK E 3524 63.15 82.76 -43.61
N UNK E 3525 62.93 83.58 -44.63
CA UNK E 3525 62.85 85.04 -44.43
C UNK E 3525 61.64 85.45 -43.61
N UNK E 3526 60.48 84.86 -43.90
CA UNK E 3526 59.25 85.17 -43.18
C UNK E 3526 59.25 84.61 -41.76
N UNK E 3527 60.05 83.56 -41.53
CA UNK E 3527 60.18 82.99 -40.21
C UNK E 3527 61.19 83.79 -39.38
N UNK E 3528 62.21 84.34 -40.05
CA UNK E 3528 63.19 85.18 -39.37
C UNK E 3528 62.60 86.55 -39.03
N UNK E 3529 61.72 87.05 -39.89
CA UNK E 3529 61.06 88.32 -39.65
C UNK E 3529 59.96 88.17 -38.60
N UNK E 3534 55.43 82.51 -29.99
CA UNK E 3534 54.43 82.60 -31.05
C UNK E 3534 54.34 81.30 -31.83
N UNK E 3535 55.08 80.29 -31.38
CA UNK E 3535 55.13 78.99 -32.05
C UNK E 3535 53.79 78.25 -31.96
N UNK E 3536 53.15 78.34 -30.79
CA UNK E 3536 51.85 77.73 -30.57
C UNK E 3536 50.78 78.40 -31.44
N UNK E 3537 50.86 79.72 -31.55
CA UNK E 3537 49.94 80.49 -32.39
C UNK E 3537 50.14 80.16 -33.87
N UNK E 3538 51.39 80.00 -34.27
CA UNK E 3538 51.72 79.61 -35.65
C UNK E 3538 51.22 78.21 -35.96
N UNK E 3539 51.36 77.29 -35.00
CA UNK E 3539 50.87 75.92 -35.15
C UNK E 3539 49.34 75.89 -35.24
N UNK E 3540 48.68 76.71 -34.43
CA UNK E 3540 47.21 76.82 -34.45
C UNK E 3540 46.72 77.41 -35.78
N UNK E 3541 47.44 78.41 -36.29
CA UNK E 3541 47.11 79.02 -37.58
C UNK E 3541 47.33 78.03 -38.73
N UNK E 3542 48.39 77.23 -38.63
CA UNK E 3542 48.67 76.20 -39.62
C UNK E 3542 47.60 75.10 -39.61
N UNK E 3543 47.15 74.73 -38.41
CA UNK E 3543 46.09 73.74 -38.26
C UNK E 3543 44.76 74.27 -38.81
N UNK E 3544 44.48 75.55 -38.57
CA UNK E 3544 43.27 76.19 -39.08
C UNK E 3544 43.30 76.33 -40.60
N UNK E 3545 44.50 76.54 -41.15
CA UNK E 3545 44.66 76.63 -42.59
C UNK E 3545 44.55 75.25 -43.24
N UNK E 3546 45.02 74.22 -42.55
CA UNK E 3546 44.95 72.86 -43.06
C UNK E 3546 43.53 72.31 -42.99
N UNK E 3547 42.80 72.67 -41.95
CA UNK E 3547 41.41 72.22 -41.80
C UNK E 3547 40.49 72.98 -42.73
N UNK E 3553 39.21 82.62 -43.14
CA UNK E 3553 38.72 81.98 -41.93
C UNK E 3553 39.87 81.70 -40.96
N UNK E 3554 41.03 81.36 -41.52
CA UNK E 3554 42.21 81.04 -40.73
C UNK E 3554 42.74 82.26 -39.98
N UNK E 3555 42.72 83.41 -40.65
CA UNK E 3555 43.15 84.67 -40.05
C UNK E 3555 42.21 85.07 -38.91
N UNK E 3556 40.91 84.86 -39.12
CA UNK E 3556 39.91 85.15 -38.11
C UNK E 3556 40.06 84.22 -36.90
N UNK E 3557 40.34 82.95 -37.16
CA UNK E 3557 40.55 81.98 -36.09
C UNK E 3557 41.84 82.26 -35.32
N UNK E 3558 42.84 82.79 -36.00
CA UNK E 3558 44.09 83.18 -35.36
C UNK E 3558 43.92 84.45 -34.52
N UNK E 3559 43.07 85.36 -35.00
CA UNK E 3559 42.81 86.60 -34.30
C UNK E 3559 41.94 86.37 -33.06
N UNK E 3560 40.99 85.46 -33.17
CA UNK E 3560 40.11 85.14 -32.06
C UNK E 3560 40.83 84.30 -31.01
N UNK E 3569 65.73 77.80 -23.01
CA UNK E 3569 66.01 78.18 -24.39
C UNK E 3569 65.04 79.26 -24.87
N UNK E 3570 63.85 79.27 -24.28
CA UNK E 3570 62.81 80.23 -24.64
C UNK E 3570 63.19 81.66 -24.28
N UNK E 3571 63.80 81.83 -23.11
CA UNK E 3571 64.27 83.13 -22.67
C UNK E 3571 65.41 83.65 -23.55
N UNK E 3572 66.28 82.74 -23.95
CA UNK E 3572 67.39 83.06 -24.85
C UNK E 3572 66.88 83.46 -26.23
N UNK E 3573 65.86 82.75 -26.71
CA UNK E 3573 65.24 83.06 -27.99
C UNK E 3573 64.52 84.41 -27.94
N UNK E 3574 63.86 84.69 -26.83
CA UNK E 3574 63.19 85.98 -26.63
C UNK E 3574 64.19 87.14 -26.57
N UNK E 3575 65.32 86.91 -25.90
CA UNK E 3575 66.38 87.92 -25.83
C UNK E 3575 67.02 88.16 -27.19
N UNK E 3576 67.20 87.09 -27.96
CA UNK E 3576 67.75 87.19 -29.31
C UNK E 3576 66.78 87.89 -30.27
N UNK E 3577 65.49 87.69 -30.05
CA UNK E 3577 64.47 88.36 -30.85
C UNK E 3577 64.37 89.84 -30.49
N UNK E 3578 64.59 90.14 -29.21
CA UNK E 3578 64.55 91.52 -28.74
C UNK E 3578 65.78 92.30 -29.21
N UNK E 3579 66.93 91.65 -29.20
CA UNK E 3579 68.17 92.29 -29.63
C UNK E 3579 68.22 92.38 -31.16
N UNK E 3590 49.19 94.04 -37.37
CA UNK E 3590 49.41 93.40 -38.65
C UNK E 3590 50.33 92.19 -38.51
N UNK E 3591 50.55 91.76 -37.28
CA UNK E 3591 51.42 90.61 -37.00
C UNK E 3591 50.67 89.30 -37.23
N UNK E 3592 49.35 89.34 -37.04
CA UNK E 3592 48.50 88.16 -37.19
C UNK E 3592 48.44 87.69 -38.64
N UNK E 3593 48.39 88.63 -39.57
CA UNK E 3593 48.38 88.32 -41.00
C UNK E 3593 49.70 87.71 -41.44
N UNK E 3594 50.80 88.24 -40.90
CA UNK E 3594 52.14 87.73 -41.17
C UNK E 3594 52.32 86.32 -40.62
N UNK E 3595 51.79 86.10 -39.42
CA UNK E 3595 51.83 84.78 -38.79
C UNK E 3595 51.00 83.77 -39.57
N UNK E 3596 49.83 84.19 -40.05
CA UNK E 3596 48.98 83.35 -40.87
C UNK E 3596 49.64 83.00 -42.21
N UNK E 3597 50.31 83.98 -42.81
CA UNK E 3597 51.04 83.77 -44.06
C UNK E 3597 52.21 82.81 -43.87
N UNK E 3598 52.93 82.96 -42.75
CA UNK E 3598 54.04 82.06 -42.42
C UNK E 3598 53.55 80.64 -42.16
N UNK E 3599 52.41 80.51 -41.49
CA UNK E 3599 51.80 79.21 -41.22
C UNK E 3599 51.33 78.55 -42.51
N UNK E 3600 50.76 79.34 -43.42
CA UNK E 3600 50.32 78.85 -44.72
C UNK E 3600 51.51 78.39 -45.56
N UNK E 3601 52.60 79.14 -45.51
CA UNK E 3601 53.83 78.79 -46.21
C UNK E 3601 54.44 77.51 -45.65
N UNK E 3602 54.41 77.36 -44.33
CA UNK E 3602 54.90 76.15 -43.67
C UNK E 3602 54.04 74.93 -44.02
N UNK E 3603 52.73 75.13 -44.08
CA UNK E 3603 51.80 74.07 -44.46
C UNK E 3603 52.00 73.65 -45.92
N UNK E 3604 52.23 74.63 -46.79
CA UNK E 3604 52.51 74.37 -48.19
C UNK E 3604 53.83 73.62 -48.37
N UNK E 3605 54.84 73.99 -47.59
CA UNK E 3605 56.14 73.32 -47.61
C UNK E 3605 56.03 71.88 -47.11
N UNK E 3606 55.22 71.68 -46.07
CA UNK E 3606 54.99 70.35 -45.53
C UNK E 3606 54.22 69.47 -46.51
N UNK E 3607 53.25 70.06 -47.22
CA UNK E 3607 52.48 69.34 -48.22
C UNK E 3607 53.34 69.00 -49.45
N UNK E 3608 54.29 69.87 -49.76
CA UNK E 3608 55.21 69.63 -50.88
C UNK E 3608 56.22 68.55 -50.52
N UNK E 3609 56.67 68.55 -49.26
CA UNK E 3609 57.63 67.56 -48.79
C UNK E 3609 56.98 66.18 -48.62
N UNK E 3610 55.71 66.18 -48.24
CA UNK E 3610 54.98 64.93 -48.05
C UNK E 3610 54.60 64.31 -49.39
N LEU E 3623 51.78 36.83 -57.40
CA LEU E 3623 50.60 37.35 -58.09
C LEU E 3623 50.59 36.92 -59.55
N LEU E 3624 51.70 37.16 -60.23
CA LEU E 3624 51.80 36.81 -61.64
C LEU E 3624 52.20 35.34 -61.79
N SER E 3625 51.80 34.76 -62.92
CA SER E 3625 51.92 33.32 -63.13
C SER E 3625 53.26 32.97 -63.75
N LYS E 3626 53.39 31.72 -64.19
CA LYS E 3626 54.41 31.35 -65.15
C LYS E 3626 53.82 31.08 -66.54
N GLN E 3627 52.53 30.73 -66.63
CA GLN E 3627 51.89 30.65 -67.94
C GLN E 3627 51.68 32.05 -68.51
N ARG E 3628 51.40 33.02 -67.64
CA ARG E 3628 51.21 34.42 -68.01
C ARG E 3628 52.50 35.10 -68.44
N ARG E 3629 53.65 34.41 -68.32
CA ARG E 3629 54.90 34.96 -68.80
C ARG E 3629 54.91 35.03 -70.33
N ARG E 3630 54.43 33.97 -70.99
CA ARG E 3630 54.45 33.90 -72.45
C ARG E 3630 53.06 33.90 -73.08
N ALA E 3631 51.99 33.74 -72.29
CA ALA E 3631 50.65 33.79 -72.86
C ALA E 3631 50.29 35.19 -73.36
N VAL E 3632 50.67 36.22 -72.61
CA VAL E 3632 50.35 37.59 -73.03
C VAL E 3632 51.25 38.01 -74.19
N VAL E 3633 52.51 37.54 -74.21
CA VAL E 3633 53.42 37.85 -75.32
C VAL E 3633 52.98 37.09 -76.57
N ALA E 3634 52.38 35.91 -76.41
CA ALA E 3634 51.78 35.22 -77.53
C ALA E 3634 50.52 35.95 -78.03
N CYS E 3635 49.75 36.51 -77.09
CA CYS E 3635 48.54 37.24 -77.47
C CYS E 3635 48.88 38.56 -78.16
N PHE E 3636 50.08 39.07 -77.94
CA PHE E 3636 50.57 40.26 -78.65
C PHE E 3636 50.60 40.05 -80.15
N ARG E 3637 51.07 38.89 -80.62
CA ARG E 3637 51.18 38.68 -82.06
C ARG E 3637 50.99 37.21 -82.45
N MET E 3638 49.89 36.57 -82.01
CA MET E 3638 49.42 35.39 -82.74
C MET E 3638 48.68 35.84 -83.99
N THR E 3639 48.81 35.04 -85.03
CA THR E 3639 48.52 35.49 -86.38
C THR E 3639 47.01 35.60 -86.62
N PRO E 3640 46.57 36.59 -87.43
CA PRO E 3640 45.11 36.79 -87.61
C PRO E 3640 44.45 35.79 -88.54
N LEU E 3641 43.18 36.05 -88.86
CA LEU E 3641 42.32 35.03 -89.45
C LEU E 3641 42.61 34.79 -90.92
N TYR E 3642 43.07 35.81 -91.65
CA TYR E 3642 43.39 35.64 -93.08
C TYR E 3642 44.77 35.02 -93.30
N ASN E 3643 45.44 34.55 -92.25
CA ASN E 3643 46.68 33.81 -92.41
C ASN E 3643 46.46 32.31 -92.33
N LEU E 3644 45.46 31.88 -91.55
CA LEU E 3644 45.04 30.48 -91.60
C LEU E 3644 44.13 30.26 -92.81
N PRO E 3645 44.20 29.07 -93.41
CA PRO E 3645 43.42 28.82 -94.64
C PRO E 3645 41.93 28.64 -94.38
N THR E 3646 41.22 28.56 -95.50
CA THR E 3646 39.76 28.53 -95.51
C THR E 3646 39.20 27.22 -94.95
N HIS E 3647 39.88 26.09 -95.19
CA HIS E 3647 39.40 24.82 -94.67
C HIS E 3647 39.57 24.73 -93.15
N ARG E 3648 40.48 25.52 -92.58
CA ARG E 3648 40.59 25.69 -91.14
C ARG E 3648 39.62 26.73 -90.59
N ALA E 3649 39.24 27.71 -91.40
CA ALA E 3649 38.23 28.69 -91.01
C ALA E 3649 36.82 28.13 -90.99
N CYS E 3650 36.48 27.28 -91.96
CA CYS E 3650 35.14 26.74 -92.12
C CYS E 3650 34.79 25.73 -91.03
N ASN E 3651 35.78 25.19 -90.33
CA ASN E 3651 35.50 24.36 -89.16
C ASN E 3651 35.49 25.17 -87.87
N MET E 3652 36.22 26.28 -87.82
CA MET E 3652 36.07 27.20 -86.69
C MET E 3652 34.69 27.85 -86.70
N PHE E 3653 34.09 27.96 -87.89
CA PHE E 3653 32.70 28.35 -88.09
C PHE E 3653 31.67 27.57 -87.28
N LEU E 3654 31.49 26.27 -87.59
CA LEU E 3654 30.31 25.56 -87.12
C LEU E 3654 30.36 25.21 -85.64
N GLU E 3655 31.58 25.07 -85.08
CA GLU E 3655 31.71 24.84 -83.65
C GLU E 3655 31.21 26.02 -82.83
N SER E 3656 31.40 27.24 -83.34
CA SER E 3656 30.82 28.40 -82.66
C SER E 3656 29.38 28.66 -83.09
N TYR E 3657 29.02 28.24 -84.31
CA TYR E 3657 27.64 28.33 -84.78
C TYR E 3657 26.70 27.52 -83.91
N LYS E 3658 27.19 26.37 -83.41
CA LYS E 3658 26.42 25.57 -82.46
C LYS E 3658 26.16 26.33 -81.16
N ALA E 3659 27.20 26.95 -80.60
CA ALA E 3659 27.05 27.66 -79.34
C ALA E 3659 26.34 29.01 -79.50
N ALA E 3660 26.19 29.51 -80.72
CA ALA E 3660 25.54 30.80 -80.95
C ALA E 3660 24.11 30.72 -81.46
N TRP E 3661 23.73 29.73 -82.26
CA TRP E 3661 22.44 29.83 -82.94
C TRP E 3661 21.41 28.79 -82.52
N ILE E 3662 21.76 27.51 -82.53
CA ILE E 3662 20.81 26.48 -82.10
C ILE E 3662 20.84 26.29 -80.58
N LEU E 3663 21.90 26.75 -79.91
CA LEU E 3663 21.95 26.69 -78.44
C LEU E 3663 20.90 27.59 -77.79
N THR E 3664 20.60 28.73 -78.38
CA THR E 3664 19.66 29.68 -77.80
C THR E 3664 18.21 29.38 -78.13
N GLU E 3665 17.94 28.41 -78.99
CA GLU E 3665 16.56 28.05 -79.33
C GLU E 3665 15.95 27.26 -78.18
N ASP E 3666 14.81 27.74 -77.70
CA ASP E 3666 14.06 27.07 -76.64
C ASP E 3666 12.61 27.01 -77.07
N HIS E 3667 12.16 25.83 -77.48
CA HIS E 3667 10.78 25.62 -77.88
C HIS E 3667 10.22 24.49 -77.01
N SER E 3668 8.95 24.18 -77.23
CA SER E 3668 8.22 23.19 -76.46
C SER E 3668 7.68 22.16 -77.45
N PHE E 3669 8.59 21.51 -78.19
CA PHE E 3669 8.21 20.40 -79.07
C PHE E 3669 7.61 19.21 -78.32
N GLU E 3670 7.79 19.13 -77.00
CA GLU E 3670 7.51 17.92 -76.24
C GLU E 3670 6.06 17.79 -75.78
N ASP E 3671 5.34 18.90 -75.58
CA ASP E 3671 3.93 18.74 -75.26
C ASP E 3671 3.09 18.34 -76.47
N ARG E 3672 3.63 18.50 -77.68
CA ARG E 3672 2.94 18.18 -78.92
C ARG E 3672 2.97 16.68 -79.19
N MET E 3673 4.05 16.00 -78.78
CA MET E 3673 4.15 14.57 -79.06
C MET E 3673 3.31 13.73 -78.11
N ILE E 3674 3.22 14.12 -76.84
CA ILE E 3674 2.72 13.21 -75.81
C ILE E 3674 1.19 13.14 -75.81
N ASP E 3675 0.50 14.25 -76.16
CA ASP E 3675 -0.95 14.21 -76.17
C ASP E 3675 -1.49 13.43 -77.36
N ASP E 3676 -0.67 13.23 -78.41
CA ASP E 3676 -1.06 12.33 -79.50
C ASP E 3676 -1.14 10.89 -79.00
N LEU E 3677 -0.10 10.42 -78.31
CA LEU E 3677 -0.10 9.08 -77.71
C LEU E 3677 -1.12 8.97 -76.58
N SER E 3678 -1.50 10.10 -75.98
CA SER E 3678 -2.55 10.10 -74.97
C SER E 3678 -3.95 9.98 -75.58
N LYS E 3679 -4.24 10.77 -76.62
CA LYS E 3679 -5.54 10.77 -77.27
C LYS E 3679 -5.72 9.60 -78.24
N ALA E 3680 -4.68 8.80 -78.45
CA ALA E 3680 -4.78 7.58 -79.25
C ALA E 3680 -5.64 6.49 -78.62
N GLY E 3681 -6.12 6.67 -77.38
CA GLY E 3681 -7.03 5.71 -76.77
C GLY E 3681 -8.40 5.64 -77.41
N GLU E 3682 -8.82 6.70 -78.11
CA GLU E 3682 -10.09 6.71 -78.81
C GLU E 3682 -9.89 6.20 -80.23
N GLN E 3683 -10.50 5.05 -80.54
CA GLN E 3683 -10.35 4.42 -81.84
C GLN E 3683 -11.72 3.93 -82.30
N GLU E 3684 -11.73 3.16 -83.38
CA GLU E 3684 -12.97 2.64 -83.94
C GLU E 3684 -12.78 1.21 -84.43
N LYS E 3693 -10.07 -2.47 -73.61
CA LYS E 3693 -9.03 -2.25 -72.60
C LYS E 3693 -7.65 -2.58 -73.16
N LYS E 3694 -7.39 -2.16 -74.41
CA LYS E 3694 -6.10 -2.45 -75.02
C LYS E 3694 -5.10 -1.34 -74.67
N PRO E 3695 -3.80 -1.68 -74.55
CA PRO E 3695 -2.83 -0.70 -74.03
C PRO E 3695 -2.55 0.44 -75.00
N ASP E 3696 -2.53 1.65 -74.45
CA ASP E 3696 -2.26 2.91 -75.11
C ASP E 3696 -0.78 3.00 -75.50
N PRO E 3697 -0.44 3.79 -76.53
CA PRO E 3697 0.95 3.79 -77.03
C PRO E 3697 1.97 4.40 -76.07
N LEU E 3698 1.57 5.29 -75.17
CA LEU E 3698 2.54 5.72 -74.16
C LEU E 3698 2.68 4.68 -73.05
N HIS E 3699 1.60 3.98 -72.73
CA HIS E 3699 1.68 2.94 -71.71
C HIS E 3699 2.49 1.75 -72.20
N GLN E 3700 2.50 1.52 -73.53
CA GLN E 3700 3.44 0.55 -74.10
C GLN E 3700 4.88 0.92 -73.80
N LEU E 3701 5.23 2.20 -73.95
CA LEU E 3701 6.59 2.66 -73.66
C LEU E 3701 6.89 2.60 -72.17
N VAL E 3702 5.91 2.91 -71.33
CA VAL E 3702 6.13 2.89 -69.88
C VAL E 3702 6.25 1.45 -69.35
N LEU E 3703 5.45 0.51 -69.85
CA LEU E 3703 5.62 -0.87 -69.44
C LEU E 3703 6.83 -1.52 -70.10
N HIS E 3704 7.28 -0.99 -71.24
CA HIS E 3704 8.57 -1.34 -71.81
C HIS E 3704 9.72 -0.93 -70.89
N PHE E 3705 9.71 0.31 -70.42
CA PHE E 3705 10.80 0.79 -69.58
C PHE E 3705 10.65 0.38 -68.12
N SER E 3706 9.51 -0.19 -67.74
CA SER E 3706 9.38 -0.78 -66.42
C SER E 3706 10.00 -2.17 -66.33
N ARG E 3707 10.21 -2.85 -67.47
CA ARG E 3707 10.83 -4.16 -67.45
C ARG E 3707 12.11 -4.26 -68.26
N THR E 3708 12.59 -3.16 -68.87
CA THR E 3708 13.96 -3.24 -69.39
C THR E 3708 15.01 -3.08 -68.30
N ALA E 3709 14.63 -2.73 -67.08
CA ALA E 3709 15.60 -2.46 -66.02
C ALA E 3709 15.65 -3.54 -64.94
N LEU E 3710 14.67 -4.45 -64.89
CA LEU E 3710 14.69 -5.59 -63.98
C LEU E 3710 15.39 -6.81 -64.55
N THR E 3711 16.37 -6.60 -65.44
CA THR E 3711 17.14 -7.71 -65.96
C THR E 3711 18.12 -8.23 -64.90
N GLU E 3712 18.65 -9.42 -65.15
CA GLU E 3712 19.59 -10.06 -64.22
C GLU E 3712 20.96 -9.44 -64.46
N LYS E 3713 21.21 -8.32 -63.79
CA LYS E 3713 22.42 -7.55 -64.05
C LYS E 3713 22.75 -6.68 -62.84
N SER E 3714 24.03 -6.67 -62.46
CA SER E 3714 24.48 -5.83 -61.36
C SER E 3714 24.62 -4.37 -61.78
N LYS E 3715 24.89 -4.13 -63.05
CA LYS E 3715 25.05 -2.79 -63.60
C LYS E 3715 23.97 -2.55 -64.64
N LEU E 3716 23.22 -1.47 -64.48
CA LEU E 3716 22.08 -1.20 -65.35
C LEU E 3716 22.56 -0.54 -66.64
N ASP E 3717 21.85 -0.83 -67.73
CA ASP E 3717 22.30 -0.41 -69.05
C ASP E 3717 22.02 1.08 -69.28
N GLU E 3718 23.05 1.82 -69.65
CA GLU E 3718 22.89 3.23 -70.04
C GLU E 3718 22.40 3.26 -71.48
N ASP E 3719 21.17 3.72 -71.68
CA ASP E 3719 20.53 3.67 -72.98
C ASP E 3719 20.66 4.99 -73.72
N TYR E 3720 20.29 4.95 -75.00
CA TYR E 3720 20.34 6.11 -75.87
C TYR E 3720 19.14 7.02 -75.64
N LEU E 3721 17.95 6.44 -75.48
CA LEU E 3721 16.73 7.22 -75.56
C LEU E 3721 16.12 7.58 -74.21
N TYR E 3722 16.59 6.99 -73.11
CA TYR E 3722 15.94 7.28 -71.83
C TYR E 3722 16.33 8.65 -71.29
N MET E 3723 17.59 9.07 -71.49
CA MET E 3723 18.00 10.41 -71.08
C MET E 3723 17.32 11.48 -71.93
N ALA E 3724 16.89 11.16 -73.14
CA ALA E 3724 16.03 12.06 -73.87
C ALA E 3724 14.61 12.04 -73.31
N TYR E 3725 13.99 10.86 -73.25
CA TYR E 3725 12.55 10.75 -72.98
C TYR E 3725 12.16 11.10 -71.56
N ALA E 3726 13.05 10.88 -70.58
CA ALA E 3726 12.77 11.31 -69.22
C ALA E 3726 12.74 12.83 -69.13
N ASP E 3727 13.64 13.50 -69.86
CA ASP E 3727 13.57 14.95 -69.99
C ASP E 3727 12.31 15.39 -70.73
N ILE E 3728 11.87 14.58 -71.71
CA ILE E 3728 10.70 14.93 -72.51
C ILE E 3728 9.44 14.95 -71.64
N MET E 3729 9.13 13.81 -71.00
CA MET E 3729 7.97 13.80 -70.12
C MET E 3729 8.26 14.36 -68.73
N ALA E 3730 9.45 14.91 -68.50
CA ALA E 3730 9.68 15.75 -67.33
C ALA E 3730 9.33 17.20 -67.60
N LYS E 3731 9.67 17.70 -68.79
CA LYS E 3731 9.35 19.07 -69.16
C LYS E 3731 7.97 19.21 -69.80
N SER E 3732 7.23 18.11 -69.99
CA SER E 3732 5.86 18.25 -70.49
C SER E 3732 4.91 18.89 -69.47
N CYS E 3733 5.18 18.76 -68.17
CA CYS E 3733 4.19 19.13 -67.16
C CYS E 3733 4.54 20.40 -66.38
N HIS E 3734 5.76 20.93 -66.51
CA HIS E 3734 6.12 22.20 -65.86
C HIS E 3734 5.78 23.42 -66.70
N LEU E 3735 4.75 23.34 -67.54
CA LEU E 3735 4.39 24.50 -68.36
C LEU E 3735 3.63 25.53 -67.54
N GLU E 3736 2.87 25.10 -66.54
CA GLU E 3736 2.10 25.99 -65.69
C GLU E 3736 2.72 26.19 -64.32
N GLU E 3737 3.83 25.51 -64.02
CA GLU E 3737 4.44 25.59 -62.70
C GLU E 3737 5.51 26.68 -62.63
N GLU E 3750 0.26 39.51 -57.84
CA GLU E 3750 -1.03 40.16 -58.07
C GLU E 3750 -1.91 39.33 -58.98
N VAL E 3751 -2.02 38.05 -58.68
CA VAL E 3751 -2.87 37.14 -59.43
C VAL E 3751 -4.14 36.89 -58.64
N SER E 3752 -5.09 36.18 -59.26
CA SER E 3752 -6.42 36.03 -58.70
C SER E 3752 -6.62 34.61 -58.17
N PHE E 3753 -7.87 34.29 -57.86
CA PHE E 3753 -8.24 33.00 -57.26
C PHE E 3753 -8.33 31.90 -58.31
N GLU E 3754 -9.26 32.07 -59.26
CA GLU E 3754 -9.65 30.99 -60.15
C GLU E 3754 -8.60 30.72 -61.22
N GLU E 3755 -7.81 31.72 -61.61
CA GLU E 3755 -6.75 31.46 -62.59
C GLU E 3755 -5.63 30.62 -61.97
N LYS E 3756 -5.30 30.86 -60.69
CA LYS E 3756 -4.25 30.07 -60.08
C LYS E 3756 -4.74 28.68 -59.70
N GLU E 3757 -6.01 28.54 -59.30
CA GLU E 3757 -6.55 27.19 -59.09
C GLU E 3757 -6.74 26.46 -60.41
N MET E 3758 -7.00 27.22 -61.47
CA MET E 3758 -7.11 26.68 -62.82
C MET E 3758 -5.78 26.11 -63.26
N GLU E 3759 -4.68 26.83 -63.04
CA GLU E 3759 -3.40 26.30 -63.49
C GLU E 3759 -2.90 25.16 -62.59
N LYS E 3760 -3.25 25.15 -61.29
CA LYS E 3760 -2.83 24.01 -60.48
C LYS E 3760 -3.61 22.74 -60.85
N GLN E 3761 -4.91 22.87 -61.20
CA GLN E 3761 -5.57 21.65 -61.63
C GLN E 3761 -5.31 21.34 -63.11
N ARG E 3762 -4.82 22.31 -63.90
CA ARG E 3762 -4.20 21.98 -65.18
C ARG E 3762 -2.96 21.13 -64.99
N LEU E 3763 -2.15 21.46 -63.97
CA LEU E 3763 -1.02 20.62 -63.62
C LEU E 3763 -1.47 19.25 -63.16
N LEU E 3764 -2.54 19.19 -62.36
CA LEU E 3764 -3.04 17.90 -61.88
C LEU E 3764 -3.61 17.06 -63.03
N TYR E 3765 -4.23 17.70 -64.02
CA TYR E 3765 -4.71 16.98 -65.19
C TYR E 3765 -3.55 16.49 -66.05
N GLN E 3766 -2.50 17.30 -66.21
CA GLN E 3766 -1.35 16.87 -66.99
C GLN E 3766 -0.51 15.83 -66.27
N GLN E 3767 -0.69 15.69 -64.95
CA GLN E 3767 0.02 14.65 -64.21
C GLN E 3767 -0.79 13.36 -64.13
N SER E 3768 -2.12 13.46 -64.10
CA SER E 3768 -3.01 12.33 -64.29
C SER E 3768 -3.08 11.89 -65.75
N ARG E 3769 -2.55 12.71 -66.66
CA ARG E 3769 -2.30 12.29 -68.03
C ARG E 3769 -1.36 11.10 -68.06
N LEU E 3770 -0.34 11.11 -67.20
CA LEU E 3770 0.73 10.13 -67.22
C LEU E 3770 0.60 9.06 -66.15
N HIS E 3771 0.42 9.45 -64.87
CA HIS E 3771 0.56 8.48 -63.78
C HIS E 3771 -0.67 7.60 -63.58
N THR E 3772 -1.69 7.75 -64.42
CA THR E 3772 -2.80 6.80 -64.44
C THR E 3772 -2.45 5.53 -65.20
N ARG E 3773 -1.28 5.47 -65.84
CA ARG E 3773 -0.82 4.31 -66.58
C ARG E 3773 0.59 3.88 -66.15
N GLY E 3774 0.86 3.85 -64.85
CA GLY E 3774 2.08 3.24 -64.36
C GLY E 3774 3.31 4.10 -64.38
N ALA E 3775 3.19 5.38 -64.73
CA ALA E 3775 4.32 6.28 -64.74
C ALA E 3775 4.80 6.64 -63.34
N ALA E 3776 3.96 6.46 -62.32
CA ALA E 3776 4.39 6.72 -60.95
C ALA E 3776 5.23 5.59 -60.38
N GLU E 3777 5.05 4.36 -60.87
CA GLU E 3777 5.86 3.23 -60.43
C GLU E 3777 6.92 2.82 -61.45
N MET E 3778 6.94 3.43 -62.63
CA MET E 3778 8.06 3.21 -63.54
C MET E 3778 9.33 3.85 -63.00
N VAL E 3779 9.20 4.94 -62.23
CA VAL E 3779 10.35 5.75 -61.87
C VAL E 3779 11.21 5.10 -60.78
N LEU E 3780 10.65 4.16 -60.00
CA LEU E 3780 11.35 3.72 -58.79
C LEU E 3780 12.25 2.51 -59.04
N GLN E 3781 11.82 1.56 -59.88
CA GLN E 3781 12.61 0.36 -60.07
C GLN E 3781 13.87 0.61 -60.89
N MET E 3782 13.88 1.65 -61.73
CA MET E 3782 15.13 2.03 -62.38
C MET E 3782 16.10 2.69 -61.40
N ILE E 3783 15.61 3.14 -60.25
CA ILE E 3783 16.49 3.54 -59.15
C ILE E 3783 16.90 2.30 -58.35
N SER E 3784 15.97 1.37 -58.17
CA SER E 3784 16.20 0.19 -57.32
C SER E 3784 17.19 -0.78 -57.96
N ALA E 3785 17.25 -0.84 -59.28
CA ALA E 3785 18.22 -1.67 -59.96
C ALA E 3785 19.55 -0.98 -60.18
N CYS E 3786 19.68 0.27 -59.74
CA CYS E 3786 20.94 0.99 -59.90
C CYS E 3786 21.94 0.63 -58.79
N LYS E 3787 21.53 0.79 -57.53
CA LYS E 3787 22.30 0.58 -56.29
C LYS E 3787 23.76 1.04 -56.32
N GLY E 3788 23.97 2.35 -56.42
CA GLY E 3788 25.28 2.93 -56.28
C GLY E 3788 25.97 3.27 -57.58
N GLU E 3789 25.30 4.05 -58.43
CA GLU E 3789 25.88 4.61 -59.65
C GLU E 3789 25.32 6.01 -59.85
N THR E 3790 26.18 7.02 -59.73
CA THR E 3790 25.78 8.41 -59.88
C THR E 3790 25.94 8.90 -61.32
N GLY E 3791 25.33 8.18 -62.26
CA GLY E 3791 25.43 8.50 -63.66
C GLY E 3791 24.51 9.65 -64.06
N ALA E 3792 24.36 9.79 -65.38
CA ALA E 3792 23.60 10.90 -65.95
C ALA E 3792 22.13 10.57 -66.18
N MET E 3793 21.76 9.28 -66.18
CA MET E 3793 20.35 8.92 -66.35
C MET E 3793 19.57 9.09 -65.05
N VAL E 3794 20.25 8.97 -63.92
CA VAL E 3794 19.63 9.27 -62.62
C VAL E 3794 19.25 10.74 -62.53
N SER E 3795 20.10 11.59 -63.12
CA SER E 3795 19.95 13.05 -63.21
C SER E 3795 18.84 13.49 -64.16
N SER E 3796 18.19 12.58 -64.86
CA SER E 3796 16.95 12.87 -65.58
C SER E 3796 15.74 12.16 -65.00
N THR E 3797 15.92 10.94 -64.52
CA THR E 3797 14.79 10.22 -63.92
C THR E 3797 14.44 10.75 -62.54
N LEU E 3798 15.24 11.63 -61.95
CA LEU E 3798 14.79 12.36 -60.77
C LEU E 3798 14.16 13.71 -61.11
N LYS E 3799 14.54 14.33 -62.24
CA LYS E 3799 13.76 15.45 -62.75
C LYS E 3799 12.35 15.03 -63.11
N LEU E 3800 12.19 13.83 -63.66
CA LEU E 3800 10.85 13.30 -63.90
C LEU E 3800 10.12 13.08 -62.58
N GLY E 3801 10.85 12.70 -61.53
CA GLY E 3801 10.22 12.50 -60.22
C GLY E 3801 9.76 13.80 -59.57
N ILE E 3802 10.59 14.85 -59.68
CA ILE E 3802 10.17 16.21 -59.34
C ILE E 3802 8.92 16.59 -60.12
N SER E 3803 8.91 16.24 -61.41
CA SER E 3803 7.82 16.62 -62.28
C SER E 3803 6.52 15.92 -61.94
N ILE E 3804 6.58 14.65 -61.53
CA ILE E 3804 5.34 13.92 -61.34
C ILE E 3804 4.91 13.98 -59.88
N LEU E 3805 5.80 14.34 -58.96
CA LEU E 3805 5.43 14.56 -57.57
C LEU E 3805 5.17 16.01 -57.23
N ASN E 3806 5.34 16.94 -58.18
CA ASN E 3806 5.02 18.33 -57.89
C ASN E 3806 3.52 18.54 -57.88
N GLY E 3807 3.05 19.37 -56.95
CA GLY E 3807 1.65 19.73 -56.85
C GLY E 3807 0.96 19.32 -55.55
N GLY E 3808 1.54 18.39 -54.79
CA GLY E 3808 0.95 17.97 -53.54
C GLY E 3808 -0.24 17.04 -53.71
N ASN E 3809 -0.06 15.98 -54.49
CA ASN E 3809 -1.11 15.05 -54.82
C ASN E 3809 -1.08 13.83 -53.90
N ALA E 3810 -2.26 13.27 -53.62
CA ALA E 3810 -2.38 12.18 -52.65
C ALA E 3810 -2.57 10.81 -53.29
N GLU E 3811 -3.22 10.73 -54.47
CA GLU E 3811 -3.32 9.45 -55.14
C GLU E 3811 -1.98 9.01 -55.75
N VAL E 3812 -1.07 9.95 -56.04
CA VAL E 3812 0.29 9.55 -56.42
C VAL E 3812 1.06 8.95 -55.23
N GLN E 3813 0.63 9.22 -53.99
CA GLN E 3813 1.25 8.66 -52.79
C GLN E 3813 0.65 7.29 -52.45
N GLN E 3814 -0.67 7.19 -52.48
CA GLN E 3814 -1.34 5.91 -52.32
C GLN E 3814 -1.16 4.99 -53.52
N LYS E 3815 -0.70 5.51 -54.66
CA LYS E 3815 -0.19 4.66 -55.73
C LYS E 3815 1.08 3.93 -55.30
N MET E 3816 1.97 4.61 -54.58
CA MET E 3816 3.28 4.06 -54.26
C MET E 3816 3.29 3.17 -53.04
N LEU E 3817 2.46 3.47 -52.02
CA LEU E 3817 2.66 2.87 -50.70
C LEU E 3817 2.38 1.37 -50.73
N ASP E 3818 1.18 0.96 -51.14
CA ASP E 3818 0.82 -0.46 -51.24
C ASP E 3818 1.72 -1.22 -52.20
N TYR E 3819 2.11 -0.55 -53.29
CA TYR E 3819 2.95 -1.17 -54.32
C TYR E 3819 4.36 -1.44 -53.79
N LEU E 3820 4.85 -0.63 -52.85
CA LEU E 3820 6.13 -0.96 -52.23
C LEU E 3820 5.98 -1.96 -51.08
N LYS E 3821 4.92 -1.86 -50.26
CA LYS E 3821 4.81 -2.75 -49.11
C LYS E 3821 4.45 -4.18 -49.45
N ASP E 3822 3.65 -4.42 -50.50
CA ASP E 3822 3.33 -5.80 -50.81
C ASP E 3822 4.31 -6.44 -51.78
N LYS E 3823 5.20 -5.64 -52.37
CA LYS E 3823 6.26 -6.23 -53.19
C LYS E 3823 7.33 -6.87 -52.33
N LYS E 3824 7.73 -6.19 -51.25
CA LYS E 3824 8.76 -6.62 -50.29
C LYS E 3824 10.09 -6.92 -51.00
N GLU E 3825 10.62 -5.87 -51.63
CA GLU E 3825 11.91 -5.94 -52.29
C GLU E 3825 12.73 -4.75 -51.81
N VAL E 3826 13.55 -4.97 -50.80
CA VAL E 3826 14.44 -3.94 -50.31
C VAL E 3826 15.59 -3.79 -51.29
N GLY E 3827 16.10 -2.58 -51.44
CA GLY E 3827 17.11 -2.30 -52.45
C GLY E 3827 16.97 -0.91 -53.01
N PHE E 3828 15.73 -0.40 -53.08
CA PHE E 3828 15.51 1.01 -53.35
C PHE E 3828 16.00 1.85 -52.17
N PHE E 3829 15.83 1.34 -50.95
CA PHE E 3829 16.28 2.10 -49.79
C PHE E 3829 17.79 2.02 -49.60
N GLN E 3830 18.45 0.94 -50.01
CA GLN E 3830 19.91 0.98 -50.08
C GLN E 3830 20.42 1.80 -51.27
N SER E 3831 19.62 1.96 -52.33
CA SER E 3831 19.98 2.90 -53.39
C SER E 3831 20.00 4.33 -52.85
N ILE E 3832 18.98 4.70 -52.06
CA ILE E 3832 18.99 6.03 -51.45
C ILE E 3832 20.02 6.12 -50.32
N GLN E 3833 20.38 4.99 -49.70
CA GLN E 3833 21.45 4.97 -48.72
C GLN E 3833 22.80 5.30 -49.36
N ALA E 3834 23.08 4.67 -50.51
CA ALA E 3834 24.38 4.81 -51.15
C ALA E 3834 24.48 6.05 -52.04
N LEU E 3835 23.35 6.57 -52.52
CA LEU E 3835 23.40 7.62 -53.52
C LEU E 3835 23.63 9.00 -52.93
N MET E 3836 23.35 9.20 -51.65
CA MET E 3836 23.44 10.54 -51.06
C MET E 3836 24.76 10.80 -50.34
N GLN E 3837 25.54 9.75 -50.04
CA GLN E 3837 26.85 9.95 -49.43
C GLN E 3837 27.97 10.02 -50.46
N THR E 3838 27.69 9.78 -51.74
CA THR E 3838 28.68 9.97 -52.79
C THR E 3838 28.56 11.35 -53.44
N CYS E 3839 28.43 12.34 -52.58
CA CYS E 3839 28.25 13.73 -52.97
C CYS E 3839 29.50 14.51 -52.60
N SER E 3840 29.71 15.63 -53.29
CA SER E 3840 30.94 16.41 -53.18
C SER E 3840 30.80 17.50 -52.12
N VAL E 3841 31.92 17.76 -51.44
CA VAL E 3841 31.94 18.53 -50.20
C VAL E 3841 32.83 19.75 -50.47
N LEU E 3842 32.70 20.81 -49.66
CA LEU E 3842 33.60 21.96 -49.72
C LEU E 3842 34.87 21.68 -48.91
N ASP E 3843 35.66 20.74 -49.42
CA ASP E 3843 36.98 20.46 -48.87
C ASP E 3843 38.02 21.34 -49.53
N LEU E 3844 39.04 21.69 -48.76
CA LEU E 3844 39.96 22.78 -49.10
C LEU E 3844 41.35 22.26 -49.44
N ASN E 3845 41.41 21.18 -50.22
CA ASN E 3845 42.63 20.77 -50.89
C ASN E 3845 42.37 20.73 -52.39
N ALA E 3846 41.12 20.48 -52.76
CA ALA E 3846 40.69 20.54 -54.16
C ALA E 3846 40.17 21.92 -54.55
N PHE E 3847 40.44 22.96 -53.74
CA PHE E 3847 39.95 24.30 -54.00
C PHE E 3847 41.05 25.25 -54.44
N GLU E 3848 42.16 25.31 -53.69
CA GLU E 3848 43.22 26.27 -54.00
C GLU E 3848 44.04 25.91 -55.22
N ARG E 3849 43.92 24.68 -55.74
CA ARG E 3849 44.53 24.39 -57.03
C ARG E 3849 43.73 24.98 -58.19
N GLN E 3850 42.40 24.87 -58.18
CA GLN E 3850 41.66 25.56 -59.22
C GLN E 3850 41.51 27.05 -58.96
N ASN E 3851 41.79 27.51 -57.73
CA ASN E 3851 41.97 28.95 -57.50
C ASN E 3851 43.09 29.50 -58.37
N LYS E 3852 44.16 28.73 -58.56
CA LYS E 3852 45.24 29.17 -59.42
C LYS E 3852 44.92 28.85 -60.88
N ALA E 3853 44.24 27.73 -61.13
CA ALA E 3853 43.90 27.32 -62.49
C ALA E 3853 42.85 28.22 -63.14
N GLU E 3854 42.08 28.96 -62.35
CA GLU E 3854 41.10 29.89 -62.92
C GLU E 3854 41.74 31.18 -63.42
N GLY E 3855 42.92 31.54 -62.92
CA GLY E 3855 43.61 32.71 -63.44
C GLY E 3855 44.23 32.48 -64.80
N LEU E 3856 44.41 31.23 -65.20
CA LEU E 3856 45.01 30.89 -66.50
C LEU E 3856 43.92 30.90 -67.56
N GLY E 3857 43.68 32.07 -68.15
CA GLY E 3857 42.65 32.22 -69.16
C GLY E 3857 43.07 31.89 -70.57
N MET E 3858 44.31 32.20 -70.92
CA MET E 3858 44.82 32.02 -72.28
C MET E 3858 45.84 30.88 -72.28
N VAL E 3859 45.56 29.85 -73.06
CA VAL E 3859 46.48 28.75 -73.28
C VAL E 3859 47.06 28.92 -74.68
N ASN E 3860 48.29 28.45 -74.87
CA ASN E 3860 49.02 28.70 -76.10
C ASN E 3860 48.60 27.67 -77.16
N GLU E 3861 49.35 27.64 -78.27
CA GLU E 3861 49.12 26.77 -79.43
C GLU E 3861 47.73 26.98 -80.05
N ASP E 3862 47.29 28.24 -80.07
CA ASP E 3862 46.01 28.67 -80.64
C ASP E 3862 44.82 27.98 -79.96
N GLY E 3863 44.73 28.19 -78.66
CA GLY E 3863 43.66 27.59 -77.86
C GLY E 3863 43.08 28.57 -76.86
N THR E 3864 41.87 28.23 -76.40
CA THR E 3864 41.17 28.96 -75.34
C THR E 3864 40.81 27.94 -74.25
N VAL E 3865 40.54 28.45 -73.04
CA VAL E 3865 40.19 27.58 -71.92
C VAL E 3865 38.80 26.97 -72.16
N ILE E 3866 38.71 25.66 -72.02
CA ILE E 3866 37.41 24.97 -72.08
C ILE E 3866 36.90 24.90 -70.65
N ASN E 3867 36.29 26.01 -70.21
CA ASN E 3867 35.84 26.12 -68.83
C ASN E 3867 34.60 25.25 -68.59
N ARG E 3868 33.77 25.09 -69.62
CA ARG E 3868 32.60 24.23 -69.53
C ARG E 3868 32.97 22.74 -69.51
N GLN E 3869 34.08 22.37 -70.17
CA GLN E 3869 34.55 20.99 -70.12
C GLN E 3869 35.33 20.71 -68.85
N ASN E 3870 36.01 21.72 -68.29
CA ASN E 3870 36.65 21.52 -66.99
C ASN E 3870 35.62 21.49 -65.87
N GLY E 3871 34.61 22.35 -65.93
CA GLY E 3871 33.63 22.49 -64.88
C GLY E 3871 34.24 23.11 -63.63
N GLU E 3872 33.46 23.02 -62.56
CA GLU E 3872 33.94 23.33 -61.22
C GLU E 3872 34.23 22.00 -60.52
N LYS E 3873 35.49 21.76 -60.19
CA LYS E 3873 35.86 20.51 -59.54
C LYS E 3873 35.41 20.47 -58.09
N VAL E 3874 35.18 21.63 -57.48
CA VAL E 3874 34.66 21.70 -56.12
C VAL E 3874 33.13 21.83 -56.17
N MET E 3875 32.45 20.87 -55.53
CA MET E 3875 31.02 20.61 -55.65
C MET E 3875 30.58 20.53 -57.12
N ALA E 3876 30.99 19.43 -57.75
CA ALA E 3876 30.51 19.06 -59.07
C ALA E 3876 29.22 18.25 -59.01
N ASP E 3877 28.80 17.81 -57.83
CA ASP E 3877 27.58 17.02 -57.66
C ASP E 3877 26.44 17.84 -57.08
N ASP E 3878 26.33 19.10 -57.49
CA ASP E 3878 25.39 20.02 -56.85
C ASP E 3878 23.94 19.75 -57.29
N GLU E 3879 23.72 19.60 -58.59
CA GLU E 3879 22.36 19.42 -59.11
C GLU E 3879 21.79 18.05 -58.73
N PHE E 3880 22.66 17.07 -58.52
CA PHE E 3880 22.24 15.71 -58.20
C PHE E 3880 21.56 15.66 -56.83
N THR E 3881 22.27 16.11 -55.79
CA THR E 3881 21.69 16.19 -54.46
C THR E 3881 20.72 17.36 -54.31
N GLN E 3882 20.73 18.32 -55.25
CA GLN E 3882 19.66 19.32 -55.28
C GLN E 3882 18.34 18.69 -55.64
N ASP E 3883 18.33 17.82 -56.65
CA ASP E 3883 17.09 17.21 -57.10
C ASP E 3883 16.65 16.04 -56.21
N LEU E 3884 17.60 15.28 -55.64
CA LEU E 3884 17.24 14.17 -54.77
C LEU E 3884 16.53 14.64 -53.50
N PHE E 3885 17.02 15.73 -52.90
CA PHE E 3885 16.40 16.22 -51.68
C PHE E 3885 15.04 16.84 -51.93
N ARG E 3886 14.82 17.44 -53.10
CA ARG E 3886 13.47 17.91 -53.38
C ARG E 3886 12.55 16.76 -53.76
N PHE E 3887 13.11 15.64 -54.23
CA PHE E 3887 12.29 14.45 -54.45
C PHE E 3887 11.82 13.86 -53.12
N LEU E 3888 12.73 13.77 -52.14
CA LEU E 3888 12.32 13.33 -50.81
C LEU E 3888 11.50 14.39 -50.07
N GLN E 3889 11.59 15.65 -50.50
CA GLN E 3889 10.71 16.71 -50.00
C GLN E 3889 9.28 16.46 -50.42
N LEU E 3890 9.06 16.34 -51.73
CA LEU E 3890 7.74 16.21 -52.31
C LEU E 3890 7.22 14.78 -52.27
N LEU E 3891 8.02 13.83 -51.81
CA LEU E 3891 7.49 12.51 -51.48
C LEU E 3891 6.66 12.53 -50.21
N CYS E 3892 6.89 13.52 -49.34
CA CYS E 3892 6.20 13.59 -48.06
C CYS E 3892 5.63 14.98 -47.75
N GLU E 3893 5.64 15.90 -48.74
CA GLU E 3893 5.02 17.22 -48.55
C GLU E 3893 3.53 17.14 -48.30
N GLY E 3894 2.87 16.07 -48.77
CA GLY E 3894 1.44 15.89 -48.61
C GLY E 3894 0.93 15.60 -47.21
N HIS E 3895 1.79 15.69 -46.18
CA HIS E 3895 1.42 15.60 -44.76
C HIS E 3895 0.78 14.27 -44.41
N ASN E 3896 1.31 13.17 -44.96
CA ASN E 3896 0.71 11.87 -44.78
C ASN E 3896 1.67 11.00 -43.96
N ASN E 3897 1.28 10.68 -42.73
CA ASN E 3897 2.26 10.26 -41.71
C ASN E 3897 2.58 8.78 -41.72
N ASP E 3898 1.80 7.97 -42.46
CA ASP E 3898 2.23 6.59 -42.70
C ASP E 3898 3.53 6.56 -43.49
N PHE E 3899 3.74 7.56 -44.35
CA PHE E 3899 5.02 7.71 -45.05
C PHE E 3899 6.14 8.08 -44.10
N GLN E 3900 5.86 8.89 -43.06
CA GLN E 3900 6.92 9.26 -42.11
C GLN E 3900 7.27 8.13 -41.16
N ASN E 3901 6.29 7.35 -40.71
CA ASN E 3901 6.61 6.12 -39.98
C ASN E 3901 7.26 5.07 -40.88
N TYR E 3902 6.86 5.02 -42.15
CA TYR E 3902 7.45 4.16 -43.17
C TYR E 3902 8.92 4.48 -43.40
N LEU E 3903 9.27 5.76 -43.47
CA LEU E 3903 10.56 6.16 -44.03
C LEU E 3903 11.70 5.86 -43.06
N ARG E 3904 11.37 5.54 -41.81
CA ARG E 3904 12.32 5.25 -40.75
C ARG E 3904 12.14 3.86 -40.15
N THR E 3905 10.93 3.27 -40.20
CA THR E 3905 10.65 2.02 -39.50
C THR E 3905 9.85 1.10 -40.41
N GLN E 3906 10.50 0.04 -40.87
CA GLN E 3906 9.89 -0.91 -41.81
C GLN E 3906 9.93 -2.30 -41.16
N THR E 3907 8.92 -2.59 -40.35
CA THR E 3907 8.77 -3.93 -39.80
C THR E 3907 8.29 -4.92 -40.87
N GLY E 3908 7.65 -4.41 -41.93
CA GLY E 3908 7.22 -5.29 -43.02
C GLY E 3908 8.36 -5.84 -43.86
N ASN E 3909 9.49 -5.13 -43.90
CA ASN E 3909 10.70 -5.65 -44.52
C ASN E 3909 11.67 -6.10 -43.43
N THR E 3910 12.80 -6.66 -43.85
CA THR E 3910 13.81 -7.18 -42.91
C THR E 3910 14.97 -6.22 -42.69
N THR E 3911 14.94 -5.03 -43.29
CA THR E 3911 16.07 -4.11 -43.23
C THR E 3911 15.55 -2.71 -43.00
N THR E 3912 15.95 -2.09 -41.89
CA THR E 3912 15.70 -0.68 -41.65
C THR E 3912 16.81 0.13 -42.30
N ILE E 3913 16.46 1.28 -42.86
CA ILE E 3913 17.49 2.08 -43.51
C ILE E 3913 17.64 3.44 -42.83
N ASN E 3914 16.54 3.94 -42.21
CA ASN E 3914 16.53 5.12 -41.36
C ASN E 3914 17.12 6.38 -42.03
N ILE E 3915 16.38 6.99 -42.97
CA ILE E 3915 16.94 8.01 -43.85
C ILE E 3915 17.28 9.32 -43.11
N ILE E 3916 16.60 9.60 -42.00
CA ILE E 3916 16.65 10.95 -41.43
C ILE E 3916 17.96 11.21 -40.71
N ILE E 3917 18.49 10.23 -39.98
CA ILE E 3917 19.79 10.41 -39.34
C ILE E 3917 20.92 10.35 -40.37
N CYS E 3918 20.72 9.68 -41.51
CA CYS E 3918 21.67 9.82 -42.61
C CYS E 3918 21.67 11.24 -43.16
N THR E 3919 20.49 11.87 -43.26
CA THR E 3919 20.43 13.25 -43.72
C THR E 3919 21.03 14.20 -42.69
N VAL E 3920 20.92 13.89 -41.40
CA VAL E 3920 21.47 14.81 -40.43
C VAL E 3920 22.98 14.60 -40.28
N ASP E 3921 23.50 13.41 -40.60
CA ASP E 3921 24.95 13.24 -40.69
C ASP E 3921 25.51 13.92 -41.94
N TYR E 3922 24.73 13.93 -43.02
CA TYR E 3922 25.00 14.78 -44.17
C TYR E 3922 25.01 16.25 -43.79
N LEU E 3923 24.08 16.66 -42.91
CA LEU E 3923 23.97 18.05 -42.49
C LEU E 3923 25.17 18.47 -41.64
N LEU E 3924 25.65 17.56 -40.77
CA LEU E 3924 26.80 17.92 -39.94
C LEU E 3924 28.12 17.82 -40.72
N ARG E 3925 28.20 16.92 -41.72
CA ARG E 3925 29.31 16.99 -42.67
C ARG E 3925 29.30 18.31 -43.43
N LEU E 3926 28.11 18.82 -43.76
CA LEU E 3926 28.01 20.14 -44.39
C LEU E 3926 28.49 21.26 -43.48
N GLN E 3927 28.10 21.24 -42.20
CA GLN E 3927 28.46 22.38 -41.36
C GLN E 3927 29.92 22.32 -40.94
N GLU E 3928 30.48 21.12 -40.69
CA GLU E 3928 31.91 21.07 -40.48
C GLU E 3928 32.72 21.16 -41.77
N SER E 3929 32.07 21.18 -42.94
CA SER E 3929 32.76 21.63 -44.14
C SER E 3929 32.80 23.15 -44.22
N ILE E 3930 31.63 23.79 -44.14
CA ILE E 3930 31.56 25.22 -44.41
C ILE E 3930 32.06 26.04 -43.23
N SER E 3931 32.14 25.46 -42.03
CA SER E 3931 32.75 26.14 -40.89
C SER E 3931 34.24 26.28 -41.08
N ASP E 3932 34.91 25.23 -41.57
CA ASP E 3932 36.32 25.36 -41.90
C ASP E 3932 36.54 26.13 -43.19
N PHE E 3933 35.55 26.15 -44.09
CA PHE E 3933 35.60 27.06 -45.24
C PHE E 3933 35.60 28.52 -44.79
N TYR E 3934 34.85 28.83 -43.72
CA TYR E 3934 34.86 30.17 -43.15
C TYR E 3934 36.15 30.44 -42.38
N TRP E 3935 36.66 29.44 -41.67
CA TRP E 3935 37.89 29.60 -40.89
C TRP E 3935 39.13 29.64 -41.77
N TYR E 3936 39.03 29.23 -43.03
CA TYR E 3936 40.07 29.35 -44.03
C TYR E 3936 40.27 30.78 -44.52
N TYR E 3937 39.19 31.57 -44.62
CA TYR E 3937 39.26 32.94 -45.11
C TYR E 3937 38.84 33.96 -44.07
N SER E 3938 38.80 33.59 -42.78
CA SER E 3938 38.62 34.58 -41.72
C SER E 3938 39.78 35.56 -41.60
N GLY E 3939 40.96 35.23 -42.13
CA GLY E 3939 42.08 36.16 -42.08
C GLY E 3939 41.95 37.33 -43.03
N LYS E 3940 41.28 37.14 -44.17
CA LYS E 3940 41.12 38.20 -45.14
C LYS E 3940 39.74 38.83 -44.94
N ASP E 3941 39.70 40.17 -44.97
CA ASP E 3941 38.47 40.90 -44.71
C ASP E 3941 37.58 40.97 -45.95
N VAL E 3942 38.07 41.59 -47.01
CA VAL E 3942 37.34 41.72 -48.27
C VAL E 3942 37.46 40.41 -49.04
N ILE E 3943 36.33 39.75 -49.27
CA ILE E 3943 36.32 38.48 -50.00
C ILE E 3943 35.87 38.74 -51.44
N GLU E 3944 36.51 38.08 -52.39
CA GLU E 3944 36.30 38.33 -53.81
C GLU E 3944 35.29 37.34 -54.39
N GLU E 3945 35.26 37.22 -55.72
CA GLU E 3945 34.13 36.65 -56.44
C GLU E 3945 33.98 35.13 -56.33
N GLN E 3946 34.89 34.36 -56.95
CA GLN E 3946 34.65 32.92 -57.17
C GLN E 3946 34.59 32.12 -55.88
N GLY E 3947 35.29 32.56 -54.83
CA GLY E 3947 35.13 31.91 -53.53
C GLY E 3947 33.73 32.06 -52.98
N LYS E 3948 33.14 33.25 -53.13
CA LYS E 3948 31.78 33.42 -52.66
C LYS E 3948 30.74 32.89 -53.64
N ARG E 3949 31.10 32.68 -54.91
CA ARG E 3949 30.20 31.94 -55.80
C ARG E 3949 30.21 30.45 -55.45
N ASN E 3950 31.37 29.93 -55.05
CA ASN E 3950 31.45 28.58 -54.49
C ASN E 3950 30.68 28.48 -53.18
N PHE E 3951 30.67 29.56 -52.38
CA PHE E 3951 29.77 29.67 -51.24
C PHE E 3951 28.31 29.69 -51.66
N SER E 3952 28.01 30.33 -52.79
CA SER E 3952 26.62 30.52 -53.22
C SER E 3952 26.00 29.23 -53.71
N LYS E 3953 26.71 28.46 -54.54
CA LYS E 3953 26.12 27.20 -54.99
C LYS E 3953 26.19 26.11 -53.93
N ALA E 3954 26.85 26.35 -52.80
CA ALA E 3954 26.73 25.47 -51.65
C ALA E 3954 25.57 25.87 -50.75
N MET E 3955 25.38 27.17 -50.52
CA MET E 3955 24.24 27.60 -49.72
C MET E 3955 22.93 27.46 -50.49
N SER E 3956 22.99 27.35 -51.82
CA SER E 3956 21.79 27.08 -52.61
C SER E 3956 21.28 25.65 -52.43
N VAL E 3957 22.18 24.68 -52.23
CA VAL E 3957 21.72 23.33 -51.90
C VAL E 3957 21.45 23.22 -50.39
N ALA E 3958 22.08 24.08 -49.59
CA ALA E 3958 21.71 24.20 -48.19
C ALA E 3958 20.29 24.73 -48.03
N LYS E 3959 19.86 25.58 -48.98
CA LYS E 3959 18.51 26.14 -49.03
C LYS E 3959 17.44 25.05 -49.06
N GLN E 3960 17.74 23.91 -49.69
CA GLN E 3960 16.76 22.83 -49.79
C GLN E 3960 17.02 21.69 -48.80
N VAL E 3961 18.27 21.45 -48.40
CA VAL E 3961 18.47 20.42 -47.39
C VAL E 3961 18.07 20.96 -46.00
N PHE E 3962 17.91 22.27 -45.84
CA PHE E 3962 17.48 22.80 -44.54
C PHE E 3962 15.99 22.59 -44.29
N ASN E 3963 15.17 22.46 -45.34
CA ASN E 3963 13.76 22.15 -45.12
C ASN E 3963 13.38 20.73 -45.56
N SER E 3964 14.32 20.00 -46.18
CA SER E 3964 14.03 18.62 -46.56
C SER E 3964 13.85 17.68 -45.36
N LEU E 3965 14.31 18.07 -44.18
CA LEU E 3965 13.97 17.35 -42.95
C LEU E 3965 12.91 18.07 -42.14
N THR E 3966 12.42 19.23 -42.60
CA THR E 3966 11.26 19.84 -41.95
C THR E 3966 9.95 19.29 -42.49
N GLU E 3967 9.88 18.98 -43.79
CA GLU E 3967 8.69 18.22 -44.22
C GLU E 3967 8.78 16.71 -43.90
N TYR E 3968 9.68 16.28 -43.01
CA TYR E 3968 9.49 15.03 -42.28
C TYR E 3968 8.91 15.23 -40.88
N ILE E 3969 8.95 16.44 -40.32
CA ILE E 3969 8.58 16.62 -38.92
C ILE E 3969 7.35 17.48 -38.74
N GLN E 3970 6.90 18.24 -39.75
CA GLN E 3970 5.67 19.01 -39.57
C GLN E 3970 4.39 18.19 -39.65
N GLY E 3971 4.48 16.88 -39.86
CA GLY E 3971 3.31 16.03 -39.80
C GLY E 3971 2.85 15.77 -38.39
N PRO E 3972 1.53 15.58 -38.20
CA PRO E 3972 0.98 15.39 -36.82
C PRO E 3972 1.24 14.00 -36.23
N CYS E 3973 2.52 13.71 -35.99
CA CYS E 3973 2.92 12.51 -35.25
C CYS E 3973 4.25 12.81 -34.60
N THR E 3974 4.36 12.57 -33.30
CA THR E 3974 5.56 12.87 -32.54
C THR E 3974 6.59 11.75 -32.57
N GLY E 3975 6.40 10.74 -33.43
CA GLY E 3975 7.36 9.64 -33.50
C GLY E 3975 8.68 10.00 -34.14
N ASN E 3976 8.73 11.05 -34.96
CA ASN E 3976 10.00 11.52 -35.52
C ASN E 3976 10.90 12.10 -34.44
N GLN E 3977 10.30 12.82 -33.48
CA GLN E 3977 11.00 13.45 -32.37
C GLN E 3977 11.50 12.45 -31.33
N GLN E 3978 11.19 11.16 -31.46
CA GLN E 3978 11.87 10.16 -30.64
C GLN E 3978 13.33 10.05 -31.06
N SER E 3979 13.58 9.91 -32.36
CA SER E 3979 14.94 9.74 -32.86
C SER E 3979 15.65 11.07 -33.11
N LEU E 3980 14.93 12.10 -33.54
CA LEU E 3980 15.56 13.39 -33.82
C LEU E 3980 16.05 14.09 -32.56
N ALA E 3981 15.53 13.72 -31.39
CA ALA E 3981 16.03 14.25 -30.13
C ALA E 3981 17.24 13.47 -29.63
N HIS E 3982 17.22 12.14 -29.76
CA HIS E 3982 18.27 11.31 -29.20
C HIS E 3982 19.49 11.21 -30.10
N SER E 3983 19.37 11.49 -31.40
CA SER E 3983 20.49 11.32 -32.30
C SER E 3983 21.29 12.62 -32.41
N ARG E 3984 22.01 12.80 -33.51
CA ARG E 3984 23.09 13.76 -33.64
C ARG E 3984 22.65 15.04 -34.39
N LEU E 3985 21.46 15.56 -34.07
CA LEU E 3985 20.99 16.77 -34.73
C LEU E 3985 21.51 18.05 -34.09
N TRP E 3986 21.53 18.12 -32.76
CA TRP E 3986 21.58 19.44 -32.13
C TRP E 3986 23.00 19.99 -31.99
N ASP E 3987 24.01 19.13 -31.93
CA ASP E 3987 25.37 19.65 -32.01
C ASP E 3987 25.66 20.16 -33.42
N ALA E 3988 25.03 19.56 -34.44
CA ALA E 3988 25.08 20.14 -35.77
C ALA E 3988 24.34 21.47 -35.83
N VAL E 3989 23.26 21.62 -35.05
CA VAL E 3989 22.56 22.91 -35.03
C VAL E 3989 23.43 23.99 -34.37
N VAL E 3990 24.14 23.67 -33.29
CA VAL E 3990 25.02 24.67 -32.68
C VAL E 3990 26.22 24.96 -33.58
N GLY E 3991 26.69 23.94 -34.33
CA GLY E 3991 27.76 24.16 -35.28
C GLY E 3991 27.33 25.02 -36.47
N PHE E 3992 26.05 24.94 -36.85
CA PHE E 3992 25.52 25.89 -37.81
C PHE E 3992 25.35 27.28 -37.20
N LEU E 3993 24.83 27.37 -35.96
CA LEU E 3993 24.49 28.66 -35.36
C LEU E 3993 25.71 29.51 -35.03
N HIS E 3994 26.85 28.88 -34.73
CA HIS E 3994 28.08 29.63 -34.52
C HIS E 3994 28.49 30.38 -35.78
N VAL E 3995 28.54 29.69 -36.92
CA VAL E 3995 28.91 30.36 -38.16
C VAL E 3995 27.78 31.26 -38.65
N PHE E 3996 26.53 31.00 -38.25
CA PHE E 3996 25.42 31.88 -38.60
C PHE E 3996 25.53 33.23 -37.92
N ALA E 3997 25.98 33.23 -36.66
CA ALA E 3997 26.24 34.49 -35.99
C ALA E 3997 27.59 35.10 -36.32
N HIS E 3998 28.54 34.31 -36.85
CA HIS E 3998 29.86 34.82 -37.20
C HIS E 3998 30.03 35.25 -38.65
N MET E 3999 29.09 34.94 -39.54
CA MET E 3999 29.30 35.34 -40.94
C MET E 3999 29.03 36.82 -41.14
N MET E 4000 27.97 37.34 -40.53
CA MET E 4000 27.62 38.75 -40.70
C MET E 4000 28.43 39.68 -39.80
N MET E 4001 29.40 39.16 -39.04
CA MET E 4001 30.40 40.04 -38.44
C MET E 4001 31.36 40.61 -39.46
N LYS E 4002 31.69 39.85 -40.50
CA LYS E 4002 32.57 40.36 -41.55
C LYS E 4002 31.85 40.66 -42.85
N LEU E 4003 30.66 40.09 -43.09
CA LEU E 4003 29.92 40.39 -44.31
C LEU E 4003 29.02 41.63 -44.17
N ALA E 4004 29.39 42.58 -43.30
CA ALA E 4004 28.80 43.91 -43.29
C ALA E 4004 29.84 44.99 -43.55
N GLN E 4005 31.01 44.63 -44.08
CA GLN E 4005 32.12 45.56 -44.26
C GLN E 4005 31.90 46.52 -45.43
N ASP E 4006 31.39 46.01 -46.55
CA ASP E 4006 31.34 46.77 -47.80
C ASP E 4006 29.92 46.67 -48.37
N SER E 4007 29.60 47.55 -49.31
CA SER E 4007 28.26 47.57 -49.91
C SER E 4007 28.01 46.38 -50.84
N SER E 4008 29.06 45.71 -51.32
CA SER E 4008 28.93 44.55 -52.20
C SER E 4008 28.88 43.23 -51.44
N GLN E 4009 28.34 43.22 -50.21
CA GLN E 4009 28.37 42.04 -49.36
C GLN E 4009 26.98 41.61 -48.91
N ILE E 4010 25.92 42.17 -49.49
CA ILE E 4010 24.59 42.03 -48.92
C ILE E 4010 23.69 41.10 -49.74
N GLU E 4011 23.89 40.98 -51.04
CA GLU E 4011 22.98 40.17 -51.87
C GLU E 4011 23.21 38.68 -51.71
N LEU E 4012 24.32 38.29 -51.07
CA LEU E 4012 24.57 36.91 -50.64
C LEU E 4012 24.37 36.72 -49.14
N LEU E 4013 24.53 37.79 -48.36
CA LEU E 4013 24.23 37.68 -46.95
C LEU E 4013 22.73 37.53 -46.74
N LYS E 4014 21.91 38.17 -47.59
CA LYS E 4014 20.46 37.97 -47.48
C LYS E 4014 20.05 36.59 -47.98
N GLU E 4015 20.87 35.99 -48.87
CA GLU E 4015 20.71 34.56 -49.17
C GLU E 4015 20.93 33.73 -47.91
N LEU E 4016 21.94 34.11 -47.12
CA LEU E 4016 22.16 33.37 -45.88
C LEU E 4016 21.04 33.63 -44.86
N LEU E 4017 20.43 34.83 -44.89
CA LEU E 4017 19.38 35.00 -43.88
C LEU E 4017 18.00 34.50 -44.35
N ASP E 4018 17.73 34.32 -45.65
CA ASP E 4018 16.54 33.52 -45.89
C ASP E 4018 16.86 32.02 -45.94
N LEU E 4019 18.13 31.63 -45.70
CA LEU E 4019 18.39 30.35 -45.06
C LEU E 4019 18.06 30.37 -43.56
N GLN E 4020 18.30 31.51 -42.87
CA GLN E 4020 17.89 31.61 -41.46
C GLN E 4020 16.36 31.53 -41.32
N LYS E 4021 15.64 32.00 -42.35
CA LYS E 4021 14.19 31.88 -42.47
C LYS E 4021 13.71 30.44 -42.28
N ASP E 4022 14.42 29.50 -42.88
CA ASP E 4022 14.06 28.09 -42.72
C ASP E 4022 14.81 27.42 -41.57
N MET E 4023 15.91 28.01 -41.11
CA MET E 4023 16.55 27.55 -39.90
C MET E 4023 15.68 27.76 -38.67
N VAL E 4024 14.86 28.81 -38.65
CA VAL E 4024 13.93 28.96 -37.53
C VAL E 4024 12.70 28.05 -37.66
N VAL E 4025 12.24 27.75 -38.88
CA VAL E 4025 11.09 26.85 -39.03
C VAL E 4025 11.52 25.39 -38.92
N MET E 4026 12.84 25.14 -38.89
CA MET E 4026 13.36 23.84 -38.48
C MET E 4026 12.87 23.47 -37.08
N LEU E 4027 13.19 24.31 -36.10
CA LEU E 4027 12.83 24.04 -34.71
C LEU E 4027 11.50 24.67 -34.31
N LEU E 4028 10.83 25.40 -35.22
CA LEU E 4028 9.43 25.73 -34.98
C LEU E 4028 8.57 24.47 -35.00
N SER E 4029 8.96 23.47 -35.79
CA SER E 4029 8.16 22.26 -35.95
C SER E 4029 8.29 21.28 -34.80
N LEU E 4030 9.36 21.37 -33.99
CA LEU E 4030 9.48 20.53 -32.79
C LEU E 4030 8.68 21.07 -31.62
N LEU E 4031 8.06 22.23 -31.77
CA LEU E 4031 7.10 22.77 -30.81
C LEU E 4031 5.68 22.28 -31.09
N GLU E 4032 5.52 21.33 -32.01
CA GLU E 4032 4.20 20.82 -32.39
C GLU E 4032 3.83 19.67 -31.45
N GLY E 4033 2.67 19.79 -30.82
CA GLY E 4033 2.34 18.89 -29.74
C GLY E 4033 3.24 19.10 -28.54
N ASN E 4034 3.48 20.35 -28.17
CA ASN E 4034 4.45 20.69 -27.13
C ASN E 4034 3.85 20.43 -25.77
N VAL E 4035 4.35 19.40 -25.07
CA VAL E 4035 4.03 19.23 -23.66
C VAL E 4035 4.66 20.38 -22.89
N VAL E 4036 3.97 20.83 -21.83
CA VAL E 4036 4.33 22.05 -21.11
C VAL E 4036 5.69 21.89 -20.44
N ASN E 4037 5.85 20.85 -19.62
CA ASN E 4037 7.14 20.46 -19.07
C ASN E 4037 7.48 19.10 -19.66
N GLY E 4038 8.17 19.11 -20.80
CA GLY E 4038 8.58 17.89 -21.45
C GLY E 4038 10.09 17.88 -21.66
N MET E 4039 10.68 16.69 -21.72
CA MET E 4039 12.12 16.57 -21.91
C MET E 4039 12.54 17.02 -23.31
N ILE E 4040 11.64 16.93 -24.30
CA ILE E 4040 11.86 17.56 -25.60
C ILE E 4040 11.93 19.07 -25.46
N ALA E 4041 11.08 19.65 -24.60
CA ALA E 4041 11.09 21.10 -24.41
C ALA E 4041 12.32 21.55 -23.62
N ARG E 4042 12.84 20.71 -22.72
CA ARG E 4042 14.08 21.03 -22.03
C ARG E 4042 15.30 20.84 -22.94
N GLN E 4043 15.24 19.86 -23.83
CA GLN E 4043 16.29 19.65 -24.82
C GLN E 4043 16.20 20.64 -25.99
N MET E 4044 15.11 21.41 -26.04
CA MET E 4044 15.06 22.60 -26.91
C MET E 4044 15.93 23.73 -26.37
N VAL E 4045 16.06 23.85 -25.04
CA VAL E 4045 16.70 25.02 -24.43
C VAL E 4045 18.08 24.69 -23.84
N ASP E 4046 18.42 23.41 -23.67
CA ASP E 4046 19.81 23.09 -23.35
C ASP E 4046 20.73 23.28 -24.55
N MET E 4047 20.14 23.39 -25.75
CA MET E 4047 20.78 23.93 -26.95
C MET E 4047 21.54 25.21 -26.65
N LEU E 4048 20.85 26.19 -26.06
CA LEU E 4048 21.35 27.54 -25.90
C LEU E 4048 22.20 27.72 -24.64
N VAL E 4049 22.49 26.65 -23.91
CA VAL E 4049 23.54 26.67 -22.90
C VAL E 4049 24.68 25.73 -23.23
N GLU E 4050 24.50 24.79 -24.16
CA GLU E 4050 25.62 24.15 -24.82
C GLU E 4050 26.28 25.11 -25.80
N SER E 4051 25.49 26.05 -26.33
CA SER E 4051 25.99 27.07 -27.24
C SER E 4051 25.67 28.45 -26.70
N SER E 4052 25.99 28.71 -25.42
CA SER E 4052 25.61 29.96 -24.80
C SER E 4052 26.35 31.16 -25.37
N SER E 4053 27.51 30.94 -25.98
CA SER E 4053 28.39 32.03 -26.37
C SER E 4053 28.13 32.56 -27.77
N ASN E 4054 27.18 31.99 -28.53
CA ASN E 4054 26.88 32.45 -29.87
C ASN E 4054 25.43 32.90 -30.04
N VAL E 4055 24.73 33.16 -28.94
CA VAL E 4055 23.34 33.61 -28.98
C VAL E 4055 23.21 35.09 -28.63
N GLU E 4056 24.12 35.60 -27.78
CA GLU E 4056 24.11 37.03 -27.45
C GLU E 4056 24.38 37.88 -28.69
N MET E 4057 25.21 37.36 -29.59
CA MET E 4057 25.57 38.06 -30.82
C MET E 4057 24.37 38.16 -31.76
N ILE E 4058 23.67 37.03 -32.00
CA ILE E 4058 22.52 37.06 -32.89
C ILE E 4058 21.30 37.68 -32.22
N LEU E 4059 21.32 37.87 -30.91
CA LEU E 4059 20.25 38.60 -30.24
C LEU E 4059 20.47 40.10 -30.20
N LYS E 4060 21.73 40.53 -30.11
CA LYS E 4060 22.01 41.95 -30.15
C LYS E 4060 22.20 42.47 -31.57
N PHE E 4061 22.37 41.59 -32.55
CA PHE E 4061 22.45 42.02 -33.94
C PHE E 4061 21.10 42.51 -34.44
N PHE E 4062 20.01 41.95 -33.93
CA PHE E 4062 18.68 42.40 -34.28
C PHE E 4062 18.23 43.58 -33.44
N ASP E 4063 19.07 44.05 -32.52
CA ASP E 4063 18.83 45.23 -31.71
C ASP E 4063 19.68 46.42 -32.13
N MET E 4064 20.91 46.17 -32.60
CA MET E 4064 21.78 47.26 -33.06
C MET E 4064 21.38 47.82 -34.42
N PHE E 4065 20.43 47.20 -35.12
CA PHE E 4065 19.93 47.74 -36.38
C PHE E 4065 18.43 48.04 -36.34
N LEU E 4066 17.76 47.79 -35.21
CA LEU E 4066 16.33 48.09 -35.10
C LEU E 4066 16.00 49.26 -34.17
N LYS E 4067 16.87 49.60 -33.21
CA LYS E 4067 16.81 50.93 -32.61
C LYS E 4067 17.43 52.00 -33.51
N LEU E 4068 17.95 51.58 -34.66
CA LEU E 4068 18.43 52.46 -35.72
C LEU E 4068 17.41 53.52 -36.12
N LYS E 4069 16.15 53.12 -36.34
CA LYS E 4069 15.10 54.08 -36.65
C LYS E 4069 14.61 54.80 -35.41
N ASP E 4070 14.96 54.33 -34.22
CA ASP E 4070 14.66 55.03 -32.97
C ASP E 4070 15.72 56.08 -32.62
N ILE E 4071 16.89 56.06 -33.27
CA ILE E 4071 17.81 57.18 -33.13
C ILE E 4071 17.24 58.42 -33.81
N VAL E 4072 16.66 58.24 -35.01
CA VAL E 4072 16.11 59.34 -35.80
C VAL E 4072 14.76 59.80 -35.27
N GLY E 4073 14.07 58.96 -34.50
CA GLY E 4073 12.75 59.31 -33.99
C GLY E 4073 12.74 60.42 -32.97
N SER E 4074 13.89 60.70 -32.35
CA SER E 4074 14.00 61.84 -31.45
C SER E 4074 14.47 63.06 -32.23
N GLU E 4075 14.01 64.23 -31.79
CA GLU E 4075 14.39 65.49 -32.42
C GLU E 4075 15.69 66.06 -31.86
N ALA E 4076 16.17 65.53 -30.74
CA ALA E 4076 17.43 66.02 -30.18
C ALA E 4076 18.62 65.47 -30.96
N PHE E 4077 18.50 64.26 -31.49
CA PHE E 4077 19.59 63.67 -32.28
C PHE E 4077 19.51 64.03 -33.75
N GLN E 4078 18.53 64.84 -34.15
CA GLN E 4078 18.35 65.23 -35.55
C GLN E 4078 19.02 66.58 -35.84
N ASP E 4079 18.99 67.51 -34.89
CA ASP E 4079 19.45 68.87 -35.12
C ASP E 4079 20.94 69.06 -34.80
N TYR E 4080 21.75 68.00 -34.93
CA TYR E 4080 23.18 68.15 -34.71
C TYR E 4080 23.84 68.95 -35.83
N VAL E 4081 24.00 68.34 -37.00
CA VAL E 4081 24.55 69.01 -38.17
C VAL E 4081 23.38 69.35 -39.07
N THR E 4082 23.01 70.63 -39.09
CA THR E 4082 21.87 71.13 -39.85
C THR E 4082 22.24 71.50 -41.29
N ASP E 4083 23.20 70.81 -41.87
CA ASP E 4083 23.60 71.08 -43.25
C ASP E 4083 22.52 70.59 -44.22
N PRO E 4084 22.22 71.35 -45.27
CA PRO E 4084 21.21 70.91 -46.25
C PRO E 4084 21.69 69.80 -47.17
N ARG E 4085 22.98 69.44 -47.12
CA ARG E 4085 23.50 68.34 -47.91
C ARG E 4085 22.93 67.00 -47.43
N GLY E 4086 22.98 66.77 -46.12
CA GLY E 4086 22.71 65.45 -45.58
C GLY E 4086 23.96 64.63 -45.29
N LEU E 4087 25.15 65.19 -45.51
CA LEU E 4087 26.39 64.52 -45.18
C LEU E 4087 26.82 64.95 -43.79
N ILE E 4088 26.37 64.23 -42.79
CA ILE E 4088 26.86 64.44 -41.43
C ILE E 4088 28.15 63.65 -41.27
N SER E 4089 29.16 64.27 -40.64
CA SER E 4089 30.44 63.61 -40.50
C SER E 4089 30.36 62.53 -39.41
N LYS E 4090 31.29 61.58 -39.50
CA LYS E 4090 31.26 60.40 -38.62
C LYS E 4090 31.61 60.75 -37.19
N LYS E 4091 32.59 61.65 -37.02
CA LYS E 4091 33.02 62.07 -35.70
C LYS E 4091 31.97 62.90 -34.97
N ASP E 4092 31.10 63.59 -35.72
CA ASP E 4092 30.01 64.32 -35.09
C ASP E 4092 28.93 63.38 -34.59
N PHE E 4093 28.88 62.15 -35.08
CA PHE E 4093 27.92 61.15 -34.60
C PHE E 4093 28.50 60.19 -33.58
N GLN E 4094 29.84 60.01 -33.56
CA GLN E 4094 30.44 59.07 -32.62
C GLN E 4094 30.34 59.57 -31.17
N LYS E 4095 30.76 60.81 -30.93
CA LYS E 4095 30.63 61.41 -29.60
C LYS E 4095 29.18 61.65 -29.22
N ALA E 4096 28.28 61.74 -30.20
CA ALA E 4096 26.85 61.88 -29.93
C ALA E 4096 26.23 60.57 -29.47
N MET E 4097 26.59 59.45 -30.12
CA MET E 4097 26.16 58.14 -29.67
C MET E 4097 26.86 57.70 -28.40
N ASP E 4098 28.02 58.29 -28.09
CA ASP E 4098 28.66 58.01 -26.80
C ASP E 4098 27.94 58.70 -25.64
N SER E 4099 27.06 59.66 -25.91
CA SER E 4099 26.33 60.35 -24.85
C SER E 4099 25.04 59.65 -24.44
N GLN E 4100 24.47 58.79 -25.29
CA GLN E 4100 23.24 58.09 -24.92
C GLN E 4100 23.54 56.97 -23.92
N LYS E 4101 22.51 56.57 -23.17
CA LYS E 4101 22.62 55.53 -22.16
C LYS E 4101 22.16 54.16 -22.66
N GLN E 4102 21.75 54.05 -23.93
CA GLN E 4102 21.31 52.79 -24.52
C GLN E 4102 22.34 52.23 -25.49
N PHE E 4103 23.62 52.48 -25.25
CA PHE E 4103 24.66 52.06 -26.18
C PHE E 4103 25.78 51.36 -25.41
N THR E 4104 26.74 50.83 -26.16
CA THR E 4104 27.91 50.15 -25.62
C THR E 4104 29.15 50.85 -26.18
N GLY E 4105 30.15 51.04 -25.31
CA GLY E 4105 31.35 51.80 -25.60
C GLY E 4105 32.15 51.37 -26.82
N PRO E 4106 32.73 50.15 -26.80
CA PRO E 4106 33.49 49.68 -27.96
C PRO E 4106 32.63 49.29 -29.16
N GLU E 4107 31.30 49.31 -29.03
CA GLU E 4107 30.40 48.95 -30.10
C GLU E 4107 29.83 50.16 -30.84
N ILE E 4108 30.65 51.18 -31.09
CA ILE E 4108 30.23 52.31 -31.90
C ILE E 4108 30.91 52.30 -33.26
N GLN E 4109 32.25 52.24 -33.25
CA GLN E 4109 33.01 52.40 -34.47
C GLN E 4109 32.96 51.18 -35.37
N PHE E 4110 32.60 50.01 -34.83
CA PHE E 4110 32.43 48.83 -35.67
C PHE E 4110 31.21 48.95 -36.58
N LEU E 4111 30.08 49.41 -36.04
CA LEU E 4111 28.95 49.72 -36.92
C LEU E 4111 29.19 50.98 -37.74
N LEU E 4112 30.08 51.88 -37.30
CA LEU E 4112 30.51 52.95 -38.21
C LEU E 4112 31.27 52.37 -39.40
N SER E 4113 32.09 51.33 -39.18
CA SER E 4113 32.77 50.66 -40.28
C SER E 4113 31.80 49.83 -41.11
N CYS E 4114 30.73 49.34 -40.50
CA CYS E 4114 29.65 48.70 -41.25
C CYS E 4114 28.91 49.71 -42.12
N SER E 4115 28.79 50.95 -41.65
CA SER E 4115 28.26 52.02 -42.48
C SER E 4115 29.28 52.42 -43.53
N GLU E 4116 28.81 53.16 -44.53
CA GLU E 4116 29.67 53.64 -45.60
C GLU E 4116 30.57 54.75 -45.08
N ALA E 4117 31.88 54.63 -45.32
CA ALA E 4117 32.82 55.59 -44.77
C ALA E 4117 32.88 56.87 -45.60
N ASP E 4118 33.33 56.75 -46.85
CA ASP E 4118 33.52 57.85 -47.82
C ASP E 4118 34.39 58.96 -47.24
N GLU E 4119 35.65 58.60 -46.99
CA GLU E 4119 36.68 59.45 -46.36
C GLU E 4119 36.25 59.99 -45.00
N ASN E 4120 35.48 59.18 -44.25
CA ASN E 4120 35.07 59.43 -42.85
C ASN E 4120 34.31 60.75 -42.69
N GLU E 4121 33.57 61.17 -43.73
CA GLU E 4121 32.84 62.43 -43.67
C GLU E 4121 31.45 62.31 -44.26
N MET E 4122 30.90 61.10 -44.35
CA MET E 4122 29.59 60.89 -44.95
C MET E 4122 28.96 59.67 -44.29
N ILE E 4123 27.81 59.86 -43.66
CA ILE E 4123 27.06 58.74 -43.09
C ILE E 4123 25.93 58.31 -44.00
N ASN E 4124 25.06 59.26 -44.34
CA ASN E 4124 23.85 59.07 -45.15
C ASN E 4124 22.96 58.01 -44.50
N PHE E 4125 22.42 58.38 -43.33
CA PHE E 4125 21.60 57.46 -42.56
C PHE E 4125 20.26 57.14 -43.21
N GLU E 4126 19.85 57.86 -44.27
CA GLU E 4126 18.71 57.43 -45.06
C GLU E 4126 18.96 56.08 -45.75
N GLU E 4127 20.20 55.79 -46.17
CA GLU E 4127 20.47 54.47 -46.72
C GLU E 4127 21.15 53.54 -45.74
N PHE E 4128 21.72 54.06 -44.63
CA PHE E 4128 21.98 53.21 -43.46
C PHE E 4128 20.68 52.60 -42.94
N ALA E 4129 19.54 53.31 -43.06
CA ALA E 4129 18.30 52.86 -42.46
C ALA E 4129 17.64 51.72 -43.24
N ASN E 4130 17.14 52.01 -44.44
CA ASN E 4130 16.15 51.14 -45.08
C ASN E 4130 16.75 49.90 -45.74
N ARG E 4131 18.07 49.73 -45.75
CA ARG E 4131 18.66 48.62 -46.49
C ARG E 4131 18.93 47.39 -45.63
N PHE E 4132 19.13 47.55 -44.32
CA PHE E 4132 19.58 46.45 -43.47
C PHE E 4132 18.46 45.76 -42.71
N GLN E 4133 17.21 46.23 -42.85
CA GLN E 4133 16.06 45.51 -42.33
C GLN E 4133 15.14 44.97 -43.42
N GLU E 4134 15.47 45.21 -44.68
CA GLU E 4134 14.79 44.53 -45.78
C GLU E 4134 15.02 43.01 -45.73
N PRO E 4135 16.21 42.48 -45.40
CA PRO E 4135 16.26 41.05 -45.04
C PRO E 4135 15.99 40.75 -43.57
N ALA E 4136 15.81 41.77 -42.73
CA ALA E 4136 15.56 41.57 -41.30
C ALA E 4136 14.14 41.98 -40.90
N ARG E 4137 13.21 41.95 -41.85
CA ARG E 4137 11.78 42.12 -41.56
C ARG E 4137 11.07 40.79 -41.34
N ASP E 4138 11.57 39.72 -41.97
CA ASP E 4138 10.97 38.39 -41.92
C ASP E 4138 11.69 37.45 -40.96
N ILE E 4139 12.97 37.66 -40.74
CA ILE E 4139 13.68 36.79 -39.80
C ILE E 4139 13.55 37.32 -38.38
N GLY E 4140 13.35 38.63 -38.21
CA GLY E 4140 13.25 39.20 -36.88
C GLY E 4140 11.95 38.82 -36.19
N PHE E 4141 10.87 38.77 -36.96
CA PHE E 4141 9.58 38.36 -36.41
C PHE E 4141 9.60 36.90 -35.97
N ASN E 4142 10.18 36.03 -36.78
CA ASN E 4142 10.24 34.62 -36.42
C ASN E 4142 11.26 34.32 -35.33
N VAL E 4143 12.32 35.12 -35.17
CA VAL E 4143 13.13 34.87 -33.98
C VAL E 4143 12.46 35.47 -32.74
N ALA E 4144 11.60 36.50 -32.91
CA ALA E 4144 10.76 36.93 -31.79
C ALA E 4144 9.78 35.86 -31.39
N VAL E 4145 9.21 35.17 -32.39
CA VAL E 4145 8.36 34.01 -32.15
C VAL E 4145 9.16 32.91 -31.44
N LEU E 4146 10.42 32.72 -31.81
CA LEU E 4146 11.27 31.73 -31.16
C LEU E 4146 11.50 32.04 -29.68
N LEU E 4147 11.71 33.32 -29.35
CA LEU E 4147 11.85 33.67 -27.94
C LEU E 4147 10.53 33.63 -27.18
N THR E 4148 9.39 33.84 -27.86
CA THR E 4148 8.12 33.83 -27.13
C THR E 4148 7.37 32.51 -27.19
N ASN E 4149 7.87 31.50 -27.94
CA ASN E 4149 7.33 30.16 -27.77
C ASN E 4149 7.67 29.60 -26.40
N LEU E 4150 8.93 29.75 -26.01
CA LEU E 4150 9.52 29.02 -24.90
C LEU E 4150 9.38 29.74 -23.57
N SER E 4151 9.03 31.04 -23.59
CA SER E 4151 8.86 31.78 -22.35
C SER E 4151 7.62 31.33 -21.59
N GLU E 4152 6.52 31.07 -22.30
CA GLU E 4152 5.32 30.57 -21.66
C GLU E 4152 5.19 29.05 -21.70
N HIS E 4153 6.05 28.36 -22.45
CA HIS E 4153 5.95 26.91 -22.51
C HIS E 4153 6.58 26.25 -21.30
N VAL E 4154 7.85 26.55 -21.03
CA VAL E 4154 8.53 26.02 -19.85
C VAL E 4154 8.63 27.16 -18.82
N PRO E 4155 7.99 27.04 -17.67
CA PRO E 4155 8.13 28.06 -16.63
C PRO E 4155 9.18 27.68 -15.58
N HIS E 4156 9.57 28.68 -14.77
CA HIS E 4156 10.37 28.54 -13.57
C HIS E 4156 11.75 27.94 -13.85
N ASP E 4157 12.54 28.65 -14.63
CA ASP E 4157 13.87 28.24 -15.04
C ASP E 4157 14.73 29.49 -15.20
N PRO E 4158 15.94 29.50 -14.61
CA PRO E 4158 16.66 30.77 -14.45
C PRO E 4158 17.31 31.30 -15.73
N ARG E 4159 18.06 30.46 -16.44
CA ARG E 4159 18.95 30.98 -17.48
C ARG E 4159 18.27 31.16 -18.83
N LEU E 4160 17.06 30.66 -19.03
CA LEU E 4160 16.31 31.01 -20.24
C LEU E 4160 15.50 32.29 -20.08
N ARG E 4161 15.60 32.96 -18.92
CA ARG E 4161 14.84 34.17 -18.68
C ARG E 4161 15.61 35.44 -18.96
N ASN E 4162 16.96 35.41 -18.88
CA ASN E 4162 17.75 36.62 -19.02
C ASN E 4162 17.75 37.13 -20.46
N PHE E 4163 17.78 36.22 -21.42
CA PHE E 4163 17.97 36.64 -22.81
C PHE E 4163 16.71 37.24 -23.42
N LEU E 4164 15.52 36.97 -22.89
CA LEU E 4164 14.37 37.76 -23.31
C LEU E 4164 14.44 39.18 -22.75
N GLU E 4165 15.02 39.37 -21.56
CA GLU E 4165 15.27 40.74 -21.11
C GLU E 4165 16.35 41.42 -21.96
N LEU E 4166 17.31 40.65 -22.47
CA LEU E 4166 18.32 41.21 -23.36
C LEU E 4166 17.84 41.38 -24.80
N ALA E 4167 16.73 40.75 -25.19
CA ALA E 4167 16.24 40.83 -26.57
C ALA E 4167 14.74 41.10 -26.65
N GLU E 4168 14.20 41.85 -25.69
CA GLU E 4168 12.80 42.29 -25.74
C GLU E 4168 12.53 43.38 -26.79
N SER E 4169 13.55 43.88 -27.51
CA SER E 4169 13.38 44.95 -28.47
C SER E 4169 12.54 44.55 -29.68
N ILE E 4170 12.86 43.40 -30.28
CA ILE E 4170 12.09 42.94 -31.44
C ILE E 4170 10.70 42.48 -31.03
N LEU E 4171 10.55 41.99 -29.80
CA LEU E 4171 9.23 41.69 -29.25
C LEU E 4171 8.40 42.95 -29.11
N GLU E 4172 9.02 44.03 -28.61
CA GLU E 4172 8.33 45.31 -28.46
C GLU E 4172 8.00 45.93 -29.82
N TYR E 4173 8.90 45.77 -30.79
CA TYR E 4173 8.64 46.28 -32.13
C TYR E 4173 7.54 45.49 -32.83
N PHE E 4174 7.42 44.20 -32.52
CA PHE E 4174 6.42 43.34 -33.15
C PHE E 4174 5.24 43.02 -32.23
N ARG E 4175 5.01 43.86 -31.21
CA ARG E 4175 3.75 43.79 -30.47
C ARG E 4175 2.49 43.93 -31.33
N PRO E 4176 2.38 44.87 -32.30
CA PRO E 4176 1.17 44.84 -33.16
C PRO E 4176 1.14 43.68 -34.14
N TYR E 4177 2.29 43.12 -34.50
CA TYR E 4177 2.35 42.06 -35.50
C TYR E 4177 2.34 40.66 -34.88
N LEU E 4178 2.09 40.54 -33.57
CA LEU E 4178 2.07 39.26 -32.88
C LEU E 4178 0.65 38.95 -32.40
N GLY E 4179 0.31 37.66 -32.41
CA GLY E 4179 -0.99 37.19 -31.97
C GLY E 4179 -0.91 35.81 -31.37
N ARG E 4180 -1.64 35.58 -30.28
CA ARG E 4180 -1.58 34.33 -29.54
C ARG E 4180 -2.95 33.66 -29.68
N ILE E 4181 -2.98 32.48 -30.29
CA ILE E 4181 -4.23 31.86 -30.75
C ILE E 4181 -4.23 30.37 -30.43
N GLU E 4182 -5.38 29.85 -30.01
CA GLU E 4182 -5.51 28.51 -29.46
C GLU E 4182 -6.48 27.69 -30.30
N ILE E 4183 -6.10 26.46 -30.65
CA ILE E 4183 -6.98 25.52 -31.36
C ILE E 4183 -6.96 24.18 -30.63
N MET E 4184 -8.16 23.66 -30.33
CA MET E 4184 -8.33 22.33 -29.77
C MET E 4184 -7.89 21.28 -30.78
N GLY E 4185 -7.19 20.25 -30.33
CA GLY E 4185 -6.79 19.25 -31.32
C GLY E 4185 -6.10 18.05 -30.72
N ALA E 4186 -5.91 17.05 -31.59
CA ALA E 4186 -5.15 15.81 -31.34
C ALA E 4186 -5.65 15.06 -30.10
N SER E 4187 -6.97 14.82 -30.09
CA SER E 4187 -7.70 14.12 -29.02
C SER E 4187 -7.50 14.82 -27.67
N ARG E 4188 -8.00 16.06 -27.60
CA ARG E 4188 -7.98 16.93 -26.42
C ARG E 4188 -6.56 17.20 -25.93
N ARG E 4189 -5.81 17.93 -26.77
CA ARG E 4189 -4.46 18.40 -26.43
C ARG E 4189 -4.28 19.77 -27.11
N ILE E 4190 -4.57 20.84 -26.37
CA ILE E 4190 -4.56 22.18 -26.94
C ILE E 4190 -3.21 22.88 -26.67
N GLU E 4191 -2.60 23.40 -27.74
CA GLU E 4191 -1.38 24.17 -27.65
C GLU E 4191 -1.42 25.31 -28.66
N ARG E 4192 -0.76 26.41 -28.32
CA ARG E 4192 -0.90 27.69 -29.01
C ARG E 4192 -0.03 27.79 -30.27
N ILE E 4193 -0.53 28.57 -31.24
CA ILE E 4193 0.11 28.77 -32.54
C ILE E 4193 0.18 30.27 -32.78
N TYR E 4194 1.31 30.73 -33.31
CA TYR E 4194 1.53 32.15 -33.58
C TYR E 4194 1.47 32.41 -35.09
N PHE E 4195 1.06 33.63 -35.44
CA PHE E 4195 0.87 34.02 -36.83
C PHE E 4195 1.37 35.45 -36.99
N GLU E 4196 1.44 35.90 -38.24
CA GLU E 4196 1.89 37.25 -38.58
C GLU E 4196 0.72 38.00 -39.21
N ILE E 4197 0.61 39.28 -38.89
CA ILE E 4197 -0.36 40.15 -39.53
C ILE E 4197 0.39 41.31 -40.19
N SER E 4198 0.00 41.63 -41.42
CA SER E 4198 0.71 42.59 -42.25
C SER E 4198 0.38 44.02 -41.85
N GLU E 4199 1.31 44.93 -42.14
CA GLU E 4199 1.13 46.33 -41.78
C GLU E 4199 0.10 47.03 -42.66
N THR E 4200 -0.21 46.48 -43.84
CA THR E 4200 -1.23 47.06 -44.70
C THR E 4200 -2.62 46.86 -44.10
N ASN E 4201 -2.93 45.62 -43.70
CA ASN E 4201 -4.18 45.31 -43.01
C ASN E 4201 -4.12 45.57 -41.52
N ARG E 4202 -2.99 46.05 -40.98
CA ARG E 4202 -2.94 46.46 -39.58
C ARG E 4202 -3.73 47.73 -39.34
N ALA E 4203 -3.31 48.84 -39.95
CA ALA E 4203 -3.81 50.16 -39.58
C ALA E 4203 -5.21 50.45 -40.12
N GLN E 4204 -5.79 49.56 -40.90
CA GLN E 4204 -7.06 49.81 -41.55
C GLN E 4204 -8.24 49.02 -40.98
N TRP E 4205 -7.99 48.04 -40.10
CA TRP E 4205 -9.11 47.39 -39.42
C TRP E 4205 -9.73 48.31 -38.37
N GLU E 4206 -8.98 49.31 -37.91
CA GLU E 4206 -9.48 50.26 -36.92
C GLU E 4206 -10.08 51.50 -37.60
N MET E 4207 -11.08 51.26 -38.44
CA MET E 4207 -11.83 52.33 -39.06
C MET E 4207 -13.33 52.11 -38.87
N PRO E 4208 -14.11 53.20 -38.79
CA PRO E 4208 -15.57 53.07 -38.58
C PRO E 4208 -16.34 52.54 -39.77
N GLN E 4209 -15.70 52.13 -40.87
CA GLN E 4209 -16.40 51.35 -41.89
C GLN E 4209 -16.71 49.95 -41.39
N VAL E 4210 -15.97 49.46 -40.38
CA VAL E 4210 -16.10 48.10 -39.91
C VAL E 4210 -16.18 48.00 -38.38
N LYS E 4211 -15.69 49.00 -37.63
CA LYS E 4211 -15.75 48.89 -36.17
C LYS E 4211 -17.16 49.03 -35.61
N GLU E 4212 -18.12 49.50 -36.39
CA GLU E 4212 -19.51 49.42 -35.96
C GLU E 4212 -20.23 48.20 -36.49
N SER E 4213 -19.77 47.62 -37.61
CA SER E 4213 -20.25 46.29 -38.00
C SER E 4213 -19.86 45.24 -36.98
N LYS E 4214 -18.72 45.47 -36.32
CA LYS E 4214 -18.32 44.75 -35.10
C LYS E 4214 -19.46 44.64 -34.10
N ARG E 4215 -19.97 45.77 -33.63
CA ARG E 4215 -21.03 45.75 -32.63
C ARG E 4215 -22.38 45.36 -33.22
N GLN E 4216 -22.57 45.64 -34.53
CA GLN E 4216 -23.73 45.17 -35.28
C GLN E 4216 -23.90 43.65 -35.20
N PHE E 4217 -22.81 42.90 -35.23
CA PHE E 4217 -22.98 41.47 -35.02
C PHE E 4217 -22.67 41.03 -33.59
N ILE E 4218 -22.04 41.88 -32.77
CA ILE E 4218 -21.91 41.57 -31.34
C ILE E 4218 -23.27 41.55 -30.66
N PHE E 4219 -24.19 42.43 -31.10
CA PHE E 4219 -25.52 42.51 -30.50
C PHE E 4219 -26.35 41.25 -30.74
N ASP E 4220 -26.05 40.50 -31.81
CA ASP E 4220 -26.92 39.40 -32.20
C ASP E 4220 -26.24 38.04 -32.20
N VAL E 4221 -25.52 37.69 -31.14
CA VAL E 4221 -25.07 36.32 -30.94
C VAL E 4221 -25.69 35.75 -29.67
N VAL E 4222 -26.14 36.63 -28.77
CA VAL E 4222 -26.90 36.22 -27.60
C VAL E 4222 -28.38 36.60 -27.74
N ASN E 4223 -28.69 37.62 -28.57
CA ASN E 4223 -30.08 38.02 -28.79
C ASN E 4223 -30.86 36.96 -29.56
N GLU E 4224 -30.23 36.29 -30.51
CA GLU E 4224 -30.92 35.27 -31.29
C GLU E 4224 -30.10 33.98 -31.40
N GLY E 4225 -28.79 34.07 -31.21
CA GLY E 4225 -27.93 32.92 -31.45
C GLY E 4225 -27.97 31.91 -30.32
N GLY E 4226 -27.78 30.64 -30.68
CA GLY E 4226 -27.62 29.58 -29.71
C GLY E 4226 -26.16 29.26 -29.44
N GLU E 4227 -25.95 28.25 -28.59
CA GLU E 4227 -24.60 27.82 -28.23
C GLU E 4227 -23.96 27.03 -29.36
N ALA E 4228 -24.77 26.23 -30.08
CA ALA E 4228 -24.22 25.40 -31.15
C ALA E 4228 -24.05 26.17 -32.46
N GLU E 4229 -24.70 27.32 -32.62
CA GLU E 4229 -24.65 28.09 -33.85
C GLU E 4229 -24.18 29.53 -33.63
N LYS E 4230 -23.10 29.71 -32.87
CA LYS E 4230 -22.60 31.06 -32.61
C LYS E 4230 -21.41 31.43 -33.48
N MET E 4231 -20.44 30.53 -33.64
CA MET E 4231 -19.29 30.78 -34.51
C MET E 4231 -19.54 30.35 -35.96
N GLU E 4232 -20.59 29.58 -36.21
CA GLU E 4232 -21.03 29.28 -37.57
C GLU E 4232 -21.48 30.54 -38.29
N LEU E 4233 -21.93 31.54 -37.55
CA LEU E 4233 -22.20 32.87 -38.06
C LEU E 4233 -20.95 33.74 -38.08
N PHE E 4234 -20.03 33.51 -37.15
CA PHE E 4234 -18.84 34.33 -37.02
C PHE E 4234 -17.87 34.13 -38.18
N VAL E 4235 -17.78 32.92 -38.73
CA VAL E 4235 -16.86 32.75 -39.86
C VAL E 4235 -17.40 33.43 -41.12
N SER E 4236 -18.73 33.49 -41.29
CA SER E 4236 -19.29 34.26 -42.40
C SER E 4236 -19.16 35.75 -42.15
N PHE E 4237 -19.20 36.16 -40.87
CA PHE E 4237 -18.90 37.55 -40.51
C PHE E 4237 -17.48 37.95 -40.90
N CYS E 4238 -16.50 37.08 -40.60
CA CYS E 4238 -15.11 37.41 -40.98
C CYS E 4238 -14.92 37.43 -42.49
N GLU E 4239 -15.51 36.48 -43.22
CA GLU E 4239 -15.31 36.53 -44.67
C GLU E 4239 -16.08 37.67 -45.34
N ASP E 4240 -17.23 38.08 -44.80
CA ASP E 4240 -17.92 39.25 -45.35
C ASP E 4240 -17.15 40.53 -45.07
N THR E 4241 -16.52 40.63 -43.89
CA THR E 4241 -15.72 41.82 -43.60
C THR E 4241 -14.46 41.87 -44.46
N ILE E 4242 -13.82 40.71 -44.70
CA ILE E 4242 -12.62 40.73 -45.55
C ILE E 4242 -13.02 40.90 -47.01
N PHE E 4243 -14.28 40.58 -47.36
CA PHE E 4243 -14.83 40.91 -48.67
C PHE E 4243 -15.05 42.42 -48.86
N GLU E 4244 -15.63 43.09 -47.87
CA GLU E 4244 -15.73 44.53 -48.02
C GLU E 4244 -14.39 45.23 -47.91
N MET E 4245 -13.40 44.61 -47.25
CA MET E 4245 -12.08 45.21 -47.31
C MET E 4245 -11.39 44.88 -48.64
N GLN E 4246 -11.75 43.78 -49.30
CA GLN E 4246 -11.32 43.55 -50.68
C GLN E 4246 -11.81 44.67 -51.59
N ILE E 4247 -13.11 44.97 -51.54
CA ILE E 4247 -13.62 46.00 -52.45
C ILE E 4247 -13.21 47.40 -51.99
N ALA E 4248 -13.05 47.62 -50.68
CA ALA E 4248 -12.63 48.92 -50.16
C ALA E 4248 -11.15 49.16 -50.39
N ALA E 4249 -10.33 48.12 -50.41
CA ALA E 4249 -8.94 48.24 -50.79
C ALA E 4249 -8.81 48.41 -52.31
N GLN E 4250 -9.80 47.93 -53.07
CA GLN E 4250 -9.82 48.23 -54.49
C GLN E 4250 -10.10 49.72 -54.72
N ILE E 4251 -11.10 50.28 -54.04
CA ILE E 4251 -11.45 51.69 -54.26
C ILE E 4251 -10.72 52.61 -53.28
N SER E 4252 -9.75 52.09 -52.53
CA SER E 4252 -8.96 52.93 -51.65
C SER E 4252 -7.97 53.76 -52.46
N GLU E 4253 -7.46 54.83 -51.85
CA GLU E 4253 -6.56 55.72 -52.56
C GLU E 4253 -5.18 55.10 -52.76
N UNK E 4318 -21.84 60.00 -31.30
CA UNK E 4318 -21.15 60.82 -32.28
C UNK E 4318 -22.13 61.67 -33.07
N UNK E 4319 -23.18 61.04 -33.58
CA UNK E 4319 -24.19 61.74 -34.37
C UNK E 4319 -25.33 62.23 -33.48
N UNK E 4320 -25.55 61.52 -32.37
CA UNK E 4320 -26.62 61.85 -31.44
C UNK E 4320 -26.38 63.18 -30.73
N UNK E 4321 -25.13 63.40 -30.31
CA UNK E 4321 -24.76 64.66 -29.65
C UNK E 4321 -24.85 65.84 -30.63
N UNK E 4322 -24.50 65.58 -31.88
CA UNK E 4322 -24.60 66.58 -32.95
C UNK E 4322 -26.06 66.94 -33.22
N UNK E 4323 -26.92 65.93 -33.26
CA UNK E 4323 -28.35 66.13 -33.45
C UNK E 4323 -28.99 66.87 -32.27
N UNK E 4324 -28.52 66.57 -31.06
CA UNK E 4324 -28.97 67.24 -29.84
C UNK E 4324 -28.59 68.72 -29.86
N UNK E 4325 -27.35 69.00 -30.24
CA UNK E 4325 -26.87 70.37 -30.36
C UNK E 4325 -27.62 71.12 -31.46
N UNK E 4326 -27.94 70.41 -32.55
CA UNK E 4326 -28.74 70.96 -33.64
C UNK E 4326 -30.14 71.36 -33.20
N UNK E 4327 -30.80 70.46 -32.47
CA UNK E 4327 -32.15 70.71 -31.96
C UNK E 4327 -32.14 71.85 -30.93
N UNK E 4328 -31.10 71.90 -30.11
CA UNK E 4328 -30.94 72.95 -29.12
C UNK E 4328 -30.72 74.32 -29.77
N UNK E 4329 -29.88 74.36 -30.81
CA UNK E 4329 -29.63 75.58 -31.56
C UNK E 4329 -30.88 76.06 -32.28
N UNK E 4330 -31.64 75.12 -32.84
CA UNK E 4330 -32.90 75.43 -33.52
C UNK E 4330 -33.94 75.98 -32.55
N UNK E 4331 -34.03 75.38 -31.37
CA UNK E 4331 -34.95 75.83 -30.33
C UNK E 4331 -34.57 77.22 -29.81
N UNK E 4332 -33.28 77.46 -29.65
CA UNK E 4332 -32.78 78.75 -29.21
C UNK E 4332 -33.04 79.83 -30.26
N UNK E 4333 -32.84 79.50 -31.53
CA UNK E 4333 -33.09 80.44 -32.62
C UNK E 4333 -34.58 80.73 -32.77
N UNK E 4334 -35.42 79.72 -32.54
CA UNK E 4334 -36.87 79.88 -32.54
C UNK E 4334 -37.33 80.80 -31.41
N UNK E 4335 -36.78 80.58 -30.22
CA UNK E 4335 -37.11 81.41 -29.06
C UNK E 4335 -36.60 82.85 -29.22
N UNK E 4336 -35.49 83.00 -29.93
CA UNK E 4336 -34.94 84.33 -30.20
C UNK E 4336 -35.76 85.07 -31.26
N UNK E 4337 -36.24 84.35 -32.27
CA UNK E 4337 -37.01 84.96 -33.34
C UNK E 4337 -38.49 85.11 -32.97
N UNK E 4338 -38.90 84.47 -31.88
CA UNK E 4338 -40.26 84.64 -31.38
C UNK E 4338 -40.48 86.03 -30.81
N TRP E 4541 -14.13 56.77 -75.49
CA TRP E 4541 -14.63 57.31 -74.23
C TRP E 4541 -13.78 56.83 -73.05
N GLY E 4542 -12.54 56.45 -73.34
CA GLY E 4542 -11.64 55.99 -72.30
C GLY E 4542 -11.14 57.10 -71.39
N GLU E 4543 -11.22 58.36 -71.84
CA GLU E 4543 -10.87 59.47 -70.95
C GLU E 4543 -11.94 59.73 -69.92
N LEU E 4544 -13.16 59.27 -70.15
CA LEU E 4544 -14.27 59.46 -69.22
C LEU E 4544 -14.70 58.19 -68.50
N GLU E 4545 -14.36 57.01 -69.05
CA GLU E 4545 -14.80 55.75 -68.47
C GLU E 4545 -14.18 55.47 -67.11
N VAL E 4546 -12.93 55.87 -66.91
CA VAL E 4546 -12.33 55.81 -65.58
C VAL E 4546 -12.52 57.12 -64.81
N GLN E 4547 -12.86 58.21 -65.50
CA GLN E 4547 -13.13 59.46 -64.82
C GLN E 4547 -14.43 59.41 -64.03
N ARG E 4548 -15.42 58.66 -64.51
CA ARG E 4548 -16.67 58.60 -63.76
C ARG E 4548 -16.57 57.70 -62.52
N VAL E 4549 -15.75 56.65 -62.57
CA VAL E 4549 -15.51 55.90 -61.34
C VAL E 4549 -14.58 56.67 -60.40
N LYS E 4550 -13.73 57.54 -60.95
CA LYS E 4550 -12.99 58.47 -60.09
C LYS E 4550 -13.91 59.48 -59.42
N PHE E 4551 -14.97 59.91 -60.13
CA PHE E 4551 -16.02 60.71 -59.51
C PHE E 4551 -16.75 59.94 -58.41
N LEU E 4552 -17.12 58.69 -58.70
CA LEU E 4552 -17.79 57.84 -57.71
C LEU E 4552 -16.92 57.53 -56.50
N ASN E 4553 -15.60 57.55 -56.65
CA ASN E 4553 -14.70 57.29 -55.53
C ASN E 4553 -14.76 58.41 -54.49
N TYR E 4554 -14.58 59.67 -54.90
CA TYR E 4554 -14.73 60.73 -53.89
C TYR E 4554 -16.19 61.09 -53.63
N LEU E 4555 -17.12 60.51 -54.40
CA LEU E 4555 -18.52 60.48 -54.00
C LEU E 4555 -18.73 59.59 -52.77
N SER E 4556 -18.16 58.39 -52.78
CA SER E 4556 -18.29 57.46 -51.67
C SER E 4556 -17.23 57.65 -50.59
N ARG E 4557 -16.29 58.58 -50.78
CA ARG E 4557 -15.25 58.81 -49.79
C ARG E 4557 -15.81 59.43 -48.51
N ASN E 4558 -16.63 60.47 -48.64
CA ASN E 4558 -17.15 61.20 -47.49
C ASN E 4558 -18.67 61.02 -47.39
N PHE E 4559 -19.10 59.77 -47.55
CA PHE E 4559 -20.52 59.39 -47.61
C PHE E 4559 -21.25 59.75 -46.32
N TYR E 4560 -20.63 59.48 -45.17
CA TYR E 4560 -21.19 59.70 -43.84
C TYR E 4560 -21.41 61.17 -43.54
N THR E 4561 -20.40 62.01 -43.80
CA THR E 4561 -20.51 63.44 -43.54
C THR E 4561 -21.42 64.12 -44.56
N LEU E 4562 -21.43 63.63 -45.80
CA LEU E 4562 -22.37 64.12 -46.80
C LEU E 4562 -23.81 63.81 -46.40
N ARG E 4563 -24.05 62.62 -45.84
CA ARG E 4563 -25.37 62.28 -45.32
C ARG E 4563 -25.73 63.13 -44.10
N PHE E 4564 -24.73 63.47 -43.27
CA PHE E 4564 -24.97 64.32 -42.12
C PHE E 4564 -25.41 65.73 -42.51
N LEU E 4565 -24.71 66.33 -43.49
CA LEU E 4565 -25.12 67.65 -43.96
C LEU E 4565 -26.44 67.59 -44.73
N ALA E 4566 -26.71 66.45 -45.40
CA ALA E 4566 -27.99 66.22 -46.03
C ALA E 4566 -29.13 66.18 -45.02
N LEU E 4567 -28.86 65.69 -43.81
CA LEU E 4567 -29.89 65.76 -42.76
C LEU E 4567 -30.04 67.19 -42.25
N PHE E 4568 -28.91 67.85 -41.98
CA PHE E 4568 -28.97 69.12 -41.24
C PHE E 4568 -29.50 70.26 -42.09
N LEU E 4569 -29.20 70.28 -43.39
CA LEU E 4569 -29.76 71.36 -44.20
C LEU E 4569 -31.26 71.19 -44.43
N ALA E 4570 -31.75 69.95 -44.51
CA ALA E 4570 -33.19 69.73 -44.50
C ALA E 4570 -33.82 70.16 -43.18
N PHE E 4571 -33.12 69.89 -42.06
CA PHE E 4571 -33.56 70.36 -40.75
C PHE E 4571 -33.60 71.89 -40.69
N ALA E 4572 -32.62 72.55 -41.30
CA ALA E 4572 -32.55 74.01 -41.28
C ALA E 4572 -33.63 74.66 -42.12
N ILE E 4573 -33.92 74.11 -43.31
CA ILE E 4573 -35.01 74.69 -44.10
C ILE E 4573 -36.38 74.30 -43.52
N ASN E 4574 -36.48 73.16 -42.83
CA ASN E 4574 -37.71 72.85 -42.11
C ASN E 4574 -37.87 73.73 -40.88
N PHE E 4575 -36.77 74.28 -40.36
CA PHE E 4575 -36.83 75.29 -39.32
C PHE E 4575 -37.23 76.66 -39.86
N ILE E 4576 -36.70 77.04 -41.03
CA ILE E 4576 -37.05 78.34 -41.61
C ILE E 4576 -38.48 78.30 -42.15
N LEU E 4577 -39.01 77.09 -42.38
CA LEU E 4577 -40.40 76.84 -42.73
C LEU E 4577 -41.41 77.30 -41.66
N LEU E 4578 -40.97 77.58 -40.44
CA LEU E 4578 -41.82 77.99 -39.31
C LEU E 4578 -42.42 79.38 -39.48
N PHE E 4579 -42.11 80.12 -40.54
CA PHE E 4579 -42.54 81.49 -40.69
C PHE E 4579 -43.41 81.67 -41.95
N TYR E 4580 -44.30 80.71 -42.20
CA TYR E 4580 -45.26 80.80 -43.30
C TYR E 4580 -46.65 81.13 -42.79
N LYS E 4581 -47.37 81.92 -43.59
CA LYS E 4581 -48.66 82.46 -43.20
C LYS E 4581 -49.56 82.45 -44.43
N VAL E 4582 -50.86 82.31 -44.22
CA VAL E 4582 -51.84 82.34 -45.29
C VAL E 4582 -52.97 83.30 -44.95
N SER E 4583 -53.44 84.04 -45.95
CA SER E 4583 -54.51 85.01 -45.78
C SER E 4583 -55.30 85.10 -47.08
N ASP E 4584 -56.41 85.83 -47.03
CA ASP E 4584 -57.28 86.00 -48.19
C ASP E 4584 -56.74 87.03 -49.19
N SER E 4585 -55.72 87.79 -48.83
CA SER E 4585 -55.20 88.83 -49.70
C SER E 4585 -54.10 88.29 -50.61
N PRO E 4586 -54.08 88.69 -51.88
CA PRO E 4586 -52.98 88.28 -52.76
C PRO E 4586 -51.71 89.02 -52.40
N PRO E 4587 -50.53 88.38 -52.56
CA PRO E 4587 -49.24 89.02 -52.26
C PRO E 4587 -48.90 90.10 -53.28
N ASN E 4626 -58.14 81.49 -54.01
CA ASN E 4626 -58.66 82.25 -52.88
C ASN E 4626 -57.56 82.64 -51.90
N MET E 4627 -57.40 81.82 -50.87
CA MET E 4627 -56.34 82.02 -49.89
C MET E 4627 -54.99 81.66 -50.49
N VAL E 4628 -54.04 82.59 -50.39
CA VAL E 4628 -52.71 82.43 -50.98
C VAL E 4628 -51.70 82.29 -49.85
N TYR E 4629 -50.88 81.24 -49.93
CA TYR E 4629 -49.85 80.96 -48.93
C TYR E 4629 -48.62 81.81 -49.25
N TYR E 4630 -48.38 82.85 -48.46
CA TYR E 4630 -47.23 83.72 -48.63
C TYR E 4630 -46.24 83.51 -47.49
N PHE E 4631 -45.11 84.22 -47.56
CA PHE E 4631 -44.08 84.14 -46.53
C PHE E 4631 -43.93 85.45 -45.79
N LEU E 4632 -43.74 85.36 -44.48
CA LEU E 4632 -43.65 86.53 -43.60
C LEU E 4632 -42.18 86.76 -43.28
N GLU E 4633 -41.71 87.98 -43.58
CA GLU E 4633 -40.31 88.34 -43.41
C GLU E 4633 -40.22 89.73 -42.81
N GLU E 4634 -39.17 89.95 -42.02
CA GLU E 4634 -38.92 91.23 -41.36
C GLU E 4634 -37.57 91.76 -41.83
N SER E 4635 -37.62 92.70 -42.79
CA SER E 4635 -36.48 93.50 -43.25
C SER E 4635 -35.35 92.64 -43.83
N THR E 4636 -35.73 91.59 -44.56
CA THR E 4636 -34.77 90.74 -45.26
C THR E 4636 -35.44 90.22 -46.52
N GLY E 4637 -34.71 90.24 -47.63
CA GLY E 4637 -35.32 89.99 -48.93
C GLY E 4637 -35.09 88.62 -49.54
N TYR E 4638 -33.91 88.03 -49.31
CA TYR E 4638 -33.52 86.79 -49.98
C TYR E 4638 -33.86 85.55 -49.16
N MET E 4639 -34.82 85.65 -48.23
CA MET E 4639 -35.23 84.48 -47.45
C MET E 4639 -36.03 83.50 -48.29
N GLU E 4640 -36.85 84.01 -49.21
CA GLU E 4640 -37.68 83.17 -50.07
C GLU E 4640 -36.94 82.61 -51.29
N PRO E 4641 -36.07 83.34 -52.02
CA PRO E 4641 -35.31 82.66 -53.08
C PRO E 4641 -34.19 81.76 -52.57
N ALA E 4642 -33.90 81.74 -51.27
CA ALA E 4642 -32.93 80.78 -50.74
C ALA E 4642 -33.50 79.38 -50.73
N LEU E 4643 -34.78 79.24 -50.41
CA LEU E 4643 -35.39 77.93 -50.19
C LEU E 4643 -35.54 77.17 -51.51
N TRP E 4644 -35.81 77.87 -52.61
CA TRP E 4644 -35.99 77.22 -53.90
C TRP E 4644 -34.70 76.64 -54.46
N CYS E 4645 -33.54 77.05 -53.95
CA CYS E 4645 -32.28 76.40 -54.27
C CYS E 4645 -31.85 75.43 -53.17
N LEU E 4646 -32.21 75.71 -51.91
CA LEU E 4646 -31.86 74.79 -50.81
C LEU E 4646 -32.63 73.49 -50.92
N SER E 4647 -33.86 73.52 -51.44
CA SER E 4647 -34.65 72.31 -51.60
C SER E 4647 -34.12 71.43 -52.73
N LEU E 4648 -33.75 72.06 -53.85
CA LEU E 4648 -33.09 71.31 -54.93
C LEU E 4648 -31.71 70.83 -54.51
N LEU E 4649 -31.03 71.57 -53.63
CA LEU E 4649 -29.79 71.09 -53.03
C LEU E 4649 -30.03 69.84 -52.21
N HIS E 4650 -31.12 69.81 -51.45
CA HIS E 4650 -31.44 68.64 -50.63
C HIS E 4650 -31.83 67.44 -51.51
N THR E 4651 -32.55 67.68 -52.60
CA THR E 4651 -32.89 66.60 -53.52
C THR E 4651 -31.66 66.10 -54.29
N LEU E 4652 -30.74 67.00 -54.65
CA LEU E 4652 -29.52 66.58 -55.34
C LEU E 4652 -28.61 65.78 -54.43
N VAL E 4653 -28.45 66.20 -53.18
CA VAL E 4653 -27.65 65.41 -52.25
C VAL E 4653 -28.37 64.13 -51.84
N ALA E 4654 -29.71 64.11 -51.95
CA ALA E 4654 -30.45 62.85 -51.82
C ALA E 4654 -30.11 61.89 -52.96
N PHE E 4655 -30.04 62.41 -54.19
CA PHE E 4655 -29.57 61.60 -55.32
C PHE E 4655 -28.15 61.11 -55.11
N LEU E 4656 -27.29 61.99 -54.57
CA LEU E 4656 -25.89 61.65 -54.31
C LEU E 4656 -25.77 60.49 -53.34
N CYS E 4657 -26.51 60.53 -52.23
CA CYS E 4657 -26.40 59.44 -51.26
C CYS E 4657 -27.07 58.16 -51.77
N ILE E 4658 -28.08 58.27 -52.64
CA ILE E 4658 -28.70 57.05 -53.19
C ILE E 4658 -27.74 56.30 -54.11
N ILE E 4659 -27.15 56.98 -55.11
CA ILE E 4659 -26.22 56.20 -55.96
C ILE E 4659 -24.89 55.97 -55.22
N GLY E 4660 -24.59 56.70 -54.14
CA GLY E 4660 -23.48 56.31 -53.29
C GLY E 4660 -23.72 55.02 -52.51
N TYR E 4661 -24.94 54.83 -52.03
CA TYR E 4661 -25.35 53.56 -51.43
C TYR E 4661 -25.21 52.42 -52.44
N ASN E 4662 -25.77 52.62 -53.63
CA ASN E 4662 -25.66 51.62 -54.70
C ASN E 4662 -24.27 51.54 -55.32
N CYS E 4663 -23.34 52.41 -54.94
CA CYS E 4663 -21.96 52.36 -55.38
C CYS E 4663 -21.04 51.63 -54.41
N LEU E 4664 -21.21 51.82 -53.09
CA LEU E 4664 -20.34 51.14 -52.14
C LEU E 4664 -20.92 49.82 -51.64
N LYS E 4665 -22.19 49.78 -51.18
CA LYS E 4665 -22.60 48.63 -50.39
C LYS E 4665 -23.81 47.86 -50.93
N VAL E 4666 -23.95 47.75 -52.25
CA VAL E 4666 -24.62 46.57 -52.79
C VAL E 4666 -23.81 45.27 -52.71
N PRO E 4667 -22.47 45.21 -52.60
CA PRO E 4667 -21.85 43.91 -52.28
C PRO E 4667 -22.21 43.34 -50.91
N LEU E 4668 -22.63 44.15 -49.93
CA LEU E 4668 -23.08 43.58 -48.67
C LEU E 4668 -24.40 42.82 -48.84
N VAL E 4669 -25.34 43.38 -49.62
CA VAL E 4669 -26.58 42.66 -49.90
C VAL E 4669 -26.42 41.66 -51.01
N ILE E 4670 -25.25 41.62 -51.65
CA ILE E 4670 -24.95 40.58 -52.62
C ILE E 4670 -24.35 39.33 -51.96
N PHE E 4671 -23.32 39.47 -51.10
CA PHE E 4671 -22.42 38.36 -50.84
C PHE E 4671 -23.04 37.25 -50.00
N LYS E 4672 -23.77 37.61 -48.93
CA LYS E 4672 -24.16 36.63 -47.94
C LYS E 4672 -25.24 35.69 -48.43
N ARG E 4673 -26.13 36.11 -49.33
CA ARG E 4673 -27.17 35.17 -49.70
C ARG E 4673 -26.76 34.22 -50.83
N GLU E 4674 -25.81 34.57 -51.71
CA GLU E 4674 -25.24 33.48 -52.49
C GLU E 4674 -24.20 32.67 -51.71
N LYS E 4675 -23.65 33.19 -50.61
CA LYS E 4675 -22.95 32.30 -49.68
C LYS E 4675 -23.91 31.27 -49.09
N GLU E 4676 -25.09 31.75 -48.68
CA GLU E 4676 -26.16 30.90 -48.17
C GLU E 4676 -26.64 29.92 -49.24
N LEU E 4677 -26.68 30.38 -50.49
CA LEU E 4677 -27.13 29.54 -51.61
C LEU E 4677 -26.12 28.45 -51.91
N ALA E 4678 -24.83 28.78 -51.98
CA ALA E 4678 -23.79 27.76 -52.19
C ALA E 4678 -23.69 26.81 -51.00
N ARG E 4679 -23.98 27.31 -49.80
CA ARG E 4679 -24.02 26.48 -48.59
C ARG E 4679 -25.07 25.38 -48.71
N LYS E 4680 -26.29 25.75 -49.12
CA LYS E 4680 -27.31 24.71 -49.31
C LYS E 4680 -27.16 23.94 -50.61
N LEU E 4681 -26.42 24.46 -51.61
CA LEU E 4681 -26.10 23.63 -52.78
C LEU E 4681 -25.16 22.51 -52.42
N GLU E 4682 -24.10 22.81 -51.67
CA GLU E 4682 -23.07 21.81 -51.39
C GLU E 4682 -23.47 20.89 -50.24
N PHE E 4683 -24.06 21.44 -49.18
CA PHE E 4683 -24.31 20.63 -47.99
C PHE E 4683 -25.67 19.95 -47.99
N ASP E 4684 -26.75 20.71 -48.15
CA ASP E 4684 -28.09 20.15 -47.97
C ASP E 4684 -28.69 19.63 -49.27
N GLY E 4685 -28.52 20.36 -50.37
CA GLY E 4685 -29.14 19.98 -51.63
C GLY E 4685 -30.55 20.52 -51.76
N LEU E 4686 -30.70 21.83 -51.52
CA LEU E 4686 -32.00 22.47 -51.34
C LEU E 4686 -32.86 22.46 -52.58
N TYR E 4687 -32.25 22.37 -53.77
CA TYR E 4687 -32.94 22.50 -55.05
C TYR E 4687 -32.82 21.25 -55.90
N ILE E 4688 -32.02 20.26 -55.46
CA ILE E 4688 -31.83 19.01 -56.18
C ILE E 4688 -32.46 17.84 -55.43
N THR E 4689 -32.21 17.74 -54.11
CA THR E 4689 -32.78 16.65 -53.33
C THR E 4689 -34.25 16.92 -53.00
N GLU E 4690 -34.62 18.19 -52.81
CA GLU E 4690 -36.02 18.59 -52.67
C GLU E 4690 -36.15 20.00 -53.26
N GLN E 4691 -37.26 20.65 -52.96
CA GLN E 4691 -37.53 22.04 -53.34
C GLN E 4691 -38.64 22.58 -52.45
N PRO E 4692 -38.43 23.73 -51.79
CA PRO E 4692 -39.40 24.21 -50.79
C PRO E 4692 -40.69 24.77 -51.39
N ASP E 4696 -41.29 29.58 -50.30
CA ASP E 4696 -41.60 30.80 -49.57
C ASP E 4696 -41.44 32.02 -50.47
N VAL E 4697 -40.97 33.13 -49.89
CA VAL E 4697 -40.86 34.37 -50.64
C VAL E 4697 -39.55 34.45 -51.42
N LYS E 4698 -38.48 33.82 -50.94
CA LYS E 4698 -37.17 33.91 -51.56
C LYS E 4698 -36.76 32.63 -52.29
N GLY E 4699 -37.32 31.48 -51.89
CA GLY E 4699 -36.81 30.20 -52.35
C GLY E 4699 -37.06 29.91 -53.82
N GLN E 4700 -38.12 30.46 -54.39
CA GLN E 4700 -38.38 30.26 -55.81
C GLN E 4700 -37.99 31.45 -56.67
N TRP E 4701 -37.72 32.61 -56.06
CA TRP E 4701 -37.06 33.68 -56.80
C TRP E 4701 -35.57 33.39 -56.94
N ASP E 4702 -35.00 32.56 -56.06
CA ASP E 4702 -33.62 32.11 -56.20
C ASP E 4702 -33.42 31.05 -57.30
N ARG E 4703 -34.42 30.75 -58.13
CA ARG E 4703 -34.21 29.85 -59.26
C ARG E 4703 -33.90 30.58 -60.56
N LEU E 4704 -33.94 31.91 -60.57
CA LEU E 4704 -33.52 32.71 -61.72
C LEU E 4704 -32.09 33.20 -61.58
N VAL E 4705 -31.21 32.41 -60.97
CA VAL E 4705 -29.82 32.81 -60.78
C VAL E 4705 -28.82 31.70 -61.11
N LEU E 4706 -29.24 30.44 -61.20
CA LEU E 4706 -28.27 29.37 -61.39
C LEU E 4706 -27.85 29.20 -62.84
N ASN E 4707 -28.79 29.35 -63.78
CA ASN E 4707 -28.53 28.98 -65.16
C ASN E 4707 -27.69 30.00 -65.92
N THR E 4708 -27.53 31.21 -65.41
CA THR E 4708 -26.72 32.18 -66.13
C THR E 4708 -25.23 31.94 -65.87
N PRO E 4709 -24.37 32.13 -66.89
CA PRO E 4709 -22.94 31.84 -66.69
C PRO E 4709 -22.23 32.87 -65.83
N SER E 4710 -22.81 34.06 -65.63
CA SER E 4710 -22.22 35.09 -64.79
C SER E 4710 -22.78 35.07 -63.38
N PHE E 4711 -23.17 33.89 -62.89
CA PHE E 4711 -23.62 33.77 -61.50
C PHE E 4711 -22.49 33.99 -60.50
N PRO E 4712 -21.37 33.20 -60.49
CA PRO E 4712 -20.44 33.34 -59.37
C PRO E 4712 -19.40 34.43 -59.57
N SER E 4713 -19.65 35.37 -60.50
CA SER E 4713 -18.68 36.40 -60.85
C SER E 4713 -18.42 37.41 -59.73
N ASN E 4714 -19.27 37.45 -58.69
CA ASN E 4714 -19.12 38.37 -57.58
C ASN E 4714 -18.92 37.65 -56.24
N TYR E 4715 -18.36 36.44 -56.29
CA TYR E 4715 -18.02 35.67 -55.11
C TYR E 4715 -16.78 34.84 -55.44
N TRP E 4716 -16.02 34.51 -54.38
CA TRP E 4716 -14.66 34.02 -54.50
C TRP E 4716 -14.59 32.64 -55.17
N ASP E 4717 -15.51 31.74 -54.83
CA ASP E 4717 -15.51 30.37 -55.33
C ASP E 4717 -16.44 30.31 -56.54
N LYS E 4718 -15.86 30.07 -57.71
CA LYS E 4718 -16.62 30.03 -58.96
C LYS E 4718 -16.61 28.64 -59.60
N PHE E 4719 -16.14 27.62 -58.88
CA PHE E 4719 -16.30 26.22 -59.28
C PHE E 4719 -17.43 25.57 -58.51
N VAL E 4720 -18.46 26.33 -58.15
CA VAL E 4720 -19.51 25.80 -57.29
C VAL E 4720 -20.51 24.95 -58.09
N LYS E 4721 -20.59 25.17 -59.40
CA LYS E 4721 -21.52 24.41 -60.22
C LYS E 4721 -21.01 23.03 -60.59
N ARG E 4722 -19.74 22.71 -60.31
CA ARG E 4722 -19.21 21.39 -60.63
C ARG E 4722 -18.97 20.50 -59.42
N LYS E 4723 -18.70 21.04 -58.23
CA LYS E 4723 -18.60 20.15 -57.08
C LYS E 4723 -19.97 19.70 -56.58
N VAL E 4724 -21.05 20.37 -56.99
CA VAL E 4724 -22.37 19.80 -56.74
C VAL E 4724 -22.60 18.57 -57.63
N LEU E 4725 -22.01 18.54 -58.82
CA LEU E 4725 -22.04 17.35 -59.65
C LEU E 4725 -21.08 16.29 -59.12
N ASP E 4726 -19.97 16.71 -58.50
CA ASP E 4726 -19.11 15.76 -57.79
C ASP E 4726 -19.79 15.18 -56.57
N LYS E 4727 -20.68 15.96 -55.94
CA LYS E 4727 -21.44 15.59 -54.76
C LYS E 4727 -22.52 14.57 -55.08
N HIS E 4728 -23.41 14.94 -56.00
CA HIS E 4728 -24.59 14.14 -56.31
C HIS E 4728 -24.72 13.92 -57.81
N GLY E 4729 -23.62 13.50 -58.43
CA GLY E 4729 -23.68 12.98 -59.78
C GLY E 4729 -23.83 11.49 -59.83
N ASP E 4730 -23.91 10.83 -58.67
CA ASP E 4730 -24.04 9.39 -58.56
C ASP E 4730 -25.47 8.92 -58.31
N ILE E 4731 -26.31 9.76 -57.69
CA ILE E 4731 -27.65 9.32 -57.33
C ILE E 4731 -28.71 9.67 -58.36
N PHE E 4732 -28.54 10.74 -59.12
CA PHE E 4732 -29.53 11.27 -60.05
C PHE E 4732 -28.99 11.23 -61.48
N GLY E 4733 -29.71 11.87 -62.40
CA GLY E 4733 -29.25 11.99 -63.77
C GLY E 4733 -28.38 13.22 -63.94
N ARG E 4734 -27.38 13.10 -64.82
CA ARG E 4734 -26.46 14.21 -65.06
C ARG E 4734 -27.03 15.19 -66.07
N GLU E 4735 -27.74 14.68 -67.08
CA GLU E 4735 -28.23 15.52 -68.17
C GLU E 4735 -29.32 16.47 -67.73
N ARG E 4736 -30.05 16.12 -66.67
CA ARG E 4736 -31.08 17.00 -66.12
C ARG E 4736 -30.47 18.06 -65.21
N ILE E 4737 -29.51 17.68 -64.36
CA ILE E 4737 -28.95 18.64 -63.42
C ILE E 4737 -27.98 19.60 -64.13
N ALA E 4738 -27.39 19.20 -65.26
CA ALA E 4738 -26.55 20.10 -66.02
C ALA E 4738 -27.37 21.19 -66.70
N GLU E 4739 -28.54 20.82 -67.23
CA GLU E 4739 -29.44 21.83 -67.80
C GLU E 4739 -30.12 22.66 -66.72
N LEU E 4740 -30.32 22.09 -65.53
CA LEU E 4740 -30.94 22.84 -64.46
C LEU E 4740 -29.97 23.85 -63.85
N LEU E 4741 -28.71 23.49 -63.69
CA LEU E 4741 -27.67 24.41 -63.23
C LEU E 4741 -27.10 25.28 -64.33
N GLY E 4742 -27.41 25.00 -65.60
CA GLY E 4742 -27.06 25.90 -66.68
C GLY E 4742 -25.63 25.83 -67.17
N MET E 4743 -25.05 24.64 -67.22
CA MET E 4743 -23.72 24.45 -67.81
C MET E 4743 -23.86 24.26 -69.31
N ASP E 4744 -23.48 25.27 -70.08
CA ASP E 4744 -23.53 25.19 -71.53
C ASP E 4744 -22.29 24.45 -72.03
N LEU E 4745 -22.51 23.26 -72.63
CA LEU E 4745 -21.49 22.34 -73.13
C LEU E 4745 -20.52 21.94 -72.01
N ALA E 4746 -21.08 21.19 -71.05
CA ALA E 4746 -20.36 20.86 -69.82
C ALA E 4746 -19.22 19.89 -70.08
N SER E 4747 -19.51 18.79 -70.80
CA SER E 4747 -18.50 17.78 -71.07
C SER E 4747 -17.45 18.27 -72.07
N LEU E 4748 -17.78 19.27 -72.87
CA LEU E 4748 -16.78 19.90 -73.72
C LEU E 4748 -15.90 20.85 -72.92
N GLU E 4749 -16.48 21.61 -71.99
CA GLU E 4749 -15.69 22.56 -71.23
C GLU E 4749 -14.82 21.87 -70.18
N ILE E 4750 -15.24 20.71 -69.68
CA ILE E 4750 -14.44 19.99 -68.69
C ILE E 4750 -13.19 19.39 -69.31
N THR E 4751 -13.20 19.14 -70.62
CA THR E 4751 -12.00 18.75 -71.34
C THR E 4751 -11.23 19.95 -71.87
N ALA E 4752 -11.93 21.03 -72.24
CA ALA E 4752 -11.26 22.19 -72.81
C ALA E 4752 -10.48 22.97 -71.75
N HIS E 4753 -11.09 23.21 -70.58
CA HIS E 4753 -10.39 23.88 -69.50
C HIS E 4753 -9.29 23.00 -68.89
N ASN E 4754 -9.37 21.69 -69.08
CA ASN E 4754 -8.30 20.82 -68.60
C ASN E 4754 -7.13 20.82 -69.56
N GLU E 4755 -7.40 20.78 -70.86
CA GLU E 4755 -6.33 20.72 -71.85
C GLU E 4755 -5.72 22.10 -72.08
N ARG E 4756 -6.50 23.05 -72.59
CA ARG E 4756 -5.97 24.37 -72.90
C ARG E 4756 -6.99 25.46 -72.56
N THR E 4766 -19.40 47.10 -77.67
CA THR E 4766 -20.56 46.27 -77.34
C THR E 4766 -20.40 45.62 -75.99
N TRP E 4767 -20.34 46.44 -74.93
CA TRP E 4767 -20.16 45.93 -73.58
C TRP E 4767 -21.43 45.31 -73.03
N LEU E 4768 -22.57 45.94 -73.28
CA LEU E 4768 -23.85 45.43 -72.78
C LEU E 4768 -24.40 44.28 -73.61
N MET E 4769 -23.86 44.06 -74.81
CA MET E 4769 -24.38 42.98 -75.65
C MET E 4769 -23.96 41.61 -75.13
N SER E 4770 -22.75 41.50 -74.56
CA SER E 4770 -22.32 40.26 -73.93
C SER E 4770 -22.91 40.06 -72.54
N ILE E 4771 -23.59 41.08 -72.00
CA ILE E 4771 -24.13 41.00 -70.66
C ILE E 4771 -25.44 40.20 -70.67
N ASP E 4772 -25.83 39.75 -69.48
CA ASP E 4772 -27.00 38.90 -69.31
C ASP E 4772 -28.25 39.78 -69.23
N VAL E 4773 -29.42 39.14 -69.33
CA VAL E 4773 -30.67 39.86 -69.18
C VAL E 4773 -31.40 39.51 -67.88
N LYS E 4774 -31.01 38.42 -67.23
CA LYS E 4774 -31.79 37.89 -66.11
C LYS E 4774 -31.14 38.13 -64.75
N TYR E 4775 -29.81 38.02 -64.67
CA TYR E 4775 -29.12 38.12 -63.38
C TYR E 4775 -29.17 39.54 -62.81
N GLN E 4776 -29.09 40.55 -63.68
CA GLN E 4776 -29.14 41.94 -63.23
C GLN E 4776 -30.53 42.31 -62.74
N ILE E 4777 -31.58 41.84 -63.40
CA ILE E 4777 -32.93 42.09 -62.88
C ILE E 4777 -33.23 41.22 -61.66
N TRP E 4778 -32.55 40.07 -61.53
CA TRP E 4778 -32.69 39.23 -60.34
C TRP E 4778 -32.10 39.92 -59.12
N LYS E 4779 -30.92 40.53 -59.27
CA LYS E 4779 -30.35 41.26 -58.14
C LYS E 4779 -30.88 42.69 -58.06
N PHE E 4780 -31.65 43.13 -59.06
CA PHE E 4780 -32.43 44.37 -58.94
C PHE E 4780 -33.68 44.15 -58.11
N GLY E 4781 -34.21 42.92 -58.09
CA GLY E 4781 -35.32 42.62 -57.20
C GLY E 4781 -34.98 42.57 -55.72
N VAL E 4782 -33.77 42.14 -55.36
CA VAL E 4782 -33.45 41.91 -53.94
C VAL E 4782 -33.19 43.22 -53.20
N ILE E 4783 -32.69 44.26 -53.89
CA ILE E 4783 -32.48 45.54 -53.22
C ILE E 4783 -33.81 46.24 -52.96
N PHE E 4784 -34.81 46.00 -53.82
CA PHE E 4784 -36.16 46.45 -53.54
C PHE E 4784 -36.85 45.59 -52.50
N THR E 4785 -36.48 44.31 -52.40
CA THR E 4785 -37.06 43.43 -51.39
C THR E 4785 -36.57 43.78 -49.98
N ASP E 4786 -35.28 44.04 -49.84
CA ASP E 4786 -34.65 44.20 -48.54
C ASP E 4786 -35.05 45.55 -47.93
N ASN E 4787 -34.80 45.69 -46.61
CA ASN E 4787 -35.39 46.77 -45.84
C ASN E 4787 -34.75 48.13 -46.05
N SER E 4788 -33.43 48.20 -46.27
CA SER E 4788 -32.74 49.48 -46.17
C SER E 4788 -32.91 50.33 -47.42
N PHE E 4789 -32.78 49.72 -48.60
CA PHE E 4789 -32.80 50.49 -49.83
C PHE E 4789 -34.19 51.04 -50.15
N LEU E 4790 -35.26 50.33 -49.78
CA LEU E 4790 -36.59 50.88 -50.04
C LEU E 4790 -36.91 52.03 -49.08
N TYR E 4791 -36.36 52.00 -47.86
CA TYR E 4791 -36.50 53.14 -46.96
C TYR E 4791 -35.69 54.33 -47.45
N LEU E 4792 -34.48 54.09 -47.97
CA LEU E 4792 -33.70 55.19 -48.52
C LEU E 4792 -34.30 55.75 -49.81
N GLY E 4793 -35.01 54.93 -50.57
CA GLY E 4793 -35.76 55.43 -51.70
C GLY E 4793 -37.04 56.13 -51.30
N TRP E 4794 -37.64 55.73 -50.17
CA TRP E 4794 -38.75 56.48 -49.58
C TRP E 4794 -38.29 57.85 -49.12
N TYR E 4795 -37.02 57.96 -48.72
CA TYR E 4795 -36.44 59.25 -48.37
C TYR E 4795 -36.35 60.19 -49.57
N MET E 4796 -36.26 59.67 -50.79
CA MET E 4796 -36.14 60.54 -51.96
C MET E 4796 -37.45 60.68 -52.73
N VAL E 4797 -38.40 59.75 -52.53
CA VAL E 4797 -39.70 59.85 -53.20
C VAL E 4797 -40.55 61.00 -52.64
N MET E 4798 -40.16 61.57 -51.51
CA MET E 4798 -40.85 62.73 -50.96
C MET E 4798 -40.22 64.06 -51.40
N SER E 4799 -38.94 64.04 -51.81
CA SER E 4799 -38.22 65.29 -52.07
C SER E 4799 -38.60 65.90 -53.41
N LEU E 4800 -38.69 65.09 -54.46
CA LEU E 4800 -39.24 65.58 -55.73
C LEU E 4800 -40.72 65.88 -55.62
N LEU E 4801 -41.42 65.22 -54.69
CA LEU E 4801 -42.82 65.56 -54.41
C LEU E 4801 -42.92 66.82 -53.58
N GLY E 4802 -41.85 67.17 -52.86
CA GLY E 4802 -41.83 68.32 -51.98
C GLY E 4802 -41.82 69.67 -52.69
N HIS E 4803 -41.55 69.65 -54.00
CA HIS E 4803 -41.62 70.87 -54.79
C HIS E 4803 -43.03 71.15 -55.31
N TYR E 4804 -43.95 70.18 -55.18
CA TYR E 4804 -45.35 70.45 -55.52
C TYR E 4804 -46.01 71.31 -54.44
N ASN E 4805 -45.78 70.97 -53.18
CA ASN E 4805 -46.19 71.79 -52.04
C ASN E 4805 -45.07 71.70 -51.01
N ASN E 4806 -44.69 72.84 -50.44
CA ASN E 4806 -43.50 72.94 -49.61
C ASN E 4806 -43.61 72.22 -48.27
N PHE E 4807 -44.83 71.95 -47.80
CA PHE E 4807 -45.05 71.52 -46.43
C PHE E 4807 -44.95 70.01 -46.23
N PHE E 4808 -44.74 69.23 -47.28
CA PHE E 4808 -44.51 67.80 -47.11
C PHE E 4808 -43.04 67.47 -46.84
N PHE E 4809 -42.21 68.47 -46.53
CA PHE E 4809 -40.86 68.28 -46.01
C PHE E 4809 -40.85 67.97 -44.52
N ALA E 4810 -42.02 67.98 -43.86
CA ALA E 4810 -42.08 67.76 -42.42
C ALA E 4810 -41.89 66.29 -42.06
N ALA E 4811 -42.24 65.38 -42.98
CA ALA E 4811 -42.03 63.95 -42.74
C ALA E 4811 -40.57 63.54 -42.82
N HIS E 4812 -39.69 64.45 -43.27
CA HIS E 4812 -38.25 64.21 -43.24
C HIS E 4812 -37.66 64.37 -41.85
N LEU E 4813 -38.42 64.89 -40.89
CA LEU E 4813 -37.95 65.01 -39.52
C LEU E 4813 -38.22 63.75 -38.70
N LEU E 4814 -38.84 62.73 -39.29
CA LEU E 4814 -38.91 61.41 -38.67
C LEU E 4814 -37.66 60.58 -38.93
N ASP E 4815 -36.67 61.14 -39.63
CA ASP E 4815 -35.38 60.49 -39.82
C ASP E 4815 -34.60 60.41 -38.52
N ILE E 4816 -34.87 61.30 -37.57
CA ILE E 4816 -34.27 61.25 -36.25
C ILE E 4816 -34.68 59.99 -35.50
N ALA E 4817 -35.89 59.49 -35.76
CA ALA E 4817 -36.43 58.36 -35.00
C ALA E 4817 -35.74 57.06 -35.36
N MET E 4818 -35.38 56.86 -36.64
CA MET E 4818 -34.74 55.63 -37.05
C MET E 4818 -33.24 55.79 -37.23
N GLY E 4819 -32.73 57.03 -37.28
CA GLY E 4819 -31.32 57.27 -37.43
C GLY E 4819 -30.49 56.89 -36.23
N VAL E 4820 -30.87 57.37 -35.04
CA VAL E 4820 -30.20 56.96 -33.81
C VAL E 4820 -30.82 55.65 -33.34
N LYS E 4821 -30.00 54.82 -32.69
CA LYS E 4821 -30.47 53.55 -32.14
C LYS E 4821 -31.20 53.76 -30.81
N THR E 4822 -30.94 54.87 -30.12
CA THR E 4822 -31.58 55.13 -28.83
C THR E 4822 -33.08 55.38 -29.00
N LEU E 4823 -33.47 56.18 -29.98
CA LEU E 4823 -34.87 56.42 -30.27
C LEU E 4823 -35.44 55.50 -31.35
N ARG E 4824 -34.70 54.47 -31.76
CA ARG E 4824 -35.26 53.46 -32.63
C ARG E 4824 -36.10 52.44 -31.87
N THR E 4825 -35.74 52.18 -30.60
CA THR E 4825 -36.45 51.17 -29.82
C THR E 4825 -37.84 51.61 -29.39
N ILE E 4826 -38.11 52.93 -29.31
CA ILE E 4826 -39.46 53.39 -28.98
C ILE E 4826 -40.45 53.04 -30.08
N LEU E 4827 -40.11 53.34 -31.33
CA LEU E 4827 -41.01 52.99 -32.42
C LEU E 4827 -40.95 51.50 -32.72
N SER E 4828 -39.84 50.83 -32.38
CA SER E 4828 -39.77 49.39 -32.56
C SER E 4828 -40.51 48.61 -31.47
N SER E 4829 -40.81 49.23 -30.33
CA SER E 4829 -41.51 48.54 -29.25
C SER E 4829 -42.99 48.35 -29.54
N VAL E 4830 -43.58 49.17 -30.42
CA VAL E 4830 -44.99 49.02 -30.73
C VAL E 4830 -45.24 47.75 -31.53
N THR E 4831 -44.48 47.55 -32.60
CA THR E 4831 -44.57 46.32 -33.38
C THR E 4831 -43.85 45.15 -32.73
N HIS E 4832 -43.14 45.38 -31.62
CA HIS E 4832 -42.62 44.26 -30.83
C HIS E 4832 -43.74 43.53 -30.11
N ASN E 4833 -44.72 44.26 -29.59
CA ASN E 4833 -45.91 43.64 -29.02
C ASN E 4833 -47.17 44.22 -29.63
N GLY E 4834 -47.23 44.27 -30.95
CA GLY E 4834 -48.44 44.70 -31.61
C GLY E 4834 -49.35 43.52 -31.86
N LYS E 4835 -48.76 42.31 -31.87
CA LYS E 4835 -49.49 41.09 -32.25
C LYS E 4835 -50.61 40.78 -31.27
N GLN E 4836 -50.45 41.14 -30.00
CA GLN E 4836 -51.54 41.08 -29.04
C GLN E 4836 -52.20 42.43 -28.80
N LEU E 4837 -51.53 43.55 -29.10
CA LEU E 4837 -52.11 44.85 -28.79
C LEU E 4837 -53.21 45.23 -29.77
N VAL E 4838 -53.07 44.84 -31.05
CA VAL E 4838 -54.14 45.12 -32.00
C VAL E 4838 -55.39 44.30 -31.67
N MET E 4839 -55.21 43.09 -31.11
CA MET E 4839 -56.40 42.32 -30.77
C MET E 4839 -57.00 42.77 -29.45
N THR E 4840 -56.21 43.27 -28.50
CA THR E 4840 -56.87 43.79 -27.30
C THR E 4840 -57.42 45.20 -27.50
N VAL E 4841 -56.93 45.96 -28.49
CA VAL E 4841 -57.64 47.18 -28.81
C VAL E 4841 -58.86 46.86 -29.68
N GLY E 4842 -58.86 45.69 -30.34
CA GLY E 4842 -60.10 45.16 -30.88
C GLY E 4842 -61.09 44.77 -29.79
N LEU E 4843 -60.59 44.26 -28.66
CA LEU E 4843 -61.44 44.05 -27.49
C LEU E 4843 -62.00 45.37 -26.99
N LEU E 4844 -61.17 46.41 -26.95
CA LEU E 4844 -61.61 47.76 -26.63
C LEU E 4844 -62.66 48.27 -27.62
N ALA E 4845 -62.56 47.87 -28.89
CA ALA E 4845 -63.52 48.26 -29.90
C ALA E 4845 -64.84 47.51 -29.79
N VAL E 4846 -64.83 46.26 -29.36
CA VAL E 4846 -66.05 45.48 -29.29
C VAL E 4846 -66.75 45.56 -27.94
N VAL E 4847 -66.05 45.90 -26.85
CA VAL E 4847 -66.74 45.98 -25.56
C VAL E 4847 -67.63 47.21 -25.51
N VAL E 4848 -67.17 48.34 -26.07
CA VAL E 4848 -68.02 49.53 -26.09
C VAL E 4848 -69.08 49.41 -27.17
N TYR E 4849 -68.85 48.59 -28.20
CA TYR E 4849 -69.90 48.29 -29.18
C TYR E 4849 -70.96 47.39 -28.56
N LEU E 4850 -70.57 46.54 -27.61
CA LEU E 4850 -71.55 45.82 -26.80
C LEU E 4850 -72.31 46.78 -25.87
N TYR E 4851 -71.56 47.71 -25.26
CA TYR E 4851 -72.07 48.57 -24.19
C TYR E 4851 -72.91 49.74 -24.70
N THR E 4852 -72.90 50.04 -25.99
CA THR E 4852 -73.66 51.19 -26.46
C THR E 4852 -75.06 50.84 -26.99
N VAL E 4853 -75.35 49.57 -27.27
CA VAL E 4853 -76.69 49.25 -27.78
C VAL E 4853 -77.73 49.33 -26.66
N VAL E 4854 -77.30 49.13 -25.41
CA VAL E 4854 -78.25 49.24 -24.30
C VAL E 4854 -78.61 50.71 -24.06
N ALA E 4855 -77.69 51.63 -24.37
CA ALA E 4855 -78.02 53.06 -24.34
C ALA E 4855 -78.78 53.49 -25.58
N PHE E 4856 -78.55 52.83 -26.72
CA PHE E 4856 -79.27 53.14 -27.94
C PHE E 4856 -80.73 52.68 -27.86
N ASN E 4857 -80.99 51.59 -27.14
CA ASN E 4857 -82.35 51.07 -27.00
C ASN E 4857 -83.08 51.59 -25.78
N PHE E 4858 -82.47 51.55 -24.59
CA PHE E 4858 -83.19 51.82 -23.35
C PHE E 4858 -82.94 53.19 -22.76
N PHE E 4859 -81.85 53.87 -23.14
CA PHE E 4859 -81.53 55.17 -22.54
C PHE E 4859 -81.43 56.25 -23.59
N ARG E 4860 -82.47 56.35 -24.43
CA ARG E 4860 -82.57 57.33 -25.51
C ARG E 4860 -82.86 58.75 -25.02
N LYS E 4861 -83.09 58.95 -23.72
CA LYS E 4861 -83.63 60.20 -23.23
C LYS E 4861 -82.61 61.34 -23.22
N PHE E 4862 -81.41 61.09 -22.68
CA PHE E 4862 -80.54 62.16 -22.21
C PHE E 4862 -79.31 62.41 -23.07
N TYR E 4863 -79.01 61.55 -24.04
CA TYR E 4863 -77.80 61.70 -24.86
C TYR E 4863 -77.97 62.87 -25.81
N ASN E 4864 -77.68 64.08 -25.30
CA ASN E 4864 -77.88 65.30 -26.09
C ASN E 4864 -76.95 66.37 -25.55
N LYS E 4865 -76.12 66.95 -26.44
CA LYS E 4865 -75.23 68.05 -26.07
C LYS E 4865 -75.70 69.39 -26.64
N SER E 4866 -76.72 69.38 -27.49
CA SER E 4866 -77.26 70.61 -28.06
C SER E 4866 -78.01 71.41 -27.00
N GLU E 4867 -77.44 72.53 -26.57
CA GLU E 4867 -78.09 73.37 -25.58
C GLU E 4867 -79.24 74.19 -26.13
N ASP E 4868 -79.40 74.23 -27.46
CA ASP E 4868 -80.51 74.93 -28.09
C ASP E 4868 -81.76 74.06 -28.05
N GLU E 4869 -82.86 74.63 -27.55
CA GLU E 4869 -84.11 73.90 -27.43
C GLU E 4869 -84.79 73.73 -28.78
N ASP E 4870 -84.76 74.77 -29.61
CA ASP E 4870 -85.40 74.71 -30.92
C ASP E 4870 -84.59 73.89 -31.91
N GLU E 4871 -83.27 73.81 -31.72
CA GLU E 4871 -82.42 73.03 -32.60
C GLU E 4871 -81.88 71.81 -31.87
N PRO E 4872 -82.69 70.75 -31.71
CA PRO E 4872 -82.19 69.54 -31.05
C PRO E 4872 -81.63 68.52 -32.02
N ASP E 4873 -80.40 68.08 -31.78
CA ASP E 4873 -79.75 67.06 -32.60
C ASP E 4873 -79.06 66.13 -31.61
N MET E 4874 -79.77 65.09 -31.17
CA MET E 4874 -79.16 64.01 -30.41
C MET E 4874 -78.43 63.08 -31.37
N LYS E 4875 -77.42 62.37 -30.86
CA LYS E 4875 -76.64 61.46 -31.69
C LYS E 4875 -76.97 60.00 -31.46
N CYS E 4876 -77.90 59.69 -30.54
CA CYS E 4876 -78.42 58.33 -30.41
C CYS E 4876 -79.71 58.16 -31.23
N ASP E 4877 -79.57 58.44 -32.52
CA ASP E 4877 -80.60 58.11 -33.51
C ASP E 4877 -80.14 57.02 -34.45
N ASP E 4878 -78.88 57.06 -34.88
CA ASP E 4878 -78.26 56.01 -35.66
C ASP E 4878 -77.07 55.49 -34.87
N MET E 4879 -76.97 54.16 -34.75
CA MET E 4879 -75.95 53.60 -33.90
C MET E 4879 -74.56 53.66 -34.54
N MET E 4880 -74.48 53.84 -35.85
CA MET E 4880 -73.18 54.11 -36.47
C MET E 4880 -72.67 55.48 -36.05
N THR E 4881 -73.57 56.44 -35.86
CA THR E 4881 -73.20 57.73 -35.30
C THR E 4881 -72.90 57.61 -33.80
N CYS E 4882 -73.69 56.79 -33.10
CA CYS E 4882 -73.55 56.64 -31.65
C CYS E 4882 -72.23 55.94 -31.29
N TYR E 4883 -71.80 54.98 -32.11
CA TYR E 4883 -70.57 54.26 -31.83
C TYR E 4883 -69.33 55.11 -32.11
N LEU E 4884 -69.38 55.94 -33.16
CA LEU E 4884 -68.31 56.91 -33.41
C LEU E 4884 -68.27 57.96 -32.30
N PHE E 4885 -69.43 58.40 -31.82
CA PHE E 4885 -69.51 59.27 -30.65
C PHE E 4885 -68.91 58.61 -29.40
N HIS E 4886 -69.20 57.33 -29.20
CA HIS E 4886 -68.76 56.65 -27.98
C HIS E 4886 -67.26 56.40 -28.00
N MET E 4887 -66.69 55.97 -29.12
CA MET E 4887 -65.23 55.94 -29.16
C MET E 4887 -64.59 57.31 -29.38
N TYR E 4888 -65.36 58.37 -29.59
CA TYR E 4888 -64.78 59.70 -29.57
C TYR E 4888 -64.67 60.27 -28.15
N VAL E 4889 -65.58 59.95 -27.23
CA VAL E 4889 -65.49 60.54 -25.90
C VAL E 4889 -65.20 59.55 -24.78
N GLY E 4890 -65.57 58.26 -24.91
CA GLY E 4890 -65.50 57.36 -23.78
C GLY E 4890 -64.11 56.85 -23.43
N VAL E 4891 -63.31 56.51 -24.44
CA VAL E 4891 -61.90 56.16 -24.21
C VAL E 4891 -61.05 57.43 -24.06
N ARG E 4892 -61.66 58.59 -24.28
CA ARG E 4892 -61.04 59.91 -24.35
C ARG E 4892 -61.04 60.66 -23.03
N ALA E 4893 -62.21 60.88 -22.43
CA ALA E 4893 -62.36 61.88 -21.37
C ALA E 4893 -61.72 61.42 -20.06
N GLY E 4894 -61.71 60.12 -19.79
CA GLY E 4894 -61.12 59.61 -18.57
C GLY E 4894 -61.92 59.84 -17.32
N GLY E 4895 -63.16 60.28 -17.43
CA GLY E 4895 -64.01 60.49 -16.28
C GLY E 4895 -65.42 59.96 -16.49
N GLY E 4896 -65.54 58.89 -17.25
CA GLY E 4896 -66.81 58.27 -17.53
C GLY E 4896 -67.39 58.73 -18.86
N ILE E 4897 -68.69 58.51 -19.01
CA ILE E 4897 -69.41 58.94 -20.20
C ILE E 4897 -70.45 60.01 -19.90
N GLY E 4898 -70.94 60.09 -18.66
CA GLY E 4898 -72.05 60.97 -18.34
C GLY E 4898 -71.63 62.35 -17.89
N ASP E 4899 -70.50 62.82 -18.41
CA ASP E 4899 -70.13 64.22 -18.27
C ASP E 4899 -70.39 65.01 -19.55
N GLU E 4900 -70.44 64.35 -20.71
CA GLU E 4900 -71.00 64.96 -21.90
C GLU E 4900 -72.51 65.13 -21.79
N ILE E 4901 -73.16 64.30 -20.97
CA ILE E 4901 -74.59 64.29 -20.75
C ILE E 4901 -74.86 65.00 -19.43
N GLU E 4902 -75.92 65.81 -19.39
CA GLU E 4902 -76.27 66.59 -18.21
C GLU E 4902 -76.71 65.68 -17.05
N ASP E 4903 -76.98 66.31 -15.91
CA ASP E 4903 -77.15 65.59 -14.65
C ASP E 4903 -78.49 64.85 -14.61
N PRO E 4904 -78.50 63.60 -14.14
CA PRO E 4904 -79.77 62.84 -14.00
C PRO E 4904 -80.59 63.25 -12.79
N ALA E 4905 -81.28 64.38 -12.90
CA ALA E 4905 -82.13 64.86 -11.83
C ALA E 4905 -83.47 64.14 -11.79
N GLY E 4906 -83.85 63.47 -12.87
CA GLY E 4906 -85.13 62.79 -12.92
C GLY E 4906 -85.08 61.39 -12.36
N ASP E 4907 -86.26 60.87 -12.01
CA ASP E 4907 -86.42 59.54 -11.47
C ASP E 4907 -86.59 58.46 -12.55
N GLU E 4908 -86.53 58.83 -13.82
CA GLU E 4908 -86.66 57.87 -14.92
C GLU E 4908 -85.37 57.05 -15.02
N TYR E 4909 -85.38 55.87 -14.40
CA TYR E 4909 -84.24 54.95 -14.30
C TYR E 4909 -83.00 55.64 -13.75
N GLU E 4910 -83.14 56.17 -12.53
CA GLU E 4910 -82.06 56.96 -11.95
C GLU E 4910 -80.94 56.06 -11.42
N LEU E 4911 -81.30 55.03 -10.67
CA LEU E 4911 -80.31 54.14 -10.05
C LEU E 4911 -79.81 53.06 -11.00
N TYR E 4912 -80.28 53.04 -12.25
CA TYR E 4912 -79.71 52.15 -13.26
C TYR E 4912 -78.64 52.84 -14.08
N ARG E 4913 -78.77 54.15 -14.34
CA ARG E 4913 -77.70 54.86 -15.05
C ARG E 4913 -76.48 55.04 -14.18
N VAL E 4914 -76.63 55.08 -12.86
CA VAL E 4914 -75.47 55.14 -11.98
C VAL E 4914 -74.73 53.81 -11.90
N VAL E 4915 -75.34 52.73 -12.37
CA VAL E 4915 -74.65 51.46 -12.54
C VAL E 4915 -74.03 51.38 -13.94
N PHE E 4916 -74.79 51.88 -14.92
CA PHE E 4916 -74.33 51.98 -16.31
C PHE E 4916 -73.02 52.76 -16.43
N ASP E 4917 -72.97 53.95 -15.82
CA ASP E 4917 -71.81 54.82 -16.01
C ASP E 4917 -70.57 54.26 -15.32
N ILE E 4918 -70.74 53.67 -14.14
CA ILE E 4918 -69.56 53.15 -13.44
C ILE E 4918 -69.15 51.77 -13.97
N THR E 4919 -70.04 51.02 -14.62
CA THR E 4919 -69.55 49.81 -15.28
C THR E 4919 -69.01 50.10 -16.68
N PHE E 4920 -69.22 51.31 -17.19
CA PHE E 4920 -68.36 51.83 -18.25
C PHE E 4920 -67.01 52.27 -17.68
N PHE E 4921 -67.05 52.95 -16.52
CA PHE E 4921 -65.87 53.57 -15.92
C PHE E 4921 -64.87 52.55 -15.39
N PHE E 4922 -65.35 51.54 -14.67
CA PHE E 4922 -64.45 50.54 -14.11
C PHE E 4922 -63.82 49.68 -15.18
N PHE E 4923 -64.43 49.62 -16.37
CA PHE E 4923 -63.90 48.75 -17.42
C PHE E 4923 -62.99 49.49 -18.41
N VAL E 4924 -63.47 50.56 -19.04
CA VAL E 4924 -62.81 50.99 -20.28
C VAL E 4924 -61.74 52.06 -20.04
N ILE E 4925 -61.76 52.75 -18.91
CA ILE E 4925 -60.70 53.72 -18.63
C ILE E 4925 -59.78 53.20 -17.51
N VAL E 4926 -60.35 52.53 -16.51
CA VAL E 4926 -59.57 52.10 -15.35
C VAL E 4926 -58.66 50.94 -15.70
N ILE E 4927 -59.18 49.94 -16.39
CA ILE E 4927 -58.47 48.68 -16.60
C ILE E 4927 -57.88 48.61 -18.00
N LEU E 4928 -58.75 48.53 -19.01
CA LEU E 4928 -58.33 48.22 -20.38
C LEU E 4928 -57.54 49.36 -21.04
N LEU E 4929 -57.49 50.55 -20.45
CA LEU E 4929 -56.47 51.50 -20.89
C LEU E 4929 -55.14 51.24 -20.21
N ALA E 4930 -55.17 50.77 -18.96
CA ALA E 4930 -53.93 50.49 -18.24
C ALA E 4930 -53.22 49.27 -18.79
N ILE E 4931 -53.94 48.34 -19.43
CA ILE E 4931 -53.27 47.28 -20.20
C ILE E 4931 -52.48 47.85 -21.37
N ILE E 4932 -53.06 48.80 -22.11
CA ILE E 4932 -52.35 49.37 -23.25
C ILE E 4932 -51.18 50.25 -22.79
N GLN E 4933 -51.29 50.84 -21.61
CA GLN E 4933 -50.15 51.52 -20.99
C GLN E 4933 -49.04 50.53 -20.64
N GLY E 4934 -49.40 49.44 -19.94
CA GLY E 4934 -48.43 48.45 -19.49
C GLY E 4934 -47.73 47.70 -20.58
N LEU E 4935 -48.43 47.31 -21.64
CA LEU E 4935 -47.84 46.58 -22.76
C LEU E 4935 -46.90 47.44 -23.61
N ILE E 4936 -46.82 48.74 -23.34
CA ILE E 4936 -45.82 49.62 -23.94
C ILE E 4936 -44.67 49.88 -22.98
N ILE E 4937 -45.00 50.24 -21.73
CA ILE E 4937 -43.96 50.68 -20.79
C ILE E 4937 -43.14 49.51 -20.27
N ASP E 4938 -43.82 48.38 -20.05
CA ASP E 4938 -43.09 47.16 -19.58
C ASP E 4938 -42.13 46.75 -20.71
N ALA E 4939 -42.63 46.69 -21.94
CA ALA E 4939 -41.82 46.26 -23.07
C ALA E 4939 -40.64 47.20 -23.29
N PHE E 4940 -40.85 48.51 -23.05
CA PHE E 4940 -39.77 49.48 -22.99
C PHE E 4940 -38.73 49.07 -21.95
N GLY E 4941 -39.19 48.66 -20.76
CA GLY E 4941 -38.27 48.24 -19.72
C GLY E 4941 -37.50 46.98 -20.08
N GLU E 4942 -38.20 46.01 -20.69
CA GLU E 4942 -37.57 44.74 -21.07
C GLU E 4942 -36.51 44.96 -22.14
N LEU E 4943 -36.83 45.74 -23.17
CA LEU E 4943 -35.87 46.01 -24.24
C LEU E 4943 -34.70 46.88 -23.79
N ARG E 4944 -34.92 47.87 -22.93
CA ARG E 4944 -33.77 48.67 -22.51
C ARG E 4944 -32.91 47.90 -21.52
N ASP E 4945 -33.47 46.98 -20.75
CA ASP E 4945 -32.63 46.15 -19.88
C ASP E 4945 -31.82 45.14 -20.69
N GLN E 4946 -32.41 44.55 -21.74
CA GLN E 4946 -31.61 43.67 -22.57
C GLN E 4946 -30.72 44.42 -23.55
N GLN E 4947 -30.88 45.74 -23.68
CA GLN E 4947 -29.90 46.55 -24.42
C GLN E 4947 -28.55 46.57 -23.73
N GLU E 4948 -28.52 46.43 -22.40
CA GLU E 4948 -27.28 46.48 -21.63
C GLU E 4948 -26.97 45.17 -20.91
N GLN E 4949 -27.84 44.18 -20.93
CA GLN E 4949 -27.36 42.86 -20.49
C GLN E 4949 -26.45 42.23 -21.52
N VAL E 4950 -26.53 42.65 -22.79
CA VAL E 4950 -25.50 42.24 -23.73
C VAL E 4950 -24.18 42.97 -23.44
N LYS E 4951 -24.26 44.20 -22.89
CA LYS E 4951 -23.07 44.87 -22.39
C LYS E 4951 -22.48 44.11 -21.20
N GLU E 4952 -23.36 43.59 -20.33
CA GLU E 4952 -22.93 42.70 -19.26
C GLU E 4952 -22.28 41.42 -19.79
N ASP E 4953 -22.81 40.89 -20.90
CA ASP E 4953 -22.26 39.66 -21.48
C ASP E 4953 -20.88 39.89 -22.08
N MET E 4954 -20.69 41.03 -22.76
CA MET E 4954 -19.34 41.38 -23.23
C MET E 4954 -18.41 41.69 -22.07
N GLU E 4955 -18.94 42.24 -20.97
CA GLU E 4955 -18.11 42.66 -19.85
C GLU E 4955 -17.67 41.47 -18.99
N THR E 4956 -18.46 40.41 -18.93
CA THR E 4956 -18.13 39.27 -18.09
C THR E 4956 -17.76 38.01 -18.85
N LYS E 4957 -18.50 37.63 -19.89
CA LYS E 4957 -18.21 36.39 -20.59
C LYS E 4957 -16.99 36.54 -21.52
N CYS E 4958 -16.81 35.57 -22.41
CA CYS E 4958 -15.50 35.27 -22.99
C CYS E 4958 -15.43 35.39 -24.50
N PHE E 4959 -16.57 35.35 -25.21
CA PHE E 4959 -16.74 35.48 -26.67
C PHE E 4959 -16.22 34.29 -27.47
N ILE E 4960 -15.57 33.32 -26.81
CA ILE E 4960 -15.04 32.14 -27.48
C ILE E 4960 -15.67 30.90 -26.87
N CYS E 4961 -15.51 30.73 -25.57
CA CYS E 4961 -15.89 29.54 -24.83
C CYS E 4961 -16.80 29.90 -23.66
N GLY E 4962 -17.05 28.93 -22.78
CA GLY E 4962 -17.99 29.13 -21.68
C GLY E 4962 -17.37 29.25 -20.30
N ILE E 4963 -16.28 30.01 -20.18
CA ILE E 4963 -15.65 30.30 -18.88
C ILE E 4963 -15.92 31.76 -18.54
N GLY E 4964 -16.52 31.99 -17.37
CA GLY E 4964 -16.78 33.32 -16.88
C GLY E 4964 -15.57 33.95 -16.21
N SER E 4965 -15.70 35.24 -15.90
CA SER E 4965 -14.59 36.03 -15.39
C SER E 4965 -14.45 35.98 -13.88
N ASP E 4966 -15.29 35.21 -13.17
CA ASP E 4966 -15.21 35.16 -11.72
C ASP E 4966 -13.98 34.41 -11.23
N TYR E 4967 -13.48 33.44 -11.99
CA TYR E 4967 -12.29 32.69 -11.58
C TYR E 4967 -11.00 33.29 -12.12
N PHE E 4968 -11.07 34.40 -12.87
CA PHE E 4968 -9.87 35.13 -13.26
C PHE E 4968 -9.52 36.21 -12.25
N ASP E 4969 -10.12 36.17 -11.06
CA ASP E 4969 -9.93 37.22 -10.07
C ASP E 4969 -8.70 36.98 -9.20
N THR E 4970 -8.23 35.73 -9.08
CA THR E 4970 -7.04 35.46 -8.28
C THR E 4970 -5.80 36.01 -8.95
N THR E 4971 -5.67 35.84 -10.25
CA THR E 4971 -4.60 36.48 -11.01
C THR E 4971 -4.88 37.98 -11.08
N PRO E 4972 -3.95 38.84 -10.67
CA PRO E 4972 -4.21 40.28 -10.70
C PRO E 4972 -4.20 40.82 -12.13
N HIS E 4973 -5.24 41.59 -12.44
CA HIS E 4973 -5.63 42.10 -13.77
C HIS E 4973 -5.44 41.05 -14.89
N GLY E 4974 -5.99 39.86 -14.64
CA GLY E 4974 -5.96 38.77 -15.60
C GLY E 4974 -7.07 38.81 -16.62
N PHE E 4975 -7.88 39.86 -16.59
CA PHE E 4975 -8.96 40.05 -17.55
C PHE E 4975 -8.44 40.51 -18.91
N GLU E 4976 -7.60 41.55 -18.91
CA GLU E 4976 -7.18 42.16 -20.18
C GLU E 4976 -6.11 41.33 -20.90
N THR E 4977 -5.29 40.58 -20.16
CA THR E 4977 -4.30 39.74 -20.82
C THR E 4977 -4.97 38.57 -21.54
N HIS E 4978 -6.17 38.20 -21.13
CA HIS E 4978 -6.96 37.20 -21.82
C HIS E 4978 -7.90 37.81 -22.86
N THR E 4979 -8.27 39.07 -22.71
CA THR E 4979 -9.21 39.72 -23.63
C THR E 4979 -8.53 40.30 -24.86
N LEU E 4980 -7.39 40.96 -24.71
CA LEU E 4980 -6.80 41.69 -25.83
C LEU E 4980 -6.00 40.81 -26.79
N GLU E 4981 -5.24 39.84 -26.29
CA GLU E 4981 -4.31 39.10 -27.14
C GLU E 4981 -4.74 37.66 -27.41
N GLU E 4982 -5.04 36.88 -26.37
CA GLU E 4982 -5.29 35.45 -26.58
C GLU E 4982 -6.68 35.19 -27.17
N HIS E 4983 -7.73 35.51 -26.41
CA HIS E 4983 -9.09 35.32 -26.90
C HIS E 4983 -9.58 36.66 -27.45
N ASN E 4984 -9.09 37.00 -28.64
CA ASN E 4984 -9.39 38.28 -29.28
C ASN E 4984 -10.25 38.06 -30.51
N LEU E 4985 -11.07 39.05 -30.83
CA LEU E 4985 -12.00 38.94 -31.95
C LEU E 4985 -11.33 39.30 -33.27
N ALA E 4986 -10.33 40.19 -33.24
CA ALA E 4986 -9.67 40.65 -34.45
C ALA E 4986 -8.53 39.74 -34.91
N ASN E 4987 -7.80 39.14 -33.97
CA ASN E 4987 -6.64 38.33 -34.34
C ASN E 4987 -7.06 37.01 -34.99
N TYR E 4988 -8.24 36.48 -34.67
CA TYR E 4988 -8.69 35.26 -35.35
C TYR E 4988 -9.09 35.52 -36.79
N MET E 4989 -9.73 36.66 -37.08
CA MET E 4989 -10.00 36.96 -38.47
C MET E 4989 -8.73 37.38 -39.22
N PHE E 4990 -7.73 37.89 -38.51
CA PHE E 4990 -6.40 38.04 -39.12
C PHE E 4990 -5.76 36.68 -39.44
N PHE E 4991 -5.97 35.69 -38.57
CA PHE E 4991 -5.49 34.33 -38.82
C PHE E 4991 -6.22 33.71 -40.00
N LEU E 4992 -7.51 34.02 -40.15
CA LEU E 4992 -8.26 33.57 -41.32
C LEU E 4992 -7.80 34.32 -42.57
N MET E 4993 -7.33 35.56 -42.42
CA MET E 4993 -6.83 36.35 -43.55
C MET E 4993 -5.52 35.78 -44.09
N TYR E 4994 -4.54 35.57 -43.22
CA TYR E 4994 -3.18 35.32 -43.71
C TYR E 4994 -3.00 33.92 -44.31
N LEU E 4995 -3.95 33.00 -44.08
CA LEU E 4995 -3.93 31.68 -44.69
C LEU E 4995 -4.53 31.63 -46.09
N ILE E 4996 -4.98 32.75 -46.63
CA ILE E 4996 -5.60 32.72 -47.96
C ILE E 4996 -4.61 33.10 -49.07
N ASN E 4997 -3.79 34.12 -48.84
CA ASN E 4997 -2.97 34.69 -49.90
C ASN E 4997 -1.83 33.74 -50.30
N LYS E 4998 -1.04 33.28 -49.33
CA LYS E 4998 0.10 32.46 -49.69
C LYS E 4998 -0.34 31.02 -49.95
N ASP E 4999 0.57 30.22 -50.48
CA ASP E 4999 0.26 28.88 -50.95
C ASP E 4999 0.20 27.87 -49.80
N GLU E 5000 -0.53 26.77 -50.04
CA GLU E 5000 -0.63 25.67 -49.08
C GLU E 5000 0.50 24.65 -49.22
N THR E 5001 1.48 24.89 -50.09
CA THR E 5001 2.76 24.20 -50.01
C THR E 5001 3.69 24.85 -48.98
N GLU E 5002 3.25 25.92 -48.33
CA GLU E 5002 3.89 26.55 -47.17
C GLU E 5002 3.29 26.13 -45.83
N HIS E 5003 2.03 25.72 -45.80
CA HIS E 5003 1.38 25.51 -44.51
C HIS E 5003 1.82 24.20 -43.88
N THR E 5004 1.74 24.19 -42.55
CA THR E 5004 2.27 23.12 -41.72
C THR E 5004 1.17 22.13 -41.37
N GLY E 5005 1.45 21.25 -40.41
CA GLY E 5005 0.47 20.28 -39.98
C GLY E 5005 -0.73 20.93 -39.30
N GLN E 5006 -0.48 21.83 -38.36
CA GLN E 5006 -1.58 22.57 -37.74
C GLN E 5006 -2.22 23.60 -38.67
N GLU E 5007 -1.43 24.21 -39.56
CA GLU E 5007 -2.01 25.18 -40.49
C GLU E 5007 -2.87 24.51 -41.57
N SER E 5008 -2.63 23.24 -41.87
CA SER E 5008 -3.57 22.50 -42.71
C SER E 5008 -4.69 21.86 -41.90
N TYR E 5009 -4.42 21.55 -40.63
CA TYR E 5009 -5.43 21.04 -39.71
C TYR E 5009 -6.55 22.05 -39.50
N VAL E 5010 -6.21 23.34 -39.48
CA VAL E 5010 -7.22 24.37 -39.24
C VAL E 5010 -8.01 24.70 -40.51
N TRP E 5011 -7.54 24.28 -41.68
CA TRP E 5011 -8.16 24.70 -42.94
C TRP E 5011 -8.92 23.56 -43.64
N LYS E 5012 -8.44 22.31 -43.53
CA LYS E 5012 -9.04 21.23 -44.29
C LYS E 5012 -10.42 20.80 -43.79
N MET E 5013 -10.79 21.15 -42.56
CA MET E 5013 -12.19 21.05 -42.18
C MET E 5013 -12.86 22.42 -42.06
N TYR E 5014 -12.11 23.51 -42.19
CA TYR E 5014 -12.74 24.81 -42.34
C TYR E 5014 -13.46 24.92 -43.69
N GLN E 5015 -12.88 24.33 -44.73
CA GLN E 5015 -13.52 24.41 -46.04
C GLN E 5015 -14.79 23.56 -46.12
N GLU E 5016 -14.84 22.44 -45.42
CA GLU E 5016 -16.06 21.64 -45.33
C GLU E 5016 -16.89 22.00 -44.11
N ARG E 5017 -16.44 22.99 -43.35
CA ARG E 5017 -17.23 23.79 -42.41
C ARG E 5017 -17.82 22.95 -41.28
N CYS E 5018 -16.92 22.41 -40.45
CA CYS E 5018 -17.25 21.79 -39.18
C CYS E 5018 -16.37 22.40 -38.09
N TRP E 5019 -16.99 22.93 -37.02
CA TRP E 5019 -16.25 23.80 -36.09
C TRP E 5019 -16.19 23.33 -34.63
N ASP E 5020 -15.84 22.08 -34.38
CA ASP E 5020 -15.42 21.70 -33.04
C ASP E 5020 -13.91 21.89 -32.82
N PHE E 5021 -13.28 22.79 -33.57
CA PHE E 5021 -11.85 23.01 -33.41
C PHE E 5021 -11.54 24.08 -32.37
N PHE E 5022 -12.51 24.92 -32.03
CA PHE E 5022 -12.37 25.81 -30.89
C PHE E 5022 -12.41 25.00 -29.59
N PRO E 5023 -11.82 25.55 -28.46
CA PRO E 5023 -11.75 24.77 -27.21
C PRO E 5023 -13.08 24.36 -26.61
N ALA E 5024 -13.91 25.37 -26.31
CA ALA E 5024 -15.23 25.22 -25.68
C ALA E 5024 -15.15 24.47 -24.35
N GLY E 5025 -14.33 25.01 -23.44
CA GLY E 5025 -14.25 24.48 -22.09
C GLY E 5025 -12.91 24.52 -21.39
N ASP E 5026 -11.82 24.76 -22.12
CA ASP E 5026 -10.48 24.76 -21.51
C ASP E 5026 -9.57 25.70 -22.29
N CYS E 5027 -9.08 26.75 -21.63
CA CYS E 5027 -8.10 27.65 -22.24
C CYS E 5027 -7.23 28.22 -21.12
N PHE E 5028 -6.01 27.63 -20.98
CA PHE E 5028 -4.91 28.20 -20.20
C PHE E 5028 -5.13 28.24 -18.68
N ARG E 5029 -6.25 27.70 -18.19
CA ARG E 5029 -6.60 27.91 -16.80
C ARG E 5029 -7.11 26.69 -16.03
N LYS E 5030 -7.78 25.75 -16.68
CA LYS E 5030 -8.53 24.72 -15.95
C LYS E 5030 -7.60 23.63 -15.43
N GLN E 5031 -6.93 22.92 -16.34
CA GLN E 5031 -6.03 21.84 -15.96
C GLN E 5031 -4.58 22.09 -16.39
N TYR E 5032 -4.29 23.29 -16.88
CA TYR E 5032 -2.93 23.75 -17.07
C TYR E 5032 -2.38 24.48 -15.84
N GLU E 5033 -3.10 24.44 -14.72
CA GLU E 5033 -2.68 25.13 -13.51
C GLU E 5033 -1.73 24.30 -12.66
N ASP E 5034 -1.68 22.99 -12.89
CA ASP E 5034 -0.82 22.11 -12.09
C ASP E 5034 0.66 22.31 -12.37
N GLN E 5035 1.03 22.65 -13.61
CA GLN E 5035 2.42 22.95 -13.96
C GLN E 5035 2.65 24.42 -14.22
N LEU E 5036 1.87 25.31 -13.60
CA LEU E 5036 1.99 26.73 -13.83
C LEU E 5036 2.48 27.41 -12.56
N SER E 5037 3.61 28.10 -12.67
CA SER E 5037 4.22 28.78 -11.54
C SER E 5037 4.01 30.28 -11.62
N GLY F 1 52.42 -36.26 -116.44
CA GLY F 1 51.84 -36.84 -117.65
C GLY F 1 50.33 -36.70 -117.70
N VAL F 2 49.83 -35.92 -118.65
CA VAL F 2 48.41 -35.64 -118.80
C VAL F 2 47.93 -36.17 -120.14
N GLU F 3 46.81 -36.90 -120.10
CA GLU F 3 46.15 -37.42 -121.29
C GLU F 3 45.13 -36.41 -121.78
N ILE F 4 45.14 -36.16 -123.09
CA ILE F 4 44.22 -35.21 -123.72
C ILE F 4 43.37 -35.98 -124.73
N GLU F 5 42.06 -35.75 -124.67
CA GLU F 5 41.13 -36.28 -125.67
C GLU F 5 40.24 -35.14 -126.14
N THR F 6 40.21 -34.91 -127.45
CA THR F 6 39.35 -33.86 -128.00
C THR F 6 37.88 -34.29 -127.93
N ILE F 7 37.00 -33.29 -128.01
CA ILE F 7 35.57 -33.52 -127.92
C ILE F 7 34.91 -33.07 -129.21
N SER F 8 35.15 -31.81 -129.60
CA SER F 8 34.66 -31.30 -130.87
C SER F 8 35.82 -30.75 -131.68
N PRO F 9 35.85 -30.95 -132.99
CA PRO F 9 36.97 -30.45 -133.79
C PRO F 9 36.93 -28.94 -133.95
N GLY F 10 38.11 -28.33 -133.82
CA GLY F 10 38.23 -26.89 -133.92
C GLY F 10 38.99 -26.44 -135.15
N ASP F 11 40.01 -25.60 -134.95
CA ASP F 11 40.77 -25.02 -136.06
C ASP F 11 42.02 -25.83 -136.38
N GLY F 12 42.91 -26.00 -135.40
CA GLY F 12 44.23 -26.52 -135.68
C GLY F 12 45.20 -25.49 -136.24
N ARG F 13 44.84 -24.20 -136.16
CA ARG F 13 45.62 -23.11 -136.72
C ARG F 13 46.49 -22.37 -135.72
N THR F 14 45.95 -21.96 -134.56
CA THR F 14 46.69 -21.15 -133.59
C THR F 14 46.77 -21.86 -132.25
N PHE F 15 48.00 -22.23 -131.85
CA PHE F 15 48.18 -22.68 -130.48
C PHE F 15 49.12 -21.74 -129.74
N PRO F 16 48.84 -21.43 -128.48
CA PRO F 16 49.50 -20.28 -127.85
C PRO F 16 50.92 -20.55 -127.37
N LYS F 17 51.69 -19.46 -127.28
CA LYS F 17 53.03 -19.45 -126.71
C LYS F 17 53.14 -18.27 -125.74
N LYS F 18 54.34 -17.97 -125.26
CA LYS F 18 54.56 -16.92 -124.28
C LYS F 18 54.27 -15.55 -124.90
N GLY F 19 53.51 -14.72 -124.18
CA GLY F 19 53.11 -13.41 -124.67
C GLY F 19 51.77 -13.43 -125.36
N GLN F 20 50.81 -14.14 -124.76
CA GLN F 20 49.49 -14.32 -125.37
C GLN F 20 48.45 -14.47 -124.28
N THR F 21 47.45 -13.59 -124.31
CA THR F 21 46.27 -13.74 -123.46
C THR F 21 45.31 -14.71 -124.11
N CYS F 22 44.57 -15.43 -123.27
CA CYS F 22 43.73 -16.55 -123.67
C CYS F 22 42.45 -16.56 -122.84
N VAL F 23 41.35 -16.98 -123.46
CA VAL F 23 40.09 -17.18 -122.76
C VAL F 23 39.68 -18.65 -122.88
N VAL F 24 39.34 -19.25 -121.75
CA VAL F 24 38.93 -20.66 -121.68
C VAL F 24 37.61 -20.73 -120.91
N HIS F 25 36.58 -21.31 -121.53
CA HIS F 25 35.26 -21.38 -120.89
C HIS F 25 35.06 -22.75 -120.26
N TYR F 26 35.70 -22.91 -119.10
CA TYR F 26 35.99 -24.22 -118.53
C TYR F 26 34.90 -24.69 -117.57
N THR F 27 34.87 -26.01 -117.37
CA THR F 27 34.02 -26.66 -116.38
C THR F 27 34.86 -27.70 -115.65
N GLY F 28 34.53 -27.94 -114.38
CA GLY F 28 35.31 -28.85 -113.55
C GLY F 28 34.43 -29.88 -112.87
N MET F 29 34.96 -31.10 -112.76
CA MET F 29 34.21 -32.22 -112.21
C MET F 29 35.21 -33.31 -111.82
N LEU F 30 35.10 -33.76 -110.58
CA LEU F 30 36.07 -34.65 -109.95
C LEU F 30 35.79 -36.08 -110.39
N GLN F 31 36.49 -37.07 -109.81
CA GLN F 31 36.43 -38.35 -110.48
C GLN F 31 35.19 -39.13 -110.02
N ASN F 32 34.67 -38.81 -108.83
CA ASN F 32 33.47 -39.43 -108.29
C ASN F 32 32.19 -38.79 -108.80
N GLY F 33 32.26 -37.93 -109.81
CA GLY F 33 31.07 -37.41 -110.46
C GLY F 33 30.42 -36.22 -109.80
N LYS F 34 31.19 -35.37 -109.12
CA LYS F 34 30.66 -34.21 -108.42
C LYS F 34 31.17 -32.93 -109.05
N LYS F 35 30.33 -31.91 -109.04
CA LYS F 35 30.68 -30.59 -109.54
C LYS F 35 31.45 -29.81 -108.48
N PHE F 36 32.49 -29.09 -108.92
CA PHE F 36 33.15 -28.16 -108.01
C PHE F 36 33.47 -26.79 -108.61
N ASP F 37 33.78 -26.69 -109.91
CA ASP F 37 34.14 -25.42 -110.55
C ASP F 37 33.46 -25.30 -111.91
N SER F 38 33.18 -24.06 -112.30
CA SER F 38 32.69 -23.73 -113.63
C SER F 38 32.80 -22.23 -113.88
N SER F 39 32.64 -21.86 -115.15
CA SER F 39 32.37 -20.48 -115.54
C SER F 39 31.03 -20.33 -116.24
N ARG F 40 30.27 -21.43 -116.34
CA ARG F 40 28.89 -21.38 -116.85
C ARG F 40 28.00 -20.58 -115.92
N ASP F 41 28.26 -20.70 -114.62
CA ASP F 41 27.51 -20.07 -113.55
C ASP F 41 27.79 -18.58 -113.45
N ARG F 42 28.86 -18.13 -114.10
CA ARG F 42 29.38 -16.77 -114.06
C ARG F 42 28.77 -15.88 -115.12
N ASN F 43 28.56 -16.43 -116.32
CA ASN F 43 28.42 -15.69 -117.59
C ASN F 43 29.61 -14.76 -117.83
N LYS F 44 30.80 -15.21 -117.41
CA LYS F 44 32.04 -14.53 -117.66
C LYS F 44 32.98 -15.55 -118.29
N PRO F 45 33.74 -15.17 -119.33
CA PRO F 45 34.89 -15.99 -119.72
C PRO F 45 36.08 -15.74 -118.81
N PHE F 46 36.76 -16.82 -118.41
CA PHE F 46 37.94 -16.64 -117.57
C PHE F 46 39.11 -16.12 -118.39
N LYS F 47 39.73 -15.04 -117.91
CA LYS F 47 40.80 -14.36 -118.64
C LYS F 47 42.12 -14.48 -117.89
N PHE F 48 43.14 -14.97 -118.58
CA PHE F 48 44.48 -15.08 -118.03
C PHE F 48 45.45 -15.13 -119.20
N ARG F 49 46.74 -15.04 -118.89
CA ARG F 49 47.75 -15.29 -119.91
C ARG F 49 48.84 -16.22 -119.40
N ILE F 50 49.41 -16.99 -120.33
CA ILE F 50 50.27 -18.13 -120.02
C ILE F 50 51.66 -17.62 -119.66
N GLY F 51 52.35 -18.34 -118.78
CA GLY F 51 53.69 -18.00 -118.38
C GLY F 51 53.77 -17.04 -117.19
N LYS F 52 52.63 -16.66 -116.61
CA LYS F 52 52.61 -15.82 -115.43
C LYS F 52 52.54 -16.63 -114.14
N GLN F 53 52.69 -17.96 -114.23
CA GLN F 53 52.52 -18.93 -113.16
C GLN F 53 51.17 -18.77 -112.48
N GLU F 54 50.13 -18.46 -113.26
CA GLU F 54 48.81 -18.22 -112.70
C GLU F 54 48.07 -19.53 -112.50
N VAL F 55 47.92 -20.31 -113.55
CA VAL F 55 47.29 -21.63 -113.44
C VAL F 55 48.32 -22.61 -112.93
N ILE F 56 47.86 -23.76 -112.44
CA ILE F 56 48.75 -24.80 -111.95
C ILE F 56 49.41 -25.48 -113.15
N LYS F 57 50.60 -26.06 -112.93
CA LYS F 57 51.42 -26.57 -114.02
C LYS F 57 50.84 -27.80 -114.72
N GLY F 58 49.82 -28.44 -114.13
CA GLY F 58 49.09 -29.45 -114.87
C GLY F 58 48.08 -28.88 -115.86
N PHE F 59 47.80 -27.58 -115.77
CA PHE F 59 46.94 -26.89 -116.72
C PHE F 59 47.71 -25.97 -117.65
N GLU F 60 48.88 -25.48 -117.22
CA GLU F 60 49.57 -24.46 -118.01
C GLU F 60 50.23 -25.06 -119.25
N GLU F 61 50.48 -26.37 -119.24
CA GLU F 61 51.01 -27.03 -120.43
C GLU F 61 49.93 -27.62 -121.31
N GLY F 62 48.76 -27.93 -120.74
CA GLY F 62 47.64 -28.37 -121.55
C GLY F 62 46.86 -27.25 -122.18
N ALA F 63 46.99 -26.03 -121.66
CA ALA F 63 46.34 -24.87 -122.25
C ALA F 63 47.13 -24.26 -123.40
N ALA F 64 48.37 -24.70 -123.62
CA ALA F 64 49.21 -24.18 -124.69
C ALA F 64 49.24 -25.09 -125.92
N GLN F 65 48.42 -26.14 -125.94
CA GLN F 65 48.44 -27.11 -127.03
C GLN F 65 47.15 -27.12 -127.84
N MET F 66 46.16 -26.31 -127.48
CA MET F 66 44.88 -26.34 -128.17
C MET F 66 44.71 -25.09 -129.05
N SER F 67 43.55 -25.02 -129.71
CA SER F 67 43.34 -24.04 -130.77
C SER F 67 41.94 -23.44 -130.63
N LEU F 68 41.56 -22.65 -131.64
CA LEU F 68 40.24 -22.04 -131.62
C LEU F 68 39.15 -23.06 -131.91
N GLY F 69 38.02 -22.91 -131.22
CA GLY F 69 36.88 -23.79 -131.42
C GLY F 69 37.04 -25.20 -130.93
N GLN F 70 38.03 -25.45 -130.08
CA GLN F 70 38.42 -26.81 -129.74
C GLN F 70 37.97 -27.14 -128.33
N ARG F 71 37.15 -28.17 -128.21
CA ARG F 71 36.75 -28.70 -126.92
C ARG F 71 37.56 -29.95 -126.63
N ALA F 72 38.25 -29.96 -125.48
CA ALA F 72 39.13 -31.07 -125.13
C ALA F 72 38.74 -31.62 -123.78
N LYS F 73 39.38 -32.74 -123.43
CA LYS F 73 39.18 -33.42 -122.15
C LYS F 73 40.53 -33.76 -121.56
N LEU F 74 40.88 -33.12 -120.46
CA LEU F 74 42.16 -33.31 -119.79
C LEU F 74 41.94 -33.91 -118.42
N THR F 75 42.60 -35.04 -118.16
CA THR F 75 42.51 -35.74 -116.88
C THR F 75 43.83 -35.53 -116.13
N CYS F 76 43.81 -34.65 -115.14
CA CYS F 76 45.02 -34.32 -114.39
C CYS F 76 45.20 -35.27 -113.22
N THR F 77 46.36 -35.91 -113.14
CA THR F 77 46.73 -36.74 -112.01
C THR F 77 46.96 -35.86 -110.77
N PRO F 78 46.83 -36.41 -109.56
CA PRO F 78 46.99 -35.56 -108.36
C PRO F 78 48.42 -35.11 -108.12
N ASP F 79 49.40 -35.71 -108.79
CA ASP F 79 50.79 -35.29 -108.62
C ASP F 79 51.09 -33.94 -109.27
N VAL F 80 50.25 -33.50 -110.21
CA VAL F 80 50.51 -32.26 -110.94
C VAL F 80 49.63 -31.11 -110.49
N ALA F 81 48.75 -31.33 -109.52
CA ALA F 81 47.87 -30.25 -109.05
C ALA F 81 47.51 -30.54 -107.59
N TYR F 82 48.22 -29.85 -106.68
CA TYR F 82 48.00 -29.88 -105.23
C TYR F 82 48.11 -31.31 -104.68
N GLY F 83 49.35 -31.81 -104.70
CA GLY F 83 49.65 -33.14 -104.24
C GLY F 83 49.50 -33.39 -102.75
N ALA F 84 50.09 -32.52 -101.92
CA ALA F 84 50.19 -32.79 -100.49
C ALA F 84 48.85 -32.62 -99.78
N THR F 85 48.43 -31.37 -99.56
CA THR F 85 47.15 -31.10 -98.92
C THR F 85 46.19 -30.36 -99.85
N GLY F 86 46.65 -29.25 -100.43
CA GLY F 86 45.83 -28.50 -101.35
C GLY F 86 45.02 -27.40 -100.70
N HIS F 87 44.09 -26.88 -101.48
CA HIS F 87 43.22 -25.80 -101.03
C HIS F 87 42.20 -26.34 -100.04
N PRO F 88 42.11 -25.75 -98.83
CA PRO F 88 41.17 -26.26 -97.83
C PRO F 88 39.74 -25.88 -98.17
N GLY F 89 38.87 -26.89 -98.23
CA GLY F 89 37.47 -26.69 -98.53
C GLY F 89 37.10 -26.91 -99.98
N VAL F 90 38.08 -27.17 -100.84
CA VAL F 90 37.83 -27.32 -102.28
C VAL F 90 38.06 -28.77 -102.72
N ILE F 91 39.29 -29.25 -102.63
CA ILE F 91 39.68 -30.56 -103.14
C ILE F 91 40.25 -31.36 -101.99
N PRO F 92 39.80 -32.61 -101.77
CA PRO F 92 40.46 -33.47 -100.80
C PRO F 92 41.85 -33.86 -101.29
N PRO F 93 42.77 -34.20 -100.37
CA PRO F 93 44.16 -34.44 -100.78
C PRO F 93 44.31 -35.71 -101.61
N ASN F 94 45.07 -35.58 -102.70
CA ASN F 94 45.33 -36.64 -103.68
C ASN F 94 44.04 -37.20 -104.28
N ALA F 95 43.32 -36.32 -104.98
CA ALA F 95 42.18 -36.71 -105.81
C ALA F 95 42.39 -36.15 -107.21
N THR F 96 42.06 -36.97 -108.21
CA THR F 96 42.26 -36.58 -109.60
C THR F 96 41.21 -35.57 -110.04
N LEU F 97 41.60 -34.66 -110.92
CA LEU F 97 40.73 -33.60 -111.41
C LEU F 97 40.59 -33.70 -112.92
N ILE F 98 39.35 -33.58 -113.40
CA ILE F 98 39.02 -33.78 -114.81
C ILE F 98 38.33 -32.52 -115.30
N PHE F 99 38.91 -31.86 -116.30
CA PHE F 99 38.36 -30.62 -116.84
C PHE F 99 38.02 -30.84 -118.32
N ASP F 100 36.82 -30.43 -118.72
CA ASP F 100 36.44 -30.35 -120.13
C ASP F 100 36.42 -28.88 -120.57
N VAL F 101 37.41 -28.50 -121.37
CA VAL F 101 37.75 -27.11 -121.65
C VAL F 101 37.21 -26.70 -123.01
N GLU F 102 37.08 -25.40 -123.21
CA GLU F 102 36.74 -24.81 -124.51
C GLU F 102 37.37 -23.43 -124.62
N LEU F 103 38.17 -23.22 -125.67
CA LEU F 103 38.80 -21.94 -125.95
C LEU F 103 37.88 -21.07 -126.80
N LEU F 104 37.61 -19.84 -126.35
CA LEU F 104 36.55 -19.04 -126.97
C LEU F 104 37.03 -18.16 -128.12
N ASN F 105 38.08 -17.37 -127.87
CA ASN F 105 38.48 -16.30 -128.77
C ASN F 105 39.96 -16.06 -128.46
N LEU F 106 40.58 -15.09 -129.16
CA LEU F 106 41.85 -14.46 -128.76
C LEU F 106 43.03 -15.44 -128.75
N GLU F 107 43.23 -16.09 -129.90
CA GLU F 107 44.35 -17.04 -130.15
C GLU F 107 44.38 -18.18 -129.13
N GLN G 12 30.68 7.45 -18.27
CA GLN G 12 30.02 6.96 -19.47
C GLN G 12 30.66 7.54 -20.72
N PHE G 13 30.73 8.87 -20.77
CA PHE G 13 31.28 9.57 -21.91
C PHE G 13 32.27 10.64 -21.42
N LEU G 14 33.15 11.04 -22.32
CA LEU G 14 34.21 11.98 -21.97
C LEU G 14 33.73 13.43 -22.14
N ARG G 15 34.24 14.28 -21.26
CA ARG G 15 34.08 15.72 -21.34
C ARG G 15 35.44 16.31 -20.93
N THR G 16 35.53 17.63 -20.81
CA THR G 16 36.75 18.35 -20.48
C THR G 16 37.04 18.18 -18.99
N ASP G 17 38.33 18.29 -18.62
CA ASP G 17 38.80 18.30 -17.23
C ASP G 17 38.49 16.99 -16.50
N ASP G 18 38.98 15.90 -17.09
CA ASP G 18 38.99 14.59 -16.46
C ASP G 18 40.43 14.17 -16.23
N GLU G 19 40.74 13.73 -15.01
CA GLU G 19 42.05 13.19 -14.69
C GLU G 19 42.18 11.81 -15.32
N VAL G 20 42.87 11.73 -16.45
CA VAL G 20 42.98 10.49 -17.20
C VAL G 20 44.36 9.88 -16.99
N VAL G 21 44.54 8.66 -17.49
CA VAL G 21 45.86 8.03 -17.56
C VAL G 21 45.92 7.18 -18.83
N LEU G 22 46.94 7.41 -19.63
CA LEU G 22 47.04 6.80 -20.96
C LEU G 22 47.58 5.38 -20.82
N GLN G 23 46.77 4.39 -21.20
CA GLN G 23 47.14 2.98 -21.17
C GLN G 23 47.46 2.48 -22.57
N CYS G 24 48.42 1.56 -22.64
CA CYS G 24 48.63 0.71 -23.80
C CYS G 24 48.87 -0.70 -23.30
N SER G 25 48.66 -1.68 -24.17
CA SER G 25 48.88 -3.07 -23.81
C SER G 25 49.79 -3.74 -24.84
N ALA G 26 50.87 -4.35 -24.36
CA ALA G 26 51.80 -5.06 -25.20
C ALA G 26 51.62 -6.57 -25.06
N GLU G 31 52.41 -13.03 -22.12
CA GLU G 31 51.82 -12.25 -21.03
C GLU G 31 51.37 -10.89 -21.56
N GLN G 32 50.12 -10.54 -21.27
CA GLN G 32 49.61 -9.21 -21.58
C GLN G 32 50.13 -8.23 -20.56
N LEU G 33 50.96 -7.28 -21.01
CA LEU G 33 51.57 -6.29 -20.14
C LEU G 33 50.76 -5.01 -20.22
N LYS G 34 50.33 -4.50 -19.06
CA LYS G 34 49.61 -3.24 -18.96
C LYS G 34 50.60 -2.13 -18.66
N LEU G 35 50.69 -1.14 -19.54
CA LEU G 35 51.69 -0.09 -19.42
C LEU G 35 51.03 1.28 -19.44
N CYS G 36 51.44 2.15 -18.53
CA CYS G 36 51.00 3.54 -18.50
C CYS G 36 52.19 4.48 -18.61
N LEU G 37 51.95 5.65 -19.18
CA LEU G 37 52.99 6.65 -19.38
C LEU G 37 53.05 7.54 -18.14
N ALA G 38 54.23 7.63 -17.54
CA ALA G 38 54.44 8.33 -16.28
C ALA G 38 55.11 9.68 -16.51
N ALA G 39 55.27 10.45 -15.44
CA ALA G 39 55.97 11.71 -15.52
C ALA G 39 56.75 11.96 -14.23
N GLU G 40 58.03 12.26 -14.35
CA GLU G 40 58.85 12.53 -13.18
C GLU G 40 58.68 13.97 -12.71
N GLY G 41 59.06 14.93 -13.54
CA GLY G 41 58.94 16.33 -13.18
C GLY G 41 60.11 16.83 -12.36
N PHE G 42 60.54 18.07 -12.66
CA PHE G 42 61.68 18.74 -12.01
C PHE G 42 62.96 17.90 -12.12
N GLY G 43 63.39 17.69 -13.35
CA GLY G 43 64.57 16.92 -13.68
C GLY G 43 64.21 15.63 -14.40
N ASN G 44 65.09 15.23 -15.34
CA ASN G 44 64.90 14.07 -16.22
C ASN G 44 63.61 14.18 -17.01
N ARG G 45 63.63 15.17 -17.92
CA ARG G 45 62.43 15.67 -18.58
C ARG G 45 61.79 14.65 -19.53
N LEU G 46 62.59 13.82 -20.20
CA LEU G 46 62.03 12.79 -21.07
C LEU G 46 61.38 11.70 -20.22
N CYS G 47 60.10 11.49 -20.45
CA CYS G 47 59.25 10.76 -19.51
C CYS G 47 59.14 9.29 -19.91
N PHE G 48 59.37 8.41 -18.95
CA PHE G 48 59.39 6.97 -19.18
C PHE G 48 58.19 6.30 -18.49
N LEU G 49 58.02 5.02 -18.76
CA LEU G 49 56.81 4.31 -18.37
C LEU G 49 57.00 3.55 -17.06
N GLU G 50 55.89 3.03 -16.55
CA GLU G 50 55.83 2.20 -15.35
C GLU G 50 54.74 1.15 -15.55
N PRO G 51 54.99 -0.11 -15.21
CA PRO G 51 54.00 -1.17 -15.46
C PRO G 51 52.91 -1.19 -14.38
N THR G 52 51.71 -1.63 -14.76
CA THR G 52 50.60 -1.73 -13.84
C THR G 52 49.82 -3.04 -14.00
N SER G 53 50.39 -4.04 -14.67
CA SER G 53 49.75 -5.35 -14.75
C SER G 53 50.09 -6.23 -13.56
N ASN G 54 51.14 -5.90 -12.82
CA ASN G 54 51.65 -6.70 -11.72
C ASN G 54 51.35 -6.06 -10.37
N ALA G 55 50.14 -5.50 -10.22
CA ALA G 55 49.73 -4.81 -8.99
C ALA G 55 49.55 -5.73 -7.80
N GLN G 56 49.60 -7.06 -7.96
CA GLN G 56 49.58 -7.98 -6.83
C GLN G 56 50.93 -8.09 -6.15
N ASN G 57 52.01 -7.57 -6.73
CA ASN G 57 53.32 -7.60 -6.08
C ASN G 57 54.00 -6.24 -5.98
N VAL G 58 53.37 -5.17 -6.48
CA VAL G 58 53.95 -3.83 -6.32
C VAL G 58 52.81 -2.82 -6.19
N PRO G 59 52.90 -1.90 -5.24
CA PRO G 59 52.00 -0.75 -5.25
C PRO G 59 52.49 0.28 -6.25
N PRO G 60 51.67 0.65 -7.23
CA PRO G 60 52.13 1.58 -8.26
C PRO G 60 52.03 3.02 -7.79
N ASP G 61 52.54 3.95 -8.60
CA ASP G 61 52.43 5.38 -8.31
C ASP G 61 51.52 5.98 -9.37
N LEU G 62 50.42 6.59 -8.94
CA LEU G 62 49.46 7.16 -9.88
C LEU G 62 49.52 8.68 -9.92
N ALA G 63 50.04 9.31 -8.85
CA ALA G 63 50.26 10.76 -8.84
C ALA G 63 51.35 11.19 -9.82
N ILE G 64 52.16 10.25 -10.30
CA ILE G 64 53.12 10.54 -11.37
C ILE G 64 52.48 10.47 -12.75
N CYS G 65 51.23 9.97 -12.86
CA CYS G 65 50.58 9.87 -14.15
C CYS G 65 49.12 10.33 -14.14
N CYS G 66 48.72 11.18 -13.18
CA CYS G 66 47.47 11.90 -13.35
C CYS G 66 47.62 12.91 -14.48
N PHE G 67 46.94 12.67 -15.60
CA PHE G 67 46.97 13.57 -16.75
C PHE G 67 45.59 14.15 -16.96
N THR G 68 45.53 15.45 -17.27
CA THR G 68 44.25 16.14 -17.41
C THR G 68 44.34 17.14 -18.56
N LEU G 69 43.29 17.20 -19.39
CA LEU G 69 43.20 18.16 -20.47
C LEU G 69 42.09 19.18 -20.17
N GLU G 70 42.34 20.44 -20.55
CA GLU G 70 41.41 21.53 -20.26
C GLU G 70 40.98 22.29 -21.51
N GLN G 71 41.67 22.15 -22.62
CA GLN G 71 41.32 22.83 -23.85
C GLN G 71 41.23 21.82 -24.98
N SER G 72 40.08 21.81 -25.66
CA SER G 72 39.88 20.94 -26.81
C SER G 72 39.30 21.82 -27.92
N LEU G 73 40.18 22.41 -28.71
CA LEU G 73 39.75 23.24 -29.82
C LEU G 73 39.59 22.36 -31.06
N SER G 74 39.36 22.99 -32.22
CA SER G 74 38.97 22.26 -33.43
C SER G 74 40.16 21.57 -34.09
N VAL G 75 40.05 21.24 -35.37
CA VAL G 75 41.10 20.50 -36.08
C VAL G 75 42.41 21.27 -36.08
N ARG G 76 42.38 22.49 -36.60
CA ARG G 76 43.46 23.45 -36.38
C ARG G 76 42.87 24.81 -36.02
N ALA G 77 42.09 24.91 -34.94
CA ALA G 77 41.43 26.18 -34.60
C ALA G 77 42.39 27.27 -34.16
N LEU G 78 43.62 26.92 -33.80
CA LEU G 78 44.63 27.93 -33.49
C LEU G 78 45.46 28.31 -34.73
N GLN G 79 44.93 28.05 -35.96
CA GLN G 79 45.36 28.77 -37.16
C GLN G 79 45.41 30.27 -36.94
N GLU G 80 44.40 30.80 -36.27
CA GLU G 80 44.24 32.24 -36.10
C GLU G 80 45.08 32.72 -34.94
N MET G 81 45.17 31.93 -33.89
CA MET G 81 45.82 32.36 -32.67
C MET G 81 47.35 32.19 -32.72
N LEU G 82 47.87 31.35 -33.65
CA LEU G 82 49.32 31.36 -33.85
C LEU G 82 49.78 32.64 -34.50
N ALA G 83 48.93 33.26 -35.32
CA ALA G 83 49.26 34.57 -35.91
C ALA G 83 48.82 35.73 -35.05
N ASN G 84 47.84 35.53 -34.17
CA ASN G 84 47.30 36.60 -33.33
C ASN G 84 48.28 36.93 -32.20
N GLY G 97 31.69 26.71 -20.35
CA GLY G 97 32.43 26.04 -19.29
C GLY G 97 33.37 24.96 -19.81
N HIS G 98 32.96 23.70 -19.64
CA HIS G 98 33.76 22.56 -20.08
C HIS G 98 33.17 22.02 -21.38
N ARG G 99 33.94 22.08 -22.46
CA ARG G 99 33.45 21.81 -23.81
C ARG G 99 33.50 20.32 -24.13
N THR G 100 32.63 19.92 -25.05
CA THR G 100 32.56 18.53 -25.52
C THR G 100 33.58 18.32 -26.64
N LEU G 101 34.52 17.43 -26.41
CA LEU G 101 35.53 17.07 -27.40
C LEU G 101 35.04 15.91 -28.27
N LEU G 102 35.66 15.79 -29.44
CA LEU G 102 35.25 14.83 -30.45
C LEU G 102 36.46 14.02 -30.90
N TYR G 103 36.21 13.04 -31.76
CA TYR G 103 37.29 12.49 -32.57
C TYR G 103 37.62 13.48 -33.68
N GLY G 104 38.89 13.82 -33.82
CA GLY G 104 39.35 14.84 -34.73
C GLY G 104 39.86 16.09 -34.07
N HIS G 105 39.51 16.32 -32.81
CA HIS G 105 39.87 17.56 -32.15
C HIS G 105 41.20 17.41 -31.38
N ALA G 106 41.75 18.55 -30.98
CA ALA G 106 43.11 18.63 -30.45
C ALA G 106 43.13 18.51 -28.93
N ILE G 107 44.28 18.08 -28.40
CA ILE G 107 44.50 17.89 -26.96
C ILE G 107 45.63 18.79 -26.51
N LEU G 108 45.40 19.55 -25.43
CA LEU G 108 46.45 20.20 -24.65
C LEU G 108 46.48 19.57 -23.27
N LEU G 109 47.59 18.90 -22.94
CA LEU G 109 47.71 18.11 -21.72
C LEU G 109 48.40 18.87 -20.60
N ARG G 110 48.14 18.41 -19.38
CA ARG G 110 48.57 19.05 -18.13
C ARG G 110 48.84 17.94 -17.12
N HIS G 111 49.93 18.07 -16.36
CA HIS G 111 50.10 17.15 -15.25
C HIS G 111 49.50 17.72 -13.98
N ALA G 112 49.34 16.85 -12.98
CA ALA G 112 48.86 17.23 -11.67
C ALA G 112 49.99 17.50 -10.68
N HIS G 113 51.14 16.85 -10.90
CA HIS G 113 52.33 17.14 -10.11
C HIS G 113 53.03 18.39 -10.60
N SER G 114 53.44 18.42 -11.87
CA SER G 114 54.29 19.49 -12.37
C SER G 114 53.53 20.74 -12.77
N ARG G 115 52.23 20.62 -13.07
CA ARG G 115 51.37 21.71 -13.59
C ARG G 115 51.96 22.29 -14.88
N MET G 116 52.49 21.41 -15.72
CA MET G 116 53.21 21.73 -16.94
C MET G 116 52.51 21.10 -18.14
N TYR G 117 52.87 21.56 -19.34
CA TYR G 117 52.26 21.09 -20.57
C TYR G 117 53.13 20.05 -21.27
N LEU G 118 52.48 19.06 -21.86
CA LEU G 118 53.16 17.95 -22.54
C LEU G 118 53.43 18.32 -24.00
N SER G 119 54.71 18.23 -24.40
CA SER G 119 55.12 18.55 -25.76
C SER G 119 56.18 17.57 -26.26
N CYS G 120 56.82 17.89 -27.37
CA CYS G 120 57.93 17.10 -27.91
C CYS G 120 59.11 18.02 -28.22
N LEU G 121 60.31 17.56 -27.90
CA LEU G 121 61.54 18.27 -28.23
C LEU G 121 62.23 17.61 -29.42
N THR G 122 62.83 18.43 -30.27
CA THR G 122 63.33 17.99 -31.57
C THR G 122 64.70 17.32 -31.50
N THR G 123 65.41 17.40 -30.38
CA THR G 123 66.70 16.75 -30.23
C THR G 123 66.49 15.36 -29.65
N SER G 124 66.77 14.32 -30.44
CA SER G 124 66.41 12.96 -30.08
C SER G 124 67.49 12.32 -29.22
N ARG G 125 67.04 11.41 -28.35
CA ARG G 125 67.94 10.63 -27.49
C ARG G 125 68.03 9.17 -27.90
N SER G 126 67.68 8.85 -29.15
CA SER G 126 67.71 7.47 -29.61
C SER G 126 69.11 7.08 -30.12
N MET G 127 69.78 8.03 -30.79
CA MET G 127 71.10 7.85 -31.42
C MET G 127 71.13 6.67 -32.37
N THR G 128 70.11 6.58 -33.23
CA THR G 128 70.02 5.47 -34.17
C THR G 128 69.61 5.91 -35.56
N ASP G 129 69.38 7.21 -35.79
CA ASP G 129 69.07 7.81 -37.09
C ASP G 129 67.80 7.23 -37.71
N LYS G 130 66.82 6.89 -36.88
CA LYS G 130 65.55 6.36 -37.37
C LYS G 130 64.43 7.38 -37.30
N LEU G 131 64.78 8.66 -37.09
CA LEU G 131 63.84 9.78 -36.92
C LEU G 131 62.86 9.52 -35.78
N ALA G 132 63.38 9.08 -34.65
CA ALA G 132 62.58 8.77 -33.47
C ALA G 132 62.80 9.87 -32.45
N PHE G 133 61.87 10.82 -32.39
CA PHE G 133 61.95 11.91 -31.43
C PHE G 133 61.32 11.47 -30.12
N ASP G 134 61.72 12.10 -29.03
CA ASP G 134 61.21 11.79 -27.71
C ASP G 134 60.53 13.01 -27.10
N VAL G 135 59.57 12.76 -26.23
CA VAL G 135 58.69 13.79 -25.73
C VAL G 135 59.16 14.25 -24.35
N GLY G 136 58.62 15.37 -23.91
CA GLY G 136 58.89 15.87 -22.58
C GLY G 136 57.84 16.89 -22.20
N LEU G 137 58.18 17.73 -21.23
CA LEU G 137 57.27 18.79 -20.80
C LEU G 137 57.96 20.14 -20.88
N GLN G 138 57.20 21.15 -21.30
CA GLN G 138 57.74 22.47 -21.64
C GLN G 138 57.15 23.53 -20.73
N GLU G 139 58.01 24.41 -20.21
CA GLU G 139 57.57 25.48 -19.34
C GLU G 139 56.84 26.57 -20.12
N ASP G 140 57.17 26.74 -21.40
CA ASP G 140 56.52 27.73 -22.24
C ASP G 140 55.09 27.30 -22.57
N ALA G 141 54.24 28.31 -22.82
CA ALA G 141 52.84 28.10 -23.13
C ALA G 141 52.55 28.28 -24.62
N THR G 142 53.58 28.24 -25.45
CA THR G 142 53.42 28.43 -26.89
C THR G 142 52.82 27.17 -27.51
N GLY G 143 51.76 27.35 -28.28
CA GLY G 143 51.09 26.23 -28.92
C GLY G 143 51.66 25.84 -30.26
N GLU G 144 52.99 25.78 -30.36
CA GLU G 144 53.64 25.31 -31.58
C GLU G 144 53.64 23.79 -31.64
N ALA G 145 54.32 23.14 -30.68
CA ALA G 145 54.44 21.69 -30.65
C ALA G 145 53.88 21.08 -29.36
N CYS G 146 52.93 21.77 -28.71
CA CYS G 146 52.25 21.23 -27.55
C CYS G 146 50.84 20.74 -27.86
N TRP G 147 50.39 20.93 -29.10
CA TRP G 147 49.06 20.55 -29.54
C TRP G 147 49.12 19.19 -30.24
N TRP G 148 48.28 18.26 -29.79
CA TRP G 148 48.28 16.89 -30.30
C TRP G 148 46.84 16.51 -30.64
N THR G 149 46.53 16.40 -31.93
CA THR G 149 45.17 16.12 -32.35
C THR G 149 44.89 14.61 -32.29
N MET G 150 43.60 14.28 -32.36
CA MET G 150 43.08 12.95 -32.08
C MET G 150 42.55 12.31 -33.36
N HIS G 151 42.80 11.00 -33.51
CA HIS G 151 42.30 10.24 -34.66
C HIS G 151 41.88 8.84 -34.24
N PRO G 152 40.81 8.31 -34.80
CA PRO G 152 40.37 6.94 -34.46
C PRO G 152 41.24 5.89 -35.16
N ALA G 153 40.99 4.64 -34.83
CA ALA G 153 41.82 3.52 -35.32
C ALA G 153 41.18 2.85 -36.53
N SER G 154 39.90 2.49 -36.41
CA SER G 154 39.20 1.72 -37.43
C SER G 154 38.09 2.55 -38.06
N LYS G 155 37.36 1.93 -38.98
CA LYS G 155 36.20 2.52 -39.63
C LYS G 155 34.92 2.34 -38.82
N GLN G 156 35.02 1.81 -37.60
CA GLN G 156 33.86 1.70 -36.73
C GLN G 156 33.41 3.07 -36.24
N ARG G 157 34.36 3.96 -35.95
CA ARG G 157 34.07 5.34 -35.61
C ARG G 157 34.66 6.23 -36.69
N SER G 158 34.00 7.35 -36.95
CA SER G 158 34.48 8.28 -37.97
C SER G 158 34.68 9.67 -37.37
N GLU G 159 34.81 10.67 -38.23
CA GLU G 159 35.11 12.03 -37.78
C GLU G 159 33.90 12.63 -37.07
N GLY G 160 34.13 13.14 -35.88
CA GLY G 160 33.09 13.73 -35.06
C GLY G 160 32.39 12.79 -34.10
N GLU G 161 32.90 11.58 -33.92
CA GLU G 161 32.17 10.57 -33.16
C GLU G 161 32.29 10.83 -31.66
N LYS G 162 31.68 9.95 -30.87
CA LYS G 162 31.54 10.17 -29.43
C LYS G 162 32.70 9.49 -28.70
N VAL G 163 33.51 10.29 -28.02
CA VAL G 163 34.64 9.79 -27.24
C VAL G 163 34.12 9.19 -25.93
N ARG G 164 34.78 8.14 -25.47
CA ARG G 164 34.30 7.36 -24.33
C ARG G 164 35.46 6.66 -23.65
N VAL G 165 35.14 5.85 -22.64
CA VAL G 165 36.11 5.04 -21.91
C VAL G 165 36.30 3.70 -22.62
N GLY G 166 37.55 3.23 -22.65
CA GLY G 166 37.84 1.94 -23.25
C GLY G 166 37.83 1.90 -24.75
N ASP G 167 38.14 3.02 -25.41
CA ASP G 167 38.14 3.09 -26.86
C ASP G 167 39.55 2.85 -27.41
N ASP G 168 39.64 2.88 -28.74
CA ASP G 168 40.90 2.81 -29.45
C ASP G 168 41.39 4.22 -29.79
N LEU G 169 42.65 4.49 -29.52
CA LEU G 169 43.19 5.84 -29.64
C LEU G 169 44.45 5.88 -30.47
N ILE G 170 44.50 6.85 -31.38
CA ILE G 170 45.70 7.21 -32.14
C ILE G 170 45.88 8.72 -32.00
N LEU G 171 47.03 9.15 -31.50
CA LEU G 171 47.28 10.55 -31.18
C LEU G 171 48.50 11.04 -31.95
N VAL G 172 48.35 12.18 -32.63
CA VAL G 172 49.38 12.72 -33.52
C VAL G 172 49.42 14.23 -33.33
N SER G 173 50.58 14.83 -33.63
CA SER G 173 50.83 16.22 -33.30
C SER G 173 50.43 17.15 -34.45
N VAL G 174 50.83 18.42 -34.35
CA VAL G 174 50.49 19.46 -35.34
C VAL G 174 51.72 19.89 -36.13
N SER G 175 52.72 20.47 -35.45
CA SER G 175 53.95 20.92 -36.07
C SER G 175 54.96 19.81 -36.29
N SER G 176 54.80 18.67 -35.63
CA SER G 176 55.68 17.53 -35.81
C SER G 176 54.99 16.32 -36.39
N GLU G 177 53.81 15.94 -35.85
CA GLU G 177 52.95 14.88 -36.36
C GLU G 177 53.64 13.52 -36.44
N ARG G 178 54.16 13.06 -35.30
CA ARG G 178 54.59 11.68 -35.11
C ARG G 178 53.80 11.04 -33.97
N TYR G 179 53.72 9.71 -34.02
CA TYR G 179 52.84 8.93 -33.18
C TYR G 179 53.59 8.40 -31.96
N LEU G 180 52.93 8.41 -30.80
CA LEU G 180 53.51 7.84 -29.60
C LEU G 180 53.52 6.32 -29.73
N HIS G 181 54.71 5.73 -29.71
CA HIS G 181 54.82 4.28 -29.83
C HIS G 181 55.76 3.77 -28.75
N LEU G 182 55.97 2.46 -28.74
CA LEU G 182 56.79 1.79 -27.75
C LEU G 182 58.12 1.39 -28.37
N SER G 183 59.13 1.21 -27.53
CA SER G 183 60.50 0.92 -27.97
C SER G 183 60.67 -0.57 -28.22
N THR G 184 61.13 -0.91 -29.43
CA THR G 184 61.42 -2.30 -29.80
C THR G 184 62.85 -2.47 -30.29
N ALA G 185 63.70 -1.45 -30.11
CA ALA G 185 65.06 -1.51 -30.65
C ALA G 185 66.04 -2.11 -29.63
N SER G 186 66.16 -1.48 -28.47
CA SER G 186 67.20 -1.87 -27.52
C SER G 186 66.79 -1.49 -26.09
N GLY G 187 67.33 -2.24 -25.14
CA GLY G 187 67.10 -1.97 -23.73
C GLY G 187 65.69 -2.36 -23.29
N GLU G 188 65.18 -1.59 -22.33
CA GLU G 188 63.79 -1.72 -21.90
C GLU G 188 62.90 -0.90 -22.83
N LEU G 189 61.64 -0.76 -22.46
CA LEU G 189 60.62 -0.16 -23.32
C LEU G 189 60.33 1.25 -22.83
N GLN G 190 60.28 2.20 -23.77
CA GLN G 190 59.98 3.58 -23.45
C GLN G 190 59.29 4.21 -24.65
N VAL G 191 58.65 5.36 -24.42
CA VAL G 191 57.77 5.99 -25.41
C VAL G 191 58.59 6.87 -26.35
N ASP G 192 58.33 6.72 -27.66
CA ASP G 192 59.00 7.50 -28.69
C ASP G 192 57.95 8.09 -29.63
N ALA G 193 58.37 9.07 -30.41
CA ALA G 193 57.53 9.73 -31.41
C ALA G 193 58.14 9.53 -32.79
N SER G 194 57.76 8.45 -33.45
CA SER G 194 58.24 8.15 -34.80
C SER G 194 57.07 7.62 -35.63
N PHE G 195 57.39 7.08 -36.80
CA PHE G 195 56.40 6.55 -37.74
C PHE G 195 56.05 5.12 -37.35
N MET G 196 55.27 5.02 -36.28
CA MET G 196 54.88 3.75 -35.68
C MET G 196 53.60 4.01 -34.90
N GLN G 197 52.49 3.46 -35.35
CA GLN G 197 51.18 3.75 -34.77
C GLN G 197 50.83 2.65 -33.76
N THR G 198 50.76 3.03 -32.49
CA THR G 198 50.36 2.12 -31.42
C THR G 198 49.09 2.64 -30.78
N LEU G 199 48.14 1.74 -30.56
CA LEU G 199 46.84 2.09 -30.02
C LEU G 199 46.95 2.39 -28.52
N TRP G 200 46.24 3.42 -28.08
CA TRP G 200 46.23 3.89 -26.70
C TRP G 200 44.83 3.74 -26.11
N ASN G 201 44.73 3.95 -24.79
CA ASN G 201 43.45 3.97 -24.09
C ASN G 201 43.37 5.21 -23.22
N MET G 202 42.20 5.85 -23.22
CA MET G 202 42.06 7.17 -22.60
C MET G 202 42.00 7.05 -21.08
N ASN G 203 41.07 6.23 -20.56
CA ASN G 203 40.86 5.87 -19.16
C ASN G 203 40.69 7.06 -18.21
N PRO G 204 39.54 7.74 -18.20
CA PRO G 204 39.32 8.75 -17.16
C PRO G 204 39.16 8.10 -15.79
N ILE G 205 39.79 8.73 -14.79
CA ILE G 205 39.82 8.19 -13.44
C ILE G 205 39.05 9.10 -12.48
N CYS G 206 39.46 10.36 -12.37
CA CYS G 206 38.82 11.33 -11.49
C CYS G 206 38.07 12.36 -12.34
N SER G 207 36.79 12.55 -12.04
CA SER G 207 36.01 13.61 -12.66
C SER G 207 35.96 14.82 -11.73
N CYS G 208 35.18 15.83 -12.11
CA CYS G 208 35.03 17.03 -11.29
C CYS G 208 34.04 16.72 -10.18
N CYS G 209 34.55 16.41 -8.99
CA CYS G 209 33.73 16.09 -7.83
C CYS G 209 33.62 17.33 -6.94
N GLU G 210 32.63 17.30 -6.05
CA GLU G 210 32.33 18.45 -5.20
C GLU G 210 33.35 18.57 -4.07
N GLU G 211 33.34 19.74 -3.42
CA GLU G 211 34.25 20.04 -2.33
C GLU G 211 33.76 19.42 -1.02
N GLY G 212 34.72 19.08 -0.16
CA GLY G 212 34.45 18.35 1.06
C GLY G 212 34.30 16.85 0.88
N TYR G 213 34.26 16.37 -0.35
CA TYR G 213 34.00 14.95 -0.64
C TYR G 213 35.26 14.39 -1.29
N VAL G 214 35.94 13.48 -0.60
CA VAL G 214 37.26 13.03 -1.04
C VAL G 214 37.13 11.98 -2.14
N THR G 215 38.04 12.00 -3.11
CA THR G 215 38.11 10.89 -4.05
C THR G 215 39.49 10.27 -3.98
N GLY G 216 39.71 9.24 -4.78
CA GLY G 216 40.94 8.48 -4.71
C GLY G 216 42.12 9.26 -5.25
N GLY G 217 43.08 9.55 -4.37
CA GLY G 217 44.28 10.27 -4.77
C GLY G 217 44.36 11.71 -4.31
N HIS G 218 43.77 12.02 -3.14
CA HIS G 218 43.82 13.36 -2.57
C HIS G 218 44.44 13.29 -1.18
N VAL G 219 45.43 14.14 -0.93
CA VAL G 219 46.11 14.17 0.37
C VAL G 219 45.20 14.82 1.40
N LEU G 220 45.25 14.30 2.62
CA LEU G 220 44.51 14.85 3.75
C LEU G 220 45.23 14.44 5.04
N ARG G 221 44.65 14.80 6.18
CA ARG G 221 45.20 14.41 7.46
C ARG G 221 44.10 13.90 8.38
N LEU G 222 44.54 13.23 9.46
CA LEU G 222 43.69 12.38 10.28
C LEU G 222 43.64 12.89 11.72
N PHE G 223 43.35 14.18 11.88
CA PHE G 223 43.36 14.85 13.18
C PHE G 223 42.39 14.21 14.18
N HIS G 224 42.84 14.06 15.43
CA HIS G 224 41.88 13.92 16.53
C HIS G 224 42.45 14.57 17.79
N GLU G 229 45.86 15.51 17.93
CA GLU G 229 46.99 14.70 17.48
C GLU G 229 47.11 14.72 15.96
N CYS G 230 48.34 14.56 15.47
CA CYS G 230 48.62 14.44 14.05
C CYS G 230 49.41 13.15 13.79
N LEU G 231 49.11 12.50 12.66
CA LEU G 231 49.68 11.19 12.35
C LEU G 231 51.05 11.43 11.71
N THR G 232 52.09 11.45 12.53
CA THR G 232 53.40 11.96 12.13
C THR G 232 54.50 10.92 12.32
N ILE G 233 55.68 11.26 11.80
CA ILE G 233 56.88 10.43 11.87
C ILE G 233 57.94 11.21 12.65
N SER G 234 58.71 10.50 13.48
CA SER G 234 59.72 11.15 14.30
C SER G 234 60.91 11.61 13.46
N ALA G 235 61.72 12.48 14.05
CA ALA G 235 62.93 12.98 13.42
C ALA G 235 64.08 11.99 13.58
N GLN G 241 65.98 4.37 11.97
CA GLN G 241 65.90 4.82 10.59
C GLN G 241 64.66 5.69 10.36
N ARG G 242 64.09 6.18 11.48
CA ARG G 242 62.87 6.98 11.51
C ARG G 242 61.71 6.23 10.83
N ARG G 243 61.47 5.03 11.34
CA ARG G 243 60.36 4.20 10.86
C ARG G 243 59.22 4.10 11.87
N LEU G 244 59.46 4.47 13.13
CA LEU G 244 58.42 4.41 14.14
C LEU G 244 57.46 5.58 13.99
N VAL G 245 56.16 5.28 14.09
CA VAL G 245 55.09 6.23 13.85
C VAL G 245 54.61 6.77 15.19
N TYR G 246 54.49 8.09 15.30
CA TYR G 246 54.12 8.76 16.54
C TYR G 246 52.95 9.71 16.28
N TYR G 247 52.44 10.31 17.36
CA TYR G 247 51.47 11.38 17.27
C TYR G 247 51.92 12.52 18.17
N GLU G 248 51.87 13.75 17.62
CA GLU G 248 52.40 14.92 18.33
C GLU G 248 51.38 16.05 18.38
N GLY G 249 51.85 17.25 18.75
CA GLY G 249 50.96 18.39 18.91
C GLY G 249 50.65 19.14 17.64
N GLY G 250 50.65 20.48 17.72
CA GLY G 250 50.28 21.32 16.60
C GLY G 250 51.44 21.91 15.82
N ALA G 251 52.64 21.91 16.42
CA ALA G 251 53.81 22.44 15.73
C ALA G 251 54.27 21.50 14.63
N VAL G 252 54.20 20.19 14.86
CA VAL G 252 54.54 19.22 13.82
C VAL G 252 53.37 19.02 12.87
N CYS G 253 52.16 19.42 13.28
CA CYS G 253 50.94 19.25 12.49
C CYS G 253 50.85 20.19 11.29
N THR G 254 51.85 21.05 11.06
CA THR G 254 51.94 21.84 9.84
C THR G 254 53.12 21.45 8.97
N HIS G 255 53.79 20.36 9.28
CA HIS G 255 54.99 19.95 8.56
C HIS G 255 54.60 19.10 7.34
N ALA G 256 55.58 18.51 6.68
CA ALA G 256 55.36 17.85 5.40
C ALA G 256 54.96 16.39 5.56
N ARG G 257 55.60 15.64 6.45
CA ARG G 257 55.32 14.22 6.57
C ARG G 257 54.27 13.88 7.62
N SER G 258 53.31 14.77 7.87
CA SER G 258 52.10 14.41 8.61
C SER G 258 50.92 14.15 7.70
N LEU G 259 51.15 14.09 6.37
CA LEU G 259 50.11 14.05 5.36
C LEU G 259 50.04 12.66 4.74
N TRP G 260 48.82 12.13 4.57
CA TRP G 260 48.60 10.76 4.10
C TRP G 260 47.46 10.75 3.08
N ARG G 261 47.55 9.88 2.07
CA ARG G 261 46.68 9.94 0.91
C ARG G 261 45.96 8.59 0.73
N LEU G 262 44.89 8.59 -0.08
CA LEU G 262 43.93 7.49 -0.20
C LEU G 262 43.96 6.91 -1.61
N GLU G 263 44.40 5.65 -1.76
CA GLU G 263 44.27 4.96 -3.07
C GLU G 263 43.88 3.49 -2.88
N PRO G 264 42.94 2.98 -3.66
CA PRO G 264 42.52 1.58 -3.55
C PRO G 264 43.36 0.65 -4.43
N LEU G 265 42.97 -0.62 -4.47
CA LEU G 265 43.79 -1.67 -5.08
C LEU G 265 43.65 -1.69 -6.59
N ARG G 266 42.45 -1.53 -7.12
CA ARG G 266 42.20 -1.66 -8.54
C ARG G 266 42.57 -0.34 -9.25
N ILE G 267 42.87 -0.46 -10.54
CA ILE G 267 43.32 0.66 -11.36
C ILE G 267 42.14 1.44 -11.96
N SER G 268 41.06 0.75 -12.32
CA SER G 268 40.00 1.36 -13.11
C SER G 268 39.08 2.17 -12.21
N TRP G 269 39.00 3.47 -12.51
CA TRP G 269 38.15 4.46 -11.82
C TRP G 269 38.40 4.47 -10.31
N SER G 270 39.69 4.46 -9.95
CA SER G 270 40.07 4.44 -8.54
C SER G 270 39.85 5.77 -7.86
N GLY G 271 39.75 6.85 -8.63
CA GLY G 271 39.50 8.17 -8.09
C GLY G 271 38.03 8.51 -8.01
N SER G 272 37.25 7.56 -7.52
CA SER G 272 35.82 7.74 -7.35
C SER G 272 35.48 8.01 -5.89
N HIS G 273 34.25 8.48 -5.66
CA HIS G 273 33.73 8.59 -4.30
C HIS G 273 33.46 7.21 -3.73
N LEU G 274 34.31 6.81 -2.79
CA LEU G 274 34.22 5.51 -2.16
C LEU G 274 33.15 5.51 -1.08
N ARG G 275 32.93 4.34 -0.52
CA ARG G 275 32.10 4.12 0.65
C ARG G 275 32.93 3.37 1.69
N TRP G 276 32.34 3.14 2.86
CA TRP G 276 33.04 2.43 3.91
C TRP G 276 32.88 0.92 3.72
N GLY G 277 33.98 0.20 3.86
CA GLY G 277 34.09 -1.17 3.41
C GLY G 277 34.95 -1.39 2.19
N GLN G 278 35.75 -0.41 1.80
CA GLN G 278 36.63 -0.51 0.63
C GLN G 278 38.08 -0.52 1.10
N PRO G 279 38.84 -1.60 0.86
CA PRO G 279 40.24 -1.65 1.30
C PRO G 279 41.11 -0.66 0.54
N LEU G 280 41.95 0.04 1.29
CA LEU G 280 42.74 1.17 0.80
C LEU G 280 44.19 0.98 1.25
N ARG G 281 45.04 1.95 0.94
CA ARG G 281 46.40 2.01 1.45
C ARG G 281 46.75 3.43 1.87
N ILE G 282 47.51 3.53 2.97
CA ILE G 282 47.84 4.79 3.62
C ILE G 282 49.18 5.26 3.07
N ARG G 283 49.16 6.36 2.31
CA ARG G 283 50.31 6.76 1.50
C ARG G 283 51.23 7.70 2.29
N HIS G 284 52.51 7.36 2.36
CA HIS G 284 53.54 8.27 2.85
C HIS G 284 54.16 8.95 1.64
N VAL G 285 54.31 10.26 1.69
CA VAL G 285 54.62 11.03 0.49
C VAL G 285 56.05 11.57 0.47
N THR G 286 56.68 11.81 1.62
CA THR G 286 57.98 12.48 1.67
C THR G 286 59.13 11.50 1.66
N THR G 287 59.14 10.54 2.58
CA THR G 287 60.12 9.46 2.50
C THR G 287 59.62 8.36 1.58
N GLY G 288 58.33 8.03 1.67
CA GLY G 288 57.66 7.24 0.67
C GLY G 288 57.70 5.73 0.87
N ARG G 289 57.22 5.26 2.01
CA ARG G 289 57.11 3.84 2.30
C ARG G 289 55.80 3.59 3.04
N TYR G 290 55.05 2.59 2.58
CA TYR G 290 53.66 2.41 3.03
C TYR G 290 53.61 1.89 4.46
N LEU G 291 52.48 2.15 5.12
CA LEU G 291 52.28 1.80 6.53
C LEU G 291 51.50 0.50 6.63
N ALA G 292 52.16 -0.58 7.05
CA ALA G 292 51.50 -1.88 7.20
C ALA G 292 50.76 -1.97 8.54
N LEU G 299 52.60 -1.56 14.68
CA LEU G 299 52.62 -1.61 13.22
C LEU G 299 53.34 -0.40 12.62
N VAL G 300 54.54 -0.62 12.06
CA VAL G 300 55.35 0.46 11.53
C VAL G 300 55.56 0.27 10.03
N VAL G 301 56.28 1.19 9.38
CA VAL G 301 56.40 1.20 7.93
C VAL G 301 57.44 0.18 7.46
N VAL G 302 57.10 -0.54 6.39
CA VAL G 302 57.99 -1.48 5.72
C VAL G 302 58.10 -1.00 4.28
N ASP G 303 59.05 -1.56 3.52
CA ASP G 303 59.38 -1.05 2.19
C ASP G 303 58.26 -1.32 1.19
N ALA G 304 58.12 -0.40 0.24
CA ALA G 304 57.18 -0.54 -0.86
C ALA G 304 57.73 -1.37 -2.01
N CYS G 305 58.98 -1.84 -1.91
CA CYS G 305 59.51 -2.76 -2.92
C CYS G 305 58.83 -4.12 -2.82
N LYS G 306 58.53 -4.58 -1.60
CA LYS G 306 57.82 -5.82 -1.37
C LYS G 306 56.56 -5.63 -0.54
N ALA G 307 55.96 -4.44 -0.56
CA ALA G 307 54.66 -4.23 0.09
C ALA G 307 53.57 -4.88 -0.76
N HIS G 308 52.92 -5.90 -0.21
CA HIS G 308 51.95 -6.68 -0.94
C HIS G 308 50.55 -6.42 -0.38
N THR G 309 49.59 -7.21 -0.85
CA THR G 309 48.19 -6.98 -0.51
C THR G 309 47.87 -7.44 0.90
N LYS G 310 48.43 -8.58 1.32
CA LYS G 310 48.17 -9.10 2.66
C LYS G 310 48.92 -8.35 3.73
N ALA G 311 49.96 -7.60 3.36
CA ALA G 311 50.75 -6.86 4.34
C ALA G 311 50.21 -5.45 4.58
N THR G 312 49.95 -4.69 3.52
CA THR G 312 49.47 -3.31 3.63
C THR G 312 48.14 -3.16 2.90
N SER G 313 47.04 -3.24 3.66
CA SER G 313 45.71 -2.98 3.10
C SER G 313 44.83 -2.49 4.26
N PHE G 314 44.68 -1.18 4.39
CA PHE G 314 43.89 -0.58 5.45
C PHE G 314 42.51 -0.25 4.90
N CYS G 315 41.55 -0.01 5.81
CA CYS G 315 40.21 0.35 5.38
C CYS G 315 39.54 1.18 6.47
N PHE G 316 38.37 1.72 6.12
CA PHE G 316 37.68 2.69 6.97
C PHE G 316 36.25 2.21 7.19
N ARG G 317 35.81 2.17 8.45
CA ARG G 317 34.45 1.77 8.79
C ARG G 317 33.91 2.60 9.93
N VAL G 318 32.58 2.65 10.01
CA VAL G 318 31.85 3.44 11.01
C VAL G 318 32.03 2.80 12.38
N SER G 319 31.33 1.69 12.60
CA SER G 319 31.57 0.75 13.68
C SER G 319 30.87 -0.55 13.32
N LYS G 320 31.60 -1.52 12.79
CA LYS G 320 30.96 -2.67 12.15
C LYS G 320 30.79 -3.80 13.16
N GLU G 321 29.57 -4.35 13.23
CA GLU G 321 29.19 -5.28 14.27
C GLU G 321 29.54 -6.71 13.84
N LYS G 322 28.96 -7.71 14.51
CA LYS G 322 29.22 -9.12 14.23
C LYS G 322 28.54 -9.48 12.91
N LEU G 323 29.24 -9.18 11.81
CA LEU G 323 28.71 -9.40 10.47
C LEU G 323 29.79 -10.01 9.58
N GLY G 333 29.30 6.16 -14.14
CA GLY G 333 29.46 7.29 -13.25
C GLY G 333 30.35 7.03 -12.04
N MET G 334 30.33 7.97 -11.09
CA MET G 334 31.10 7.86 -9.87
C MET G 334 30.30 7.13 -8.78
N GLY G 335 30.99 6.77 -7.70
CA GLY G 335 30.44 5.91 -6.68
C GLY G 335 29.51 6.60 -5.70
N PRO G 336 29.13 5.90 -4.64
CA PRO G 336 28.12 6.42 -3.69
C PRO G 336 28.73 7.46 -2.75
N PRO G 337 27.98 8.54 -2.46
CA PRO G 337 28.48 9.63 -1.59
C PRO G 337 28.38 9.39 -0.08
N GLU G 338 29.41 8.76 0.48
CA GLU G 338 29.36 8.34 1.87
C GLU G 338 30.42 8.96 2.78
N ILE G 339 31.45 9.59 2.25
CA ILE G 339 32.49 10.21 3.07
C ILE G 339 32.10 11.66 3.33
N LYS G 340 32.28 12.12 4.56
CA LYS G 340 32.08 13.51 4.92
C LYS G 340 33.31 14.06 5.64
N TYR G 341 33.42 15.39 5.64
CA TYR G 341 34.53 16.09 6.29
C TYR G 341 34.04 16.79 7.55
N GLY G 342 34.58 16.39 8.69
CA GLY G 342 34.17 16.96 9.98
C GLY G 342 33.04 16.21 10.64
N GLU G 343 32.09 15.72 9.84
CA GLU G 343 31.03 14.85 10.31
C GLU G 343 31.33 13.39 10.00
N SER G 344 32.58 12.97 10.19
CA SER G 344 33.04 11.64 9.84
C SER G 344 32.99 10.68 11.02
N LEU G 345 33.78 10.97 12.07
CA LEU G 345 33.91 10.12 13.28
C LEU G 345 34.28 8.68 12.92
N CYS G 346 35.21 8.53 11.99
CA CYS G 346 35.61 7.25 11.45
C CYS G 346 37.01 6.89 11.94
N PHE G 347 37.32 5.60 11.89
CA PHE G 347 38.68 5.14 12.16
C PHE G 347 39.18 4.28 11.02
N VAL G 348 40.50 4.12 10.95
CA VAL G 348 41.12 3.23 9.99
C VAL G 348 41.18 1.84 10.62
N GLN G 349 41.18 0.79 9.79
CA GLN G 349 40.97 -0.55 10.31
C GLN G 349 41.59 -1.61 9.40
N HIS G 350 41.68 -2.81 9.95
CA HIS G 350 42.18 -3.99 9.25
C HIS G 350 41.05 -4.62 8.43
N VAL G 351 41.44 -5.43 7.44
CA VAL G 351 40.49 -6.22 6.69
C VAL G 351 40.66 -7.72 6.91
N ALA G 352 41.80 -8.16 7.43
CA ALA G 352 42.09 -9.57 7.61
C ALA G 352 42.21 -9.96 9.08
N SER G 353 42.97 -9.21 9.86
CA SER G 353 43.06 -9.45 11.30
C SER G 353 41.85 -8.91 12.04
N GLY G 354 41.26 -7.83 11.54
CA GLY G 354 40.06 -7.23 12.10
C GLY G 354 40.23 -6.53 13.43
N LEU G 355 41.30 -5.73 13.58
CA LEU G 355 41.61 -5.07 14.83
C LEU G 355 42.07 -3.64 14.54
N TRP G 356 41.68 -2.69 15.39
CA TRP G 356 41.96 -1.27 15.15
C TRP G 356 43.28 -0.86 15.80
N LEU G 357 43.71 0.37 15.52
CA LEU G 357 45.02 0.86 15.93
C LEU G 357 44.90 2.21 16.62
N THR G 358 45.44 2.31 17.82
CA THR G 358 45.60 3.57 18.55
C THR G 358 46.87 3.44 19.40
N TYR G 359 47.13 4.43 20.25
CA TYR G 359 48.34 4.37 21.05
C TYR G 359 48.05 3.77 22.42
N ALA G 360 49.11 3.54 23.18
CA ALA G 360 49.00 3.00 24.54
C ALA G 360 48.50 4.06 25.49
N LEU G 372 55.79 13.51 24.87
CA LEU G 372 54.44 13.83 24.40
C LEU G 372 54.10 12.94 23.21
N LYS G 373 55.14 12.42 22.56
CA LYS G 373 54.98 11.60 21.36
C LYS G 373 54.42 10.23 21.75
N LYS G 374 53.33 9.84 21.11
CA LYS G 374 52.60 8.61 21.44
C LYS G 374 52.79 7.59 20.34
N LYS G 375 53.38 6.44 20.69
CA LYS G 375 53.70 5.41 19.72
C LYS G 375 52.46 4.62 19.33
N ALA G 376 52.27 4.43 18.02
CA ALA G 376 51.11 3.70 17.50
C ALA G 376 51.28 2.21 17.74
N ILE G 377 50.22 1.56 18.20
CA ILE G 377 50.24 0.13 18.51
C ILE G 377 48.96 -0.52 18.00
N LEU G 378 48.93 -1.84 18.08
CA LEU G 378 47.74 -2.62 17.74
C LEU G 378 47.11 -3.08 19.06
N HIS G 379 46.30 -2.20 19.65
CA HIS G 379 45.67 -2.48 20.92
C HIS G 379 44.41 -3.31 20.73
N GLN G 380 44.19 -4.24 21.66
CA GLN G 380 43.06 -5.15 21.58
C GLN G 380 41.85 -4.71 22.41
N GLU G 381 42.02 -3.76 23.32
CA GLU G 381 40.88 -3.28 24.10
C GLU G 381 40.04 -2.29 23.29
N GLY G 382 40.57 -1.10 23.07
CA GLY G 382 39.92 -0.07 22.29
C GLY G 382 38.92 0.75 23.10
N HIS G 383 38.78 2.02 22.71
CA HIS G 383 37.88 2.95 23.35
C HIS G 383 37.45 3.97 22.31
N MET G 384 36.61 4.93 22.70
CA MET G 384 36.05 5.91 21.77
C MET G 384 36.94 7.11 21.51
N ASP G 385 38.26 6.98 21.70
CA ASP G 385 39.21 8.04 21.37
C ASP G 385 39.77 7.92 19.96
N ASP G 386 39.17 7.09 19.13
CA ASP G 386 39.61 6.90 17.75
C ASP G 386 38.68 7.55 16.74
N ALA G 387 37.60 8.21 17.19
CA ALA G 387 36.66 8.88 16.30
C ALA G 387 37.28 10.21 15.84
N LEU G 388 38.12 10.11 14.82
CA LEU G 388 38.87 11.24 14.29
C LEU G 388 38.11 11.90 13.15
N PHE G 389 38.41 13.18 12.92
CA PHE G 389 37.78 13.93 11.85
C PHE G 389 38.77 14.18 10.71
N LEU G 390 38.29 14.03 9.48
CA LEU G 390 39.11 14.13 8.30
C LEU G 390 39.23 15.59 7.86
N THR G 391 40.48 16.03 7.64
CA THR G 391 40.76 17.40 7.21
C THR G 391 41.75 17.34 6.05
N ARG G 392 41.42 17.95 4.92
CA ARG G 392 42.40 18.11 3.86
C ARG G 392 43.11 19.45 4.03
N CYS G 393 44.43 19.45 3.84
CA CYS G 393 45.20 20.68 3.93
C CYS G 393 45.33 21.28 2.53
N GLN G 394 46.17 22.31 2.39
CA GLN G 394 46.24 23.07 1.15
C GLN G 394 47.02 22.30 0.09
N GLN G 395 46.57 22.40 -1.16
CA GLN G 395 47.02 21.53 -2.23
C GLN G 395 48.18 22.11 -3.05
N GLU G 396 48.72 23.28 -2.70
CA GLU G 396 49.79 23.85 -3.50
C GLU G 396 51.17 23.35 -3.08
N GLU G 397 51.30 22.74 -1.91
CA GLU G 397 52.60 22.24 -1.46
C GLU G 397 52.67 20.72 -1.41
N SER G 398 51.65 20.01 -1.91
CA SER G 398 51.69 18.55 -1.93
C SER G 398 52.68 18.04 -2.97
N GLN G 399 52.64 18.61 -4.18
CA GLN G 399 53.65 18.28 -5.18
C GLN G 399 55.02 18.80 -4.77
N ALA G 400 55.09 19.83 -3.92
CA ALA G 400 56.37 20.26 -3.37
C ALA G 400 56.90 19.23 -2.36
N ALA G 401 56.00 18.58 -1.63
CA ALA G 401 56.40 17.50 -0.73
C ALA G 401 56.77 16.25 -1.52
N ARG G 402 56.24 16.08 -2.73
CA ARG G 402 56.65 14.94 -3.54
C ARG G 402 57.93 15.21 -4.32
N MET G 403 58.21 16.46 -4.70
CA MET G 403 59.42 16.71 -5.47
C MET G 403 60.67 16.56 -4.61
N ILE G 404 60.58 16.82 -3.30
CA ILE G 404 61.69 16.53 -2.42
C ILE G 404 61.83 15.03 -2.21
N HIS G 405 60.74 14.27 -2.31
CA HIS G 405 60.83 12.80 -2.29
C HIS G 405 61.57 12.27 -3.51
N SER G 406 61.24 12.79 -4.70
CA SER G 406 61.87 12.33 -5.93
C SER G 406 63.34 12.74 -5.99
N THR G 407 63.62 14.01 -5.65
CA THR G 407 65.02 14.44 -5.61
C THR G 407 65.75 13.84 -4.42
N ALA G 408 65.05 13.37 -3.39
CA ALA G 408 65.72 12.69 -2.30
C ALA G 408 66.09 11.27 -2.68
N GLY G 409 65.26 10.61 -3.48
CA GLY G 409 65.67 9.35 -4.09
C GLY G 409 66.81 9.53 -5.06
N LEU G 410 66.90 10.70 -5.70
CA LEU G 410 68.08 11.03 -6.50
C LEU G 410 69.31 11.25 -5.62
N TYR G 411 69.14 11.94 -4.50
CA TYR G 411 70.29 12.31 -3.69
C TYR G 411 70.81 11.21 -2.78
N ASN G 412 69.98 10.25 -2.35
CA ASN G 412 70.54 9.07 -1.69
C ASN G 412 71.35 8.21 -2.65
N GLN G 413 70.94 8.17 -3.91
CA GLN G 413 71.79 7.59 -4.96
C GLN G 413 73.09 8.37 -5.10
N PHE G 414 73.03 9.69 -4.95
CA PHE G 414 74.24 10.51 -5.04
C PHE G 414 75.16 10.29 -3.83
N ILE G 415 74.59 10.03 -2.65
CA ILE G 415 75.42 9.64 -1.50
C ILE G 415 76.03 8.26 -1.72
N LYS G 416 75.28 7.35 -2.34
CA LYS G 416 75.77 6.00 -2.62
C LYS G 416 76.93 6.02 -3.62
N GLY G 417 76.82 6.83 -4.67
CA GLY G 417 77.76 6.71 -5.77
C GLY G 417 79.10 7.39 -5.57
N LEU G 418 79.14 8.46 -4.78
CA LEU G 418 80.35 9.29 -4.74
C LEU G 418 81.45 8.68 -3.88
N ASP G 419 81.10 8.01 -2.78
CA ASP G 419 82.11 7.44 -1.91
C ASP G 419 82.50 6.03 -2.29
N SER G 420 82.03 5.53 -3.44
CA SER G 420 82.51 4.24 -3.93
C SER G 420 83.93 4.32 -4.48
N PHE G 421 84.39 5.52 -4.87
CA PHE G 421 85.76 5.71 -5.34
C PHE G 421 86.52 6.74 -4.50
N SER G 422 85.99 7.13 -3.35
CA SER G 422 86.64 8.15 -2.53
C SER G 422 87.82 7.59 -1.75
N GLY G 423 87.70 6.35 -1.28
CA GLY G 423 88.76 5.70 -0.55
C GLY G 423 89.69 4.83 -1.37
N LYS G 424 89.36 4.57 -2.63
CA LYS G 424 90.19 3.76 -3.51
C LYS G 424 90.41 4.51 -4.83
N PRO G 425 91.66 4.70 -5.24
CA PRO G 425 91.89 5.40 -6.52
C PRO G 425 91.59 4.51 -7.71
N ARG G 426 91.06 5.14 -8.76
CA ARG G 426 90.78 4.46 -10.02
C ARG G 426 91.66 5.07 -11.12
N GLY G 427 92.40 4.22 -11.82
CA GLY G 427 93.26 4.67 -12.89
C GLY G 427 92.60 4.63 -14.26
N PRO G 434 78.90 1.51 -11.24
CA PRO G 434 77.67 2.32 -11.36
C PRO G 434 77.92 3.62 -12.10
N ALA G 435 77.06 3.95 -13.06
CA ALA G 435 77.20 5.16 -13.84
C ALA G 435 76.64 6.35 -13.08
N LEU G 436 77.34 7.48 -13.16
CA LEU G 436 76.92 8.65 -12.40
C LEU G 436 76.05 9.54 -13.30
N PRO G 437 74.92 10.04 -12.81
CA PRO G 437 74.03 10.87 -13.66
C PRO G 437 74.34 12.37 -13.61
N ILE G 438 75.38 12.75 -14.38
CA ILE G 438 75.82 14.15 -14.43
C ILE G 438 74.73 15.03 -15.04
N GLU G 439 74.15 14.59 -16.16
CA GLU G 439 73.10 15.33 -16.84
C GLU G 439 71.79 15.38 -16.04
N ALA G 440 71.61 14.45 -15.11
CA ALA G 440 70.42 14.47 -14.27
C ALA G 440 70.58 15.38 -13.06
N VAL G 441 71.81 15.53 -12.53
CA VAL G 441 71.96 16.41 -11.38
C VAL G 441 72.37 17.83 -11.76
N ILE G 442 72.78 18.09 -13.01
CA ILE G 442 73.23 19.44 -13.34
C ILE G 442 72.03 20.35 -13.56
N LEU G 443 70.93 19.83 -14.12
CA LEU G 443 69.74 20.60 -14.42
C LEU G 443 68.66 20.44 -13.38
N SER G 444 68.93 19.78 -12.26
CA SER G 444 67.93 19.63 -11.22
C SER G 444 67.86 20.87 -10.33
N LEU G 445 68.86 21.76 -10.40
CA LEU G 445 69.03 22.79 -9.39
C LEU G 445 68.67 24.20 -9.84
N GLN G 446 68.82 24.57 -11.12
CA GLN G 446 68.43 25.94 -11.48
C GLN G 446 66.91 26.08 -11.56
N ASP G 447 66.18 24.98 -11.74
CA ASP G 447 64.73 25.04 -11.53
C ASP G 447 64.39 25.26 -10.05
N LEU G 448 65.18 24.69 -9.13
CA LEU G 448 65.02 25.05 -7.72
C LEU G 448 65.47 26.49 -7.45
N ILE G 449 66.40 27.01 -8.24
CA ILE G 449 66.81 28.41 -8.09
C ILE G 449 65.67 29.34 -8.52
N GLY G 450 65.02 29.02 -9.64
CA GLY G 450 63.82 29.75 -10.03
C GLY G 450 62.64 29.49 -9.10
N TYR G 451 62.64 28.36 -8.41
CA TYR G 451 61.60 28.03 -7.45
C TYR G 451 61.78 28.82 -6.15
N PHE G 452 63.03 29.09 -5.77
CA PHE G 452 63.34 29.73 -4.49
C PHE G 452 63.68 31.21 -4.63
N GLU G 453 63.82 31.72 -5.84
CA GLU G 453 64.16 33.12 -6.04
C GLU G 453 62.96 34.01 -5.69
N PRO G 454 63.15 35.05 -4.89
CA PRO G 454 62.03 35.91 -4.51
C PRO G 454 61.60 36.80 -5.67
N PRO G 455 60.36 37.28 -5.68
CA PRO G 455 59.92 38.20 -6.73
C PRO G 455 60.57 39.57 -6.59
N SER G 456 60.46 40.35 -7.67
CA SER G 456 61.11 41.64 -7.79
C SER G 456 60.39 42.70 -6.97
N GLU G 457 60.96 43.91 -7.00
CA GLU G 457 60.48 45.04 -6.21
C GLU G 457 59.36 45.82 -6.88
N GLU G 458 59.03 45.53 -8.13
CA GLU G 458 58.07 46.33 -8.88
C GLU G 458 56.61 45.94 -8.61
N LEU G 459 56.36 44.95 -7.77
CA LEU G 459 55.00 44.50 -7.49
C LEU G 459 54.40 45.36 -6.38
N GLN G 460 53.06 45.32 -6.30
CA GLN G 460 52.39 46.01 -5.20
C GLN G 460 52.52 45.19 -3.93
N HIS G 461 52.34 45.85 -2.79
CA HIS G 461 52.47 45.20 -1.50
C HIS G 461 51.32 44.24 -1.19
N GLU G 462 50.25 44.29 -1.97
CA GLU G 462 49.07 43.45 -1.72
C GLU G 462 49.32 42.01 -2.16
N GLU G 463 49.89 41.81 -3.35
CA GLU G 463 50.08 40.47 -3.88
C GLU G 463 51.48 39.91 -3.67
N LYS G 464 52.48 40.77 -3.43
CA LYS G 464 53.85 40.29 -3.28
C LYS G 464 54.09 39.70 -1.89
N GLN G 465 53.55 40.33 -0.84
CA GLN G 465 53.81 39.85 0.52
C GLN G 465 53.08 38.55 0.80
N SER G 466 51.98 38.28 0.08
CA SER G 466 51.28 37.01 0.20
C SER G 466 52.15 35.86 -0.31
N LYS G 467 52.79 36.04 -1.47
CA LYS G 467 53.73 35.06 -1.97
C LYS G 467 54.99 34.99 -1.12
N LEU G 468 55.40 36.09 -0.49
CA LEU G 468 56.55 36.06 0.41
C LEU G 468 56.24 35.24 1.66
N ARG G 469 55.05 35.44 2.24
CA ARG G 469 54.60 34.66 3.38
C ARG G 469 54.37 33.20 3.01
N SER G 470 54.06 32.93 1.74
CA SER G 470 54.00 31.55 1.27
C SER G 470 55.39 30.93 1.18
N LEU G 471 56.36 31.69 0.65
CA LEU G 471 57.69 31.12 0.42
C LEU G 471 58.48 30.94 1.73
N ARG G 472 58.23 31.77 2.75
CA ARG G 472 58.91 31.59 4.03
C ARG G 472 58.49 30.29 4.70
N ASN G 473 57.18 30.06 4.85
CA ASN G 473 56.73 28.80 5.42
C ASN G 473 56.89 27.64 4.44
N ARG G 474 57.07 27.92 3.14
CA ARG G 474 57.48 26.90 2.19
C ARG G 474 58.85 26.33 2.53
N GLN G 475 59.84 27.19 2.77
CA GLN G 475 61.16 26.65 3.14
C GLN G 475 61.20 26.19 4.60
N SER G 476 60.37 26.77 5.47
CA SER G 476 60.23 26.24 6.82
C SER G 476 59.54 24.87 6.83
N LEU G 477 58.70 24.59 5.84
CA LEU G 477 58.10 23.28 5.67
C LEU G 477 59.12 22.25 5.22
N PHE G 478 60.11 22.68 4.45
CA PHE G 478 61.14 21.82 3.86
C PHE G 478 62.29 21.54 4.82
N GLN G 479 62.64 22.53 5.67
CA GLN G 479 63.78 22.42 6.57
C GLN G 479 63.56 21.43 7.73
N GLU G 480 62.33 20.94 7.90
CA GLU G 480 62.09 19.84 8.84
C GLU G 480 62.54 18.51 8.28
N GLU G 481 62.33 18.29 6.98
CA GLU G 481 62.69 17.04 6.32
C GLU G 481 63.91 17.33 5.43
N GLY G 482 65.08 17.36 6.06
CA GLY G 482 66.32 17.54 5.33
C GLY G 482 66.51 18.97 4.85
N MET G 483 66.88 19.10 3.58
CA MET G 483 66.92 20.33 2.77
C MET G 483 68.01 21.32 3.15
N LEU G 484 68.59 21.20 4.34
CA LEU G 484 69.75 22.01 4.71
C LEU G 484 70.88 21.21 5.33
N SER G 485 70.66 19.95 5.69
CA SER G 485 71.75 19.07 6.07
C SER G 485 72.35 18.37 4.86
N LEU G 486 71.54 18.11 3.84
CA LEU G 486 71.97 17.24 2.74
C LEU G 486 72.95 17.95 1.82
N VAL G 487 72.88 19.28 1.74
CA VAL G 487 73.77 20.04 0.87
C VAL G 487 75.22 19.98 1.38
N LEU G 488 75.43 20.20 2.68
CA LEU G 488 76.78 20.00 3.18
C LEU G 488 77.12 18.53 3.35
N ASN G 489 76.12 17.66 3.48
CA ASN G 489 76.37 16.22 3.50
C ASN G 489 76.84 15.68 2.15
N CYS G 490 76.57 16.38 1.05
CA CYS G 490 77.23 16.00 -0.20
C CYS G 490 78.46 16.83 -0.51
N ILE G 491 78.59 18.06 0.00
CA ILE G 491 79.74 18.87 -0.38
C ILE G 491 80.93 18.62 0.56
N ASP G 492 80.69 17.88 1.65
CA ASP G 492 81.74 17.61 2.64
C ASP G 492 82.91 16.79 2.09
N ARG G 493 82.65 15.91 1.14
CA ARG G 493 83.70 15.24 0.40
C ARG G 493 83.71 15.61 -1.08
N LEU G 494 82.95 16.64 -1.47
CA LEU G 494 83.17 17.28 -2.76
C LEU G 494 84.26 18.34 -2.69
N ASN G 495 84.38 19.04 -1.55
CA ASN G 495 85.40 20.09 -1.45
C ASN G 495 86.77 19.57 -1.03
N VAL G 496 86.94 18.24 -0.93
CA VAL G 496 88.19 17.69 -0.41
C VAL G 496 89.28 17.67 -1.49
N TYR G 497 88.93 17.83 -2.76
CA TYR G 497 89.89 17.89 -3.85
C TYR G 497 89.93 19.31 -4.40
N THR G 498 91.13 19.81 -4.68
CA THR G 498 91.30 21.22 -5.03
C THR G 498 91.38 21.49 -6.53
N THR G 499 91.99 20.59 -7.31
CA THR G 499 92.15 20.84 -8.74
C THR G 499 90.85 20.53 -9.48
N ALA G 500 90.81 20.95 -10.75
CA ALA G 500 89.60 20.74 -11.54
C ALA G 500 89.65 19.42 -12.31
N ALA G 501 90.82 19.06 -12.84
CA ALA G 501 90.94 17.84 -13.62
C ALA G 501 91.98 16.85 -13.09
N HIS G 502 92.96 17.31 -12.31
CA HIS G 502 93.97 16.42 -11.77
C HIS G 502 93.45 15.69 -10.53
N PHE G 503 93.04 16.43 -9.51
CA PHE G 503 92.53 15.82 -8.29
C PHE G 503 91.12 15.27 -8.46
N ALA G 504 90.38 15.73 -9.47
CA ALA G 504 89.03 15.24 -9.74
C ALA G 504 89.02 14.17 -10.82
N GLU G 505 90.10 13.39 -10.92
CA GLU G 505 90.18 12.28 -11.86
C GLU G 505 89.69 10.97 -11.26
N TYR G 506 89.01 11.02 -10.11
CA TYR G 506 88.54 9.80 -9.47
C TYR G 506 87.28 9.24 -10.12
N ALA G 507 86.47 10.09 -10.74
CA ALA G 507 85.20 9.70 -11.33
C ALA G 507 85.26 9.61 -12.85
N GLY G 508 85.78 10.63 -13.50
CA GLY G 508 85.90 10.60 -14.95
C GLY G 508 85.96 12.01 -15.52
N GLU G 509 86.03 12.04 -16.85
CA GLU G 509 86.09 13.32 -17.56
C GLU G 509 84.74 14.04 -17.52
N GLU G 510 83.63 13.30 -17.41
CA GLU G 510 82.32 13.93 -17.31
C GLU G 510 82.12 14.62 -15.97
N ALA G 511 82.87 14.21 -14.94
CA ALA G 511 82.93 14.94 -13.69
C ALA G 511 84.03 15.99 -13.67
N ALA G 512 85.13 15.76 -14.41
CA ALA G 512 86.20 16.75 -14.46
C ALA G 512 85.80 17.98 -15.26
N GLU G 513 84.87 17.81 -16.21
CA GLU G 513 84.36 18.94 -16.99
C GLU G 513 83.28 19.70 -16.24
N SER G 514 82.54 19.02 -15.37
CA SER G 514 81.46 19.62 -14.59
C SER G 514 81.84 19.79 -13.13
N TRP G 515 83.15 19.85 -12.85
CA TRP G 515 83.67 20.22 -11.53
C TRP G 515 83.04 21.51 -10.99
N LYS G 516 82.96 22.53 -11.82
CA LYS G 516 82.62 23.89 -11.41
C LYS G 516 81.11 24.11 -11.33
N GLU G 517 80.39 23.55 -12.29
CA GLU G 517 78.96 23.78 -12.41
C GLU G 517 78.13 23.00 -11.40
N ILE G 518 78.75 22.13 -10.60
CA ILE G 518 78.04 21.62 -9.43
C ILE G 518 78.10 22.63 -8.30
N VAL G 519 79.28 23.18 -7.99
CA VAL G 519 79.44 23.94 -6.77
C VAL G 519 78.94 25.38 -6.91
N ASN G 520 79.02 25.98 -8.11
CA ASN G 520 78.39 27.29 -8.26
C ASN G 520 76.86 27.26 -8.23
N LEU G 521 76.24 26.10 -8.43
CA LEU G 521 74.81 26.00 -8.11
C LEU G 521 74.55 25.53 -6.68
N LEU G 522 75.48 24.77 -6.08
CA LEU G 522 75.30 24.34 -4.70
C LEU G 522 75.36 25.52 -3.73
N TYR G 523 76.33 26.42 -3.93
CA TYR G 523 76.42 27.58 -3.05
C TYR G 523 75.33 28.61 -3.32
N GLU G 524 74.84 28.68 -4.56
CA GLU G 524 73.68 29.51 -4.86
C GLU G 524 72.43 28.97 -4.15
N LEU G 525 72.27 27.64 -4.12
CA LEU G 525 71.16 27.04 -3.40
C LEU G 525 71.29 27.26 -1.90
N LEU G 526 72.52 27.19 -1.37
CA LEU G 526 72.77 27.46 0.04
C LEU G 526 72.48 28.91 0.39
N ALA G 527 72.74 29.84 -0.53
CA ALA G 527 72.44 31.24 -0.27
C ALA G 527 70.93 31.51 -0.34
N SER G 528 70.23 30.87 -1.28
CA SER G 528 68.80 31.07 -1.39
C SER G 528 68.04 30.41 -0.24
N LEU G 529 68.63 29.41 0.42
CA LEU G 529 68.08 28.97 1.70
C LEU G 529 68.12 30.08 2.74
N ILE G 530 69.23 30.81 2.84
CA ILE G 530 69.45 31.78 3.90
C ILE G 530 69.04 33.18 3.44
N ARG G 531 68.37 33.28 2.29
CA ARG G 531 67.92 34.58 1.80
C ARG G 531 66.70 35.07 2.57
N GLY G 532 66.92 35.89 3.59
CA GLY G 532 65.83 36.60 4.25
C GLY G 532 65.36 36.00 5.56
N ASN G 533 65.31 34.67 5.62
CA ASN G 533 64.67 34.00 6.76
C ASN G 533 65.64 33.83 7.91
N ARG G 534 65.16 34.06 9.13
CA ARG G 534 66.00 34.03 10.32
C ARG G 534 65.72 32.85 11.23
N ALA G 535 64.89 31.91 10.80
CA ALA G 535 64.54 30.74 11.62
C ALA G 535 65.42 29.54 11.34
N ASN G 536 66.02 29.43 10.15
CA ASN G 536 66.87 28.29 9.84
C ASN G 536 68.35 28.61 9.78
N CYS G 537 68.74 29.89 9.82
CA CYS G 537 70.17 30.20 9.89
C CYS G 537 70.71 30.08 11.31
N ALA G 538 69.85 29.90 12.31
CA ALA G 538 70.30 29.80 13.70
C ALA G 538 71.03 28.50 13.99
N LEU G 539 70.77 27.43 13.22
CA LEU G 539 71.48 26.18 13.42
C LEU G 539 72.81 26.14 12.66
N PHE G 540 73.05 27.09 11.74
CA PHE G 540 74.35 27.23 11.11
C PHE G 540 75.31 28.08 11.94
N SER G 541 74.94 28.41 13.18
CA SER G 541 75.81 29.11 14.11
C SER G 541 76.72 28.15 14.86
N THR G 542 76.57 26.85 14.67
CA THR G 542 77.33 25.86 15.44
C THR G 542 78.61 25.43 14.76
N ASN G 543 78.73 25.59 13.45
CA ASN G 543 79.96 25.27 12.75
C ASN G 543 80.25 26.41 11.78
N LEU G 544 80.29 27.63 12.31
CA LEU G 544 80.56 28.84 11.53
C LEU G 544 81.98 28.86 10.98
N ASP G 545 82.88 28.05 11.54
CA ASP G 545 84.20 27.88 10.95
C ASP G 545 84.12 27.21 9.58
N TRP G 546 83.08 26.40 9.33
CA TRP G 546 82.93 25.75 8.03
C TRP G 546 82.65 26.76 6.92
N VAL G 547 81.91 27.83 7.21
CA VAL G 547 81.69 28.85 6.18
C VAL G 547 82.79 29.91 6.18
N VAL G 548 83.56 30.05 7.25
CA VAL G 548 84.63 31.06 7.19
C VAL G 548 86.03 30.49 6.94
N SER G 549 86.17 29.18 6.68
CA SER G 549 87.48 28.66 6.31
C SER G 549 87.62 28.22 4.85
N LYS G 550 86.61 28.43 4.00
CA LYS G 550 86.65 27.97 2.60
C LYS G 550 86.53 29.13 1.61
N LEU G 551 87.19 30.27 1.87
CA LEU G 551 87.03 31.40 0.95
C LEU G 551 88.07 31.43 -0.16
N ASP G 552 89.33 31.14 0.15
CA ASP G 552 90.41 31.24 -0.83
C ASP G 552 90.74 29.89 -1.45
N ARG G 553 89.72 29.05 -1.63
CA ARG G 553 89.86 27.73 -2.23
C ARG G 553 89.94 27.82 -3.76
N LEU G 554 89.78 29.02 -4.33
CA LEU G 554 89.97 29.48 -5.72
C LEU G 554 88.78 29.14 -6.61
N GLU G 555 87.81 28.35 -6.13
CA GLU G 555 86.65 27.95 -6.92
C GLU G 555 85.38 28.30 -6.16
N ALA G 556 84.40 28.85 -6.90
CA ALA G 556 83.07 29.24 -6.40
C ALA G 556 83.16 30.24 -5.24
N SER G 557 83.78 31.38 -5.54
CA SER G 557 83.81 32.48 -4.58
C SER G 557 82.61 33.42 -4.74
N SER G 558 81.69 33.13 -5.65
CA SER G 558 80.55 34.02 -5.84
C SER G 558 79.34 33.63 -5.02
N GLY G 559 79.36 32.46 -4.39
CA GLY G 559 78.23 32.01 -3.60
C GLY G 559 78.42 32.18 -2.10
N ILE G 560 79.63 31.86 -1.61
CA ILE G 560 79.91 31.87 -0.18
C ILE G 560 79.93 33.29 0.40
N LEU G 561 80.37 34.28 -0.38
CA LEU G 561 80.36 35.67 0.12
C LEU G 561 78.96 36.19 0.34
N GLU G 562 78.02 35.91 -0.57
CA GLU G 562 76.66 36.35 -0.30
C GLU G 562 75.83 35.30 0.45
N VAL G 563 76.42 34.15 0.80
CA VAL G 563 75.92 33.38 1.93
C VAL G 563 76.21 34.12 3.23
N LEU G 564 77.48 34.51 3.42
CA LEU G 564 77.90 35.17 4.65
C LEU G 564 77.37 36.60 4.76
N TYR G 565 76.96 37.19 3.64
CA TYR G 565 76.27 38.49 3.68
C TYR G 565 74.90 38.35 4.33
N CYS G 566 74.15 37.31 3.95
CA CYS G 566 72.78 37.15 4.43
C CYS G 566 72.67 36.34 5.72
N VAL G 567 73.74 35.69 6.19
CA VAL G 567 73.64 35.09 7.52
C VAL G 567 73.74 36.12 8.64
N LEU G 568 74.22 37.33 8.36
CA LEU G 568 74.39 38.35 9.40
C LEU G 568 73.30 39.43 9.40
N ILE G 569 72.42 39.46 8.41
CA ILE G 569 71.28 40.36 8.40
C ILE G 569 70.11 39.79 9.17
N GLU G 570 69.94 38.47 9.11
CA GLU G 570 68.70 37.84 9.56
C GLU G 570 68.61 37.75 11.08
N SER G 571 69.61 37.17 11.73
CA SER G 571 69.53 36.89 13.16
C SER G 571 70.75 37.43 13.90
N PRO G 572 70.56 37.93 15.13
CA PRO G 572 71.71 38.40 15.93
C PRO G 572 72.35 37.33 16.81
N GLU G 573 71.86 36.09 16.77
CA GLU G 573 72.45 35.02 17.57
C GLU G 573 73.70 34.41 16.96
N VAL G 574 74.10 34.86 15.76
CA VAL G 574 75.27 34.30 15.09
C VAL G 574 76.50 35.19 15.17
N LEU G 575 76.33 36.49 15.44
CA LEU G 575 77.44 37.44 15.38
C LEU G 575 78.14 37.65 16.72
N ASN G 576 77.74 36.93 17.77
CA ASN G 576 78.48 36.91 19.02
C ASN G 576 79.51 35.78 19.06
N ILE G 577 79.83 35.19 17.92
CA ILE G 577 80.73 34.05 17.84
C ILE G 577 82.05 34.42 17.17
N ILE G 578 82.01 35.27 16.14
CA ILE G 578 83.20 35.62 15.38
C ILE G 578 84.07 36.56 16.22
N GLN G 579 85.17 36.03 16.75
CA GLN G 579 86.24 36.85 17.28
C GLN G 579 87.40 36.85 16.29
N GLU G 580 88.57 37.35 16.73
CA GLU G 580 89.63 37.77 15.82
C GLU G 580 90.29 36.60 15.05
N ASN G 581 90.00 35.35 15.41
CA ASN G 581 90.58 34.22 14.70
C ASN G 581 89.93 33.98 13.33
N HIS G 582 88.71 34.51 13.11
CA HIS G 582 88.02 34.34 11.84
C HIS G 582 87.87 35.62 11.02
N ILE G 583 88.30 36.78 11.55
CA ILE G 583 87.97 38.04 10.90
C ILE G 583 89.06 38.47 9.92
N LYS G 584 90.26 37.87 10.00
CA LYS G 584 91.34 38.18 9.07
C LYS G 584 91.31 37.33 7.81
N SER G 585 90.57 36.23 7.80
CA SER G 585 90.36 35.50 6.54
C SER G 585 89.55 36.35 5.55
N ILE G 586 88.68 37.21 6.08
CA ILE G 586 87.91 38.10 5.22
C ILE G 586 88.82 39.17 4.63
N ILE G 587 89.77 39.68 5.43
CA ILE G 587 90.76 40.65 4.93
C ILE G 587 91.71 39.95 3.95
N SER G 588 91.95 38.65 4.16
CA SER G 588 92.79 37.88 3.25
C SER G 588 92.15 37.75 1.88
N LEU G 589 90.85 37.42 1.82
CA LEU G 589 90.18 37.39 0.52
C LEU G 589 90.00 38.80 -0.06
N LEU G 590 89.87 39.82 0.82
CA LEU G 590 89.85 41.21 0.38
C LEU G 590 91.12 41.59 -0.36
N ASP G 591 92.28 41.14 0.13
CA ASP G 591 93.54 41.41 -0.56
C ASP G 591 93.88 40.38 -1.63
N LYS G 592 93.21 39.23 -1.66
CA LYS G 592 93.58 38.20 -2.62
C LYS G 592 92.57 38.00 -3.76
N HIS G 593 91.43 38.68 -3.76
CA HIS G 593 90.50 38.52 -4.88
C HIS G 593 89.91 39.85 -5.32
N GLY G 594 90.77 40.85 -5.48
CA GLY G 594 90.36 42.11 -6.06
C GLY G 594 89.57 42.98 -5.09
N ARG G 595 89.13 44.13 -5.61
CA ARG G 595 88.38 45.11 -4.83
C ARG G 595 86.90 44.92 -5.13
N ASN G 596 86.23 44.16 -4.27
CA ASN G 596 84.82 43.84 -4.44
C ASN G 596 83.98 44.75 -3.58
N HIS G 597 82.70 44.87 -3.94
CA HIS G 597 81.72 45.45 -3.03
C HIS G 597 80.99 44.40 -2.23
N LYS G 598 81.28 43.12 -2.47
CA LYS G 598 80.75 42.04 -1.64
C LYS G 598 81.45 41.95 -0.30
N VAL G 599 82.63 42.54 -0.16
CA VAL G 599 83.50 42.28 0.97
C VAL G 599 83.50 43.38 2.02
N LEU G 600 82.89 44.53 1.75
CA LEU G 600 82.86 45.62 2.71
C LEU G 600 81.50 45.88 3.32
N ASP G 601 80.42 45.64 2.56
CA ASP G 601 79.09 45.71 3.14
C ASP G 601 78.86 44.60 4.16
N VAL G 602 79.58 43.48 4.07
CA VAL G 602 79.46 42.43 5.08
C VAL G 602 80.03 42.88 6.42
N LEU G 603 81.13 43.64 6.43
CA LEU G 603 81.63 44.23 7.67
C LEU G 603 80.78 45.43 8.10
N CYS G 604 80.11 46.07 7.14
CA CYS G 604 79.17 47.12 7.49
C CYS G 604 77.92 46.55 8.17
N SER G 605 77.59 45.29 7.85
CA SER G 605 76.43 44.61 8.41
C SER G 605 76.73 43.82 9.68
N LEU G 606 77.99 43.40 9.87
CA LEU G 606 78.31 42.56 11.02
C LEU G 606 78.34 43.38 12.30
N CYS G 607 78.65 44.67 12.22
CA CYS G 607 78.85 45.47 13.42
C CYS G 607 77.52 45.90 14.03
N VAL G 608 76.55 46.25 13.19
CA VAL G 608 75.27 46.80 13.63
C VAL G 608 74.18 45.76 13.41
N CYS G 609 73.29 45.61 14.39
CA CYS G 609 72.21 44.62 14.31
C CYS G 609 71.07 45.05 15.22
N ASN G 610 69.88 45.17 14.64
CA ASN G 610 68.64 45.58 15.33
C ASN G 610 68.78 46.94 16.01
N GLY G 611 69.63 47.81 15.47
CA GLY G 611 69.88 49.09 16.09
C GLY G 611 70.72 49.06 17.35
N VAL G 612 71.50 48.00 17.58
CA VAL G 612 72.41 47.94 18.71
C VAL G 612 73.67 47.17 18.31
N ALA G 613 74.83 47.71 18.69
CA ALA G 613 76.10 47.16 18.25
C ALA G 613 76.82 46.45 19.39
N VAL G 614 77.81 45.64 19.03
CA VAL G 614 78.74 45.05 19.99
C VAL G 614 80.12 45.64 19.69
N ARG G 615 80.81 46.07 20.75
CA ARG G 615 82.16 46.62 20.59
C ARG G 615 83.24 45.62 20.94
N SER G 616 82.90 44.33 20.98
CA SER G 616 83.85 43.25 20.82
C SER G 616 84.06 42.90 19.36
N ASN G 617 83.46 43.68 18.45
CA ASN G 617 83.62 43.52 17.02
C ASN G 617 83.91 44.84 16.33
N GLN G 618 84.06 45.93 17.08
CA GLN G 618 84.18 47.26 16.48
C GLN G 618 85.62 47.57 16.06
N ASP G 619 86.53 47.66 17.03
CA ASP G 619 87.92 48.02 16.75
C ASP G 619 88.77 46.84 16.28
N LEU G 620 88.17 45.66 16.09
CA LEU G 620 88.95 44.51 15.65
C LEU G 620 89.37 44.63 14.20
N ILE G 621 88.68 45.43 13.40
CA ILE G 621 89.11 45.69 12.04
C ILE G 621 89.97 46.95 11.95
N THR G 622 89.80 47.89 12.89
CA THR G 622 90.74 49.00 13.01
C THR G 622 92.09 48.55 13.58
N GLU G 623 92.13 47.35 14.18
CA GLU G 623 93.39 46.73 14.56
C GLU G 623 94.22 46.31 13.36
N ASN G 624 93.58 45.76 12.32
CA ASN G 624 94.24 45.07 11.22
C ASN G 624 94.17 45.81 9.90
N LEU G 625 92.97 46.10 9.41
CA LEU G 625 92.77 46.55 8.04
C LEU G 625 93.19 48.00 7.85
N LEU G 626 92.98 48.83 8.87
CA LEU G 626 93.21 50.27 8.83
C LEU G 626 94.65 50.76 9.01
N PRO G 627 95.44 50.34 10.00
CA PRO G 627 96.77 50.96 10.16
C PRO G 627 97.82 50.49 9.17
N GLY G 628 97.51 49.52 8.30
CA GLY G 628 98.44 49.13 7.26
C GLY G 628 98.56 50.20 6.18
N ARG G 629 97.41 50.73 5.73
CA ARG G 629 97.32 51.79 4.72
C ARG G 629 98.04 51.43 3.43
N GLU G 630 97.94 50.16 3.03
CA GLU G 630 98.43 49.71 1.73
C GLU G 630 97.43 48.82 1.02
N LEU G 631 96.21 48.71 1.54
CA LEU G 631 95.16 47.88 0.96
C LEU G 631 94.02 48.71 0.38
N LEU G 632 93.51 49.66 1.16
CA LEU G 632 92.39 50.51 0.76
C LEU G 632 92.92 51.86 0.31
N LEU G 633 92.00 52.77 0.02
CA LEU G 633 92.32 54.00 -0.69
C LEU G 633 92.16 55.19 0.25
N GLN G 634 93.26 55.89 0.51
CA GLN G 634 93.27 57.05 1.40
C GLN G 634 93.56 58.32 0.60
N THR G 635 93.32 59.47 1.24
CA THR G 635 93.48 60.74 0.54
C THR G 635 93.80 61.86 1.52
N ASN G 636 94.38 62.94 0.98
CA ASN G 636 94.69 64.15 1.73
C ASN G 636 94.80 65.28 0.73
N LEU G 637 94.71 66.51 1.23
CA LEU G 637 94.78 67.70 0.38
C LEU G 637 96.22 67.91 -0.10
N ILE G 638 96.38 68.23 -1.38
CA ILE G 638 97.69 68.31 -1.99
C ILE G 638 97.74 69.59 -2.84
N ASN G 639 98.96 70.02 -3.17
CA ASN G 639 99.21 71.29 -3.81
C ASN G 639 99.00 71.20 -5.32
N TYR G 640 99.18 72.33 -5.99
CA TYR G 640 99.33 72.41 -7.43
C TYR G 640 100.73 72.87 -7.78
N VAL G 641 101.31 72.24 -8.81
CA VAL G 641 102.57 72.69 -9.37
C VAL G 641 102.46 72.76 -10.88
N THR G 642 103.08 73.79 -11.45
CA THR G 642 103.45 73.90 -12.85
C THR G 642 104.92 74.28 -12.92
N SER G 643 105.44 74.44 -14.13
CA SER G 643 106.86 74.71 -14.29
C SER G 643 107.08 75.54 -15.55
N ILE G 644 107.97 76.51 -15.45
CA ILE G 644 108.29 77.42 -16.55
C ILE G 644 109.67 77.03 -17.06
N ARG G 645 109.93 77.30 -18.34
CA ARG G 645 111.16 76.83 -18.98
C ARG G 645 111.59 77.75 -20.11
N PRO G 646 112.86 78.20 -20.11
CA PRO G 646 113.38 78.97 -21.24
C PRO G 646 113.97 78.06 -22.32
N ASN G 647 114.11 78.63 -23.52
CA ASN G 647 114.54 77.88 -24.70
C ASN G 647 116.06 77.96 -24.84
N ILE G 648 116.73 77.15 -24.02
CA ILE G 648 118.16 76.87 -24.17
C ILE G 648 118.28 75.36 -24.35
N PHE G 649 118.57 74.92 -25.56
CA PHE G 649 118.58 73.51 -25.94
C PHE G 649 120.01 73.10 -26.26
N VAL G 650 120.60 72.28 -25.38
CA VAL G 650 121.99 71.83 -25.49
C VAL G 650 122.01 70.31 -25.54
N GLY G 651 122.57 69.75 -26.63
CA GLY G 651 122.69 68.31 -26.74
C GLY G 651 123.93 67.93 -27.55
N ARG G 652 124.33 66.67 -27.41
CA ARG G 652 125.48 66.15 -28.13
C ARG G 652 125.13 64.95 -28.98
N ALA G 653 126.07 64.64 -29.85
CA ALA G 653 126.14 63.44 -30.68
C ALA G 653 127.61 63.17 -30.95
N GLU G 654 127.91 62.46 -32.04
CA GLU G 654 129.30 62.19 -32.41
C GLU G 654 130.03 63.45 -32.83
N GLY G 655 129.57 64.09 -33.91
CA GLY G 655 130.06 65.40 -34.29
C GLY G 655 129.05 66.47 -33.97
N SER G 656 129.22 67.13 -32.83
CA SER G 656 128.21 68.03 -32.31
C SER G 656 128.69 69.47 -32.37
N THR G 657 127.74 70.39 -32.25
CA THR G 657 127.99 71.83 -32.34
C THR G 657 128.29 72.47 -30.98
N GLN G 658 128.37 71.68 -29.91
CA GLN G 658 128.47 72.23 -28.57
C GLN G 658 129.92 72.56 -28.19
N TYR G 659 130.07 73.13 -27.00
CA TYR G 659 131.35 73.23 -26.31
C TYR G 659 131.42 72.26 -25.13
N GLY G 660 130.39 72.29 -24.26
CA GLY G 660 130.30 71.31 -23.19
C GLY G 660 130.17 71.91 -21.81
N LYS G 661 130.25 73.23 -21.70
CA LYS G 661 130.33 73.90 -20.40
C LYS G 661 129.30 75.01 -20.39
N TRP G 662 128.22 74.85 -19.60
CA TRP G 662 127.24 75.91 -19.44
C TRP G 662 126.70 75.92 -18.02
N TYR G 663 126.42 77.12 -17.52
CA TYR G 663 126.14 77.35 -16.11
C TYR G 663 125.37 78.66 -15.95
N PHE G 664 124.53 78.71 -14.91
CA PHE G 664 123.54 79.75 -14.71
C PHE G 664 123.28 79.87 -13.22
N GLU G 665 122.53 80.89 -12.80
CA GLU G 665 122.05 80.96 -11.42
C GLU G 665 120.58 81.41 -11.36
N VAL G 666 119.99 81.18 -10.19
CA VAL G 666 118.68 81.70 -9.80
C VAL G 666 118.84 82.34 -8.42
N MET G 667 118.31 83.55 -8.27
CA MET G 667 118.33 84.26 -6.99
C MET G 667 116.93 84.25 -6.40
N VAL G 668 116.83 83.99 -5.09
CA VAL G 668 115.57 83.80 -4.41
C VAL G 668 115.32 84.96 -3.45
N ASP G 669 114.18 85.65 -3.59
CA ASP G 669 113.90 86.79 -2.74
C ASP G 669 112.47 86.85 -2.21
N GLU G 670 111.51 86.25 -2.91
CA GLU G 670 110.09 86.39 -2.51
C GLU G 670 109.43 85.01 -2.57
N VAL G 671 109.45 84.30 -1.46
CA VAL G 671 108.82 82.99 -1.33
C VAL G 671 108.17 82.91 0.04
N VAL G 672 106.89 82.53 0.09
CA VAL G 672 106.16 82.39 1.34
C VAL G 672 106.73 81.22 2.14
N PRO G 673 106.75 81.29 3.49
CA PRO G 673 107.19 80.13 4.27
C PRO G 673 106.22 78.95 4.18
N PHE G 674 104.98 79.15 4.61
CA PHE G 674 103.95 78.11 4.55
C PHE G 674 102.61 78.82 4.34
N LEU G 675 102.14 78.84 3.09
CA LEU G 675 100.81 79.34 2.79
C LEU G 675 99.76 78.25 2.86
N THR G 676 100.09 77.06 2.34
CA THR G 676 99.21 75.91 2.25
C THR G 676 99.43 74.96 3.43
N ALA G 677 98.79 73.80 3.37
CA ALA G 677 98.96 72.79 4.41
C ALA G 677 100.33 72.12 4.33
N GLN G 678 100.61 71.45 3.22
CA GLN G 678 101.84 70.69 3.08
C GLN G 678 103.02 71.61 2.77
N ALA G 679 104.16 71.00 2.45
CA ALA G 679 105.39 71.75 2.22
C ALA G 679 105.35 72.50 0.89
N THR G 680 105.97 73.68 0.88
CA THR G 680 106.08 74.47 -0.34
C THR G 680 107.10 73.83 -1.25
N HIS G 681 106.63 73.22 -2.33
CA HIS G 681 107.50 72.47 -3.25
C HIS G 681 108.32 73.45 -4.06
N LEU G 682 109.61 73.57 -3.71
CA LEU G 682 110.46 74.64 -4.21
C LEU G 682 111.85 74.04 -4.43
N ARG G 683 112.21 73.77 -5.69
CA ARG G 683 113.54 73.26 -6.00
C ARG G 683 113.84 73.50 -7.48
N VAL G 684 115.14 73.49 -7.79
CA VAL G 684 115.63 73.74 -9.14
C VAL G 684 116.09 72.42 -9.74
N GLY G 685 116.27 72.41 -11.06
CA GLY G 685 116.80 71.21 -11.68
C GLY G 685 116.78 71.33 -13.20
N TRP G 686 117.42 70.35 -13.82
CA TRP G 686 117.50 70.24 -15.28
C TRP G 686 117.08 68.82 -15.66
N ALA G 687 116.45 68.71 -16.83
CA ALA G 687 115.94 67.42 -17.26
C ALA G 687 116.07 67.31 -18.78
N LEU G 688 115.69 66.17 -19.31
CA LEU G 688 115.70 65.92 -20.75
C LEU G 688 114.27 65.77 -21.24
N THR G 689 114.05 66.14 -22.50
CA THR G 689 112.72 66.53 -22.95
C THR G 689 111.82 65.32 -23.24
N GLU G 690 112.37 64.12 -23.29
CA GLU G 690 111.62 62.97 -23.78
C GLU G 690 110.74 62.31 -22.74
N GLY G 691 111.08 62.40 -21.45
CA GLY G 691 110.29 61.71 -20.45
C GLY G 691 109.69 62.58 -19.37
N TYR G 692 110.37 63.67 -19.01
CA TYR G 692 109.91 64.58 -17.97
C TYR G 692 108.77 65.45 -18.50
N SER G 693 107.60 65.33 -17.89
CA SER G 693 106.44 66.13 -18.30
C SER G 693 105.52 66.33 -17.10
N PRO G 694 105.65 67.46 -16.39
CA PRO G 694 104.77 67.73 -15.24
C PRO G 694 103.38 68.17 -15.68
N TYR G 695 102.37 67.47 -15.15
CA TYR G 695 100.97 67.82 -15.25
C TYR G 695 100.35 68.01 -13.87
N PRO G 696 99.47 69.00 -13.71
CA PRO G 696 98.86 69.22 -12.39
C PRO G 696 97.81 68.19 -12.02
N GLY G 697 97.26 67.46 -12.99
CA GLY G 697 96.30 66.42 -12.70
C GLY G 697 96.83 65.03 -12.92
N GLY G 698 97.07 64.29 -11.84
CA GLY G 698 97.55 62.93 -11.93
C GLY G 698 99.06 62.82 -11.97
N GLY G 699 99.52 61.57 -11.94
CA GLY G 699 100.92 61.23 -11.91
C GLY G 699 101.18 60.18 -10.86
N GLU G 700 102.45 60.04 -10.47
CA GLU G 700 102.86 59.11 -9.44
C GLU G 700 103.22 59.85 -8.16
N GLY G 701 103.27 59.10 -7.06
CA GLY G 701 103.54 59.70 -5.76
C GLY G 701 102.27 60.03 -5.00
N TRP G 702 102.37 61.03 -4.14
CA TRP G 702 101.22 61.57 -3.42
C TRP G 702 100.45 62.58 -4.26
N GLY G 703 101.15 63.40 -5.02
CA GLY G 703 100.56 64.47 -5.79
C GLY G 703 101.49 65.66 -5.82
N GLY G 704 101.29 66.51 -6.84
CA GLY G 704 102.12 67.69 -6.99
C GLY G 704 103.51 67.34 -7.46
N ASN G 705 103.62 66.83 -8.69
CA ASN G 705 104.90 66.35 -9.22
C ASN G 705 105.56 67.42 -10.08
N GLY G 706 106.74 67.88 -9.65
CA GLY G 706 107.57 68.78 -10.43
C GLY G 706 108.91 68.16 -10.80
N VAL G 707 110.02 68.86 -10.47
CA VAL G 707 111.35 68.30 -10.68
C VAL G 707 111.75 67.48 -9.47
N GLY G 708 112.71 66.56 -9.66
CA GLY G 708 113.15 65.69 -8.59
C GLY G 708 112.23 64.54 -8.31
N ASP G 709 111.07 64.50 -8.95
CA ASP G 709 110.02 63.51 -8.74
C ASP G 709 110.09 62.39 -9.76
N ASP G 710 111.14 62.35 -10.58
CA ASP G 710 111.30 61.37 -11.64
C ASP G 710 112.79 61.08 -11.76
N LEU G 711 113.15 60.19 -12.69
CA LEU G 711 114.55 59.88 -12.95
C LEU G 711 115.20 60.84 -13.94
N TYR G 712 114.40 61.57 -14.72
CA TYR G 712 114.94 62.43 -15.77
C TYR G 712 115.47 63.76 -15.21
N SER G 713 114.93 64.21 -14.10
CA SER G 713 115.28 65.50 -13.50
C SER G 713 116.10 65.30 -12.24
N TYR G 714 116.82 66.34 -11.85
CA TYR G 714 117.73 66.32 -10.69
C TYR G 714 117.37 67.51 -9.81
N GLY G 715 116.44 67.29 -8.88
CA GLY G 715 115.96 68.34 -8.00
C GLY G 715 116.66 68.38 -6.66
N PHE G 716 116.77 69.58 -6.11
CA PHE G 716 117.47 69.78 -4.83
C PHE G 716 116.95 71.09 -4.23
N ASP G 717 116.38 71.01 -3.03
CA ASP G 717 115.81 72.16 -2.35
C ASP G 717 116.71 72.74 -1.27
N GLY G 718 117.77 72.05 -0.87
CA GLY G 718 118.66 72.55 0.16
C GLY G 718 119.01 71.53 1.22
N LEU G 719 118.18 70.50 1.37
CA LEU G 719 118.47 69.43 2.31
C LEU G 719 118.61 68.06 1.68
N HIS G 720 117.90 67.78 0.58
CA HIS G 720 117.90 66.44 0.02
C HIS G 720 117.89 66.54 -1.49
N LEU G 721 118.79 65.79 -2.13
CA LEU G 721 118.90 65.74 -3.58
C LEU G 721 117.87 64.76 -4.11
N TRP G 722 116.73 65.28 -4.55
CA TRP G 722 115.63 64.46 -5.05
C TRP G 722 115.91 64.04 -6.49
N THR G 723 115.96 62.72 -6.73
CA THR G 723 116.00 62.20 -8.10
C THR G 723 115.28 60.86 -8.08
N GLY G 724 113.99 60.88 -8.40
CA GLY G 724 113.20 59.67 -8.45
C GLY G 724 112.55 59.28 -7.13
N HIS G 725 111.84 60.25 -6.54
CA HIS G 725 111.02 60.05 -5.33
C HIS G 725 111.86 59.60 -4.12
N VAL G 726 113.05 60.18 -3.98
CA VAL G 726 114.00 59.81 -2.94
C VAL G 726 114.43 61.05 -2.16
N ALA G 727 115.00 60.81 -0.98
CA ALA G 727 115.57 61.85 -0.13
C ALA G 727 116.91 61.37 0.40
N ARG G 728 117.99 62.06 0.00
CA ARG G 728 119.35 61.67 0.36
C ARG G 728 120.00 62.81 1.13
N PRO G 729 120.57 62.56 2.31
CA PRO G 729 121.10 63.65 3.13
C PRO G 729 122.42 64.19 2.59
N VAL G 730 122.59 65.50 2.74
CA VAL G 730 123.72 66.23 2.17
C VAL G 730 124.52 66.84 3.31
N THR G 731 125.83 66.59 3.31
CA THR G 731 126.71 66.97 4.43
C THR G 731 127.45 68.26 4.08
N SER G 732 126.78 69.39 4.29
CA SER G 732 127.32 70.71 4.06
C SER G 732 127.22 71.56 5.32
N PRO G 733 128.16 72.49 5.55
CA PRO G 733 128.07 73.36 6.73
C PRO G 733 127.02 74.44 6.53
N GLY G 734 126.09 74.54 7.47
CA GLY G 734 125.07 75.57 7.44
C GLY G 734 124.01 75.32 6.39
N GLN G 735 123.34 74.16 6.48
CA GLN G 735 122.39 73.77 5.46
C GLN G 735 121.00 74.34 5.79
N HIS G 736 120.30 74.76 4.74
CA HIS G 736 118.90 75.17 4.85
C HIS G 736 118.24 75.10 3.48
N LEU G 737 116.92 75.31 3.47
CA LEU G 737 116.14 75.34 2.25
C LEU G 737 116.31 76.68 1.55
N LEU G 738 115.59 76.87 0.44
CA LEU G 738 115.69 78.11 -0.34
C LEU G 738 114.95 79.23 0.38
N ALA G 739 115.65 79.85 1.33
CA ALA G 739 115.18 81.06 1.98
C ALA G 739 115.38 82.25 1.05
N PRO G 740 114.65 83.34 1.27
CA PRO G 740 114.93 84.58 0.51
C PRO G 740 116.31 85.16 0.83
N GLU G 741 116.73 86.07 -0.07
CA GLU G 741 118.05 86.70 -0.09
C GLU G 741 119.18 85.68 -0.16
N ASP G 742 118.97 84.63 -0.97
CA ASP G 742 119.99 83.66 -1.32
C ASP G 742 119.90 83.33 -2.80
N VAL G 743 120.96 82.73 -3.31
CA VAL G 743 121.12 82.43 -4.73
C VAL G 743 121.37 80.92 -4.87
N VAL G 744 120.54 80.25 -5.67
CA VAL G 744 120.61 78.80 -5.84
C VAL G 744 120.93 78.49 -7.30
N SER G 745 121.86 77.57 -7.52
CA SER G 745 122.28 77.20 -8.86
C SER G 745 122.78 75.77 -8.86
N CYS G 746 123.07 75.27 -10.06
CA CYS G 746 123.73 73.99 -10.27
C CYS G 746 124.57 74.08 -11.53
N CYS G 747 125.73 73.42 -11.53
CA CYS G 747 126.57 73.42 -12.72
C CYS G 747 126.59 72.04 -13.36
N LEU G 748 126.62 72.04 -14.69
CA LEU G 748 126.40 70.85 -15.51
C LEU G 748 127.38 70.87 -16.66
N ASP G 749 128.03 69.74 -16.90
CA ASP G 749 128.88 69.58 -18.07
C ASP G 749 128.60 68.24 -18.76
N LEU G 750 128.97 68.19 -20.04
CA LEU G 750 128.30 67.36 -21.05
C LEU G 750 129.02 66.07 -21.43
N SER G 751 130.34 66.09 -21.67
CA SER G 751 131.02 64.89 -22.12
C SER G 751 131.16 63.85 -21.01
N VAL G 752 131.91 64.20 -19.97
CA VAL G 752 131.94 63.40 -18.76
C VAL G 752 130.77 63.91 -17.92
N PRO G 753 129.93 63.04 -17.37
CA PRO G 753 128.78 63.53 -16.60
C PRO G 753 129.23 64.08 -15.25
N SER G 754 128.76 65.28 -14.92
CA SER G 754 128.98 65.88 -13.61
C SER G 754 127.90 66.91 -13.37
N ILE G 755 127.10 66.69 -12.32
CA ILE G 755 126.07 67.64 -11.88
C ILE G 755 126.44 68.09 -10.47
N SER G 756 127.13 69.21 -10.37
CA SER G 756 127.41 69.79 -9.05
C SER G 756 126.45 70.94 -8.81
N PHE G 757 126.23 71.25 -7.53
CA PHE G 757 125.31 72.29 -7.09
C PHE G 757 126.07 73.36 -6.32
N ARG G 758 125.66 74.62 -6.50
CA ARG G 758 126.40 75.78 -6.01
C ARG G 758 125.44 76.74 -5.32
N ILE G 759 125.67 76.98 -4.03
CA ILE G 759 124.83 77.85 -3.22
C ILE G 759 125.63 78.31 -2.00
N ASN G 760 125.49 79.59 -1.64
CA ASN G 760 126.10 80.20 -0.44
C ASN G 760 127.63 80.13 -0.44
N GLY G 761 128.25 80.34 -1.61
CA GLY G 761 129.68 80.50 -1.70
C GLY G 761 130.53 79.25 -1.61
N CYS G 762 129.96 78.10 -1.26
CA CYS G 762 130.69 76.86 -1.15
C CYS G 762 129.79 75.78 -1.75
N PRO G 763 130.31 74.91 -2.62
CA PRO G 763 129.47 73.88 -3.21
C PRO G 763 129.09 72.81 -2.20
N VAL G 764 127.90 72.25 -2.36
CA VAL G 764 127.49 71.13 -1.54
C VAL G 764 128.21 69.87 -2.00
N GLN G 765 128.24 68.87 -1.13
CA GLN G 765 128.98 67.63 -1.40
C GLN G 765 128.02 66.53 -1.84
N GLY G 766 127.58 66.67 -3.09
CA GLY G 766 126.74 65.67 -3.73
C GLY G 766 126.61 65.92 -5.21
N VAL G 767 126.89 64.87 -6.02
CA VAL G 767 126.87 64.98 -7.47
C VAL G 767 126.13 63.79 -8.08
N PHE G 768 125.73 63.97 -9.33
CA PHE G 768 125.19 62.90 -10.17
C PHE G 768 126.02 62.73 -11.43
N GLU G 769 126.20 61.48 -11.85
CA GLU G 769 126.93 61.17 -13.08
C GLU G 769 126.42 59.85 -13.64
N ALA G 770 127.03 59.43 -14.76
CA ALA G 770 126.81 58.15 -15.45
C ALA G 770 125.37 57.98 -15.94
N PHE G 771 124.70 59.08 -16.28
CA PHE G 771 123.34 59.03 -16.79
C PHE G 771 123.33 59.03 -18.32
N ASN G 772 122.16 58.75 -18.88
CA ASN G 772 121.98 58.74 -20.33
C ASN G 772 121.47 60.09 -20.81
N LEU G 773 122.13 60.65 -21.82
CA LEU G 773 121.78 61.95 -22.37
C LEU G 773 121.10 61.85 -23.73
N ASP G 774 120.10 60.99 -23.90
CA ASP G 774 119.40 60.85 -25.18
C ASP G 774 118.32 61.93 -25.30
N GLY G 775 118.79 63.16 -25.49
CA GLY G 775 117.92 64.31 -25.57
C GLY G 775 118.72 65.56 -25.25
N LEU G 776 118.01 66.67 -25.09
CA LEU G 776 118.65 67.96 -24.91
C LEU G 776 118.36 68.47 -23.51
N PHE G 777 119.09 69.51 -23.12
CA PHE G 777 118.99 70.07 -21.78
C PHE G 777 118.01 71.23 -21.80
N PHE G 778 117.48 71.58 -20.62
CA PHE G 778 116.70 72.80 -20.45
C PHE G 778 116.71 73.22 -18.99
N PRO G 779 116.68 74.52 -18.69
CA PRO G 779 116.37 74.96 -17.33
C PRO G 779 114.89 74.87 -17.04
N VAL G 780 114.57 74.54 -15.78
CA VAL G 780 113.19 74.37 -15.33
C VAL G 780 113.16 74.51 -13.81
N VAL G 781 112.12 75.16 -13.29
CA VAL G 781 111.99 75.40 -11.85
C VAL G 781 110.65 74.85 -11.37
N SER G 782 110.58 74.57 -10.07
CA SER G 782 109.34 74.12 -9.44
C SER G 782 108.87 75.19 -8.45
N PHE G 783 107.61 75.58 -8.55
CA PHE G 783 107.08 76.64 -7.71
C PHE G 783 105.65 76.29 -7.31
N SER G 784 105.36 76.43 -6.02
CA SER G 784 104.02 76.25 -5.50
C SER G 784 103.31 77.59 -5.46
N ALA G 785 102.18 77.66 -4.76
CA ALA G 785 101.43 78.90 -4.64
C ALA G 785 102.17 79.89 -3.74
N GLY G 786 102.35 81.11 -4.23
CA GLY G 786 102.96 82.16 -3.44
C GLY G 786 104.47 82.27 -3.61
N VAL G 787 104.94 82.08 -4.82
CA VAL G 787 106.37 82.11 -5.13
C VAL G 787 106.59 83.19 -6.18
N LYS G 788 107.51 84.12 -5.91
CA LYS G 788 107.95 85.04 -6.96
C LYS G 788 109.47 85.03 -7.01
N VAL G 789 110.01 84.48 -8.10
CA VAL G 789 111.45 84.25 -8.25
C VAL G 789 111.88 84.77 -9.63
N ARG G 790 113.12 85.24 -9.72
CA ARG G 790 113.72 85.57 -11.01
C ARG G 790 115.02 84.82 -11.21
N PHE G 791 115.32 84.54 -12.48
CA PHE G 791 116.48 83.75 -12.89
C PHE G 791 117.59 84.69 -13.32
N LEU G 792 118.82 84.37 -12.92
CA LEU G 792 119.99 85.12 -13.38
C LEU G 792 120.41 84.48 -14.70
N LEU G 793 120.10 85.17 -15.79
CA LEU G 793 120.13 84.59 -17.12
C LEU G 793 121.56 84.44 -17.63
N GLY G 794 122.27 85.55 -17.75
CA GLY G 794 123.65 85.52 -18.24
C GLY G 794 124.39 86.81 -17.98
N GLY G 795 125.08 87.29 -19.02
CA GLY G 795 125.77 88.56 -18.97
C GLY G 795 125.14 89.61 -19.86
N ARG G 796 124.33 89.16 -20.83
CA ARG G 796 123.66 90.07 -21.77
C ARG G 796 122.44 90.72 -21.13
N HIS G 797 121.48 89.91 -20.70
CA HIS G 797 120.31 90.39 -19.97
C HIS G 797 120.43 90.12 -18.47
N GLY G 798 121.64 89.89 -17.97
CA GLY G 798 121.87 89.81 -16.54
C GLY G 798 123.28 90.19 -16.17
N GLU G 799 123.62 90.03 -14.89
CA GLU G 799 124.99 90.20 -14.43
C GLU G 799 125.20 89.33 -13.21
N PHE G 800 126.08 88.35 -13.33
CA PHE G 800 126.21 87.30 -12.32
C PHE G 800 126.90 87.83 -11.07
N LYS G 801 126.26 87.62 -9.91
CA LYS G 801 126.89 87.98 -8.65
C LYS G 801 128.07 87.06 -8.35
N PHE G 802 127.96 85.79 -8.72
CA PHE G 802 129.03 84.83 -8.53
C PHE G 802 129.71 84.60 -9.88
N LEU G 803 130.98 84.93 -9.96
CA LEU G 803 131.74 84.72 -11.19
C LEU G 803 132.05 83.23 -11.34
N PRO G 804 131.90 82.66 -12.54
CA PRO G 804 132.06 81.22 -12.72
C PRO G 804 133.53 80.83 -12.65
N PRO G 805 133.82 79.55 -12.39
CA PRO G 805 135.21 79.05 -12.48
C PRO G 805 135.70 79.09 -13.91
N PRO G 806 137.03 79.11 -14.12
CA PRO G 806 137.57 79.18 -15.50
C PRO G 806 137.24 77.95 -16.32
N GLY G 807 136.61 78.19 -17.48
CA GLY G 807 136.15 77.14 -18.37
C GLY G 807 134.64 77.04 -18.45
N TYR G 808 133.94 77.47 -17.39
CA TYR G 808 132.49 77.43 -17.34
C TYR G 808 131.94 78.66 -18.07
N ALA G 809 131.16 78.42 -19.12
CA ALA G 809 130.58 79.52 -19.87
C ALA G 809 129.16 79.81 -19.38
N PRO G 810 128.73 81.07 -19.40
CA PRO G 810 127.34 81.39 -19.00
C PRO G 810 126.33 80.94 -20.05
N CYS G 811 125.07 80.87 -19.61
CA CYS G 811 123.99 80.25 -20.36
C CYS G 811 123.44 81.15 -21.47
N HIS G 812 123.79 82.44 -21.47
CA HIS G 812 123.10 83.45 -22.29
C HIS G 812 123.37 83.36 -23.79
N GLU G 813 124.14 82.40 -24.29
CA GLU G 813 124.47 82.37 -25.71
C GLU G 813 124.25 81.03 -26.39
N ALA G 814 123.39 80.17 -25.86
CA ALA G 814 122.97 78.98 -26.59
C ALA G 814 121.61 79.21 -27.24
N VAL G 815 121.40 80.41 -27.76
CA VAL G 815 120.11 80.84 -28.27
C VAL G 815 120.05 80.62 -29.78
N LEU G 816 118.93 80.08 -30.26
CA LEU G 816 118.65 79.95 -31.68
C LEU G 816 118.38 81.34 -32.25
N PRO G 817 118.85 81.65 -33.47
CA PRO G 817 118.86 83.05 -33.93
C PRO G 817 117.48 83.64 -34.21
N ARG G 818 116.57 82.92 -34.86
CA ARG G 818 115.26 83.48 -35.16
C ARG G 818 114.23 83.30 -34.06
N GLU G 819 114.58 82.61 -32.98
CA GLU G 819 113.71 82.54 -31.82
C GLU G 819 114.28 83.45 -30.73
N ARG G 820 113.50 84.46 -30.34
CA ARG G 820 113.83 85.25 -29.17
C ARG G 820 113.67 84.38 -27.93
N LEU G 821 114.44 84.70 -26.89
CA LEU G 821 114.57 83.80 -25.76
C LEU G 821 113.29 83.86 -24.92
N ARG G 822 112.53 82.78 -24.96
CA ARG G 822 111.13 82.77 -24.58
C ARG G 822 110.92 81.87 -23.36
N LEU G 823 110.05 82.30 -22.46
CA LEU G 823 109.75 81.55 -21.23
C LEU G 823 108.38 80.90 -21.37
N GLU G 824 108.36 79.62 -21.76
CA GLU G 824 107.16 78.89 -22.10
C GLU G 824 107.07 77.60 -21.29
N PRO G 825 105.91 77.26 -20.72
CA PRO G 825 105.83 76.05 -19.89
C PRO G 825 105.82 74.77 -20.72
N ILE G 826 106.41 73.72 -20.14
CA ILE G 826 106.61 72.44 -20.84
C ILE G 826 105.28 71.69 -20.92
N LYS G 827 104.98 71.17 -22.12
CA LYS G 827 103.81 70.34 -22.42
C LYS G 827 102.50 71.06 -22.10
N GLU G 828 102.43 72.34 -22.48
CA GLU G 828 101.23 73.10 -22.16
C GLU G 828 100.11 72.77 -23.13
N TYR G 829 98.89 72.85 -22.63
CA TYR G 829 97.68 72.57 -23.39
C TYR G 829 96.63 73.63 -23.17
N ARG G 830 97.00 74.76 -22.57
CA ARG G 830 96.06 75.82 -22.23
C ARG G 830 96.83 77.11 -22.02
N ARG G 831 96.30 78.21 -22.57
CA ARG G 831 96.83 79.54 -22.32
C ARG G 831 95.68 80.49 -22.03
N GLU G 832 95.99 81.56 -21.29
CA GLU G 832 95.01 82.61 -21.01
C GLU G 832 95.00 83.61 -22.16
N GLY G 833 93.87 83.73 -22.84
CA GLY G 833 93.77 84.59 -24.00
C GLY G 833 92.85 85.77 -23.78
N PRO G 834 92.46 86.43 -24.87
CA PRO G 834 91.55 87.58 -24.71
C PRO G 834 90.14 87.18 -24.37
N ARG G 835 89.64 86.08 -24.93
CA ARG G 835 88.29 85.61 -24.64
C ARG G 835 88.20 84.09 -24.77
N PRO G 837 90.05 81.21 -21.72
CA PRO G 837 91.11 80.20 -21.76
C PRO G 837 91.13 79.40 -23.06
N HIS G 838 92.08 79.71 -23.93
CA HIS G 838 92.25 79.04 -25.21
C HIS G 838 93.32 77.95 -25.09
N LEU G 839 93.11 76.84 -25.79
CA LEU G 839 93.87 75.62 -25.58
C LEU G 839 94.74 75.29 -26.80
N VAL G 840 95.91 74.71 -26.54
CA VAL G 840 96.89 74.41 -27.59
C VAL G 840 97.21 72.92 -27.55
N GLY G 841 98.13 72.51 -28.43
CA GLY G 841 98.64 71.16 -28.45
C GLY G 841 100.11 71.10 -28.08
N PRO G 842 100.76 69.97 -28.33
CA PRO G 842 102.18 69.85 -27.98
C PRO G 842 103.07 70.57 -28.98
N SER G 843 103.93 71.44 -28.50
CA SER G 843 104.92 72.07 -29.38
C SER G 843 105.96 71.03 -29.77
N ARG G 844 106.29 70.98 -31.06
CA ARG G 844 107.17 69.93 -31.57
C ARG G 844 108.59 70.21 -31.13
N CYS G 845 109.21 69.27 -30.44
CA CYS G 845 110.55 69.47 -29.93
C CYS G 845 111.56 69.22 -31.04
N LEU G 846 112.67 69.95 -30.98
CA LEU G 846 113.77 69.73 -31.90
C LEU G 846 114.41 68.38 -31.61
N SER G 847 114.59 67.58 -32.66
CA SER G 847 115.08 66.23 -32.48
C SER G 847 116.56 66.23 -32.13
N HIS G 848 116.99 65.15 -31.50
CA HIS G 848 118.39 64.97 -31.13
C HIS G 848 119.23 64.48 -32.30
N THR G 849 118.59 64.16 -33.43
CA THR G 849 119.26 63.86 -34.67
C THR G 849 119.07 64.97 -35.70
N ASP G 850 118.94 66.22 -35.26
CA ASP G 850 118.70 67.34 -36.17
C ASP G 850 119.85 68.34 -36.23
N PHE G 851 120.52 68.60 -35.11
CA PHE G 851 121.62 69.56 -35.08
C PHE G 851 122.88 69.02 -35.73
N VAL G 852 123.03 67.71 -35.85
CA VAL G 852 124.29 67.14 -36.33
C VAL G 852 124.40 67.34 -37.84
N PRO G 853 125.56 67.75 -38.36
CA PRO G 853 125.70 67.89 -39.82
C PRO G 853 126.03 66.55 -40.47
N CYS G 854 125.18 66.15 -41.41
CA CYS G 854 125.37 64.92 -42.17
C CYS G 854 125.37 65.24 -43.65
N PRO G 855 126.32 64.73 -44.44
CA PRO G 855 126.36 65.08 -45.86
C PRO G 855 125.29 64.36 -46.66
N ILE G 861 132.52 61.81 -56.68
CA ILE G 861 133.27 60.56 -56.83
C ILE G 861 133.90 60.47 -58.21
N VAL G 862 133.08 60.19 -59.23
CA VAL G 862 133.60 60.09 -60.59
C VAL G 862 133.80 61.49 -61.17
N LEU G 863 134.57 61.56 -62.24
CA LEU G 863 134.89 62.83 -62.90
C LEU G 863 134.53 62.75 -64.38
N PRO G 864 133.49 63.45 -64.83
CA PRO G 864 133.19 63.48 -66.27
C PRO G 864 134.19 64.35 -67.01
N PRO G 865 134.71 63.88 -68.14
CA PRO G 865 135.72 64.67 -68.86
C PRO G 865 135.16 65.83 -69.65
N HIS G 866 133.84 65.89 -69.86
CA HIS G 866 133.24 66.95 -70.65
C HIS G 866 133.00 68.23 -69.84
N LEU G 867 133.29 68.23 -68.54
CA LEU G 867 133.12 69.42 -67.70
C LEU G 867 134.37 69.69 -66.85
N GLU G 868 135.55 69.57 -67.43
CA GLU G 868 136.78 69.73 -66.65
C GLU G 868 137.31 71.17 -66.72
N ARG G 869 137.52 71.69 -67.92
CA ARG G 869 138.00 73.06 -68.07
C ARG G 869 136.91 74.08 -67.75
N ILE G 870 135.65 73.72 -67.99
CA ILE G 870 134.58 74.66 -67.70
C ILE G 870 134.31 74.72 -66.20
N ARG G 871 134.78 73.73 -65.43
CA ARG G 871 134.74 73.85 -63.97
C ARG G 871 135.74 74.89 -63.47
N GLU G 872 136.82 75.13 -64.21
CA GLU G 872 137.71 76.25 -63.91
C GLU G 872 137.21 77.55 -64.50
N LYS G 873 136.48 77.47 -65.63
CA LYS G 873 135.89 78.68 -66.21
C LYS G 873 134.77 79.21 -65.33
N LEU G 874 134.04 78.31 -64.65
CA LEU G 874 133.04 78.74 -63.69
C LEU G 874 133.67 79.37 -62.45
N ALA G 875 134.86 78.90 -62.05
CA ALA G 875 135.57 79.55 -60.95
C ALA G 875 136.11 80.92 -61.38
N GLU G 876 136.54 81.05 -62.64
CA GLU G 876 136.97 82.34 -63.16
C GLU G 876 135.80 83.32 -63.27
N ASN G 877 134.61 82.84 -63.67
CA ASN G 877 133.45 83.71 -63.70
C ASN G 877 132.96 84.02 -62.29
N ILE G 878 133.23 83.12 -61.33
CA ILE G 878 132.97 83.42 -59.93
C ILE G 878 133.91 84.50 -59.41
N HIS G 879 135.17 84.50 -59.87
CA HIS G 879 136.06 85.62 -59.53
C HIS G 879 135.63 86.91 -60.21
N GLU G 880 135.03 86.81 -61.40
CA GLU G 880 134.48 87.99 -62.05
C GLU G 880 133.29 88.55 -61.29
N LEU G 881 132.40 87.67 -60.80
CA LEU G 881 131.28 88.10 -59.98
C LEU G 881 131.74 88.53 -58.59
N TRP G 882 132.91 88.03 -58.16
CA TRP G 882 133.55 88.53 -56.96
C TRP G 882 133.99 89.97 -57.13
N ALA G 883 134.60 90.30 -58.28
CA ALA G 883 135.13 91.64 -58.50
C ALA G 883 134.08 92.65 -58.94
N LEU G 884 132.97 92.20 -59.55
CA LEU G 884 132.00 93.11 -60.15
C LEU G 884 131.22 93.91 -59.10
N THR G 885 130.79 93.27 -58.02
CA THR G 885 130.10 93.97 -56.93
C THR G 885 131.10 94.56 -55.94
N ARG G 886 132.38 94.20 -56.08
CA ARG G 886 133.45 94.70 -55.23
C ARG G 886 133.99 96.05 -55.72
N ILE G 887 134.17 96.21 -57.02
CA ILE G 887 134.61 97.48 -57.56
C ILE G 887 133.51 98.53 -57.50
N GLU G 888 132.25 98.12 -57.42
CA GLU G 888 131.14 99.07 -57.34
C GLU G 888 130.89 99.57 -55.92
N GLN G 889 131.50 98.94 -54.90
CA GLN G 889 131.29 99.37 -53.53
C GLN G 889 132.57 99.73 -52.77
N GLY G 890 133.76 99.40 -53.27
CA GLY G 890 134.94 99.99 -52.64
C GLY G 890 136.19 99.16 -52.54
N TRP G 891 136.18 97.95 -53.08
CA TRP G 891 137.36 97.12 -53.13
C TRP G 891 138.33 97.67 -54.17
N THR G 892 139.52 98.06 -53.72
CA THR G 892 140.48 98.68 -54.64
C THR G 892 141.66 97.74 -54.87
N TYR G 893 142.51 98.13 -55.81
CA TYR G 893 143.69 97.33 -56.12
C TYR G 893 144.82 97.61 -55.13
N GLY G 894 145.51 96.55 -54.73
CA GLY G 894 146.63 96.67 -53.82
C GLY G 894 147.40 95.37 -53.72
N PRO G 895 148.71 95.46 -53.49
CA PRO G 895 149.52 94.25 -53.31
C PRO G 895 149.28 93.55 -51.97
N VAL G 896 148.72 94.26 -50.99
CA VAL G 896 148.42 93.68 -49.69
C VAL G 896 146.92 93.47 -49.58
N ARG G 897 146.51 92.74 -48.54
CA ARG G 897 145.10 92.48 -48.25
C ARG G 897 144.80 92.96 -46.83
N ASP G 898 143.81 93.84 -46.70
CA ASP G 898 143.43 94.39 -45.40
C ASP G 898 141.92 94.58 -45.36
N ASP G 899 141.34 94.43 -44.17
CA ASP G 899 139.89 94.52 -44.04
C ASP G 899 139.40 95.96 -44.06
N ASN G 900 140.01 96.82 -43.23
CA ASN G 900 139.57 98.21 -43.16
C ASN G 900 140.06 99.03 -44.35
N LYS G 901 141.23 98.68 -44.89
CA LYS G 901 141.81 99.44 -45.99
C LYS G 901 141.21 99.07 -47.34
N ARG G 902 140.41 98.01 -47.39
CA ARG G 902 139.67 97.55 -48.57
C ARG G 902 140.62 97.24 -49.74
N LEU G 903 141.74 96.60 -49.42
CA LEU G 903 142.77 96.30 -50.42
C LEU G 903 142.54 94.89 -50.95
N HIS G 904 142.41 94.76 -52.28
CA HIS G 904 142.20 93.45 -52.87
C HIS G 904 143.44 93.01 -53.63
N PRO G 905 143.94 91.79 -53.40
CA PRO G 905 145.00 91.23 -54.25
C PRO G 905 144.47 90.52 -55.48
N CYS G 906 143.17 90.23 -55.49
CA CYS G 906 142.52 89.51 -56.59
C CYS G 906 141.46 90.36 -57.29
N LEU G 907 141.77 91.63 -57.57
CA LEU G 907 140.83 92.52 -58.21
C LEU G 907 141.01 92.62 -59.73
N VAL G 908 142.10 92.10 -60.27
CA VAL G 908 142.32 92.19 -61.72
C VAL G 908 141.51 91.11 -62.40
N ASN G 909 141.84 89.84 -62.14
CA ASN G 909 141.19 88.70 -62.76
C ASN G 909 141.55 87.44 -61.97
N PHE G 910 141.24 86.27 -62.57
CA PHE G 910 141.68 85.00 -62.03
C PHE G 910 143.11 84.67 -62.40
N HIS G 911 143.63 85.26 -63.49
CA HIS G 911 144.99 85.00 -63.93
C HIS G 911 146.01 85.74 -63.07
N SER G 912 145.64 86.87 -62.48
CA SER G 912 146.51 87.60 -61.56
C SER G 912 146.40 87.09 -60.13
N LEU G 913 145.60 86.06 -59.89
CA LEU G 913 145.44 85.52 -58.54
C LEU G 913 146.65 84.65 -58.17
N PRO G 914 147.05 84.67 -56.91
CA PRO G 914 148.18 83.84 -56.49
C PRO G 914 147.81 82.37 -56.39
N GLU G 915 148.80 81.56 -56.05
CA GLU G 915 148.59 80.13 -55.95
C GLU G 915 147.74 79.68 -54.75
N PRO G 916 147.87 80.22 -53.52
CA PRO G 916 146.91 79.82 -52.47
C PRO G 916 145.51 80.37 -52.67
N GLU G 917 145.31 81.37 -53.53
CA GLU G 917 143.98 81.88 -53.84
C GLU G 917 143.32 81.17 -55.02
N ARG G 918 144.12 80.70 -55.98
CA ARG G 918 143.53 80.03 -57.15
C ARG G 918 143.04 78.63 -56.80
N ASN G 919 143.82 77.89 -55.99
CA ASN G 919 143.37 76.57 -55.58
C ASN G 919 142.22 76.63 -54.58
N TYR G 920 141.98 77.79 -53.96
CA TYR G 920 140.79 77.94 -53.13
C TYR G 920 139.52 77.92 -53.98
N ASN G 921 139.48 78.72 -55.05
CA ASN G 921 138.35 78.64 -55.98
C ASN G 921 138.32 77.30 -56.72
N LEU G 922 139.49 76.70 -56.95
CA LEU G 922 139.51 75.37 -57.58
C LEU G 922 138.96 74.29 -56.65
N GLN G 923 139.25 74.35 -55.35
CA GLN G 923 138.70 73.37 -54.43
C GLN G 923 137.23 73.65 -54.12
N MET G 924 136.77 74.90 -54.22
CA MET G 924 135.35 75.17 -54.14
C MET G 924 134.61 74.63 -55.35
N SER G 925 135.18 74.82 -56.55
CA SER G 925 134.59 74.28 -57.76
C SER G 925 134.62 72.75 -57.77
N GLY G 926 135.70 72.16 -57.24
CA GLY G 926 135.78 70.73 -57.08
C GLY G 926 134.81 70.17 -56.06
N GLU G 927 134.52 70.96 -55.01
CA GLU G 927 133.52 70.54 -54.04
C GLU G 927 132.11 70.68 -54.59
N THR G 928 131.87 71.62 -55.51
CA THR G 928 130.50 71.86 -55.96
C THR G 928 130.14 71.18 -57.27
N LEU G 929 131.08 70.62 -58.04
CA LEU G 929 130.60 69.92 -59.23
C LEU G 929 130.40 68.43 -58.95
N LYS G 930 131.02 67.91 -57.88
CA LYS G 930 130.93 66.49 -57.57
C LYS G 930 129.55 66.12 -57.03
N THR G 931 128.80 67.10 -56.53
CA THR G 931 127.48 66.86 -55.97
C THR G 931 126.35 67.08 -56.97
N LEU G 932 126.65 67.09 -58.27
CA LEU G 932 125.59 67.17 -59.27
C LEU G 932 124.84 65.84 -59.38
N LEU G 933 125.54 64.77 -59.72
CA LEU G 933 124.93 63.44 -59.86
C LEU G 933 124.83 62.72 -58.53
N ALA G 934 125.15 63.38 -57.42
CA ALA G 934 124.94 62.80 -56.10
C ALA G 934 123.46 62.75 -55.73
N LEU G 935 122.63 63.57 -56.36
CA LEU G 935 121.19 63.55 -56.10
C LEU G 935 120.43 62.81 -57.19
N GLY G 936 120.92 62.85 -58.42
CA GLY G 936 120.23 62.26 -59.55
C GLY G 936 119.89 63.25 -60.65
N CYS G 937 120.60 64.38 -60.71
CA CYS G 937 120.31 65.39 -61.71
C CYS G 937 121.05 65.06 -63.01
N HIS G 938 120.30 64.71 -64.05
CA HIS G 938 120.89 64.34 -65.33
C HIS G 938 121.38 65.57 -66.07
N VAL G 939 122.68 65.67 -66.29
CA VAL G 939 123.32 66.81 -66.94
C VAL G 939 123.89 66.35 -68.27
N GLY G 940 123.57 67.07 -69.33
CA GLY G 940 124.07 66.73 -70.65
C GLY G 940 124.71 67.93 -71.34
N MET G 941 125.62 67.63 -72.25
CA MET G 941 126.38 68.65 -72.98
C MET G 941 125.78 68.81 -74.37
N ALA G 942 125.19 69.97 -74.63
CA ALA G 942 124.61 70.27 -75.92
C ALA G 942 124.66 71.78 -76.13
N ASP G 943 124.35 72.18 -77.36
CA ASP G 943 124.21 73.58 -77.80
C ASP G 943 125.51 74.37 -77.58
N GLU G 944 126.51 73.96 -78.36
CA GLU G 944 127.84 74.54 -78.29
C GLU G 944 127.95 75.91 -78.96
N LYS G 945 126.95 76.32 -79.74
CA LYS G 945 126.99 77.61 -80.40
C LYS G 945 126.46 78.73 -79.51
N ALA G 946 125.52 78.43 -78.63
CA ALA G 946 124.85 79.48 -77.85
C ALA G 946 125.76 80.06 -76.78
N GLU G 947 126.58 79.21 -76.15
CA GLU G 947 127.51 79.68 -75.12
C GLU G 947 128.63 80.51 -75.73
N ASP G 948 129.04 80.19 -76.95
CA ASP G 948 130.05 80.98 -77.64
C ASP G 948 129.46 82.27 -78.20
N ASN G 949 128.19 82.27 -78.58
CA ASN G 949 127.54 83.50 -79.02
C ASN G 949 127.19 84.42 -77.87
N LEU G 950 127.07 83.90 -76.65
CA LEU G 950 126.83 84.75 -75.49
C LEU G 950 128.08 85.56 -75.16
N LYS G 951 127.95 86.88 -75.18
CA LYS G 951 129.04 87.78 -74.84
C LYS G 951 128.97 88.13 -73.36
N LYS G 952 129.78 89.11 -72.96
CA LYS G 952 129.84 89.58 -71.59
C LYS G 952 128.81 90.68 -71.35
N THR G 953 128.68 91.06 -70.09
CA THR G 953 127.80 92.17 -69.72
C THR G 953 128.46 93.50 -70.09
N LYS G 954 127.61 94.48 -70.39
CA LYS G 954 128.10 95.82 -70.68
C LYS G 954 128.55 96.50 -69.40
N LEU G 955 129.61 97.29 -69.49
CA LEU G 955 130.25 97.95 -68.34
C LEU G 955 130.04 99.45 -68.40
N PRO G 956 129.55 100.07 -67.35
CA PRO G 956 129.41 101.53 -67.32
C PRO G 956 130.72 102.18 -66.92
N LYS G 957 130.72 103.53 -66.92
CA LYS G 957 131.92 104.26 -66.54
C LYS G 957 132.13 104.22 -65.03
N THR G 958 131.06 104.24 -64.25
CA THR G 958 131.15 104.20 -62.80
C THR G 958 131.16 102.79 -62.24
N TYR G 959 130.92 101.77 -63.07
CA TYR G 959 131.00 100.40 -62.61
C TYR G 959 132.44 99.90 -62.52
N MET G 960 133.39 100.57 -63.17
CA MET G 960 134.80 100.20 -63.11
C MET G 960 135.52 101.17 -62.17
N MET G 961 136.45 100.62 -61.37
CA MET G 961 137.05 101.35 -60.25
C MET G 961 138.19 102.28 -60.70
N SER G 962 139.03 102.71 -59.76
CA SER G 962 140.18 103.55 -60.07
C SER G 962 141.45 102.74 -60.37
N ASN G 963 141.28 101.50 -60.82
CA ASN G 963 142.42 100.61 -61.08
C ASN G 963 142.78 100.51 -62.55
N GLY G 964 141.82 100.69 -63.46
CA GLY G 964 142.05 100.56 -64.87
C GLY G 964 141.76 99.18 -65.43
N TYR G 965 141.32 98.24 -64.61
CA TYR G 965 140.97 96.89 -65.04
C TYR G 965 139.51 96.63 -64.71
N LYS G 966 138.87 95.79 -65.53
CA LYS G 966 137.47 95.51 -65.35
C LYS G 966 137.21 94.02 -65.46
N PRO G 967 136.36 93.46 -64.60
CA PRO G 967 135.94 92.07 -64.77
C PRO G 967 134.88 91.94 -65.86
N ALA G 968 134.85 90.78 -66.49
CA ALA G 968 133.91 90.48 -67.56
C ALA G 968 133.07 89.27 -67.18
N PRO G 969 131.99 89.47 -66.45
CA PRO G 969 131.10 88.34 -66.14
C PRO G 969 130.10 88.08 -67.25
N LEU G 970 129.59 86.85 -67.28
CA LEU G 970 128.59 86.47 -68.27
C LEU G 970 127.21 86.97 -67.85
N ASP G 971 126.58 87.71 -68.75
CA ASP G 971 125.21 88.20 -68.54
C ASP G 971 124.23 87.06 -68.71
N LEU G 972 123.49 86.76 -67.64
CA LEU G 972 122.48 85.71 -67.66
C LEU G 972 121.09 86.26 -67.89
N SER G 973 120.97 87.29 -68.75
CA SER G 973 119.70 87.93 -69.03
C SER G 973 118.80 87.08 -69.92
N HIS G 974 119.37 86.16 -70.68
CA HIS G 974 118.59 85.19 -71.45
C HIS G 974 118.19 83.97 -70.62
N VAL G 975 118.68 83.87 -69.38
CA VAL G 975 118.38 82.74 -68.51
C VAL G 975 117.18 83.09 -67.65
N ARG G 976 116.32 82.10 -67.40
CA ARG G 976 115.11 82.30 -66.61
C ARG G 976 115.19 81.52 -65.31
N LEU G 977 114.55 82.07 -64.27
CA LEU G 977 114.52 81.42 -62.98
C LEU G 977 113.51 80.28 -62.98
N THR G 978 113.97 79.08 -62.62
CA THR G 978 112.98 78.01 -62.71
C THR G 978 112.49 77.61 -61.33
N PRO G 979 111.18 77.40 -61.19
CA PRO G 979 110.65 76.92 -59.90
C PRO G 979 111.00 75.48 -59.60
N ALA G 980 111.43 74.69 -60.59
CA ALA G 980 111.81 73.31 -60.32
C ALA G 980 113.18 73.23 -59.67
N GLN G 981 114.16 73.93 -60.23
CA GLN G 981 115.51 73.95 -59.66
C GLN G 981 115.67 74.98 -58.56
N THR G 982 114.69 75.88 -58.39
CA THR G 982 114.69 76.77 -57.23
C THR G 982 114.46 76.01 -55.93
N THR G 983 113.84 74.84 -55.99
CA THR G 983 113.72 73.97 -54.82
C THR G 983 114.91 73.06 -54.63
N LEU G 984 115.77 72.93 -55.64
CA LEU G 984 116.98 72.12 -55.51
C LEU G 984 118.20 72.93 -55.08
N VAL G 985 118.33 74.18 -55.55
CA VAL G 985 119.50 74.98 -55.15
C VAL G 985 119.31 75.45 -53.71
N ASP G 986 118.09 75.38 -53.19
CA ASP G 986 117.85 75.56 -51.76
C ASP G 986 118.40 74.41 -50.93
N ARG G 987 118.52 73.21 -51.50
CA ARG G 987 119.08 72.07 -50.77
C ARG G 987 120.56 71.90 -51.01
N LEU G 988 121.05 72.30 -52.20
CA LEU G 988 122.48 72.21 -52.48
C LEU G 988 123.31 73.18 -51.65
N ALA G 989 122.73 74.30 -51.19
CA ALA G 989 123.46 75.19 -50.29
C ALA G 989 123.71 74.51 -48.95
N GLU G 990 122.71 73.79 -48.43
CA GLU G 990 122.90 72.98 -47.25
C GLU G 990 123.85 71.82 -47.51
N ASN G 991 123.79 71.20 -48.70
CA ASN G 991 124.70 70.12 -49.06
C ASN G 991 126.15 70.60 -49.14
N GLY G 992 126.35 71.87 -49.49
CA GLY G 992 127.68 72.43 -49.59
C GLY G 992 128.22 73.03 -48.31
N HIS G 993 127.34 73.43 -47.38
CA HIS G 993 127.83 74.08 -46.18
C HIS G 993 127.56 73.35 -44.87
N ASN G 994 126.81 72.25 -44.88
CA ASN G 994 126.85 71.41 -43.68
C ASN G 994 128.15 70.62 -43.60
N VAL G 995 128.85 70.44 -44.73
CA VAL G 995 130.21 69.95 -44.67
C VAL G 995 131.17 71.05 -44.21
N TRP G 996 130.81 72.32 -44.42
CA TRP G 996 131.52 73.40 -43.75
C TRP G 996 131.35 73.33 -42.23
N ALA G 997 130.14 73.02 -41.76
CA ALA G 997 129.92 72.90 -40.31
C ALA G 997 130.59 71.65 -39.73
N ARG G 998 130.52 70.52 -40.45
CA ARG G 998 131.38 69.35 -40.29
C ARG G 998 132.84 69.74 -40.06
N ASP G 999 133.40 70.56 -40.95
CA ASP G 999 134.83 70.83 -40.89
C ASP G 999 135.20 71.83 -39.81
N ARG G 1000 134.29 72.73 -39.44
CA ARG G 1000 134.62 73.61 -38.32
C ARG G 1000 134.47 72.89 -36.99
N VAL G 1001 133.55 71.94 -36.89
CA VAL G 1001 133.37 71.20 -35.64
C VAL G 1001 134.46 70.13 -35.48
N ALA G 1002 135.02 69.63 -36.58
CA ALA G 1002 136.10 68.66 -36.49
C ALA G 1002 137.41 69.32 -36.05
N GLN G 1003 137.56 70.62 -36.29
CA GLN G 1003 138.72 71.34 -35.75
C GLN G 1003 138.57 71.65 -34.27
N GLY G 1004 137.37 71.55 -33.73
CA GLY G 1004 137.12 71.70 -32.31
C GLY G 1004 136.40 72.97 -31.89
N TRP G 1005 135.72 73.64 -32.81
CA TRP G 1005 135.08 74.91 -32.48
C TRP G 1005 133.62 74.68 -32.08
N SER G 1006 133.04 75.70 -31.46
CA SER G 1006 131.76 75.60 -30.76
C SER G 1006 130.75 76.60 -31.31
N TYR G 1007 129.59 76.69 -30.66
CA TYR G 1007 128.50 77.58 -31.04
C TYR G 1007 128.25 78.59 -29.92
N SER G 1008 128.17 79.87 -30.29
CA SER G 1008 127.67 80.91 -29.39
C SER G 1008 127.12 82.06 -30.23
N ALA G 1009 126.25 82.85 -29.59
CA ALA G 1009 125.72 84.05 -30.23
C ALA G 1009 126.78 85.14 -30.36
N VAL G 1010 127.86 85.08 -29.57
CA VAL G 1010 129.01 85.93 -29.78
C VAL G 1010 130.07 85.10 -30.49
N GLN G 1011 130.90 85.77 -31.30
CA GLN G 1011 132.09 85.15 -31.84
C GLN G 1011 133.32 85.65 -31.10
N ASP G 1012 134.34 84.79 -31.03
CA ASP G 1012 135.56 85.09 -30.29
C ASP G 1012 136.67 84.23 -30.87
N ILE G 1013 137.60 84.83 -31.60
CA ILE G 1013 138.71 84.11 -32.21
C ILE G 1013 139.71 83.46 -31.24
N PRO G 1014 139.93 83.88 -29.93
CA PRO G 1014 140.77 83.01 -29.11
C PRO G 1014 139.99 81.83 -28.52
N ALA G 1015 138.67 81.97 -28.41
CA ALA G 1015 137.83 80.92 -27.86
C ALA G 1015 137.16 80.07 -28.93
N ARG G 1016 137.60 80.23 -30.19
CA ARG G 1016 137.05 79.59 -31.41
C ARG G 1016 135.51 79.54 -31.42
N ARG G 1017 134.92 80.71 -31.17
CA ARG G 1017 133.49 80.91 -31.07
C ARG G 1017 132.99 81.52 -32.37
N ASN G 1018 131.81 81.10 -32.82
CA ASN G 1018 131.18 81.73 -33.98
C ASN G 1018 129.69 81.44 -33.95
N PRO G 1019 128.85 82.34 -34.49
CA PRO G 1019 127.42 82.04 -34.67
C PRO G 1019 127.14 81.39 -36.03
N ARG G 1020 128.19 80.85 -36.66
CA ARG G 1020 128.11 80.26 -37.99
C ARG G 1020 127.83 78.77 -37.98
N LEU G 1021 128.31 78.04 -36.96
CA LEU G 1021 128.31 76.59 -36.97
C LEU G 1021 126.90 76.08 -36.63
N VAL G 1022 126.00 76.22 -37.60
CA VAL G 1022 124.59 75.87 -37.42
C VAL G 1022 124.18 74.98 -38.58
N PRO G 1023 123.19 74.11 -38.38
CA PRO G 1023 122.47 73.54 -39.53
C PRO G 1023 121.66 74.61 -40.24
N TYR G 1024 121.33 74.30 -41.49
CA TYR G 1024 120.86 75.34 -42.39
C TYR G 1024 119.42 75.73 -42.11
N ARG G 1025 118.57 74.78 -41.72
CA ARG G 1025 117.21 75.11 -41.29
C ARG G 1025 117.10 75.42 -39.80
N LEU G 1026 118.22 75.50 -39.08
CA LEU G 1026 118.28 76.21 -37.81
C LEU G 1026 118.91 77.60 -37.95
N LEU G 1027 119.51 77.89 -39.10
CA LEU G 1027 120.06 79.22 -39.38
C LEU G 1027 118.94 80.21 -39.72
N ASP G 1028 119.11 81.46 -39.28
CA ASP G 1028 118.17 82.53 -39.55
C ASP G 1028 118.27 82.98 -41.02
N GLU G 1029 117.27 83.74 -41.46
CA GLU G 1029 117.17 84.13 -42.86
C GLU G 1029 118.01 85.37 -43.20
N ALA G 1030 118.79 85.89 -42.26
CA ALA G 1030 119.75 86.94 -42.59
C ALA G 1030 120.93 86.42 -43.40
N THR G 1031 121.12 85.10 -43.43
CA THR G 1031 122.23 84.45 -44.12
C THR G 1031 121.77 83.66 -45.34
N LYS G 1032 120.45 83.39 -45.44
CA LYS G 1032 119.80 82.60 -46.48
C LYS G 1032 120.12 83.05 -47.90
N ARG G 1033 119.69 84.25 -48.27
CA ARG G 1033 119.96 84.70 -49.63
C ARG G 1033 121.35 85.30 -49.78
N SER G 1034 122.02 85.69 -48.70
CA SER G 1034 123.42 86.10 -48.80
C SER G 1034 124.33 84.92 -49.14
N ASN G 1035 123.90 83.69 -48.82
CA ASN G 1035 124.56 82.49 -49.30
C ASN G 1035 124.05 82.04 -50.66
N ARG G 1036 122.72 82.02 -50.84
CA ARG G 1036 122.15 81.41 -52.03
C ARG G 1036 122.25 82.29 -53.27
N ASP G 1037 122.11 83.61 -53.15
CA ASP G 1037 122.33 84.47 -54.30
C ASP G 1037 123.81 84.69 -54.58
N SER G 1038 124.69 84.39 -53.62
CA SER G 1038 126.11 84.37 -53.95
C SER G 1038 126.46 83.12 -54.76
N LEU G 1039 125.86 81.98 -54.41
CA LEU G 1039 126.07 80.76 -55.20
C LEU G 1039 125.13 80.60 -56.39
N CYS G 1040 124.14 81.47 -56.55
CA CYS G 1040 123.23 81.38 -57.68
C CYS G 1040 123.77 82.06 -58.93
N GLN G 1041 124.92 82.74 -58.83
CA GLN G 1041 125.66 83.26 -59.97
C GLN G 1041 126.35 82.17 -60.80
N ALA G 1042 126.29 80.90 -60.37
CA ALA G 1042 126.88 79.80 -61.11
C ALA G 1042 125.88 78.87 -61.76
N VAL G 1043 124.69 78.68 -61.19
CA VAL G 1043 123.75 77.68 -61.69
C VAL G 1043 123.03 78.16 -62.96
N ARG G 1044 122.56 79.40 -63.02
CA ARG G 1044 122.02 79.88 -64.30
C ARG G 1044 123.11 80.13 -65.33
N THR G 1045 124.35 80.34 -64.88
CA THR G 1045 125.47 80.41 -65.80
C THR G 1045 125.77 79.06 -66.44
N LEU G 1046 125.69 77.96 -65.68
CA LEU G 1046 125.86 76.64 -66.30
C LEU G 1046 124.61 76.26 -67.10
N LEU G 1047 123.47 76.86 -66.78
CA LEU G 1047 122.30 76.72 -67.65
C LEU G 1047 122.53 77.40 -69.00
N GLY G 1048 123.10 78.60 -69.00
CA GLY G 1048 123.43 79.32 -70.21
C GLY G 1048 124.67 78.82 -70.93
N TYR G 1049 125.47 77.99 -70.28
CA TYR G 1049 126.60 77.32 -70.93
C TYR G 1049 126.17 76.28 -71.95
N GLY G 1050 124.89 75.89 -71.97
CA GLY G 1050 124.40 74.83 -72.81
C GLY G 1050 124.09 73.55 -72.06
N TYR G 1051 124.44 73.47 -70.78
CA TYR G 1051 124.22 72.26 -69.99
C TYR G 1051 122.84 72.31 -69.35
N ASN G 1052 121.96 71.43 -69.79
CA ASN G 1052 120.64 71.31 -69.18
C ASN G 1052 120.70 70.37 -67.98
N ILE G 1053 119.91 70.69 -66.97
CA ILE G 1053 119.83 69.90 -65.73
C ILE G 1053 118.38 69.50 -65.50
N GLU G 1054 118.17 68.27 -65.05
CA GLU G 1054 116.84 67.71 -64.81
C GLU G 1054 116.54 67.65 -63.33
N PRO G 1055 115.24 67.66 -62.95
CA PRO G 1055 114.79 67.58 -61.55
C PRO G 1055 114.73 66.15 -61.03
N ASP G 1070 104.95 65.19 -31.46
CA ASP G 1070 104.77 63.84 -30.94
C ASP G 1070 103.47 63.25 -31.47
N ARG G 1071 102.45 63.17 -30.62
CA ARG G 1071 101.18 62.57 -30.98
C ARG G 1071 100.07 63.63 -30.97
N VAL G 1072 98.85 63.19 -31.26
CA VAL G 1072 97.69 64.05 -31.38
C VAL G 1072 96.83 63.87 -30.13
N ARG G 1073 96.25 64.97 -29.65
CA ARG G 1073 95.42 64.97 -28.46
C ARG G 1073 93.95 64.99 -28.86
N ILE G 1074 93.10 64.46 -27.99
CA ILE G 1074 91.66 64.42 -28.21
C ILE G 1074 90.97 65.13 -27.05
N PHE G 1075 90.23 66.19 -27.35
CA PHE G 1075 89.58 67.06 -26.37
C PHE G 1075 88.08 66.77 -26.37
N ARG G 1076 87.56 66.21 -25.27
CA ARG G 1076 86.18 65.76 -25.19
C ARG G 1076 85.64 65.92 -23.78
N ALA G 1077 84.33 66.06 -23.66
CA ALA G 1077 83.71 66.17 -22.35
C ALA G 1077 83.61 64.80 -21.68
N GLU G 1078 83.10 64.81 -20.44
CA GLU G 1078 82.82 63.59 -19.72
C GLU G 1078 81.55 62.95 -20.24
N LYS G 1079 81.43 61.64 -20.01
CA LYS G 1079 80.30 60.88 -20.56
C LYS G 1079 79.01 61.04 -19.78
N SER G 1080 79.03 61.72 -18.62
CA SER G 1080 77.79 62.00 -17.92
C SER G 1080 77.11 63.28 -18.39
N TYR G 1081 77.76 64.04 -19.28
CA TYR G 1081 77.18 65.26 -19.84
C TYR G 1081 76.62 65.02 -21.24
N THR G 1082 76.49 63.77 -21.68
CA THR G 1082 76.01 63.48 -23.01
C THR G 1082 74.50 63.66 -23.11
N VAL G 1083 74.00 63.64 -24.35
CA VAL G 1083 72.58 63.83 -24.61
C VAL G 1083 72.06 62.68 -25.45
N GLN G 1084 70.73 62.47 -25.39
CA GLN G 1084 70.04 61.48 -26.21
C GLN G 1084 68.79 62.02 -26.91
N SER G 1085 68.29 63.19 -26.54
CA SER G 1085 67.12 63.76 -27.20
C SER G 1085 67.24 65.28 -27.15
N GLY G 1086 66.72 65.92 -28.20
CA GLY G 1086 66.88 67.34 -28.38
C GLY G 1086 67.87 67.68 -29.48
N ARG G 1087 68.28 68.94 -29.50
CA ARG G 1087 69.22 69.41 -30.49
C ARG G 1087 70.13 70.49 -29.92
N TRP G 1088 71.42 70.35 -30.21
CA TRP G 1088 72.49 71.13 -29.59
C TRP G 1088 73.47 71.56 -30.67
N TYR G 1089 74.44 72.40 -30.29
CA TYR G 1089 75.34 73.02 -31.27
C TYR G 1089 76.56 73.55 -30.54
N PHE G 1090 77.73 73.43 -31.17
CA PHE G 1090 78.94 74.05 -30.65
C PHE G 1090 79.62 74.78 -31.81
N GLU G 1091 80.62 75.60 -31.52
CA GLU G 1091 81.47 76.13 -32.59
C GLU G 1091 82.93 75.88 -32.25
N PHE G 1092 83.80 76.17 -33.22
CA PHE G 1092 85.25 76.09 -33.02
C PHE G 1092 85.91 77.23 -33.76
N GLU G 1093 86.67 78.04 -33.04
CA GLU G 1093 87.46 79.11 -33.61
C GLU G 1093 88.89 78.62 -33.82
N ALA G 1094 89.40 78.77 -35.04
CA ALA G 1094 90.71 78.25 -35.41
C ALA G 1094 91.61 79.41 -35.80
N VAL G 1095 92.36 79.94 -34.84
CA VAL G 1095 93.27 81.06 -35.11
C VAL G 1095 94.51 80.61 -35.86
N THR G 1096 94.79 79.30 -35.87
CA THR G 1096 95.88 78.71 -36.62
C THR G 1096 95.32 77.61 -37.51
N THR G 1097 95.45 77.78 -38.82
CA THR G 1097 95.11 76.70 -39.75
C THR G 1097 96.14 75.58 -39.63
N GLY G 1098 95.69 74.40 -39.22
CA GLY G 1098 96.58 73.30 -38.93
C GLY G 1098 95.91 71.94 -39.03
N GLU G 1099 96.07 71.11 -38.00
CA GLU G 1099 95.41 69.80 -37.96
C GLU G 1099 94.30 69.87 -36.90
N MET G 1100 93.12 70.35 -37.29
CA MET G 1100 91.97 70.38 -36.40
C MET G 1100 91.03 69.24 -36.76
N ARG G 1101 90.42 68.63 -35.76
CA ARG G 1101 89.32 67.68 -35.95
C ARG G 1101 88.14 68.20 -35.14
N VAL G 1102 87.06 68.59 -35.81
CA VAL G 1102 85.85 69.08 -35.14
C VAL G 1102 84.67 68.19 -35.50
N GLY G 1103 83.76 68.02 -34.55
CA GLY G 1103 82.56 67.21 -34.74
C GLY G 1103 82.07 66.65 -33.42
N TRP G 1104 81.30 65.56 -33.51
CA TRP G 1104 80.78 64.88 -32.33
C TRP G 1104 81.16 63.41 -32.40
N ALA G 1105 81.22 62.76 -31.23
CA ALA G 1105 81.58 61.35 -31.15
C ALA G 1105 80.75 60.67 -30.07
N ARG G 1106 81.06 59.37 -29.80
CA ARG G 1106 80.38 58.46 -28.89
C ARG G 1106 81.13 58.34 -27.57
N PRO G 1107 80.42 58.11 -26.44
CA PRO G 1107 81.12 58.00 -25.15
C PRO G 1107 81.93 56.72 -24.96
N GLU G 1108 81.72 55.69 -25.78
CA GLU G 1108 82.60 54.52 -25.78
C GLU G 1108 83.73 54.72 -26.78
N LEU G 1109 84.41 55.85 -26.63
CA LEU G 1109 85.49 56.23 -27.53
C LEU G 1109 86.74 55.45 -27.18
N ARG G 1110 87.38 54.89 -28.19
CA ARG G 1110 88.64 54.18 -27.99
C ARG G 1110 89.76 55.09 -28.45
N PRO G 1111 90.59 55.64 -27.55
CA PRO G 1111 91.71 56.48 -27.99
C PRO G 1111 92.89 55.71 -28.56
N ASP G 1112 92.81 54.37 -28.62
CA ASP G 1112 93.82 53.56 -29.28
C ASP G 1112 93.81 53.81 -30.79
N VAL G 1113 92.63 53.86 -31.40
CA VAL G 1113 92.48 54.07 -32.83
C VAL G 1113 92.57 55.56 -33.10
N GLU G 1114 93.14 55.92 -34.25
CA GLU G 1114 93.13 57.31 -34.69
C GLU G 1114 91.71 57.77 -34.95
N LEU G 1115 91.39 58.98 -34.49
CA LEU G 1115 90.03 59.48 -34.54
C LEU G 1115 89.64 59.81 -35.99
N GLY G 1116 88.65 59.08 -36.50
CA GLY G 1116 88.16 59.30 -37.84
C GLY G 1116 88.15 58.04 -38.69
N ALA G 1117 88.83 56.99 -38.21
CA ALA G 1117 88.98 55.77 -38.98
C ALA G 1117 88.06 54.64 -38.53
N ASP G 1118 87.47 54.74 -37.35
CA ASP G 1118 86.57 53.71 -36.84
C ASP G 1118 85.12 54.22 -36.90
N GLU G 1119 84.22 53.39 -36.37
CA GLU G 1119 82.79 53.71 -36.34
C GLU G 1119 82.35 54.32 -35.03
N LEU G 1120 83.22 55.09 -34.36
CA LEU G 1120 82.87 55.74 -33.11
C LEU G 1120 82.89 57.26 -33.19
N ALA G 1121 83.20 57.84 -34.35
CA ALA G 1121 83.28 59.29 -34.49
C ALA G 1121 82.95 59.70 -35.92
N TYR G 1122 82.19 60.77 -36.06
CA TYR G 1122 81.83 61.37 -37.35
C TYR G 1122 82.40 62.78 -37.36
N VAL G 1123 83.61 62.93 -37.91
CA VAL G 1123 84.42 64.12 -37.71
C VAL G 1123 84.62 64.82 -39.06
N PHE G 1124 85.13 66.05 -39.00
CA PHE G 1124 85.28 66.90 -40.15
C PHE G 1124 86.76 67.13 -40.43
N ASN G 1125 87.16 66.95 -41.68
CA ASN G 1125 88.46 67.40 -42.15
C ASN G 1125 88.34 68.74 -42.84
N GLY G 1126 89.33 69.60 -42.65
CA GLY G 1126 89.33 70.90 -43.30
C GLY G 1126 90.66 71.33 -43.86
N HIS G 1127 91.73 70.64 -43.50
CA HIS G 1127 93.02 70.93 -44.10
C HIS G 1127 93.06 70.39 -45.54
N ARG G 1128 92.40 69.25 -45.76
CA ARG G 1128 92.14 68.74 -47.10
C ARG G 1128 90.67 68.83 -47.46
N GLY G 1129 89.78 68.82 -46.46
CA GLY G 1129 88.37 69.02 -46.64
C GLY G 1129 87.55 67.84 -47.12
N GLN G 1130 87.40 66.78 -46.32
CA GLN G 1130 86.53 65.68 -46.75
C GLN G 1130 85.94 64.95 -45.55
N ARG G 1131 85.34 63.81 -45.86
CA ARG G 1131 84.86 62.73 -45.01
C ARG G 1131 85.99 62.08 -44.22
N TRP G 1132 85.67 61.69 -42.99
CA TRP G 1132 86.49 60.73 -42.24
C TRP G 1132 85.55 59.80 -41.47
N HIS G 1133 85.03 58.78 -42.15
CA HIS G 1133 84.30 57.69 -41.50
C HIS G 1133 84.28 56.52 -42.46
N LEU G 1134 85.03 55.45 -42.11
CA LEU G 1134 85.17 54.23 -42.92
C LEU G 1134 85.70 54.54 -44.32
N GLY G 1135 86.58 55.54 -44.40
CA GLY G 1135 87.12 55.99 -45.67
C GLY G 1135 87.24 57.50 -45.75
N SER G 1136 87.26 58.03 -46.97
CA SER G 1136 87.39 59.46 -47.20
C SER G 1136 86.87 59.77 -48.60
N GLU G 1137 86.01 60.79 -48.71
CA GLU G 1137 85.41 61.20 -49.98
C GLU G 1137 85.09 62.68 -49.89
N PRO G 1138 85.26 63.46 -50.97
CA PRO G 1138 85.36 64.92 -50.82
C PRO G 1138 84.04 65.60 -50.47
N PHE G 1139 84.13 66.57 -49.56
CA PHE G 1139 83.02 67.45 -49.19
C PHE G 1139 83.58 68.71 -48.53
N GLY G 1140 83.25 69.87 -49.07
CA GLY G 1140 83.56 71.11 -48.38
C GLY G 1140 84.74 71.87 -48.93
N ARG G 1141 85.12 72.90 -48.17
CA ARG G 1141 86.13 73.88 -48.48
C ARG G 1141 87.29 73.81 -47.48
N PRO G 1142 88.48 74.27 -47.87
CA PRO G 1142 89.57 74.46 -46.89
C PRO G 1142 89.26 75.59 -45.93
N TRP G 1143 90.14 75.70 -44.92
CA TRP G 1143 89.96 76.61 -43.80
C TRP G 1143 90.43 78.02 -44.18
N GLN G 1144 90.40 78.92 -43.21
CA GLN G 1144 91.15 80.15 -43.23
C GLN G 1144 91.60 80.46 -41.80
N SER G 1145 92.69 81.20 -41.68
CA SER G 1145 93.31 81.50 -40.38
C SER G 1145 92.39 82.47 -39.64
N GLY G 1146 91.54 81.93 -38.77
CA GLY G 1146 90.50 82.71 -38.12
C GLY G 1146 89.11 82.30 -38.56
N ASP G 1147 88.90 80.99 -38.71
CA ASP G 1147 87.61 80.46 -39.13
C ASP G 1147 86.79 80.04 -37.92
N VAL G 1148 85.47 80.09 -38.09
CA VAL G 1148 84.52 79.63 -37.07
C VAL G 1148 83.71 78.50 -37.70
N VAL G 1149 83.91 77.28 -37.20
CA VAL G 1149 83.28 76.08 -37.75
C VAL G 1149 82.62 75.31 -36.61
N GLY G 1150 81.38 74.84 -36.85
CA GLY G 1150 80.64 74.12 -35.85
C GLY G 1150 79.87 72.97 -36.47
N CYS G 1151 79.25 72.17 -35.60
CA CYS G 1151 78.45 71.02 -36.02
C CYS G 1151 77.21 70.89 -35.17
N MET G 1152 76.08 70.61 -35.82
CA MET G 1152 74.82 70.39 -35.16
C MET G 1152 74.15 69.14 -35.74
N ILE G 1153 73.34 68.49 -34.91
CA ILE G 1153 72.65 67.25 -35.26
C ILE G 1153 71.18 67.38 -34.90
N ASP G 1154 70.31 67.27 -35.90
CA ASP G 1154 68.89 67.00 -35.70
C ASP G 1154 68.73 65.50 -35.55
N LEU G 1155 68.79 65.01 -34.30
CA LEU G 1155 68.61 63.57 -34.09
C LEU G 1155 67.15 63.14 -34.16
N THR G 1156 66.22 64.08 -34.39
CA THR G 1156 64.85 63.71 -34.71
C THR G 1156 64.80 62.95 -36.04
N GLU G 1157 65.63 63.34 -36.99
CA GLU G 1157 65.75 62.66 -38.28
C GLU G 1157 67.20 62.68 -38.78
N ASN G 1158 68.14 62.48 -37.85
CA ASN G 1158 69.57 62.12 -38.01
C ASN G 1158 70.28 62.85 -39.16
N THR G 1159 70.21 64.18 -39.07
CA THR G 1159 70.83 65.10 -40.00
C THR G 1159 72.13 65.65 -39.39
N ILE G 1160 73.22 65.59 -40.14
CA ILE G 1160 74.49 66.17 -39.72
C ILE G 1160 74.74 67.44 -40.51
N ILE G 1161 74.88 68.56 -39.81
CA ILE G 1161 75.02 69.86 -40.46
C ILE G 1161 76.31 70.51 -39.97
N PHE G 1162 77.23 70.77 -40.89
CA PHE G 1162 78.41 71.58 -40.62
C PHE G 1162 78.22 72.98 -41.19
N THR G 1163 78.59 73.99 -40.41
CA THR G 1163 78.49 75.39 -40.79
C THR G 1163 79.89 75.99 -40.87
N LEU G 1164 80.11 76.83 -41.88
CA LEU G 1164 81.37 77.56 -42.02
C LEU G 1164 81.05 79.05 -42.06
N ASN G 1165 81.27 79.72 -40.92
CA ASN G 1165 81.11 81.17 -40.77
C ASN G 1165 79.69 81.64 -41.11
N GLY G 1166 78.70 80.85 -40.73
CA GLY G 1166 77.33 81.14 -41.04
C GLY G 1166 76.81 80.52 -42.33
N GLU G 1167 77.69 80.09 -43.21
CA GLU G 1167 77.29 79.52 -44.49
C GLU G 1167 77.42 78.00 -44.42
N VAL G 1168 76.35 77.30 -44.78
CA VAL G 1168 76.31 75.85 -44.68
C VAL G 1168 76.87 75.23 -45.96
N LEU G 1169 77.73 74.23 -45.80
CA LEU G 1169 78.39 73.60 -46.94
C LEU G 1169 77.63 72.39 -47.45
N MET G 1170 77.66 72.23 -48.77
CA MET G 1170 77.03 71.12 -49.46
C MET G 1170 78.11 70.21 -50.05
N SER G 1171 77.68 69.02 -50.47
CA SER G 1171 78.59 68.00 -50.92
C SER G 1171 78.78 68.08 -52.43
N ASP G 1172 79.32 67.01 -53.00
CA ASP G 1172 79.38 66.85 -54.45
C ASP G 1172 78.02 66.47 -55.04
N SER G 1173 77.12 65.93 -54.23
CA SER G 1173 75.78 65.61 -54.68
C SER G 1173 74.83 66.80 -54.64
N GLY G 1174 75.17 67.85 -53.89
CA GLY G 1174 74.31 68.99 -53.72
C GLY G 1174 73.52 69.03 -52.44
N SER G 1175 73.78 68.12 -51.50
CA SER G 1175 73.08 68.09 -50.22
C SER G 1175 73.94 68.74 -49.14
N GLU G 1176 73.35 69.66 -48.39
CA GLU G 1176 74.11 70.33 -47.34
C GLU G 1176 74.33 69.44 -46.12
N THR G 1177 73.59 68.36 -45.99
CA THR G 1177 73.77 67.41 -44.91
C THR G 1177 74.78 66.34 -45.30
N ALA G 1178 75.43 65.75 -44.30
CA ALA G 1178 76.60 64.90 -44.52
C ALA G 1178 76.26 63.41 -44.52
N PHE G 1179 75.73 62.91 -43.40
CA PHE G 1179 75.35 61.50 -43.28
C PHE G 1179 73.95 61.38 -42.71
N ARG G 1180 73.23 60.33 -43.14
CA ARG G 1180 71.94 59.96 -42.59
C ARG G 1180 72.00 58.51 -42.13
N GLU G 1181 70.87 58.04 -41.57
CA GLU G 1181 70.71 56.71 -40.98
C GLU G 1181 71.71 56.45 -39.85
N ILE G 1182 71.68 57.31 -38.83
CA ILE G 1182 72.48 57.15 -37.62
C ILE G 1182 71.56 56.71 -36.48
N GLU G 1183 71.90 55.61 -35.83
CA GLU G 1183 71.20 55.19 -34.62
C GLU G 1183 71.73 55.95 -33.42
N ILE G 1184 70.82 56.26 -32.49
CA ILE G 1184 71.16 57.05 -31.31
C ILE G 1184 71.97 56.23 -30.31
N GLY G 1185 71.37 55.15 -29.78
CA GLY G 1185 72.10 54.24 -28.93
C GLY G 1185 72.47 54.88 -27.62
N ASP G 1186 73.77 55.12 -27.45
CA ASP G 1186 74.36 55.73 -26.27
C ASP G 1186 74.46 57.25 -26.33
N GLY G 1187 74.18 57.86 -27.47
CA GLY G 1187 74.19 59.31 -27.55
C GLY G 1187 75.52 59.85 -28.05
N PHE G 1188 75.56 61.16 -28.21
CA PHE G 1188 76.75 61.78 -28.77
C PHE G 1188 77.49 62.58 -27.70
N LEU G 1189 78.74 62.93 -28.01
CA LEU G 1189 79.64 63.56 -27.09
C LEU G 1189 80.33 64.68 -27.88
N PRO G 1190 80.43 65.89 -27.33
CA PRO G 1190 81.22 66.93 -28.01
C PRO G 1190 82.71 66.61 -27.98
N VAL G 1191 83.28 66.37 -29.16
CA VAL G 1191 84.67 65.95 -29.28
C VAL G 1191 85.41 67.00 -30.09
N CYS G 1192 86.71 67.11 -29.82
CA CYS G 1192 87.60 67.88 -30.67
C CYS G 1192 88.99 67.27 -30.55
N SER G 1193 89.83 67.55 -31.55
CA SER G 1193 91.18 67.02 -31.55
C SER G 1193 92.12 68.01 -32.21
N LEU G 1194 93.30 68.17 -31.61
CA LEU G 1194 94.30 69.13 -32.06
C LEU G 1194 95.63 68.41 -32.21
N GLY G 1195 96.32 68.70 -33.30
CA GLY G 1195 97.56 68.03 -33.62
C GLY G 1195 98.75 68.61 -32.89
N PRO G 1196 99.95 68.39 -33.44
CA PRO G 1196 101.18 68.91 -32.81
C PRO G 1196 101.44 70.36 -33.18
N GLY G 1197 101.33 71.25 -32.21
CA GLY G 1197 101.84 72.60 -32.33
C GLY G 1197 100.92 73.63 -32.95
N GLN G 1198 99.62 73.57 -32.69
CA GLN G 1198 98.69 74.59 -33.15
C GLN G 1198 97.80 75.06 -31.99
N VAL G 1199 96.99 76.08 -32.28
CA VAL G 1199 96.12 76.73 -31.30
C VAL G 1199 94.68 76.65 -31.79
N GLY G 1200 93.77 76.25 -30.90
CA GLY G 1200 92.34 76.31 -31.16
C GLY G 1200 91.52 75.90 -29.95
N HIS G 1201 90.48 76.65 -29.63
CA HIS G 1201 89.70 76.43 -28.42
C HIS G 1201 88.28 75.99 -28.78
N LEU G 1202 87.60 75.42 -27.79
CA LEU G 1202 86.24 74.91 -27.96
C LEU G 1202 85.27 76.01 -27.52
N ASN G 1203 84.38 76.42 -28.43
CA ASN G 1203 83.36 77.41 -28.09
C ASN G 1203 82.19 76.70 -27.44
N LEU G 1204 81.99 76.93 -26.14
CA LEU G 1204 80.86 76.30 -25.47
C LEU G 1204 79.56 77.06 -25.72
N GLY G 1205 79.55 78.36 -25.41
CA GLY G 1205 78.34 79.15 -25.56
C GLY G 1205 77.48 79.19 -24.33
N GLN G 1206 78.06 79.59 -23.19
CA GLN G 1206 77.31 79.68 -21.94
C GLN G 1206 76.32 80.84 -21.98
N ASP G 1207 76.82 82.05 -22.19
CA ASP G 1207 76.00 83.23 -22.43
C ASP G 1207 75.74 83.35 -23.92
N VAL G 1208 74.54 83.83 -24.26
CA VAL G 1208 74.11 83.85 -25.66
C VAL G 1208 74.86 84.94 -26.44
N SER G 1209 75.25 86.03 -25.77
CA SER G 1209 75.96 87.11 -26.44
C SER G 1209 77.41 86.75 -26.75
N SER G 1210 77.96 85.74 -26.08
CA SER G 1210 79.31 85.29 -26.40
C SER G 1210 79.36 84.49 -27.70
N LEU G 1211 78.22 84.01 -28.19
CA LEU G 1211 78.18 83.44 -29.54
C LEU G 1211 78.07 84.55 -30.58
N ARG G 1212 78.90 84.45 -31.62
CA ARG G 1212 78.96 85.46 -32.67
C ARG G 1212 78.24 85.03 -33.95
N PHE G 1213 78.50 83.80 -34.42
CA PHE G 1213 77.98 83.32 -35.69
C PHE G 1213 76.82 82.33 -35.51
N PHE G 1214 76.06 82.46 -34.42
CA PHE G 1214 74.82 81.71 -34.31
C PHE G 1214 73.59 82.55 -34.61
N ALA G 1215 73.71 83.87 -34.53
CA ALA G 1215 72.60 84.76 -34.87
C ALA G 1215 72.43 84.91 -36.38
N ILE G 1216 73.37 84.39 -37.18
CA ILE G 1216 73.23 84.43 -38.62
C ILE G 1216 72.50 83.18 -39.13
N CYS G 1217 72.88 82.01 -38.64
CA CYS G 1217 72.30 80.75 -39.07
C CYS G 1217 71.87 79.92 -37.88
N GLY G 1218 70.70 79.30 -37.98
CA GLY G 1218 70.31 78.23 -37.07
C GLY G 1218 69.66 78.66 -35.79
N LEU G 1219 69.41 79.96 -35.60
CA LEU G 1219 68.78 80.41 -34.37
C LEU G 1219 67.26 80.36 -34.47
N GLN G 1220 66.72 80.37 -35.69
CA GLN G 1220 65.28 80.38 -35.88
C GLN G 1220 64.70 78.97 -35.99
N GLU G 1221 65.42 78.04 -36.61
CA GLU G 1221 64.88 76.73 -36.92
C GLU G 1221 64.75 75.83 -35.69
N GLY G 1222 65.42 76.15 -34.58
CA GLY G 1222 65.16 75.48 -33.32
C GLY G 1222 66.37 75.04 -32.51
N PHE G 1223 67.56 75.18 -33.07
CA PHE G 1223 68.76 74.74 -32.36
C PHE G 1223 69.13 75.72 -31.25
N GLU G 1224 69.78 75.17 -30.22
CA GLU G 1224 70.19 75.87 -29.03
C GLU G 1224 71.61 75.47 -28.72
N PRO G 1225 72.38 76.33 -28.05
CA PRO G 1225 73.74 75.94 -27.63
C PRO G 1225 73.70 74.86 -26.57
N PHE G 1226 74.86 74.25 -26.33
CA PHE G 1226 74.95 73.14 -25.39
C PHE G 1226 74.75 73.58 -23.95
N ALA G 1227 75.14 74.82 -23.62
CA ALA G 1227 75.07 75.30 -22.25
C ALA G 1227 73.79 76.12 -22.09
N ILE G 1228 72.67 75.41 -21.93
CA ILE G 1228 71.39 76.08 -21.77
C ILE G 1228 71.16 76.51 -20.32
N ASN G 1229 71.48 75.65 -19.36
CA ASN G 1229 71.25 75.91 -17.93
C ASN G 1229 72.50 75.47 -17.19
N MET G 1230 73.49 76.36 -17.10
CA MET G 1230 74.79 76.02 -16.55
C MET G 1230 75.14 76.93 -15.39
N GLN G 1231 75.38 76.33 -14.24
CA GLN G 1231 75.80 77.00 -13.01
C GLN G 1231 77.31 77.06 -12.87
N ARG G 1232 78.05 76.42 -13.77
CA ARG G 1232 79.50 76.24 -13.65
C ARG G 1232 80.06 75.87 -15.01
N PRO G 1233 81.32 76.19 -15.27
CA PRO G 1233 81.94 75.76 -16.54
C PRO G 1233 82.16 74.27 -16.59
N VAL G 1234 82.06 73.71 -17.78
CA VAL G 1234 82.22 72.27 -17.96
C VAL G 1234 83.70 71.91 -17.89
N THR G 1235 84.00 70.71 -17.41
CA THR G 1235 85.35 70.17 -17.44
C THR G 1235 85.43 69.12 -18.54
N THR G 1236 86.10 69.46 -19.64
CA THR G 1236 86.27 68.57 -20.78
C THR G 1236 87.59 67.83 -20.63
N TRP G 1237 87.55 66.50 -20.72
CA TRP G 1237 88.73 65.69 -20.52
C TRP G 1237 89.61 65.72 -21.78
N PHE G 1238 90.86 65.29 -21.61
CA PHE G 1238 91.76 65.27 -22.77
C PHE G 1238 92.83 64.21 -22.61
N SER G 1239 93.22 63.64 -23.75
CA SER G 1239 94.18 62.55 -23.79
C SER G 1239 95.57 63.06 -23.45
N LYS G 1240 96.36 62.22 -22.78
CA LYS G 1240 97.73 62.56 -22.46
C LYS G 1240 98.68 61.69 -23.27
N SER G 1241 99.80 62.29 -23.67
CA SER G 1241 100.89 61.56 -24.28
C SER G 1241 101.84 60.96 -23.25
N LEU G 1242 101.42 60.89 -21.98
CA LEU G 1242 102.11 60.12 -20.96
C LEU G 1242 101.63 58.67 -21.05
N PRO G 1243 102.49 57.73 -21.46
CA PRO G 1243 102.04 56.33 -21.58
C PRO G 1243 102.12 55.63 -20.23
N GLN G 1244 101.05 54.94 -19.86
CA GLN G 1244 101.07 54.12 -18.65
C GLN G 1244 100.20 52.89 -18.90
N PHE G 1245 99.92 52.14 -17.83
CA PHE G 1245 99.43 50.78 -17.91
C PHE G 1245 97.91 50.74 -17.80
N GLU G 1246 97.31 49.70 -18.40
CA GLU G 1246 95.87 49.53 -18.47
C GLU G 1246 95.56 48.04 -18.55
N PRO G 1247 94.60 47.52 -17.79
CA PRO G 1247 94.43 46.07 -17.67
C PRO G 1247 93.91 45.43 -18.94
N VAL G 1248 94.11 44.12 -19.03
CA VAL G 1248 93.85 43.33 -20.23
C VAL G 1248 92.37 43.03 -20.36
N PRO G 1249 91.73 43.41 -21.47
CA PRO G 1249 90.35 43.00 -21.70
C PRO G 1249 90.29 41.54 -22.09
N PRO G 1250 89.25 40.81 -21.69
CA PRO G 1250 89.19 39.38 -22.00
C PRO G 1250 88.84 39.11 -23.45
N GLU G 1251 88.07 40.00 -24.05
CA GLU G 1251 87.67 39.87 -25.46
C GLU G 1251 88.59 40.69 -26.35
N HIS G 1252 89.86 40.31 -26.37
CA HIS G 1252 90.84 40.98 -27.21
C HIS G 1252 91.18 40.09 -28.40
N PRO G 1253 91.13 40.61 -29.62
CA PRO G 1253 91.34 39.77 -30.80
C PRO G 1253 92.79 39.45 -31.11
N HIS G 1254 93.74 39.97 -30.34
CA HIS G 1254 95.16 39.73 -30.61
C HIS G 1254 95.78 38.75 -29.62
N TYR G 1255 95.71 39.03 -28.32
CA TYR G 1255 96.40 38.23 -27.32
C TYR G 1255 95.43 37.67 -26.29
N GLU G 1256 95.79 36.51 -25.75
CA GLU G 1256 95.04 35.91 -24.66
C GLU G 1256 96.00 35.38 -23.60
N VAL G 1257 95.53 35.35 -22.36
CA VAL G 1257 96.23 34.73 -21.24
C VAL G 1257 95.25 33.84 -20.50
N ALA G 1258 95.79 32.86 -19.78
CA ALA G 1258 95.00 31.90 -19.03
C ALA G 1258 95.86 31.32 -17.92
N ARG G 1259 95.23 30.92 -16.82
CA ARG G 1259 95.92 30.28 -15.70
C ARG G 1259 95.66 28.78 -15.71
N MET G 1260 96.70 28.01 -15.37
CA MET G 1260 96.60 26.55 -15.35
C MET G 1260 96.05 26.07 -14.01
N ASP G 1261 95.86 24.76 -13.91
CA ASP G 1261 95.46 24.12 -12.67
C ASP G 1261 96.69 23.76 -11.84
N GLY G 1262 96.45 23.20 -10.67
CA GLY G 1262 97.54 22.85 -9.77
C GLY G 1262 97.86 21.37 -9.74
N THR G 1263 99.02 21.01 -10.28
CA THR G 1263 99.51 19.65 -10.21
C THR G 1263 100.62 19.57 -9.16
N VAL G 1264 101.14 18.36 -8.98
CA VAL G 1264 102.27 18.16 -8.08
C VAL G 1264 103.58 18.40 -8.82
N ASP G 1265 103.69 17.91 -10.05
CA ASP G 1265 104.93 18.03 -10.80
C ASP G 1265 105.15 19.46 -11.31
N THR G 1266 104.09 20.12 -11.77
CA THR G 1266 104.14 21.51 -12.19
C THR G 1266 103.15 22.32 -11.36
N PRO G 1267 103.57 23.43 -10.77
CA PRO G 1267 102.67 24.24 -9.92
C PRO G 1267 101.63 24.99 -10.76
N PRO G 1268 100.57 25.52 -10.12
CA PRO G 1268 99.59 26.33 -10.88
C PRO G 1268 100.16 27.66 -11.33
N CYS G 1269 100.32 27.83 -12.64
CA CYS G 1269 100.98 29.00 -13.20
C CYS G 1269 100.09 29.57 -14.31
N LEU G 1270 100.67 30.49 -15.08
CA LEU G 1270 99.98 31.16 -16.18
C LEU G 1270 100.95 31.27 -17.35
N ARG G 1271 100.41 31.42 -18.56
CA ARG G 1271 101.22 31.74 -19.72
C ARG G 1271 100.40 32.54 -20.72
N LEU G 1272 101.02 32.90 -21.85
CA LEU G 1272 100.42 33.70 -22.90
C LEU G 1272 100.29 32.85 -24.16
N ALA G 1273 99.28 33.18 -24.98
CA ALA G 1273 99.07 32.49 -26.24
C ALA G 1273 98.54 33.45 -27.30
N HIS G 1274 98.94 33.23 -28.54
CA HIS G 1274 98.50 34.03 -29.67
C HIS G 1274 97.75 33.14 -30.66
N ARG G 1275 96.54 33.56 -31.04
CA ARG G 1275 95.74 32.76 -31.97
C ARG G 1275 95.74 33.32 -33.39
N THR G 1276 95.70 34.64 -33.55
CA THR G 1276 95.76 35.25 -34.88
C THR G 1276 97.23 35.53 -35.25
N TRP G 1277 97.98 34.42 -35.37
CA TRP G 1277 99.37 34.49 -35.80
C TRP G 1277 99.54 34.55 -37.31
N GLY G 1278 98.63 33.92 -38.05
CA GLY G 1278 98.79 33.75 -39.48
C GLY G 1278 98.41 34.97 -40.29
N SER G 1279 97.52 34.78 -41.25
CA SER G 1279 97.18 35.84 -42.20
C SER G 1279 96.21 36.86 -41.60
N GLN G 1280 95.61 37.66 -42.48
CA GLN G 1280 94.60 38.68 -42.18
C GLN G 1280 95.15 39.76 -41.23
N ASN G 1281 96.29 40.33 -41.65
CA ASN G 1281 96.90 41.52 -41.04
C ASN G 1281 97.22 41.33 -39.56
N SER G 1282 98.14 40.40 -39.28
CA SER G 1282 98.60 40.15 -37.92
C SER G 1282 99.82 41.03 -37.66
N LEU G 1283 99.59 42.22 -37.10
CA LEU G 1283 100.64 43.12 -36.67
C LEU G 1283 101.00 42.74 -35.23
N VAL G 1284 102.18 42.16 -35.03
CA VAL G 1284 102.68 41.82 -33.71
C VAL G 1284 103.88 42.71 -33.41
N GLU G 1285 103.97 43.16 -32.17
CA GLU G 1285 105.01 44.09 -31.73
C GLU G 1285 105.43 43.67 -30.33
N MET G 1286 106.55 44.22 -29.84
CA MET G 1286 107.09 43.90 -28.52
C MET G 1286 106.11 44.22 -27.39
N LEU G 1287 105.56 43.19 -26.76
CA LEU G 1287 104.71 43.35 -25.61
C LEU G 1287 105.54 43.61 -24.36
N PHE G 1288 104.91 44.25 -23.38
CA PHE G 1288 105.56 44.55 -22.10
C PHE G 1288 104.66 44.02 -21.00
N LEU G 1289 104.82 42.73 -20.69
CA LEU G 1289 104.02 42.10 -19.65
C LEU G 1289 104.52 42.50 -18.28
N ARG G 1290 103.60 42.47 -17.31
CA ARG G 1290 103.87 42.87 -15.94
C ARG G 1290 102.78 42.24 -15.10
N LEU G 1291 103.12 41.87 -13.86
CA LEU G 1291 102.11 41.55 -12.86
C LEU G 1291 101.94 42.75 -11.94
N SER G 1292 100.68 43.12 -11.68
CA SER G 1292 100.30 44.44 -11.18
C SER G 1292 100.54 44.63 -9.69
N LEU G 1293 101.24 43.73 -9.00
CA LEU G 1293 101.42 43.92 -7.58
C LEU G 1293 102.90 43.90 -7.21
N PRO G 1294 103.34 44.79 -6.32
CA PRO G 1294 104.78 44.92 -6.05
C PRO G 1294 105.26 44.12 -4.85
N VAL G 1295 106.58 44.16 -4.60
CA VAL G 1295 107.18 43.66 -3.37
C VAL G 1295 108.05 44.77 -2.80
N GLN G 1296 107.70 45.24 -1.60
CA GLN G 1296 108.50 46.24 -0.89
C GLN G 1296 109.47 45.53 0.06
N PHE G 1297 110.69 46.07 0.14
CA PHE G 1297 111.81 45.38 0.76
C PHE G 1297 111.84 45.64 2.28
N HIS G 1298 112.86 45.12 2.94
CA HIS G 1298 113.11 45.47 4.34
C HIS G 1298 113.75 46.85 4.41
N GLN G 1299 113.52 47.51 5.53
CA GLN G 1299 113.78 48.93 5.68
C GLN G 1299 115.22 49.25 6.09
N HIS G 1300 115.65 48.75 7.24
CA HIS G 1300 117.04 48.82 7.67
C HIS G 1300 117.63 47.41 7.67
N PHE G 1301 118.74 47.24 6.97
CA PHE G 1301 119.29 45.92 6.66
C PHE G 1301 119.95 45.32 7.90
N ARG G 1302 120.42 44.07 7.75
CA ARG G 1302 120.98 43.35 8.88
C ARG G 1302 122.36 43.85 9.27
N CYS G 1303 123.08 44.47 8.32
CA CYS G 1303 124.43 45.02 8.48
C CYS G 1303 125.44 43.97 8.97
N ASP G 1422 113.28 20.23 2.69
CA ASP G 1422 114.35 20.57 3.62
C ASP G 1422 113.85 20.55 5.06
N ASP G 1423 114.71 20.99 5.98
CA ASP G 1423 114.28 21.14 7.36
C ASP G 1423 113.42 22.40 7.50
N PRO G 1424 112.39 22.38 8.35
CA PRO G 1424 111.55 23.58 8.50
C PRO G 1424 112.22 24.71 9.27
N GLU G 1425 113.34 24.45 9.97
CA GLU G 1425 113.97 25.46 10.81
C GLU G 1425 114.80 26.47 10.03
N ILE G 1426 115.21 26.16 8.79
CA ILE G 1426 116.04 27.09 8.03
C ILE G 1426 115.23 27.93 7.05
N ILE G 1427 113.98 27.55 6.76
CA ILE G 1427 113.15 28.31 5.83
C ILE G 1427 112.38 29.43 6.52
N LEU G 1428 112.11 29.30 7.82
CA LEU G 1428 111.27 30.26 8.55
C LEU G 1428 111.95 31.60 8.79
N ASN G 1429 113.27 31.64 8.88
CA ASN G 1429 113.96 32.87 9.28
C ASN G 1429 114.49 33.69 8.11
N THR G 1430 114.82 33.06 6.98
CA THR G 1430 115.41 33.81 5.87
C THR G 1430 114.32 34.45 5.01
N THR G 1431 114.71 35.54 4.35
CA THR G 1431 113.82 36.28 3.46
C THR G 1431 114.43 36.29 2.06
N THR G 1432 114.20 35.23 1.29
CA THR G 1432 114.57 35.22 -0.11
C THR G 1432 113.54 34.40 -0.87
N TYR G 1433 113.12 34.95 -2.02
CA TYR G 1433 112.01 34.40 -2.82
C TYR G 1433 112.36 34.51 -4.29
N TYR G 1434 112.13 33.43 -5.03
CA TYR G 1434 112.65 33.28 -6.37
C TYR G 1434 111.52 32.91 -7.33
N TYR G 1435 111.54 33.51 -8.52
CA TYR G 1435 110.62 33.12 -9.59
C TYR G 1435 111.41 33.14 -10.90
N SER G 1436 110.79 32.64 -11.95
CA SER G 1436 111.48 32.51 -13.22
C SER G 1436 110.51 32.73 -14.37
N VAL G 1437 111.07 32.73 -15.58
CA VAL G 1437 110.30 32.62 -16.81
C VAL G 1437 110.96 31.49 -17.60
N ARG G 1438 110.19 30.83 -18.45
CA ARG G 1438 110.74 29.81 -19.32
C ARG G 1438 110.17 30.04 -20.72
N VAL G 1439 111.02 30.50 -21.63
CA VAL G 1439 110.60 30.78 -23.00
C VAL G 1439 110.43 29.46 -23.74
N PHE G 1440 109.33 29.34 -24.48
CA PHE G 1440 109.05 28.13 -25.24
C PHE G 1440 109.98 28.03 -26.45
N ALA G 1441 109.89 26.89 -27.14
CA ALA G 1441 110.80 26.62 -28.24
C ALA G 1441 110.37 27.38 -29.50
N GLY G 1442 111.37 27.66 -30.34
CA GLY G 1442 111.15 28.33 -31.60
C GLY G 1442 111.08 29.84 -31.54
N GLN G 1443 111.42 30.45 -30.41
CA GLN G 1443 111.34 31.89 -30.25
C GLN G 1443 112.75 32.48 -30.14
N GLU G 1444 112.86 33.77 -30.46
CA GLU G 1444 114.12 34.49 -30.39
C GLU G 1444 114.48 34.79 -28.95
N PRO G 1445 115.56 34.20 -28.41
CA PRO G 1445 115.95 34.51 -27.03
C PRO G 1445 116.71 35.81 -26.89
N SER G 1446 117.06 36.45 -28.00
CA SER G 1446 117.82 37.68 -27.97
C SER G 1446 116.97 38.89 -27.61
N CYS G 1447 115.66 38.81 -27.78
CA CYS G 1447 114.77 39.92 -27.46
C CYS G 1447 113.93 39.65 -26.20
N VAL G 1448 114.42 38.79 -25.32
CA VAL G 1448 113.74 38.47 -24.06
C VAL G 1448 114.48 39.19 -22.95
N TRP G 1449 113.77 40.02 -22.20
CA TRP G 1449 114.37 40.82 -21.13
C TRP G 1449 113.58 40.62 -19.86
N VAL G 1450 114.22 40.05 -18.84
CA VAL G 1450 113.56 39.51 -17.65
C VAL G 1450 114.07 40.26 -16.43
N GLY G 1451 113.14 40.71 -15.57
CA GLY G 1451 113.52 41.31 -14.32
C GLY G 1451 112.40 42.03 -13.60
N TRP G 1452 112.75 43.15 -12.95
CA TRP G 1452 111.77 43.90 -12.17
C TRP G 1452 111.84 45.38 -12.52
N VAL G 1453 110.66 46.00 -12.65
CA VAL G 1453 110.54 47.39 -13.05
C VAL G 1453 109.78 48.15 -11.97
N THR G 1454 110.32 49.29 -11.56
CA THR G 1454 109.69 50.17 -10.58
C THR G 1454 108.49 50.89 -11.22
N PRO G 1455 107.62 51.49 -10.40
CA PRO G 1455 106.57 52.37 -10.96
C PRO G 1455 107.07 53.60 -11.72
N ASP G 1456 108.34 54.00 -11.58
CA ASP G 1456 108.88 55.13 -12.35
C ASP G 1456 109.24 54.67 -13.77
N TYR G 1457 108.18 54.40 -14.55
CA TYR G 1457 108.32 53.91 -15.91
C TYR G 1457 107.15 54.43 -16.72
N HIS G 1458 107.39 55.43 -17.56
CA HIS G 1458 106.35 56.07 -18.36
C HIS G 1458 106.80 56.23 -19.81
N GLN G 1459 107.35 55.16 -20.40
CA GLN G 1459 107.90 55.23 -21.74
C GLN G 1459 107.44 54.04 -22.57
N HIS G 1460 107.34 54.25 -23.88
CA HIS G 1460 106.97 53.19 -24.82
C HIS G 1460 107.53 53.54 -26.19
N ASP G 1461 108.48 52.74 -26.67
CA ASP G 1461 108.95 52.81 -28.05
C ASP G 1461 109.04 51.37 -28.55
N MET G 1462 109.16 51.20 -29.87
CA MET G 1462 108.97 49.91 -30.51
C MET G 1462 110.18 48.98 -30.46
N ASN G 1463 111.39 49.48 -30.19
CA ASN G 1463 112.56 48.62 -30.16
C ASN G 1463 113.47 48.95 -28.97
N PHE G 1464 112.89 49.01 -27.77
CA PHE G 1464 113.68 49.20 -26.55
C PHE G 1464 114.60 48.02 -26.29
N ASP G 1465 115.68 48.27 -25.55
CA ASP G 1465 116.63 47.26 -25.11
C ASP G 1465 117.35 47.78 -23.87
N LEU G 1466 118.35 47.04 -23.40
CA LEU G 1466 119.12 47.43 -22.21
C LEU G 1466 120.28 48.36 -22.51
N SER G 1467 120.46 48.80 -23.74
CA SER G 1467 121.32 49.94 -24.00
C SER G 1467 120.57 51.25 -23.87
N LYS G 1468 119.25 51.23 -24.09
CA LYS G 1468 118.38 52.38 -23.95
C LYS G 1468 117.67 52.40 -22.60
N VAL G 1469 118.38 52.22 -21.49
CA VAL G 1469 117.79 52.35 -20.16
C VAL G 1469 118.69 53.23 -19.32
N ARG G 1470 118.07 54.01 -18.43
CA ARG G 1470 118.76 55.07 -17.72
C ARG G 1470 118.99 54.71 -16.26
N ALA G 1471 120.20 55.03 -15.77
CA ALA G 1471 120.57 54.81 -14.38
C ALA G 1471 121.49 55.94 -13.97
N VAL G 1472 121.23 56.54 -12.80
CA VAL G 1472 121.93 57.75 -12.36
C VAL G 1472 122.78 57.40 -11.16
N THR G 1473 124.08 57.64 -11.25
CA THR G 1473 125.02 57.37 -10.17
C THR G 1473 124.98 58.50 -9.18
N VAL G 1474 124.54 58.21 -7.97
CA VAL G 1474 124.51 59.17 -6.87
C VAL G 1474 125.58 58.76 -5.87
N THR G 1475 126.41 59.73 -5.50
CA THR G 1475 127.41 59.56 -4.45
C THR G 1475 127.60 60.89 -3.73
N MET G 1476 127.87 60.82 -2.43
CA MET G 1476 128.16 62.00 -1.63
C MET G 1476 129.37 61.70 -0.74
N GLY G 1477 129.96 62.77 -0.22
CA GLY G 1477 131.15 62.60 0.61
C GLY G 1477 131.48 63.79 1.47
N ASP G 1478 132.77 64.00 1.70
CA ASP G 1478 133.26 65.09 2.54
C ASP G 1478 133.66 66.28 1.66
N GLU G 1479 134.07 67.36 2.33
CA GLU G 1479 134.46 68.57 1.62
C GLU G 1479 135.83 68.48 0.99
N GLN G 1480 136.68 67.57 1.46
CA GLN G 1480 138.02 67.43 0.89
C GLN G 1480 138.03 66.67 -0.42
N GLY G 1481 136.99 65.88 -0.70
CA GLY G 1481 136.89 65.12 -1.93
C GLY G 1481 136.73 63.63 -1.77
N ASN G 1482 136.82 63.10 -0.54
CA ASN G 1482 136.70 61.68 -0.29
C ASN G 1482 135.26 61.21 -0.44
N VAL G 1483 135.09 59.92 -0.74
CA VAL G 1483 133.78 59.36 -0.98
C VAL G 1483 133.26 58.71 0.29
N HIS G 1484 131.94 58.65 0.43
CA HIS G 1484 131.31 57.99 1.57
C HIS G 1484 130.49 56.78 1.17
N SER G 1485 129.52 56.93 0.27
CA SER G 1485 128.71 55.82 -0.20
C SER G 1485 128.27 56.12 -1.62
N SER G 1486 127.92 55.06 -2.35
CA SER G 1486 127.55 55.16 -3.75
C SER G 1486 126.18 54.54 -3.95
N LEU G 1487 125.36 55.18 -4.77
CA LEU G 1487 123.96 54.82 -4.90
C LEU G 1487 123.54 54.88 -6.36
N LYS G 1488 122.84 53.85 -6.83
CA LYS G 1488 122.37 53.75 -8.21
C LYS G 1488 120.84 53.78 -8.23
N CYS G 1489 120.27 54.82 -8.83
CA CYS G 1489 118.82 54.93 -9.01
C CYS G 1489 118.48 54.58 -10.45
N SER G 1490 117.89 53.41 -10.65
CA SER G 1490 117.46 52.98 -11.96
C SER G 1490 116.00 52.55 -11.91
N ASN G 1491 115.44 52.30 -13.10
CA ASN G 1491 114.07 51.84 -13.23
C ASN G 1491 113.95 50.47 -13.85
N CYS G 1492 115.00 49.96 -14.49
CA CYS G 1492 114.95 48.72 -15.24
C CYS G 1492 116.10 47.82 -14.76
N TYR G 1493 115.86 47.09 -13.67
CA TYR G 1493 116.84 46.17 -13.11
C TYR G 1493 116.65 44.76 -13.69
N MET G 1494 116.86 44.64 -14.99
CA MET G 1494 116.62 43.42 -15.74
C MET G 1494 117.86 42.99 -16.49
N VAL G 1495 117.81 41.78 -17.05
CA VAL G 1495 118.90 41.25 -17.89
C VAL G 1495 118.45 40.87 -19.29
N TRP G 1496 119.39 40.30 -20.03
CA TRP G 1496 119.21 39.89 -21.42
C TRP G 1496 119.04 38.38 -21.46
N GLY G 1497 118.00 37.91 -22.16
CA GLY G 1497 117.76 36.48 -22.25
C GLY G 1497 118.75 35.78 -23.14
N GLY G 1498 119.31 36.49 -24.11
CA GLY G 1498 120.33 35.98 -24.99
C GLY G 1498 121.76 36.21 -24.54
N ASP G 1499 121.98 36.52 -23.26
CA ASP G 1499 123.33 36.79 -22.78
C ASP G 1499 124.14 35.51 -22.63
N PHE G 1500 123.52 34.44 -22.13
CA PHE G 1500 124.20 33.15 -22.00
C PHE G 1500 123.82 32.19 -23.12
N VAL G 1501 122.66 32.40 -23.75
CA VAL G 1501 122.18 31.55 -24.83
C VAL G 1501 123.03 31.70 -26.09
N ILE G 1509 116.58 28.15 -33.75
CA ILE G 1509 115.81 26.90 -33.86
C ILE G 1509 116.18 25.93 -32.74
N SER G 1510 116.18 26.43 -31.50
CA SER G 1510 116.46 25.57 -30.36
C SER G 1510 115.26 24.66 -30.09
N HIS G 1511 115.54 23.42 -29.73
CA HIS G 1511 114.49 22.43 -29.52
C HIS G 1511 114.06 22.29 -28.07
N THR G 1512 114.88 22.71 -27.12
CA THR G 1512 114.58 22.60 -25.69
C THR G 1512 114.47 23.99 -25.08
N ASP G 1513 113.47 24.16 -24.22
CA ASP G 1513 113.20 25.42 -23.56
C ASP G 1513 114.29 25.79 -22.55
N LEU G 1514 114.39 27.10 -22.27
CA LEU G 1514 115.46 27.70 -21.47
C LEU G 1514 114.85 28.54 -20.36
N VAL G 1515 115.58 28.66 -19.25
CA VAL G 1515 115.06 29.22 -18.00
C VAL G 1515 115.87 30.44 -17.61
N ILE G 1516 115.16 31.56 -17.34
CA ILE G 1516 115.76 32.76 -16.76
C ILE G 1516 114.99 33.08 -15.48
N GLY G 1517 115.71 33.17 -14.36
CA GLY G 1517 115.10 33.40 -13.07
C GLY G 1517 115.49 34.73 -12.46
N CYS G 1518 114.73 35.12 -11.44
CA CYS G 1518 115.07 36.27 -10.61
C CYS G 1518 114.76 35.93 -9.16
N LEU G 1519 115.72 36.19 -8.27
CA LEU G 1519 115.55 36.00 -6.84
C LEU G 1519 115.71 37.33 -6.12
N VAL G 1520 114.87 37.59 -5.13
CA VAL G 1520 114.94 38.81 -4.33
C VAL G 1520 115.20 38.41 -2.89
N ASP G 1521 116.38 38.77 -2.37
CA ASP G 1521 116.70 38.65 -0.95
C ASP G 1521 116.32 39.97 -0.28
N LEU G 1522 115.28 39.93 0.55
CA LEU G 1522 114.69 41.15 1.10
C LEU G 1522 115.49 41.72 2.26
N ALA G 1523 116.30 40.90 2.95
CA ALA G 1523 116.98 41.39 4.13
C ALA G 1523 118.18 42.28 3.81
N THR G 1524 118.94 41.96 2.75
CA THR G 1524 120.09 42.77 2.34
C THR G 1524 119.88 43.52 1.03
N GLY G 1525 118.98 43.05 0.17
CA GLY G 1525 118.61 43.79 -1.01
C GLY G 1525 119.39 43.49 -2.26
N LEU G 1526 120.29 42.50 -2.24
CA LEU G 1526 121.11 42.18 -3.40
C LEU G 1526 120.39 41.17 -4.28
N MET G 1527 120.36 41.45 -5.59
CA MET G 1527 119.60 40.66 -6.55
C MET G 1527 120.52 40.17 -7.67
N THR G 1528 121.04 38.96 -7.51
CA THR G 1528 121.78 38.27 -8.56
C THR G 1528 120.88 37.21 -9.20
N PHE G 1529 120.74 37.26 -10.52
CA PHE G 1529 119.74 36.47 -11.22
C PHE G 1529 120.39 35.19 -11.73
N THR G 1530 119.65 34.09 -11.73
CA THR G 1530 120.14 32.75 -12.05
C THR G 1530 119.50 32.27 -13.35
N ALA G 1531 120.27 31.49 -14.14
CA ALA G 1531 119.78 30.96 -15.41
C ALA G 1531 120.14 29.48 -15.51
N ASN G 1532 119.10 28.63 -15.63
CA ASN G 1532 119.21 27.17 -15.78
C ASN G 1532 119.99 26.52 -14.64
N GLY G 1533 119.77 27.01 -13.42
CA GLY G 1533 120.44 26.45 -12.26
C GLY G 1533 121.84 26.93 -12.01
N LYS G 1534 122.35 27.84 -12.84
CA LYS G 1534 123.69 28.39 -12.66
C LYS G 1534 123.61 29.92 -12.67
N GLU G 1535 124.45 30.54 -11.86
CA GLU G 1535 124.40 31.98 -11.63
C GLU G 1535 125.17 32.75 -12.70
N SER G 1536 124.65 33.92 -13.04
CA SER G 1536 125.25 34.83 -14.01
C SER G 1536 126.14 35.84 -13.27
N ASN G 1537 126.54 36.90 -13.96
CA ASN G 1537 127.53 37.83 -13.43
C ASN G 1537 126.96 39.15 -12.93
N THR G 1538 125.86 39.63 -13.51
CA THR G 1538 125.37 40.98 -13.25
C THR G 1538 124.64 41.05 -11.92
N PHE G 1539 125.02 42.03 -11.09
CA PHE G 1539 124.37 42.29 -9.81
C PHE G 1539 123.90 43.73 -9.77
N PHE G 1540 122.83 43.97 -9.01
CA PHE G 1540 122.35 45.32 -8.77
C PHE G 1540 121.75 45.41 -7.37
N GLN G 1541 121.82 46.61 -6.80
CA GLN G 1541 121.27 46.92 -5.49
C GLN G 1541 120.38 48.16 -5.61
N VAL G 1542 119.36 48.23 -4.75
CA VAL G 1542 118.38 49.31 -4.83
C VAL G 1542 118.21 49.91 -3.43
N GLU G 1543 117.70 51.14 -3.40
CA GLU G 1543 117.31 51.77 -2.15
C GLU G 1543 116.20 50.96 -1.49
N PRO G 1544 116.15 50.93 -0.14
CA PRO G 1544 115.24 49.98 0.52
C PRO G 1544 113.77 50.32 0.37
N ASN G 1545 113.39 51.59 0.45
CA ASN G 1545 111.98 51.98 0.43
C ASN G 1545 111.56 52.39 -0.98
N THR G 1546 111.80 51.49 -1.92
CA THR G 1546 111.21 51.54 -3.26
C THR G 1546 110.47 50.24 -3.47
N LYS G 1547 109.69 50.15 -4.56
CA LYS G 1547 109.08 48.89 -4.92
C LYS G 1547 109.30 48.56 -6.39
N LEU G 1548 109.21 47.27 -6.70
CA LEU G 1548 109.54 46.73 -8.00
C LEU G 1548 108.38 45.86 -8.46
N PHE G 1549 107.98 46.00 -9.73
CA PHE G 1549 106.93 45.14 -10.27
C PHE G 1549 107.56 44.02 -11.08
N PRO G 1550 107.05 42.79 -11.00
CA PRO G 1550 107.59 41.70 -11.85
C PRO G 1550 107.15 41.89 -13.29
N ALA G 1551 108.12 42.07 -14.19
CA ALA G 1551 107.81 42.46 -15.58
C ALA G 1551 108.83 41.89 -16.56
N VAL G 1552 108.35 41.49 -17.73
CA VAL G 1552 109.19 41.06 -18.85
C VAL G 1552 108.82 41.87 -20.07
N PHE G 1553 109.82 42.12 -20.92
CA PHE G 1553 109.62 42.80 -22.20
C PHE G 1553 110.01 41.80 -23.31
N VAL G 1554 109.01 41.23 -23.98
CA VAL G 1554 109.23 40.16 -24.96
C VAL G 1554 108.46 40.47 -26.23
N LEU G 1555 109.17 40.44 -27.37
CA LEU G 1555 108.54 40.35 -28.68
C LEU G 1555 108.31 38.87 -28.99
N PRO G 1556 107.06 38.43 -29.18
CA PRO G 1556 106.83 37.01 -29.55
C PRO G 1556 107.04 36.77 -31.03
N THR G 1557 107.70 35.65 -31.36
CA THR G 1557 107.88 35.25 -32.76
C THR G 1557 107.17 33.95 -33.09
N HIS G 1558 106.25 33.50 -32.24
CA HIS G 1558 105.21 32.53 -32.56
C HIS G 1558 104.10 32.69 -31.53
N GLN G 1559 103.34 31.62 -31.30
CA GLN G 1559 102.08 31.72 -30.57
C GLN G 1559 102.27 31.75 -29.06
N ASN G 1560 102.68 30.62 -28.47
CA ASN G 1560 102.79 30.48 -27.03
C ASN G 1560 104.27 30.58 -26.64
N VAL G 1561 104.62 31.67 -25.96
CA VAL G 1561 106.01 32.06 -25.79
C VAL G 1561 106.41 32.18 -24.31
N ILE G 1562 105.73 33.07 -23.59
CA ILE G 1562 106.12 33.47 -22.24
C ILE G 1562 105.38 32.59 -21.25
N GLN G 1563 106.12 32.01 -20.30
CA GLN G 1563 105.52 31.18 -19.26
C GLN G 1563 106.17 31.54 -17.93
N PHE G 1564 105.47 32.34 -17.11
CA PHE G 1564 105.90 32.55 -15.74
C PHE G 1564 105.64 31.27 -14.96
N GLU G 1565 106.43 31.05 -13.91
CA GLU G 1565 106.27 29.87 -13.09
C GLU G 1565 106.04 30.29 -11.64
N LEU G 1566 104.97 29.77 -11.05
CA LEU G 1566 104.68 29.98 -9.63
C LEU G 1566 105.22 28.81 -8.80
N GLY G 1567 106.53 28.57 -8.95
CA GLY G 1567 107.18 27.42 -8.36
C GLY G 1567 108.27 27.79 -7.37
N LYS G 1568 108.79 26.76 -6.72
CA LYS G 1568 109.80 26.92 -5.70
C LYS G 1568 110.60 25.63 -5.59
N GLN G 1569 111.90 25.76 -5.38
CA GLN G 1569 112.77 24.61 -5.18
C GLN G 1569 112.91 24.31 -3.68
N LYS G 1570 113.84 23.41 -3.33
CA LYS G 1570 113.86 22.75 -2.03
C LYS G 1570 114.35 23.63 -0.88
N ASN G 1571 114.83 24.84 -1.16
CA ASN G 1571 115.33 25.70 -0.10
C ASN G 1571 114.84 27.14 -0.19
N ILE G 1572 114.05 27.48 -1.20
CA ILE G 1572 113.61 28.85 -1.42
C ILE G 1572 112.09 28.87 -1.58
N MET G 1573 111.43 29.77 -0.84
CA MET G 1573 110.01 30.03 -0.79
C MET G 1573 109.54 30.72 -2.08
N PRO G 1574 108.25 30.56 -2.48
CA PRO G 1574 107.76 31.27 -3.68
C PRO G 1574 107.37 32.73 -3.43
N LEU G 1575 106.77 33.37 -4.45
CA LEU G 1575 106.36 34.77 -4.34
C LEU G 1575 105.10 34.97 -3.51
N SER G 1576 104.31 33.91 -3.31
CA SER G 1576 103.06 34.05 -2.59
C SER G 1576 103.27 34.35 -1.11
N ALA G 1577 104.43 34.00 -0.57
CA ALA G 1577 104.72 34.33 0.82
C ALA G 1577 105.01 35.81 0.98
N ALA G 1578 105.76 36.41 0.04
CA ALA G 1578 106.04 37.84 0.06
C ALA G 1578 104.92 38.65 -0.57
N MET G 1579 103.85 38.00 -1.00
CA MET G 1579 102.71 38.71 -1.59
C MET G 1579 102.04 39.62 -0.57
N PHE G 1580 101.38 39.04 0.44
CA PHE G 1580 100.63 39.79 1.45
C PHE G 1580 101.05 39.32 2.84
N LEU G 1581 100.27 39.71 3.84
CA LEU G 1581 100.65 39.45 5.23
C LEU G 1581 100.14 38.10 5.74
N SER G 1582 98.97 37.66 5.28
CA SER G 1582 98.26 36.56 5.93
C SER G 1582 98.79 35.16 5.56
N GLU G 1583 99.87 35.05 4.78
CA GLU G 1583 100.26 33.73 4.28
C GLU G 1583 101.78 33.57 4.19
N ARG G 1584 102.54 34.33 4.99
CA ARG G 1584 103.97 34.48 4.73
C ARG G 1584 104.80 33.24 5.05
N LYS G 1585 104.30 32.33 5.88
CA LYS G 1585 105.08 31.16 6.29
C LYS G 1585 104.40 29.83 5.93
N ASN G 1586 103.67 29.77 4.82
CA ASN G 1586 103.09 28.53 4.33
C ASN G 1586 103.63 28.28 2.93
N PRO G 1587 104.29 27.14 2.67
CA PRO G 1587 104.98 26.96 1.38
C PRO G 1587 104.11 26.41 0.25
N ALA G 1588 102.80 26.58 0.31
CA ALA G 1588 101.93 26.12 -0.78
C ALA G 1588 101.78 27.22 -1.83
N PRO G 1589 102.27 27.01 -3.05
CA PRO G 1589 102.22 28.09 -4.07
C PRO G 1589 100.95 27.99 -4.91
N GLN G 1590 100.06 28.96 -4.75
CA GLN G 1590 98.88 29.08 -5.60
C GLN G 1590 98.77 30.52 -6.07
N CYS G 1591 98.13 30.70 -7.21
CA CYS G 1591 98.06 32.01 -7.87
C CYS G 1591 96.62 32.51 -7.92
N PRO G 1592 96.32 33.65 -7.31
CA PRO G 1592 94.96 34.18 -7.34
C PRO G 1592 94.69 34.92 -8.64
N PRO G 1593 93.42 35.12 -9.01
CA PRO G 1593 93.10 35.97 -10.17
C PRO G 1593 93.22 37.46 -9.89
N ARG G 1594 93.58 37.87 -8.67
CA ARG G 1594 93.95 39.26 -8.44
C ARG G 1594 95.20 39.63 -9.24
N LEU G 1595 96.20 38.74 -9.26
CA LEU G 1595 97.38 38.95 -10.07
C LEU G 1595 97.12 38.40 -11.47
N GLU G 1596 96.96 39.29 -12.43
CA GLU G 1596 96.92 38.94 -13.85
C GLU G 1596 97.91 39.84 -14.57
N VAL G 1597 98.05 39.64 -15.88
CA VAL G 1597 99.09 40.34 -16.62
C VAL G 1597 98.70 41.79 -16.83
N GLN G 1598 99.71 42.64 -17.06
CA GLN G 1598 99.55 44.08 -17.17
C GLN G 1598 100.30 44.55 -18.40
N MET G 1599 99.61 45.31 -19.25
CA MET G 1599 100.19 45.78 -20.51
C MET G 1599 99.97 47.27 -20.65
N LEU G 1600 101.04 47.98 -21.00
CA LEU G 1600 100.99 49.42 -21.17
C LEU G 1600 100.49 49.74 -22.57
N MET G 1601 99.44 50.56 -22.66
CA MET G 1601 98.97 51.18 -23.88
C MET G 1601 99.27 52.68 -23.83
N PRO G 1602 99.71 53.30 -24.94
CA PRO G 1602 100.30 54.64 -24.84
C PRO G 1602 99.31 55.79 -24.67
N VAL G 1603 98.04 55.55 -24.36
CA VAL G 1603 97.08 56.64 -24.22
C VAL G 1603 96.10 56.33 -23.09
N SER G 1604 95.72 57.37 -22.35
CA SER G 1604 94.75 57.27 -21.27
C SER G 1604 94.04 58.61 -21.17
N TRP G 1605 93.23 58.76 -20.13
CA TRP G 1605 92.39 59.93 -19.94
C TRP G 1605 92.69 60.54 -18.57
N SER G 1606 93.14 61.79 -18.57
CA SER G 1606 93.23 62.60 -17.36
C SER G 1606 92.35 63.83 -17.53
N ARG G 1607 92.25 64.64 -16.48
CA ARG G 1607 91.27 65.72 -16.40
C ARG G 1607 91.92 67.05 -16.03
N MET G 1608 91.52 68.13 -16.73
CA MET G 1608 92.01 69.42 -16.25
C MET G 1608 91.05 69.97 -15.20
N PRO G 1609 91.56 70.70 -14.21
CA PRO G 1609 90.68 71.38 -13.27
C PRO G 1609 90.05 72.62 -13.89
N ASN G 1610 89.02 73.13 -13.22
CA ASN G 1610 88.33 74.32 -13.69
C ASN G 1610 89.01 75.62 -13.30
N HIS G 1611 90.10 75.56 -12.53
CA HIS G 1611 90.87 76.74 -12.17
C HIS G 1611 92.34 76.39 -12.13
N PHE G 1612 93.14 77.09 -12.93
CA PHE G 1612 94.57 76.83 -13.06
C PHE G 1612 95.42 77.84 -12.30
N LEU G 1613 96.72 77.81 -12.58
CA LEU G 1613 97.70 78.74 -12.03
C LEU G 1613 97.94 79.83 -13.07
N GLN G 1614 97.38 81.02 -12.83
CA GLN G 1614 97.56 82.16 -13.72
C GLN G 1614 98.94 82.75 -13.46
N VAL G 1615 99.90 82.29 -14.25
CA VAL G 1615 101.30 82.68 -14.11
C VAL G 1615 101.58 83.85 -15.05
N GLU G 1616 102.56 84.68 -14.70
CA GLU G 1616 102.87 85.87 -15.46
C GLU G 1616 104.35 86.18 -15.32
N THR G 1617 104.94 86.81 -16.32
CA THR G 1617 106.38 87.07 -16.35
C THR G 1617 106.66 88.57 -16.41
N ARG G 1618 107.66 89.02 -15.63
CA ARG G 1618 107.95 90.44 -15.48
C ARG G 1618 109.45 90.66 -15.27
N ARG G 1619 109.95 91.81 -15.70
CA ARG G 1619 111.31 92.23 -15.37
C ARG G 1619 111.43 93.75 -15.35
N ALA G 1620 112.08 94.26 -14.32
CA ALA G 1620 112.47 95.66 -14.24
C ALA G 1620 113.99 95.71 -14.11
N GLY G 1621 114.64 96.45 -15.01
CA GLY G 1621 116.09 96.53 -15.03
C GLY G 1621 116.71 95.61 -16.06
N GLU G 1622 117.96 95.93 -16.41
CA GLU G 1622 118.66 95.20 -17.47
C GLU G 1622 119.56 94.09 -16.96
N ARG G 1623 119.88 94.06 -15.66
CA ARG G 1623 120.77 93.05 -15.13
C ARG G 1623 120.14 92.24 -14.00
N LEU G 1624 118.82 92.29 -13.85
CA LEU G 1624 118.15 91.57 -12.76
C LEU G 1624 117.68 90.18 -13.17
N GLY G 1625 116.96 90.08 -14.29
CA GLY G 1625 116.44 88.81 -14.77
C GLY G 1625 114.92 88.76 -14.74
N TRP G 1626 114.37 87.99 -15.69
CA TRP G 1626 112.92 87.94 -15.85
C TRP G 1626 112.29 87.10 -14.74
N ALA G 1627 111.29 87.68 -14.08
CA ALA G 1627 110.71 87.11 -12.86
C ALA G 1627 109.40 86.42 -13.15
N VAL G 1628 109.16 85.30 -12.47
CA VAL G 1628 107.93 84.56 -12.56
C VAL G 1628 107.13 84.82 -11.29
N GLN G 1629 105.82 85.03 -11.44
CA GLN G 1629 104.97 85.33 -10.29
C GLN G 1629 103.84 84.32 -10.25
N CYS G 1630 103.22 84.22 -9.07
CA CYS G 1630 101.97 83.50 -8.88
C CYS G 1630 101.27 84.07 -7.65
N GLN G 1631 99.94 84.01 -7.66
CA GLN G 1631 99.16 84.52 -6.55
C GLN G 1631 97.90 83.71 -6.25
N ASP G 1632 97.74 82.52 -6.84
CA ASP G 1632 96.50 81.77 -6.68
C ASP G 1632 96.68 80.67 -5.64
N PRO G 1633 95.99 80.73 -4.50
CA PRO G 1633 96.04 79.64 -3.53
C PRO G 1633 95.04 78.55 -3.90
N LEU G 1634 95.54 77.33 -4.08
CA LEU G 1634 94.74 76.24 -4.62
C LEU G 1634 95.22 74.92 -4.06
N THR G 1635 94.30 74.11 -3.55
CA THR G 1635 94.59 72.76 -3.08
C THR G 1635 93.57 71.82 -3.66
N MET G 1636 93.85 70.51 -3.57
CA MET G 1636 93.07 69.54 -4.32
C MET G 1636 93.11 68.17 -3.64
N MET G 1637 91.94 67.55 -3.56
CA MET G 1637 91.76 66.25 -2.93
C MET G 1637 92.29 65.15 -3.84
N ALA G 1638 93.35 64.47 -3.44
CA ALA G 1638 93.99 63.46 -4.28
C ALA G 1638 94.28 62.20 -3.47
N LEU G 1639 94.25 61.06 -4.15
CA LEU G 1639 94.35 59.74 -3.55
C LEU G 1639 95.71 59.12 -3.84
N HIS G 1640 96.00 57.99 -3.19
CA HIS G 1640 97.29 57.32 -3.25
C HIS G 1640 97.28 56.02 -4.04
N ILE G 1641 96.27 55.16 -3.82
CA ILE G 1641 96.11 53.76 -4.26
C ILE G 1641 97.46 53.04 -4.10
N PRO G 1642 97.84 52.69 -2.87
CA PRO G 1642 99.23 52.32 -2.58
C PRO G 1642 99.66 50.97 -3.13
N GLU G 1643 98.78 50.20 -3.77
CA GLU G 1643 99.19 48.95 -4.40
C GLU G 1643 99.82 49.17 -5.76
N GLU G 1644 99.77 50.40 -6.31
CA GLU G 1644 100.48 50.76 -7.52
C GLU G 1644 101.25 52.07 -7.42
N ASN G 1645 100.93 52.91 -6.43
CA ASN G 1645 101.54 54.23 -6.17
C ASN G 1645 101.40 55.13 -7.41
N ARG G 1646 100.15 55.51 -7.64
CA ARG G 1646 99.77 56.45 -8.69
C ARG G 1646 98.79 57.45 -8.10
N CYS G 1647 99.18 58.72 -8.06
CA CYS G 1647 98.30 59.73 -7.48
C CYS G 1647 97.12 59.98 -8.43
N MET G 1648 95.91 59.88 -7.90
CA MET G 1648 94.73 59.86 -8.75
C MET G 1648 93.63 60.69 -8.10
N ASP G 1649 93.04 61.57 -8.90
CA ASP G 1649 92.09 62.54 -8.38
C ASP G 1649 90.75 61.91 -8.04
N ILE G 1650 90.10 62.49 -7.03
CA ILE G 1650 88.69 62.19 -6.73
C ILE G 1650 87.77 62.86 -7.77
N LEU G 1651 88.28 63.84 -8.51
CA LEU G 1651 87.56 64.40 -9.63
C LEU G 1651 87.46 63.46 -10.83
N GLU G 1652 88.21 62.36 -10.86
CA GLU G 1652 88.25 61.45 -11.99
C GLU G 1652 87.45 60.16 -11.81
N LEU G 1653 86.75 59.99 -10.68
CA LEU G 1653 85.87 58.84 -10.50
C LEU G 1653 84.45 59.07 -11.01
N SER G 1654 84.24 60.07 -11.84
CA SER G 1654 82.93 60.31 -12.44
C SER G 1654 82.78 59.65 -13.80
N GLU G 1655 83.77 58.85 -14.24
CA GLU G 1655 83.71 58.23 -15.55
C GLU G 1655 84.20 56.79 -15.60
N ARG G 1656 84.79 56.26 -14.54
CA ARG G 1656 85.37 54.92 -14.62
C ARG G 1656 84.41 53.81 -14.21
N LEU G 1657 83.32 54.15 -13.50
CA LEU G 1657 82.18 53.29 -13.20
C LEU G 1657 82.49 52.13 -12.26
N ASP G 1658 83.74 52.02 -11.80
CA ASP G 1658 84.19 50.84 -11.07
C ASP G 1658 84.84 51.20 -9.74
N LEU G 1659 85.58 52.30 -9.66
CA LEU G 1659 86.31 52.56 -8.42
C LEU G 1659 85.46 53.39 -7.45
N GLN G 1660 84.43 54.08 -7.95
CA GLN G 1660 83.58 54.89 -7.08
C GLN G 1660 82.43 54.11 -6.47
N ARG G 1661 82.08 52.95 -7.03
CA ARG G 1661 81.16 52.05 -6.32
C ARG G 1661 81.88 51.35 -5.17
N PHE G 1662 83.20 51.19 -5.28
CA PHE G 1662 83.99 50.65 -4.19
C PHE G 1662 84.26 51.70 -3.12
N HIS G 1663 84.67 52.91 -3.54
CA HIS G 1663 85.06 53.94 -2.59
C HIS G 1663 83.87 54.54 -1.85
N SER G 1664 82.67 54.47 -2.42
CA SER G 1664 81.49 54.98 -1.71
C SER G 1664 81.11 54.07 -0.55
N HIS G 1665 81.38 52.78 -0.67
CA HIS G 1665 81.10 51.80 0.38
C HIS G 1665 82.25 51.61 1.36
N THR G 1666 83.42 52.21 1.11
CA THR G 1666 84.41 52.31 2.18
C THR G 1666 83.94 53.27 3.27
N LEU G 1667 83.11 54.25 2.92
CA LEU G 1667 82.68 55.24 3.90
C LEU G 1667 81.55 54.71 4.78
N ARG G 1668 80.70 53.81 4.28
CA ARG G 1668 79.66 53.28 5.14
C ARG G 1668 80.20 52.31 6.18
N LEU G 1669 81.28 51.60 5.88
CA LEU G 1669 82.03 50.90 6.91
C LEU G 1669 82.72 51.89 7.85
N TYR G 1670 83.06 53.09 7.35
CA TYR G 1670 83.69 54.10 8.19
C TYR G 1670 82.68 54.76 9.14
N ARG G 1671 81.40 54.79 8.78
CA ARG G 1671 80.37 55.23 9.72
C ARG G 1671 79.64 54.09 10.40
N ALA G 1672 79.88 52.84 10.01
CA ALA G 1672 79.35 51.73 10.80
C ALA G 1672 80.19 51.48 12.04
N VAL G 1673 81.49 51.74 11.98
CA VAL G 1673 82.32 51.59 13.16
C VAL G 1673 82.21 52.82 14.06
N CYS G 1674 81.95 53.99 13.49
CA CYS G 1674 81.78 55.22 14.26
C CYS G 1674 80.30 55.52 14.47
N ALA G 1675 79.58 54.55 15.05
CA ALA G 1675 78.16 54.68 15.28
C ALA G 1675 77.80 54.05 16.62
N LEU G 1676 76.52 54.24 17.00
CA LEU G 1676 75.91 53.73 18.23
C LEU G 1676 76.61 54.28 19.48
N GLY G 1677 77.11 55.50 19.39
CA GLY G 1677 77.76 56.14 20.54
C GLY G 1677 79.12 55.58 20.88
N ASN G 1678 79.90 55.17 19.89
CA ASN G 1678 81.22 54.59 20.10
C ASN G 1678 82.20 55.72 19.76
N ASN G 1679 82.96 56.14 20.76
CA ASN G 1679 83.79 57.33 20.65
C ASN G 1679 85.28 57.05 20.66
N ARG G 1680 85.72 55.80 20.75
CA ARG G 1680 87.15 55.56 20.90
C ARG G 1680 87.85 55.52 19.53
N VAL G 1681 87.21 54.93 18.52
CA VAL G 1681 87.74 54.96 17.16
C VAL G 1681 87.30 56.21 16.40
N ALA G 1682 86.35 56.98 16.94
CA ALA G 1682 86.04 58.29 16.38
C ALA G 1682 87.19 59.25 16.59
N HIS G 1683 87.99 59.05 17.63
CA HIS G 1683 89.24 59.80 17.76
C HIS G 1683 90.25 59.32 16.73
N ALA G 1684 90.32 58.00 16.51
CA ALA G 1684 91.39 57.42 15.70
C ALA G 1684 91.18 57.67 14.21
N LEU G 1685 89.93 57.66 13.73
CA LEU G 1685 89.65 57.91 12.33
C LEU G 1685 89.70 59.39 11.96
N CYS G 1686 89.79 60.28 12.95
CA CYS G 1686 90.05 61.68 12.66
C CYS G 1686 91.45 61.89 12.12
N SER G 1687 92.41 61.08 12.56
CA SER G 1687 93.74 61.12 11.95
C SER G 1687 93.71 60.61 10.52
N HIS G 1688 92.82 59.66 10.22
CA HIS G 1688 92.71 59.17 8.85
C HIS G 1688 92.08 60.21 7.93
N VAL G 1689 90.84 60.60 8.24
CA VAL G 1689 90.11 61.57 7.42
C VAL G 1689 89.76 62.76 8.31
N ASP G 1690 90.38 63.92 8.04
CA ASP G 1690 90.41 65.03 8.99
C ASP G 1690 89.69 66.28 8.47
N GLN G 1691 90.00 67.41 9.13
CA GLN G 1691 89.14 68.58 9.11
C GLN G 1691 89.13 69.26 7.75
N ALA G 1692 90.29 69.67 7.23
CA ALA G 1692 90.26 70.38 5.95
C ALA G 1692 89.99 69.45 4.78
N GLN G 1693 90.25 68.15 4.92
CA GLN G 1693 89.82 67.20 3.90
C GLN G 1693 88.29 67.11 3.84
N LEU G 1694 87.62 67.23 4.97
CA LEU G 1694 86.16 67.42 4.94
C LEU G 1694 85.77 68.79 4.37
N LEU G 1695 86.42 69.87 4.84
CA LEU G 1695 85.87 71.21 4.62
C LEU G 1695 86.21 71.82 3.26
N HIS G 1696 87.30 71.39 2.60
CA HIS G 1696 87.45 71.77 1.21
C HIS G 1696 86.50 70.97 0.32
N ALA G 1697 86.32 69.69 0.65
CA ALA G 1697 85.56 68.79 -0.19
C ALA G 1697 84.05 68.99 -0.07
N LEU G 1698 83.54 69.55 1.02
CA LEU G 1698 82.11 69.70 1.07
C LEU G 1698 81.69 70.88 0.22
N GLU G 1699 82.49 71.95 0.24
CA GLU G 1699 82.26 73.12 -0.58
C GLU G 1699 82.80 72.95 -1.99
N ASP G 1700 83.48 71.82 -2.27
CA ASP G 1700 83.67 71.38 -3.65
C ASP G 1700 82.29 71.14 -4.29
N ALA G 1701 82.24 71.29 -5.62
CA ALA G 1701 80.98 71.21 -6.34
C ALA G 1701 81.00 70.20 -7.48
N HIS G 1702 82.15 69.80 -8.00
CA HIS G 1702 82.16 68.86 -9.10
C HIS G 1702 82.19 67.39 -8.65
N LEU G 1703 81.71 67.09 -7.40
CA LEU G 1703 81.76 65.74 -6.86
C LEU G 1703 80.56 64.92 -7.32
N PRO G 1704 80.71 63.59 -7.43
CA PRO G 1704 79.57 62.74 -7.77
C PRO G 1704 78.57 62.61 -6.62
N GLY G 1705 77.39 62.08 -6.93
CA GLY G 1705 76.27 62.02 -6.02
C GLY G 1705 76.38 61.09 -4.80
N PRO G 1706 76.65 59.80 -5.02
CA PRO G 1706 76.79 58.89 -3.87
C PRO G 1706 77.92 59.25 -2.91
N LEU G 1707 79.09 59.63 -3.42
CA LEU G 1707 80.18 60.06 -2.55
C LEU G 1707 79.89 61.42 -1.94
N ARG G 1708 79.17 62.28 -2.69
CA ARG G 1708 78.67 63.56 -2.20
C ARG G 1708 77.82 63.40 -0.96
N ALA G 1709 76.93 62.41 -0.96
CA ALA G 1709 76.11 62.16 0.23
C ALA G 1709 76.89 61.40 1.30
N GLY G 1710 77.79 60.50 0.89
CA GLY G 1710 78.44 59.61 1.84
C GLY G 1710 79.45 60.31 2.73
N TYR G 1711 80.26 61.21 2.16
CA TYR G 1711 81.19 61.97 3.00
C TYR G 1711 80.46 62.92 3.94
N TYR G 1712 79.30 63.42 3.53
CA TYR G 1712 78.57 64.34 4.42
C TYR G 1712 77.91 63.60 5.56
N ASP G 1713 77.38 62.41 5.30
CA ASP G 1713 76.84 61.60 6.39
C ASP G 1713 77.96 61.07 7.28
N LEU G 1714 79.14 60.83 6.70
CA LEU G 1714 80.29 60.45 7.50
C LEU G 1714 80.73 61.58 8.43
N LEU G 1715 80.70 62.82 7.95
CA LEU G 1715 81.17 63.93 8.77
C LEU G 1715 80.21 64.26 9.90
N ILE G 1716 78.95 63.82 9.81
CA ILE G 1716 78.06 63.98 10.95
C ILE G 1716 78.13 62.77 11.89
N SER G 1717 78.30 61.55 11.36
CA SER G 1717 78.37 60.36 12.19
C SER G 1717 79.70 60.25 12.95
N ILE G 1718 80.77 60.87 12.45
CA ILE G 1718 82.06 60.74 13.12
C ILE G 1718 82.22 61.79 14.23
N HIS G 1719 81.49 62.91 14.16
CA HIS G 1719 81.69 63.98 15.13
C HIS G 1719 80.45 64.33 15.95
N LEU G 1720 79.31 64.62 15.32
CA LEU G 1720 78.25 65.28 16.09
C LEU G 1720 76.95 64.49 16.14
N GLU G 1721 77.06 63.17 16.20
CA GLU G 1721 75.92 62.31 16.51
C GLU G 1721 75.95 61.72 17.91
N SER G 1722 77.10 61.73 18.59
CA SER G 1722 77.13 61.42 20.01
C SER G 1722 76.61 62.56 20.87
N ALA G 1723 76.40 63.74 20.29
CA ALA G 1723 75.88 64.90 20.99
C ALA G 1723 74.43 65.21 20.67
N CYS G 1724 73.85 64.57 19.66
CA CYS G 1724 72.45 64.79 19.34
C CYS G 1724 71.51 63.82 20.02
N ARG G 1725 71.99 62.63 20.40
CA ARG G 1725 71.12 61.68 21.09
C ARG G 1725 70.72 62.19 22.47
N SER G 1726 71.68 62.78 23.20
CA SER G 1726 71.42 63.30 24.55
C SER G 1726 70.51 64.52 24.54
N ARG G 1727 70.39 65.22 23.41
CA ARG G 1727 69.46 66.34 23.36
C ARG G 1727 68.11 65.95 22.76
N ARG G 1728 68.09 65.06 21.76
CA ARG G 1728 66.82 64.64 21.20
C ARG G 1728 66.08 63.66 22.11
N SER G 1729 66.79 62.94 22.98
CA SER G 1729 66.12 62.07 23.93
C SER G 1729 65.47 62.83 25.08
N MET G 1730 65.80 64.11 25.28
CA MET G 1730 65.27 64.88 26.39
C MET G 1730 64.71 66.24 25.95
N LEU G 1731 64.52 66.46 24.64
CA LEU G 1731 63.85 67.68 24.20
C LEU G 1731 62.41 67.78 24.68
N SER G 1732 61.70 66.65 24.81
CA SER G 1732 60.30 66.71 25.20
C SER G 1732 60.07 66.80 26.71
N GLU G 1733 61.12 66.69 27.53
CA GLU G 1733 60.99 66.82 28.97
C GLU G 1733 61.35 68.26 29.31
N TYR G 1734 60.51 68.92 30.11
CA TYR G 1734 60.56 70.36 30.31
C TYR G 1734 60.83 70.70 31.78
N ILE G 1735 62.05 71.14 32.09
CA ILE G 1735 62.39 71.67 33.39
C ILE G 1735 62.99 73.05 33.24
N VAL G 1736 62.34 74.04 33.84
CA VAL G 1736 62.78 75.43 33.80
C VAL G 1736 63.15 75.83 35.21
N PRO G 1737 64.24 76.53 35.44
CA PRO G 1737 64.47 77.15 36.75
C PRO G 1737 63.77 78.49 36.84
N LEU G 1738 63.48 78.90 38.05
CA LEU G 1738 62.85 80.20 38.27
C LEU G 1738 63.91 81.28 38.52
N THR G 1739 64.80 81.39 37.54
CA THR G 1739 65.86 82.40 37.54
C THR G 1739 65.24 83.77 37.23
N PRO G 1740 65.96 84.88 37.49
CA PRO G 1740 65.43 86.21 37.10
C PRO G 1740 65.16 86.42 35.61
N GLU G 1741 65.66 85.56 34.72
CA GLU G 1741 65.31 85.65 33.31
C GLU G 1741 63.98 85.01 32.98
N THR G 1742 63.29 84.39 33.93
CA THR G 1742 61.99 83.77 33.69
C THR G 1742 60.84 84.52 34.37
N ARG G 1743 60.88 85.85 34.42
CA ARG G 1743 59.79 86.63 34.98
C ARG G 1743 59.18 87.65 34.01
N ALA G 1744 59.89 88.04 32.95
CA ALA G 1744 59.38 88.97 31.96
C ALA G 1744 59.49 88.33 30.57
N ILE G 1745 58.49 87.52 30.22
CA ILE G 1745 58.33 86.98 28.87
C ILE G 1745 56.86 87.08 28.51
N THR G 1746 56.57 87.69 27.36
CA THR G 1746 55.24 87.66 26.78
C THR G 1746 55.18 86.61 25.67
N LEU G 1747 53.96 86.10 25.44
CA LEU G 1747 53.75 85.16 24.36
C LEU G 1747 53.74 85.85 23.00
N PHE G 1748 53.37 87.13 22.97
CA PHE G 1748 53.37 87.93 21.75
C PHE G 1748 54.42 89.03 21.87
N PRO G 1749 55.15 89.33 20.80
CA PRO G 1749 56.20 90.36 20.88
C PRO G 1749 55.61 91.75 21.02
N PRO G 1750 55.96 92.46 22.09
CA PRO G 1750 55.33 93.76 22.34
C PRO G 1750 55.89 94.85 21.43
N GLY G 1751 55.01 95.79 21.09
CA GLY G 1751 55.36 96.90 20.22
C GLY G 1751 54.15 97.55 19.59
N ARG G 1758 48.42 91.74 18.84
CA ARG G 1758 47.84 90.42 18.64
C ARG G 1758 48.44 89.71 17.42
N ARG G 1759 49.68 90.05 17.10
CA ARG G 1759 50.39 89.44 15.99
C ARG G 1759 51.25 88.29 16.49
N HIS G 1760 51.30 87.21 15.73
CA HIS G 1760 52.07 86.04 16.14
C HIS G 1760 53.56 86.28 15.97
N GLY G 1761 54.33 85.90 16.98
CA GLY G 1761 55.77 86.03 16.90
C GLY G 1761 56.40 84.95 16.03
N LEU G 1762 57.65 85.20 15.65
CA LEU G 1762 58.35 84.28 14.75
C LEU G 1762 58.91 83.12 15.57
N PRO G 1763 58.73 81.88 15.13
CA PRO G 1763 59.01 80.73 16.00
C PRO G 1763 60.50 80.43 16.08
N GLY G 1764 60.91 79.82 17.19
CA GLY G 1764 62.27 79.37 17.38
C GLY G 1764 63.19 80.38 18.03
N VAL G 1765 62.78 81.64 18.15
CA VAL G 1765 63.66 82.67 18.68
C VAL G 1765 63.10 83.22 19.98
N GLY G 1766 63.76 84.24 20.51
CA GLY G 1766 63.40 84.79 21.79
C GLY G 1766 64.47 84.49 22.82
N VAL G 1767 64.07 83.85 23.91
CA VAL G 1767 64.98 83.38 24.94
C VAL G 1767 64.39 82.13 25.57
N THR G 1768 65.18 81.04 25.57
CA THR G 1768 64.76 79.81 26.19
C THR G 1768 65.68 79.50 27.37
N THR G 1769 65.11 78.86 28.39
CA THR G 1769 65.80 78.58 29.63
C THR G 1769 65.60 77.14 30.06
N SER G 1770 65.56 76.22 29.10
CA SER G 1770 65.41 74.81 29.42
C SER G 1770 66.74 74.24 29.90
N LEU G 1771 66.70 73.50 31.00
CA LEU G 1771 67.89 72.87 31.57
C LEU G 1771 68.34 71.72 30.67
N ARG G 1772 69.44 71.93 29.95
CA ARG G 1772 70.04 70.93 29.07
C ARG G 1772 71.54 70.93 29.25
N PRO G 1773 72.18 69.75 29.33
CA PRO G 1773 73.63 69.69 29.58
C PRO G 1773 74.41 70.07 28.33
N PRO G 1774 75.67 70.47 28.47
CA PRO G 1774 76.52 70.71 27.30
C PRO G 1774 76.93 69.40 26.63
N HIS G 1775 77.52 69.54 25.45
CA HIS G 1775 77.95 68.37 24.68
C HIS G 1775 79.32 67.86 25.11
N HIS G 1776 80.06 68.65 25.90
CA HIS G 1776 81.35 68.29 26.51
C HIS G 1776 82.40 67.93 25.45
N PHE G 1777 82.73 68.90 24.61
CA PHE G 1777 83.69 68.65 23.53
C PHE G 1777 85.11 68.64 24.05
N SER G 1778 85.89 67.65 23.59
CA SER G 1778 87.27 67.46 23.98
C SER G 1778 88.19 67.59 22.77
N PRO G 1779 89.34 68.26 22.91
CA PRO G 1779 90.23 68.46 21.75
C PRO G 1779 90.95 67.18 21.39
N PRO G 1780 90.95 66.79 20.11
CA PRO G 1780 91.62 65.55 19.70
C PRO G 1780 93.13 65.76 19.57
N CYS G 1781 93.89 64.83 20.16
CA CYS G 1781 95.34 64.84 20.09
C CYS G 1781 95.84 63.40 20.06
N PHE G 1782 96.95 63.19 19.38
CA PHE G 1782 97.52 61.85 19.23
C PHE G 1782 98.91 61.72 19.80
N VAL G 1783 99.55 62.83 20.18
CA VAL G 1783 100.87 62.82 20.79
C VAL G 1783 100.80 62.67 22.30
N ALA G 1784 99.61 62.45 22.84
CA ALA G 1784 99.45 62.31 24.28
C ALA G 1784 99.94 60.93 24.74
N ALA G 1785 100.28 60.85 26.03
CA ALA G 1785 100.76 59.61 26.61
C ALA G 1785 99.63 58.62 26.80
N LEU G 1786 99.92 57.35 26.58
CA LEU G 1786 98.91 56.29 26.68
C LEU G 1786 98.69 55.94 28.15
N PRO G 1787 97.43 55.82 28.59
CA PRO G 1787 97.19 55.40 29.97
C PRO G 1787 97.25 53.90 30.14
N ALA G 1788 97.97 53.47 31.19
CA ALA G 1788 98.23 52.06 31.54
C ALA G 1788 98.82 51.25 30.38
N GLU G 1793 93.42 51.34 31.44
CA GLU G 1793 92.02 51.37 31.09
C GLU G 1793 91.40 52.74 31.36
N ALA G 1794 90.99 53.43 30.30
CA ALA G 1794 90.56 54.80 30.43
C ALA G 1794 89.15 54.88 31.02
N PRO G 1795 88.87 55.87 31.89
CA PRO G 1795 87.52 56.02 32.45
C PRO G 1795 86.48 56.51 31.44
N ALA G 1796 86.83 57.53 30.65
CA ALA G 1796 85.88 58.11 29.72
C ALA G 1796 86.61 58.76 28.56
N ARG G 1797 86.17 58.45 27.34
CA ARG G 1797 86.70 59.03 26.11
C ARG G 1797 85.56 59.65 25.33
N LEU G 1798 85.74 60.90 24.90
CA LEU G 1798 84.62 61.69 24.42
C LEU G 1798 84.94 62.27 23.03
N SER G 1799 83.98 63.02 22.48
CA SER G 1799 83.97 63.41 21.07
C SER G 1799 85.08 64.42 20.76
N PRO G 1800 85.63 64.38 19.54
CA PRO G 1800 86.64 65.38 19.16
C PRO G 1800 86.04 66.76 18.97
N ALA G 1801 86.86 67.78 19.20
CA ALA G 1801 86.43 69.17 19.12
C ALA G 1801 86.83 69.76 17.77
N ILE G 1802 85.87 70.42 17.13
CA ILE G 1802 86.06 71.05 15.83
C ILE G 1802 85.56 72.48 16.00
N PRO G 1803 86.25 73.50 15.47
CA PRO G 1803 85.73 74.86 15.54
C PRO G 1803 84.47 75.04 14.72
N LEU G 1804 83.33 75.18 15.40
CA LEU G 1804 82.05 75.33 14.73
C LEU G 1804 81.75 76.78 14.36
N GLU G 1805 82.59 77.72 14.81
CA GLU G 1805 82.40 79.13 14.49
C GLU G 1805 82.66 79.41 13.00
N ALA G 1806 83.51 78.60 12.37
CA ALA G 1806 83.72 78.74 10.94
C ALA G 1806 82.70 77.95 10.14
N LEU G 1807 82.16 76.88 10.72
CA LEU G 1807 81.20 76.02 10.03
C LEU G 1807 79.78 76.55 10.14
N ARG G 1808 79.54 77.49 11.05
CA ARG G 1808 78.19 78.04 11.25
C ARG G 1808 77.70 78.84 10.05
N ASP G 1809 78.60 79.37 9.22
CA ASP G 1809 78.20 80.08 8.01
C ASP G 1809 78.27 79.20 6.76
N LYS G 1810 79.17 78.22 6.77
CA LYS G 1810 79.23 77.24 5.70
C LYS G 1810 78.02 76.31 5.73
N ALA G 1811 77.37 76.18 6.88
CA ALA G 1811 76.09 75.45 6.94
C ALA G 1811 74.94 76.21 6.30
N LEU G 1812 75.13 77.49 5.94
CA LEU G 1812 74.09 78.32 5.37
C LEU G 1812 74.34 78.73 3.92
N ARG G 1813 75.60 78.97 3.56
CA ARG G 1813 75.91 79.56 2.25
C ARG G 1813 75.64 78.58 1.10
N MET G 1814 75.80 77.28 1.36
CA MET G 1814 75.47 76.25 0.39
C MET G 1814 73.98 76.28 0.03
N LEU G 1815 73.13 76.37 1.05
CA LEU G 1815 71.69 76.46 0.83
C LEU G 1815 71.34 77.77 0.14
N GLY G 1816 72.01 78.86 0.53
CA GLY G 1816 71.69 80.18 0.01
C GLY G 1816 72.01 80.35 -1.47
N GLU G 1817 73.07 79.70 -1.95
CA GLU G 1817 73.30 79.77 -3.40
C GLU G 1817 72.75 78.57 -4.16
N ALA G 1818 72.46 77.46 -3.47
CA ALA G 1818 71.81 76.33 -4.11
C ALA G 1818 70.36 76.68 -4.49
N VAL G 1819 69.72 77.53 -3.69
CA VAL G 1819 68.35 77.90 -4.08
C VAL G 1819 68.32 78.92 -5.23
N ARG G 1820 69.34 79.77 -5.41
CA ARG G 1820 69.34 80.63 -6.59
C ARG G 1820 69.80 79.84 -7.81
N ASP G 1821 70.50 78.72 -7.58
CA ASP G 1821 70.67 77.75 -8.66
C ASP G 1821 69.36 77.07 -9.03
N GLY G 1822 68.56 76.69 -8.02
CA GLY G 1822 67.30 76.02 -8.27
C GLY G 1822 66.24 76.91 -8.88
N GLY G 1823 66.27 78.21 -8.54
CA GLY G 1823 65.42 79.17 -9.23
C GLY G 1823 65.89 79.44 -10.64
N GLN G 1824 67.19 79.29 -10.89
CA GLN G 1824 67.73 79.36 -12.25
C GLN G 1824 67.49 78.07 -13.03
N HIS G 1825 67.06 77.01 -12.35
CA HIS G 1825 66.69 75.69 -12.90
C HIS G 1825 67.78 75.11 -13.81
N ALA G 1826 68.89 74.78 -13.15
CA ALA G 1826 70.02 74.19 -13.86
C ALA G 1826 69.72 72.75 -14.27
N ARG G 1827 70.13 72.40 -15.49
CA ARG G 1827 69.84 71.07 -16.02
C ARG G 1827 70.75 70.01 -15.41
N ASP G 1828 72.04 70.29 -15.29
CA ASP G 1828 73.01 69.38 -14.70
C ASP G 1828 73.61 70.06 -13.47
N PRO G 1829 72.92 70.07 -12.33
CA PRO G 1829 73.42 70.82 -11.18
C PRO G 1829 74.46 70.05 -10.39
N VAL G 1830 74.78 70.57 -9.22
CA VAL G 1830 75.91 70.12 -8.40
C VAL G 1830 75.63 68.73 -7.87
N GLY G 1831 76.39 67.74 -8.35
CA GLY G 1831 76.23 66.37 -7.96
C GLY G 1831 75.53 65.47 -8.97
N GLY G 1832 74.93 66.05 -10.02
CA GLY G 1832 74.31 65.29 -11.09
C GLY G 1832 72.81 65.44 -11.19
N SER G 1833 72.14 65.68 -10.07
CA SER G 1833 70.69 65.79 -10.06
C SER G 1833 70.23 66.64 -8.89
N VAL G 1834 68.94 67.01 -8.91
CA VAL G 1834 68.36 67.87 -7.87
C VAL G 1834 68.21 67.13 -6.54
N GLU G 1835 68.06 65.80 -6.60
CA GLU G 1835 68.04 65.00 -5.38
C GLU G 1835 69.38 65.06 -4.67
N PHE G 1836 70.48 64.85 -5.41
CA PHE G 1836 71.80 64.99 -4.84
C PHE G 1836 72.20 66.45 -4.61
N GLN G 1837 71.45 67.40 -5.18
CA GLN G 1837 71.59 68.79 -4.76
C GLN G 1837 71.09 69.01 -3.34
N PHE G 1838 69.87 68.59 -3.06
CA PHE G 1838 69.19 69.08 -1.86
C PHE G 1838 69.00 68.07 -0.74
N VAL G 1839 69.36 66.80 -0.90
CA VAL G 1839 69.27 65.91 0.27
C VAL G 1839 70.43 66.06 1.27
N PRO G 1840 71.76 66.24 0.90
CA PRO G 1840 72.76 66.11 1.97
C PRO G 1840 72.93 67.34 2.85
N VAL G 1841 72.81 68.56 2.29
CA VAL G 1841 73.06 69.76 3.08
C VAL G 1841 71.90 70.06 4.02
N LEU G 1842 70.68 69.61 3.69
CA LEU G 1842 69.56 69.80 4.60
C LEU G 1842 69.61 68.82 5.76
N LYS G 1843 70.09 67.60 5.53
CA LYS G 1843 70.34 66.67 6.62
C LYS G 1843 71.56 67.09 7.44
N LEU G 1844 72.47 67.85 6.83
CA LEU G 1844 73.52 68.53 7.59
C LEU G 1844 72.92 69.58 8.52
N VAL G 1845 72.05 70.44 8.00
CA VAL G 1845 71.59 71.56 8.81
C VAL G 1845 70.58 71.12 9.87
N SER G 1846 69.90 69.98 9.65
CA SER G 1846 68.89 69.55 10.62
C SER G 1846 69.51 69.08 11.93
N THR G 1847 70.68 68.43 11.88
CA THR G 1847 71.34 67.96 13.09
C THR G 1847 71.88 69.11 13.93
N LEU G 1848 72.51 70.11 13.30
CA LEU G 1848 72.93 71.29 14.05
C LEU G 1848 71.74 72.12 14.52
N LEU G 1849 70.64 72.10 13.77
CA LEU G 1849 69.46 72.86 14.17
C LEU G 1849 68.78 72.23 15.38
N VAL G 1850 68.76 70.89 15.45
CA VAL G 1850 68.20 70.23 16.62
C VAL G 1850 69.21 70.15 17.77
N MET G 1851 70.51 70.27 17.47
CA MET G 1851 71.54 70.29 18.52
C MET G 1851 71.70 71.66 19.14
N GLY G 1852 71.28 72.72 18.45
CA GLY G 1852 71.25 74.03 19.05
C GLY G 1852 72.60 74.73 19.09
N ILE G 1853 73.23 74.83 17.92
CA ILE G 1853 74.51 75.52 17.80
C ILE G 1853 74.31 76.95 17.32
N PHE G 1854 73.42 77.14 16.36
CA PHE G 1854 73.10 78.46 15.82
C PHE G 1854 72.36 79.31 16.85
N GLY G 1855 72.48 80.63 16.71
CA GLY G 1855 71.81 81.54 17.62
C GLY G 1855 70.38 81.86 17.23
N ASP G 1856 69.98 83.12 17.36
CA ASP G 1856 68.63 83.54 17.04
C ASP G 1856 68.53 84.46 15.83
N GLU G 1857 69.63 85.01 15.33
CA GLU G 1857 69.58 85.83 14.14
C GLU G 1857 70.24 85.18 12.93
N ASP G 1858 70.87 84.02 13.10
CA ASP G 1858 71.28 83.22 11.96
C ASP G 1858 70.24 82.19 11.56
N VAL G 1859 69.33 81.83 12.48
CA VAL G 1859 68.10 81.12 12.09
C VAL G 1859 67.01 82.09 11.65
N LYS G 1860 67.23 83.39 11.83
CA LYS G 1860 66.48 84.38 11.07
C LYS G 1860 66.67 84.19 9.57
N GLN G 1861 67.90 83.88 9.15
CA GLN G 1861 68.18 83.73 7.73
C GLN G 1861 67.56 82.49 7.13
N ILE G 1862 67.49 81.37 7.86
CA ILE G 1862 66.87 80.17 7.26
C ILE G 1862 65.35 80.31 7.20
N LEU G 1863 64.75 81.17 8.03
CA LEU G 1863 63.34 81.45 7.90
C LEU G 1863 63.08 82.53 6.86
N LYS G 1864 64.08 83.36 6.53
CA LYS G 1864 64.02 84.11 5.29
C LYS G 1864 64.18 83.18 4.08
N MET G 1865 64.91 82.07 4.27
CA MET G 1865 65.25 81.16 3.20
C MET G 1865 64.05 80.34 2.75
N ILE G 1866 63.39 79.68 3.70
CA ILE G 1866 62.35 78.72 3.33
C ILE G 1866 61.08 79.43 2.88
N GLU G 1867 60.84 80.65 3.39
CA GLU G 1867 59.60 81.36 3.15
C GLU G 1867 59.79 82.85 3.34
N PRO G 1868 60.22 83.59 2.31
CA PRO G 1868 60.39 85.05 2.45
C PRO G 1868 59.14 85.88 2.18
N GLU G 1869 57.93 85.32 2.32
CA GLU G 1869 56.72 86.11 2.15
C GLU G 1869 56.01 86.41 3.46
N VAL G 1870 56.00 85.47 4.41
CA VAL G 1870 55.27 85.63 5.66
C VAL G 1870 56.25 85.92 6.80
N PHE G 1871 57.43 85.29 6.75
CA PHE G 1871 58.41 85.42 7.84
C PHE G 1871 59.18 86.74 7.81
N THR G 1872 58.78 87.74 7.04
CA THR G 1872 59.49 89.01 7.03
C THR G 1872 59.13 89.82 8.27
N GLU G 1873 60.13 90.24 9.01
CA GLU G 1873 59.94 91.05 10.20
C GLU G 1873 59.61 92.50 9.81
N GLU G 1923 63.49 86.44 -3.72
CA GLU G 1923 63.57 85.33 -4.66
C GLU G 1923 62.50 84.28 -4.39
N GLU G 1924 62.78 83.06 -4.81
CA GLU G 1924 61.84 81.94 -4.66
C GLU G 1924 62.07 81.22 -3.34
N GLY G 1925 60.98 80.86 -2.68
CA GLY G 1925 61.07 80.09 -1.46
C GLY G 1925 61.40 78.64 -1.71
N LEU G 1926 61.68 77.93 -0.62
CA LEU G 1926 62.04 76.52 -0.69
C LEU G 1926 60.82 75.63 -0.90
N LEU G 1927 59.67 76.00 -0.33
CA LEU G 1927 58.52 75.11 -0.24
C LEU G 1927 57.67 75.09 -1.51
N GLN G 1928 57.72 76.15 -2.30
CA GLN G 1928 56.87 76.24 -3.49
C GLN G 1928 57.58 75.75 -4.76
N MET G 1929 58.75 75.14 -4.65
CA MET G 1929 59.29 74.44 -5.81
C MET G 1929 58.81 72.99 -5.80
N LYS G 1930 59.10 72.26 -6.88
CA LYS G 1930 58.70 70.87 -7.00
C LYS G 1930 59.92 70.01 -6.70
N LEU G 1931 59.90 69.35 -5.55
CA LEU G 1931 61.02 68.57 -5.05
C LEU G 1931 60.66 67.09 -5.09
N PRO G 1932 61.66 66.20 -5.23
CA PRO G 1932 61.37 64.76 -5.12
C PRO G 1932 61.02 64.37 -3.68
N GLU G 1933 60.50 63.16 -3.54
CA GLU G 1933 59.91 62.69 -2.29
C GLU G 1933 60.92 62.15 -1.29
N SER G 1934 62.21 62.22 -1.58
CA SER G 1934 63.23 61.70 -0.69
C SER G 1934 64.04 62.78 0.02
N VAL G 1935 63.83 64.06 -0.31
CA VAL G 1935 64.69 65.11 0.22
C VAL G 1935 63.96 65.93 1.29
N LYS G 1936 62.63 65.97 1.21
CA LYS G 1936 61.84 66.85 2.05
C LYS G 1936 61.24 66.15 3.26
N LEU G 1937 61.85 65.05 3.72
CA LEU G 1937 61.51 64.53 5.04
C LEU G 1937 62.34 65.19 6.12
N GLN G 1938 63.57 65.61 5.81
CA GLN G 1938 64.34 66.41 6.76
C GLN G 1938 63.74 67.80 6.92
N MET G 1939 63.06 68.33 5.90
CA MET G 1939 62.26 69.54 6.10
C MET G 1939 61.12 69.29 7.08
N CYS G 1940 60.48 68.11 7.01
CA CYS G 1940 59.46 67.78 8.01
C CYS G 1940 60.07 67.64 9.40
N ASN G 1941 61.29 67.11 9.48
CA ASN G 1941 62.00 67.02 10.76
C ASN G 1941 62.31 68.40 11.34
N LEU G 1942 62.78 69.34 10.52
CA LEU G 1942 63.13 70.65 11.05
C LEU G 1942 61.89 71.49 11.36
N LEU G 1943 60.82 71.37 10.58
CA LEU G 1943 59.59 72.04 10.99
C LEU G 1943 58.93 71.35 12.18
N GLU G 1944 59.17 70.05 12.38
CA GLU G 1944 58.78 69.39 13.61
C GLU G 1944 59.55 69.94 14.81
N TYR G 1945 60.82 70.25 14.60
CA TYR G 1945 61.62 70.89 15.63
C TYR G 1945 61.13 72.31 15.92
N PHE G 1946 60.72 73.02 14.86
CA PHE G 1946 60.19 74.38 15.02
C PHE G 1946 58.87 74.38 15.76
N CYS G 1947 57.97 73.44 15.45
CA CYS G 1947 56.74 73.30 16.21
C CYS G 1947 57.02 72.80 17.63
N ASP G 1948 58.11 72.05 17.83
CA ASP G 1948 58.48 71.60 19.17
C ASP G 1948 58.91 72.76 20.06
N GLN G 1949 59.75 73.66 19.54
CA GLN G 1949 60.06 74.84 20.35
C GLN G 1949 58.95 75.88 20.36
N GLU G 1950 58.05 75.86 19.36
CA GLU G 1950 56.82 76.63 19.48
C GLU G 1950 55.95 76.11 20.62
N LEU G 1951 55.97 74.80 20.85
CA LEU G 1951 55.34 74.22 22.04
C LEU G 1951 56.13 74.52 23.31
N GLN G 1952 57.45 74.73 23.18
CA GLN G 1952 58.27 75.08 24.33
C GLN G 1952 57.98 76.50 24.82
N HIS G 1953 57.70 77.42 23.90
CA HIS G 1953 57.40 78.80 24.28
C HIS G 1953 56.13 78.91 25.11
N ARG G 1954 55.13 78.07 24.81
CA ARG G 1954 53.89 78.07 25.58
C ARG G 1954 54.12 77.60 27.01
N VAL G 1955 54.91 76.54 27.18
CA VAL G 1955 55.10 76.00 28.52
C VAL G 1955 56.10 76.86 29.29
N GLU G 1956 56.98 77.58 28.59
CA GLU G 1956 57.85 78.55 29.26
C GLU G 1956 57.04 79.76 29.77
N SER G 1957 56.11 80.25 28.95
CA SER G 1957 55.24 81.35 29.37
C SER G 1957 54.32 80.93 30.51
N LEU G 1958 53.77 79.71 30.45
CA LEU G 1958 52.89 79.26 31.53
C LEU G 1958 53.69 78.90 32.77
N ALA G 1959 54.96 78.54 32.61
CA ALA G 1959 55.84 78.35 33.77
C ALA G 1959 56.18 79.67 34.42
N ALA G 1960 56.24 80.76 33.64
CA ALA G 1960 56.37 82.08 34.24
C ALA G 1960 55.07 82.47 34.96
N PHE G 1961 53.92 82.17 34.35
CA PHE G 1961 52.64 82.48 34.98
C PHE G 1961 52.39 81.63 36.22
N ALA G 1962 53.00 80.45 36.31
CA ALA G 1962 52.92 79.63 37.51
C ALA G 1962 53.64 80.29 38.68
N GLU G 1963 54.75 81.00 38.41
CA GLU G 1963 55.33 81.88 39.42
C GLU G 1963 54.39 83.05 39.71
N ARG G 1964 53.78 83.61 38.65
CA ARG G 1964 53.03 84.85 38.75
C ARG G 1964 51.80 84.73 39.63
N TYR G 1965 51.01 83.66 39.45
CA TYR G 1965 49.72 83.57 40.14
C TYR G 1965 49.88 83.21 41.62
N VAL G 1966 50.86 82.38 41.97
CA VAL G 1966 51.06 82.11 43.39
C VAL G 1966 51.76 83.30 44.06
N ASP G 1967 52.63 84.03 43.34
CA ASP G 1967 53.18 85.28 43.87
C ASP G 1967 52.11 86.35 44.01
N LYS G 1968 51.03 86.22 43.25
CA LYS G 1968 49.87 87.09 43.39
C LYS G 1968 49.06 86.74 44.64
N LEU G 1969 48.79 85.45 44.87
CA LEU G 1969 47.76 85.10 45.85
C LEU G 1969 48.26 84.59 47.19
N GLN G 1970 49.53 84.25 47.36
CA GLN G 1970 49.93 83.70 48.65
C GLN G 1970 50.09 84.75 49.74
N ALA G 1971 49.97 86.05 49.41
CA ALA G 1971 49.84 87.12 50.39
C ALA G 1971 48.40 87.56 50.62
N ASN G 1972 47.54 87.45 49.58
CA ASN G 1972 46.09 87.52 49.76
C ASN G 1972 45.62 86.45 50.75
N GLN G 1973 46.29 85.30 50.72
CA GLN G 1973 45.99 84.19 51.63
C GLN G 1973 46.29 84.54 53.09
N ARG G 1974 47.47 85.11 53.36
CA ARG G 1974 47.77 85.45 54.76
C ARG G 1974 47.02 86.69 55.21
N SER G 1975 46.65 87.60 54.28
CA SER G 1975 45.73 88.67 54.65
C SER G 1975 44.36 88.12 55.03
N ARG G 1976 43.90 87.07 54.33
CA ARG G 1976 42.65 86.41 54.68
C ARG G 1976 42.72 85.73 56.05
N TYR G 1977 43.81 85.03 56.34
CA TYR G 1977 43.93 84.35 57.64
C TYR G 1977 44.07 85.35 58.79
N ALA G 1978 44.79 86.45 58.58
CA ALA G 1978 44.88 87.47 59.63
C ALA G 1978 43.56 88.22 59.78
N LEU G 1979 42.77 88.34 58.71
CA LEU G 1979 41.50 89.06 58.80
C LEU G 1979 40.43 88.24 59.52
N LEU G 1980 40.28 86.97 59.13
CA LEU G 1980 39.29 86.10 59.77
C LEU G 1980 39.85 85.32 60.95
N MET G 1981 41.08 85.62 61.41
CA MET G 1981 41.56 85.02 62.65
C MET G 1981 40.90 85.65 63.87
N ARG G 1982 40.50 86.92 63.77
CA ARG G 1982 39.85 87.62 64.87
C ARG G 1982 38.38 87.92 64.59
N ALA G 1983 37.77 87.21 63.63
CA ALA G 1983 36.37 87.43 63.27
C ALA G 1983 35.53 86.36 63.96
N PHE G 1984 35.22 86.61 65.24
CA PHE G 1984 34.45 85.68 66.06
C PHE G 1984 32.97 86.04 66.11
N THR G 1985 32.46 86.69 65.07
CA THR G 1985 31.04 87.00 64.95
C THR G 1985 30.24 85.85 64.35
N MET G 1986 30.89 84.74 64.01
CA MET G 1986 30.23 83.59 63.43
C MET G 1986 30.70 82.33 64.15
N SER G 1987 29.75 81.46 64.48
CA SER G 1987 30.05 80.24 65.22
C SER G 1987 29.90 78.98 64.39
N ALA G 1988 28.75 78.77 63.76
CA ALA G 1988 28.54 77.58 62.94
C ALA G 1988 29.24 77.67 61.60
N ALA G 1989 29.59 78.87 61.14
CA ALA G 1989 30.22 79.06 59.85
C ALA G 1989 31.74 79.20 59.93
N GLU G 1990 32.29 79.43 61.14
CA GLU G 1990 33.71 79.71 61.29
C GLU G 1990 34.56 78.50 60.96
N THR G 1991 34.17 77.32 61.45
CA THR G 1991 34.90 76.10 61.10
C THR G 1991 34.63 75.68 59.66
N ALA G 1992 33.47 76.04 59.11
CA ALA G 1992 33.21 75.75 57.71
C ALA G 1992 34.10 76.56 56.78
N ARG G 1993 34.42 77.80 57.14
CA ARG G 1993 35.44 78.52 56.37
C ARG G 1993 36.86 78.15 56.78
N ARG G 1994 37.06 77.59 57.97
CA ARG G 1994 38.36 77.09 58.37
C ARG G 1994 38.71 75.73 57.77
N THR G 1995 37.71 75.03 57.22
CA THR G 1995 38.01 73.84 56.42
C THR G 1995 38.72 74.21 55.13
N ARG G 1996 38.53 75.45 54.64
CA ARG G 1996 39.41 75.97 53.59
C ARG G 1996 40.82 76.17 54.11
N GLU G 1997 40.97 76.49 55.39
CA GLU G 1997 42.27 76.83 55.97
C GLU G 1997 43.12 75.59 56.23
N PHE G 1998 42.57 74.59 56.91
CA PHE G 1998 43.39 73.53 57.50
C PHE G 1998 43.02 72.11 57.09
N ARG G 1999 41.95 71.90 56.33
CA ARG G 1999 41.50 70.53 56.07
C ARG G 1999 41.99 69.98 54.74
N SER G 2000 41.87 70.76 53.66
CA SER G 2000 42.09 70.24 52.31
C SER G 2000 43.58 70.03 52.03
N PRO G 2001 43.92 69.04 51.19
CA PRO G 2001 45.32 68.82 50.86
C PRO G 2001 45.87 69.89 49.94
N PRO G 2002 47.21 70.11 49.94
CA PRO G 2002 47.79 71.26 49.23
C PRO G 2002 47.68 71.21 47.71
N GLN G 2003 47.49 70.05 47.12
CA GLN G 2003 47.06 69.96 45.74
C GLN G 2003 45.54 69.88 45.59
N GLU G 2004 44.78 70.08 46.67
CA GLU G 2004 43.34 70.24 46.53
C GLU G 2004 42.87 71.68 46.65
N GLN G 2005 43.56 72.53 47.44
CA GLN G 2005 43.13 73.93 47.44
C GLN G 2005 43.35 74.62 46.10
N ILE G 2006 44.34 74.16 45.33
CA ILE G 2006 44.62 74.76 44.03
C ILE G 2006 43.47 74.49 43.06
N ASN G 2007 42.79 73.35 43.18
CA ASN G 2007 41.59 73.12 42.38
C ASN G 2007 40.37 73.79 43.00
N MET G 2008 40.37 73.99 44.32
CA MET G 2008 39.31 74.76 44.96
C MET G 2008 39.38 76.24 44.58
N LEU G 2009 40.57 76.72 44.18
CA LEU G 2009 40.83 78.13 43.90
C LEU G 2009 40.15 78.62 42.62
N LEU G 2010 40.04 77.77 41.60
CA LEU G 2010 39.69 78.21 40.25
C LEU G 2010 38.34 77.67 39.81
N HIS G 2011 37.33 77.81 40.66
CA HIS G 2011 35.96 77.40 40.35
C HIS G 2011 35.08 78.59 39.99
N PHE G 2012 35.64 79.53 39.22
CA PHE G 2012 35.00 80.81 38.89
C PHE G 2012 34.14 80.71 37.63
N LYS G 2013 34.05 79.53 37.04
CA LYS G 2013 33.39 79.37 35.74
C LYS G 2013 31.89 79.23 35.93
N ASP G 2014 31.14 80.16 35.34
CA ASP G 2014 29.67 80.14 35.27
C ASP G 2014 28.95 79.99 36.63
N ASP G 2020 31.34 78.90 46.79
CA ASP G 2020 32.44 78.00 46.44
C ASP G 2020 33.68 78.80 46.03
N CYS G 2021 33.58 80.13 46.15
CA CYS G 2021 34.67 81.03 45.77
C CYS G 2021 34.65 82.27 46.66
N PRO G 2022 35.40 82.26 47.76
CA PRO G 2022 35.41 83.40 48.69
C PRO G 2022 36.40 84.50 48.35
N LEU G 2023 37.12 84.39 47.22
CA LEU G 2023 38.17 85.18 46.60
C LEU G 2023 37.58 86.46 46.00
N PRO G 2024 38.23 87.61 46.11
CA PRO G 2024 37.63 88.87 45.63
C PRO G 2024 37.66 88.98 44.11
N GLU G 2025 37.00 90.03 43.62
CA GLU G 2025 36.74 90.22 42.19
C GLU G 2025 37.74 91.13 41.51
N ASP G 2026 38.94 91.30 42.07
CA ASP G 2026 40.01 92.05 41.43
C ASP G 2026 41.15 91.17 40.98
N ILE G 2027 41.04 89.85 41.16
CA ILE G 2027 42.16 88.93 40.99
C ILE G 2027 41.80 87.77 40.05
N ARG G 2028 40.71 87.90 39.28
CA ARG G 2028 40.21 86.80 38.46
C ARG G 2028 40.48 86.94 36.98
N GLN G 2029 40.98 88.08 36.52
CA GLN G 2029 40.92 88.40 35.09
C GLN G 2029 42.27 88.39 34.38
N ASP G 2030 43.39 88.37 35.11
CA ASP G 2030 44.68 88.33 34.42
C ASP G 2030 44.91 86.97 33.77
N LEU G 2031 44.55 85.87 34.45
CA LEU G 2031 44.61 84.57 33.79
C LEU G 2031 43.49 84.40 32.77
N GLN G 2032 42.40 85.16 32.89
CA GLN G 2032 41.40 85.21 31.84
C GLN G 2032 41.97 85.83 30.56
N ASP G 2033 42.74 86.90 30.69
CA ASP G 2033 43.41 87.47 29.52
C ASP G 2033 44.60 86.63 29.07
N PHE G 2034 45.14 85.79 29.95
CA PHE G 2034 46.26 84.93 29.62
C PHE G 2034 45.83 83.71 28.80
N HIS G 2035 44.79 83.00 29.26
CA HIS G 2035 44.50 81.72 28.62
C HIS G 2035 43.76 81.90 27.30
N GLN G 2036 42.98 82.98 27.14
CA GLN G 2036 42.38 83.22 25.83
C GLN G 2036 43.42 83.72 24.83
N ASP G 2037 44.48 84.38 25.33
CA ASP G 2037 45.64 84.69 24.50
C ASP G 2037 46.37 83.42 24.09
N LEU G 2038 46.45 82.44 24.99
CA LEU G 2038 46.99 81.13 24.62
C LEU G 2038 46.11 80.40 23.60
N LEU G 2039 44.78 80.52 23.70
CA LEU G 2039 43.89 79.99 22.68
C LEU G 2039 44.14 80.63 21.33
N ALA G 2040 44.23 81.97 21.29
CA ALA G 2040 44.53 82.67 20.05
C ALA G 2040 45.93 82.38 19.53
N HIS G 2041 46.87 82.07 20.41
CA HIS G 2041 48.18 81.58 19.98
C HIS G 2041 48.08 80.21 19.35
N CYS G 2042 47.12 79.39 19.81
CA CYS G 2042 46.81 78.11 19.19
C CYS G 2042 45.91 78.32 17.97
N GLY G 2043 45.34 77.23 17.45
CA GLY G 2043 44.62 77.26 16.19
C GLY G 2043 43.27 77.97 16.24
N ILE G 2044 42.62 77.98 17.40
CA ILE G 2044 41.34 78.67 17.55
C ILE G 2044 41.59 80.17 17.62
N GLN G 2045 40.79 80.95 16.90
CA GLN G 2045 40.99 82.39 16.96
C GLN G 2045 40.28 83.05 18.14
N LEU G 2046 39.39 82.31 18.81
CA LEU G 2046 38.82 82.65 20.13
C LEU G 2046 38.02 83.96 20.09
N GLU G 2047 36.91 83.93 19.37
CA GLU G 2047 35.98 85.05 19.33
C GLU G 2047 34.73 84.75 20.13
N PRO G 2091 48.72 82.98 3.55
CA PRO G 2091 48.87 82.73 4.99
C PRO G 2091 49.36 83.95 5.77
N GLN G 2092 49.00 84.01 7.06
CA GLN G 2092 49.40 85.09 7.95
C GLN G 2092 50.42 84.66 9.00
N SER G 2093 50.51 83.37 9.30
CA SER G 2093 51.47 82.86 10.28
C SER G 2093 51.83 81.44 9.87
N LEU G 2094 52.65 80.78 10.70
CA LEU G 2094 53.04 79.42 10.36
C LEU G 2094 51.94 78.41 10.67
N GLN G 2095 50.90 78.79 11.42
CA GLN G 2095 49.73 77.94 11.56
C GLN G 2095 48.93 77.85 10.26
N GLU G 2096 49.06 78.82 9.36
CA GLU G 2096 48.44 78.74 8.05
C GLU G 2096 49.46 78.53 6.92
N LEU G 2097 50.76 78.59 7.23
CA LEU G 2097 51.80 78.27 6.26
C LEU G 2097 51.77 76.80 5.88
N VAL G 2098 52.05 75.92 6.85
CA VAL G 2098 52.26 74.51 6.56
C VAL G 2098 50.97 73.70 6.62
N SER G 2099 49.85 74.31 7.00
CA SER G 2099 48.57 73.60 6.91
C SER G 2099 48.18 73.35 5.46
N HIS G 2100 48.40 74.35 4.60
CA HIS G 2100 48.18 74.24 3.16
C HIS G 2100 49.42 73.78 2.41
N MET G 2101 50.32 73.07 3.07
CA MET G 2101 51.52 72.57 2.41
C MET G 2101 51.45 71.07 2.17
N VAL G 2102 50.91 70.32 3.14
CA VAL G 2102 50.79 68.88 3.01
C VAL G 2102 49.78 68.51 1.94
N VAL G 2103 48.64 69.21 1.90
CA VAL G 2103 47.66 68.97 0.84
C VAL G 2103 48.18 69.42 -0.52
N ARG G 2104 49.03 70.45 -0.53
CA ARG G 2104 49.69 70.90 -1.76
C ARG G 2104 50.61 69.82 -2.31
N TRP G 2105 51.39 69.20 -1.43
CA TRP G 2105 52.28 68.12 -1.84
C TRP G 2105 51.53 66.83 -2.14
N ALA G 2106 50.34 66.65 -1.56
CA ALA G 2106 49.58 65.43 -1.76
C ALA G 2106 48.78 65.47 -3.06
N GLN G 2107 48.27 66.65 -3.46
CA GLN G 2107 47.58 66.77 -4.73
C GLN G 2107 48.53 66.79 -5.92
N GLU G 2108 49.84 66.86 -5.69
CA GLU G 2108 50.79 66.89 -6.79
C GLU G 2108 50.96 65.50 -7.40
N ASP G 2109 51.44 64.54 -6.62
CA ASP G 2109 51.65 63.20 -7.12
C ASP G 2109 51.40 62.19 -6.01
N TYR G 2110 51.20 60.94 -6.40
CA TYR G 2110 51.05 59.84 -5.46
C TYR G 2110 52.40 59.51 -4.83
N VAL G 2111 52.41 59.37 -3.50
CA VAL G 2111 53.66 59.05 -2.83
C VAL G 2111 54.02 57.59 -3.07
N GLN G 2112 55.28 57.28 -2.85
CA GLN G 2112 55.82 55.93 -2.99
C GLN G 2112 56.35 55.37 -1.69
N SER G 2113 56.36 56.18 -0.63
CA SER G 2113 57.12 55.98 0.57
C SER G 2113 56.23 55.78 1.78
N PRO G 2114 56.61 54.90 2.71
CA PRO G 2114 55.84 54.71 3.95
C PRO G 2114 56.31 55.56 5.11
N GLU G 2115 57.32 56.41 4.94
CA GLU G 2115 57.83 57.27 5.99
C GLU G 2115 57.39 58.72 5.86
N LEU G 2116 57.29 59.26 4.65
CA LEU G 2116 56.85 60.65 4.49
C LEU G 2116 55.35 60.81 4.75
N VAL G 2117 54.55 59.82 4.34
CA VAL G 2117 53.11 59.83 4.59
C VAL G 2117 52.80 59.57 6.07
N ARG G 2118 53.77 59.07 6.85
CA ARG G 2118 53.59 59.06 8.29
C ARG G 2118 54.13 60.34 8.91
N ALA G 2119 55.20 60.90 8.34
CA ALA G 2119 55.90 62.03 8.95
C ALA G 2119 55.07 63.31 8.89
N MET G 2120 54.67 63.75 7.68
CA MET G 2120 53.94 65.03 7.69
C MET G 2120 52.49 64.88 8.12
N PHE G 2121 51.96 63.65 8.09
CA PHE G 2121 50.65 63.38 8.69
C PHE G 2121 50.72 63.35 10.21
N SER G 2122 51.90 63.11 10.79
CA SER G 2122 52.09 63.39 12.21
C SER G 2122 52.40 64.87 12.45
N LEU G 2123 52.88 65.59 11.43
CA LEU G 2123 53.19 67.01 11.59
C LEU G 2123 51.97 67.91 11.61
N LEU G 2124 50.99 67.72 10.72
CA LEU G 2124 49.92 68.73 10.67
C LEU G 2124 48.93 68.55 11.81
N HIS G 2125 48.74 67.31 12.30
CA HIS G 2125 47.86 67.07 13.44
C HIS G 2125 48.44 67.69 14.71
N ARG G 2126 49.77 67.77 14.79
CA ARG G 2126 50.47 68.48 15.85
C ARG G 2126 50.03 69.94 15.93
N GLN G 2127 50.15 70.67 14.83
CA GLN G 2127 49.81 72.09 14.88
C GLN G 2127 48.31 72.33 14.82
N TYR G 2128 47.52 71.33 14.42
CA TYR G 2128 46.07 71.47 14.53
C TYR G 2128 45.61 71.29 15.98
N ASP G 2129 45.90 70.13 16.58
CA ASP G 2129 45.60 69.91 17.99
C ASP G 2129 46.84 70.20 18.84
N GLY G 2130 47.38 71.40 18.63
CA GLY G 2130 48.34 71.98 19.57
C GLY G 2130 47.87 72.00 21.01
N LEU G 2131 46.57 72.24 21.24
CA LEU G 2131 46.04 72.23 22.59
C LEU G 2131 46.07 70.83 23.20
N GLY G 2132 45.71 69.82 22.41
CA GLY G 2132 45.79 68.45 22.89
C GLY G 2132 47.22 67.96 23.07
N GLU G 2133 48.13 68.43 22.22
CA GLU G 2133 49.54 68.08 22.38
C GLU G 2133 50.17 68.78 23.57
N LEU G 2134 49.73 69.99 23.89
CA LEU G 2134 50.15 70.66 25.11
C LEU G 2134 49.60 69.96 26.35
N LEU G 2135 48.36 69.47 26.26
CA LEU G 2135 47.72 68.82 27.41
C LEU G 2135 48.38 67.49 27.74
N ARG G 2136 49.00 66.82 26.77
CA ARG G 2136 49.74 65.60 27.03
C ARG G 2136 51.24 65.81 27.17
N ALA G 2137 51.73 67.04 27.04
CA ALA G 2137 53.14 67.32 27.28
C ALA G 2137 53.38 68.10 28.58
N LEU G 2138 52.38 68.77 29.10
CA LEU G 2138 52.53 69.52 30.35
C LEU G 2138 52.59 68.72 31.66
N PRO G 2139 51.92 67.56 31.86
CA PRO G 2139 52.13 66.84 33.13
C PRO G 2139 53.49 66.18 33.25
N ARG G 2140 54.23 66.04 32.16
CA ARG G 2140 55.61 65.55 32.21
C ARG G 2140 56.62 66.69 32.24
N ALA G 2141 56.20 67.83 32.79
CA ALA G 2141 57.03 69.02 32.94
C ALA G 2141 57.08 69.41 34.42
N TYR G 2142 58.27 69.71 34.92
CA TYR G 2142 58.45 70.08 36.32
C TYR G 2142 59.24 71.37 36.41
N THR G 2143 59.23 71.98 37.60
CA THR G 2143 59.91 73.24 37.83
C THR G 2143 60.75 73.11 39.11
N ILE G 2144 62.02 73.50 39.01
CA ILE G 2144 62.97 73.35 40.11
C ILE G 2144 63.46 74.74 40.49
N SER G 2145 63.55 74.99 41.81
CA SER G 2145 64.09 76.24 42.33
C SER G 2145 65.54 76.43 41.85
N PRO G 2146 65.92 77.65 41.45
CA PRO G 2146 67.15 77.81 40.66
C PRO G 2146 68.46 77.67 41.45
N SER G 2147 68.41 77.31 42.73
CA SER G 2147 69.62 77.04 43.48
C SER G 2147 70.04 75.57 43.45
N SER G 2148 69.41 74.77 42.58
CA SER G 2148 69.70 73.34 42.47
C SER G 2148 70.13 72.96 41.05
N VAL G 2149 70.49 73.95 40.24
CA VAL G 2149 70.91 73.68 38.88
C VAL G 2149 72.25 72.95 38.85
N GLU G 2150 73.17 73.32 39.75
CA GLU G 2150 74.48 72.68 39.78
C GLU G 2150 74.42 71.24 40.29
N ASP G 2151 73.33 70.86 40.98
CA ASP G 2151 73.12 69.47 41.32
C ASP G 2151 72.40 68.73 40.20
N THR G 2152 71.45 69.39 39.53
CA THR G 2152 70.62 68.66 38.57
C THR G 2152 71.28 68.46 37.21
N MET G 2153 72.23 69.32 36.79
CA MET G 2153 72.85 69.07 35.48
C MET G 2153 73.75 67.84 35.49
N SER G 2154 74.29 67.47 36.66
CA SER G 2154 75.01 66.21 36.80
C SER G 2154 74.09 65.02 36.55
N LEU G 2155 72.87 65.07 37.08
CA LEU G 2155 71.92 63.96 36.89
C LEU G 2155 71.43 63.91 35.44
N LEU G 2156 71.23 65.08 34.82
CA LEU G 2156 70.84 65.08 33.41
C LEU G 2156 71.96 64.57 32.50
N GLU G 2157 73.23 64.84 32.84
CA GLU G 2157 74.32 64.23 32.08
C GLU G 2157 74.39 62.73 32.33
N CYS G 2158 74.07 62.29 33.56
CA CYS G 2158 74.05 60.87 33.86
C CYS G 2158 72.91 60.16 33.16
N LEU G 2159 71.76 60.83 32.99
CA LEU G 2159 70.67 60.26 32.21
C LEU G 2159 70.95 60.31 30.71
N GLY G 2160 71.74 61.28 30.26
CA GLY G 2160 72.26 61.24 28.90
C GLY G 2160 73.31 60.17 28.67
N GLN G 2161 73.96 59.72 29.74
CA GLN G 2161 74.92 58.61 29.71
C GLN G 2161 74.26 57.24 29.76
N ILE G 2162 73.25 57.06 30.61
CA ILE G 2162 72.63 55.74 30.75
C ILE G 2162 71.81 55.40 29.51
N ARG G 2163 71.23 56.42 28.86
CA ARG G 2163 70.53 56.18 27.60
C ARG G 2163 71.40 56.47 26.37
N SER G 2164 72.68 56.79 26.57
CA SER G 2164 73.66 56.57 25.53
C SER G 2164 74.21 55.15 25.56
N LEU G 2165 74.17 54.50 26.74
CA LEU G 2165 74.71 53.15 26.87
C LEU G 2165 73.65 52.05 26.75
N LEU G 2166 72.35 52.36 26.92
CA LEU G 2166 71.37 51.28 26.81
C LEU G 2166 71.22 50.75 25.38
N ILE G 2167 71.59 51.53 24.38
CA ILE G 2167 71.57 51.06 23.00
C ILE G 2167 72.97 50.60 22.55
N VAL G 2168 73.84 50.25 23.49
CA VAL G 2168 75.00 49.41 23.20
C VAL G 2168 74.88 48.16 24.06
N GLN G 2169 75.32 47.04 23.51
CA GLN G 2169 75.25 45.75 24.19
C GLN G 2169 76.40 45.64 25.20
N MET G 2170 76.15 44.91 26.28
CA MET G 2170 77.03 44.94 27.45
C MET G 2170 78.30 44.14 27.14
N GLY G 2171 79.46 44.75 27.38
CA GLY G 2171 80.73 44.15 27.07
C GLY G 2171 81.57 43.79 28.28
N PRO G 2172 82.90 43.68 28.10
CA PRO G 2172 83.77 43.28 29.23
C PRO G 2172 83.96 44.35 30.29
N GLN G 2173 84.18 45.61 29.91
CA GLN G 2173 84.33 46.68 30.88
C GLN G 2173 83.16 47.67 30.79
N GLU G 2174 81.96 47.17 30.54
CA GLU G 2174 80.76 48.00 30.59
C GLU G 2174 80.00 47.87 31.90
N GLU G 2175 80.56 47.16 32.88
CA GLU G 2175 79.87 46.86 34.14
C GLU G 2175 80.05 47.96 35.19
N ASN G 2176 81.17 48.68 35.13
CA ASN G 2176 81.51 49.63 36.17
C ASN G 2176 81.00 51.03 35.89
N LEU G 2177 80.97 51.43 34.61
CA LEU G 2177 80.45 52.72 34.19
C LEU G 2177 78.95 52.82 34.37
N MET G 2178 78.26 51.66 34.34
CA MET G 2178 76.85 51.59 34.73
C MET G 2178 76.67 51.94 36.20
N ILE G 2179 77.42 51.26 37.07
CA ILE G 2179 77.07 51.28 38.48
C ILE G 2179 77.63 52.50 39.20
N GLN G 2180 78.76 53.07 38.75
CA GLN G 2180 79.14 54.36 39.33
C GLN G 2180 78.27 55.51 38.84
N SER G 2181 77.64 55.38 37.67
CA SER G 2181 76.67 56.38 37.25
C SER G 2181 75.41 56.32 38.12
N ILE G 2182 74.84 55.12 38.29
CA ILE G 2182 73.67 55.04 39.15
C ILE G 2182 74.01 55.14 40.64
N GLY G 2183 75.30 55.12 40.99
CA GLY G 2183 75.72 55.52 42.32
C GLY G 2183 75.98 57.01 42.44
N ASN G 2184 76.32 57.67 41.33
CA ASN G 2184 76.38 59.13 41.28
C ASN G 2184 75.00 59.73 41.42
N ILE G 2185 73.97 58.96 41.05
CA ILE G 2185 72.59 59.35 41.35
C ILE G 2185 72.39 59.47 42.87
N MET G 2186 73.01 58.58 43.65
CA MET G 2186 72.70 58.49 45.08
C MET G 2186 73.23 59.66 45.90
N ASN G 2187 74.33 60.31 45.49
CA ASN G 2187 74.88 61.37 46.33
C ASN G 2187 74.58 62.74 45.73
N ASN G 2188 73.35 62.93 45.26
CA ASN G 2188 72.98 64.10 44.48
C ASN G 2188 72.05 65.05 45.24
N LYS G 2189 71.32 64.56 46.25
CA LYS G 2189 70.42 65.32 47.11
C LYS G 2189 69.26 65.98 46.35
N VAL G 2190 68.98 65.50 45.14
CA VAL G 2190 67.69 65.70 44.48
C VAL G 2190 66.94 64.38 44.35
N PHE G 2191 67.61 63.28 44.73
CA PHE G 2191 67.02 61.94 44.69
C PHE G 2191 65.95 61.77 45.77
N TYR G 2192 65.99 62.57 46.83
CA TYR G 2192 65.02 62.45 47.90
C TYR G 2192 64.25 63.74 48.15
N GLN G 2193 64.68 64.87 47.57
CA GLN G 2193 63.94 66.12 47.72
C GLN G 2193 62.64 66.07 46.92
N HIS G 2194 62.72 65.66 45.65
CA HIS G 2194 61.54 65.52 44.80
C HIS G 2194 61.55 64.12 44.19
N PRO G 2195 60.53 63.31 44.46
CA PRO G 2195 60.51 61.96 43.88
C PRO G 2195 59.86 61.88 42.52
N ASN G 2196 59.20 62.94 42.06
CA ASN G 2196 58.31 62.85 40.90
C ASN G 2196 58.83 63.56 39.65
N LEU G 2197 59.99 64.20 39.69
CA LEU G 2197 60.56 64.66 38.42
C LEU G 2197 61.18 63.50 37.65
N MET G 2198 61.57 62.44 38.36
CA MET G 2198 62.05 61.23 37.72
C MET G 2198 60.94 60.49 36.99
N ARG G 2199 59.69 60.62 37.45
CA ARG G 2199 58.55 60.08 36.71
C ARG G 2199 58.37 60.78 35.38
N ALA G 2200 58.68 62.08 35.31
CA ALA G 2200 58.66 62.79 34.04
C ALA G 2200 59.87 62.46 33.18
N LEU G 2201 61.05 62.27 33.79
CA LEU G 2201 62.23 61.90 33.01
C LEU G 2201 62.15 60.48 32.45
N GLY G 2202 61.42 59.59 33.11
CA GLY G 2202 61.29 58.24 32.61
C GLY G 2202 62.48 57.36 32.92
N MET G 2203 63.06 57.50 34.10
CA MET G 2203 64.23 56.72 34.49
C MET G 2203 63.89 55.33 34.99
N HIS G 2204 62.70 55.14 35.57
CA HIS G 2204 62.41 53.93 36.34
C HIS G 2204 62.04 52.72 35.49
N GLU G 2205 61.91 52.86 34.16
CA GLU G 2205 61.82 51.71 33.26
C GLU G 2205 63.07 51.50 32.42
N THR G 2206 63.90 52.54 32.23
CA THR G 2206 65.18 52.35 31.55
C THR G 2206 66.17 51.58 32.40
N VAL G 2207 65.95 51.51 33.72
CA VAL G 2207 66.81 50.73 34.59
C VAL G 2207 66.43 49.25 34.63
N MET G 2208 65.27 48.88 34.11
CA MET G 2208 64.91 47.49 33.94
C MET G 2208 64.89 47.03 32.49
N GLU G 2209 64.84 47.95 31.53
CA GLU G 2209 65.07 47.56 30.14
C GLU G 2209 66.51 47.15 29.92
N VAL G 2210 67.43 47.69 30.71
CA VAL G 2210 68.80 47.16 30.71
C VAL G 2210 68.92 45.89 31.55
N MET G 2211 67.95 45.64 32.44
CA MET G 2211 67.98 44.40 33.21
C MET G 2211 67.49 43.21 32.38
N VAL G 2212 66.46 43.44 31.56
CA VAL G 2212 65.92 42.36 30.72
C VAL G 2212 66.86 41.97 29.59
N ASN G 2213 67.86 42.81 29.26
CA ASN G 2213 68.88 42.39 28.30
C ASN G 2213 69.74 41.26 28.87
N VAL G 2214 70.18 41.40 30.11
CA VAL G 2214 71.05 40.38 30.71
C VAL G 2214 70.25 39.30 31.44
N LEU G 2215 68.93 39.46 31.57
CA LEU G 2215 68.11 38.36 32.07
C LEU G 2215 67.30 37.66 30.98
N GLY G 2216 67.28 38.18 29.76
CA GLY G 2216 66.59 37.53 28.66
C GLY G 2216 65.15 37.97 28.47
N GLU G 2222 71.50 30.92 31.39
CA GLU G 2222 72.46 31.29 32.43
C GLU G 2222 72.63 32.81 32.50
N ILE G 2223 73.30 33.28 33.55
CA ILE G 2223 73.64 34.69 33.71
C ILE G 2223 75.14 34.86 33.51
N ARG G 2224 75.52 35.95 32.88
CA ARG G 2224 76.92 36.27 32.65
C ARG G 2224 77.38 37.52 33.38
N PHE G 2225 76.49 38.25 34.04
CA PHE G 2225 76.81 39.51 34.70
C PHE G 2225 76.28 39.45 36.13
N PRO G 2226 77.07 38.93 37.07
CA PRO G 2226 76.60 38.84 38.46
C PRO G 2226 76.70 40.15 39.22
N LYS G 2227 77.55 41.06 38.71
CA LYS G 2227 77.74 42.37 39.31
C LYS G 2227 76.54 43.30 39.11
N MET G 2228 75.85 43.19 37.97
CA MET G 2228 74.95 44.26 37.56
C MET G 2228 73.54 44.08 38.13
N VAL G 2229 73.15 42.85 38.46
CA VAL G 2229 71.77 42.59 38.86
C VAL G 2229 71.47 43.12 40.26
N THR G 2230 72.38 42.89 41.21
CA THR G 2230 72.26 43.38 42.57
C THR G 2230 72.50 44.88 42.68
N SER G 2231 72.99 45.51 41.62
CA SER G 2231 73.13 46.96 41.52
C SER G 2231 71.98 47.63 40.79
N CYS G 2232 71.33 46.91 39.87
CA CYS G 2232 70.12 47.42 39.25
C CYS G 2232 68.97 47.41 40.25
N CYS G 2233 68.83 46.33 41.01
CA CYS G 2233 67.82 46.33 42.05
C CYS G 2233 68.21 47.19 43.25
N ARG G 2234 69.49 47.56 43.37
CA ARG G 2234 69.93 48.48 44.43
C ARG G 2234 69.33 49.86 44.25
N PHE G 2235 69.24 50.34 43.01
CA PHE G 2235 68.59 51.61 42.72
C PHE G 2235 67.10 51.56 43.00
N LEU G 2236 66.45 50.47 42.55
CA LEU G 2236 65.01 50.29 42.65
C LEU G 2236 64.53 50.11 44.09
N CYS G 2237 65.29 49.40 44.93
CA CYS G 2237 64.86 49.13 46.30
C CYS G 2237 64.82 50.40 47.14
N TYR G 2238 65.67 51.37 46.83
CA TYR G 2238 65.58 52.69 47.42
C TYR G 2238 64.62 53.60 46.67
N PHE G 2239 64.34 53.31 45.40
CA PHE G 2239 63.37 54.10 44.64
C PHE G 2239 61.94 53.84 45.10
N CYS G 2240 61.66 52.63 45.63
CA CYS G 2240 60.30 52.33 46.08
C CYS G 2240 59.89 53.18 47.29
N ARG G 2241 60.77 53.31 48.27
CA ARG G 2241 60.39 53.98 49.53
C ARG G 2241 61.01 55.36 49.69
N ILE G 2242 60.93 56.23 48.68
CA ILE G 2242 61.20 57.65 48.88
C ILE G 2242 59.87 58.38 48.93
N SER G 2243 58.88 57.85 48.22
CA SER G 2243 57.49 58.29 48.28
C SER G 2243 56.65 57.03 48.07
N ARG G 2244 55.37 57.19 47.73
CA ARG G 2244 54.55 55.99 47.56
C ARG G 2244 53.69 55.95 46.30
N GLN G 2245 53.48 57.06 45.59
CA GLN G 2245 52.86 56.93 44.27
C GLN G 2245 53.84 56.45 43.20
N ASN G 2246 55.12 56.25 43.54
CA ASN G 2246 56.03 55.51 42.69
C ASN G 2246 55.86 54.00 42.80
N GLN G 2247 55.06 53.53 43.77
CA GLN G 2247 54.95 52.09 44.04
C GLN G 2247 54.13 51.39 42.97
N ARG G 2248 52.99 51.96 42.59
CA ARG G 2248 52.08 51.36 41.62
C ARG G 2248 52.49 51.58 40.17
N SER G 2249 53.56 52.35 39.93
CA SER G 2249 54.20 52.31 38.61
C SER G 2249 55.00 51.03 38.45
N MET G 2250 55.32 50.35 39.55
CA MET G 2250 56.05 49.09 39.56
C MET G 2250 55.15 47.87 39.73
N PHE G 2251 53.85 48.05 39.96
CA PHE G 2251 53.04 46.93 40.39
C PHE G 2251 52.64 46.05 39.21
N ASP G 2252 52.34 46.63 38.05
CA ASP G 2252 52.00 45.86 36.87
C ASP G 2252 53.24 45.20 36.25
N HIS G 2253 54.43 45.58 36.71
CA HIS G 2253 55.69 44.95 36.34
C HIS G 2253 55.96 43.66 37.10
N LEU G 2254 55.07 43.27 38.03
CA LEU G 2254 55.34 42.13 38.90
C LEU G 2254 55.12 40.79 38.22
N SER G 2255 54.51 40.78 37.03
CA SER G 2255 54.44 39.53 36.27
C SER G 2255 55.79 39.12 35.72
N TYR G 2256 56.77 40.03 35.68
CA TYR G 2256 58.12 39.72 35.26
C TYR G 2256 59.17 40.09 36.31
N LEU G 2257 58.82 40.86 37.34
CA LEU G 2257 59.77 41.21 38.39
C LEU G 2257 60.18 39.99 39.23
N LEU G 2258 59.25 39.09 39.53
CA LEU G 2258 59.60 37.84 40.18
C LEU G 2258 59.47 36.64 39.25
N GLU G 2259 59.42 36.88 37.93
CA GLU G 2259 59.45 35.77 36.99
C GLU G 2259 60.86 35.22 36.77
N ASN G 2260 61.88 36.01 37.06
CA ASN G 2260 63.26 35.60 36.84
C ASN G 2260 64.05 35.59 38.14
N SER G 2261 63.35 35.38 39.26
CA SER G 2261 63.98 35.37 40.57
C SER G 2261 64.43 33.98 40.99
N GLY G 2262 63.93 32.93 40.33
CA GLY G 2262 64.29 31.57 40.68
C GLY G 2262 65.00 30.83 39.57
N MET G 2267 70.29 34.53 43.80
CA MET G 2267 71.71 34.72 43.55
C MET G 2267 72.43 35.21 44.81
N GLN G 2268 73.77 35.19 44.76
CA GLN G 2268 74.56 35.73 45.84
C GLN G 2268 74.47 37.26 45.85
N GLY G 2269 74.27 37.82 47.03
CA GLY G 2269 74.05 39.25 47.16
C GLY G 2269 72.56 39.57 47.27
N SER G 2270 72.03 40.27 46.27
CA SER G 2270 70.60 40.54 46.19
C SER G 2270 70.03 40.02 44.88
N THR G 2271 68.78 39.59 44.94
CA THR G 2271 68.05 38.97 43.84
C THR G 2271 66.84 39.85 43.50
N PRO G 2272 66.29 39.76 42.26
CA PRO G 2272 65.16 40.66 41.91
C PRO G 2272 63.83 40.42 42.62
N LEU G 2273 63.79 39.55 43.62
CA LEU G 2273 62.62 39.40 44.47
C LEU G 2273 62.61 40.42 45.62
N ASP G 2274 63.74 41.06 45.91
CA ASP G 2274 63.82 42.06 46.98
C ASP G 2274 62.95 43.27 46.65
N VAL G 2275 62.93 43.67 45.37
CA VAL G 2275 62.09 44.79 44.96
C VAL G 2275 60.63 44.36 44.88
N ALA G 2276 60.36 43.07 44.63
CA ALA G 2276 58.99 42.59 44.69
C ALA G 2276 58.46 42.60 46.12
N ALA G 2277 59.33 42.34 47.09
CA ALA G 2277 58.96 42.45 48.49
C ALA G 2277 58.80 43.90 48.91
N ALA G 2278 59.58 44.80 48.31
CA ALA G 2278 59.41 46.23 48.55
C ALA G 2278 58.20 46.82 47.81
N SER G 2279 57.63 46.08 46.87
CA SER G 2279 56.42 46.53 46.19
C SER G 2279 55.13 46.31 46.99
N VAL G 2280 55.20 45.63 48.14
CA VAL G 2280 54.01 45.32 48.93
C VAL G 2280 54.12 45.83 50.36
N ILE G 2281 54.97 46.82 50.62
CA ILE G 2281 55.24 47.27 51.98
C ILE G 2281 54.63 48.67 52.17
N ASP G 2282 54.23 48.97 53.41
CA ASP G 2282 54.00 50.31 53.99
C ASP G 2282 52.62 50.87 53.61
N ASN G 2283 51.78 50.10 52.92
CA ASN G 2283 50.39 50.53 52.73
C ASN G 2283 49.53 49.30 52.56
N ASN G 2284 48.26 49.42 52.98
CA ASN G 2284 47.29 48.34 52.84
C ASN G 2284 46.59 48.31 51.49
N GLU G 2285 46.48 49.45 50.78
CA GLU G 2285 45.79 49.41 49.49
C GLU G 2285 46.70 48.89 48.38
N LEU G 2286 48.02 49.06 48.52
CA LEU G 2286 48.96 48.32 47.70
C LEU G 2286 49.04 46.84 48.09
N ALA G 2287 48.43 46.46 49.21
CA ALA G 2287 48.49 45.11 49.74
C ALA G 2287 47.25 44.28 49.41
N LEU G 2288 46.05 44.86 49.45
CA LEU G 2288 44.88 44.04 49.21
C LEU G 2288 44.46 44.04 47.75
N ALA G 2289 45.16 44.80 46.90
CA ALA G 2289 44.84 44.89 45.48
C ALA G 2289 45.68 43.94 44.63
N LEU G 2290 46.27 42.90 45.22
CA LEU G 2290 46.95 41.89 44.43
C LEU G 2290 45.93 41.01 43.72
N GLN G 2291 46.16 40.75 42.43
CA GLN G 2291 45.37 39.77 41.73
C GLN G 2291 45.82 38.35 42.11
N GLU G 2292 44.87 37.44 42.17
CA GLU G 2292 45.11 36.10 42.71
C GLU G 2292 45.93 35.23 41.77
N GLN G 2293 46.01 35.58 40.49
CA GLN G 2293 46.76 34.79 39.53
C GLN G 2293 48.27 34.99 39.64
N ASP G 2294 48.73 36.00 40.37
CA ASP G 2294 50.16 36.28 40.52
C ASP G 2294 50.72 35.77 41.84
N LEU G 2295 50.07 34.80 42.49
CA LEU G 2295 50.53 34.28 43.77
C LEU G 2295 50.81 32.79 43.77
N GLU G 2296 50.16 32.00 42.91
CA GLU G 2296 50.48 30.58 42.81
C GLU G 2296 51.83 30.33 42.18
N LYS G 2297 52.39 31.33 41.48
CA LYS G 2297 53.73 31.22 40.93
C LYS G 2297 54.81 31.23 42.00
N VAL G 2298 54.51 31.78 43.19
CA VAL G 2298 55.47 31.73 44.29
C VAL G 2298 55.51 30.34 44.91
N VAL G 2299 54.34 29.77 45.19
CA VAL G 2299 54.29 28.42 45.71
C VAL G 2299 54.58 27.36 44.66
N SER G 2300 54.58 27.72 43.36
CA SER G 2300 55.11 26.81 42.35
C SER G 2300 56.61 26.65 42.50
N TYR G 2301 57.34 27.75 42.74
CA TYR G 2301 58.76 27.66 43.05
C TYR G 2301 59.00 27.00 44.40
N LEU G 2302 58.10 27.23 45.37
CA LEU G 2302 58.22 26.58 46.67
C LEU G 2302 58.00 25.07 46.58
N ALA G 2303 57.01 24.63 45.80
CA ALA G 2303 56.81 23.21 45.54
C ALA G 2303 57.90 22.61 44.66
N GLY G 2304 58.57 23.43 43.84
CA GLY G 2304 59.74 22.94 43.14
C GLY G 2304 60.91 22.70 44.08
N CYS G 2305 61.17 23.64 44.98
CA CYS G 2305 62.29 23.48 45.92
C CYS G 2305 61.94 22.58 47.11
N GLY G 2306 60.69 22.16 47.24
CA GLY G 2306 60.35 21.20 48.29
C GLY G 2306 60.97 19.82 48.12
N LEU G 2307 61.37 19.48 46.89
CA LEU G 2307 62.19 18.29 46.65
C LEU G 2307 63.27 18.55 45.61
N GLN G 2308 63.44 19.79 45.17
CA GLN G 2308 64.54 20.17 44.29
C GLN G 2308 65.78 20.40 45.15
N SER G 2309 66.88 19.74 44.79
CA SER G 2309 68.13 19.89 45.51
C SER G 2309 68.78 21.20 45.11
N CYS G 2310 69.85 21.57 45.78
CA CYS G 2310 70.44 22.85 45.50
C CYS G 2310 71.59 22.71 44.52
N PRO G 2311 71.63 23.49 43.44
CA PRO G 2311 72.84 23.52 42.59
C PRO G 2311 74.00 24.28 43.22
N MET G 2312 73.78 24.97 44.34
CA MET G 2312 74.82 25.70 45.04
C MET G 2312 75.61 24.83 46.01
N LEU G 2313 75.13 23.63 46.32
CA LEU G 2313 75.72 22.76 47.33
C LEU G 2313 76.51 21.60 46.73
N LEU G 2314 75.94 20.91 45.74
CA LEU G 2314 76.65 19.78 45.13
C LEU G 2314 77.81 20.25 44.26
N ALA G 2315 77.72 21.44 43.70
CA ALA G 2315 78.85 22.02 42.98
C ALA G 2315 79.91 22.57 43.92
N LYS G 2316 79.57 22.81 45.18
CA LYS G 2316 80.53 23.26 46.18
C LYS G 2316 81.24 22.11 46.88
N GLY G 2317 80.53 21.00 47.11
CA GLY G 2317 81.15 19.82 47.70
C GLY G 2317 80.60 19.46 49.06
N TYR G 2318 79.51 20.09 49.46
CA TYR G 2318 78.80 19.96 50.72
C TYR G 2318 77.79 18.81 50.65
N PRO G 2319 77.48 18.17 51.78
CA PRO G 2319 76.68 16.93 51.75
C PRO G 2319 75.25 17.14 51.27
N ASP G 2320 74.66 16.03 50.82
CA ASP G 2320 73.43 16.05 50.04
C ASP G 2320 72.21 16.05 50.94
N ILE G 2321 71.33 17.03 50.74
CA ILE G 2321 69.99 17.04 51.31
C ILE G 2321 69.04 17.16 50.13
N GLY G 2322 68.01 16.30 50.09
CA GLY G 2322 67.13 16.18 48.94
C GLY G 2322 66.28 17.41 48.62
N TRP G 2323 66.27 18.41 49.51
CA TRP G 2323 65.53 19.65 49.29
C TRP G 2323 66.41 20.81 49.78
N ASN G 2324 66.05 22.01 49.36
CA ASN G 2324 66.87 23.20 49.67
C ASN G 2324 66.13 24.04 50.70
N PRO G 2325 66.68 24.20 51.92
CA PRO G 2325 65.98 25.04 52.90
C PRO G 2325 66.12 26.53 52.64
N CYS G 2326 67.32 26.98 52.25
CA CYS G 2326 67.56 28.39 52.00
C CYS G 2326 67.08 28.84 50.62
N GLY G 2327 66.83 27.91 49.70
CA GLY G 2327 66.30 28.30 48.40
C GLY G 2327 64.86 28.75 48.48
N GLY G 2328 64.09 28.18 49.38
CA GLY G 2328 62.72 28.58 49.63
C GLY G 2328 62.49 29.37 50.90
N GLU G 2329 63.55 29.89 51.53
CA GLU G 2329 63.36 30.57 52.81
C GLU G 2329 62.81 31.97 52.64
N ARG G 2330 63.28 32.71 51.62
CA ARG G 2330 62.79 34.06 51.39
C ARG G 2330 61.64 34.12 50.38
N TYR G 2331 61.15 32.98 49.92
CA TYR G 2331 59.85 32.95 49.24
C TYR G 2331 58.69 33.17 50.21
N LEU G 2332 58.92 33.00 51.51
CA LEU G 2332 57.90 33.25 52.53
C LEU G 2332 57.95 34.67 53.08
N ASP G 2333 59.12 35.32 53.01
CA ASP G 2333 59.26 36.67 53.53
C ASP G 2333 58.52 37.68 52.66
N PHE G 2334 58.52 37.45 51.33
CA PHE G 2334 57.70 38.27 50.43
C PHE G 2334 56.22 38.00 50.66
N LEU G 2335 55.86 36.74 50.93
CA LEU G 2335 54.46 36.38 51.15
C LEU G 2335 53.91 37.00 52.43
N ARG G 2336 54.74 37.04 53.48
CA ARG G 2336 54.30 37.59 54.76
C ARG G 2336 54.13 39.10 54.68
N PHE G 2337 55.05 39.79 54.00
CA PHE G 2337 54.90 41.22 53.81
C PHE G 2337 53.78 41.55 52.82
N ALA G 2338 53.44 40.62 51.92
CA ALA G 2338 52.27 40.81 51.08
C ALA G 2338 50.97 40.62 51.85
N VAL G 2339 50.98 39.76 52.87
CA VAL G 2339 49.76 39.54 53.65
C VAL G 2339 49.57 40.65 54.69
N PHE G 2340 50.55 40.86 55.56
CA PHE G 2340 50.36 41.75 56.69
C PHE G 2340 51.18 43.02 56.49
N VAL G 2341 50.51 44.17 56.56
CA VAL G 2341 51.16 45.47 56.58
C VAL G 2341 50.54 46.30 57.71
N ASN G 2342 51.34 46.62 58.73
CA ASN G 2342 51.14 47.76 59.63
C ASN G 2342 49.89 47.59 60.50
N GLY G 2343 49.91 46.55 61.34
CA GLY G 2343 48.99 46.42 62.46
C GLY G 2343 47.56 46.08 62.11
N GLU G 2344 47.25 45.79 60.85
CA GLU G 2344 45.92 45.39 60.47
C GLU G 2344 46.01 44.27 59.45
N SER G 2345 45.19 43.23 59.62
CA SER G 2345 45.18 42.08 58.72
C SER G 2345 44.28 42.34 57.52
N VAL G 2346 44.63 41.72 56.41
CA VAL G 2346 43.77 41.73 55.23
C VAL G 2346 42.68 40.69 55.41
N GLU G 2347 41.47 41.00 54.91
CA GLU G 2347 40.34 40.10 55.03
C GLU G 2347 40.10 39.24 53.80
N GLU G 2348 40.68 39.61 52.65
CA GLU G 2348 40.54 38.83 51.43
C GLU G 2348 41.74 37.92 51.17
N ASN G 2349 42.96 38.49 51.15
CA ASN G 2349 44.15 37.72 50.76
C ASN G 2349 44.53 36.68 51.80
N ALA G 2350 44.20 36.92 53.08
CA ALA G 2350 44.45 35.94 54.13
C ALA G 2350 43.54 34.72 53.99
N ASN G 2351 42.41 34.85 53.30
CA ASN G 2351 41.57 33.70 53.02
C ASN G 2351 42.09 32.90 51.83
N VAL G 2352 42.75 33.55 50.88
CA VAL G 2352 43.21 32.87 49.67
C VAL G 2352 44.60 32.28 49.84
N VAL G 2353 45.40 32.77 50.78
CA VAL G 2353 46.77 32.24 50.90
C VAL G 2353 46.80 30.85 51.52
N VAL G 2354 45.91 30.55 52.47
CA VAL G 2354 46.00 29.32 53.25
C VAL G 2354 45.58 28.09 52.45
N ARG G 2355 44.43 28.14 51.75
CA ARG G 2355 44.05 26.96 50.98
C ARG G 2355 44.85 26.81 49.69
N LEU G 2356 45.48 27.87 49.19
CA LEU G 2356 46.44 27.74 48.10
C LEU G 2356 47.79 27.24 48.59
N LEU G 2357 48.05 27.36 49.90
CA LEU G 2357 49.24 26.80 50.54
C LEU G 2357 49.10 25.32 50.87
N ILE G 2358 47.96 24.92 51.46
CA ILE G 2358 47.87 23.62 52.11
C ILE G 2358 47.40 22.48 51.21
N ARG G 2359 46.97 22.77 49.97
CA ARG G 2359 46.79 21.67 49.02
C ARG G 2359 48.07 21.34 48.27
N LYS G 2360 49.14 22.11 48.51
CA LYS G 2360 50.46 21.78 47.99
C LYS G 2360 51.14 20.87 49.01
N PRO G 2361 51.42 19.61 48.69
CA PRO G 2361 52.01 18.72 49.69
C PRO G 2361 53.50 18.93 49.88
N GLU G 2362 54.17 19.45 48.85
CA GLU G 2362 55.61 19.61 48.85
C GLU G 2362 56.08 20.96 49.36
N CYS G 2363 55.16 21.93 49.53
CA CYS G 2363 55.55 23.26 49.97
C CYS G 2363 55.92 23.33 51.44
N PHE G 2364 55.51 22.34 52.24
CA PHE G 2364 55.87 22.27 53.64
C PHE G 2364 57.22 21.59 53.80
N GLY G 2365 57.62 21.35 55.04
CA GLY G 2365 58.83 20.61 55.31
C GLY G 2365 58.62 19.12 55.16
N PRO G 2366 59.73 18.38 55.14
CA PRO G 2366 59.63 16.91 54.99
C PRO G 2366 59.22 16.19 56.25
N ALA G 2367 59.20 16.87 57.41
CA ALA G 2367 58.81 16.22 58.66
C ALA G 2367 57.30 16.07 58.75
N LEU G 2368 56.56 17.17 58.60
CA LEU G 2368 55.11 17.15 58.69
C LEU G 2368 54.42 16.89 57.36
N ARG G 2369 55.13 16.33 56.38
CA ARG G 2369 54.54 16.05 55.07
C ARG G 2369 53.60 14.85 55.14
N GLY G 2373 55.59 10.68 58.68
CA GLY G 2373 55.26 12.00 59.18
C GLY G 2373 55.71 12.21 60.61
N SER G 2374 56.98 12.59 60.77
CA SER G 2374 57.54 12.83 62.09
C SER G 2374 57.09 14.18 62.63
N GLY G 2375 57.39 14.40 63.91
CA GLY G 2375 57.00 15.61 64.59
C GLY G 2375 57.84 16.81 64.20
N LEU G 2376 57.50 17.96 64.80
CA LEU G 2376 58.19 19.20 64.50
C LEU G 2376 59.54 19.29 65.20
N LEU G 2377 59.63 18.77 66.43
CA LEU G 2377 60.90 18.77 67.16
C LEU G 2377 61.86 17.73 66.60
N ALA G 2378 61.36 16.72 65.89
CA ALA G 2378 62.22 15.71 65.30
C ALA G 2378 63.07 16.24 64.16
N ALA G 2379 62.69 17.36 63.55
CA ALA G 2379 63.58 18.03 62.61
C ALA G 2379 64.61 18.88 63.33
N ILE G 2380 64.18 19.64 64.35
CA ILE G 2380 65.09 20.61 64.97
C ILE G 2380 66.10 19.91 65.89
N GLU G 2381 65.78 18.74 66.43
CA GLU G 2381 66.73 18.03 67.31
C GLU G 2381 67.85 17.41 66.49
N GLU G 2382 67.55 16.97 65.27
CA GLU G 2382 68.60 16.57 64.35
C GLU G 2382 69.34 17.77 63.79
N ALA G 2383 68.64 18.90 63.60
CA ALA G 2383 69.23 20.08 63.00
C ALA G 2383 70.28 20.72 63.90
N ILE G 2384 70.01 20.81 65.20
CA ILE G 2384 70.99 21.33 66.14
C ILE G 2384 72.22 20.44 66.21
N ARG G 2385 72.03 19.12 66.17
CA ARG G 2385 73.18 18.24 66.34
C ARG G 2385 74.01 18.15 65.07
N ILE G 2386 73.37 18.25 63.90
CA ILE G 2386 74.14 18.32 62.66
C ILE G 2386 74.73 19.71 62.44
N SER G 2387 74.25 20.74 63.16
CA SER G 2387 74.94 22.01 63.14
C SER G 2387 76.12 22.01 64.11
N GLU G 2388 76.06 21.18 65.16
CA GLU G 2388 77.18 21.05 66.07
C GLU G 2388 78.29 20.18 65.47
N ASP G 2389 77.93 19.12 64.75
CA ASP G 2389 78.95 18.26 64.14
C ASP G 2389 79.54 18.94 62.92
N PRO G 2390 80.88 18.98 62.78
CA PRO G 2390 81.47 19.68 61.64
C PRO G 2390 81.37 18.91 60.33
N ALA G 2391 81.38 17.57 60.39
CA ALA G 2391 81.29 16.77 59.18
C ALA G 2391 79.87 16.67 58.64
N ARG G 2392 78.86 16.73 59.53
CA ARG G 2392 77.48 16.71 59.07
C ARG G 2392 77.06 18.05 58.48
N ASP G 2393 77.72 19.14 58.88
CA ASP G 2393 77.46 20.46 58.34
C ASP G 2393 78.36 20.70 57.13
N GLY G 2394 78.43 21.95 56.69
CA GLY G 2394 79.28 22.31 55.57
C GLY G 2394 80.75 22.26 55.92
N PRO G 2395 81.48 21.37 55.25
CA PRO G 2395 82.94 21.16 55.35
C PRO G 2395 83.52 20.70 54.03
N ASN G 2414 81.01 30.13 51.79
CA ASN G 2414 81.49 29.83 53.13
C ASN G 2414 80.49 30.26 54.21
N ARG G 2415 79.64 31.22 53.86
CA ARG G 2415 78.61 31.70 54.79
C ARG G 2415 77.33 30.89 54.73
N VAL G 2416 77.11 30.15 53.66
CA VAL G 2416 75.90 29.34 53.50
C VAL G 2416 76.02 28.09 54.35
N HIS G 2417 75.07 27.89 55.26
CA HIS G 2417 75.13 26.81 56.23
C HIS G 2417 73.82 26.01 56.26
N LEU G 2418 73.96 24.70 56.05
CA LEU G 2418 72.84 23.77 56.11
C LEU G 2418 72.33 23.56 57.52
N GLY G 2419 73.08 23.98 58.54
CA GLY G 2419 72.67 23.87 59.93
C GLY G 2419 71.85 25.04 60.42
N HIS G 2420 71.83 26.15 59.67
CA HIS G 2420 71.00 27.29 60.02
C HIS G 2420 69.87 27.54 59.03
N ALA G 2421 70.04 27.11 57.76
CA ALA G 2421 68.96 27.23 56.80
C ALA G 2421 67.78 26.32 57.12
N ILE G 2422 68.04 25.17 57.77
CA ILE G 2422 67.00 24.19 58.10
C ILE G 2422 66.01 24.77 59.12
N MET G 2423 66.50 25.61 60.05
CA MET G 2423 65.64 26.25 61.02
C MET G 2423 65.09 27.58 60.49
N SER G 2424 65.85 28.26 59.62
CA SER G 2424 65.37 29.52 59.02
C SER G 2424 64.17 29.28 58.11
N PHE G 2425 64.16 28.14 57.40
CA PHE G 2425 63.00 27.73 56.60
C PHE G 2425 61.76 27.55 57.48
N TYR G 2426 61.91 26.88 58.63
CA TYR G 2426 60.78 26.65 59.51
C TYR G 2426 60.29 27.95 60.13
N ALA G 2427 61.22 28.85 60.47
CA ALA G 2427 60.82 30.15 61.05
C ALA G 2427 60.10 31.02 60.04
N ALA G 2428 60.50 30.95 58.75
CA ALA G 2428 59.74 31.64 57.72
C ALA G 2428 58.40 30.97 57.46
N LEU G 2429 58.29 29.67 57.75
CA LEU G 2429 57.04 28.96 57.52
C LEU G 2429 55.99 29.25 58.60
N ILE G 2430 56.38 29.22 59.87
CA ILE G 2430 55.38 29.09 60.94
C ILE G 2430 54.74 30.45 61.25
N ASP G 2431 55.52 31.54 61.19
CA ASP G 2431 55.02 32.84 61.60
C ASP G 2431 54.01 33.41 60.62
N LEU G 2432 54.12 33.02 59.34
CA LEU G 2432 53.10 33.41 58.36
C LEU G 2432 51.76 32.76 58.67
N LEU G 2433 51.78 31.50 59.12
CA LEU G 2433 50.57 30.87 59.65
C LEU G 2433 50.12 31.54 60.95
N GLY G 2434 51.05 32.16 61.68
CA GLY G 2434 50.67 32.87 62.90
C GLY G 2434 49.91 34.15 62.63
N ARG G 2435 50.40 34.98 61.70
CA ARG G 2435 49.77 36.27 61.41
C ARG G 2435 49.04 36.29 60.07
N CYS G 2436 48.69 35.12 59.53
CA CYS G 2436 47.67 35.01 58.50
C CYS G 2436 46.27 34.78 59.05
N ALA G 2437 46.15 34.63 60.36
CA ALA G 2437 44.85 34.45 60.98
C ALA G 2437 44.09 35.78 61.01
N PRO G 2438 42.76 35.73 60.91
CA PRO G 2438 41.97 36.97 61.04
C PRO G 2438 41.93 37.45 62.49
N GLU G 2439 41.35 38.64 62.66
CA GLU G 2439 41.38 39.32 63.95
C GLU G 2439 40.36 38.74 64.92
N MET G 2440 40.44 39.20 66.17
CA MET G 2440 39.68 38.60 67.26
C MET G 2440 38.23 39.04 67.29
N HIS G 2441 37.93 40.25 66.85
CA HIS G 2441 36.54 40.69 66.78
C HIS G 2441 35.81 40.14 65.57
N LEU G 2442 36.49 39.40 64.70
CA LEU G 2442 35.84 38.55 63.71
C LEU G 2442 35.63 37.12 64.22
N ILE G 2443 36.08 36.79 65.43
CA ILE G 2443 35.82 35.47 65.98
C ILE G 2443 34.44 35.38 66.62
N GLN G 2444 34.07 36.35 67.45
CA GLN G 2444 32.75 36.32 68.10
C GLN G 2444 31.61 36.70 67.16
N ALA G 2445 31.89 37.23 65.98
CA ALA G 2445 30.83 37.67 65.09
C ALA G 2445 30.25 36.49 64.29
N GLY G 2446 29.44 36.83 63.28
CA GLY G 2446 28.79 35.84 62.45
C GLY G 2446 29.56 35.47 61.19
N LYS G 2447 30.89 35.42 61.30
CA LYS G 2447 31.75 35.00 60.20
C LYS G 2447 31.67 33.48 60.10
N GLY G 2448 31.14 32.96 58.98
CA GLY G 2448 30.95 31.53 58.86
C GLY G 2448 32.20 30.75 58.49
N GLU G 2449 33.23 31.43 57.97
CA GLU G 2449 34.44 30.76 57.51
C GLU G 2449 35.72 31.28 58.12
N ALA G 2450 35.69 32.43 58.79
CA ALA G 2450 36.90 32.97 59.39
C ALA G 2450 37.39 32.13 60.57
N LEU G 2451 36.49 31.40 61.23
CA LEU G 2451 36.86 30.45 62.25
C LEU G 2451 37.39 29.15 61.66
N ARG G 2452 37.12 28.89 60.39
CA ARG G 2452 37.42 27.57 59.86
C ARG G 2452 38.90 27.42 59.50
N ILE G 2453 39.51 28.46 58.90
CA ILE G 2453 40.96 28.46 58.67
C ILE G 2453 41.71 28.37 60.00
N ARG G 2454 41.20 29.05 61.02
CA ARG G 2454 41.64 28.89 62.40
C ARG G 2454 41.57 27.43 62.87
N ALA G 2455 40.46 26.75 62.57
CA ALA G 2455 40.28 25.35 63.02
C ALA G 2455 41.21 24.40 62.28
N ILE G 2456 41.32 24.54 60.96
CA ILE G 2456 42.22 23.68 60.18
C ILE G 2456 43.69 23.99 60.49
N LEU G 2457 43.99 25.22 60.93
CA LEU G 2457 45.35 25.61 61.26
C LEU G 2457 45.73 25.17 62.67
N ARG G 2458 44.76 25.01 63.57
CA ARG G 2458 45.03 24.33 64.84
C ARG G 2458 44.99 22.81 64.71
N SER G 2459 44.34 22.29 63.65
CA SER G 2459 44.27 20.85 63.44
C SER G 2459 45.48 20.27 62.71
N LEU G 2460 46.04 20.97 61.72
CA LEU G 2460 47.19 20.39 61.02
C LEU G 2460 48.46 20.49 61.85
N VAL G 2461 48.68 21.65 62.47
CA VAL G 2461 49.83 21.87 63.35
C VAL G 2461 49.40 21.59 64.78
N PRO G 2462 50.07 20.68 65.49
CA PRO G 2462 49.69 20.40 66.88
C PRO G 2462 50.19 21.49 67.84
N LEU G 2463 49.73 21.37 69.08
CA LEU G 2463 50.00 22.33 70.15
C LEU G 2463 51.14 21.89 71.07
N ASP G 2464 51.28 20.60 71.34
CA ASP G 2464 52.31 20.11 72.24
C ASP G 2464 53.69 20.11 71.58
N ASP G 2465 53.74 20.31 70.26
CA ASP G 2465 55.00 20.55 69.57
C ASP G 2465 55.51 21.97 69.78
N LEU G 2466 54.71 22.87 70.34
CA LEU G 2466 55.16 24.23 70.61
C LEU G 2466 55.99 24.29 71.90
N VAL G 2467 55.59 23.52 72.90
CA VAL G 2467 56.20 23.64 74.22
C VAL G 2467 57.61 23.05 74.24
N GLY G 2468 57.92 22.11 73.35
CA GLY G 2468 59.27 21.57 73.30
C GLY G 2468 60.29 22.57 72.79
N ILE G 2469 59.95 23.29 71.71
CA ILE G 2469 60.89 24.26 71.17
C ILE G 2469 60.92 25.52 72.06
N ILE G 2470 59.82 25.86 72.73
CA ILE G 2470 59.93 26.94 73.70
C ILE G 2470 60.62 26.47 74.99
N SER G 2471 60.74 25.15 75.19
CA SER G 2471 61.42 24.56 76.34
C SER G 2471 62.88 24.24 76.10
N LEU G 2472 63.34 24.25 74.85
CA LEU G 2472 64.74 23.89 74.57
C LEU G 2472 65.67 25.02 75.00
N PRO G 2473 66.68 24.74 75.82
CA PRO G 2473 67.54 25.79 76.35
C PRO G 2473 68.56 26.28 75.32
N LEU G 2474 69.35 27.27 75.75
CA LEU G 2474 70.33 27.89 74.89
C LEU G 2474 71.75 27.43 75.20
N GLN G 2475 72.63 27.61 74.22
CA GLN G 2475 74.07 27.53 74.39
C GLN G 2475 74.58 28.96 74.54
N ILE G 2476 74.32 29.53 75.72
CA ILE G 2476 74.59 30.96 75.95
C ILE G 2476 76.10 31.16 76.12
N PRO G 2477 76.68 32.21 75.53
CA PRO G 2477 78.11 32.47 75.74
C PRO G 2477 78.44 32.83 77.19
N THR G 2478 79.57 32.31 77.65
CA THR G 2478 80.06 32.58 79.00
C THR G 2478 81.57 32.39 79.01
N LEU G 2479 82.20 32.87 80.08
CA LEU G 2479 83.65 32.71 80.26
C LEU G 2479 83.92 31.94 81.55
N VAL G 2486 84.12 32.73 75.32
CA VAL G 2486 83.64 32.35 74.00
C VAL G 2486 82.31 33.02 73.67
N GLN G 2487 81.96 32.99 72.39
CA GLN G 2487 80.63 33.35 71.93
C GLN G 2487 80.38 32.63 70.61
N PRO G 2488 79.33 31.82 70.52
CA PRO G 2488 79.19 30.89 69.40
C PRO G 2488 78.75 31.59 68.12
N LYS G 2489 78.61 30.78 67.07
CA LYS G 2489 78.32 31.29 65.75
C LYS G 2489 76.85 31.64 65.62
N MET G 2490 76.56 32.77 64.97
CA MET G 2490 75.18 33.16 64.70
C MET G 2490 74.61 32.52 63.44
N SER G 2491 75.46 31.99 62.55
CA SER G 2491 74.99 31.21 61.41
C SER G 2491 75.15 29.71 61.63
N ALA G 2492 75.34 29.28 62.88
CA ALA G 2492 75.41 27.84 63.15
C ALA G 2492 74.75 27.46 64.47
N SER G 2493 74.11 28.37 65.19
CA SER G 2493 73.44 28.05 66.45
C SER G 2493 72.02 28.59 66.40
N PHE G 2494 71.26 28.31 67.46
CA PHE G 2494 69.86 28.71 67.56
C PHE G 2494 69.84 30.14 68.10
N VAL G 2495 69.73 31.11 67.20
CA VAL G 2495 69.57 32.51 67.57
C VAL G 2495 68.07 32.77 67.71
N PRO G 2496 67.62 33.78 68.50
CA PRO G 2496 66.18 33.92 68.79
C PRO G 2496 65.32 34.50 67.66
N ASP G 2497 65.88 34.62 66.46
CA ASP G 2497 65.10 35.03 65.29
C ASP G 2497 64.01 34.04 64.95
N HIS G 2498 64.19 32.79 65.36
CA HIS G 2498 63.29 31.68 65.07
C HIS G 2498 62.40 31.44 66.28
N LYS G 2499 62.93 31.78 67.46
CA LYS G 2499 62.19 31.81 68.71
C LYS G 2499 61.11 32.89 68.69
N ALA G 2500 61.34 33.95 67.91
CA ALA G 2500 60.37 35.04 67.77
C ALA G 2500 59.17 34.69 66.88
N SER G 2501 59.09 33.46 66.36
CA SER G 2501 57.96 33.07 65.52
C SER G 2501 56.89 32.32 66.30
N MET G 2502 57.29 31.29 67.07
CA MET G 2502 56.32 30.47 67.78
C MET G 2502 55.67 31.21 68.94
N VAL G 2503 56.30 32.27 69.44
CA VAL G 2503 55.68 33.04 70.51
C VAL G 2503 54.48 33.85 70.00
N LEU G 2504 54.51 34.29 68.74
CA LEU G 2504 53.34 34.92 68.13
C LEU G 2504 52.40 33.89 67.52
N PHE G 2505 52.93 32.71 67.17
CA PHE G 2505 52.09 31.59 66.77
C PHE G 2505 51.28 31.06 67.94
N LEU G 2506 51.77 31.28 69.17
CA LEU G 2506 51.07 30.97 70.41
C LEU G 2506 49.99 32.00 70.72
N ASP G 2507 50.14 33.24 70.24
CA ASP G 2507 49.45 34.38 70.83
C ASP G 2507 47.97 34.42 70.47
N ARG G 2508 47.65 34.61 69.19
CA ARG G 2508 46.27 34.88 68.83
C ARG G 2508 45.60 33.81 67.99
N VAL G 2509 46.35 32.93 67.31
CA VAL G 2509 45.71 31.87 66.52
C VAL G 2509 45.50 30.60 67.35
N TYR G 2510 46.29 30.36 68.38
CA TYR G 2510 45.99 29.32 69.37
C TYR G 2510 45.38 29.91 70.63
N GLY G 2511 46.03 30.90 71.22
CA GLY G 2511 45.43 31.63 72.31
C GLY G 2511 45.39 30.92 73.65
N ILE G 2512 45.18 31.69 74.71
CA ILE G 2512 45.01 31.15 76.05
C ILE G 2512 43.74 31.70 76.69
N GLU G 2513 42.99 30.82 77.34
CA GLU G 2513 41.72 31.16 77.98
C GLU G 2513 41.71 30.84 79.46
N ASN G 2514 42.14 29.64 79.84
CA ASN G 2514 42.28 29.28 81.24
C ASN G 2514 43.77 29.14 81.59
N GLN G 2515 44.03 28.81 82.86
CA GLN G 2515 45.34 29.06 83.45
C GLN G 2515 46.24 27.84 83.60
N ASP G 2516 45.71 26.62 83.48
CA ASP G 2516 46.57 25.43 83.65
C ASP G 2516 47.58 25.28 82.52
N PHE G 2517 47.33 25.92 81.38
CA PHE G 2517 48.35 26.12 80.36
C PHE G 2517 49.13 27.42 80.57
N LEU G 2518 48.55 28.40 81.27
CA LEU G 2518 49.26 29.66 81.50
C LEU G 2518 50.44 29.47 82.43
N LEU G 2519 50.26 28.66 83.47
CA LEU G 2519 51.38 28.37 84.37
C LEU G 2519 52.36 27.36 83.78
N HIS G 2520 52.12 26.86 82.56
CA HIS G 2520 53.01 25.95 81.87
C HIS G 2520 53.67 26.52 80.62
N VAL G 2521 53.12 27.57 80.01
CA VAL G 2521 53.82 28.24 78.92
C VAL G 2521 54.97 29.10 79.44
N LEU G 2522 54.95 29.48 80.72
CA LEU G 2522 56.04 30.21 81.34
C LEU G 2522 56.72 29.42 82.44
N ASP G 2523 56.54 28.09 82.45
CA ASP G 2523 57.22 27.23 83.42
C ASP G 2523 58.69 27.07 83.04
N VAL G 2524 58.95 26.63 81.81
CA VAL G 2524 60.30 26.57 81.26
C VAL G 2524 60.44 27.51 80.05
N GLY G 2525 59.32 28.03 79.53
CA GLY G 2525 59.36 28.69 78.23
C GLY G 2525 60.06 30.03 78.22
N PHE G 2526 59.96 30.81 79.30
CA PHE G 2526 60.49 32.15 79.29
C PHE G 2526 61.62 32.37 80.29
N LEU G 2527 61.48 31.84 81.50
CA LEU G 2527 62.28 32.19 82.67
C LEU G 2527 63.70 31.57 82.77
N PRO G 2528 63.96 30.31 82.38
CA PRO G 2528 65.38 29.87 82.33
C PRO G 2528 66.21 30.60 81.29
N ASP G 2529 65.60 31.19 80.27
CA ASP G 2529 66.29 32.05 79.32
C ASP G 2529 66.26 33.52 79.72
N MET G 2530 65.24 33.97 80.44
CA MET G 2530 65.24 35.36 80.89
C MET G 2530 66.21 35.55 82.05
N ARG G 2531 66.41 34.53 82.89
CA ARG G 2531 67.50 34.60 83.86
C ARG G 2531 68.86 34.39 83.20
N ALA G 2532 68.90 33.73 82.03
CA ALA G 2532 70.13 33.72 81.25
C ALA G 2532 70.43 35.13 80.71
N ALA G 2533 69.39 35.90 80.38
CA ALA G 2533 69.58 37.31 80.09
C ALA G 2533 70.05 38.07 81.31
N ALA G 2534 69.53 37.71 82.49
CA ALA G 2534 69.95 38.32 83.74
C ALA G 2534 71.40 38.01 84.10
N SER G 2535 71.94 36.91 83.59
CA SER G 2535 73.32 36.52 83.93
C SER G 2535 74.36 37.48 83.36
N LEU G 2536 74.10 38.07 82.19
CA LEU G 2536 75.05 39.02 81.60
C LEU G 2536 74.29 40.28 81.21
N ASP G 2537 73.61 40.89 82.17
CA ASP G 2537 72.88 42.13 81.93
C ASP G 2537 73.56 43.32 82.61
N THR G 2544 78.68 41.80 73.22
CA THR G 2544 77.62 40.83 73.50
C THR G 2544 76.45 40.99 72.52
N GLU G 2545 76.58 40.40 71.34
CA GLU G 2545 75.54 40.49 70.33
C GLU G 2545 74.37 39.55 70.62
N MET G 2546 74.64 38.37 71.17
CA MET G 2546 73.60 37.39 71.44
C MET G 2546 72.63 37.87 72.53
N ALA G 2547 73.16 38.64 73.50
CA ALA G 2547 72.33 39.16 74.58
C ALA G 2547 71.29 40.15 74.07
N LEU G 2548 71.71 41.11 73.24
CA LEU G 2548 70.75 42.02 72.62
C LEU G 2548 69.91 41.35 71.54
N ALA G 2549 70.42 40.28 70.91
CA ALA G 2549 69.60 39.53 69.97
C ALA G 2549 68.44 38.82 70.67
N LEU G 2550 68.65 38.38 71.91
CA LEU G 2550 67.55 37.79 72.68
C LEU G 2550 66.72 38.85 73.42
N ASN G 2551 67.29 40.02 73.72
CA ASN G 2551 66.43 41.10 74.19
C ASN G 2551 65.56 41.70 73.09
N ARG G 2552 65.95 41.57 71.82
CA ARG G 2552 65.00 41.80 70.72
C ARG G 2552 63.74 40.97 70.89
N TYR G 2553 63.92 39.66 71.09
CA TYR G 2553 62.83 38.75 71.44
C TYR G 2553 62.08 39.18 72.69
N LEU G 2554 62.81 39.50 73.76
CA LEU G 2554 62.17 39.74 75.05
C LEU G 2554 61.36 41.03 75.05
N CYS G 2555 61.81 42.05 74.31
CA CYS G 2555 61.10 43.32 74.23
C CYS G 2555 60.29 43.48 72.95
N LEU G 2556 60.21 42.43 72.12
CA LEU G 2556 59.29 42.42 70.99
C LEU G 2556 58.10 41.50 71.15
N ALA G 2557 58.25 40.37 71.84
CA ALA G 2557 57.29 39.29 71.72
C ALA G 2557 56.59 38.94 73.02
N VAL G 2558 57.35 38.63 74.07
CA VAL G 2558 56.78 37.96 75.24
C VAL G 2558 55.98 38.94 76.11
N LEU G 2559 56.31 40.22 76.09
CA LEU G 2559 55.61 41.19 76.92
C LEU G 2559 54.24 41.58 76.36
N PRO G 2560 54.03 41.72 75.04
CA PRO G 2560 52.63 41.78 74.56
C PRO G 2560 51.87 40.46 74.67
N LEU G 2561 52.54 39.34 74.97
CA LEU G 2561 51.81 38.11 75.26
C LEU G 2561 51.20 38.14 76.66
N ILE G 2562 51.89 38.72 77.63
CA ILE G 2562 51.39 38.71 79.00
C ILE G 2562 50.67 40.00 79.40
N THR G 2563 50.88 41.09 78.67
CA THR G 2563 50.11 42.31 78.93
C THR G 2563 48.65 42.12 78.52
N LYS G 2564 48.40 41.45 77.40
CA LYS G 2564 47.04 41.22 76.94
C LYS G 2564 46.29 40.19 77.77
N CYS G 2565 47.00 39.35 78.53
CA CYS G 2565 46.36 38.38 79.42
C CYS G 2565 46.61 38.70 80.89
N ALA G 2566 47.09 39.91 81.17
CA ALA G 2566 47.14 40.42 82.55
C ALA G 2566 45.84 40.37 83.35
N PRO G 2567 44.63 40.58 82.80
CA PRO G 2567 43.43 40.41 83.65
C PRO G 2567 43.14 38.98 84.06
N LEU G 2568 43.74 37.97 83.43
CA LEU G 2568 43.46 36.61 83.82
C LEU G 2568 44.29 36.18 85.03
N PHE G 2569 45.31 36.95 85.42
CA PHE G 2569 46.28 36.58 86.46
C PHE G 2569 45.73 36.64 87.89
N ALA G 2570 44.41 36.68 88.08
CA ALA G 2570 43.82 36.68 89.42
C ALA G 2570 43.68 35.25 89.93
N GLY G 2571 44.10 35.02 91.17
CA GLY G 2571 43.97 33.70 91.76
C GLY G 2571 45.23 32.87 91.72
N THR G 2572 46.35 33.45 92.13
CA THR G 2572 47.62 32.75 92.22
C THR G 2572 47.82 32.22 93.64
N GLU G 2573 47.11 31.12 93.93
CA GLU G 2573 47.14 30.51 95.25
C GLU G 2573 47.75 29.12 95.28
N HIS G 2574 48.07 28.54 94.12
CA HIS G 2574 48.58 27.17 94.07
C HIS G 2574 50.12 27.13 94.09
N ARG G 2575 50.75 27.80 93.13
CA ARG G 2575 52.21 27.86 93.05
C ARG G 2575 52.65 29.30 93.28
N ALA G 2576 53.64 29.47 94.17
CA ALA G 2576 53.96 30.78 94.72
C ALA G 2576 55.44 31.16 94.61
N ILE G 2577 56.30 30.29 94.09
CA ILE G 2577 57.70 30.65 93.92
C ILE G 2577 57.95 31.15 92.50
N MET G 2578 57.12 30.71 91.53
CA MET G 2578 57.35 31.10 90.14
C MET G 2578 56.91 32.54 89.89
N VAL G 2579 55.85 32.99 90.56
CA VAL G 2579 55.48 34.40 90.50
C VAL G 2579 56.56 35.26 91.15
N ASP G 2580 57.23 34.72 92.18
CA ASP G 2580 58.33 35.44 92.82
C ASP G 2580 59.53 35.53 91.89
N SER G 2581 59.78 34.48 91.11
CA SER G 2581 60.89 34.49 90.17
C SER G 2581 60.64 35.44 89.00
N MET G 2582 59.39 35.52 88.53
CA MET G 2582 59.09 36.50 87.48
C MET G 2582 59.16 37.92 88.02
N LEU G 2583 58.69 38.14 89.26
CA LEU G 2583 58.86 39.41 89.94
C LEU G 2583 60.33 39.75 90.14
N HIS G 2584 61.17 38.72 90.32
CA HIS G 2584 62.61 38.91 90.44
C HIS G 2584 63.22 39.34 89.12
N THR G 2585 62.87 38.67 88.02
CA THR G 2585 63.55 38.96 86.76
C THR G 2585 63.08 40.27 86.12
N VAL G 2586 61.85 40.73 86.38
CA VAL G 2586 61.43 42.00 85.78
C VAL G 2586 62.10 43.18 86.48
N TYR G 2587 62.31 43.11 87.80
CA TYR G 2587 63.07 44.16 88.47
C TYR G 2587 64.56 44.01 88.23
N ARG G 2588 65.02 42.81 87.84
CA ARG G 2588 66.41 42.63 87.46
C ARG G 2588 66.72 43.32 86.13
N LEU G 2589 65.90 43.09 85.10
CA LEU G 2589 66.16 43.72 83.81
C LEU G 2589 65.26 44.95 83.56
N SER G 2590 64.73 45.56 84.63
CA SER G 2590 64.17 46.89 84.50
C SER G 2590 65.23 47.95 84.20
N ARG G 2591 66.50 47.68 84.49
CA ARG G 2591 67.59 48.61 84.30
C ARG G 2591 68.69 47.97 83.46
N GLY G 2592 69.50 48.80 82.82
CA GLY G 2592 70.60 48.31 82.02
C GLY G 2592 71.31 49.35 81.19
N ARG G 2593 72.63 49.20 81.02
CA ARG G 2593 73.41 50.11 80.18
C ARG G 2593 73.30 49.77 78.71
N SER G 2594 72.83 48.57 78.39
CA SER G 2594 72.61 48.12 77.01
C SER G 2594 71.14 48.18 76.62
N LEU G 2595 70.42 49.19 77.10
CA LEU G 2595 68.96 49.23 77.04
C LEU G 2595 68.52 50.64 76.70
N THR G 2596 67.76 50.79 75.61
CA THR G 2596 67.23 52.08 75.22
C THR G 2596 65.83 52.28 75.79
N LYS G 2597 65.34 53.53 75.69
CA LYS G 2597 64.05 53.86 76.27
C LYS G 2597 62.91 53.27 75.43
N ALA G 2598 63.08 53.26 74.11
CA ALA G 2598 62.10 52.62 73.23
C ALA G 2598 62.10 51.10 73.39
N GLN G 2599 63.14 50.51 73.96
CA GLN G 2599 63.19 49.09 74.22
C GLN G 2599 62.70 48.74 75.62
N ARG G 2600 62.85 49.65 76.58
CA ARG G 2600 62.40 49.41 77.96
C ARG G 2600 61.02 49.99 78.26
N ASP G 2601 60.40 50.71 77.30
CA ASP G 2601 59.04 51.20 77.50
C ASP G 2601 58.05 50.05 77.64
N VAL G 2602 58.30 48.93 76.96
CA VAL G 2602 57.40 47.78 77.11
C VAL G 2602 57.59 47.06 78.44
N ILE G 2603 58.79 47.07 79.03
CA ILE G 2603 58.96 46.57 80.41
C ILE G 2603 58.26 47.52 81.39
N GLU G 2604 58.34 48.83 81.14
CA GLU G 2604 57.68 49.81 82.00
C GLU G 2604 56.15 49.69 81.93
N ASP G 2605 55.62 49.32 80.76
CA ASP G 2605 54.17 49.06 80.65
C ASP G 2605 53.82 47.64 81.06
N CYS G 2606 54.82 46.75 81.16
CA CYS G 2606 54.60 45.36 81.54
C CYS G 2606 54.51 45.16 83.04
N LEU G 2607 55.46 45.73 83.79
CA LEU G 2607 55.54 45.43 85.21
C LEU G 2607 54.43 46.09 86.01
N MET G 2608 53.77 47.12 85.49
CA MET G 2608 52.63 47.67 86.21
C MET G 2608 51.38 46.81 86.05
N ALA G 2609 51.13 46.31 84.83
CA ALA G 2609 50.05 45.34 84.63
C ALA G 2609 50.35 44.00 85.30
N LEU G 2610 51.62 43.72 85.59
CA LEU G 2610 51.95 42.60 86.47
C LEU G 2610 51.70 42.96 87.94
N CYS G 2611 52.03 44.19 88.34
CA CYS G 2611 51.94 44.59 89.74
C CYS G 2611 50.50 44.73 90.20
N ARG G 2612 49.59 45.04 89.29
CA ARG G 2612 48.18 44.91 89.60
C ARG G 2612 47.61 43.68 88.89
N TYR G 2613 46.29 43.49 89.08
CA TYR G 2613 45.56 42.25 88.77
C TYR G 2613 46.24 41.04 89.43
N ILE G 2614 46.64 41.22 90.68
CA ILE G 2614 47.36 40.21 91.43
C ILE G 2614 47.02 40.43 92.91
N ARG G 2615 47.20 39.39 93.70
CA ARG G 2615 47.00 39.54 95.13
C ARG G 2615 48.24 40.16 95.76
N PRO G 2616 48.09 41.22 96.58
CA PRO G 2616 49.26 41.96 97.07
C PRO G 2616 49.95 41.34 98.29
N SER G 2617 49.72 40.05 98.55
CA SER G 2617 50.30 39.44 99.73
C SER G 2617 51.78 39.08 99.54
N MET G 2618 52.14 38.47 98.40
CA MET G 2618 53.52 38.06 98.17
C MET G 2618 54.25 38.99 97.20
N LEU G 2619 53.71 40.17 96.93
CA LEU G 2619 54.46 41.24 96.29
C LEU G 2619 55.24 42.07 97.31
N GLN G 2620 55.05 41.77 98.60
CA GLN G 2620 55.88 42.34 99.65
C GLN G 2620 57.32 41.90 99.54
N HIS G 2621 57.57 40.72 98.96
CA HIS G 2621 58.92 40.19 98.82
C HIS G 2621 59.72 40.95 97.75
N LEU G 2622 59.06 41.76 96.92
CA LEU G 2622 59.73 42.64 95.97
C LEU G 2622 59.58 44.13 96.28
N LEU G 2623 58.59 44.53 97.09
CA LEU G 2623 58.74 45.84 97.72
C LEU G 2623 59.80 45.81 98.82
N ARG G 2624 60.30 44.63 99.19
CA ARG G 2624 61.61 44.49 99.82
C ARG G 2624 62.68 45.30 99.10
N ARG G 2625 62.97 44.96 97.85
CA ARG G 2625 64.03 45.62 97.10
C ARG G 2625 63.56 46.87 96.37
N LEU G 2626 62.27 47.20 96.43
CA LEU G 2626 61.87 48.54 96.01
C LEU G 2626 62.45 49.62 96.92
N VAL G 2627 62.56 49.37 98.22
CA VAL G 2627 62.95 50.40 99.17
C VAL G 2627 64.46 50.42 99.37
N PHE G 2628 65.19 49.43 98.86
CA PHE G 2628 66.63 49.34 99.07
C PHE G 2628 67.42 50.38 98.30
N ASP G 2629 66.97 50.72 97.10
CA ASP G 2629 67.77 51.57 96.21
C ASP G 2629 67.01 52.78 95.68
N VAL G 2630 65.71 52.67 95.45
CA VAL G 2630 64.97 53.73 94.77
C VAL G 2630 64.62 54.95 95.63
N PRO G 2631 63.93 54.86 96.79
CA PRO G 2631 63.49 56.10 97.45
C PRO G 2631 64.58 56.87 98.18
N ILE G 2632 65.78 56.30 98.32
CA ILE G 2632 66.95 57.08 98.73
C ILE G 2632 67.51 57.86 97.55
N LEU G 2633 67.22 57.42 96.33
CA LEU G 2633 67.67 58.10 95.13
C LEU G 2633 66.65 59.17 94.75
N ASN G 2634 67.14 60.38 94.46
CA ASN G 2634 66.28 61.51 94.11
C ASN G 2634 66.28 61.77 92.62
N UNK G 2638 63.64 53.76 85.03
CA UNK G 2638 64.48 53.14 86.06
C UNK G 2638 63.99 53.48 87.46
N UNK G 2639 63.77 54.76 87.72
CA UNK G 2639 63.32 55.21 89.04
C UNK G 2639 61.87 55.69 89.00
N UNK G 2640 61.52 56.39 87.92
CA UNK G 2640 60.18 56.97 87.77
C UNK G 2640 59.11 55.89 87.62
N UNK G 2641 59.43 54.86 86.86
CA UNK G 2641 58.51 53.73 86.65
C UNK G 2641 58.28 52.98 87.95
N UNK G 2642 59.35 52.78 88.71
CA UNK G 2642 59.28 52.11 90.01
C UNK G 2642 58.48 52.94 91.01
N UNK G 2643 58.67 54.26 90.98
CA UNK G 2643 57.93 55.16 91.86
C UNK G 2643 56.43 55.18 91.53
N UNK G 2644 56.11 55.20 90.24
CA UNK G 2644 54.73 55.15 89.78
C UNK G 2644 54.07 53.82 90.14
N UNK G 2645 54.83 52.73 90.01
CA UNK G 2645 54.37 51.40 90.39
C UNK G 2645 54.08 51.31 91.89
N UNK G 2646 55.00 51.85 92.69
CA UNK G 2646 54.85 51.92 94.14
C UNK G 2646 53.63 52.74 94.55
N UNK G 2647 53.44 53.87 93.90
CA UNK G 2647 52.32 54.76 94.17
C UNK G 2647 50.97 54.11 93.83
N UNK G 2648 50.90 53.47 92.67
CA UNK G 2648 49.67 52.79 92.26
C UNK G 2648 49.38 51.56 93.12
N UNK G 2649 50.42 50.86 93.55
CA UNK G 2649 50.28 49.71 94.44
C UNK G 2649 49.78 50.16 95.81
N UNK G 2650 50.29 51.29 96.30
CA UNK G 2650 49.86 51.87 97.57
C UNK G 2650 48.41 52.34 97.49
N UNK G 2651 48.05 52.93 96.34
CA UNK G 2651 46.67 53.37 96.09
C UNK G 2651 45.70 52.20 96.07
N UNK G 2652 46.09 51.10 95.43
CA UNK G 2652 45.24 49.91 95.38
C UNK G 2652 45.19 49.18 96.72
N UNK G 2653 46.25 49.29 97.51
CA UNK G 2653 46.25 48.72 98.86
C UNK G 2653 45.34 49.52 99.78
N UNK G 2654 45.31 50.84 99.56
CA UNK G 2654 44.44 51.71 100.33
C UNK G 2654 42.98 51.53 99.92
N UNK G 2655 42.75 51.28 98.64
CA UNK G 2655 41.40 51.05 98.14
C UNK G 2655 40.89 49.67 98.56
N UNK G 2662 56.03 44.46 109.10
CA UNK G 2662 56.57 43.96 107.85
C UNK G 2662 56.29 44.92 106.71
N UNK G 2663 55.14 44.76 106.07
CA UNK G 2663 54.74 45.59 104.93
C UNK G 2663 54.50 47.04 105.36
N UNK G 2664 53.86 47.21 106.52
CA UNK G 2664 53.59 48.53 107.07
C UNK G 2664 54.90 49.24 107.46
N UNK G 2665 55.82 48.46 108.01
CA UNK G 2665 57.14 48.98 108.40
C UNK G 2665 57.95 49.40 107.18
N UNK G 2666 57.88 48.59 106.13
CA UNK G 2666 58.57 48.90 104.87
C UNK G 2666 57.95 50.12 104.19
N UNK G 2667 56.63 50.26 104.29
CA UNK G 2667 55.94 51.42 103.73
C UNK G 2667 56.30 52.69 104.49
N UNK G 2668 56.42 52.57 105.81
CA UNK G 2668 56.86 53.69 106.65
C UNK G 2668 58.31 54.08 106.34
N UNK G 2669 59.14 53.08 106.10
CA UNK G 2669 60.54 53.31 105.72
C UNK G 2669 60.64 53.99 104.35
N UNK G 2670 59.76 53.60 103.43
CA UNK G 2670 59.69 54.19 102.11
C UNK G 2670 59.25 55.65 102.18
N UNK G 2671 58.26 55.92 103.04
CA UNK G 2671 57.78 57.28 103.28
C UNK G 2671 58.87 58.16 103.90
N UNK G 2672 59.61 57.59 104.85
CA UNK G 2672 60.71 58.29 105.50
C UNK G 2672 61.85 58.59 104.52
N UNK G 2673 62.15 57.62 103.66
CA UNK G 2673 63.19 57.79 102.64
C UNK G 2673 62.78 58.84 101.60
N UNK G 2674 61.51 58.86 101.24
CA UNK G 2674 60.97 59.85 100.31
C UNK G 2674 61.01 61.25 100.92
N UNK G 2675 60.67 61.34 102.21
CA UNK G 2675 60.71 62.62 102.92
C UNK G 2675 62.14 63.12 103.10
N UNK G 2676 63.08 62.20 103.25
CA UNK G 2676 64.49 62.55 103.37
C UNK G 2676 65.07 62.98 102.02
N UNK G 2677 64.60 62.35 100.96
CA UNK G 2677 65.07 62.68 99.61
C UNK G 2677 64.50 64.02 99.12
N UNK G 2678 63.25 64.29 99.47
CA UNK G 2678 62.60 65.54 99.09
C UNK G 2678 63.11 66.70 99.94
N UNK G 2686 59.19 68.38 88.00
CA UNK G 2686 59.58 67.22 87.20
C UNK G 2686 59.45 65.93 88.00
N UNK G 2687 60.49 65.60 88.75
CA UNK G 2687 60.49 64.39 89.57
C UNK G 2687 59.90 64.67 90.95
N UNK G 2688 59.85 65.95 91.31
CA UNK G 2688 59.33 66.38 92.61
C UNK G 2688 57.83 66.11 92.74
N UNK G 2689 57.09 66.35 91.66
CA UNK G 2689 55.66 66.10 91.63
C UNK G 2689 55.37 64.61 91.74
N UNK G 2690 56.18 63.80 91.07
CA UNK G 2690 56.05 62.35 91.12
C UNK G 2690 56.37 61.82 92.51
N UNK G 2691 57.39 62.39 93.14
CA UNK G 2691 57.76 62.02 94.51
C UNK G 2691 56.67 62.40 95.50
N UNK G 2692 56.06 63.57 95.30
CA UNK G 2692 54.96 64.04 96.14
C UNK G 2692 53.72 63.15 95.98
N UNK G 2693 53.45 62.75 94.74
CA UNK G 2693 52.34 61.84 94.45
C UNK G 2693 52.56 60.47 95.08
N UNK G 2694 53.79 59.97 95.00
CA UNK G 2694 54.17 58.69 95.61
C UNK G 2694 54.06 58.75 97.14
N UNK G 2695 54.46 59.88 97.73
CA UNK G 2695 54.35 60.08 99.16
C UNK G 2695 52.89 60.16 99.61
N UNK G 2696 52.07 60.86 98.83
CA UNK G 2696 50.64 60.98 99.12
C UNK G 2696 49.92 59.65 98.96
N UNK G 2697 50.40 58.81 98.05
CA UNK G 2697 49.84 57.47 97.87
C UNK G 2697 50.26 56.54 99.00
N UNK G 2698 51.51 56.66 99.43
CA UNK G 2698 52.05 55.79 100.48
C UNK G 2698 51.55 56.19 101.86
N UNK G 2699 51.12 57.43 102.02
CA UNK G 2699 50.59 57.90 103.29
C UNK G 2699 49.21 57.30 103.59
N UNK G 2700 48.48 56.95 102.53
CA UNK G 2700 47.16 56.36 102.69
C UNK G 2700 47.28 54.89 103.12
N GLU G 2741 84.38 42.84 113.51
CA GLU G 2741 85.70 42.35 113.89
C GLU G 2741 85.64 41.21 114.92
N THR G 2742 85.57 39.97 114.45
CA THR G 2742 85.53 38.82 115.33
C THR G 2742 86.86 38.07 115.42
N LEU G 2743 87.60 37.97 114.32
CA LEU G 2743 88.91 37.33 114.36
C LEU G 2743 89.97 38.19 115.03
N ASN G 2744 89.77 39.50 115.09
CA ASN G 2744 90.68 40.42 115.77
C ASN G 2744 90.12 40.88 117.11
N VAL G 2745 89.43 39.99 117.82
CA VAL G 2745 88.81 40.31 119.10
C VAL G 2745 89.62 39.67 120.22
N ILE G 2746 89.44 40.20 121.43
CA ILE G 2746 90.07 39.64 122.61
C ILE G 2746 89.26 38.45 123.11
N ILE G 2747 89.96 37.43 123.57
CA ILE G 2747 89.37 36.22 124.13
C ILE G 2747 89.68 36.20 125.62
N PRO G 2748 88.67 36.33 126.50
CA PRO G 2748 88.95 36.30 127.94
C PRO G 2748 88.93 34.89 128.49
N GLU G 2749 89.10 34.75 129.82
CA GLU G 2749 89.06 33.43 130.44
C GLU G 2749 87.65 32.85 130.50
N LYS G 2750 86.63 33.70 130.37
CA LYS G 2750 85.26 33.22 130.33
C LYS G 2750 84.85 32.70 128.96
N LEU G 2751 85.53 33.13 127.90
CA LEU G 2751 85.17 32.68 126.55
C LEU G 2751 85.54 31.22 126.34
N ASP G 2752 86.63 30.75 126.95
CA ASP G 2752 87.03 29.36 126.84
C ASP G 2752 86.06 28.41 127.51
N SER G 2753 85.29 28.88 128.50
CA SER G 2753 84.21 28.09 129.06
C SER G 2753 82.88 28.30 128.34
N PHE G 2754 82.64 29.52 127.84
CA PHE G 2754 81.38 29.81 127.17
C PHE G 2754 81.28 29.10 125.82
N ILE G 2755 82.41 28.95 125.12
CA ILE G 2755 82.40 28.25 123.84
C ILE G 2755 82.11 26.77 124.04
N ASN G 2756 82.71 26.18 125.08
CA ASN G 2756 82.45 24.78 125.41
C ASN G 2756 81.01 24.57 125.89
N LYS G 2757 80.47 25.54 126.65
CA LYS G 2757 79.10 25.44 127.13
C LYS G 2757 78.10 25.58 125.98
N PHE G 2758 78.41 26.45 125.00
CA PHE G 2758 77.56 26.58 123.83
C PHE G 2758 77.62 25.33 122.96
N ALA G 2759 78.79 24.71 122.86
CA ALA G 2759 78.91 23.45 122.12
C ALA G 2759 78.14 22.32 122.82
N GLU G 2760 78.21 22.27 124.16
CA GLU G 2760 77.47 21.25 124.90
C GLU G 2760 75.97 21.47 124.82
N TYR G 2761 75.53 22.73 124.85
CA TYR G 2761 74.11 23.04 124.73
C TYR G 2761 73.59 22.73 123.32
N THR G 2762 74.41 22.98 122.30
CA THR G 2762 74.04 22.63 120.93
C THR G 2762 73.95 21.12 120.75
N HIS G 2763 74.89 20.37 121.34
CA HIS G 2763 74.87 18.91 121.26
C HIS G 2763 73.67 18.33 122.00
N GLU G 2764 73.35 18.87 123.17
CA GLU G 2764 72.21 18.37 123.95
C GLU G 2764 70.89 18.71 123.25
N LYS G 2765 70.78 19.90 122.67
CA LYS G 2765 69.58 20.26 121.92
C LYS G 2765 69.43 19.43 120.66
N TRP G 2766 70.54 19.16 119.97
CA TRP G 2766 70.48 18.35 118.74
C TRP G 2766 70.14 16.89 119.06
N ALA G 2767 70.67 16.36 120.17
CA ALA G 2767 70.35 14.99 120.56
C ALA G 2767 68.91 14.87 121.02
N PHE G 2768 68.40 15.89 121.74
CA PHE G 2768 67.00 15.90 122.14
C PHE G 2768 66.07 16.07 120.93
N ASP G 2769 66.52 16.76 119.89
CA ASP G 2769 65.71 16.86 118.67
C ASP G 2769 65.77 15.59 117.85
N LYS G 2770 66.90 14.88 117.88
CA LYS G 2770 66.99 13.61 117.16
C LYS G 2770 66.29 12.48 117.88
N ILE G 2771 66.09 12.60 119.20
CA ILE G 2771 65.44 11.53 119.95
C ILE G 2771 63.94 11.44 119.68
N GLN G 2772 63.34 12.46 119.08
CA GLN G 2772 61.91 12.46 118.84
C GLN G 2772 61.53 11.93 117.45
N ASN G 2773 62.48 11.85 116.53
CA ASN G 2773 62.22 11.45 115.15
C ASN G 2773 62.71 10.05 114.84
N ASN G 2774 62.95 9.22 115.86
CA ASN G 2774 63.39 7.83 115.76
C ASN G 2774 64.72 7.71 114.99
N TRP G 2775 65.77 8.21 115.64
CA TRP G 2775 67.11 8.19 115.08
C TRP G 2775 67.81 6.88 115.41
N SER G 2776 68.57 6.36 114.45
CA SER G 2776 69.42 5.19 114.65
C SER G 2776 70.83 5.61 115.04
N TYR G 2777 71.59 4.63 115.51
CA TYR G 2777 72.98 4.83 115.92
C TYR G 2777 73.90 4.12 114.94
N GLY G 2778 74.76 4.88 114.28
CA GLY G 2778 75.67 4.32 113.31
C GLY G 2778 76.99 5.06 113.29
N GLU G 2779 77.96 4.46 112.59
CA GLU G 2779 79.29 5.04 112.51
C GLU G 2779 79.31 6.27 111.60
N ASN G 2780 78.64 6.19 110.45
CA ASN G 2780 78.50 7.31 109.52
C ASN G 2780 77.02 7.66 109.36
N VAL G 2781 76.73 8.96 109.35
CA VAL G 2781 75.37 9.45 109.23
C VAL G 2781 74.96 9.38 107.77
N ASP G 2782 73.85 8.70 107.49
CA ASP G 2782 73.28 8.64 106.14
C ASP G 2782 71.82 9.02 106.19
N GLU G 2783 71.26 9.33 105.02
CA GLU G 2783 69.87 9.74 104.91
C GLU G 2783 68.90 8.57 104.77
N GLU G 2784 69.39 7.33 104.77
CA GLU G 2784 68.50 6.19 104.60
C GLU G 2784 67.82 5.83 105.92
N LEU G 2785 68.61 5.60 106.97
CA LEU G 2785 68.11 5.15 108.26
C LEU G 2785 68.17 6.23 109.34
N LYS G 2786 68.67 7.43 109.01
CA LYS G 2786 68.84 8.57 109.92
C LYS G 2786 69.74 8.20 111.10
N THR G 2787 70.98 7.90 110.76
CA THR G 2787 71.98 7.49 111.76
C THR G 2787 72.52 8.71 112.50
N HIS G 2788 72.91 8.49 113.75
CA HIS G 2788 73.43 9.55 114.62
C HIS G 2788 74.80 9.15 115.14
N PRO G 2789 75.89 9.71 114.63
CA PRO G 2789 77.21 9.37 115.17
C PRO G 2789 77.73 10.39 116.17
N MET G 2790 77.03 11.52 116.27
CA MET G 2790 77.45 12.62 117.14
C MET G 2790 76.55 12.74 118.37
N LEU G 2791 76.01 11.62 118.84
CA LEU G 2791 75.19 11.59 120.04
C LEU G 2791 76.04 11.21 121.24
N ARG G 2792 76.86 12.18 121.67
CA ARG G 2792 77.81 11.93 122.75
C ARG G 2792 78.04 13.19 123.58
N PRO G 2793 78.82 13.11 124.66
CA PRO G 2793 79.08 14.28 125.49
C PRO G 2793 80.05 15.24 124.82
N TYR G 2794 80.15 16.44 125.39
CA TYR G 2794 81.04 17.46 124.83
C TYR G 2794 82.50 17.19 125.19
N LYS G 2795 82.74 16.63 126.37
CA LYS G 2795 84.10 16.32 126.82
C LYS G 2795 84.57 14.96 126.36
N THR G 2796 83.73 14.18 125.69
CA THR G 2796 84.10 12.84 125.24
C THR G 2796 84.55 12.83 123.79
N PHE G 2797 84.55 13.97 123.12
CA PHE G 2797 85.00 14.09 121.74
C PHE G 2797 86.44 14.61 121.70
N SER G 2798 87.04 14.54 120.52
CA SER G 2798 88.43 14.90 120.32
C SER G 2798 88.55 16.14 119.43
N GLU G 2799 89.77 16.40 118.97
CA GLU G 2799 90.03 17.62 118.21
C GLU G 2799 89.47 17.54 116.79
N LYS G 2800 89.49 16.35 116.19
CA LYS G 2800 88.87 16.19 114.88
C LYS G 2800 87.35 16.12 114.95
N ASP G 2801 86.78 15.85 116.13
CA ASP G 2801 85.33 15.78 116.30
C ASP G 2801 84.72 17.08 116.78
N LYS G 2802 85.52 17.93 117.42
CA LYS G 2802 85.09 19.26 117.82
C LYS G 2802 85.39 20.31 116.76
N GLU G 2803 85.76 19.89 115.55
CA GLU G 2803 86.08 20.83 114.49
C GLU G 2803 84.84 21.44 113.86
N ILE G 2804 83.66 20.83 114.06
CA ILE G 2804 82.40 21.40 113.57
C ILE G 2804 81.70 22.24 114.63
N TYR G 2805 82.32 22.43 115.80
CA TYR G 2805 81.69 23.16 116.88
C TYR G 2805 82.64 24.11 117.61
N ARG G 2806 83.94 24.12 117.26
CA ARG G 2806 84.87 25.02 117.92
C ARG G 2806 84.69 26.47 117.47
N TRP G 2807 84.89 26.74 116.18
CA TRP G 2807 84.92 28.12 115.67
C TRP G 2807 83.52 28.71 115.61
N PRO G 2808 82.50 27.90 115.35
CA PRO G 2808 81.13 28.45 115.30
C PRO G 2808 80.59 28.86 116.66
N ILE G 2809 81.14 28.31 117.76
CA ILE G 2809 80.78 28.76 119.09
C ILE G 2809 81.70 29.87 119.60
N LYS G 2810 82.70 30.29 118.82
CA LYS G 2810 83.63 31.32 119.24
C LYS G 2810 83.49 32.62 118.44
N GLU G 2811 83.11 32.53 117.17
CA GLU G 2811 83.00 33.72 116.33
C GLU G 2811 81.85 34.63 116.76
N SER G 2812 80.72 34.03 117.12
CA SER G 2812 79.56 34.82 117.56
C SER G 2812 79.81 35.47 118.90
N LEU G 2813 80.50 34.75 119.81
CA LEU G 2813 80.83 35.32 121.11
C LEU G 2813 81.88 36.41 120.99
N LYS G 2814 82.82 36.28 120.04
CA LYS G 2814 83.78 37.33 119.79
C LYS G 2814 83.12 38.56 119.18
N ALA G 2815 82.12 38.34 118.30
CA ALA G 2815 81.37 39.47 117.75
C ALA G 2815 80.52 40.16 118.82
N MET G 2816 79.98 39.41 119.78
CA MET G 2816 79.22 40.03 120.86
C MET G 2816 80.13 40.78 121.83
N ILE G 2817 81.34 40.26 122.05
CA ILE G 2817 82.30 40.96 122.91
C ILE G 2817 82.85 42.20 122.20
N ALA G 2818 82.92 42.18 120.87
CA ALA G 2818 83.37 43.36 120.14
C ALA G 2818 82.28 44.40 120.01
N TRP G 2819 81.02 43.98 119.97
CA TRP G 2819 79.91 44.93 119.95
C TRP G 2819 79.68 45.55 121.32
N GLU G 2820 79.76 44.75 122.40
CA GLU G 2820 79.61 45.26 123.75
C GLU G 2820 80.65 44.61 124.63
N TRP G 2821 81.44 45.44 125.33
CA TRP G 2821 82.49 44.96 126.24
C TRP G 2821 81.84 44.40 127.50
N THR G 2822 81.48 43.13 127.45
CA THR G 2822 80.85 42.44 128.59
C THR G 2822 81.41 41.02 128.64
N ILE G 2823 82.42 40.83 129.49
CA ILE G 2823 83.01 39.52 129.76
C ILE G 2823 83.05 39.35 131.27
N GLU G 2824 82.01 38.72 131.82
CA GLU G 2824 81.87 38.57 133.27
C GLU G 2824 80.96 37.40 133.57
N LYS G 2825 81.16 36.83 134.77
CA LYS G 2825 80.26 35.82 135.33
C LYS G 2825 79.88 36.27 136.73
N ALA G 2826 78.61 36.63 136.92
CA ALA G 2826 78.17 37.21 138.18
C ALA G 2826 76.95 36.50 138.76
N ARG G 2827 76.59 35.34 138.24
CA ARG G 2827 75.45 34.58 138.73
C ARG G 2827 75.81 33.10 138.74
N GLU G 2828 74.87 32.27 139.17
CA GLU G 2828 75.08 30.84 139.28
C GLU G 2828 74.96 30.16 137.91
N GLY G 2829 75.50 28.95 137.82
CA GLY G 2829 75.44 28.18 136.59
C GLY G 2829 74.29 27.19 136.59
N GLU G 2830 73.66 27.04 135.43
CA GLU G 2830 72.54 26.12 135.27
C GLU G 2830 72.42 25.61 133.84
N TYR G 2855 72.72 8.32 122.88
CA TYR G 2855 72.73 8.49 124.33
C TYR G 2855 71.43 9.14 124.81
N ASN G 2856 71.42 9.56 126.07
CA ASN G 2856 70.28 10.19 126.71
C ASN G 2856 70.70 11.58 127.20
N PRO G 2857 70.84 12.54 126.29
CA PRO G 2857 71.22 13.91 126.69
C PRO G 2857 69.98 14.69 127.12
N GLN G 2858 69.99 15.20 128.35
CA GLN G 2858 68.84 15.93 128.87
C GLN G 2858 69.09 17.42 128.77
N PRO G 2859 68.22 18.18 128.10
CA PRO G 2859 68.40 19.63 128.02
C PRO G 2859 67.92 20.30 129.29
N PRO G 2860 68.51 21.41 129.68
CA PRO G 2860 68.13 22.10 130.93
C PRO G 2860 66.88 22.96 130.72
N ASP G 2861 66.53 23.70 131.76
CA ASP G 2861 65.35 24.56 131.73
C ASP G 2861 65.69 25.83 130.95
N LEU G 2862 65.28 25.89 129.68
CA LEU G 2862 65.52 27.04 128.82
C LEU G 2862 64.39 28.05 128.85
N SER G 2863 63.22 27.68 129.36
CA SER G 2863 62.08 28.59 129.48
C SER G 2863 61.87 29.07 130.92
N GLY G 2864 62.94 29.13 131.72
CA GLY G 2864 62.80 29.58 133.09
C GLY G 2864 62.75 31.09 133.22
N VAL G 2865 63.68 31.78 132.57
CA VAL G 2865 63.80 33.23 132.66
C VAL G 2865 63.29 33.85 131.37
N THR G 2866 62.38 34.81 131.49
CA THR G 2866 61.91 35.53 130.33
C THR G 2866 62.91 36.61 129.92
N LEU G 2867 62.82 37.03 128.67
CA LEU G 2867 63.71 38.04 128.12
C LEU G 2867 63.30 39.42 128.64
N SER G 2868 64.27 40.16 129.14
CA SER G 2868 64.03 41.49 129.67
C SER G 2868 63.98 42.50 128.52
N ARG G 2869 63.78 43.77 128.87
CA ARG G 2869 63.71 44.83 127.87
C ARG G 2869 65.07 45.14 127.27
N GLU G 2870 66.16 44.89 128.01
CA GLU G 2870 67.49 45.00 127.41
C GLU G 2870 67.94 43.68 126.81
N LEU G 2871 67.48 42.56 127.37
CA LEU G 2871 67.89 41.24 126.87
C LEU G 2871 67.27 40.94 125.51
N GLN G 2872 66.04 41.40 125.27
CA GLN G 2872 65.44 41.20 123.96
C GLN G 2872 66.14 42.05 122.89
N ALA G 2873 66.57 43.25 123.26
CA ALA G 2873 67.36 44.08 122.35
C ALA G 2873 68.73 43.48 122.09
N MET G 2874 69.33 42.84 123.11
CA MET G 2874 70.61 42.17 122.92
C MET G 2874 70.47 40.95 122.02
N ALA G 2875 69.36 40.23 122.13
CA ALA G 2875 69.11 39.10 121.24
C ALA G 2875 68.86 39.58 119.81
N GLU G 2876 68.15 40.71 119.67
CA GLU G 2876 67.96 41.29 118.34
C GLU G 2876 69.27 41.77 117.74
N GLN G 2877 70.16 42.36 118.56
CA GLN G 2877 71.45 42.82 118.06
C GLN G 2877 72.37 41.64 117.72
N LEU G 2878 72.27 40.54 118.47
CA LEU G 2878 73.05 39.35 118.14
C LEU G 2878 72.55 38.71 116.85
N ALA G 2879 71.23 38.70 116.64
CA ALA G 2879 70.68 38.20 115.38
C ALA G 2879 71.08 39.09 114.19
N GLU G 2880 71.09 40.42 114.40
CA GLU G 2880 71.48 41.33 113.33
C GLU G 2880 72.97 41.22 113.02
N ASN G 2881 73.81 41.05 114.06
CA ASN G 2881 75.24 40.88 113.85
C ASN G 2881 75.53 39.54 113.17
N TYR G 2882 74.81 38.49 113.54
CA TYR G 2882 74.99 37.19 112.89
C TYR G 2882 74.53 37.21 111.44
N HIS G 2883 73.42 37.91 111.16
CA HIS G 2883 72.94 38.03 109.79
C HIS G 2883 73.88 38.87 108.94
N ASN G 2884 74.48 39.92 109.52
CA ASN G 2884 75.44 40.73 108.77
C ASN G 2884 76.73 39.97 108.52
N THR G 2885 77.17 39.17 109.49
CA THR G 2885 78.36 38.35 109.29
C THR G 2885 78.11 37.25 108.26
N TRP G 2886 76.90 36.67 108.26
CA TRP G 2886 76.55 35.68 107.26
C TRP G 2886 76.45 36.31 105.87
N GLY G 2887 75.93 37.54 105.79
CA GLY G 2887 75.84 38.22 104.51
C GLY G 2887 77.20 38.63 103.96
N ARG G 2888 78.12 39.03 104.84
CA ARG G 2888 79.48 39.34 104.41
C ARG G 2888 80.22 38.09 103.96
N LYS G 2889 79.98 36.95 104.64
CA LYS G 2889 80.56 35.69 104.21
C LYS G 2889 79.99 35.24 102.86
N LYS G 2890 78.69 35.44 102.65
CA LYS G 2890 78.07 35.09 101.38
C LYS G 2890 78.56 36.01 100.26
N LYS G 2891 78.78 37.30 100.56
CA LYS G 2891 79.28 38.22 99.55
C LYS G 2891 80.73 37.93 99.20
N GLN G 2892 81.55 37.55 100.18
CA GLN G 2892 82.93 37.16 99.91
C GLN G 2892 82.99 35.85 99.15
N GLU G 2893 82.05 34.92 99.42
CA GLU G 2893 82.03 33.66 98.68
C GLU G 2893 81.55 33.86 97.24
N LEU G 2894 80.64 34.80 97.03
CA LEU G 2894 80.21 35.12 95.66
C LEU G 2894 81.28 35.91 94.92
N GLU G 2895 82.05 36.75 95.62
CA GLU G 2895 83.08 37.53 94.96
C GLU G 2895 84.33 36.71 94.66
N ALA G 2896 84.59 35.68 95.45
CA ALA G 2896 85.76 34.82 95.21
C ALA G 2896 85.40 33.66 94.30
N LEU G 2905 72.81 38.70 100.79
CA LEU G 2905 71.94 39.56 99.99
C LEU G 2905 70.59 39.70 100.68
N VAL G 2906 70.56 39.51 101.98
CA VAL G 2906 69.31 39.56 102.74
C VAL G 2906 69.54 40.31 104.05
N PRO G 2907 68.79 41.39 104.32
CA PRO G 2907 68.91 42.07 105.61
C PRO G 2907 67.88 41.58 106.61
N TYR G 2908 68.24 41.53 107.90
CA TYR G 2908 67.31 41.08 108.92
C TYR G 2908 66.37 42.18 109.39
N ASP G 2909 66.61 43.43 108.99
CA ASP G 2909 65.74 44.53 109.39
C ASP G 2909 64.43 44.53 108.62
N THR G 2910 64.48 44.14 107.35
CA THR G 2910 63.30 44.03 106.50
C THR G 2910 63.13 42.61 105.95
N LEU G 2911 63.41 41.60 106.77
CA LEU G 2911 63.24 40.23 106.34
C LEU G 2911 61.76 39.83 106.42
N THR G 2912 61.40 38.82 105.63
CA THR G 2912 60.03 38.32 105.63
C THR G 2912 59.79 37.43 106.84
N ALA G 2913 58.53 37.00 107.00
CA ALA G 2913 58.18 36.13 108.11
C ALA G 2913 58.72 34.72 107.91
N LYS G 2914 58.88 34.29 106.65
CA LYS G 2914 59.42 32.96 106.38
C LYS G 2914 60.91 32.87 106.75
N GLU G 2915 61.60 34.00 106.76
CA GLU G 2915 62.98 34.06 107.23
C GLU G 2915 63.08 34.45 108.70
N LYS G 2916 62.14 35.26 109.20
CA LYS G 2916 62.15 35.63 110.61
C LYS G 2916 61.71 34.49 111.53
N ALA G 2917 60.90 33.56 111.01
CA ALA G 2917 60.52 32.39 111.78
C ALA G 2917 61.61 31.32 111.79
N ARG G 2918 62.60 31.43 110.89
CA ARG G 2918 63.67 30.46 110.80
C ARG G 2918 64.98 30.95 111.38
N ASP G 2919 65.23 32.27 111.34
CA ASP G 2919 66.46 32.84 111.84
C ASP G 2919 66.42 33.13 113.33
N ARG G 2920 65.23 33.18 113.92
CA ARG G 2920 65.10 33.55 115.32
C ARG G 2920 65.46 32.41 116.27
N GLU G 2921 65.40 31.16 115.81
CA GLU G 2921 65.71 30.03 116.67
C GLU G 2921 67.19 29.99 117.04
N LYS G 2922 68.06 30.38 116.10
CA LYS G 2922 69.49 30.46 116.40
C LYS G 2922 69.79 31.57 117.39
N ALA G 2923 69.10 32.72 117.26
CA ALA G 2923 69.29 33.81 118.22
C ALA G 2923 68.75 33.44 119.60
N GLN G 2924 67.62 32.72 119.65
CA GLN G 2924 67.06 32.30 120.93
C GLN G 2924 67.95 31.25 121.60
N GLU G 2925 68.51 30.33 120.82
CA GLU G 2925 69.43 29.32 121.36
C GLU G 2925 70.73 29.96 121.84
N LEU G 2926 71.25 30.94 121.09
CA LEU G 2926 72.47 31.64 121.51
C LEU G 2926 72.24 32.48 122.76
N LEU G 2927 71.06 33.10 122.88
CA LEU G 2927 70.73 33.85 124.09
C LEU G 2927 70.54 32.93 125.29
N LYS G 2928 69.84 31.80 125.09
CA LYS G 2928 69.62 30.84 126.18
C LYS G 2928 70.91 30.15 126.58
N PHE G 2929 71.88 30.03 125.67
CA PHE G 2929 73.15 29.43 126.02
C PHE G 2929 74.09 30.44 126.67
N LEU G 2930 74.03 31.71 126.26
CA LEU G 2930 74.84 32.73 126.89
C LEU G 2930 74.31 33.17 128.26
N GLN G 2931 73.02 32.99 128.51
CA GLN G 2931 72.45 33.40 129.79
C GLN G 2931 72.87 32.50 130.95
N MET G 2932 73.32 31.27 130.67
CA MET G 2932 73.78 30.39 131.72
C MET G 2932 75.19 30.78 132.16
N ASN G 2933 75.55 30.32 133.38
CA ASN G 2933 76.86 30.54 134.02
C ASN G 2933 77.15 32.02 134.26
N GLY G 2934 76.10 32.84 134.41
CA GLY G 2934 76.25 34.24 134.74
C GLY G 2934 76.85 35.11 133.66
N TYR G 2935 76.92 34.64 132.43
CA TYR G 2935 77.50 35.44 131.34
C TYR G 2935 76.45 36.27 130.62
N ALA G 2936 75.70 37.07 131.38
CA ALA G 2936 74.66 37.94 130.83
C ALA G 2936 75.30 39.19 130.29
N VAL G 2937 75.47 39.26 128.97
CA VAL G 2937 76.03 40.45 128.33
C VAL G 2937 74.97 41.54 128.31
N THR G 2938 75.23 42.63 129.03
CA THR G 2938 74.31 43.74 129.14
C THR G 2938 74.84 44.93 128.35
N ARG G 2939 73.95 45.55 127.58
CA ARG G 2939 74.33 46.71 126.77
C ARG G 2939 74.43 47.96 127.64
N UNK G 2951 53.58 54.48 114.76
CA UNK G 2951 54.11 55.08 113.53
C UNK G 2951 53.34 56.34 113.17
N UNK G 2952 52.52 56.82 114.10
CA UNK G 2952 51.72 58.02 113.87
C UNK G 2952 52.32 59.22 114.61
N UNK G 2953 52.85 58.97 115.81
CA UNK G 2953 53.42 60.03 116.64
C UNK G 2953 54.68 60.62 116.02
N UNK G 2954 55.54 59.76 115.46
CA UNK G 2954 56.75 60.19 114.79
C UNK G 2954 56.45 61.00 113.53
N UNK G 2955 55.41 60.57 112.81
CA UNK G 2955 54.95 61.27 111.61
C UNK G 2955 54.38 62.64 111.97
N UNK G 2956 53.63 62.70 113.07
CA UNK G 2956 53.07 63.96 113.56
C UNK G 2956 54.18 64.92 114.01
N UNK G 2957 55.21 64.38 114.67
CA UNK G 2957 56.35 65.18 115.11
C UNK G 2957 57.14 65.72 113.92
N UNK G 2958 57.32 64.88 112.89
CA UNK G 2958 57.99 65.28 111.67
C UNK G 2958 57.20 66.36 110.92
N UNK G 2959 55.87 66.21 110.90
CA UNK G 2959 55.00 67.19 110.28
C UNK G 2959 55.03 68.52 111.02
N UNK G 2960 55.09 68.46 112.36
CA UNK G 2960 55.19 69.66 113.19
C UNK G 2960 56.52 70.38 112.98
N UNK G 2961 57.60 69.59 112.86
CA UNK G 2961 58.93 70.13 112.59
C UNK G 2961 59.00 70.79 111.22
N UNK G 2962 58.38 70.14 110.22
CA UNK G 2962 58.32 70.68 108.87
C UNK G 2962 57.49 71.96 108.81
N UNK G 2963 56.40 71.99 109.57
CA UNK G 2963 55.56 73.18 109.67
C UNK G 2963 56.29 74.34 110.34
N UNK G 2964 57.06 74.03 111.37
CA UNK G 2964 57.88 75.03 112.06
C UNK G 2964 58.97 75.59 111.15
N UNK G 2965 59.60 74.70 110.37
CA UNK G 2965 60.62 75.10 109.41
C UNK G 2965 60.03 75.97 108.29
N UNK G 2966 58.84 75.60 107.83
CA UNK G 2966 58.14 76.37 106.80
C UNK G 2966 57.71 77.73 107.33
N UNK G 2967 57.29 77.79 108.59
CA UNK G 2967 56.92 79.05 109.24
C UNK G 2967 58.14 79.96 109.40
N UNK G 2968 59.27 79.37 109.76
CA UNK G 2968 60.53 80.11 109.89
C UNK G 2968 60.99 80.65 108.54
N UNK G 2969 60.86 79.84 107.49
CA UNK G 2969 61.21 80.25 106.14
C UNK G 2969 60.30 81.37 105.63
N UNK G 2970 59.01 81.27 105.95
CA UNK G 2970 58.03 82.29 105.58
C UNK G 2970 58.29 83.60 106.32
N UNK G 2971 58.68 83.50 107.59
CA UNK G 2971 59.03 84.67 108.39
C UNK G 2971 60.29 85.35 107.83
N UNK G 2972 61.27 84.53 107.43
CA UNK G 2972 62.49 85.06 106.82
C UNK G 2972 62.21 85.74 105.48
N UNK G 2973 61.34 85.14 104.67
CA UNK G 2973 60.95 85.71 103.39
C UNK G 2973 60.13 86.99 103.55
N UNK G 2974 59.36 87.07 104.63
CA UNK G 2974 58.58 88.27 104.91
C UNK G 2974 59.47 89.39 105.45
N UNK G 2975 60.50 89.01 106.20
CA UNK G 2975 61.46 89.98 106.73
C UNK G 2975 62.36 90.52 105.63
N UNK G 2976 62.68 89.66 104.66
CA UNK G 2976 63.51 90.07 103.52
C UNK G 2976 62.72 90.96 102.57
N UNK G 2996 64.49 76.23 97.25
CA UNK G 2996 64.38 74.78 97.30
C UNK G 2996 63.57 74.34 98.51
N UNK G 2997 63.30 75.27 99.41
CA UNK G 2997 62.52 74.98 100.61
C UNK G 2997 61.02 75.12 100.34
N UNK G 2998 60.68 75.97 99.36
CA UNK G 2998 59.29 76.23 99.02
C UNK G 2998 58.61 75.01 98.42
N UNK G 2999 59.34 74.29 97.57
CA UNK G 2999 58.83 73.07 96.95
C UNK G 2999 58.62 71.98 97.99
N UNK G 3000 59.53 71.90 98.95
CA UNK G 3000 59.44 70.93 100.05
C UNK G 3000 58.25 71.26 100.95
N UNK G 3001 58.04 72.54 101.22
CA UNK G 3001 56.91 73.01 102.02
C UNK G 3001 55.59 72.72 101.31
N UNK G 3002 55.55 72.92 100.00
CA UNK G 3002 54.37 72.63 99.19
C UNK G 3002 54.06 71.14 99.16
N UNK G 3003 55.11 70.32 99.06
CA UNK G 3003 54.96 68.87 99.09
C UNK G 3003 54.47 68.39 100.45
N UNK G 3004 54.98 68.99 101.52
CA UNK G 3004 54.55 68.67 102.88
C UNK G 3004 53.09 69.07 103.11
N UNK G 3005 52.70 70.22 102.59
CA UNK G 3005 51.32 70.69 102.67
C UNK G 3005 50.37 69.78 101.90
N UNK G 3006 50.81 69.34 100.72
CA UNK G 3006 50.03 68.42 99.90
C UNK G 3006 49.87 67.06 100.58
N UNK G 3007 50.95 66.59 101.21
CA UNK G 3007 50.92 65.33 101.97
C UNK G 3007 50.00 65.43 103.18
N UNK G 3008 50.03 66.57 103.86
CA UNK G 3008 49.16 66.82 105.01
C UNK G 3008 47.69 66.88 104.59
N UNK G 3009 47.43 67.52 103.45
CA UNK G 3009 46.09 67.59 102.89
C UNK G 3009 45.56 66.21 102.49
N UNK G 3010 46.44 65.40 101.89
CA UNK G 3010 46.10 64.04 101.50
C UNK G 3010 45.82 63.16 102.72
N UNK G 3011 46.61 63.35 103.78
CA UNK G 3011 46.41 62.62 105.03
C UNK G 3011 45.11 63.02 105.70
N UNK G 3012 44.79 64.32 105.68
CA UNK G 3012 43.54 64.83 106.25
C UNK G 3012 42.32 64.37 105.46
N UNK G 3013 42.50 64.21 104.15
CA UNK G 3013 41.43 63.71 103.29
C UNK G 3013 41.23 62.21 103.50
N UNK G 3014 42.32 61.49 103.74
CA UNK G 3014 42.24 60.05 103.97
C UNK G 3014 41.66 59.71 105.34
N UNK G 3015 41.99 60.54 106.34
CA UNK G 3015 41.49 60.33 107.68
C UNK G 3015 40.02 60.74 107.80
N UNK G 3025 47.33 62.82 123.36
CA UNK G 3025 48.63 62.62 122.73
C UNK G 3025 48.58 63.01 121.25
N UNK G 3026 48.02 62.12 120.43
CA UNK G 3026 47.93 62.34 118.99
C UNK G 3026 46.99 63.49 118.65
N UNK G 3027 45.88 63.58 119.38
CA UNK G 3027 44.91 64.66 119.21
C UNK G 3027 45.51 66.00 119.62
N UNK G 3028 46.29 65.99 120.69
CA UNK G 3028 46.98 67.19 121.16
C UNK G 3028 48.04 67.64 120.17
N UNK G 3029 48.76 66.68 119.60
CA UNK G 3029 49.77 66.97 118.58
C UNK G 3029 49.13 67.53 117.30
N UNK G 3030 47.98 66.98 116.92
CA UNK G 3030 47.23 67.46 115.77
C UNK G 3030 46.70 68.87 115.99
N UNK G 3031 46.23 69.14 117.21
CA UNK G 3031 45.75 70.47 117.58
C UNK G 3031 46.88 71.49 117.58
N UNK G 3032 48.06 71.08 118.07
CA UNK G 3032 49.24 71.94 118.07
C UNK G 3032 49.72 72.23 116.65
N UNK G 3033 49.66 71.22 115.78
CA UNK G 3033 50.03 71.37 114.37
C UNK G 3033 49.06 72.30 113.65
N UNK G 3034 47.77 72.17 113.96
CA UNK G 3034 46.74 73.03 113.39
C UNK G 3034 46.90 74.49 113.85
N UNK G 3035 47.25 74.66 115.12
CA UNK G 3035 47.51 75.99 115.68
C UNK G 3035 48.74 76.63 115.05
N UNK G 3036 49.77 75.83 114.83
CA UNK G 3036 51.00 76.29 114.18
C UNK G 3036 50.74 76.68 112.72
N UNK G 3037 49.92 75.88 112.04
CA UNK G 3037 49.53 76.16 110.66
C UNK G 3037 48.70 77.44 110.56
N UNK G 3038 47.81 77.64 111.53
CA UNK G 3038 46.99 78.85 111.59
C UNK G 3038 47.84 80.08 111.88
N UNK G 3039 48.82 79.94 112.77
CA UNK G 3039 49.74 81.04 113.08
C UNK G 3039 50.65 81.37 111.91
N UNK G 3040 51.00 80.36 111.12
CA UNK G 3040 51.82 80.57 109.93
C UNK G 3040 51.01 81.22 108.81
N UNK G 3041 49.72 80.86 108.73
CA UNK G 3041 48.84 81.42 107.72
C UNK G 3041 48.46 82.86 108.03
N UNK G 3042 48.29 83.17 109.31
CA UNK G 3042 47.95 84.53 109.73
C UNK G 3042 49.15 85.46 109.63
N UNK G 3049 45.89 79.54 98.54
CA UNK G 3049 44.97 78.55 97.99
C UNK G 3049 45.19 77.19 98.64
N UNK G 3050 46.37 76.61 98.41
CA UNK G 3050 46.71 75.30 98.93
C UNK G 3050 46.85 75.32 100.46
N UNK G 3051 47.42 76.40 100.98
CA UNK G 3051 47.58 76.57 102.42
C UNK G 3051 46.21 76.75 103.09
N UNK G 3052 45.32 77.49 102.43
CA UNK G 3052 43.96 77.69 102.92
C UNK G 3052 43.17 76.38 102.91
N UNK G 3053 43.36 75.59 101.86
CA UNK G 3053 42.72 74.28 101.75
C UNK G 3053 43.22 73.31 102.82
N UNK G 3054 44.53 73.36 103.09
CA UNK G 3054 45.14 72.55 104.14
C UNK G 3054 44.65 72.95 105.52
N UNK G 3055 44.50 74.26 105.74
CA UNK G 3055 43.97 74.79 107.00
C UNK G 3055 42.51 74.39 107.21
N UNK G 3056 41.73 74.43 106.13
CA UNK G 3056 40.33 74.02 106.16
C UNK G 3056 40.20 72.52 106.45
N UNK G 3057 41.08 71.72 105.83
CA UNK G 3057 41.11 70.28 106.06
C UNK G 3057 41.50 69.95 107.51
N UNK G 3058 42.46 70.69 108.04
CA UNK G 3058 42.90 70.52 109.42
C UNK G 3058 41.79 70.91 110.41
N UNK G 3059 41.08 71.98 110.09
CA UNK G 3059 39.96 72.44 110.93
C UNK G 3059 38.80 71.45 110.87
N UNK G 3060 38.59 70.82 109.72
CA UNK G 3060 37.55 69.82 109.57
C UNK G 3060 37.93 68.53 110.30
N UNK G 3061 39.22 68.21 110.30
CA UNK G 3061 39.70 67.01 110.98
C UNK G 3061 39.67 67.17 112.50
N UNK G 3062 40.01 68.37 112.97
CA UNK G 3062 40.01 68.64 114.41
C UNK G 3062 38.58 68.80 114.93
N UNK G 3141 46.71 77.47 124.44
CA UNK G 3141 47.33 77.70 123.14
C UNK G 3141 46.26 77.83 122.05
N UNK G 3142 45.38 76.83 121.97
CA UNK G 3142 44.32 76.81 120.96
C UNK G 3142 43.30 77.91 121.20
N UNK G 3143 42.97 78.14 122.47
CA UNK G 3143 42.03 79.20 122.86
C UNK G 3143 42.62 80.57 122.56
N UNK G 3144 43.91 80.72 122.81
CA UNK G 3144 44.62 81.98 122.52
C UNK G 3144 44.68 82.24 121.01
N UNK G 3145 44.92 81.18 120.25
CA UNK G 3145 44.94 81.27 118.78
C UNK G 3145 43.56 81.63 118.23
N UNK G 3146 42.52 81.04 118.80
CA UNK G 3146 41.14 81.35 118.42
C UNK G 3146 40.77 82.79 118.76
N UNK G 3147 41.22 83.26 119.91
CA UNK G 3147 40.98 84.65 120.33
C UNK G 3147 41.72 85.62 119.42
N UNK G 3148 42.95 85.28 119.03
CA UNK G 3148 43.74 86.10 118.11
C UNK G 3148 43.09 86.15 116.73
N UNK G 3149 42.58 85.01 116.27
CA UNK G 3149 41.88 84.93 114.99
C UNK G 3149 40.60 85.75 115.00
N UNK G 3150 39.87 85.69 116.12
CA UNK G 3150 38.64 86.47 116.28
C UNK G 3150 38.93 87.97 116.31
N UNK G 3151 40.01 88.35 116.99
CA UNK G 3151 40.44 89.74 117.05
C UNK G 3151 40.87 90.25 115.67
N UNK G 3152 41.57 89.41 114.92
CA UNK G 3152 41.99 89.74 113.56
C UNK G 3152 40.78 89.89 112.62
N UNK G 3153 39.79 89.01 112.79
CA UNK G 3153 38.55 89.07 112.02
C UNK G 3153 37.75 90.33 112.35
N UNK G 3154 37.71 90.69 113.63
CA UNK G 3154 37.04 91.91 114.07
C UNK G 3154 37.72 93.15 113.53
N UNK G 3155 39.06 93.16 113.53
CA UNK G 3155 39.84 94.25 112.99
C UNK G 3155 39.64 94.39 111.48
N UNK G 3156 39.57 93.25 110.79
CA UNK G 3156 39.32 93.23 109.35
C UNK G 3156 37.91 93.74 109.02
N UNK G 3157 36.93 93.36 109.84
CA UNK G 3157 35.56 93.83 109.68
C UNK G 3157 35.45 95.33 109.92
N UNK G 3158 36.18 95.82 110.92
CA UNK G 3158 36.23 97.25 111.23
C UNK G 3158 36.89 98.04 110.09
N UNK G 3159 37.96 97.49 109.54
CA UNK G 3159 38.66 98.12 108.42
C UNK G 3159 37.81 98.12 107.14
N UNK G 3160 36.99 97.08 106.99
CA UNK G 3160 36.08 96.99 105.84
C UNK G 3160 34.91 97.96 106.01
N UNK G 3161 34.46 98.15 107.24
CA UNK G 3161 33.37 99.06 107.53
C UNK G 3161 33.81 100.52 107.39
N UNK G 3162 35.04 100.81 107.82
CA UNK G 3162 35.58 102.16 107.73
C UNK G 3162 35.97 102.49 106.29
N UNK G 3169 45.02 91.81 103.04
CA UNK G 3169 44.08 92.91 103.24
C UNK G 3169 42.64 92.40 103.13
N UNK G 3170 42.18 92.18 101.90
CA UNK G 3170 40.82 91.70 101.67
C UNK G 3170 40.81 90.18 101.49
N UNK G 3171 41.78 89.67 100.74
CA UNK G 3171 41.88 88.24 100.46
C UNK G 3171 42.21 87.45 101.73
N UNK G 3172 43.11 88.00 102.54
CA UNK G 3172 43.49 87.37 103.81
C UNK G 3172 42.31 87.38 104.79
N UNK G 3173 41.55 88.46 104.78
CA UNK G 3173 40.35 88.57 105.61
C UNK G 3173 39.28 87.57 105.19
N UNK G 3174 39.11 87.41 103.88
CA UNK G 3174 38.16 86.44 103.33
C UNK G 3174 38.58 85.01 103.66
N UNK G 3175 39.88 84.74 103.58
CA UNK G 3175 40.43 83.43 103.93
C UNK G 3175 40.24 83.12 105.42
N UNK G 3176 40.46 84.13 106.26
CA UNK G 3176 40.26 83.99 107.70
C UNK G 3176 38.79 83.76 108.04
N UNK G 3177 37.90 84.46 107.35
CA UNK G 3177 36.46 84.29 107.53
C UNK G 3177 36.00 82.90 107.09
N UNK G 3178 36.56 82.41 105.98
CA UNK G 3178 36.26 81.08 105.49
C UNK G 3178 36.77 80.00 106.44
N UNK G 3179 37.96 80.21 107.00
CA UNK G 3179 38.54 79.29 107.97
C UNK G 3179 37.72 79.26 109.26
N UNK G 3180 37.25 80.43 109.71
CA UNK G 3180 36.41 80.54 110.88
C UNK G 3180 35.06 79.85 110.67
N UNK G 3181 34.49 80.02 109.47
CA UNK G 3181 33.24 79.37 109.11
C UNK G 3181 33.38 77.85 109.06
N UNK G 3182 34.50 77.38 108.51
CA UNK G 3182 34.81 75.96 108.45
C UNK G 3182 35.00 75.36 109.85
N UNK G 3183 35.69 76.11 110.72
CA UNK G 3183 35.90 75.69 112.10
C UNK G 3183 34.59 75.64 112.87
N UNK G 3184 33.71 76.61 112.64
CA UNK G 3184 32.40 76.63 113.26
C UNK G 3184 31.51 75.48 112.78
N UNK G 3185 31.59 75.19 111.49
CA UNK G 3185 30.82 74.08 110.90
C UNK G 3185 31.34 72.72 111.39
N UNK G 3186 32.64 72.65 111.66
CA UNK G 3186 33.23 71.43 112.20
C UNK G 3186 32.89 71.26 113.68
N UNK G 3187 32.82 72.38 114.40
CA UNK G 3187 32.50 72.34 115.83
C UNK G 3187 31.02 72.07 116.07
N UNK G 3188 30.18 72.49 115.14
CA UNK G 3188 28.74 72.27 115.26
C UNK G 3188 28.38 70.80 115.03
N UNK G 3189 29.18 70.12 114.22
CA UNK G 3189 28.95 68.70 113.92
C UNK G 3189 29.43 67.83 115.08
N UNK G 3198 36.62 82.73 124.65
CA UNK G 3198 36.57 83.66 123.52
C UNK G 3198 35.14 84.08 123.22
N UNK G 3199 34.28 84.00 124.25
CA UNK G 3199 32.87 84.34 124.12
C UNK G 3199 32.67 85.84 123.85
N UNK G 3200 33.46 86.67 124.54
CA UNK G 3200 33.42 88.11 124.36
C UNK G 3200 33.90 88.51 122.95
N UNK G 3201 34.93 87.81 122.48
CA UNK G 3201 35.46 88.03 121.14
C UNK G 3201 34.45 87.62 120.07
N UNK G 3202 33.76 86.51 120.31
CA UNK G 3202 32.71 86.03 119.41
C UNK G 3202 31.53 86.99 119.37
N UNK G 3203 31.17 87.53 120.53
CA UNK G 3203 30.09 88.51 120.63
C UNK G 3203 30.46 89.82 119.92
N UNK G 3204 31.71 90.23 120.05
CA UNK G 3204 32.21 91.42 119.37
C UNK G 3204 32.23 91.23 117.85
N UNK G 3205 32.62 90.03 117.41
CA UNK G 3205 32.62 89.69 115.98
C UNK G 3205 31.20 89.66 115.43
N UNK G 3206 30.27 89.13 116.20
CA UNK G 3206 28.86 89.09 115.82
C UNK G 3206 28.27 90.49 115.74
N UNK G 3207 28.64 91.35 116.68
CA UNK G 3207 28.19 92.74 116.69
C UNK G 3207 28.76 93.51 115.50
N UNK G 3208 30.02 93.24 115.16
CA UNK G 3208 30.66 93.85 114.00
C UNK G 3208 30.01 93.39 112.69
N UNK G 3209 29.67 92.11 112.62
CA UNK G 3209 29.01 91.55 111.44
C UNK G 3209 27.57 92.08 111.30
N UNK G 3210 26.93 92.35 112.43
CA UNK G 3210 25.59 92.92 112.42
C UNK G 3210 25.62 94.40 112.04
N UNK G 3211 26.68 95.09 112.45
CA UNK G 3211 26.84 96.50 112.13
C UNK G 3211 27.21 96.70 110.65
N UNK G 3212 28.05 95.81 110.12
CA UNK G 3212 28.45 95.89 108.73
C UNK G 3212 27.34 95.42 107.80
N UNK G 3221 31.10 90.34 99.53
CA UNK G 3221 31.50 89.56 100.71
C UNK G 3221 30.35 89.47 101.71
N UNK G 3222 29.18 89.97 101.32
CA UNK G 3222 28.00 89.98 102.17
C UNK G 3222 27.49 88.55 102.44
N UNK G 3223 27.53 87.72 101.40
CA UNK G 3223 27.12 86.32 101.54
C UNK G 3223 28.07 85.54 102.44
N UNK G 3224 29.36 85.85 102.32
CA UNK G 3224 30.39 85.22 103.16
C UNK G 3224 30.23 85.65 104.62
N UNK G 3225 29.92 86.93 104.82
CA UNK G 3225 29.67 87.46 106.16
C UNK G 3225 28.43 86.84 106.79
N UNK G 3226 27.38 86.67 105.98
CA UNK G 3226 26.15 86.02 106.43
C UNK G 3226 26.38 84.56 106.79
N UNK G 3227 27.20 83.87 105.99
CA UNK G 3227 27.55 82.48 106.25
C UNK G 3227 28.38 82.34 107.52
N UNK G 3228 29.31 83.28 107.73
CA UNK G 3228 30.14 83.28 108.94
C UNK G 3228 29.32 83.62 110.18
N UNK G 3229 28.30 84.44 110.01
CA UNK G 3229 27.41 84.79 111.12
C UNK G 3229 26.47 83.63 111.44
N UNK G 3230 26.07 82.89 110.42
CA UNK G 3230 25.20 81.73 110.61
C UNK G 3230 25.93 80.56 111.24
N UNK G 3231 27.16 80.32 110.80
CA UNK G 3231 27.97 79.24 111.35
C UNK G 3231 28.52 79.61 112.72
N UNK G 3269 19.11 85.94 122.68
CA UNK G 3269 17.88 85.66 123.39
C UNK G 3269 16.82 86.72 123.08
N UNK G 3270 16.76 87.75 123.91
CA UNK G 3270 15.79 88.83 123.75
C UNK G 3270 16.05 89.65 122.50
N UNK G 3271 17.32 89.91 122.21
CA UNK G 3271 17.72 90.63 121.01
C UNK G 3271 17.41 89.83 119.75
N UNK G 3272 17.62 88.52 119.83
CA UNK G 3272 17.31 87.61 118.73
C UNK G 3272 15.81 87.55 118.48
N UNK G 3273 15.03 87.52 119.56
CA UNK G 3273 13.57 87.53 119.47
C UNK G 3273 13.05 88.83 118.87
N UNK G 3274 13.66 89.94 119.27
CA UNK G 3274 13.31 91.26 118.74
C UNK G 3274 13.65 91.37 117.25
N UNK G 3275 14.80 90.82 116.86
CA UNK G 3275 15.21 90.79 115.46
C UNK G 3275 14.29 89.92 114.62
N UNK G 3276 13.86 88.79 115.18
CA UNK G 3276 12.92 87.89 114.51
C UNK G 3276 11.56 88.54 114.34
N UNK G 3277 11.12 89.27 115.37
CA UNK G 3277 9.85 90.01 115.32
C UNK G 3277 9.90 91.13 114.29
N UNK G 3278 11.04 91.82 114.21
CA UNK G 3278 11.25 92.88 113.23
C UNK G 3278 11.26 92.33 111.81
N UNK G 3279 11.90 91.17 111.64
CA UNK G 3279 11.95 90.49 110.34
C UNK G 3279 10.56 90.02 109.92
N UNK G 3280 9.78 89.51 110.87
CA UNK G 3280 8.41 89.08 110.61
C UNK G 3280 7.52 90.27 110.24
N UNK G 3281 7.72 91.40 110.92
CA UNK G 3281 6.98 92.63 110.61
C UNK G 3281 7.33 93.17 109.23
N UNK G 3282 8.62 93.11 108.89
CA UNK G 3282 9.08 93.56 107.57
C UNK G 3282 8.59 92.64 106.46
N UNK G 3283 8.45 91.36 106.76
CA UNK G 3283 7.93 90.40 105.79
C UNK G 3283 6.42 90.57 105.61
N UNK G 3284 5.74 90.93 106.70
CA UNK G 3284 4.30 91.15 106.65
C UNK G 3284 3.95 92.45 105.93
N UNK G 3285 4.76 93.48 106.14
CA UNK G 3285 4.54 94.77 105.49
C UNK G 3285 4.95 94.71 104.02
N UNK G 3293 20.17 92.81 102.31
CA UNK G 3293 21.28 91.88 102.47
C UNK G 3293 21.46 91.50 103.93
N UNK G 3294 21.14 92.43 104.82
CA UNK G 3294 21.26 92.19 106.26
C UNK G 3294 20.04 91.44 106.79
N UNK G 3295 18.90 91.64 106.13
CA UNK G 3295 17.64 91.02 106.54
C UNK G 3295 17.68 89.50 106.37
N UNK G 3296 18.28 89.05 105.27
CA UNK G 3296 18.43 87.63 104.99
C UNK G 3296 19.37 86.97 106.00
N UNK G 3297 20.43 87.69 106.37
CA UNK G 3297 21.39 87.21 107.36
C UNK G 3297 20.74 87.12 108.75
N UNK G 3298 19.91 88.12 109.08
CA UNK G 3298 19.18 88.13 110.33
C UNK G 3298 18.16 86.99 110.40
N UNK G 3299 17.49 86.74 109.27
CA UNK G 3299 16.53 85.63 109.17
C UNK G 3299 17.23 84.28 109.31
N UNK G 3300 18.40 84.15 108.70
CA UNK G 3300 19.20 82.93 108.80
C UNK G 3300 19.69 82.71 110.22
N UNK G 3301 20.10 83.78 110.90
CA UNK G 3301 20.54 83.72 112.29
C UNK G 3301 19.38 83.33 113.21
N UNK G 3302 18.20 83.88 112.95
CA UNK G 3302 17.00 83.55 113.72
C UNK G 3302 16.59 82.10 113.52
N UNK G 3303 16.71 81.61 112.28
CA UNK G 3303 16.41 80.22 111.96
C UNK G 3303 17.41 79.27 112.63
N UNK G 3304 18.68 79.66 112.65
CA UNK G 3304 19.72 78.89 113.32
C UNK G 3304 19.49 78.84 114.84
N UNK G 3305 19.08 79.97 115.40
CA UNK G 3305 18.78 80.05 116.83
C UNK G 3305 17.56 79.20 117.19
N UNK G 3306 16.54 79.22 116.33
CA UNK G 3306 15.34 78.41 116.53
C UNK G 3306 15.62 76.93 116.38
N UNK G 3307 16.57 76.59 115.50
CA UNK G 3307 16.97 75.19 115.32
C UNK G 3307 17.82 74.71 116.50
N UNK G 3308 18.61 75.61 117.06
CA UNK G 3308 19.47 75.28 118.20
C UNK G 3308 18.64 75.14 119.48
N UNK G 3309 17.64 76.00 119.64
CA UNK G 3309 16.78 75.95 120.82
C UNK G 3309 15.80 74.79 120.73
N UNK G 3316 8.05 76.15 119.75
CA UNK G 3316 7.61 75.43 118.56
C UNK G 3316 6.81 76.35 117.64
N UNK G 3317 6.22 77.40 118.21
CA UNK G 3317 5.43 78.35 117.45
C UNK G 3317 6.33 79.36 116.74
N UNK G 3318 7.48 79.65 117.33
CA UNK G 3318 8.43 80.61 116.80
C UNK G 3318 9.05 80.12 115.49
N UNK G 3319 9.37 78.83 115.44
CA UNK G 3319 9.93 78.22 114.23
C UNK G 3319 8.90 78.22 113.09
N UNK G 3320 7.64 77.96 113.44
CA UNK G 3320 6.55 77.97 112.48
C UNK G 3320 6.31 79.38 111.94
N UNK G 3321 6.39 80.37 112.83
CA UNK G 3321 6.25 81.77 112.45
C UNK G 3321 7.39 82.22 111.53
N UNK G 3322 8.61 81.77 111.84
CA UNK G 3322 9.78 82.07 111.03
C UNK G 3322 9.68 81.42 109.65
N UNK G 3323 9.18 80.19 109.61
CA UNK G 3323 8.96 79.48 108.35
C UNK G 3323 7.89 80.15 107.50
N UNK G 3324 6.83 80.62 108.15
CA UNK G 3324 5.76 81.35 107.47
C UNK G 3324 6.25 82.68 106.92
N UNK G 3325 7.08 83.38 107.70
CA UNK G 3325 7.69 84.63 107.26
C UNK G 3325 8.64 84.42 106.08
N UNK G 3326 9.40 83.35 106.12
CA UNK G 3326 10.31 82.99 105.03
C UNK G 3326 9.54 82.63 103.75
N UNK G 3327 8.44 81.92 103.92
CA UNK G 3327 7.57 81.56 102.80
C UNK G 3327 6.92 82.79 102.19
N UNK G 3328 6.49 83.72 103.04
CA UNK G 3328 5.90 84.98 102.59
C UNK G 3328 6.93 85.84 101.84
N UNK G 3329 8.16 85.87 102.35
CA UNK G 3329 9.25 86.60 101.71
C UNK G 3329 9.62 85.99 100.35
N UNK G 3330 9.60 84.66 100.28
CA UNK G 3330 9.88 83.96 99.04
C UNK G 3330 8.77 84.15 98.01
N UNK G 3331 7.53 84.26 98.50
CA UNK G 3331 6.39 84.51 97.63
C UNK G 3331 6.39 85.96 97.11
N UNK G 3332 6.81 86.88 97.97
CA UNK G 3332 6.88 88.29 97.59
C UNK G 3332 8.04 88.57 96.64
N UNK G 3333 9.14 87.86 96.85
CA UNK G 3333 10.32 88.04 96.00
C UNK G 3333 10.14 87.33 94.66
N UNK G 3340 21.42 84.52 92.90
CA UNK G 3340 21.03 85.43 93.97
C UNK G 3340 21.20 84.77 95.34
N UNK G 3341 20.50 85.30 96.33
CA UNK G 3341 20.57 84.76 97.69
C UNK G 3341 19.33 83.92 98.00
N UNK G 3342 18.97 83.04 97.08
CA UNK G 3342 17.80 82.19 97.25
C UNK G 3342 18.20 80.81 97.73
N UNK G 3343 19.43 80.41 97.42
CA UNK G 3343 19.94 79.08 97.79
C UNK G 3343 20.12 78.94 99.30
N UNK G 3344 20.61 80.00 99.94
CA UNK G 3344 20.79 80.02 101.38
C UNK G 3344 19.45 79.98 102.11
N UNK G 3345 18.46 80.70 101.55
CA UNK G 3345 17.12 80.72 102.09
C UNK G 3345 16.45 79.35 101.95
N UNK G 3346 16.68 78.70 100.82
CA UNK G 3346 16.16 77.35 100.58
C UNK G 3346 16.79 76.33 101.53
N UNK G 3347 18.10 76.49 101.76
CA UNK G 3347 18.82 75.63 102.70
C UNK G 3347 18.31 75.81 104.14
N UNK G 3348 18.06 77.07 104.52
CA UNK G 3348 17.52 77.39 105.83
C UNK G 3348 16.11 76.84 106.00
N UNK G 3349 15.31 76.91 104.94
CA UNK G 3349 13.95 76.37 104.94
C UNK G 3349 13.96 74.84 105.05
N UNK G 3350 14.91 74.21 104.36
CA UNK G 3350 15.05 72.76 104.42
C UNK G 3350 15.56 72.31 105.79
N UNK G 3351 16.37 73.14 106.42
CA UNK G 3351 16.88 72.85 107.76
C UNK G 3351 15.80 73.03 108.83
N UNK G 3352 14.98 74.05 108.68
CA UNK G 3352 13.94 74.34 109.66
C UNK G 3352 12.56 73.88 109.22
N UNK G 3353 12.51 72.97 108.25
CA UNK G 3353 11.25 72.43 107.77
C UNK G 3353 10.80 71.20 108.56
N UNK G 3354 11.53 70.88 109.62
CA UNK G 3354 11.18 69.75 110.48
C UNK G 3354 9.99 70.09 111.37
N UNK G 3355 10.00 71.30 111.91
CA UNK G 3355 8.92 71.76 112.78
C UNK G 3355 7.74 72.26 111.96
N UNK G 3359 -1.52 71.15 113.01
CA UNK G 3359 -1.77 72.53 113.41
C UNK G 3359 -0.97 73.51 112.55
N UNK G 3360 0.35 73.43 112.65
CA UNK G 3360 1.23 74.29 111.88
C UNK G 3360 1.38 73.80 110.45
N UNK G 3361 1.22 72.49 110.26
CA UNK G 3361 1.36 71.86 108.95
C UNK G 3361 0.24 72.29 108.01
N UNK G 3362 -0.97 72.41 108.55
CA UNK G 3362 -2.13 72.86 107.78
C UNK G 3362 -1.96 74.32 107.34
N UNK G 3363 -1.42 75.14 108.24
CA UNK G 3363 -1.15 76.54 107.93
C UNK G 3363 -0.06 76.68 106.88
N UNK G 3364 0.97 75.82 106.98
CA UNK G 3364 2.05 75.79 106.00
C UNK G 3364 1.54 75.35 104.63
N UNK G 3365 0.65 74.37 104.61
CA UNK G 3365 0.02 73.90 103.37
C UNK G 3365 -0.87 74.99 102.74
N UNK G 3366 -1.61 75.69 103.58
CA UNK G 3366 -2.48 76.79 103.11
C UNK G 3366 -1.65 77.96 102.59
N UNK G 3367 -0.48 78.18 103.16
CA UNK G 3367 0.41 79.23 102.71
C UNK G 3367 1.11 78.83 101.40
N UNK G 3368 1.42 77.54 101.27
CA UNK G 3368 2.11 77.05 100.08
C UNK G 3368 1.17 76.85 98.90
N UNK G 3369 -0.13 76.74 99.18
CA UNK G 3369 -1.14 76.56 98.13
C UNK G 3369 -1.24 77.78 97.22
N UNK G 3370 -1.12 78.98 97.78
CA UNK G 3370 -1.15 80.22 97.01
C UNK G 3370 0.08 80.32 96.11
N UNK G 3371 1.23 79.92 96.63
CA UNK G 3371 2.47 79.90 95.86
C UNK G 3371 2.40 78.88 94.73
N UNK G 3372 1.78 77.73 95.01
CA UNK G 3372 1.59 76.69 94.00
C UNK G 3372 0.65 77.16 92.90
N UNK G 3373 -0.40 77.88 93.28
CA UNK G 3373 -1.35 78.44 92.33
C UNK G 3373 -0.70 79.52 91.46
N UNK G 3374 0.15 80.34 92.07
CA UNK G 3374 0.90 81.36 91.36
C UNK G 3374 1.89 80.75 90.37
N UNK G 3375 2.55 79.67 90.80
CA UNK G 3375 3.48 78.94 89.94
C UNK G 3375 2.76 78.28 88.78
N UNK G 3376 1.58 77.75 89.03
CA UNK G 3376 0.75 77.14 87.98
C UNK G 3376 0.28 78.19 86.97
N UNK G 3377 -0.10 79.37 87.47
CA UNK G 3377 -0.50 80.48 86.61
C UNK G 3377 0.66 80.98 85.76
N UNK G 3378 1.85 81.05 86.36
CA UNK G 3378 3.06 81.45 85.65
C UNK G 3378 3.43 80.43 84.57
N UNK G 3379 3.28 79.14 84.89
CA UNK G 3379 3.54 78.06 83.95
C UNK G 3379 2.55 78.09 82.78
N UNK G 3380 1.28 78.39 83.08
CA UNK G 3380 0.25 78.52 82.06
C UNK G 3380 0.52 79.72 81.14
N UNK G 3381 0.96 80.81 81.74
CA UNK G 3381 1.33 82.01 80.97
C UNK G 3381 2.53 81.75 80.08
N UNK G 3382 3.52 81.02 80.60
CA UNK G 3382 4.70 80.64 79.83
C UNK G 3382 4.34 79.71 78.68
N UNK G 3383 3.43 78.78 78.93
CA UNK G 3383 2.95 77.86 77.89
C UNK G 3383 2.18 78.60 76.80
N UNK G 3384 1.37 79.58 77.21
CA UNK G 3384 0.63 80.41 76.27
C UNK G 3384 1.57 81.28 75.43
N UNK G 3385 2.62 81.79 76.05
CA UNK G 3385 3.61 82.60 75.35
C UNK G 3385 4.45 81.75 74.39
N UNK G 3386 4.69 80.49 74.75
CA UNK G 3386 5.42 79.57 73.90
C UNK G 3386 4.56 79.12 72.71
N UNK G 3387 3.27 78.96 72.96
CA UNK G 3387 2.34 78.56 71.90
C UNK G 3387 2.07 79.71 70.94
N UNK G 3388 2.09 80.94 71.46
CA UNK G 3388 1.87 82.13 70.64
C UNK G 3388 3.12 82.45 69.82
N UNK G 3395 15.61 88.67 70.06
CA UNK G 3395 14.20 88.67 69.71
C UNK G 3395 13.33 88.45 70.95
N UNK G 3396 12.15 87.87 70.74
CA UNK G 3396 11.23 87.59 71.84
C UNK G 3396 11.43 86.18 72.37
N UNK G 3397 12.35 85.44 71.76
CA UNK G 3397 12.63 84.08 72.18
C UNK G 3397 13.59 84.05 73.35
N UNK G 3398 14.56 84.97 73.35
CA UNK G 3398 15.56 85.04 74.41
C UNK G 3398 14.96 85.49 75.73
N UNK G 3399 14.06 86.47 75.66
CA UNK G 3399 13.37 86.99 76.84
C UNK G 3399 12.45 85.93 77.43
N UNK G 3400 11.78 85.18 76.54
CA UNK G 3400 10.91 84.08 76.96
C UNK G 3400 11.72 82.95 77.60
N UNK G 3401 12.90 82.69 77.05
CA UNK G 3401 13.80 81.68 77.60
C UNK G 3401 14.32 82.08 78.98
N UNK G 3402 14.65 83.36 79.14
CA UNK G 3402 15.09 83.90 80.42
C UNK G 3402 13.98 83.85 81.47
N UNK G 3403 12.75 84.17 81.03
CA UNK G 3403 11.58 84.11 81.91
C UNK G 3403 11.28 82.67 82.33
N UNK G 3404 11.43 81.73 81.39
CA UNK G 3404 11.24 80.32 81.67
C UNK G 3404 12.31 79.79 82.63
N UNK G 3405 13.53 80.27 82.47
CA UNK G 3405 14.63 79.91 83.37
C UNK G 3405 14.39 80.43 84.79
N UNK G 3406 13.92 81.67 84.89
CA UNK G 3406 13.58 82.27 86.18
C UNK G 3406 12.41 81.53 86.84
N UNK G 3407 11.43 81.16 86.03
CA UNK G 3407 10.27 80.41 86.51
C UNK G 3407 10.67 79.02 87.00
N UNK G 3408 11.61 78.37 86.29
CA UNK G 3408 12.12 77.07 86.69
C UNK G 3408 12.94 77.17 87.98
N UNK G 3409 13.71 78.26 88.11
CA UNK G 3409 14.50 78.50 89.32
C UNK G 3409 13.62 78.76 90.53
N UNK G 3410 12.48 79.40 90.30
CA UNK G 3410 11.50 79.62 91.36
C UNK G 3410 10.76 78.32 91.70
N UNK G 3411 10.43 77.55 90.67
CA UNK G 3411 9.68 76.30 90.82
C UNK G 3411 10.49 75.22 91.52
N UNK G 3412 11.81 75.25 91.34
CA UNK G 3412 12.69 74.31 92.03
C UNK G 3412 12.69 74.56 93.54
N UNK G 3413 12.78 75.84 93.91
CA UNK G 3413 12.74 76.24 95.31
C UNK G 3413 11.36 76.02 95.93
N UNK G 3414 10.33 76.12 95.10
CA UNK G 3414 8.97 75.81 95.54
C UNK G 3414 8.78 74.31 95.79
N UNK G 3415 9.29 73.50 94.87
CA UNK G 3415 9.17 72.05 94.95
C UNK G 3415 10.02 71.48 96.08
N UNK G 3416 11.13 72.15 96.41
CA UNK G 3416 11.99 71.75 97.52
C UNK G 3416 11.28 71.87 98.87
N UNK G 3417 10.32 72.80 98.96
CA UNK G 3417 9.51 72.95 100.16
C UNK G 3417 8.26 72.07 100.07
N UNK G 3418 7.76 71.90 98.86
CA UNK G 3418 6.57 71.09 98.61
C UNK G 3418 6.81 69.61 98.92
N UNK G 3419 8.00 69.11 98.59
CA UNK G 3419 8.36 67.73 98.88
C UNK G 3419 8.46 67.50 100.39
N UNK G 3420 9.01 68.48 101.09
CA UNK G 3420 9.11 68.42 102.55
C UNK G 3420 7.73 68.46 103.20
N UNK G 3421 6.85 69.29 102.64
CA UNK G 3421 5.47 69.37 103.11
C UNK G 3421 4.71 68.06 102.89
N UNK G 3422 4.94 67.45 101.73
CA UNK G 3422 4.32 66.17 101.40
C UNK G 3422 4.85 65.04 102.30
N UNK G 3423 6.15 65.10 102.62
CA UNK G 3423 6.76 64.12 103.51
C UNK G 3423 6.27 64.28 104.94
N UNK G 3424 5.99 65.53 105.33
CA UNK G 3424 5.45 65.81 106.65
C UNK G 3424 3.99 65.38 106.76
N UNK G 3425 3.25 65.56 105.66
CA UNK G 3425 1.84 65.18 105.64
C UNK G 3425 1.66 63.67 105.52
N UNK G 3426 2.64 63.00 104.92
CA UNK G 3426 2.59 61.56 104.74
C UNK G 3426 2.97 60.83 106.03
N UNK G 3427 3.69 61.53 106.91
CA UNK G 3427 4.10 60.95 108.18
C UNK G 3427 3.10 61.27 109.28
N UNK G 3428 2.11 62.09 108.95
CA UNK G 3428 1.09 62.48 109.92
C UNK G 3428 -0.29 62.01 109.48
N UNK G 3429 -0.75 62.53 108.34
CA UNK G 3429 -2.06 62.18 107.81
C UNK G 3429 -1.98 60.90 106.97
N UNK G 3430 -1.89 59.76 107.66
CA UNK G 3430 -1.80 58.47 106.99
C UNK G 3430 -2.44 57.37 107.84
N UNK G 3435 -8.35 67.22 100.75
CA UNK G 3435 -8.70 68.63 100.63
C UNK G 3435 -7.49 69.45 100.18
N UNK G 3436 -6.73 69.94 101.15
CA UNK G 3436 -5.54 70.76 100.88
C UNK G 3436 -4.44 69.93 100.23
N UNK G 3437 -4.27 68.70 100.72
CA UNK G 3437 -3.28 67.77 100.16
C UNK G 3437 -3.66 67.37 98.75
N UNK G 3438 -4.94 67.16 98.50
CA UNK G 3438 -5.45 66.83 97.17
C UNK G 3438 -5.28 67.99 96.21
N UNK G 3439 -5.50 69.21 96.70
CA UNK G 3439 -5.31 70.43 95.91
C UNK G 3439 -3.84 70.64 95.55
N UNK G 3440 -2.96 70.38 96.52
CA UNK G 3440 -1.51 70.48 96.30
C UNK G 3440 -1.04 69.43 95.31
N UNK G 3441 -1.60 68.22 95.40
CA UNK G 3441 -1.28 67.14 94.47
C UNK G 3441 -1.74 67.47 93.06
N UNK G 3442 -2.94 68.05 92.93
CA UNK G 3442 -3.48 68.47 91.64
C UNK G 3442 -2.64 69.60 91.03
N UNK G 3443 -2.21 70.54 91.87
CA UNK G 3443 -1.36 71.64 91.42
C UNK G 3443 0.00 71.15 90.94
N UNK G 3444 0.59 70.20 91.69
CA UNK G 3444 1.87 69.63 91.33
C UNK G 3444 1.77 68.79 90.06
N UNK G 3445 0.65 68.09 89.89
CA UNK G 3445 0.40 67.31 88.68
C UNK G 3445 0.23 68.21 87.47
N UNK G 3446 -0.45 69.34 87.65
CA UNK G 3446 -0.62 70.33 86.60
C UNK G 3446 0.73 70.96 86.22
N UNK G 3447 1.55 71.22 87.22
CA UNK G 3447 2.90 71.76 87.01
C UNK G 3447 3.78 70.77 86.25
N UNK G 3448 3.67 69.49 86.61
CA UNK G 3448 4.42 68.43 85.94
C UNK G 3448 3.96 68.25 84.49
N UNK G 3449 2.66 68.36 84.26
CA UNK G 3449 2.11 68.25 82.92
C UNK G 3449 2.48 69.46 82.06
N UNK G 3450 2.62 70.62 82.69
CA UNK G 3450 3.06 71.82 81.99
C UNK G 3450 4.55 71.76 81.67
N UNK G 3451 5.32 71.15 82.57
CA UNK G 3451 6.76 71.01 82.38
C UNK G 3451 7.09 69.97 81.31
N UNK G 3452 6.33 68.88 81.28
CA UNK G 3452 6.54 67.83 80.30
C UNK G 3452 6.03 68.24 78.93
N UNK G 3456 12.39 73.11 75.59
CA UNK G 3456 12.45 74.50 76.03
C UNK G 3456 12.55 74.59 77.56
N UNK G 3457 11.50 74.15 78.24
CA UNK G 3457 11.44 74.19 79.69
C UNK G 3457 12.46 73.25 80.33
N UNK G 3458 12.61 72.07 79.73
CA UNK G 3458 13.58 71.09 80.20
C UNK G 3458 15.02 71.59 80.00
N UNK G 3459 15.25 72.26 78.88
CA UNK G 3459 16.55 72.84 78.57
C UNK G 3459 16.88 73.98 79.53
N UNK G 3460 15.86 74.79 79.86
CA UNK G 3460 16.01 75.88 80.81
C UNK G 3460 16.30 75.35 82.22
N UNK G 3461 15.61 74.27 82.59
CA UNK G 3461 15.83 73.63 83.88
C UNK G 3461 17.23 73.02 83.98
N UNK G 3462 17.70 72.42 82.88
CA UNK G 3462 19.04 71.86 82.81
C UNK G 3462 20.10 72.95 82.89
N UNK G 3463 19.86 74.08 82.22
CA UNK G 3463 20.78 75.22 82.26
C UNK G 3463 20.81 75.87 83.64
N UNK G 3464 19.68 75.85 84.34
CA UNK G 3464 19.60 76.38 85.69
C UNK G 3464 20.30 75.44 86.68
N UNK G 3465 20.19 74.14 86.45
CA UNK G 3465 20.82 73.15 87.31
C UNK G 3465 22.33 73.12 87.13
N UNK G 3466 22.79 73.31 85.89
CA UNK G 3466 24.21 73.31 85.60
C UNK G 3466 24.87 74.60 86.07
N UNK G 3513 15.43 65.36 89.61
CA UNK G 3513 15.44 66.56 90.43
C UNK G 3513 14.32 66.53 91.47
N UNK G 3514 13.94 67.70 91.96
CA UNK G 3514 12.88 67.80 92.96
C UNK G 3514 11.51 67.70 92.29
N UNK G 3515 11.45 68.03 91.01
CA UNK G 3515 10.21 68.00 90.24
C UNK G 3515 9.67 66.59 90.08
N UNK G 3516 10.58 65.64 89.88
CA UNK G 3516 10.21 64.23 89.74
C UNK G 3516 9.65 63.68 91.06
N UNK G 3517 10.28 64.06 92.16
CA UNK G 3517 9.84 63.65 93.49
C UNK G 3517 8.47 64.26 93.83
N UNK G 3518 8.29 65.52 93.43
CA UNK G 3518 7.02 66.22 93.64
C UNK G 3518 5.91 65.57 92.81
N UNK G 3519 6.23 65.20 91.57
CA UNK G 3519 5.28 64.51 90.69
C UNK G 3519 4.92 63.13 91.23
N UNK G 3520 5.89 62.43 91.77
CA UNK G 3520 5.67 61.11 92.38
C UNK G 3520 4.77 61.21 93.61
N UNK G 3521 5.04 62.21 94.45
CA UNK G 3521 4.24 62.45 95.65
C UNK G 3521 2.81 62.86 95.29
N UNK G 3522 2.68 63.68 94.26
CA UNK G 3522 1.37 64.12 93.77
C UNK G 3522 0.57 62.95 93.19
N UNK G 3523 1.26 62.07 92.45
CA UNK G 3523 0.64 60.89 91.88
C UNK G 3523 0.18 59.94 92.97
N UNK G 3524 1.02 59.76 94.00
CA UNK G 3524 0.68 58.93 95.15
C UNK G 3524 -0.52 59.47 95.92
N UNK G 3525 -0.54 60.78 96.15
CA UNK G 3525 -1.65 61.43 96.85
C UNK G 3525 -2.96 61.36 96.06
N UNK G 3526 -2.89 61.63 94.76
CA UNK G 3526 -4.08 61.60 93.91
C UNK G 3526 -4.57 60.17 93.65
N UNK G 3527 -3.67 59.20 93.79
CA UNK G 3527 -4.06 57.80 93.64
C UNK G 3527 -4.65 57.27 94.95
N UNK G 3528 -4.16 57.78 96.08
CA UNK G 3528 -4.69 57.40 97.37
C UNK G 3528 -6.07 58.04 97.61
N UNK G 3529 -6.25 59.25 97.10
CA UNK G 3529 -7.54 59.93 97.23
C UNK G 3529 -8.55 59.36 96.24
N UNK G 3534 -12.04 50.91 89.68
CA UNK G 3534 -11.90 52.09 88.85
C UNK G 3534 -10.60 52.05 88.05
N UNK G 3535 -9.88 50.93 88.17
CA UNK G 3535 -8.59 50.75 87.50
C UNK G 3535 -8.75 50.69 85.98
N UNK G 3536 -9.80 50.01 85.53
CA UNK G 3536 -10.09 49.90 84.10
C UNK G 3536 -10.48 51.26 83.52
N UNK G 3537 -11.24 52.04 84.28
CA UNK G 3537 -11.64 53.39 83.88
C UNK G 3537 -10.43 54.32 83.83
N UNK G 3538 -9.53 54.18 84.79
CA UNK G 3538 -8.30 54.95 84.83
C UNK G 3538 -7.39 54.60 83.64
N UNK G 3539 -7.31 53.32 83.31
CA UNK G 3539 -6.53 52.85 82.17
C UNK G 3539 -7.12 53.37 80.85
N UNK G 3540 -8.44 53.37 80.75
CA UNK G 3540 -9.14 53.88 79.57
C UNK G 3540 -8.93 55.40 79.41
N UNK G 3541 -8.97 56.11 80.54
CA UNK G 3541 -8.72 57.56 80.54
C UNK G 3541 -7.27 57.87 80.16
N UNK G 3542 -6.34 57.05 80.64
CA UNK G 3542 -4.93 57.20 80.30
C UNK G 3542 -4.68 56.93 78.81
N UNK G 3543 -5.36 55.92 78.27
CA UNK G 3543 -5.27 55.59 76.86
C UNK G 3543 -5.86 56.71 75.99
N UNK G 3544 -6.97 57.28 76.44
CA UNK G 3544 -7.61 58.40 75.73
C UNK G 3544 -6.75 59.66 75.80
N UNK G 3545 -6.03 59.85 76.90
CA UNK G 3545 -5.14 60.99 77.04
C UNK G 3545 -3.88 60.81 76.19
N UNK G 3546 -3.42 59.57 76.07
CA UNK G 3546 -2.24 59.26 75.27
C UNK G 3546 -2.53 59.35 73.78
N UNK G 3547 -3.73 58.94 73.38
CA UNK G 3547 -4.13 59.00 71.98
C UNK G 3547 -4.46 60.43 71.57
N UNK G 3553 -11.13 66.27 75.56
CA UNK G 3553 -11.67 65.11 74.84
C UNK G 3553 -11.57 63.85 75.71
N UNK G 3554 -10.50 63.77 76.49
CA UNK G 3554 -10.25 62.61 77.35
C UNK G 3554 -11.29 62.51 78.46
N UNK G 3555 -11.65 63.66 79.04
CA UNK G 3555 -12.67 63.72 80.09
C UNK G 3555 -14.03 63.32 79.55
N UNK G 3556 -14.33 63.76 78.32
CA UNK G 3556 -15.58 63.42 77.65
C UNK G 3556 -15.64 61.92 77.33
N UNK G 3557 -14.52 61.36 76.89
CA UNK G 3557 -14.44 59.94 76.58
C UNK G 3557 -14.54 59.09 77.85
N UNK G 3558 -14.03 59.62 78.97
CA UNK G 3558 -14.14 58.93 80.25
C UNK G 3558 -15.56 59.00 80.80
N UNK G 3559 -16.24 60.12 80.55
CA UNK G 3559 -17.61 60.31 81.01
C UNK G 3559 -18.59 59.47 80.19
N UNK G 3560 -18.33 59.36 78.88
CA UNK G 3560 -19.19 58.57 78.01
C UNK G 3560 -18.97 57.07 78.22
N UNK G 3569 -8.72 39.77 96.15
CA UNK G 3569 -8.01 40.98 96.54
C UNK G 3569 -8.85 42.22 96.28
N UNK G 3570 -9.74 42.12 95.29
CA UNK G 3570 -10.60 43.23 94.90
C UNK G 3570 -11.60 43.60 96.00
N UNK G 3571 -12.16 42.58 96.65
CA UNK G 3571 -13.10 42.77 97.75
C UNK G 3571 -12.40 43.41 98.95
N UNK G 3572 -11.17 42.98 99.20
CA UNK G 3572 -10.35 43.52 100.29
C UNK G 3572 -10.00 44.98 100.02
N UNK G 3573 -9.67 45.29 98.77
CA UNK G 3573 -9.37 46.66 98.35
C UNK G 3573 -10.60 47.56 98.46
N UNK G 3574 -11.76 47.02 98.10
CA UNK G 3574 -13.02 47.74 98.21
C UNK G 3574 -13.38 48.02 99.67
N UNK G 3575 -13.16 47.03 100.53
CA UNK G 3575 -13.40 47.19 101.96
C UNK G 3575 -12.45 48.20 102.58
N UNK G 3576 -11.19 48.19 102.15
CA UNK G 3576 -10.20 49.14 102.64
C UNK G 3576 -10.50 50.56 102.16
N UNK G 3577 -11.06 50.68 100.95
CA UNK G 3577 -11.44 51.98 100.42
C UNK G 3577 -12.69 52.50 101.12
N UNK G 3578 -13.58 51.59 101.51
CA UNK G 3578 -14.80 51.96 102.22
C UNK G 3578 -14.49 52.37 103.66
N UNK G 3579 -13.57 51.67 104.30
CA UNK G 3579 -13.18 51.99 105.67
C UNK G 3579 -12.29 53.23 105.71
N UNK G 3590 -17.87 64.76 90.26
CA UNK G 3590 -16.56 65.37 90.05
C UNK G 3590 -15.45 64.34 90.20
N UNK G 3591 -15.83 63.07 90.20
CA UNK G 3591 -14.86 61.98 90.34
C UNK G 3591 -14.18 61.69 89.01
N UNK G 3592 -14.89 61.96 87.92
CA UNK G 3592 -14.39 61.71 86.57
C UNK G 3592 -13.22 62.61 86.22
N UNK G 3593 -13.29 63.87 86.64
CA UNK G 3593 -12.22 64.84 86.42
C UNK G 3593 -10.98 64.46 87.22
N UNK G 3594 -11.18 63.98 88.44
CA UNK G 3594 -10.09 63.52 89.29
C UNK G 3594 -9.43 62.27 88.72
N UNK G 3595 -10.24 61.37 88.19
CA UNK G 3595 -9.74 60.15 87.54
C UNK G 3595 -8.95 60.49 86.28
N UNK G 3596 -9.43 61.45 85.51
CA UNK G 3596 -8.75 61.91 84.30
C UNK G 3596 -7.42 62.58 84.63
N UNK G 3597 -7.41 63.37 85.71
CA UNK G 3597 -6.19 64.02 86.18
C UNK G 3597 -5.16 63.01 86.67
N UNK G 3598 -5.62 61.98 87.39
CA UNK G 3598 -4.76 60.91 87.86
C UNK G 3598 -4.19 60.10 86.71
N UNK G 3599 -5.02 59.84 85.70
CA UNK G 3599 -4.58 59.12 84.50
C UNK G 3599 -3.56 59.93 83.71
N UNK G 3600 -3.78 61.24 83.62
CA UNK G 3600 -2.85 62.14 82.94
C UNK G 3600 -1.50 62.21 83.68
N UNK G 3601 -1.56 62.23 85.01
CA UNK G 3601 -0.37 62.23 85.84
C UNK G 3601 0.41 60.92 85.69
N UNK G 3602 -0.32 59.81 85.63
CA UNK G 3602 0.29 58.49 85.43
C UNK G 3602 0.94 58.38 84.05
N UNK G 3603 0.27 58.93 83.03
CA UNK G 3603 0.80 58.95 81.67
C UNK G 3603 2.05 59.81 81.58
N UNK G 3604 2.04 60.95 82.26
CA UNK G 3604 3.20 61.85 82.31
C UNK G 3604 4.38 61.18 83.03
N UNK G 3605 4.09 60.46 84.11
CA UNK G 3605 5.11 59.73 84.85
C UNK G 3605 5.71 58.60 84.01
N UNK G 3606 4.85 57.91 83.26
CA UNK G 3606 5.30 56.84 82.37
C UNK G 3606 6.15 57.38 81.22
N UNK G 3607 5.77 58.55 80.71
CA UNK G 3607 6.52 59.19 79.64
C UNK G 3607 7.87 59.72 80.14
N UNK G 3608 7.91 60.15 81.40
CA UNK G 3608 9.14 60.62 82.01
C UNK G 3608 10.07 59.46 82.32
N UNK G 3609 9.51 58.33 82.72
CA UNK G 3609 10.29 57.14 83.03
C UNK G 3609 10.80 56.46 81.77
N UNK G 3610 10.03 56.55 80.69
CA UNK G 3610 10.42 55.95 79.42
C UNK G 3610 11.48 56.80 78.73
N LEU G 3623 33.31 49.34 61.55
CA LEU G 3623 32.87 50.52 60.81
C LEU G 3623 34.05 51.44 60.52
N LEU G 3624 34.79 51.78 61.57
CA LEU G 3624 35.92 52.68 61.41
C LEU G 3624 37.16 51.90 60.98
N SER G 3625 38.06 52.60 60.29
CA SER G 3625 39.19 51.97 59.63
C SER G 3625 40.38 51.86 60.56
N LYS G 3626 41.53 51.50 59.99
CA LYS G 3626 42.81 51.76 60.62
C LYS G 3626 43.58 52.89 59.95
N GLN G 3627 43.30 53.16 58.67
CA GLN G 3627 43.88 54.35 58.04
C GLN G 3627 43.22 55.61 58.58
N ARG G 3628 41.92 55.53 58.88
CA ARG G 3628 41.15 56.62 59.45
C ARG G 3628 41.53 56.92 60.89
N ARG G 3629 42.40 56.12 61.51
CA ARG G 3629 42.89 56.42 62.84
C ARG G 3629 43.77 57.66 62.83
N ARG G 3630 44.67 57.76 61.84
CA ARG G 3630 45.61 58.87 61.78
C ARG G 3630 45.38 59.79 60.59
N ALA G 3631 44.54 59.40 59.62
CA ALA G 3631 44.29 60.29 58.48
C ALA G 3631 43.51 61.53 58.91
N VAL G 3632 42.52 61.38 59.80
CA VAL G 3632 41.75 62.54 60.24
C VAL G 3632 42.57 63.41 61.18
N VAL G 3633 43.43 62.78 62.01
CA VAL G 3633 44.30 63.56 62.90
C VAL G 3633 45.38 64.28 62.10
N ALA G 3634 45.81 63.70 60.97
CA ALA G 3634 46.69 64.41 60.05
C ALA G 3634 45.96 65.55 59.35
N CYS G 3635 44.67 65.35 59.02
CA CYS G 3635 43.89 66.40 58.37
C CYS G 3635 43.60 67.55 59.33
N PHE G 3636 43.65 67.28 60.64
CA PHE G 3636 43.51 68.33 61.66
C PHE G 3636 44.59 69.41 61.52
N ARG G 3637 45.83 69.01 61.29
CA ARG G 3637 46.91 70.01 61.22
C ARG G 3637 48.04 69.57 60.28
N MET G 3638 47.72 69.24 59.03
CA MET G 3638 48.73 69.32 57.98
C MET G 3638 48.87 70.77 57.54
N THR G 3639 50.10 71.14 57.19
CA THR G 3639 50.50 72.53 57.14
C THR G 3639 49.92 73.23 55.91
N PRO G 3640 49.56 74.53 56.03
CA PRO G 3640 48.92 75.22 54.91
C PRO G 3640 49.85 75.62 53.78
N LEU G 3641 49.32 76.39 52.83
CA LEU G 3641 49.99 76.58 51.54
C LEU G 3641 51.16 77.52 51.61
N TYR G 3642 51.15 78.51 52.52
CA TYR G 3642 52.27 79.45 52.65
C TYR G 3642 53.41 78.88 53.49
N ASN G 3643 53.37 77.60 53.84
CA ASN G 3643 54.50 76.96 54.50
C ASN G 3643 55.34 76.15 53.52
N LEU G 3644 54.72 75.61 52.47
CA LEU G 3644 55.48 75.03 51.37
C LEU G 3644 55.99 76.14 50.44
N PRO G 3645 57.17 75.97 49.86
CA PRO G 3645 57.75 77.03 49.03
C PRO G 3645 57.05 77.19 47.68
N THR G 3646 57.48 78.25 46.99
CA THR G 3646 56.87 78.68 45.74
C THR G 3646 57.15 77.71 44.59
N HIS G 3647 58.34 77.10 44.56
CA HIS G 3647 58.65 76.14 43.51
C HIS G 3647 57.86 74.85 43.64
N ARG G 3648 57.38 74.54 44.85
CA ARG G 3648 56.44 73.46 45.07
C ARG G 3648 54.99 73.87 44.82
N ALA G 3649 54.68 75.16 45.00
CA ALA G 3649 53.34 75.66 44.68
C ALA G 3649 53.09 75.78 43.17
N CYS G 3650 54.11 76.20 42.42
CA CYS G 3650 53.96 76.44 40.99
C CYS G 3650 53.81 75.15 40.19
N ASN G 3651 54.18 74.01 40.76
CA ASN G 3651 53.89 72.73 40.13
C ASN G 3651 52.57 72.14 40.58
N MET G 3652 52.11 72.47 41.80
CA MET G 3652 50.75 72.12 42.18
C MET G 3652 49.72 72.88 41.37
N PHE G 3653 50.12 74.07 40.87
CA PHE G 3653 49.39 74.85 39.89
C PHE G 3653 48.96 74.10 38.63
N LEU G 3654 49.92 73.71 37.79
CA LEU G 3654 49.59 73.33 36.42
C LEU G 3654 48.93 71.95 36.33
N GLU G 3655 49.21 71.07 37.31
CA GLU G 3655 48.55 69.77 37.35
C GLU G 3655 47.05 69.90 37.57
N SER G 3656 46.64 70.90 38.35
CA SER G 3656 45.21 71.16 38.50
C SER G 3656 44.68 72.08 37.41
N TYR G 3657 45.54 72.92 36.84
CA TYR G 3657 45.16 73.75 35.71
C TYR G 3657 44.77 72.91 34.50
N LYS G 3658 45.43 71.76 34.32
CA LYS G 3658 45.04 70.82 33.28
C LYS G 3658 43.63 70.28 33.50
N ALA G 3659 43.33 69.84 34.73
CA ALA G 3659 42.02 69.28 35.02
C ALA G 3659 40.93 70.33 35.13
N ALA G 3660 41.28 71.62 35.22
CA ALA G 3660 40.29 72.67 35.35
C ALA G 3660 40.01 73.47 34.08
N TRP G 3661 41.00 73.69 33.20
CA TRP G 3661 40.78 74.67 32.15
C TRP G 3661 40.77 74.10 30.73
N ILE G 3662 41.76 73.31 30.35
CA ILE G 3662 41.78 72.72 29.02
C ILE G 3662 40.99 71.40 28.99
N LEU G 3663 40.73 70.79 30.16
CA LEU G 3663 39.89 69.59 30.21
C LEU G 3663 38.45 69.86 29.82
N THR G 3664 37.93 71.04 30.15
CA THR G 3664 36.53 71.38 29.88
C THR G 3664 36.30 71.91 28.47
N GLU G 3665 37.35 72.15 27.69
CA GLU G 3665 37.19 72.64 26.33
C GLU G 3665 36.75 71.51 25.42
N ASP G 3666 35.64 71.71 24.74
CA ASP G 3666 35.11 70.74 23.78
C ASP G 3666 34.78 71.50 22.50
N HIS G 3667 35.61 71.33 21.48
CA HIS G 3667 35.40 71.95 20.19
C HIS G 3667 35.37 70.83 19.15
N SER G 3668 35.15 71.21 17.90
CA SER G 3668 35.03 70.31 16.77
C SER G 3668 36.08 70.71 15.74
N PHE G 3669 37.35 70.67 16.14
CA PHE G 3669 38.47 70.89 15.21
C PHE G 3669 38.53 69.85 14.09
N GLU G 3670 37.85 68.71 14.25
CA GLU G 3670 38.06 67.54 13.40
C GLU G 3670 37.23 67.54 12.12
N ASP G 3671 36.07 68.20 12.09
CA ASP G 3671 35.36 68.29 10.82
C ASP G 3671 35.99 69.28 9.86
N ARG G 3672 36.86 70.16 10.37
CA ARG G 3672 37.53 71.18 9.57
C ARG G 3672 38.71 70.59 8.80
N MET G 3673 39.37 69.57 9.36
CA MET G 3673 40.53 69.00 8.69
C MET G 3673 40.14 68.06 7.56
N ILE G 3674 39.07 67.28 7.74
CA ILE G 3674 38.83 66.14 6.85
C ILE G 3674 38.20 66.57 5.52
N ASP G 3675 37.39 67.63 5.52
CA ASP G 3675 36.79 68.07 4.27
C ASP G 3675 37.79 68.75 3.36
N ASP G 3676 38.92 69.24 3.90
CA ASP G 3676 40.01 69.73 3.07
C ASP G 3676 40.63 68.59 2.25
N LEU G 3677 40.96 67.48 2.91
CA LEU G 3677 41.49 66.31 2.22
C LEU G 3677 40.43 65.66 1.34
N SER G 3678 39.15 65.89 1.63
CA SER G 3678 38.08 65.40 0.77
C SER G 3678 37.91 66.24 -0.49
N LYS G 3679 37.90 67.58 -0.37
CA LYS G 3679 37.74 68.49 -1.49
C LYS G 3679 39.02 68.68 -2.28
N ALA G 3680 40.14 68.11 -1.84
CA ALA G 3680 41.38 68.13 -2.59
C ALA G 3680 41.34 67.31 -3.88
N GLY G 3681 40.26 66.57 -4.15
CA GLY G 3681 40.12 65.86 -5.40
C GLY G 3681 39.97 66.74 -6.62
N GLU G 3682 39.52 67.97 -6.44
CA GLU G 3682 39.38 68.92 -7.54
C GLU G 3682 40.67 69.71 -7.68
N GLN G 3683 41.36 69.54 -8.81
CA GLN G 3683 42.64 70.18 -9.06
C GLN G 3683 42.64 70.68 -10.50
N GLU G 3684 43.80 71.14 -10.96
CA GLU G 3684 43.95 71.68 -12.30
C GLU G 3684 45.29 71.26 -12.91
N LYS G 3693 42.27 59.91 -12.21
CA LYS G 3693 41.97 58.93 -11.19
C LYS G 3693 43.12 58.77 -10.19
N LYS G 3694 43.72 59.91 -9.80
CA LYS G 3694 44.85 59.85 -8.89
C LYS G 3694 44.34 59.85 -7.44
N PRO G 3695 45.05 59.19 -6.51
CA PRO G 3695 44.51 59.00 -5.15
C PRO G 3695 44.46 60.29 -4.34
N ASP G 3696 43.35 60.49 -3.66
CA ASP G 3696 43.04 61.61 -2.78
C ASP G 3696 43.86 61.52 -1.50
N PRO G 3697 44.11 62.65 -0.83
CA PRO G 3697 45.02 62.62 0.34
C PRO G 3697 44.48 61.89 1.55
N LEU G 3698 43.16 61.76 1.72
CA LEU G 3698 42.69 60.90 2.80
C LEU G 3698 42.75 59.43 2.40
N HIS G 3699 42.55 59.13 1.12
CA HIS G 3699 42.65 57.74 0.68
C HIS G 3699 44.09 57.26 0.71
N GLN G 3700 45.05 58.18 0.57
CA GLN G 3700 46.46 57.82 0.82
C GLN G 3700 46.66 57.36 2.25
N LEU G 3701 46.05 58.05 3.22
CA LEU G 3701 46.16 57.65 4.63
C LEU G 3701 45.43 56.35 4.90
N VAL G 3702 44.27 56.14 4.26
CA VAL G 3702 43.50 54.92 4.48
C VAL G 3702 44.18 53.71 3.85
N LEU G 3703 44.75 53.84 2.65
CA LEU G 3703 45.50 52.73 2.07
C LEU G 3703 46.85 52.54 2.74
N HIS G 3704 47.39 53.59 3.36
CA HIS G 3704 48.53 53.46 4.26
C HIS G 3704 48.21 52.60 5.47
N PHE G 3705 47.09 52.90 6.13
CA PHE G 3705 46.73 52.16 7.34
C PHE G 3705 46.05 50.83 7.05
N SER G 3706 45.70 50.56 5.79
CA SER G 3706 45.22 49.25 5.40
C SER G 3706 46.35 48.26 5.21
N ARG G 3707 47.59 48.73 4.99
CA ARG G 3707 48.72 47.83 4.81
C ARG G 3707 49.84 48.04 5.83
N THR G 3708 49.69 48.95 6.79
CA THR G 3708 50.65 48.91 7.90
C THR G 3708 50.34 47.81 8.91
N ALA G 3709 49.20 47.15 8.81
CA ALA G 3709 48.80 46.17 9.80
C ALA G 3709 48.88 44.72 9.31
N LEU G 3710 49.01 44.49 8.00
CA LEU G 3710 49.22 43.16 7.44
C LEU G 3710 50.68 42.75 7.38
N THR G 3711 51.51 43.27 8.28
CA THR G 3711 52.90 42.86 8.33
C THR G 3711 53.02 41.45 8.92
N GLU G 3712 54.18 40.84 8.74
CA GLU G 3712 54.45 39.49 9.23
C GLU G 3712 54.78 39.59 10.72
N LYS G 3713 53.74 39.58 11.54
CA LYS G 3713 53.92 39.83 12.97
C LYS G 3713 52.75 39.24 13.75
N SER G 3714 53.08 38.56 14.85
CA SER G 3714 52.03 38.00 15.70
C SER G 3714 51.39 39.07 16.58
N LYS G 3715 52.13 40.12 16.89
CA LYS G 3715 51.64 41.22 17.73
C LYS G 3715 51.66 42.49 16.90
N LEU G 3716 50.52 43.17 16.84
CA LEU G 3716 50.37 44.34 15.99
C LEU G 3716 50.93 45.57 16.70
N ASP G 3717 51.48 46.49 15.91
CA ASP G 3717 52.21 47.63 16.47
C ASP G 3717 51.25 48.69 17.01
N GLU G 3718 51.43 49.07 18.28
CA GLU G 3718 50.67 50.16 18.87
C GLU G 3718 51.31 51.48 18.43
N ASP G 3719 50.59 52.24 17.62
CA ASP G 3719 51.14 53.44 17.01
C ASP G 3719 50.78 54.69 17.79
N TYR G 3720 51.44 55.79 17.41
CA TYR G 3720 51.22 57.08 18.04
C TYR G 3720 49.95 57.75 17.51
N LEU G 3721 49.72 57.67 16.21
CA LEU G 3721 48.73 58.52 15.57
C LEU G 3721 47.40 57.83 15.29
N TYR G 3722 47.32 56.51 15.41
CA TYR G 3722 46.06 55.84 15.06
C TYR G 3722 45.00 56.03 16.13
N MET G 3723 45.39 56.03 17.41
CA MET G 3723 44.43 56.30 18.48
C MET G 3723 43.94 57.74 18.45
N ALA G 3724 44.72 58.65 17.87
CA ALA G 3724 44.19 59.98 17.60
C ALA G 3724 43.24 59.95 16.40
N TYR G 3725 43.71 59.46 15.25
CA TYR G 3725 43.00 59.63 13.99
C TYR G 3725 41.73 58.80 13.89
N ALA G 3726 41.66 57.64 14.55
CA ALA G 3726 40.43 56.88 14.60
C ALA G 3726 39.35 57.63 15.36
N ASP G 3727 39.74 58.29 16.46
CA ASP G 3727 38.83 59.19 17.17
C ASP G 3727 38.45 60.39 16.30
N ILE G 3728 39.40 60.86 15.47
CA ILE G 3728 39.14 62.04 14.64
C ILE G 3728 38.05 61.74 13.60
N MET G 3729 38.26 60.72 12.77
CA MET G 3729 37.24 60.38 11.80
C MET G 3729 36.14 59.49 12.39
N ALA G 3730 36.16 59.24 13.70
CA ALA G 3730 34.98 58.68 14.37
C ALA G 3730 34.04 59.78 14.85
N LYS G 3731 34.59 60.89 15.36
CA LYS G 3731 33.77 62.01 15.79
C LYS G 3731 33.47 63.00 14.67
N SER G 3732 33.99 62.79 13.46
CA SER G 3732 33.61 63.66 12.36
C SER G 3732 32.15 63.50 11.92
N CYS G 3733 31.56 62.31 12.13
CA CYS G 3733 30.26 62.02 11.51
C CYS G 3733 29.10 61.97 12.50
N HIS G 3734 29.36 61.98 13.82
CA HIS G 3734 28.29 62.03 14.81
C HIS G 3734 27.84 63.45 15.15
N LEU G 3735 27.96 64.39 14.20
CA LEU G 3735 27.54 65.75 14.49
C LEU G 3735 26.02 65.90 14.41
N GLU G 3736 25.36 65.10 13.57
CA GLU G 3736 23.92 65.14 13.42
C GLU G 3736 23.22 63.96 14.10
N GLU G 3737 23.96 63.04 14.68
CA GLU G 3737 23.37 61.85 15.28
C GLU G 3737 23.08 62.06 16.76
N GLU G 3750 9.39 66.69 19.27
CA GLU G 3750 8.53 67.61 18.51
C GLU G 3750 9.26 68.15 17.29
N VAL G 3751 9.88 67.26 16.52
CA VAL G 3751 10.57 67.63 15.31
C VAL G 3751 9.69 67.26 14.11
N SER G 3752 10.12 67.66 12.92
CA SER G 3752 9.31 67.54 11.73
C SER G 3752 9.83 66.43 10.81
N PHE G 3753 9.31 66.38 9.60
CA PHE G 3753 9.63 65.33 8.63
C PHE G 3753 10.96 65.60 7.93
N GLU G 3754 11.02 66.73 7.21
CA GLU G 3754 12.12 66.98 6.27
C GLU G 3754 13.40 67.36 6.99
N GLU G 3755 13.33 67.97 8.18
CA GLU G 3755 14.56 68.27 8.90
C GLU G 3755 15.22 67.00 9.44
N LYS G 3756 14.42 66.01 9.88
CA LYS G 3756 15.03 64.78 10.38
C LYS G 3756 15.51 63.90 9.23
N GLU G 3757 14.80 63.90 8.09
CA GLU G 3757 15.32 63.17 6.93
C GLU G 3757 16.53 63.88 6.34
N MET G 3758 16.57 65.21 6.48
CA MET G 3758 17.70 66.01 6.06
C MET G 3758 18.93 65.67 6.87
N GLU G 3759 18.79 65.54 8.20
CA GLU G 3759 19.98 65.21 8.99
C GLU G 3759 20.39 63.76 8.84
N LYS G 3760 19.46 62.83 8.57
CA LYS G 3760 19.91 61.45 8.36
C LYS G 3760 20.62 61.31 7.00
N GLN G 3761 20.18 62.04 5.97
CA GLN G 3761 20.98 61.94 4.75
C GLN G 3761 22.19 62.86 4.75
N ARG G 3762 22.25 63.84 5.66
CA ARG G 3762 23.52 64.51 5.97
C ARG G 3762 24.50 63.52 6.58
N LEU G 3763 24.01 62.65 7.47
CA LEU G 3763 24.84 61.59 8.01
C LEU G 3763 25.28 60.63 6.91
N LEU G 3764 24.36 60.29 5.99
CA LEU G 3764 24.70 59.37 4.91
C LEU G 3764 25.72 60.00 3.95
N TYR G 3765 25.61 61.31 3.72
CA TYR G 3765 26.60 62.00 2.90
C TYR G 3765 27.96 62.07 3.59
N GLN G 3766 27.98 62.31 4.90
CA GLN G 3766 29.24 62.35 5.63
C GLN G 3766 29.85 60.97 5.81
N GLN G 3767 29.07 59.91 5.62
CA GLN G 3767 29.61 58.55 5.70
C GLN G 3767 30.06 58.04 4.33
N SER G 3768 29.38 58.48 3.26
CA SER G 3768 29.87 58.30 1.89
C SER G 3768 31.02 59.25 1.57
N ARG G 3769 31.26 60.24 2.42
CA ARG G 3769 32.49 61.02 2.36
C ARG G 3769 33.71 60.13 2.52
N LEU G 3770 33.62 59.15 3.42
CA LEU G 3770 34.74 58.32 3.82
C LEU G 3770 34.73 56.94 3.17
N HIS G 3771 33.62 56.18 3.28
CA HIS G 3771 33.66 54.77 2.91
C HIS G 3771 33.57 54.52 1.42
N THR G 3772 33.54 55.56 0.59
CA THR G 3772 33.70 55.41 -0.85
C THR G 3772 35.16 55.23 -1.25
N ARG G 3773 36.10 55.34 -0.32
CA ARG G 3773 37.53 55.17 -0.55
C ARG G 3773 38.16 54.18 0.42
N GLY G 3774 37.49 53.05 0.68
CA GLY G 3774 38.13 51.97 1.40
C GLY G 3774 38.11 52.07 2.90
N ALA G 3775 37.43 53.08 3.46
CA ALA G 3775 37.33 53.22 4.91
C ALA G 3775 36.43 52.16 5.55
N ALA G 3776 35.57 51.50 4.78
CA ALA G 3776 34.74 50.44 5.32
C ALA G 3776 35.51 49.13 5.45
N GLU G 3777 36.54 48.92 4.63
CA GLU G 3777 37.38 47.72 4.73
C GLU G 3777 38.73 47.98 5.38
N MET G 3778 39.07 49.24 5.68
CA MET G 3778 40.25 49.51 6.49
C MET G 3778 40.05 49.04 7.93
N VAL G 3779 38.81 49.04 8.41
CA VAL G 3779 38.55 48.85 9.84
C VAL G 3779 38.68 47.37 10.25
N LEU G 3780 38.59 46.42 9.30
CA LEU G 3780 38.45 45.04 9.71
C LEU G 3780 39.78 44.31 9.82
N GLN G 3781 40.73 44.59 8.93
CA GLN G 3781 41.99 43.86 8.96
C GLN G 3781 42.88 44.27 10.12
N MET G 3782 42.70 45.47 10.66
CA MET G 3782 43.40 45.81 11.90
C MET G 3782 42.79 45.11 13.10
N ILE G 3783 41.56 44.58 12.97
CA ILE G 3783 41.02 43.66 13.95
C ILE G 3783 41.52 42.24 13.67
N SER G 3784 41.63 41.88 12.40
CA SER G 3784 41.99 40.51 12.01
C SER G 3784 43.45 40.20 12.30
N ALA G 3785 44.31 41.20 12.28
CA ALA G 3785 45.72 41.00 12.64
C ALA G 3785 45.96 41.13 14.13
N CYS G 3786 44.92 41.41 14.92
CA CYS G 3786 45.09 41.55 16.36
C CYS G 3786 45.09 40.18 17.04
N LYS G 3787 44.04 39.38 16.83
CA LYS G 3787 43.75 38.06 17.42
C LYS G 3787 44.11 37.90 18.89
N GLY G 3788 43.38 38.61 19.76
CA GLY G 3788 43.49 38.41 21.18
C GLY G 3788 44.35 39.41 21.91
N GLU G 3789 44.07 40.70 21.72
CA GLU G 3789 44.70 41.78 22.47
C GLU G 3789 43.66 42.86 22.72
N THR G 3790 43.29 43.04 23.99
CA THR G 3790 42.29 44.03 24.38
C THR G 3790 42.91 45.38 24.74
N GLY G 3791 43.70 45.90 23.81
CA GLY G 3791 44.39 47.17 24.01
C GLY G 3791 43.48 48.37 23.83
N ALA G 3792 44.12 49.54 23.74
CA ALA G 3792 43.41 50.81 23.66
C ALA G 3792 43.12 51.26 22.23
N MET G 3793 43.82 50.69 21.24
CA MET G 3793 43.54 51.05 19.85
C MET G 3793 42.30 50.35 19.31
N VAL G 3794 41.97 49.18 19.86
CA VAL G 3794 40.71 48.50 19.54
C VAL G 3794 39.53 49.34 20.00
N SER G 3795 39.69 50.00 21.15
CA SER G 3795 38.73 50.88 21.79
C SER G 3795 38.53 52.20 21.05
N SER G 3796 39.28 52.48 19.99
CA SER G 3796 38.99 53.58 19.07
C SER G 3796 38.57 53.10 17.69
N THR G 3797 39.17 52.01 17.21
CA THR G 3797 38.78 51.50 15.90
C THR G 3797 37.43 50.80 15.91
N LEU G 3798 36.84 50.56 17.09
CA LEU G 3798 35.44 50.15 17.12
C LEU G 3798 34.48 51.33 17.29
N LYS G 3799 34.94 52.44 17.91
CA LYS G 3799 34.16 53.67 17.83
C LYS G 3799 34.04 54.16 16.39
N LEU G 3800 35.11 54.00 15.61
CA LEU G 3800 35.01 54.32 14.18
C LEU G 3800 34.05 53.37 13.48
N GLY G 3801 33.96 52.12 13.94
CA GLY G 3801 33.02 51.18 13.34
C GLY G 3801 31.57 51.48 13.67
N ILE G 3802 31.30 51.88 14.92
CA ILE G 3802 30.01 52.47 15.30
C ILE G 3802 29.69 53.66 14.41
N SER G 3803 30.71 54.50 14.17
CA SER G 3803 30.52 55.73 13.42
C SER G 3803 30.21 55.48 11.96
N ILE G 3804 30.82 54.45 11.36
CA ILE G 3804 30.65 54.29 9.92
C ILE G 3804 29.52 53.30 9.63
N LEU G 3805 29.11 52.49 10.61
CA LEU G 3805 27.96 51.62 10.45
C LEU G 3805 26.67 52.21 11.02
N ASN G 3806 26.72 53.40 11.62
CA ASN G 3806 25.48 54.00 12.09
C ASN G 3806 24.68 54.57 10.93
N GLY G 3807 23.36 54.42 11.00
CA GLY G 3807 22.46 54.95 10.00
C GLY G 3807 21.64 53.92 9.25
N GLY G 3808 22.03 52.64 9.27
CA GLY G 3808 21.29 51.61 8.58
C GLY G 3808 21.48 51.60 7.08
N ASN G 3809 22.74 51.60 6.66
CA ASN G 3809 23.10 51.69 5.25
C ASN G 3809 23.36 50.30 4.67
N ALA G 3810 23.04 50.13 3.38
CA ALA G 3810 23.12 48.83 2.72
C ALA G 3810 24.34 48.66 1.82
N GLU G 3811 24.82 49.74 1.20
CA GLU G 3811 26.04 49.61 0.42
C GLU G 3811 27.28 49.47 1.29
N VAL G 3812 27.23 49.91 2.56
CA VAL G 3812 28.32 49.60 3.49
C VAL G 3812 28.33 48.11 3.85
N GLN G 3813 27.21 47.40 3.68
CA GLN G 3813 27.11 45.97 3.94
C GLN G 3813 27.55 45.14 2.73
N GLN G 3814 27.05 45.52 1.55
CA GLN G 3814 27.51 44.91 0.30
C GLN G 3814 28.94 45.32 -0.06
N LYS G 3815 29.49 46.35 0.57
CA LYS G 3815 30.92 46.60 0.53
C LYS G 3815 31.69 45.48 1.22
N MET G 3816 31.19 45.00 2.36
CA MET G 3816 31.93 44.07 3.19
C MET G 3816 31.77 42.61 2.76
N LEU G 3817 30.59 42.23 2.25
CA LEU G 3817 30.27 40.81 2.15
C LEU G 3817 31.16 40.10 1.12
N ASP G 3818 31.16 40.58 -0.14
CA ASP G 3818 31.99 40.01 -1.19
C ASP G 3818 33.48 40.11 -0.86
N TYR G 3819 33.88 41.20 -0.22
CA TYR G 3819 35.27 41.42 0.14
C TYR G 3819 35.75 40.44 1.20
N LEU G 3820 34.86 39.99 2.09
CA LEU G 3820 35.25 38.93 3.00
C LEU G 3820 35.15 37.53 2.39
N LYS G 3821 34.11 37.26 1.57
CA LYS G 3821 33.94 35.90 1.05
C LYS G 3821 34.95 35.52 -0.04
N ASP G 3822 35.39 36.46 -0.86
CA ASP G 3822 36.36 36.07 -1.89
C ASP G 3822 37.80 36.20 -1.41
N LYS G 3823 38.04 36.82 -0.25
CA LYS G 3823 39.38 36.84 0.30
C LYS G 3823 39.73 35.49 0.90
N LYS G 3824 38.80 34.88 1.64
CA LYS G 3824 38.94 33.58 2.31
C LYS G 3824 40.15 33.58 3.26
N GLU G 3825 40.08 34.48 4.23
CA GLU G 3825 41.09 34.57 5.28
C GLU G 3825 40.38 34.58 6.62
N VAL G 3826 40.26 33.42 7.23
CA VAL G 3826 39.65 33.30 8.55
C VAL G 3826 40.67 33.81 9.57
N GLY G 3827 40.18 34.43 10.64
CA GLY G 3827 41.04 35.06 11.62
C GLY G 3827 40.40 36.29 12.21
N PHE G 3828 39.58 37.00 11.42
CA PHE G 3828 38.71 38.02 11.98
C PHE G 3828 37.64 37.38 12.87
N PHE G 3829 37.16 36.20 12.50
CA PHE G 3829 36.15 35.56 13.31
C PHE G 3829 36.74 34.91 14.57
N GLN G 3830 38.00 34.46 14.54
CA GLN G 3830 38.65 34.10 15.79
C GLN G 3830 39.05 35.31 16.63
N SER G 3831 39.26 36.47 15.99
CA SER G 3831 39.43 37.71 16.77
C SER G 3831 38.17 38.04 17.55
N ILE G 3832 37.00 37.92 16.91
CA ILE G 3832 35.76 38.14 17.64
C ILE G 3832 35.45 36.99 18.60
N GLN G 3833 35.97 35.79 18.32
CA GLN G 3833 35.85 34.67 19.26
C GLN G 3833 36.62 34.95 20.55
N ALA G 3834 37.85 35.43 20.43
CA ALA G 3834 38.72 35.62 21.59
C ALA G 3834 38.49 36.96 22.29
N LEU G 3835 37.94 37.96 21.59
CA LEU G 3835 37.89 39.30 22.16
C LEU G 3835 36.71 39.49 23.11
N MET G 3836 35.67 38.67 23.01
CA MET G 3836 34.48 38.88 23.81
C MET G 3836 34.44 38.07 25.10
N GLN G 3837 35.27 37.03 25.21
CA GLN G 3837 35.36 36.25 26.44
C GLN G 3837 36.41 36.77 27.40
N THR G 3838 37.23 37.74 26.99
CA THR G 3838 38.19 38.37 27.90
C THR G 3838 37.62 39.66 28.50
N CYS G 3839 36.38 39.55 28.95
CA CYS G 3839 35.62 40.64 29.52
C CYS G 3839 35.42 40.39 31.00
N SER G 3840 35.20 41.47 31.75
CA SER G 3840 35.15 41.43 33.21
C SER G 3840 33.73 41.22 33.71
N VAL G 3841 33.62 40.48 34.81
CA VAL G 3841 32.36 39.90 35.28
C VAL G 3841 32.10 40.50 36.67
N LEU G 3842 30.86 40.46 37.14
CA LEU G 3842 30.52 40.85 38.52
C LEU G 3842 30.77 39.67 39.46
N ASP G 3843 32.04 39.33 39.63
CA ASP G 3843 32.46 38.35 40.61
C ASP G 3843 32.74 39.03 41.94
N LEU G 3844 32.47 38.29 43.02
CA LEU G 3844 32.38 38.88 44.36
C LEU G 3844 33.53 38.44 45.25
N ASN G 3845 34.74 38.47 44.71
CA ASN G 3845 35.96 38.41 45.50
C ASN G 3845 36.78 39.65 45.21
N ALA G 3846 36.64 40.19 44.00
CA ALA G 3846 37.26 41.45 43.63
C ALA G 3846 36.36 42.66 43.91
N PHE G 3847 35.31 42.48 44.71
CA PHE G 3847 34.36 43.55 45.00
C PHE G 3847 34.47 44.08 46.43
N GLU G 3848 34.48 43.18 47.42
CA GLU G 3848 34.48 43.61 48.81
C GLU G 3848 35.83 44.15 49.28
N ARG G 3849 36.90 43.93 48.51
CA ARG G 3849 38.14 44.61 48.83
C ARG G 3849 38.11 46.09 48.43
N GLN G 3850 37.60 46.42 47.24
CA GLN G 3850 37.47 47.83 46.94
C GLN G 3850 36.25 48.47 47.62
N ASN G 3851 35.32 47.66 48.13
CA ASN G 3851 34.31 48.19 49.05
C ASN G 3851 34.96 48.83 50.27
N LYS G 3852 36.05 48.25 50.76
CA LYS G 3852 36.76 48.84 51.88
C LYS G 3852 37.72 49.92 51.40
N ALA G 3853 38.33 49.72 50.22
CA ALA G 3853 39.28 50.68 49.68
C ALA G 3853 38.63 51.99 49.25
N GLU G 3854 37.31 52.00 49.00
CA GLU G 3854 36.62 53.23 48.65
C GLU G 3854 36.36 54.13 49.85
N GLY G 3855 36.32 53.57 51.06
CA GLY G 3855 36.18 54.39 52.24
C GLY G 3855 37.42 55.16 52.60
N LEU G 3856 38.58 54.76 52.09
CA LEU G 3856 39.85 55.42 52.37
C LEU G 3856 40.02 56.59 51.41
N GLY G 3857 39.50 57.75 51.81
CA GLY G 3857 39.57 58.94 50.99
C GLY G 3857 40.85 59.75 51.13
N MET G 3858 41.40 59.82 52.34
CA MET G 3858 42.56 60.65 52.63
C MET G 3858 43.75 59.74 52.89
N VAL G 3859 44.79 59.88 52.08
CA VAL G 3859 46.05 59.19 52.28
C VAL G 3859 47.05 60.22 52.81
N ASN G 3860 48.01 59.74 53.60
CA ASN G 3860 48.92 60.63 54.30
C ASN G 3860 50.06 61.05 53.38
N GLU G 3861 51.09 61.69 53.96
CA GLU G 3861 52.28 62.20 53.26
C GLU G 3861 51.91 63.21 52.18
N ASP G 3862 50.90 64.04 52.47
CA ASP G 3862 50.40 65.12 51.60
C ASP G 3862 49.93 64.57 50.25
N GLY G 3863 48.95 63.68 50.31
CA GLY G 3863 48.40 63.05 49.12
C GLY G 3863 46.89 62.96 49.17
N THR G 3864 46.29 62.77 47.99
CA THR G 3864 44.87 62.53 47.82
C THR G 3864 44.71 61.24 47.01
N VAL G 3865 43.52 60.63 47.09
CA VAL G 3865 43.26 59.40 46.36
C VAL G 3865 43.20 59.68 44.86
N ILE G 3866 43.95 58.90 44.08
CA ILE G 3866 43.87 58.98 42.61
C ILE G 3866 42.81 57.96 42.20
N ASN G 3867 41.55 58.39 42.29
CA ASN G 3867 40.44 57.49 41.99
C ASN G 3867 40.34 57.21 40.49
N ARG G 3868 40.69 58.19 39.67
CA ARG G 3868 40.71 58.02 38.23
C ARG G 3868 41.83 57.10 37.76
N GLN G 3869 42.97 57.08 38.48
CA GLN G 3869 44.05 56.17 38.14
C GLN G 3869 43.81 54.77 38.71
N ASN G 3870 43.09 54.67 39.82
CA ASN G 3870 42.71 53.35 40.30
C ASN G 3870 41.59 52.75 39.46
N GLY G 3871 40.63 53.56 39.06
CA GLY G 3871 39.46 53.11 38.33
C GLY G 3871 38.55 52.27 39.21
N GLU G 3872 37.62 51.60 38.54
CA GLU G 3872 36.80 50.56 39.15
C GLU G 3872 37.38 49.22 38.71
N LYS G 3873 37.88 48.44 39.68
CA LYS G 3873 38.47 47.15 39.35
C LYS G 3873 37.41 46.12 38.99
N VAL G 3874 36.17 46.32 39.43
CA VAL G 3874 35.07 45.45 39.07
C VAL G 3874 34.34 46.01 37.84
N MET G 3875 34.29 45.20 36.78
CA MET G 3875 33.92 45.60 35.41
C MET G 3875 34.68 46.84 34.95
N ALA G 3876 35.97 46.63 34.70
CA ALA G 3876 36.82 47.61 34.06
C ALA G 3876 36.76 47.54 32.54
N ASP G 3877 36.13 46.50 31.99
CA ASP G 3877 36.03 46.31 30.54
C ASP G 3877 34.64 46.64 30.02
N ASP G 3878 33.99 47.66 30.59
CA ASP G 3878 32.59 47.94 30.29
C ASP G 3878 32.42 48.56 28.92
N GLU G 3879 33.21 49.59 28.60
CA GLU G 3879 33.05 50.31 27.33
C GLU G 3879 33.47 49.45 26.14
N PHE G 3880 34.38 48.50 26.37
CA PHE G 3880 34.90 47.66 25.30
C PHE G 3880 33.80 46.75 24.74
N THR G 3881 33.17 45.95 25.62
CA THR G 3881 32.05 45.12 25.21
C THR G 3881 30.76 45.92 25.01
N GLN G 3882 30.71 47.16 25.50
CA GLN G 3882 29.60 48.04 25.12
C GLN G 3882 29.66 48.40 23.65
N ASP G 3883 30.85 48.73 23.15
CA ASP G 3883 30.99 49.14 21.75
C ASP G 3883 31.03 47.95 20.80
N LEU G 3884 31.59 46.80 21.22
CA LEU G 3884 31.65 45.63 20.35
C LEU G 3884 30.25 45.09 20.04
N PHE G 3885 29.37 45.06 21.05
CA PHE G 3885 28.03 44.53 20.82
C PHE G 3885 27.18 45.48 19.99
N ARG G 3886 27.41 46.79 20.09
CA ARG G 3886 26.67 47.67 19.19
C ARG G 3886 27.27 47.63 17.77
N PHE G 3887 28.55 47.25 17.65
CA PHE G 3887 29.11 47.02 16.32
C PHE G 3887 28.48 45.79 15.66
N LEU G 3888 28.34 44.70 16.40
CA LEU G 3888 27.63 43.54 15.86
C LEU G 3888 26.12 43.76 15.76
N GLN G 3889 25.59 44.76 16.48
CA GLN G 3889 24.20 45.18 16.32
C GLN G 3889 24.00 45.82 14.95
N LEU G 3890 24.79 46.85 14.67
CA LEU G 3890 24.66 47.65 13.45
C LEU G 3890 25.35 47.02 12.25
N LEU G 3891 26.04 45.90 12.46
CA LEU G 3891 26.49 45.11 11.32
C LEU G 3891 25.33 44.36 10.66
N CYS G 3892 24.24 44.12 11.41
CA CYS G 3892 23.11 43.36 10.90
C CYS G 3892 21.76 44.03 11.17
N GLU G 3893 21.76 45.29 11.62
CA GLU G 3893 20.50 46.03 11.81
C GLU G 3893 19.76 46.24 10.50
N GLY G 3894 20.46 46.25 9.36
CA GLY G 3894 19.86 46.45 8.06
C GLY G 3894 18.97 45.35 7.53
N HIS G 3895 18.66 44.32 8.33
CA HIS G 3895 17.69 43.26 8.02
C HIS G 3895 18.08 42.47 6.78
N ASN G 3896 19.36 42.16 6.64
CA ASN G 3896 19.86 41.50 5.44
C ASN G 3896 20.35 40.11 5.83
N ASN G 3897 19.63 39.08 5.37
CA ASN G 3897 19.72 37.76 6.00
C ASN G 3897 20.84 36.88 5.48
N ASP G 3898 21.49 37.26 4.38
CA ASP G 3898 22.72 36.59 4.00
C ASP G 3898 23.80 36.81 5.06
N PHE G 3899 23.77 37.96 5.74
CA PHE G 3899 24.65 38.20 6.88
C PHE G 3899 24.30 37.30 8.07
N GLN G 3900 23.02 37.01 8.29
CA GLN G 3900 22.65 36.14 9.41
C GLN G 3900 22.97 34.66 9.14
N ASN G 3901 22.78 34.19 7.91
CA ASN G 3901 23.29 32.86 7.56
C ASN G 3901 24.81 32.82 7.54
N TYR G 3902 25.44 33.92 7.12
CA TYR G 3902 26.89 34.08 7.13
C TYR G 3902 27.47 34.00 8.53
N LEU G 3903 26.82 34.63 9.51
CA LEU G 3903 27.46 34.89 10.79
C LEU G 3903 27.56 33.63 11.64
N ARG G 3904 26.87 32.57 11.23
CA ARG G 3904 26.82 31.29 11.91
C ARG G 3904 27.29 30.13 11.04
N THR G 3905 27.19 30.22 9.70
CA THR G 3905 27.46 29.08 8.83
C THR G 3905 28.27 29.55 7.64
N GLN G 3906 29.54 29.16 7.61
CA GLN G 3906 30.47 29.58 6.57
C GLN G 3906 31.01 28.31 5.89
N THR G 3907 30.27 27.82 4.90
CA THR G 3907 30.76 26.71 4.08
C THR G 3907 31.85 27.18 3.12
N GLY G 3908 31.89 28.48 2.80
CA GLY G 3908 32.94 29.00 1.95
C GLY G 3908 34.31 29.03 2.60
N ASN G 3909 34.37 29.10 3.92
CA ASN G 3909 35.62 28.95 4.66
C ASN G 3909 35.67 27.56 5.28
N THR G 3910 36.78 27.24 5.93
CA THR G 3910 37.00 25.93 6.53
C THR G 3910 36.73 25.91 8.03
N THR G 3911 36.31 27.01 8.62
CA THR G 3911 36.15 27.13 10.06
C THR G 3911 34.85 27.85 10.37
N THR G 3912 33.95 27.18 11.07
CA THR G 3912 32.76 27.81 11.61
C THR G 3912 33.10 28.42 12.96
N ILE G 3913 32.53 29.59 13.26
CA ILE G 3913 32.85 30.21 14.55
C ILE G 3913 31.60 30.36 15.40
N ASN G 3914 30.42 30.47 14.76
CA ASN G 3914 29.10 30.42 15.40
C ASN G 3914 28.94 31.45 16.54
N ILE G 3915 28.79 32.74 16.20
CA ILE G 3915 28.90 33.80 17.20
C ILE G 3915 27.74 33.82 18.19
N ILE G 3916 26.56 33.30 17.80
CA ILE G 3916 25.35 33.56 18.58
C ILE G 3916 25.31 32.73 19.86
N ILE G 3917 25.73 31.46 19.81
CA ILE G 3917 25.80 30.67 21.03
C ILE G 3917 26.96 31.10 21.92
N CYS G 3918 28.01 31.71 21.36
CA CYS G 3918 29.01 32.37 22.20
C CYS G 3918 28.41 33.57 22.94
N THR G 3919 27.54 34.33 22.27
CA THR G 3919 26.88 35.45 22.94
C THR G 3919 25.88 34.96 23.97
N VAL G 3920 25.25 33.80 23.75
CA VAL G 3920 24.29 33.35 24.75
C VAL G 3920 24.99 32.68 25.92
N ASP G 3921 26.20 32.13 25.72
CA ASP G 3921 27.00 31.68 26.87
C ASP G 3921 27.56 32.86 27.65
N TYR G 3922 27.87 33.96 26.95
CA TYR G 3922 28.14 35.23 27.60
C TYR G 3922 26.93 35.71 28.40
N LEU G 3923 25.72 35.52 27.85
CA LEU G 3923 24.50 35.95 28.52
C LEU G 3923 24.22 35.15 29.77
N LEU G 3924 24.49 33.83 29.73
CA LEU G 3924 24.26 33.03 30.93
C LEU G 3924 25.37 33.18 31.96
N ARG G 3925 26.60 33.47 31.53
CA ARG G 3925 27.63 33.92 32.47
C ARG G 3925 27.22 35.23 33.14
N LEU G 3926 26.56 36.12 32.39
CA LEU G 3926 26.04 37.36 32.98
C LEU G 3926 24.94 37.08 34.01
N GLN G 3927 24.01 36.18 33.70
CA GLN G 3927 22.90 36.01 34.64
C GLN G 3927 23.32 35.21 35.86
N GLU G 3928 24.19 34.21 35.71
CA GLU G 3928 24.73 33.56 36.91
C GLU G 3928 25.80 34.40 37.61
N SER G 3929 26.23 35.52 37.02
CA SER G 3929 26.96 36.52 37.81
C SER G 3929 26.03 37.38 38.64
N ILE G 3930 25.05 38.00 37.98
CA ILE G 3930 24.23 39.00 38.68
C ILE G 3930 23.18 38.36 39.58
N SER G 3931 22.87 37.07 39.37
CA SER G 3931 21.99 36.35 40.28
C SER G 3931 22.66 36.11 41.63
N ASP G 3932 23.95 35.75 41.61
CA ASP G 3932 24.67 35.65 42.87
C ASP G 3932 25.05 37.01 43.42
N PHE G 3933 25.16 38.04 42.57
CA PHE G 3933 25.28 39.42 43.05
C PHE G 3933 24.04 39.83 43.84
N TYR G 3934 22.86 39.38 43.40
CA TYR G 3934 21.63 39.64 44.14
C TYR G 3934 21.54 38.79 45.39
N TRP G 3935 21.99 37.54 45.32
CA TRP G 3935 21.94 36.64 46.47
C TRP G 3935 23.00 36.99 47.53
N TYR G 3936 24.00 37.79 47.17
CA TYR G 3936 24.98 38.33 48.10
C TYR G 3936 24.43 39.42 49.00
N TYR G 3937 23.49 40.25 48.50
CA TYR G 3937 22.92 41.34 49.27
C TYR G 3937 21.41 41.19 49.49
N SER G 3938 20.86 39.99 49.30
CA SER G 3938 19.48 39.73 49.69
C SER G 3938 19.26 39.80 51.21
N GLY G 3939 20.32 39.70 52.02
CA GLY G 3939 20.16 39.81 53.45
C GLY G 3939 19.91 41.22 53.93
N LYS G 3940 20.45 42.21 53.24
CA LYS G 3940 20.26 43.60 53.63
C LYS G 3940 19.13 44.20 52.81
N ASP G 3941 18.24 44.94 53.47
CA ASP G 3941 17.06 45.50 52.82
C ASP G 3941 17.39 46.79 52.06
N VAL G 3942 17.84 47.81 52.77
CA VAL G 3942 18.21 49.09 52.19
C VAL G 3942 19.59 48.98 51.57
N ILE G 3943 19.68 49.14 50.26
CA ILE G 3943 20.96 49.04 49.55
C ILE G 3943 21.47 50.46 49.26
N GLU G 3944 22.78 50.66 49.43
CA GLU G 3944 23.39 51.98 49.34
C GLU G 3944 23.95 52.21 47.93
N GLU G 3945 24.84 53.21 47.80
CA GLU G 3945 25.17 53.83 46.52
C GLU G 3945 26.04 52.98 45.59
N GLN G 3946 27.32 52.78 45.93
CA GLN G 3946 28.30 52.26 44.96
C GLN G 3946 28.01 50.83 44.53
N GLY G 3947 27.39 50.02 45.39
CA GLY G 3947 26.94 48.69 44.95
C GLY G 3947 25.90 48.77 43.86
N LYS G 3948 24.95 49.69 43.98
CA LYS G 3948 23.95 49.82 42.94
C LYS G 3948 24.45 50.63 41.74
N ARG G 3949 25.52 51.41 41.90
CA ARG G 3949 26.17 52.00 40.72
C ARG G 3949 26.94 50.93 39.94
N ASN G 3950 27.55 49.98 40.66
CA ASN G 3950 28.13 48.79 40.04
C ASN G 3950 27.06 47.93 39.38
N PHE G 3951 25.86 47.89 39.96
CA PHE G 3951 24.70 47.30 39.29
C PHE G 3951 24.29 48.10 38.05
N SER G 3952 24.44 49.43 38.09
CA SER G 3952 23.97 50.28 37.02
C SER G 3952 24.86 50.16 35.78
N LYS G 3953 26.18 50.20 35.96
CA LYS G 3953 27.04 50.07 34.78
C LYS G 3953 27.15 48.63 34.29
N ALA G 3954 26.57 47.67 35.01
CA ALA G 3954 26.40 46.31 34.48
C ALA G 3954 25.08 46.17 33.74
N MET G 3955 23.99 46.73 34.27
CA MET G 3955 22.72 46.68 33.56
C MET G 3955 22.73 47.61 32.34
N SER G 3956 23.63 48.59 32.29
CA SER G 3956 23.77 49.43 31.11
C SER G 3956 24.39 48.68 29.93
N VAL G 3957 25.29 47.72 30.19
CA VAL G 3957 25.78 46.88 29.09
C VAL G 3957 24.82 45.72 28.85
N ALA G 3958 24.03 45.36 29.88
CA ALA G 3958 22.93 44.42 29.67
C ALA G 3958 21.87 45.01 28.74
N LYS G 3959 21.70 46.34 28.80
CA LYS G 3959 20.78 47.09 27.94
C LYS G 3959 21.04 46.85 26.47
N GLN G 3960 22.31 46.65 26.09
CA GLN G 3960 22.67 46.44 24.70
C GLN G 3960 22.92 44.98 24.34
N VAL G 3961 23.39 44.16 25.29
CA VAL G 3961 23.53 42.75 24.94
C VAL G 3961 22.16 42.07 24.93
N PHE G 3962 21.12 42.69 25.50
CA PHE G 3962 19.79 42.08 25.46
C PHE G 3962 19.13 42.20 24.09
N ASN G 3963 19.49 43.22 23.29
CA ASN G 3963 18.95 43.31 21.93
C ASN G 3963 19.99 43.01 20.85
N SER G 3964 21.26 42.83 21.23
CA SER G 3964 22.28 42.48 20.25
C SER G 3964 22.09 41.09 19.64
N LEU G 3965 21.31 40.22 20.28
CA LEU G 3965 20.89 38.98 19.66
C LEU G 3965 19.45 39.04 19.14
N THR G 3966 18.76 40.17 19.33
CA THR G 3966 17.46 40.32 18.69
C THR G 3966 17.58 40.85 17.27
N GLU G 3967 18.54 41.74 17.01
CA GLU G 3967 18.79 42.02 15.59
C GLU G 3967 19.64 40.95 14.87
N TYR G 3968 19.76 39.75 15.43
CA TYR G 3968 20.06 38.56 14.64
C TYR G 3968 18.82 37.74 14.30
N ILE G 3969 17.70 37.92 14.99
CA ILE G 3969 16.56 37.03 14.81
C ILE G 3969 15.34 37.72 14.23
N GLN G 3970 15.26 39.06 14.22
CA GLN G 3970 14.11 39.69 13.60
C GLN G 3970 14.15 39.71 12.08
N GLY G 3971 15.18 39.15 11.44
CA GLY G 3971 15.20 39.00 10.00
C GLY G 3971 14.31 37.88 9.52
N PRO G 3972 13.74 38.03 8.31
CA PRO G 3972 12.79 37.01 7.80
C PRO G 3972 13.45 35.73 7.29
N CYS G 3973 14.05 34.99 8.22
CA CYS G 3973 14.57 33.66 7.96
C CYS G 3973 14.56 32.89 9.28
N THR G 3974 13.96 31.70 9.27
CA THR G 3974 13.82 30.90 10.47
C THR G 3974 15.03 30.02 10.76
N GLY G 3975 16.13 30.21 10.03
CA GLY G 3975 17.33 29.40 10.26
C GLY G 3975 18.06 29.69 11.55
N ASN G 3976 17.88 30.89 12.12
CA ASN G 3976 18.47 31.19 13.43
C ASN G 3976 17.80 30.37 14.54
N GLN G 3977 16.49 30.18 14.44
CA GLN G 3977 15.69 29.43 15.40
C GLN G 3977 15.93 27.92 15.33
N GLN G 3978 16.74 27.43 14.38
CA GLN G 3978 17.20 26.05 14.46
C GLN G 3978 18.16 25.88 15.62
N SER G 3979 19.15 26.76 15.72
CA SER G 3979 20.16 26.65 16.77
C SER G 3979 19.75 27.33 18.06
N LEU G 3980 19.02 28.45 17.98
CA LEU G 3980 18.60 29.17 19.19
C LEU G 3980 17.59 28.39 20.02
N ALA G 3981 16.89 27.43 19.42
CA ALA G 3981 15.99 26.57 20.17
C ALA G 3981 16.73 25.39 20.79
N HIS G 3982 17.67 24.79 20.06
CA HIS G 3982 18.34 23.59 20.54
C HIS G 3982 19.49 23.88 21.49
N SER G 3983 20.05 25.09 21.49
CA SER G 3983 21.20 25.38 22.33
C SER G 3983 20.74 25.90 23.69
N ARG G 3984 21.62 26.66 24.36
CA ARG G 3984 21.53 26.96 25.78
C ARG G 3984 20.95 28.35 26.07
N LEU G 3985 19.90 28.74 25.34
CA LEU G 3985 19.30 30.04 25.55
C LEU G 3985 18.29 30.05 26.70
N TRP G 3986 17.43 29.04 26.80
CA TRP G 3986 16.20 29.23 27.55
C TRP G 3986 16.37 28.99 29.04
N ASP G 3987 17.34 28.17 29.46
CA ASP G 3987 17.63 28.11 30.88
C ASP G 3987 18.29 29.41 31.35
N ALA G 3988 19.03 30.08 30.47
CA ALA G 3988 19.49 31.43 30.76
C ALA G 3988 18.33 32.41 30.84
N VAL G 3989 17.28 32.20 30.03
CA VAL G 3989 16.10 33.08 30.13
C VAL G 3989 15.37 32.87 31.45
N VAL G 3990 15.23 31.63 31.92
CA VAL G 3990 14.57 31.41 33.22
C VAL G 3990 15.46 31.92 34.35
N GLY G 3991 16.79 31.82 34.20
CA GLY G 3991 17.69 32.37 35.19
C GLY G 3991 17.67 33.89 35.24
N PHE G 3992 17.40 34.54 34.10
CA PHE G 3992 17.13 35.97 34.13
C PHE G 3992 15.76 36.28 34.73
N LEU G 3993 14.72 35.50 34.38
CA LEU G 3993 13.35 35.81 34.79
C LEU G 3993 13.12 35.64 36.28
N HIS G 3994 13.85 34.72 36.93
CA HIS G 3994 13.76 34.58 38.38
C HIS G 3994 14.21 35.85 39.08
N VAL G 3995 15.39 36.37 38.72
CA VAL G 3995 15.86 37.60 39.35
C VAL G 3995 15.08 38.81 38.86
N PHE G 3996 14.45 38.72 37.67
CA PHE G 3996 13.61 39.81 37.17
C PHE G 3996 12.35 39.96 38.00
N ALA G 3997 11.77 38.83 38.43
CA ALA G 3997 10.64 38.89 39.34
C ALA G 3997 11.03 39.07 40.80
N HIS G 3998 12.29 38.78 41.16
CA HIS G 3998 12.74 38.92 42.55
C HIS G 3998 13.43 40.25 42.87
N MET G 3999 13.76 41.08 41.87
CA MET G 3999 14.44 42.33 42.23
C MET G 3999 13.46 43.36 42.77
N MET G 4000 12.29 43.47 42.17
CA MET G 4000 11.31 44.47 42.61
C MET G 4000 10.50 44.00 43.82
N MET G 4001 10.80 42.84 44.39
CA MET G 4001 10.29 42.53 45.72
C MET G 4001 10.95 43.35 46.80
N LYS G 4002 12.24 43.67 46.66
CA LYS G 4002 12.92 44.50 47.64
C LYS G 4002 13.21 45.91 47.14
N LEU G 4003 13.22 46.15 45.82
CA LEU G 4003 13.43 47.50 45.32
C LEU G 4003 12.15 48.33 45.22
N ALA G 4004 11.15 48.03 46.05
CA ALA G 4004 10.00 48.91 46.25
C ALA G 4004 9.90 49.38 47.71
N GLN G 4005 10.97 49.25 48.48
CA GLN G 4005 10.95 49.55 49.91
C GLN G 4005 10.93 51.04 50.20
N ASP G 4006 11.73 51.82 49.47
CA ASP G 4006 11.98 53.22 49.78
C ASP G 4006 11.77 54.05 48.50
N SER G 4007 11.63 55.37 48.67
CA SER G 4007 11.40 56.25 47.52
C SER G 4007 12.65 56.42 46.65
N SER G 4008 13.84 56.12 47.17
CA SER G 4008 15.08 56.25 46.41
C SER G 4008 15.47 54.96 45.70
N GLN G 4009 14.49 54.15 45.27
CA GLN G 4009 14.76 52.84 44.71
C GLN G 4009 14.17 52.67 43.31
N ILE G 4010 13.69 53.75 42.69
CA ILE G 4010 12.86 53.62 41.51
C ILE G 4010 13.57 54.05 40.23
N GLU G 4011 14.54 54.96 40.29
CA GLU G 4011 15.18 55.45 39.07
C GLU G 4011 16.18 54.46 38.48
N LEU G 4012 16.52 53.42 39.23
CA LEU G 4012 17.28 52.27 38.73
C LEU G 4012 16.40 51.05 38.50
N LEU G 4013 15.29 50.95 39.23
CA LEU G 4013 14.36 49.86 38.97
C LEU G 4013 13.68 50.07 37.63
N LYS G 4014 13.42 51.33 37.23
CA LYS G 4014 12.86 51.58 35.91
C LYS G 4014 13.90 51.36 34.82
N GLU G 4015 15.20 51.50 35.16
CA GLU G 4015 16.25 51.02 34.26
C GLU G 4015 16.13 49.52 34.06
N LEU G 4016 15.83 48.78 35.13
CA LEU G 4016 15.66 47.34 34.97
C LEU G 4016 14.38 47.02 34.19
N LEU G 4017 13.34 47.86 34.30
CA LEU G 4017 12.15 47.48 33.53
C LEU G 4017 12.17 47.99 32.09
N ASP G 4018 12.96 49.01 31.72
CA ASP G 4018 13.13 49.14 30.28
C ASP G 4018 14.28 48.27 29.76
N LEU G 4019 14.95 47.50 30.65
CA LEU G 4019 15.52 46.22 30.20
C LEU G 4019 14.44 45.15 29.99
N GLN G 4020 13.38 45.14 30.80
CA GLN G 4020 12.26 44.21 30.55
C GLN G 4020 11.56 44.52 29.23
N LYS G 4021 11.58 45.79 28.83
CA LYS G 4021 11.08 46.26 27.53
C LYS G 4021 11.71 45.50 26.38
N ASP G 4022 13.02 45.25 26.45
CA ASP G 4022 13.69 44.48 25.41
C ASP G 4022 13.75 42.99 25.72
N MET G 4023 13.57 42.62 26.99
CA MET G 4023 13.40 41.21 27.33
C MET G 4023 12.14 40.62 26.73
N VAL G 4024 11.08 41.41 26.59
CA VAL G 4024 9.88 40.89 25.92
C VAL G 4024 10.03 40.87 24.40
N VAL G 4025 10.78 41.82 23.81
CA VAL G 4025 10.95 41.80 22.36
C VAL G 4025 12.04 40.80 21.96
N MET G 4026 12.77 40.25 22.93
CA MET G 4026 13.60 39.07 22.71
C MET G 4026 12.77 37.93 22.14
N LEU G 4027 11.75 37.50 22.88
CA LEU G 4027 10.93 36.37 22.47
C LEU G 4027 9.70 36.79 21.70
N LEU G 4028 9.47 38.10 21.49
CA LEU G 4028 8.50 38.51 20.48
C LEU G 4028 8.97 38.11 19.09
N SER G 4029 10.29 38.09 18.87
CA SER G 4029 10.84 37.82 17.55
C SER G 4029 10.83 36.34 17.18
N LEU G 4030 10.75 35.42 18.15
CA LEU G 4030 10.62 34.00 17.84
C LEU G 4030 9.20 33.59 17.49
N LEU G 4031 8.25 34.52 17.57
CA LEU G 4031 6.90 34.34 17.07
C LEU G 4031 6.77 34.74 15.61
N GLU G 4032 7.89 35.00 14.93
CA GLU G 4032 7.89 35.41 13.54
C GLU G 4032 7.90 34.18 12.65
N GLY G 4033 6.94 34.10 11.74
CA GLY G 4033 6.73 32.87 11.01
C GLY G 4033 6.25 31.75 11.92
N ASN G 4034 5.29 32.05 12.81
CA ASN G 4034 4.87 31.12 13.84
C ASN G 4034 3.93 30.08 13.25
N VAL G 4035 4.41 28.84 13.14
CA VAL G 4035 3.52 27.73 12.82
C VAL G 4035 2.56 27.55 13.99
N VAL G 4036 1.32 27.15 13.68
CA VAL G 4036 0.24 27.13 14.66
C VAL G 4036 0.52 26.09 15.75
N ASN G 4037 0.77 24.85 15.36
CA ASN G 4037 1.26 23.82 16.27
C ASN G 4037 2.67 23.45 15.81
N GLY G 4038 3.65 24.15 16.36
CA GLY G 4038 5.04 23.89 16.06
C GLY G 4038 5.83 23.60 17.32
N MET G 4039 6.91 22.82 17.19
CA MET G 4039 7.72 22.48 18.34
C MET G 4039 8.47 23.70 18.89
N ILE G 4040 8.73 24.71 18.04
CA ILE G 4040 9.22 26.00 18.52
C ILE G 4040 8.16 26.68 19.39
N ALA G 4041 6.88 26.57 19.00
CA ALA G 4041 5.81 27.18 19.79
C ALA G 4041 5.57 26.43 21.09
N ARG G 4042 5.81 25.11 21.11
CA ARG G 4042 5.71 24.36 22.36
C ARG G 4042 6.92 24.60 23.26
N GLN G 4043 8.09 24.82 22.66
CA GLN G 4043 9.28 25.16 23.41
C GLN G 4043 9.30 26.64 23.82
N MET G 4044 8.37 27.43 23.31
CA MET G 4044 8.08 28.75 23.86
C MET G 4044 7.39 28.67 25.22
N VAL G 4045 6.55 27.65 25.43
CA VAL G 4045 5.69 27.59 26.61
C VAL G 4045 6.14 26.54 27.62
N ASP G 4046 7.03 25.62 27.24
CA ASP G 4046 7.64 24.77 28.27
C ASP G 4046 8.66 25.55 29.11
N MET G 4047 9.07 26.73 28.62
CA MET G 4047 9.72 27.77 29.42
C MET G 4047 9.02 27.99 30.74
N LEU G 4048 7.71 28.25 30.69
CA LEU G 4048 6.94 28.69 31.84
C LEU G 4048 6.42 27.54 32.69
N VAL G 4049 6.80 26.30 32.40
CA VAL G 4049 6.63 25.19 33.33
C VAL G 4049 7.95 24.60 33.79
N GLU G 4050 9.06 24.91 33.11
CA GLU G 4050 10.38 24.74 33.70
C GLU G 4050 10.63 25.83 34.74
N SER G 4051 9.99 26.99 34.55
CA SER G 4051 10.09 28.10 35.48
C SER G 4051 8.70 28.50 35.97
N SER G 4052 7.89 27.54 36.41
CA SER G 4052 6.51 27.82 36.77
C SER G 4052 6.40 28.69 38.00
N SER G 4053 7.42 28.70 38.86
CA SER G 4053 7.32 29.33 40.17
C SER G 4053 7.72 30.80 40.18
N ASN G 4054 8.13 31.38 39.05
CA ASN G 4054 8.53 32.78 39.00
C ASN G 4054 7.70 33.59 38.01
N VAL G 4055 6.56 33.07 37.59
CA VAL G 4055 5.68 33.76 36.65
C VAL G 4055 4.43 34.31 37.33
N GLU G 4056 3.97 33.63 38.40
CA GLU G 4056 2.82 34.13 39.15
C GLU G 4056 3.13 35.49 39.78
N MET G 4057 4.38 35.67 40.20
CA MET G 4057 4.83 36.91 40.82
C MET G 4057 4.82 38.07 39.83
N ILE G 4058 5.41 37.87 38.64
CA ILE G 4058 5.44 38.94 37.63
C ILE G 4058 4.08 39.11 36.95
N LEU G 4059 3.16 38.16 37.13
CA LEU G 4059 1.80 38.35 36.61
C LEU G 4059 0.89 39.05 37.60
N LYS G 4060 1.09 38.83 38.89
CA LYS G 4060 0.30 39.53 39.89
C LYS G 4060 0.91 40.87 40.28
N PHE G 4061 2.17 41.12 39.92
CA PHE G 4061 2.77 42.42 40.17
C PHE G 4061 2.16 43.49 39.28
N PHE G 4062 1.75 43.12 38.06
CA PHE G 4062 1.09 44.04 37.16
C PHE G 4062 -0.40 44.15 37.44
N ASP G 4063 -0.92 43.40 38.42
CA ASP G 4063 -2.30 43.47 38.88
C ASP G 4063 -2.45 44.18 40.21
N MET G 4064 -1.47 44.05 41.11
CA MET G 4064 -1.52 44.72 42.40
C MET G 4064 -1.24 46.22 42.32
N PHE G 4065 -0.82 46.73 41.16
CA PHE G 4065 -0.62 48.17 40.97
C PHE G 4065 -1.50 48.75 39.88
N LEU G 4066 -2.31 47.92 39.20
CA LEU G 4066 -3.20 48.43 38.16
C LEU G 4066 -4.68 48.41 38.52
N LYS G 4067 -5.12 47.58 39.47
CA LYS G 4067 -6.39 47.83 40.15
C LYS G 4067 -6.28 48.91 41.21
N LEU G 4068 -5.07 49.45 41.39
CA LEU G 4068 -4.79 50.62 42.22
C LEU G 4068 -5.69 51.80 41.91
N LYS G 4069 -5.84 52.14 40.62
CA LYS G 4069 -6.74 53.22 40.24
C LYS G 4069 -8.20 52.77 40.24
N ASP G 4070 -8.46 51.47 40.32
CA ASP G 4070 -9.81 50.95 40.48
C ASP G 4070 -10.26 50.91 41.93
N ILE G 4071 -9.34 51.06 42.90
CA ILE G 4071 -9.77 51.27 44.28
C ILE G 4071 -10.41 52.64 44.43
N VAL G 4072 -9.81 53.67 43.81
CA VAL G 4072 -10.30 55.04 43.90
C VAL G 4072 -11.50 55.28 43.02
N GLY G 4073 -11.73 54.43 42.01
CA GLY G 4073 -12.84 54.62 41.09
C GLY G 4073 -14.21 54.39 41.70
N SER G 4074 -14.28 53.70 42.84
CA SER G 4074 -15.53 53.58 43.57
C SER G 4074 -15.65 54.70 44.59
N GLU G 4075 -16.89 55.12 44.83
CA GLU G 4075 -17.18 56.16 45.80
C GLU G 4075 -17.33 55.63 47.22
N ALA G 4076 -17.46 54.32 47.40
CA ALA G 4076 -17.57 53.77 48.73
C ALA G 4076 -16.21 53.73 49.43
N PHE G 4077 -15.14 53.53 48.67
CA PHE G 4077 -13.81 53.51 49.25
C PHE G 4077 -13.16 54.89 49.33
N GLN G 4078 -13.88 55.94 48.91
CA GLN G 4078 -13.37 57.30 48.93
C GLN G 4078 -13.79 58.05 50.19
N ASP G 4079 -14.99 57.81 50.69
CA ASP G 4079 -15.55 58.58 51.80
C ASP G 4079 -15.23 57.97 53.16
N TYR G 4080 -14.09 57.27 53.29
CA TYR G 4080 -13.70 56.73 54.59
C TYR G 4080 -13.27 57.85 55.54
N VAL G 4081 -12.08 58.39 55.31
CA VAL G 4081 -11.56 59.51 56.09
C VAL G 4081 -11.75 60.76 55.25
N THR G 4082 -12.74 61.57 55.61
CA THR G 4082 -13.09 62.77 54.88
C THR G 4082 -12.31 64.01 55.34
N ASP G 4083 -11.07 63.81 55.79
CA ASP G 4083 -10.24 64.92 56.22
C ASP G 4083 -9.80 65.75 55.02
N PRO G 4084 -9.78 67.08 55.12
CA PRO G 4084 -9.33 67.92 54.00
C PRO G 4084 -7.82 67.91 53.79
N ARG G 4085 -7.06 67.29 54.70
CA ARG G 4085 -5.62 67.17 54.53
C ARG G 4085 -5.28 66.26 53.36
N GLY G 4086 -5.90 65.08 53.32
CA GLY G 4086 -5.48 64.03 52.41
C GLY G 4086 -4.57 62.99 53.04
N LEU G 4087 -4.29 63.10 54.34
CA LEU G 4087 -3.51 62.11 55.06
C LEU G 4087 -4.46 61.10 55.69
N ILE G 4088 -4.79 60.07 54.95
CA ILE G 4088 -5.54 58.96 55.53
C ILE G 4088 -4.56 58.02 56.21
N SER G 4089 -4.91 57.55 57.41
CA SER G 4089 -4.01 56.69 58.15
C SER G 4089 -3.99 55.30 57.56
N LYS G 4090 -2.91 54.57 57.83
CA LYS G 4090 -2.68 53.26 57.21
C LYS G 4090 -3.63 52.20 57.74
N LYS G 4091 -3.91 52.26 59.05
CA LYS G 4091 -4.81 51.30 59.68
C LYS G 4091 -6.25 51.49 59.27
N ASP G 4092 -6.63 52.71 58.86
CA ASP G 4092 -7.97 52.93 58.34
C ASP G 4092 -8.14 52.36 56.94
N PHE G 4093 -7.03 52.11 56.24
CA PHE G 4093 -7.09 51.49 54.91
C PHE G 4093 -6.83 49.99 54.94
N GLN G 4094 -6.13 49.48 55.96
CA GLN G 4094 -5.83 48.05 56.01
C GLN G 4094 -7.08 47.20 56.23
N LYS G 4095 -7.88 47.54 57.25
CA LYS G 4095 -9.14 46.85 57.50
C LYS G 4095 -10.16 47.12 56.41
N ALA G 4096 -10.01 48.21 55.66
CA ALA G 4096 -10.89 48.51 54.53
C ALA G 4096 -10.58 47.64 53.33
N MET G 4097 -9.29 47.44 53.04
CA MET G 4097 -8.88 46.53 51.98
C MET G 4097 -9.07 45.06 52.38
N ASP G 4098 -9.13 44.78 53.69
CA ASP G 4098 -9.47 43.42 54.12
C ASP G 4098 -10.94 43.09 53.91
N SER G 4099 -11.79 44.08 53.66
CA SER G 4099 -13.21 43.83 53.45
C SER G 4099 -13.56 43.52 51.99
N GLN G 4100 -12.73 43.91 51.03
CA GLN G 4100 -13.02 43.62 49.63
C GLN G 4100 -12.76 42.14 49.32
N LYS G 4101 -13.42 41.65 48.26
CA LYS G 4101 -13.28 40.26 47.84
C LYS G 4101 -12.29 40.07 46.71
N GLN G 4102 -11.61 41.13 46.28
CA GLN G 4102 -10.61 41.06 45.22
C GLN G 4102 -9.19 41.22 45.74
N PHE G 4103 -8.95 40.78 46.97
CA PHE G 4103 -7.66 40.97 47.61
C PHE G 4103 -7.17 39.66 48.21
N THR G 4104 -5.94 39.67 48.71
CA THR G 4104 -5.32 38.54 49.37
C THR G 4104 -4.91 38.97 50.77
N GLY G 4105 -5.12 38.08 51.75
CA GLY G 4105 -4.92 38.35 53.16
C GLY G 4105 -3.54 38.85 53.57
N PRO G 4106 -2.51 38.00 53.42
CA PRO G 4106 -1.15 38.45 53.79
C PRO G 4106 -0.54 39.44 52.81
N GLU G 4107 -1.21 39.76 51.70
CA GLU G 4107 -0.70 40.68 50.69
C GLU G 4107 -1.29 42.08 50.84
N ILE G 4108 -1.47 42.57 52.07
CA ILE G 4108 -1.90 43.95 52.28
C ILE G 4108 -0.75 44.81 52.80
N GLN G 4109 -0.14 44.37 53.91
CA GLN G 4109 0.83 45.19 54.62
C GLN G 4109 2.17 45.26 53.88
N PHE G 4110 2.45 44.32 52.98
CA PHE G 4110 3.68 44.40 52.18
C PHE G 4110 3.62 45.55 51.18
N LEU G 4111 2.49 45.72 50.48
CA LEU G 4111 2.33 46.92 49.66
C LEU G 4111 2.10 48.16 50.50
N LEU G 4112 1.64 48.03 51.75
CA LEU G 4112 1.67 49.18 52.64
C LEU G 4112 3.11 49.60 52.94
N SER G 4113 4.01 48.62 53.11
CA SER G 4113 5.42 48.92 53.29
C SER G 4113 6.07 49.44 52.01
N CYS G 4114 5.55 49.01 50.85
CA CYS G 4114 5.96 49.59 49.58
C CYS G 4114 5.50 51.04 49.45
N SER G 4115 4.35 51.36 50.02
CA SER G 4115 3.91 52.75 50.11
C SER G 4115 4.74 53.49 51.16
N GLU G 4116 4.65 54.81 51.11
CA GLU G 4116 5.37 55.65 52.06
C GLU G 4116 4.70 55.57 53.43
N ALA G 4117 5.50 55.30 54.47
CA ALA G 4117 4.94 55.09 55.80
C ALA G 4117 4.63 56.40 56.49
N ASP G 4118 5.68 57.19 56.78
CA ASP G 4118 5.62 58.48 57.48
C ASP G 4118 4.89 58.35 58.83
N GLU G 4119 5.53 57.59 59.72
CA GLU G 4119 5.04 57.24 61.05
C GLU G 4119 3.66 56.57 61.02
N ASN G 4120 3.41 55.78 59.97
CA ASN G 4120 2.21 54.94 59.80
C ASN G 4120 0.91 55.74 59.85
N GLU G 4121 0.94 57.01 59.42
CA GLU G 4121 -0.25 57.84 59.47
C GLU G 4121 -0.42 58.67 58.21
N MET G 4122 0.20 58.26 57.09
CA MET G 4122 0.14 59.02 55.85
C MET G 4122 0.28 58.04 54.70
N ILE G 4123 -0.74 58.00 53.83
CA ILE G 4123 -0.68 57.16 52.64
C ILE G 4123 -0.33 58.00 51.41
N ASN G 4124 -1.12 59.05 51.17
CA ASN G 4124 -1.04 59.94 50.02
C ASN G 4124 -1.12 59.14 48.71
N PHE G 4125 -2.31 58.58 48.50
CA PHE G 4125 -2.53 57.72 47.34
C PHE G 4125 -2.51 58.47 46.01
N GLU G 4126 -2.51 59.82 46.02
CA GLU G 4126 -2.24 60.56 44.79
C GLU G 4126 -0.81 60.32 44.27
N GLU G 4127 0.16 60.10 45.16
CA GLU G 4127 1.49 59.76 44.67
C GLU G 4127 1.81 58.27 44.79
N PHE G 4128 1.04 57.52 45.57
CA PHE G 4128 0.99 56.06 45.38
C PHE G 4128 0.51 55.71 43.97
N ALA G 4129 -0.39 56.53 43.40
CA ALA G 4129 -0.99 56.19 42.11
C ALA G 4129 -0.04 56.40 40.93
N ASN G 4130 0.28 57.65 40.61
CA ASN G 4130 0.82 57.99 39.29
C ASN G 4130 2.30 57.68 39.12
N ARG G 4131 2.99 57.20 40.16
CA ARG G 4131 4.44 57.01 40.05
C ARG G 4131 4.84 55.59 39.65
N PHE G 4132 4.02 54.59 39.96
CA PHE G 4132 4.42 53.19 39.78
C PHE G 4132 3.92 52.56 38.48
N GLN G 4133 3.16 53.29 37.67
CA GLN G 4133 2.81 52.85 36.33
C GLN G 4133 3.43 53.70 35.24
N GLU G 4134 4.20 54.72 35.60
CA GLU G 4134 5.02 55.44 34.62
C GLU G 4134 6.10 54.52 34.02
N PRO G 4135 6.76 53.62 34.75
CA PRO G 4135 7.50 52.56 34.05
C PRO G 4135 6.68 51.32 33.71
N ALA G 4136 5.41 51.25 34.13
CA ALA G 4136 4.57 50.09 33.86
C ALA G 4136 3.43 50.43 32.88
N ARG G 4137 3.63 51.44 32.04
CA ARG G 4137 2.72 51.73 30.93
C ARG G 4137 3.16 51.06 29.64
N ASP G 4138 4.46 50.84 29.47
CA ASP G 4138 5.04 50.27 28.27
C ASP G 4138 5.39 48.79 28.40
N ILE G 4139 5.68 48.34 29.61
CA ILE G 4139 5.99 46.93 29.79
C ILE G 4139 4.71 46.12 29.99
N GLY G 4140 3.66 46.75 30.52
CA GLY G 4140 2.42 46.03 30.79
C GLY G 4140 1.68 45.67 29.51
N PHE G 4141 1.73 46.58 28.53
CA PHE G 4141 1.09 46.32 27.25
C PHE G 4141 1.79 45.19 26.51
N ASN G 4142 3.12 45.18 26.51
CA ASN G 4142 3.86 44.13 25.82
C ASN G 4142 3.82 42.80 26.56
N VAL G 4143 3.67 42.79 27.89
CA VAL G 4143 3.46 41.47 28.49
C VAL G 4143 2.02 41.01 28.27
N ALA G 4144 1.06 41.95 28.08
CA ALA G 4144 -0.27 41.56 27.64
C ALA G 4144 -0.23 40.96 26.24
N VAL G 4145 0.59 41.56 25.37
CA VAL G 4145 0.84 41.01 24.05
C VAL G 4145 1.46 39.61 24.16
N LEU G 4146 2.38 39.43 25.13
CA LEU G 4146 3.00 38.13 25.34
C LEU G 4146 1.99 37.06 25.75
N LEU G 4147 1.04 37.41 26.60
CA LEU G 4147 0.00 36.45 26.97
C LEU G 4147 -1.01 36.22 25.84
N THR G 4148 -1.23 37.21 24.96
CA THR G 4148 -2.22 37.02 23.91
C THR G 4148 -1.63 36.58 22.58
N ASN G 4149 -0.31 36.48 22.44
CA ASN G 4149 0.25 35.81 21.27
C ASN G 4149 -0.07 34.32 21.32
N LEU G 4150 0.14 33.71 22.46
CA LEU G 4150 0.21 32.28 22.62
C LEU G 4150 -1.15 31.65 22.94
N SER G 4151 -2.15 32.46 23.32
CA SER G 4151 -3.47 31.92 23.61
C SER G 4151 -4.17 31.45 22.34
N GLU G 4152 -4.04 32.21 21.25
CA GLU G 4152 -4.64 31.80 19.98
C GLU G 4152 -3.66 31.06 19.07
N HIS G 4153 -2.37 31.03 19.40
CA HIS G 4153 -1.42 30.33 18.55
C HIS G 4153 -1.45 28.83 18.79
N VAL G 4154 -1.26 28.40 20.03
CA VAL G 4154 -1.35 26.98 20.36
C VAL G 4154 -2.68 26.74 21.07
N PRO G 4155 -3.59 25.96 20.51
CA PRO G 4155 -4.83 25.64 21.21
C PRO G 4155 -4.76 24.29 21.92
N HIS G 4156 -5.75 24.06 22.80
CA HIS G 4156 -6.04 22.79 23.46
C HIS G 4156 -4.87 22.27 24.29
N ASP G 4157 -4.53 23.04 25.32
CA ASP G 4157 -3.42 22.74 26.21
C ASP G 4157 -3.78 23.26 27.60
N PRO G 4158 -3.62 22.45 28.65
CA PRO G 4158 -4.23 22.79 29.94
C PRO G 4158 -3.53 23.88 30.73
N ARG G 4159 -2.21 23.77 30.89
CA ARG G 4159 -1.53 24.59 31.89
C ARG G 4159 -1.12 25.96 31.38
N LEU G 4160 -1.20 26.22 30.07
CA LEU G 4160 -1.01 27.58 29.58
C LEU G 4160 -2.31 28.39 29.59
N ARG G 4161 -3.41 27.81 30.05
CA ARG G 4161 -4.70 28.48 30.06
C ARG G 4161 -5.02 29.16 31.38
N ASN G 4162 -4.47 28.66 32.50
CA ASN G 4162 -4.84 29.18 33.81
C ASN G 4162 -4.29 30.59 34.03
N PHE G 4163 -3.09 30.86 33.54
CA PHE G 4163 -2.44 32.12 33.88
C PHE G 4163 -3.01 33.30 33.11
N LEU G 4164 -3.67 33.10 31.97
CA LEU G 4164 -4.43 34.20 31.40
C LEU G 4164 -5.68 34.49 32.23
N GLU G 4165 -6.29 33.48 32.86
CA GLU G 4165 -7.36 33.78 33.82
C GLU G 4165 -6.82 34.48 35.07
N LEU G 4166 -5.58 34.19 35.46
CA LEU G 4166 -4.97 34.88 36.58
C LEU G 4166 -4.40 36.26 36.21
N ALA G 4167 -4.23 36.56 34.93
CA ALA G 4167 -3.66 37.84 34.52
C ALA G 4167 -4.44 38.50 33.38
N GLU G 4168 -5.76 38.31 33.35
CA GLU G 4168 -6.63 39.01 32.40
C GLU G 4168 -6.82 40.50 32.70
N SER G 4169 -6.27 41.02 33.81
CA SER G 4169 -6.46 42.41 34.21
C SER G 4169 -5.82 43.40 33.25
N ILE G 4170 -4.55 43.17 32.88
CA ILE G 4170 -3.88 44.07 31.95
C ILE G 4170 -4.43 43.92 30.54
N LEU G 4171 -4.93 42.73 30.20
CA LEU G 4171 -5.63 42.54 28.93
C LEU G 4171 -6.92 43.35 28.90
N GLU G 4172 -7.67 43.34 30.02
CA GLU G 4172 -8.90 44.12 30.10
C GLU G 4172 -8.63 45.61 30.12
N TYR G 4173 -7.54 46.03 30.76
CA TYR G 4173 -7.17 47.44 30.77
C TYR G 4173 -6.69 47.90 29.39
N PHE G 4174 -6.08 47.01 28.62
CA PHE G 4174 -5.56 47.35 27.30
C PHE G 4174 -6.43 46.81 26.18
N ARG G 4175 -7.70 46.52 26.44
CA ARG G 4175 -8.66 46.28 25.35
C ARG G 4175 -8.78 47.42 24.34
N PRO G 4176 -8.85 48.71 24.70
CA PRO G 4176 -8.83 49.74 23.63
C PRO G 4176 -7.48 49.91 22.97
N TYR G 4177 -6.39 49.55 23.63
CA TYR G 4177 -5.06 49.75 23.10
C TYR G 4177 -4.52 48.52 22.36
N LEU G 4178 -5.34 47.51 22.14
CA LEU G 4178 -4.94 46.28 21.47
C LEU G 4178 -5.63 46.16 20.11
N GLY G 4179 -4.92 45.59 19.15
CA GLY G 4179 -5.45 45.38 17.80
C GLY G 4179 -4.86 44.15 17.15
N ARG G 4180 -5.70 43.39 16.46
CA ARG G 4180 -5.30 42.12 15.86
C ARG G 4180 -5.36 42.28 14.34
N ILE G 4181 -4.22 42.15 13.67
CA ILE G 4181 -4.08 42.56 12.27
C ILE G 4181 -3.29 41.51 11.50
N GLU G 4182 -3.71 41.25 10.26
CA GLU G 4182 -3.22 40.13 9.46
C GLU G 4182 -2.58 40.67 8.18
N ILE G 4183 -1.39 40.16 7.83
CA ILE G 4183 -0.71 40.48 6.58
C ILE G 4183 -0.27 39.19 5.90
N MET G 4184 -0.62 39.05 4.62
CA MET G 4184 -0.17 37.94 3.79
C MET G 4184 1.34 38.06 3.57
N GLY G 4185 2.05 36.94 3.64
CA GLY G 4185 3.48 37.07 3.41
C GLY G 4185 4.21 35.75 3.39
N ALA G 4186 5.49 35.83 2.98
CA ALA G 4186 6.48 34.75 2.99
C ALA G 4186 6.00 33.53 2.20
N SER G 4187 5.58 33.79 0.95
CA SER G 4187 5.06 32.78 0.01
C SER G 4187 3.86 32.03 0.59
N ARG G 4188 2.79 32.79 0.81
CA ARG G 4188 1.50 32.32 1.33
C ARG G 4188 1.64 31.64 2.70
N ARG G 4189 2.00 32.47 3.69
CA ARG G 4189 2.08 32.05 5.10
C ARG G 4189 1.67 33.24 5.95
N ILE G 4190 0.37 33.32 6.30
CA ILE G 4190 -0.16 34.49 7.01
C ILE G 4190 -0.20 34.24 8.52
N GLU G 4191 0.37 35.18 9.27
CA GLU G 4191 0.34 35.15 10.73
C GLU G 4191 0.19 36.57 11.25
N ARG G 4192 -0.46 36.69 12.42
CA ARG G 4192 -0.94 37.96 12.95
C ARG G 4192 0.14 38.74 13.69
N ILE G 4193 0.00 40.07 13.65
CA ILE G 4193 0.94 41.01 14.25
C ILE G 4193 0.13 41.98 15.11
N TYR G 4194 0.64 42.31 16.30
CA TYR G 4194 -0.03 43.21 17.22
C TYR G 4194 0.68 44.56 17.26
N PHE G 4195 -0.09 45.61 17.55
CA PHE G 4195 0.42 46.97 17.55
C PHE G 4195 -0.20 47.71 18.72
N GLU G 4196 0.30 48.92 18.98
CA GLU G 4196 -0.19 49.77 20.06
C GLU G 4196 -0.81 51.01 19.45
N ILE G 4197 -1.91 51.48 20.04
CA ILE G 4197 -2.51 52.75 19.65
C ILE G 4197 -2.53 53.65 20.89
N SER G 4198 -2.17 54.92 20.69
CA SER G 4198 -1.99 55.87 21.77
C SER G 4198 -3.32 56.42 22.26
N GLU G 4199 -3.33 56.85 23.52
CA GLU G 4199 -4.56 57.37 24.12
C GLU G 4199 -4.94 58.74 23.58
N THR G 4200 -3.98 59.47 22.99
CA THR G 4200 -4.29 60.77 22.41
C THR G 4200 -5.12 60.61 21.14
N ASN G 4201 -4.68 59.73 20.24
CA ASN G 4201 -5.44 59.40 19.03
C ASN G 4201 -6.51 58.33 19.27
N ARG G 4202 -6.66 57.83 20.50
CA ARG G 4202 -7.76 56.92 20.80
C ARG G 4202 -9.10 57.65 20.82
N ALA G 4203 -9.27 58.60 21.74
CA ALA G 4203 -10.59 59.16 22.02
C ALA G 4203 -11.06 60.17 20.98
N GLN G 4204 -10.24 60.48 19.98
CA GLN G 4204 -10.56 61.52 19.02
C GLN G 4204 -10.90 61.00 17.62
N TRP G 4205 -10.69 59.70 17.34
CA TRP G 4205 -11.17 59.16 16.07
C TRP G 4205 -12.68 59.01 16.07
N GLU G 4206 -13.30 58.95 17.24
CA GLU G 4206 -14.75 58.81 17.36
C GLU G 4206 -15.42 60.19 17.48
N MET G 4207 -15.17 61.04 16.47
CA MET G 4207 -15.83 62.33 16.39
C MET G 4207 -16.45 62.52 15.01
N PRO G 4208 -17.57 63.26 14.93
CA PRO G 4208 -18.24 63.47 13.64
C PRO G 4208 -17.50 64.37 12.64
N GLN G 4209 -16.27 64.83 12.95
CA GLN G 4209 -15.44 65.43 11.91
C GLN G 4209 -14.96 64.38 10.91
N VAL G 4210 -14.93 63.10 11.32
CA VAL G 4210 -14.37 62.04 10.50
C VAL G 4210 -15.28 60.80 10.42
N LYS G 4211 -16.19 60.59 11.41
CA LYS G 4211 -17.04 59.40 11.34
C LYS G 4211 -18.08 59.45 10.23
N GLU G 4212 -18.33 60.61 9.64
CA GLU G 4212 -19.16 60.65 8.44
C GLU G 4212 -18.33 60.64 7.16
N SER G 4213 -17.06 61.07 7.20
CA SER G 4213 -16.15 60.82 6.08
C SER G 4213 -15.90 59.33 5.90
N LYS G 4214 -15.98 58.59 7.00
CA LYS G 4214 -16.06 57.13 7.01
C LYS G 4214 -17.09 56.62 6.01
N ARG G 4215 -18.36 57.00 6.18
CA ARG G 4215 -19.42 56.52 5.31
C ARG G 4215 -19.38 57.20 3.95
N GLN G 4216 -18.86 58.43 3.89
CA GLN G 4216 -18.59 59.12 2.62
C GLN G 4216 -17.71 58.31 1.68
N PHE G 4217 -16.71 57.60 2.22
CA PHE G 4217 -15.98 56.72 1.31
C PHE G 4217 -16.43 55.26 1.39
N ILE G 4218 -17.21 54.88 2.40
CA ILE G 4218 -17.82 53.54 2.40
C ILE G 4218 -18.83 53.41 1.26
N PHE G 4219 -19.53 54.50 0.92
CA PHE G 4219 -20.53 54.47 -0.15
C PHE G 4219 -19.91 54.24 -1.52
N ASP G 4220 -18.64 54.60 -1.70
CA ASP G 4220 -18.05 54.58 -3.03
C ASP G 4220 -16.86 53.65 -3.18
N VAL G 4221 -16.97 52.41 -2.71
CA VAL G 4221 -15.97 51.39 -3.04
C VAL G 4221 -16.66 50.26 -3.82
N VAL G 4222 -17.98 50.16 -3.71
CA VAL G 4222 -18.75 49.24 -4.55
C VAL G 4222 -19.56 50.01 -5.60
N ASN G 4223 -19.87 51.30 -5.36
CA ASN G 4223 -20.60 52.11 -6.33
C ASN G 4223 -19.77 52.39 -7.58
N GLU G 4224 -18.46 52.59 -7.42
CA GLU G 4224 -17.62 52.87 -8.57
C GLU G 4224 -16.35 52.02 -8.56
N GLY G 4225 -15.95 51.53 -7.40
CA GLY G 4225 -14.67 50.84 -7.30
C GLY G 4225 -14.71 49.42 -7.82
N GLY G 4226 -13.57 48.97 -8.34
CA GLY G 4226 -13.40 47.59 -8.73
C GLY G 4226 -12.70 46.77 -7.66
N GLU G 4227 -12.48 45.49 -7.99
CA GLU G 4227 -11.82 44.58 -7.06
C GLU G 4227 -10.32 44.85 -6.97
N ALA G 4228 -9.70 45.24 -8.09
CA ALA G 4228 -8.27 45.47 -8.10
C ALA G 4228 -7.90 46.86 -7.60
N GLU G 4229 -8.85 47.80 -7.55
CA GLU G 4229 -8.58 49.18 -7.14
C GLU G 4229 -9.45 49.63 -5.97
N LYS G 4230 -9.59 48.79 -4.94
CA LYS G 4230 -10.42 49.15 -3.79
C LYS G 4230 -9.61 49.69 -2.60
N MET G 4231 -8.49 49.04 -2.27
CA MET G 4231 -7.62 49.51 -1.20
C MET G 4231 -6.56 50.49 -1.67
N GLU G 4232 -6.36 50.61 -2.99
CA GLU G 4232 -5.52 51.65 -3.56
C GLU G 4232 -6.10 53.04 -3.29
N LEU G 4233 -7.42 53.11 -3.12
CA LEU G 4233 -8.09 54.31 -2.66
C LEU G 4233 -8.12 54.42 -1.14
N PHE G 4234 -8.13 53.27 -0.46
CA PHE G 4234 -8.25 53.25 0.99
C PHE G 4234 -6.98 53.77 1.67
N VAL G 4235 -5.80 53.52 1.08
CA VAL G 4235 -4.59 54.05 1.73
C VAL G 4235 -4.51 55.57 1.60
N SER G 4236 -5.02 56.14 0.50
CA SER G 4236 -5.10 57.59 0.40
C SER G 4236 -6.18 58.15 1.31
N PHE G 4237 -7.25 57.38 1.54
CA PHE G 4237 -8.26 57.74 2.53
C PHE G 4237 -7.66 57.83 3.93
N CYS G 4238 -6.85 56.84 4.33
CA CYS G 4238 -6.23 56.89 5.65
C CYS G 4238 -5.23 58.04 5.78
N GLU G 4239 -4.42 58.29 4.75
CA GLU G 4239 -3.47 59.40 4.89
C GLU G 4239 -4.15 60.77 4.82
N ASP G 4240 -5.26 60.90 4.09
CA ASP G 4240 -5.99 62.17 4.09
C ASP G 4240 -6.68 62.40 5.44
N THR G 4241 -7.18 61.33 6.07
CA THR G 4241 -7.79 61.49 7.39
C THR G 4241 -6.75 61.82 8.45
N ILE G 4242 -5.57 61.20 8.38
CA ILE G 4242 -4.55 61.51 9.37
C ILE G 4242 -3.93 62.89 9.07
N PHE G 4243 -4.05 63.38 7.83
CA PHE G 4243 -3.71 64.75 7.49
C PHE G 4243 -4.69 65.77 8.09
N GLU G 4244 -6.00 65.51 8.00
CA GLU G 4244 -6.90 66.43 8.67
C GLU G 4244 -6.84 66.31 10.17
N MET G 4245 -6.41 65.16 10.71
CA MET G 4245 -6.19 65.14 12.15
C MET G 4245 -4.85 65.79 12.52
N GLN G 4246 -3.87 65.84 11.60
CA GLN G 4246 -2.71 66.68 11.80
C GLN G 4246 -3.09 68.15 11.95
N ILE G 4247 -3.90 68.66 11.01
CA ILE G 4247 -4.23 70.08 11.08
C ILE G 4247 -5.27 70.35 12.21
N ALA G 4248 -6.14 69.38 12.49
CA ALA G 4248 -7.13 69.52 13.54
C ALA G 4248 -6.52 69.39 14.94
N ALA G 4249 -5.45 68.60 15.06
CA ALA G 4249 -4.69 68.56 16.30
C ALA G 4249 -3.83 69.79 16.45
N GLN G 4250 -3.47 70.44 15.33
CA GLN G 4250 -2.81 71.74 15.43
C GLN G 4250 -3.77 72.79 15.99
N ILE G 4251 -5.00 72.86 15.44
CA ILE G 4251 -5.94 73.88 15.88
C ILE G 4251 -6.83 73.38 17.02
N SER G 4252 -6.54 72.22 17.59
CA SER G 4252 -7.28 71.73 18.75
C SER G 4252 -6.90 72.52 19.99
N GLU G 4253 -7.76 72.46 21.00
CA GLU G 4253 -7.52 73.22 22.22
C GLU G 4253 -6.39 72.62 23.05
N UNK G 4318 -30.00 63.30 12.20
CA UNK G 4318 -29.65 64.30 13.20
C UNK G 4318 -30.15 65.68 12.79
N UNK G 4319 -29.87 66.06 11.54
CA UNK G 4319 -30.29 67.36 11.03
C UNK G 4319 -31.65 67.27 10.35
N UNK G 4320 -31.97 66.08 9.83
CA UNK G 4320 -33.22 65.84 9.11
C UNK G 4320 -34.43 65.91 10.06
N UNK G 4321 -34.29 65.33 11.25
CA UNK G 4321 -35.36 65.37 12.25
C UNK G 4321 -35.58 66.79 12.75
N UNK G 4322 -34.48 67.54 12.89
CA UNK G 4322 -34.54 68.95 13.29
C UNK G 4322 -35.25 69.79 12.23
N UNK G 4323 -34.93 69.55 10.97
CA UNK G 4323 -35.57 70.24 9.85
C UNK G 4323 -37.06 69.90 9.75
N UNK G 4324 -37.39 68.64 10.02
CA UNK G 4324 -38.77 68.17 10.03
C UNK G 4324 -39.58 68.85 11.13
N UNK G 4325 -39.00 68.93 12.32
CA UNK G 4325 -39.62 69.61 13.46
C UNK G 4325 -39.76 71.11 13.18
N UNK G 4326 -38.77 71.68 12.49
CA UNK G 4326 -38.80 73.09 12.08
C UNK G 4326 -39.96 73.37 11.11
N UNK G 4327 -40.09 72.52 10.11
CA UNK G 4327 -41.16 72.65 9.11
C UNK G 4327 -42.54 72.44 9.74
N UNK G 4328 -42.62 71.50 10.68
CA UNK G 4328 -43.85 71.24 11.41
C UNK G 4328 -44.26 72.41 12.29
N UNK G 4329 -43.29 73.00 12.99
CA UNK G 4329 -43.53 74.16 13.83
C UNK G 4329 -43.94 75.37 13.00
N UNK G 4330 -43.31 75.54 11.83
CA UNK G 4330 -43.65 76.63 10.91
C UNK G 4330 -45.06 76.46 10.35
N UNK G 4331 -45.42 75.24 9.99
CA UNK G 4331 -46.76 74.93 9.48
C UNK G 4331 -47.82 75.15 10.56
N UNK G 4332 -47.52 74.75 11.79
CA UNK G 4332 -48.43 74.95 12.92
C UNK G 4332 -48.62 76.43 13.23
N UNK G 4333 -47.53 77.20 13.19
CA UNK G 4333 -47.59 78.64 13.44
C UNK G 4333 -48.35 79.36 12.31
N UNK G 4334 -48.18 78.89 11.07
CA UNK G 4334 -48.91 79.43 9.94
C UNK G 4334 -50.41 79.16 10.06
N UNK G 4335 -50.76 77.94 10.46
CA UNK G 4335 -52.15 77.56 10.65
C UNK G 4335 -52.79 78.30 11.83
N UNK G 4336 -51.97 78.61 12.84
CA UNK G 4336 -52.45 79.36 13.99
C UNK G 4336 -52.66 80.83 13.66
N UNK G 4337 -51.77 81.40 12.85
CA UNK G 4337 -51.84 82.80 12.47
C UNK G 4337 -52.82 83.03 11.31
N UNK G 4338 -53.24 81.96 10.66
CA UNK G 4338 -54.25 82.05 9.61
C UNK G 4338 -55.61 82.42 10.18
N TRP G 4541 2.51 94.19 15.62
CA TRP G 4541 1.16 93.63 15.52
C TRP G 4541 1.13 92.19 16.03
N GLY G 4542 2.11 91.83 16.86
CA GLY G 4542 2.16 90.49 17.43
C GLY G 4542 1.10 90.21 18.46
N GLU G 4543 0.51 91.26 19.04
CA GLU G 4543 -0.62 91.06 19.96
C GLU G 4543 -1.90 90.69 19.22
N LEU G 4544 -1.98 91.01 17.93
CA LEU G 4544 -3.16 90.71 17.12
C LEU G 4544 -2.94 89.59 16.11
N GLU G 4545 -1.68 89.29 15.75
CA GLU G 4545 -1.40 88.30 14.73
C GLU G 4545 -1.77 86.89 15.15
N VAL G 4546 -1.61 86.56 16.44
CA VAL G 4546 -2.13 85.29 16.96
C VAL G 4546 -3.55 85.44 17.51
N GLN G 4547 -3.99 86.68 17.78
CA GLN G 4547 -5.35 86.87 18.24
C GLN G 4547 -6.36 86.63 17.13
N ARG G 4548 -6.01 86.91 15.87
CA ARG G 4548 -6.98 86.65 14.81
C ARG G 4548 -7.08 85.18 14.46
N VAL G 4549 -6.01 84.40 14.59
CA VAL G 4549 -6.16 82.95 14.44
C VAL G 4549 -6.83 82.34 15.67
N LYS G 4550 -6.71 82.99 16.83
CA LYS G 4550 -7.52 82.58 17.98
C LYS G 4550 -9.00 82.86 17.75
N PHE G 4551 -9.32 83.97 17.05
CA PHE G 4551 -10.68 84.23 16.60
C PHE G 4551 -11.16 83.16 15.62
N LEU G 4552 -10.32 82.84 14.63
CA LEU G 4552 -10.66 81.81 13.64
C LEU G 4552 -10.81 80.43 14.26
N ASN G 4553 -10.15 80.16 15.39
CA ASN G 4553 -10.28 78.87 16.05
C ASN G 4553 -11.69 78.65 16.62
N TYR G 4554 -12.19 79.59 17.43
CA TYR G 4554 -13.56 79.41 17.90
C TYR G 4554 -14.60 79.83 16.85
N LEU G 4555 -14.15 80.41 15.73
CA LEU G 4555 -15.00 80.50 14.55
C LEU G 4555 -15.24 79.12 13.94
N SER G 4556 -14.19 78.32 13.79
CA SER G 4556 -14.32 76.99 13.22
C SER G 4556 -14.64 75.91 14.26
N ARG G 4557 -14.74 76.27 15.53
CA ARG G 4557 -15.04 75.28 16.57
C ARG G 4557 -16.48 74.78 16.46
N ASN G 4558 -17.44 75.70 16.32
CA ASN G 4558 -18.85 75.33 16.30
C ASN G 4558 -19.45 75.60 14.93
N PHE G 4559 -18.72 75.20 13.88
CA PHE G 4559 -19.05 75.48 12.49
C PHE G 4559 -20.39 74.87 12.09
N TYR G 4560 -20.65 73.63 12.52
CA TYR G 4560 -21.84 72.86 12.19
C TYR G 4560 -23.10 73.48 12.79
N THR G 4561 -23.06 73.82 14.08
CA THR G 4561 -24.20 74.41 14.76
C THR G 4561 -24.43 75.85 14.31
N LEU G 4562 -23.35 76.58 14.00
CA LEU G 4562 -23.48 77.91 13.43
C LEU G 4562 -24.14 77.87 12.06
N ARG G 4563 -23.80 76.87 11.25
CA ARG G 4563 -24.47 76.68 9.97
C ARG G 4563 -25.94 76.27 10.14
N PHE G 4564 -26.23 75.50 11.20
CA PHE G 4564 -27.61 75.10 11.49
C PHE G 4564 -28.48 76.31 11.86
N LEU G 4565 -27.97 77.18 12.73
CA LEU G 4565 -28.74 78.38 13.06
C LEU G 4565 -28.80 79.35 11.89
N ALA G 4566 -27.75 79.36 11.04
CA ALA G 4566 -27.77 80.13 9.81
C ALA G 4566 -28.86 79.65 8.85
N LEU G 4567 -29.17 78.35 8.85
CA LEU G 4567 -30.30 77.87 8.06
C LEU G 4567 -31.62 78.27 8.70
N PHE G 4568 -31.74 78.06 10.02
CA PHE G 4568 -33.04 78.16 10.66
C PHE G 4568 -33.52 79.61 10.79
N LEU G 4569 -32.61 80.56 11.01
CA LEU G 4569 -33.06 81.95 11.08
C LEU G 4569 -33.47 82.49 9.72
N ALA G 4570 -32.81 82.05 8.63
CA ALA G 4570 -33.30 82.36 7.29
C ALA G 4570 -34.65 81.73 7.03
N PHE G 4571 -34.86 80.50 7.53
CA PHE G 4571 -36.16 79.85 7.44
C PHE G 4571 -37.23 80.62 8.21
N ALA G 4572 -36.87 81.16 9.37
CA ALA G 4572 -37.81 81.90 10.22
C ALA G 4572 -38.20 83.23 9.60
N ILE G 4573 -37.23 83.97 9.03
CA ILE G 4573 -37.61 85.23 8.39
C ILE G 4573 -38.30 84.98 7.04
N ASN G 4574 -38.02 83.85 6.39
CA ASN G 4574 -38.79 83.50 5.19
C ASN G 4574 -40.19 83.04 5.56
N PHE G 4575 -40.39 82.60 6.81
CA PHE G 4575 -41.72 82.32 7.31
C PHE G 4575 -42.47 83.61 7.69
N ILE G 4576 -41.78 84.57 8.30
CA ILE G 4576 -42.43 85.82 8.67
C ILE G 4576 -42.69 86.66 7.42
N LEU G 4577 -41.99 86.36 6.32
CA LEU G 4577 -42.22 86.92 5.00
C LEU G 4577 -43.61 86.64 4.43
N LEU G 4578 -44.36 85.68 5.00
CA LEU G 4578 -45.68 85.27 4.52
C LEU G 4578 -46.76 86.32 4.74
N PHE G 4579 -46.46 87.46 5.36
CA PHE G 4579 -47.47 88.43 5.71
C PHE G 4579 -47.20 89.78 5.03
N TYR G 4580 -46.79 89.75 3.76
CA TYR G 4580 -46.59 90.94 2.95
C TYR G 4580 -47.73 91.14 1.97
N LYS G 4581 -48.07 92.41 1.75
CA LYS G 4581 -49.23 92.79 0.96
C LYS G 4581 -48.86 94.03 0.15
N VAL G 4582 -49.48 94.17 -1.02
CA VAL G 4582 -49.26 95.34 -1.87
C VAL G 4582 -50.60 95.91 -2.32
N SER G 4583 -50.67 97.25 -2.35
CA SER G 4583 -51.88 97.95 -2.75
C SER G 4583 -51.49 99.27 -3.40
N ASP G 4584 -52.49 99.95 -3.96
CA ASP G 4584 -52.26 101.22 -4.64
C ASP G 4584 -52.10 102.40 -3.68
N SER G 4585 -52.38 102.20 -2.40
CA SER G 4585 -52.31 103.30 -1.43
C SER G 4585 -50.92 103.39 -0.81
N PRO G 4586 -50.40 104.61 -0.62
CA PRO G 4586 -49.11 104.74 0.06
C PRO G 4586 -49.26 104.47 1.54
N PRO G 4587 -48.24 103.90 2.19
CA PRO G 4587 -48.28 103.62 3.64
C PRO G 4587 -48.22 104.89 4.47
N ASN G 4626 -46.10 103.68 -7.94
CA ASN G 4626 -47.52 103.35 -7.94
C ASN G 4626 -47.90 102.44 -6.78
N MET G 4627 -47.92 101.15 -7.04
CA MET G 4627 -48.20 100.16 -6.00
C MET G 4627 -47.01 100.03 -5.07
N VAL G 4628 -47.26 100.16 -3.77
CA VAL G 4628 -46.23 100.14 -2.75
C VAL G 4628 -46.37 98.87 -1.93
N TYR G 4629 -45.28 98.12 -1.80
CA TYR G 4629 -45.26 96.87 -1.03
C TYR G 4629 -45.09 97.20 0.45
N TYR G 4630 -46.16 97.06 1.23
CA TYR G 4630 -46.12 97.31 2.66
C TYR G 4630 -46.24 96.01 3.43
N PHE G 4631 -46.18 96.09 4.75
CA PHE G 4631 -46.30 94.92 5.62
C PHE G 4631 -47.57 95.00 6.46
N LEU G 4632 -48.23 93.85 6.62
CA LEU G 4632 -49.50 93.75 7.34
C LEU G 4632 -49.21 93.18 8.72
N GLU G 4633 -49.63 93.92 9.76
CA GLU G 4633 -49.36 93.56 11.13
C GLU G 4633 -50.60 93.81 11.98
N GLU G 4634 -50.78 92.98 13.00
CA GLU G 4634 -51.92 93.06 13.91
C GLU G 4634 -51.39 93.31 15.33
N SER G 4635 -51.45 94.57 15.75
CA SER G 4635 -51.20 95.02 17.13
C SER G 4635 -49.78 94.68 17.61
N THR G 4636 -48.80 94.82 16.71
CA THR G 4636 -47.40 94.62 17.05
C THR G 4636 -46.58 95.55 16.16
N GLY G 4637 -45.59 96.22 16.75
CA GLY G 4637 -44.90 97.29 16.06
C GLY G 4637 -43.52 96.98 15.53
N TYR G 4638 -42.76 96.12 16.22
CA TYR G 4638 -41.36 95.87 15.86
C TYR G 4638 -41.19 94.67 14.94
N MET G 4639 -42.25 94.27 14.22
CA MET G 4639 -42.12 93.16 13.28
C MET G 4639 -41.31 93.55 12.05
N GLU G 4640 -41.45 94.79 11.59
CA GLU G 4640 -40.72 95.28 10.43
C GLU G 4640 -39.28 95.72 10.71
N PRO G 4641 -38.95 96.42 11.81
CA PRO G 4641 -37.51 96.66 12.07
C PRO G 4641 -36.74 95.44 12.55
N ALA G 4642 -37.40 94.31 12.84
CA ALA G 4642 -36.66 93.10 13.17
C ALA G 4642 -35.98 92.51 11.94
N LEU G 4643 -36.66 92.57 10.79
CA LEU G 4643 -36.19 91.88 9.59
C LEU G 4643 -34.95 92.56 9.01
N TRP G 4644 -34.85 93.90 9.13
CA TRP G 4644 -33.72 94.62 8.58
C TRP G 4644 -32.42 94.36 9.35
N CYS G 4645 -32.51 93.84 10.57
CA CYS G 4645 -31.33 93.35 11.28
C CYS G 4645 -31.17 91.84 11.17
N LEU G 4646 -32.27 91.10 11.06
CA LEU G 4646 -32.20 89.65 10.90
C LEU G 4646 -31.61 89.26 9.55
N SER G 4647 -31.85 90.06 8.51
CA SER G 4647 -31.30 89.78 7.20
C SER G 4647 -29.80 90.05 7.15
N LEU G 4648 -29.36 91.16 7.75
CA LEU G 4648 -27.92 91.41 7.88
C LEU G 4648 -27.25 90.40 8.81
N LEU G 4649 -27.98 89.90 9.81
CA LEU G 4649 -27.50 88.80 10.63
C LEU G 4649 -27.27 87.55 9.79
N HIS G 4650 -28.20 87.26 8.87
CA HIS G 4650 -28.06 86.09 8.01
C HIS G 4650 -26.90 86.26 7.02
N THR G 4651 -26.71 87.47 6.51
CA THR G 4651 -25.57 87.72 5.61
C THR G 4651 -24.24 87.70 6.36
N LEU G 4652 -24.22 88.19 7.60
CA LEU G 4652 -22.99 88.14 8.40
C LEU G 4652 -22.62 86.71 8.78
N VAL G 4653 -23.60 85.90 9.18
CA VAL G 4653 -23.28 84.50 9.48
C VAL G 4653 -23.01 83.72 8.18
N ALA G 4654 -23.51 84.19 7.04
CA ALA G 4654 -23.08 83.65 5.76
C ALA G 4654 -21.60 83.93 5.50
N PHE G 4655 -21.16 85.17 5.79
CA PHE G 4655 -19.73 85.49 5.72
C PHE G 4655 -18.91 84.63 6.68
N LEU G 4656 -19.46 84.40 7.89
CA LEU G 4656 -18.78 83.60 8.90
C LEU G 4656 -18.55 82.18 8.42
N CYS G 4657 -19.58 81.55 7.85
CA CYS G 4657 -19.41 80.17 7.40
C CYS G 4657 -18.54 80.09 6.13
N ILE G 4658 -18.52 81.14 5.30
CA ILE G 4658 -17.65 81.11 4.12
C ILE G 4658 -16.17 81.15 4.51
N ILE G 4659 -15.75 82.13 5.33
CA ILE G 4659 -14.32 82.10 5.69
C ILE G 4659 -14.04 80.99 6.71
N GLY G 4660 -15.05 80.43 7.39
CA GLY G 4660 -14.83 79.22 8.15
C GLY G 4660 -14.56 77.99 7.30
N TYR G 4661 -15.26 77.88 6.17
CA TYR G 4661 -14.96 76.85 5.17
C TYR G 4661 -13.54 76.99 4.66
N ASN G 4662 -13.17 78.22 4.25
CA ASN G 4662 -11.82 78.49 3.79
C ASN G 4662 -10.77 78.53 4.90
N CYS G 4663 -11.18 78.41 6.16
CA CYS G 4663 -10.28 78.31 7.30
C CYS G 4663 -9.99 76.87 7.71
N LEU G 4664 -10.99 75.99 7.72
CA LEU G 4664 -10.75 74.60 8.12
C LEU G 4664 -10.43 73.68 6.94
N LYS G 4665 -11.24 73.69 5.88
CA LYS G 4665 -11.15 72.57 4.93
C LYS G 4665 -10.83 72.96 3.49
N VAL G 4666 -10.02 73.98 3.27
CA VAL G 4666 -9.20 73.99 2.06
C VAL G 4666 -8.04 72.98 2.05
N PRO G 4667 -7.47 72.46 3.17
CA PRO G 4667 -6.55 71.32 3.01
C PRO G 4667 -7.17 70.04 2.45
N LEU G 4668 -8.48 69.82 2.55
CA LEU G 4668 -9.08 68.66 1.91
C LEU G 4668 -9.04 68.80 0.39
N VAL G 4669 -9.34 69.99 -0.15
CA VAL G 4669 -9.24 70.20 -1.58
C VAL G 4669 -7.81 70.51 -2.01
N ILE G 4670 -6.89 70.63 -1.07
CA ILE G 4670 -5.47 70.75 -1.39
C ILE G 4670 -4.80 69.39 -1.52
N PHE G 4671 -4.97 68.48 -0.55
CA PHE G 4671 -4.00 67.40 -0.36
C PHE G 4671 -4.06 66.33 -1.45
N LYS G 4672 -5.26 65.91 -1.83
CA LYS G 4672 -5.39 64.71 -2.66
C LYS G 4672 -4.93 64.92 -4.09
N ARG G 4673 -5.05 66.14 -4.64
CA ARG G 4673 -4.66 66.23 -6.04
C ARG G 4673 -3.17 66.50 -6.23
N GLU G 4674 -2.45 67.09 -5.26
CA GLU G 4674 -1.01 66.95 -5.39
C GLU G 4674 -0.48 65.60 -4.91
N LYS G 4675 -1.26 64.84 -4.14
CA LYS G 4675 -0.94 63.42 -3.98
C LYS G 4675 -1.04 62.69 -5.32
N GLU G 4676 -2.12 62.98 -6.06
CA GLU G 4676 -2.34 62.45 -7.40
C GLU G 4676 -1.25 62.91 -8.35
N LEU G 4677 -0.79 64.16 -8.18
CA LEU G 4677 0.24 64.73 -9.04
C LEU G 4677 1.60 64.08 -8.77
N ALA G 4678 1.98 63.92 -7.51
CA ALA G 4678 3.23 63.24 -7.18
C ALA G 4678 3.18 61.76 -7.55
N ARG G 4679 1.98 61.16 -7.49
CA ARG G 4679 1.77 59.78 -7.93
C ARG G 4679 2.12 59.61 -9.41
N LYS G 4680 1.59 60.49 -10.26
CA LYS G 4680 1.95 60.39 -11.67
C LYS G 4680 3.33 60.97 -12.00
N LEU G 4681 3.91 61.81 -11.13
CA LEU G 4681 5.31 62.20 -11.34
C LEU G 4681 6.25 61.02 -11.12
N GLU G 4682 6.04 60.28 -10.04
CA GLU G 4682 6.98 59.21 -9.68
C GLU G 4682 6.71 57.94 -10.47
N PHE G 4683 5.45 57.58 -10.65
CA PHE G 4683 5.14 56.28 -11.24
C PHE G 4683 5.01 56.33 -12.76
N ASP G 4684 4.12 57.18 -13.28
CA ASP G 4684 3.81 57.14 -14.70
C ASP G 4684 4.68 58.08 -15.54
N GLY G 4685 4.94 59.29 -15.04
CA GLY G 4685 5.70 60.26 -15.80
C GLY G 4685 4.81 61.08 -16.71
N LEU G 4686 3.73 61.63 -16.15
CA LEU G 4686 2.63 62.22 -16.90
C LEU G 4686 3.02 63.47 -17.68
N TYR G 4687 4.08 64.17 -17.25
CA TYR G 4687 4.48 65.45 -17.80
C TYR G 4687 5.88 65.42 -18.39
N ILE G 4688 6.60 64.32 -18.23
CA ILE G 4688 7.95 64.16 -18.75
C ILE G 4688 7.98 63.12 -19.87
N THR G 4689 7.36 61.96 -19.67
CA THR G 4689 7.35 60.93 -20.71
C THR G 4689 6.34 61.26 -21.81
N GLU G 4690 5.22 61.90 -21.44
CA GLU G 4690 4.26 62.42 -22.40
C GLU G 4690 3.63 63.68 -21.80
N GLN G 4691 2.53 64.12 -22.38
CA GLN G 4691 1.73 65.25 -21.89
C GLN G 4691 0.35 65.17 -22.51
N PRO G 4692 -0.73 65.20 -21.70
CA PRO G 4692 -2.08 64.96 -22.25
C PRO G 4692 -2.64 66.11 -23.06
N ASP G 4696 -6.74 67.99 -20.99
CA ASP G 4696 -8.13 68.17 -20.58
C ASP G 4696 -8.32 69.48 -19.84
N VAL G 4697 -9.20 69.47 -18.83
CA VAL G 4697 -9.52 70.69 -18.11
C VAL G 4697 -8.52 70.95 -16.98
N LYS G 4698 -7.94 69.91 -16.38
CA LYS G 4698 -7.03 70.05 -15.25
C LYS G 4698 -5.57 69.83 -15.60
N GLY G 4699 -5.29 69.08 -16.67
CA GLY G 4699 -3.95 68.60 -16.93
C GLY G 4699 -2.96 69.68 -17.34
N GLN G 4700 -3.45 70.75 -17.96
CA GLN G 4700 -2.56 71.82 -18.34
C GLN G 4700 -2.65 73.03 -17.41
N TRP G 4701 -3.66 73.08 -16.55
CA TRP G 4701 -3.63 74.04 -15.44
C TRP G 4701 -2.70 73.55 -14.33
N ASP G 4702 -2.45 72.23 -14.27
CA ASP G 4702 -1.47 71.69 -13.34
C ASP G 4702 -0.02 71.93 -13.76
N ARG G 4703 0.26 72.73 -14.79
CA ARG G 4703 1.63 73.09 -15.12
C ARG G 4703 2.08 74.41 -14.51
N LEU G 4704 1.19 75.14 -13.85
CA LEU G 4704 1.56 76.34 -13.11
C LEU G 4704 1.76 76.06 -11.63
N VAL G 4705 2.29 74.89 -11.28
CA VAL G 4705 2.52 74.55 -9.89
C VAL G 4705 3.89 73.91 -9.64
N LEU G 4706 4.60 73.44 -10.67
CA LEU G 4706 5.84 72.70 -10.42
C LEU G 4706 7.02 73.65 -10.20
N ASN G 4707 7.09 74.76 -10.93
CA ASN G 4707 8.29 75.57 -10.97
C ASN G 4707 8.46 76.46 -9.74
N THR G 4708 7.40 76.64 -8.94
CA THR G 4708 7.56 77.49 -7.77
C THR G 4708 8.21 76.72 -6.63
N PRO G 4709 9.08 77.35 -5.83
CA PRO G 4709 9.76 76.61 -4.76
C PRO G 4709 8.87 76.27 -3.58
N SER G 4710 7.72 76.91 -3.44
CA SER G 4710 6.78 76.63 -2.36
C SER G 4710 5.67 75.67 -2.81
N PHE G 4711 5.99 74.78 -3.75
CA PHE G 4711 5.02 73.75 -4.15
C PHE G 4711 4.76 72.73 -3.04
N PRO G 4712 5.77 71.96 -2.51
CA PRO G 4712 5.39 70.87 -1.61
C PRO G 4712 5.24 71.29 -0.15
N SER G 4713 5.08 72.60 0.10
CA SER G 4713 5.03 73.13 1.46
C SER G 4713 3.80 72.71 2.24
N ASN G 4714 2.77 72.18 1.58
CA ASN G 4714 1.55 71.74 2.23
C ASN G 4714 1.30 70.23 2.06
N TYR G 4715 2.37 69.46 1.88
CA TYR G 4715 2.30 68.01 1.82
C TYR G 4715 3.58 67.46 2.42
N TRP G 4716 3.49 66.22 2.91
CA TRP G 4716 4.48 65.63 3.80
C TRP G 4716 5.83 65.41 3.11
N ASP G 4717 5.81 64.94 1.87
CA ASP G 4717 7.03 64.61 1.13
C ASP G 4717 7.41 65.81 0.27
N LYS G 4718 8.53 66.44 0.60
CA LYS G 4718 8.99 67.63 -0.11
C LYS G 4718 10.30 67.39 -0.86
N PHE G 4719 10.74 66.14 -0.96
CA PHE G 4719 11.84 65.76 -1.85
C PHE G 4719 11.31 65.13 -3.14
N VAL G 4720 10.14 65.57 -3.61
CA VAL G 4720 9.51 64.92 -4.74
C VAL G 4720 10.12 65.41 -6.05
N LYS G 4721 10.74 66.58 -6.06
CA LYS G 4721 11.35 67.12 -7.27
C LYS G 4721 12.70 66.51 -7.59
N ARG G 4722 13.29 65.74 -6.67
CA ARG G 4722 14.60 65.13 -6.92
C ARG G 4722 14.55 63.63 -7.17
N LYS G 4723 13.58 62.89 -6.60
CA LYS G 4723 13.50 61.48 -6.95
C LYS G 4723 12.89 61.26 -8.33
N VAL G 4724 12.24 62.26 -8.91
CA VAL G 4724 11.88 62.16 -10.32
C VAL G 4724 13.15 62.26 -11.19
N LEU G 4725 14.15 63.03 -10.75
CA LEU G 4725 15.43 63.05 -11.44
C LEU G 4725 16.23 61.78 -11.17
N ASP G 4726 16.06 61.18 -9.98
CA ASP G 4726 16.61 59.85 -9.72
C ASP G 4726 15.95 58.78 -10.57
N LYS G 4727 14.67 58.97 -10.90
CA LYS G 4727 13.86 58.07 -11.70
C LYS G 4727 14.26 58.11 -13.17
N HIS G 4728 14.19 59.31 -13.76
CA HIS G 4728 14.40 59.48 -15.19
C HIS G 4728 15.41 60.58 -15.46
N GLY G 4729 16.54 60.52 -14.77
CA GLY G 4729 17.68 61.33 -15.14
C GLY G 4729 18.64 60.61 -16.06
N ASP G 4730 18.31 59.37 -16.43
CA ASP G 4730 19.15 58.56 -17.30
C ASP G 4730 18.68 58.55 -18.75
N ILE G 4731 17.39 58.75 -19.01
CA ILE G 4731 16.88 58.64 -20.37
C ILE G 4731 16.82 59.97 -21.11
N PHE G 4732 16.65 61.08 -20.41
CA PHE G 4732 16.43 62.40 -21.01
C PHE G 4732 17.57 63.35 -20.62
N GLY G 4733 17.39 64.63 -20.92
CA GLY G 4733 18.35 65.64 -20.52
C GLY G 4733 18.03 66.16 -19.13
N ARG G 4734 19.08 66.49 -18.38
CA ARG G 4734 18.89 66.99 -17.02
C ARG G 4734 18.62 68.49 -17.01
N GLU G 4735 19.26 69.23 -17.92
CA GLU G 4735 19.17 70.70 -17.92
C GLU G 4735 17.78 71.18 -18.34
N ARG G 4736 17.06 70.36 -19.11
CA ARG G 4736 15.68 70.71 -19.49
C ARG G 4736 14.70 70.38 -18.39
N ILE G 4737 14.84 69.21 -17.75
CA ILE G 4737 13.88 68.81 -16.73
C ILE G 4737 14.10 69.59 -15.43
N ALA G 4738 15.31 70.10 -15.18
CA ALA G 4738 15.55 70.93 -14.00
C ALA G 4738 14.89 72.29 -14.15
N GLU G 4739 14.94 72.86 -15.35
CA GLU G 4739 14.24 74.12 -15.61
C GLU G 4739 12.73 73.92 -15.71
N LEU G 4740 12.29 72.73 -16.14
CA LEU G 4740 10.86 72.47 -16.23
C LEU G 4740 10.25 72.24 -14.86
N LEU G 4741 10.96 71.54 -13.97
CA LEU G 4741 10.51 71.34 -12.59
C LEU G 4741 10.86 72.52 -11.68
N GLY G 4742 11.68 73.46 -12.14
CA GLY G 4742 11.88 74.68 -11.39
C GLY G 4742 12.86 74.60 -10.24
N MET G 4743 13.94 73.84 -10.38
CA MET G 4743 15.00 73.79 -9.36
C MET G 4743 15.98 74.92 -9.63
N ASP G 4744 15.94 75.96 -8.79
CA ASP G 4744 16.88 77.07 -8.93
C ASP G 4744 18.20 76.70 -8.29
N LEU G 4745 19.26 76.61 -9.13
CA LEU G 4745 20.62 76.21 -8.75
C LEU G 4745 20.63 74.81 -8.11
N ALA G 4746 20.28 73.83 -8.95
CA ALA G 4746 20.07 72.46 -8.48
C ALA G 4746 21.37 71.80 -8.04
N SER G 4747 22.40 71.88 -8.88
CA SER G 4747 23.68 71.25 -8.57
C SER G 4747 24.42 71.97 -7.45
N LEU G 4748 24.10 73.25 -7.23
CA LEU G 4748 24.64 73.95 -6.08
C LEU G 4748 23.91 73.56 -4.80
N GLU G 4749 22.59 73.40 -4.87
CA GLU G 4749 21.83 73.06 -3.66
C GLU G 4749 22.04 71.60 -3.26
N ILE G 4750 22.31 70.72 -4.21
CA ILE G 4750 22.51 69.31 -3.88
C ILE G 4750 23.84 69.10 -3.16
N THR G 4751 24.80 70.01 -3.34
CA THR G 4751 26.02 70.01 -2.55
C THR G 4751 25.90 70.84 -1.28
N ALA G 4752 25.10 71.92 -1.32
CA ALA G 4752 24.97 72.79 -0.15
C ALA G 4752 24.15 72.13 0.95
N HIS G 4753 23.01 71.51 0.60
CA HIS G 4753 22.21 70.79 1.59
C HIS G 4753 22.90 69.52 2.07
N ASN G 4754 23.85 68.99 1.30
CA ASN G 4754 24.59 67.83 1.76
C ASN G 4754 25.70 68.23 2.74
N GLU G 4755 26.40 69.32 2.43
CA GLU G 4755 27.50 69.75 3.28
C GLU G 4755 27.01 70.49 4.53
N ARG G 4756 26.34 71.62 4.35
CA ARG G 4756 25.89 72.41 5.48
C ARG G 4756 24.52 73.04 5.21
N THR G 4766 7.95 92.35 5.96
CA THR G 4766 7.79 92.00 4.55
C THR G 4766 7.46 90.53 4.39
N TRP G 4767 6.29 90.12 4.90
CA TRP G 4767 5.89 88.72 4.83
C TRP G 4767 5.42 88.34 3.44
N LEU G 4768 4.64 89.22 2.79
CA LEU G 4768 4.12 88.94 1.47
C LEU G 4768 5.15 89.15 0.37
N MET G 4769 6.26 89.82 0.65
CA MET G 4769 7.27 90.07 -0.38
C MET G 4769 8.04 88.79 -0.72
N SER G 4770 8.28 87.92 0.26
CA SER G 4770 8.90 86.63 -0.01
C SER G 4770 7.93 85.62 -0.57
N ILE G 4771 6.64 85.92 -0.60
CA ILE G 4771 5.62 84.99 -1.05
C ILE G 4771 5.60 84.96 -2.58
N ASP G 4772 5.00 83.91 -3.12
CA ASP G 4772 4.94 83.67 -4.55
C ASP G 4772 3.78 84.45 -5.15
N VAL G 4773 3.74 84.54 -6.47
CA VAL G 4773 2.63 85.19 -7.15
C VAL G 4773 1.75 84.20 -7.90
N LYS G 4774 2.24 82.98 -8.14
CA LYS G 4774 1.56 82.05 -9.05
C LYS G 4774 0.86 80.91 -8.33
N TYR G 4775 1.46 80.39 -7.24
CA TYR G 4775 0.91 79.22 -6.57
C TYR G 4775 -0.40 79.53 -5.85
N GLN G 4776 -0.50 80.73 -5.28
CA GLN G 4776 -1.71 81.13 -4.57
C GLN G 4776 -2.87 81.36 -5.53
N ILE G 4777 -2.61 81.96 -6.70
CA ILE G 4777 -3.68 82.09 -7.69
C ILE G 4777 -3.98 80.75 -8.36
N TRP G 4778 -3.01 79.82 -8.39
CA TRP G 4778 -3.25 78.48 -8.91
C TRP G 4778 -4.19 77.70 -8.01
N LYS G 4779 -3.98 77.77 -6.69
CA LYS G 4779 -4.91 77.11 -5.79
C LYS G 4779 -6.13 77.97 -5.48
N PHE G 4780 -6.15 79.23 -5.93
CA PHE G 4780 -7.37 80.02 -5.93
C PHE G 4780 -8.29 79.63 -7.08
N GLY G 4781 -7.72 79.12 -8.18
CA GLY G 4781 -8.53 78.59 -9.26
C GLY G 4781 -9.27 77.30 -8.95
N VAL G 4782 -8.68 76.42 -8.13
CA VAL G 4782 -9.25 75.09 -7.93
C VAL G 4782 -10.46 75.11 -6.99
N ILE G 4783 -10.51 76.06 -6.05
CA ILE G 4783 -11.67 76.14 -5.17
C ILE G 4783 -12.87 76.72 -5.92
N PHE G 4784 -12.62 77.56 -6.92
CA PHE G 4784 -13.69 78.00 -7.82
C PHE G 4784 -14.05 76.93 -8.84
N THR G 4785 -13.10 76.05 -9.18
CA THR G 4785 -13.39 74.96 -10.11
C THR G 4785 -14.26 73.89 -9.46
N ASP G 4786 -13.96 73.53 -8.23
CA ASP G 4786 -14.59 72.39 -7.57
C ASP G 4786 -16.04 72.74 -7.18
N ASN G 4787 -16.81 71.71 -6.84
CA ASN G 4787 -18.27 71.85 -6.75
C ASN G 4787 -18.75 72.55 -5.49
N SER G 4788 -18.09 72.36 -4.36
CA SER G 4788 -18.70 72.75 -3.09
C SER G 4788 -18.57 74.25 -2.82
N PHE G 4789 -17.39 74.81 -3.07
CA PHE G 4789 -17.14 76.21 -2.71
C PHE G 4789 -17.93 77.17 -3.61
N LEU G 4790 -18.16 76.82 -4.88
CA LEU G 4790 -18.94 77.71 -5.73
C LEU G 4790 -20.41 77.67 -5.36
N TYR G 4791 -20.90 76.53 -4.87
CA TYR G 4791 -22.27 76.46 -4.37
C TYR G 4791 -22.40 77.25 -3.06
N LEU G 4792 -21.40 77.16 -2.18
CA LEU G 4792 -21.45 77.94 -0.94
C LEU G 4792 -21.30 79.43 -1.20
N GLY G 4793 -20.59 79.81 -2.27
CA GLY G 4793 -20.56 81.21 -2.67
C GLY G 4793 -21.83 81.65 -3.37
N TRP G 4794 -22.51 80.73 -4.06
CA TRP G 4794 -23.84 81.00 -4.58
C TRP G 4794 -24.84 81.22 -3.45
N TYR G 4795 -24.61 80.58 -2.31
CA TYR G 4795 -25.42 80.81 -1.13
C TYR G 4795 -25.28 82.23 -0.59
N MET G 4796 -24.14 82.90 -0.83
CA MET G 4796 -23.95 84.24 -0.30
C MET G 4796 -24.14 85.32 -1.37
N VAL G 4797 -24.06 84.96 -2.65
CA VAL G 4797 -24.28 85.94 -3.73
C VAL G 4797 -25.74 86.36 -3.83
N MET G 4798 -26.66 85.65 -3.15
CA MET G 4798 -28.05 86.05 -3.10
C MET G 4798 -28.38 86.91 -1.89
N SER G 4799 -27.58 86.83 -0.82
CA SER G 4799 -27.93 87.49 0.44
C SER G 4799 -27.68 88.99 0.41
N LEU G 4800 -26.52 89.42 -0.14
CA LEU G 4800 -26.32 90.85 -0.39
C LEU G 4800 -27.23 91.37 -1.48
N LEU G 4801 -27.67 90.49 -2.39
CA LEU G 4801 -28.66 90.87 -3.39
C LEU G 4801 -30.06 90.92 -2.78
N GLY G 4802 -30.25 90.22 -1.67
CA GLY G 4802 -31.55 90.13 -1.01
C GLY G 4802 -32.00 91.40 -0.32
N HIS G 4803 -31.07 92.34 -0.13
CA HIS G 4803 -31.43 93.65 0.42
C HIS G 4803 -31.90 94.63 -0.64
N TYR G 4804 -31.75 94.29 -1.92
CA TYR G 4804 -32.32 95.13 -2.98
C TYR G 4804 -33.84 94.93 -3.05
N ASN G 4805 -34.28 93.68 -3.00
CA ASN G 4805 -35.70 93.35 -2.88
C ASN G 4805 -35.79 92.14 -1.95
N ASN G 4806 -36.73 92.18 -1.00
CA ASN G 4806 -36.79 91.22 0.09
C ASN G 4806 -37.17 89.81 -0.35
N PHE G 4807 -37.81 89.67 -1.51
CA PHE G 4807 -38.46 88.41 -1.88
C PHE G 4807 -37.55 87.42 -2.58
N PHE G 4808 -36.29 87.78 -2.84
CA PHE G 4808 -35.35 86.80 -3.40
C PHE G 4808 -34.66 85.97 -2.32
N PHE G 4809 -35.15 86.01 -1.08
CA PHE G 4809 -34.76 85.09 -0.01
C PHE G 4809 -35.46 83.75 -0.13
N ALA G 4810 -36.37 83.58 -1.09
CA ALA G 4810 -37.13 82.35 -1.21
C ALA G 4810 -36.30 81.23 -1.82
N ALA G 4811 -35.29 81.57 -2.63
CA ALA G 4811 -34.40 80.56 -3.20
C ALA G 4811 -33.45 79.96 -2.17
N HIS G 4812 -33.37 80.53 -0.96
CA HIS G 4812 -32.62 79.95 0.13
C HIS G 4812 -33.33 78.75 0.77
N LEU G 4813 -34.59 78.50 0.43
CA LEU G 4813 -35.29 77.33 0.92
C LEU G 4813 -35.08 76.10 0.06
N LEU G 4814 -34.31 76.22 -1.02
CA LEU G 4814 -33.85 75.04 -1.77
C LEU G 4814 -32.60 74.43 -1.15
N ASP G 4815 -32.11 74.98 -0.04
CA ASP G 4815 -31.00 74.40 0.70
C ASP G 4815 -31.40 73.09 1.37
N ILE G 4816 -32.69 72.90 1.64
CA ILE G 4816 -33.21 71.64 2.18
C ILE G 4816 -33.01 70.50 1.17
N ALA G 4817 -33.05 70.81 -0.13
CA ALA G 4817 -33.00 69.77 -1.16
C ALA G 4817 -31.61 69.15 -1.26
N MET G 4818 -30.55 69.95 -1.12
CA MET G 4818 -29.21 69.42 -1.24
C MET G 4818 -28.54 69.19 0.13
N GLY G 4819 -29.12 69.74 1.20
CA GLY G 4819 -28.57 69.56 2.54
C GLY G 4819 -28.69 68.15 3.06
N VAL G 4820 -29.89 67.59 3.05
CA VAL G 4820 -30.09 66.19 3.43
C VAL G 4820 -29.78 65.31 2.23
N LYS G 4821 -29.28 64.11 2.50
CA LYS G 4821 -28.99 63.14 1.45
C LYS G 4821 -30.24 62.41 0.98
N THR G 4822 -31.30 62.39 1.81
CA THR G 4822 -32.54 61.70 1.46
C THR G 4822 -33.25 62.42 0.30
N LEU G 4823 -33.35 63.75 0.37
CA LEU G 4823 -33.93 64.52 -0.71
C LEU G 4823 -32.92 65.06 -1.70
N ARG G 4824 -31.67 64.60 -1.64
CA ARG G 4824 -30.70 64.93 -2.68
C ARG G 4824 -30.86 64.03 -3.91
N THR G 4825 -31.31 62.79 -3.70
CA THR G 4825 -31.43 61.85 -4.80
C THR G 4825 -32.59 62.16 -5.74
N ILE G 4826 -33.63 62.89 -5.28
CA ILE G 4826 -34.72 63.27 -6.16
C ILE G 4826 -34.25 64.26 -7.22
N LEU G 4827 -33.53 65.30 -6.80
CA LEU G 4827 -33.03 66.24 -7.79
C LEU G 4827 -31.83 65.66 -8.54
N SER G 4828 -31.12 64.71 -7.95
CA SER G 4828 -30.02 64.07 -8.65
C SER G 4828 -30.49 63.01 -9.66
N SER G 4829 -31.73 62.54 -9.55
CA SER G 4829 -32.25 61.53 -10.47
C SER G 4829 -32.59 62.10 -11.84
N VAL G 4830 -32.83 63.41 -11.93
CA VAL G 4830 -33.17 64.00 -13.22
C VAL G 4830 -31.95 64.04 -14.13
N THR G 4831 -30.83 64.55 -13.62
CA THR G 4831 -29.59 64.53 -14.37
C THR G 4831 -28.89 63.18 -14.37
N HIS G 4832 -29.41 62.21 -13.61
CA HIS G 4832 -28.93 60.84 -13.72
C HIS G 4832 -29.38 60.20 -15.04
N ASN G 4833 -30.61 60.48 -15.47
CA ASN G 4833 -31.06 60.06 -16.79
C ASN G 4833 -31.63 61.24 -17.56
N GLY G 4834 -30.87 62.33 -17.63
CA GLY G 4834 -31.28 63.44 -18.46
C GLY G 4834 -30.74 63.29 -19.87
N LYS G 4835 -29.68 62.47 -20.00
CA LYS G 4835 -28.96 62.34 -21.28
C LYS G 4835 -29.84 61.74 -22.37
N GLN G 4836 -30.79 60.88 -22.00
CA GLN G 4836 -31.82 60.42 -22.92
C GLN G 4836 -33.14 61.15 -22.76
N LEU G 4837 -33.40 61.78 -21.60
CA LEU G 4837 -34.70 62.39 -21.40
C LEU G 4837 -34.83 63.71 -22.15
N VAL G 4838 -33.74 64.47 -22.28
CA VAL G 4838 -33.80 65.70 -23.09
C VAL G 4838 -34.00 65.37 -24.57
N MET G 4839 -33.46 64.24 -25.03
CA MET G 4839 -33.68 63.92 -26.43
C MET G 4839 -35.05 63.29 -26.67
N THR G 4840 -35.62 62.56 -25.70
CA THR G 4840 -36.98 62.09 -25.95
C THR G 4840 -38.03 63.18 -25.68
N VAL G 4841 -37.72 64.21 -24.89
CA VAL G 4841 -38.63 65.34 -24.85
C VAL G 4841 -38.42 66.22 -26.09
N GLY G 4842 -37.25 66.11 -26.73
CA GLY G 4842 -37.11 66.63 -28.08
C GLY G 4842 -37.94 65.86 -29.09
N LEU G 4843 -38.07 64.55 -28.90
CA LEU G 4843 -39.03 63.76 -29.69
C LEU G 4843 -40.45 64.25 -29.46
N LEU G 4844 -40.80 64.51 -28.19
CA LEU G 4844 -42.08 65.12 -27.84
C LEU G 4844 -42.27 66.49 -28.50
N ALA G 4845 -41.19 67.25 -28.66
CA ALA G 4845 -41.25 68.55 -29.31
C ALA G 4845 -41.38 68.46 -30.83
N VAL G 4846 -40.81 67.44 -31.46
CA VAL G 4846 -40.88 67.34 -32.91
C VAL G 4846 -42.06 66.53 -33.42
N VAL G 4847 -42.64 65.64 -32.60
CA VAL G 4847 -43.79 64.87 -33.11
C VAL G 4847 -45.02 65.76 -33.21
N VAL G 4848 -45.22 66.67 -32.24
CA VAL G 4848 -46.36 67.57 -32.32
C VAL G 4848 -46.09 68.68 -33.33
N TYR G 4849 -44.81 68.99 -33.60
CA TYR G 4849 -44.48 69.92 -34.68
C TYR G 4849 -44.72 69.27 -36.04
N LEU G 4850 -44.57 67.94 -36.13
CA LEU G 4850 -45.02 67.22 -37.31
C LEU G 4850 -46.54 67.23 -37.41
N TYR G 4851 -47.21 67.01 -36.28
CA TYR G 4851 -48.65 66.78 -36.22
C TYR G 4851 -49.49 68.06 -36.32
N THR G 4852 -48.88 69.24 -36.19
CA THR G 4852 -49.69 70.45 -36.25
C THR G 4852 -49.74 71.11 -37.63
N VAL G 4853 -48.86 70.75 -38.56
CA VAL G 4853 -48.92 71.38 -39.89
C VAL G 4853 -50.11 70.85 -40.68
N VAL G 4854 -50.56 69.62 -40.40
CA VAL G 4854 -51.72 69.10 -41.10
C VAL G 4854 -53.00 69.80 -40.63
N ALA G 4855 -53.02 70.25 -39.37
CA ALA G 4855 -54.12 71.08 -38.89
C ALA G 4855 -53.98 72.53 -39.35
N PHE G 4856 -52.74 73.01 -39.54
CA PHE G 4856 -52.52 74.35 -40.03
C PHE G 4856 -52.89 74.49 -41.51
N ASN G 4857 -52.73 73.41 -42.28
CA ASN G 4857 -53.06 73.44 -43.70
C ASN G 4857 -54.48 72.97 -44.00
N PHE G 4858 -54.91 71.83 -43.47
CA PHE G 4858 -56.16 71.21 -43.90
C PHE G 4858 -57.32 71.39 -42.94
N PHE G 4859 -57.06 71.73 -41.67
CA PHE G 4859 -58.14 71.84 -40.70
C PHE G 4859 -58.17 73.24 -40.07
N ARG G 4860 -58.18 74.27 -40.92
CA ARG G 4860 -58.20 75.67 -40.52
C ARG G 4860 -59.57 76.12 -40.01
N LYS G 4861 -60.59 75.27 -40.05
CA LYS G 4861 -61.97 75.71 -39.83
C LYS G 4861 -62.27 76.00 -38.37
N PHE G 4862 -61.91 75.08 -37.47
CA PHE G 4862 -62.53 75.01 -36.15
C PHE G 4862 -61.64 75.46 -35.00
N TYR G 4863 -60.34 75.68 -35.22
CA TYR G 4863 -59.41 76.04 -34.14
C TYR G 4863 -59.68 77.47 -33.70
N ASN G 4864 -60.66 77.62 -32.81
CA ASN G 4864 -61.07 78.94 -32.35
C ASN G 4864 -61.71 78.82 -30.97
N LYS G 4865 -61.19 79.57 -30.00
CA LYS G 4865 -61.75 79.60 -28.65
C LYS G 4865 -62.50 80.90 -28.36
N SER G 4866 -62.41 81.88 -29.26
CA SER G 4866 -63.11 83.14 -29.08
C SER G 4866 -64.62 82.96 -29.26
N GLU G 4867 -65.37 83.06 -28.16
CA GLU G 4867 -66.81 82.90 -28.25
C GLU G 4867 -67.52 84.13 -28.81
N ASP G 4868 -66.80 85.24 -28.97
CA ASP G 4868 -67.37 86.45 -29.55
C ASP G 4868 -67.35 86.34 -31.07
N GLU G 4869 -68.52 86.57 -31.68
CA GLU G 4869 -68.65 86.47 -33.13
C GLU G 4869 -68.01 87.65 -33.85
N ASP G 4870 -68.17 88.86 -33.29
CA ASP G 4870 -67.62 90.05 -33.91
C ASP G 4870 -66.11 90.15 -33.69
N GLU G 4871 -65.60 89.56 -32.60
CA GLU G 4871 -64.18 89.59 -32.33
C GLU G 4871 -63.58 88.19 -32.49
N PRO G 4872 -63.33 87.75 -33.73
CA PRO G 4872 -62.72 86.43 -33.93
C PRO G 4872 -61.21 86.49 -34.01
N ASP G 4873 -60.52 85.69 -33.20
CA ASP G 4873 -59.07 85.60 -33.21
C ASP G 4873 -58.77 84.11 -33.09
N MET G 4874 -58.65 83.43 -34.23
CA MET G 4874 -58.14 82.06 -34.25
C MET G 4874 -56.61 82.11 -34.16
N LYS G 4875 -56.03 81.02 -33.67
CA LYS G 4875 -54.58 80.95 -33.52
C LYS G 4875 -53.90 80.09 -34.56
N CYS G 4876 -54.65 79.49 -35.48
CA CYS G 4876 -54.07 78.82 -36.63
C CYS G 4876 -54.01 79.76 -37.83
N ASP G 4877 -53.35 80.89 -37.62
CA ASP G 4877 -52.98 81.80 -38.70
C ASP G 4877 -51.47 81.83 -38.92
N ASP G 4878 -50.69 81.81 -37.84
CA ASP G 4878 -49.24 81.69 -37.89
C ASP G 4878 -48.87 80.42 -37.14
N MET G 4879 -48.03 79.59 -37.75
CA MET G 4879 -47.73 78.30 -37.15
C MET G 4879 -46.78 78.42 -35.97
N MET G 4880 -46.05 79.54 -35.84
CA MET G 4880 -45.29 79.78 -34.62
C MET G 4880 -46.24 80.02 -33.44
N THR G 4881 -47.37 80.65 -33.70
CA THR G 4881 -48.40 80.79 -32.68
C THR G 4881 -49.11 79.45 -32.44
N CYS G 4882 -49.34 78.69 -33.53
CA CYS G 4882 -50.06 77.42 -33.43
C CYS G 4882 -49.26 76.37 -32.68
N TYR G 4883 -47.93 76.37 -32.85
CA TYR G 4883 -47.09 75.39 -32.17
C TYR G 4883 -46.94 75.70 -30.69
N LEU G 4884 -46.87 76.98 -30.32
CA LEU G 4884 -46.89 77.38 -28.91
C LEU G 4884 -48.24 77.05 -28.28
N PHE G 4885 -49.33 77.25 -29.03
CA PHE G 4885 -50.66 76.81 -28.58
C PHE G 4885 -50.73 75.30 -28.39
N HIS G 4886 -50.13 74.54 -29.31
CA HIS G 4886 -50.23 73.08 -29.25
C HIS G 4886 -49.41 72.51 -28.10
N MET G 4887 -48.19 73.00 -27.89
CA MET G 4887 -47.51 72.57 -26.68
C MET G 4887 -48.01 73.28 -25.41
N TYR G 4888 -48.91 74.24 -25.52
CA TYR G 4888 -49.55 74.75 -24.32
C TYR G 4888 -50.74 73.91 -23.87
N VAL G 4889 -51.49 73.28 -24.78
CA VAL G 4889 -52.67 72.52 -24.35
C VAL G 4889 -52.56 71.02 -24.60
N GLY G 4890 -51.80 70.55 -25.60
CA GLY G 4890 -51.87 69.14 -25.98
C GLY G 4890 -51.14 68.18 -25.05
N VAL G 4891 -49.94 68.56 -24.60
CA VAL G 4891 -49.24 67.77 -23.57
C VAL G 4891 -49.80 68.07 -22.18
N ARG G 4892 -50.69 69.04 -22.09
CA ARG G 4892 -51.25 69.61 -20.87
C ARG G 4892 -52.56 68.96 -20.42
N ALA G 4893 -53.58 68.97 -21.28
CA ALA G 4893 -54.95 68.70 -20.85
C ALA G 4893 -55.16 67.23 -20.51
N GLY G 4894 -54.47 66.32 -21.18
CA GLY G 4894 -54.62 64.92 -20.90
C GLY G 4894 -55.90 64.28 -21.42
N GLY G 4895 -56.65 64.98 -22.25
CA GLY G 4895 -57.87 64.44 -22.82
C GLY G 4895 -58.00 64.76 -24.29
N GLY G 4896 -56.88 64.82 -24.99
CA GLY G 4896 -56.85 65.10 -26.41
C GLY G 4896 -56.59 66.56 -26.69
N ILE G 4897 -56.92 66.97 -27.92
CA ILE G 4897 -56.79 68.35 -28.34
C ILE G 4897 -58.14 69.00 -28.66
N GLY G 4898 -59.16 68.21 -28.99
CA GLY G 4898 -60.42 68.75 -29.46
C GLY G 4898 -61.42 69.01 -28.35
N ASP G 4899 -60.93 69.32 -27.16
CA ASP G 4899 -61.77 69.85 -26.09
C ASP G 4899 -61.62 71.36 -25.94
N GLU G 4900 -60.50 71.94 -26.38
CA GLU G 4900 -60.42 73.38 -26.56
C GLU G 4900 -61.26 73.84 -27.76
N ILE G 4901 -61.49 72.94 -28.71
CA ILE G 4901 -62.24 73.19 -29.92
C ILE G 4901 -63.64 72.61 -29.74
N GLU G 4902 -64.67 73.33 -30.20
CA GLU G 4902 -66.05 72.92 -30.05
C GLU G 4902 -66.34 71.65 -30.88
N ASP G 4903 -67.58 71.17 -30.73
CA ASP G 4903 -67.95 69.85 -31.21
C ASP G 4903 -68.06 69.82 -32.74
N PRO G 4904 -67.53 68.78 -33.40
CA PRO G 4904 -67.66 68.66 -34.86
C PRO G 4904 -69.04 68.16 -35.31
N ALA G 4905 -70.01 69.07 -35.29
CA ALA G 4905 -71.36 68.72 -35.73
C ALA G 4905 -71.49 68.72 -37.25
N GLY G 4906 -70.55 69.33 -37.97
CA GLY G 4906 -70.63 69.40 -39.41
C GLY G 4906 -70.02 68.19 -40.09
N ASP G 4907 -70.40 68.00 -41.35
CA ASP G 4907 -69.92 66.90 -42.18
C ASP G 4907 -68.63 67.23 -42.93
N GLU G 4908 -68.07 68.42 -42.72
CA GLU G 4908 -66.82 68.81 -43.37
C GLU G 4908 -65.65 68.07 -42.71
N TYR G 4909 -65.26 66.95 -43.31
CA TYR G 4909 -64.21 66.04 -42.85
C TYR G 4909 -64.47 65.60 -41.41
N GLU G 4910 -65.62 64.96 -41.20
CA GLU G 4910 -66.03 64.59 -39.86
C GLU G 4910 -65.27 63.36 -39.36
N LEU G 4911 -65.21 62.32 -40.19
CA LEU G 4911 -64.57 61.06 -39.80
C LEU G 4911 -63.06 61.08 -39.98
N TYR G 4912 -62.49 62.20 -40.43
CA TYR G 4912 -61.04 62.35 -40.44
C TYR G 4912 -60.51 63.06 -39.19
N ARG G 4913 -61.29 63.99 -38.63
CA ARG G 4913 -60.85 64.61 -37.37
C ARG G 4913 -60.98 63.65 -36.19
N VAL G 4914 -61.88 62.66 -36.27
CA VAL G 4914 -61.94 61.66 -35.21
C VAL G 4914 -60.79 60.66 -35.30
N VAL G 4915 -60.06 60.64 -36.41
CA VAL G 4915 -58.82 59.89 -36.50
C VAL G 4915 -57.64 60.76 -36.07
N PHE G 4916 -57.69 62.04 -36.46
CA PHE G 4916 -56.71 63.05 -36.07
C PHE G 4916 -56.58 63.17 -34.55
N ASP G 4917 -57.71 63.31 -33.86
CA ASP G 4917 -57.68 63.57 -32.42
C ASP G 4917 -57.19 62.35 -31.64
N ILE G 4918 -57.60 61.14 -32.06
CA ILE G 4918 -57.16 59.96 -31.32
C ILE G 4918 -55.75 59.52 -31.72
N THR G 4919 -55.25 59.91 -32.89
CA THR G 4919 -53.83 59.64 -33.13
C THR G 4919 -52.93 60.73 -32.56
N PHE G 4920 -53.51 61.84 -32.12
CA PHE G 4920 -52.83 62.70 -31.15
C PHE G 4920 -52.89 62.07 -29.76
N PHE G 4921 -54.06 61.53 -29.40
CA PHE G 4921 -54.32 61.04 -28.04
C PHE G 4921 -53.53 59.77 -27.72
N PHE G 4922 -53.52 58.80 -28.63
CA PHE G 4922 -52.82 57.55 -28.38
C PHE G 4922 -51.31 57.76 -28.34
N PHE G 4923 -50.80 58.84 -28.93
CA PHE G 4923 -49.36 59.05 -28.98
C PHE G 4923 -48.85 59.96 -27.85
N VAL G 4924 -49.38 61.18 -27.70
CA VAL G 4924 -48.62 62.18 -26.95
C VAL G 4924 -49.00 62.24 -25.47
N ILE G 4925 -50.17 61.72 -25.08
CA ILE G 4925 -50.51 61.69 -23.66
C ILE G 4925 -50.45 60.26 -23.12
N VAL G 4926 -50.87 59.27 -23.93
CA VAL G 4926 -50.96 57.89 -23.46
C VAL G 4926 -49.58 57.27 -23.31
N ILE G 4927 -48.72 57.45 -24.31
CA ILE G 4927 -47.45 56.73 -24.38
C ILE G 4927 -46.29 57.62 -23.96
N LEU G 4928 -46.00 58.64 -24.78
CA LEU G 4928 -44.78 59.43 -24.61
C LEU G 4928 -44.78 60.32 -23.37
N LEU G 4929 -45.91 60.47 -22.68
CA LEU G 4929 -45.82 61.02 -21.33
C LEU G 4929 -45.49 59.94 -20.31
N ALA G 4930 -45.95 58.71 -20.55
CA ALA G 4930 -45.67 57.62 -19.62
C ALA G 4930 -44.21 57.19 -19.68
N ILE G 4931 -43.52 57.42 -20.81
CA ILE G 4931 -42.07 57.25 -20.82
C ILE G 4931 -41.38 58.25 -19.89
N ILE G 4932 -41.80 59.51 -19.90
CA ILE G 4932 -41.18 60.50 -19.03
C ILE G 4932 -41.53 60.26 -17.56
N GLN G 4933 -42.70 59.67 -17.31
CA GLN G 4933 -43.02 59.20 -15.95
C GLN G 4933 -42.10 58.05 -15.53
N GLY G 4934 -41.97 57.03 -16.39
CA GLY G 4934 -41.17 55.85 -16.08
C GLY G 4934 -39.69 56.11 -15.91
N LEU G 4935 -39.09 56.95 -16.76
CA LEU G 4935 -37.67 57.27 -16.67
C LEU G 4935 -37.31 58.11 -15.45
N ILE G 4936 -38.30 58.57 -14.68
CA ILE G 4936 -38.08 59.21 -13.39
C ILE G 4936 -38.34 58.24 -12.24
N ILE G 4937 -39.48 57.55 -12.28
CA ILE G 4937 -39.90 56.72 -11.15
C ILE G 4937 -39.08 55.44 -11.06
N ASP G 4938 -38.77 54.86 -12.21
CA ASP G 4938 -37.93 53.63 -12.22
C ASP G 4938 -36.56 54.01 -11.67
N ALA G 4939 -35.98 55.11 -12.17
CA ALA G 4939 -34.65 55.53 -11.74
C ALA G 4939 -34.62 55.84 -10.25
N PHE G 4940 -35.73 56.41 -9.74
CA PHE G 4940 -35.93 56.55 -8.29
C PHE G 4940 -35.85 55.20 -7.60
N GLY G 4941 -36.50 54.18 -8.17
CA GLY G 4941 -36.46 52.86 -7.57
C GLY G 4941 -35.08 52.23 -7.61
N GLU G 4942 -34.37 52.41 -8.72
CA GLU G 4942 -33.02 51.85 -8.88
C GLU G 4942 -32.05 52.49 -7.90
N LEU G 4943 -32.07 53.82 -7.79
CA LEU G 4943 -31.18 54.51 -6.87
C LEU G 4943 -31.52 54.26 -5.41
N ARG G 4944 -32.81 54.18 -5.04
CA ARG G 4944 -33.09 53.93 -3.63
C ARG G 4944 -32.81 52.47 -3.25
N ASP G 4945 -32.91 51.54 -4.21
CA ASP G 4945 -32.53 50.17 -3.90
C ASP G 4945 -31.01 50.02 -3.78
N GLN G 4946 -30.24 50.72 -4.63
CA GLN G 4946 -28.80 50.65 -4.44
C GLN G 4946 -28.30 51.57 -3.31
N GLN G 4947 -29.17 52.43 -2.75
CA GLN G 4947 -28.83 53.14 -1.52
C GLN G 4947 -28.67 52.20 -0.34
N GLU G 4948 -29.38 51.07 -0.35
CA GLU G 4948 -29.35 50.11 0.74
C GLU G 4948 -28.78 48.74 0.36
N GLN G 4949 -28.50 48.49 -0.92
CA GLN G 4949 -27.70 47.30 -1.19
C GLN G 4949 -26.24 47.51 -0.79
N VAL G 4950 -25.78 48.76 -0.69
CA VAL G 4950 -24.49 48.97 -0.04
C VAL G 4950 -24.58 48.73 1.46
N LYS G 4951 -25.76 48.97 2.06
CA LYS G 4951 -25.99 48.57 3.45
C LYS G 4951 -25.96 47.05 3.58
N GLU G 4952 -26.53 46.35 2.59
CA GLU G 4952 -26.41 44.89 2.52
C GLU G 4952 -24.96 44.45 2.37
N ASP G 4953 -24.16 45.20 1.61
CA ASP G 4953 -22.75 44.83 1.40
C ASP G 4953 -21.93 45.02 2.68
N MET G 4954 -22.19 46.11 3.43
CA MET G 4954 -21.55 46.26 4.74
C MET G 4954 -22.06 45.22 5.74
N GLU G 4955 -23.32 44.81 5.60
CA GLU G 4955 -23.92 43.89 6.57
C GLU G 4955 -23.47 42.45 6.35
N THR G 4956 -23.15 42.08 5.11
CA THR G 4956 -22.77 40.70 4.81
C THR G 4956 -21.31 40.51 4.43
N LYS G 4957 -20.74 41.35 3.57
CA LYS G 4957 -19.37 41.16 3.14
C LYS G 4957 -18.37 41.61 4.22
N CYS G 4958 -17.10 41.74 3.83
CA CYS G 4958 -15.99 41.64 4.76
C CYS G 4958 -15.11 42.88 4.84
N PHE G 4959 -15.14 43.77 3.83
CA PHE G 4959 -14.41 45.05 3.72
C PHE G 4959 -12.91 44.88 3.49
N ILE G 4960 -12.40 43.65 3.56
CA ILE G 4960 -10.98 43.39 3.37
C ILE G 4960 -10.80 42.44 2.18
N CYS G 4961 -11.42 41.27 2.27
CA CYS G 4961 -11.25 40.16 1.35
C CYS G 4961 -12.60 39.70 0.80
N GLY G 4962 -12.60 38.57 0.11
CA GLY G 4962 -13.81 38.10 -0.54
C GLY G 4962 -14.47 36.88 0.09
N ILE G 4963 -14.56 36.85 1.41
CA ILE G 4963 -15.28 35.80 2.14
C ILE G 4963 -16.57 36.39 2.70
N GLY G 4964 -17.70 35.76 2.34
CA GLY G 4964 -18.99 36.17 2.85
C GLY G 4964 -19.29 35.60 4.22
N SER G 4965 -20.39 36.09 4.81
CA SER G 4965 -20.74 35.77 6.18
C SER G 4965 -21.57 34.50 6.33
N ASP G 4966 -21.86 33.80 5.24
CA ASP G 4966 -22.68 32.59 5.31
C ASP G 4966 -21.95 31.43 5.98
N TYR G 4967 -20.62 31.37 5.87
CA TYR G 4967 -19.87 30.29 6.49
C TYR G 4967 -19.37 30.64 7.88
N PHE G 4968 -19.67 31.84 8.40
CA PHE G 4968 -19.40 32.17 9.78
C PHE G 4968 -20.58 31.85 10.68
N ASP G 4969 -21.53 31.07 10.19
CA ASP G 4969 -22.75 30.78 10.93
C ASP G 4969 -22.60 29.59 11.88
N THR G 4970 -21.63 28.71 11.62
CA THR G 4970 -21.42 27.56 12.51
C THR G 4970 -20.84 28.00 13.84
N THR G 4971 -19.87 28.91 13.81
CA THR G 4971 -19.38 29.52 15.04
C THR G 4971 -20.44 30.47 15.59
N PRO G 4972 -20.86 30.31 16.85
CA PRO G 4972 -21.90 31.19 17.39
C PRO G 4972 -21.37 32.61 17.63
N HIS G 4973 -22.15 33.57 17.15
CA HIS G 4973 -21.83 35.02 17.05
C HIS G 4973 -20.39 35.28 16.62
N GLY G 4974 -19.98 34.62 15.53
CA GLY G 4974 -18.67 34.79 14.94
C GLY G 4974 -18.54 35.96 14.00
N PHE G 4975 -19.61 36.74 13.86
CA PHE G 4975 -19.62 37.92 13.01
C PHE G 4975 -18.87 39.08 13.66
N GLU G 4976 -19.18 39.39 14.92
CA GLU G 4976 -18.64 40.58 15.56
C GLU G 4976 -17.19 40.39 16.00
N THR G 4977 -16.78 39.15 16.33
CA THR G 4977 -15.39 38.92 16.70
C THR G 4977 -14.47 39.08 15.50
N HIS G 4978 -15.00 38.92 14.30
CA HIS G 4978 -14.26 39.18 13.07
C HIS G 4978 -14.44 40.60 12.55
N THR G 4979 -15.53 41.27 12.93
CA THR G 4979 -15.79 42.62 12.43
C THR G 4979 -15.12 43.71 13.28
N LEU G 4980 -15.17 43.58 14.61
CA LEU G 4980 -14.70 44.68 15.45
C LEU G 4980 -13.19 44.73 15.63
N GLU G 4981 -12.52 43.59 15.77
CA GLU G 4981 -11.11 43.58 16.15
C GLU G 4981 -10.18 43.17 15.02
N GLU G 4982 -10.43 42.02 14.38
CA GLU G 4982 -9.46 41.50 13.41
C GLU G 4982 -9.54 42.24 12.07
N HIS G 4983 -10.66 42.12 11.38
CA HIS G 4983 -10.83 42.83 10.11
C HIS G 4983 -11.61 44.12 10.39
N ASN G 4984 -10.89 45.10 10.95
CA ASN G 4984 -11.47 46.37 11.34
C ASN G 4984 -10.94 47.49 10.45
N LEU G 4985 -11.76 48.52 10.28
CA LEU G 4985 -11.41 49.63 9.40
C LEU G 4985 -10.54 50.66 10.12
N ALA G 4986 -10.72 50.81 11.43
CA ALA G 4986 -9.99 51.81 12.20
C ALA G 4986 -8.62 51.34 12.66
N ASN G 4987 -8.48 50.06 13.00
CA ASN G 4987 -7.21 49.57 13.53
C ASN G 4987 -6.12 49.50 12.47
N TYR G 4988 -6.48 49.33 11.19
CA TYR G 4988 -5.46 49.35 10.15
C TYR G 4988 -4.92 50.75 9.89
N MET G 4989 -5.78 51.77 9.95
CA MET G 4989 -5.23 53.13 9.83
C MET G 4989 -4.50 53.55 11.10
N PHE G 4990 -4.84 52.96 12.25
CA PHE G 4990 -3.98 53.12 13.44
C PHE G 4990 -2.62 52.45 13.25
N PHE G 4991 -2.59 51.30 12.57
CA PHE G 4991 -1.33 50.63 12.26
C PHE G 4991 -0.51 51.45 11.26
N LEU G 4992 -1.19 52.13 10.33
CA LEU G 4992 -0.50 53.05 9.43
C LEU G 4992 -0.03 54.30 10.16
N MET G 4993 -0.74 54.69 11.22
CA MET G 4993 -0.35 55.85 12.04
C MET G 4993 0.93 55.58 12.82
N TYR G 4994 0.96 54.47 13.58
CA TYR G 4994 2.01 54.32 14.58
C TYR G 4994 3.38 54.00 13.97
N LEU G 4995 3.43 53.62 12.69
CA LEU G 4995 4.69 53.39 11.98
C LEU G 4995 5.32 54.65 11.41
N ILE G 4996 4.72 55.82 11.59
CA ILE G 4996 5.28 57.04 11.01
C ILE G 4996 6.14 57.82 12.01
N ASN G 4997 5.68 57.93 13.27
CA ASN G 4997 6.32 58.83 14.23
C ASN G 4997 7.67 58.29 14.68
N LYS G 4998 7.73 57.04 15.13
CA LYS G 4998 8.99 56.54 15.66
C LYS G 4998 9.91 56.12 14.51
N ASP G 4999 11.16 55.83 14.84
CA ASP G 4999 12.20 55.58 13.85
C ASP G 4999 12.14 54.16 13.30
N GLU G 5000 12.68 53.97 12.10
CA GLU G 5000 12.79 52.67 11.48
C GLU G 5000 14.04 51.88 11.88
N THR G 5001 14.83 52.41 12.82
CA THR G 5001 15.79 51.59 13.54
C THR G 5001 15.14 50.83 14.70
N GLU G 5002 13.84 51.02 14.91
CA GLU G 5002 13.01 50.25 15.82
C GLU G 5002 12.20 49.16 15.14
N HIS G 5003 11.90 49.29 13.86
CA HIS G 5003 10.98 48.36 13.24
C HIS G 5003 11.64 47.03 12.92
N THR G 5004 10.80 46.00 12.90
CA THR G 5004 11.23 44.61 12.81
C THR G 5004 11.20 44.14 11.36
N GLY G 5005 11.31 42.83 11.18
CA GLY G 5005 11.26 42.26 9.84
C GLY G 5005 9.90 42.44 9.19
N GLN G 5006 8.83 42.10 9.90
CA GLN G 5006 7.48 42.33 9.38
C GLN G 5006 7.10 43.80 9.36
N GLU G 5007 7.58 44.61 10.32
CA GLU G 5007 7.26 46.03 10.32
C GLU G 5007 7.97 46.78 9.20
N SER G 5008 9.12 46.28 8.72
CA SER G 5008 9.71 46.83 7.50
C SER G 5008 9.15 46.18 6.23
N TYR G 5009 8.68 44.93 6.35
CA TYR G 5009 8.02 44.24 5.25
C TYR G 5009 6.74 44.96 4.84
N VAL G 5010 6.02 45.51 5.81
CA VAL G 5010 4.76 46.19 5.50
C VAL G 5010 4.97 47.60 4.96
N TRP G 5011 6.17 48.17 5.11
CA TRP G 5011 6.39 49.56 4.75
C TRP G 5011 7.25 49.74 3.49
N LYS G 5012 8.21 48.85 3.24
CA LYS G 5012 9.14 49.06 2.14
C LYS G 5012 8.50 48.85 0.76
N MET G 5013 7.36 48.18 0.66
CA MET G 5013 6.58 48.24 -0.57
C MET G 5013 5.32 49.08 -0.41
N TYR G 5014 5.00 49.53 0.81
CA TYR G 5014 3.96 50.54 0.95
C TYR G 5014 4.39 51.87 0.36
N GLN G 5015 5.68 52.21 0.50
CA GLN G 5015 6.15 53.49 -0.04
C GLN G 5015 6.22 53.49 -1.56
N GLU G 5016 6.50 52.34 -2.18
CA GLU G 5016 6.44 52.21 -3.64
C GLU G 5016 5.09 51.70 -4.11
N ARG G 5017 4.16 51.48 -3.18
CA ARG G 5017 2.72 51.41 -3.39
C ARG G 5017 2.33 50.24 -4.30
N CYS G 5018 2.57 49.03 -3.79
CA CYS G 5018 2.05 47.79 -4.36
C CYS G 5018 1.37 46.99 -3.26
N TRP G 5019 0.10 46.61 -3.46
CA TRP G 5019 -0.72 46.12 -2.36
C TRP G 5019 -1.28 44.70 -2.51
N ASP G 5020 -0.45 43.73 -2.86
CA ASP G 5020 -0.84 42.34 -2.67
C ASP G 5020 -0.44 41.81 -1.28
N PHE G 5021 -0.29 42.70 -0.28
CA PHE G 5021 0.08 42.26 1.05
C PHE G 5021 -1.13 41.91 1.91
N PHE G 5022 -2.31 42.37 1.54
CA PHE G 5022 -3.55 41.91 2.17
C PHE G 5022 -3.83 40.45 1.75
N PRO G 5023 -4.61 39.68 2.58
CA PRO G 5023 -4.84 38.26 2.27
C PRO G 5023 -5.52 37.96 0.94
N ALA G 5024 -6.72 38.52 0.77
CA ALA G 5024 -7.59 38.34 -0.40
C ALA G 5024 -7.87 36.86 -0.69
N GLY G 5025 -8.43 36.18 0.33
CA GLY G 5025 -8.86 34.81 0.14
C GLY G 5025 -8.74 33.87 1.33
N ASP G 5026 -7.98 34.25 2.36
CA ASP G 5026 -7.77 33.37 3.51
C ASP G 5026 -7.50 34.21 4.76
N CYS G 5027 -8.39 34.09 5.75
CA CYS G 5027 -8.19 34.76 7.03
C CYS G 5027 -8.86 33.91 8.13
N PHE G 5028 -8.05 33.12 8.84
CA PHE G 5028 -8.40 32.46 10.10
C PHE G 5028 -9.46 31.37 9.98
N ARG G 5029 -9.89 31.02 8.76
CA ARG G 5029 -11.03 30.15 8.63
C ARG G 5029 -10.92 29.04 7.58
N LYS G 5030 -10.20 29.25 6.48
CA LYS G 5030 -10.29 28.36 5.34
C LYS G 5030 -9.48 27.08 5.55
N GLN G 5031 -8.17 27.21 5.72
CA GLN G 5031 -7.29 26.07 5.92
C GLN G 5031 -6.56 26.11 7.27
N TYR G 5032 -6.93 27.05 8.13
CA TYR G 5032 -6.53 27.02 9.53
C TYR G 5032 -7.52 26.28 10.42
N GLU G 5033 -8.49 25.59 9.82
CA GLU G 5033 -9.52 24.87 10.58
C GLU G 5033 -9.07 23.47 10.98
N ASP G 5034 -8.04 22.94 10.32
CA ASP G 5034 -7.57 21.58 10.61
C ASP G 5034 -6.89 21.46 11.97
N GLN G 5035 -6.19 22.51 12.41
CA GLN G 5035 -5.57 22.53 13.74
C GLN G 5035 -6.28 23.45 14.71
N LEU G 5036 -7.58 23.66 14.53
CA LEU G 5036 -8.33 24.57 15.38
C LEU G 5036 -9.35 23.78 16.20
N SER G 5037 -9.24 23.90 17.51
CA SER G 5037 -10.12 23.17 18.43
C SER G 5037 -11.14 24.11 19.05
N GLY H 1 117.96 57.02 21.60
CA GLY H 1 118.82 57.83 20.77
C GLY H 1 118.10 58.39 19.55
N VAL H 2 117.95 59.71 19.51
CA VAL H 2 117.23 60.40 18.44
C VAL H 2 118.19 61.33 17.71
N GLU H 3 118.16 61.23 16.37
CA GLU H 3 118.94 62.09 15.50
C GLU H 3 118.13 63.33 15.14
N ILE H 4 118.76 64.50 15.23
CA ILE H 4 118.12 65.78 14.93
C ILE H 4 118.87 66.42 13.77
N GLU H 5 118.12 66.89 12.77
CA GLU H 5 118.67 67.66 11.67
C GLU H 5 117.81 68.91 11.49
N THR H 6 118.45 70.08 11.55
CA THR H 6 117.71 71.32 11.35
C THR H 6 117.32 71.48 9.88
N ILE H 7 116.32 72.35 9.66
CA ILE H 7 115.79 72.57 8.31
C ILE H 7 115.98 74.03 7.95
N SER H 8 115.50 74.93 8.80
CA SER H 8 115.72 76.36 8.61
C SER H 8 116.35 76.95 9.86
N PRO H 9 117.31 77.87 9.73
CA PRO H 9 117.95 78.44 10.91
C PRO H 9 117.03 79.39 11.67
N GLY H 10 117.06 79.26 12.99
CA GLY H 10 116.23 80.06 13.86
C GLY H 10 117.00 81.06 14.70
N ASP H 11 116.77 81.04 16.01
CA ASP H 11 117.40 82.00 16.92
C ASP H 11 118.67 81.45 17.54
N GLY H 12 118.57 80.33 18.24
CA GLY H 12 119.66 79.88 19.09
C GLY H 12 119.74 80.57 20.42
N ARG H 13 118.69 81.31 20.81
CA ARG H 13 118.65 82.11 22.03
C ARG H 13 117.92 81.45 23.19
N THR H 14 116.72 80.91 22.98
CA THR H 14 115.91 80.37 24.06
C THR H 14 115.60 78.89 23.82
N PHE H 15 116.13 78.02 24.68
CA PHE H 15 115.68 76.64 24.64
C PHE H 15 115.01 76.27 25.97
N PRO H 16 113.90 75.52 25.94
CA PRO H 16 113.05 75.44 27.13
C PRO H 16 113.57 74.50 28.21
N LYS H 17 113.13 74.77 29.44
CA LYS H 17 113.35 73.93 30.61
C LYS H 17 112.02 73.76 31.34
N LYS H 18 112.07 73.18 32.55
CA LYS H 18 110.86 72.91 33.32
C LYS H 18 110.21 74.21 33.78
N GLY H 19 108.88 74.31 33.58
CA GLY H 19 108.15 75.51 33.92
C GLY H 19 107.99 76.45 32.74
N GLN H 20 107.69 75.89 31.58
CA GLN H 20 107.61 76.67 30.34
C GLN H 20 106.58 76.03 29.43
N THR H 21 105.58 76.81 29.04
CA THR H 21 104.65 76.41 27.99
C THR H 21 105.27 76.71 26.63
N CYS H 22 104.91 75.87 25.65
CA CYS H 22 105.53 75.83 24.33
C CYS H 22 104.47 75.56 23.27
N VAL H 23 104.65 76.15 22.10
CA VAL H 23 103.80 75.86 20.95
C VAL H 23 104.67 75.29 19.82
N VAL H 24 104.23 74.18 19.26
CA VAL H 24 104.94 73.49 18.17
C VAL H 24 103.94 73.23 17.04
N HIS H 25 104.25 73.72 15.83
CA HIS H 25 103.33 73.59 14.70
C HIS H 25 103.76 72.40 13.83
N TYR H 26 103.45 71.20 14.33
CA TYR H 26 104.09 69.97 13.91
C TYR H 26 103.35 69.28 12.77
N THR H 27 104.09 68.43 12.05
CA THR H 27 103.54 67.56 11.03
C THR H 27 104.15 66.17 11.22
N GLY H 28 103.39 65.13 10.87
CA GLY H 28 103.83 63.76 11.07
C GLY H 28 103.71 62.94 9.81
N MET H 29 104.68 62.03 9.62
CA MET H 29 104.76 61.23 8.42
C MET H 29 105.68 60.05 8.70
N LEU H 30 105.17 58.84 8.42
CA LEU H 30 105.79 57.60 8.80
C LEU H 30 106.89 57.26 7.79
N GLN H 31 107.49 56.07 7.89
CA GLN H 31 108.73 55.92 7.14
C GLN H 31 108.42 55.52 5.69
N ASN H 32 107.26 54.90 5.47
CA ASN H 32 106.83 54.50 4.14
C ASN H 32 106.15 55.62 3.36
N GLY H 33 106.22 56.86 3.84
CA GLY H 33 105.76 58.01 3.08
C GLY H 33 104.28 58.31 3.18
N LYS H 34 103.64 58.00 4.30
CA LYS H 34 102.22 58.21 4.48
C LYS H 34 101.97 59.24 5.58
N LYS H 35 100.92 60.03 5.39
CA LYS H 35 100.51 61.03 6.36
C LYS H 35 99.69 60.38 7.47
N PHE H 36 99.94 60.80 8.72
CA PHE H 36 99.06 60.38 9.81
C PHE H 36 98.65 61.50 10.77
N ASP H 37 99.51 62.49 11.05
CA ASP H 37 99.22 63.56 12.00
C ASP H 37 99.67 64.90 11.44
N SER H 38 98.96 65.96 11.84
CA SER H 38 99.34 67.34 11.53
C SER H 38 98.55 68.29 12.42
N SER H 39 99.00 69.55 12.43
CA SER H 39 98.22 70.68 12.92
C SER H 39 97.97 71.72 11.82
N ARG H 40 98.41 71.43 10.59
CA ARG H 40 98.09 72.27 9.43
C ARG H 40 96.61 72.23 9.13
N ASP H 41 96.01 71.05 9.33
CA ASP H 41 94.61 70.76 9.07
C ASP H 41 93.69 71.39 10.10
N ARG H 42 94.25 71.82 11.22
CA ARG H 42 93.57 72.37 12.39
C ARG H 42 93.34 73.87 12.30
N ASN H 43 94.36 74.59 11.77
CA ASN H 43 94.58 76.03 11.99
C ASN H 43 94.62 76.35 13.49
N LYS H 44 95.18 75.44 14.28
CA LYS H 44 95.42 75.63 15.70
C LYS H 44 96.90 75.31 15.93
N PRO H 45 97.60 76.09 16.74
CA PRO H 45 98.89 75.63 17.26
C PRO H 45 98.69 74.69 18.44
N PHE H 46 99.46 73.60 18.47
CA PHE H 46 99.34 72.67 19.59
C PHE H 46 100.00 73.26 20.83
N LYS H 47 99.27 73.27 21.95
CA LYS H 47 99.73 73.89 23.18
C LYS H 47 99.93 72.85 24.27
N PHE H 48 101.12 72.82 24.86
CA PHE H 48 101.44 71.93 25.95
C PHE H 48 102.61 72.54 26.71
N ARG H 49 102.94 71.97 27.86
CA ARG H 49 104.16 72.33 28.55
C ARG H 49 104.94 71.10 29.02
N ILE H 50 106.26 71.27 29.05
CA ILE H 50 107.20 70.16 29.19
C ILE H 50 107.25 69.73 30.66
N GLY H 51 107.49 68.44 30.89
CA GLY H 51 107.59 67.91 32.23
C GLY H 51 106.28 67.46 32.84
N LYS H 52 105.19 67.53 32.10
CA LYS H 52 103.89 67.06 32.56
C LYS H 52 103.61 65.63 32.13
N GLN H 53 104.61 64.95 31.55
CA GLN H 53 104.53 63.64 30.93
C GLN H 53 103.41 63.58 29.90
N GLU H 54 103.24 64.67 29.15
CA GLU H 54 102.15 64.76 28.17
C GLU H 54 102.57 64.10 26.86
N VAL H 55 103.68 64.58 26.28
CA VAL H 55 104.20 63.97 25.05
C VAL H 55 105.00 62.73 25.44
N ILE H 56 105.25 61.87 24.46
CA ILE H 56 106.03 60.67 24.68
C ILE H 56 107.50 61.05 24.85
N LYS H 57 108.27 60.21 25.56
CA LYS H 57 109.63 60.55 25.95
C LYS H 57 110.61 60.64 24.78
N GLY H 58 110.25 60.13 23.60
CA GLY H 58 111.05 60.40 22.42
C GLY H 58 110.82 61.78 21.82
N PHE H 59 109.79 62.48 22.27
CA PHE H 59 109.54 63.86 21.87
C PHE H 59 109.83 64.86 22.98
N GLU H 60 109.74 64.44 24.24
CA GLU H 60 109.86 65.40 25.34
C GLU H 60 111.29 65.86 25.53
N GLU H 61 112.27 65.09 25.06
CA GLU H 61 113.66 65.51 25.12
C GLU H 61 114.12 66.23 23.86
N GLY H 62 113.47 65.95 22.73
CA GLY H 62 113.75 66.68 21.51
C GLY H 62 113.07 68.02 21.42
N ALA H 63 112.00 68.22 22.19
CA ALA H 63 111.30 69.50 22.22
C ALA H 63 111.95 70.50 23.17
N ALA H 64 112.92 70.07 24.00
CA ALA H 64 113.59 70.95 24.94
C ALA H 64 114.95 71.41 24.45
N GLN H 65 115.31 71.13 23.19
CA GLN H 65 116.61 71.46 22.66
C GLN H 65 116.55 72.48 21.54
N MET H 66 115.36 72.92 21.13
CA MET H 66 115.25 73.84 20.01
C MET H 66 114.89 75.24 20.48
N SER H 67 114.74 76.15 19.52
CA SER H 67 114.64 77.57 19.80
C SER H 67 113.55 78.21 18.94
N LEU H 68 113.47 79.53 18.98
CA LEU H 68 112.48 80.23 18.20
C LEU H 68 112.86 80.25 16.72
N GLY H 69 111.85 80.11 15.86
CA GLY H 69 112.05 80.15 14.43
C GLY H 69 112.76 78.96 13.85
N GLN H 70 112.85 77.86 14.58
CA GLN H 70 113.70 76.75 14.21
C GLN H 70 112.86 75.58 13.71
N ARG H 71 113.12 75.18 12.47
CA ARG H 71 112.50 73.99 11.89
C ARG H 71 113.50 72.86 11.94
N ALA H 72 113.12 71.74 12.55
CA ALA H 72 114.02 70.62 12.74
C ALA H 72 113.40 69.35 12.17
N LYS H 73 114.20 68.30 12.12
CA LYS H 73 113.78 66.99 11.64
C LYS H 73 114.24 65.93 12.64
N LEU H 74 113.29 65.29 13.31
CA LEU H 74 113.58 64.29 14.33
C LEU H 74 113.04 62.94 13.86
N THR H 75 113.91 61.93 13.85
CA THR H 75 113.55 60.58 13.45
C THR H 75 113.53 59.71 14.70
N CYS H 76 112.34 59.39 15.19
CA CYS H 76 112.19 58.63 16.42
C CYS H 76 112.18 57.13 16.11
N THR H 77 113.07 56.39 16.76
CA THR H 77 113.09 54.94 16.68
C THR H 77 111.85 54.37 17.38
N PRO H 78 111.42 53.14 17.02
CA PRO H 78 110.20 52.60 17.65
C PRO H 78 110.38 52.21 19.11
N ASP H 79 111.61 52.15 19.62
CA ASP H 79 111.83 51.82 21.02
C ASP H 79 111.47 52.96 21.95
N VAL H 80 111.38 54.20 21.44
CA VAL H 80 111.13 55.36 22.30
C VAL H 80 109.70 55.87 22.16
N ALA H 81 108.86 55.25 21.33
CA ALA H 81 107.48 55.72 21.16
C ALA H 81 106.62 54.52 20.77
N TYR H 82 105.93 53.95 21.76
CA TYR H 82 104.96 52.85 21.61
C TYR H 82 105.63 51.61 20.97
N GLY H 83 106.50 51.00 21.76
CA GLY H 83 107.25 49.83 21.34
C GLY H 83 106.43 48.58 21.13
N ALA H 84 105.61 48.20 22.12
CA ALA H 84 104.97 46.90 22.11
C ALA H 84 103.83 46.83 21.09
N THR H 85 102.69 47.43 21.40
CA THR H 85 101.55 47.46 20.47
C THR H 85 101.21 48.87 20.03
N GLY H 86 101.04 49.79 20.97
CA GLY H 86 100.75 51.17 20.63
C GLY H 86 99.27 51.47 20.55
N HIS H 87 98.99 52.65 20.00
CA HIS H 87 97.62 53.13 19.85
C HIS H 87 96.92 52.35 18.74
N PRO H 88 95.78 51.74 19.02
CA PRO H 88 95.08 50.95 17.98
C PRO H 88 94.42 51.85 16.96
N GLY H 89 94.73 51.61 15.69
CA GLY H 89 94.19 52.37 14.60
C GLY H 89 95.05 53.52 14.11
N VAL H 90 96.17 53.78 14.77
CA VAL H 90 97.04 54.90 14.42
C VAL H 90 98.36 54.42 13.84
N ILE H 91 99.17 53.71 14.64
CA ILE H 91 100.52 53.30 14.27
C ILE H 91 100.59 51.79 14.36
N PRO H 92 101.09 51.09 13.33
CA PRO H 92 101.35 49.67 13.48
C PRO H 92 102.52 49.44 14.44
N PRO H 93 102.58 48.26 15.07
CA PRO H 93 103.60 48.05 16.10
C PRO H 93 105.01 47.97 15.55
N ASN H 94 105.92 48.68 16.21
CA ASN H 94 107.33 48.82 15.84
C ASN H 94 107.51 49.37 14.43
N ALA H 95 107.04 50.61 14.25
CA ALA H 95 107.31 51.39 13.06
C ALA H 95 107.88 52.73 13.47
N THR H 96 108.89 53.19 12.74
CA THR H 96 109.57 54.45 13.06
C THR H 96 108.70 55.64 12.67
N LEU H 97 108.81 56.71 13.46
CA LEU H 97 108.03 57.92 13.26
C LEU H 97 108.95 59.11 13.03
N ILE H 98 108.62 59.92 12.03
CA ILE H 98 109.48 61.02 11.59
C ILE H 98 108.64 62.29 11.65
N PHE H 99 109.07 63.26 12.46
CA PHE H 99 108.34 64.52 12.61
C PHE H 99 109.23 65.67 12.16
N ASP H 100 108.68 66.57 11.34
CA ASP H 100 109.33 67.83 11.01
C ASP H 100 108.61 68.97 11.74
N VAL H 101 109.28 69.51 12.76
CA VAL H 101 108.68 70.38 13.77
C VAL H 101 109.00 71.83 13.47
N GLU H 102 108.19 72.73 14.06
CA GLU H 102 108.47 74.17 14.02
C GLU H 102 107.89 74.81 15.29
N LEU H 103 108.73 75.51 16.03
CA LEU H 103 108.33 76.23 17.23
C LEU H 103 107.88 77.65 16.87
N LEU H 104 106.68 78.03 17.31
CA LEU H 104 106.05 79.25 16.81
C LEU H 104 106.39 80.49 17.65
N ASN H 105 106.17 80.41 18.95
CA ASN H 105 106.18 81.57 19.83
C ASN H 105 106.47 81.01 21.22
N LEU H 106 106.52 81.90 22.23
CA LEU H 106 106.42 81.54 23.65
C LEU H 106 107.58 80.67 24.14
N GLU H 107 108.81 81.16 23.93
CA GLU H 107 110.06 80.52 24.37
C GLU H 107 110.22 79.10 23.84
#